data_8WLP
#
_entry.id   8WLP
#
_cell.length_a   1.00
_cell.length_b   1.00
_cell.length_c   1.00
_cell.angle_alpha   90.00
_cell.angle_beta   90.00
_cell.angle_gamma   90.00
#
_symmetry.space_group_name_H-M   'P 1'
#
loop_
_entity.id
_entity.type
_entity.pdbx_description
1 polymer 'Flagellar basal-body rod protein FlgG'
2 polymer 'Flagellar hook protein FlgE'
#
loop_
_entity_poly.entity_id
_entity_poly.type
_entity_poly.pdbx_seq_one_letter_code
_entity_poly.pdbx_strand_id
1 'polypeptide(L)'
;MISSLWIAKTGLDAQQTNMDVIANNLANVSTNGFKRQRAVFEDLLYQTIRQPGAQSSEQTTLPSGLQIGTGVRPVATERL
HSQGNLSQTNNSKDVAIKGQGFFQVMLPDGTSAYTRDGSFQVDQNGQLVTAGGFQVQPAITIPANALSITIGRDGVVSVT
QQGQAAPVQVGQLNLTTFMNDTGLESIGENLYIETQSSGAPNESTPGLNGAGLLYQGYVETSNVNVAEELVNMIQVQRAY
EINSKAVSTTDQMLQKLTQL
;
0,1,2,3,4,5,6,7,8,9,ZA,ZB,ZC,ZD,ZE,r,s,t,u,v,w,x,y,z
2 'polypeptide(L)'
;MSFSQAVSGLNAAATNLDVIGNNIANSATYGFKSGTASFADMFAGSKVGLGVKVAGITQDFTDGTTTNTGRGLDVAISQN
GFFRLVDSNGSVFYSRNGQFKLDENRNLVNMQGMQLTGYPATGTPPTIQQGANPAPITIPNTLMAAKSTTTASMQINLNS
TDPVPSKTPFSVSDADSYNKKGTVTVYDSQGNAHDMNVYFVKTKDNEWAVYTHDSSDPAATAPTTASTTLKFNENGILES
GGTVNITTGTINGATAATFSLSFLNSMQQNTGANNIVATNQNGYKPGDLVSYQINNDGTVVGNYSNEQEQVLGQIVLANF
ANNEGLASQGDNVWAATQASGVALLGTAGSGNFGKLTNGALEASNVDLSKELVNMIVAQRNYQSNAQTIKTQDQILNTLV
NLR
;
ZF,ZG,ZH,ZI,ZJ,ZK,ZL,ZM,ZN,ZO,ZP,ZQ,ZR,ZS,ZT,ZU,ZV,ZW,ZX,ZY,ZZ,Za,Zb,Zc,Zd,Ze,Zf,Zg,Zh
#
# COMPACT_ATOMS: atom_id res chain seq x y z
N MET A 1 81.59 17.59 -102.64
CA MET A 1 83.05 17.42 -102.82
C MET A 1 83.71 17.70 -101.49
N ILE A 2 84.80 18.47 -101.51
CA ILE A 2 85.46 18.91 -100.24
C ILE A 2 84.64 20.08 -99.71
N SER A 3 84.05 19.91 -98.55
CA SER A 3 83.13 20.96 -98.06
C SER A 3 82.79 20.67 -96.61
N SER A 4 81.52 20.79 -96.28
CA SER A 4 81.06 20.52 -94.91
C SER A 4 79.86 19.61 -95.01
N LEU A 5 79.55 19.12 -96.22
CA LEU A 5 78.39 18.24 -96.20
C LEU A 5 78.63 17.01 -95.34
N TRP A 6 79.81 16.40 -95.45
CA TRP A 6 80.10 15.18 -94.71
C TRP A 6 80.15 15.43 -93.22
N ILE A 7 80.74 16.56 -92.81
CA ILE A 7 80.78 16.87 -91.36
C ILE A 7 79.34 16.83 -90.83
N ALA A 8 78.46 17.61 -91.45
CA ALA A 8 77.06 17.68 -90.98
C ALA A 8 76.41 16.31 -91.08
N LYS A 9 76.74 15.54 -92.12
CA LYS A 9 76.09 14.21 -92.30
C LYS A 9 76.52 13.33 -91.13
N THR A 10 77.82 13.28 -90.86
CA THR A 10 78.33 12.45 -89.75
C THR A 10 77.65 12.90 -88.45
N GLY A 11 77.40 14.21 -88.33
CA GLY A 11 76.69 14.71 -87.14
C GLY A 11 75.28 14.15 -87.06
N LEU A 12 74.51 14.28 -88.14
CA LEU A 12 73.12 13.75 -88.17
C LEU A 12 73.15 12.27 -87.77
N ASP A 13 74.01 11.48 -88.43
CA ASP A 13 74.06 10.05 -88.13
C ASP A 13 74.28 9.79 -86.64
N ALA A 14 75.08 10.63 -85.99
CA ALA A 14 75.28 10.49 -84.54
C ALA A 14 73.98 10.76 -83.79
N GLN A 15 73.24 11.80 -84.18
CA GLN A 15 71.96 12.06 -83.53
C GLN A 15 70.97 10.93 -83.80
N GLN A 16 71.02 10.35 -85.00
CA GLN A 16 70.19 9.18 -85.28
C GLN A 16 70.54 8.01 -84.37
N THR A 17 71.84 7.77 -84.17
CA THR A 17 72.26 6.67 -83.29
C THR A 17 71.80 6.92 -81.86
N ASN A 18 71.94 8.16 -81.39
CA ASN A 18 71.48 8.50 -80.04
C ASN A 18 69.98 8.30 -79.91
N MET A 19 69.21 8.69 -80.93
CA MET A 19 67.77 8.50 -80.89
C MET A 19 67.41 7.02 -80.93
N ASP A 20 68.15 6.21 -81.68
CA ASP A 20 67.93 4.77 -81.67
C ASP A 20 68.16 4.19 -80.28
N VAL A 21 69.24 4.62 -79.62
CA VAL A 21 69.51 4.16 -78.26
C VAL A 21 68.39 4.56 -77.31
N ILE A 22 67.91 5.80 -77.42
CA ILE A 22 66.81 6.27 -76.57
C ILE A 22 65.54 5.47 -76.82
N ALA A 23 65.22 5.21 -78.09
CA ALA A 23 64.02 4.44 -78.42
C ALA A 23 64.13 3.01 -77.92
N ASN A 24 65.32 2.41 -78.03
CA ASN A 24 65.52 1.07 -77.46
C ASN A 24 65.36 1.07 -75.94
N ASN A 25 65.87 2.10 -75.27
CA ASN A 25 65.69 2.19 -73.82
C ASN A 25 64.22 2.31 -73.46
N LEU A 26 63.46 3.13 -74.20
CA LEU A 26 62.07 3.35 -73.88
C LEU A 26 61.20 2.14 -74.20
N ALA A 27 61.50 1.42 -75.29
CA ALA A 27 60.69 0.27 -75.67
C ALA A 27 60.84 -0.87 -74.67
N ASN A 28 62.01 -1.00 -74.03
CA ASN A 28 62.27 -2.05 -73.06
C ASN A 28 62.05 -1.56 -71.63
N VAL A 29 61.10 -0.64 -71.43
CA VAL A 29 60.85 -0.14 -70.09
C VAL A 29 60.05 -1.14 -69.27
N SER A 30 59.47 -2.15 -69.92
CA SER A 30 58.67 -3.15 -69.24
C SER A 30 59.39 -4.49 -69.09
N THR A 31 60.54 -4.66 -69.74
CA THR A 31 61.29 -5.90 -69.62
C THR A 31 61.89 -6.02 -68.22
N ASN A 32 61.91 -7.24 -67.71
CA ASN A 32 62.45 -7.53 -66.39
C ASN A 32 63.95 -7.79 -66.50
N GLY A 33 64.73 -7.04 -65.72
CA GLY A 33 66.18 -7.20 -65.75
C GLY A 33 66.82 -6.65 -67.00
N PHE A 34 66.52 -5.40 -67.34
CA PHE A 34 67.06 -4.74 -68.51
C PHE A 34 67.94 -3.58 -68.07
N LYS A 35 69.14 -3.50 -68.65
CA LYS A 35 70.07 -2.43 -68.36
C LYS A 35 70.05 -1.41 -69.49
N ARG A 36 69.81 -0.14 -69.13
CA ARG A 36 69.69 0.94 -70.14
C ARG A 36 71.01 1.14 -70.87
N GLN A 37 70.94 1.59 -72.11
CA GLN A 37 72.14 1.79 -72.92
C GLN A 37 72.42 3.29 -73.08
N ARG A 38 73.70 3.63 -73.16
CA ARG A 38 74.12 5.01 -73.40
C ARG A 38 75.20 5.00 -74.48
N ALA A 39 74.98 5.73 -75.56
CA ALA A 39 75.92 5.79 -76.66
C ALA A 39 76.95 6.88 -76.40
N VAL A 40 78.22 6.56 -76.67
CA VAL A 40 79.33 7.48 -76.43
C VAL A 40 79.83 7.99 -77.78
N PHE A 41 79.83 9.30 -77.94
CA PHE A 41 80.28 9.93 -79.18
C PHE A 41 81.65 10.56 -78.95
N GLU A 42 82.54 10.38 -79.91
CA GLU A 42 83.93 10.82 -79.80
C GLU A 42 84.51 11.01 -81.19
N ASP A 43 85.00 12.23 -81.43
CA ASP A 43 85.11 12.79 -82.77
C ASP A 43 86.13 12.08 -83.65
N LEU A 44 86.09 12.41 -84.94
CA LEU A 44 86.86 11.76 -85.99
C LEU A 44 88.27 12.34 -86.06
N LEU A 45 89.02 11.97 -87.10
CA LEU A 45 90.38 12.46 -87.27
C LEU A 45 90.40 13.93 -87.63
N TYR A 46 91.53 14.58 -87.37
CA TYR A 46 91.71 16.00 -87.64
C TYR A 46 92.75 16.20 -88.74
N GLN A 47 92.51 17.18 -89.59
CA GLN A 47 93.44 17.52 -90.67
C GLN A 47 94.26 18.74 -90.26
N THR A 48 95.58 18.62 -90.33
CA THR A 48 96.48 19.67 -89.87
C THR A 48 97.01 20.44 -91.06
N ILE A 49 96.89 21.77 -91.02
CA ILE A 49 97.44 22.64 -92.06
C ILE A 49 98.69 23.31 -91.51
N ARG A 50 99.78 23.18 -92.27
CA ARG A 50 101.09 23.70 -91.80
C ARG A 50 101.28 25.15 -92.26
N GLN A 51 101.85 25.97 -91.38
CA GLN A 51 102.00 27.41 -91.69
C GLN A 51 103.29 27.59 -92.51
N PRO A 52 103.66 28.81 -92.94
CA PRO A 52 104.83 29.03 -93.74
C PRO A 52 105.71 27.78 -93.76
N GLY A 65 99.80 24.34 -87.39
CA GLY A 65 99.33 25.27 -86.37
C GLY A 65 97.82 25.27 -86.23
N LEU A 66 97.13 25.06 -87.34
CA LEU A 66 95.67 24.99 -87.35
C LEU A 66 95.22 23.59 -87.73
N GLN A 67 94.10 23.17 -87.14
CA GLN A 67 93.58 21.82 -87.33
C GLN A 67 92.08 21.91 -87.57
N ILE A 68 91.62 21.32 -88.66
CA ILE A 68 90.21 21.31 -89.01
C ILE A 68 89.63 19.93 -88.72
N GLY A 69 88.45 19.92 -88.12
CA GLY A 69 87.80 18.66 -87.78
C GLY A 69 87.15 17.99 -88.98
N THR A 70 86.54 16.83 -88.72
CA THR A 70 85.90 16.06 -89.77
C THR A 70 84.47 15.64 -89.42
N GLY A 71 84.11 15.58 -88.14
CA GLY A 71 82.78 15.17 -87.73
C GLY A 71 82.83 14.41 -86.42
N VAL A 72 81.83 13.56 -86.23
CA VAL A 72 81.66 12.80 -85.00
C VAL A 72 81.19 11.40 -85.38
N ARG A 73 81.63 10.42 -84.59
CA ARG A 73 81.32 9.01 -84.89
C ARG A 73 81.00 8.28 -83.59
N PRO A 74 79.95 7.44 -83.54
CA PRO A 74 79.68 6.63 -82.35
C PRO A 74 80.76 5.58 -82.15
N VAL A 75 81.18 5.40 -80.90
CA VAL A 75 82.29 4.50 -80.59
C VAL A 75 81.75 3.21 -79.98
N ALA A 76 81.06 3.32 -78.85
CA ALA A 76 80.60 2.15 -78.12
C ALA A 76 79.48 2.54 -77.17
N THR A 77 78.43 1.73 -77.12
CA THR A 77 77.36 1.93 -76.14
C THR A 77 77.68 1.15 -74.88
N GLU A 78 77.45 1.77 -73.73
CA GLU A 78 77.64 1.13 -72.43
C GLU A 78 76.28 0.84 -71.80
N ARG A 79 76.13 -0.36 -71.27
CA ARG A 79 74.95 -0.73 -70.50
C ARG A 79 75.20 -0.48 -69.02
N LEU A 80 74.26 0.20 -68.39
CA LEU A 80 74.40 0.60 -67.00
C LEU A 80 73.95 -0.56 -66.11
N HIS A 81 74.90 -1.21 -65.44
CA HIS A 81 74.61 -2.37 -64.61
C HIS A 81 74.42 -1.95 -63.16
N SER A 82 73.42 -1.11 -62.93
CA SER A 82 72.94 -0.82 -61.58
C SER A 82 71.80 -1.75 -61.23
N GLN A 83 71.57 -1.94 -59.94
CA GLN A 83 70.52 -2.85 -59.48
C GLN A 83 69.17 -2.18 -59.64
N GLY A 84 68.32 -2.75 -60.49
CA GLY A 84 67.01 -2.21 -60.71
C GLY A 84 66.06 -2.51 -59.56
N ASN A 85 64.90 -1.86 -59.60
CA ASN A 85 63.89 -2.03 -58.57
C ASN A 85 63.27 -3.42 -58.67
N LEU A 86 62.73 -3.88 -57.54
CA LEU A 86 62.06 -5.17 -57.49
C LEU A 86 60.56 -4.96 -57.59
N SER A 87 59.82 -5.87 -58.23
CA SER A 87 58.35 -5.74 -58.21
C SER A 87 57.74 -7.07 -57.73
N GLN A 88 56.42 -7.17 -57.68
CA GLN A 88 55.82 -8.39 -57.08
C GLN A 88 55.22 -9.30 -58.14
N THR A 89 55.39 -10.62 -58.00
CA THR A 89 54.75 -11.57 -58.94
C THR A 89 54.04 -12.65 -58.12
N ASN A 90 54.28 -12.67 -56.80
CA ASN A 90 53.63 -13.67 -55.91
C ASN A 90 53.77 -15.06 -56.55
N ASN A 91 54.55 -15.15 -57.63
CA ASN A 91 54.78 -16.49 -58.23
C ASN A 91 55.99 -17.08 -57.50
N SER A 92 55.90 -18.33 -57.09
CA SER A 92 57.00 -18.93 -56.30
C SER A 92 58.18 -19.25 -57.21
N LYS A 93 57.97 -19.23 -58.53
CA LYS A 93 59.06 -19.63 -59.40
C LYS A 93 59.96 -18.48 -59.81
N ASP A 94 59.62 -17.24 -59.45
CA ASP A 94 60.37 -16.07 -59.88
C ASP A 94 61.35 -15.65 -58.78
N VAL A 95 62.59 -15.41 -59.16
CA VAL A 95 63.63 -14.98 -58.22
C VAL A 95 64.37 -13.78 -58.81
N ALA A 96 64.58 -12.77 -57.98
CA ALA A 96 65.34 -11.58 -58.34
C ALA A 96 66.68 -11.60 -57.62
N ILE A 97 67.63 -10.84 -58.16
CA ILE A 97 69.01 -10.83 -57.67
C ILE A 97 69.26 -9.52 -56.95
N LYS A 98 69.75 -9.61 -55.71
CA LYS A 98 70.18 -8.46 -54.93
C LYS A 98 71.71 -8.41 -54.97
N GLY A 99 72.23 -7.56 -55.84
CA GLY A 99 73.67 -7.48 -56.03
C GLY A 99 74.09 -7.72 -57.46
N GLN A 100 75.34 -8.10 -57.67
CA GLN A 100 75.88 -8.34 -59.00
C GLN A 100 76.02 -9.85 -59.22
N GLY A 101 75.32 -10.35 -60.24
CA GLY A 101 75.37 -11.77 -60.56
C GLY A 101 74.47 -12.07 -61.74
N PHE A 102 74.73 -13.19 -62.39
CA PHE A 102 73.99 -13.59 -63.58
C PHE A 102 73.57 -15.05 -63.47
N PHE A 103 72.34 -15.33 -63.87
CA PHE A 103 71.88 -16.70 -64.04
C PHE A 103 72.46 -17.30 -65.31
N GLN A 104 72.87 -18.55 -65.23
CA GLN A 104 73.43 -19.25 -66.38
C GLN A 104 72.37 -20.14 -67.01
N VAL A 105 72.14 -19.96 -68.31
CA VAL A 105 71.08 -20.66 -69.02
C VAL A 105 71.67 -21.27 -70.29
N MET A 106 71.36 -22.55 -70.50
CA MET A 106 71.94 -23.31 -71.59
C MET A 106 71.07 -23.19 -72.84
N LEU A 107 71.66 -22.69 -73.92
CA LEU A 107 71.02 -22.59 -75.22
C LEU A 107 70.94 -23.96 -75.88
N PRO A 108 70.00 -24.15 -76.81
CA PRO A 108 69.88 -25.47 -77.46
C PRO A 108 71.13 -25.91 -78.20
N ASP A 109 71.88 -24.98 -78.81
CA ASP A 109 73.06 -25.38 -79.57
C ASP A 109 74.18 -25.90 -78.68
N GLY A 110 74.21 -25.50 -77.40
CA GLY A 110 75.17 -26.01 -76.46
C GLY A 110 75.95 -24.97 -75.68
N THR A 111 76.07 -23.75 -76.20
CA THR A 111 76.80 -22.71 -75.51
C THR A 111 75.90 -22.07 -74.45
N SER A 112 76.50 -21.73 -73.30
CA SER A 112 75.74 -21.19 -72.19
C SER A 112 75.72 -19.67 -72.24
N ALA A 113 74.51 -19.10 -72.21
CA ALA A 113 74.32 -17.66 -72.13
C ALA A 113 74.01 -17.29 -70.69
N TYR A 114 73.95 -15.98 -70.44
CA TYR A 114 73.75 -15.46 -69.09
C TYR A 114 72.65 -14.42 -69.10
N THR A 115 71.68 -14.60 -68.22
CA THR A 115 70.50 -13.75 -68.17
C THR A 115 70.28 -13.26 -66.74
N ARG A 116 69.56 -12.14 -66.63
CA ARG A 116 69.16 -11.62 -65.33
C ARG A 116 67.66 -11.61 -65.13
N ASP A 117 66.88 -11.95 -66.16
CA ASP A 117 65.44 -12.07 -66.01
C ASP A 117 65.13 -13.29 -65.16
N GLY A 118 64.51 -13.07 -64.00
CA GLY A 118 64.30 -14.13 -63.04
C GLY A 118 62.94 -14.78 -63.10
N SER A 119 62.20 -14.57 -64.18
CA SER A 119 60.89 -15.17 -64.36
C SER A 119 61.07 -16.55 -64.98
N PHE A 120 60.93 -17.60 -64.17
CA PHE A 120 61.18 -18.96 -64.59
C PHE A 120 59.90 -19.78 -64.52
N GLN A 121 59.92 -20.92 -65.22
CA GLN A 121 58.81 -21.86 -65.23
C GLN A 121 59.36 -23.28 -65.16
N VAL A 122 58.48 -24.22 -64.84
CA VAL A 122 58.83 -25.63 -64.81
C VAL A 122 58.29 -26.30 -66.07
N ASP A 123 59.14 -27.02 -66.78
CA ASP A 123 58.68 -27.57 -68.06
C ASP A 123 58.06 -28.95 -67.83
N GLN A 124 57.68 -29.62 -68.93
CA GLN A 124 56.81 -30.80 -68.86
C GLN A 124 57.43 -32.00 -68.15
N ASN A 125 58.75 -32.07 -68.03
CA ASN A 125 59.42 -33.17 -67.35
C ASN A 125 60.24 -32.70 -66.16
N GLY A 126 59.66 -31.85 -65.29
CA GLY A 126 60.44 -31.23 -64.25
C GLY A 126 61.11 -29.98 -64.79
N GLN A 127 62.35 -29.75 -64.35
CA GLN A 127 63.29 -28.86 -65.02
C GLN A 127 62.88 -27.38 -65.00
N LEU A 128 63.79 -26.54 -64.54
CA LEU A 128 63.55 -25.10 -64.47
C LEU A 128 64.07 -24.46 -65.75
N VAL A 129 63.19 -23.74 -66.46
CA VAL A 129 63.53 -23.09 -67.71
C VAL A 129 63.14 -21.62 -67.64
N THR A 130 63.76 -20.83 -68.50
CA THR A 130 63.42 -19.43 -68.64
C THR A 130 62.12 -19.29 -69.42
N ALA A 131 61.66 -18.04 -69.56
CA ALA A 131 60.42 -17.77 -70.28
C ALA A 131 60.49 -18.23 -71.74
N GLY A 132 61.69 -18.26 -72.32
CA GLY A 132 61.85 -18.69 -73.69
C GLY A 132 61.96 -20.20 -73.83
N GLY A 133 61.99 -20.91 -72.70
CA GLY A 133 62.06 -22.35 -72.70
C GLY A 133 63.45 -22.93 -72.54
N PHE A 134 64.50 -22.09 -72.54
CA PHE A 134 65.86 -22.61 -72.38
C PHE A 134 66.10 -23.03 -70.94
N GLN A 135 66.79 -24.16 -70.78
CA GLN A 135 67.02 -24.74 -69.46
C GLN A 135 68.04 -23.92 -68.69
N VAL A 136 67.85 -23.87 -67.37
CA VAL A 136 68.65 -22.97 -66.47
C VAL A 136 69.70 -23.81 -65.74
N GLN A 137 70.99 -23.55 -66.01
CA GLN A 137 72.10 -24.15 -65.21
C GLN A 137 72.10 -23.50 -63.83
N PRO A 138 72.56 -24.18 -62.75
CA PRO A 138 72.58 -25.65 -62.69
C PRO A 138 71.18 -26.27 -62.82
N ALA A 139 71.09 -27.36 -63.58
CA ALA A 139 69.79 -28.02 -63.87
C ALA A 139 69.09 -28.38 -62.56
N ILE A 140 67.80 -28.04 -62.46
CA ILE A 140 66.94 -28.41 -61.31
C ILE A 140 65.92 -29.44 -61.78
N THR A 141 65.65 -30.51 -61.01
CA THR A 141 64.51 -31.32 -61.42
C THR A 141 63.46 -31.33 -60.32
N ILE A 142 62.41 -30.55 -60.51
CA ILE A 142 61.31 -30.43 -59.55
C ILE A 142 60.45 -31.69 -59.61
N PRO A 143 60.14 -32.32 -58.47
CA PRO A 143 59.26 -33.49 -58.50
C PRO A 143 57.83 -33.12 -58.83
N ALA A 144 57.05 -34.09 -59.35
CA ALA A 144 55.72 -33.82 -59.86
C ALA A 144 54.73 -33.48 -58.74
N ASN A 145 54.83 -34.19 -57.62
CA ASN A 145 53.86 -34.03 -56.54
C ASN A 145 54.28 -32.95 -55.56
N ALA A 146 55.10 -32.00 -56.02
CA ALA A 146 55.56 -30.90 -55.17
C ALA A 146 54.38 -30.05 -54.72
N LEU A 147 54.37 -29.67 -53.44
CA LEU A 147 53.32 -28.81 -52.92
C LEU A 147 53.74 -27.35 -52.89
N SER A 148 55.00 -27.07 -52.58
CA SER A 148 55.51 -25.70 -52.55
C SER A 148 56.99 -25.72 -52.84
N ILE A 149 57.43 -24.81 -53.71
CA ILE A 149 58.84 -24.68 -54.08
C ILE A 149 59.41 -23.48 -53.33
N THR A 150 60.46 -23.71 -52.57
CA THR A 150 61.11 -22.66 -51.78
C THR A 150 62.54 -22.51 -52.26
N ILE A 151 62.89 -21.31 -52.71
CA ILE A 151 64.25 -20.98 -53.11
C ILE A 151 64.84 -20.05 -52.06
N GLY A 152 65.86 -20.53 -51.36
CA GLY A 152 66.46 -19.79 -50.27
C GLY A 152 67.29 -18.61 -50.76
N ARG A 153 67.77 -17.84 -49.78
CA ARG A 153 68.60 -16.68 -50.10
C ARG A 153 69.91 -17.11 -50.74
N ASP A 154 70.47 -18.23 -50.30
CA ASP A 154 71.75 -18.74 -50.79
C ASP A 154 71.56 -19.74 -51.94
N GLY A 155 70.42 -19.70 -52.62
CA GLY A 155 70.22 -20.47 -53.83
C GLY A 155 69.84 -21.92 -53.65
N VAL A 156 69.50 -22.35 -52.43
CA VAL A 156 69.08 -23.73 -52.21
C VAL A 156 67.60 -23.84 -52.56
N VAL A 157 67.28 -24.69 -53.54
CA VAL A 157 65.91 -24.92 -53.97
C VAL A 157 65.42 -26.17 -53.27
N SER A 158 64.54 -25.99 -52.28
CA SER A 158 63.96 -27.09 -51.53
C SER A 158 62.50 -27.27 -51.94
N VAL A 159 62.05 -28.52 -51.92
CA VAL A 159 60.72 -28.88 -52.37
C VAL A 159 60.00 -29.63 -51.26
N THR A 160 58.79 -29.20 -50.95
CA THR A 160 57.96 -29.84 -49.93
C THR A 160 57.05 -30.86 -50.61
N GLN A 161 56.93 -32.03 -49.99
CA GLN A 161 56.01 -33.07 -50.44
C GLN A 161 55.01 -33.39 -49.34
N GLN A 162 53.82 -33.81 -49.75
CA GLN A 162 52.76 -34.12 -48.82
C GLN A 162 53.15 -35.32 -47.95
N GLY A 163 52.93 -35.19 -46.64
CA GLY A 163 53.34 -36.26 -45.72
C GLY A 163 54.65 -35.90 -45.04
N GLN A 164 55.77 -35.98 -45.77
CA GLN A 164 57.10 -35.74 -45.16
C GLN A 164 57.06 -34.35 -44.52
N ALA A 165 57.53 -34.24 -43.29
CA ALA A 165 57.49 -32.96 -42.56
C ALA A 165 58.78 -32.17 -42.80
N ALA A 166 59.64 -32.65 -43.69
CA ALA A 166 60.86 -31.92 -44.00
C ALA A 166 60.99 -31.70 -45.50
N PRO A 167 61.38 -30.51 -45.93
CA PRO A 167 61.56 -30.27 -47.37
C PRO A 167 62.76 -31.03 -47.91
N VAL A 168 62.68 -31.36 -49.20
CA VAL A 168 63.71 -32.14 -49.88
C VAL A 168 64.57 -31.21 -50.72
N GLN A 169 65.88 -31.29 -50.52
CA GLN A 169 66.83 -30.50 -51.30
C GLN A 169 66.92 -31.06 -52.71
N VAL A 170 66.80 -30.17 -53.69
CA VAL A 170 66.82 -30.54 -55.10
C VAL A 170 68.06 -30.00 -55.80
N GLY A 171 68.32 -28.71 -55.67
CA GLY A 171 69.44 -28.12 -56.38
C GLY A 171 69.95 -26.80 -55.82
N GLN A 172 71.07 -26.34 -56.35
CA GLN A 172 71.62 -25.04 -55.97
C GLN A 172 71.63 -24.12 -57.18
N LEU A 173 71.10 -22.91 -57.00
CA LEU A 173 71.13 -21.90 -58.06
C LEU A 173 72.41 -21.09 -57.94
N ASN A 174 73.40 -21.41 -58.78
CA ASN A 174 74.69 -20.73 -58.74
C ASN A 174 74.63 -19.48 -59.61
N LEU A 175 75.33 -18.44 -59.18
CA LEU A 175 75.42 -17.19 -59.93
C LEU A 175 76.79 -17.11 -60.61
N THR A 176 76.78 -16.72 -61.87
CA THR A 176 78.02 -16.49 -62.60
C THR A 176 78.35 -14.99 -62.58
N THR A 177 79.50 -14.66 -62.03
CA THR A 177 79.94 -13.27 -61.90
C THR A 177 81.07 -13.02 -62.89
N PHE A 178 80.98 -11.89 -63.59
CA PHE A 178 82.03 -11.41 -64.47
C PHE A 178 82.72 -10.20 -63.85
N MET A 179 84.02 -10.10 -64.08
CA MET A 179 84.77 -8.97 -63.52
C MET A 179 84.39 -7.67 -64.23
N ASN A 180 84.10 -7.75 -65.53
CA ASN A 180 83.61 -6.62 -66.30
C ASN A 180 82.22 -6.97 -66.83
N ASP A 181 81.19 -6.44 -66.17
CA ASP A 181 79.81 -6.76 -66.52
C ASP A 181 79.35 -6.06 -67.80
N THR A 182 80.01 -4.99 -68.22
CA THR A 182 79.56 -4.23 -69.37
C THR A 182 79.94 -4.87 -70.69
N GLY A 183 81.00 -5.69 -70.71
CA GLY A 183 81.52 -6.24 -71.95
C GLY A 183 80.80 -7.46 -72.49
N LEU A 184 79.79 -7.98 -71.79
CA LEU A 184 79.03 -9.12 -72.27
C LEU A 184 78.28 -8.76 -73.55
N GLU A 185 78.19 -9.73 -74.45
CA GLU A 185 77.49 -9.55 -75.72
C GLU A 185 76.01 -9.82 -75.53
N SER A 186 75.18 -8.84 -75.86
CA SER A 186 73.73 -8.99 -75.80
C SER A 186 73.26 -9.71 -77.06
N ILE A 187 72.87 -10.98 -76.92
CA ILE A 187 72.54 -11.78 -78.10
C ILE A 187 71.12 -11.58 -78.59
N GLY A 188 70.33 -10.74 -77.92
CA GLY A 188 68.92 -10.69 -78.23
C GLY A 188 68.05 -10.93 -77.03
N GLU A 189 67.40 -12.10 -76.97
CA GLU A 189 66.28 -12.34 -76.08
C GLU A 189 66.70 -12.41 -74.61
N ASN A 190 67.07 -11.26 -74.05
CA ASN A 190 67.40 -11.11 -72.63
C ASN A 190 68.54 -12.03 -72.22
N LEU A 191 69.47 -12.29 -73.13
CA LEU A 191 70.59 -13.19 -72.88
C LEU A 191 71.89 -12.51 -73.26
N TYR A 192 72.92 -12.76 -72.44
CA TYR A 192 74.27 -12.30 -72.70
C TYR A 192 75.19 -13.50 -72.83
N ILE A 193 76.16 -13.40 -73.74
CA ILE A 193 77.22 -14.38 -73.85
C ILE A 193 78.54 -13.71 -73.47
N GLU A 194 79.42 -14.49 -72.85
CA GLU A 194 80.72 -13.98 -72.45
C GLU A 194 81.55 -13.65 -73.68
N THR A 195 82.43 -12.67 -73.55
CA THR A 195 83.25 -12.18 -74.65
C THR A 195 84.69 -11.98 -74.14
N GLN A 196 85.60 -11.64 -75.07
CA GLN A 196 86.97 -11.40 -74.68
C GLN A 196 87.13 -10.23 -73.72
N SER A 197 86.17 -9.30 -73.72
CA SER A 197 86.21 -8.15 -72.82
C SER A 197 85.50 -8.45 -71.49
N SER A 198 84.88 -9.61 -71.36
CA SER A 198 84.23 -10.01 -70.11
C SER A 198 84.54 -11.46 -69.80
N GLY A 199 85.78 -11.86 -69.97
CA GLY A 199 86.16 -13.25 -69.84
C GLY A 199 86.11 -13.74 -68.39
N ALA A 200 86.44 -15.03 -68.24
CA ALA A 200 86.51 -15.71 -66.96
C ALA A 200 85.18 -15.67 -66.23
N PRO A 201 84.16 -16.39 -66.70
CA PRO A 201 82.91 -16.51 -65.95
C PRO A 201 83.14 -17.26 -64.64
N ASN A 202 82.98 -16.56 -63.52
CA ASN A 202 83.27 -17.15 -62.22
C ASN A 202 81.98 -17.67 -61.61
N GLU A 203 81.85 -18.99 -61.52
CA GLU A 203 80.69 -19.58 -60.88
C GLU A 203 80.85 -19.55 -59.37
N SER A 204 79.81 -19.11 -58.67
CA SER A 204 79.85 -19.04 -57.22
C SER A 204 78.45 -19.30 -56.67
N THR A 205 78.41 -19.64 -55.38
CA THR A 205 77.13 -19.73 -54.70
C THR A 205 76.64 -18.31 -54.37
N PRO A 206 75.33 -18.07 -54.37
CA PRO A 206 74.83 -16.71 -54.11
C PRO A 206 75.05 -16.33 -52.65
N GLY A 207 75.78 -15.23 -52.44
CA GLY A 207 76.03 -14.74 -51.10
C GLY A 207 77.49 -14.69 -50.72
N LEU A 208 78.35 -15.39 -51.47
CA LEU A 208 79.77 -15.43 -51.19
C LEU A 208 80.56 -15.06 -52.43
N ASN A 209 81.80 -14.60 -52.21
CA ASN A 209 82.71 -14.21 -53.28
C ASN A 209 82.13 -13.09 -54.13
N GLY A 210 81.38 -12.18 -53.51
CA GLY A 210 80.81 -11.04 -54.19
C GLY A 210 79.50 -11.32 -54.91
N ALA A 211 79.02 -12.56 -54.89
CA ALA A 211 77.78 -12.90 -55.57
C ALA A 211 76.60 -12.30 -54.83
N GLY A 212 75.52 -12.07 -55.57
CA GLY A 212 74.34 -11.45 -55.00
C GLY A 212 73.44 -12.47 -54.30
N LEU A 213 72.45 -11.95 -53.59
CA LEU A 213 71.47 -12.79 -52.92
C LEU A 213 70.26 -12.99 -53.81
N LEU A 214 69.37 -13.90 -53.41
CA LEU A 214 68.17 -14.18 -54.18
C LEU A 214 66.91 -13.88 -53.36
N TYR A 215 66.00 -13.12 -53.95
CA TYR A 215 64.67 -12.88 -53.39
C TYR A 215 63.66 -13.68 -54.18
N GLN A 216 62.93 -14.56 -53.51
CA GLN A 216 61.92 -15.39 -54.16
C GLN A 216 60.59 -14.64 -54.17
N GLY A 217 59.87 -14.70 -55.29
CA GLY A 217 58.62 -14.00 -55.45
C GLY A 217 58.76 -12.59 -55.99
N TYR A 218 59.98 -12.15 -56.30
CA TYR A 218 60.24 -10.83 -56.85
C TYR A 218 61.01 -10.95 -58.15
N VAL A 219 60.77 -9.99 -59.05
CA VAL A 219 61.50 -9.92 -60.31
C VAL A 219 62.13 -8.54 -60.42
N GLU A 220 63.33 -8.49 -61.00
CA GLU A 220 64.08 -7.25 -61.13
C GLU A 220 63.62 -6.48 -62.36
N THR A 221 63.13 -5.27 -62.14
CA THR A 221 62.61 -4.45 -63.22
C THR A 221 63.73 -3.76 -63.99
N SER A 222 63.34 -3.05 -65.04
CA SER A 222 64.32 -2.40 -65.91
C SER A 222 64.98 -1.22 -65.20
N ASN A 223 66.13 -0.82 -65.72
CA ASN A 223 66.93 0.26 -65.16
C ASN A 223 66.68 1.61 -65.85
N VAL A 224 65.73 1.67 -66.79
CA VAL A 224 65.54 2.86 -67.62
C VAL A 224 64.86 3.97 -66.83
N ASN A 225 65.59 5.06 -66.62
CA ASN A 225 64.98 6.27 -66.07
C ASN A 225 64.30 7.05 -67.19
N VAL A 226 63.14 7.62 -66.88
CA VAL A 226 62.31 8.22 -67.93
C VAL A 226 62.69 9.67 -68.25
N ALA A 227 62.93 10.49 -67.23
CA ALA A 227 63.20 11.91 -67.49
C ALA A 227 64.42 12.10 -68.36
N GLU A 228 65.49 11.35 -68.09
CA GLU A 228 66.69 11.41 -68.93
C GLU A 228 66.36 11.14 -70.39
N GLU A 229 65.55 10.10 -70.67
CA GLU A 229 65.20 9.78 -72.04
C GLU A 229 64.41 10.88 -72.72
N LEU A 230 63.44 11.48 -72.03
CA LEU A 230 62.62 12.52 -72.65
C LEU A 230 63.45 13.77 -72.95
N VAL A 231 64.23 14.24 -71.98
CA VAL A 231 65.03 15.43 -72.24
C VAL A 231 66.09 15.14 -73.30
N ASN A 232 66.65 13.93 -73.29
CA ASN A 232 67.60 13.56 -74.33
C ASN A 232 66.95 13.53 -75.70
N MET A 233 65.68 13.11 -75.76
CA MET A 233 64.95 13.19 -77.03
C MET A 233 64.82 14.63 -77.50
N ILE A 234 64.52 15.54 -76.56
CA ILE A 234 64.45 16.96 -76.91
C ILE A 234 65.79 17.44 -77.49
N GLN A 235 66.88 17.12 -76.80
CA GLN A 235 68.21 17.51 -77.29
C GLN A 235 68.53 16.91 -78.65
N VAL A 236 68.20 15.63 -78.84
CA VAL A 236 68.49 14.98 -80.12
C VAL A 236 67.70 15.64 -81.25
N GLN A 237 66.42 15.92 -81.01
CA GLN A 237 65.62 16.59 -82.04
C GLN A 237 66.21 17.94 -82.39
N ARG A 238 66.57 18.75 -81.38
CA ARG A 238 67.06 20.08 -81.69
C ARG A 238 68.43 20.06 -82.36
N ALA A 239 69.33 19.17 -81.93
CA ALA A 239 70.62 19.05 -82.59
C ALA A 239 70.47 18.54 -84.02
N TYR A 240 69.53 17.63 -84.25
CA TYR A 240 69.24 17.18 -85.61
C TYR A 240 68.77 18.34 -86.48
N GLU A 241 67.91 19.20 -85.94
CA GLU A 241 67.49 20.39 -86.68
C GLU A 241 68.67 21.29 -86.98
N ILE A 242 69.58 21.47 -86.01
CA ILE A 242 70.75 22.32 -86.21
C ILE A 242 71.61 21.78 -87.34
N ASN A 243 71.88 20.47 -87.32
CA ASN A 243 72.71 19.87 -88.37
C ASN A 243 72.03 19.94 -89.73
N SER A 244 70.71 19.78 -89.77
CA SER A 244 69.98 19.97 -91.03
C SER A 244 70.13 21.39 -91.55
N LYS A 245 70.06 22.39 -90.66
CA LYS A 245 70.29 23.76 -91.09
C LYS A 245 71.69 23.97 -91.63
N ALA A 246 72.70 23.35 -91.00
CA ALA A 246 74.06 23.43 -91.52
C ALA A 246 74.17 22.80 -92.91
N VAL A 247 73.51 21.66 -93.11
CA VAL A 247 73.49 21.03 -94.42
C VAL A 247 72.87 21.96 -95.46
N SER A 248 71.76 22.60 -95.10
CA SER A 248 71.11 23.53 -96.02
C SER A 248 72.01 24.71 -96.36
N THR A 249 72.72 25.24 -95.36
CA THR A 249 73.63 26.36 -95.62
C THR A 249 74.75 25.95 -96.57
N THR A 250 75.33 24.77 -96.36
CA THR A 250 76.36 24.30 -97.29
C THR A 250 75.80 24.11 -98.69
N ASP A 251 74.58 23.58 -98.79
CA ASP A 251 73.92 23.43 -100.08
C ASP A 251 73.76 24.77 -100.79
N GLN A 252 73.31 25.80 -100.07
CA GLN A 252 73.14 27.11 -100.68
C GLN A 252 74.47 27.71 -101.11
N MET A 253 75.52 27.54 -100.29
CA MET A 253 76.83 28.04 -100.67
C MET A 253 77.34 27.38 -101.95
N LEU A 254 77.19 26.05 -102.05
CA LEU A 254 77.59 25.36 -103.27
C LEU A 254 76.75 25.78 -104.47
N GLN A 255 75.45 25.99 -104.27
CA GLN A 255 74.60 26.48 -105.35
C GLN A 255 75.08 27.83 -105.85
N LYS A 256 75.43 28.74 -104.94
CA LYS A 256 75.96 30.04 -105.34
C LYS A 256 77.28 29.89 -106.08
N LEU A 257 78.14 28.96 -105.63
CA LEU A 257 79.40 28.73 -106.33
C LEU A 257 79.19 28.22 -107.76
N THR A 258 78.28 27.28 -107.96
CA THR A 258 78.16 26.64 -109.27
C THR A 258 77.59 27.60 -110.32
N GLN A 259 76.83 28.61 -109.91
CA GLN A 259 76.17 29.50 -110.86
C GLN A 259 77.12 30.47 -111.52
N LEU A 260 78.38 30.55 -111.08
CA LEU A 260 79.35 31.46 -111.68
C LEU A 260 79.58 31.13 -113.16
N MET B 1 82.49 42.42 -91.53
CA MET B 1 81.61 43.27 -92.36
C MET B 1 80.81 44.17 -91.42
N ILE B 2 80.06 45.12 -91.97
CA ILE B 2 79.17 45.97 -91.10
C ILE B 2 77.75 45.42 -91.23
N SER B 3 77.23 44.85 -90.14
CA SER B 3 75.89 44.23 -90.18
C SER B 3 75.35 44.06 -88.75
N SER B 4 74.04 44.25 -88.56
CA SER B 4 73.39 44.15 -87.24
C SER B 4 73.31 42.68 -86.81
N LEU B 5 74.17 41.82 -87.35
CA LEU B 5 74.20 40.42 -86.89
C LEU B 5 75.07 40.40 -85.63
N TRP B 6 76.10 41.23 -85.60
CA TRP B 6 76.99 41.26 -84.45
C TRP B 6 76.37 41.96 -83.25
N ILE B 7 75.24 42.64 -83.42
CA ILE B 7 74.54 43.22 -82.28
C ILE B 7 73.47 42.26 -81.76
N ALA B 8 72.70 41.68 -82.68
CA ALA B 8 71.68 40.72 -82.26
C ALA B 8 72.29 39.45 -81.68
N LYS B 9 73.51 39.12 -82.10
CA LYS B 9 74.18 37.94 -81.48
C LYS B 9 74.44 38.25 -80.01
N THR B 10 74.96 39.44 -79.67
CA THR B 10 75.16 39.80 -78.27
C THR B 10 73.84 39.87 -77.53
N GLY B 11 72.78 40.30 -78.20
CA GLY B 11 71.46 40.25 -77.59
C GLY B 11 71.04 38.84 -77.20
N LEU B 12 71.23 37.91 -78.13
CA LEU B 12 70.93 36.50 -77.85
C LEU B 12 71.78 35.96 -76.72
N ASP B 13 73.07 36.30 -76.71
CA ASP B 13 73.96 35.83 -75.65
C ASP B 13 73.52 36.40 -74.29
N ALA B 14 73.10 37.66 -74.27
CA ALA B 14 72.62 38.26 -73.04
C ALA B 14 71.37 37.56 -72.53
N GLN B 15 70.40 37.33 -73.40
CA GLN B 15 69.19 36.63 -72.98
C GLN B 15 69.51 35.22 -72.53
N GLN B 16 70.52 34.59 -73.14
CA GLN B 16 70.88 33.24 -72.72
C GLN B 16 71.58 33.24 -71.37
N THR B 17 72.38 34.27 -71.08
CA THR B 17 72.96 34.41 -69.75
C THR B 17 71.86 34.58 -68.71
N ASN B 18 70.85 35.38 -69.04
CA ASN B 18 69.71 35.56 -68.14
C ASN B 18 69.00 34.23 -67.91
N MET B 19 68.79 33.45 -68.98
CA MET B 19 68.10 32.18 -68.85
C MET B 19 68.93 31.18 -68.04
N ASP B 20 70.26 31.21 -68.21
CA ASP B 20 71.12 30.35 -67.40
C ASP B 20 71.00 30.70 -65.92
N VAL B 21 70.97 31.99 -65.60
CA VAL B 21 70.78 32.40 -64.20
C VAL B 21 69.44 31.91 -63.68
N ILE B 22 68.38 32.05 -64.49
CA ILE B 22 67.05 31.61 -64.07
C ILE B 22 67.03 30.10 -63.80
N ALA B 23 67.63 29.32 -64.71
CA ALA B 23 67.66 27.87 -64.54
C ALA B 23 68.46 27.47 -63.31
N ASN B 24 69.59 28.13 -63.07
CA ASN B 24 70.36 27.85 -61.86
C ASN B 24 69.57 28.16 -60.60
N ASN B 25 68.82 29.27 -60.59
CA ASN B 25 67.98 29.57 -59.45
C ASN B 25 66.89 28.51 -59.27
N LEU B 26 66.29 28.06 -60.37
CA LEU B 26 65.22 27.07 -60.27
C LEU B 26 65.73 25.71 -59.80
N ALA B 27 66.94 25.33 -60.18
CA ALA B 27 67.45 24.02 -59.80
C ALA B 27 67.72 23.93 -58.31
N ASN B 28 67.92 25.07 -57.64
CA ASN B 28 68.31 25.10 -56.23
C ASN B 28 67.20 25.58 -55.32
N VAL B 29 65.94 25.24 -55.64
CA VAL B 29 64.84 25.67 -54.79
C VAL B 29 64.83 24.90 -53.47
N SER B 30 65.29 23.64 -53.46
CA SER B 30 65.30 22.82 -52.27
C SER B 30 66.63 22.85 -51.53
N THR B 31 67.66 23.49 -52.09
CA THR B 31 68.93 23.58 -51.41
C THR B 31 68.82 24.48 -50.18
N ASN B 32 69.46 24.06 -49.09
CA ASN B 32 69.39 24.79 -47.84
C ASN B 32 70.46 25.87 -47.82
N GLY B 33 70.05 27.11 -47.56
CA GLY B 33 70.98 28.21 -47.51
C GLY B 33 71.55 28.59 -48.86
N PHE B 34 70.68 28.87 -49.83
CA PHE B 34 71.09 29.27 -51.17
C PHE B 34 70.60 30.69 -51.44
N LYS B 35 71.47 31.51 -52.02
CA LYS B 35 71.13 32.89 -52.36
C LYS B 35 70.88 33.00 -53.85
N ARG B 36 69.72 33.56 -54.20
CA ARG B 36 69.31 33.68 -55.62
C ARG B 36 70.24 34.62 -56.37
N GLN B 37 70.50 34.32 -57.64
CA GLN B 37 71.40 35.13 -58.45
C GLN B 37 70.59 36.01 -59.40
N ARG B 38 71.12 37.19 -59.67
CA ARG B 38 70.52 38.16 -60.60
C ARG B 38 71.61 38.65 -61.54
N ALA B 39 71.28 38.76 -62.82
CA ALA B 39 72.23 39.21 -63.82
C ALA B 39 72.02 40.69 -64.11
N VAL B 40 73.11 41.46 -64.12
CA VAL B 40 73.09 42.88 -64.41
C VAL B 40 73.64 43.08 -65.80
N PHE B 41 72.88 43.77 -66.65
CA PHE B 41 73.23 43.94 -68.04
C PHE B 41 73.54 45.40 -68.35
N GLU B 42 74.56 45.61 -69.17
CA GLU B 42 75.08 46.92 -69.51
C GLU B 42 75.70 46.90 -70.91
N ASP B 43 75.30 47.87 -71.73
CA ASP B 43 75.57 47.84 -73.16
C ASP B 43 77.04 48.11 -73.48
N LEU B 44 77.41 47.81 -74.72
CA LEU B 44 78.80 47.80 -75.17
C LEU B 44 79.27 49.22 -75.51
N LEU B 45 80.41 49.34 -76.18
CA LEU B 45 80.95 50.64 -76.57
C LEU B 45 80.09 51.27 -77.65
N TYR B 46 80.11 52.60 -77.71
CA TYR B 46 79.36 53.36 -78.70
C TYR B 46 80.33 53.97 -79.72
N GLN B 47 80.02 53.80 -81.00
CA GLN B 47 80.82 54.38 -82.07
C GLN B 47 80.24 55.75 -82.42
N THR B 48 81.11 56.75 -82.52
CA THR B 48 80.67 58.12 -82.75
C THR B 48 81.04 58.52 -84.17
N ILE B 49 80.06 58.95 -84.95
CA ILE B 49 80.31 59.39 -86.32
C ILE B 49 80.60 60.88 -86.31
N ARG B 50 81.76 61.25 -86.84
CA ARG B 50 82.23 62.63 -86.83
C ARG B 50 81.58 63.41 -87.95
N GLN B 51 80.90 64.49 -87.60
CA GLN B 51 80.13 65.29 -88.54
C GLN B 51 80.81 66.62 -88.82
N PRO B 52 80.61 67.19 -90.02
CA PRO B 52 81.16 68.50 -90.38
C PRO B 52 80.33 69.65 -89.82
N THR B 61 78.87 71.83 -80.48
CA THR B 61 78.25 72.55 -81.58
C THR B 61 76.86 72.00 -81.90
N LEU B 62 76.81 70.73 -82.34
CA LEU B 62 75.53 70.11 -82.62
C LEU B 62 74.80 69.78 -81.33
N PRO B 63 73.46 69.95 -81.32
CA PRO B 63 72.71 69.66 -80.09
C PRO B 63 72.84 68.22 -79.61
N SER B 64 72.99 67.27 -80.53
CA SER B 64 73.15 65.87 -80.18
C SER B 64 74.13 65.23 -81.13
N GLY B 65 75.00 64.37 -80.61
CA GLY B 65 75.95 63.67 -81.47
C GLY B 65 75.35 62.43 -82.08
N LEU B 66 75.90 62.06 -83.24
CA LEU B 66 75.50 60.83 -83.92
C LEU B 66 76.31 59.66 -83.35
N GLN B 67 75.64 58.78 -82.61
CA GLN B 67 76.28 57.66 -81.93
C GLN B 67 75.49 56.40 -82.23
N ILE B 68 76.20 55.34 -82.61
CA ILE B 68 75.59 54.05 -82.89
C ILE B 68 76.10 53.03 -81.88
N GLY B 69 75.16 52.26 -81.31
CA GLY B 69 75.53 51.26 -80.34
C GLY B 69 76.15 50.02 -80.96
N THR B 70 76.58 49.10 -80.09
CA THR B 70 77.26 47.90 -80.54
C THR B 70 76.70 46.62 -79.90
N GLY B 71 75.96 46.72 -78.79
CA GLY B 71 75.37 45.56 -78.18
C GLY B 71 75.39 45.67 -76.67
N VAL B 72 75.23 44.53 -76.00
CA VAL B 72 75.13 44.47 -74.55
C VAL B 72 75.99 43.32 -74.05
N ARG B 73 76.39 43.37 -72.78
CA ARG B 73 77.33 42.36 -72.25
C ARG B 73 77.05 42.09 -70.78
N PRO B 74 76.73 40.87 -70.35
CA PRO B 74 76.57 40.59 -68.93
C PRO B 74 77.80 41.11 -68.19
N VAL B 75 77.65 41.72 -67.01
CA VAL B 75 78.86 42.33 -66.36
C VAL B 75 78.96 41.92 -64.91
N ALA B 76 77.87 41.96 -64.17
CA ALA B 76 77.79 41.68 -62.75
C ALA B 76 76.68 40.69 -62.46
N THR B 77 77.02 39.60 -61.77
CA THR B 77 76.03 38.67 -61.25
C THR B 77 76.02 38.76 -59.73
N GLU B 78 74.89 39.18 -59.16
CA GLU B 78 74.78 39.43 -57.73
C GLU B 78 73.98 38.32 -57.05
N ARG B 79 74.43 37.91 -55.87
CA ARG B 79 73.66 37.02 -55.02
C ARG B 79 73.04 37.81 -53.87
N LEU B 80 71.72 37.71 -53.76
CA LEU B 80 70.98 38.44 -52.74
C LEU B 80 71.13 37.74 -51.41
N HIS B 81 71.90 38.32 -50.50
CA HIS B 81 72.11 37.75 -49.17
C HIS B 81 71.01 38.25 -48.24
N SER B 82 69.81 37.80 -48.51
CA SER B 82 68.66 38.07 -47.67
C SER B 82 68.37 36.85 -46.81
N GLN B 83 67.73 37.07 -45.66
CA GLN B 83 67.47 35.97 -44.74
C GLN B 83 66.30 35.14 -45.28
N GLY B 84 66.57 33.89 -45.63
CA GLY B 84 65.55 33.00 -46.10
C GLY B 84 64.72 32.43 -44.97
N ASN B 85 63.66 31.71 -45.35
CA ASN B 85 62.77 31.11 -44.38
C ASN B 85 63.44 29.95 -43.67
N LEU B 86 62.93 29.63 -42.48
CA LEU B 86 63.44 28.53 -41.69
C LEU B 86 62.51 27.34 -41.80
N SER B 87 63.09 26.15 -41.99
CA SER B 87 62.33 24.90 -42.00
C SER B 87 62.82 24.03 -40.85
N GLN B 88 61.89 23.32 -40.24
CA GLN B 88 62.15 22.57 -39.01
C GLN B 88 62.53 21.14 -39.35
N THR B 89 63.76 20.77 -39.00
CA THR B 89 64.24 19.39 -39.07
C THR B 89 64.57 18.98 -37.64
N ASN B 90 63.89 17.95 -37.14
CA ASN B 90 64.02 17.57 -35.75
C ASN B 90 65.42 17.05 -35.42
N ASN B 91 66.22 16.78 -36.45
CA ASN B 91 67.63 16.45 -36.27
C ASN B 91 68.33 17.53 -35.45
N SER B 92 68.98 17.12 -34.38
CA SER B 92 69.52 18.05 -33.39
C SER B 92 70.82 18.70 -33.83
N LYS B 93 71.42 18.27 -34.93
CA LYS B 93 72.69 18.81 -35.39
C LYS B 93 72.52 19.96 -36.39
N ASP B 94 71.29 20.30 -36.76
CA ASP B 94 71.05 21.34 -37.75
C ASP B 94 70.86 22.68 -37.06
N VAL B 95 71.55 23.72 -37.56
CA VAL B 95 71.45 25.06 -37.02
C VAL B 95 71.23 26.04 -38.16
N ALA B 96 70.64 27.18 -37.84
CA ALA B 96 70.36 28.25 -38.79
C ALA B 96 70.78 29.59 -38.19
N ILE B 97 71.04 30.56 -39.07
CA ILE B 97 71.59 31.85 -38.69
C ILE B 97 70.52 32.92 -38.82
N LYS B 98 70.42 33.78 -37.81
CA LYS B 98 69.49 34.92 -37.81
C LYS B 98 70.31 36.18 -38.05
N GLY B 99 70.52 36.51 -39.32
CA GLY B 99 71.35 37.64 -39.67
C GLY B 99 72.46 37.29 -40.63
N GLN B 100 73.50 38.11 -40.67
CA GLN B 100 74.63 37.87 -41.57
C GLN B 100 75.71 37.12 -40.81
N GLY B 101 76.22 36.06 -41.42
CA GLY B 101 77.28 35.26 -40.83
C GLY B 101 77.49 33.99 -41.59
N PHE B 102 78.72 33.49 -41.56
CA PHE B 102 79.09 32.27 -42.27
C PHE B 102 79.90 31.35 -41.35
N PHE B 103 79.55 30.07 -41.38
CA PHE B 103 80.35 29.05 -40.72
C PHE B 103 81.63 28.81 -41.49
N GLN B 104 82.72 28.62 -40.76
CA GLN B 104 84.02 28.38 -41.38
C GLN B 104 84.26 26.89 -41.48
N VAL B 105 84.81 26.47 -42.62
CA VAL B 105 84.99 25.06 -42.95
C VAL B 105 86.38 24.86 -43.54
N MET B 106 87.00 23.74 -43.18
CA MET B 106 88.34 23.42 -43.64
C MET B 106 88.25 22.38 -44.76
N LEU B 107 88.68 22.79 -45.96
CA LEU B 107 88.81 21.85 -47.07
C LEU B 107 90.05 20.99 -46.89
N PRO B 108 90.07 19.80 -47.49
CA PRO B 108 91.21 18.88 -47.27
C PRO B 108 92.55 19.46 -47.70
N ASP B 109 92.59 20.40 -48.65
CA ASP B 109 93.85 20.96 -49.10
C ASP B 109 94.53 21.82 -48.03
N GLY B 110 93.77 22.30 -47.04
CA GLY B 110 94.31 23.11 -45.97
C GLY B 110 93.82 24.53 -45.92
N THR B 111 93.12 25.00 -46.94
CA THR B 111 92.57 26.36 -46.95
C THR B 111 91.19 26.36 -46.30
N SER B 112 90.63 27.54 -46.11
CA SER B 112 89.35 27.68 -45.45
C SER B 112 88.29 28.25 -46.38
N ALA B 113 87.11 27.65 -46.37
CA ALA B 113 85.93 28.14 -47.07
C ALA B 113 84.87 28.52 -46.06
N TYR B 114 83.78 29.11 -46.55
CA TYR B 114 82.72 29.62 -45.69
C TYR B 114 81.37 29.21 -46.26
N THR B 115 80.50 28.70 -45.40
CA THR B 115 79.22 28.15 -45.82
C THR B 115 78.11 28.65 -44.89
N ARG B 116 76.92 28.78 -45.47
CA ARG B 116 75.72 29.08 -44.70
C ARG B 116 74.83 27.86 -44.53
N ASP B 117 75.19 26.72 -45.12
CA ASP B 117 74.43 25.49 -44.93
C ASP B 117 74.54 25.03 -43.49
N GLY B 118 73.40 24.76 -42.87
CA GLY B 118 73.39 24.41 -41.46
C GLY B 118 73.20 22.93 -41.18
N SER B 119 73.28 22.10 -42.22
CA SER B 119 73.13 20.66 -42.06
C SER B 119 74.48 20.06 -41.68
N PHE B 120 74.65 19.73 -40.41
CA PHE B 120 75.89 19.19 -39.89
C PHE B 120 75.67 17.76 -39.40
N GLN B 121 76.78 17.02 -39.31
CA GLN B 121 76.78 15.66 -38.81
C GLN B 121 78.03 15.46 -37.95
N VAL B 122 78.05 14.35 -37.23
CA VAL B 122 79.21 13.98 -36.42
C VAL B 122 79.89 12.80 -37.09
N ASP B 123 81.17 12.95 -37.41
CA ASP B 123 81.84 11.86 -38.13
C ASP B 123 82.34 10.81 -37.15
N GLN B 124 83.03 9.78 -37.66
CA GLN B 124 83.39 8.60 -36.88
C GLN B 124 84.36 8.89 -35.74
N ASN B 125 85.10 10.00 -35.81
CA ASN B 125 86.03 10.39 -34.76
C ASN B 125 85.47 11.53 -33.90
N GLY B 126 84.17 11.48 -33.60
CA GLY B 126 83.54 12.68 -33.08
C GLY B 126 83.48 13.72 -34.18
N GLN B 127 83.56 14.99 -33.78
CA GLN B 127 83.77 16.11 -34.69
C GLN B 127 82.55 16.43 -35.55
N LEU B 128 82.24 17.72 -35.65
CA LEU B 128 81.19 18.21 -36.52
C LEU B 128 81.74 18.47 -37.91
N VAL B 129 81.07 17.91 -38.93
CA VAL B 129 81.42 18.13 -40.32
C VAL B 129 80.15 18.49 -41.08
N THR B 130 80.36 19.07 -42.26
CA THR B 130 79.25 19.37 -43.17
C THR B 130 78.76 18.09 -43.82
N ALA B 131 77.73 18.22 -44.66
CA ALA B 131 77.20 17.05 -45.36
C ALA B 131 78.23 16.41 -46.27
N GLY B 132 79.23 17.18 -46.73
CA GLY B 132 80.28 16.63 -47.55
C GLY B 132 81.42 16.02 -46.77
N GLY B 133 81.39 16.18 -45.44
CA GLY B 133 82.41 15.63 -44.58
C GLY B 133 83.52 16.58 -44.18
N PHE B 134 83.47 17.83 -44.63
CA PHE B 134 84.52 18.78 -44.30
C PHE B 134 84.39 19.26 -42.85
N GLN B 135 85.52 19.27 -42.15
CA GLN B 135 85.55 19.64 -40.74
C GLN B 135 85.29 21.13 -40.57
N VAL B 136 84.50 21.44 -39.54
CA VAL B 136 83.84 22.77 -39.35
C VAL B 136 84.68 23.63 -38.37
N GLN B 137 85.98 23.82 -38.62
CA GLN B 137 86.75 24.66 -37.67
C GLN B 137 85.96 25.94 -37.48
N PRO B 138 85.58 26.35 -36.25
CA PRO B 138 86.28 26.00 -35.03
C PRO B 138 85.94 24.59 -34.54
N ALA B 139 86.96 23.75 -34.38
CA ALA B 139 86.78 22.30 -34.24
C ALA B 139 85.83 22.00 -33.08
N ILE B 140 84.91 21.08 -33.26
CA ILE B 140 83.97 20.67 -32.17
C ILE B 140 84.13 19.17 -31.93
N THR B 141 84.37 18.76 -30.68
CA THR B 141 84.51 17.32 -30.46
C THR B 141 83.32 16.83 -29.65
N ILE B 142 82.76 15.69 -30.04
CA ILE B 142 81.58 15.13 -29.39
C ILE B 142 81.92 13.74 -28.86
N PRO B 143 81.64 13.44 -27.59
CA PRO B 143 81.88 12.08 -27.09
C PRO B 143 80.82 11.10 -27.54
N ALA B 144 81.04 9.81 -27.31
CA ALA B 144 80.12 8.76 -27.81
C ALA B 144 79.01 8.49 -26.80
N ASN B 145 79.30 8.70 -25.51
CA ASN B 145 78.32 8.43 -24.46
C ASN B 145 77.34 9.59 -24.32
N ALA B 146 77.37 10.52 -25.27
CA ALA B 146 76.46 11.67 -25.24
C ALA B 146 75.03 11.22 -25.42
N LEU B 147 74.11 11.87 -24.69
CA LEU B 147 72.70 11.58 -24.83
C LEU B 147 71.98 12.61 -25.70
N SER B 148 72.44 13.86 -25.70
CA SER B 148 71.82 14.91 -26.49
C SER B 148 72.80 16.07 -26.62
N ILE B 149 72.85 16.66 -27.81
CA ILE B 149 73.66 17.84 -28.08
C ILE B 149 72.76 19.07 -28.05
N THR B 150 73.21 20.12 -27.36
CA THR B 150 72.46 21.36 -27.24
C THR B 150 73.34 22.51 -27.71
N ILE B 151 72.97 23.12 -28.82
CA ILE B 151 73.65 24.30 -29.34
C ILE B 151 72.83 25.52 -29.00
N GLY B 152 73.39 26.41 -28.18
CA GLY B 152 72.66 27.52 -27.61
C GLY B 152 72.54 28.71 -28.55
N ARG B 153 72.02 29.79 -27.99
CA ARG B 153 71.85 31.03 -28.75
C ARG B 153 73.20 31.60 -29.20
N ASP B 154 74.20 31.53 -28.33
CA ASP B 154 75.51 32.12 -28.59
C ASP B 154 76.49 31.11 -29.16
N GLY B 155 76.01 29.95 -29.59
CA GLY B 155 76.86 28.97 -30.25
C GLY B 155 77.64 28.04 -29.35
N VAL B 156 77.49 28.15 -28.04
CA VAL B 156 78.14 27.21 -27.13
C VAL B 156 77.54 25.83 -27.34
N VAL B 157 78.39 24.86 -27.67
CA VAL B 157 77.95 23.49 -27.93
C VAL B 157 78.02 22.74 -26.61
N SER B 158 76.86 22.49 -26.02
CA SER B 158 76.75 21.79 -24.74
C SER B 158 76.26 20.38 -24.96
N VAL B 159 76.88 19.44 -24.25
CA VAL B 159 76.62 18.02 -24.41
C VAL B 159 76.22 17.45 -23.04
N THR B 160 75.13 16.69 -23.02
CA THR B 160 74.66 16.04 -21.81
C THR B 160 75.14 14.59 -21.81
N GLN B 161 75.68 14.14 -20.69
CA GLN B 161 76.12 12.76 -20.52
C GLN B 161 75.29 12.08 -19.44
N GLN B 162 75.21 10.76 -19.53
CA GLN B 162 74.49 9.98 -18.54
C GLN B 162 75.18 10.05 -17.18
N GLY B 163 74.39 10.24 -16.14
CA GLY B 163 74.93 10.36 -14.79
C GLY B 163 75.18 11.79 -14.38
N GLN B 164 75.78 12.59 -15.28
CA GLN B 164 76.06 13.99 -14.99
C GLN B 164 74.75 14.76 -14.91
N ALA B 165 74.57 15.51 -13.82
CA ALA B 165 73.39 16.32 -13.65
C ALA B 165 73.60 17.70 -14.28
N ALA B 166 74.82 17.97 -14.74
CA ALA B 166 75.16 19.23 -15.37
C ALA B 166 75.76 18.98 -16.73
N PRO B 167 75.39 19.76 -17.74
CA PRO B 167 75.90 19.54 -19.09
C PRO B 167 77.37 19.90 -19.20
N VAL B 168 78.03 19.30 -20.19
CA VAL B 168 79.46 19.50 -20.43
C VAL B 168 79.63 20.32 -21.70
N GLN B 169 80.39 21.41 -21.60
CA GLN B 169 80.72 22.24 -22.75
C GLN B 169 81.89 21.62 -23.51
N VAL B 170 81.74 21.51 -24.83
CA VAL B 170 82.71 20.84 -25.68
C VAL B 170 83.34 21.81 -26.68
N GLY B 171 82.67 22.93 -26.95
CA GLY B 171 83.22 23.89 -27.88
C GLY B 171 82.38 25.12 -28.17
N GLN B 172 82.91 25.99 -29.02
CA GLN B 172 82.23 27.21 -29.42
C GLN B 172 82.05 27.25 -30.93
N LEU B 173 80.85 27.66 -31.38
CA LEU B 173 80.59 27.89 -32.79
C LEU B 173 80.68 29.38 -33.06
N ASN B 174 81.75 29.80 -33.73
CA ASN B 174 81.96 31.21 -34.04
C ASN B 174 81.56 31.48 -35.48
N LEU B 175 81.07 32.69 -35.75
CA LEU B 175 80.65 33.08 -37.09
C LEU B 175 81.70 34.00 -37.69
N THR B 176 82.16 33.67 -38.89
CA THR B 176 83.09 34.54 -39.60
C THR B 176 82.31 35.49 -40.50
N THR B 177 82.46 36.79 -40.26
CA THR B 177 81.72 37.81 -40.97
C THR B 177 82.63 38.43 -42.02
N PHE B 178 82.04 38.82 -43.15
CA PHE B 178 82.71 39.48 -44.23
C PHE B 178 82.23 40.93 -44.31
N MET B 179 82.96 41.76 -45.04
CA MET B 179 82.56 43.15 -45.10
C MET B 179 81.62 43.39 -46.29
N ASN B 180 81.87 42.70 -47.40
CA ASN B 180 80.98 42.70 -48.56
C ASN B 180 80.59 41.25 -48.83
N ASP B 181 79.36 40.89 -48.47
CA ASP B 181 78.90 39.52 -48.62
C ASP B 181 78.74 39.11 -50.08
N THR B 182 78.51 40.06 -50.99
CA THR B 182 78.23 39.71 -52.38
C THR B 182 79.49 39.44 -53.19
N GLY B 183 80.67 39.75 -52.66
CA GLY B 183 81.90 39.64 -53.43
C GLY B 183 82.60 38.30 -53.36
N LEU B 184 81.99 37.29 -52.74
CA LEU B 184 82.63 36.01 -52.53
C LEU B 184 82.62 35.14 -53.77
N GLU B 185 83.60 34.24 -53.85
CA GLU B 185 83.62 33.21 -54.88
C GLU B 185 82.76 32.03 -54.43
N SER B 186 82.01 31.45 -55.37
CA SER B 186 81.23 30.25 -55.11
C SER B 186 82.04 29.04 -55.57
N ILE B 187 82.22 28.06 -54.68
CA ILE B 187 83.06 26.90 -54.95
C ILE B 187 82.33 25.81 -55.72
N GLY B 188 81.01 25.71 -55.56
CA GLY B 188 80.36 24.45 -55.83
C GLY B 188 79.54 24.01 -54.63
N GLU B 189 80.02 23.00 -53.90
CA GLU B 189 79.21 22.36 -52.87
C GLU B 189 78.95 23.29 -51.68
N ASN B 190 78.19 24.35 -51.92
CA ASN B 190 77.68 25.25 -50.88
C ASN B 190 78.81 25.86 -50.06
N LEU B 191 79.89 26.27 -50.71
CA LEU B 191 81.03 26.89 -50.04
C LEU B 191 81.42 28.17 -50.74
N TYR B 192 81.97 29.11 -49.98
CA TYR B 192 82.45 30.38 -50.51
C TYR B 192 83.93 30.57 -50.19
N ILE B 193 84.64 31.21 -51.11
CA ILE B 193 86.03 31.61 -50.93
C ILE B 193 86.08 33.14 -50.83
N GLU B 194 86.80 33.61 -49.81
CA GLU B 194 87.05 35.05 -49.65
C GLU B 194 87.84 35.57 -50.84
N THR B 195 87.44 36.74 -51.34
CA THR B 195 88.07 37.35 -52.50
C THR B 195 88.68 38.69 -52.11
N GLN B 196 89.19 39.41 -53.12
CA GLN B 196 89.75 40.74 -52.88
C GLN B 196 88.67 41.76 -52.55
N SER B 197 87.48 41.62 -53.14
CA SER B 197 86.37 42.53 -52.88
C SER B 197 85.55 42.13 -51.66
N SER B 198 85.90 41.04 -51.00
CA SER B 198 85.21 40.60 -49.80
C SER B 198 86.20 40.23 -48.72
N GLY B 199 87.30 40.99 -48.64
CA GLY B 199 88.39 40.64 -47.74
C GLY B 199 88.05 40.91 -46.28
N ALA B 200 89.07 40.72 -45.45
CA ALA B 200 89.04 40.92 -44.01
C ALA B 200 87.96 40.07 -43.36
N PRO B 201 88.12 38.73 -43.32
CA PRO B 201 87.18 37.88 -42.59
C PRO B 201 87.41 37.99 -41.08
N ASN B 202 86.44 38.55 -40.37
CA ASN B 202 86.61 38.70 -38.92
C ASN B 202 85.74 37.69 -38.20
N GLU B 203 86.35 36.92 -37.29
CA GLU B 203 85.61 35.94 -36.53
C GLU B 203 84.96 36.61 -35.32
N SER B 204 83.72 36.22 -35.03
CA SER B 204 82.97 36.87 -33.96
C SER B 204 82.08 35.84 -33.25
N THR B 205 81.74 36.17 -32.02
CA THR B 205 80.75 35.41 -31.28
C THR B 205 79.37 35.67 -31.88
N PRO B 206 78.57 34.61 -32.14
CA PRO B 206 77.24 34.83 -32.70
C PRO B 206 76.36 35.64 -31.77
N GLY B 207 75.73 36.68 -32.32
CA GLY B 207 74.88 37.55 -31.53
C GLY B 207 75.54 38.85 -31.13
N LEU B 208 76.84 38.96 -31.36
CA LEU B 208 77.62 40.13 -31.01
C LEU B 208 78.28 40.71 -32.25
N ASN B 209 78.57 42.02 -32.21
CA ASN B 209 79.22 42.72 -33.30
C ASN B 209 78.39 42.67 -34.58
N GLY B 210 77.07 42.52 -34.44
CA GLY B 210 76.19 42.42 -35.57
C GLY B 210 76.06 41.05 -36.17
N ALA B 211 76.77 40.06 -35.64
CA ALA B 211 76.69 38.70 -36.15
C ALA B 211 75.35 38.07 -35.82
N GLY B 212 74.99 37.04 -36.59
CA GLY B 212 73.71 36.39 -36.41
C GLY B 212 73.69 35.47 -35.19
N LEU B 213 72.50 35.00 -34.85
CA LEU B 213 72.33 34.07 -33.74
C LEU B 213 71.90 32.71 -34.26
N LEU B 214 72.21 31.67 -33.49
CA LEU B 214 72.02 30.30 -33.97
C LEU B 214 70.75 29.69 -33.41
N TYR B 215 69.90 29.19 -34.30
CA TYR B 215 68.72 28.41 -33.94
C TYR B 215 69.01 26.95 -34.21
N GLN B 216 68.85 26.11 -33.18
CA GLN B 216 69.13 24.68 -33.33
C GLN B 216 67.87 23.95 -33.77
N GLY B 217 68.04 22.97 -34.64
CA GLY B 217 66.94 22.21 -35.19
C GLY B 217 66.27 22.85 -36.39
N TYR B 218 66.82 23.94 -36.91
CA TYR B 218 66.25 24.67 -38.04
C TYR B 218 67.30 24.85 -39.13
N VAL B 219 66.84 24.80 -40.38
CA VAL B 219 67.69 25.00 -41.54
C VAL B 219 67.12 26.10 -42.39
N GLU B 220 68.00 27.01 -42.84
CA GLU B 220 67.59 28.13 -43.67
C GLU B 220 67.28 27.64 -45.07
N THR B 221 66.10 28.00 -45.59
CA THR B 221 65.68 27.59 -46.92
C THR B 221 66.28 28.51 -47.98
N SER B 222 66.03 28.16 -49.23
CA SER B 222 66.56 28.94 -50.34
C SER B 222 65.90 30.31 -50.40
N ASN B 223 66.65 31.28 -50.91
CA ASN B 223 66.18 32.65 -51.06
C ASN B 223 65.28 32.80 -52.29
N VAL B 224 65.35 31.86 -53.23
CA VAL B 224 64.74 31.99 -54.56
C VAL B 224 63.25 32.27 -54.48
N ASN B 225 62.84 33.41 -55.03
CA ASN B 225 61.42 33.71 -55.19
C ASN B 225 60.95 33.20 -56.55
N VAL B 226 59.84 32.46 -56.56
CA VAL B 226 59.48 31.67 -57.72
C VAL B 226 58.72 32.47 -58.79
N ALA B 227 57.73 33.28 -58.38
CA ALA B 227 56.92 34.01 -59.37
C ALA B 227 57.77 34.90 -60.25
N GLU B 228 58.72 35.63 -59.64
CA GLU B 228 59.67 36.41 -60.41
C GLU B 228 60.37 35.58 -61.46
N GLU B 229 60.78 34.35 -61.11
CA GLU B 229 61.48 33.50 -62.07
C GLU B 229 60.60 33.08 -63.24
N LEU B 230 59.33 32.75 -63.00
CA LEU B 230 58.46 32.37 -64.11
C LEU B 230 58.17 33.55 -65.03
N VAL B 231 57.88 34.72 -64.45
CA VAL B 231 57.67 35.91 -65.27
C VAL B 231 58.93 36.24 -66.05
N ASN B 232 60.10 36.07 -65.42
CA ASN B 232 61.36 36.37 -66.11
C ASN B 232 61.64 35.35 -67.21
N MET B 233 61.22 34.10 -67.02
CA MET B 233 61.33 33.12 -68.10
C MET B 233 60.48 33.53 -69.29
N ILE B 234 59.26 34.01 -69.03
CA ILE B 234 58.42 34.51 -70.11
C ILE B 234 59.11 35.67 -70.83
N GLN B 235 59.66 36.60 -70.05
CA GLN B 235 60.40 37.73 -70.61
C GLN B 235 61.58 37.29 -71.47
N VAL B 236 62.37 36.34 -70.97
CA VAL B 236 63.53 35.87 -71.71
C VAL B 236 63.11 35.22 -73.01
N GLN B 237 62.06 34.40 -72.98
CA GLN B 237 61.58 33.77 -74.20
C GLN B 237 61.17 34.81 -75.23
N ARG B 238 60.39 35.82 -74.82
CA ARG B 238 59.95 36.82 -75.79
C ARG B 238 61.09 37.68 -76.32
N ALA B 239 62.04 38.06 -75.45
CA ALA B 239 63.21 38.80 -75.93
C ALA B 239 64.02 37.97 -76.92
N TYR B 240 64.17 36.68 -76.66
CA TYR B 240 64.82 35.79 -77.62
C TYR B 240 64.06 35.76 -78.94
N GLU B 241 62.73 35.76 -78.89
CA GLU B 241 61.94 35.82 -80.11
C GLU B 241 62.26 37.07 -80.91
N ILE B 242 62.30 38.23 -80.24
CA ILE B 242 62.54 39.49 -80.95
C ILE B 242 63.94 39.52 -81.54
N ASN B 243 64.94 39.06 -80.77
CA ASN B 243 66.31 39.05 -81.29
C ASN B 243 66.46 38.11 -82.47
N SER B 244 65.80 36.94 -82.43
CA SER B 244 65.82 36.06 -83.59
C SER B 244 65.16 36.69 -84.80
N LYS B 245 64.07 37.44 -84.59
CA LYS B 245 63.46 38.18 -85.69
C LYS B 245 64.41 39.20 -86.29
N ALA B 246 65.15 39.93 -85.45
CA ALA B 246 66.14 40.88 -85.96
C ALA B 246 67.23 40.17 -86.77
N VAL B 247 67.70 39.03 -86.26
CA VAL B 247 68.70 38.25 -86.99
C VAL B 247 68.17 37.84 -88.36
N SER B 248 66.95 37.33 -88.41
CA SER B 248 66.38 36.89 -89.68
C SER B 248 66.21 38.06 -90.65
N THR B 249 65.76 39.21 -90.16
CA THR B 249 65.58 40.35 -91.04
C THR B 249 66.91 40.83 -91.61
N THR B 250 67.97 40.87 -90.78
CA THR B 250 69.28 41.20 -91.31
C THR B 250 69.75 40.17 -92.33
N ASP B 251 69.45 38.89 -92.09
CA ASP B 251 69.82 37.85 -93.05
C ASP B 251 69.16 38.08 -94.40
N GLN B 252 67.87 38.42 -94.40
CA GLN B 252 67.17 38.66 -95.65
C GLN B 252 67.68 39.92 -96.34
N MET B 253 68.04 40.94 -95.56
CA MET B 253 68.65 42.14 -96.14
C MET B 253 69.95 41.80 -96.84
N LEU B 254 70.78 40.96 -96.21
CA LEU B 254 72.03 40.54 -96.83
C LEU B 254 71.76 39.69 -98.08
N GLN B 255 70.71 38.87 -98.05
CA GLN B 255 70.31 38.13 -99.24
C GLN B 255 70.02 39.07 -100.40
N LYS B 256 69.23 40.11 -100.14
CA LYS B 256 68.90 41.09 -101.18
C LYS B 256 70.15 41.80 -101.67
N LEU B 257 71.07 42.14 -100.76
CA LEU B 257 72.30 42.81 -101.16
C LEU B 257 73.13 41.94 -102.09
N THR B 258 73.41 40.70 -101.68
CA THR B 258 74.30 39.86 -102.49
C THR B 258 73.60 39.33 -103.74
N GLN B 259 72.28 39.37 -103.77
CA GLN B 259 71.56 39.00 -104.99
C GLN B 259 71.86 39.99 -106.11
N LEU B 260 72.09 41.25 -105.76
CA LEU B 260 72.43 42.29 -106.72
C LEU B 260 73.73 41.98 -107.44
N MET C 1 56.67 54.76 -95.43
CA MET C 1 56.66 54.55 -96.88
C MET C 1 55.26 54.22 -97.38
N ILE C 2 54.54 53.38 -96.64
CA ILE C 2 53.19 52.98 -97.00
C ILE C 2 52.28 53.35 -95.84
N SER C 3 51.15 53.99 -96.17
CA SER C 3 50.29 54.58 -95.13
C SER C 3 49.72 53.51 -94.21
N SER C 4 49.39 52.35 -94.76
CA SER C 4 48.74 51.29 -94.00
C SER C 4 49.61 50.83 -92.84
N LEU C 5 50.92 50.74 -93.07
CA LEU C 5 51.85 50.34 -92.03
C LEU C 5 51.84 51.31 -90.85
N TRP C 6 51.91 52.62 -91.12
CA TRP C 6 51.84 53.60 -90.05
C TRP C 6 50.50 53.59 -89.33
N ILE C 7 49.40 53.45 -90.06
CA ILE C 7 48.09 53.41 -89.42
C ILE C 7 47.97 52.21 -88.50
N ALA C 8 48.42 51.05 -88.96
CA ALA C 8 48.35 49.85 -88.12
C ALA C 8 49.30 49.95 -86.94
N LYS C 9 50.46 50.61 -87.11
CA LYS C 9 51.34 50.85 -85.97
C LYS C 9 50.67 51.72 -84.92
N THR C 10 49.96 52.77 -85.35
CA THR C 10 49.22 53.59 -84.41
C THR C 10 48.16 52.78 -83.69
N GLY C 11 47.46 51.91 -84.43
CA GLY C 11 46.46 51.05 -83.79
C GLY C 11 47.08 50.13 -82.74
N LEU C 12 48.22 49.53 -83.07
CA LEU C 12 48.93 48.68 -82.12
C LEU C 12 49.31 49.45 -80.87
N ASP C 13 49.83 50.66 -81.04
CA ASP C 13 50.24 51.46 -79.90
C ASP C 13 49.03 51.84 -79.03
N ALA C 14 47.90 52.18 -79.66
CA ALA C 14 46.70 52.50 -78.90
C ALA C 14 46.22 51.31 -78.09
N GLN C 15 46.21 50.12 -78.71
CA GLN C 15 45.77 48.94 -77.98
C GLN C 15 46.75 48.58 -76.86
N GLN C 16 48.05 48.81 -77.08
CA GLN C 16 49.02 48.58 -76.01
C GLN C 16 48.79 49.54 -74.85
N THR C 17 48.46 50.80 -75.14
CA THR C 17 48.13 51.75 -74.08
C THR C 17 46.89 51.30 -73.31
N ASN C 18 45.89 50.80 -74.04
CA ASN C 18 44.69 50.27 -73.38
C ASN C 18 45.04 49.11 -72.44
N MET C 19 45.88 48.18 -72.92
CA MET C 19 46.26 47.06 -72.07
C MET C 19 47.09 47.53 -70.88
N ASP C 20 47.90 48.57 -71.06
CA ASP C 20 48.64 49.15 -69.94
C ASP C 20 47.69 49.68 -68.88
N VAL C 21 46.65 50.41 -69.30
CA VAL C 21 45.67 50.93 -68.35
C VAL C 21 44.96 49.79 -67.64
N ILE C 22 44.61 48.73 -68.37
CA ILE C 22 43.93 47.59 -67.77
C ILE C 22 44.82 46.92 -66.72
N ALA C 23 46.10 46.73 -67.05
CA ALA C 23 47.03 46.12 -66.11
C ALA C 23 47.23 46.98 -64.87
N ASN C 24 47.31 48.30 -65.06
CA ASN C 24 47.44 49.20 -63.91
C ASN C 24 46.21 49.10 -63.02
N ASN C 25 45.01 49.02 -63.61
CA ASN C 25 43.80 48.87 -62.82
C ASN C 25 43.79 47.55 -62.06
N LEU C 26 44.21 46.46 -62.72
CA LEU C 26 44.18 45.15 -62.08
C LEU C 26 45.22 45.01 -60.98
N ALA C 27 46.38 45.65 -61.13
CA ALA C 27 47.41 45.57 -60.10
C ALA C 27 47.04 46.30 -58.82
N ASN C 28 46.06 47.21 -58.88
CA ASN C 28 45.66 48.01 -57.73
C ASN C 28 44.32 47.56 -57.15
N VAL C 29 43.94 46.30 -57.35
CA VAL C 29 42.68 45.80 -56.84
C VAL C 29 42.66 45.79 -55.31
N SER C 30 43.82 45.71 -54.67
CA SER C 30 43.91 45.73 -53.22
C SER C 30 44.26 47.10 -52.65
N THR C 31 44.46 48.11 -53.50
CA THR C 31 44.84 49.43 -53.03
C THR C 31 43.63 50.16 -52.45
N ASN C 32 43.80 50.74 -51.26
CA ASN C 32 42.74 51.49 -50.62
C ASN C 32 42.66 52.90 -51.20
N GLY C 33 41.43 53.37 -51.38
CA GLY C 33 41.21 54.70 -51.92
C GLY C 33 41.74 54.87 -53.33
N PHE C 34 41.53 53.86 -54.16
CA PHE C 34 41.99 53.88 -55.55
C PHE C 34 40.82 54.08 -56.49
N LYS C 35 41.06 54.85 -57.55
CA LYS C 35 40.05 55.12 -58.57
C LYS C 35 40.56 54.59 -59.90
N ARG C 36 39.71 53.82 -60.59
CA ARG C 36 40.11 53.14 -61.82
C ARG C 36 40.30 54.15 -62.94
N GLN C 37 41.05 53.75 -63.96
CA GLN C 37 41.33 54.63 -65.08
C GLN C 37 40.72 54.08 -66.37
N ARG C 38 40.36 54.98 -67.28
CA ARG C 38 39.84 54.61 -68.58
C ARG C 38 40.47 55.49 -69.65
N ALA C 39 40.92 54.86 -70.73
CA ALA C 39 41.57 55.57 -71.83
C ALA C 39 40.56 55.95 -72.90
N VAL C 40 40.75 57.13 -73.48
CA VAL C 40 39.87 57.65 -74.53
C VAL C 40 40.71 57.85 -75.78
N PHE C 41 40.20 57.37 -76.92
CA PHE C 41 40.93 57.44 -78.18
C PHE C 41 40.23 58.38 -79.16
N GLU C 42 40.98 58.79 -80.19
CA GLU C 42 40.48 59.75 -81.16
C GLU C 42 41.02 59.41 -82.54
N ASP C 43 40.34 59.96 -83.56
CA ASP C 43 40.82 59.86 -84.93
C ASP C 43 41.98 60.83 -85.16
N LEU C 44 42.98 60.39 -85.91
CA LEU C 44 44.07 61.26 -86.30
C LEU C 44 43.68 62.06 -87.53
N LEU C 45 44.67 62.69 -88.17
CA LEU C 45 44.42 63.60 -89.29
C LEU C 45 43.67 62.89 -90.41
N TYR C 46 42.96 63.67 -91.21
CA TYR C 46 42.17 63.18 -92.33
C TYR C 46 42.68 63.90 -93.59
N GLN C 47 43.36 63.17 -94.46
CA GLN C 47 43.86 63.74 -95.71
C GLN C 47 42.70 64.21 -96.57
N THR C 48 42.67 65.51 -96.85
CA THR C 48 41.51 66.13 -97.48
C THR C 48 41.28 65.66 -98.93
N ILE C 49 42.36 65.52 -99.71
CA ILE C 49 42.28 65.21 -101.13
C ILE C 49 41.17 66.03 -101.79
N ARG C 50 40.11 65.36 -102.24
CA ARG C 50 38.95 66.07 -102.75
C ARG C 50 38.16 66.70 -101.62
N GLN C 51 37.88 67.99 -101.74
CA GLN C 51 37.15 68.71 -100.72
C GLN C 51 35.67 68.38 -100.84
N PRO C 52 35.03 67.81 -99.81
CA PRO C 52 33.59 67.55 -99.89
C PRO C 52 32.80 68.84 -100.06
N GLY C 53 31.71 68.75 -100.82
CA GLY C 53 30.90 69.93 -101.09
C GLY C 53 31.42 70.75 -102.25
N ALA C 54 32.49 70.29 -102.89
CA ALA C 54 33.06 71.00 -104.03
C ALA C 54 32.08 70.98 -105.20
N GLN C 55 32.12 72.04 -106.00
CA GLN C 55 31.24 72.20 -107.15
C GLN C 55 31.79 71.33 -108.28
N SER C 56 31.31 70.09 -108.36
CA SER C 56 31.77 69.15 -109.38
C SER C 56 31.31 69.51 -110.78
N SER C 57 30.06 69.95 -110.94
CA SER C 57 29.50 70.28 -112.23
C SER C 57 28.97 71.71 -112.21
N GLU C 58 28.33 72.11 -113.30
CA GLU C 58 27.81 73.46 -113.40
C GLU C 58 26.68 73.73 -112.41
N GLN C 59 25.85 72.72 -112.13
CA GLN C 59 24.73 72.95 -111.20
C GLN C 59 24.67 71.93 -110.07
N THR C 60 25.67 71.07 -109.91
CA THR C 60 25.67 70.05 -108.87
C THR C 60 26.84 70.26 -107.94
N THR C 61 26.88 69.47 -106.86
CA THR C 61 27.95 69.50 -105.89
C THR C 61 28.44 68.07 -105.62
N LEU C 62 29.67 67.97 -105.13
CA LEU C 62 30.28 66.68 -104.87
C LEU C 62 30.05 66.28 -103.41
N PRO C 63 29.24 65.25 -103.16
CA PRO C 63 28.90 64.87 -101.77
C PRO C 63 29.92 63.88 -101.21
N SER C 64 30.45 64.20 -100.03
CA SER C 64 31.29 63.27 -99.28
C SER C 64 32.48 62.78 -100.10
N GLY C 65 33.43 63.66 -100.39
CA GLY C 65 34.53 63.30 -101.25
C GLY C 65 35.54 62.34 -100.65
N LEU C 66 36.76 62.37 -101.15
CA LEU C 66 37.80 61.39 -100.80
C LEU C 66 38.55 61.88 -99.57
N GLN C 67 38.17 61.37 -98.41
CA GLN C 67 38.88 61.63 -97.16
C GLN C 67 39.55 60.34 -96.70
N ILE C 68 40.87 60.34 -96.68
CA ILE C 68 41.68 59.20 -96.24
C ILE C 68 42.35 59.59 -94.93
N GLY C 69 42.10 58.81 -93.88
CA GLY C 69 42.55 59.18 -92.57
C GLY C 69 43.79 58.46 -92.11
N THR C 70 44.37 58.98 -91.04
CA THR C 70 45.52 58.39 -90.37
C THR C 70 44.99 57.46 -89.27
N GLY C 71 45.82 56.97 -88.34
CA GLY C 71 45.39 56.01 -87.35
C GLY C 71 44.63 56.63 -86.18
N VAL C 72 44.97 56.17 -84.99
CA VAL C 72 44.25 56.50 -83.77
C VAL C 72 45.26 56.94 -82.71
N ARG C 73 44.85 57.90 -81.88
CA ARG C 73 45.67 58.41 -80.79
C ARG C 73 44.88 58.40 -79.49
N PRO C 74 45.48 58.01 -78.37
CA PRO C 74 44.77 58.11 -77.09
C PRO C 74 44.65 59.55 -76.63
N VAL C 75 43.42 59.98 -76.36
CA VAL C 75 43.15 61.36 -75.99
C VAL C 75 43.66 61.60 -74.58
N ALA C 76 43.16 60.83 -73.61
CA ALA C 76 43.40 61.09 -72.21
C ALA C 76 42.98 59.90 -71.37
N THR C 77 43.53 59.84 -70.16
CA THR C 77 43.16 58.82 -69.19
C THR C 77 42.33 59.47 -68.09
N GLU C 78 41.03 59.18 -68.09
CA GLU C 78 40.09 59.77 -67.15
C GLU C 78 39.86 58.80 -65.99
N ARG C 79 39.85 59.32 -64.78
CA ARG C 79 39.53 58.52 -63.61
C ARG C 79 38.03 58.57 -63.34
N LEU C 80 37.51 57.46 -62.81
CA LEU C 80 36.12 57.39 -62.36
C LEU C 80 36.13 57.62 -60.85
N HIS C 81 35.77 58.83 -60.43
CA HIS C 81 35.76 59.17 -59.02
C HIS C 81 34.41 58.76 -58.43
N SER C 82 34.32 57.49 -58.06
CA SER C 82 33.12 56.94 -57.44
C SER C 82 33.48 56.49 -56.03
N GLN C 83 32.45 56.31 -55.21
CA GLN C 83 32.63 55.95 -53.81
C GLN C 83 32.82 54.44 -53.70
N GLY C 84 34.01 54.02 -53.30
CA GLY C 84 34.28 52.60 -53.16
C GLY C 84 33.60 52.00 -51.94
N ASN C 85 33.41 50.69 -51.99
CA ASN C 85 32.77 49.98 -50.88
C ASN C 85 33.69 49.98 -49.66
N LEU C 86 33.11 50.15 -48.48
CA LEU C 86 33.89 50.25 -47.27
C LEU C 86 34.30 48.87 -46.76
N SER C 87 35.44 48.82 -46.09
CA SER C 87 35.94 47.60 -45.45
C SER C 87 36.24 47.90 -44.00
N GLN C 88 35.78 47.02 -43.11
CA GLN C 88 35.96 47.17 -41.67
C GLN C 88 37.30 46.55 -41.28
N THR C 89 38.25 47.38 -40.84
CA THR C 89 39.58 46.90 -40.49
C THR C 89 39.73 46.97 -38.97
N ASN C 90 38.66 47.41 -38.30
CA ASN C 90 38.60 47.48 -36.85
C ASN C 90 39.77 48.27 -36.27
N ASN C 91 40.12 49.38 -36.90
CA ASN C 91 41.20 50.24 -36.44
C ASN C 91 40.66 51.61 -36.09
N SER C 92 40.93 52.07 -34.87
CA SER C 92 40.44 53.38 -34.43
C SER C 92 41.15 54.52 -35.16
N LYS C 93 42.22 54.23 -35.90
CA LYS C 93 43.00 55.27 -36.56
C LYS C 93 42.67 55.42 -38.04
N ASP C 94 41.90 54.48 -38.61
CA ASP C 94 41.58 54.53 -40.03
C ASP C 94 40.23 55.22 -40.23
N VAL C 95 40.17 56.15 -41.17
CA VAL C 95 38.96 56.92 -41.46
C VAL C 95 38.64 56.81 -42.94
N ALA C 96 37.38 56.54 -43.25
CA ALA C 96 36.90 56.52 -44.63
C ALA C 96 35.95 57.68 -44.86
N ILE C 97 35.78 58.07 -46.12
CA ILE C 97 34.95 59.20 -46.46
C ILE C 97 33.64 58.70 -47.06
N LYS C 98 32.56 59.42 -46.73
CA LYS C 98 31.21 59.08 -47.17
C LYS C 98 30.84 59.69 -48.52
N GLY C 99 31.34 60.86 -48.85
CA GLY C 99 30.93 61.55 -50.06
C GLY C 99 32.02 61.77 -51.09
N GLN C 100 32.36 63.04 -51.32
CA GLN C 100 33.27 63.39 -52.41
C GLN C 100 34.34 64.38 -51.93
N GLY C 101 34.96 64.09 -50.79
CA GLY C 101 35.99 64.95 -50.24
C GLY C 101 37.37 64.32 -50.37
N PHE C 102 38.37 65.09 -49.96
CA PHE C 102 39.76 64.65 -49.94
C PHE C 102 40.44 65.12 -48.66
N PHE C 103 41.44 64.36 -48.24
CA PHE C 103 42.30 64.76 -47.13
C PHE C 103 43.52 65.51 -47.65
N GLN C 104 43.96 66.49 -46.88
CA GLN C 104 45.14 67.28 -47.23
C GLN C 104 46.34 66.75 -46.45
N VAL C 105 47.48 66.61 -47.13
CA VAL C 105 48.70 66.07 -46.56
C VAL C 105 49.86 66.96 -46.97
N MET C 106 50.83 67.13 -46.07
CA MET C 106 52.00 67.95 -46.34
C MET C 106 53.16 67.05 -46.77
N LEU C 107 53.72 67.33 -47.94
CA LEU C 107 54.93 66.66 -48.38
C LEU C 107 56.14 67.23 -47.65
N PRO C 108 57.26 66.49 -47.63
CA PRO C 108 58.47 67.06 -47.01
C PRO C 108 58.93 68.36 -47.65
N ASP C 109 58.64 68.56 -48.94
CA ASP C 109 59.00 69.78 -49.66
C ASP C 109 58.18 70.98 -49.24
N GLY C 110 57.12 70.80 -48.46
CA GLY C 110 56.25 71.88 -48.03
C GLY C 110 55.00 72.05 -48.86
N THR C 111 54.93 71.44 -50.04
CA THR C 111 53.75 71.51 -50.88
C THR C 111 52.67 70.57 -50.35
N SER C 112 51.43 70.82 -50.77
CA SER C 112 50.28 70.10 -50.29
C SER C 112 49.79 69.10 -51.33
N ALA C 113 49.67 67.84 -50.94
CA ALA C 113 49.06 66.80 -51.75
C ALA C 113 47.71 66.44 -51.16
N TYR C 114 46.90 65.73 -51.94
CA TYR C 114 45.55 65.39 -51.54
C TYR C 114 45.32 63.91 -51.77
N THR C 115 44.81 63.24 -50.74
CA THR C 115 44.66 61.79 -50.77
C THR C 115 43.29 61.40 -50.24
N ARG C 116 42.73 60.35 -50.82
CA ARG C 116 41.49 59.75 -50.34
C ARG C 116 41.74 58.53 -49.47
N ASP C 117 42.97 58.00 -49.48
CA ASP C 117 43.34 56.89 -48.62
C ASP C 117 43.25 57.32 -47.16
N GLY C 118 42.66 56.44 -46.34
CA GLY C 118 42.37 56.78 -44.95
C GLY C 118 43.14 56.03 -43.90
N SER C 119 44.17 55.27 -44.26
CA SER C 119 44.98 54.56 -43.27
C SER C 119 45.94 55.54 -42.63
N PHE C 120 45.77 55.82 -41.34
CA PHE C 120 46.60 56.75 -40.60
C PHE C 120 47.33 56.04 -39.47
N GLN C 121 48.45 56.62 -39.06
CA GLN C 121 49.22 56.15 -37.92
C GLN C 121 49.63 57.33 -37.06
N VAL C 122 50.04 57.04 -35.83
CA VAL C 122 50.56 58.04 -34.91
C VAL C 122 52.07 57.87 -34.83
N ASP C 123 52.79 58.95 -35.10
CA ASP C 123 54.25 58.90 -35.15
C ASP C 123 54.82 59.10 -33.73
N GLN C 124 56.15 59.22 -33.64
CA GLN C 124 56.79 59.40 -32.35
C GLN C 124 56.43 60.74 -31.71
N ASN C 125 56.07 61.73 -32.52
CA ASN C 125 55.67 63.03 -32.00
C ASN C 125 54.18 63.14 -31.73
N GLY C 126 53.40 62.11 -32.07
CA GLY C 126 51.96 62.12 -31.83
C GLY C 126 51.13 62.62 -32.99
N GLN C 127 51.74 63.15 -34.03
CA GLN C 127 50.99 63.67 -35.17
C GLN C 127 50.41 62.53 -35.99
N LEU C 128 49.27 62.80 -36.63
CA LEU C 128 48.66 61.84 -37.52
C LEU C 128 49.38 61.86 -38.87
N VAL C 129 49.93 60.73 -39.28
CA VAL C 129 50.71 60.62 -40.50
C VAL C 129 50.13 59.51 -41.37
N THR C 130 50.48 59.55 -42.65
CA THR C 130 50.05 58.54 -43.59
C THR C 130 50.90 57.28 -43.44
N ALA C 131 50.71 56.34 -44.36
CA ALA C 131 51.49 55.11 -44.37
C ALA C 131 52.96 55.36 -44.69
N GLY C 132 53.28 56.46 -45.36
CA GLY C 132 54.65 56.77 -45.69
C GLY C 132 55.30 57.75 -44.72
N GLY C 133 54.52 58.20 -43.73
CA GLY C 133 55.02 59.13 -42.74
C GLY C 133 54.74 60.59 -43.02
N PHE C 134 53.93 60.91 -44.02
CA PHE C 134 53.62 62.29 -44.35
C PHE C 134 52.53 62.82 -43.43
N GLN C 135 52.71 64.03 -42.93
CA GLN C 135 51.85 64.58 -41.89
C GLN C 135 50.59 65.17 -42.51
N VAL C 136 49.45 64.84 -41.91
CA VAL C 136 48.11 65.23 -42.44
C VAL C 136 47.76 66.64 -41.95
N GLN C 137 48.00 67.67 -42.77
CA GLN C 137 47.35 68.98 -42.53
C GLN C 137 45.85 68.75 -42.40
N PRO C 138 45.12 69.41 -41.47
CA PRO C 138 45.59 70.61 -40.82
C PRO C 138 46.23 70.25 -39.48
N ALA C 139 46.78 69.03 -39.41
CA ALA C 139 47.81 68.65 -38.43
C ALA C 139 47.17 68.41 -37.07
N ILE C 140 47.11 67.14 -36.67
CA ILE C 140 46.52 66.78 -35.35
C ILE C 140 47.69 66.52 -34.41
N THR C 141 47.46 66.51 -33.10
CA THR C 141 48.40 65.79 -32.25
C THR C 141 47.62 65.01 -31.20
N ILE C 142 48.13 63.84 -30.83
CA ILE C 142 47.51 62.95 -29.86
C ILE C 142 48.36 62.96 -28.59
N PRO C 143 47.78 63.09 -27.41
CA PRO C 143 48.58 63.01 -26.17
C PRO C 143 49.20 61.64 -25.97
N ALA C 144 50.03 61.51 -24.94
CA ALA C 144 50.83 60.30 -24.75
C ALA C 144 49.98 59.09 -24.38
N ASN C 145 49.31 59.15 -23.24
CA ASN C 145 48.55 58.01 -22.72
C ASN C 145 47.08 58.06 -23.10
N ALA C 146 46.77 58.00 -24.39
CA ALA C 146 45.39 57.96 -24.83
C ALA C 146 44.79 56.59 -24.59
N LEU C 147 43.53 56.58 -24.17
CA LEU C 147 42.80 55.32 -23.99
C LEU C 147 41.99 54.93 -25.22
N SER C 148 41.51 55.90 -25.98
CA SER C 148 40.77 55.66 -27.21
C SER C 148 40.68 56.97 -27.99
N ILE C 149 40.75 56.86 -29.31
CA ILE C 149 40.64 58.01 -30.20
C ILE C 149 39.31 57.93 -30.93
N THR C 150 38.52 59.00 -30.83
CA THR C 150 37.20 59.05 -31.44
C THR C 150 37.18 60.14 -32.50
N ILE C 151 37.05 59.74 -33.76
CA ILE C 151 36.93 60.68 -34.87
C ILE C 151 35.49 60.65 -35.35
N GLY C 152 34.74 61.73 -35.10
CA GLY C 152 33.33 61.77 -35.38
C GLY C 152 33.02 62.00 -36.85
N ARG C 153 31.73 61.97 -37.16
CA ARG C 153 31.27 62.21 -38.52
C ARG C 153 31.51 63.63 -38.99
N ASP C 154 31.77 64.56 -38.06
CA ASP C 154 32.09 65.93 -38.41
C ASP C 154 33.58 66.21 -38.35
N GLY C 155 34.42 65.21 -38.19
CA GLY C 155 35.85 65.39 -38.19
C GLY C 155 36.44 65.80 -36.85
N VAL C 156 35.63 65.92 -35.81
CA VAL C 156 36.14 66.32 -34.51
C VAL C 156 36.87 65.15 -33.87
N VAL C 157 38.16 65.32 -33.63
CA VAL C 157 38.98 64.27 -33.03
C VAL C 157 39.02 64.49 -31.53
N SER C 158 38.65 63.46 -30.77
CA SER C 158 38.63 63.52 -29.31
C SER C 158 39.44 62.37 -28.74
N VAL C 159 40.05 62.62 -27.58
CA VAL C 159 40.86 61.64 -26.88
C VAL C 159 40.30 61.46 -25.48
N THR C 160 40.06 60.21 -25.10
CA THR C 160 39.56 59.87 -23.78
C THR C 160 40.75 59.55 -22.88
N GLN C 161 40.98 60.39 -21.87
CA GLN C 161 42.07 60.17 -20.94
C GLN C 161 41.56 59.50 -19.66
N GLN C 162 42.47 58.80 -18.98
CA GLN C 162 42.10 58.07 -17.78
C GLN C 162 41.77 59.02 -16.64
N GLY C 163 40.72 58.69 -15.89
CA GLY C 163 40.36 59.44 -14.71
C GLY C 163 39.55 60.70 -15.00
N GLN C 164 39.29 60.97 -16.27
CA GLN C 164 38.54 62.14 -16.69
C GLN C 164 37.23 61.66 -17.33
N ALA C 165 36.12 62.22 -16.90
CA ALA C 165 34.81 61.79 -17.36
C ALA C 165 34.43 62.40 -18.70
N ALA C 166 35.26 63.31 -19.22
CA ALA C 166 34.98 63.99 -20.46
C ALA C 166 36.13 63.81 -21.45
N PRO C 167 35.83 63.63 -22.72
CA PRO C 167 36.89 63.53 -23.73
C PRO C 167 37.55 64.87 -23.99
N VAL C 168 38.81 64.81 -24.40
CA VAL C 168 39.62 65.99 -24.68
C VAL C 168 39.77 66.12 -26.18
N GLN C 169 39.26 67.22 -26.73
CA GLN C 169 39.37 67.50 -28.16
C GLN C 169 40.80 67.93 -28.47
N VAL C 170 41.39 67.35 -29.52
CA VAL C 170 42.79 67.59 -29.85
C VAL C 170 42.98 67.99 -31.30
N GLY C 171 41.90 68.32 -32.01
CA GLY C 171 42.02 68.76 -33.37
C GLY C 171 40.67 68.78 -34.08
N GLN C 172 40.74 68.94 -35.40
CA GLN C 172 39.55 68.97 -36.23
C GLN C 172 39.96 68.59 -37.65
N LEU C 173 39.60 67.38 -38.06
CA LEU C 173 39.96 66.89 -39.39
C LEU C 173 39.04 67.51 -40.43
N ASN C 174 39.62 68.08 -41.48
CA ASN C 174 38.88 68.79 -42.51
C ASN C 174 39.01 68.07 -43.85
N LEU C 175 38.13 68.43 -44.77
CA LEU C 175 38.15 67.88 -46.12
C LEU C 175 38.28 68.99 -47.15
N THR C 176 39.17 68.79 -48.12
CA THR C 176 39.34 69.72 -49.22
C THR C 176 38.67 69.14 -50.46
N THR C 177 37.75 69.91 -51.04
CA THR C 177 37.04 69.50 -52.24
C THR C 177 37.48 70.36 -53.41
N PHE C 178 37.62 69.72 -54.56
CA PHE C 178 38.05 70.44 -55.78
C PHE C 178 36.85 70.62 -56.70
N MET C 179 37.04 71.23 -57.88
CA MET C 179 35.90 71.33 -58.82
C MET C 179 35.89 70.12 -59.75
N ASN C 180 37.02 69.83 -60.38
CA ASN C 180 37.07 68.71 -61.34
C ASN C 180 37.96 67.62 -60.76
N ASP C 181 37.44 66.86 -59.80
CA ASP C 181 38.29 65.86 -59.17
C ASP C 181 39.15 65.10 -60.16
N THR C 182 38.71 64.97 -61.42
CA THR C 182 39.45 64.18 -62.39
C THR C 182 40.70 64.90 -62.89
N GLY C 183 40.78 66.21 -62.66
CA GLY C 183 41.91 66.98 -63.14
C GLY C 183 43.17 66.91 -62.31
N LEU C 184 43.14 66.14 -61.22
CA LEU C 184 44.28 66.05 -60.32
C LEU C 184 45.42 65.27 -60.97
N GLU C 185 46.65 65.68 -60.68
CA GLU C 185 47.81 64.94 -61.17
C GLU C 185 48.25 63.94 -60.11
N SER C 186 48.14 62.65 -60.43
CA SER C 186 48.56 61.62 -59.49
C SER C 186 50.08 61.52 -59.47
N ILE C 187 50.66 61.52 -58.27
CA ILE C 187 52.12 61.42 -58.15
C ILE C 187 52.57 60.12 -57.53
N GLY C 188 51.68 59.15 -57.35
CA GLY C 188 52.00 57.93 -56.65
C GLY C 188 51.82 58.08 -55.14
N GLU C 189 52.00 56.96 -54.45
CA GLU C 189 51.80 56.89 -53.00
C GLU C 189 50.40 57.37 -52.61
N ASN C 190 49.43 57.09 -53.47
CA ASN C 190 48.03 57.48 -53.26
C ASN C 190 47.87 58.98 -53.06
N LEU C 191 48.69 59.78 -53.75
CA LEU C 191 48.70 61.22 -53.58
C LEU C 191 48.36 61.93 -54.88
N TYR C 192 47.52 62.95 -54.79
CA TYR C 192 47.15 63.80 -55.91
C TYR C 192 47.60 65.23 -55.64
N ILE C 193 48.15 65.88 -56.65
CA ILE C 193 48.51 67.28 -56.56
C ILE C 193 47.59 68.08 -57.48
N GLU C 194 47.38 69.34 -57.10
CA GLU C 194 46.46 70.21 -57.82
C GLU C 194 47.07 70.69 -59.13
N THR C 195 46.23 70.71 -60.18
CA THR C 195 46.59 71.34 -61.45
C THR C 195 45.66 72.51 -61.70
N GLN C 196 45.85 73.21 -62.81
CA GLN C 196 44.97 74.32 -63.16
C GLN C 196 43.63 73.87 -63.70
N SER C 197 43.50 72.59 -64.08
CA SER C 197 42.23 72.08 -64.56
C SER C 197 41.38 71.52 -63.41
N SER C 198 41.94 71.42 -62.22
CA SER C 198 41.21 70.89 -61.08
C SER C 198 40.73 72.02 -60.16
N GLY C 199 40.60 73.21 -60.71
CA GLY C 199 40.13 74.34 -59.92
C GLY C 199 41.12 74.71 -58.83
N ALA C 200 40.57 74.98 -57.64
CA ALA C 200 41.34 75.41 -56.49
C ALA C 200 40.88 74.63 -55.28
N PRO C 201 41.73 74.48 -54.26
CA PRO C 201 41.32 73.73 -53.06
C PRO C 201 40.31 74.47 -52.20
N ASN C 202 39.10 73.93 -52.09
CA ASN C 202 38.08 74.52 -51.23
C ASN C 202 37.95 73.69 -49.97
N GLU C 203 38.39 74.24 -48.83
CA GLU C 203 38.39 73.50 -47.59
C GLU C 203 37.08 73.68 -46.85
N SER C 204 36.60 72.60 -46.24
CA SER C 204 35.37 72.64 -45.45
C SER C 204 35.38 71.50 -44.46
N THR C 205 34.62 71.68 -43.37
CA THR C 205 34.43 70.61 -42.42
C THR C 205 33.39 69.62 -42.94
N PRO C 206 33.44 68.36 -42.51
CA PRO C 206 32.54 67.33 -43.06
C PRO C 206 31.09 67.42 -42.60
N GLY C 207 30.21 67.76 -43.54
CA GLY C 207 28.76 67.75 -43.30
C GLY C 207 28.06 68.90 -43.99
N LEU C 208 28.86 69.87 -44.43
CA LEU C 208 28.44 71.07 -45.14
C LEU C 208 28.24 70.83 -46.63
N ASN C 209 28.39 71.91 -47.41
CA ASN C 209 27.89 72.09 -48.78
C ASN C 209 28.26 70.99 -49.78
N GLY C 210 28.86 69.90 -49.32
CA GLY C 210 29.13 68.79 -50.20
C GLY C 210 30.42 68.03 -49.92
N ALA C 211 31.12 68.38 -48.86
CA ALA C 211 32.17 67.49 -48.34
C ALA C 211 31.52 66.26 -47.74
N GLY C 212 32.18 65.11 -47.89
CA GLY C 212 31.62 63.87 -47.40
C GLY C 212 31.71 63.75 -45.89
N LEU C 213 31.10 62.69 -45.38
CA LEU C 213 31.14 62.37 -43.96
C LEU C 213 32.26 61.38 -43.69
N LEU C 214 32.63 61.25 -42.42
CA LEU C 214 33.75 60.42 -42.01
C LEU C 214 33.28 59.24 -41.17
N TYR C 215 33.71 58.05 -41.56
CA TYR C 215 33.47 56.83 -40.81
C TYR C 215 34.77 56.34 -40.19
N GLN C 216 34.77 56.19 -38.87
CA GLN C 216 35.91 55.66 -38.15
C GLN C 216 35.90 54.14 -38.21
N GLY C 217 37.10 53.56 -38.33
CA GLY C 217 37.25 52.13 -38.39
C GLY C 217 37.00 51.51 -39.74
N TYR C 218 36.83 52.30 -40.78
CA TYR C 218 36.55 51.81 -42.12
C TYR C 218 37.53 52.39 -43.13
N VAL C 219 37.81 51.63 -44.17
CA VAL C 219 38.70 52.06 -45.25
C VAL C 219 37.98 51.89 -46.58
N GLU C 220 38.08 52.92 -47.42
CA GLU C 220 37.43 52.90 -48.72
C GLU C 220 38.29 52.10 -49.70
N THR C 221 37.73 51.04 -50.26
CA THR C 221 38.45 50.19 -51.20
C THR C 221 38.37 50.82 -52.60
N SER C 222 38.98 50.15 -53.58
CA SER C 222 38.96 50.63 -54.94
C SER C 222 37.61 50.35 -55.60
N ASN C 223 37.34 51.06 -56.68
CA ASN C 223 36.10 50.88 -57.44
C ASN C 223 36.30 50.05 -58.70
N VAL C 224 37.42 49.33 -58.81
CA VAL C 224 37.72 48.54 -60.00
C VAL C 224 36.75 47.39 -60.14
N ASN C 225 36.11 47.28 -61.30
CA ASN C 225 35.21 46.18 -61.62
C ASN C 225 36.01 45.17 -62.43
N VAL C 226 36.31 44.03 -61.83
CA VAL C 226 37.26 43.08 -62.43
C VAL C 226 36.65 42.38 -63.63
N ALA C 227 35.32 42.23 -63.66
CA ALA C 227 34.68 41.58 -64.81
C ALA C 227 34.88 42.39 -66.07
N GLU C 228 34.63 43.69 -66.00
CA GLU C 228 34.88 44.57 -67.13
C GLU C 228 36.34 44.54 -67.55
N GLU C 229 37.26 44.49 -66.57
CA GLU C 229 38.68 44.42 -66.89
C GLU C 229 39.03 43.13 -67.64
N LEU C 230 38.48 41.99 -67.23
CA LEU C 230 38.79 40.73 -67.90
C LEU C 230 38.24 40.72 -69.32
N VAL C 231 36.98 41.13 -69.49
CA VAL C 231 36.42 41.14 -70.84
C VAL C 231 37.16 42.16 -71.71
N ASN C 232 37.60 43.27 -71.12
CA ASN C 232 38.41 44.23 -71.87
C ASN C 232 39.78 43.65 -72.23
N MET C 233 40.34 42.80 -71.38
CA MET C 233 41.56 42.10 -71.76
C MET C 233 41.33 41.24 -73.00
N ILE C 234 40.24 40.45 -73.02
CA ILE C 234 39.90 39.61 -74.20
C ILE C 234 39.79 40.54 -75.41
N GLN C 235 39.06 41.63 -75.22
CA GLN C 235 38.94 42.61 -76.32
C GLN C 235 40.34 42.98 -76.76
N VAL C 236 41.26 43.24 -75.82
CA VAL C 236 42.60 43.71 -76.31
C VAL C 236 43.31 42.55 -77.01
N GLN C 237 43.35 41.38 -76.38
CA GLN C 237 44.11 40.29 -77.03
C GLN C 237 43.61 40.25 -78.46
N ARG C 238 42.32 40.51 -78.68
CA ARG C 238 41.93 40.47 -80.10
C ARG C 238 42.42 41.73 -80.83
N ALA C 239 41.79 42.86 -80.59
CA ALA C 239 42.17 44.08 -81.34
C ALA C 239 43.61 43.96 -81.79
N TYR C 240 44.50 43.71 -80.85
CA TYR C 240 45.93 43.69 -81.14
C TYR C 240 46.25 42.64 -82.19
N GLU C 241 45.62 41.47 -82.11
CA GLU C 241 45.84 40.44 -83.12
C GLU C 241 45.38 40.90 -84.50
N ILE C 242 44.22 41.56 -84.58
CA ILE C 242 43.74 42.05 -85.87
C ILE C 242 44.66 43.11 -86.44
N ASN C 243 45.14 44.04 -85.60
CA ASN C 243 46.03 45.09 -86.08
C ASN C 243 47.36 44.52 -86.55
N SER C 244 47.89 43.54 -85.82
CA SER C 244 49.10 42.87 -86.28
C SER C 244 48.86 42.11 -87.58
N LYS C 245 47.66 41.55 -87.76
CA LYS C 245 47.31 40.95 -89.05
C LYS C 245 47.34 41.98 -90.18
N ALA C 246 46.83 43.19 -89.92
CA ALA C 246 46.93 44.25 -90.92
C ALA C 246 48.39 44.59 -91.23
N VAL C 247 49.23 44.65 -90.19
CA VAL C 247 50.66 44.88 -90.41
C VAL C 247 51.25 43.79 -91.31
N SER C 248 50.89 42.53 -91.04
CA SER C 248 51.40 41.42 -91.83
C SER C 248 50.95 41.51 -93.27
N THR C 249 49.69 41.88 -93.50
CA THR C 249 49.20 42.03 -94.86
C THR C 249 49.95 43.12 -95.60
N THR C 250 50.21 44.24 -94.93
CA THR C 250 51.02 45.29 -95.54
C THR C 250 52.42 44.79 -95.86
N ASP C 251 52.99 43.98 -94.97
CA ASP C 251 54.31 43.41 -95.19
C ASP C 251 54.34 42.52 -96.43
N GLN C 252 53.32 41.67 -96.59
CA GLN C 252 53.26 40.80 -97.76
C GLN C 252 53.09 41.61 -99.04
N MET C 253 52.24 42.64 -99.02
CA MET C 253 52.10 43.50 -100.20
C MET C 253 53.42 44.16 -100.56
N LEU C 254 54.15 44.66 -99.56
CA LEU C 254 55.44 45.30 -99.82
C LEU C 254 56.45 44.30 -100.36
N GLN C 255 56.45 43.07 -99.83
CA GLN C 255 57.36 42.05 -100.34
C GLN C 255 57.05 41.72 -101.80
N LYS C 256 55.78 41.58 -102.14
CA LYS C 256 55.41 41.33 -103.54
C LYS C 256 55.84 42.50 -104.42
N LEU C 257 55.69 43.73 -103.93
CA LEU C 257 56.15 44.89 -104.71
C LEU C 257 57.66 44.85 -104.92
N THR C 258 58.42 44.47 -103.88
CA THR C 258 59.87 44.43 -104.00
C THR C 258 60.32 43.31 -104.94
N GLN C 259 59.57 42.21 -105.00
CA GLN C 259 59.99 41.10 -105.85
C GLN C 259 59.90 41.45 -107.33
N LEU C 260 59.25 42.57 -107.66
CA LEU C 260 59.15 43.03 -109.04
C LEU C 260 60.54 43.27 -109.64
N MET D 1 36.56 39.53 -106.31
CA MET D 1 37.33 38.93 -107.39
C MET D 1 36.91 37.48 -107.64
N ILE D 2 36.57 36.77 -106.58
CA ILE D 2 36.19 35.37 -106.64
C ILE D 2 34.83 35.24 -105.98
N SER D 3 33.91 34.54 -106.66
CA SER D 3 32.55 34.41 -106.16
C SER D 3 32.53 33.70 -104.81
N SER D 4 33.37 32.67 -104.66
CA SER D 4 33.41 31.88 -103.44
C SER D 4 33.74 32.76 -102.23
N LEU D 5 34.62 33.73 -102.41
CA LEU D 5 34.97 34.65 -101.34
C LEU D 5 33.78 35.48 -100.89
N TRP D 6 33.01 36.04 -101.82
CA TRP D 6 31.81 36.78 -101.46
C TRP D 6 30.77 35.90 -100.80
N ILE D 7 30.58 34.68 -101.29
CA ILE D 7 29.61 33.76 -100.70
C ILE D 7 30.00 33.44 -99.26
N ALA D 8 31.27 33.14 -99.02
CA ALA D 8 31.72 32.83 -97.67
C ALA D 8 31.65 34.05 -96.76
N LYS D 9 31.90 35.25 -97.30
CA LYS D 9 31.71 36.46 -96.52
C LYS D 9 30.26 36.64 -96.09
N THR D 10 29.33 36.38 -97.01
CA THR D 10 27.91 36.46 -96.65
C THR D 10 27.56 35.42 -95.60
N GLY D 11 28.11 34.22 -95.71
CA GLY D 11 27.87 33.20 -94.69
C GLY D 11 28.38 33.62 -93.33
N LEU D 12 29.58 34.20 -93.29
CA LEU D 12 30.13 34.71 -92.03
C LEU D 12 29.24 35.80 -91.44
N ASP D 13 28.75 36.71 -92.28
CA ASP D 13 27.88 37.77 -91.80
C ASP D 13 26.58 37.21 -91.23
N ALA D 14 26.00 36.22 -91.91
CA ALA D 14 24.77 35.61 -91.42
C ALA D 14 24.98 34.92 -90.09
N GLN D 15 26.10 34.19 -89.95
CA GLN D 15 26.37 33.53 -88.68
C GLN D 15 26.63 34.54 -87.57
N GLN D 16 27.29 35.66 -87.89
CA GLN D 16 27.50 36.70 -86.89
C GLN D 16 26.17 37.31 -86.45
N THR D 17 25.25 37.52 -87.39
CA THR D 17 23.92 38.02 -87.04
C THR D 17 23.18 37.03 -86.14
N ASN D 18 23.28 35.74 -86.46
CA ASN D 18 22.66 34.72 -85.62
C ASN D 18 23.24 34.74 -84.21
N MET D 19 24.56 34.87 -84.09
CA MET D 19 25.19 34.95 -82.78
C MET D 19 24.76 36.21 -82.03
N ASP D 20 24.58 37.32 -82.74
CA ASP D 20 24.11 38.54 -82.09
C ASP D 20 22.70 38.35 -81.53
N VAL D 21 21.82 37.71 -82.31
CA VAL D 21 20.46 37.42 -81.82
C VAL D 21 20.54 36.52 -80.58
N ILE D 22 21.40 35.52 -80.63
CA ILE D 22 21.57 34.61 -79.49
C ILE D 22 22.04 35.37 -78.26
N ALA D 23 23.01 36.27 -78.46
CA ALA D 23 23.53 37.05 -77.34
C ALA D 23 22.45 37.93 -76.72
N ASN D 24 21.62 38.55 -77.56
CA ASN D 24 20.51 39.33 -77.02
C ASN D 24 19.54 38.45 -76.24
N ASN D 25 19.24 37.26 -76.76
CA ASN D 25 18.33 36.35 -76.06
C ASN D 25 18.89 35.94 -74.71
N LEU D 26 20.19 35.68 -74.63
CA LEU D 26 20.80 35.30 -73.37
C LEU D 26 20.89 36.48 -72.39
N ALA D 27 21.21 37.68 -72.88
CA ALA D 27 21.37 38.83 -72.01
C ALA D 27 20.07 39.27 -71.35
N ASN D 28 18.94 39.12 -72.05
CA ASN D 28 17.64 39.53 -71.53
C ASN D 28 16.89 38.40 -70.83
N VAL D 29 17.61 37.46 -70.24
CA VAL D 29 16.97 36.32 -69.59
C VAL D 29 16.30 36.72 -68.29
N SER D 30 16.61 37.89 -67.74
CA SER D 30 16.04 38.33 -66.48
C SER D 30 15.00 39.43 -66.64
N THR D 31 14.86 40.00 -67.83
CA THR D 31 13.84 41.03 -68.05
C THR D 31 12.45 40.42 -68.00
N ASN D 32 11.52 41.17 -67.40
CA ASN D 32 10.14 40.72 -67.31
C ASN D 32 9.39 41.05 -68.59
N GLY D 33 8.62 40.07 -69.08
CA GLY D 33 7.85 40.26 -70.29
C GLY D 33 8.69 40.42 -71.53
N PHE D 34 9.76 39.64 -71.64
CA PHE D 34 10.62 39.63 -72.81
C PHE D 34 10.29 38.43 -73.68
N LYS D 35 10.36 38.64 -74.99
CA LYS D 35 10.08 37.58 -75.96
C LYS D 35 11.34 37.29 -76.75
N ARG D 36 11.70 36.02 -76.86
CA ARG D 36 12.92 35.62 -77.53
C ARG D 36 12.80 35.89 -79.03
N GLN D 37 13.93 36.12 -79.68
CA GLN D 37 13.93 36.40 -81.11
C GLN D 37 14.64 35.31 -81.88
N ARG D 38 14.13 35.02 -83.07
CA ARG D 38 14.75 34.05 -83.98
C ARG D 38 14.95 34.70 -85.35
N ALA D 39 16.13 34.49 -85.92
CA ALA D 39 16.48 35.05 -87.22
C ALA D 39 16.21 34.02 -88.31
N VAL D 40 15.60 34.47 -89.40
CA VAL D 40 15.27 33.61 -90.53
C VAL D 40 16.15 34.03 -91.69
N PHE D 41 16.86 33.06 -92.26
CA PHE D 41 17.78 33.30 -93.36
C PHE D 41 17.22 32.75 -94.66
N GLU D 42 17.70 33.29 -95.77
CA GLU D 42 17.31 32.80 -97.08
C GLU D 42 18.53 32.80 -97.99
N ASP D 43 18.45 31.98 -99.04
CA ASP D 43 19.50 31.93 -100.04
C ASP D 43 19.42 33.15 -100.95
N LEU D 44 20.59 33.62 -101.38
CA LEU D 44 20.70 34.82 -102.22
C LEU D 44 20.51 34.45 -103.69
N LEU D 45 20.93 35.35 -104.57
CA LEU D 45 20.67 35.22 -106.00
C LEU D 45 21.24 33.91 -106.56
N TYR D 46 20.77 33.56 -107.77
CA TYR D 46 21.18 32.37 -108.48
C TYR D 46 21.45 32.77 -109.93
N GLN D 47 22.73 32.82 -110.31
CA GLN D 47 23.10 33.14 -111.69
C GLN D 47 22.57 32.07 -112.63
N THR D 48 21.91 32.52 -113.71
CA THR D 48 21.11 31.62 -114.53
C THR D 48 21.95 30.71 -115.42
N ILE D 49 23.06 31.21 -115.97
CA ILE D 49 23.89 30.47 -116.93
C ILE D 49 23.01 29.70 -117.91
N ARG D 50 23.06 28.37 -117.86
CA ARG D 50 22.16 27.56 -118.65
C ARG D 50 20.72 27.67 -118.15
N GLN D 51 19.81 27.92 -119.08
CA GLN D 51 18.39 27.99 -118.73
C GLN D 51 17.82 26.58 -118.62
N PRO D 52 17.30 26.18 -117.45
CA PRO D 52 16.64 24.87 -117.35
C PRO D 52 15.37 24.85 -118.20
N GLY D 53 15.06 23.68 -118.74
CA GLY D 53 13.86 23.52 -119.53
C GLY D 53 14.05 23.92 -120.98
N ALA D 54 15.24 24.44 -121.30
CA ALA D 54 15.53 24.81 -122.67
C ALA D 54 15.67 23.56 -123.54
N GLN D 55 15.37 23.73 -124.82
CA GLN D 55 15.42 22.63 -125.78
C GLN D 55 16.88 22.31 -126.07
N SER D 56 17.39 21.26 -125.41
CA SER D 56 18.76 20.80 -125.67
C SER D 56 18.92 20.25 -127.07
N SER D 57 17.89 19.59 -127.60
CA SER D 57 17.89 19.05 -128.95
C SER D 57 16.57 19.41 -129.63
N GLU D 58 16.38 18.87 -130.83
CA GLU D 58 15.14 19.13 -131.56
C GLU D 58 13.93 18.46 -130.92
N GLN D 59 14.14 17.40 -130.15
CA GLN D 59 13.00 16.71 -129.53
C GLN D 59 13.16 16.52 -128.02
N THR D 60 14.24 17.03 -127.41
CA THR D 60 14.49 16.85 -125.98
C THR D 60 14.58 18.21 -125.31
N THR D 61 14.53 18.19 -123.98
CA THR D 61 14.63 19.39 -123.16
C THR D 61 15.73 19.20 -122.12
N LEU D 62 16.28 20.33 -121.66
CA LEU D 62 17.35 20.33 -120.68
C LEU D 62 16.77 20.29 -119.27
N PRO D 63 17.00 19.22 -118.51
CA PRO D 63 16.47 19.14 -117.15
C PRO D 63 17.48 19.70 -116.15
N SER D 64 17.02 20.62 -115.30
CA SER D 64 17.79 21.11 -114.17
C SER D 64 19.13 21.70 -114.60
N GLY D 65 19.10 22.82 -115.32
CA GLY D 65 20.31 23.39 -115.86
C GLY D 65 21.28 23.94 -114.83
N LEU D 66 22.22 24.78 -115.26
CA LEU D 66 23.34 25.20 -114.42
C LEU D 66 22.95 26.47 -113.67
N GLN D 67 22.62 26.34 -112.40
CA GLN D 67 22.32 27.48 -111.54
C GLN D 67 23.45 27.62 -110.51
N ILE D 68 24.18 28.73 -110.60
CA ILE D 68 25.24 29.05 -109.65
C ILE D 68 24.72 30.13 -108.72
N GLY D 69 24.70 29.83 -107.42
CA GLY D 69 24.10 30.75 -106.47
C GLY D 69 25.12 31.54 -105.67
N THR D 70 24.66 32.67 -105.17
CA THR D 70 25.45 33.53 -104.29
C THR D 70 25.17 33.11 -102.84
N GLY D 71 25.55 33.88 -101.83
CA GLY D 71 25.55 33.43 -100.45
C GLY D 71 24.17 33.42 -99.82
N VAL D 72 24.15 33.84 -98.56
CA VAL D 72 22.97 33.80 -97.71
C VAL D 72 22.76 35.18 -97.08
N ARG D 73 21.50 35.52 -96.86
CA ARG D 73 21.14 36.80 -96.25
C ARG D 73 20.11 36.56 -95.15
N PRO D 74 20.07 37.41 -94.11
CA PRO D 74 19.02 37.27 -93.10
C PRO D 74 17.76 38.02 -93.52
N VAL D 75 16.63 37.32 -93.47
CA VAL D 75 15.37 37.88 -93.92
C VAL D 75 14.78 38.78 -92.85
N ALA D 76 14.55 38.23 -91.66
CA ALA D 76 13.84 38.94 -90.61
C ALA D 76 14.08 38.28 -89.26
N THR D 77 13.97 39.10 -88.21
CA THR D 77 14.06 38.63 -86.84
C THR D 77 12.66 38.66 -86.22
N GLU D 78 12.08 37.49 -86.00
CA GLU D 78 10.71 37.36 -85.52
C GLU D 78 10.72 37.08 -84.02
N ARG D 79 9.72 37.64 -83.33
CA ARG D 79 9.56 37.42 -81.90
C ARG D 79 8.56 36.29 -81.65
N LEU D 80 8.78 35.55 -80.57
CA LEU D 80 7.88 34.49 -80.14
C LEU D 80 6.99 35.08 -79.04
N HIS D 81 5.80 35.54 -79.42
CA HIS D 81 4.87 36.12 -78.46
C HIS D 81 4.06 35.00 -77.81
N SER D 82 4.63 34.41 -76.77
CA SER D 82 3.95 33.36 -76.01
C SER D 82 3.97 33.74 -74.54
N GLN D 83 3.21 33.01 -73.74
CA GLN D 83 3.04 33.31 -72.33
C GLN D 83 4.22 32.76 -71.54
N GLY D 84 4.99 33.65 -70.92
CA GLY D 84 6.05 33.21 -70.05
C GLY D 84 5.53 32.81 -68.67
N ASN D 85 6.36 32.05 -67.95
CA ASN D 85 5.98 31.60 -66.63
C ASN D 85 5.91 32.77 -65.66
N LEU D 86 4.97 32.69 -64.72
CA LEU D 86 4.73 33.79 -63.79
C LEU D 86 5.64 33.68 -62.57
N SER D 87 6.05 34.83 -62.06
CA SER D 87 6.83 34.92 -60.83
C SER D 87 6.12 35.84 -59.85
N GLN D 88 5.95 35.37 -58.62
CA GLN D 88 5.24 36.14 -57.60
C GLN D 88 6.25 36.93 -56.77
N THR D 89 6.10 38.26 -56.75
CA THR D 89 7.08 39.14 -56.13
C THR D 89 6.49 39.77 -54.86
N ASN D 90 5.31 39.27 -54.48
CA ASN D 90 4.64 39.73 -53.26
C ASN D 90 4.45 41.24 -53.27
N ASN D 91 4.10 41.81 -54.42
CA ASN D 91 3.98 43.25 -54.58
C ASN D 91 2.56 43.61 -55.00
N SER D 92 1.97 44.59 -54.33
CA SER D 92 0.61 45.01 -54.65
C SER D 92 0.52 45.73 -55.98
N LYS D 93 1.65 46.11 -56.56
CA LYS D 93 1.65 46.95 -57.75
C LYS D 93 2.00 46.20 -59.02
N ASP D 94 2.68 45.07 -58.93
CA ASP D 94 3.09 44.31 -60.10
C ASP D 94 1.88 43.57 -60.68
N VAL D 95 1.69 43.67 -61.99
CA VAL D 95 0.60 43.03 -62.70
C VAL D 95 1.16 42.14 -63.79
N ALA D 96 0.50 41.02 -64.04
CA ALA D 96 0.89 40.09 -65.09
C ALA D 96 -0.29 39.78 -65.99
N ILE D 97 -0.02 39.64 -67.28
CA ILE D 97 -1.06 39.34 -68.26
C ILE D 97 -1.09 37.83 -68.51
N LYS D 98 -2.31 37.30 -68.64
CA LYS D 98 -2.52 35.89 -68.86
C LYS D 98 -2.75 35.52 -70.32
N GLY D 99 -3.30 36.42 -71.13
CA GLY D 99 -3.60 36.11 -72.51
C GLY D 99 -2.66 36.74 -73.53
N GLN D 100 -3.21 37.56 -74.42
CA GLN D 100 -2.44 38.08 -75.55
C GLN D 100 -2.68 39.58 -75.71
N GLY D 101 -2.60 40.33 -74.60
CA GLY D 101 -2.81 41.76 -74.64
C GLY D 101 -1.56 42.53 -74.25
N PHE D 102 -1.63 43.84 -74.41
CA PHE D 102 -0.55 44.75 -74.06
C PHE D 102 -1.08 45.92 -73.24
N PHE D 103 -0.23 46.42 -72.35
CA PHE D 103 -0.50 47.68 -71.66
C PHE D 103 -0.12 48.84 -72.56
N GLN D 104 -0.91 49.91 -72.50
CA GLN D 104 -0.65 51.11 -73.29
C GLN D 104 -0.17 52.23 -72.38
N VAL D 105 0.97 52.83 -72.73
CA VAL D 105 1.58 53.89 -71.95
C VAL D 105 1.84 55.07 -72.87
N MET D 106 2.03 56.25 -72.27
CA MET D 106 2.25 57.48 -73.02
C MET D 106 3.72 57.86 -72.95
N LEU D 107 4.34 58.02 -74.11
CA LEU D 107 5.68 58.57 -74.20
C LEU D 107 5.63 60.08 -73.99
N PRO D 108 6.73 60.68 -73.52
CA PRO D 108 6.71 62.12 -73.25
C PRO D 108 6.40 62.97 -74.47
N ASP D 109 6.71 62.49 -75.68
CA ASP D 109 6.49 63.29 -76.87
C ASP D 109 5.06 63.22 -77.40
N GLY D 110 4.15 62.44 -76.82
CA GLY D 110 2.76 62.46 -77.17
C GLY D 110 2.21 61.19 -77.79
N THR D 111 3.06 60.35 -78.36
CA THR D 111 2.58 59.10 -78.95
C THR D 111 2.51 58.01 -77.89
N SER D 112 1.79 56.94 -78.23
CA SER D 112 1.53 55.87 -77.29
C SER D 112 2.40 54.65 -77.62
N ALA D 113 3.06 54.11 -76.60
CA ALA D 113 3.83 52.89 -76.71
C ALA D 113 3.09 51.76 -76.01
N TYR D 114 3.51 50.54 -76.29
CA TYR D 114 2.85 49.35 -75.76
C TYR D 114 3.88 48.44 -75.11
N THR D 115 3.61 48.05 -73.87
CA THR D 115 4.53 47.23 -73.10
C THR D 115 3.76 46.11 -72.40
N ARG D 116 4.42 44.95 -72.29
CA ARG D 116 3.88 43.83 -71.54
C ARG D 116 4.52 43.71 -70.16
N ASP D 117 5.43 44.61 -69.82
CA ASP D 117 6.07 44.60 -68.51
C ASP D 117 5.15 45.22 -67.48
N GLY D 118 4.90 44.49 -66.40
CA GLY D 118 3.97 44.91 -65.37
C GLY D 118 4.56 45.53 -64.13
N SER D 119 5.84 45.88 -64.13
CA SER D 119 6.45 46.52 -62.97
C SER D 119 6.01 47.98 -62.91
N PHE D 120 4.97 48.27 -62.13
CA PHE D 120 4.40 49.60 -62.03
C PHE D 120 4.72 50.22 -60.69
N GLN D 121 4.85 51.54 -60.68
CA GLN D 121 5.06 52.33 -59.49
C GLN D 121 4.07 53.48 -59.44
N VAL D 122 4.06 54.21 -58.33
CA VAL D 122 3.22 55.38 -58.15
C VAL D 122 4.10 56.61 -58.01
N ASP D 123 3.83 57.63 -58.81
CA ASP D 123 4.64 58.84 -58.82
C ASP D 123 4.26 59.73 -57.64
N GLN D 124 4.79 60.95 -57.63
CA GLN D 124 4.44 61.90 -56.58
C GLN D 124 3.01 62.40 -56.73
N ASN D 125 2.49 62.40 -57.96
CA ASN D 125 1.12 62.85 -58.21
C ASN D 125 0.09 61.79 -57.88
N GLY D 126 0.50 60.53 -57.68
CA GLY D 126 -0.42 59.46 -57.38
C GLY D 126 -0.84 58.62 -58.57
N GLN D 127 -0.30 58.87 -59.76
CA GLN D 127 -0.68 58.12 -60.95
C GLN D 127 0.17 56.87 -61.08
N LEU D 128 -0.40 55.86 -61.75
CA LEU D 128 0.34 54.65 -62.06
C LEU D 128 1.27 54.90 -63.24
N VAL D 129 2.56 54.62 -63.05
CA VAL D 129 3.56 54.79 -64.09
C VAL D 129 4.38 53.51 -64.19
N THR D 130 5.07 53.36 -65.31
CA THR D 130 5.96 52.24 -65.49
C THR D 130 7.23 52.43 -64.68
N ALA D 131 8.15 51.46 -64.77
CA ALA D 131 9.41 51.55 -64.07
C ALA D 131 10.26 52.72 -64.54
N GLY D 132 10.12 53.15 -65.80
CA GLY D 132 10.90 54.26 -66.32
C GLY D 132 10.22 55.59 -66.13
N GLY D 133 9.06 55.59 -65.46
CA GLY D 133 8.33 56.82 -65.20
C GLY D 133 7.30 57.20 -66.25
N PHE D 134 7.03 56.33 -67.21
CA PHE D 134 6.02 56.62 -68.22
C PHE D 134 4.63 56.26 -67.70
N GLN D 135 3.68 57.19 -67.87
CA GLN D 135 2.34 57.00 -67.36
C GLN D 135 1.58 56.01 -68.24
N VAL D 136 0.96 55.06 -67.53
CA VAL D 136 0.13 54.01 -68.17
C VAL D 136 -1.15 54.71 -68.62
N GLN D 137 -1.79 54.20 -69.66
CA GLN D 137 -3.15 54.65 -70.01
C GLN D 137 -4.12 53.62 -69.44
N PRO D 138 -5.37 53.99 -69.14
CA PRO D 138 -5.83 55.33 -69.41
C PRO D 138 -5.70 56.26 -68.18
N ALA D 139 -4.59 56.14 -67.45
CA ALA D 139 -4.27 56.98 -66.28
C ALA D 139 -5.06 56.51 -65.07
N ILE D 140 -4.40 55.90 -64.11
CA ILE D 140 -5.13 55.38 -62.93
C ILE D 140 -4.71 56.19 -61.69
N THR D 141 -5.42 57.28 -61.36
CA THR D 141 -4.89 58.09 -60.28
C THR D 141 -5.28 57.45 -58.95
N ILE D 142 -4.34 57.41 -58.03
CA ILE D 142 -4.50 56.74 -56.74
C ILE D 142 -4.59 57.80 -55.65
N PRO D 143 -5.62 57.78 -54.79
CA PRO D 143 -5.76 58.85 -53.78
C PRO D 143 -4.70 58.77 -52.70
N ALA D 144 -4.63 59.82 -51.87
CA ALA D 144 -3.59 59.94 -50.85
C ALA D 144 -3.66 58.85 -49.78
N ASN D 145 -4.84 58.65 -49.21
CA ASN D 145 -5.01 57.75 -48.08
C ASN D 145 -5.38 56.33 -48.49
N ALA D 146 -4.52 55.65 -49.24
CA ALA D 146 -4.81 54.30 -49.68
C ALA D 146 -4.11 53.27 -48.78
N LEU D 147 -4.90 52.32 -48.28
CA LEU D 147 -4.36 51.24 -47.46
C LEU D 147 -3.86 50.07 -48.29
N SER D 148 -4.56 49.71 -49.35
CA SER D 148 -4.16 48.62 -50.22
C SER D 148 -4.72 48.85 -51.60
N ILE D 149 -4.10 48.22 -52.60
CA ILE D 149 -4.49 48.35 -53.99
C ILE D 149 -4.97 46.99 -54.47
N THR D 150 -6.16 46.95 -55.07
CA THR D 150 -6.73 45.71 -55.60
C THR D 150 -6.95 45.91 -57.11
N ILE D 151 -6.24 45.13 -57.92
CA ILE D 151 -6.43 45.14 -59.36
C ILE D 151 -7.12 43.85 -59.75
N GLY D 152 -8.35 43.97 -60.23
CA GLY D 152 -9.20 42.82 -60.49
C GLY D 152 -8.78 42.06 -61.73
N ARG D 153 -9.36 40.85 -61.86
CA ARG D 153 -9.14 40.01 -63.03
C ARG D 153 -9.66 40.64 -64.31
N ASP D 154 -10.58 41.61 -64.21
CA ASP D 154 -11.12 42.31 -65.35
C ASP D 154 -10.61 43.74 -65.49
N GLY D 155 -9.61 44.13 -64.70
CA GLY D 155 -8.98 45.42 -64.90
C GLY D 155 -9.49 46.55 -64.03
N VAL D 156 -10.33 46.27 -63.04
CA VAL D 156 -10.80 47.33 -62.16
C VAL D 156 -9.76 47.57 -61.07
N VAL D 157 -9.34 48.82 -60.93
CA VAL D 157 -8.37 49.20 -59.90
C VAL D 157 -9.12 49.91 -58.78
N SER D 158 -9.02 49.36 -57.58
CA SER D 158 -9.71 49.90 -56.41
C SER D 158 -8.72 50.11 -55.27
N VAL D 159 -9.03 51.09 -54.43
CA VAL D 159 -8.25 51.38 -53.23
C VAL D 159 -9.17 51.33 -52.03
N THR D 160 -8.66 50.82 -50.91
CA THR D 160 -9.42 50.73 -49.68
C THR D 160 -9.01 51.88 -48.76
N GLN D 161 -9.90 52.85 -48.60
CA GLN D 161 -9.62 54.00 -47.75
C GLN D 161 -9.69 53.60 -46.28
N GLN D 162 -9.17 54.47 -45.42
CA GLN D 162 -9.13 54.18 -44.00
C GLN D 162 -10.50 54.38 -43.37
N GLY D 163 -11.00 53.34 -42.71
CA GLY D 163 -12.26 53.42 -41.99
C GLY D 163 -13.48 53.31 -42.86
N GLN D 164 -13.30 53.09 -44.15
CA GLN D 164 -14.40 52.97 -45.11
C GLN D 164 -14.57 51.50 -45.46
N ALA D 165 -15.80 50.99 -45.28
CA ALA D 165 -16.08 49.58 -45.45
C ALA D 165 -16.25 49.19 -46.92
N ALA D 166 -16.29 50.18 -47.81
CA ALA D 166 -16.49 49.92 -49.22
C ALA D 166 -15.28 50.37 -50.01
N PRO D 167 -14.84 49.56 -50.97
CA PRO D 167 -13.70 49.95 -51.81
C PRO D 167 -14.09 51.06 -52.78
N VAL D 168 -13.09 51.86 -53.15
CA VAL D 168 -13.27 52.99 -54.04
C VAL D 168 -12.58 52.68 -55.36
N GLN D 169 -13.35 52.66 -56.45
CA GLN D 169 -12.80 52.43 -57.77
C GLN D 169 -12.15 53.71 -58.28
N VAL D 170 -10.92 53.58 -58.80
CA VAL D 170 -10.13 54.73 -59.22
C VAL D 170 -9.70 54.63 -60.67
N GLY D 171 -10.16 53.63 -61.39
CA GLY D 171 -9.79 53.49 -62.79
C GLY D 171 -10.23 52.16 -63.36
N GLN D 172 -9.75 51.89 -64.57
CA GLN D 172 -10.09 50.67 -65.29
C GLN D 172 -8.96 50.37 -66.25
N LEU D 173 -8.17 49.33 -65.94
CA LEU D 173 -6.99 49.00 -66.73
C LEU D 173 -7.40 48.18 -67.95
N ASN D 174 -7.17 48.73 -69.13
CA ASN D 174 -7.53 48.09 -70.39
C ASN D 174 -6.29 47.56 -71.09
N LEU D 175 -6.52 46.67 -72.06
CA LEU D 175 -5.46 46.05 -72.83
C LEU D 175 -5.67 46.30 -74.32
N THR D 176 -4.57 46.53 -75.04
CA THR D 176 -4.61 46.73 -76.47
C THR D 176 -4.16 45.47 -77.20
N THR D 177 -4.95 45.04 -78.18
CA THR D 177 -4.67 43.85 -78.97
C THR D 177 -4.54 44.23 -80.43
N PHE D 178 -3.39 43.72 -80.93
CA PHE D 178 -2.98 43.96 -82.33
C PHE D 178 -2.88 42.59 -82.98
N MET D 179 -3.23 42.49 -84.25
CA MET D 179 -3.25 41.14 -84.85
C MET D 179 -1.83 40.62 -85.02
N ASN D 180 -0.96 41.35 -85.69
CA ASN D 180 0.39 40.83 -85.98
C ASN D 180 1.26 41.09 -84.75
N ASP D 181 0.89 40.52 -83.61
CA ASP D 181 1.72 40.86 -82.47
C ASP D 181 3.20 40.96 -82.82
N THR D 182 3.65 40.22 -83.84
CA THR D 182 5.07 40.22 -84.19
C THR D 182 5.47 41.49 -84.95
N GLY D 183 4.49 42.19 -85.53
CA GLY D 183 4.78 43.36 -86.34
C GLY D 183 5.07 44.62 -85.59
N LEU D 184 4.98 44.61 -84.27
CA LEU D 184 5.27 45.79 -83.46
C LEU D 184 6.76 46.08 -83.50
N GLU D 185 7.11 47.36 -83.62
CA GLU D 185 8.52 47.75 -83.63
C GLU D 185 9.00 48.00 -82.20
N SER D 186 9.93 47.17 -81.74
CA SER D 186 10.45 47.33 -80.39
C SER D 186 11.45 48.49 -80.39
N ILE D 187 11.09 49.58 -79.71
CA ILE D 187 11.97 50.74 -79.63
C ILE D 187 12.96 50.64 -78.48
N GLY D 188 13.01 49.51 -77.79
CA GLY D 188 13.76 49.41 -76.56
C GLY D 188 12.89 49.77 -75.37
N GLU D 189 13.46 49.58 -74.18
CA GLU D 189 12.78 49.89 -72.93
C GLU D 189 11.48 49.11 -72.76
N ASN D 190 11.46 47.89 -73.28
CA ASN D 190 10.26 47.04 -73.32
C ASN D 190 9.05 47.76 -73.90
N LEU D 191 9.29 48.73 -74.78
CA LEU D 191 8.22 49.47 -75.42
C LEU D 191 8.14 49.08 -76.89
N TYR D 192 6.92 48.79 -77.33
CA TYR D 192 6.63 48.50 -78.73
C TYR D 192 5.78 49.63 -79.29
N ILE D 193 6.14 50.10 -80.48
CA ILE D 193 5.34 51.09 -81.19
C ILE D 193 4.63 50.40 -82.34
N GLU D 194 3.43 50.87 -82.62
CA GLU D 194 2.60 50.27 -83.63
C GLU D 194 3.10 50.65 -85.02
N THR D 195 3.25 49.64 -85.88
CA THR D 195 3.57 49.88 -87.28
C THR D 195 2.39 49.44 -88.14
N GLN D 196 2.45 49.72 -89.44
CA GLN D 196 1.38 49.31 -90.33
C GLN D 196 1.34 47.82 -90.57
N SER D 197 2.35 47.08 -90.12
CA SER D 197 2.30 45.62 -90.19
C SER D 197 1.61 45.01 -88.98
N SER D 198 1.31 45.82 -87.96
CA SER D 198 0.67 45.31 -86.75
C SER D 198 -0.78 45.77 -86.66
N GLY D 199 -1.35 46.18 -87.79
CA GLY D 199 -2.74 46.59 -87.80
C GLY D 199 -2.98 47.84 -86.97
N ALA D 200 -4.10 47.87 -86.27
CA ALA D 200 -4.50 49.00 -85.46
C ALA D 200 -4.76 48.51 -84.04
N PRO D 201 -4.54 49.38 -83.03
CA PRO D 201 -4.68 48.93 -81.64
C PRO D 201 -6.14 48.84 -81.22
N ASN D 202 -6.60 47.64 -80.93
CA ASN D 202 -7.97 47.42 -80.48
C ASN D 202 -8.00 47.42 -78.95
N GLU D 203 -8.62 48.44 -78.37
CA GLU D 203 -8.75 48.52 -76.92
C GLU D 203 -9.88 47.62 -76.44
N SER D 204 -9.58 46.81 -75.44
CA SER D 204 -10.55 45.88 -74.88
C SER D 204 -10.23 45.66 -73.41
N THR D 205 -11.27 45.50 -72.61
CA THR D 205 -11.09 45.25 -71.19
C THR D 205 -10.68 43.78 -71.01
N PRO D 206 -10.03 43.45 -69.89
CA PRO D 206 -9.53 42.09 -69.69
C PRO D 206 -10.62 41.05 -69.45
N GLY D 207 -10.80 40.19 -70.47
CA GLY D 207 -11.72 39.04 -70.32
C GLY D 207 -12.55 38.86 -71.57
N LEU D 208 -12.59 39.88 -72.43
CA LEU D 208 -13.49 39.82 -73.61
C LEU D 208 -12.68 40.00 -74.89
N ASN D 209 -13.05 39.29 -75.96
CA ASN D 209 -12.38 39.45 -77.28
C ASN D 209 -10.94 38.93 -77.21
N GLY D 210 -10.61 38.13 -76.20
CA GLY D 210 -9.26 37.52 -76.15
C GLY D 210 -8.29 38.22 -75.23
N ALA D 211 -8.48 39.51 -74.96
CA ALA D 211 -7.56 40.26 -74.13
C ALA D 211 -7.19 39.44 -72.90
N GLY D 212 -5.99 39.66 -72.40
CA GLY D 212 -5.46 38.85 -71.32
C GLY D 212 -6.13 39.14 -69.99
N LEU D 213 -5.80 38.30 -69.01
CA LEU D 213 -6.28 38.45 -67.65
C LEU D 213 -5.15 38.98 -66.77
N LEU D 214 -5.52 39.85 -65.81
CA LEU D 214 -4.54 40.54 -64.99
C LEU D 214 -4.44 39.87 -63.62
N TYR D 215 -3.22 39.44 -63.28
CA TYR D 215 -2.91 38.89 -61.97
C TYR D 215 -2.10 39.90 -61.18
N GLN D 216 -2.53 40.17 -59.95
CA GLN D 216 -1.81 41.08 -59.07
C GLN D 216 -0.80 40.33 -58.23
N GLY D 217 0.35 40.95 -58.00
CA GLY D 217 1.44 40.29 -57.32
C GLY D 217 2.25 39.36 -58.18
N TYR D 218 2.08 39.41 -59.50
CA TYR D 218 2.73 38.50 -60.43
C TYR D 218 3.36 39.29 -61.57
N VAL D 219 4.50 38.80 -62.05
CA VAL D 219 5.17 39.36 -63.21
C VAL D 219 5.40 38.24 -64.21
N GLU D 220 5.47 38.60 -65.48
CA GLU D 220 5.66 37.64 -66.56
C GLU D 220 7.13 37.58 -66.94
N THR D 221 7.78 36.48 -66.62
CA THR D 221 9.19 36.30 -66.93
C THR D 221 9.34 36.02 -68.43
N SER D 222 10.57 36.12 -68.93
CA SER D 222 10.84 35.90 -70.34
C SER D 222 10.67 34.42 -70.70
N ASN D 223 10.40 34.18 -71.98
CA ASN D 223 10.22 32.82 -72.49
C ASN D 223 11.50 32.25 -73.07
N VAL D 224 12.65 32.89 -72.83
CA VAL D 224 13.93 32.44 -73.36
C VAL D 224 14.27 31.05 -72.83
N ASN D 225 14.57 30.12 -73.74
CA ASN D 225 14.94 28.76 -73.39
C ASN D 225 16.46 28.64 -73.49
N VAL D 226 17.11 28.40 -72.35
CA VAL D 226 18.57 28.43 -72.30
C VAL D 226 19.17 27.25 -73.08
N ALA D 227 18.53 26.08 -73.03
CA ALA D 227 19.07 24.92 -73.72
C ALA D 227 19.17 25.17 -75.22
N GLU D 228 18.12 25.74 -75.81
CA GLU D 228 18.15 26.09 -77.22
C GLU D 228 19.27 27.08 -77.51
N GLU D 229 19.46 28.08 -76.65
CA GLU D 229 20.52 29.05 -76.88
C GLU D 229 21.90 28.41 -76.82
N LEU D 230 22.13 27.49 -75.89
CA LEU D 230 23.44 26.83 -75.81
C LEU D 230 23.69 25.98 -77.05
N VAL D 231 22.71 25.17 -77.46
CA VAL D 231 22.91 24.35 -78.64
C VAL D 231 23.10 25.22 -79.88
N ASN D 232 22.36 26.33 -79.99
CA ASN D 232 22.52 27.21 -81.13
C ASN D 232 23.87 27.92 -81.11
N MET D 233 24.42 28.22 -79.93
CA MET D 233 25.76 28.77 -79.87
C MET D 233 26.79 27.76 -80.38
N ILE D 234 26.63 26.49 -80.02
CA ILE D 234 27.53 25.46 -80.55
C ILE D 234 27.42 25.41 -82.07
N GLN D 235 26.19 25.42 -82.58
CA GLN D 235 25.97 25.40 -84.03
C GLN D 235 26.61 26.61 -84.71
N VAL D 236 26.43 27.80 -84.13
CA VAL D 236 26.95 29.01 -84.72
C VAL D 236 28.48 28.97 -84.76
N GLN D 237 29.09 28.53 -83.66
CA GLN D 237 30.55 28.47 -83.62
C GLN D 237 31.07 27.51 -84.69
N ARG D 238 30.47 26.34 -84.82
CA ARG D 238 30.98 25.38 -85.81
C ARG D 238 30.75 25.86 -87.24
N ALA D 239 29.57 26.42 -87.53
CA ALA D 239 29.32 26.94 -88.87
C ALA D 239 30.25 28.09 -89.21
N TYR D 240 30.52 28.97 -88.24
CA TYR D 240 31.45 30.07 -88.46
C TYR D 240 32.86 29.55 -88.73
N GLU D 241 33.29 28.52 -88.00
CA GLU D 241 34.59 27.93 -88.25
C GLU D 241 34.67 27.34 -89.66
N ILE D 242 33.60 26.68 -90.10
CA ILE D 242 33.61 26.08 -91.44
C ILE D 242 33.64 27.16 -92.52
N ASN D 243 32.88 28.25 -92.33
CA ASN D 243 32.91 29.34 -93.30
C ASN D 243 34.28 29.99 -93.35
N SER D 244 34.93 30.15 -92.19
CA SER D 244 36.30 30.66 -92.17
C SER D 244 37.24 29.71 -92.90
N LYS D 245 37.03 28.40 -92.76
CA LYS D 245 37.81 27.43 -93.52
C LYS D 245 37.63 27.60 -95.03
N ALA D 246 36.39 27.85 -95.47
CA ALA D 246 36.16 28.12 -96.88
C ALA D 246 36.88 29.38 -97.34
N VAL D 247 36.84 30.44 -96.52
CA VAL D 247 37.57 31.66 -96.85
C VAL D 247 39.06 31.37 -96.99
N SER D 248 39.62 30.59 -96.06
CA SER D 248 41.04 30.26 -96.11
C SER D 248 41.37 29.44 -97.36
N THR D 249 40.50 28.51 -97.73
CA THR D 249 40.73 27.73 -98.94
C THR D 249 40.75 28.61 -100.18
N THR D 250 39.81 29.55 -100.26
CA THR D 250 39.83 30.50 -101.37
C THR D 250 41.13 31.32 -101.36
N ASP D 251 41.60 31.68 -100.17
CA ASP D 251 42.85 32.41 -100.06
C ASP D 251 44.02 31.61 -100.60
N GLN D 252 44.10 30.32 -100.27
CA GLN D 252 45.18 29.50 -100.80
C GLN D 252 45.08 29.33 -102.32
N MET D 253 43.87 29.17 -102.85
CA MET D 253 43.73 29.09 -104.30
C MET D 253 44.20 30.37 -104.97
N LEU D 254 43.83 31.52 -104.42
CA LEU D 254 44.29 32.80 -104.97
C LEU D 254 45.81 32.94 -104.86
N GLN D 255 46.39 32.50 -103.75
CA GLN D 255 47.84 32.58 -103.60
C GLN D 255 48.56 31.72 -104.65
N LYS D 256 48.07 30.50 -104.86
CA LYS D 256 48.68 29.66 -105.89
C LYS D 256 48.49 30.26 -107.27
N LEU D 257 47.35 30.90 -107.52
CA LEU D 257 47.14 31.56 -108.81
C LEU D 257 48.12 32.71 -109.00
N THR D 258 48.37 33.48 -107.94
CA THR D 258 49.30 34.60 -108.05
C THR D 258 50.74 34.12 -108.20
N GLN D 259 51.05 32.94 -107.65
CA GLN D 259 52.42 32.44 -107.71
C GLN D 259 52.81 32.05 -109.13
N LEU D 260 51.84 31.99 -110.04
CA LEU D 260 52.10 31.67 -111.43
C LEU D 260 53.04 32.69 -112.07
N MET E 1 40.13 13.11 -106.70
CA MET E 1 41.54 13.55 -106.52
C MET E 1 42.40 12.29 -106.32
N ILE E 2 42.45 11.81 -105.09
CA ILE E 2 43.33 10.65 -104.80
C ILE E 2 42.47 9.58 -104.14
N SER E 3 42.76 8.31 -104.42
CA SER E 3 41.92 7.22 -103.93
C SER E 3 41.72 7.28 -102.42
N SER E 4 42.80 7.53 -101.68
CA SER E 4 42.75 7.50 -100.21
C SER E 4 41.79 8.53 -99.67
N LEU E 5 41.68 9.68 -100.36
CA LEU E 5 40.73 10.70 -99.96
C LEU E 5 39.29 10.22 -100.05
N TRP E 6 38.92 9.58 -101.16
CA TRP E 6 37.58 9.02 -101.28
C TRP E 6 37.32 7.93 -100.24
N ILE E 7 38.30 7.06 -100.01
CA ILE E 7 38.11 5.99 -99.04
C ILE E 7 37.89 6.56 -97.64
N ALA E 8 38.72 7.52 -97.23
CA ALA E 8 38.55 8.11 -95.91
C ALA E 8 37.28 8.93 -95.81
N LYS E 9 36.84 9.55 -96.92
CA LYS E 9 35.56 10.24 -96.93
C LYS E 9 34.41 9.26 -96.68
N THR E 10 34.45 8.11 -97.32
CA THR E 10 33.43 7.08 -97.09
C THR E 10 33.48 6.62 -95.63
N GLY E 11 34.67 6.46 -95.07
CA GLY E 11 34.78 6.09 -93.67
C GLY E 11 34.16 7.13 -92.75
N LEU E 12 34.41 8.41 -93.03
CA LEU E 12 33.82 9.49 -92.25
C LEU E 12 32.30 9.46 -92.34
N ASP E 13 31.77 9.24 -93.55
CA ASP E 13 30.33 9.16 -93.71
C ASP E 13 29.74 7.99 -92.93
N ALA E 14 30.41 6.84 -92.95
CA ALA E 14 29.93 5.68 -92.20
C ALA E 14 29.91 5.96 -90.70
N GLN E 15 30.97 6.59 -90.20
CA GLN E 15 31.00 6.91 -88.77
C GLN E 15 29.94 7.95 -88.41
N GLN E 16 29.67 8.90 -89.30
CA GLN E 16 28.59 9.85 -89.06
C GLN E 16 27.24 9.15 -89.03
N THR E 17 27.04 8.17 -89.91
CA THR E 17 25.82 7.38 -89.88
C THR E 17 25.67 6.62 -88.57
N ASN E 18 26.78 6.04 -88.08
CA ASN E 18 26.76 5.36 -86.80
C ASN E 18 26.38 6.31 -85.68
N MET E 19 26.95 7.53 -85.69
CA MET E 19 26.59 8.52 -84.67
C MET E 19 25.13 8.94 -84.80
N ASP E 20 24.61 9.04 -86.02
CA ASP E 20 23.19 9.36 -86.21
C ASP E 20 22.31 8.29 -85.57
N VAL E 21 22.63 7.02 -85.81
CA VAL E 21 21.87 5.94 -85.20
C VAL E 21 21.97 6.00 -83.68
N ILE E 22 23.17 6.30 -83.17
CA ILE E 22 23.36 6.40 -81.72
C ILE E 22 22.48 7.51 -81.14
N ALA E 23 22.47 8.67 -81.79
CA ALA E 23 21.69 9.80 -81.29
C ALA E 23 20.20 9.51 -81.37
N ASN E 24 19.76 8.82 -82.43
CA ASN E 24 18.35 8.45 -82.52
C ASN E 24 17.98 7.49 -81.39
N ASN E 25 18.85 6.53 -81.08
CA ASN E 25 18.58 5.63 -79.97
C ASN E 25 18.51 6.39 -78.65
N LEU E 26 19.44 7.32 -78.44
CA LEU E 26 19.49 8.05 -77.16
C LEU E 26 18.30 8.99 -76.99
N ALA E 27 17.85 9.64 -78.06
CA ALA E 27 16.74 10.58 -77.97
C ALA E 27 15.41 9.90 -77.64
N ASN E 28 15.32 8.58 -77.81
CA ASN E 28 14.09 7.85 -77.60
C ASN E 28 14.11 6.96 -76.36
N VAL E 29 14.79 7.40 -75.30
CA VAL E 29 14.81 6.64 -74.06
C VAL E 29 13.43 6.54 -73.44
N SER E 30 12.67 7.63 -73.45
CA SER E 30 11.36 7.68 -72.81
C SER E 30 10.23 7.24 -73.71
N THR E 31 10.51 6.90 -74.97
CA THR E 31 9.45 6.47 -75.88
C THR E 31 8.99 5.07 -75.55
N ASN E 32 7.68 4.89 -75.45
CA ASN E 32 7.11 3.58 -75.14
C ASN E 32 7.13 2.69 -76.36
N GLY E 33 7.59 1.44 -76.17
CA GLY E 33 7.61 0.47 -77.25
C GLY E 33 8.54 0.84 -78.39
N PHE E 34 9.70 1.39 -78.08
CA PHE E 34 10.70 1.73 -79.08
C PHE E 34 11.78 0.65 -79.14
N LYS E 35 12.26 0.39 -80.35
CA LYS E 35 13.27 -0.64 -80.58
C LYS E 35 14.55 0.04 -81.08
N ARG E 36 15.68 -0.31 -80.47
CA ARG E 36 16.95 0.30 -80.79
C ARG E 36 17.40 -0.12 -82.19
N GLN E 37 18.23 0.71 -82.81
CA GLN E 37 18.68 0.43 -84.17
C GLN E 37 20.17 0.10 -84.17
N ARG E 38 20.58 -0.69 -85.17
CA ARG E 38 21.97 -1.05 -85.38
C ARG E 38 22.31 -0.95 -86.86
N ALA E 39 23.48 -0.44 -87.17
CA ALA E 39 23.94 -0.30 -88.55
C ALA E 39 24.85 -1.47 -88.91
N VAL E 40 24.74 -1.94 -90.16
CA VAL E 40 25.58 -3.01 -90.67
C VAL E 40 26.39 -2.45 -91.83
N PHE E 41 27.70 -2.69 -91.81
CA PHE E 41 28.60 -2.14 -92.81
C PHE E 41 29.18 -3.25 -93.69
N GLU E 42 29.53 -2.87 -94.92
CA GLU E 42 30.13 -3.80 -95.87
C GLU E 42 31.29 -3.12 -96.57
N ASP E 43 32.18 -3.95 -97.11
CA ASP E 43 33.28 -3.44 -97.93
C ASP E 43 32.73 -2.92 -99.25
N LEU E 44 33.37 -1.88 -99.78
CA LEU E 44 33.02 -1.36 -101.10
C LEU E 44 33.75 -2.20 -102.15
N LEU E 45 33.80 -1.69 -103.38
CA LEU E 45 34.40 -2.43 -104.49
C LEU E 45 35.86 -2.74 -104.22
N TYR E 46 36.41 -3.67 -105.01
CA TYR E 46 37.80 -4.11 -104.87
C TYR E 46 38.45 -4.06 -106.26
N GLN E 47 39.35 -3.10 -106.46
CA GLN E 47 40.12 -3.03 -107.68
C GLN E 47 40.96 -4.29 -107.84
N THR E 48 40.92 -4.88 -109.03
CA THR E 48 41.44 -6.24 -109.18
C THR E 48 42.94 -6.27 -109.44
N ILE E 49 43.47 -5.32 -110.22
CA ILE E 49 44.87 -5.31 -110.64
C ILE E 49 45.32 -6.72 -111.03
N ARG E 50 46.21 -7.31 -110.24
CA ARG E 50 46.59 -8.69 -110.45
C ARG E 50 45.46 -9.64 -110.09
N GLN E 51 45.21 -10.60 -110.96
CA GLN E 51 44.17 -11.60 -110.69
C GLN E 51 44.71 -12.63 -109.71
N PRO E 52 44.08 -12.82 -108.55
CA PRO E 52 44.55 -13.85 -107.61
C PRO E 52 44.15 -15.24 -108.10
N GLY E 53 45.16 -16.04 -108.42
CA GLY E 53 44.91 -17.35 -108.99
C GLY E 53 45.41 -17.45 -110.42
N ALA E 54 45.96 -16.35 -110.93
CA ALA E 54 46.48 -16.33 -112.28
C ALA E 54 47.74 -17.19 -112.38
N GLN E 55 48.11 -17.51 -113.62
CA GLN E 55 49.23 -18.41 -113.89
C GLN E 55 50.51 -17.57 -113.97
N SER E 56 51.32 -17.62 -112.92
CA SER E 56 52.59 -16.93 -112.91
C SER E 56 53.68 -17.70 -113.65
N SER E 57 53.74 -19.02 -113.48
CA SER E 57 54.66 -19.88 -114.20
C SER E 57 53.90 -21.10 -114.71
N GLU E 58 54.60 -21.94 -115.49
CA GLU E 58 53.96 -23.11 -116.07
C GLU E 58 53.48 -24.10 -115.01
N GLN E 59 54.09 -24.08 -113.81
CA GLN E 59 53.64 -24.98 -112.77
C GLN E 59 53.40 -24.28 -111.43
N THR E 60 53.41 -22.95 -111.38
CA THR E 60 53.14 -22.20 -110.16
C THR E 60 51.97 -21.26 -110.39
N THR E 61 51.30 -20.91 -109.30
CA THR E 61 50.15 -20.01 -109.34
C THR E 61 50.44 -18.75 -108.53
N LEU E 62 49.65 -17.71 -108.80
CA LEU E 62 49.78 -16.45 -108.10
C LEU E 62 48.87 -16.47 -106.87
N PRO E 63 49.44 -16.56 -105.67
CA PRO E 63 48.61 -16.65 -104.45
C PRO E 63 48.25 -15.27 -103.93
N SER E 64 46.95 -14.97 -103.88
CA SER E 64 46.44 -13.76 -103.25
C SER E 64 47.05 -12.50 -103.86
N GLY E 65 46.71 -12.21 -105.11
CA GLY E 65 47.31 -11.09 -105.80
C GLY E 65 46.92 -9.72 -105.26
N LEU E 66 47.06 -8.68 -106.08
CA LEU E 66 46.93 -7.30 -105.64
C LEU E 66 45.48 -6.86 -105.77
N GLN E 67 44.70 -7.01 -104.71
CA GLN E 67 43.35 -6.48 -104.64
C GLN E 67 43.37 -5.19 -103.80
N ILE E 68 42.94 -4.09 -104.39
CA ILE E 68 42.90 -2.80 -103.73
C ILE E 68 41.43 -2.46 -103.48
N GLY E 69 41.09 -2.21 -102.22
CA GLY E 69 39.71 -1.99 -101.86
C GLY E 69 39.32 -0.52 -101.85
N THR E 70 38.03 -0.29 -102.02
CA THR E 70 37.44 1.03 -101.89
C THR E 70 36.99 1.20 -100.43
N GLY E 71 36.20 2.21 -100.07
CA GLY E 71 35.88 2.48 -98.69
C GLY E 71 34.84 1.53 -98.12
N VAL E 72 33.94 2.10 -97.33
CA VAL E 72 32.91 1.34 -96.62
C VAL E 72 31.57 2.01 -96.84
N ARG E 73 30.50 1.21 -96.76
CA ARG E 73 29.15 1.73 -96.87
C ARG E 73 28.25 0.95 -95.92
N PRO E 74 27.22 1.57 -95.36
CA PRO E 74 26.29 0.83 -94.49
C PRO E 74 25.37 -0.06 -95.31
N VAL E 75 25.23 -1.31 -94.87
CA VAL E 75 24.36 -2.26 -95.57
C VAL E 75 22.92 -1.90 -95.27
N ALA E 76 22.57 -1.86 -94.00
CA ALA E 76 21.18 -1.74 -93.57
C ALA E 76 21.10 -1.44 -92.09
N THR E 77 19.92 -1.01 -91.65
CA THR E 77 19.63 -0.76 -90.25
C THR E 77 18.68 -1.84 -89.74
N GLU E 78 19.08 -2.56 -88.71
CA GLU E 78 18.31 -3.65 -88.13
C GLU E 78 17.88 -3.27 -86.73
N ARG E 79 16.62 -3.55 -86.40
CA ARG E 79 16.11 -3.33 -85.06
C ARG E 79 16.30 -4.57 -84.21
N LEU E 80 16.27 -4.38 -82.89
CA LEU E 80 16.30 -5.48 -81.93
C LEU E 80 14.89 -5.65 -81.37
N HIS E 81 14.10 -6.50 -82.03
CA HIS E 81 12.72 -6.73 -81.60
C HIS E 81 12.74 -7.72 -80.44
N SER E 82 12.93 -7.19 -79.24
CA SER E 82 12.90 -8.00 -78.03
C SER E 82 11.98 -7.33 -77.02
N GLN E 83 11.66 -8.06 -75.95
CA GLN E 83 10.72 -7.58 -74.95
C GLN E 83 11.37 -6.50 -74.10
N GLY E 84 10.80 -5.31 -74.12
CA GLY E 84 11.28 -4.25 -73.25
C GLY E 84 10.69 -4.39 -71.85
N ASN E 85 11.35 -3.74 -70.90
CA ASN E 85 10.91 -3.81 -69.50
C ASN E 85 9.57 -3.10 -69.34
N LEU E 86 8.71 -3.68 -68.52
CA LEU E 86 7.37 -3.15 -68.30
C LEU E 86 7.39 -2.07 -67.23
N SER E 87 6.50 -1.10 -67.35
CA SER E 87 6.34 -0.02 -66.38
C SER E 87 4.88 0.10 -66.00
N GLN E 88 4.59 0.15 -64.70
CA GLN E 88 3.22 0.26 -64.21
C GLN E 88 2.83 1.72 -64.17
N THR E 89 1.82 2.09 -64.95
CA THR E 89 1.36 3.48 -65.05
C THR E 89 0.02 3.60 -64.33
N ASN E 90 -0.47 2.46 -63.84
CA ASN E 90 -1.72 2.39 -63.09
C ASN E 90 -2.87 3.05 -63.85
N ASN E 91 -2.98 2.79 -65.15
CA ASN E 91 -4.02 3.36 -65.98
C ASN E 91 -4.79 2.23 -66.66
N SER E 92 -6.13 2.29 -66.57
CA SER E 92 -6.96 1.25 -67.17
C SER E 92 -6.90 1.25 -68.69
N LYS E 93 -6.42 2.34 -69.29
CA LYS E 93 -6.41 2.46 -70.75
C LYS E 93 -5.08 2.06 -71.38
N ASP E 94 -4.08 1.73 -70.57
CA ASP E 94 -2.76 1.39 -71.12
C ASP E 94 -2.58 -0.13 -71.11
N VAL E 95 -2.17 -0.68 -72.26
CA VAL E 95 -1.99 -2.10 -72.44
C VAL E 95 -0.56 -2.36 -72.89
N ALA E 96 0.02 -3.45 -72.39
CA ALA E 96 1.38 -3.83 -72.74
C ALA E 96 1.39 -5.25 -73.31
N ILE E 97 2.31 -5.50 -74.23
CA ILE E 97 2.45 -6.80 -74.87
C ILE E 97 3.57 -7.56 -74.19
N LYS E 98 3.31 -8.82 -73.87
CA LYS E 98 4.32 -9.69 -73.28
C LYS E 98 5.05 -10.56 -74.29
N GLY E 99 4.54 -10.70 -75.51
CA GLY E 99 5.18 -11.53 -76.50
C GLY E 99 5.68 -10.79 -77.72
N GLN E 100 5.19 -11.16 -78.90
CA GLN E 100 5.74 -10.65 -80.15
C GLN E 100 4.61 -10.23 -81.10
N GLY E 101 3.63 -9.48 -80.58
CA GLY E 101 2.51 -9.05 -81.38
C GLY E 101 2.48 -7.53 -81.54
N PHE E 102 1.60 -7.08 -82.42
CA PHE E 102 1.42 -5.67 -82.73
C PHE E 102 -0.05 -5.32 -82.69
N PHE E 103 -0.33 -4.07 -82.31
CA PHE E 103 -1.67 -3.52 -82.45
C PHE E 103 -1.85 -2.95 -83.85
N GLN E 104 -3.04 -3.18 -84.42
CA GLN E 104 -3.38 -2.68 -85.74
C GLN E 104 -4.29 -1.47 -85.61
N VAL E 105 -3.88 -0.35 -86.18
CA VAL E 105 -4.65 0.88 -86.18
C VAL E 105 -4.89 1.31 -87.61
N MET E 106 -5.87 2.19 -87.81
CA MET E 106 -6.25 2.66 -89.14
C MET E 106 -5.80 4.10 -89.31
N LEU E 107 -5.00 4.34 -90.35
CA LEU E 107 -4.58 5.69 -90.70
C LEU E 107 -5.75 6.44 -91.33
N PRO E 108 -5.71 7.78 -91.32
CA PRO E 108 -6.80 8.54 -91.96
C PRO E 108 -6.95 8.26 -93.45
N ASP E 109 -5.90 7.76 -94.10
CA ASP E 109 -5.96 7.40 -95.51
C ASP E 109 -6.69 6.10 -95.77
N GLY E 110 -7.05 5.35 -94.72
CA GLY E 110 -7.75 4.09 -94.86
C GLY E 110 -6.85 2.87 -94.78
N THR E 111 -5.55 3.05 -94.98
CA THR E 111 -4.60 1.94 -94.83
C THR E 111 -4.30 1.70 -93.36
N SER E 112 -3.82 0.49 -93.07
CA SER E 112 -3.60 0.05 -91.70
C SER E 112 -2.12 0.13 -91.35
N ALA E 113 -1.83 0.68 -90.18
CA ALA E 113 -0.49 0.72 -89.62
C ALA E 113 -0.45 -0.15 -88.36
N TYR E 114 0.76 -0.44 -87.91
CA TYR E 114 0.96 -1.33 -86.76
C TYR E 114 1.86 -0.66 -85.74
N THR E 115 1.42 -0.66 -84.48
CA THR E 115 2.15 -0.02 -83.39
C THR E 115 2.20 -0.95 -82.19
N ARG E 116 3.34 -0.93 -81.50
CA ARG E 116 3.51 -1.66 -80.25
C ARG E 116 3.26 -0.80 -79.03
N ASP E 117 3.00 0.50 -79.22
CA ASP E 117 2.74 1.41 -78.12
C ASP E 117 1.32 1.17 -77.62
N GLY E 118 1.17 1.07 -76.30
CA GLY E 118 -0.12 0.80 -75.69
C GLY E 118 -0.79 1.96 -74.99
N SER E 119 -0.29 3.18 -75.13
CA SER E 119 -0.91 4.34 -74.49
C SER E 119 -2.15 4.73 -75.29
N PHE E 120 -3.31 4.27 -74.84
CA PHE E 120 -4.57 4.49 -75.55
C PHE E 120 -5.42 5.52 -74.81
N GLN E 121 -6.28 6.20 -75.58
CA GLN E 121 -7.27 7.12 -75.05
C GLN E 121 -8.63 6.77 -75.61
N VAL E 122 -9.66 7.43 -75.07
CA VAL E 122 -11.03 7.29 -75.55
C VAL E 122 -11.48 8.64 -76.10
N ASP E 123 -11.92 8.66 -77.35
CA ASP E 123 -12.31 9.90 -78.01
C ASP E 123 -13.71 10.31 -77.54
N GLN E 124 -14.23 11.39 -78.11
CA GLN E 124 -15.57 11.85 -77.75
C GLN E 124 -16.63 10.85 -78.17
N ASN E 125 -16.36 10.05 -79.21
CA ASN E 125 -17.29 9.02 -79.64
C ASN E 125 -17.16 7.73 -78.84
N GLY E 126 -16.11 7.59 -78.03
CA GLY E 126 -15.91 6.40 -77.22
C GLY E 126 -15.02 5.34 -77.84
N GLN E 127 -14.53 5.55 -79.06
CA GLN E 127 -13.70 4.56 -79.71
C GLN E 127 -12.28 4.62 -79.16
N LEU E 128 -11.71 3.44 -78.91
CA LEU E 128 -10.36 3.34 -78.40
C LEU E 128 -9.37 3.79 -79.47
N VAL E 129 -8.75 4.95 -79.27
CA VAL E 129 -7.76 5.48 -80.20
C VAL E 129 -6.41 5.51 -79.50
N THR E 130 -5.37 5.74 -80.30
CA THR E 130 -4.04 5.90 -79.73
C THR E 130 -3.83 7.34 -79.28
N ALA E 131 -2.61 7.64 -78.84
CA ALA E 131 -2.28 8.99 -78.39
C ALA E 131 -2.37 10.02 -79.50
N GLY E 132 -2.26 9.60 -80.76
CA GLY E 132 -2.33 10.53 -81.87
C GLY E 132 -3.72 10.64 -82.48
N GLY E 133 -4.64 9.81 -82.01
CA GLY E 133 -6.01 9.86 -82.49
C GLY E 133 -6.37 8.85 -83.56
N PHE E 134 -5.49 7.91 -83.86
CA PHE E 134 -5.80 6.87 -84.85
C PHE E 134 -6.63 5.77 -84.21
N GLN E 135 -7.63 5.30 -84.95
CA GLN E 135 -8.59 4.34 -84.44
C GLN E 135 -8.01 2.93 -84.49
N VAL E 136 -7.86 2.35 -83.31
CA VAL E 136 -7.17 1.04 -83.15
C VAL E 136 -8.10 -0.07 -83.67
N GLN E 137 -8.17 -0.22 -84.98
CA GLN E 137 -8.77 -1.43 -85.59
C GLN E 137 -8.62 -2.61 -84.61
N PRO E 138 -9.70 -3.30 -84.21
CA PRO E 138 -11.05 -2.93 -84.61
C PRO E 138 -11.94 -2.32 -83.51
N ALA E 139 -12.64 -1.24 -83.82
CA ALA E 139 -13.90 -0.86 -83.17
C ALA E 139 -13.65 -0.39 -81.73
N ILE E 140 -13.16 -1.29 -80.88
CA ILE E 140 -13.45 -1.26 -79.42
C ILE E 140 -14.26 -0.02 -79.10
N THR E 141 -15.57 -0.04 -79.33
CA THR E 141 -16.30 1.13 -78.87
C THR E 141 -16.63 0.94 -77.40
N ILE E 142 -16.85 2.04 -76.69
CA ILE E 142 -17.04 2.04 -75.24
C ILE E 142 -18.41 2.66 -74.94
N PRO E 143 -19.21 2.06 -74.05
CA PRO E 143 -20.50 2.67 -73.71
C PRO E 143 -20.36 4.01 -73.00
N ALA E 144 -21.48 4.69 -72.76
CA ALA E 144 -21.45 6.08 -72.31
C ALA E 144 -20.90 6.24 -70.90
N ASN E 145 -21.55 5.62 -69.91
CA ASN E 145 -21.16 5.77 -68.52
C ASN E 145 -20.45 4.53 -67.98
N ALA E 146 -19.26 4.22 -68.49
CA ALA E 146 -18.48 3.10 -68.00
C ALA E 146 -17.88 3.42 -66.64
N LEU E 147 -17.88 2.42 -65.75
CA LEU E 147 -17.22 2.57 -64.47
C LEU E 147 -15.79 2.02 -64.49
N SER E 148 -15.54 0.94 -65.20
CA SER E 148 -14.21 0.35 -65.27
C SER E 148 -14.09 -0.44 -66.57
N ILE E 149 -12.88 -0.46 -67.10
CA ILE E 149 -12.57 -1.21 -68.32
C ILE E 149 -11.60 -2.33 -67.96
N THR E 150 -11.95 -3.57 -68.29
CA THR E 150 -11.14 -4.74 -67.97
C THR E 150 -10.70 -5.39 -69.27
N ILE E 151 -9.40 -5.36 -69.53
CA ILE E 151 -8.83 -6.04 -70.70
C ILE E 151 -8.06 -7.26 -70.21
N GLY E 152 -8.54 -8.45 -70.59
CA GLY E 152 -7.97 -9.69 -70.14
C GLY E 152 -6.67 -10.05 -70.85
N ARG E 153 -6.06 -11.15 -70.42
CA ARG E 153 -4.83 -11.63 -71.01
C ARG E 153 -5.03 -12.09 -72.45
N ASP E 154 -6.25 -12.41 -72.85
CA ASP E 154 -6.55 -12.88 -74.19
C ASP E 154 -7.31 -11.86 -75.03
N GLY E 155 -7.24 -10.57 -74.67
CA GLY E 155 -7.77 -9.54 -75.53
C GLY E 155 -9.24 -9.24 -75.40
N VAL E 156 -9.93 -9.86 -74.44
CA VAL E 156 -11.36 -9.60 -74.27
C VAL E 156 -11.53 -8.32 -73.45
N VAL E 157 -12.14 -7.32 -74.06
CA VAL E 157 -12.38 -6.03 -73.40
C VAL E 157 -13.80 -6.03 -72.86
N SER E 158 -13.96 -5.78 -71.57
CA SER E 158 -15.26 -5.78 -70.91
C SER E 158 -15.46 -4.48 -70.14
N VAL E 159 -16.72 -4.09 -70.01
CA VAL E 159 -17.11 -2.87 -69.32
C VAL E 159 -18.09 -3.22 -68.21
N THR E 160 -17.83 -2.69 -67.01
CA THR E 160 -18.69 -2.91 -65.86
C THR E 160 -19.67 -1.74 -65.75
N GLN E 161 -20.96 -2.01 -65.94
CA GLN E 161 -21.98 -1.00 -65.86
C GLN E 161 -22.60 -0.96 -64.46
N GLN E 162 -23.34 0.11 -64.19
CA GLN E 162 -23.95 0.29 -62.88
C GLN E 162 -25.27 -0.46 -62.78
N GLY E 163 -25.45 -1.15 -61.66
CA GLY E 163 -26.68 -1.89 -61.42
C GLY E 163 -26.72 -3.21 -62.15
N GLN E 164 -25.63 -3.58 -62.81
CA GLN E 164 -25.54 -4.84 -63.54
C GLN E 164 -24.37 -5.62 -62.94
N ALA E 165 -24.65 -6.85 -62.51
CA ALA E 165 -23.65 -7.64 -61.79
C ALA E 165 -22.73 -8.41 -62.73
N ALA E 166 -23.00 -8.36 -64.03
CA ALA E 166 -22.19 -9.06 -65.01
C ALA E 166 -21.58 -8.07 -65.99
N PRO E 167 -20.28 -8.17 -66.25
CA PRO E 167 -19.65 -7.28 -67.22
C PRO E 167 -20.08 -7.60 -68.64
N VAL E 168 -20.19 -6.55 -69.45
CA VAL E 168 -20.60 -6.66 -70.84
C VAL E 168 -19.37 -6.58 -71.72
N GLN E 169 -19.38 -7.32 -72.83
CA GLN E 169 -18.26 -7.33 -73.75
C GLN E 169 -18.50 -6.34 -74.88
N VAL E 170 -17.53 -5.47 -75.12
CA VAL E 170 -17.65 -4.40 -76.09
C VAL E 170 -16.62 -4.48 -77.21
N GLY E 171 -15.85 -5.56 -77.26
CA GLY E 171 -14.88 -5.72 -78.31
C GLY E 171 -13.94 -6.89 -78.02
N GLN E 172 -12.94 -7.01 -78.87
CA GLN E 172 -11.93 -8.07 -78.75
C GLN E 172 -10.62 -7.53 -79.31
N LEU E 173 -9.70 -7.16 -78.42
CA LEU E 173 -8.43 -6.59 -78.83
C LEU E 173 -7.53 -7.70 -79.36
N ASN E 174 -7.18 -7.61 -80.65
CA ASN E 174 -6.41 -8.63 -81.34
C ASN E 174 -5.00 -8.14 -81.61
N LEU E 175 -4.12 -9.08 -81.94
CA LEU E 175 -2.73 -8.79 -82.23
C LEU E 175 -2.35 -9.33 -83.61
N THR E 176 -1.54 -8.56 -84.32
CA THR E 176 -1.03 -8.94 -85.62
C THR E 176 0.45 -9.34 -85.52
N THR E 177 0.79 -10.50 -86.07
CA THR E 177 2.15 -11.00 -86.08
C THR E 177 2.65 -11.12 -87.50
N PHE E 178 3.94 -10.91 -87.69
CA PHE E 178 4.57 -10.94 -89.00
C PHE E 178 5.68 -12.00 -89.04
N MET E 179 5.95 -12.49 -90.25
CA MET E 179 7.07 -13.42 -90.44
C MET E 179 8.39 -12.73 -90.12
N ASN E 180 8.56 -11.49 -90.57
CA ASN E 180 9.77 -10.71 -90.32
C ASN E 180 9.37 -9.37 -89.72
N ASP E 181 9.61 -9.20 -88.42
CA ASP E 181 9.31 -7.95 -87.74
C ASP E 181 10.30 -6.84 -88.06
N THR E 182 11.52 -7.19 -88.45
CA THR E 182 12.50 -6.16 -88.78
C THR E 182 12.22 -5.52 -90.14
N GLY E 183 11.44 -6.19 -90.99
CA GLY E 183 11.13 -5.67 -92.30
C GLY E 183 10.03 -4.65 -92.36
N LEU E 184 9.33 -4.40 -91.24
CA LEU E 184 8.29 -3.39 -91.21
C LEU E 184 8.90 -2.01 -91.40
N GLU E 185 8.25 -1.17 -92.20
CA GLU E 185 8.79 0.15 -92.49
C GLU E 185 8.33 1.16 -91.45
N SER E 186 9.27 1.74 -90.72
CA SER E 186 8.94 2.75 -89.73
C SER E 186 8.54 4.04 -90.42
N ILE E 187 7.44 4.65 -89.99
CA ILE E 187 7.00 5.92 -90.55
C ILE E 187 6.98 7.05 -89.53
N GLY E 188 7.49 6.81 -88.33
CA GLY E 188 7.32 7.74 -87.23
C GLY E 188 6.00 7.53 -86.52
N GLU E 189 5.77 8.36 -85.50
CA GLU E 189 4.58 8.27 -84.66
C GLU E 189 4.43 6.88 -84.07
N ASN E 190 5.55 6.20 -83.86
CA ASN E 190 5.58 4.82 -83.36
C ASN E 190 4.77 3.88 -84.23
N LEU E 191 4.76 4.11 -85.54
CA LEU E 191 3.94 3.35 -86.47
C LEU E 191 4.82 2.64 -87.49
N TYR E 192 4.46 1.38 -87.76
CA TYR E 192 5.12 0.56 -88.75
C TYR E 192 4.12 0.14 -89.82
N ILE E 193 4.50 0.28 -91.08
CA ILE E 193 3.64 -0.15 -92.18
C ILE E 193 4.20 -1.43 -92.77
N GLU E 194 3.30 -2.17 -93.42
CA GLU E 194 3.66 -3.42 -94.06
C GLU E 194 4.56 -3.17 -95.27
N THR E 195 5.50 -4.09 -95.49
CA THR E 195 6.28 -4.12 -96.73
C THR E 195 6.23 -5.53 -97.30
N GLN E 196 6.90 -5.75 -98.44
CA GLN E 196 7.00 -7.09 -99.00
C GLN E 196 8.03 -7.94 -98.29
N SER E 197 8.93 -7.33 -97.51
CA SER E 197 9.92 -8.08 -96.77
C SER E 197 9.46 -8.44 -95.36
N SER E 198 8.29 -7.96 -94.96
CA SER E 198 7.78 -8.23 -93.61
C SER E 198 6.71 -9.32 -93.66
N GLY E 199 6.70 -10.10 -94.72
CA GLY E 199 5.73 -11.19 -94.81
C GLY E 199 4.32 -10.68 -94.98
N ALA E 200 3.39 -11.29 -94.25
CA ALA E 200 1.97 -10.98 -94.34
C ALA E 200 1.43 -10.77 -92.94
N PRO E 201 0.36 -9.97 -92.80
CA PRO E 201 -0.19 -9.72 -91.46
C PRO E 201 -1.05 -10.87 -90.96
N ASN E 202 -0.57 -11.59 -89.96
CA ASN E 202 -1.32 -12.71 -89.40
C ASN E 202 -2.10 -12.22 -88.19
N GLU E 203 -3.42 -12.11 -88.34
CA GLU E 203 -4.29 -11.66 -87.27
C GLU E 203 -4.60 -12.82 -86.33
N SER E 204 -4.48 -12.57 -85.02
CA SER E 204 -4.68 -13.65 -84.06
C SER E 204 -5.01 -13.07 -82.69
N THR E 205 -5.57 -13.92 -81.84
CA THR E 205 -5.90 -13.53 -80.47
C THR E 205 -4.66 -13.66 -79.59
N PRO E 206 -4.64 -12.95 -78.46
CA PRO E 206 -3.48 -13.01 -77.55
C PRO E 206 -3.40 -14.30 -76.75
N GLY E 207 -2.49 -15.18 -77.17
CA GLY E 207 -2.25 -16.40 -76.40
C GLY E 207 -2.08 -17.58 -77.33
N LEU E 208 -2.43 -17.40 -78.60
CA LEU E 208 -2.42 -18.55 -79.54
C LEU E 208 -1.58 -18.19 -80.78
N ASN E 209 -0.85 -19.17 -81.33
CA ASN E 209 -0.08 -18.97 -82.59
C ASN E 209 1.21 -18.21 -82.30
N GLY E 210 1.50 -17.95 -81.03
CA GLY E 210 2.74 -17.26 -80.66
C GLY E 210 2.47 -15.84 -80.21
N ALA E 211 1.37 -15.24 -80.67
CA ALA E 211 1.07 -13.87 -80.31
C ALA E 211 1.18 -13.71 -78.80
N GLY E 212 1.56 -12.51 -78.37
CA GLY E 212 1.83 -12.27 -76.96
C GLY E 212 0.55 -12.06 -76.15
N LEU E 213 0.75 -11.98 -74.84
CA LEU E 213 -0.34 -11.72 -73.90
C LEU E 213 -0.41 -10.25 -73.58
N LEU E 214 -1.61 -9.78 -73.26
CA LEU E 214 -1.85 -8.36 -72.97
C LEU E 214 -1.96 -8.17 -71.46
N TYR E 215 -1.21 -7.19 -70.95
CA TYR E 215 -1.30 -6.79 -69.55
C TYR E 215 -1.90 -5.39 -69.45
N GLN E 216 -2.94 -5.26 -68.65
CA GLN E 216 -3.62 -3.99 -68.46
C GLN E 216 -2.95 -3.20 -67.35
N GLY E 217 -2.79 -1.89 -67.59
CA GLY E 217 -2.15 -1.03 -66.63
C GLY E 217 -0.64 -0.92 -66.76
N TYR E 218 -0.04 -1.61 -67.72
CA TYR E 218 1.41 -1.57 -67.93
C TYR E 218 1.71 -1.04 -69.33
N VAL E 219 2.89 -0.45 -69.47
CA VAL E 219 3.38 0.03 -70.76
C VAL E 219 4.75 -0.59 -71.01
N GLU E 220 5.03 -0.86 -72.29
CA GLU E 220 6.30 -1.46 -72.68
C GLU E 220 7.30 -0.35 -72.97
N THR E 221 8.31 -0.21 -72.13
CA THR E 221 9.32 0.83 -72.29
C THR E 221 10.27 0.43 -73.42
N SER E 222 11.11 1.37 -73.83
CA SER E 222 12.09 1.10 -74.87
C SER E 222 13.17 0.15 -74.37
N ASN E 223 13.76 -0.59 -75.29
CA ASN E 223 14.80 -1.56 -74.97
C ASN E 223 16.21 -0.98 -75.07
N VAL E 224 16.34 0.33 -75.26
CA VAL E 224 17.64 0.99 -75.40
C VAL E 224 18.43 0.82 -74.11
N ASN E 225 19.64 0.25 -74.22
CA ASN E 225 20.53 0.08 -73.08
C ASN E 225 21.63 1.13 -73.19
N VAL E 226 21.75 1.97 -72.16
CA VAL E 226 22.52 3.20 -72.29
C VAL E 226 24.02 2.92 -72.36
N ALA E 227 24.51 1.97 -71.56
CA ALA E 227 25.97 1.77 -71.47
C ALA E 227 26.56 1.38 -72.81
N GLU E 228 25.88 0.50 -73.56
CA GLU E 228 26.30 0.18 -74.90
C GLU E 228 26.37 1.42 -75.78
N GLU E 229 25.37 2.31 -75.65
CA GLU E 229 25.39 3.54 -76.44
C GLU E 229 26.56 4.43 -76.07
N LEU E 230 26.91 4.51 -74.79
CA LEU E 230 28.05 5.35 -74.39
C LEU E 230 29.36 4.79 -74.94
N VAL E 231 29.57 3.48 -74.79
CA VAL E 231 30.78 2.87 -75.33
C VAL E 231 30.83 3.04 -76.85
N ASN E 232 29.69 2.92 -77.52
CA ASN E 232 29.65 3.12 -78.95
C ASN E 232 29.91 4.57 -79.34
N MET E 233 29.49 5.53 -78.51
CA MET E 233 29.85 6.92 -78.75
C MET E 233 31.35 7.11 -78.69
N ILE E 234 32.00 6.50 -77.70
CA ILE E 234 33.46 6.57 -77.62
C ILE E 234 34.08 5.97 -78.89
N GLN E 235 33.59 4.80 -79.31
CA GLN E 235 34.08 4.16 -80.52
C GLN E 235 33.92 5.06 -81.73
N VAL E 236 32.74 5.67 -81.90
CA VAL E 236 32.45 6.49 -83.06
C VAL E 236 33.35 7.71 -83.07
N GLN E 237 33.50 8.36 -81.91
CA GLN E 237 34.34 9.54 -81.84
C GLN E 237 35.78 9.21 -82.23
N ARG E 238 36.32 8.13 -81.68
CA ARG E 238 37.71 7.81 -81.97
C ARG E 238 37.92 7.36 -83.41
N ALA E 239 36.99 6.57 -83.97
CA ALA E 239 37.12 6.17 -85.37
C ALA E 239 36.99 7.37 -86.31
N TYR E 240 36.05 8.28 -86.02
CA TYR E 240 35.95 9.51 -86.79
C TYR E 240 37.25 10.31 -86.73
N GLU E 241 37.86 10.37 -85.55
CA GLU E 241 39.10 11.11 -85.38
C GLU E 241 40.23 10.50 -86.19
N ILE E 242 40.32 9.16 -86.19
CA ILE E 242 41.34 8.47 -86.99
C ILE E 242 41.13 8.74 -88.47
N ASN E 243 39.88 8.69 -88.93
CA ASN E 243 39.63 8.90 -90.35
C ASN E 243 39.93 10.34 -90.76
N SER E 244 39.64 11.29 -89.87
CA SER E 244 40.03 12.68 -90.13
C SER E 244 41.54 12.83 -90.20
N LYS E 245 42.28 12.10 -89.35
CA LYS E 245 43.73 12.10 -89.43
C LYS E 245 44.21 11.54 -90.77
N ALA E 246 43.56 10.48 -91.26
CA ALA E 246 43.91 9.95 -92.58
C ALA E 246 43.64 10.97 -93.69
N VAL E 247 42.51 11.68 -93.61
CA VAL E 247 42.21 12.73 -94.58
C VAL E 247 43.29 13.81 -94.54
N SER E 248 43.72 14.19 -93.33
CA SER E 248 44.76 15.20 -93.20
C SER E 248 46.08 14.72 -93.79
N THR E 249 46.42 13.45 -93.59
CA THR E 249 47.64 12.90 -94.17
C THR E 249 47.59 12.94 -95.70
N THR E 250 46.44 12.58 -96.27
CA THR E 250 46.29 12.68 -97.73
C THR E 250 46.43 14.13 -98.19
N ASP E 251 45.87 15.08 -97.43
CA ASP E 251 46.00 16.49 -97.79
C ASP E 251 47.44 16.94 -97.79
N GLN E 252 48.21 16.56 -96.77
CA GLN E 252 49.63 16.92 -96.74
C GLN E 252 50.40 16.27 -97.88
N MET E 253 50.10 15.01 -98.19
CA MET E 253 50.73 14.35 -99.35
C MET E 253 50.47 15.13 -100.63
N LEU E 254 49.20 15.48 -100.88
CA LEU E 254 48.86 16.22 -102.08
C LEU E 254 49.54 17.58 -102.11
N GLN E 255 49.59 18.28 -100.97
CA GLN E 255 50.26 19.57 -100.92
C GLN E 255 51.73 19.44 -101.27
N LYS E 256 52.42 18.44 -100.72
CA LYS E 256 53.81 18.20 -101.07
C LYS E 256 53.96 17.94 -102.56
N LEU E 257 52.98 17.24 -103.15
CA LEU E 257 52.98 17.08 -104.60
C LEU E 257 52.90 18.43 -105.30
N THR E 258 52.03 19.32 -104.82
CA THR E 258 51.86 20.61 -105.50
C THR E 258 53.14 21.46 -105.44
N GLN E 259 53.83 21.48 -104.30
CA GLN E 259 55.00 22.35 -104.20
C GLN E 259 56.08 21.94 -105.18
N LEU E 260 56.48 20.67 -105.17
CA LEU E 260 57.62 20.18 -105.96
C LEU E 260 58.85 21.07 -105.78
N MET F 1 60.83 3.43 -92.55
CA MET F 1 61.81 4.15 -93.36
C MET F 1 62.95 4.66 -92.49
N ILE F 2 62.66 4.84 -91.20
CA ILE F 2 63.65 5.27 -90.21
C ILE F 2 63.54 4.34 -89.01
N SER F 3 64.70 4.04 -88.40
CA SER F 3 64.76 2.97 -87.41
C SER F 3 63.99 3.30 -86.14
N SER F 4 64.13 4.54 -85.65
CA SER F 4 63.53 4.95 -84.40
C SER F 4 62.01 4.81 -84.45
N LEU F 5 61.44 5.07 -85.63
CA LEU F 5 60.00 4.93 -85.79
C LEU F 5 59.54 3.47 -85.68
N TRP F 6 60.29 2.53 -86.26
CA TRP F 6 59.97 1.13 -86.06
C TRP F 6 60.10 0.72 -84.59
N ILE F 7 61.16 1.18 -83.91
CA ILE F 7 61.33 0.84 -82.50
C ILE F 7 60.16 1.37 -81.67
N ALA F 8 59.78 2.62 -81.89
CA ALA F 8 58.67 3.20 -81.13
C ALA F 8 57.34 2.54 -81.49
N LYS F 9 57.18 2.11 -82.73
CA LYS F 9 55.98 1.37 -83.11
C LYS F 9 55.91 0.04 -82.36
N THR F 10 57.02 -0.66 -82.26
CA THR F 10 57.05 -1.91 -81.49
C THR F 10 56.72 -1.65 -80.03
N GLY F 11 57.25 -0.56 -79.47
CA GLY F 11 56.92 -0.21 -78.09
C GLY F 11 55.43 0.06 -77.91
N LEU F 12 54.83 0.79 -78.85
CA LEU F 12 53.40 1.07 -78.80
C LEU F 12 52.58 -0.23 -78.86
N ASP F 13 52.97 -1.14 -79.75
CA ASP F 13 52.26 -2.41 -79.85
C ASP F 13 52.37 -3.22 -78.57
N ALA F 14 53.56 -3.24 -77.97
CA ALA F 14 53.73 -3.97 -76.71
C ALA F 14 52.86 -3.38 -75.61
N GLN F 15 52.82 -2.04 -75.52
CA GLN F 15 51.98 -1.42 -74.49
C GLN F 15 50.50 -1.67 -74.74
N GLN F 16 50.07 -1.68 -76.02
CA GLN F 16 48.70 -2.02 -76.33
C GLN F 16 48.38 -3.47 -75.93
N THR F 17 49.34 -4.38 -76.14
CA THR F 17 49.15 -5.76 -75.71
C THR F 17 49.00 -5.85 -74.19
N ASN F 18 49.83 -5.10 -73.47
CA ASN F 18 49.72 -5.07 -72.01
C ASN F 18 48.36 -4.55 -71.56
N MET F 19 47.87 -3.48 -72.21
CA MET F 19 46.54 -2.97 -71.89
C MET F 19 45.45 -3.98 -72.23
N ASP F 20 45.60 -4.71 -73.33
CA ASP F 20 44.63 -5.75 -73.67
C ASP F 20 44.59 -6.84 -72.61
N VAL F 21 45.76 -7.26 -72.13
CA VAL F 21 45.81 -8.25 -71.07
C VAL F 21 45.15 -7.72 -69.80
N ILE F 22 45.40 -6.45 -69.46
CA ILE F 22 44.80 -5.86 -68.27
C ILE F 22 43.27 -5.83 -68.40
N ALA F 23 42.78 -5.42 -69.58
CA ALA F 23 41.34 -5.36 -69.79
C ALA F 23 40.71 -6.74 -69.73
N ASN F 24 41.38 -7.75 -70.28
CA ASN F 24 40.88 -9.12 -70.19
C ASN F 24 40.82 -9.58 -68.75
N ASN F 25 41.84 -9.26 -67.95
CA ASN F 25 41.83 -9.63 -66.54
C ASN F 25 40.69 -8.95 -65.81
N LEU F 26 40.45 -7.67 -66.08
CA LEU F 26 39.39 -6.95 -65.39
C LEU F 26 38.00 -7.35 -65.86
N ALA F 27 37.87 -7.84 -67.09
CA ALA F 27 36.57 -8.25 -67.59
C ALA F 27 36.09 -9.56 -66.99
N ASN F 28 37.00 -10.37 -66.44
CA ASN F 28 36.67 -11.68 -65.89
C ASN F 28 36.70 -11.70 -64.36
N VAL F 29 36.39 -10.58 -63.71
CA VAL F 29 36.39 -10.52 -62.26
C VAL F 29 35.35 -11.43 -61.66
N SER F 30 34.13 -11.46 -62.21
CA SER F 30 33.04 -12.25 -61.66
C SER F 30 33.08 -13.70 -62.13
N THR F 31 34.02 -14.07 -63.01
CA THR F 31 34.10 -15.44 -63.47
C THR F 31 34.68 -16.33 -62.38
N ASN F 32 34.02 -17.46 -62.13
CA ASN F 32 34.48 -18.42 -61.15
C ASN F 32 35.54 -19.33 -61.77
N GLY F 33 36.58 -19.63 -61.00
CA GLY F 33 37.67 -20.44 -61.49
C GLY F 33 38.46 -19.78 -62.59
N PHE F 34 38.71 -18.48 -62.45
CA PHE F 34 39.50 -17.71 -63.40
C PHE F 34 40.84 -17.36 -62.80
N LYS F 35 41.88 -17.41 -63.64
CA LYS F 35 43.24 -17.06 -63.23
C LYS F 35 43.72 -15.88 -64.05
N ARG F 36 44.26 -14.87 -63.37
CA ARG F 36 44.69 -13.64 -64.02
C ARG F 36 45.96 -13.89 -64.82
N GLN F 37 46.12 -13.15 -65.91
CA GLN F 37 47.26 -13.35 -66.80
C GLN F 37 48.22 -12.17 -66.74
N ARG F 38 49.51 -12.45 -66.89
CA ARG F 38 50.53 -11.42 -66.91
C ARG F 38 51.47 -11.66 -68.09
N ALA F 39 51.69 -10.61 -68.89
CA ALA F 39 52.52 -10.69 -70.09
C ALA F 39 53.96 -10.32 -69.75
N VAL F 40 54.91 -10.98 -70.42
CA VAL F 40 56.34 -10.75 -70.22
C VAL F 40 56.94 -10.40 -71.58
N PHE F 41 57.74 -9.34 -71.61
CA PHE F 41 58.32 -8.83 -72.84
C PHE F 41 59.81 -9.15 -72.92
N GLU F 42 60.31 -9.19 -74.15
CA GLU F 42 61.75 -9.28 -74.39
C GLU F 42 62.13 -8.24 -75.43
N ASP F 43 63.42 -7.88 -75.42
CA ASP F 43 63.95 -6.98 -76.47
C ASP F 43 64.10 -7.78 -77.77
N LEU F 44 64.30 -7.11 -78.91
CA LEU F 44 64.34 -7.81 -80.22
C LEU F 44 65.69 -7.62 -80.91
N LEU F 45 66.52 -8.66 -80.97
CA LEU F 45 67.80 -8.59 -81.74
C LEU F 45 68.71 -7.49 -81.22
N TYR F 46 69.79 -7.20 -81.95
CA TYR F 46 70.74 -6.11 -81.57
C TYR F 46 71.69 -5.87 -82.74
N GLN F 47 71.68 -4.67 -83.34
CA GLN F 47 72.56 -4.51 -84.50
C GLN F 47 74.02 -4.57 -84.08
N THR F 48 74.81 -5.35 -84.81
CA THR F 48 76.18 -5.61 -84.42
C THR F 48 77.09 -4.38 -84.57
N ILE F 49 77.13 -3.79 -85.76
CA ILE F 49 78.05 -2.71 -86.10
C ILE F 49 79.45 -3.12 -85.63
N ARG F 50 79.94 -2.52 -84.54
CA ARG F 50 81.32 -2.80 -84.05
C ARG F 50 81.35 -3.94 -83.02
N GLN F 51 81.92 -5.10 -83.36
CA GLN F 51 81.93 -6.26 -82.48
C GLN F 51 82.69 -5.93 -81.21
N PRO F 52 82.05 -5.93 -80.05
CA PRO F 52 82.78 -5.68 -78.80
C PRO F 52 83.78 -6.78 -78.53
N GLY F 53 84.89 -6.41 -77.90
CA GLY F 53 85.94 -7.37 -77.61
C GLY F 53 86.93 -7.49 -78.73
N ALA F 54 86.65 -6.81 -79.85
CA ALA F 54 87.60 -6.82 -80.98
C ALA F 54 88.90 -6.14 -80.56
N GLN F 55 89.98 -6.32 -81.32
CA GLN F 55 91.25 -5.62 -81.00
C GLN F 55 91.09 -4.12 -81.33
N SER F 56 90.94 -3.26 -80.31
CA SER F 56 90.89 -1.81 -80.59
C SER F 56 92.26 -1.38 -81.14
N SER F 57 93.34 -1.93 -80.58
CA SER F 57 94.71 -1.66 -81.07
C SER F 57 95.55 -2.90 -80.82
N GLU F 58 96.74 -3.02 -81.40
CA GLU F 58 97.51 -4.29 -81.30
C GLU F 58 97.51 -4.85 -79.88
N GLN F 59 97.56 -4.02 -78.85
CA GLN F 59 97.64 -4.62 -77.49
C GLN F 59 96.35 -4.38 -76.72
N THR F 60 95.39 -3.65 -77.30
CA THR F 60 94.21 -3.34 -76.51
C THR F 60 92.96 -3.77 -77.27
N THR F 61 91.87 -3.98 -76.53
CA THR F 61 90.61 -4.41 -77.08
C THR F 61 89.53 -3.37 -76.81
N LEU F 62 88.46 -3.44 -77.59
CA LEU F 62 87.32 -2.53 -77.45
C LEU F 62 86.42 -3.01 -76.31
N PRO F 63 86.25 -2.22 -75.25
CA PRO F 63 85.34 -2.61 -74.17
C PRO F 63 83.93 -2.14 -74.47
N SER F 64 83.00 -3.09 -74.60
CA SER F 64 81.58 -2.78 -74.78
C SER F 64 81.34 -1.90 -76.00
N GLY F 65 81.55 -2.44 -77.20
CA GLY F 65 81.45 -1.65 -78.41
C GLY F 65 80.05 -1.17 -78.74
N LEU F 66 79.82 -0.83 -80.01
CA LEU F 66 78.61 -0.12 -80.44
C LEU F 66 77.55 -1.13 -80.85
N GLN F 67 76.57 -1.34 -79.98
CA GLN F 67 75.42 -2.18 -80.27
C GLN F 67 74.17 -1.30 -80.32
N ILE F 68 73.43 -1.41 -81.42
CA ILE F 68 72.20 -0.65 -81.62
C ILE F 68 71.03 -1.62 -81.52
N GLY F 69 70.12 -1.35 -80.58
CA GLY F 69 69.02 -2.26 -80.35
C GLY F 69 67.78 -1.92 -81.15
N THR F 70 66.97 -2.95 -81.40
CA THR F 70 65.67 -2.81 -82.03
C THR F 70 64.62 -2.65 -80.92
N GLY F 71 63.33 -2.75 -81.20
CA GLY F 71 62.30 -2.49 -80.21
C GLY F 71 62.13 -3.63 -79.21
N VAL F 72 60.87 -3.89 -78.89
CA VAL F 72 60.51 -4.89 -77.89
C VAL F 72 59.40 -5.78 -78.45
N ARG F 73 59.27 -6.96 -77.86
CA ARG F 73 58.27 -7.94 -78.36
C ARG F 73 57.84 -8.80 -77.17
N PRO F 74 56.54 -9.15 -77.05
CA PRO F 74 56.08 -9.95 -75.91
C PRO F 74 56.44 -11.41 -76.09
N VAL F 75 57.02 -12.00 -75.04
CA VAL F 75 57.40 -13.41 -75.07
C VAL F 75 56.16 -14.26 -74.90
N ALA F 76 55.47 -14.12 -73.77
CA ALA F 76 54.38 -15.00 -73.41
C ALA F 76 53.55 -14.38 -72.30
N THR F 77 52.32 -14.85 -72.18
CA THR F 77 51.44 -14.50 -71.07
C THR F 77 51.30 -15.70 -70.14
N GLU F 78 51.79 -15.56 -68.92
CA GLU F 78 51.74 -16.62 -67.93
C GLU F 78 50.55 -16.40 -67.01
N ARG F 79 49.84 -17.48 -66.71
CA ARG F 79 48.77 -17.41 -65.73
C ARG F 79 49.35 -17.48 -64.32
N LEU F 80 48.58 -17.01 -63.35
CA LEU F 80 48.94 -17.13 -61.94
C LEU F 80 48.00 -18.16 -61.33
N HIS F 81 48.45 -19.40 -61.26
CA HIS F 81 47.63 -20.50 -60.73
C HIS F 81 47.72 -20.48 -59.22
N SER F 82 46.88 -19.67 -58.58
CA SER F 82 46.81 -19.58 -57.14
C SER F 82 45.36 -19.69 -56.71
N GLN F 83 45.16 -20.24 -55.51
CA GLN F 83 43.79 -20.50 -55.02
C GLN F 83 42.98 -19.21 -54.95
N GLY F 84 42.02 -19.03 -55.85
CA GLY F 84 41.15 -17.85 -55.77
C GLY F 84 40.31 -17.94 -54.50
N ASN F 85 40.00 -16.80 -53.89
CA ASN F 85 39.25 -16.82 -52.61
C ASN F 85 37.92 -17.57 -52.80
N LEU F 86 37.50 -18.34 -51.80
CA LEU F 86 36.27 -19.16 -51.92
C LEU F 86 35.04 -18.32 -51.59
N SER F 87 33.86 -18.79 -52.00
CA SER F 87 32.59 -18.06 -51.71
C SER F 87 31.48 -19.08 -51.46
N GLN F 88 30.62 -18.84 -50.47
CA GLN F 88 29.56 -19.77 -50.10
C GLN F 88 28.29 -19.39 -50.85
N THR F 89 27.84 -20.27 -51.75
CA THR F 89 26.64 -20.03 -52.55
C THR F 89 25.51 -20.92 -52.03
N ASN F 90 25.85 -21.71 -51.01
CA ASN F 90 24.89 -22.60 -50.34
C ASN F 90 24.14 -23.48 -51.33
N ASN F 91 24.85 -24.08 -52.28
CA ASN F 91 24.24 -24.94 -53.29
C ASN F 91 24.87 -26.32 -53.22
N SER F 92 24.03 -27.36 -53.23
CA SER F 92 24.53 -28.72 -53.10
C SER F 92 25.34 -29.17 -54.30
N LYS F 93 25.28 -28.44 -55.42
CA LYS F 93 25.95 -28.86 -56.64
C LYS F 93 27.19 -28.03 -56.96
N ASP F 94 27.39 -26.90 -56.29
CA ASP F 94 28.59 -26.10 -56.49
C ASP F 94 29.75 -26.73 -55.74
N VAL F 95 30.88 -26.91 -56.42
CA VAL F 95 32.06 -27.55 -55.85
C VAL F 95 33.26 -26.64 -56.09
N ALA F 96 34.08 -26.46 -55.05
CA ALA F 96 35.29 -25.67 -55.14
C ALA F 96 36.50 -26.52 -54.81
N ILE F 97 37.64 -26.14 -55.37
CA ILE F 97 38.89 -26.86 -55.16
C ILE F 97 39.77 -26.03 -54.24
N LYS F 98 40.31 -26.69 -53.21
CA LYS F 98 41.21 -26.05 -52.27
C LYS F 98 42.67 -26.15 -52.67
N GLY F 99 43.04 -27.10 -53.53
CA GLY F 99 44.43 -27.31 -53.87
C GLY F 99 44.84 -26.96 -55.28
N GLN F 100 45.19 -27.98 -56.08
CA GLN F 100 45.90 -27.75 -57.33
C GLN F 100 45.39 -28.69 -58.43
N GLY F 101 44.16 -29.17 -58.29
CA GLY F 101 43.59 -30.12 -59.23
C GLY F 101 42.62 -29.46 -60.19
N PHE F 102 42.18 -30.26 -61.17
CA PHE F 102 41.23 -29.83 -62.18
C PHE F 102 40.15 -30.90 -62.37
N PHE F 103 38.97 -30.44 -62.77
CA PHE F 103 37.90 -31.33 -63.19
C PHE F 103 38.06 -31.64 -64.68
N GLN F 104 37.65 -32.85 -65.06
CA GLN F 104 37.74 -33.31 -66.44
C GLN F 104 36.35 -33.39 -67.06
N VAL F 105 36.19 -32.82 -68.25
CA VAL F 105 34.94 -32.85 -68.98
C VAL F 105 35.21 -33.38 -70.38
N MET F 106 34.15 -33.85 -71.03
CA MET F 106 34.23 -34.33 -72.40
C MET F 106 33.55 -33.34 -73.33
N LEU F 107 34.29 -32.87 -74.32
CA LEU F 107 33.71 -32.05 -75.37
C LEU F 107 32.85 -32.92 -76.29
N PRO F 108 31.91 -32.31 -77.02
CA PRO F 108 31.10 -33.10 -77.96
C PRO F 108 31.93 -33.83 -78.99
N ASP F 109 33.11 -33.32 -79.33
CA ASP F 109 34.01 -33.94 -80.30
C ASP F 109 34.60 -35.26 -79.80
N GLY F 110 34.46 -35.59 -78.52
CA GLY F 110 35.03 -36.78 -77.95
C GLY F 110 36.32 -36.57 -77.18
N THR F 111 36.98 -35.43 -77.38
CA THR F 111 38.20 -35.12 -76.66
C THR F 111 37.88 -34.70 -75.22
N SER F 112 38.92 -34.64 -74.40
CA SER F 112 38.78 -34.31 -72.99
C SER F 112 39.40 -32.94 -72.71
N ALA F 113 38.63 -32.08 -72.06
CA ALA F 113 39.09 -30.77 -71.63
C ALA F 113 39.09 -30.73 -70.11
N TYR F 114 39.74 -29.70 -69.56
CA TYR F 114 39.90 -29.59 -68.11
C TYR F 114 39.46 -28.21 -67.67
N THR F 115 38.62 -28.16 -66.63
CA THR F 115 38.10 -26.92 -66.08
C THR F 115 38.21 -26.94 -64.57
N ARG F 116 38.50 -25.79 -63.99
CA ARG F 116 38.58 -25.63 -62.55
C ARG F 116 37.26 -25.13 -61.95
N ASP F 117 36.44 -24.45 -62.76
CA ASP F 117 35.14 -23.98 -62.31
C ASP F 117 34.28 -25.17 -61.91
N GLY F 118 33.62 -25.05 -60.76
CA GLY F 118 32.79 -26.12 -60.24
C GLY F 118 31.31 -25.86 -60.20
N SER F 119 30.81 -24.84 -60.88
CA SER F 119 29.38 -24.60 -60.95
C SER F 119 28.74 -25.67 -61.82
N PHE F 120 28.18 -26.70 -61.18
CA PHE F 120 27.64 -27.86 -61.88
C PHE F 120 26.11 -27.85 -61.83
N GLN F 121 25.50 -28.42 -62.86
CA GLN F 121 24.07 -28.68 -62.91
C GLN F 121 23.85 -30.14 -63.28
N VAL F 122 22.57 -30.52 -63.35
CA VAL F 122 22.18 -31.85 -63.78
C VAL F 122 21.33 -31.72 -65.04
N ASP F 123 21.56 -32.59 -66.01
CA ASP F 123 20.84 -32.54 -67.27
C ASP F 123 19.52 -33.31 -67.12
N GLN F 124 18.80 -33.46 -68.24
CA GLN F 124 17.53 -34.17 -68.20
C GLN F 124 17.72 -35.66 -67.97
N ASN F 125 18.89 -36.20 -68.32
CA ASN F 125 19.15 -37.61 -68.14
C ASN F 125 19.75 -37.96 -66.78
N GLY F 126 20.10 -36.96 -65.98
CA GLY F 126 20.58 -37.19 -64.63
C GLY F 126 22.08 -37.19 -64.45
N GLN F 127 22.85 -36.81 -65.47
CA GLN F 127 24.30 -36.76 -65.32
C GLN F 127 24.77 -35.37 -64.94
N LEU F 128 25.86 -35.33 -64.17
CA LEU F 128 26.41 -34.05 -63.71
C LEU F 128 27.17 -33.38 -64.85
N VAL F 129 26.73 -32.19 -65.24
CA VAL F 129 27.35 -31.44 -66.33
C VAL F 129 27.73 -30.06 -65.82
N THR F 130 28.53 -29.36 -66.62
CA THR F 130 28.90 -27.99 -66.31
C THR F 130 27.83 -27.02 -66.83
N ALA F 131 28.08 -25.73 -66.64
CA ALA F 131 27.15 -24.71 -67.09
C ALA F 131 27.00 -24.68 -68.62
N GLY F 132 28.01 -25.12 -69.35
CA GLY F 132 27.94 -25.15 -70.80
C GLY F 132 27.35 -26.43 -71.34
N GLY F 133 26.91 -27.31 -70.46
CA GLY F 133 26.33 -28.57 -70.86
C GLY F 133 27.32 -29.69 -71.11
N PHE F 134 28.60 -29.48 -70.84
CA PHE F 134 29.59 -30.52 -71.04
C PHE F 134 29.58 -31.51 -69.89
N GLN F 135 29.64 -32.79 -70.22
CA GLN F 135 29.52 -33.85 -69.23
C GLN F 135 30.84 -34.04 -68.49
N VAL F 136 30.77 -33.83 -67.16
CA VAL F 136 31.97 -33.91 -66.28
C VAL F 136 32.33 -35.38 -66.07
N GLN F 137 33.58 -35.75 -66.40
CA GLN F 137 34.15 -37.05 -66.00
C GLN F 137 34.35 -37.06 -64.48
N PRO F 138 34.34 -38.22 -63.80
CA PRO F 138 33.82 -39.47 -64.34
C PRO F 138 32.29 -39.62 -64.21
N ALA F 139 31.53 -38.86 -65.00
CA ALA F 139 30.16 -39.24 -65.42
C ALA F 139 29.36 -39.75 -64.21
N ILE F 140 29.18 -38.90 -63.19
CA ILE F 140 28.38 -39.30 -62.00
C ILE F 140 26.89 -39.18 -62.35
N THR F 141 26.16 -40.30 -62.27
CA THR F 141 24.75 -40.34 -62.63
C THR F 141 23.90 -40.16 -61.37
N ILE F 142 23.12 -39.08 -61.33
CA ILE F 142 22.23 -38.75 -60.23
C ILE F 142 20.87 -39.37 -60.53
N PRO F 143 20.30 -40.20 -59.65
CA PRO F 143 19.03 -40.84 -59.98
C PRO F 143 17.82 -39.93 -59.80
N ALA F 144 16.66 -40.41 -60.27
CA ALA F 144 15.49 -39.57 -60.42
C ALA F 144 15.01 -38.96 -59.11
N ASN F 145 14.80 -39.81 -58.10
CA ASN F 145 14.23 -39.38 -56.84
C ASN F 145 15.29 -39.09 -55.78
N ALA F 146 16.18 -38.14 -56.05
CA ALA F 146 17.20 -37.77 -55.08
C ALA F 146 16.67 -36.71 -54.12
N LEU F 147 17.04 -36.86 -52.85
CA LEU F 147 16.67 -35.87 -51.84
C LEU F 147 17.81 -34.91 -51.51
N SER F 148 19.03 -35.41 -51.43
CA SER F 148 20.21 -34.58 -51.17
C SER F 148 21.42 -35.25 -51.79
N ILE F 149 22.30 -34.43 -52.35
CA ILE F 149 23.55 -34.90 -52.95
C ILE F 149 24.70 -34.42 -52.07
N THR F 150 25.51 -35.36 -51.61
CA THR F 150 26.63 -35.06 -50.70
C THR F 150 27.93 -35.36 -51.43
N ILE F 151 28.79 -34.36 -51.55
CA ILE F 151 30.12 -34.53 -52.14
C ILE F 151 31.14 -34.26 -51.05
N GLY F 152 31.89 -35.29 -50.66
CA GLY F 152 32.82 -35.21 -49.56
C GLY F 152 34.14 -34.59 -49.96
N ARG F 153 35.07 -34.57 -48.99
CA ARG F 153 36.38 -34.00 -49.22
C ARG F 153 37.23 -34.85 -50.15
N ASP F 154 36.99 -36.16 -50.22
CA ASP F 154 37.79 -37.06 -51.04
C ASP F 154 37.13 -37.40 -52.37
N GLY F 155 36.02 -36.75 -52.72
CA GLY F 155 35.46 -36.89 -54.06
C GLY F 155 34.36 -37.91 -54.22
N VAL F 156 33.78 -38.40 -53.12
CA VAL F 156 32.71 -39.38 -53.23
C VAL F 156 31.37 -38.64 -53.33
N VAL F 157 30.58 -38.98 -54.35
CA VAL F 157 29.26 -38.38 -54.53
C VAL F 157 28.22 -39.40 -54.09
N SER F 158 27.45 -39.03 -53.06
CA SER F 158 26.45 -39.92 -52.49
C SER F 158 25.07 -39.28 -52.57
N VAL F 159 24.06 -40.14 -52.74
CA VAL F 159 22.67 -39.72 -52.85
C VAL F 159 21.87 -40.43 -51.76
N THR F 160 21.12 -39.66 -50.98
CA THR F 160 20.28 -40.20 -49.92
C THR F 160 18.85 -40.31 -50.43
N GLN F 161 18.37 -41.53 -50.61
CA GLN F 161 17.02 -41.76 -51.07
C GLN F 161 16.04 -41.79 -49.90
N GLN F 162 14.76 -41.83 -50.23
CA GLN F 162 13.71 -41.73 -49.22
C GLN F 162 13.60 -43.03 -48.42
N GLY F 163 13.57 -42.89 -47.10
CA GLY F 163 13.31 -44.01 -46.21
C GLY F 163 14.49 -44.93 -45.96
N GLN F 164 15.62 -44.61 -46.61
CA GLN F 164 16.87 -45.40 -46.43
C GLN F 164 17.85 -44.58 -45.58
N ALA F 165 18.30 -45.13 -44.45
CA ALA F 165 19.18 -44.41 -43.55
C ALA F 165 20.62 -44.37 -44.07
N ALA F 166 20.92 -45.17 -45.09
CA ALA F 166 22.25 -45.22 -45.66
C ALA F 166 22.25 -44.50 -47.01
N PRO F 167 23.33 -43.80 -47.32
CA PRO F 167 23.41 -43.11 -48.61
C PRO F 167 24.00 -43.99 -49.70
N VAL F 168 23.47 -43.81 -50.91
CA VAL F 168 23.84 -44.61 -52.06
C VAL F 168 24.91 -43.87 -52.85
N GLN F 169 26.08 -44.49 -53.00
CA GLN F 169 27.18 -43.91 -53.75
C GLN F 169 26.91 -44.08 -55.24
N VAL F 170 27.07 -42.99 -56.00
CA VAL F 170 26.73 -42.96 -57.41
C VAL F 170 27.87 -42.51 -58.29
N GLY F 171 29.06 -42.37 -57.73
CA GLY F 171 30.21 -41.97 -58.54
C GLY F 171 31.40 -41.66 -57.65
N GLN F 172 32.45 -41.16 -58.29
CA GLN F 172 33.68 -40.81 -57.60
C GLN F 172 34.36 -39.69 -58.39
N LEU F 173 34.39 -38.50 -57.81
CA LEU F 173 34.95 -37.32 -58.49
C LEU F 173 36.45 -37.26 -58.27
N ASN F 174 37.22 -37.40 -59.34
CA ASN F 174 38.68 -37.34 -59.30
C ASN F 174 39.17 -36.01 -59.85
N LEU F 175 40.44 -35.70 -59.55
CA LEU F 175 41.06 -34.47 -60.03
C LEU F 175 42.31 -34.80 -60.84
N THR F 176 42.52 -34.05 -61.90
CA THR F 176 43.67 -34.23 -62.77
C THR F 176 44.70 -33.16 -62.50
N THR F 177 45.95 -33.57 -62.29
CA THR F 177 47.05 -32.67 -62.00
C THR F 177 48.10 -32.78 -63.10
N PHE F 178 48.70 -31.65 -63.44
CA PHE F 178 49.71 -31.55 -64.49
C PHE F 178 51.05 -31.15 -63.90
N MET F 179 52.13 -31.58 -64.57
CA MET F 179 53.46 -31.15 -64.17
C MET F 179 53.65 -29.66 -64.40
N ASN F 180 53.26 -29.17 -65.56
CA ASN F 180 53.26 -27.74 -65.87
C ASN F 180 51.82 -27.28 -66.00
N ASP F 181 51.33 -26.59 -64.97
CA ASP F 181 49.95 -26.14 -64.94
C ASP F 181 49.70 -24.92 -65.83
N THR F 182 50.73 -24.09 -66.05
CA THR F 182 50.55 -22.88 -66.84
C THR F 182 50.61 -23.17 -68.33
N GLY F 183 51.08 -24.35 -68.73
CA GLY F 183 51.23 -24.68 -70.13
C GLY F 183 49.98 -25.12 -70.85
N LEU F 184 48.85 -25.21 -70.14
CA LEU F 184 47.60 -25.63 -70.76
C LEU F 184 47.12 -24.58 -71.76
N GLU F 185 46.47 -25.04 -72.83
CA GLU F 185 45.92 -24.12 -73.81
C GLU F 185 44.48 -23.77 -73.42
N SER F 186 44.24 -22.50 -73.12
CA SER F 186 42.89 -22.05 -72.77
C SER F 186 42.08 -21.85 -74.04
N ILE F 187 40.96 -22.57 -74.16
CA ILE F 187 40.08 -22.42 -75.31
C ILE F 187 38.92 -21.49 -75.02
N GLY F 188 38.94 -20.76 -73.92
CA GLY F 188 37.76 -20.07 -73.45
C GLY F 188 36.78 -21.02 -72.79
N GLU F 189 35.63 -20.46 -72.39
CA GLU F 189 34.58 -21.22 -71.74
C GLU F 189 35.09 -21.89 -70.46
N ASN F 190 36.07 -21.24 -69.82
CA ASN F 190 36.69 -21.75 -68.59
C ASN F 190 37.33 -23.12 -68.80
N LEU F 191 37.79 -23.41 -70.01
CA LEU F 191 38.30 -24.72 -70.36
C LEU F 191 39.76 -24.64 -70.81
N TYR F 192 40.58 -25.55 -70.28
CA TYR F 192 41.97 -25.71 -70.66
C TYR F 192 42.18 -27.12 -71.21
N ILE F 193 42.98 -27.22 -72.27
CA ILE F 193 43.31 -28.51 -72.87
C ILE F 193 44.80 -28.75 -72.73
N GLU F 194 45.16 -30.03 -72.76
CA GLU F 194 46.55 -30.45 -72.61
C GLU F 194 47.36 -30.12 -73.86
N THR F 195 48.55 -29.56 -73.65
CA THR F 195 49.52 -29.41 -74.72
C THR F 195 50.77 -30.22 -74.39
N GLN F 196 51.74 -30.25 -75.29
CA GLN F 196 52.98 -30.97 -75.02
C GLN F 196 53.87 -30.24 -74.01
N SER F 197 53.60 -28.96 -73.74
CA SER F 197 54.35 -28.24 -72.73
C SER F 197 53.70 -28.35 -71.35
N SER F 198 52.53 -28.98 -71.26
CA SER F 198 51.83 -29.12 -69.99
C SER F 198 51.93 -30.55 -69.47
N GLY F 199 52.92 -31.29 -69.93
CA GLY F 199 53.11 -32.65 -69.45
C GLY F 199 51.96 -33.55 -69.84
N ALA F 200 51.60 -34.45 -68.94
CA ALA F 200 50.54 -35.41 -69.16
C ALA F 200 49.55 -35.34 -68.01
N PRO F 201 48.27 -35.64 -68.26
CA PRO F 201 47.27 -35.55 -67.19
C PRO F 201 47.37 -36.71 -66.21
N ASN F 202 47.70 -36.40 -64.96
CA ASN F 202 47.80 -37.42 -63.93
C ASN F 202 46.53 -37.40 -63.08
N GLU F 203 45.71 -38.45 -63.20
CA GLU F 203 44.51 -38.56 -62.40
C GLU F 203 44.87 -38.93 -60.96
N SER F 204 44.14 -38.36 -60.01
CA SER F 204 44.40 -38.60 -58.61
C SER F 204 43.15 -38.31 -57.80
N THR F 205 43.10 -38.89 -56.60
CA THR F 205 41.98 -38.68 -55.70
C THR F 205 42.12 -37.34 -54.99
N PRO F 206 41.01 -36.63 -54.77
CA PRO F 206 41.09 -35.30 -54.14
C PRO F 206 41.42 -35.35 -52.66
N GLY F 207 42.71 -35.38 -52.33
CA GLY F 207 43.17 -35.47 -50.95
C GLY F 207 44.45 -36.25 -50.86
N LEU F 208 44.75 -36.98 -51.92
CA LEU F 208 45.97 -37.76 -52.10
C LEU F 208 47.14 -36.88 -52.51
N ASN F 209 48.12 -37.46 -53.20
CA ASN F 209 49.49 -36.98 -53.32
C ASN F 209 49.65 -35.54 -53.78
N GLY F 210 48.56 -34.78 -53.85
CA GLY F 210 48.66 -33.39 -54.23
C GLY F 210 47.47 -32.81 -54.95
N ALA F 211 46.44 -33.62 -55.21
CA ALA F 211 45.16 -33.08 -55.63
C ALA F 211 44.51 -32.33 -54.46
N GLY F 212 43.73 -31.32 -54.78
CA GLY F 212 43.11 -30.51 -53.74
C GLY F 212 41.86 -31.16 -53.16
N LEU F 213 41.38 -30.56 -52.08
CA LEU F 213 40.18 -31.02 -51.40
C LEU F 213 38.95 -30.32 -51.98
N LEU F 214 37.89 -31.10 -52.18
CA LEU F 214 36.65 -30.61 -52.76
C LEU F 214 35.72 -30.12 -51.67
N TYR F 215 35.26 -28.88 -51.79
CA TYR F 215 34.31 -28.28 -50.87
C TYR F 215 32.97 -28.13 -51.56
N GLN F 216 31.92 -28.67 -50.92
CA GLN F 216 30.57 -28.55 -51.44
C GLN F 216 29.91 -27.27 -50.93
N GLY F 217 29.16 -26.62 -51.80
CA GLY F 217 28.57 -25.34 -51.47
C GLY F 217 29.49 -24.15 -51.61
N TYR F 218 30.69 -24.34 -52.14
CA TYR F 218 31.67 -23.28 -52.31
C TYR F 218 32.04 -23.14 -53.78
N VAL F 219 32.35 -21.91 -54.18
CA VAL F 219 32.83 -21.62 -55.52
C VAL F 219 34.13 -20.82 -55.39
N GLU F 220 35.07 -21.13 -56.29
CA GLU F 220 36.36 -20.45 -56.30
C GLU F 220 36.28 -19.25 -57.23
N THR F 221 36.28 -18.05 -56.66
CA THR F 221 36.20 -16.83 -57.45
C THR F 221 37.56 -16.56 -58.10
N SER F 222 37.61 -15.55 -58.96
CA SER F 222 38.85 -15.20 -59.64
C SER F 222 39.84 -14.59 -58.66
N ASN F 223 41.12 -14.72 -58.98
CA ASN F 223 42.21 -14.20 -58.16
C ASN F 223 42.66 -12.82 -58.59
N VAL F 224 41.89 -12.14 -59.44
CA VAL F 224 42.27 -10.82 -59.95
C VAL F 224 42.32 -9.81 -58.81
N ASN F 225 43.46 -9.17 -58.61
CA ASN F 225 43.62 -8.10 -57.64
C ASN F 225 43.42 -6.78 -58.38
N VAL F 226 42.41 -6.02 -57.98
CA VAL F 226 41.93 -4.93 -58.83
C VAL F 226 42.75 -3.66 -58.64
N ALA F 227 43.21 -3.39 -57.41
CA ALA F 227 44.04 -2.22 -57.18
C ALA F 227 45.34 -2.30 -57.97
N GLU F 228 45.94 -3.49 -58.02
CA GLU F 228 47.09 -3.71 -58.89
C GLU F 228 46.75 -3.41 -60.34
N GLU F 229 45.54 -3.79 -60.79
CA GLU F 229 45.14 -3.50 -62.16
C GLU F 229 45.00 -2.00 -62.40
N LEU F 230 44.47 -1.24 -61.43
CA LEU F 230 44.37 0.20 -61.60
C LEU F 230 45.75 0.85 -61.69
N VAL F 231 46.67 0.45 -60.80
CA VAL F 231 48.02 1.01 -60.86
C VAL F 231 48.70 0.63 -62.18
N ASN F 232 48.53 -0.61 -62.63
CA ASN F 232 49.12 -1.02 -63.90
C ASN F 232 48.47 -0.29 -65.08
N MET F 233 47.19 0.06 -64.97
CA MET F 233 46.54 0.86 -66.01
C MET F 233 47.17 2.25 -66.08
N ILE F 234 47.43 2.85 -64.93
CA ILE F 234 48.13 4.13 -64.90
C ILE F 234 49.50 4.00 -65.57
N GLN F 235 50.24 2.95 -65.22
CA GLN F 235 51.57 2.73 -65.79
C GLN F 235 51.50 2.56 -67.30
N VAL F 236 50.54 1.76 -67.78
CA VAL F 236 50.41 1.49 -69.21
C VAL F 236 50.06 2.76 -69.96
N GLN F 237 49.14 3.56 -69.40
CA GLN F 237 48.76 4.82 -70.04
C GLN F 237 49.96 5.74 -70.17
N ARG F 238 50.76 5.87 -69.10
CA ARG F 238 51.92 6.76 -69.18
C ARG F 238 52.96 6.25 -70.17
N ALA F 239 53.19 4.93 -70.21
CA ALA F 239 54.14 4.37 -71.17
C ALA F 239 53.68 4.59 -72.61
N TYR F 240 52.38 4.41 -72.87
CA TYR F 240 51.86 4.67 -74.21
C TYR F 240 52.02 6.15 -74.56
N GLU F 241 51.81 7.04 -73.58
CA GLU F 241 52.08 8.46 -73.79
C GLU F 241 53.49 8.69 -74.28
N ILE F 242 54.47 8.11 -73.56
CA ILE F 242 55.87 8.37 -73.87
C ILE F 242 56.24 7.79 -75.23
N ASN F 243 55.74 6.60 -75.55
CA ASN F 243 56.04 6.02 -76.86
C ASN F 243 55.42 6.85 -77.99
N SER F 244 54.19 7.34 -77.80
CA SER F 244 53.59 8.21 -78.81
C SER F 244 54.39 9.50 -78.96
N LYS F 245 54.93 10.03 -77.86
CA LYS F 245 55.79 11.20 -77.95
C LYS F 245 57.05 10.91 -78.74
N ALA F 246 57.64 9.73 -78.55
CA ALA F 246 58.80 9.35 -79.36
C ALA F 246 58.44 9.31 -80.85
N VAL F 247 57.27 8.75 -81.18
CA VAL F 247 56.83 8.72 -82.57
C VAL F 247 56.69 10.14 -83.11
N SER F 248 56.07 11.04 -82.33
CA SER F 248 55.87 12.40 -82.78
C SER F 248 57.20 13.13 -82.96
N THR F 249 58.15 12.90 -82.06
CA THR F 249 59.47 13.52 -82.21
C THR F 249 60.16 13.05 -83.48
N THR F 250 60.11 11.75 -83.77
CA THR F 250 60.67 11.25 -85.01
C THR F 250 59.97 11.88 -86.22
N ASP F 251 58.65 12.05 -86.14
CA ASP F 251 57.91 12.71 -87.20
C ASP F 251 58.41 14.13 -87.42
N GLN F 252 58.66 14.87 -86.32
CA GLN F 252 59.15 16.24 -86.44
C GLN F 252 60.55 16.29 -87.06
N MET F 253 61.43 15.37 -86.67
CA MET F 253 62.75 15.32 -87.31
C MET F 253 62.63 15.03 -88.80
N LEU F 254 61.86 14.04 -89.23
CA LEU F 254 61.88 13.77 -90.69
C LEU F 254 61.37 15.00 -91.45
N GLN F 255 60.55 15.83 -90.81
CA GLN F 255 59.97 17.00 -91.53
C GLN F 255 61.10 17.93 -91.93
N LYS F 256 62.06 18.13 -91.04
CA LYS F 256 63.12 19.12 -91.35
C LYS F 256 63.96 18.58 -92.51
N LEU F 257 64.15 17.28 -92.55
CA LEU F 257 64.92 16.66 -93.66
C LEU F 257 64.14 16.84 -94.96
N THR F 258 62.82 16.63 -94.92
CA THR F 258 62.02 16.89 -96.14
C THR F 258 62.24 18.34 -96.56
N GLN F 259 62.17 19.28 -95.62
CA GLN F 259 62.29 20.72 -95.97
C GLN F 259 63.66 20.97 -96.61
N LEU F 260 64.71 20.37 -96.07
CA LEU F 260 66.09 20.63 -96.57
C LEU F 260 66.00 21.27 -97.95
N MET G 1 72.47 19.89 -75.03
CA MET G 1 73.05 20.61 -76.16
C MET G 1 73.20 22.10 -75.85
N ILE G 2 72.53 22.54 -74.78
CA ILE G 2 72.55 23.94 -74.38
C ILE G 2 72.52 23.99 -72.86
N SER G 3 73.20 24.99 -72.27
CA SER G 3 73.52 24.96 -70.85
C SER G 3 72.28 24.93 -69.97
N SER G 4 71.30 25.77 -70.29
CA SER G 4 70.09 25.88 -69.46
C SER G 4 69.37 24.54 -69.40
N LEU G 5 69.40 23.79 -70.50
CA LEU G 5 68.78 22.48 -70.54
C LEU G 5 69.49 21.48 -69.63
N TRP G 6 70.83 21.51 -69.58
CA TRP G 6 71.54 20.67 -68.61
C TRP G 6 71.23 21.06 -67.17
N ILE G 7 71.16 22.36 -66.88
CA ILE G 7 70.84 22.79 -65.53
C ILE G 7 69.44 22.32 -65.14
N ALA G 8 68.48 22.45 -66.06
CA ALA G 8 67.13 21.98 -65.78
C ALA G 8 67.09 20.46 -65.64
N LYS G 9 67.92 19.73 -66.39
CA LYS G 9 68.01 18.29 -66.20
C LYS G 9 68.48 17.95 -64.81
N THR G 10 69.50 18.63 -64.30
CA THR G 10 69.86 18.25 -62.93
C THR G 10 68.62 18.49 -62.07
N GLY G 11 67.91 19.60 -62.28
CA GLY G 11 66.78 19.93 -61.39
C GLY G 11 65.73 18.85 -61.35
N LEU G 12 65.24 18.42 -62.51
CA LEU G 12 64.17 17.41 -62.54
C LEU G 12 64.69 16.17 -61.83
N ASP G 13 65.88 15.72 -62.19
CA ASP G 13 66.34 14.43 -61.60
C ASP G 13 66.45 14.57 -60.09
N ALA G 14 66.87 15.72 -59.60
CA ALA G 14 67.07 15.84 -58.14
C ALA G 14 65.71 15.92 -57.45
N GLN G 15 64.75 16.62 -58.03
CA GLN G 15 63.43 16.60 -57.36
C GLN G 15 62.90 15.18 -57.40
N GLN G 16 63.26 14.39 -58.41
CA GLN G 16 62.84 12.98 -58.39
C GLN G 16 63.53 12.27 -57.22
N THR G 17 64.85 12.38 -57.13
CA THR G 17 65.52 11.78 -55.96
C THR G 17 64.73 12.16 -54.72
N ASN G 18 64.33 13.41 -54.59
CA ASN G 18 63.47 13.74 -53.42
C ASN G 18 62.29 12.80 -53.46
N MET G 19 61.59 12.81 -54.59
CA MET G 19 60.39 11.99 -54.67
C MET G 19 60.67 10.53 -54.28
N ASP G 20 61.81 9.97 -54.70
CA ASP G 20 62.17 8.62 -54.26
C ASP G 20 62.34 8.56 -52.75
N VAL G 21 62.97 9.58 -52.16
CA VAL G 21 63.13 9.58 -50.71
C VAL G 21 61.76 9.59 -50.03
N ILE G 22 60.84 10.41 -50.52
CA ILE G 22 59.50 10.48 -49.95
C ILE G 22 58.79 9.15 -50.08
N ALA G 23 58.86 8.53 -51.26
CA ALA G 23 58.18 7.26 -51.48
C ALA G 23 58.77 6.15 -50.62
N ASN G 24 60.09 6.13 -50.46
CA ASN G 24 60.72 5.14 -49.59
C ASN G 24 60.30 5.33 -48.14
N ASN G 25 60.21 6.59 -47.69
CA ASN G 25 59.73 6.84 -46.33
C ASN G 25 58.28 6.37 -46.17
N LEU G 26 57.45 6.60 -47.17
CA LEU G 26 56.04 6.22 -47.08
C LEU G 26 55.84 4.71 -47.12
N ALA G 27 56.59 4.00 -47.97
CA ALA G 27 56.41 2.56 -48.07
C ALA G 27 56.77 1.82 -46.80
N ASN G 28 57.61 2.42 -45.93
CA ASN G 28 58.05 1.78 -44.71
C ASN G 28 57.40 2.37 -43.46
N VAL G 29 56.18 2.88 -43.58
CA VAL G 29 55.46 3.38 -42.42
C VAL G 29 55.17 2.29 -41.41
N SER G 30 54.74 1.11 -41.88
CA SER G 30 54.41 0.00 -41.00
C SER G 30 55.62 -0.81 -40.58
N THR G 31 56.81 -0.49 -41.09
CA THR G 31 58.01 -1.24 -40.75
C THR G 31 58.47 -0.89 -39.34
N ASN G 32 58.72 -1.92 -38.52
CA ASN G 32 59.18 -1.72 -37.16
C ASN G 32 60.65 -1.34 -37.15
N GLY G 33 60.99 -0.35 -36.34
CA GLY G 33 62.36 0.10 -36.20
C GLY G 33 62.92 0.71 -37.47
N PHE G 34 62.11 1.49 -38.17
CA PHE G 34 62.52 2.18 -39.38
C PHE G 34 62.81 3.65 -39.07
N LYS G 35 63.79 4.20 -39.79
CA LYS G 35 64.18 5.59 -39.63
C LYS G 35 64.03 6.31 -40.97
N ARG G 36 63.36 7.46 -40.94
CA ARG G 36 63.05 8.19 -42.17
C ARG G 36 64.30 8.90 -42.70
N GLN G 37 64.34 9.09 -44.02
CA GLN G 37 65.51 9.67 -44.65
C GLN G 37 65.22 11.09 -45.14
N ARG G 38 66.26 11.91 -45.21
CA ARG G 38 66.18 13.24 -45.78
C ARG G 38 67.40 13.50 -46.64
N ALA G 39 67.18 14.01 -47.84
CA ALA G 39 68.26 14.25 -48.80
C ALA G 39 68.73 15.70 -48.70
N VAL G 40 70.03 15.92 -48.92
CA VAL G 40 70.64 17.22 -48.87
C VAL G 40 71.23 17.52 -50.24
N PHE G 41 71.01 18.73 -50.74
CA PHE G 41 71.45 19.13 -52.06
C PHE G 41 72.53 20.20 -51.96
N GLU G 42 73.38 20.27 -52.98
CA GLU G 42 74.43 21.27 -53.05
C GLU G 42 74.46 21.89 -54.44
N ASP G 43 75.12 23.03 -54.55
CA ASP G 43 75.29 23.69 -55.84
C ASP G 43 76.33 22.95 -56.67
N LEU G 44 76.11 22.91 -57.98
CA LEU G 44 77.09 22.39 -58.91
C LEU G 44 78.04 23.52 -59.34
N LEU G 45 78.78 23.29 -60.42
CA LEU G 45 79.90 24.14 -60.79
C LEU G 45 79.46 25.59 -61.00
N TYR G 46 80.44 26.48 -61.01
CA TYR G 46 80.24 27.92 -61.22
C TYR G 46 81.32 28.40 -62.18
N GLN G 47 80.94 28.68 -63.43
CA GLN G 47 81.88 29.14 -64.44
C GLN G 47 82.40 30.53 -64.10
N THR G 48 83.72 30.70 -64.18
CA THR G 48 84.37 31.90 -63.67
C THR G 48 84.11 33.15 -64.51
N ILE G 49 84.24 33.06 -65.83
CA ILE G 49 84.11 34.21 -66.73
C ILE G 49 84.90 35.39 -66.16
N ARG G 50 84.22 36.50 -65.91
CA ARG G 50 84.85 37.63 -65.23
C ARG G 50 85.15 37.27 -63.78
N GLN G 51 86.42 37.38 -63.41
CA GLN G 51 86.83 36.97 -62.07
C GLN G 51 86.46 38.04 -61.05
N PRO G 52 85.71 37.70 -60.00
CA PRO G 52 85.40 38.69 -58.96
C PRO G 52 86.60 39.00 -58.09
N GLY G 53 87.03 40.26 -58.09
CA GLY G 53 88.20 40.66 -57.33
C GLY G 53 89.33 41.14 -58.21
N ALA G 54 89.26 40.82 -59.50
CA ALA G 54 90.28 41.27 -60.44
C ALA G 54 90.24 42.79 -60.57
N GLN G 55 91.43 43.36 -60.67
CA GLN G 55 91.56 44.84 -60.65
C GLN G 55 91.18 45.44 -62.00
N SER G 56 90.15 46.29 -61.99
CA SER G 56 89.85 47.05 -63.22
C SER G 56 90.47 48.43 -62.99
N SER G 57 90.55 49.27 -64.01
CA SER G 57 91.00 50.67 -63.78
C SER G 57 92.14 50.80 -62.77
N GLU G 58 93.13 49.89 -62.77
CA GLU G 58 94.34 50.01 -61.91
C GLU G 58 94.04 50.14 -60.41
N GLN G 59 93.06 50.95 -60.00
CA GLN G 59 92.86 51.16 -58.53
C GLN G 59 91.44 50.77 -58.10
N THR G 60 90.61 50.27 -59.01
CA THR G 60 89.26 49.82 -58.66
C THR G 60 89.12 48.35 -59.00
N THR G 61 88.68 47.56 -58.03
CA THR G 61 88.44 46.14 -58.23
C THR G 61 87.03 45.90 -58.78
N LEU G 62 86.83 44.69 -59.32
CA LEU G 62 85.54 44.31 -59.87
C LEU G 62 84.81 43.42 -58.88
N PRO G 63 83.70 43.88 -58.27
CA PRO G 63 82.97 43.04 -57.31
C PRO G 63 81.96 42.15 -58.02
N SER G 64 81.91 40.88 -57.63
CA SER G 64 80.86 39.97 -58.06
C SER G 64 80.77 39.81 -59.57
N GLY G 65 81.81 39.25 -60.19
CA GLY G 65 81.80 39.00 -61.61
C GLY G 65 80.81 37.93 -62.01
N LEU G 66 80.95 37.46 -63.26
CA LEU G 66 80.00 36.50 -63.85
C LEU G 66 80.31 35.11 -63.32
N GLN G 67 79.69 34.77 -62.19
CA GLN G 67 79.76 33.41 -61.66
C GLN G 67 78.55 32.60 -62.14
N ILE G 68 78.55 32.31 -63.45
CA ILE G 68 77.48 31.52 -64.03
C ILE G 68 77.60 30.09 -63.53
N GLY G 69 76.54 29.61 -62.87
CA GLY G 69 76.58 28.31 -62.26
C GLY G 69 75.85 27.26 -63.06
N THR G 70 76.22 26.01 -62.80
CA THR G 70 75.53 24.85 -63.35
C THR G 70 74.44 24.42 -62.37
N GLY G 71 73.84 23.24 -62.49
CA GLY G 71 72.65 22.89 -61.74
C GLY G 71 72.93 22.48 -60.30
N VAL G 72 72.28 21.39 -59.91
CA VAL G 72 72.26 20.93 -58.52
C VAL G 72 72.60 19.45 -58.48
N ARG G 73 73.25 19.03 -57.40
CA ARG G 73 73.54 17.62 -57.16
C ARG G 73 73.21 17.29 -55.72
N PRO G 74 72.60 16.13 -55.44
CA PRO G 74 72.33 15.77 -54.05
C PRO G 74 73.60 15.34 -53.35
N VAL G 75 73.85 15.91 -52.18
CA VAL G 75 75.05 15.59 -51.41
C VAL G 75 74.93 14.15 -50.89
N ALA G 76 73.93 13.91 -50.06
CA ALA G 76 73.73 12.61 -49.43
C ALA G 76 72.37 12.56 -48.75
N THR G 77 71.92 11.35 -48.45
CA THR G 77 70.71 11.13 -47.67
C THR G 77 71.09 10.72 -46.26
N GLU G 78 70.57 11.48 -45.29
CA GLU G 78 70.87 11.21 -43.87
C GLU G 78 69.62 10.71 -43.15
N ARG G 79 69.76 9.64 -42.38
CA ARG G 79 68.65 9.11 -41.61
C ARG G 79 68.46 9.91 -40.33
N LEU G 80 67.20 10.08 -39.94
CA LEU G 80 66.86 10.77 -38.70
C LEU G 80 66.72 9.69 -37.63
N HIS G 81 67.77 9.52 -36.83
CA HIS G 81 67.79 8.50 -35.79
C HIS G 81 67.14 9.08 -34.54
N SER G 82 65.81 9.03 -34.49
CA SER G 82 65.05 9.48 -33.34
C SER G 82 64.21 8.33 -32.84
N GLN G 83 63.74 8.44 -31.60
CA GLN G 83 62.99 7.37 -30.96
C GLN G 83 61.58 7.30 -31.56
N GLY G 84 61.25 6.16 -32.13
CA GLY G 84 59.90 5.95 -32.63
C GLY G 84 58.94 5.61 -31.49
N ASN G 85 57.65 5.77 -31.78
CA ASN G 85 56.63 5.50 -30.78
C ASN G 85 56.57 4.01 -30.46
N LEU G 86 56.47 3.68 -29.17
CA LEU G 86 56.40 2.30 -28.75
C LEU G 86 54.97 1.79 -28.83
N SER G 87 54.80 0.60 -29.39
CA SER G 87 53.49 -0.03 -29.54
C SER G 87 53.49 -1.35 -28.77
N GLN G 88 52.47 -1.56 -27.95
CA GLN G 88 52.36 -2.74 -27.11
C GLN G 88 51.66 -3.84 -27.88
N THR G 89 52.28 -5.02 -27.96
CA THR G 89 51.72 -6.15 -28.71
C THR G 89 51.54 -7.35 -27.77
N ASN G 90 51.95 -7.16 -26.52
CA ASN G 90 51.83 -8.19 -25.49
C ASN G 90 52.43 -9.52 -25.91
N ASN G 91 53.72 -9.51 -26.28
CA ASN G 91 54.43 -10.72 -26.68
C ASN G 91 55.69 -10.88 -25.84
N SER G 92 56.02 -12.13 -25.50
CA SER G 92 57.25 -12.40 -24.77
C SER G 92 58.50 -12.19 -25.62
N LYS G 93 58.36 -12.16 -26.94
CA LYS G 93 59.53 -12.14 -27.82
C LYS G 93 59.80 -10.77 -28.45
N ASP G 94 58.87 -9.83 -28.40
CA ASP G 94 59.12 -8.51 -28.95
C ASP G 94 59.89 -7.68 -27.92
N VAL G 95 61.02 -7.11 -28.35
CA VAL G 95 61.86 -6.26 -27.53
C VAL G 95 61.97 -4.90 -28.20
N ALA G 96 61.79 -3.84 -27.42
CA ALA G 96 61.87 -2.49 -27.93
C ALA G 96 62.99 -1.74 -27.23
N ILE G 97 63.77 -0.99 -28.02
CA ILE G 97 64.84 -0.17 -27.48
C ILE G 97 64.31 1.25 -27.31
N LYS G 98 64.55 1.82 -26.13
CA LYS G 98 64.09 3.17 -25.83
C LYS G 98 65.20 4.21 -25.92
N GLY G 99 66.46 3.80 -25.96
CA GLY G 99 67.56 4.76 -26.04
C GLY G 99 68.22 4.83 -27.40
N GLN G 100 69.53 4.56 -27.44
CA GLN G 100 70.31 4.74 -28.66
C GLN G 100 71.20 3.53 -28.91
N GLY G 101 70.65 2.32 -28.82
CA GLY G 101 71.41 1.11 -29.00
C GLY G 101 70.94 0.31 -30.19
N PHE G 102 71.76 -0.68 -30.56
CA PHE G 102 71.47 -1.59 -31.66
C PHE G 102 71.72 -3.02 -31.22
N PHE G 103 70.90 -3.93 -31.73
CA PHE G 103 71.14 -5.36 -31.56
C PHE G 103 72.14 -5.83 -32.60
N GLN G 104 72.99 -6.78 -32.20
CA GLN G 104 74.00 -7.35 -33.08
C GLN G 104 73.50 -8.69 -33.60
N VAL G 105 73.65 -8.91 -34.89
CA VAL G 105 73.18 -10.11 -35.57
C VAL G 105 74.30 -10.64 -36.45
N MET G 106 74.43 -11.97 -36.51
CA MET G 106 75.46 -12.59 -37.33
C MET G 106 74.86 -13.07 -38.64
N LEU G 107 75.38 -12.54 -39.75
CA LEU G 107 75.07 -13.10 -41.05
C LEU G 107 75.78 -14.44 -41.22
N PRO G 108 75.13 -15.40 -41.88
CA PRO G 108 75.76 -16.74 -42.02
C PRO G 108 77.06 -16.70 -42.80
N ASP G 109 77.33 -15.63 -43.56
CA ASP G 109 78.58 -15.56 -44.29
C ASP G 109 79.78 -15.23 -43.39
N GLY G 110 79.55 -14.91 -42.12
CA GLY G 110 80.62 -14.70 -41.17
C GLY G 110 80.63 -13.32 -40.52
N THR G 111 80.20 -12.28 -41.23
CA THR G 111 80.23 -10.93 -40.70
C THR G 111 79.00 -10.68 -39.83
N SER G 112 78.98 -9.51 -39.19
CA SER G 112 77.91 -9.13 -38.28
C SER G 112 77.29 -7.82 -38.73
N ALA G 113 75.96 -7.79 -38.77
CA ALA G 113 75.18 -6.59 -39.02
C ALA G 113 74.50 -6.17 -37.72
N TYR G 114 73.79 -5.04 -37.79
CA TYR G 114 73.15 -4.47 -36.62
C TYR G 114 71.73 -4.07 -36.97
N THR G 115 70.78 -4.48 -36.14
CA THR G 115 69.36 -4.24 -36.37
C THR G 115 68.71 -3.67 -35.14
N ARG G 116 67.66 -2.88 -35.35
CA ARG G 116 66.88 -2.30 -34.26
C ARG G 116 65.52 -2.97 -34.11
N ASP G 117 65.03 -3.63 -35.16
CA ASP G 117 63.78 -4.37 -35.07
C ASP G 117 63.92 -5.48 -34.04
N GLY G 118 63.00 -5.47 -33.07
CA GLY G 118 63.06 -6.39 -31.95
C GLY G 118 62.13 -7.57 -32.00
N SER G 119 61.44 -7.81 -33.11
CA SER G 119 60.56 -8.98 -33.21
C SER G 119 61.43 -10.23 -33.41
N PHE G 120 61.63 -10.98 -32.33
CA PHE G 120 62.52 -12.13 -32.35
C PHE G 120 61.70 -13.42 -32.39
N GLN G 121 62.29 -14.47 -32.95
CA GLN G 121 61.67 -15.78 -33.05
C GLN G 121 62.64 -16.84 -32.54
N VAL G 122 62.13 -18.06 -32.43
CA VAL G 122 62.93 -19.21 -31.98
C VAL G 122 62.98 -20.23 -33.10
N ASP G 123 64.19 -20.67 -33.45
CA ASP G 123 64.35 -21.67 -34.49
C ASP G 123 64.08 -23.06 -33.91
N GLN G 124 64.26 -24.09 -34.72
CA GLN G 124 63.99 -25.45 -34.25
C GLN G 124 64.99 -25.90 -33.20
N ASN G 125 66.15 -25.23 -33.10
CA ASN G 125 67.15 -25.60 -32.12
C ASN G 125 67.05 -24.78 -30.83
N GLY G 126 66.16 -23.80 -30.77
CA GLY G 126 65.96 -23.01 -29.56
C GLY G 126 66.71 -21.70 -29.50
N GLN G 127 67.39 -21.30 -30.58
CA GLN G 127 68.14 -20.06 -30.57
C GLN G 127 67.24 -18.87 -30.87
N LEU G 128 67.58 -17.73 -30.27
CA LEU G 128 66.88 -16.48 -30.56
C LEU G 128 67.40 -15.92 -31.88
N VAL G 129 66.53 -15.81 -32.88
CA VAL G 129 66.90 -15.36 -34.20
C VAL G 129 65.97 -14.23 -34.61
N THR G 130 66.35 -13.52 -35.67
CA THR G 130 65.51 -12.50 -36.27
C THR G 130 64.44 -13.15 -37.13
N ALA G 131 63.41 -12.38 -37.47
CA ALA G 131 62.32 -12.90 -38.31
C ALA G 131 62.79 -13.32 -39.69
N GLY G 132 63.96 -12.87 -40.13
CA GLY G 132 64.52 -13.30 -41.40
C GLY G 132 65.39 -14.53 -41.25
N GLY G 133 65.42 -15.10 -40.05
CA GLY G 133 66.20 -16.30 -39.80
C GLY G 133 67.64 -16.07 -39.43
N PHE G 134 68.05 -14.83 -39.19
CA PHE G 134 69.43 -14.53 -38.82
C PHE G 134 69.60 -14.64 -37.31
N GLN G 135 70.67 -15.33 -36.89
CA GLN G 135 70.85 -15.63 -35.46
C GLN G 135 71.44 -14.47 -34.66
N VAL G 136 70.69 -13.98 -33.67
CA VAL G 136 71.14 -12.87 -32.78
C VAL G 136 72.40 -13.28 -32.04
N GLN G 137 73.31 -12.32 -31.81
CA GLN G 137 74.46 -12.47 -30.89
C GLN G 137 74.23 -11.58 -29.66
N PRO G 138 74.77 -11.88 -28.46
CA PRO G 138 75.71 -12.98 -28.24
C PRO G 138 75.25 -14.33 -28.80
N ALA G 139 74.18 -14.90 -28.22
CA ALA G 139 73.62 -16.21 -28.64
C ALA G 139 72.69 -16.74 -27.55
N ILE G 140 71.44 -16.30 -27.54
CA ILE G 140 70.49 -16.68 -26.45
C ILE G 140 69.87 -18.03 -26.79
N THR G 141 70.25 -19.09 -26.09
CA THR G 141 69.55 -20.35 -26.36
C THR G 141 68.46 -20.56 -25.32
N ILE G 142 67.28 -20.96 -25.78
CA ILE G 142 66.10 -21.12 -24.94
C ILE G 142 65.85 -22.60 -24.75
N PRO G 143 65.64 -23.07 -23.51
CA PRO G 143 65.42 -24.51 -23.29
C PRO G 143 64.15 -25.01 -23.95
N ALA G 144 64.02 -26.34 -24.04
CA ALA G 144 62.90 -26.96 -24.77
C ALA G 144 61.56 -26.70 -24.09
N ASN G 145 61.43 -27.12 -22.83
CA ASN G 145 60.16 -27.01 -22.12
C ASN G 145 60.01 -25.69 -21.37
N ALA G 146 60.11 -24.58 -22.10
CA ALA G 146 59.98 -23.26 -21.47
C ALA G 146 58.53 -22.91 -21.25
N LEU G 147 58.23 -22.39 -20.06
CA LEU G 147 56.88 -21.94 -19.73
C LEU G 147 56.70 -20.44 -19.89
N SER G 148 57.74 -19.66 -19.64
CA SER G 148 57.66 -18.21 -19.78
C SER G 148 59.07 -17.66 -19.96
N ILE G 149 59.21 -16.72 -20.89
CA ILE G 149 60.48 -16.07 -21.17
C ILE G 149 60.40 -14.63 -20.73
N THR G 150 61.33 -14.20 -19.89
CA THR G 150 61.33 -12.84 -19.33
C THR G 150 62.64 -12.16 -19.75
N ILE G 151 62.51 -11.08 -20.52
CA ILE G 151 63.66 -10.28 -20.92
C ILE G 151 63.62 -8.99 -20.10
N GLY G 152 64.57 -8.83 -19.18
CA GLY G 152 64.56 -7.65 -18.31
C GLY G 152 64.94 -6.39 -19.08
N ARG G 153 64.91 -5.24 -18.42
CA ARG G 153 65.30 -3.97 -19.08
C ARG G 153 66.82 -3.83 -18.99
N ASP G 154 67.50 -4.79 -18.37
CA ASP G 154 68.98 -4.78 -18.27
C ASP G 154 69.53 -5.73 -19.32
N GLY G 155 68.64 -6.36 -20.09
CA GLY G 155 69.04 -7.28 -21.14
C GLY G 155 69.23 -8.71 -20.69
N VAL G 156 68.99 -9.01 -19.42
CA VAL G 156 69.12 -10.38 -18.95
C VAL G 156 67.89 -11.18 -19.39
N VAL G 157 68.10 -12.45 -19.71
CA VAL G 157 67.03 -13.32 -20.18
C VAL G 157 66.86 -14.47 -19.20
N SER G 158 65.62 -14.67 -18.75
CA SER G 158 65.30 -15.72 -17.78
C SER G 158 64.21 -16.62 -18.33
N VAL G 159 64.29 -17.90 -18.01
CA VAL G 159 63.33 -18.90 -18.43
C VAL G 159 62.80 -19.62 -17.20
N THR G 160 61.49 -19.74 -17.09
CA THR G 160 60.84 -20.38 -15.96
C THR G 160 60.54 -21.84 -16.33
N GLN G 161 61.24 -22.76 -15.68
CA GLN G 161 61.04 -24.18 -15.91
C GLN G 161 59.99 -24.74 -14.94
N GLN G 162 59.47 -25.92 -15.28
CA GLN G 162 58.52 -26.58 -14.41
C GLN G 162 59.24 -27.27 -13.25
N GLY G 163 58.74 -27.06 -12.04
CA GLY G 163 59.34 -27.63 -10.86
C GLY G 163 60.45 -26.77 -10.29
N GLN G 164 60.67 -25.60 -10.88
CA GLN G 164 61.68 -24.65 -10.40
C GLN G 164 60.99 -23.29 -10.23
N ALA G 165 60.88 -22.82 -8.99
CA ALA G 165 60.20 -21.57 -8.70
C ALA G 165 61.12 -20.38 -8.95
N ALA G 166 62.39 -20.64 -9.20
CA ALA G 166 63.36 -19.59 -9.46
C ALA G 166 63.80 -19.63 -10.92
N PRO G 167 63.65 -18.51 -11.63
CA PRO G 167 64.07 -18.47 -13.04
C PRO G 167 65.57 -18.62 -13.19
N VAL G 168 65.98 -19.21 -14.30
CA VAL G 168 67.38 -19.46 -14.60
C VAL G 168 67.80 -18.57 -15.76
N GLN G 169 68.87 -17.81 -15.56
CA GLN G 169 69.38 -16.92 -16.59
C GLN G 169 70.06 -17.75 -17.68
N VAL G 170 69.62 -17.55 -18.92
CA VAL G 170 70.13 -18.32 -20.06
C VAL G 170 70.88 -17.46 -21.05
N GLY G 171 71.13 -16.21 -20.72
CA GLY G 171 71.89 -15.34 -21.61
C GLY G 171 71.86 -13.91 -21.12
N GLN G 172 72.41 -13.02 -21.96
CA GLN G 172 72.48 -11.60 -21.64
C GLN G 172 72.45 -10.85 -22.97
N LEU G 173 71.39 -10.06 -23.19
CA LEU G 173 71.22 -9.36 -24.45
C LEU G 173 71.88 -7.99 -24.38
N ASN G 174 72.87 -7.76 -25.22
CA ASN G 174 73.65 -6.53 -25.24
C ASN G 174 73.22 -5.62 -26.38
N LEU G 175 73.59 -4.35 -26.25
CA LEU G 175 73.31 -3.34 -27.27
C LEU G 175 74.60 -2.76 -27.81
N THR G 176 74.66 -2.58 -29.12
CA THR G 176 75.82 -2.00 -29.78
C THR G 176 75.56 -0.54 -30.11
N THR G 177 76.48 0.33 -29.70
CA THR G 177 76.38 1.75 -29.93
C THR G 177 77.58 2.21 -30.74
N PHE G 178 77.36 3.23 -31.58
CA PHE G 178 78.36 3.75 -32.49
C PHE G 178 78.58 5.23 -32.26
N MET G 179 79.77 5.70 -32.66
CA MET G 179 80.05 7.14 -32.67
C MET G 179 79.09 7.90 -33.58
N ASN G 180 78.89 7.41 -34.79
CA ASN G 180 78.01 8.03 -35.76
C ASN G 180 77.02 6.99 -36.25
N ASP G 181 75.75 7.15 -35.90
CA ASP G 181 74.72 6.20 -36.28
C ASP G 181 74.21 6.39 -37.70
N THR G 182 74.47 7.56 -38.30
CA THR G 182 74.04 7.80 -39.67
C THR G 182 74.96 7.12 -40.68
N GLY G 183 76.18 6.78 -40.28
CA GLY G 183 77.14 6.19 -41.18
C GLY G 183 76.99 4.72 -41.43
N LEU G 184 76.10 4.05 -40.71
CA LEU G 184 75.83 2.63 -40.96
C LEU G 184 75.22 2.48 -42.34
N GLU G 185 75.65 1.45 -43.07
CA GLU G 185 75.13 1.21 -44.40
C GLU G 185 73.94 0.26 -44.32
N SER G 186 72.77 0.74 -44.74
CA SER G 186 71.57 -0.08 -44.70
C SER G 186 71.61 -1.08 -45.85
N ILE G 187 71.58 -2.37 -45.53
CA ILE G 187 71.58 -3.41 -46.57
C ILE G 187 70.21 -4.02 -46.79
N GLY G 188 69.15 -3.39 -46.29
CA GLY G 188 67.83 -3.98 -46.32
C GLY G 188 67.63 -4.96 -45.17
N GLU G 189 66.42 -5.51 -45.10
CA GLU G 189 66.05 -6.48 -44.08
C GLU G 189 66.23 -5.90 -42.68
N ASN G 190 66.08 -4.58 -42.57
CA ASN G 190 66.26 -3.86 -41.31
C ASN G 190 67.66 -4.07 -40.73
N LEU G 191 68.66 -4.21 -41.59
CA LEU G 191 70.02 -4.51 -41.16
C LEU G 191 70.98 -3.41 -41.60
N TYR G 192 71.88 -3.04 -40.69
CA TYR G 192 72.94 -2.08 -40.96
C TYR G 192 74.29 -2.77 -40.82
N ILE G 193 75.20 -2.50 -41.77
CA ILE G 193 76.57 -2.96 -41.68
C ILE G 193 77.46 -1.77 -41.33
N GLU G 194 78.50 -2.06 -40.54
CA GLU G 194 79.39 -1.01 -40.08
C GLU G 194 80.30 -0.54 -41.21
N THR G 195 80.43 0.79 -41.33
CA THR G 195 81.34 1.39 -42.29
C THR G 195 82.41 2.18 -41.55
N GLN G 196 83.40 2.69 -42.29
CA GLN G 196 84.47 3.46 -41.66
C GLN G 196 84.04 4.85 -41.22
N SER G 197 82.89 5.33 -41.70
CA SER G 197 82.38 6.62 -41.25
C SER G 197 81.49 6.48 -40.02
N SER G 198 81.22 5.25 -39.59
CA SER G 198 80.37 5.02 -38.42
C SER G 198 81.20 4.53 -37.24
N GLY G 199 82.51 4.74 -37.29
CA GLY G 199 83.35 4.33 -36.19
C GLY G 199 83.43 2.82 -36.07
N ALA G 200 83.47 2.35 -34.82
CA ALA G 200 83.62 0.93 -34.52
C ALA G 200 82.53 0.52 -33.54
N PRO G 201 82.12 -0.75 -33.55
CA PRO G 201 81.05 -1.18 -32.64
C PRO G 201 81.45 -1.16 -31.17
N ASN G 202 80.67 -0.45 -30.36
CA ASN G 202 80.91 -0.40 -28.92
C ASN G 202 79.84 -1.22 -28.22
N GLU G 203 80.23 -2.36 -27.65
CA GLU G 203 79.30 -3.19 -26.90
C GLU G 203 79.02 -2.58 -25.54
N SER G 204 77.75 -2.59 -25.14
CA SER G 204 77.36 -2.12 -23.83
C SER G 204 76.05 -2.78 -23.44
N THR G 205 75.96 -3.18 -22.17
CA THR G 205 74.72 -3.76 -21.68
C THR G 205 73.70 -2.64 -21.48
N PRO G 206 72.40 -2.95 -21.56
CA PRO G 206 71.38 -1.90 -21.59
C PRO G 206 71.15 -1.17 -20.28
N GLY G 207 71.66 0.05 -20.24
CA GLY G 207 71.40 0.92 -19.08
C GLY G 207 72.62 1.71 -18.74
N LEU G 208 73.75 1.37 -19.35
CA LEU G 208 75.01 2.02 -18.95
C LEU G 208 75.76 2.51 -20.19
N ASN G 209 76.47 3.62 -20.07
CA ASN G 209 77.31 4.13 -21.19
C ASN G 209 76.41 4.83 -22.20
N GLY G 210 75.11 4.67 -22.05
CA GLY G 210 74.16 5.28 -23.00
C GLY G 210 73.26 4.26 -23.66
N ALA G 211 73.69 3.01 -23.83
CA ALA G 211 72.77 2.08 -24.45
C ALA G 211 71.39 2.24 -23.80
N GLY G 212 70.34 2.04 -24.60
CA GLY G 212 69.00 2.24 -24.10
C GLY G 212 68.53 1.09 -23.24
N LEU G 213 67.27 1.20 -22.80
CA LEU G 213 66.65 0.18 -21.98
C LEU G 213 65.68 -0.65 -22.81
N LEU G 214 65.67 -1.96 -22.56
CA LEU G 214 64.88 -2.90 -23.34
C LEU G 214 63.54 -3.12 -22.68
N TYR G 215 62.47 -2.93 -23.43
CA TYR G 215 61.10 -3.18 -22.98
C TYR G 215 60.60 -4.47 -23.63
N GLN G 216 59.95 -5.31 -22.83
CA GLN G 216 59.36 -6.55 -23.34
C GLN G 216 57.88 -6.34 -23.64
N GLY G 217 57.44 -6.93 -24.75
CA GLY G 217 56.09 -6.74 -25.22
C GLY G 217 55.86 -5.50 -26.05
N TYR G 218 56.89 -4.72 -26.30
CA TYR G 218 56.79 -3.48 -27.06
C TYR G 218 57.61 -3.57 -28.34
N VAL G 219 57.18 -2.84 -29.36
CA VAL G 219 57.91 -2.73 -30.61
C VAL G 219 58.09 -1.25 -30.93
N GLU G 220 59.27 -0.91 -31.44
CA GLU G 220 59.57 0.46 -31.83
C GLU G 220 59.06 0.70 -33.24
N THR G 221 57.98 1.45 -33.36
CA THR G 221 57.37 1.73 -34.65
C THR G 221 58.23 2.75 -35.40
N SER G 222 57.97 2.89 -36.70
CA SER G 222 58.71 3.84 -37.52
C SER G 222 58.36 5.27 -37.11
N ASN G 223 59.34 6.16 -37.26
CA ASN G 223 59.19 7.55 -36.88
C ASN G 223 58.68 8.43 -38.02
N VAL G 224 58.18 7.84 -39.10
CA VAL G 224 57.74 8.59 -40.27
C VAL G 224 56.53 9.46 -39.90
N ASN G 225 56.66 10.77 -40.09
CA ASN G 225 55.57 11.71 -39.91
C ASN G 225 54.96 11.96 -41.28
N VAL G 226 53.66 11.67 -41.43
CA VAL G 226 53.10 11.47 -42.76
C VAL G 226 52.56 12.78 -43.32
N ALA G 227 52.02 13.66 -42.47
CA ALA G 227 51.55 14.95 -42.96
C ALA G 227 52.69 15.76 -43.57
N GLU G 228 53.86 15.70 -42.93
CA GLU G 228 55.06 16.27 -43.54
C GLU G 228 55.34 15.66 -44.90
N GLU G 229 55.12 14.34 -45.03
CA GLU G 229 55.31 13.71 -46.33
C GLU G 229 54.33 14.23 -47.37
N LEU G 230 53.09 14.50 -47.00
CA LEU G 230 52.12 15.04 -47.96
C LEU G 230 52.51 16.46 -48.39
N VAL G 231 52.90 17.30 -47.42
CA VAL G 231 53.35 18.63 -47.78
C VAL G 231 54.58 18.57 -48.67
N ASN G 232 55.48 17.62 -48.41
CA ASN G 232 56.64 17.43 -49.27
C ASN G 232 56.24 16.92 -50.64
N MET G 233 55.17 16.11 -50.74
CA MET G 233 54.63 15.75 -52.04
C MET G 233 54.28 16.99 -52.84
N ILE G 234 53.51 17.89 -52.21
CA ILE G 234 52.99 19.10 -52.90
C ILE G 234 54.15 19.94 -53.43
N GLN G 235 55.24 20.03 -52.67
CA GLN G 235 56.40 20.79 -53.22
C GLN G 235 57.06 19.95 -54.31
N VAL G 236 57.48 18.72 -54.00
CA VAL G 236 58.21 17.87 -54.98
C VAL G 236 57.44 17.84 -56.31
N GLN G 237 56.15 18.13 -56.28
CA GLN G 237 55.37 18.19 -57.51
C GLN G 237 55.46 19.56 -58.15
N ARG G 238 55.29 20.62 -57.35
CA ARG G 238 55.35 21.96 -57.94
C ARG G 238 56.75 22.30 -58.44
N ALA G 239 57.79 21.92 -57.69
CA ALA G 239 59.15 22.17 -58.16
C ALA G 239 59.45 21.43 -59.46
N TYR G 240 59.00 20.18 -59.57
CA TYR G 240 59.21 19.41 -60.79
C TYR G 240 58.47 20.04 -61.97
N GLU G 241 57.23 20.49 -61.73
CA GLU G 241 56.49 21.18 -62.78
C GLU G 241 57.22 22.43 -63.26
N ILE G 242 57.79 23.19 -62.33
CA ILE G 242 58.46 24.43 -62.71
C ILE G 242 59.75 24.14 -63.47
N ASN G 243 60.49 23.12 -63.06
CA ASN G 243 61.69 22.74 -63.81
C ASN G 243 61.32 22.27 -65.21
N SER G 244 60.23 21.50 -65.35
CA SER G 244 59.77 21.12 -66.68
C SER G 244 59.36 22.34 -67.50
N LYS G 245 58.86 23.38 -66.83
CA LYS G 245 58.48 24.64 -67.54
C LYS G 245 59.75 25.29 -68.07
N ALA G 246 60.81 25.28 -67.27
CA ALA G 246 62.09 25.82 -67.74
C ALA G 246 62.60 25.03 -68.94
N VAL G 247 62.47 23.69 -68.90
CA VAL G 247 62.86 22.86 -70.03
C VAL G 247 62.07 23.27 -71.27
N SER G 248 60.76 23.47 -71.11
CA SER G 248 59.92 23.84 -72.25
C SER G 248 60.32 25.20 -72.82
N THR G 249 60.63 26.16 -71.96
CA THR G 249 61.04 27.48 -72.44
C THR G 249 62.34 27.40 -73.22
N THR G 250 63.31 26.63 -72.72
CA THR G 250 64.55 26.43 -73.45
C THR G 250 64.30 25.74 -74.79
N ASP G 251 63.37 24.77 -74.80
CA ASP G 251 63.01 24.09 -76.04
C ASP G 251 62.43 25.06 -77.07
N GLN G 252 61.54 25.97 -76.63
CA GLN G 252 60.98 26.95 -77.55
C GLN G 252 62.06 27.89 -78.08
N MET G 253 62.98 28.32 -77.21
CA MET G 253 64.05 29.19 -77.67
C MET G 253 64.91 28.50 -78.71
N LEU G 254 65.29 27.24 -78.47
CA LEU G 254 66.07 26.49 -79.44
C LEU G 254 65.29 26.27 -80.74
N GLN G 255 63.99 26.01 -80.64
CA GLN G 255 63.18 25.82 -81.84
C GLN G 255 63.17 27.06 -82.71
N LYS G 256 63.00 28.24 -82.10
CA LYS G 256 63.01 29.46 -82.90
C LYS G 256 64.40 29.75 -83.44
N LEU G 257 65.45 29.39 -82.69
CA LEU G 257 66.81 29.53 -83.21
C LEU G 257 67.00 28.68 -84.46
N THR G 258 66.46 27.45 -84.44
CA THR G 258 66.62 26.56 -85.58
C THR G 258 65.79 27.04 -86.78
N GLN G 259 64.54 27.44 -86.55
CA GLN G 259 63.63 27.73 -87.66
C GLN G 259 64.06 29.00 -88.40
N LEU G 260 64.46 30.04 -87.67
CA LEU G 260 64.79 31.34 -88.25
C LEU G 260 63.77 31.82 -89.29
N MET H 1 60.13 43.83 -71.50
CA MET H 1 60.22 44.68 -72.68
C MET H 1 58.96 45.52 -72.85
N ILE H 2 57.84 44.96 -72.44
CA ILE H 2 56.53 45.55 -72.66
C ILE H 2 55.97 45.96 -71.30
N SER H 3 55.37 47.16 -71.26
CA SER H 3 55.00 47.78 -69.99
C SER H 3 53.97 46.96 -69.23
N SER H 4 52.96 46.44 -69.94
CA SER H 4 51.87 45.72 -69.31
C SER H 4 52.39 44.51 -68.55
N LEU H 5 53.42 43.86 -69.11
CA LEU H 5 54.03 42.71 -68.47
C LEU H 5 54.70 43.07 -67.15
N TRP H 6 55.44 44.18 -67.10
CA TRP H 6 56.02 44.65 -65.85
C TRP H 6 54.94 45.00 -64.83
N ILE H 7 53.87 45.67 -65.26
CA ILE H 7 52.78 46.03 -64.35
C ILE H 7 52.14 44.77 -63.76
N ALA H 8 51.87 43.78 -64.61
CA ALA H 8 51.26 42.56 -64.11
C ALA H 8 52.20 41.77 -63.22
N LYS H 9 53.51 41.83 -63.49
CA LYS H 9 54.48 41.19 -62.61
C LYS H 9 54.46 41.84 -61.22
N THR H 10 54.40 43.16 -61.18
CA THR H 10 54.30 43.85 -59.89
C THR H 10 53.03 43.48 -59.16
N GLY H 11 51.91 43.37 -59.90
CA GLY H 11 50.67 42.94 -59.27
C GLY H 11 50.75 41.55 -58.70
N LEU H 12 51.36 40.62 -59.45
CA LEU H 12 51.57 39.26 -58.96
C LEU H 12 52.40 39.26 -57.68
N ASP H 13 53.38 40.13 -57.56
CA ASP H 13 54.17 40.01 -56.31
C ASP H 13 53.41 40.63 -55.12
N ALA H 14 52.57 41.63 -55.37
CA ALA H 14 51.85 42.30 -54.26
C ALA H 14 50.91 41.31 -53.60
N GLN H 15 50.17 40.58 -54.41
CA GLN H 15 49.20 39.60 -53.84
C GLN H 15 50.01 38.47 -53.20
N GLN H 16 51.17 38.14 -53.75
CA GLN H 16 51.99 37.10 -53.09
C GLN H 16 52.29 37.59 -51.68
N THR H 17 52.68 38.85 -51.53
CA THR H 17 53.04 39.34 -50.19
C THR H 17 51.79 39.28 -49.32
N ASN H 18 50.69 39.77 -49.87
CA ASN H 18 49.45 39.65 -49.08
C ASN H 18 49.39 38.24 -48.51
N MET H 19 49.42 37.23 -49.37
CA MET H 19 49.28 35.83 -48.87
C MET H 19 50.41 35.61 -47.87
N ASP H 20 51.63 35.95 -48.25
CA ASP H 20 52.63 35.73 -47.20
C ASP H 20 52.14 36.29 -45.87
N VAL H 21 51.54 37.49 -45.89
CA VAL H 21 51.00 38.06 -44.67
C VAL H 21 49.88 37.20 -44.11
N ILE H 22 49.00 36.71 -44.98
CA ILE H 22 47.91 35.84 -44.53
C ILE H 22 48.45 34.57 -43.90
N ALA H 23 49.46 33.96 -44.55
CA ALA H 23 50.03 32.73 -44.04
C ALA H 23 50.69 32.93 -42.68
N ASN H 24 51.40 34.05 -42.51
CA ASN H 24 51.98 34.35 -41.20
C ASN H 24 50.90 34.57 -40.15
N ASN H 25 49.82 35.27 -40.51
CA ASN H 25 48.74 35.49 -39.55
C ASN H 25 48.09 34.18 -39.14
N LEU H 26 47.90 33.26 -40.09
CA LEU H 26 47.29 31.98 -39.76
C LEU H 26 48.24 31.05 -39.00
N ALA H 27 49.55 31.18 -39.22
CA ALA H 27 50.51 30.33 -38.55
C ALA H 27 50.61 30.62 -37.05
N ASN H 28 50.37 31.87 -36.65
CA ASN H 28 50.49 32.28 -35.25
C ASN H 28 49.14 32.34 -34.55
N VAL H 29 48.18 31.50 -34.97
CA VAL H 29 46.87 31.48 -34.32
C VAL H 29 46.98 31.00 -32.88
N SER H 30 47.90 30.08 -32.60
CA SER H 30 48.08 29.55 -31.25
C SER H 30 49.17 30.27 -30.48
N THR H 31 49.78 31.30 -31.04
CA THR H 31 50.81 32.06 -30.33
C THR H 31 50.18 33.07 -29.40
N ASN H 32 50.71 33.16 -28.18
CA ASN H 32 50.19 34.10 -27.20
C ASN H 32 50.80 35.48 -27.42
N GLY H 33 49.96 36.51 -27.31
CA GLY H 33 50.41 37.87 -27.46
C GLY H 33 50.91 38.20 -28.85
N PHE H 34 50.24 37.68 -29.87
CA PHE H 34 50.55 37.98 -31.25
C PHE H 34 49.51 38.94 -31.83
N LYS H 35 49.97 39.86 -32.67
CA LYS H 35 49.12 40.85 -33.30
C LYS H 35 49.13 40.62 -34.81
N ARG H 36 47.95 40.49 -35.39
CA ARG H 36 47.82 40.16 -36.81
C ARG H 36 48.24 41.34 -37.67
N GLN H 37 48.76 41.05 -38.85
CA GLN H 37 49.36 42.07 -39.69
C GLN H 37 48.49 42.34 -40.92
N ARG H 38 48.57 43.56 -41.45
CA ARG H 38 47.84 43.95 -42.64
C ARG H 38 48.76 44.78 -43.55
N ALA H 39 48.68 44.53 -44.84
CA ALA H 39 49.54 45.17 -45.83
C ALA H 39 48.90 46.42 -46.39
N VAL H 40 49.74 47.38 -46.80
CA VAL H 40 49.27 48.63 -47.41
C VAL H 40 49.95 48.75 -48.77
N PHE H 41 49.15 49.06 -49.79
CA PHE H 41 49.65 49.20 -51.16
C PHE H 41 49.42 50.62 -51.66
N GLU H 42 50.29 51.06 -52.57
CA GLU H 42 50.15 52.38 -53.18
C GLU H 42 50.44 52.27 -54.66
N ASP H 43 50.14 53.35 -55.38
CA ASP H 43 50.39 53.40 -56.81
C ASP H 43 51.87 53.70 -57.08
N LEU H 44 52.41 53.06 -58.10
CA LEU H 44 53.78 53.32 -58.54
C LEU H 44 53.79 54.53 -59.47
N LEU H 45 54.88 54.71 -60.21
CA LEU H 45 55.07 55.88 -61.04
C LEU H 45 53.92 56.05 -62.03
N TYR H 46 53.75 57.29 -62.49
CA TYR H 46 52.73 57.65 -63.47
C TYR H 46 53.43 58.41 -64.60
N GLN H 47 53.60 57.75 -65.75
CA GLN H 47 54.22 58.39 -66.90
C GLN H 47 53.34 59.52 -67.41
N THR H 48 53.97 60.65 -67.74
CA THR H 48 53.25 61.89 -67.97
C THR H 48 52.58 61.95 -69.33
N ILE H 49 53.30 61.62 -70.41
CA ILE H 49 52.83 61.80 -71.78
C ILE H 49 52.23 63.20 -71.91
N ARG H 50 50.96 63.27 -72.34
CA ARG H 50 50.25 64.54 -72.35
C ARG H 50 50.01 65.04 -70.94
N GLN H 51 50.56 66.21 -70.63
CA GLN H 51 50.45 66.76 -69.28
C GLN H 51 49.01 67.17 -68.99
N PRO H 52 48.42 66.73 -67.87
CA PRO H 52 47.04 67.12 -67.55
C PRO H 52 46.93 68.60 -67.21
N GLY H 53 46.00 69.28 -67.86
CA GLY H 53 45.76 70.70 -67.55
C GLY H 53 46.67 71.59 -68.36
N ALA H 54 47.84 71.08 -68.71
CA ALA H 54 48.82 71.92 -69.44
C ALA H 54 48.09 72.62 -70.59
N GLN H 55 48.14 73.95 -70.61
CA GLN H 55 47.41 74.73 -71.65
C GLN H 55 47.41 73.93 -72.96
N SER H 56 46.30 73.26 -73.28
CA SER H 56 46.19 72.56 -74.58
C SER H 56 46.07 73.61 -75.68
N SER H 57 45.70 74.83 -75.29
CA SER H 57 45.60 75.96 -76.24
C SER H 57 45.69 77.24 -75.42
N GLU H 58 45.81 78.40 -76.06
CA GLU H 58 46.01 79.65 -75.28
C GLU H 58 44.69 80.00 -74.56
N GLN H 59 43.64 79.20 -74.74
CA GLN H 59 42.33 79.52 -74.12
C GLN H 59 41.74 78.26 -73.49
N THR H 60 41.74 77.14 -74.22
CA THR H 60 41.12 75.92 -73.70
C THR H 60 42.21 75.00 -73.15
N THR H 61 41.94 74.37 -72.01
CA THR H 61 42.88 73.47 -71.38
C THR H 61 42.50 72.02 -71.63
N LEU H 62 43.48 71.12 -71.49
CA LEU H 62 43.26 69.70 -71.71
C LEU H 62 43.02 69.03 -70.36
N PRO H 63 41.81 68.52 -70.09
CA PRO H 63 41.54 67.89 -68.79
C PRO H 63 41.98 66.44 -68.78
N SER H 64 42.58 66.01 -67.67
CA SER H 64 42.90 64.60 -67.43
C SER H 64 43.78 64.01 -68.52
N GLY H 65 45.02 64.49 -68.64
CA GLY H 65 45.93 64.04 -69.67
C GLY H 65 46.25 62.56 -69.58
N LEU H 66 47.09 62.10 -70.52
CA LEU H 66 47.41 60.69 -70.69
C LEU H 66 48.35 60.27 -69.56
N GLN H 67 47.77 59.88 -68.43
CA GLN H 67 48.54 59.44 -67.28
C GLN H 67 48.59 57.90 -67.21
N ILE H 68 49.49 57.33 -68.02
CA ILE H 68 49.71 55.89 -67.98
C ILE H 68 50.55 55.56 -66.75
N GLY H 69 50.07 54.61 -65.95
CA GLY H 69 50.71 54.33 -64.68
C GLY H 69 51.49 53.03 -64.67
N THR H 70 52.34 52.91 -63.65
CA THR H 70 53.14 51.72 -63.41
C THR H 70 52.32 50.79 -62.50
N GLY H 71 52.88 49.71 -61.96
CA GLY H 71 52.12 48.76 -61.17
C GLY H 71 51.85 49.23 -59.75
N VAL H 72 51.96 48.30 -58.82
CA VAL H 72 51.65 48.53 -57.42
C VAL H 72 52.82 48.07 -56.57
N ARG H 73 52.89 48.59 -55.34
CA ARG H 73 54.01 48.23 -54.44
C ARG H 73 53.51 48.13 -53.01
N PRO H 74 53.91 47.12 -52.21
CA PRO H 74 53.53 47.07 -50.81
C PRO H 74 54.29 48.18 -50.06
N VAL H 75 53.66 48.80 -49.06
CA VAL H 75 54.31 49.97 -48.38
C VAL H 75 54.65 49.59 -46.93
N ALA H 76 53.63 49.52 -46.07
CA ALA H 76 53.88 49.24 -44.64
C ALA H 76 53.02 48.08 -44.16
N THR H 77 53.56 47.24 -43.28
CA THR H 77 52.75 46.14 -42.69
C THR H 77 52.36 46.57 -41.28
N GLU H 78 51.17 47.15 -41.12
CA GLU H 78 50.79 47.70 -39.79
C GLU H 78 50.05 46.67 -38.95
N ARG H 79 50.60 46.33 -37.79
CA ARG H 79 49.91 45.44 -36.87
C ARG H 79 48.60 46.05 -36.40
N LEU H 80 47.75 45.21 -35.84
CA LEU H 80 46.52 45.65 -35.18
C LEU H 80 46.70 45.42 -33.68
N HIS H 81 47.06 46.47 -32.97
CA HIS H 81 47.33 46.37 -31.53
C HIS H 81 46.01 46.50 -30.78
N SER H 82 45.36 45.38 -30.54
CA SER H 82 44.12 45.33 -29.78
C SER H 82 44.22 44.22 -28.74
N GLN H 83 43.36 44.30 -27.73
CA GLN H 83 43.38 43.34 -26.64
C GLN H 83 42.93 41.98 -27.14
N GLY H 84 43.82 41.00 -27.07
CA GLY H 84 43.45 39.64 -27.40
C GLY H 84 42.60 39.01 -26.31
N ASN H 85 41.82 38.00 -26.71
CA ASN H 85 40.95 37.32 -25.77
C ASN H 85 41.78 36.57 -24.73
N LEU H 86 41.38 36.67 -23.47
CA LEU H 86 42.12 36.07 -22.37
C LEU H 86 41.73 34.60 -22.20
N SER H 87 42.72 33.79 -21.83
CA SER H 87 42.51 32.36 -21.57
C SER H 87 43.06 32.03 -20.20
N GLN H 88 42.25 31.35 -19.39
CA GLN H 88 42.65 31.00 -18.03
C GLN H 88 43.35 29.64 -18.05
N THR H 89 44.54 29.57 -17.48
CA THR H 89 45.34 28.35 -17.47
C THR H 89 45.58 27.91 -16.03
N ASN H 90 45.04 28.69 -15.10
CA ASN H 90 45.15 28.41 -13.67
C ASN H 90 46.61 28.20 -13.26
N ASN H 91 47.49 29.08 -13.71
CA ASN H 91 48.92 28.95 -13.45
C ASN H 91 49.41 30.16 -12.66
N SER H 92 50.28 29.92 -11.68
CA SER H 92 50.81 31.01 -10.88
C SER H 92 51.66 31.98 -11.69
N LYS H 93 52.42 31.48 -12.66
CA LYS H 93 53.39 32.30 -13.37
C LYS H 93 52.86 32.89 -14.67
N ASP H 94 51.62 32.59 -15.04
CA ASP H 94 51.05 33.11 -16.27
C ASP H 94 50.40 34.46 -16.00
N VAL H 95 50.84 35.49 -16.72
CA VAL H 95 50.36 36.85 -16.56
C VAL H 95 49.83 37.35 -17.89
N ALA H 96 48.69 38.04 -17.85
CA ALA H 96 48.10 38.61 -19.05
C ALA H 96 47.85 40.09 -18.83
N ILE H 97 47.94 40.85 -19.93
CA ILE H 97 47.69 42.28 -19.89
C ILE H 97 46.30 42.55 -20.44
N LYS H 98 45.52 43.34 -19.69
CA LYS H 98 44.20 43.74 -20.12
C LYS H 98 44.18 45.08 -20.85
N GLY H 99 45.23 45.90 -20.69
CA GLY H 99 45.28 47.20 -21.34
C GLY H 99 46.22 47.26 -22.53
N GLN H 100 47.17 48.19 -22.49
CA GLN H 100 48.00 48.48 -23.66
C GLN H 100 49.47 48.64 -23.26
N GLY H 101 49.95 47.79 -22.34
CA GLY H 101 51.31 47.88 -21.85
C GLY H 101 52.20 46.80 -22.45
N PHE H 102 53.49 46.91 -22.13
CA PHE H 102 54.50 45.96 -22.56
C PHE H 102 55.40 45.60 -21.39
N PHE H 103 55.88 44.35 -21.40
CA PHE H 103 56.91 43.91 -20.47
C PHE H 103 58.28 44.19 -21.04
N GLN H 104 59.17 44.70 -20.20
CA GLN H 104 60.54 45.00 -20.59
C GLN H 104 61.42 43.80 -20.27
N VAL H 105 62.30 43.43 -21.21
CA VAL H 105 63.11 42.23 -21.11
C VAL H 105 64.54 42.57 -21.50
N MET H 106 65.50 41.99 -20.78
CA MET H 106 66.92 42.21 -21.03
C MET H 106 67.45 41.09 -21.91
N LEU H 107 67.92 41.45 -23.11
CA LEU H 107 68.58 40.49 -23.99
C LEU H 107 70.02 40.25 -23.53
N PRO H 108 70.61 39.11 -23.93
CA PRO H 108 71.94 38.77 -23.38
C PRO H 108 73.01 39.80 -23.66
N ASP H 109 72.87 40.60 -24.71
CA ASP H 109 73.92 41.60 -24.97
C ASP H 109 73.75 42.89 -24.17
N GLY H 110 72.69 43.01 -23.37
CA GLY H 110 72.44 44.16 -22.54
C GLY H 110 71.37 45.10 -23.05
N THR H 111 70.98 44.99 -24.32
CA THR H 111 69.93 45.81 -24.87
C THR H 111 68.57 45.31 -24.38
N SER H 112 67.57 46.18 -24.50
CA SER H 112 66.23 45.91 -23.96
C SER H 112 65.23 45.71 -25.08
N ALA H 113 64.46 44.63 -24.98
CA ALA H 113 63.35 44.34 -25.88
C ALA H 113 62.05 44.44 -25.10
N TYR H 114 60.94 44.37 -25.82
CA TYR H 114 59.61 44.54 -25.23
C TYR H 114 58.70 43.43 -25.74
N THR H 115 58.13 42.68 -24.81
CA THR H 115 57.28 41.54 -25.14
C THR H 115 55.96 41.67 -24.42
N ARG H 116 54.90 41.15 -25.06
CA ARG H 116 53.57 41.16 -24.48
C ARG H 116 53.17 39.79 -23.93
N ASP H 117 53.78 38.73 -24.43
CA ASP H 117 53.53 37.38 -23.92
C ASP H 117 53.96 37.30 -22.46
N GLY H 118 53.10 36.74 -21.62
CA GLY H 118 53.31 36.71 -20.19
C GLY H 118 53.60 35.36 -19.57
N SER H 119 53.88 34.33 -20.36
CA SER H 119 54.23 33.03 -19.82
C SER H 119 55.65 33.07 -19.27
N PHE H 120 55.79 33.22 -17.96
CA PHE H 120 57.08 33.40 -17.31
C PHE H 120 57.52 32.12 -16.62
N GLN H 121 58.83 31.95 -16.50
CA GLN H 121 59.44 30.85 -15.79
C GLN H 121 60.42 31.37 -14.74
N VAL H 122 60.90 30.46 -13.90
CA VAL H 122 61.97 30.74 -12.96
C VAL H 122 63.18 29.88 -13.34
N ASP H 123 64.33 30.52 -13.49
CA ASP H 123 65.56 29.84 -13.86
C ASP H 123 66.17 29.17 -12.63
N GLN H 124 67.35 28.58 -12.80
CA GLN H 124 68.00 27.91 -11.68
C GLN H 124 68.39 28.87 -10.58
N ASN H 125 68.60 30.15 -10.92
CA ASN H 125 68.97 31.15 -9.91
C ASN H 125 67.76 31.76 -9.21
N GLY H 126 66.56 31.57 -9.73
CA GLY H 126 65.36 32.11 -9.12
C GLY H 126 64.82 33.37 -9.75
N GLN H 127 65.48 33.91 -10.78
CA GLN H 127 65.02 35.11 -11.44
C GLN H 127 63.81 34.81 -12.32
N LEU H 128 62.91 35.79 -12.42
CA LEU H 128 61.77 35.68 -13.32
C LEU H 128 62.22 35.95 -14.74
N VAL H 129 62.14 34.93 -15.61
CA VAL H 129 62.57 35.04 -16.98
C VAL H 129 61.40 34.69 -17.89
N THR H 130 61.58 34.95 -19.18
CA THR H 130 60.58 34.58 -20.16
C THR H 130 60.71 33.10 -20.51
N ALA H 131 59.83 32.63 -21.40
CA ALA H 131 59.88 31.24 -21.84
C ALA H 131 61.15 30.91 -22.61
N GLY H 132 61.83 31.91 -23.18
CA GLY H 132 63.05 31.67 -23.92
C GLY H 132 64.30 31.91 -23.10
N GLY H 133 64.14 32.12 -21.80
CA GLY H 133 65.27 32.31 -20.93
C GLY H 133 65.78 33.73 -20.82
N PHE H 134 65.09 34.70 -21.40
CA PHE H 134 65.50 36.09 -21.30
C PHE H 134 65.00 36.71 -20.00
N GLN H 135 65.84 37.52 -19.38
CA GLN H 135 65.56 38.07 -18.06
C GLN H 135 64.62 39.27 -18.14
N VAL H 136 63.47 39.14 -17.48
CA VAL H 136 62.41 40.19 -17.52
C VAL H 136 62.77 41.28 -16.50
N GLN H 137 62.98 42.51 -16.98
CA GLN H 137 63.24 43.66 -16.06
C GLN H 137 62.09 43.74 -15.05
N PRO H 138 62.35 43.91 -13.74
CA PRO H 138 63.71 44.09 -13.21
C PRO H 138 64.29 42.83 -12.56
N ALA H 139 64.17 41.67 -13.24
CA ALA H 139 64.75 40.41 -12.75
C ALA H 139 64.30 40.14 -11.32
N ILE H 140 63.01 40.35 -11.04
CA ILE H 140 62.41 40.04 -9.71
C ILE H 140 62.94 38.68 -9.23
N THR H 141 63.63 38.66 -8.08
CA THR H 141 64.26 37.42 -7.63
C THR H 141 63.31 36.70 -6.68
N ILE H 142 63.08 35.42 -6.94
CA ILE H 142 62.15 34.59 -6.19
C ILE H 142 62.96 33.76 -5.19
N PRO H 143 62.70 33.90 -3.88
CA PRO H 143 63.41 33.05 -2.89
C PRO H 143 63.11 31.58 -3.08
N ALA H 144 64.03 30.72 -2.64
CA ALA H 144 63.91 29.28 -2.83
C ALA H 144 62.73 28.70 -2.07
N ASN H 145 62.53 29.10 -0.82
CA ASN H 145 61.52 28.51 0.04
C ASN H 145 60.17 29.22 -0.03
N ALA H 146 59.65 29.43 -1.23
CA ALA H 146 58.36 30.07 -1.39
C ALA H 146 57.26 29.04 -1.66
N LEU H 147 56.11 29.25 -1.04
CA LEU H 147 54.98 28.35 -1.20
C LEU H 147 54.05 28.74 -2.34
N SER H 148 53.89 30.04 -2.59
CA SER H 148 53.03 30.52 -3.66
C SER H 148 53.51 31.89 -4.09
N ILE H 149 53.29 32.19 -5.37
CA ILE H 149 53.66 33.48 -5.95
C ILE H 149 52.38 34.19 -6.39
N THR H 150 52.19 35.42 -5.91
CA THR H 150 51.00 36.21 -6.20
C THR H 150 51.43 37.48 -6.93
N ILE H 151 51.00 37.62 -8.18
CA ILE H 151 51.26 38.83 -8.96
C ILE H 151 49.97 39.64 -9.00
N GLY H 152 49.94 40.74 -8.27
CA GLY H 152 48.74 41.54 -8.09
C GLY H 152 48.38 42.34 -9.32
N ARG H 153 47.25 43.04 -9.21
CA ARG H 153 46.75 43.86 -10.31
C ARG H 153 47.64 45.05 -10.60
N ASP H 154 48.42 45.51 -9.62
CA ASP H 154 49.29 46.66 -9.78
C ASP H 154 50.74 46.28 -10.02
N GLY H 155 51.01 45.02 -10.34
CA GLY H 155 52.38 44.60 -10.59
C GLY H 155 53.18 44.22 -9.36
N VAL H 156 52.55 44.21 -8.18
CA VAL H 156 53.27 43.84 -6.97
C VAL H 156 53.36 42.32 -6.91
N VAL H 157 54.59 41.81 -6.96
CA VAL H 157 54.84 40.37 -6.91
C VAL H 157 55.25 40.02 -5.48
N SER H 158 54.49 39.12 -4.86
CA SER H 158 54.72 38.72 -3.48
C SER H 158 54.79 37.20 -3.40
N VAL H 159 55.43 36.71 -2.32
CA VAL H 159 55.52 35.29 -2.06
C VAL H 159 55.07 35.03 -0.63
N THR H 160 54.64 33.81 -0.35
CA THR H 160 54.21 33.40 0.98
C THR H 160 55.15 32.32 1.48
N GLN H 161 55.96 32.65 2.49
CA GLN H 161 56.93 31.72 3.04
C GLN H 161 56.29 30.83 4.11
N GLN H 162 56.91 29.68 4.34
CA GLN H 162 56.38 28.72 5.29
C GLN H 162 56.71 29.14 6.72
N GLY H 163 55.73 29.04 7.60
CA GLY H 163 55.94 29.33 9.01
C GLY H 163 55.92 30.80 9.34
N GLN H 164 55.72 31.66 8.33
CA GLN H 164 55.67 33.10 8.54
C GLN H 164 54.36 33.57 7.89
N ALA H 165 53.55 34.29 8.66
CA ALA H 165 52.14 34.49 8.33
C ALA H 165 51.88 35.64 7.37
N ALA H 166 52.91 36.36 6.95
CA ALA H 166 52.70 37.52 6.11
C ALA H 166 53.26 37.28 4.72
N PRO H 167 52.66 37.90 3.70
CA PRO H 167 53.27 37.85 2.36
C PRO H 167 54.50 38.73 2.29
N VAL H 168 55.51 38.23 1.58
CA VAL H 168 56.79 38.92 1.43
C VAL H 168 56.91 39.42 0.00
N GLN H 169 57.09 40.73 -0.16
CA GLN H 169 57.22 41.33 -1.47
C GLN H 169 58.65 41.20 -1.96
N VAL H 170 58.82 40.69 -3.18
CA VAL H 170 60.13 40.39 -3.73
C VAL H 170 60.43 41.21 -4.98
N GLY H 171 59.51 42.05 -5.42
CA GLY H 171 59.74 42.86 -6.59
C GLY H 171 58.49 43.62 -6.99
N GLN H 172 58.60 44.29 -8.13
CA GLN H 172 57.49 45.09 -8.67
C GLN H 172 57.55 45.01 -10.18
N LEU H 173 56.51 44.42 -10.78
CA LEU H 173 56.46 44.28 -12.22
C LEU H 173 55.93 45.57 -12.85
N ASN H 174 56.66 46.11 -13.82
CA ASN H 174 56.34 47.39 -14.43
C ASN H 174 55.99 47.18 -15.90
N LEU H 175 55.24 48.14 -16.45
CA LEU H 175 54.85 48.09 -17.85
C LEU H 175 55.34 49.32 -18.59
N THR H 176 55.83 49.11 -19.81
CA THR H 176 56.32 50.18 -20.66
C THR H 176 55.33 50.44 -21.79
N THR H 177 54.97 51.71 -21.96
CA THR H 177 54.07 52.13 -23.02
C THR H 177 54.83 53.01 -24.01
N PHE H 178 54.48 52.88 -25.29
CA PHE H 178 55.07 53.67 -26.36
C PHE H 178 53.99 54.52 -27.00
N MET H 179 54.40 55.72 -27.44
CA MET H 179 53.45 56.63 -28.09
C MET H 179 52.96 56.05 -29.41
N ASN H 180 53.83 55.34 -30.12
CA ASN H 180 53.45 54.62 -31.33
C ASN H 180 53.86 53.17 -31.17
N ASP H 181 52.89 52.30 -30.87
CA ASP H 181 53.16 50.88 -30.65
C ASP H 181 53.35 50.11 -31.95
N THR H 182 52.85 50.63 -33.07
CA THR H 182 52.89 49.88 -34.32
C THR H 182 54.29 49.87 -34.92
N GLY H 183 55.08 50.91 -34.67
CA GLY H 183 56.40 51.05 -35.26
C GLY H 183 57.51 50.27 -34.61
N LEU H 184 57.22 49.50 -33.56
CA LEU H 184 58.23 48.67 -32.92
C LEU H 184 58.76 47.64 -33.91
N GLU H 185 60.06 47.33 -33.82
CA GLU H 185 60.66 46.36 -34.72
C GLU H 185 60.55 44.97 -34.13
N SER H 186 59.76 44.10 -34.77
CA SER H 186 59.63 42.74 -34.31
C SER H 186 60.85 41.92 -34.72
N ILE H 187 61.49 41.27 -33.74
CA ILE H 187 62.65 40.43 -34.04
C ILE H 187 62.39 38.96 -33.82
N GLY H 188 61.14 38.54 -33.75
CA GLY H 188 60.81 37.16 -33.43
C GLY H 188 60.90 36.91 -31.93
N GLU H 189 60.64 35.66 -31.57
CA GLU H 189 60.68 35.22 -30.17
C GLU H 189 59.71 36.04 -29.32
N ASN H 190 58.61 36.50 -29.94
CA ASN H 190 57.63 37.37 -29.30
C ASN H 190 58.24 38.66 -28.78
N LEU H 191 59.27 39.18 -29.44
CA LEU H 191 60.01 40.33 -28.95
C LEU H 191 59.95 41.49 -29.92
N TYR H 192 59.69 42.68 -29.37
CA TYR H 192 59.72 43.94 -30.11
C TYR H 192 60.77 44.86 -29.52
N ILE H 193 61.63 45.40 -30.38
CA ILE H 193 62.66 46.35 -29.96
C ILE H 193 62.27 47.73 -30.44
N GLU H 194 62.93 48.73 -29.86
CA GLU H 194 62.60 50.12 -30.15
C GLU H 194 63.18 50.57 -31.49
N THR H 195 62.41 51.40 -32.20
CA THR H 195 62.90 52.13 -33.36
C THR H 195 62.79 53.62 -33.07
N GLN H 196 63.13 54.47 -34.02
CA GLN H 196 62.96 55.90 -33.80
C GLN H 196 61.53 56.36 -34.05
N SER H 197 60.70 55.53 -34.67
CA SER H 197 59.30 55.89 -34.88
C SER H 197 58.41 55.43 -33.73
N SER H 198 58.95 54.64 -32.80
CA SER H 198 58.16 54.15 -31.68
C SER H 198 58.32 55.05 -30.45
N GLY H 199 58.76 56.29 -30.67
CA GLY H 199 58.90 57.22 -29.57
C GLY H 199 59.96 56.78 -28.58
N ALA H 200 59.64 56.88 -27.30
CA ALA H 200 60.55 56.56 -26.21
C ALA H 200 59.84 55.63 -25.25
N PRO H 201 60.59 54.80 -24.52
CA PRO H 201 59.94 53.86 -23.59
C PRO H 201 59.44 54.55 -22.33
N ASN H 202 58.13 54.67 -22.19
CA ASN H 202 57.54 55.33 -21.03
C ASN H 202 57.18 54.27 -19.98
N GLU H 203 57.99 54.17 -18.95
CA GLU H 203 57.76 53.21 -17.88
C GLU H 203 56.67 53.71 -16.95
N SER H 204 55.82 52.79 -16.50
CA SER H 204 54.73 53.14 -15.61
C SER H 204 54.20 51.88 -14.92
N THR H 205 53.55 52.10 -13.78
CA THR H 205 52.97 51.02 -13.00
C THR H 205 51.71 50.50 -13.69
N PRO H 206 51.45 49.19 -13.59
CA PRO H 206 50.26 48.63 -14.25
C PRO H 206 48.96 49.01 -13.58
N GLY H 207 48.35 50.09 -14.09
CA GLY H 207 47.01 50.48 -13.59
C GLY H 207 46.83 51.98 -13.68
N LEU H 208 47.93 52.71 -13.90
CA LEU H 208 47.84 54.19 -13.88
C LEU H 208 48.40 54.76 -15.19
N ASN H 209 48.17 56.06 -15.43
CA ASN H 209 48.71 56.74 -16.64
C ASN H 209 48.01 56.21 -17.88
N GLY H 210 48.11 54.91 -18.14
CA GLY H 210 47.47 54.29 -19.31
C GLY H 210 47.83 52.82 -19.37
N ALA H 211 48.86 52.41 -18.62
CA ALA H 211 49.30 51.03 -18.70
C ALA H 211 48.15 50.12 -18.25
N GLY H 212 48.16 48.89 -18.76
CA GLY H 212 47.10 47.96 -18.45
C GLY H 212 47.29 47.26 -17.13
N LEU H 213 46.29 46.48 -16.76
CA LEU H 213 46.33 45.68 -15.53
C LEU H 213 46.92 44.31 -15.82
N LEU H 214 47.45 43.68 -14.78
CA LEU H 214 48.04 42.36 -14.89
C LEU H 214 47.15 41.32 -14.20
N TYR H 215 46.69 40.34 -14.96
CA TYR H 215 45.88 39.25 -14.44
C TYR H 215 46.72 37.99 -14.34
N GLN H 216 46.75 37.39 -13.16
CA GLN H 216 47.47 36.15 -12.93
C GLN H 216 46.63 34.95 -13.35
N GLY H 217 47.30 33.92 -13.85
CA GLY H 217 46.61 32.75 -14.34
C GLY H 217 45.98 32.90 -15.70
N TYR H 218 46.22 34.02 -16.39
CA TYR H 218 45.63 34.29 -17.69
C TYR H 218 46.73 34.52 -18.72
N VAL H 219 46.43 34.20 -19.97
CA VAL H 219 47.33 34.47 -21.09
C VAL H 219 46.53 35.15 -22.18
N GLU H 220 47.17 36.12 -22.83
CA GLU H 220 46.54 36.85 -23.92
C GLU H 220 46.81 36.12 -25.23
N THR H 221 45.78 35.53 -25.81
CA THR H 221 45.91 34.80 -27.05
C THR H 221 46.00 35.78 -28.22
N SER H 222 46.35 35.26 -29.40
CA SER H 222 46.46 36.09 -30.59
C SER H 222 45.08 36.58 -31.04
N ASN H 223 45.06 37.77 -31.61
CA ASN H 223 43.82 38.39 -32.08
C ASN H 223 43.50 38.02 -33.53
N VAL H 224 44.10 36.97 -34.07
CA VAL H 224 43.89 36.58 -35.46
C VAL H 224 42.45 36.15 -35.66
N ASN H 225 41.72 36.89 -36.50
CA ASN H 225 40.34 36.55 -36.87
C ASN H 225 40.41 35.65 -38.09
N VAL H 226 39.94 34.41 -37.94
CA VAL H 226 40.29 33.36 -38.90
C VAL H 226 39.37 33.39 -40.12
N ALA H 227 38.08 33.63 -39.92
CA ALA H 227 37.16 33.68 -41.06
C ALA H 227 37.52 34.81 -42.02
N GLU H 228 37.93 35.95 -41.46
CA GLU H 228 38.46 37.03 -42.29
C GLU H 228 39.66 36.57 -43.09
N GLU H 229 40.53 35.76 -42.48
CA GLU H 229 41.69 35.24 -43.21
C GLU H 229 41.27 34.29 -44.32
N LEU H 230 40.24 33.47 -44.11
CA LEU H 230 39.77 32.58 -45.16
C LEU H 230 39.21 33.37 -46.34
N VAL H 231 38.38 34.38 -46.06
CA VAL H 231 37.84 35.20 -47.13
C VAL H 231 38.96 35.93 -47.87
N ASN H 232 39.94 36.45 -47.12
CA ASN H 232 41.07 37.11 -47.76
C ASN H 232 41.92 36.14 -48.58
N MET H 233 42.00 34.88 -48.16
CA MET H 233 42.70 33.88 -48.97
C MET H 233 41.98 33.66 -50.29
N ILE H 234 40.65 33.57 -50.25
CA ILE H 234 39.88 33.44 -51.49
C ILE H 234 40.17 34.64 -52.40
N GLN H 235 40.14 35.85 -51.82
CA GLN H 235 40.42 37.06 -52.60
C GLN H 235 41.82 37.01 -53.20
N VAL H 236 42.82 36.61 -52.42
CA VAL H 236 44.20 36.60 -52.90
C VAL H 236 44.35 35.60 -54.04
N GLN H 237 43.73 34.42 -53.90
CA GLN H 237 43.80 33.44 -54.98
C GLN H 237 43.19 33.97 -56.26
N ARG H 238 42.00 34.58 -56.16
CA ARG H 238 41.37 35.11 -57.36
C ARG H 238 42.17 36.23 -58.00
N ALA H 239 42.73 37.13 -57.18
CA ALA H 239 43.53 38.22 -57.74
C ALA H 239 44.80 37.71 -58.39
N TYR H 240 45.45 36.72 -57.79
CA TYR H 240 46.66 36.16 -58.38
C TYR H 240 46.32 35.49 -59.72
N GLU H 241 45.19 34.79 -59.78
CA GLU H 241 44.76 34.20 -61.04
C GLU H 241 44.50 35.26 -62.11
N ILE H 242 43.85 36.35 -61.74
CA ILE H 242 43.53 37.40 -62.71
C ILE H 242 44.81 38.07 -63.23
N ASN H 243 45.76 38.34 -62.33
CA ASN H 243 47.02 38.93 -62.77
C ASN H 243 47.80 37.98 -63.67
N SER H 244 47.79 36.68 -63.36
CA SER H 244 48.39 35.71 -64.25
C SER H 244 47.70 35.69 -65.60
N LYS H 245 46.38 35.87 -65.62
CA LYS H 245 45.65 35.95 -66.88
C LYS H 245 46.09 37.17 -67.70
N ALA H 246 46.30 38.30 -67.03
CA ALA H 246 46.84 39.47 -67.72
C ALA H 246 48.22 39.19 -68.31
N VAL H 247 49.08 38.51 -67.54
CA VAL H 247 50.40 38.13 -68.05
C VAL H 247 50.26 37.26 -69.29
N SER H 248 49.34 36.29 -69.24
CA SER H 248 49.14 35.39 -70.38
C SER H 248 48.63 36.14 -71.61
N THR H 249 47.73 37.09 -71.40
CA THR H 249 47.25 37.90 -72.53
C THR H 249 48.38 38.71 -73.15
N THR H 250 49.24 39.30 -72.30
CA THR H 250 50.40 40.00 -72.83
C THR H 250 51.31 39.07 -73.61
N ASP H 251 51.51 37.85 -73.10
CA ASP H 251 52.32 36.87 -73.81
C ASP H 251 51.73 36.51 -75.16
N GLN H 252 50.41 36.32 -75.23
CA GLN H 252 49.78 36.00 -76.50
C GLN H 252 49.90 37.15 -77.50
N MET H 253 49.72 38.39 -77.04
CA MET H 253 49.90 39.53 -77.92
C MET H 253 51.34 39.58 -78.45
N LEU H 254 52.32 39.40 -77.56
CA LEU H 254 53.71 39.40 -77.98
C LEU H 254 54.00 38.28 -78.96
N GLN H 255 53.48 37.08 -78.71
CA GLN H 255 53.70 35.95 -79.60
C GLN H 255 53.16 36.23 -80.99
N LYS H 256 51.93 36.73 -81.08
CA LYS H 256 51.36 37.00 -82.38
C LYS H 256 52.14 38.12 -83.06
N LEU H 257 52.68 39.04 -82.27
CA LEU H 257 53.51 40.10 -82.83
C LEU H 257 54.80 39.55 -83.45
N THR H 258 55.47 38.64 -82.75
CA THR H 258 56.71 38.08 -83.30
C THR H 258 56.44 37.11 -84.45
N GLN H 259 55.21 36.59 -84.52
CA GLN H 259 54.87 35.69 -85.63
C GLN H 259 54.84 36.44 -86.96
N LEU H 260 54.89 37.77 -86.90
CA LEU H 260 54.91 38.61 -88.10
C LEU H 260 56.04 38.23 -89.04
N MET I 1 34.70 45.45 -80.32
CA MET I 1 34.92 45.60 -81.75
C MET I 1 34.07 44.62 -82.53
N ILE I 2 33.39 43.73 -81.81
CA ILE I 2 32.36 42.86 -82.38
C ILE I 2 31.13 42.96 -81.47
N SER I 3 29.95 42.97 -82.08
CA SER I 3 28.73 43.32 -81.35
C SER I 3 28.38 42.29 -80.29
N SER I 4 28.56 41.01 -80.60
CA SER I 4 28.20 39.93 -79.68
C SER I 4 28.94 40.08 -78.36
N LEU I 5 30.19 40.51 -78.43
CA LEU I 5 31.00 40.72 -77.23
C LEU I 5 30.46 41.85 -76.37
N TRP I 6 30.04 42.97 -76.96
CA TRP I 6 29.40 44.03 -76.19
C TRP I 6 28.10 43.57 -75.54
N ILE I 7 27.28 42.82 -76.30
CA ILE I 7 26.02 42.33 -75.74
C ILE I 7 26.30 41.40 -74.55
N ALA I 8 27.27 40.51 -74.69
CA ALA I 8 27.60 39.60 -73.60
C ALA I 8 28.19 40.35 -72.41
N LYS I 9 28.95 41.42 -72.65
CA LYS I 9 29.42 42.25 -71.54
C LYS I 9 28.26 42.86 -70.78
N THR I 10 27.27 43.38 -71.51
CA THR I 10 26.10 43.95 -70.85
C THR I 10 25.37 42.91 -70.03
N GLY I 11 25.20 41.71 -70.58
CA GLY I 11 24.56 40.63 -69.84
C GLY I 11 25.32 40.27 -68.57
N LEU I 12 26.65 40.14 -68.69
CA LEU I 12 27.48 39.80 -67.54
C LEU I 12 27.34 40.85 -66.44
N ASP I 13 27.32 42.14 -66.78
CA ASP I 13 27.32 43.17 -65.72
C ASP I 13 25.98 43.21 -64.97
N ALA I 14 24.89 42.99 -65.70
CA ALA I 14 23.56 43.02 -65.06
C ALA I 14 23.50 41.94 -64.00
N GLN I 15 24.04 40.76 -64.29
CA GLN I 15 23.98 39.64 -63.32
C GLN I 15 24.89 39.97 -62.15
N GLN I 16 26.03 40.61 -62.43
CA GLN I 16 26.87 41.03 -61.29
C GLN I 16 25.99 41.92 -60.40
N THR I 17 25.25 42.86 -60.99
CA THR I 17 24.45 43.80 -60.18
C THR I 17 23.40 43.01 -59.41
N ASN I 18 22.74 42.06 -60.07
CA ASN I 18 21.66 41.31 -59.39
C ASN I 18 22.27 40.61 -58.20
N MET I 19 23.44 40.01 -58.38
CA MET I 19 24.12 39.39 -57.21
C MET I 19 24.48 40.53 -56.26
N ASP I 20 24.96 41.66 -56.79
CA ASP I 20 25.22 42.68 -55.78
C ASP I 20 23.98 43.00 -54.97
N VAL I 21 22.83 43.08 -55.64
CA VAL I 21 21.57 43.30 -54.93
C VAL I 21 21.29 42.15 -53.96
N ILE I 22 21.52 40.91 -54.42
CA ILE I 22 21.30 39.75 -53.57
C ILE I 22 22.22 39.80 -52.36
N ALA I 23 23.49 40.15 -52.58
CA ALA I 23 24.46 40.21 -51.48
C ALA I 23 24.08 41.29 -50.47
N ASN I 24 23.63 42.44 -50.95
CA ASN I 24 23.17 43.48 -50.03
C ASN I 24 21.95 43.02 -49.24
N ASN I 25 21.02 42.33 -49.88
CA ASN I 25 19.85 41.82 -49.17
C ASN I 25 20.27 40.83 -48.09
N LEU I 26 21.24 39.97 -48.40
CA LEU I 26 21.70 38.99 -47.42
C LEU I 26 22.46 39.64 -46.27
N ALA I 27 23.26 40.67 -46.55
CA ALA I 27 24.06 41.31 -45.52
C ALA I 27 23.23 42.08 -44.51
N ASN I 28 22.04 42.55 -44.89
CA ASN I 28 21.18 43.34 -44.02
C ASN I 28 20.04 42.52 -43.43
N VAL I 29 20.23 41.21 -43.26
CA VAL I 29 19.19 40.37 -42.68
C VAL I 29 18.96 40.72 -41.21
N SER I 30 19.99 41.18 -40.50
CA SER I 30 19.87 41.50 -39.09
C SER I 30 19.56 42.97 -38.82
N THR I 31 19.49 43.80 -39.86
CA THR I 31 19.18 45.22 -39.66
C THR I 31 17.69 45.40 -39.41
N ASN I 32 17.37 46.29 -38.48
CA ASN I 32 15.98 46.56 -38.14
C ASN I 32 15.37 47.56 -39.11
N GLY I 33 14.17 47.26 -39.59
CA GLY I 33 13.48 48.13 -40.51
C GLY I 33 14.15 48.27 -41.86
N PHE I 34 14.68 47.17 -42.37
CA PHE I 34 15.29 47.12 -43.70
C PHE I 34 14.28 46.59 -44.70
N LYS I 35 14.33 47.17 -45.90
CA LYS I 35 13.44 46.73 -46.99
C LYS I 35 14.34 46.19 -48.09
N ARG I 36 14.12 44.97 -48.53
CA ARG I 36 14.99 44.31 -49.49
C ARG I 36 14.75 44.86 -50.89
N GLN I 37 15.79 44.80 -51.72
CA GLN I 37 15.79 45.48 -53.01
C GLN I 37 15.62 44.48 -54.14
N ARG I 38 15.08 44.98 -55.25
CA ARG I 38 14.95 44.13 -56.46
C ARG I 38 15.39 45.00 -57.63
N ALA I 39 16.10 44.44 -58.60
CA ALA I 39 16.57 45.16 -59.77
C ALA I 39 15.64 44.91 -60.94
N VAL I 40 15.48 45.91 -61.80
CA VAL I 40 14.67 45.80 -63.01
C VAL I 40 15.60 45.98 -64.20
N PHE I 41 15.66 44.96 -65.05
CA PHE I 41 16.52 44.98 -66.23
C PHE I 41 15.70 45.26 -67.48
N GLU I 42 16.37 45.82 -68.49
CA GLU I 42 15.63 46.51 -69.53
C GLU I 42 16.32 46.24 -70.87
N ASP I 43 15.57 46.34 -71.96
CA ASP I 43 16.15 46.11 -73.27
C ASP I 43 16.92 47.34 -73.74
N LEU I 44 18.10 47.11 -74.30
CA LEU I 44 18.92 48.18 -74.88
C LEU I 44 18.52 48.44 -76.33
N LEU I 45 19.38 49.16 -77.05
CA LEU I 45 19.10 49.57 -78.42
C LEU I 45 18.84 48.38 -79.33
N TYR I 46 18.13 48.65 -80.43
CA TYR I 46 17.80 47.67 -81.45
C TYR I 46 18.20 48.29 -82.80
N GLN I 47 19.28 47.80 -83.39
CA GLN I 47 19.71 48.27 -84.70
C GLN I 47 18.67 47.92 -85.75
N THR I 48 18.21 48.93 -86.48
CA THR I 48 17.00 48.78 -87.28
C THR I 48 17.22 47.90 -88.51
N ILE I 49 18.35 48.05 -89.20
CA ILE I 49 18.61 47.38 -90.47
C ILE I 49 17.38 47.55 -91.37
N ARG I 50 16.80 46.43 -91.79
CA ARG I 50 15.54 46.47 -92.54
C ARG I 50 14.41 46.90 -91.63
N GLN I 51 13.73 47.99 -92.00
CA GLN I 51 12.64 48.50 -91.18
C GLN I 51 11.47 47.52 -91.19
N PRO I 52 10.92 47.17 -90.02
CA PRO I 52 9.75 46.28 -90.01
C PRO I 52 8.49 46.97 -90.52
N GLY I 53 7.86 46.40 -91.54
CA GLY I 53 6.69 47.00 -92.13
C GLY I 53 7.01 47.81 -93.37
N ALA I 54 8.28 47.89 -93.73
CA ALA I 54 8.70 48.65 -94.90
C ALA I 54 8.14 48.02 -96.17
N GLN I 55 7.79 48.88 -97.12
CA GLN I 55 7.16 48.45 -98.37
C GLN I 55 8.20 47.81 -99.27
N SER I 56 8.33 46.50 -99.20
CA SER I 56 9.26 45.85 -100.16
C SER I 56 8.73 46.14 -101.55
N SER I 57 7.56 45.60 -101.89
CA SER I 57 6.96 45.90 -103.21
C SER I 57 5.88 46.95 -103.00
N GLU I 58 5.22 47.35 -104.08
CA GLU I 58 4.16 48.39 -103.98
C GLU I 58 2.96 47.79 -103.25
N GLN I 59 2.89 46.46 -103.15
CA GLN I 59 1.70 45.82 -102.55
C GLN I 59 2.08 45.00 -101.31
N THR I 60 3.30 44.46 -101.25
CA THR I 60 3.66 43.54 -100.15
C THR I 60 4.45 44.23 -99.05
N THR I 61 3.93 44.25 -97.82
CA THR I 61 4.80 44.77 -96.78
C THR I 61 5.75 43.68 -96.27
N LEU I 62 6.79 44.11 -95.57
CA LEU I 62 7.75 43.18 -94.98
C LEU I 62 7.42 43.03 -93.50
N PRO I 63 6.92 41.88 -93.06
CA PRO I 63 6.54 41.71 -91.65
C PRO I 63 7.76 41.39 -90.80
N SER I 64 7.94 42.15 -89.71
CA SER I 64 8.95 41.85 -88.70
C SER I 64 10.36 41.80 -89.28
N GLY I 65 10.86 42.93 -89.78
CA GLY I 65 12.16 42.98 -90.40
C GLY I 65 13.30 42.67 -89.45
N LEU I 66 14.53 42.87 -89.95
CA LEU I 66 15.74 42.45 -89.24
C LEU I 66 16.04 43.44 -88.11
N GLN I 67 15.56 43.11 -86.92
CA GLN I 67 15.81 43.91 -85.72
C GLN I 67 16.96 43.34 -84.89
N ILE I 68 18.18 43.66 -85.30
CA ILE I 68 19.35 43.30 -84.51
C ILE I 68 19.42 44.21 -83.30
N GLY I 69 19.46 43.62 -82.11
CA GLY I 69 19.41 44.40 -80.90
C GLY I 69 20.72 44.39 -80.13
N THR I 70 20.81 45.33 -79.19
CA THR I 70 21.94 45.43 -78.27
C THR I 70 21.58 44.65 -77.00
N GLY I 71 22.38 44.67 -75.93
CA GLY I 71 22.15 43.82 -74.79
C GLY I 71 21.09 44.34 -73.84
N VAL I 72 21.43 44.33 -72.55
CA VAL I 72 20.49 44.62 -71.48
C VAL I 72 21.06 45.71 -70.57
N ARG I 73 20.17 46.46 -69.93
CA ARG I 73 20.54 47.50 -68.99
C ARG I 73 19.59 47.45 -67.81
N PRO I 74 20.07 47.65 -66.58
CA PRO I 74 19.15 47.72 -65.43
C PRO I 74 18.49 49.08 -65.36
N VAL I 75 17.15 49.08 -65.32
CA VAL I 75 16.38 50.32 -65.24
C VAL I 75 16.61 50.99 -63.89
N ALA I 76 16.37 50.24 -62.81
CA ALA I 76 16.41 50.80 -61.47
C ALA I 76 16.27 49.72 -60.42
N THR I 77 16.47 50.13 -59.17
CA THR I 77 16.29 49.24 -58.03
C THR I 77 15.08 49.71 -57.23
N GLU I 78 14.12 48.80 -57.02
CA GLU I 78 12.89 49.10 -56.31
C GLU I 78 12.89 48.38 -54.96
N ARG I 79 12.51 49.11 -53.91
CA ARG I 79 12.30 48.52 -52.60
C ARG I 79 10.88 48.04 -52.47
N LEU I 80 10.71 46.87 -51.86
CA LEU I 80 9.38 46.34 -51.56
C LEU I 80 9.06 46.75 -50.12
N HIS I 81 8.25 47.78 -49.97
CA HIS I 81 7.91 48.31 -48.66
C HIS I 81 6.81 47.44 -48.06
N SER I 82 7.21 46.37 -47.38
CA SER I 82 6.27 45.47 -46.74
C SER I 82 6.61 45.40 -45.25
N GLN I 83 5.59 45.05 -44.47
CA GLN I 83 5.72 45.04 -43.01
C GLN I 83 6.55 43.85 -42.57
N GLY I 84 7.71 44.11 -41.98
CA GLY I 84 8.51 43.04 -41.43
C GLY I 84 7.92 42.49 -40.14
N ASN I 85 8.38 41.29 -39.78
CA ASN I 85 7.89 40.65 -38.56
C ASN I 85 8.35 41.43 -37.34
N LEU I 86 7.45 41.56 -36.36
CA LEU I 86 7.78 42.28 -35.14
C LEU I 86 8.41 41.34 -34.12
N SER I 87 9.50 41.78 -33.51
CA SER I 87 10.24 41.00 -32.54
C SER I 87 10.21 41.71 -31.19
N GLN I 88 9.87 40.97 -30.15
CA GLN I 88 9.77 41.52 -28.80
C GLN I 88 11.16 41.58 -28.18
N THR I 89 11.56 42.76 -27.72
CA THR I 89 12.87 42.96 -27.10
C THR I 89 12.66 43.43 -25.67
N ASN I 90 11.39 43.61 -25.30
CA ASN I 90 11.00 44.05 -23.96
C ASN I 90 11.76 45.30 -23.52
N ASN I 91 11.80 46.31 -24.39
CA ASN I 91 12.51 47.55 -24.11
C ASN I 91 11.53 48.72 -24.10
N SER I 92 11.66 49.59 -23.10
CA SER I 92 10.79 50.76 -23.02
C SER I 92 11.07 51.76 -24.14
N LYS I 93 12.22 51.67 -24.79
CA LYS I 93 12.59 52.63 -25.82
C LYS I 93 12.49 52.09 -27.24
N ASP I 94 12.25 50.79 -27.41
CA ASP I 94 12.08 50.22 -28.74
C ASP I 94 10.63 50.42 -29.19
N VAL I 95 10.46 50.98 -30.39
CA VAL I 95 9.14 51.24 -30.96
C VAL I 95 9.10 50.64 -32.36
N ALA I 96 8.02 49.93 -32.67
CA ALA I 96 7.84 49.31 -33.98
C ALA I 96 6.57 49.84 -34.64
N ILE I 97 6.65 50.04 -35.94
CA ILE I 97 5.53 50.52 -36.72
C ILE I 97 4.84 49.33 -37.36
N LYS I 98 3.52 49.23 -37.15
CA LYS I 98 2.71 48.18 -37.74
C LYS I 98 2.07 48.59 -39.07
N GLY I 99 1.97 49.89 -39.31
CA GLY I 99 1.27 50.36 -40.52
C GLY I 99 2.23 50.87 -41.56
N GLN I 100 1.96 52.05 -42.12
CA GLN I 100 2.81 52.57 -43.23
C GLN I 100 3.24 53.99 -42.90
N GLY I 101 4.09 54.14 -41.90
CA GLY I 101 4.60 55.44 -41.53
C GLY I 101 6.11 55.45 -41.45
N PHE I 102 6.65 56.64 -41.22
CA PHE I 102 8.08 56.86 -41.06
C PHE I 102 8.33 57.82 -39.90
N PHE I 103 9.35 57.50 -39.10
CA PHE I 103 9.87 58.43 -38.12
C PHE I 103 10.69 59.51 -38.80
N GLN I 104 10.62 60.72 -38.27
CA GLN I 104 11.36 61.86 -38.81
C GLN I 104 12.47 62.25 -37.84
N VAL I 105 13.67 62.44 -38.37
CA VAL I 105 14.84 62.82 -37.57
C VAL I 105 15.52 64.01 -38.23
N MET I 106 16.29 64.74 -37.43
CA MET I 106 17.01 65.92 -37.92
C MET I 106 18.49 65.59 -38.05
N LEU I 107 19.03 65.78 -39.24
CA LEU I 107 20.45 65.63 -39.48
C LEU I 107 21.20 66.84 -38.94
N PRO I 108 22.50 66.69 -38.63
CA PRO I 108 23.25 67.84 -38.09
C PRO I 108 23.25 69.06 -39.00
N ASP I 109 23.12 68.87 -40.31
CA ASP I 109 23.08 70.02 -41.23
C ASP I 109 21.76 70.79 -41.17
N GLY I 110 20.75 70.28 -40.47
CA GLY I 110 19.46 70.93 -40.37
C GLY I 110 18.38 70.31 -41.23
N THR I 111 18.74 69.49 -42.21
CA THR I 111 17.78 68.82 -43.06
C THR I 111 17.11 67.68 -42.31
N SER I 112 15.98 67.22 -42.85
CA SER I 112 15.18 66.18 -42.22
C SER I 112 15.32 64.87 -42.99
N ALA I 113 15.63 63.81 -42.26
CA ALA I 113 15.68 62.46 -42.82
C ALA I 113 14.57 61.62 -42.21
N TYR I 114 14.32 60.46 -42.80
CA TYR I 114 13.23 59.60 -42.37
C TYR I 114 13.73 58.17 -42.20
N THR I 115 13.37 57.55 -41.09
CA THR I 115 13.83 56.21 -40.75
C THR I 115 12.66 55.40 -40.21
N ARG I 116 12.76 54.08 -40.34
CA ARG I 116 11.76 53.17 -39.81
C ARG I 116 12.30 52.30 -38.67
N ASP I 117 13.55 52.50 -38.28
CA ASP I 117 14.11 51.78 -37.14
C ASP I 117 13.76 52.50 -35.85
N GLY I 118 13.15 51.77 -34.92
CA GLY I 118 12.69 52.34 -33.67
C GLY I 118 13.62 52.19 -32.48
N SER I 119 14.87 51.79 -32.68
CA SER I 119 15.83 51.71 -31.58
C SER I 119 16.17 53.12 -31.12
N PHE I 120 15.59 53.53 -30.00
CA PHE I 120 15.73 54.89 -29.48
C PHE I 120 16.60 54.89 -28.24
N GLN I 121 17.39 55.95 -28.08
CA GLN I 121 18.23 56.14 -26.91
C GLN I 121 18.01 57.56 -26.37
N VAL I 122 18.43 57.76 -25.13
CA VAL I 122 18.35 59.05 -24.47
C VAL I 122 19.77 59.56 -24.26
N ASP I 123 20.05 60.76 -24.78
CA ASP I 123 21.38 61.32 -24.71
C ASP I 123 21.60 61.99 -23.34
N GLN I 124 22.74 62.66 -23.18
CA GLN I 124 23.07 63.27 -21.90
C GLN I 124 22.17 64.47 -21.59
N ASN I 125 21.42 64.96 -22.59
CA ASN I 125 20.49 66.06 -22.35
C ASN I 125 19.05 65.61 -22.24
N GLY I 126 18.74 64.34 -22.52
CA GLY I 126 17.40 63.82 -22.39
C GLY I 126 16.60 63.72 -23.67
N GLN I 127 17.15 64.16 -24.79
CA GLN I 127 16.42 64.12 -26.05
C GLN I 127 16.50 62.74 -26.68
N LEU I 128 15.37 62.31 -27.25
CA LEU I 128 15.33 61.01 -27.92
C LEU I 128 16.13 61.07 -29.22
N VAL I 129 17.13 60.19 -29.33
CA VAL I 129 17.96 60.10 -30.51
C VAL I 129 17.92 58.67 -31.03
N THR I 130 18.38 58.49 -32.25
CA THR I 130 18.52 57.15 -32.81
C THR I 130 19.82 56.52 -32.34
N ALA I 131 20.12 55.33 -32.87
CA ALA I 131 21.37 54.67 -32.55
C ALA I 131 22.58 55.45 -33.04
N GLY I 132 22.43 56.28 -34.06
CA GLY I 132 23.52 57.10 -34.56
C GLY I 132 23.59 58.46 -33.91
N GLY I 133 22.69 58.72 -32.97
CA GLY I 133 22.69 59.97 -32.24
C GLY I 133 21.89 61.10 -32.86
N PHE I 134 21.31 60.89 -34.04
CA PHE I 134 20.51 61.93 -34.68
C PHE I 134 19.24 62.18 -33.88
N GLN I 135 18.92 63.46 -33.68
CA GLN I 135 17.78 63.85 -32.87
C GLN I 135 16.48 63.58 -33.62
N VAL I 136 15.55 62.91 -32.94
CA VAL I 136 14.24 62.51 -33.55
C VAL I 136 13.28 63.70 -33.51
N GLN I 137 12.50 63.89 -34.59
CA GLN I 137 11.59 65.06 -34.72
C GLN I 137 10.14 64.56 -34.80
N PRO I 138 9.14 65.25 -34.18
CA PRO I 138 9.37 66.55 -33.54
C PRO I 138 10.00 66.39 -32.14
N ALA I 139 10.47 67.49 -31.54
CA ALA I 139 11.33 67.34 -30.36
C ALA I 139 10.55 66.62 -29.26
N ILE I 140 11.11 65.54 -28.71
CA ILE I 140 10.68 65.02 -27.38
C ILE I 140 11.88 65.17 -26.43
N THR I 141 11.60 65.25 -25.14
CA THR I 141 12.57 65.36 -24.06
C THR I 141 12.15 64.50 -22.89
N ILE I 142 13.09 63.75 -22.33
CA ILE I 142 12.85 62.86 -21.20
C ILE I 142 13.53 63.47 -19.97
N PRO I 143 12.83 63.62 -18.84
CA PRO I 143 13.45 64.22 -17.66
C PRO I 143 14.36 63.24 -16.92
N ALA I 144 15.21 63.76 -16.05
CA ALA I 144 16.20 62.94 -15.35
C ALA I 144 15.56 61.92 -14.43
N ASN I 145 14.64 62.37 -13.57
CA ASN I 145 14.01 61.51 -12.58
C ASN I 145 12.85 60.70 -13.15
N ALA I 146 13.13 59.86 -14.13
CA ALA I 146 12.09 59.03 -14.74
C ALA I 146 12.10 57.63 -14.13
N LEU I 147 10.90 57.10 -13.93
CA LEU I 147 10.75 55.73 -13.46
C LEU I 147 10.39 54.76 -14.58
N SER I 148 9.69 55.25 -15.60
CA SER I 148 9.31 54.44 -16.76
C SER I 148 8.86 55.36 -17.87
N ILE I 149 9.04 54.91 -19.11
CA ILE I 149 8.60 55.63 -20.29
C ILE I 149 7.53 54.80 -20.99
N THR I 150 6.36 55.41 -21.19
CA THR I 150 5.22 54.73 -21.82
C THR I 150 4.91 55.45 -23.12
N ILE I 151 5.15 54.78 -24.24
CA ILE I 151 4.85 55.33 -25.56
C ILE I 151 3.59 54.66 -26.07
N GLY I 152 2.48 55.39 -26.05
CA GLY I 152 1.22 54.73 -26.44
C GLY I 152 1.15 54.45 -27.92
N ARG I 153 0.09 53.79 -28.38
CA ARG I 153 -0.08 53.58 -29.84
C ARG I 153 -0.63 54.89 -30.42
N ASP I 154 -0.71 55.93 -29.59
CA ASP I 154 -1.14 57.27 -30.06
C ASP I 154 0.03 58.23 -29.92
N GLY I 155 1.25 57.71 -30.06
CA GLY I 155 2.46 58.51 -29.97
C GLY I 155 2.56 59.38 -28.74
N VAL I 156 1.64 59.26 -27.80
CA VAL I 156 1.70 60.06 -26.58
C VAL I 156 2.73 59.46 -25.65
N VAL I 157 3.87 60.13 -25.49
CA VAL I 157 4.95 59.67 -24.64
C VAL I 157 4.73 60.22 -23.24
N SER I 158 4.67 59.35 -22.25
CA SER I 158 4.41 59.73 -20.87
C SER I 158 5.50 59.19 -19.97
N VAL I 159 5.75 59.90 -18.87
CA VAL I 159 6.75 59.53 -17.88
C VAL I 159 6.10 59.54 -16.51
N THR I 160 6.27 58.42 -15.79
CA THR I 160 5.67 58.24 -14.45
C THR I 160 6.60 58.79 -13.38
N GLN I 161 6.42 60.06 -13.03
CA GLN I 161 7.30 60.68 -12.03
C GLN I 161 7.09 60.00 -10.67
N GLN I 162 8.10 60.09 -9.80
CA GLN I 162 8.00 59.45 -8.47
C GLN I 162 7.09 60.30 -7.58
N GLY I 163 5.89 59.80 -7.29
CA GLY I 163 4.99 60.52 -6.37
C GLY I 163 3.83 61.17 -7.10
N GLN I 164 4.09 61.66 -8.30
CA GLN I 164 2.97 62.20 -9.11
C GLN I 164 2.14 60.99 -9.56
N ALA I 165 1.20 60.56 -8.72
CA ALA I 165 0.34 59.42 -9.02
C ALA I 165 -0.17 59.42 -10.45
N ALA I 166 0.11 60.49 -11.20
CA ALA I 166 -0.37 60.62 -12.55
C ALA I 166 0.79 60.66 -13.53
N PRO I 167 0.67 59.98 -14.68
CA PRO I 167 1.72 60.07 -15.69
C PRO I 167 1.79 61.46 -16.30
N VAL I 168 3.02 61.86 -16.63
CA VAL I 168 3.30 63.19 -17.15
C VAL I 168 3.64 63.09 -18.63
N GLN I 169 2.88 63.77 -19.47
CA GLN I 169 3.10 63.80 -20.90
C GLN I 169 4.33 64.67 -21.20
N VAL I 170 5.23 64.15 -22.03
CA VAL I 170 6.46 64.84 -22.36
C VAL I 170 6.59 65.13 -23.85
N GLY I 171 5.56 64.84 -24.63
CA GLY I 171 5.59 65.15 -26.04
C GLY I 171 4.63 64.26 -26.82
N GLN I 172 4.82 64.28 -28.14
CA GLN I 172 3.98 63.49 -29.05
C GLN I 172 4.87 62.99 -30.18
N LEU I 173 4.84 61.68 -30.43
CA LEU I 173 5.63 61.08 -31.48
C LEU I 173 4.79 60.98 -32.76
N ASN I 174 5.27 61.59 -33.84
CA ASN I 174 4.51 61.70 -35.08
C ASN I 174 5.17 60.90 -36.19
N LEU I 175 4.35 60.47 -37.15
CA LEU I 175 4.81 59.70 -38.29
C LEU I 175 4.55 60.46 -39.58
N THR I 176 5.53 60.47 -40.48
CA THR I 176 5.40 61.11 -41.77
C THR I 176 5.24 60.05 -42.86
N THR I 177 4.25 60.25 -43.72
CA THR I 177 3.97 59.33 -44.81
C THR I 177 4.15 60.06 -46.13
N PHE I 178 4.40 59.29 -47.18
CA PHE I 178 4.66 59.81 -48.52
C PHE I 178 3.72 59.16 -49.54
N MET I 179 3.49 59.86 -50.64
CA MET I 179 2.77 59.28 -51.77
C MET I 179 3.51 58.06 -52.31
N ASN I 180 4.81 58.19 -52.54
CA ASN I 180 5.62 57.12 -53.10
C ASN I 180 6.79 56.85 -52.16
N ASP I 181 6.70 55.76 -51.40
CA ASP I 181 7.75 55.37 -50.48
C ASP I 181 8.91 54.69 -51.16
N THR I 182 8.74 54.25 -52.41
CA THR I 182 9.81 53.56 -53.12
C THR I 182 10.89 54.53 -53.59
N GLY I 183 10.51 55.75 -53.96
CA GLY I 183 11.44 56.72 -54.50
C GLY I 183 12.25 57.49 -53.48
N LEU I 184 12.10 57.20 -52.19
CA LEU I 184 12.92 57.84 -51.17
C LEU I 184 14.39 57.46 -51.39
N GLU I 185 15.28 58.44 -51.25
CA GLU I 185 16.70 58.20 -51.47
C GLU I 185 17.36 57.74 -50.19
N SER I 186 17.82 56.49 -50.16
CA SER I 186 18.46 55.95 -48.97
C SER I 186 19.91 56.44 -48.90
N ILE I 187 20.22 57.19 -47.85
CA ILE I 187 21.58 57.71 -47.66
C ILE I 187 22.43 56.86 -46.73
N GLY I 188 21.98 55.65 -46.40
CA GLY I 188 22.64 54.84 -45.41
C GLY I 188 22.21 55.20 -44.01
N GLU I 189 22.77 54.45 -43.06
CA GLU I 189 22.45 54.64 -41.63
C GLU I 189 20.97 54.48 -41.36
N ASN I 190 20.30 53.66 -42.18
CA ASN I 190 18.85 53.44 -42.12
C ASN I 190 18.07 54.75 -42.27
N LEU I 191 18.60 55.69 -43.05
CA LEU I 191 17.98 56.99 -43.23
C LEU I 191 17.61 57.21 -44.69
N TYR I 192 16.41 57.73 -44.91
CA TYR I 192 15.94 58.11 -46.24
C TYR I 192 15.67 59.59 -46.29
N ILE I 193 16.22 60.26 -47.31
CA ILE I 193 15.95 61.71 -47.51
C ILE I 193 14.91 61.79 -48.62
N GLU I 194 14.13 62.87 -48.69
CA GLU I 194 13.02 62.88 -49.68
C GLU I 194 13.50 63.34 -51.06
N THR I 195 12.86 62.83 -52.11
CA THR I 195 13.21 63.23 -53.49
C THR I 195 11.93 63.57 -54.24
N GLN I 196 12.03 64.50 -55.20
CA GLN I 196 10.84 64.96 -55.95
C GLN I 196 9.90 63.79 -56.19
N SER I 197 10.41 62.60 -56.49
CA SER I 197 9.54 61.48 -56.85
C SER I 197 8.86 60.89 -55.63
N SER I 198 9.24 61.32 -54.43
CA SER I 198 8.64 60.81 -53.20
C SER I 198 7.54 61.74 -52.70
N GLY I 199 7.02 62.58 -53.59
CA GLY I 199 5.98 63.51 -53.19
C GLY I 199 6.47 64.49 -52.15
N ALA I 200 5.65 64.72 -51.14
CA ALA I 200 5.96 65.64 -50.07
C ALA I 200 5.70 64.96 -48.73
N PRO I 201 6.41 65.34 -47.68
CA PRO I 201 6.21 64.69 -46.37
C PRO I 201 4.90 65.10 -45.72
N ASN I 202 4.01 64.13 -45.53
CA ASN I 202 2.73 64.38 -44.87
C ASN I 202 2.81 63.90 -43.44
N GLU I 203 2.91 64.82 -42.50
CA GLU I 203 2.98 64.48 -41.08
C GLU I 203 1.59 64.17 -40.54
N SER I 204 1.51 63.13 -39.71
CA SER I 204 0.24 62.74 -39.12
C SER I 204 0.50 61.94 -37.85
N THR I 205 -0.54 61.84 -37.04
CA THR I 205 -0.46 61.09 -35.79
C THR I 205 -0.79 59.61 -36.00
N PRO I 206 -0.25 58.74 -35.15
CA PRO I 206 -0.28 57.29 -35.41
C PRO I 206 -1.62 56.59 -35.20
N GLY I 207 -2.45 56.53 -36.25
CA GLY I 207 -3.69 55.76 -36.19
C GLY I 207 -4.77 56.34 -37.08
N LEU I 208 -4.61 57.61 -37.44
CA LEU I 208 -5.41 58.34 -38.40
C LEU I 208 -4.99 58.00 -39.82
N ASN I 209 -5.19 58.92 -40.76
CA ASN I 209 -5.45 58.69 -42.19
C ASN I 209 -4.57 57.65 -42.88
N GLY I 210 -3.66 57.01 -42.15
CA GLY I 210 -2.87 55.95 -42.75
C GLY I 210 -1.48 55.77 -42.20
N ALA I 211 -1.07 56.59 -41.24
CA ALA I 211 0.12 56.28 -40.46
C ALA I 211 -0.15 55.06 -39.59
N GLY I 212 0.91 54.31 -39.31
CA GLY I 212 0.76 53.08 -38.56
C GLY I 212 0.66 53.31 -37.07
N LEU I 213 0.49 52.21 -36.35
CA LEU I 213 0.40 52.21 -34.90
C LEU I 213 1.74 51.84 -34.29
N LEU I 214 2.10 52.54 -33.21
CA LEU I 214 3.39 52.37 -32.57
C LEU I 214 3.28 51.36 -31.43
N TYR I 215 4.07 50.30 -31.51
CA TYR I 215 4.12 49.27 -30.47
C TYR I 215 5.41 49.41 -29.67
N GLN I 216 5.27 49.53 -28.36
CA GLN I 216 6.40 49.62 -27.45
C GLN I 216 6.93 48.24 -27.12
N GLY I 217 8.25 48.14 -26.97
CA GLY I 217 8.88 46.87 -26.70
C GLY I 217 9.04 45.96 -27.90
N TYR I 218 8.75 46.46 -29.10
CA TYR I 218 8.86 45.68 -30.33
C TYR I 218 9.76 46.41 -31.32
N VAL I 219 10.49 45.63 -32.11
CA VAL I 219 11.31 46.16 -33.20
C VAL I 219 10.90 45.48 -34.49
N GLU I 220 10.92 46.24 -35.58
CA GLU I 220 10.54 45.70 -36.88
C GLU I 220 11.79 45.13 -37.54
N THR I 221 11.77 43.83 -37.82
CA THR I 221 12.90 43.17 -38.45
C THR I 221 12.81 43.36 -39.97
N SER I 222 13.89 42.99 -40.66
CA SER I 222 13.92 43.13 -42.11
C SER I 222 12.97 42.12 -42.75
N ASN I 223 12.48 42.47 -43.94
CA ASN I 223 11.57 41.61 -44.68
C ASN I 223 12.27 40.68 -45.64
N VAL I 224 13.59 40.57 -45.57
CA VAL I 224 14.37 39.74 -46.50
C VAL I 224 13.96 38.28 -46.34
N ASN I 225 13.53 37.67 -47.45
CA ASN I 225 13.16 36.26 -47.48
C ASN I 225 14.37 35.49 -47.99
N VAL I 226 14.87 34.55 -47.18
CA VAL I 226 16.21 34.02 -47.40
C VAL I 226 16.21 32.95 -48.49
N ALA I 227 15.25 32.04 -48.47
CA ALA I 227 15.22 30.97 -49.47
C ALA I 227 15.06 31.53 -50.88
N GLU I 228 14.28 32.59 -51.01
CA GLU I 228 14.21 33.31 -52.28
C GLU I 228 15.58 33.82 -52.70
N GLU I 229 16.36 34.33 -51.75
CA GLU I 229 17.72 34.78 -52.08
C GLU I 229 18.61 33.63 -52.50
N LEU I 230 18.48 32.46 -51.87
CA LEU I 230 19.29 31.31 -52.27
C LEU I 230 18.94 30.87 -53.70
N VAL I 231 17.65 30.78 -54.01
CA VAL I 231 17.25 30.42 -55.38
C VAL I 231 17.73 31.48 -56.37
N ASN I 232 17.63 32.75 -56.01
CA ASN I 232 18.13 33.82 -56.88
C ASN I 232 19.64 33.72 -57.07
N MET I 233 20.37 33.32 -56.03
CA MET I 233 21.81 33.12 -56.17
C MET I 233 22.10 32.00 -57.17
N ILE I 234 21.36 30.91 -57.08
CA ILE I 234 21.53 29.82 -58.05
C ILE I 234 21.28 30.32 -59.47
N GLN I 235 20.17 31.05 -59.66
CA GLN I 235 19.84 31.57 -60.98
C GLN I 235 20.91 32.51 -61.50
N VAL I 236 21.40 33.42 -60.65
CA VAL I 236 22.40 34.39 -61.08
C VAL I 236 23.70 33.70 -61.44
N GLN I 237 24.10 32.71 -60.63
CA GLN I 237 25.39 32.01 -60.89
C GLN I 237 25.31 31.26 -62.22
N ARG I 238 24.19 30.60 -62.52
CA ARG I 238 24.08 29.95 -63.85
C ARG I 238 24.10 31.04 -64.93
N ALA I 239 23.18 32.00 -64.87
CA ALA I 239 23.14 32.98 -65.95
C ALA I 239 24.51 33.59 -66.23
N TYR I 240 25.28 33.88 -65.17
CA TYR I 240 26.63 34.39 -65.35
C TYR I 240 27.51 33.37 -66.07
N GLU I 241 27.39 32.09 -65.71
CA GLU I 241 28.15 31.06 -66.40
C GLU I 241 27.78 31.00 -67.88
N ILE I 242 26.49 31.09 -68.19
CA ILE I 242 26.07 31.00 -69.59
C ILE I 242 26.56 32.21 -70.38
N ASN I 243 26.51 33.40 -69.79
CA ASN I 243 27.01 34.58 -70.48
C ASN I 243 28.53 34.50 -70.69
N SER I 244 29.25 33.95 -69.71
CA SER I 244 30.68 33.72 -69.90
C SER I 244 30.95 32.73 -71.02
N LYS I 245 30.11 31.71 -71.13
CA LYS I 245 30.22 30.78 -72.26
C LYS I 245 29.99 31.49 -73.59
N ALA I 246 29.03 32.41 -73.64
CA ALA I 246 28.83 33.20 -74.86
C ALA I 246 30.06 34.04 -75.19
N VAL I 247 30.67 34.66 -74.18
CA VAL I 247 31.90 35.42 -74.40
C VAL I 247 32.98 34.50 -74.97
N SER I 248 33.11 33.31 -74.40
CA SER I 248 34.11 32.36 -74.87
C SER I 248 33.86 31.95 -76.31
N THR I 249 32.60 31.73 -76.66
CA THR I 249 32.27 31.37 -78.04
C THR I 249 32.65 32.50 -79.00
N THR I 250 32.35 33.74 -78.63
CA THR I 250 32.75 34.87 -79.47
C THR I 250 34.27 34.94 -79.60
N ASP I 251 34.98 34.70 -78.50
CA ASP I 251 36.44 34.72 -78.54
C ASP I 251 36.99 33.65 -79.46
N GLN I 252 36.41 32.44 -79.42
CA GLN I 252 36.87 31.38 -80.31
C GLN I 252 36.59 31.72 -81.78
N MET I 253 35.43 32.32 -82.06
CA MET I 253 35.15 32.75 -83.43
C MET I 253 36.17 33.78 -83.90
N LEU I 254 36.49 34.75 -83.05
CA LEU I 254 37.49 35.76 -83.41
C LEU I 254 38.86 35.14 -83.61
N GLN I 255 39.23 34.17 -82.76
CA GLN I 255 40.51 33.49 -82.93
C GLN I 255 40.56 32.73 -84.26
N LYS I 256 39.46 32.06 -84.60
CA LYS I 256 39.44 31.32 -85.89
C LYS I 256 39.61 32.32 -87.02
N LEU I 257 39.00 33.48 -86.89
CA LEU I 257 39.22 34.53 -87.90
C LEU I 257 40.69 34.91 -87.99
N THR I 258 41.33 35.12 -86.83
CA THR I 258 42.67 35.72 -86.85
C THR I 258 43.75 34.71 -87.23
N GLN I 259 43.48 33.41 -87.07
CA GLN I 259 44.48 32.41 -87.44
C GLN I 259 44.61 32.27 -88.95
N LEU I 260 43.70 32.90 -89.69
CA LEU I 260 43.69 32.82 -91.15
C LEU I 260 44.97 33.38 -91.75
N MET J 1 23.50 21.83 -87.47
CA MET J 1 24.23 21.96 -88.72
C MET J 1 24.64 20.59 -89.26
N ILE J 2 24.61 19.58 -88.39
CA ILE J 2 24.83 18.20 -88.77
C ILE J 2 23.72 17.35 -88.14
N SER J 3 23.40 16.23 -88.79
CA SER J 3 22.18 15.50 -88.44
C SER J 3 22.17 15.03 -86.99
N SER J 4 23.29 14.46 -86.54
CA SER J 4 23.36 13.96 -85.17
C SER J 4 23.17 15.08 -84.16
N LEU J 5 23.66 16.28 -84.45
CA LEU J 5 23.47 17.43 -83.57
C LEU J 5 22.00 17.82 -83.45
N TRP J 6 21.25 17.83 -84.56
CA TRP J 6 19.82 18.07 -84.48
C TRP J 6 19.10 16.98 -83.70
N ILE J 7 19.48 15.72 -83.91
CA ILE J 7 18.83 14.63 -83.17
C ILE J 7 19.07 14.81 -81.67
N ALA J 8 20.31 15.09 -81.28
CA ALA J 8 20.61 15.28 -79.87
C ALA J 8 19.93 16.51 -79.29
N LYS J 9 19.75 17.53 -80.13
CA LYS J 9 19.08 18.79 -79.71
C LYS J 9 17.62 18.48 -79.43
N THR J 10 16.99 17.65 -80.26
CA THR J 10 15.60 17.23 -80.04
C THR J 10 15.48 16.39 -78.78
N GLY J 11 16.45 15.49 -78.57
CA GLY J 11 16.43 14.69 -77.35
C GLY J 11 16.54 15.55 -76.10
N LEU J 12 17.43 16.55 -76.13
CA LEU J 12 17.56 17.48 -75.01
C LEU J 12 16.26 18.22 -74.75
N ASP J 13 15.61 18.68 -75.81
CA ASP J 13 14.34 19.40 -75.64
C ASP J 13 13.27 18.49 -75.04
N ALA J 14 13.21 17.24 -75.49
CA ALA J 14 12.22 16.30 -74.94
C ALA J 14 12.48 16.03 -73.47
N GLN J 15 13.74 15.82 -73.09
CA GLN J 15 14.04 15.59 -71.69
C GLN J 15 13.76 16.83 -70.84
N GLN J 16 13.99 18.02 -71.39
CA GLN J 16 13.66 19.24 -70.68
C GLN J 16 12.15 19.36 -70.48
N THR J 17 11.37 18.97 -71.50
CA THR J 17 9.92 18.97 -71.36
C THR J 17 9.48 17.99 -70.28
N ASN J 18 10.11 16.81 -70.23
CA ASN J 18 9.80 15.86 -69.17
C ASN J 18 10.11 16.43 -67.80
N MET J 19 11.25 17.13 -67.67
CA MET J 19 11.60 17.76 -66.40
C MET J 19 10.59 18.84 -66.03
N ASP J 20 10.12 19.62 -66.99
CA ASP J 20 9.08 20.61 -66.71
C ASP J 20 7.80 19.95 -66.23
N VAL J 21 7.42 18.82 -66.84
CA VAL J 21 6.24 18.11 -66.39
C VAL J 21 6.41 17.64 -64.95
N ILE J 22 7.58 17.09 -64.63
CA ILE J 22 7.84 16.62 -63.27
C ILE J 22 7.78 17.79 -62.28
N ALA J 23 8.38 18.92 -62.66
CA ALA J 23 8.37 20.09 -61.78
C ALA J 23 6.95 20.60 -61.56
N ASN J 24 6.13 20.62 -62.61
CA ASN J 24 4.74 21.02 -62.46
C ASN J 24 3.98 20.08 -61.54
N ASN J 25 4.24 18.77 -61.67
CA ASN J 25 3.60 17.81 -60.77
C ASN J 25 4.02 18.04 -59.33
N LEU J 26 5.30 18.37 -59.11
CA LEU J 26 5.79 18.62 -57.76
C LEU J 26 5.23 19.90 -57.16
N ALA J 27 5.06 20.95 -57.98
CA ALA J 27 4.60 22.24 -57.47
C ALA J 27 3.15 22.20 -57.02
N ASN J 28 2.35 21.24 -57.50
CA ASN J 28 0.94 21.17 -57.19
C ASN J 28 0.60 20.01 -56.25
N VAL J 29 1.50 19.65 -55.33
CA VAL J 29 1.21 18.61 -54.36
C VAL J 29 0.11 19.04 -53.40
N SER J 30 0.13 20.29 -52.94
CA SER J 30 -0.83 20.77 -51.95
C SER J 30 -2.14 21.25 -52.57
N THR J 31 -2.25 21.30 -53.90
CA THR J 31 -3.48 21.72 -54.53
C THR J 31 -4.55 20.65 -54.37
N ASN J 32 -5.79 21.09 -54.17
CA ASN J 32 -6.91 20.17 -54.04
C ASN J 32 -7.53 19.87 -55.39
N GLY J 33 -7.81 18.59 -55.64
CA GLY J 33 -8.40 18.17 -56.89
C GLY J 33 -7.49 18.38 -58.09
N PHE J 34 -6.22 18.09 -57.91
CA PHE J 34 -5.23 18.20 -58.99
C PHE J 34 -4.90 16.82 -59.53
N LYS J 35 -4.86 16.72 -60.86
CA LYS J 35 -4.54 15.48 -61.54
C LYS J 35 -3.18 15.65 -62.21
N ARG J 36 -2.26 14.73 -61.90
CA ARG J 36 -0.88 14.85 -62.34
C ARG J 36 -0.78 14.66 -63.84
N GLN J 37 0.26 15.24 -64.43
CA GLN J 37 0.47 15.15 -65.87
C GLN J 37 1.55 14.13 -66.20
N ARG J 38 1.42 13.52 -67.38
CA ARG J 38 2.45 12.63 -67.90
C ARG J 38 2.61 12.89 -69.39
N ALA J 39 3.85 12.99 -69.84
CA ALA J 39 4.17 13.33 -71.22
C ALA J 39 4.47 12.07 -72.02
N VAL J 40 3.94 12.00 -73.23
CA VAL J 40 4.16 10.88 -74.13
C VAL J 40 4.92 11.38 -75.36
N PHE J 41 5.95 10.62 -75.77
CA PHE J 41 6.81 10.99 -76.88
C PHE J 41 6.60 10.06 -78.07
N GLU J 42 7.04 10.52 -79.24
CA GLU J 42 6.92 9.70 -80.46
C GLU J 42 8.19 9.89 -81.29
N ASP J 43 8.54 8.93 -82.14
CA ASP J 43 9.71 9.12 -83.02
C ASP J 43 9.37 10.15 -84.09
N LEU J 44 10.37 10.75 -84.72
CA LEU J 44 10.12 11.83 -85.71
C LEU J 44 10.04 11.26 -87.12
N LEU J 45 10.78 11.84 -88.06
CA LEU J 45 10.68 11.41 -89.48
C LEU J 45 11.97 10.70 -89.89
N TYR J 46 11.92 9.38 -90.09
CA TYR J 46 13.14 8.62 -90.42
C TYR J 46 13.54 8.92 -91.87
N GLN J 47 14.84 8.97 -92.15
CA GLN J 47 15.29 9.14 -93.56
C GLN J 47 15.29 7.75 -94.20
N THR J 48 15.39 7.64 -95.53
CA THR J 48 15.23 6.31 -96.16
C THR J 48 16.51 5.73 -96.77
N ILE J 49 17.35 6.54 -97.43
CA ILE J 49 18.49 5.94 -98.11
C ILE J 49 18.00 4.75 -98.92
N ARG J 50 18.53 3.56 -98.65
CA ARG J 50 18.04 2.34 -99.27
C ARG J 50 16.69 1.95 -98.69
N GLN J 51 15.72 1.69 -99.57
CA GLN J 51 14.37 1.37 -99.13
C GLN J 51 14.33 -0.07 -98.59
N PRO J 52 13.71 -0.30 -97.43
CA PRO J 52 13.60 -1.66 -96.90
C PRO J 52 12.62 -2.50 -97.70
N GLY J 53 13.11 -3.54 -98.35
CA GLY J 53 12.25 -4.39 -99.15
C GLY J 53 12.40 -4.12 -100.63
N ALA J 54 13.29 -3.19 -100.97
CA ALA J 54 13.57 -2.92 -102.38
C ALA J 54 14.20 -4.12 -103.04
N GLN J 55 13.82 -4.37 -104.29
CA GLN J 55 14.30 -5.52 -105.04
C GLN J 55 15.71 -5.23 -105.51
N SER J 56 16.70 -5.90 -104.91
CA SER J 56 18.08 -5.67 -105.30
C SER J 56 18.41 -6.38 -106.60
N SER J 57 18.32 -7.71 -106.61
CA SER J 57 18.48 -8.47 -107.84
C SER J 57 17.11 -8.71 -108.45
N GLU J 58 17.01 -9.58 -109.45
CA GLU J 58 15.74 -9.92 -110.05
C GLU J 58 14.84 -10.74 -109.12
N GLN J 59 15.40 -11.37 -108.08
CA GLN J 59 14.62 -12.24 -107.21
C GLN J 59 14.84 -12.01 -105.72
N THR J 60 15.97 -11.44 -105.30
CA THR J 60 16.30 -11.29 -103.90
C THR J 60 16.00 -9.87 -103.46
N THR J 61 15.21 -9.73 -102.39
CA THR J 61 14.86 -8.45 -101.82
C THR J 61 15.89 -8.04 -100.76
N LEU J 62 15.92 -6.74 -100.45
CA LEU J 62 16.83 -6.20 -99.46
C LEU J 62 16.10 -6.09 -98.12
N PRO J 63 16.48 -6.84 -97.10
CA PRO J 63 15.77 -6.78 -95.80
C PRO J 63 16.30 -5.66 -94.93
N SER J 64 15.39 -4.86 -94.37
CA SER J 64 15.71 -3.87 -93.35
C SER J 64 16.74 -2.86 -93.83
N GLY J 65 16.40 -2.04 -94.82
CA GLY J 65 17.32 -1.08 -95.38
C GLY J 65 17.77 -0.02 -94.40
N LEU J 66 18.56 0.92 -94.91
CA LEU J 66 19.20 1.94 -94.08
C LEU J 66 18.20 3.01 -93.69
N GLN J 67 17.44 2.72 -92.64
CA GLN J 67 16.49 3.69 -92.09
C GLN J 67 17.14 4.51 -90.97
N ILE J 68 17.84 5.57 -91.38
CA ILE J 68 18.42 6.49 -90.42
C ILE J 68 17.34 7.44 -89.92
N GLY J 69 17.12 7.46 -88.61
CA GLY J 69 16.02 8.22 -88.06
C GLY J 69 16.44 9.55 -87.47
N THR J 70 15.46 10.42 -87.32
CA THR J 70 15.64 11.74 -86.72
C THR J 70 15.36 11.61 -85.22
N GLY J 71 15.21 12.70 -84.46
CA GLY J 71 15.08 12.63 -83.02
C GLY J 71 13.70 12.21 -82.57
N VAL J 72 13.22 12.88 -81.52
CA VAL J 72 11.99 12.54 -80.84
C VAL J 72 11.15 13.80 -80.66
N ARG J 73 9.83 13.63 -80.54
CA ARG J 73 8.92 14.74 -80.32
C ARG J 73 7.86 14.31 -79.30
N PRO J 74 7.47 15.17 -78.37
CA PRO J 74 6.38 14.83 -77.46
C PRO J 74 5.02 15.03 -78.13
N VAL J 75 4.17 14.00 -78.08
CA VAL J 75 2.83 14.10 -78.66
C VAL J 75 1.92 14.89 -77.73
N ALA J 76 1.79 14.44 -76.48
CA ALA J 76 0.71 14.88 -75.63
C ALA J 76 1.12 14.88 -74.17
N THR J 77 0.37 15.64 -73.38
CA THR J 77 0.43 15.60 -71.94
C THR J 77 -0.93 15.18 -71.43
N GLU J 78 -0.98 14.00 -70.81
CA GLU J 78 -2.23 13.39 -70.38
C GLU J 78 -2.35 13.46 -68.87
N ARG J 79 -3.55 13.78 -68.38
CA ARG J 79 -3.82 13.77 -66.95
C ARG J 79 -4.21 12.38 -66.50
N LEU J 80 -3.88 12.07 -65.24
CA LEU J 80 -4.31 10.81 -64.62
C LEU J 80 -5.51 11.13 -63.74
N HIS J 81 -6.71 10.95 -64.29
CA HIS J 81 -7.94 11.26 -63.57
C HIS J 81 -8.27 10.08 -62.66
N SER J 82 -7.65 10.03 -61.50
CA SER J 82 -7.87 8.98 -60.53
C SER J 82 -8.25 9.60 -59.20
N GLN J 83 -9.04 8.86 -58.42
CA GLN J 83 -9.58 9.36 -57.17
C GLN J 83 -8.45 9.55 -56.15
N GLY J 84 -8.17 10.80 -55.81
CA GLY J 84 -7.17 11.09 -54.81
C GLY J 84 -7.68 10.81 -53.41
N ASN J 85 -6.76 10.81 -52.45
CA ASN J 85 -7.12 10.55 -51.07
C ASN J 85 -8.01 11.67 -50.53
N LEU J 86 -9.07 11.30 -49.82
CA LEU J 86 -9.96 12.28 -49.20
C LEU J 86 -9.44 12.67 -47.83
N SER J 87 -9.50 13.97 -47.55
CA SER J 87 -9.00 14.51 -46.28
C SER J 87 -10.15 15.19 -45.55
N GLN J 88 -10.29 14.89 -44.26
CA GLN J 88 -11.36 15.43 -43.43
C GLN J 88 -10.91 16.78 -42.87
N THR J 89 -11.61 17.84 -43.26
CA THR J 89 -11.32 19.20 -42.77
C THR J 89 -12.46 19.63 -41.85
N ASN J 90 -13.49 18.79 -41.78
CA ASN J 90 -14.65 19.01 -40.93
C ASN J 90 -15.29 20.37 -41.16
N ASN J 91 -15.42 20.77 -42.43
CA ASN J 91 -16.00 22.05 -42.79
C ASN J 91 -17.33 21.83 -43.49
N SER J 92 -18.32 22.66 -43.17
CA SER J 92 -19.65 22.51 -43.74
C SER J 92 -19.71 22.87 -45.21
N LYS J 93 -18.72 23.59 -45.73
CA LYS J 93 -18.76 24.07 -47.11
C LYS J 93 -17.86 23.28 -48.05
N ASP J 94 -16.85 22.59 -47.53
CA ASP J 94 -15.96 21.81 -48.38
C ASP J 94 -16.67 20.54 -48.85
N VAL J 95 -16.58 20.26 -50.14
CA VAL J 95 -17.19 19.09 -50.75
C VAL J 95 -16.13 18.30 -51.49
N ALA J 96 -16.25 16.98 -51.46
CA ALA J 96 -15.33 16.09 -52.13
C ALA J 96 -16.09 15.16 -53.07
N ILE J 97 -15.42 14.79 -54.17
CA ILE J 97 -16.00 13.92 -55.19
C ILE J 97 -15.56 12.49 -54.93
N LYS J 98 -16.50 11.55 -55.05
CA LYS J 98 -16.19 10.14 -54.92
C LYS J 98 -16.06 9.42 -56.26
N GLY J 99 -16.65 9.94 -57.33
CA GLY J 99 -16.60 9.27 -58.62
C GLY J 99 -15.80 9.99 -59.69
N GLN J 100 -16.46 10.34 -60.79
CA GLN J 100 -15.77 10.90 -61.94
C GLN J 100 -16.54 12.08 -62.52
N GLY J 101 -17.18 12.86 -61.66
CA GLY J 101 -17.95 14.01 -62.08
C GLY J 101 -17.15 15.30 -61.93
N PHE J 102 -17.76 16.39 -62.41
CA PHE J 102 -17.17 17.71 -62.33
C PHE J 102 -18.23 18.71 -61.89
N PHE J 103 -17.80 19.71 -61.11
CA PHE J 103 -18.62 20.85 -60.78
C PHE J 103 -18.60 21.86 -61.92
N GLN J 104 -19.75 22.47 -62.18
CA GLN J 104 -19.89 23.44 -63.25
C GLN J 104 -19.97 24.85 -62.66
N VAL J 105 -19.10 25.74 -63.14
CA VAL J 105 -19.04 27.12 -62.66
C VAL J 105 -19.15 28.05 -63.84
N MET J 106 -19.52 29.30 -63.56
CA MET J 106 -19.67 30.32 -64.60
C MET J 106 -18.55 31.33 -64.49
N LEU J 107 -17.75 31.44 -65.54
CA LEU J 107 -16.76 32.49 -65.67
C LEU J 107 -17.44 33.83 -65.94
N PRO J 108 -16.80 34.95 -65.59
CA PRO J 108 -17.46 36.23 -65.85
C PRO J 108 -17.46 36.64 -67.30
N ASP J 109 -16.79 35.87 -68.16
CA ASP J 109 -16.88 35.96 -69.61
C ASP J 109 -18.29 35.59 -70.10
N GLY J 110 -18.91 34.62 -69.41
CA GLY J 110 -20.20 34.10 -69.78
C GLY J 110 -20.21 32.64 -70.14
N THR J 111 -19.04 32.05 -70.40
CA THR J 111 -18.93 30.64 -70.70
C THR J 111 -18.84 29.83 -69.41
N SER J 112 -18.98 28.52 -69.54
CA SER J 112 -19.02 27.61 -68.40
C SER J 112 -17.70 26.84 -68.32
N ALA J 113 -17.15 26.76 -67.11
CA ALA J 113 -15.94 26.00 -66.83
C ALA J 113 -16.29 24.86 -65.88
N TYR J 114 -15.37 23.91 -65.77
CA TYR J 114 -15.58 22.72 -64.96
C TYR J 114 -14.40 22.51 -64.03
N THR J 115 -14.69 22.32 -62.74
CA THR J 115 -13.66 22.17 -61.72
C THR J 115 -14.02 21.02 -60.79
N ARG J 116 -13.00 20.32 -60.33
CA ARG J 116 -13.15 19.23 -59.37
C ARG J 116 -12.85 19.70 -57.95
N ASP J 117 -12.41 20.94 -57.79
CA ASP J 117 -12.12 21.49 -56.47
C ASP J 117 -13.42 21.77 -55.74
N GLY J 118 -13.45 21.43 -54.45
CA GLY J 118 -14.66 21.55 -53.65
C GLY J 118 -14.63 22.55 -52.52
N SER J 119 -13.53 23.28 -52.33
CA SER J 119 -13.47 24.29 -51.28
C SER J 119 -14.31 25.50 -51.70
N PHE J 120 -15.56 25.54 -51.26
CA PHE J 120 -16.50 26.57 -51.65
C PHE J 120 -16.66 27.60 -50.54
N GLN J 121 -16.98 28.83 -50.94
CA GLN J 121 -17.27 29.91 -50.03
C GLN J 121 -18.61 30.53 -50.39
N VAL J 122 -19.10 31.43 -49.53
CA VAL J 122 -20.27 32.24 -49.81
C VAL J 122 -19.81 33.68 -49.99
N ASP J 123 -20.32 34.34 -51.03
CA ASP J 123 -19.95 35.73 -51.29
C ASP J 123 -20.85 36.64 -50.47
N GLN J 124 -20.68 37.95 -50.64
CA GLN J 124 -21.50 38.91 -49.91
C GLN J 124 -22.96 38.87 -50.38
N ASN J 125 -23.22 38.24 -51.52
CA ASN J 125 -24.58 38.09 -52.02
C ASN J 125 -25.27 36.82 -51.50
N GLY J 126 -24.54 35.95 -50.80
CA GLY J 126 -25.12 34.72 -50.27
C GLY J 126 -25.08 33.52 -51.20
N GLN J 127 -24.52 33.66 -52.39
CA GLN J 127 -24.43 32.56 -53.33
C GLN J 127 -23.22 31.67 -53.01
N LEU J 128 -23.23 30.47 -53.57
CA LEU J 128 -22.06 29.60 -53.48
C LEU J 128 -21.09 29.94 -54.60
N VAL J 129 -19.84 30.23 -54.23
CA VAL J 129 -18.80 30.55 -55.21
C VAL J 129 -17.57 29.70 -54.91
N THR J 130 -16.72 29.58 -55.91
CA THR J 130 -15.42 28.96 -55.75
C THR J 130 -14.47 29.97 -55.12
N ALA J 131 -13.34 29.46 -54.60
CA ALA J 131 -12.37 30.31 -53.91
C ALA J 131 -11.81 31.41 -54.82
N GLY J 132 -11.90 31.26 -56.13
CA GLY J 132 -11.53 32.31 -57.06
C GLY J 132 -12.68 33.24 -57.39
N GLY J 133 -13.81 33.06 -56.70
CA GLY J 133 -14.95 33.92 -56.88
C GLY J 133 -15.88 33.54 -58.02
N PHE J 134 -15.60 32.42 -58.69
CA PHE J 134 -16.48 31.95 -59.78
C PHE J 134 -17.72 31.30 -59.17
N GLN J 135 -18.92 31.77 -59.52
CA GLN J 135 -20.16 31.24 -58.91
C GLN J 135 -20.48 29.86 -59.45
N VAL J 136 -21.19 29.07 -58.65
CA VAL J 136 -21.53 27.66 -59.00
C VAL J 136 -22.89 27.64 -59.71
N GLN J 137 -22.91 28.12 -60.95
CA GLN J 137 -24.08 27.98 -61.87
C GLN J 137 -24.72 26.60 -61.69
N PRO J 138 -26.06 26.50 -61.49
CA PRO J 138 -26.86 27.63 -61.02
C PRO J 138 -26.65 27.90 -59.52
N ALA J 139 -26.29 29.14 -59.17
CA ALA J 139 -25.82 29.47 -57.81
C ALA J 139 -26.85 28.99 -56.77
N ILE J 140 -26.39 28.20 -55.80
CA ILE J 140 -27.27 27.73 -54.68
C ILE J 140 -27.31 28.82 -53.61
N THR J 141 -28.36 29.64 -53.60
CA THR J 141 -28.36 30.83 -52.76
C THR J 141 -28.63 30.43 -51.32
N ILE J 142 -27.76 30.85 -50.41
CA ILE J 142 -27.83 30.50 -48.99
C ILE J 142 -28.41 31.70 -48.25
N PRO J 143 -29.48 31.53 -47.46
CA PRO J 143 -30.12 32.68 -46.81
C PRO J 143 -29.28 33.31 -45.72
N ALA J 144 -29.67 34.51 -45.30
CA ALA J 144 -28.87 35.32 -44.38
C ALA J 144 -28.71 34.68 -43.00
N ASN J 145 -29.83 34.29 -42.39
CA ASN J 145 -29.80 33.78 -41.01
C ASN J 145 -29.63 32.28 -40.95
N ALA J 146 -28.59 31.74 -41.59
CA ALA J 146 -28.34 30.31 -41.57
C ALA J 146 -27.67 29.88 -40.27
N LEU J 147 -28.06 28.70 -39.79
CA LEU J 147 -27.41 28.11 -38.63
C LEU J 147 -26.45 26.99 -39.01
N SER J 148 -26.76 26.24 -40.06
CA SER J 148 -25.91 25.14 -40.51
C SER J 148 -26.30 24.78 -41.93
N ILE J 149 -25.31 24.35 -42.70
CA ILE J 149 -25.50 23.92 -44.09
C ILE J 149 -25.27 22.43 -44.17
N THR J 150 -26.20 21.72 -44.78
CA THR J 150 -26.11 20.26 -44.94
C THR J 150 -26.19 19.95 -46.43
N ILE J 151 -25.09 19.43 -46.99
CA ILE J 151 -25.05 19.00 -48.37
C ILE J 151 -25.07 17.49 -48.40
N GLY J 152 -26.15 16.91 -48.94
CA GLY J 152 -26.34 15.47 -48.94
C GLY J 152 -25.45 14.77 -49.94
N ARG J 153 -25.44 13.43 -49.83
CA ARG J 153 -24.64 12.61 -50.73
C ARG J 153 -25.11 12.71 -52.18
N ASP J 154 -26.38 13.04 -52.41
CA ASP J 154 -26.90 13.22 -53.76
C ASP J 154 -26.95 14.67 -54.20
N GLY J 155 -26.46 15.60 -53.39
CA GLY J 155 -26.34 16.97 -53.84
C GLY J 155 -27.41 17.94 -53.36
N VAL J 156 -28.34 17.49 -52.51
CA VAL J 156 -29.36 18.40 -52.01
C VAL J 156 -28.76 19.27 -50.91
N VAL J 157 -28.89 20.58 -51.07
CA VAL J 157 -28.36 21.53 -50.10
C VAL J 157 -29.51 22.05 -49.24
N SER J 158 -29.39 21.88 -47.93
CA SER J 158 -30.42 22.31 -46.99
C SER J 158 -29.81 23.23 -45.94
N VAL J 159 -30.62 24.17 -45.47
CA VAL J 159 -30.22 25.13 -44.44
C VAL J 159 -31.21 25.04 -43.29
N THR J 160 -30.69 24.87 -42.08
CA THR J 160 -31.51 24.81 -40.89
C THR J 160 -31.65 26.22 -40.33
N GLN J 161 -32.89 26.70 -40.26
CA GLN J 161 -33.15 28.04 -39.74
C GLN J 161 -33.62 27.98 -38.29
N GLN J 162 -33.51 29.11 -37.60
CA GLN J 162 -33.89 29.18 -36.21
C GLN J 162 -35.40 29.32 -36.11
N GLY J 163 -36.01 28.47 -35.28
CA GLY J 163 -37.45 28.48 -35.09
C GLY J 163 -38.21 27.57 -36.04
N GLN J 164 -37.51 26.98 -37.01
CA GLN J 164 -38.12 26.04 -37.96
C GLN J 164 -37.59 24.65 -37.65
N ALA J 165 -38.49 23.71 -37.40
CA ALA J 165 -38.12 22.36 -37.01
C ALA J 165 -37.64 21.54 -38.21
N ALA J 166 -37.93 22.02 -39.42
CA ALA J 166 -37.58 21.29 -40.62
C ALA J 166 -36.54 22.07 -41.42
N PRO J 167 -35.63 21.35 -42.10
CA PRO J 167 -34.66 22.03 -42.95
C PRO J 167 -35.30 22.57 -44.21
N VAL J 168 -34.68 23.60 -44.78
CA VAL J 168 -35.16 24.27 -45.98
C VAL J 168 -34.16 24.01 -47.10
N GLN J 169 -34.63 23.40 -48.19
CA GLN J 169 -33.79 23.15 -49.35
C GLN J 169 -33.61 24.45 -50.13
N VAL J 170 -32.36 24.75 -50.46
CA VAL J 170 -32.01 25.99 -51.14
C VAL J 170 -31.38 25.76 -52.50
N GLY J 171 -31.38 24.52 -52.98
CA GLY J 171 -30.84 24.24 -54.30
C GLY J 171 -30.53 22.77 -54.45
N GLN J 172 -29.76 22.48 -55.50
CA GLN J 172 -29.36 21.11 -55.82
C GLN J 172 -28.07 21.16 -56.61
N LEU J 173 -26.97 20.71 -56.00
CA LEU J 173 -25.68 20.68 -56.68
C LEU J 173 -25.65 19.52 -57.67
N ASN J 174 -25.25 19.81 -58.91
CA ASN J 174 -25.23 18.82 -59.97
C ASN J 174 -23.79 18.62 -60.46
N LEU J 175 -23.57 17.46 -61.08
CA LEU J 175 -22.25 17.09 -61.60
C LEU J 175 -22.30 16.88 -63.10
N THR J 176 -21.30 17.39 -63.80
CA THR J 176 -21.16 17.19 -65.23
C THR J 176 -20.11 16.12 -65.50
N THR J 177 -20.43 15.20 -66.39
CA THR J 177 -19.53 14.13 -66.77
C THR J 177 -19.26 14.21 -68.27
N PHE J 178 -18.03 13.89 -68.64
CA PHE J 178 -17.59 13.92 -70.03
C PHE J 178 -17.28 12.52 -70.52
N MET J 179 -17.50 12.29 -71.81
CA MET J 179 -17.19 10.98 -72.38
C MET J 179 -15.68 10.77 -72.45
N ASN J 180 -14.94 11.86 -72.70
CA ASN J 180 -13.48 11.87 -72.63
C ASN J 180 -13.07 12.89 -71.57
N ASP J 181 -12.49 12.40 -70.48
CA ASP J 181 -12.09 13.27 -69.38
C ASP J 181 -10.73 13.92 -69.59
N THR J 182 -9.83 13.27 -70.33
CA THR J 182 -8.49 13.82 -70.50
C THR J 182 -8.44 14.91 -71.56
N GLY J 183 -9.49 15.04 -72.36
CA GLY J 183 -9.51 16.02 -73.43
C GLY J 183 -9.83 17.44 -73.01
N LEU J 184 -10.17 17.66 -71.74
CA LEU J 184 -10.50 19.00 -71.26
C LEU J 184 -9.27 19.89 -71.31
N GLU J 185 -9.49 21.17 -71.65
CA GLU J 185 -8.38 22.12 -71.71
C GLU J 185 -8.26 22.86 -70.38
N SER J 186 -7.12 22.74 -69.72
CA SER J 186 -6.93 23.38 -68.42
C SER J 186 -6.58 24.85 -68.62
N ILE J 187 -7.39 25.75 -68.04
CA ILE J 187 -7.14 27.18 -68.15
C ILE J 187 -6.47 27.75 -66.92
N GLY J 188 -6.07 26.92 -65.96
CA GLY J 188 -5.54 27.39 -64.71
C GLY J 188 -6.64 27.68 -63.70
N GLU J 189 -6.20 28.05 -62.49
CA GLU J 189 -7.09 28.28 -61.36
C GLU J 189 -8.02 27.09 -61.13
N ASN J 190 -7.47 25.88 -61.30
CA ASN J 190 -8.19 24.63 -61.07
C ASN J 190 -9.42 24.49 -61.95
N LEU J 191 -9.38 25.01 -63.17
CA LEU J 191 -10.52 25.01 -64.07
C LEU J 191 -10.19 24.33 -65.39
N TYR J 192 -11.09 23.46 -65.84
CA TYR J 192 -11.03 22.83 -67.15
C TYR J 192 -12.22 23.28 -67.97
N ILE J 193 -11.97 23.61 -69.24
CA ILE J 193 -13.02 23.98 -70.17
C ILE J 193 -13.18 22.87 -71.19
N GLU J 194 -14.38 22.82 -71.78
CA GLU J 194 -14.71 21.77 -72.74
C GLU J 194 -14.13 22.08 -74.11
N THR J 195 -13.55 21.06 -74.74
CA THR J 195 -13.13 21.14 -76.13
C THR J 195 -13.93 20.16 -76.97
N GLN J 196 -13.62 20.07 -78.26
CA GLN J 196 -14.31 19.12 -79.12
C GLN J 196 -13.83 17.68 -78.94
N SER J 197 -12.68 17.49 -78.29
CA SER J 197 -12.22 16.13 -77.99
C SER J 197 -12.69 15.67 -76.62
N SER J 198 -13.33 16.56 -75.86
CA SER J 198 -13.82 16.22 -74.54
C SER J 198 -15.29 15.84 -74.58
N GLY J 199 -15.79 15.46 -75.75
CA GLY J 199 -17.18 15.09 -75.88
C GLY J 199 -18.10 16.26 -75.59
N ALA J 200 -19.23 15.96 -74.96
CA ALA J 200 -20.22 16.97 -74.61
C ALA J 200 -20.55 16.83 -73.14
N PRO J 201 -20.86 17.95 -72.46
CA PRO J 201 -21.11 17.88 -71.02
C PRO J 201 -22.45 17.25 -70.70
N ASN J 202 -22.42 16.10 -70.02
CA ASN J 202 -23.65 15.43 -69.60
C ASN J 202 -23.91 15.75 -68.14
N GLU J 203 -24.95 16.54 -67.87
CA GLU J 203 -25.27 16.92 -66.51
C GLU J 203 -26.16 15.87 -65.86
N SER J 204 -25.85 15.55 -64.60
CA SER J 204 -26.59 14.54 -63.88
C SER J 204 -26.43 14.77 -62.38
N THR J 205 -27.35 14.16 -61.63
CA THR J 205 -27.31 14.23 -60.18
C THR J 205 -26.28 13.24 -59.64
N PRO J 206 -25.65 13.54 -58.48
CA PRO J 206 -24.71 12.60 -57.89
C PRO J 206 -25.37 11.33 -57.36
N GLY J 207 -25.22 10.29 -58.17
CA GLY J 207 -25.74 8.97 -57.76
C GLY J 207 -26.34 8.33 -59.00
N LEU J 208 -27.10 9.12 -59.74
CA LEU J 208 -27.73 8.61 -60.99
C LEU J 208 -26.70 8.58 -62.10
N ASN J 209 -27.03 7.92 -63.20
CA ASN J 209 -26.06 7.80 -64.32
C ASN J 209 -24.73 7.33 -63.74
N GLY J 210 -23.64 8.00 -64.10
CA GLY J 210 -22.33 7.56 -63.63
C GLY J 210 -21.67 8.61 -62.76
N ALA J 211 -22.33 9.74 -62.50
CA ALA J 211 -21.61 10.74 -61.73
C ALA J 211 -21.35 10.23 -60.32
N GLY J 212 -20.27 10.70 -59.72
CA GLY J 212 -19.92 10.27 -58.37
C GLY J 212 -20.75 10.96 -57.31
N LEU J 213 -20.49 10.59 -56.06
CA LEU J 213 -21.22 11.12 -54.93
C LEU J 213 -20.47 12.28 -54.29
N LEU J 214 -21.20 13.11 -53.55
CA LEU J 214 -20.64 14.26 -52.86
C LEU J 214 -20.50 13.95 -51.37
N TYR J 215 -19.30 14.16 -50.83
CA TYR J 215 -19.04 14.02 -49.41
C TYR J 215 -18.80 15.40 -48.80
N GLN J 216 -19.60 15.75 -47.80
CA GLN J 216 -19.44 17.01 -47.10
C GLN J 216 -18.39 16.87 -46.01
N GLY J 217 -17.62 17.95 -45.80
CA GLY J 217 -16.55 17.93 -44.83
C GLY J 217 -15.26 17.27 -45.29
N TYR J 218 -15.15 16.95 -46.57
CA TYR J 218 -13.97 16.30 -47.13
C TYR J 218 -13.46 17.09 -48.32
N VAL J 219 -12.15 17.03 -48.54
CA VAL J 219 -11.52 17.63 -49.71
C VAL J 219 -10.70 16.57 -50.42
N GLU J 220 -10.67 16.66 -51.75
CA GLU J 220 -9.93 15.69 -52.56
C GLU J 220 -8.50 16.19 -52.75
N THR J 221 -7.55 15.48 -52.18
CA THR J 221 -6.13 15.83 -52.34
C THR J 221 -5.66 15.42 -53.73
N SER J 222 -4.53 15.96 -54.15
CA SER J 222 -3.97 15.64 -55.45
C SER J 222 -3.49 14.19 -55.48
N ASN J 223 -3.52 13.60 -56.67
CA ASN J 223 -3.10 12.22 -56.85
C ASN J 223 -1.61 12.08 -57.14
N VAL J 224 -0.82 13.12 -56.87
CA VAL J 224 0.62 13.09 -57.15
C VAL J 224 1.32 12.16 -56.17
N ASN J 225 2.02 11.16 -56.70
CA ASN J 225 2.84 10.25 -55.89
C ASN J 225 4.28 10.74 -55.99
N VAL J 226 4.90 10.99 -54.83
CA VAL J 226 6.13 11.76 -54.82
C VAL J 226 7.35 10.89 -55.13
N ALA J 227 7.43 9.69 -54.53
CA ALA J 227 8.61 8.86 -54.71
C ALA J 227 8.81 8.48 -56.17
N GLU J 228 7.71 8.20 -56.87
CA GLU J 228 7.77 8.00 -58.31
C GLU J 228 8.37 9.21 -59.01
N GLU J 229 8.00 10.42 -58.57
CA GLU J 229 8.56 11.62 -59.18
C GLU J 229 10.04 11.77 -58.88
N LEU J 230 10.50 11.39 -57.68
CA LEU J 230 11.92 11.45 -57.39
C LEU J 230 12.72 10.49 -58.27
N VAL J 231 12.21 9.26 -58.43
CA VAL J 231 12.88 8.31 -59.32
C VAL J 231 12.88 8.82 -60.75
N ASN J 232 11.76 9.40 -61.20
CA ASN J 232 11.70 9.99 -62.53
C ASN J 232 12.66 11.14 -62.69
N MET J 233 12.85 11.94 -61.63
CA MET J 233 13.82 13.02 -61.68
C MET J 233 15.24 12.50 -61.84
N ILE J 234 15.58 11.43 -61.12
CA ILE J 234 16.90 10.82 -61.29
C ILE J 234 17.08 10.34 -62.73
N GLN J 235 16.07 9.65 -63.25
CA GLN J 235 16.16 9.15 -64.62
C GLN J 235 16.31 10.29 -65.63
N VAL J 236 15.53 11.36 -65.44
CA VAL J 236 15.57 12.49 -66.37
C VAL J 236 16.93 13.17 -66.33
N GLN J 237 17.48 13.35 -65.13
CA GLN J 237 18.80 13.97 -65.02
C GLN J 237 19.86 13.14 -65.73
N ARG J 238 19.85 11.83 -65.51
CA ARG J 238 20.85 10.99 -66.17
C ARG J 238 20.67 10.98 -67.70
N ALA J 239 19.43 10.89 -68.19
CA ALA J 239 19.22 10.91 -69.63
C ALA J 239 19.62 12.24 -70.24
N TYR J 240 19.37 13.34 -69.53
CA TYR J 240 19.78 14.66 -70.02
C TYR J 240 21.30 14.74 -70.10
N GLU J 241 21.99 14.21 -69.09
CA GLU J 241 23.45 14.18 -69.14
C GLU J 241 23.95 13.34 -70.31
N ILE J 242 23.29 12.22 -70.59
CA ILE J 242 23.70 11.36 -71.71
C ILE J 242 23.53 12.09 -73.04
N ASN J 243 22.40 12.79 -73.21
CA ASN J 243 22.18 13.54 -74.45
C ASN J 243 23.19 14.67 -74.57
N SER J 244 23.53 15.33 -73.46
CA SER J 244 24.57 16.34 -73.48
C SER J 244 25.91 15.75 -73.88
N LYS J 245 26.21 14.54 -73.41
CA LYS J 245 27.43 13.86 -73.83
C LYS J 245 27.44 13.58 -75.32
N ALA J 246 26.28 13.19 -75.88
CA ALA J 246 26.18 13.02 -77.33
C ALA J 246 26.46 14.33 -78.07
N VAL J 247 25.91 15.43 -77.57
CA VAL J 247 26.18 16.74 -78.17
C VAL J 247 27.68 17.04 -78.13
N SER J 248 28.32 16.76 -76.99
CA SER J 248 29.75 17.00 -76.86
C SER J 248 30.56 16.16 -77.82
N THR J 249 30.17 14.90 -78.00
CA THR J 249 30.87 14.03 -78.94
C THR J 249 30.75 14.56 -80.37
N THR J 250 29.55 14.99 -80.76
CA THR J 250 29.38 15.58 -82.09
C THR J 250 30.23 16.84 -82.24
N ASP J 251 30.28 17.67 -81.22
CA ASP J 251 31.10 18.88 -81.27
C ASP J 251 32.57 18.54 -81.44
N GLN J 252 33.05 17.53 -80.71
CA GLN J 252 34.45 17.11 -80.84
C GLN J 252 34.75 16.59 -82.24
N MET J 253 33.85 15.78 -82.81
CA MET J 253 34.08 15.30 -84.17
C MET J 253 34.12 16.46 -85.16
N LEU J 254 33.23 17.44 -85.01
CA LEU J 254 33.27 18.61 -85.88
C LEU J 254 34.58 19.38 -85.72
N GLN J 255 35.06 19.53 -84.49
CA GLN J 255 36.32 20.24 -84.26
C GLN J 255 37.49 19.52 -84.94
N LYS J 256 37.54 18.20 -84.81
CA LYS J 256 38.62 17.45 -85.48
C LYS J 256 38.47 17.50 -86.99
N LEU J 257 37.24 17.65 -87.49
CA LEU J 257 37.06 17.91 -88.91
C LEU J 257 37.70 19.24 -89.31
N THR J 258 37.25 20.33 -88.72
CA THR J 258 37.73 21.67 -89.16
C THR J 258 39.23 21.66 -89.43
N GLN J 259 40.05 21.44 -88.40
CA GLN J 259 41.52 21.55 -88.58
C GLN J 259 41.98 20.73 -89.80
N LEU J 260 41.52 19.48 -89.94
CA LEU J 260 41.96 18.61 -91.06
C LEU J 260 43.29 19.12 -91.61
N MET K 1 37.20 -0.71 -81.83
CA MET K 1 38.19 -0.37 -82.83
C MET K 1 39.58 -0.80 -82.40
N ILE K 2 39.75 -1.01 -81.10
CA ILE K 2 40.99 -1.54 -80.53
C ILE K 2 40.61 -2.65 -79.56
N SER K 3 41.55 -3.59 -79.34
CA SER K 3 41.24 -4.81 -78.62
C SER K 3 40.78 -4.56 -77.17
N SER K 4 41.56 -3.78 -76.43
CA SER K 4 41.22 -3.50 -75.04
C SER K 4 39.86 -2.84 -74.91
N LEU K 5 39.46 -2.04 -75.90
CA LEU K 5 38.14 -1.42 -75.87
C LEU K 5 37.03 -2.45 -75.94
N TRP K 6 37.15 -3.42 -76.85
CA TRP K 6 36.16 -4.50 -76.92
C TRP K 6 36.15 -5.32 -75.63
N ILE K 7 37.32 -5.64 -75.08
CA ILE K 7 37.37 -6.43 -73.87
C ILE K 7 36.70 -5.70 -72.70
N ALA K 8 36.98 -4.41 -72.59
CA ALA K 8 36.36 -3.62 -71.50
C ALA K 8 34.91 -3.28 -71.87
N LYS K 9 34.52 -3.47 -73.12
CA LYS K 9 33.09 -3.26 -73.50
C LYS K 9 32.34 -4.55 -73.19
N THR K 10 33.04 -5.68 -73.02
CA THR K 10 32.38 -6.94 -72.62
C THR K 10 32.32 -6.97 -71.10
N GLY K 11 33.37 -6.47 -70.45
CA GLY K 11 33.35 -6.38 -69.00
C GLY K 11 32.21 -5.53 -68.49
N LEU K 12 31.97 -4.38 -69.13
CA LEU K 12 30.86 -3.51 -68.75
C LEU K 12 29.54 -4.25 -68.86
N ASP K 13 29.34 -4.96 -69.97
CA ASP K 13 28.07 -5.63 -70.20
C ASP K 13 27.85 -6.77 -69.21
N ALA K 14 28.91 -7.52 -68.89
CA ALA K 14 28.79 -8.59 -67.90
C ALA K 14 28.44 -8.03 -66.53
N GLN K 15 29.10 -6.94 -66.12
CA GLN K 15 28.79 -6.36 -64.83
C GLN K 15 27.38 -5.77 -64.82
N GLN K 16 26.92 -5.24 -65.94
CA GLN K 16 25.55 -4.75 -66.03
C GLN K 16 24.56 -5.90 -65.89
N THR K 17 24.88 -7.06 -66.47
CA THR K 17 24.05 -8.24 -66.29
C THR K 17 24.01 -8.66 -64.83
N ASN K 18 25.15 -8.61 -64.14
CA ASN K 18 25.18 -8.96 -62.73
C ASN K 18 24.32 -8.00 -61.91
N MET K 19 24.41 -6.70 -62.19
CA MET K 19 23.55 -5.72 -61.52
C MET K 19 22.08 -5.96 -61.83
N ASP K 20 21.76 -6.34 -63.07
CA ASP K 20 20.38 -6.64 -63.42
C ASP K 20 19.85 -7.81 -62.59
N VAL K 21 20.66 -8.87 -62.46
CA VAL K 21 20.27 -10.03 -61.66
C VAL K 21 20.05 -9.62 -60.21
N ILE K 22 20.96 -8.83 -59.65
CA ILE K 22 20.84 -8.43 -58.26
C ILE K 22 19.59 -7.60 -58.05
N ALA K 23 19.33 -6.65 -58.95
CA ALA K 23 18.16 -5.77 -58.81
C ALA K 23 16.87 -6.56 -58.96
N ASN K 24 16.82 -7.51 -59.90
CA ASN K 24 15.63 -8.33 -60.04
C ASN K 24 15.40 -9.19 -58.80
N ASN K 25 16.48 -9.72 -58.21
CA ASN K 25 16.32 -10.49 -56.98
C ASN K 25 15.81 -9.63 -55.85
N LEU K 26 16.33 -8.41 -55.71
CA LEU K 26 15.89 -7.53 -54.63
C LEU K 26 14.46 -7.03 -54.83
N ALA K 27 14.03 -6.86 -56.07
CA ALA K 27 12.66 -6.41 -56.34
C ALA K 27 11.63 -7.45 -55.95
N ASN K 28 11.94 -8.73 -56.09
CA ASN K 28 11.02 -9.82 -55.78
C ASN K 28 11.30 -10.44 -54.41
N VAL K 29 11.71 -9.64 -53.43
CA VAL K 29 12.06 -10.16 -52.12
C VAL K 29 10.85 -10.66 -51.35
N SER K 30 9.64 -10.29 -51.78
CA SER K 30 8.43 -10.62 -51.03
C SER K 30 7.50 -11.57 -51.77
N THR K 31 7.74 -11.83 -53.05
CA THR K 31 6.85 -12.73 -53.79
C THR K 31 7.00 -14.16 -53.30
N ASN K 32 5.86 -14.81 -53.04
CA ASN K 32 5.86 -16.16 -52.51
C ASN K 32 6.29 -17.16 -53.58
N GLY K 33 7.02 -18.19 -53.15
CA GLY K 33 7.46 -19.23 -54.04
C GLY K 33 8.42 -18.74 -55.10
N PHE K 34 9.35 -17.87 -54.72
CA PHE K 34 10.33 -17.31 -55.63
C PHE K 34 11.67 -18.01 -55.47
N LYS K 35 12.37 -18.19 -56.58
CA LYS K 35 13.72 -18.74 -56.59
C LYS K 35 14.66 -17.73 -57.22
N ARG K 36 15.68 -17.33 -56.47
CA ARG K 36 16.56 -16.24 -56.88
C ARG K 36 17.56 -16.72 -57.93
N GLN K 37 18.08 -15.76 -58.69
CA GLN K 37 18.96 -16.13 -59.82
C GLN K 37 20.43 -15.87 -59.52
N ARG K 38 21.29 -16.59 -60.23
CA ARG K 38 22.73 -16.45 -60.12
C ARG K 38 23.33 -16.51 -61.52
N ALA K 39 24.04 -15.44 -61.90
CA ALA K 39 24.65 -15.36 -63.22
C ALA K 39 26.04 -15.97 -63.20
N VAL K 40 26.37 -16.75 -64.23
CA VAL K 40 27.67 -17.40 -64.34
C VAL K 40 28.35 -16.89 -65.60
N PHE K 41 29.67 -16.69 -65.52
CA PHE K 41 30.45 -16.12 -66.61
C PHE K 41 31.56 -17.07 -67.03
N GLU K 42 32.05 -16.88 -68.26
CA GLU K 42 33.09 -17.73 -68.82
C GLU K 42 33.96 -16.90 -69.76
N ASP K 43 35.19 -17.37 -69.97
CA ASP K 43 36.16 -16.64 -70.77
C ASP K 43 35.81 -16.72 -72.25
N LEU K 44 36.05 -15.62 -72.96
CA LEU K 44 35.86 -15.55 -74.40
C LEU K 44 37.09 -16.11 -75.12
N LEU K 45 37.21 -15.79 -76.41
CA LEU K 45 38.29 -16.28 -77.25
C LEU K 45 39.65 -16.02 -76.63
N TYR K 46 40.63 -16.81 -77.05
CA TYR K 46 42.03 -16.65 -76.65
C TYR K 46 42.88 -16.70 -77.91
N GLN K 47 43.33 -15.53 -78.37
CA GLN K 47 44.13 -15.44 -79.58
C GLN K 47 45.48 -16.13 -79.36
N THR K 48 45.76 -17.14 -80.18
CA THR K 48 46.99 -17.92 -79.95
C THR K 48 48.17 -17.23 -80.62
N ILE K 49 48.48 -16.00 -80.23
CA ILE K 49 49.56 -15.26 -80.92
C ILE K 49 50.81 -16.13 -80.90
N ARG K 50 51.04 -16.87 -79.81
CA ARG K 50 52.16 -17.85 -79.76
C ARG K 50 51.62 -19.14 -79.15
N GLN K 51 51.28 -20.14 -79.95
CA GLN K 51 50.60 -21.37 -79.45
C GLN K 51 51.41 -21.97 -78.31
N PRO K 52 50.80 -22.36 -77.17
CA PRO K 52 51.57 -22.84 -76.03
C PRO K 52 52.18 -24.22 -76.32
N GLY K 53 53.51 -24.34 -76.25
CA GLY K 53 54.01 -25.68 -76.45
C GLY K 53 54.64 -25.86 -77.82
N ALA K 54 54.74 -24.77 -78.57
CA ALA K 54 55.31 -24.83 -79.92
C ALA K 54 56.78 -25.24 -79.85
N GLN K 55 57.21 -25.99 -80.86
CA GLN K 55 58.57 -26.50 -80.93
C GLN K 55 59.46 -25.41 -81.53
N SER K 56 60.10 -24.62 -80.67
CA SER K 56 60.98 -23.56 -81.15
C SER K 56 62.23 -24.14 -81.80
N SER K 57 63.04 -24.85 -81.03
CA SER K 57 64.17 -25.58 -81.59
C SER K 57 63.75 -27.02 -81.86
N GLU K 58 64.71 -27.88 -82.20
CA GLU K 58 64.39 -29.29 -82.40
C GLU K 58 64.33 -30.08 -81.10
N GLN K 59 64.70 -29.46 -79.98
CA GLN K 59 64.65 -30.13 -78.68
C GLN K 59 64.06 -29.30 -77.56
N THR K 60 63.85 -28.00 -77.75
CA THR K 60 63.32 -27.12 -76.71
C THR K 60 61.94 -26.65 -77.10
N THR K 61 60.98 -26.85 -76.20
CA THR K 61 59.62 -26.38 -76.40
C THR K 61 59.40 -25.02 -75.73
N LEU K 62 58.42 -24.28 -76.23
CA LEU K 62 58.11 -22.96 -75.70
C LEU K 62 56.98 -23.09 -74.68
N PRO K 63 57.22 -22.82 -73.40
CA PRO K 63 56.18 -23.01 -72.37
C PRO K 63 55.26 -21.81 -72.29
N SER K 64 53.95 -22.07 -72.34
CA SER K 64 52.93 -21.05 -72.09
C SER K 64 53.05 -19.86 -73.03
N GLY K 65 52.84 -20.09 -74.33
CA GLY K 65 53.01 -19.08 -75.35
C GLY K 65 52.11 -17.86 -75.17
N LEU K 66 52.22 -16.94 -76.14
CA LEU K 66 51.58 -15.63 -76.07
C LEU K 66 50.08 -15.80 -76.29
N GLN K 67 49.34 -16.15 -75.23
CA GLN K 67 47.88 -16.41 -75.40
C GLN K 67 47.04 -15.19 -74.98
N ILE K 68 47.00 -14.16 -75.79
CA ILE K 68 46.20 -12.96 -75.53
C ILE K 68 44.73 -13.31 -75.63
N GLY K 69 43.96 -12.93 -74.61
CA GLY K 69 42.58 -13.33 -74.54
C GLY K 69 41.61 -12.22 -74.85
N THR K 70 40.37 -12.62 -75.13
CA THR K 70 39.27 -11.71 -75.37
C THR K 70 38.51 -11.52 -74.04
N GLY K 71 37.36 -10.83 -74.01
CA GLY K 71 36.70 -10.52 -72.77
C GLY K 71 35.97 -11.70 -72.16
N VAL K 72 34.78 -11.42 -71.64
CA VAL K 72 33.98 -12.39 -70.89
C VAL K 72 32.58 -12.45 -71.49
N ARG K 73 31.94 -13.60 -71.34
CA ARG K 73 30.56 -13.79 -71.73
C ARG K 73 29.83 -14.54 -70.62
N PRO K 74 28.55 -14.25 -70.39
CA PRO K 74 27.79 -15.01 -69.39
C PRO K 74 27.14 -16.23 -70.03
N VAL K 75 27.32 -17.39 -69.38
CA VAL K 75 26.68 -18.61 -69.85
C VAL K 75 25.18 -18.50 -69.67
N ALA K 76 24.74 -18.26 -68.43
CA ALA K 76 23.32 -18.18 -68.11
C ALA K 76 23.12 -17.72 -66.67
N THR K 77 21.86 -17.39 -66.37
CA THR K 77 21.41 -17.15 -65.01
C THR K 77 20.63 -18.39 -64.55
N GLU K 78 21.15 -19.07 -63.54
CA GLU K 78 20.57 -20.30 -63.02
C GLU K 78 19.77 -19.99 -61.76
N ARG K 79 18.63 -20.70 -61.60
CA ARG K 79 17.76 -20.51 -60.42
C ARG K 79 18.25 -21.36 -59.25
N LEU K 80 18.49 -20.74 -58.10
CA LEU K 80 18.98 -21.41 -56.90
C LEU K 80 17.78 -22.03 -56.20
N HIS K 81 17.53 -23.30 -56.49
CA HIS K 81 16.36 -24.01 -55.97
C HIS K 81 16.64 -24.47 -54.55
N SER K 82 16.23 -23.67 -53.57
CA SER K 82 16.33 -24.03 -52.17
C SER K 82 14.99 -23.79 -51.51
N GLN K 83 14.83 -24.35 -50.32
CA GLN K 83 13.57 -24.27 -49.60
C GLN K 83 13.46 -22.92 -48.89
N GLY K 84 12.53 -22.09 -49.35
CA GLY K 84 12.26 -20.84 -48.66
C GLY K 84 11.56 -21.07 -47.33
N ASN K 85 11.73 -20.11 -46.43
CA ASN K 85 11.14 -20.21 -45.10
C ASN K 85 9.62 -20.18 -45.20
N LEU K 86 8.96 -21.06 -44.45
CA LEU K 86 7.51 -21.11 -44.44
C LEU K 86 6.94 -20.11 -43.44
N SER K 87 5.79 -19.53 -43.78
CA SER K 87 5.14 -18.59 -42.83
C SER K 87 3.71 -19.06 -42.54
N GLN K 88 3.09 -18.49 -41.51
CA GLN K 88 1.73 -18.94 -41.11
C GLN K 88 0.71 -17.86 -41.46
N THR K 89 0.02 -18.00 -42.58
CA THR K 89 -1.02 -17.03 -42.98
C THR K 89 -2.34 -17.45 -42.34
N ASN K 90 -2.47 -18.74 -42.04
CA ASN K 90 -3.72 -19.27 -41.44
C ASN K 90 -4.90 -19.04 -42.38
N ASN K 91 -4.73 -19.25 -43.69
CA ASN K 91 -5.89 -19.15 -44.63
C ASN K 91 -6.06 -20.53 -45.25
N SER K 92 -7.07 -21.29 -44.84
CA SER K 92 -7.29 -22.65 -45.31
C SER K 92 -6.92 -22.83 -46.77
N LYS K 93 -6.83 -21.74 -47.54
CA LYS K 93 -6.54 -21.83 -48.97
C LYS K 93 -5.07 -21.66 -49.30
N ASP K 94 -4.22 -21.41 -48.32
CA ASP K 94 -2.78 -21.30 -48.56
C ASP K 94 -2.10 -22.62 -48.19
N VAL K 95 -1.34 -23.18 -49.12
CA VAL K 95 -0.62 -24.42 -48.91
C VAL K 95 0.83 -24.21 -49.29
N ALA K 96 1.74 -24.84 -48.54
CA ALA K 96 3.16 -24.70 -48.79
C ALA K 96 3.81 -26.08 -48.95
N ILE K 97 4.81 -26.15 -49.81
CA ILE K 97 5.51 -27.39 -50.09
C ILE K 97 6.77 -27.46 -49.24
N LYS K 98 7.07 -28.66 -48.74
CA LYS K 98 8.21 -28.90 -47.86
C LYS K 98 9.38 -29.56 -48.56
N GLY K 99 9.19 -30.15 -49.75
CA GLY K 99 10.25 -30.86 -50.42
C GLY K 99 10.76 -30.19 -51.68
N GLN K 100 10.59 -30.85 -52.82
CA GLN K 100 11.18 -30.36 -54.07
C GLN K 100 10.20 -30.56 -55.24
N GLY K 101 8.90 -30.60 -54.95
CA GLY K 101 7.90 -30.82 -55.96
C GLY K 101 7.27 -29.53 -56.44
N PHE K 102 6.43 -29.66 -57.46
CA PHE K 102 5.73 -28.53 -58.06
C PHE K 102 4.25 -28.87 -58.24
N PHE K 103 3.42 -27.83 -58.14
CA PHE K 103 2.02 -27.92 -58.51
C PHE K 103 1.89 -27.81 -60.02
N GLN K 104 0.95 -28.58 -60.58
CA GLN K 104 0.64 -28.52 -62.00
C GLN K 104 -0.59 -27.64 -62.22
N VAL K 105 -0.50 -26.74 -63.19
CA VAL K 105 -1.58 -25.79 -63.49
C VAL K 105 -1.80 -25.79 -64.99
N MET K 106 -3.06 -25.73 -65.39
CA MET K 106 -3.42 -25.80 -66.81
C MET K 106 -3.55 -24.39 -67.37
N LEU K 107 -2.70 -24.07 -68.35
CA LEU K 107 -2.74 -22.77 -69.01
C LEU K 107 -3.94 -22.67 -69.94
N PRO K 108 -4.40 -21.45 -70.23
CA PRO K 108 -5.59 -21.30 -71.09
C PRO K 108 -5.42 -21.91 -72.47
N ASP K 109 -4.21 -21.97 -73.00
CA ASP K 109 -3.98 -22.51 -74.33
C ASP K 109 -3.98 -24.04 -74.38
N GLY K 110 -4.19 -24.73 -73.26
CA GLY K 110 -4.23 -26.18 -73.24
C GLY K 110 -2.98 -26.85 -72.70
N THR K 111 -1.88 -26.12 -72.60
CA THR K 111 -0.64 -26.67 -72.07
C THR K 111 -0.60 -26.52 -70.56
N SER K 112 0.36 -27.20 -69.94
CA SER K 112 0.48 -27.24 -68.49
C SER K 112 1.77 -26.56 -68.05
N ALA K 113 1.64 -25.62 -67.11
CA ALA K 113 2.78 -25.00 -66.45
C ALA K 113 2.90 -25.56 -65.04
N TYR K 114 4.00 -25.23 -64.38
CA TYR K 114 4.28 -25.75 -63.05
C TYR K 114 4.68 -24.61 -62.13
N THR K 115 4.03 -24.53 -60.97
CA THR K 115 4.23 -23.44 -60.05
C THR K 115 4.40 -23.98 -58.63
N ARG K 116 5.22 -23.29 -57.85
CA ARG K 116 5.39 -23.62 -56.43
C ARG K 116 4.65 -22.65 -55.53
N ASP K 117 3.93 -21.69 -56.10
CA ASP K 117 3.12 -20.77 -55.31
C ASP K 117 1.86 -21.47 -54.81
N GLY K 118 1.61 -21.35 -53.51
CA GLY K 118 0.48 -22.02 -52.89
C GLY K 118 -0.72 -21.16 -52.56
N SER K 119 -0.72 -19.89 -52.94
CA SER K 119 -1.87 -19.03 -52.67
C SER K 119 -2.98 -19.34 -53.67
N PHE K 120 -3.92 -20.20 -53.27
CA PHE K 120 -4.99 -20.65 -54.14
C PHE K 120 -6.29 -19.93 -53.81
N GLN K 121 -7.10 -19.69 -54.84
CA GLN K 121 -8.41 -19.10 -54.70
C GLN K 121 -9.46 -20.02 -55.30
N VAL K 122 -10.73 -19.65 -55.14
CA VAL K 122 -11.85 -20.39 -55.71
C VAL K 122 -12.59 -19.47 -56.66
N ASP K 123 -12.80 -19.92 -57.90
CA ASP K 123 -13.48 -19.12 -58.90
C ASP K 123 -14.99 -19.16 -58.66
N GLN K 124 -15.76 -18.54 -59.56
CA GLN K 124 -17.21 -18.52 -59.40
C GLN K 124 -17.82 -19.90 -59.60
N ASN K 125 -17.16 -20.77 -60.36
CA ASN K 125 -17.68 -22.11 -60.59
C ASN K 125 -17.27 -23.12 -59.53
N GLY K 126 -16.36 -22.75 -58.62
CA GLY K 126 -15.98 -23.62 -57.52
C GLY K 126 -14.69 -24.38 -57.71
N GLN K 127 -13.93 -24.11 -58.76
CA GLN K 127 -12.66 -24.79 -58.98
C GLN K 127 -11.52 -24.07 -58.26
N LEU K 128 -10.54 -24.85 -57.82
CA LEU K 128 -9.31 -24.27 -57.29
C LEU K 128 -8.50 -23.66 -58.42
N VAL K 129 -8.09 -22.40 -58.25
CA VAL K 129 -7.32 -21.70 -59.25
C VAL K 129 -6.15 -21.00 -58.58
N THR K 130 -5.12 -20.72 -59.37
CA THR K 130 -4.04 -19.86 -58.95
C THR K 130 -4.54 -18.41 -58.90
N ALA K 131 -3.89 -17.60 -58.06
CA ALA K 131 -4.27 -16.21 -57.89
C ALA K 131 -4.34 -15.44 -59.22
N GLY K 132 -3.69 -15.94 -60.27
CA GLY K 132 -3.78 -15.32 -61.58
C GLY K 132 -4.96 -15.83 -62.39
N GLY K 133 -5.79 -16.66 -61.76
CA GLY K 133 -6.97 -17.19 -62.42
C GLY K 133 -6.75 -18.45 -63.22
N PHE K 134 -5.55 -19.02 -63.21
CA PHE K 134 -5.29 -20.26 -63.91
C PHE K 134 -5.75 -21.45 -63.06
N GLN K 135 -6.54 -22.33 -63.66
CA GLN K 135 -7.10 -23.47 -62.95
C GLN K 135 -6.03 -24.52 -62.71
N VAL K 136 -5.90 -24.92 -61.44
CA VAL K 136 -4.80 -25.84 -60.99
C VAL K 136 -5.28 -27.28 -61.16
N GLN K 137 -4.35 -28.18 -61.51
CA GLN K 137 -4.67 -29.63 -61.63
C GLN K 137 -4.83 -30.23 -60.23
N PRO K 138 -5.42 -31.44 -60.08
CA PRO K 138 -6.42 -31.95 -61.01
C PRO K 138 -7.82 -31.37 -60.78
N ALA K 139 -8.02 -30.09 -61.12
CA ALA K 139 -9.37 -29.51 -61.26
C ALA K 139 -10.21 -29.81 -60.01
N ILE K 140 -9.63 -29.63 -58.82
CA ILE K 140 -10.34 -29.93 -57.55
C ILE K 140 -11.52 -28.96 -57.41
N THR K 141 -12.76 -29.46 -57.45
CA THR K 141 -13.92 -28.59 -57.34
C THR K 141 -14.33 -28.48 -55.87
N ILE K 142 -14.88 -27.34 -55.50
CA ILE K 142 -15.29 -27.06 -54.13
C ILE K 142 -16.76 -26.66 -54.14
N PRO K 143 -17.65 -27.41 -53.50
CA PRO K 143 -19.08 -27.05 -53.50
C PRO K 143 -19.36 -25.67 -52.93
N ALA K 144 -20.51 -25.10 -53.28
CA ALA K 144 -20.92 -23.80 -52.77
C ALA K 144 -21.19 -23.86 -51.27
N ASN K 145 -21.84 -24.93 -50.82
CA ASN K 145 -22.16 -25.13 -49.41
C ASN K 145 -21.00 -25.72 -48.63
N ALA K 146 -19.83 -25.08 -48.69
CA ALA K 146 -18.66 -25.57 -47.98
C ALA K 146 -18.46 -24.81 -46.68
N LEU K 147 -18.18 -25.56 -45.61
CA LEU K 147 -17.95 -24.96 -44.31
C LEU K 147 -16.47 -24.84 -43.97
N SER K 148 -15.66 -25.84 -44.33
CA SER K 148 -14.23 -25.81 -44.08
C SER K 148 -13.53 -26.66 -45.12
N ILE K 149 -12.34 -26.22 -45.53
CA ILE K 149 -11.52 -26.94 -46.50
C ILE K 149 -10.28 -27.45 -45.76
N THR K 150 -10.01 -28.74 -45.90
CA THR K 150 -8.89 -29.38 -45.22
C THR K 150 -8.00 -30.05 -46.26
N ILE K 151 -6.78 -29.55 -46.41
CA ILE K 151 -5.80 -30.16 -47.30
C ILE K 151 -4.72 -30.79 -46.44
N GLY K 152 -4.64 -32.12 -46.45
CA GLY K 152 -3.74 -32.86 -45.60
C GLY K 152 -2.33 -32.89 -46.14
N ARG K 153 -1.45 -33.57 -45.38
CA ARG K 153 -0.05 -33.68 -45.76
C ARG K 153 0.14 -34.55 -46.99
N ASP K 154 -0.87 -35.33 -47.38
CA ASP K 154 -0.81 -36.17 -48.57
C ASP K 154 -1.52 -35.55 -49.77
N GLY K 155 -1.98 -34.30 -49.65
CA GLY K 155 -2.63 -33.63 -50.76
C GLY K 155 -4.10 -33.92 -50.93
N VAL K 156 -4.71 -34.65 -49.99
CA VAL K 156 -6.13 -34.95 -50.10
C VAL K 156 -6.93 -33.73 -49.67
N VAL K 157 -7.81 -33.27 -50.54
CA VAL K 157 -8.65 -32.11 -50.27
C VAL K 157 -10.02 -32.60 -49.82
N SER K 158 -10.43 -32.21 -48.62
CA SER K 158 -11.70 -32.61 -48.05
C SER K 158 -12.53 -31.39 -47.71
N VAL K 159 -13.83 -31.51 -47.89
CA VAL K 159 -14.79 -30.43 -47.62
C VAL K 159 -15.86 -30.97 -46.68
N THR K 160 -16.10 -30.25 -45.59
CA THR K 160 -17.13 -30.62 -44.62
C THR K 160 -18.37 -29.79 -44.89
N GLN K 161 -19.48 -30.45 -45.20
CA GLN K 161 -20.74 -29.77 -45.45
C GLN K 161 -21.46 -29.51 -44.13
N GLN K 162 -22.62 -28.87 -44.23
CA GLN K 162 -23.35 -28.46 -43.04
C GLN K 162 -23.93 -29.67 -42.30
N GLY K 163 -23.80 -29.65 -40.98
CA GLY K 163 -24.46 -30.62 -40.13
C GLY K 163 -24.06 -32.07 -40.33
N GLN K 164 -22.95 -32.31 -41.00
CA GLN K 164 -22.48 -33.67 -41.28
C GLN K 164 -21.15 -33.86 -40.57
N ALA K 165 -21.04 -34.95 -39.81
CA ALA K 165 -19.88 -35.18 -38.96
C ALA K 165 -18.70 -35.79 -39.69
N ALA K 166 -18.89 -36.15 -40.96
CA ALA K 166 -17.82 -36.77 -41.74
C ALA K 166 -17.45 -35.88 -42.91
N PRO K 167 -16.16 -35.75 -43.21
CA PRO K 167 -15.74 -34.92 -44.34
C PRO K 167 -15.95 -35.63 -45.66
N VAL K 168 -16.07 -34.82 -46.71
CA VAL K 168 -16.27 -35.31 -48.07
C VAL K 168 -15.02 -35.01 -48.88
N GLN K 169 -14.44 -36.05 -49.48
CA GLN K 169 -13.25 -35.90 -50.31
C GLN K 169 -13.65 -35.39 -51.69
N VAL K 170 -13.02 -34.30 -52.12
CA VAL K 170 -13.36 -33.64 -53.38
C VAL K 170 -12.23 -33.72 -54.39
N GLY K 171 -11.14 -34.40 -54.07
CA GLY K 171 -10.06 -34.56 -55.01
C GLY K 171 -8.79 -35.00 -54.32
N GLN K 172 -7.69 -34.98 -55.08
CA GLN K 172 -6.38 -35.39 -54.58
C GLN K 172 -5.33 -34.55 -55.29
N LEU K 173 -4.56 -33.78 -54.52
CA LEU K 173 -3.57 -32.87 -55.08
C LEU K 173 -2.24 -33.61 -55.24
N ASN K 174 -1.67 -33.56 -56.44
CA ASN K 174 -0.44 -34.26 -56.77
C ASN K 174 0.67 -33.27 -57.11
N LEU K 175 1.91 -33.70 -56.91
CA LEU K 175 3.07 -32.86 -57.15
C LEU K 175 3.92 -33.39 -58.29
N THR K 176 4.38 -32.50 -59.15
CA THR K 176 5.23 -32.86 -60.27
C THR K 176 6.69 -32.57 -59.93
N THR K 177 7.56 -33.54 -60.19
CA THR K 177 8.99 -33.40 -59.96
C THR K 177 9.73 -33.66 -61.25
N PHE K 178 10.90 -33.02 -61.39
CA PHE K 178 11.71 -33.08 -62.59
C PHE K 178 13.11 -33.57 -62.26
N MET K 179 13.82 -34.05 -63.29
CA MET K 179 15.22 -34.45 -63.07
C MET K 179 16.02 -33.18 -62.79
N ASN K 180 15.99 -32.22 -63.71
CA ASN K 180 16.66 -30.91 -63.48
C ASN K 180 15.57 -29.85 -63.27
N ASP K 181 15.56 -29.22 -62.10
CA ASP K 181 14.56 -28.16 -61.84
C ASP K 181 15.07 -26.85 -62.44
N THR K 182 16.40 -26.70 -62.56
CA THR K 182 16.92 -25.43 -63.05
C THR K 182 16.53 -25.19 -64.51
N GLY K 183 16.47 -26.24 -65.31
CA GLY K 183 16.22 -26.12 -66.74
C GLY K 183 14.82 -25.69 -67.14
N LEU K 184 13.89 -25.58 -66.18
CA LEU K 184 12.55 -25.15 -66.47
C LEU K 184 12.55 -23.71 -66.99
N GLU K 185 11.66 -23.42 -67.93
CA GLU K 185 11.60 -22.07 -68.50
C GLU K 185 10.56 -21.23 -67.78
N SER K 186 11.00 -20.15 -67.14
CA SER K 186 10.08 -19.29 -66.42
C SER K 186 9.31 -18.41 -67.39
N ILE K 187 7.98 -18.42 -67.29
CA ILE K 187 7.15 -17.60 -68.16
C ILE K 187 6.49 -16.44 -67.42
N GLY K 188 6.94 -16.11 -66.22
CA GLY K 188 6.34 -15.06 -65.43
C GLY K 188 5.11 -15.54 -64.68
N GLU K 189 4.59 -14.65 -63.83
CA GLU K 189 3.43 -14.94 -63.00
C GLU K 189 3.67 -16.16 -62.11
N ASN K 190 4.91 -16.32 -61.66
CA ASN K 190 5.32 -17.46 -60.83
C ASN K 190 5.01 -18.79 -61.51
N LEU K 191 5.22 -18.88 -62.82
CA LEU K 191 4.93 -20.08 -63.60
C LEU K 191 6.18 -20.53 -64.33
N TYR K 192 6.42 -21.84 -64.31
CA TYR K 192 7.49 -22.47 -65.07
C TYR K 192 6.92 -23.53 -65.99
N ILE K 193 7.46 -23.60 -67.20
CA ILE K 193 7.05 -24.62 -68.17
C ILE K 193 8.22 -25.56 -68.41
N GLU K 194 7.89 -26.73 -68.94
CA GLU K 194 8.88 -27.79 -69.12
C GLU K 194 9.78 -27.51 -70.31
N THR K 195 11.07 -27.78 -70.14
CA THR K 195 12.04 -27.70 -71.22
C THR K 195 12.77 -29.03 -71.32
N GLN K 196 13.35 -29.36 -72.48
CA GLN K 196 14.01 -30.64 -72.67
C GLN K 196 15.21 -30.83 -71.75
N SER K 197 15.75 -29.77 -71.17
CA SER K 197 16.82 -29.91 -70.20
C SER K 197 16.28 -30.25 -68.81
N SER K 198 14.97 -30.16 -68.63
CA SER K 198 14.34 -30.47 -67.35
C SER K 198 13.77 -31.88 -67.35
N GLY K 199 14.17 -32.68 -68.34
CA GLY K 199 13.68 -34.04 -68.42
C GLY K 199 12.19 -34.09 -68.75
N ALA K 200 11.46 -34.91 -68.01
CA ALA K 200 10.04 -35.13 -68.23
C ALA K 200 9.31 -34.94 -66.91
N PRO K 201 8.04 -34.52 -66.95
CA PRO K 201 7.31 -34.30 -65.70
C PRO K 201 6.88 -35.60 -65.03
N ASN K 202 7.48 -35.91 -63.88
CA ASN K 202 7.13 -37.10 -63.13
C ASN K 202 6.10 -36.73 -62.06
N GLU K 203 4.86 -37.18 -62.24
CA GLU K 203 3.83 -36.92 -61.25
C GLU K 203 3.93 -37.92 -60.10
N SER K 204 3.78 -37.41 -58.89
CA SER K 204 3.95 -38.23 -57.69
C SER K 204 3.05 -37.69 -56.59
N THR K 205 2.79 -38.56 -55.62
CA THR K 205 1.97 -38.19 -54.48
C THR K 205 2.84 -37.67 -53.33
N PRO K 206 2.30 -36.75 -52.53
CA PRO K 206 3.13 -36.02 -51.56
C PRO K 206 3.56 -36.81 -50.32
N GLY K 207 4.68 -37.53 -50.42
CA GLY K 207 5.24 -38.24 -49.28
C GLY K 207 5.95 -39.49 -49.72
N LEU K 208 5.59 -39.94 -50.92
CA LEU K 208 6.22 -41.05 -51.63
C LEU K 208 7.50 -40.61 -52.33
N ASN K 209 7.85 -41.28 -53.42
CA ASN K 209 9.20 -41.51 -53.92
C ASN K 209 10.00 -40.22 -54.13
N GLY K 210 9.51 -39.08 -53.65
CA GLY K 210 10.32 -37.89 -53.70
C GLY K 210 9.59 -36.57 -53.87
N ALA K 211 8.27 -36.60 -53.97
CA ALA K 211 7.51 -35.36 -53.89
C ALA K 211 7.53 -34.83 -52.46
N GLY K 212 7.40 -33.53 -52.31
CA GLY K 212 7.44 -32.91 -51.00
C GLY K 212 6.12 -33.06 -50.26
N LEU K 213 6.12 -32.52 -49.05
CA LEU K 213 4.93 -32.53 -48.21
C LEU K 213 4.22 -31.18 -48.27
N LEU K 214 2.89 -31.21 -48.15
CA LEU K 214 2.08 -30.00 -48.17
C LEU K 214 1.59 -29.68 -46.76
N TYR K 215 1.78 -28.43 -46.36
CA TYR K 215 1.28 -27.91 -45.10
C TYR K 215 0.22 -26.86 -45.38
N GLN K 216 -0.94 -27.02 -44.76
CA GLN K 216 -2.04 -26.09 -44.95
C GLN K 216 -1.89 -24.89 -44.02
N GLY K 217 -2.34 -23.73 -44.49
CA GLY K 217 -2.18 -22.50 -43.75
C GLY K 217 -0.79 -21.91 -43.79
N TYR K 218 0.07 -22.39 -44.68
CA TYR K 218 1.46 -21.95 -44.78
C TYR K 218 1.74 -21.44 -46.18
N VAL K 219 2.62 -20.45 -46.28
CA VAL K 219 3.07 -19.93 -47.57
C VAL K 219 4.58 -20.00 -47.62
N GLU K 220 5.10 -20.43 -48.76
CA GLU K 220 6.54 -20.52 -48.97
C GLU K 220 7.06 -19.18 -49.48
N THR K 221 7.89 -18.52 -48.67
CA THR K 221 8.45 -17.23 -49.04
C THR K 221 9.65 -17.41 -49.95
N SER K 222 10.24 -16.31 -50.40
CA SER K 222 11.39 -16.36 -51.28
C SER K 222 12.65 -16.69 -50.49
N ASN K 223 13.67 -17.17 -51.20
CA ASN K 223 14.95 -17.49 -50.62
C ASN K 223 15.98 -16.37 -50.78
N VAL K 224 15.56 -15.20 -51.25
CA VAL K 224 16.46 -14.07 -51.44
C VAL K 224 16.96 -13.57 -50.10
N ASN K 225 18.28 -13.38 -49.98
CA ASN K 225 18.90 -12.88 -48.76
C ASN K 225 19.37 -11.45 -49.03
N VAL K 226 18.87 -10.51 -48.22
CA VAL K 226 19.07 -9.09 -48.53
C VAL K 226 20.52 -8.67 -48.32
N ALA K 227 21.15 -9.13 -47.24
CA ALA K 227 22.51 -8.68 -46.92
C ALA K 227 23.50 -9.12 -47.99
N GLU K 228 23.38 -10.37 -48.46
CA GLU K 228 24.27 -10.85 -49.51
C GLU K 228 24.08 -10.04 -50.78
N GLU K 229 22.83 -9.69 -51.11
CA GLU K 229 22.60 -8.83 -52.28
C GLU K 229 23.20 -7.45 -52.11
N LEU K 230 23.18 -6.90 -50.89
CA LEU K 230 23.82 -5.62 -50.65
C LEU K 230 25.33 -5.70 -50.88
N VAL K 231 25.97 -6.72 -50.32
CA VAL K 231 27.41 -6.90 -50.50
C VAL K 231 27.73 -7.10 -51.98
N ASN K 232 26.91 -7.89 -52.67
CA ASN K 232 27.13 -8.11 -54.10
C ASN K 232 26.93 -6.84 -54.92
N MET K 233 25.99 -5.97 -54.52
CA MET K 233 25.89 -4.67 -55.19
C MET K 233 27.15 -3.85 -55.01
N ILE K 234 27.71 -3.86 -53.80
CA ILE K 234 28.95 -3.11 -53.58
C ILE K 234 30.05 -3.63 -54.50
N GLN K 235 30.25 -4.95 -54.54
CA GLN K 235 31.35 -5.49 -55.36
C GLN K 235 31.06 -5.24 -56.84
N VAL K 236 29.81 -5.39 -57.30
CA VAL K 236 29.53 -5.20 -58.72
C VAL K 236 29.71 -3.74 -59.11
N GLN K 237 29.31 -2.82 -58.24
CA GLN K 237 29.52 -1.41 -58.51
C GLN K 237 31.01 -1.10 -58.65
N ARG K 238 31.84 -1.62 -57.73
CA ARG K 238 33.26 -1.38 -57.84
C ARG K 238 33.85 -1.98 -59.11
N ALA K 239 33.46 -3.21 -59.46
CA ALA K 239 33.96 -3.83 -60.67
C ALA K 239 33.57 -3.04 -61.92
N TYR K 240 32.32 -2.59 -61.97
CA TYR K 240 31.86 -1.79 -63.11
C TYR K 240 32.64 -0.49 -63.21
N GLU K 241 32.88 0.18 -62.08
CA GLU K 241 33.65 1.42 -62.10
C GLU K 241 35.08 1.19 -62.58
N ILE K 242 35.69 0.08 -62.15
CA ILE K 242 37.07 -0.19 -62.55
C ILE K 242 37.14 -0.54 -64.04
N ASN K 243 36.16 -1.28 -64.55
CA ASN K 243 36.15 -1.57 -65.99
C ASN K 243 35.91 -0.29 -66.80
N SER K 244 35.06 0.61 -66.29
CA SER K 244 34.90 1.91 -66.95
C SER K 244 36.19 2.70 -66.93
N LYS K 245 36.96 2.61 -65.84
CA LYS K 245 38.27 3.24 -65.80
C LYS K 245 39.21 2.65 -66.85
N ALA K 246 39.14 1.34 -67.07
CA ALA K 246 39.91 0.74 -68.15
C ALA K 246 39.50 1.30 -69.51
N VAL K 247 38.19 1.46 -69.73
CA VAL K 247 37.70 2.08 -70.95
C VAL K 247 38.30 3.48 -71.11
N SER K 248 38.29 4.26 -70.03
CA SER K 248 38.80 5.63 -70.08
C SER K 248 40.29 5.65 -70.38
N THR K 249 41.05 4.72 -69.80
CA THR K 249 42.49 4.66 -70.05
C THR K 249 42.76 4.32 -71.51
N THR K 250 42.00 3.38 -72.08
CA THR K 250 42.15 3.09 -73.50
C THR K 250 41.81 4.30 -74.35
N ASP K 251 40.76 5.04 -73.98
CA ASP K 251 40.39 6.25 -74.71
C ASP K 251 41.52 7.28 -74.68
N GLN K 252 42.13 7.48 -73.51
CA GLN K 252 43.26 8.41 -73.41
C GLN K 252 44.44 7.95 -74.25
N MET K 253 44.73 6.65 -74.24
CA MET K 253 45.83 6.14 -75.06
C MET K 253 45.57 6.40 -76.54
N LEU K 254 44.36 6.15 -77.02
CA LEU K 254 44.04 6.41 -78.42
C LEU K 254 44.11 7.89 -78.74
N GLN K 255 43.59 8.75 -77.84
CA GLN K 255 43.65 10.19 -78.07
C GLN K 255 45.08 10.67 -78.23
N LYS K 256 45.95 10.32 -77.27
CA LYS K 256 47.30 10.86 -77.31
C LYS K 256 48.20 10.03 -78.23
N LEU K 257 47.67 8.94 -78.80
CA LEU K 257 48.28 8.34 -79.97
C LEU K 257 47.99 9.17 -81.22
N THR K 258 46.74 9.59 -81.38
CA THR K 258 46.40 10.37 -82.57
C THR K 258 47.04 11.75 -82.54
N GLN K 259 47.03 12.40 -81.36
CA GLN K 259 47.60 13.74 -81.26
C GLN K 259 49.10 13.75 -81.50
N LEU K 260 49.74 12.58 -81.35
CA LEU K 260 51.18 12.45 -81.53
C LEU K 260 51.97 13.36 -80.59
N MET L 1 57.80 2.76 -64.78
CA MET L 1 58.86 3.42 -65.54
C MET L 1 59.70 4.27 -64.60
N ILE L 2 59.04 4.79 -63.57
CA ILE L 2 59.65 5.68 -62.60
C ILE L 2 59.82 4.90 -61.31
N SER L 3 60.99 5.05 -60.67
CA SER L 3 61.28 4.29 -59.47
C SER L 3 60.27 4.59 -58.36
N SER L 4 59.88 5.86 -58.23
CA SER L 4 58.90 6.26 -57.22
C SER L 4 57.59 5.51 -57.43
N LEU L 5 57.20 5.29 -58.69
CA LEU L 5 56.00 4.52 -59.00
C LEU L 5 56.10 3.09 -58.49
N TRP L 6 57.24 2.43 -58.73
CA TRP L 6 57.43 1.07 -58.20
C TRP L 6 57.39 1.05 -56.68
N ILE L 7 58.04 2.02 -56.03
CA ILE L 7 58.07 2.05 -54.58
C ILE L 7 56.66 2.22 -54.02
N ALA L 8 55.88 3.12 -54.62
CA ALA L 8 54.49 3.27 -54.19
C ALA L 8 53.72 1.97 -54.48
N LYS L 9 53.97 1.34 -55.64
CA LYS L 9 53.20 0.13 -56.00
C LYS L 9 53.41 -0.90 -54.89
N THR L 10 54.65 -1.19 -54.54
CA THR L 10 54.93 -2.11 -53.40
C THR L 10 54.16 -1.61 -52.18
N GLY L 11 54.38 -0.37 -51.78
CA GLY L 11 53.70 0.06 -50.56
C GLY L 11 52.22 -0.25 -50.59
N LEU L 12 51.59 -0.08 -51.75
CA LEU L 12 50.18 -0.41 -51.90
C LEU L 12 49.93 -1.90 -51.67
N ASP L 13 50.77 -2.76 -52.24
CA ASP L 13 50.61 -4.19 -51.99
C ASP L 13 50.81 -4.52 -50.51
N ALA L 14 51.77 -3.87 -49.85
CA ALA L 14 51.98 -4.12 -48.43
C ALA L 14 50.77 -3.73 -47.60
N GLN L 15 50.19 -2.56 -47.89
CA GLN L 15 49.01 -2.14 -47.15
C GLN L 15 47.80 -3.02 -47.46
N GLN L 16 47.70 -3.52 -48.69
CA GLN L 16 46.64 -4.45 -49.02
C GLN L 16 46.81 -5.76 -48.25
N THR L 17 48.06 -6.21 -48.09
CA THR L 17 48.32 -7.39 -47.27
C THR L 17 47.91 -7.17 -45.82
N ASN L 18 48.22 -5.98 -45.28
CA ASN L 18 47.79 -5.65 -43.92
C ASN L 18 46.27 -5.67 -43.82
N MET L 19 45.58 -5.09 -44.80
CA MET L 19 44.12 -5.10 -44.80
C MET L 19 43.56 -6.50 -44.88
N ASP L 20 44.15 -7.37 -45.70
CA ASP L 20 43.69 -8.75 -45.80
C ASP L 20 43.89 -9.49 -44.48
N VAL L 21 45.03 -9.25 -43.82
CA VAL L 21 45.27 -9.87 -42.52
C VAL L 21 44.23 -9.43 -41.51
N ILE L 22 43.92 -8.13 -41.49
CA ILE L 22 42.91 -7.61 -40.55
C ILE L 22 41.55 -8.22 -40.84
N ALA L 23 41.18 -8.30 -42.13
CA ALA L 23 39.89 -8.86 -42.51
C ALA L 23 39.80 -10.34 -42.11
N ASN L 24 40.87 -11.10 -42.33
CA ASN L 24 40.86 -12.51 -41.94
C ASN L 24 40.75 -12.66 -40.42
N ASN L 25 41.44 -11.80 -39.67
CA ASN L 25 41.33 -11.85 -38.22
C ASN L 25 39.91 -11.56 -37.76
N LEU L 26 39.26 -10.56 -38.37
CA LEU L 26 37.89 -10.23 -37.98
C LEU L 26 36.89 -11.30 -38.42
N ALA L 27 37.17 -11.99 -39.53
CA ALA L 27 36.25 -13.02 -40.00
C ALA L 27 36.21 -14.25 -39.11
N ASN L 28 37.23 -14.45 -38.27
CA ASN L 28 37.33 -15.63 -37.42
C ASN L 28 37.17 -15.29 -35.93
N VAL L 29 36.31 -14.33 -35.60
CA VAL L 29 36.12 -13.92 -34.21
C VAL L 29 35.50 -15.02 -33.36
N SER L 30 34.45 -15.67 -33.86
CA SER L 30 33.70 -16.64 -33.09
C SER L 30 34.25 -18.06 -33.17
N THR L 31 35.30 -18.29 -33.94
CA THR L 31 35.85 -19.64 -34.08
C THR L 31 36.73 -19.98 -32.88
N ASN L 32 36.61 -21.22 -32.43
CA ASN L 32 37.37 -21.68 -31.26
C ASN L 32 38.77 -22.11 -31.68
N GLY L 33 39.73 -21.88 -30.78
CA GLY L 33 41.10 -22.29 -31.02
C GLY L 33 41.76 -21.61 -32.21
N PHE L 34 41.51 -20.31 -32.36
CA PHE L 34 42.08 -19.54 -33.46
C PHE L 34 43.24 -18.69 -32.98
N LYS L 35 44.22 -18.51 -33.84
CA LYS L 35 45.39 -17.68 -33.55
C LYS L 35 45.49 -16.60 -34.61
N ARG L 36 45.30 -15.35 -34.19
CA ARG L 36 45.26 -14.21 -35.10
C ARG L 36 46.64 -13.97 -35.71
N GLN L 37 46.65 -13.52 -36.96
CA GLN L 37 47.91 -13.32 -37.67
C GLN L 37 48.43 -11.91 -37.49
N ARG L 38 49.68 -11.71 -37.90
CA ARG L 38 50.33 -10.40 -37.85
C ARG L 38 51.44 -10.40 -38.89
N ALA L 39 51.46 -9.39 -39.75
CA ALA L 39 52.43 -9.32 -40.83
C ALA L 39 53.63 -8.47 -40.43
N VAL L 40 54.81 -8.89 -40.87
CA VAL L 40 56.06 -8.18 -40.59
C VAL L 40 56.67 -7.76 -41.92
N PHE L 41 57.13 -6.51 -41.99
CA PHE L 41 57.68 -5.93 -43.21
C PHE L 41 59.16 -5.61 -43.01
N GLU L 42 59.88 -5.49 -44.13
CA GLU L 42 61.30 -5.18 -44.09
C GLU L 42 61.67 -4.30 -45.27
N ASP L 43 62.84 -3.68 -45.18
CA ASP L 43 63.34 -2.82 -46.23
C ASP L 43 63.70 -3.63 -47.47
N LEU L 44 63.34 -3.13 -48.63
CA LEU L 44 63.75 -3.71 -49.90
C LEU L 44 65.16 -3.22 -50.25
N LEU L 45 65.54 -3.38 -51.52
CA LEU L 45 66.86 -3.00 -52.00
C LEU L 45 67.17 -1.55 -51.65
N TYR L 46 68.47 -1.25 -51.61
CA TYR L 46 68.96 0.10 -51.33
C TYR L 46 70.00 0.45 -52.39
N GLN L 47 69.64 1.34 -53.30
CA GLN L 47 70.55 1.77 -54.35
C GLN L 47 71.68 2.61 -53.77
N THR L 48 72.91 2.16 -53.98
CA THR L 48 74.08 2.86 -53.47
C THR L 48 74.70 3.75 -54.54
N ILE L 49 74.01 4.85 -54.87
CA ILE L 49 74.53 5.79 -55.87
C ILE L 49 75.86 6.37 -55.39
N ARG L 50 75.90 6.81 -54.13
CA ARG L 50 77.14 7.24 -53.50
C ARG L 50 77.33 6.42 -52.22
N GLN L 51 78.48 5.76 -52.12
CA GLN L 51 78.71 4.84 -51.02
C GLN L 51 78.86 5.59 -49.71
N PRO L 52 78.10 5.26 -48.68
CA PRO L 52 78.32 5.86 -47.35
C PRO L 52 79.65 5.40 -46.78
N GLY L 53 80.51 6.35 -46.44
CA GLY L 53 81.86 6.06 -46.01
C GLY L 53 82.89 6.03 -47.11
N ALA L 54 82.53 6.47 -48.32
CA ALA L 54 83.47 6.48 -49.43
C ALA L 54 84.58 7.49 -49.18
N GLN L 55 85.79 7.14 -49.61
CA GLN L 55 86.97 7.99 -49.40
C GLN L 55 86.98 9.05 -50.50
N SER L 56 86.26 10.14 -50.27
CA SER L 56 86.20 11.22 -51.26
C SER L 56 87.57 11.84 -51.47
N SER L 57 88.31 12.05 -50.38
CA SER L 57 89.66 12.58 -50.44
C SER L 57 90.57 11.74 -49.56
N GLU L 58 91.88 11.98 -49.69
CA GLU L 58 92.84 11.23 -48.88
C GLU L 58 92.70 11.50 -47.40
N GLN L 59 92.02 12.57 -47.02
CA GLN L 59 91.82 12.94 -45.62
C GLN L 59 90.37 12.88 -45.18
N THR L 60 89.44 13.39 -46.00
CA THR L 60 88.03 13.43 -45.63
C THR L 60 87.30 12.20 -46.17
N THR L 61 86.28 11.78 -45.42
CA THR L 61 85.42 10.67 -45.81
C THR L 61 83.98 11.15 -45.87
N LEU L 62 83.25 10.69 -46.87
CA LEU L 62 81.86 11.12 -47.06
C LEU L 62 80.95 10.40 -46.07
N PRO L 63 80.24 11.12 -45.19
CA PRO L 63 79.34 10.46 -44.25
C PRO L 63 77.94 10.28 -44.80
N SER L 64 77.41 9.05 -44.72
CA SER L 64 76.02 8.77 -45.06
C SER L 64 75.66 9.20 -46.48
N GLY L 65 76.26 8.55 -47.47
CA GLY L 65 76.08 8.92 -48.87
C GLY L 65 74.68 8.70 -49.38
N LEU L 66 74.55 8.71 -50.71
CA LEU L 66 73.26 8.67 -51.39
C LEU L 66 72.74 7.24 -51.40
N GLN L 67 72.02 6.88 -50.34
CA GLN L 67 71.39 5.56 -50.23
C GLN L 67 69.91 5.65 -50.58
N ILE L 68 69.63 5.72 -51.89
CA ILE L 68 68.25 5.74 -52.35
C ILE L 68 67.65 4.35 -52.21
N GLY L 69 66.49 4.26 -51.55
CA GLY L 69 65.89 2.97 -51.28
C GLY L 69 64.73 2.64 -52.20
N THR L 70 64.46 1.35 -52.30
CA THR L 70 63.33 0.83 -53.04
C THR L 70 62.14 0.69 -52.08
N GLY L 71 61.06 -0.02 -52.42
CA GLY L 71 59.88 -0.09 -51.60
C GLY L 71 60.04 -0.97 -50.38
N VAL L 72 58.98 -1.69 -50.06
CA VAL L 72 58.91 -2.52 -48.87
C VAL L 72 58.44 -3.91 -49.25
N ARG L 73 58.74 -4.88 -48.40
CA ARG L 73 58.35 -6.27 -48.63
C ARG L 73 57.92 -6.91 -47.32
N PRO L 74 56.83 -7.68 -47.31
CA PRO L 74 56.43 -8.37 -46.07
C PRO L 74 57.34 -9.57 -45.82
N VAL L 75 57.98 -9.59 -44.64
CA VAL L 75 58.88 -10.67 -44.28
C VAL L 75 58.09 -11.97 -44.18
N ALA L 76 56.99 -11.93 -43.42
CA ALA L 76 56.16 -13.09 -43.19
C ALA L 76 54.86 -12.68 -42.54
N THR L 77 53.97 -13.65 -42.38
CA THR L 77 52.72 -13.48 -41.64
C THR L 77 52.69 -14.50 -40.52
N GLU L 78 53.07 -14.08 -39.31
CA GLU L 78 53.23 -14.98 -38.19
C GLU L 78 51.98 -14.98 -37.34
N ARG L 79 51.62 -16.16 -36.83
CA ARG L 79 50.41 -16.31 -35.98
C ARG L 79 50.81 -16.09 -34.53
N LEU L 80 49.97 -15.42 -33.75
CA LEU L 80 50.24 -15.11 -32.36
C LEU L 80 49.64 -16.23 -31.51
N HIS L 81 50.49 -17.16 -31.09
CA HIS L 81 50.05 -18.32 -30.31
C HIS L 81 49.96 -17.92 -28.84
N SER L 82 48.79 -17.44 -28.44
CA SER L 82 48.53 -17.06 -27.06
C SER L 82 47.24 -17.72 -26.61
N GLN L 83 47.10 -17.86 -25.29
CA GLN L 83 45.94 -18.53 -24.70
C GLN L 83 44.71 -17.66 -24.84
N GLY L 84 43.72 -18.14 -25.60
CA GLY L 84 42.46 -17.44 -25.69
C GLY L 84 41.62 -17.65 -24.45
N ASN L 85 40.60 -16.80 -24.29
CA ASN L 85 39.73 -16.88 -23.13
C ASN L 85 38.93 -18.18 -23.14
N LEU L 86 38.85 -18.82 -21.99
CA LEU L 86 38.07 -20.05 -21.86
C LEU L 86 36.59 -19.70 -21.67
N SER L 87 35.73 -20.52 -22.26
CA SER L 87 34.27 -20.32 -22.12
C SER L 87 33.62 -21.65 -21.75
N GLN L 88 32.68 -21.66 -20.82
CA GLN L 88 32.10 -22.93 -20.35
C GLN L 88 30.87 -23.28 -21.21
N THR L 89 30.96 -24.32 -22.03
CA THR L 89 29.80 -24.75 -22.85
C THR L 89 29.02 -25.79 -22.05
N ASN L 90 29.66 -26.34 -21.03
CA ASN L 90 29.07 -27.35 -20.15
C ASN L 90 28.69 -28.63 -20.91
N ASN L 91 29.57 -29.10 -21.79
CA ASN L 91 29.42 -30.40 -22.43
C ASN L 91 30.59 -31.29 -22.05
N SER L 92 30.32 -32.56 -21.82
CA SER L 92 31.35 -33.50 -21.41
C SER L 92 32.41 -33.73 -22.48
N LYS L 93 32.06 -33.50 -23.75
CA LYS L 93 32.99 -33.75 -24.85
C LYS L 93 33.85 -32.55 -25.20
N ASP L 94 33.59 -31.39 -24.60
CA ASP L 94 34.37 -30.19 -24.90
C ASP L 94 35.56 -30.10 -23.95
N VAL L 95 36.76 -29.97 -24.52
CA VAL L 95 37.99 -29.88 -23.76
C VAL L 95 38.71 -28.59 -24.15
N ALA L 96 39.42 -28.01 -23.21
CA ALA L 96 40.22 -26.81 -23.46
C ALA L 96 41.62 -26.99 -22.90
N ILE L 97 42.59 -26.36 -23.55
CA ILE L 97 43.97 -26.40 -23.11
C ILE L 97 44.30 -25.12 -22.36
N LYS L 98 45.11 -25.25 -21.32
CA LYS L 98 45.52 -24.11 -20.51
C LYS L 98 46.93 -23.63 -20.84
N GLY L 99 47.81 -24.51 -21.31
CA GLY L 99 49.18 -24.12 -21.61
C GLY L 99 49.46 -23.98 -23.08
N GLN L 100 50.40 -24.79 -23.58
CA GLN L 100 50.86 -24.64 -24.97
C GLN L 100 50.98 -26.01 -25.65
N GLY L 101 49.95 -26.85 -25.49
CA GLY L 101 49.93 -28.16 -26.10
C GLY L 101 49.05 -28.21 -27.32
N PHE L 102 49.15 -29.32 -28.04
CA PHE L 102 48.36 -29.57 -29.24
C PHE L 102 47.79 -30.98 -29.20
N PHE L 103 46.55 -31.11 -29.67
CA PHE L 103 45.94 -32.41 -29.90
C PHE L 103 46.38 -32.95 -31.25
N GLN L 104 46.59 -34.26 -31.31
CA GLN L 104 47.03 -34.92 -32.53
C GLN L 104 45.85 -35.63 -33.19
N VAL L 105 45.66 -35.36 -34.48
CA VAL L 105 44.58 -35.96 -35.25
C VAL L 105 45.17 -36.60 -36.49
N MET L 106 44.39 -37.46 -37.13
CA MET L 106 44.84 -38.21 -38.30
C MET L 106 44.07 -37.76 -39.53
N LEU L 107 44.81 -37.39 -40.58
CA LEU L 107 44.22 -37.14 -41.87
C LEU L 107 43.94 -38.46 -42.59
N PRO L 108 43.01 -38.47 -43.54
CA PRO L 108 42.77 -39.70 -44.31
C PRO L 108 44.01 -40.23 -44.99
N ASP L 109 44.96 -39.36 -45.32
CA ASP L 109 46.23 -39.74 -45.94
C ASP L 109 47.12 -40.59 -45.02
N GLY L 110 46.86 -40.59 -43.72
CA GLY L 110 47.67 -41.33 -42.76
C GLY L 110 48.64 -40.48 -41.97
N THR L 111 48.91 -39.26 -42.43
CA THR L 111 49.80 -38.35 -41.71
C THR L 111 49.08 -37.73 -40.52
N SER L 112 49.87 -37.11 -39.64
CA SER L 112 49.36 -36.55 -38.40
C SER L 112 49.30 -35.03 -38.48
N ALA L 113 48.17 -34.46 -38.09
CA ALA L 113 48.00 -33.02 -37.98
C ALA L 113 47.76 -32.65 -36.53
N TYR L 114 47.80 -31.35 -36.24
CA TYR L 114 47.71 -30.87 -34.87
C TYR L 114 46.68 -29.76 -34.78
N THR L 115 45.86 -29.81 -33.74
CA THR L 115 44.76 -28.86 -33.55
C THR L 115 44.67 -28.45 -32.09
N ARG L 116 44.17 -27.24 -31.86
CA ARG L 116 43.86 -26.79 -30.52
C ARG L 116 42.35 -26.72 -30.26
N ASP L 117 41.55 -27.16 -31.22
CA ASP L 117 40.10 -27.20 -31.04
C ASP L 117 39.73 -28.40 -30.17
N GLY L 118 38.88 -28.15 -29.18
CA GLY L 118 38.48 -29.17 -28.23
C GLY L 118 37.06 -29.68 -28.34
N SER L 119 36.32 -29.32 -29.40
CA SER L 119 34.97 -29.83 -29.57
C SER L 119 35.02 -31.20 -30.22
N PHE L 120 34.83 -32.25 -29.41
CA PHE L 120 34.94 -33.62 -29.87
C PHE L 120 33.56 -34.25 -29.97
N GLN L 121 33.41 -35.19 -30.91
CA GLN L 121 32.19 -35.98 -31.03
C GLN L 121 32.54 -37.43 -31.30
N VAL L 122 31.64 -38.33 -30.90
CA VAL L 122 31.79 -39.75 -31.19
C VAL L 122 31.11 -40.05 -32.52
N ASP L 123 31.75 -40.87 -33.33
CA ASP L 123 31.22 -41.21 -34.64
C ASP L 123 30.34 -42.45 -34.54
N GLN L 124 29.94 -42.99 -35.69
CA GLN L 124 29.12 -44.20 -35.69
C GLN L 124 29.87 -45.39 -35.09
N ASN L 125 31.21 -45.39 -35.21
CA ASN L 125 32.02 -46.47 -34.65
C ASN L 125 32.44 -46.21 -33.21
N GLY L 126 32.15 -45.03 -32.66
CA GLY L 126 32.42 -44.73 -31.28
C GLY L 126 33.75 -44.04 -31.00
N GLN L 127 34.59 -43.85 -32.00
CA GLN L 127 35.87 -43.20 -31.80
C GLN L 127 35.68 -41.69 -31.64
N LEU L 128 36.53 -41.08 -30.82
CA LEU L 128 36.51 -39.63 -30.67
C LEU L 128 37.12 -38.98 -31.90
N VAL L 129 36.38 -38.07 -32.52
CA VAL L 129 36.84 -37.33 -33.68
C VAL L 129 36.55 -35.85 -33.45
N THR L 130 37.22 -35.02 -34.24
CA THR L 130 37.01 -33.58 -34.21
C THR L 130 35.74 -33.23 -34.99
N ALA L 131 35.41 -31.94 -35.01
CA ALA L 131 34.24 -31.47 -35.75
C ALA L 131 34.33 -31.75 -37.24
N GLY L 132 35.53 -31.96 -37.78
CA GLY L 132 35.69 -32.26 -39.18
C GLY L 132 35.75 -33.75 -39.48
N GLY L 133 35.51 -34.57 -38.46
CA GLY L 133 35.51 -36.01 -38.64
C GLY L 133 36.89 -36.66 -38.58
N PHE L 134 37.92 -35.92 -38.21
CA PHE L 134 39.26 -36.48 -38.13
C PHE L 134 39.48 -37.16 -36.78
N GLN L 135 39.94 -38.40 -36.82
CA GLN L 135 40.09 -39.21 -35.63
C GLN L 135 41.33 -38.78 -34.84
N VAL L 136 41.13 -38.60 -33.54
CA VAL L 136 42.22 -38.26 -32.57
C VAL L 136 43.18 -39.46 -32.50
N GLN L 137 44.47 -39.18 -32.49
CA GLN L 137 45.51 -40.14 -32.08
C GLN L 137 46.10 -39.67 -30.75
N PRO L 138 46.35 -40.54 -29.74
CA PRO L 138 46.11 -41.98 -29.88
C PRO L 138 44.63 -42.34 -29.67
N ALA L 139 44.08 -43.19 -30.54
CA ALA L 139 42.62 -43.35 -30.62
C ALA L 139 42.07 -43.67 -29.23
N ILE L 140 41.11 -42.88 -28.76
CA ILE L 140 40.42 -43.13 -27.47
C ILE L 140 38.98 -43.56 -27.77
N THR L 141 38.74 -44.86 -27.92
CA THR L 141 37.40 -45.31 -28.29
C THR L 141 36.53 -45.31 -27.05
N ILE L 142 35.24 -45.11 -27.24
CA ILE L 142 34.26 -45.06 -26.16
C ILE L 142 33.16 -46.08 -26.47
N PRO L 143 32.81 -46.96 -25.52
CA PRO L 143 31.77 -47.97 -25.80
C PRO L 143 30.40 -47.36 -26.00
N ALA L 144 29.47 -48.15 -26.55
CA ALA L 144 28.12 -47.67 -26.82
C ALA L 144 27.37 -47.35 -25.53
N ASN L 145 27.47 -48.23 -24.54
CA ASN L 145 26.73 -48.08 -23.28
C ASN L 145 27.51 -47.25 -22.26
N ALA L 146 27.92 -46.04 -22.63
CA ALA L 146 28.59 -45.16 -21.68
C ALA L 146 27.65 -44.05 -21.23
N LEU L 147 27.50 -43.92 -19.92
CA LEU L 147 26.60 -42.92 -19.35
C LEU L 147 27.20 -41.53 -19.30
N SER L 148 28.51 -41.41 -19.07
CA SER L 148 29.16 -40.12 -19.00
C SER L 148 30.63 -40.29 -19.29
N ILE L 149 31.18 -39.34 -20.05
CA ILE L 149 32.60 -39.33 -20.40
C ILE L 149 33.30 -38.32 -19.51
N THR L 150 34.25 -38.78 -18.70
CA THR L 150 34.99 -37.93 -17.78
C THR L 150 36.43 -37.87 -18.26
N ILE L 151 36.87 -36.67 -18.66
CA ILE L 151 38.25 -36.44 -19.06
C ILE L 151 38.93 -35.64 -17.95
N GLY L 152 39.90 -36.25 -17.29
CA GLY L 152 40.58 -35.64 -16.17
C GLY L 152 41.56 -34.56 -16.61
N ARG L 153 42.08 -33.85 -15.60
CA ARG L 153 43.05 -32.80 -15.85
C ARG L 153 44.39 -33.34 -16.33
N ASP L 154 44.63 -34.64 -16.16
CA ASP L 154 45.86 -35.28 -16.62
C ASP L 154 45.69 -36.01 -17.94
N GLY L 155 44.50 -35.98 -18.54
CA GLY L 155 44.27 -36.66 -19.79
C GLY L 155 43.70 -38.05 -19.68
N VAL L 156 43.30 -38.47 -18.48
CA VAL L 156 42.75 -39.82 -18.30
C VAL L 156 41.27 -39.79 -18.65
N VAL L 157 40.88 -40.60 -19.62
CA VAL L 157 39.50 -40.66 -20.09
C VAL L 157 38.83 -41.89 -19.48
N SER L 158 37.70 -41.68 -18.82
CA SER L 158 36.95 -42.75 -18.18
C SER L 158 35.47 -42.62 -18.52
N VAL L 159 34.75 -43.72 -18.34
CA VAL L 159 33.30 -43.75 -18.57
C VAL L 159 32.65 -44.63 -17.52
N THR L 160 31.45 -44.27 -17.11
CA THR L 160 30.65 -45.07 -16.18
C THR L 160 29.58 -45.81 -16.99
N GLN L 161 29.66 -47.13 -16.99
CA GLN L 161 28.66 -47.92 -17.75
C GLN L 161 27.54 -48.34 -16.80
N GLN L 162 26.44 -48.87 -17.33
CA GLN L 162 25.34 -49.35 -16.47
C GLN L 162 25.86 -50.47 -15.57
N GLY L 163 25.47 -50.47 -14.30
CA GLY L 163 25.96 -51.48 -13.34
C GLY L 163 27.40 -51.22 -12.94
N GLN L 164 28.35 -51.75 -13.70
CA GLN L 164 29.81 -51.57 -13.41
C GLN L 164 30.00 -50.52 -12.32
N ALA L 165 29.86 -50.90 -11.05
CA ALA L 165 30.07 -50.06 -9.88
C ALA L 165 31.29 -49.17 -10.00
N ALA L 166 32.18 -49.46 -10.95
CA ALA L 166 33.42 -48.72 -11.08
C ALA L 166 33.56 -48.14 -12.47
N PRO L 167 34.10 -46.93 -12.59
CA PRO L 167 34.38 -46.38 -13.91
C PRO L 167 35.64 -47.00 -14.50
N VAL L 168 35.55 -47.36 -15.78
CA VAL L 168 36.63 -48.02 -16.49
C VAL L 168 37.36 -46.99 -17.33
N GLN L 169 38.67 -47.19 -17.49
CA GLN L 169 39.50 -46.31 -18.31
C GLN L 169 39.56 -46.84 -19.72
N VAL L 170 39.31 -45.97 -20.70
CA VAL L 170 39.30 -46.33 -22.11
C VAL L 170 40.48 -45.73 -22.86
N GLY L 171 41.40 -45.08 -22.17
CA GLY L 171 42.59 -44.58 -22.81
C GLY L 171 43.16 -43.39 -22.07
N GLN L 172 44.05 -42.69 -22.77
CA GLN L 172 44.80 -41.57 -22.19
C GLN L 172 45.02 -40.53 -23.28
N LEU L 173 44.76 -39.27 -22.97
CA LEU L 173 44.88 -38.20 -23.95
C LEU L 173 46.18 -37.43 -23.70
N ASN L 174 46.99 -37.28 -24.75
CA ASN L 174 48.28 -36.63 -24.65
C ASN L 174 48.31 -35.37 -25.51
N LEU L 175 49.24 -34.47 -25.16
CA LEU L 175 49.45 -33.22 -25.86
C LEU L 175 50.83 -33.20 -26.50
N THR L 176 50.91 -32.68 -27.72
CA THR L 176 52.17 -32.54 -28.43
C THR L 176 52.63 -31.10 -28.40
N THR L 177 53.88 -30.90 -28.01
CA THR L 177 54.47 -29.57 -27.92
C THR L 177 55.61 -29.45 -28.93
N PHE L 178 55.76 -28.25 -29.47
CA PHE L 178 56.78 -27.95 -30.46
C PHE L 178 57.77 -26.92 -29.94
N MET L 179 58.97 -26.92 -30.52
CA MET L 179 59.95 -25.90 -30.18
C MET L 179 59.49 -24.52 -30.63
N ASN L 180 58.95 -24.43 -31.84
CA ASN L 180 58.51 -23.17 -32.42
C ASN L 180 57.12 -23.39 -32.99
N ASP L 181 56.09 -23.00 -32.23
CA ASP L 181 54.71 -23.15 -32.67
C ASP L 181 54.34 -22.23 -33.82
N THR L 182 55.09 -21.15 -34.03
CA THR L 182 54.74 -20.20 -35.09
C THR L 182 54.99 -20.81 -36.47
N GLY L 183 55.98 -21.69 -36.59
CA GLY L 183 56.35 -22.26 -37.88
C GLY L 183 55.44 -23.35 -38.39
N LEU L 184 54.41 -23.72 -37.64
CA LEU L 184 53.46 -24.73 -38.08
C LEU L 184 52.67 -24.21 -39.28
N GLU L 185 52.44 -25.08 -40.26
CA GLU L 185 51.70 -24.68 -41.45
C GLU L 185 50.21 -24.99 -41.27
N SER L 186 49.38 -23.95 -41.34
CA SER L 186 47.95 -24.14 -41.19
C SER L 186 47.35 -24.64 -42.49
N ILE L 187 46.54 -25.69 -42.42
CA ILE L 187 45.86 -26.24 -43.59
C ILE L 187 44.36 -25.96 -43.59
N GLY L 188 43.87 -25.19 -42.64
CA GLY L 188 42.44 -25.02 -42.43
C GLY L 188 41.88 -26.09 -41.52
N GLU L 189 40.58 -25.97 -41.25
CA GLU L 189 39.88 -26.90 -40.35
C GLU L 189 40.51 -26.89 -38.96
N ASN L 190 41.12 -25.75 -38.60
CA ASN L 190 41.84 -25.60 -37.34
C ASN L 190 42.96 -26.61 -37.20
N LEU L 191 43.65 -26.92 -38.29
CA LEU L 191 44.69 -27.94 -38.30
C LEU L 191 46.04 -27.33 -38.69
N TYR L 192 47.06 -27.68 -37.93
CA TYR L 192 48.44 -27.31 -38.23
C TYR L 192 49.26 -28.56 -38.47
N ILE L 193 50.04 -28.56 -39.55
CA ILE L 193 50.99 -29.63 -39.82
C ILE L 193 52.39 -29.12 -39.54
N GLU L 194 53.25 -30.03 -39.09
CA GLU L 194 54.61 -29.65 -38.73
C GLU L 194 55.47 -29.44 -39.98
N THR L 195 56.42 -28.52 -39.87
CA THR L 195 57.43 -28.33 -40.89
C THR L 195 58.82 -28.49 -40.27
N GLN L 196 59.87 -28.25 -41.03
CA GLN L 196 61.22 -28.34 -40.48
C GLN L 196 61.57 -27.16 -39.58
N SER L 197 60.80 -26.08 -39.63
CA SER L 197 61.06 -24.94 -38.76
C SER L 197 60.34 -25.08 -37.41
N SER L 198 59.48 -26.08 -37.29
CA SER L 198 58.73 -26.27 -36.05
C SER L 198 59.36 -27.36 -35.19
N GLY L 199 60.62 -27.70 -35.48
CA GLY L 199 61.28 -28.75 -34.73
C GLY L 199 60.62 -30.09 -34.93
N ALA L 200 60.42 -30.81 -33.84
CA ALA L 200 59.81 -32.13 -33.86
C ALA L 200 58.71 -32.17 -32.82
N PRO L 201 57.64 -32.93 -33.07
CA PRO L 201 56.55 -33.02 -32.09
C PRO L 201 56.92 -33.85 -30.87
N ASN L 202 56.88 -33.22 -29.69
CA ASN L 202 57.19 -33.93 -28.45
C ASN L 202 55.89 -34.28 -27.74
N GLU L 203 55.59 -35.58 -27.68
CA GLU L 203 54.41 -36.05 -26.96
C GLU L 203 54.65 -35.98 -25.46
N SER L 204 53.62 -35.58 -24.72
CA SER L 204 53.73 -35.46 -23.28
C SER L 204 52.34 -35.53 -22.64
N THR L 205 52.34 -35.89 -21.36
CA THR L 205 51.10 -35.92 -20.59
C THR L 205 50.68 -34.50 -20.21
N PRO L 206 49.38 -34.20 -20.23
CA PRO L 206 48.93 -32.84 -19.94
C PRO L 206 49.05 -32.47 -18.46
N GLY L 207 50.23 -32.00 -18.06
CA GLY L 207 50.51 -31.65 -16.68
C GLY L 207 51.96 -31.90 -16.34
N LEU L 208 52.63 -32.64 -17.22
CA LEU L 208 54.05 -32.94 -17.14
C LEU L 208 54.89 -31.78 -17.68
N ASN L 209 56.10 -32.10 -18.15
CA ASN L 209 57.24 -31.21 -18.33
C ASN L 209 56.95 -29.87 -19.02
N GLY L 210 55.70 -29.60 -19.40
CA GLY L 210 55.40 -28.33 -20.03
C GLY L 210 54.27 -28.33 -21.03
N ALA L 211 53.63 -29.47 -21.27
CA ALA L 211 52.35 -29.46 -21.95
C ALA L 211 51.28 -28.93 -21.00
N GLY L 212 50.30 -28.23 -21.56
CA GLY L 212 49.29 -27.60 -20.74
C GLY L 212 48.29 -28.59 -20.18
N LEU L 213 47.48 -28.11 -19.25
CA LEU L 213 46.46 -28.92 -18.59
C LEU L 213 45.20 -28.95 -19.43
N LEU L 214 44.38 -29.98 -19.20
CA LEU L 214 43.11 -30.14 -19.89
C LEU L 214 41.96 -29.80 -18.94
N TYR L 215 41.07 -28.92 -19.39
CA TYR L 215 39.88 -28.56 -18.64
C TYR L 215 38.65 -29.03 -19.39
N GLN L 216 37.83 -29.83 -18.73
CA GLN L 216 36.64 -30.41 -19.34
C GLN L 216 35.47 -29.44 -19.23
N GLY L 217 34.63 -29.41 -20.26
CA GLY L 217 33.53 -28.49 -20.32
C GLY L 217 33.89 -27.07 -20.71
N TYR L 218 35.14 -26.82 -21.09
CA TYR L 218 35.62 -25.51 -21.48
C TYR L 218 36.07 -25.53 -22.93
N VAL L 219 35.93 -24.39 -23.60
CA VAL L 219 36.36 -24.24 -24.99
C VAL L 219 37.24 -23.00 -25.09
N GLU L 220 38.32 -23.13 -25.85
CA GLU L 220 39.26 -22.03 -26.04
C GLU L 220 38.78 -21.13 -27.18
N THR L 221 38.35 -19.93 -26.85
CA THR L 221 37.87 -18.98 -27.85
C THR L 221 39.08 -18.36 -28.55
N SER L 222 38.80 -17.59 -29.60
CA SER L 222 39.86 -16.93 -30.35
C SER L 222 40.44 -15.78 -29.55
N ASN L 223 41.68 -15.42 -29.87
CA ASN L 223 42.39 -14.34 -29.20
C ASN L 223 42.32 -13.01 -29.95
N VAL L 224 41.47 -12.91 -30.97
CA VAL L 224 41.33 -11.69 -31.77
C VAL L 224 40.72 -10.59 -30.90
N ASN L 225 41.35 -9.41 -30.91
CA ASN L 225 40.87 -8.25 -30.16
C ASN L 225 40.20 -7.30 -31.15
N VAL L 226 38.88 -7.11 -31.00
CA VAL L 226 38.11 -6.38 -32.00
C VAL L 226 38.51 -4.91 -32.06
N ALA L 227 38.70 -4.28 -30.89
CA ALA L 227 39.04 -2.86 -30.88
C ALA L 227 40.38 -2.60 -31.57
N GLU L 228 41.37 -3.46 -31.32
CA GLU L 228 42.63 -3.35 -32.04
C GLU L 228 42.43 -3.51 -33.54
N GLU L 229 41.55 -4.43 -33.94
CA GLU L 229 41.27 -4.60 -35.37
C GLU L 229 40.66 -3.35 -35.97
N LEU L 230 39.76 -2.68 -35.26
CA LEU L 230 39.15 -1.46 -35.81
C LEU L 230 40.17 -0.32 -35.89
N VAL L 231 41.00 -0.16 -34.85
CA VAL L 231 42.03 0.87 -34.90
C VAL L 231 43.00 0.60 -36.04
N ASN L 232 43.42 -0.64 -36.23
CA ASN L 232 44.28 -0.99 -37.35
C ASN L 232 43.57 -0.79 -38.68
N MET L 233 42.26 -1.02 -38.73
CA MET L 233 41.49 -0.67 -39.92
C MET L 233 41.67 0.79 -40.28
N ILE L 234 41.50 1.67 -39.29
CA ILE L 234 41.64 3.10 -39.55
C ILE L 234 43.04 3.44 -40.04
N GLN L 235 44.06 2.94 -39.35
CA GLN L 235 45.42 3.34 -39.79
C GLN L 235 45.67 2.78 -41.19
N VAL L 236 45.36 1.50 -41.41
CA VAL L 236 45.69 0.89 -42.69
C VAL L 236 44.96 1.62 -43.83
N GLN L 237 43.71 2.02 -43.59
CA GLN L 237 42.99 2.78 -44.60
C GLN L 237 43.70 4.10 -44.90
N ARG L 238 44.12 4.81 -43.85
CA ARG L 238 44.83 6.07 -44.08
C ARG L 238 46.14 5.85 -44.84
N ALA L 239 46.93 4.85 -44.44
CA ALA L 239 48.20 4.59 -45.12
C ALA L 239 47.98 4.20 -46.58
N TYR L 240 46.97 3.37 -46.86
CA TYR L 240 46.67 2.98 -48.23
C TYR L 240 46.28 4.18 -49.07
N GLU L 241 45.43 5.06 -48.52
CA GLU L 241 45.04 6.26 -49.26
C GLU L 241 46.23 7.16 -49.54
N ILE L 242 47.14 7.29 -48.58
CA ILE L 242 48.30 8.16 -48.77
C ILE L 242 49.25 7.58 -49.81
N ASN L 243 49.43 6.25 -49.81
CA ASN L 243 50.25 5.63 -50.84
C ASN L 243 49.61 5.81 -52.23
N SER L 244 48.29 5.70 -52.32
CA SER L 244 47.61 5.97 -53.58
C SER L 244 47.82 7.42 -54.01
N LYS L 245 47.82 8.35 -53.05
CA LYS L 245 48.11 9.75 -53.38
C LYS L 245 49.52 9.93 -53.90
N ALA L 246 50.48 9.18 -53.35
CA ALA L 246 51.83 9.20 -53.90
C ALA L 246 51.87 8.69 -55.34
N VAL L 247 51.13 7.62 -55.61
CA VAL L 247 51.02 7.12 -56.99
C VAL L 247 50.45 8.21 -57.90
N SER L 248 49.42 8.91 -57.42
CA SER L 248 48.83 9.98 -58.22
C SER L 248 49.81 11.11 -58.46
N THR L 249 50.63 11.45 -57.46
CA THR L 249 51.64 12.49 -57.63
C THR L 249 52.66 12.09 -58.70
N THR L 250 53.13 10.84 -58.65
CA THR L 250 54.04 10.36 -59.68
C THR L 250 53.39 10.40 -61.06
N ASP L 251 52.11 10.02 -61.14
CA ASP L 251 51.38 10.07 -62.40
C ASP L 251 51.32 11.48 -62.94
N GLN L 252 51.02 12.46 -62.09
CA GLN L 252 50.93 13.84 -62.54
C GLN L 252 52.28 14.38 -62.97
N MET L 253 53.36 14.02 -62.27
CA MET L 253 54.69 14.45 -62.70
C MET L 253 55.02 13.87 -64.07
N LEU L 254 54.70 12.59 -64.30
CA LEU L 254 54.93 12.00 -65.61
C LEU L 254 54.09 12.67 -66.68
N GLN L 255 52.84 13.00 -66.37
CA GLN L 255 51.99 13.69 -67.34
C GLN L 255 52.55 15.06 -67.70
N LYS L 256 53.03 15.81 -66.70
CA LYS L 256 53.64 17.11 -66.98
C LYS L 256 54.88 16.96 -67.83
N LEU L 257 55.70 15.93 -67.56
CA LEU L 257 56.87 15.69 -68.39
C LEU L 257 56.47 15.35 -69.82
N THR L 258 55.41 14.57 -69.99
CA THR L 258 54.97 14.17 -71.33
C THR L 258 54.38 15.35 -72.09
N GLN L 259 53.72 16.27 -71.39
CA GLN L 259 53.03 17.36 -72.06
C GLN L 259 54.00 18.40 -72.62
N LEU L 260 55.30 18.12 -72.53
CA LEU L 260 56.31 19.02 -73.07
C LEU L 260 56.12 19.25 -74.56
N MET M 1 59.18 26.05 -51.50
CA MET M 1 59.71 26.82 -52.63
C MET M 1 59.29 28.28 -52.53
N ILE M 2 57.97 28.51 -52.44
CA ILE M 2 57.47 29.85 -52.19
C ILE M 2 57.38 30.08 -50.69
N SER M 3 57.38 31.34 -50.27
CA SER M 3 57.45 31.67 -48.86
C SER M 3 56.20 31.22 -48.11
N SER M 4 55.03 31.49 -48.69
CA SER M 4 53.77 31.11 -48.04
C SER M 4 53.69 29.62 -47.78
N LEU M 5 54.24 28.80 -48.68
CA LEU M 5 54.24 27.36 -48.46
C LEU M 5 55.05 26.97 -47.24
N TRP M 6 56.21 27.63 -47.09
CA TRP M 6 57.12 27.36 -45.95
C TRP M 6 56.49 27.88 -44.65
N ILE M 7 56.01 29.13 -44.67
CA ILE M 7 55.35 29.71 -43.47
C ILE M 7 54.20 28.80 -43.08
N ALA M 8 53.43 28.31 -44.05
CA ALA M 8 52.26 27.45 -43.74
C ALA M 8 52.72 26.09 -43.24
N LYS M 9 53.76 25.53 -43.84
CA LYS M 9 54.29 24.25 -43.34
C LYS M 9 54.65 24.42 -41.87
N THR M 10 55.26 25.56 -41.50
CA THR M 10 55.71 25.65 -40.08
C THR M 10 54.50 25.88 -39.18
N GLY M 11 53.33 26.14 -39.77
CA GLY M 11 52.11 26.24 -38.98
C GLY M 11 51.43 24.91 -38.79
N LEU M 12 51.38 24.11 -39.85
CA LEU M 12 50.85 22.75 -39.75
C LEU M 12 51.67 21.92 -38.76
N ASP M 13 52.99 22.07 -38.80
CA ASP M 13 53.84 21.31 -37.88
C ASP M 13 53.57 21.72 -36.43
N ALA M 14 53.45 23.03 -36.21
CA ALA M 14 53.21 23.54 -34.85
C ALA M 14 51.90 22.98 -34.32
N GLN M 15 50.88 22.92 -35.20
CA GLN M 15 49.58 22.35 -34.76
C GLN M 15 49.76 20.85 -34.51
N GLN M 16 50.68 20.19 -35.21
CA GLN M 16 50.93 18.76 -34.91
C GLN M 16 51.45 18.65 -33.48
N THR M 17 52.40 19.51 -33.10
CA THR M 17 52.94 19.51 -31.72
C THR M 17 51.80 19.79 -30.74
N ASN M 18 50.92 20.73 -31.10
CA ASN M 18 49.80 21.10 -30.19
C ASN M 18 48.91 19.87 -29.98
N MET M 19 48.63 19.12 -31.04
CA MET M 19 47.75 17.93 -30.95
C MET M 19 48.49 16.81 -30.21
N ASP M 20 49.69 16.46 -30.68
CA ASP M 20 50.45 15.43 -30.00
C ASP M 20 50.44 15.64 -28.49
N VAL M 21 50.63 16.90 -28.06
CA VAL M 21 50.59 17.20 -26.64
C VAL M 21 49.22 16.87 -26.06
N ILE M 22 48.15 17.24 -26.76
CA ILE M 22 46.80 16.98 -26.26
C ILE M 22 46.55 15.49 -26.15
N ALA M 23 46.95 14.73 -27.17
CA ALA M 23 46.76 13.28 -27.16
C ALA M 23 47.55 12.62 -26.05
N ASN M 24 48.79 13.07 -25.83
CA ASN M 24 49.59 12.51 -24.74
C ASN M 24 48.97 12.82 -23.38
N ASN M 25 48.44 14.03 -23.21
CA ASN M 25 47.77 14.37 -21.95
C ASN M 25 46.53 13.51 -21.74
N LEU M 26 45.73 13.30 -22.79
CA LEU M 26 44.53 12.48 -22.65
C LEU M 26 44.87 11.02 -22.39
N ALA M 27 45.96 10.52 -22.96
CA ALA M 27 46.33 9.12 -22.76
C ALA M 27 46.73 8.82 -21.33
N ASN M 28 47.35 9.77 -20.63
CA ASN M 28 47.79 9.58 -19.25
C ASN M 28 46.84 10.19 -18.24
N VAL M 29 45.53 10.17 -18.52
CA VAL M 29 44.55 10.76 -17.62
C VAL M 29 44.46 9.98 -16.31
N SER M 30 44.77 8.69 -16.33
CA SER M 30 44.59 7.82 -15.17
C SER M 30 45.87 7.58 -14.38
N THR M 31 47.04 7.83 -14.96
CA THR M 31 48.29 7.56 -14.26
C THR M 31 48.46 8.50 -13.07
N ASN M 32 48.89 7.94 -11.94
CA ASN M 32 49.04 8.71 -10.72
C ASN M 32 50.28 9.58 -10.77
N GLY M 33 50.18 10.77 -10.18
CA GLY M 33 51.32 11.67 -10.09
C GLY M 33 51.81 12.14 -11.44
N PHE M 34 50.89 12.42 -12.36
CA PHE M 34 51.23 12.87 -13.69
C PHE M 34 51.04 14.38 -13.80
N LYS M 35 51.96 15.02 -14.52
CA LYS M 35 51.89 16.44 -14.78
C LYS M 35 51.71 16.66 -16.28
N ARG M 36 50.61 17.31 -16.64
CA ARG M 36 50.24 17.48 -18.04
C ARG M 36 51.20 18.44 -18.75
N GLN M 37 51.32 18.20 -20.05
CA GLN M 37 52.27 19.02 -20.85
C GLN M 37 51.53 20.19 -21.49
N ARG M 38 52.26 21.26 -21.81
CA ARG M 38 51.69 22.43 -22.47
C ARG M 38 52.77 23.05 -23.35
N ALA M 39 52.44 23.27 -24.61
CA ALA M 39 53.41 23.78 -25.58
C ALA M 39 53.31 25.30 -25.68
N VAL M 40 54.45 25.96 -25.80
CA VAL M 40 54.52 27.41 -25.96
C VAL M 40 55.18 27.71 -27.29
N PHE M 41 54.63 28.67 -28.04
CA PHE M 41 55.10 29.01 -29.37
C PHE M 41 55.59 30.45 -29.41
N GLU M 42 56.33 30.77 -30.46
CA GLU M 42 56.86 32.12 -30.65
C GLU M 42 56.98 32.39 -32.14
N ASP M 43 57.00 33.67 -32.49
CA ASP M 43 57.15 34.07 -33.87
C ASP M 43 58.56 33.76 -34.36
N LEU M 44 58.67 33.34 -35.61
CA LEU M 44 59.97 33.14 -36.25
C LEU M 44 60.48 34.48 -36.77
N LEU M 45 61.51 34.43 -37.61
CA LEU M 45 62.21 35.63 -38.03
C LEU M 45 61.31 36.52 -38.87
N TYR M 46 61.67 37.80 -38.95
CA TYR M 46 60.92 38.81 -39.67
C TYR M 46 61.85 39.46 -40.70
N GLN M 47 61.62 39.16 -41.98
CA GLN M 47 62.41 39.75 -43.04
C GLN M 47 62.08 41.22 -43.21
N THR M 48 63.11 42.05 -43.22
CA THR M 48 62.92 43.50 -43.26
C THR M 48 63.27 44.09 -44.63
N ILE M 49 62.31 44.13 -45.55
CA ILE M 49 62.53 44.85 -46.81
C ILE M 49 62.68 46.35 -46.53
N ARG M 50 61.78 46.90 -45.73
CA ARG M 50 61.80 48.31 -45.37
C ARG M 50 61.85 48.41 -43.85
N GLN M 51 62.89 49.06 -43.34
CA GLN M 51 63.10 49.11 -41.90
C GLN M 51 62.04 49.99 -41.25
N PRO M 52 61.36 49.50 -40.21
CA PRO M 52 60.41 50.36 -39.47
C PRO M 52 61.18 51.45 -38.73
N GLY M 53 60.82 52.69 -39.00
CA GLY M 53 61.57 53.82 -38.49
C GLY M 53 62.68 54.31 -39.39
N ALA M 54 62.75 53.83 -40.62
CA ALA M 54 63.78 54.26 -41.55
C ALA M 54 63.61 55.71 -41.92
N GLN M 55 64.72 56.39 -42.19
CA GLN M 55 64.72 57.81 -42.51
C GLN M 55 64.47 57.98 -43.99
N SER M 56 63.20 58.10 -44.37
CA SER M 56 62.84 58.27 -45.77
C SER M 56 63.37 59.59 -46.32
N SER M 57 63.29 60.66 -45.52
CA SER M 57 63.84 61.95 -45.88
C SER M 57 64.37 62.61 -44.60
N GLU M 58 65.01 63.77 -44.78
CA GLU M 58 65.58 64.47 -43.63
C GLU M 58 64.50 64.95 -42.66
N GLN M 59 63.25 64.98 -43.08
CA GLN M 59 62.12 65.29 -42.20
C GLN M 59 61.24 64.10 -41.91
N THR M 60 60.82 63.37 -42.94
CA THR M 60 59.88 62.26 -42.77
C THR M 60 60.56 61.04 -42.17
N THR M 61 59.81 60.34 -41.32
CA THR M 61 60.22 59.06 -40.75
C THR M 61 59.19 58.01 -41.13
N LEU M 62 59.67 56.88 -41.62
CA LEU M 62 58.78 55.82 -42.08
C LEU M 62 58.17 55.10 -40.89
N PRO M 63 56.85 55.08 -40.74
CA PRO M 63 56.24 54.34 -39.62
C PRO M 63 55.94 52.90 -39.98
N SER M 64 56.45 51.95 -39.19
CA SER M 64 56.12 50.53 -39.28
C SER M 64 56.28 49.97 -40.69
N GLY M 65 57.52 49.86 -41.16
CA GLY M 65 57.81 49.42 -42.52
C GLY M 65 57.41 47.99 -42.80
N LEU M 66 57.88 47.48 -43.93
CA LEU M 66 57.51 46.17 -44.45
C LEU M 66 58.22 45.10 -43.63
N GLN M 67 57.58 44.66 -42.55
CA GLN M 67 58.08 43.56 -41.73
C GLN M 67 57.37 42.26 -42.08
N ILE M 68 57.69 41.73 -43.27
CA ILE M 68 57.20 40.41 -43.64
C ILE M 68 57.93 39.37 -42.79
N GLY M 69 57.21 38.33 -42.40
CA GLY M 69 57.77 37.39 -41.46
C GLY M 69 57.82 35.96 -41.97
N THR M 70 58.55 35.15 -41.22
CA THR M 70 58.59 33.70 -41.43
C THR M 70 57.47 33.08 -40.58
N GLY M 71 57.40 31.76 -40.41
CA GLY M 71 56.31 31.12 -39.71
C GLY M 71 56.45 31.17 -38.20
N VAL M 72 56.32 30.00 -37.60
CA VAL M 72 56.28 29.84 -36.15
C VAL M 72 57.25 28.75 -35.74
N ARG M 73 57.65 28.77 -34.47
CA ARG M 73 58.49 27.72 -33.90
C ARG M 73 57.98 27.38 -32.50
N PRO M 74 57.89 26.10 -32.15
CA PRO M 74 57.50 25.75 -30.78
C PRO M 74 58.67 25.95 -29.82
N VAL M 75 58.45 26.77 -28.79
CA VAL M 75 59.51 27.11 -27.85
C VAL M 75 59.86 25.88 -27.03
N ALA M 76 58.88 25.35 -26.30
CA ALA M 76 59.10 24.18 -25.45
C ALA M 76 57.75 23.58 -25.05
N THR M 77 57.81 22.30 -24.68
CA THR M 77 56.66 21.61 -24.12
C THR M 77 56.90 21.44 -22.62
N GLU M 78 56.43 22.41 -21.83
CA GLU M 78 56.68 22.47 -20.40
C GLU M 78 55.67 21.59 -19.66
N ARG M 79 56.16 20.82 -18.71
CA ARG M 79 55.28 20.06 -17.84
C ARG M 79 54.75 20.94 -16.71
N LEU M 80 53.46 20.86 -16.47
CA LEU M 80 52.77 21.76 -15.54
C LEU M 80 52.70 21.07 -14.18
N HIS M 81 53.57 21.49 -13.26
CA HIS M 81 53.68 20.87 -11.94
C HIS M 81 52.70 21.54 -11.00
N SER M 82 51.43 21.15 -11.11
CA SER M 82 50.39 21.65 -10.21
C SER M 82 49.86 20.49 -9.38
N GLN M 83 49.34 20.80 -8.20
CA GLN M 83 48.90 19.80 -7.25
C GLN M 83 47.67 19.08 -7.79
N GLY M 84 47.78 17.77 -7.98
CA GLY M 84 46.64 16.98 -8.38
C GLY M 84 45.76 16.62 -7.20
N ASN M 85 44.55 16.14 -7.50
CA ASN M 85 43.60 15.78 -6.46
C ASN M 85 44.04 14.52 -5.75
N LEU M 86 43.80 14.46 -4.44
CA LEU M 86 44.15 13.29 -3.65
C LEU M 86 42.98 12.31 -3.64
N SER M 87 43.31 11.02 -3.60
CA SER M 87 42.31 9.96 -3.63
C SER M 87 42.65 8.92 -2.56
N GLN M 88 41.60 8.37 -1.94
CA GLN M 88 41.75 7.36 -0.89
C GLN M 88 41.80 5.98 -1.54
N THR M 89 42.87 5.24 -1.28
CA THR M 89 42.97 3.84 -1.72
C THR M 89 43.04 2.96 -0.47
N ASN M 90 43.16 3.63 0.68
CA ASN M 90 43.17 2.98 2.00
C ASN M 90 44.20 1.86 2.06
N ASN M 91 45.41 2.13 1.59
CA ASN M 91 46.49 1.14 1.59
C ASN M 91 47.69 1.71 2.33
N SER M 92 48.35 0.87 3.13
CA SER M 92 49.44 1.32 3.97
C SER M 92 50.67 1.75 3.17
N LYS M 93 50.87 1.21 1.97
CA LYS M 93 52.08 1.48 1.20
C LYS M 93 51.94 2.68 0.26
N ASP M 94 50.73 3.11 -0.04
CA ASP M 94 50.53 4.27 -0.92
C ASP M 94 50.56 5.55 -0.10
N VAL M 95 51.42 6.48 -0.49
CA VAL M 95 51.58 7.76 0.18
C VAL M 95 51.44 8.86 -0.85
N ALA M 96 50.89 10.01 -0.47
CA ALA M 96 50.70 11.12 -1.43
C ALA M 96 51.53 12.34 -1.00
N ILE M 97 51.73 13.29 -1.91
CA ILE M 97 52.45 14.55 -1.55
C ILE M 97 51.47 15.72 -1.71
N LYS M 98 51.22 16.46 -0.62
CA LYS M 98 50.23 17.57 -0.65
C LYS M 98 50.96 18.89 -0.85
N GLY M 99 52.26 18.84 -1.17
CA GLY M 99 53.03 20.10 -1.24
C GLY M 99 53.87 20.28 -2.48
N GLN M 100 55.15 20.60 -2.30
CA GLN M 100 56.02 20.89 -3.44
C GLN M 100 57.34 20.11 -3.32
N GLY M 101 57.25 18.81 -3.06
CA GLY M 101 58.43 17.98 -2.90
C GLY M 101 58.42 16.80 -3.85
N PHE M 102 59.56 16.09 -3.86
CA PHE M 102 59.75 14.91 -4.68
C PHE M 102 60.43 13.81 -3.87
N PHE M 103 60.05 12.57 -4.18
CA PHE M 103 60.74 11.39 -3.67
C PHE M 103 62.01 11.14 -4.47
N GLN M 104 63.06 10.75 -3.74
CA GLN M 104 64.36 10.49 -4.35
C GLN M 104 64.63 9.00 -4.36
N VAL M 105 64.96 8.46 -5.54
CA VAL M 105 65.16 7.03 -5.74
C VAL M 105 66.50 6.80 -6.44
N MET M 106 66.99 5.56 -6.34
CA MET M 106 68.22 5.15 -6.99
C MET M 106 67.87 4.39 -8.28
N LEU M 107 68.42 4.87 -9.40
CA LEU M 107 68.38 4.12 -10.63
C LEU M 107 69.43 3.02 -10.61
N PRO M 108 69.25 1.96 -11.41
CA PRO M 108 70.25 0.89 -11.41
C PRO M 108 71.65 1.36 -11.77
N ASP M 109 71.78 2.41 -12.57
CA ASP M 109 73.09 2.97 -12.92
C ASP M 109 73.79 3.64 -11.73
N GLY M 110 73.05 3.94 -10.66
CA GLY M 110 73.61 4.56 -9.48
C GLY M 110 73.24 6.02 -9.30
N THR M 111 72.76 6.67 -10.35
CA THR M 111 72.33 8.07 -10.25
C THR M 111 70.98 8.15 -9.55
N SER M 112 70.61 9.37 -9.18
CA SER M 112 69.40 9.63 -8.42
C SER M 112 68.33 10.20 -9.33
N ALA M 113 67.12 9.61 -9.24
CA ALA M 113 65.96 10.12 -9.96
C ALA M 113 64.92 10.60 -8.95
N TYR M 114 63.93 11.32 -9.44
CA TYR M 114 62.92 11.93 -8.59
C TYR M 114 61.53 11.62 -9.12
N THR M 115 60.67 11.13 -8.24
CA THR M 115 59.30 10.77 -8.59
C THR M 115 58.33 11.35 -7.59
N ARG M 116 57.15 11.75 -8.07
CA ARG M 116 56.11 12.30 -7.21
C ARG M 116 55.07 11.24 -6.84
N ASP M 117 54.94 10.19 -7.65
CA ASP M 117 54.05 9.08 -7.33
C ASP M 117 54.53 8.36 -6.08
N GLY M 118 53.59 8.03 -5.19
CA GLY M 118 53.92 7.43 -3.91
C GLY M 118 53.47 6.00 -3.71
N SER M 119 53.02 5.31 -4.76
CA SER M 119 52.66 3.90 -4.63
C SER M 119 53.93 3.07 -4.54
N PHE M 120 54.26 2.59 -3.34
CA PHE M 120 55.47 1.83 -3.08
C PHE M 120 55.16 0.36 -2.83
N GLN M 121 56.12 -0.50 -3.13
CA GLN M 121 56.07 -1.91 -2.81
C GLN M 121 57.25 -2.29 -1.93
N VAL M 122 57.23 -3.51 -1.42
CA VAL M 122 58.33 -4.06 -0.62
C VAL M 122 58.85 -5.28 -1.35
N ASP M 123 60.16 -5.30 -1.61
CA ASP M 123 60.75 -6.35 -2.44
C ASP M 123 60.96 -7.60 -1.59
N GLN M 124 61.70 -8.57 -2.13
CA GLN M 124 62.02 -9.77 -1.36
C GLN M 124 62.91 -9.46 -0.17
N ASN M 125 63.78 -8.44 -0.30
CA ASN M 125 64.70 -8.10 0.78
C ASN M 125 64.08 -7.24 1.87
N GLY M 126 62.89 -6.68 1.63
CA GLY M 126 62.20 -5.89 2.63
C GLY M 126 62.40 -4.39 2.55
N GLN M 127 62.89 -3.87 1.42
CA GLN M 127 63.12 -2.45 1.29
C GLN M 127 62.00 -1.79 0.48
N LEU M 128 61.76 -0.51 0.76
CA LEU M 128 60.76 0.23 0.01
C LEU M 128 61.26 0.52 -1.39
N VAL M 129 60.49 0.10 -2.40
CA VAL M 129 60.85 0.29 -3.80
C VAL M 129 59.65 0.91 -4.53
N THR M 130 59.95 1.53 -5.66
CA THR M 130 58.91 2.08 -6.51
C THR M 130 58.29 0.95 -7.34
N ALA M 131 57.13 1.23 -7.93
CA ALA M 131 56.44 0.24 -8.76
C ALA M 131 57.27 -0.19 -9.97
N GLY M 132 58.27 0.60 -10.36
CA GLY M 132 59.15 0.22 -11.44
C GLY M 132 60.34 -0.59 -10.95
N GLY M 133 60.33 -0.93 -9.66
CA GLY M 133 61.40 -1.72 -9.08
C GLY M 133 62.61 -0.94 -8.63
N PHE M 134 62.54 0.39 -8.63
CA PHE M 134 63.68 1.20 -8.24
C PHE M 134 63.66 1.50 -6.75
N GLN M 135 64.79 1.27 -6.09
CA GLN M 135 64.90 1.42 -4.65
C GLN M 135 64.94 2.90 -4.27
N VAL M 136 64.14 3.23 -3.25
CA VAL M 136 64.13 4.61 -2.65
C VAL M 136 65.50 4.88 -2.02
N GLN M 137 65.90 6.16 -2.01
CA GLN M 137 66.90 6.74 -1.09
C GLN M 137 66.18 7.74 -0.18
N PRO M 138 66.42 7.78 1.15
CA PRO M 138 67.59 7.19 1.76
C PRO M 138 67.31 5.83 2.40
N ALA M 139 66.55 4.98 1.72
CA ALA M 139 66.51 3.51 1.94
C ALA M 139 65.79 3.17 3.25
N ILE M 140 64.70 2.42 3.16
CA ILE M 140 63.82 2.19 4.34
C ILE M 140 63.58 0.69 4.52
N THR M 141 64.51 -0.01 5.17
CA THR M 141 64.43 -1.47 5.20
C THR M 141 63.38 -1.88 6.22
N ILE M 142 62.43 -2.70 5.79
CA ILE M 142 61.30 -3.13 6.60
C ILE M 142 61.52 -4.58 7.00
N PRO M 143 61.35 -4.95 8.28
CA PRO M 143 61.57 -6.35 8.67
C PRO M 143 60.54 -7.29 8.06
N ALA M 144 60.89 -8.57 7.94
CA ALA M 144 60.03 -9.56 7.32
C ALA M 144 58.74 -9.76 8.10
N ASN M 145 58.84 -9.88 9.42
CA ASN M 145 57.67 -10.07 10.28
C ASN M 145 56.98 -8.77 10.69
N ALA M 146 56.70 -7.92 9.72
CA ALA M 146 56.02 -6.66 9.99
C ALA M 146 54.51 -6.86 10.04
N LEU M 147 53.88 -6.22 11.02
CA LEU M 147 52.43 -6.25 11.14
C LEU M 147 51.75 -5.06 10.48
N SER M 148 52.32 -3.87 10.62
CA SER M 148 51.72 -2.67 10.05
C SER M 148 52.79 -1.59 9.92
N ILE M 149 52.68 -0.80 8.86
CA ILE M 149 53.60 0.29 8.59
C ILE M 149 52.85 1.60 8.82
N THR M 150 53.42 2.48 9.64
CA THR M 150 52.81 3.77 9.96
C THR M 150 53.76 4.86 9.48
N ILE M 151 53.34 5.59 8.45
CA ILE M 151 54.12 6.71 7.92
C ILE M 151 53.42 8.00 8.33
N GLY M 152 54.11 8.80 9.15
CA GLY M 152 53.54 10.02 9.68
C GLY M 152 53.53 11.15 8.67
N ARG M 153 52.98 12.28 9.10
CA ARG M 153 52.90 13.46 8.25
C ARG M 153 54.25 14.15 8.08
N ASP M 154 55.25 13.76 8.86
CA ASP M 154 56.59 14.33 8.77
C ASP M 154 57.64 13.35 8.28
N GLY M 155 57.23 12.22 7.70
CA GLY M 155 58.18 11.33 7.05
C GLY M 155 58.77 10.24 7.90
N VAL M 156 58.31 10.07 9.15
CA VAL M 156 58.83 9.00 10.00
C VAL M 156 58.07 7.72 9.69
N VAL M 157 58.80 6.68 9.31
CA VAL M 157 58.23 5.38 9.01
C VAL M 157 58.49 4.44 10.18
N SER M 158 57.42 3.95 10.80
CA SER M 158 57.52 3.06 11.94
C SER M 158 56.89 1.72 11.60
N VAL M 159 57.42 0.67 12.21
CA VAL M 159 56.93 -0.70 12.01
C VAL M 159 56.57 -1.29 13.37
N THR M 160 55.37 -1.87 13.44
CA THR M 160 54.89 -2.49 14.68
C THR M 160 55.14 -3.99 14.59
N GLN M 161 55.93 -4.53 15.50
CA GLN M 161 56.27 -5.97 15.35
C GLN M 161 55.37 -6.79 16.25
N GLN M 162 55.22 -8.09 15.96
CA GLN M 162 54.44 -8.97 16.88
C GLN M 162 55.27 -9.15 18.15
N GLY M 163 54.61 -9.31 19.29
CA GLY M 163 55.35 -9.42 20.55
C GLY M 163 56.31 -8.26 20.69
N GLN M 164 55.86 -7.05 20.35
CA GLN M 164 56.71 -5.84 20.53
C GLN M 164 55.86 -4.76 21.21
N ALA M 165 56.48 -3.98 22.09
CA ALA M 165 55.72 -2.96 22.84
C ALA M 165 56.16 -1.56 22.43
N ALA M 166 56.98 -1.44 21.38
CA ALA M 166 57.50 -0.13 20.99
C ALA M 166 57.45 0.02 19.46
N PRO M 167 56.61 0.92 18.89
CA PRO M 167 56.62 1.13 17.44
C PRO M 167 58.09 1.32 17.04
N VAL M 168 58.58 0.52 16.10
CA VAL M 168 60.03 0.58 15.71
C VAL M 168 60.17 1.50 14.49
N GLN M 169 61.20 2.34 14.46
CA GLN M 169 61.44 3.18 13.30
C GLN M 169 62.46 2.51 12.39
N VAL M 170 62.17 2.49 11.09
CA VAL M 170 63.00 1.81 10.10
C VAL M 170 63.67 2.78 9.15
N GLY M 171 63.42 4.07 9.30
CA GLY M 171 64.06 5.06 8.45
C GLY M 171 63.29 6.37 8.48
N GLN M 172 63.71 7.28 7.59
CA GLN M 172 63.11 8.60 7.49
C GLN M 172 62.88 8.89 6.01
N LEU M 173 61.64 9.21 5.66
CA LEU M 173 61.30 9.48 4.28
C LEU M 173 61.41 10.98 4.02
N ASN M 174 62.41 11.38 3.24
CA ASN M 174 62.71 12.78 2.96
C ASN M 174 62.07 13.21 1.66
N LEU M 175 62.06 14.52 1.43
CA LEU M 175 61.53 15.09 0.20
C LEU M 175 62.56 16.02 -0.43
N THR M 176 62.69 15.93 -1.75
CA THR M 176 63.58 16.80 -2.51
C THR M 176 62.77 17.86 -3.24
N THR M 177 63.19 19.11 -3.09
CA THR M 177 62.55 20.24 -3.76
C THR M 177 63.59 21.01 -4.56
N PHE M 178 63.14 21.61 -5.67
CA PHE M 178 64.01 22.28 -6.61
C PHE M 178 63.64 23.75 -6.77
N MET M 179 64.62 24.54 -7.20
CA MET M 179 64.35 25.92 -7.59
C MET M 179 63.37 25.98 -8.75
N ASN M 180 63.59 25.17 -9.77
CA ASN M 180 62.75 25.18 -10.97
C ASN M 180 62.29 23.75 -11.25
N ASP M 181 61.02 23.48 -10.97
CA ASP M 181 60.45 22.16 -11.21
C ASP M 181 60.16 21.90 -12.69
N THR M 182 60.03 22.95 -13.49
CA THR M 182 59.77 22.77 -14.91
C THR M 182 60.96 22.16 -15.63
N GLY M 183 62.18 22.56 -15.27
CA GLY M 183 63.38 22.12 -15.96
C GLY M 183 63.80 20.69 -15.72
N LEU M 184 63.08 19.94 -14.88
CA LEU M 184 63.39 18.54 -14.67
C LEU M 184 63.14 17.76 -15.95
N GLU M 185 64.07 16.87 -16.28
CA GLU M 185 63.94 16.04 -17.50
C GLU M 185 63.19 14.76 -17.15
N SER M 186 62.10 14.48 -17.86
CA SER M 186 61.36 13.24 -17.64
C SER M 186 62.05 12.08 -18.33
N ILE M 187 62.27 10.99 -17.59
CA ILE M 187 62.87 9.79 -18.17
C ILE M 187 61.89 8.64 -18.27
N GLY M 188 60.60 8.88 -18.10
CA GLY M 188 59.60 7.84 -18.14
C GLY M 188 59.36 7.21 -16.78
N GLU M 189 58.29 6.43 -16.71
CA GLU M 189 57.88 5.73 -15.49
C GLU M 189 57.72 6.70 -14.33
N ASN M 190 57.15 7.87 -14.62
CA ASN M 190 56.87 8.91 -13.61
C ASN M 190 58.13 9.36 -12.89
N LEU M 191 59.25 9.46 -13.60
CA LEU M 191 60.52 9.85 -13.03
C LEU M 191 61.07 11.09 -13.71
N TYR M 192 61.56 12.03 -12.91
CA TYR M 192 62.26 13.21 -13.39
C TYR M 192 63.67 13.22 -12.84
N ILE M 193 64.65 13.58 -13.69
CA ILE M 193 66.06 13.70 -13.24
C ILE M 193 66.38 15.18 -13.10
N GLU M 194 67.58 15.54 -12.65
CA GLU M 194 67.86 16.98 -12.38
C GLU M 194 68.78 17.57 -13.47
N THR M 195 68.38 18.70 -14.04
CA THR M 195 69.18 19.34 -15.10
C THR M 195 69.59 20.75 -14.65
N GLN M 196 70.67 21.29 -15.21
CA GLN M 196 71.17 22.61 -14.75
C GLN M 196 70.01 23.57 -14.55
N SER M 197 69.01 23.53 -15.43
CA SER M 197 67.96 24.53 -15.33
C SER M 197 67.00 24.24 -14.18
N SER M 198 67.18 23.11 -13.50
CA SER M 198 66.30 22.73 -12.40
C SER M 198 66.93 23.03 -11.05
N GLY M 199 67.92 23.92 -11.04
CA GLY M 199 68.59 24.25 -9.79
C GLY M 199 69.35 23.07 -9.23
N ALA M 200 69.38 22.96 -7.92
CA ALA M 200 70.08 21.89 -7.23
C ALA M 200 69.15 21.22 -6.24
N PRO M 201 69.20 19.89 -6.14
CA PRO M 201 68.35 19.17 -5.18
C PRO M 201 68.47 19.68 -3.76
N ASN M 202 67.38 20.22 -3.22
CA ASN M 202 67.33 20.60 -1.81
C ASN M 202 66.56 19.54 -1.04
N GLU M 203 67.29 18.73 -0.27
CA GLU M 203 66.66 17.69 0.53
C GLU M 203 66.20 18.28 1.86
N SER M 204 64.99 17.91 2.26
CA SER M 204 64.39 18.46 3.47
C SER M 204 63.37 17.48 4.02
N THR M 205 63.05 17.65 5.30
CA THR M 205 62.02 16.84 5.93
C THR M 205 60.65 17.44 5.66
N PRO M 206 59.60 16.63 5.70
CA PRO M 206 58.25 17.11 5.33
C PRO M 206 57.61 17.99 6.39
N GLY M 207 57.88 19.29 6.36
CA GLY M 207 57.36 20.21 7.34
C GLY M 207 58.34 21.34 7.61
N LEU M 208 59.55 21.17 7.08
CA LEU M 208 60.59 22.17 7.06
C LEU M 208 60.35 23.17 5.93
N ASN M 209 61.43 23.79 5.45
CA ASN M 209 61.46 25.06 4.73
C ASN M 209 60.45 25.18 3.59
N GLY M 210 59.67 24.13 3.31
CA GLY M 210 58.66 24.25 2.27
C GLY M 210 58.35 23.00 1.50
N ALA M 211 59.01 21.89 1.79
CA ALA M 211 58.56 20.60 1.29
C ALA M 211 57.20 20.27 1.89
N GLY M 212 56.34 19.62 1.11
CA GLY M 212 54.98 19.37 1.53
C GLY M 212 54.88 18.25 2.54
N LEU M 213 53.64 17.97 2.93
CA LEU M 213 53.34 16.90 3.88
C LEU M 213 52.93 15.64 3.13
N LEU M 214 53.20 14.50 3.76
CA LEU M 214 52.84 13.19 3.22
C LEU M 214 51.62 12.64 3.95
N TYR M 215 50.71 12.06 3.20
CA TYR M 215 49.51 11.42 3.74
C TYR M 215 49.49 9.97 3.33
N GLN M 216 49.36 9.08 4.33
CA GLN M 216 49.35 7.64 4.08
C GLN M 216 47.93 7.20 3.71
N GLY M 217 47.87 6.21 2.81
CA GLY M 217 46.61 5.76 2.27
C GLY M 217 46.04 6.64 1.18
N TYR M 218 46.78 7.64 0.72
CA TYR M 218 46.34 8.57 -0.29
C TYR M 218 47.25 8.47 -1.51
N VAL M 219 46.70 8.74 -2.68
CA VAL M 219 47.49 8.84 -3.92
C VAL M 219 47.16 10.15 -4.59
N GLU M 220 48.15 10.69 -5.30
CA GLU M 220 47.97 11.94 -6.04
C GLU M 220 47.64 11.62 -7.49
N THR M 221 46.40 11.86 -7.88
CA THR M 221 45.96 11.58 -9.24
C THR M 221 46.49 12.66 -10.18
N SER M 222 46.35 12.43 -11.48
CA SER M 222 46.82 13.38 -12.48
C SER M 222 45.92 14.62 -12.49
N ASN M 223 46.50 15.74 -12.93
CA ASN M 223 45.79 17.00 -13.01
C ASN M 223 45.17 17.25 -14.39
N VAL M 224 45.21 16.27 -15.28
CA VAL M 224 44.64 16.39 -16.62
C VAL M 224 43.13 16.62 -16.51
N ASN M 225 42.63 17.63 -17.21
CA ASN M 225 41.20 17.95 -17.22
C ASN M 225 40.63 17.57 -18.57
N VAL M 226 39.68 16.62 -18.57
CA VAL M 226 39.21 16.03 -19.82
C VAL M 226 38.49 17.06 -20.69
N ALA M 227 37.63 17.88 -20.08
CA ALA M 227 36.86 18.85 -20.87
C ALA M 227 37.77 19.86 -21.55
N GLU M 228 38.79 20.35 -20.84
CA GLU M 228 39.74 21.27 -21.44
C GLU M 228 40.47 20.61 -22.61
N GLU M 229 40.88 19.35 -22.45
CA GLU M 229 41.54 18.64 -23.55
C GLU M 229 40.62 18.49 -24.75
N LEU M 230 39.32 18.21 -24.53
CA LEU M 230 38.41 18.06 -25.64
C LEU M 230 38.21 19.38 -26.39
N VAL M 231 38.01 20.48 -25.64
CA VAL M 231 37.84 21.77 -26.29
C VAL M 231 39.11 22.16 -27.06
N ASN M 232 40.28 21.90 -26.47
CA ASN M 232 41.53 22.16 -27.18
C ASN M 232 41.67 21.27 -28.40
N MET M 233 41.13 20.04 -28.35
CA MET M 233 41.12 19.19 -29.53
C MET M 233 40.31 19.80 -30.65
N ILE M 234 39.13 20.33 -30.34
CA ILE M 234 38.31 20.97 -31.36
C ILE M 234 39.04 22.16 -31.97
N GLN M 235 39.62 23.01 -31.11
CA GLN M 235 40.32 24.19 -31.61
C GLN M 235 41.53 23.81 -32.47
N VAL M 236 42.29 22.80 -32.03
CA VAL M 236 43.49 22.39 -32.76
C VAL M 236 43.10 21.79 -34.11
N GLN M 237 42.04 20.99 -34.14
CA GLN M 237 41.59 20.41 -35.40
C GLN M 237 41.18 21.50 -36.38
N ARG M 238 40.42 22.49 -35.91
CA ARG M 238 40.04 23.58 -36.81
C ARG M 238 41.25 24.37 -37.30
N ALA M 239 42.19 24.68 -36.41
CA ALA M 239 43.38 25.42 -36.84
C ALA M 239 44.21 24.63 -37.85
N TYR M 240 44.35 23.32 -37.63
CA TYR M 240 45.09 22.48 -38.57
C TYR M 240 44.40 22.47 -39.94
N GLU M 241 43.06 22.34 -39.94
CA GLU M 241 42.33 22.35 -41.21
C GLU M 241 42.50 23.67 -41.93
N ILE M 242 42.49 24.79 -41.20
CA ILE M 242 42.62 26.09 -41.84
C ILE M 242 44.03 26.29 -42.39
N ASN M 243 45.05 25.83 -41.67
CA ASN M 243 46.41 25.88 -42.21
C ASN M 243 46.54 25.03 -43.46
N SER M 244 45.92 23.84 -43.47
CA SER M 244 45.92 23.02 -44.68
C SER M 244 45.21 23.72 -45.82
N LYS M 245 44.14 24.46 -45.53
CA LYS M 245 43.46 25.26 -46.55
C LYS M 245 44.39 26.32 -47.12
N ALA M 246 45.18 26.98 -46.26
CA ALA M 246 46.16 27.93 -46.76
C ALA M 246 47.20 27.26 -47.67
N VAL M 247 47.66 26.07 -47.30
CA VAL M 247 48.58 25.32 -48.15
C VAL M 247 47.94 25.04 -49.51
N SER M 248 46.67 24.64 -49.48
CA SER M 248 45.94 24.41 -50.75
C SER M 248 45.92 25.72 -51.55
N THR M 249 45.63 26.84 -50.88
CA THR M 249 45.52 28.12 -51.61
C THR M 249 46.87 28.44 -52.25
N THR M 250 47.96 28.31 -51.49
CA THR M 250 49.31 28.59 -52.04
C THR M 250 49.58 27.63 -53.20
N ASP M 251 49.26 26.36 -53.02
CA ASP M 251 49.46 25.35 -54.10
C ASP M 251 48.79 25.83 -55.38
N GLN M 252 47.53 26.27 -55.28
CA GLN M 252 46.78 26.68 -56.51
C GLN M 252 47.45 27.93 -57.08
N MET M 253 47.70 28.93 -56.25
CA MET M 253 48.35 30.17 -56.72
C MET M 253 49.56 29.80 -57.57
N LEU M 254 50.25 28.72 -57.21
CA LEU M 254 51.49 28.34 -57.96
C LEU M 254 51.04 27.48 -59.13
N GLN M 255 50.02 26.65 -58.92
CA GLN M 255 49.52 25.87 -60.06
C GLN M 255 49.12 26.86 -61.15
N LYS M 256 48.42 27.92 -60.79
CA LYS M 256 47.91 28.84 -61.85
C LYS M 256 49.10 29.43 -62.60
N LEU M 257 50.13 29.85 -61.88
CA LEU M 257 51.24 30.54 -62.58
C LEU M 257 51.97 29.52 -63.46
N THR M 258 52.09 28.27 -63.02
CA THR M 258 52.73 27.25 -63.88
C THR M 258 51.89 27.04 -65.13
N GLN M 259 50.56 26.95 -64.97
CA GLN M 259 49.66 26.78 -66.12
C GLN M 259 49.87 27.94 -67.10
N LEU M 260 50.06 29.14 -66.56
CA LEU M 260 50.22 30.33 -67.45
C LEU M 260 50.76 29.86 -68.81
N MET N 1 37.27 41.94 -53.82
CA MET N 1 37.49 42.21 -55.26
C MET N 1 36.22 42.77 -55.87
N ILE N 2 35.36 41.91 -56.41
CA ILE N 2 34.06 42.36 -56.97
C ILE N 2 33.21 42.84 -55.79
N SER N 3 32.23 43.71 -56.04
CA SER N 3 31.43 44.30 -54.94
C SER N 3 30.88 43.22 -54.02
N SER N 4 29.94 42.42 -54.52
CA SER N 4 29.25 41.41 -53.72
C SER N 4 30.20 40.75 -52.72
N LEU N 5 31.47 40.59 -53.09
CA LEU N 5 32.44 40.01 -52.17
C LEU N 5 32.62 40.87 -50.92
N TRP N 6 32.82 42.19 -51.10
CA TRP N 6 32.91 43.09 -49.95
C TRP N 6 31.63 43.10 -49.14
N ILE N 7 30.49 43.24 -49.84
CA ILE N 7 29.17 43.32 -49.17
C ILE N 7 28.96 42.06 -48.35
N ALA N 8 29.62 40.97 -48.73
CA ALA N 8 29.44 39.69 -48.02
C ALA N 8 30.49 39.58 -46.92
N LYS N 9 31.68 40.11 -47.14
CA LYS N 9 32.69 40.12 -46.05
C LYS N 9 32.08 40.90 -44.90
N THR N 10 31.33 41.95 -45.21
CA THR N 10 30.78 42.78 -44.14
C THR N 10 29.64 42.06 -43.43
N GLY N 11 28.79 41.36 -44.17
CA GLY N 11 27.74 40.58 -43.54
C GLY N 11 28.28 39.47 -42.66
N LEU N 12 29.34 38.81 -43.12
CA LEU N 12 30.00 37.77 -42.33
C LEU N 12 30.53 38.36 -41.03
N ASP N 13 31.17 39.53 -41.12
CA ASP N 13 31.71 40.16 -39.92
C ASP N 13 30.61 40.55 -38.95
N ALA N 14 29.48 41.06 -39.47
CA ALA N 14 28.37 41.43 -38.61
C ALA N 14 27.79 40.21 -37.90
N GLN N 15 27.65 39.09 -38.63
CA GLN N 15 27.14 37.89 -37.99
C GLN N 15 28.13 37.32 -36.99
N GLN N 16 29.43 37.47 -37.24
CA GLN N 16 30.42 37.06 -36.25
C GLN N 16 30.32 37.91 -35.00
N THR N 17 30.08 39.21 -35.16
CA THR N 17 29.88 40.08 -34.01
C THR N 17 28.64 39.66 -33.22
N ASN N 18 27.56 39.33 -33.92
CA ASN N 18 26.36 38.85 -33.24
C ASN N 18 26.63 37.57 -32.47
N MET N 19 27.37 36.64 -33.08
CA MET N 19 27.75 35.40 -32.40
C MET N 19 28.61 35.68 -31.17
N ASP N 20 29.55 36.62 -31.27
CA ASP N 20 30.37 36.97 -30.12
C ASP N 20 29.53 37.55 -28.99
N VAL N 21 28.56 38.40 -29.33
CA VAL N 21 27.66 38.94 -28.31
C VAL N 21 26.87 37.82 -27.64
N ILE N 22 26.39 36.87 -28.45
CA ILE N 22 25.64 35.74 -27.89
C ILE N 22 26.50 34.94 -26.93
N ALA N 23 27.74 34.65 -27.34
CA ALA N 23 28.65 33.88 -26.49
C ALA N 23 28.98 34.63 -25.20
N ASN N 24 29.18 35.94 -25.29
CA ASN N 24 29.46 36.73 -24.10
C ASN N 24 28.28 36.72 -23.15
N ASN N 25 27.05 36.85 -23.68
CA ASN N 25 25.87 36.80 -22.82
C ASN N 25 25.72 35.44 -22.17
N LEU N 26 25.93 34.36 -22.93
CA LEU N 26 25.75 33.03 -22.36
C LEU N 26 26.88 32.64 -21.41
N ALA N 27 28.04 33.30 -21.51
CA ALA N 27 29.13 33.04 -20.60
C ALA N 27 28.90 33.64 -19.23
N ASN N 28 28.08 34.69 -19.12
CA ASN N 28 27.82 35.38 -17.88
C ASN N 28 26.39 35.15 -17.37
N VAL N 29 25.87 33.92 -17.50
CA VAL N 29 24.53 33.62 -17.03
C VAL N 29 24.42 33.75 -15.52
N SER N 30 25.40 33.25 -14.77
CA SER N 30 25.33 33.22 -13.31
C SER N 30 25.93 34.44 -12.65
N THR N 31 26.50 35.38 -13.41
CA THR N 31 27.12 36.54 -12.81
C THR N 31 26.06 37.49 -12.24
N ASN N 32 26.31 38.00 -11.04
CA ASN N 32 25.39 38.92 -10.40
C ASN N 32 25.62 40.34 -10.90
N GLY N 33 24.53 41.08 -11.09
CA GLY N 33 24.60 42.45 -11.55
C GLY N 33 25.17 42.57 -12.95
N PHE N 34 24.79 41.66 -13.84
CA PHE N 34 25.23 41.67 -15.22
C PHE N 34 24.09 42.07 -16.14
N LYS N 35 24.38 43.03 -17.02
CA LYS N 35 23.42 43.50 -18.01
C LYS N 35 23.87 43.03 -19.38
N ARG N 36 23.04 42.21 -20.03
CA ARG N 36 23.40 41.58 -21.30
C ARG N 36 23.51 42.63 -22.39
N GLN N 37 24.31 42.32 -23.40
CA GLN N 37 24.51 43.29 -24.48
C GLN N 37 23.57 42.94 -25.64
N ARG N 38 23.38 43.86 -26.56
CA ARG N 38 22.57 43.67 -27.75
C ARG N 38 23.18 44.53 -28.85
N ALA N 39 23.57 43.91 -29.95
CA ALA N 39 24.19 44.60 -31.06
C ALA N 39 23.14 45.11 -32.03
N VAL N 40 23.33 46.34 -32.50
CA VAL N 40 22.43 46.95 -33.48
C VAL N 40 23.22 47.21 -34.76
N PHE N 41 22.58 46.94 -35.90
CA PHE N 41 23.23 47.04 -37.20
C PHE N 41 22.52 48.10 -38.04
N GLU N 42 23.23 48.58 -39.06
CA GLU N 42 22.73 49.69 -39.86
C GLU N 42 23.17 49.49 -41.31
N ASP N 43 22.77 50.44 -42.17
CA ASP N 43 23.07 50.34 -43.59
C ASP N 43 24.32 51.16 -43.92
N LEU N 44 25.19 50.57 -44.73
CA LEU N 44 26.41 51.24 -45.19
C LEU N 44 26.10 52.06 -46.44
N LEU N 45 27.17 52.44 -47.16
CA LEU N 45 27.06 53.22 -48.38
C LEU N 45 25.98 52.68 -49.31
N TYR N 46 25.38 53.60 -50.06
CA TYR N 46 24.44 53.26 -51.15
C TYR N 46 24.94 53.98 -52.39
N GLN N 47 25.57 53.25 -53.30
CA GLN N 47 26.06 53.82 -54.55
C GLN N 47 24.91 54.29 -55.41
N THR N 48 25.02 55.51 -55.92
CA THR N 48 23.95 56.09 -56.73
C THR N 48 24.30 56.02 -58.21
N ILE N 49 24.01 54.89 -58.85
CA ILE N 49 24.24 54.77 -60.29
C ILE N 49 23.30 55.70 -61.05
N ARG N 50 22.02 55.64 -60.72
CA ARG N 50 21.02 56.55 -61.28
C ARG N 50 20.26 57.19 -60.12
N GLN N 51 20.17 58.51 -60.14
CA GLN N 51 19.60 59.22 -59.00
C GLN N 51 18.11 58.94 -58.87
N PRO N 52 17.65 58.49 -57.71
CA PRO N 52 16.21 58.29 -57.51
C PRO N 52 15.46 59.62 -57.50
N GLY N 53 14.58 59.80 -58.46
CA GLY N 53 13.91 61.06 -58.66
C GLY N 53 14.56 61.98 -59.67
N ALA N 54 15.52 61.49 -60.44
CA ALA N 54 16.20 62.32 -61.43
C ALA N 54 15.23 62.72 -62.53
N GLN N 55 15.47 63.90 -63.10
CA GLN N 55 14.62 64.45 -64.16
C GLN N 55 15.02 63.78 -65.47
N SER N 56 14.35 62.67 -65.80
CA SER N 56 14.64 61.96 -67.03
C SER N 56 14.31 62.81 -68.25
N SER N 57 13.19 63.53 -68.20
CA SER N 57 12.81 64.46 -69.25
C SER N 57 12.10 65.65 -68.61
N GLU N 58 11.74 66.63 -69.43
CA GLU N 58 11.11 67.83 -68.91
C GLU N 58 9.74 67.55 -68.29
N GLN N 59 9.07 66.49 -68.71
CA GLN N 59 7.83 66.06 -68.08
C GLN N 59 8.01 64.86 -67.16
N THR N 60 8.54 63.75 -67.65
CA THR N 60 8.62 62.52 -66.89
C THR N 60 9.87 62.50 -66.00
N THR N 61 9.72 61.90 -64.83
CA THR N 61 10.81 61.74 -63.88
C THR N 61 10.98 60.27 -63.54
N LEU N 62 12.23 59.85 -63.37
CA LEU N 62 12.51 58.45 -63.04
C LEU N 62 12.25 58.20 -61.56
N PRO N 63 11.34 57.29 -61.21
CA PRO N 63 11.09 56.99 -59.79
C PRO N 63 12.01 55.93 -59.25
N SER N 64 12.72 56.23 -58.16
CA SER N 64 13.53 55.25 -57.44
C SER N 64 14.58 54.59 -58.32
N GLY N 65 15.55 55.35 -58.80
CA GLY N 65 16.57 54.87 -59.70
C GLY N 65 17.49 53.83 -59.08
N LEU N 66 18.62 53.60 -59.75
CA LEU N 66 19.52 52.49 -59.43
C LEU N 66 20.33 52.85 -58.18
N GLN N 67 19.83 52.42 -57.02
CA GLN N 67 20.56 52.57 -55.77
C GLN N 67 21.19 51.25 -55.34
N ILE N 68 22.38 50.98 -55.91
CA ILE N 68 23.17 49.84 -55.47
C ILE N 68 23.82 50.18 -54.14
N GLY N 69 23.67 49.29 -53.16
CA GLY N 69 24.16 49.58 -51.84
C GLY N 69 25.39 48.78 -51.48
N THR N 70 25.95 49.11 -50.31
CA THR N 70 27.07 48.38 -49.72
C THR N 70 26.51 47.50 -48.59
N GLY N 71 27.35 46.85 -47.76
CA GLY N 71 26.88 45.91 -46.78
C GLY N 71 26.35 46.57 -45.51
N VAL N 72 26.75 46.01 -44.38
CA VAL N 72 26.22 46.36 -43.07
C VAL N 72 27.37 46.76 -42.14
N ARG N 73 27.08 47.69 -41.24
CA ARG N 73 28.02 48.10 -40.21
C ARG N 73 27.34 48.01 -38.86
N PRO N 74 28.01 47.49 -37.82
CA PRO N 74 27.42 47.49 -36.49
C PRO N 74 27.61 48.86 -35.82
N VAL N 75 26.51 49.50 -35.47
CA VAL N 75 26.55 50.80 -34.81
C VAL N 75 27.21 50.63 -33.45
N ALA N 76 26.64 49.77 -32.61
CA ALA N 76 27.15 49.52 -31.28
C ALA N 76 26.47 48.32 -30.66
N THR N 77 27.13 47.74 -29.65
CA THR N 77 26.53 46.73 -28.81
C THR N 77 26.17 47.38 -27.48
N GLU N 78 24.90 47.79 -27.34
CA GLU N 78 24.45 48.51 -26.17
C GLU N 78 23.95 47.53 -25.12
N ARG N 79 24.27 47.81 -23.86
CA ARG N 79 23.82 46.98 -22.72
C ARG N 79 22.38 47.31 -22.38
N LEU N 80 21.54 46.31 -22.14
CA LEU N 80 20.14 46.49 -21.77
C LEU N 80 20.05 46.55 -20.25
N HIS N 81 19.87 47.77 -19.73
CA HIS N 81 19.78 47.98 -18.30
C HIS N 81 18.34 47.72 -17.85
N SER N 82 18.07 46.48 -17.46
CA SER N 82 16.78 46.10 -16.93
C SER N 82 17.00 45.39 -15.60
N GLN N 83 15.99 45.50 -14.72
CA GLN N 83 16.09 44.96 -13.38
C GLN N 83 16.14 43.44 -13.43
N GLY N 84 17.22 42.85 -12.91
CA GLY N 84 17.32 41.41 -12.83
C GLY N 84 16.54 40.86 -11.66
N ASN N 85 16.27 39.56 -11.73
CA ASN N 85 15.51 38.89 -10.68
C ASN N 85 16.33 38.83 -9.39
N LEU N 86 15.67 39.04 -8.27
CA LEU N 86 16.33 38.99 -6.97
C LEU N 86 16.39 37.56 -6.45
N SER N 87 17.46 37.24 -5.74
CA SER N 87 17.68 35.91 -5.18
C SER N 87 18.09 36.02 -3.72
N GLN N 88 17.60 35.08 -2.90
CA GLN N 88 17.88 35.07 -1.47
C GLN N 88 19.15 34.28 -1.21
N THR N 89 20.17 34.94 -0.64
CA THR N 89 21.40 34.26 -0.22
C THR N 89 21.53 34.41 1.30
N ASN N 90 20.63 35.22 1.86
CA ASN N 90 20.51 35.40 3.31
C ASN N 90 21.84 35.73 3.98
N ASN N 91 22.55 36.72 3.46
CA ASN N 91 23.79 37.19 4.07
C ASN N 91 23.63 38.66 4.43
N SER N 92 24.27 39.06 5.53
CA SER N 92 24.10 40.42 6.05
C SER N 92 24.74 41.47 5.15
N LYS N 93 25.57 41.07 4.19
CA LYS N 93 26.34 42.03 3.40
C LYS N 93 25.90 42.11 1.94
N ASP N 94 25.07 41.19 1.47
CA ASP N 94 24.56 41.28 0.10
C ASP N 94 23.45 42.33 0.04
N VAL N 95 23.55 43.25 -0.90
CA VAL N 95 22.57 44.30 -1.10
C VAL N 95 22.11 44.25 -2.55
N ALA N 96 20.81 44.40 -2.76
CA ALA N 96 20.23 44.34 -4.10
C ALA N 96 19.43 45.61 -4.38
N ILE N 97 19.53 46.09 -5.62
CA ILE N 97 18.81 47.27 -6.06
C ILE N 97 17.56 46.82 -6.79
N LYS N 98 16.43 47.46 -6.46
CA LYS N 98 15.19 47.19 -7.16
C LYS N 98 14.80 48.29 -8.13
N GLY N 99 15.54 49.41 -8.17
CA GLY N 99 15.24 50.49 -9.08
C GLY N 99 16.26 50.69 -10.18
N GLN N 100 16.81 51.90 -10.27
CA GLN N 100 17.67 52.25 -11.40
C GLN N 100 18.89 53.05 -10.93
N GLY N 101 19.51 52.62 -9.83
CA GLY N 101 20.67 53.31 -9.28
C GLY N 101 21.93 52.47 -9.39
N PHE N 102 23.03 53.06 -8.92
CA PHE N 102 24.33 52.41 -8.84
C PHE N 102 25.02 52.74 -7.53
N PHE N 103 25.84 51.80 -7.06
CA PHE N 103 26.79 52.06 -5.99
C PHE N 103 28.03 52.73 -6.55
N GLN N 104 28.55 53.69 -5.80
CA GLN N 104 29.76 54.42 -6.19
C GLN N 104 30.95 53.86 -5.44
N VAL N 105 31.97 53.43 -6.18
CA VAL N 105 33.16 52.79 -5.62
C VAL N 105 34.38 53.59 -6.06
N MET N 106 35.42 53.57 -5.23
CA MET N 106 36.63 54.34 -5.49
C MET N 106 37.70 53.41 -6.06
N LEU N 107 38.14 53.69 -7.28
CA LEU N 107 39.22 52.95 -7.89
C LEU N 107 40.56 53.33 -7.26
N PRO N 108 41.58 52.49 -7.41
CA PRO N 108 42.90 52.84 -6.83
C PRO N 108 43.48 54.13 -7.38
N ASP N 109 43.06 54.55 -8.58
CA ASP N 109 43.52 55.81 -9.15
C ASP N 109 42.90 57.02 -8.49
N GLY N 110 41.93 56.83 -7.61
CA GLY N 110 41.20 57.93 -7.00
C GLY N 110 39.94 58.31 -7.74
N THR N 111 39.75 57.82 -8.96
CA THR N 111 38.54 58.06 -9.71
C THR N 111 37.41 57.17 -9.22
N SER N 112 36.18 57.52 -9.63
CA SER N 112 34.99 56.82 -9.17
C SER N 112 34.46 55.93 -10.29
N ALA N 113 34.24 54.66 -9.97
CA ALA N 113 33.52 53.73 -10.82
C ALA N 113 32.16 53.46 -10.19
N TYR N 114 31.27 52.84 -10.97
CA TYR N 114 29.92 52.58 -10.51
C TYR N 114 29.56 51.13 -10.79
N THR N 115 29.08 50.44 -9.76
CA THR N 115 28.76 49.02 -9.86
C THR N 115 27.37 48.78 -9.31
N ARG N 116 26.73 47.71 -9.79
CA ARG N 116 25.41 47.32 -9.33
C ARG N 116 25.46 46.04 -8.50
N ASP N 117 26.50 45.23 -8.67
CA ASP N 117 26.70 44.06 -7.83
C ASP N 117 26.84 44.47 -6.38
N GLY N 118 26.12 43.78 -5.50
CA GLY N 118 26.03 44.16 -4.11
C GLY N 118 26.70 43.25 -3.11
N SER N 119 27.44 42.23 -3.55
CA SER N 119 28.15 41.35 -2.63
C SER N 119 29.34 42.10 -2.04
N PHE N 120 29.16 42.64 -0.84
CA PHE N 120 30.18 43.45 -0.18
C PHE N 120 30.94 42.62 0.85
N GLN N 121 32.21 42.93 1.02
CA GLN N 121 33.04 42.32 2.05
C GLN N 121 33.70 43.40 2.90
N VAL N 122 34.41 42.96 3.94
CA VAL N 122 35.13 43.85 4.83
C VAL N 122 36.61 43.48 4.78
N ASP N 123 37.47 44.50 4.61
CA ASP N 123 38.90 44.26 4.51
C ASP N 123 39.50 44.18 5.92
N GLN N 124 40.82 44.10 5.99
CA GLN N 124 41.49 43.97 7.28
C GLN N 124 41.35 45.23 8.13
N ASN N 125 41.07 46.37 7.50
CA ASN N 125 40.93 47.63 8.24
C ASN N 125 39.53 47.84 8.78
N GLY N 126 38.55 47.05 8.36
CA GLY N 126 37.19 47.22 8.83
C GLY N 126 36.26 47.97 7.90
N GLN N 127 36.72 48.36 6.72
CA GLN N 127 35.92 49.15 5.81
C GLN N 127 35.13 48.26 4.86
N LEU N 128 34.11 48.84 4.23
CA LEU N 128 33.31 48.11 3.26
C LEU N 128 33.95 48.21 1.88
N VAL N 129 34.14 47.07 1.23
CA VAL N 129 34.71 47.02 -0.11
C VAL N 129 33.86 46.10 -0.97
N THR N 130 33.97 46.28 -2.28
CA THR N 130 33.36 45.38 -3.25
C THR N 130 34.14 44.06 -3.26
N ALA N 131 33.45 42.98 -3.62
CA ALA N 131 34.06 41.65 -3.66
C ALA N 131 35.31 41.59 -4.52
N GLY N 132 35.55 42.60 -5.36
CA GLY N 132 36.78 42.68 -6.11
C GLY N 132 37.85 43.47 -5.39
N GLY N 133 37.61 43.75 -4.11
CA GLY N 133 38.56 44.48 -3.30
C GLY N 133 38.54 45.99 -3.45
N PHE N 134 37.56 46.53 -4.17
CA PHE N 134 37.49 47.97 -4.40
C PHE N 134 36.57 48.62 -3.38
N GLN N 135 37.05 49.71 -2.79
CA GLN N 135 36.39 50.34 -1.65
C GLN N 135 35.22 51.21 -2.09
N VAL N 136 34.05 50.94 -1.49
CA VAL N 136 32.78 51.68 -1.75
C VAL N 136 32.94 53.10 -1.22
N GLN N 137 32.05 54.00 -1.65
CA GLN N 137 32.04 55.42 -1.21
C GLN N 137 30.60 55.79 -0.87
N PRO N 138 30.35 56.91 -0.16
CA PRO N 138 31.42 57.66 0.50
C PRO N 138 31.79 57.00 1.83
N ALA N 139 32.26 55.76 1.78
CA ALA N 139 33.02 55.10 2.87
C ALA N 139 32.08 54.65 3.98
N ILE N 140 32.11 53.36 4.31
CA ILE N 140 31.40 52.79 5.49
C ILE N 140 32.42 51.98 6.31
N THR N 141 32.69 52.35 7.56
CA THR N 141 33.61 51.51 8.32
C THR N 141 32.84 50.69 9.34
N ILE N 142 33.05 49.38 9.32
CA ILE N 142 32.46 48.45 10.27
C ILE N 142 33.48 48.21 11.38
N PRO N 143 33.12 48.37 12.65
CA PRO N 143 34.11 48.21 13.73
C PRO N 143 34.47 46.75 13.96
N ALA N 144 35.48 46.51 14.79
CA ALA N 144 35.97 45.16 15.04
C ALA N 144 34.94 44.30 15.75
N ASN N 145 34.34 44.83 16.82
CA ASN N 145 33.37 44.09 17.63
C ASN N 145 31.94 44.27 17.16
N ALA N 146 31.66 43.99 15.89
CA ALA N 146 30.30 44.09 15.39
C ALA N 146 29.57 42.77 15.51
N LEU N 147 28.32 42.84 15.97
CA LEU N 147 27.51 41.63 16.14
C LEU N 147 26.60 41.37 14.96
N SER N 148 25.96 42.40 14.42
CA SER N 148 25.06 42.24 13.28
C SER N 148 24.99 43.56 12.53
N ILE N 149 25.02 43.46 11.19
CA ILE N 149 24.97 44.63 10.31
C ILE N 149 23.58 44.70 9.69
N THR N 150 22.94 45.85 9.83
CA THR N 150 21.58 46.07 9.32
C THR N 150 21.65 47.21 8.30
N ILE N 151 21.33 46.88 7.05
CA ILE N 151 21.27 47.87 5.97
C ILE N 151 19.82 48.05 5.59
N GLY N 152 19.28 49.24 5.84
CA GLY N 152 17.87 49.51 5.69
C GLY N 152 17.46 49.72 4.23
N ARG N 153 16.17 49.99 4.05
CA ARG N 153 15.61 50.24 2.73
C ARG N 153 16.12 51.54 2.12
N ASP N 154 16.52 52.50 2.94
CA ASP N 154 17.05 53.77 2.47
C ASP N 154 18.57 53.83 2.53
N GLY N 155 19.25 52.70 2.71
CA GLY N 155 20.70 52.68 2.70
C GLY N 155 21.36 53.05 3.99
N VAL N 156 20.62 53.16 5.09
CA VAL N 156 21.22 53.50 6.37
C VAL N 156 21.86 52.25 6.96
N VAL N 157 23.18 52.28 7.11
CA VAL N 157 23.94 51.15 7.64
C VAL N 157 24.09 51.32 9.14
N SER N 158 23.71 50.30 9.91
CA SER N 158 23.84 50.32 11.36
C SER N 158 24.44 49.02 11.84
N VAL N 159 25.11 49.09 13.00
CA VAL N 159 25.66 47.92 13.66
C VAL N 159 25.26 47.97 15.13
N THR N 160 25.05 46.78 15.68
CA THR N 160 24.62 46.66 17.09
C THR N 160 25.79 46.16 17.91
N GLN N 161 26.26 46.96 18.86
CA GLN N 161 27.32 46.47 19.77
C GLN N 161 26.62 45.70 20.89
N GLN N 162 27.33 44.80 21.57
CA GLN N 162 26.71 44.10 22.73
C GLN N 162 26.04 45.16 23.60
N GLY N 163 26.68 46.31 23.77
CA GLY N 163 26.14 47.39 24.62
C GLY N 163 25.35 48.39 23.80
N GLN N 164 24.75 49.39 24.46
CA GLN N 164 23.95 50.44 23.75
C GLN N 164 23.22 49.77 22.59
N ALA N 165 22.32 48.82 22.90
CA ALA N 165 21.65 48.06 21.82
C ALA N 165 21.41 48.99 20.62
N ALA N 166 20.86 50.18 20.86
CA ALA N 166 20.58 51.12 19.76
C ALA N 166 21.62 50.91 18.67
N PRO N 167 21.24 50.40 17.48
CA PRO N 167 22.20 50.10 16.45
C PRO N 167 22.99 51.33 16.01
N VAL N 168 24.24 51.45 16.45
CA VAL N 168 25.11 52.54 16.06
C VAL N 168 25.18 52.61 14.54
N GLN N 169 24.93 53.80 14.00
CA GLN N 169 25.03 54.05 12.57
C GLN N 169 26.49 54.33 12.22
N VAL N 170 26.98 53.66 11.17
CA VAL N 170 28.38 53.78 10.76
C VAL N 170 28.52 54.42 9.38
N GLY N 171 27.42 54.84 8.79
CA GLY N 171 27.47 55.47 7.49
C GLY N 171 26.11 55.49 6.84
N GLN N 172 26.11 55.95 5.58
CA GLN N 172 24.88 56.03 4.79
C GLN N 172 25.22 55.64 3.36
N LEU N 173 24.60 54.57 2.87
CA LEU N 173 24.85 54.09 1.53
C LEU N 173 23.91 54.81 0.54
N ASN N 174 24.50 55.50 -0.42
CA ASN N 174 23.75 56.25 -1.42
C ASN N 174 23.82 55.55 -2.77
N LEU N 175 22.89 55.91 -3.64
CA LEU N 175 22.82 55.35 -4.99
C LEU N 175 23.03 56.46 -6.02
N THR N 176 23.83 56.16 -7.03
CA THR N 176 24.11 57.11 -8.10
C THR N 176 23.30 56.74 -9.35
N THR N 177 22.63 57.74 -9.92
CA THR N 177 21.82 57.55 -11.11
C THR N 177 22.36 58.40 -12.24
N PHE N 178 22.15 57.92 -13.47
CA PHE N 178 22.58 58.59 -14.68
C PHE N 178 21.38 58.82 -15.59
N MET N 179 21.38 59.98 -16.26
CA MET N 179 20.28 60.28 -17.19
C MET N 179 20.35 59.41 -18.43
N ASN N 180 21.53 58.91 -18.77
CA ASN N 180 21.71 57.95 -19.85
C ASN N 180 22.51 56.78 -19.29
N ASP N 181 21.84 55.65 -19.07
CA ASP N 181 22.47 54.49 -18.47
C ASP N 181 23.34 53.70 -19.44
N THR N 182 22.98 53.67 -20.73
CA THR N 182 23.70 52.84 -21.69
C THR N 182 25.11 53.36 -21.94
N GLY N 183 25.31 54.68 -21.91
CA GLY N 183 26.59 55.28 -22.25
C GLY N 183 27.72 54.98 -21.30
N LEU N 184 27.45 54.36 -20.16
CA LEU N 184 28.50 54.00 -19.21
C LEU N 184 29.45 52.98 -19.84
N GLU N 185 30.74 53.15 -19.58
CA GLU N 185 31.74 52.27 -20.19
C GLU N 185 32.21 51.23 -19.19
N SER N 186 32.09 49.95 -19.53
CA SER N 186 32.50 48.89 -18.62
C SER N 186 34.02 48.77 -18.61
N ILE N 187 34.60 48.67 -17.41
CA ILE N 187 36.03 48.40 -17.27
C ILE N 187 36.32 47.02 -16.71
N GLY N 188 35.34 46.12 -16.72
CA GLY N 188 35.49 44.81 -16.12
C GLY N 188 35.23 44.85 -14.63
N GLU N 189 35.26 43.65 -14.02
CA GLU N 189 35.03 43.49 -12.59
C GLU N 189 33.68 44.06 -12.17
N ASN N 190 32.69 43.96 -13.06
CA ASN N 190 31.34 44.47 -12.83
C ASN N 190 31.33 45.96 -12.53
N LEU N 191 32.15 46.73 -13.24
CA LEU N 191 32.30 48.16 -12.98
C LEU N 191 32.04 48.98 -14.23
N TYR N 192 31.26 50.04 -14.08
CA TYR N 192 31.04 51.03 -15.12
C TYR N 192 31.65 52.36 -14.72
N ILE N 193 32.19 53.08 -15.70
CA ILE N 193 32.70 54.42 -15.49
C ILE N 193 31.91 55.37 -16.37
N GLU N 194 31.97 56.65 -15.99
CA GLU N 194 31.14 57.67 -16.63
C GLU N 194 31.82 58.22 -17.88
N THR N 195 31.04 58.34 -18.96
CA THR N 195 31.49 59.01 -20.18
C THR N 195 30.66 60.28 -20.38
N GLN N 196 30.93 61.02 -21.44
CA GLN N 196 30.15 62.20 -21.73
C GLN N 196 28.77 61.88 -22.29
N SER N 197 28.57 60.66 -22.80
CA SER N 197 27.24 60.25 -23.27
C SER N 197 26.41 59.65 -22.16
N SER N 198 27.00 59.44 -20.97
CA SER N 198 26.28 58.85 -19.85
C SER N 198 25.82 59.94 -18.88
N GLY N 199 25.76 61.18 -19.35
CA GLY N 199 25.34 62.27 -18.49
C GLY N 199 26.36 62.52 -17.39
N ALA N 200 25.86 62.89 -16.22
CA ALA N 200 26.68 63.17 -15.06
C ALA N 200 26.14 62.40 -13.87
N PRO N 201 27.00 61.99 -12.94
CA PRO N 201 26.53 61.20 -11.80
C PRO N 201 25.67 62.00 -10.84
N ASN N 202 24.46 61.52 -10.59
CA ASN N 202 23.54 62.17 -9.66
C ASN N 202 23.43 61.30 -8.41
N GLU N 203 24.02 61.76 -7.31
CA GLU N 203 23.89 61.04 -6.05
C GLU N 203 22.52 61.29 -5.43
N SER N 204 21.94 60.22 -4.87
CA SER N 204 20.63 60.33 -4.26
C SER N 204 20.49 59.25 -3.19
N THR N 205 19.61 59.52 -2.24
CA THR N 205 19.27 58.55 -1.20
C THR N 205 18.39 57.45 -1.80
N PRO N 206 18.58 56.20 -1.37
CA PRO N 206 17.81 55.08 -1.94
C PRO N 206 16.35 55.08 -1.54
N GLY N 207 15.53 55.82 -2.29
CA GLY N 207 14.10 55.93 -2.03
C GLY N 207 13.61 57.31 -2.42
N LEU N 208 14.55 58.21 -2.66
CA LEU N 208 14.32 59.58 -3.10
C LEU N 208 14.07 59.65 -4.61
N ASN N 209 14.38 60.80 -5.21
CA ASN N 209 13.86 61.30 -6.47
C ASN N 209 13.85 60.31 -7.63
N GLY N 210 14.31 59.08 -7.41
CA GLY N 210 14.30 58.10 -8.48
C GLY N 210 15.41 57.08 -8.43
N ALA N 211 16.29 57.15 -7.45
CA ALA N 211 17.17 56.03 -7.15
C ALA N 211 16.34 54.88 -6.58
N GLY N 212 16.83 53.66 -6.76
CA GLY N 212 16.08 52.50 -6.34
C GLY N 212 16.19 52.25 -4.84
N LEU N 213 15.48 51.22 -4.41
CA LEU N 213 15.50 50.79 -3.02
C LEU N 213 16.49 49.65 -2.83
N LEU N 214 17.08 49.59 -1.64
CA LEU N 214 18.08 48.57 -1.32
C LEU N 214 17.46 47.51 -0.42
N TYR N 215 17.65 46.24 -0.82
CA TYR N 215 17.22 45.11 -0.03
C TYR N 215 18.42 44.34 0.48
N GLN N 216 18.44 44.08 1.79
CA GLN N 216 19.52 43.35 2.43
C GLN N 216 19.26 41.85 2.33
N GLY N 217 20.33 41.08 2.16
CA GLY N 217 20.22 39.65 2.01
C GLY N 217 19.77 39.18 0.64
N TYR N 218 19.73 40.06 -0.35
CA TYR N 218 19.30 39.73 -1.69
C TYR N 218 20.44 40.03 -2.67
N VAL N 219 20.46 39.30 -3.78
CA VAL N 219 21.42 39.55 -4.85
C VAL N 219 20.65 39.70 -6.15
N GLU N 220 21.12 40.61 -6.99
CA GLU N 220 20.50 40.83 -8.30
C GLU N 220 21.19 39.94 -9.33
N THR N 221 20.47 38.93 -9.82
CA THR N 221 21.02 38.02 -10.81
C THR N 221 21.01 38.71 -12.18
N SER N 222 21.71 38.11 -13.13
CA SER N 222 21.77 38.68 -14.48
C SER N 222 20.42 38.54 -15.18
N ASN N 223 20.20 39.41 -16.15
CA ASN N 223 18.96 39.40 -16.93
C ASN N 223 19.07 38.57 -18.20
N VAL N 224 20.16 37.82 -18.37
CA VAL N 224 20.34 36.98 -19.55
C VAL N 224 19.29 35.86 -19.55
N ASN N 225 18.62 35.68 -20.69
CA ASN N 225 17.60 34.66 -20.85
C ASN N 225 18.14 33.58 -21.78
N VAL N 226 18.26 32.34 -21.26
CA VAL N 226 18.98 31.29 -21.97
C VAL N 226 18.26 30.90 -23.26
N ALA N 227 16.93 30.74 -23.20
CA ALA N 227 16.20 30.25 -24.36
C ALA N 227 16.28 31.21 -25.53
N GLU N 228 16.14 32.51 -25.26
CA GLU N 228 16.25 33.50 -26.32
C GLU N 228 17.66 33.49 -26.92
N GLU N 229 18.68 33.34 -26.09
CA GLU N 229 20.04 33.24 -26.61
C GLU N 229 20.23 32.01 -27.49
N LEU N 230 19.61 30.88 -27.13
CA LEU N 230 19.74 29.68 -27.96
C LEU N 230 19.04 29.86 -29.31
N VAL N 231 17.84 30.44 -29.29
CA VAL N 231 17.13 30.68 -30.56
C VAL N 231 17.92 31.65 -31.43
N ASN N 232 18.38 32.75 -30.83
CA ASN N 232 19.19 33.74 -31.60
C ASN N 232 20.42 33.01 -32.15
N MET N 233 21.00 32.11 -31.36
CA MET N 233 22.19 31.34 -31.80
C MET N 233 21.84 30.60 -33.10
N ILE N 234 20.75 29.82 -33.09
CA ILE N 234 20.35 29.10 -34.29
C ILE N 234 20.21 30.05 -35.48
N GLN N 235 19.54 31.19 -35.26
CA GLN N 235 19.37 32.16 -36.34
C GLN N 235 20.70 32.69 -36.85
N VAL N 236 21.60 32.99 -35.91
CA VAL N 236 22.94 33.49 -36.31
C VAL N 236 23.62 32.42 -37.17
N GLN N 237 23.63 31.18 -36.72
CA GLN N 237 24.35 30.12 -37.49
C GLN N 237 23.77 30.08 -38.90
N ARG N 238 22.45 29.97 -39.01
CA ARG N 238 21.84 29.84 -40.37
C ARG N 238 22.31 31.02 -41.22
N ALA N 239 22.16 32.24 -40.72
CA ALA N 239 22.60 33.43 -41.47
C ALA N 239 24.06 33.28 -41.88
N TYR N 240 24.95 33.12 -40.90
CA TYR N 240 26.39 33.02 -41.21
C TYR N 240 26.57 32.08 -42.39
N GLU N 241 25.84 30.96 -42.39
CA GLU N 241 25.92 30.01 -43.53
C GLU N 241 25.48 30.75 -44.80
N ILE N 242 24.26 31.29 -44.78
CA ILE N 242 23.73 31.95 -46.01
C ILE N 242 24.82 32.88 -46.56
N ASN N 243 25.43 33.67 -45.68
CA ASN N 243 26.40 34.66 -46.16
C ASN N 243 27.64 33.99 -46.75
N SER N 244 28.12 32.93 -46.10
CA SER N 244 29.25 32.20 -46.67
C SER N 244 28.87 31.57 -48.00
N LYS N 245 27.62 31.15 -48.15
CA LYS N 245 27.15 30.66 -49.45
C LYS N 245 27.22 31.76 -50.52
N ALA N 246 26.86 32.99 -50.15
CA ALA N 246 27.01 34.11 -51.08
C ALA N 246 28.47 34.31 -51.48
N VAL N 247 29.39 34.23 -50.50
CA VAL N 247 30.81 34.36 -50.80
C VAL N 247 31.26 33.27 -51.77
N SER N 248 30.84 32.03 -51.51
CA SER N 248 31.22 30.91 -52.36
C SER N 248 30.69 31.09 -53.78
N THR N 249 29.45 31.57 -53.91
CA THR N 249 28.89 31.78 -55.24
C THR N 249 29.66 32.87 -55.99
N THR N 250 30.05 33.93 -55.29
CA THR N 250 30.89 34.95 -55.92
C THR N 250 32.21 34.37 -56.39
N ASP N 251 32.84 33.52 -55.55
CA ASP N 251 34.08 32.87 -55.96
C ASP N 251 33.88 32.01 -57.19
N GLN N 252 32.77 31.27 -57.25
CA GLN N 252 32.50 30.44 -58.42
C GLN N 252 32.31 31.28 -59.69
N MET N 253 31.59 32.39 -59.59
CA MET N 253 31.42 33.25 -60.76
C MET N 253 32.77 33.81 -61.22
N LEU N 254 33.61 34.25 -60.28
CA LEU N 254 34.91 34.77 -60.65
C LEU N 254 35.79 33.70 -61.28
N GLN N 255 35.72 32.46 -60.77
CA GLN N 255 36.49 31.37 -61.36
C GLN N 255 36.02 31.07 -62.78
N LYS N 256 34.70 31.04 -63.00
CA LYS N 256 34.20 30.83 -64.35
C LYS N 256 34.63 31.95 -65.27
N LEU N 257 34.72 33.17 -64.76
CA LEU N 257 35.26 34.27 -65.55
C LEU N 257 36.72 34.04 -65.91
N THR N 258 37.54 33.67 -64.93
CA THR N 258 38.97 33.50 -65.19
C THR N 258 39.25 32.28 -66.05
N GLN N 259 38.29 31.36 -66.14
CA GLN N 259 38.48 30.17 -66.98
C GLN N 259 38.55 30.53 -68.45
N LEU N 260 38.12 31.74 -68.81
CA LEU N 260 38.08 32.19 -70.19
C LEU N 260 39.46 32.15 -70.85
N MET O 1 15.74 31.16 -65.52
CA MET O 1 16.54 30.78 -66.68
C MET O 1 15.90 29.60 -67.40
N ILE O 2 15.35 28.68 -66.63
CA ILE O 2 14.73 27.46 -67.15
C ILE O 2 13.35 27.34 -66.54
N SER O 3 12.37 26.92 -67.36
CA SER O 3 10.99 26.79 -66.90
C SER O 3 10.87 25.92 -65.66
N SER O 4 11.60 24.79 -65.65
CA SER O 4 11.58 23.90 -64.50
C SER O 4 12.02 24.60 -63.22
N LEU O 5 13.06 25.43 -63.31
CA LEU O 5 13.55 26.17 -62.16
C LEU O 5 12.52 27.17 -61.63
N TRP O 6 11.84 27.90 -62.52
CA TRP O 6 10.79 28.80 -62.09
C TRP O 6 9.63 28.06 -61.43
N ILE O 7 9.21 26.94 -62.03
CA ILE O 7 8.11 26.16 -61.44
C ILE O 7 8.50 25.65 -60.06
N ALA O 8 9.71 25.12 -59.92
CA ALA O 8 10.14 24.58 -58.63
C ALA O 8 10.31 25.69 -57.60
N LYS O 9 10.80 26.87 -58.00
CA LYS O 9 10.89 28.00 -57.08
C LYS O 9 9.50 28.43 -56.61
N THR O 10 8.53 28.44 -57.52
CA THR O 10 7.16 28.77 -57.14
C THR O 10 6.59 27.75 -56.16
N GLY O 11 6.85 26.47 -56.42
CA GLY O 11 6.40 25.43 -55.49
C GLY O 11 7.03 25.58 -54.13
N LEU O 12 8.33 25.89 -54.09
CA LEU O 12 9.01 26.15 -52.83
C LEU O 12 8.35 27.30 -52.08
N ASP O 13 8.06 28.39 -52.77
CA ASP O 13 7.46 29.54 -52.11
C ASP O 13 6.08 29.19 -51.57
N ALA O 14 5.32 28.40 -52.32
CA ALA O 14 3.99 27.98 -51.86
C ALA O 14 4.09 27.11 -50.60
N GLN O 15 5.01 26.15 -50.60
CA GLN O 15 5.18 25.32 -49.42
C GLN O 15 5.69 26.13 -48.23
N GLN O 16 6.50 27.15 -48.49
CA GLN O 16 6.94 28.04 -47.42
C GLN O 16 5.76 28.82 -46.85
N THR O 17 4.83 29.24 -47.70
CA THR O 17 3.61 29.88 -47.22
C THR O 17 2.80 28.93 -46.35
N ASN O 18 2.69 27.67 -46.76
CA ASN O 18 2.00 26.67 -45.95
C ASN O 18 2.67 26.50 -44.59
N MET O 19 4.01 26.44 -44.58
CA MET O 19 4.74 26.33 -43.32
C MET O 19 4.52 27.55 -42.43
N ASP O 20 4.51 28.75 -43.02
CA ASP O 20 4.25 29.96 -42.24
C ASP O 20 2.85 29.94 -41.64
N VAL O 21 1.87 29.48 -42.41
CA VAL O 21 0.50 29.37 -41.89
C VAL O 21 0.46 28.40 -40.72
N ILE O 22 1.12 27.25 -40.86
CA ILE O 22 1.13 26.26 -39.78
C ILE O 22 1.80 26.83 -38.54
N ALA O 23 2.93 27.54 -38.72
CA ALA O 23 3.63 28.12 -37.59
C ALA O 23 2.78 29.16 -36.88
N ASN O 24 2.08 30.00 -37.64
CA ASN O 24 1.20 30.99 -37.02
C ASN O 24 0.04 30.33 -36.29
N ASN O 25 -0.49 29.23 -36.84
CA ASN O 25 -1.53 28.50 -36.14
C ASN O 25 -1.01 27.93 -34.82
N LEU O 26 0.20 27.38 -34.83
CA LEU O 26 0.77 26.81 -33.61
C LEU O 26 1.11 27.88 -32.58
N ALA O 27 1.51 29.07 -33.03
CA ALA O 27 1.89 30.13 -32.10
C ALA O 27 0.71 30.69 -31.32
N ASN O 28 -0.51 30.53 -31.81
CA ASN O 28 -1.69 31.10 -31.17
C ASN O 28 -2.60 30.03 -30.55
N VAL O 29 -2.03 29.00 -29.94
CA VAL O 29 -2.83 27.98 -29.27
C VAL O 29 -3.57 28.53 -28.06
N SER O 30 -2.90 29.35 -27.25
CA SER O 30 -3.47 29.83 -26.00
C SER O 30 -4.30 31.10 -26.17
N THR O 31 -4.36 31.67 -27.37
CA THR O 31 -5.16 32.88 -27.57
C THR O 31 -6.65 32.55 -27.54
N ASN O 32 -7.42 33.42 -26.88
CA ASN O 32 -8.86 33.24 -26.78
C ASN O 32 -9.55 33.82 -28.00
N GLY O 33 -10.53 33.08 -28.53
CA GLY O 33 -11.30 33.53 -29.67
C GLY O 33 -10.48 33.63 -30.94
N PHE O 34 -9.62 32.64 -31.19
CA PHE O 34 -8.79 32.59 -32.37
C PHE O 34 -9.33 31.57 -33.37
N LYS O 35 -9.24 31.93 -34.65
CA LYS O 35 -9.64 31.04 -35.74
C LYS O 35 -8.44 30.74 -36.60
N ARG O 36 -8.07 29.46 -36.68
CA ARG O 36 -6.84 29.04 -37.35
C ARG O 36 -6.99 29.18 -38.86
N GLN O 37 -5.86 29.41 -39.53
CA GLN O 37 -5.92 29.69 -40.98
C GLN O 37 -5.54 28.48 -41.82
N ARG O 38 -6.15 28.33 -42.99
CA ARG O 38 -5.84 27.27 -43.94
C ARG O 38 -5.62 27.92 -45.30
N ALA O 39 -4.61 27.47 -46.03
CA ALA O 39 -4.26 28.05 -47.31
C ALA O 39 -4.84 27.22 -48.44
N VAL O 40 -5.33 27.90 -49.48
CA VAL O 40 -5.89 27.25 -50.66
C VAL O 40 -5.03 27.61 -51.85
N PHE O 41 -4.56 26.60 -52.58
CA PHE O 41 -3.68 26.79 -53.72
C PHE O 41 -4.43 26.50 -55.02
N GLU O 42 -3.82 26.89 -56.13
CA GLU O 42 -4.39 26.67 -57.45
C GLU O 42 -3.27 26.46 -58.46
N ASP O 43 -3.62 25.87 -59.59
CA ASP O 43 -2.66 25.72 -60.69
C ASP O 43 -2.46 27.06 -61.38
N LEU O 44 -1.22 27.32 -61.80
CA LEU O 44 -0.91 28.54 -62.53
C LEU O 44 -1.22 28.32 -64.02
N LEU O 45 -0.71 29.22 -64.86
CA LEU O 45 -1.02 29.21 -66.28
C LEU O 45 -0.60 27.90 -66.92
N TYR O 46 -1.24 27.57 -68.03
CA TYR O 46 -0.98 26.33 -68.78
C TYR O 46 -0.72 26.70 -70.23
N GLN O 47 0.54 26.61 -70.65
CA GLN O 47 0.90 26.94 -72.02
C GLN O 47 0.39 25.87 -72.99
N THR O 48 -0.23 26.33 -74.07
CA THR O 48 -0.79 25.42 -75.06
C THR O 48 0.17 25.21 -76.22
N ILE O 49 1.14 24.30 -76.02
CA ILE O 49 2.10 23.98 -77.11
C ILE O 49 1.32 23.23 -78.19
N ARG O 50 0.34 22.42 -77.78
CA ARG O 50 -0.53 21.72 -78.75
C ARG O 50 -1.97 21.79 -78.22
N GLN O 51 -2.86 22.48 -78.91
CA GLN O 51 -4.25 22.67 -78.41
C GLN O 51 -4.98 21.32 -78.30
N PRO O 52 -5.42 20.90 -77.10
CA PRO O 52 -6.20 19.68 -76.92
C PRO O 52 -7.52 19.78 -77.67
N GLY O 53 -7.77 18.81 -78.55
CA GLY O 53 -8.91 18.88 -79.45
C GLY O 53 -8.61 19.44 -80.82
N ALA O 54 -7.34 19.64 -81.15
CA ALA O 54 -6.97 20.22 -82.43
C ALA O 54 -7.33 19.27 -83.57
N GLN O 55 -7.70 19.86 -84.71
CA GLN O 55 -8.11 19.10 -85.89
C GLN O 55 -6.87 18.71 -86.68
N SER O 56 -6.29 17.56 -86.32
CA SER O 56 -5.08 17.10 -86.99
C SER O 56 -5.33 16.78 -88.45
N SER O 57 -6.44 16.11 -88.73
CA SER O 57 -6.86 15.82 -90.10
C SER O 57 -8.34 16.14 -90.24
N GLU O 58 -8.86 15.94 -91.45
CA GLU O 58 -10.26 16.27 -91.71
C GLU O 58 -11.22 15.40 -90.90
N GLN O 59 -10.77 14.23 -90.44
CA GLN O 59 -11.61 13.33 -89.65
C GLN O 59 -11.05 13.02 -88.28
N THR O 60 -9.73 13.12 -88.09
CA THR O 60 -9.11 12.80 -86.81
C THR O 60 -8.79 14.07 -86.03
N THR O 61 -9.02 14.02 -84.72
CA THR O 61 -8.75 15.13 -83.82
C THR O 61 -7.78 14.67 -82.74
N LEU O 62 -6.86 15.55 -82.37
CA LEU O 62 -5.85 15.23 -81.37
C LEU O 62 -6.46 15.30 -79.96
N PRO O 63 -6.46 14.20 -79.21
CA PRO O 63 -6.98 14.25 -77.85
C PRO O 63 -5.92 14.62 -76.83
N SER O 64 -6.21 15.61 -75.98
CA SER O 64 -5.34 16.01 -74.87
C SER O 64 -3.93 16.35 -75.33
N GLY O 65 -3.78 17.42 -76.10
CA GLY O 65 -2.49 17.84 -76.61
C GLY O 65 -1.51 18.25 -75.53
N LEU O 66 -0.40 18.85 -75.96
CA LEU O 66 0.72 19.19 -75.08
C LEU O 66 0.32 20.40 -74.22
N GLN O 67 -0.23 20.12 -73.05
CA GLN O 67 -0.58 21.16 -72.08
C GLN O 67 0.48 21.28 -70.99
N ILE O 68 1.64 21.82 -71.38
CA ILE O 68 2.70 22.05 -70.41
C ILE O 68 2.29 23.19 -69.49
N GLY O 69 2.57 23.04 -68.19
CA GLY O 69 2.02 23.95 -67.22
C GLY O 69 3.07 24.66 -66.39
N THR O 70 2.64 25.77 -65.80
CA THR O 70 3.46 26.57 -64.91
C THR O 70 3.19 26.10 -63.48
N GLY O 71 3.70 26.74 -62.43
CA GLY O 71 3.64 26.22 -61.09
C GLY O 71 2.28 26.41 -60.43
N VAL O 72 2.31 26.90 -59.19
CA VAL O 72 1.16 26.94 -58.31
C VAL O 72 0.96 28.38 -57.83
N ARG O 73 -0.24 28.69 -57.37
CA ARG O 73 -0.52 30.01 -56.81
C ARG O 73 -1.42 29.85 -55.60
N PRO O 74 -1.07 30.46 -54.46
CA PRO O 74 -1.97 30.40 -53.30
C PRO O 74 -3.12 31.36 -53.46
N VAL O 75 -4.34 30.81 -53.53
CA VAL O 75 -5.54 31.62 -53.75
C VAL O 75 -5.74 32.55 -52.58
N ALA O 76 -5.83 32.01 -51.38
CA ALA O 76 -6.04 32.78 -50.17
C ALA O 76 -5.74 31.95 -48.93
N THR O 77 -5.33 32.63 -47.88
CA THR O 77 -5.21 32.03 -46.56
C THR O 77 -6.45 32.41 -45.75
N GLU O 78 -7.44 31.52 -45.74
CA GLU O 78 -8.75 31.82 -45.18
C GLU O 78 -8.83 31.29 -43.76
N ARG O 79 -9.49 32.07 -42.90
CA ARG O 79 -9.64 31.67 -41.48
C ARG O 79 -10.90 30.81 -41.31
N LEU O 80 -10.75 29.62 -40.73
CA LEU O 80 -11.85 28.68 -40.53
C LEU O 80 -12.61 29.14 -39.30
N HIS O 81 -13.76 29.76 -39.50
CA HIS O 81 -14.57 30.28 -38.41
C HIS O 81 -15.42 29.15 -37.84
N SER O 82 -14.86 28.41 -36.89
CA SER O 82 -15.58 27.34 -36.21
C SER O 82 -15.58 27.64 -34.72
N GLN O 83 -16.59 27.13 -34.04
CA GLN O 83 -16.79 27.41 -32.62
C GLN O 83 -15.74 26.68 -31.80
N GLY O 84 -14.93 27.44 -31.06
CA GLY O 84 -13.96 26.83 -30.19
C GLY O 84 -14.59 26.32 -28.90
N ASN O 85 -13.84 25.46 -28.21
CA ASN O 85 -14.33 24.89 -26.96
C ASN O 85 -14.44 25.98 -25.89
N LEU O 86 -15.51 25.92 -25.11
CA LEU O 86 -15.71 26.88 -24.03
C LEU O 86 -14.97 26.43 -22.78
N SER O 87 -14.50 27.40 -22.00
CA SER O 87 -13.76 27.13 -20.78
C SER O 87 -14.31 27.99 -19.65
N GLN O 88 -14.38 27.43 -18.45
CA GLN O 88 -14.85 28.15 -17.28
C GLN O 88 -13.67 28.89 -16.66
N THR O 89 -13.71 30.22 -16.71
CA THR O 89 -12.63 31.05 -16.16
C THR O 89 -13.14 31.67 -14.86
N ASN O 90 -14.42 31.46 -14.58
CA ASN O 90 -15.08 31.95 -13.37
C ASN O 90 -14.83 33.44 -13.16
N ASN O 91 -15.05 34.24 -14.19
CA ASN O 91 -14.87 35.69 -14.12
C ASN O 91 -16.19 36.38 -14.44
N SER O 92 -16.52 37.40 -13.64
CA SER O 92 -17.79 38.10 -13.82
C SER O 92 -17.82 38.95 -15.08
N LYS O 93 -16.67 39.27 -15.66
CA LYS O 93 -16.63 40.13 -16.83
C LYS O 93 -16.37 39.38 -18.13
N ASP O 94 -15.87 38.15 -18.06
CA ASP O 94 -15.57 37.38 -19.27
C ASP O 94 -16.83 36.72 -19.78
N VAL O 95 -17.11 36.91 -21.07
CA VAL O 95 -18.30 36.36 -21.72
C VAL O 95 -17.84 35.54 -22.93
N ALA O 96 -18.65 34.56 -23.31
CA ALA O 96 -18.35 33.71 -24.45
C ALA O 96 -19.57 33.62 -25.38
N ILE O 97 -19.30 33.42 -26.67
CA ILE O 97 -20.35 33.29 -27.66
C ILE O 97 -20.54 31.81 -27.98
N LYS O 98 -21.80 31.40 -28.04
CA LYS O 98 -22.16 30.02 -28.32
C LYS O 98 -22.56 29.77 -29.77
N GLY O 99 -22.87 30.82 -30.54
CA GLY O 99 -23.34 30.61 -31.90
C GLY O 99 -22.48 31.24 -32.99
N GLN O 100 -23.05 32.22 -33.70
CA GLN O 100 -22.43 32.74 -34.91
C GLN O 100 -22.47 34.27 -34.92
N GLY O 101 -22.06 34.90 -33.82
CA GLY O 101 -22.13 36.34 -33.69
C GLY O 101 -20.76 36.95 -33.44
N PHE O 102 -20.76 38.28 -33.33
CA PHE O 102 -19.58 39.06 -33.04
C PHE O 102 -19.93 40.24 -32.13
N PHE O 103 -18.94 40.69 -31.37
CA PHE O 103 -19.03 41.91 -30.60
C PHE O 103 -18.58 43.08 -31.45
N GLN O 104 -19.26 44.22 -31.31
CA GLN O 104 -18.89 45.44 -32.01
C GLN O 104 -18.18 46.38 -31.05
N VAL O 105 -17.02 46.89 -31.47
CA VAL O 105 -16.22 47.80 -30.66
C VAL O 105 -15.89 49.03 -31.49
N MET O 106 -15.65 50.14 -30.79
CA MET O 106 -15.33 51.41 -31.44
C MET O 106 -13.85 51.67 -31.33
N LEU O 107 -13.17 51.78 -32.48
CA LEU O 107 -11.76 52.11 -32.52
C LEU O 107 -11.54 53.57 -32.14
N PRO O 108 -10.31 53.92 -31.75
CA PRO O 108 -10.04 55.35 -31.45
C PRO O 108 -10.34 56.26 -32.62
N ASP O 109 -10.21 55.79 -33.85
CA ASP O 109 -10.57 56.58 -35.03
C ASP O 109 -12.06 56.80 -35.17
N GLY O 110 -12.87 56.09 -34.39
CA GLY O 110 -14.32 56.14 -34.52
C GLY O 110 -14.90 55.04 -35.39
N THR O 111 -14.05 54.31 -36.10
CA THR O 111 -14.50 53.20 -36.93
C THR O 111 -14.91 52.03 -36.05
N SER O 112 -15.68 51.12 -36.65
CA SER O 112 -16.22 49.96 -35.94
C SER O 112 -15.44 48.71 -36.32
N ALA O 113 -14.99 47.97 -35.31
CA ALA O 113 -14.34 46.68 -35.49
C ALA O 113 -15.19 45.61 -34.82
N TYR O 114 -14.94 44.36 -35.21
CA TYR O 114 -15.71 43.24 -34.71
C TYR O 114 -14.78 42.19 -34.12
N THR O 115 -15.03 41.81 -32.88
CA THR O 115 -14.18 40.89 -32.15
C THR O 115 -15.02 39.81 -31.48
N ARG O 116 -14.45 38.62 -31.38
CA ARG O 116 -15.14 37.49 -30.76
C ARG O 116 -14.61 37.21 -29.36
N ASP O 117 -13.40 37.64 -29.05
CA ASP O 117 -12.85 37.53 -27.70
C ASP O 117 -13.76 38.27 -26.72
N GLY O 118 -14.09 37.60 -25.61
CA GLY O 118 -15.04 38.11 -24.66
C GLY O 118 -14.50 38.51 -23.30
N SER O 119 -13.19 38.67 -23.15
CA SER O 119 -12.62 39.11 -21.87
C SER O 119 -12.71 40.62 -21.79
N PHE O 120 -13.53 41.13 -20.88
CA PHE O 120 -13.79 42.56 -20.75
C PHE O 120 -13.27 43.07 -19.42
N GLN O 121 -12.95 44.36 -19.37
CA GLN O 121 -12.58 45.06 -18.16
C GLN O 121 -13.33 46.37 -18.05
N VAL O 122 -13.43 46.91 -16.84
CA VAL O 122 -14.04 48.27 -16.77
C VAL O 122 -12.89 49.23 -17.07
N ASP O 123 -13.16 50.51 -17.33
CA ASP O 123 -12.04 51.45 -17.54
C ASP O 123 -12.16 52.59 -16.53
N GLN O 124 -11.16 53.47 -16.48
CA GLN O 124 -11.18 54.61 -15.51
C GLN O 124 -12.48 55.40 -15.71
N ASN O 125 -13.03 55.37 -16.93
CA ASN O 125 -14.28 56.12 -17.24
C ASN O 125 -15.50 55.25 -16.90
N GLY O 126 -15.29 53.95 -16.68
CA GLY O 126 -16.41 53.07 -16.26
C GLY O 126 -17.19 52.51 -17.44
N GLN O 127 -16.52 52.18 -18.54
CA GLN O 127 -17.21 51.54 -19.69
C GLN O 127 -16.52 50.20 -19.99
N LEU O 128 -17.29 49.19 -20.40
CA LEU O 128 -16.71 47.89 -20.74
C LEU O 128 -15.77 48.04 -21.93
N VAL O 129 -14.53 47.59 -21.76
CA VAL O 129 -13.53 47.65 -22.81
C VAL O 129 -12.88 46.28 -22.95
N THR O 130 -12.25 46.07 -24.10
CA THR O 130 -11.55 44.82 -24.37
C THR O 130 -10.15 44.87 -23.79
N ALA O 131 -9.34 43.88 -24.18
CA ALA O 131 -7.96 43.80 -23.71
C ALA O 131 -7.10 44.95 -24.22
N GLY O 132 -7.48 45.61 -25.31
CA GLY O 132 -6.71 46.70 -25.85
C GLY O 132 -7.26 48.06 -25.51
N GLY O 133 -8.21 48.12 -24.58
CA GLY O 133 -8.79 49.38 -24.19
C GLY O 133 -9.82 49.94 -25.13
N PHE O 134 -10.33 49.14 -26.06
CA PHE O 134 -11.33 49.62 -27.01
C PHE O 134 -12.73 49.40 -26.46
N GLN O 135 -13.54 50.46 -26.49
CA GLN O 135 -14.85 50.46 -25.87
C GLN O 135 -15.81 49.55 -26.63
N VAL O 136 -16.57 48.72 -25.91
CA VAL O 136 -17.68 47.99 -26.59
C VAL O 136 -18.77 49.01 -26.94
N GLN O 137 -19.39 48.88 -28.11
CA GLN O 137 -20.50 49.78 -28.52
C GLN O 137 -21.80 48.97 -28.56
N PRO O 138 -22.93 49.48 -28.03
CA PRO O 138 -23.18 50.92 -27.87
C PRO O 138 -22.90 51.47 -26.46
N ALA O 139 -21.67 51.32 -25.99
CA ALA O 139 -21.12 52.10 -24.86
C ALA O 139 -21.97 51.90 -23.60
N ILE O 140 -21.98 50.67 -23.07
CA ILE O 140 -22.56 50.39 -21.72
C ILE O 140 -21.82 51.27 -20.71
N THR O 141 -22.44 51.58 -19.56
CA THR O 141 -21.62 52.12 -18.47
C THR O 141 -21.99 51.42 -17.17
N ILE O 142 -20.98 51.07 -16.39
CA ILE O 142 -21.14 50.37 -15.12
C ILE O 142 -21.04 51.40 -13.99
N PRO O 143 -22.00 51.46 -13.07
CA PRO O 143 -21.92 52.44 -11.98
C PRO O 143 -20.91 52.06 -10.90
N ALA O 144 -20.53 53.02 -10.07
CA ALA O 144 -19.51 52.81 -9.05
C ALA O 144 -19.96 51.84 -7.97
N ASN O 145 -21.20 51.98 -7.50
CA ASN O 145 -21.73 51.17 -6.41
C ASN O 145 -22.33 49.86 -6.88
N ALA O 146 -21.59 49.08 -7.67
CA ALA O 146 -22.08 47.78 -8.13
C ALA O 146 -21.33 46.66 -7.41
N LEU O 147 -22.09 45.77 -6.80
CA LEU O 147 -21.51 44.64 -6.08
C LEU O 147 -21.24 43.45 -6.98
N SER O 148 -22.04 43.24 -8.01
CA SER O 148 -21.84 42.13 -8.93
C SER O 148 -22.55 42.45 -10.24
N ILE O 149 -21.90 42.07 -11.35
CA ILE O 149 -22.44 42.28 -12.69
C ILE O 149 -22.98 40.96 -13.20
N THR O 150 -24.22 40.98 -13.67
CA THR O 150 -24.88 39.80 -14.23
C THR O 150 -25.20 40.08 -15.69
N ILE O 151 -24.55 39.35 -16.59
CA ILE O 151 -24.82 39.46 -18.01
C ILE O 151 -25.67 38.26 -18.42
N GLY O 152 -26.90 38.52 -18.84
CA GLY O 152 -27.87 37.49 -19.11
C GLY O 152 -27.58 36.74 -20.40
N ARG O 153 -28.39 35.70 -20.63
CA ARG O 153 -28.28 34.90 -21.84
C ARG O 153 -28.60 35.69 -23.10
N ASP O 154 -29.50 36.67 -23.01
CA ASP O 154 -29.90 37.48 -24.15
C ASP O 154 -29.16 38.82 -24.20
N GLY O 155 -28.12 39.00 -23.40
CA GLY O 155 -27.33 40.22 -23.48
C GLY O 155 -27.73 41.30 -22.52
N VAL O 156 -28.66 41.03 -21.60
CA VAL O 156 -29.07 42.05 -20.64
C VAL O 156 -28.00 42.15 -19.55
N VAL O 157 -27.52 43.35 -19.31
CA VAL O 157 -26.51 43.61 -18.30
C VAL O 157 -27.18 44.28 -17.09
N SER O 158 -27.03 43.67 -15.92
CA SER O 158 -27.62 44.18 -14.69
C SER O 158 -26.56 44.30 -13.62
N VAL O 159 -26.76 45.24 -12.70
CA VAL O 159 -25.86 45.48 -11.59
C VAL O 159 -26.67 45.52 -10.30
N THR O 160 -26.13 44.90 -9.26
CA THR O 160 -26.78 44.88 -7.95
C THR O 160 -26.23 46.02 -7.11
N GLN O 161 -27.03 47.07 -6.96
CA GLN O 161 -26.63 48.22 -6.16
C GLN O 161 -26.79 47.94 -4.67
N GLN O 162 -26.12 48.76 -3.86
CA GLN O 162 -26.22 48.61 -2.41
C GLN O 162 -27.55 49.13 -1.90
N GLY O 163 -28.24 48.30 -1.12
CA GLY O 163 -29.49 48.70 -0.50
C GLY O 163 -30.68 48.72 -1.43
N GLN O 164 -30.49 48.26 -2.66
CA GLN O 164 -31.57 48.20 -3.65
C GLN O 164 -31.91 46.74 -3.89
N ALA O 165 -33.18 46.38 -3.70
CA ALA O 165 -33.60 44.99 -3.79
C ALA O 165 -33.68 44.48 -5.22
N ALA O 166 -33.79 45.40 -6.18
CA ALA O 166 -33.95 45.02 -7.58
C ALA O 166 -32.73 45.44 -8.37
N PRO O 167 -32.28 44.61 -9.30
CA PRO O 167 -31.15 44.98 -10.14
C PRO O 167 -31.52 46.06 -11.14
N VAL O 168 -30.51 46.85 -11.53
CA VAL O 168 -30.69 47.96 -12.45
C VAL O 168 -29.98 47.61 -13.76
N GLN O 169 -30.73 47.67 -14.86
CA GLN O 169 -30.18 47.39 -16.18
C GLN O 169 -29.45 48.63 -16.69
N VAL O 170 -28.20 48.44 -17.12
CA VAL O 170 -27.33 49.54 -17.52
C VAL O 170 -26.89 49.44 -18.97
N GLY O 171 -27.43 48.49 -19.72
CA GLY O 171 -27.07 48.35 -21.11
C GLY O 171 -27.57 47.03 -21.68
N GLN O 172 -27.27 46.84 -22.97
CA GLN O 172 -27.71 45.65 -23.69
C GLN O 172 -26.60 45.23 -24.63
N LEU O 173 -26.08 44.02 -24.44
CA LEU O 173 -25.00 43.50 -25.27
C LEU O 173 -25.59 42.79 -26.49
N ASN O 174 -25.30 43.30 -27.68
CA ASN O 174 -25.83 42.77 -28.93
C ASN O 174 -24.72 42.08 -29.71
N LEU O 175 -25.13 41.25 -30.67
CA LEU O 175 -24.19 40.50 -31.49
C LEU O 175 -24.38 40.83 -32.96
N THR O 176 -23.26 40.95 -33.68
CA THR O 176 -23.29 41.23 -35.11
C THR O 176 -22.93 39.98 -35.90
N THR O 177 -23.76 39.65 -36.87
CA THR O 177 -23.53 38.50 -37.74
C THR O 177 -23.35 38.97 -39.18
N PHE O 178 -22.50 38.24 -39.90
CA PHE O 178 -22.17 38.57 -41.28
C PHE O 178 -22.61 37.46 -42.22
N MET O 179 -22.92 37.84 -43.46
CA MET O 179 -23.21 36.86 -44.50
C MET O 179 -22.00 35.99 -44.77
N ASN O 180 -20.83 36.61 -44.93
CA ASN O 180 -19.58 35.92 -45.20
C ASN O 180 -18.60 36.23 -44.07
N ASP O 181 -18.49 35.31 -43.12
CA ASP O 181 -17.61 35.50 -41.99
C ASP O 181 -16.13 35.44 -42.35
N THR O 182 -15.79 34.75 -43.45
CA THR O 182 -14.39 34.61 -43.84
C THR O 182 -13.82 35.91 -44.38
N GLY O 183 -14.63 36.71 -45.08
CA GLY O 183 -14.16 37.90 -45.75
C GLY O 183 -13.73 39.04 -44.85
N LEU O 184 -13.96 38.94 -43.54
CA LEU O 184 -13.56 39.99 -42.62
C LEU O 184 -12.05 40.15 -42.63
N GLU O 185 -11.58 41.39 -42.54
CA GLU O 185 -10.16 41.66 -42.57
C GLU O 185 -9.63 41.79 -41.14
N SER O 186 -8.70 40.91 -40.77
CA SER O 186 -8.16 40.92 -39.41
C SER O 186 -7.12 42.02 -39.29
N ILE O 187 -7.25 42.85 -38.25
CA ILE O 187 -6.28 43.92 -37.99
C ILE O 187 -5.44 43.65 -36.76
N GLY O 188 -5.41 42.42 -36.26
CA GLY O 188 -4.69 42.10 -35.05
C GLY O 188 -5.49 42.42 -33.81
N GLU O 189 -4.90 42.06 -32.66
CA GLU O 189 -5.52 42.29 -31.36
C GLU O 189 -6.88 41.60 -31.26
N ASN O 190 -7.03 40.47 -31.96
CA ASN O 190 -8.29 39.74 -32.04
C ASN O 190 -9.42 40.61 -32.56
N LEU O 191 -9.15 41.44 -33.56
CA LEU O 191 -10.13 42.36 -34.11
C LEU O 191 -10.27 42.15 -35.61
N TYR O 192 -11.52 42.15 -36.08
CA TYR O 192 -11.83 42.09 -37.50
C TYR O 192 -12.60 43.34 -37.90
N ILE O 193 -12.34 43.83 -39.10
CA ILE O 193 -13.07 44.94 -39.67
C ILE O 193 -13.80 44.46 -40.91
N GLU O 194 -14.88 45.15 -41.25
CA GLU O 194 -15.73 44.76 -42.35
C GLU O 194 -15.13 45.19 -43.69
N THR O 195 -15.21 44.31 -44.68
CA THR O 195 -14.88 44.65 -46.06
C THR O 195 -16.10 44.48 -46.94
N GLN O 196 -15.94 44.65 -48.25
CA GLN O 196 -17.04 44.45 -49.17
C GLN O 196 -17.32 42.98 -49.45
N SER O 197 -16.38 42.09 -49.12
CA SER O 197 -16.60 40.67 -49.31
C SER O 197 -17.24 40.01 -48.10
N SER O 198 -17.42 40.76 -47.01
CA SER O 198 -18.02 40.21 -45.80
C SER O 198 -19.47 40.66 -45.66
N GLY O 199 -20.04 41.17 -46.75
CA GLY O 199 -21.42 41.63 -46.71
C GLY O 199 -21.57 42.85 -45.84
N ALA O 200 -22.66 42.90 -45.08
CA ALA O 200 -22.99 44.02 -44.22
C ALA O 200 -23.22 43.51 -42.81
N PRO O 201 -22.91 44.31 -41.79
CA PRO O 201 -23.08 43.84 -40.42
C PRO O 201 -24.55 43.83 -39.99
N ASN O 202 -25.05 42.66 -39.59
CA ASN O 202 -26.42 42.53 -39.14
C ASN O 202 -26.44 42.47 -37.62
N GLU O 203 -26.94 43.53 -36.99
CA GLU O 203 -27.11 43.55 -35.54
C GLU O 203 -28.29 42.70 -35.13
N SER O 204 -28.14 41.96 -34.03
CA SER O 204 -29.19 41.08 -33.56
C SER O 204 -29.03 40.86 -32.06
N THR O 205 -30.17 40.71 -31.40
CA THR O 205 -30.17 40.31 -30.00
C THR O 205 -29.69 38.86 -29.88
N PRO O 206 -28.92 38.54 -28.85
CA PRO O 206 -28.36 37.19 -28.73
C PRO O 206 -29.40 36.14 -28.36
N GLY O 207 -30.07 35.59 -29.38
CA GLY O 207 -31.14 34.63 -29.18
C GLY O 207 -32.18 34.72 -30.28
N LEU O 208 -32.07 35.77 -31.08
CA LEU O 208 -32.91 35.99 -32.25
C LEU O 208 -32.41 35.18 -33.44
N ASN O 209 -32.73 35.64 -34.64
CA ASN O 209 -32.75 34.89 -35.91
C ASN O 209 -31.50 34.07 -36.20
N GLY O 210 -30.51 34.09 -35.32
CA GLY O 210 -29.32 33.30 -35.57
C GLY O 210 -28.03 33.87 -35.02
N ALA O 211 -28.08 35.03 -34.36
CA ALA O 211 -26.96 35.44 -33.52
C ALA O 211 -26.85 34.49 -32.34
N GLY O 212 -25.62 34.23 -31.90
CA GLY O 212 -25.39 33.25 -30.86
C GLY O 212 -25.87 33.71 -29.51
N LEU O 213 -25.63 32.85 -28.51
CA LEU O 213 -25.98 33.15 -27.13
C LEU O 213 -24.71 33.53 -26.36
N LEU O 214 -24.91 34.28 -25.27
CA LEU O 214 -23.81 34.72 -24.43
C LEU O 214 -23.78 33.92 -23.14
N TYR O 215 -22.61 33.43 -22.78
CA TYR O 215 -22.40 32.71 -21.54
C TYR O 215 -21.47 33.51 -20.63
N GLN O 216 -21.93 33.77 -19.42
CA GLN O 216 -21.14 34.49 -18.43
C GLN O 216 -20.18 33.54 -17.71
N GLY O 217 -18.98 34.02 -17.45
CA GLY O 217 -17.96 33.20 -16.83
C GLY O 217 -17.27 32.23 -17.75
N TYR O 218 -17.57 32.27 -19.05
CA TYR O 218 -16.99 31.38 -20.04
C TYR O 218 -16.12 32.18 -21.01
N VAL O 219 -15.06 31.53 -21.47
CA VAL O 219 -14.20 32.09 -22.51
C VAL O 219 -14.07 31.07 -23.63
N GLU O 220 -14.15 31.55 -24.86
CA GLU O 220 -14.05 30.67 -26.02
C GLU O 220 -12.59 30.58 -26.44
N THR O 221 -12.01 29.39 -26.32
CA THR O 221 -10.62 29.17 -26.67
C THR O 221 -10.49 29.04 -28.18
N SER O 222 -9.26 28.86 -28.66
CA SER O 222 -9.02 28.73 -30.08
C SER O 222 -9.42 27.34 -30.56
N ASN O 223 -9.57 27.22 -31.88
CA ASN O 223 -9.89 25.95 -32.51
C ASN O 223 -8.66 25.22 -33.04
N VAL O 224 -7.47 25.70 -32.71
CA VAL O 224 -6.23 25.10 -33.18
C VAL O 224 -6.05 23.71 -32.57
N ASN O 225 -5.74 22.73 -33.41
CA ASN O 225 -5.49 21.36 -32.97
C ASN O 225 -4.01 21.05 -33.16
N VAL O 226 -3.32 20.76 -32.05
CA VAL O 226 -1.87 20.68 -32.08
C VAL O 226 -1.39 19.48 -32.91
N ALA O 227 -2.03 18.32 -32.74
CA ALA O 227 -1.58 17.12 -33.44
C ALA O 227 -1.73 17.27 -34.95
N GLU O 228 -2.84 17.86 -35.39
CA GLU O 228 -3.03 18.12 -36.82
C GLU O 228 -1.95 19.05 -37.36
N GLU O 229 -1.61 20.09 -36.61
CA GLU O 229 -0.55 21.00 -37.06
C GLU O 229 0.79 20.30 -37.11
N LEU O 230 1.08 19.40 -36.17
CA LEU O 230 2.36 18.68 -36.21
C LEU O 230 2.44 17.75 -37.42
N VAL O 231 1.36 17.02 -37.70
CA VAL O 231 1.36 16.14 -38.87
C VAL O 231 1.49 16.97 -40.15
N ASN O 232 0.76 18.08 -40.24
CA ASN O 232 0.89 18.96 -41.40
C ASN O 232 2.29 19.55 -41.51
N MET O 233 2.95 19.81 -40.37
CA MET O 233 4.33 20.27 -40.38
C MET O 233 5.23 19.22 -41.01
N ILE O 234 5.06 17.96 -40.62
CA ILE O 234 5.87 16.89 -41.22
C ILE O 234 5.66 16.83 -42.72
N GLN O 235 4.39 16.85 -43.15
CA GLN O 235 4.09 16.77 -44.58
C GLN O 235 4.67 17.95 -45.35
N VAL O 236 4.51 19.15 -44.77
CA VAL O 236 5.01 20.37 -45.46
C VAL O 236 6.53 20.28 -45.55
N GLN O 237 7.20 19.90 -44.47
CA GLN O 237 8.68 19.87 -44.51
C GLN O 237 9.10 18.97 -45.67
N ARG O 238 8.50 17.78 -45.75
CA ARG O 238 8.90 16.81 -46.82
C ARG O 238 8.68 17.45 -48.19
N ALA O 239 7.48 17.96 -48.43
CA ALA O 239 7.20 18.64 -49.71
C ALA O 239 8.30 19.67 -50.00
N TYR O 240 8.57 20.55 -49.03
CA TYR O 240 9.57 21.59 -49.25
C TYR O 240 10.92 20.98 -49.62
N GLU O 241 11.33 19.91 -48.93
CA GLU O 241 12.59 19.25 -49.26
C GLU O 241 12.55 18.68 -50.67
N ILE O 242 11.41 18.14 -51.08
CA ILE O 242 11.30 17.53 -52.41
C ILE O 242 11.35 18.60 -53.50
N ASN O 243 10.70 19.74 -53.27
CA ASN O 243 10.80 20.84 -54.22
C ASN O 243 12.23 21.37 -54.30
N SER O 244 12.94 21.40 -53.16
CA SER O 244 14.34 21.77 -53.18
C SER O 244 15.16 20.77 -53.99
N LYS O 245 14.83 19.48 -53.90
CA LYS O 245 15.47 18.49 -54.75
C LYS O 245 15.23 18.76 -56.22
N ALA O 246 14.01 19.16 -56.58
CA ALA O 246 13.73 19.52 -57.97
C ALA O 246 14.59 20.72 -58.42
N VAL O 247 14.72 21.73 -57.56
CA VAL O 247 15.57 22.87 -57.87
C VAL O 247 17.01 22.41 -58.10
N SER O 248 17.51 21.53 -57.22
CA SER O 248 18.88 21.05 -57.36
C SER O 248 19.07 20.25 -58.65
N THR O 249 18.07 19.45 -59.03
CA THR O 249 18.17 18.70 -60.27
C THR O 249 18.22 19.63 -61.48
N THR O 250 17.40 20.68 -61.48
CA THR O 250 17.46 21.66 -62.56
C THR O 250 18.83 22.34 -62.61
N ASP O 251 19.38 22.67 -61.42
CA ASP O 251 20.70 23.29 -61.37
C ASP O 251 21.77 22.36 -61.96
N GLN O 252 21.72 21.07 -61.62
CA GLN O 252 22.69 20.12 -62.16
C GLN O 252 22.55 19.97 -63.67
N MET O 253 21.32 19.95 -64.18
CA MET O 253 21.13 19.86 -65.63
C MET O 253 21.71 21.08 -66.33
N LEU O 254 21.44 22.28 -65.79
CA LEU O 254 22.01 23.48 -66.38
C LEU O 254 23.54 23.47 -66.30
N GLN O 255 24.10 22.97 -65.21
CA GLN O 255 25.55 22.86 -65.08
C GLN O 255 26.13 21.96 -66.17
N LYS O 256 25.58 20.75 -66.30
CA LYS O 256 26.07 19.81 -67.31
C LYS O 256 25.96 20.40 -68.71
N LEU O 257 24.90 21.18 -68.96
CA LEU O 257 24.80 21.89 -70.23
C LEU O 257 25.92 22.92 -70.36
N THR O 258 26.23 23.63 -69.28
CA THR O 258 27.21 24.71 -69.34
C THR O 258 28.59 24.18 -69.69
N GLN O 259 29.00 23.05 -69.09
CA GLN O 259 30.36 22.56 -69.36
C GLN O 259 30.49 21.90 -70.72
N LEU O 260 29.49 22.09 -71.59
CA LEU O 260 29.63 21.66 -72.98
C LEU O 260 30.64 22.53 -73.72
N SER P 2 18.28 -1.84 -66.14
CA SER P 2 18.21 -2.36 -64.78
C SER P 2 17.57 -1.34 -63.84
N PHE P 3 17.02 -0.27 -64.41
CA PHE P 3 16.35 0.74 -63.60
C PHE P 3 14.89 0.40 -63.40
N SER P 4 14.22 -0.08 -64.45
CA SER P 4 12.82 -0.47 -64.35
C SER P 4 12.64 -1.64 -63.39
N GLN P 5 13.61 -2.57 -63.38
CA GLN P 5 13.53 -3.72 -62.49
C GLN P 5 13.49 -3.30 -61.03
N ALA P 6 14.32 -2.34 -60.64
CA ALA P 6 14.34 -1.84 -59.27
C ALA P 6 13.16 -0.92 -58.97
N VAL P 7 12.70 -0.17 -59.97
CA VAL P 7 11.53 0.70 -59.81
C VAL P 7 10.31 -0.15 -59.50
N SER P 8 10.21 -1.31 -60.18
CA SER P 8 9.09 -2.21 -59.92
C SER P 8 9.11 -2.75 -58.50
N GLY P 9 10.30 -3.09 -58.01
CA GLY P 9 10.41 -3.54 -56.62
C GLY P 9 10.06 -2.45 -55.63
N LEU P 10 10.47 -1.21 -55.94
CA LEU P 10 10.10 -0.07 -55.10
C LEU P 10 8.59 0.10 -55.07
N ASN P 11 7.94 -0.02 -56.22
CA ASN P 11 6.49 0.09 -56.29
C ASN P 11 5.81 -1.04 -55.51
N ALA P 12 6.35 -2.25 -55.60
CA ALA P 12 5.78 -3.37 -54.84
C ALA P 12 5.89 -3.13 -53.33
N ALA P 13 7.06 -2.65 -52.88
CA ALA P 13 7.23 -2.34 -51.47
C ALA P 13 6.27 -1.23 -51.04
N ALA P 14 6.08 -0.23 -51.89
CA ALA P 14 5.14 0.85 -51.59
C ALA P 14 3.72 0.30 -51.47
N THR P 15 3.34 -0.61 -52.36
CA THR P 15 2.01 -1.23 -52.27
C THR P 15 1.85 -2.03 -50.98
N ASN P 16 2.89 -2.79 -50.61
CA ASN P 16 2.85 -3.53 -49.36
C ASN P 16 2.65 -2.60 -48.17
N LEU P 17 3.38 -1.48 -48.16
CA LEU P 17 3.28 -0.55 -47.06
C LEU P 17 1.94 0.17 -47.05
N ASP P 18 1.38 0.42 -48.25
CA ASP P 18 0.03 0.96 -48.33
C ASP P 18 -0.98 0.01 -47.70
N VAL P 19 -0.86 -1.28 -48.00
CA VAL P 19 -1.77 -2.28 -47.43
C VAL P 19 -1.61 -2.33 -45.93
N ILE P 20 -0.37 -2.31 -45.44
CA ILE P 20 -0.12 -2.37 -44.00
C ILE P 20 -0.70 -1.14 -43.31
N GLY P 21 -0.51 0.04 -43.90
CA GLY P 21 -1.07 1.25 -43.31
C GLY P 21 -2.59 1.25 -43.29
N ASN P 22 -3.21 0.76 -44.38
CA ASN P 22 -4.66 0.67 -44.41
C ASN P 22 -5.17 -0.31 -43.36
N ASN P 23 -4.48 -1.43 -43.18
CA ASN P 23 -4.87 -2.38 -42.15
C ASN P 23 -4.74 -1.78 -40.76
N ILE P 24 -3.66 -1.04 -40.52
CA ILE P 24 -3.44 -0.43 -39.21
C ILE P 24 -4.50 0.62 -38.92
N ALA P 25 -4.83 1.46 -39.91
CA ALA P 25 -5.80 2.52 -39.70
C ALA P 25 -7.17 1.97 -39.35
N ASN P 26 -7.48 0.75 -39.80
CA ASN P 26 -8.75 0.09 -39.49
C ASN P 26 -8.62 -0.91 -38.35
N SER P 27 -7.79 -0.63 -37.35
CA SER P 27 -7.59 -1.52 -36.21
C SER P 27 -8.90 -1.72 -35.46
N ALA P 28 -9.65 -0.63 -35.28
CA ALA P 28 -10.94 -0.66 -34.58
C ALA P 28 -12.01 -0.19 -35.56
N THR P 29 -12.53 -1.13 -36.36
CA THR P 29 -13.56 -0.85 -37.37
C THR P 29 -14.36 -2.15 -37.55
N TYR P 30 -15.60 -2.13 -37.05
CA TYR P 30 -16.46 -3.31 -37.09
C TYR P 30 -16.69 -3.80 -38.52
N GLY P 31 -16.55 -5.09 -38.73
CA GLY P 31 -16.76 -5.68 -40.04
C GLY P 31 -15.61 -5.51 -41.01
N PHE P 32 -14.45 -5.06 -40.56
CA PHE P 32 -13.29 -4.88 -41.43
C PHE P 32 -12.54 -6.19 -41.56
N LYS P 33 -12.18 -6.54 -42.79
CA LYS P 33 -11.31 -7.67 -43.08
C LYS P 33 -10.02 -7.14 -43.70
N SER P 34 -8.89 -7.56 -43.14
CA SER P 34 -7.59 -7.05 -43.57
C SER P 34 -7.30 -7.44 -45.01
N GLY P 35 -6.34 -6.74 -45.62
CA GLY P 35 -5.93 -7.01 -46.98
C GLY P 35 -4.51 -7.56 -47.01
N THR P 36 -4.18 -8.27 -48.08
CA THR P 36 -2.84 -8.82 -48.29
C THR P 36 -2.50 -8.75 -49.76
N ALA P 37 -1.31 -8.23 -50.08
CA ALA P 37 -0.88 -8.08 -51.46
C ALA P 37 -0.03 -9.26 -51.88
N SER P 38 -0.33 -9.82 -53.05
CA SER P 38 0.42 -10.95 -53.60
C SER P 38 1.18 -10.50 -54.84
N PHE P 39 2.42 -10.97 -54.95
CA PHE P 39 3.31 -10.55 -56.03
C PHE P 39 3.71 -11.74 -56.89
N ALA P 40 3.95 -11.47 -58.17
CA ALA P 40 4.42 -12.46 -59.12
C ALA P 40 5.42 -11.80 -60.06
N ASP P 41 6.50 -12.53 -60.36
CA ASP P 41 7.55 -11.99 -61.21
C ASP P 41 7.07 -11.89 -62.66
N MET P 42 7.85 -11.18 -63.47
CA MET P 42 7.49 -10.87 -64.85
C MET P 42 8.59 -11.34 -65.79
N PHE P 43 9.05 -12.58 -65.61
CA PHE P 43 10.10 -13.14 -66.46
C PHE P 43 9.64 -13.15 -67.92
N ALA P 44 10.54 -12.79 -68.83
CA ALA P 44 10.15 -12.65 -70.23
C ALA P 44 10.40 -13.95 -71.00
N GLY P 45 11.65 -14.38 -71.05
CA GLY P 45 12.00 -15.62 -71.73
C GLY P 45 13.09 -16.37 -70.99
N SER P 46 13.16 -16.16 -69.68
CA SER P 46 14.23 -16.67 -68.81
C SER P 46 15.57 -16.03 -69.17
N LYS P 47 16.54 -16.14 -68.27
CA LYS P 47 17.89 -15.59 -68.37
C LYS P 47 17.89 -14.07 -68.20
N VAL P 48 16.73 -13.42 -68.18
CA VAL P 48 16.61 -11.98 -67.96
C VAL P 48 15.37 -11.70 -67.12
N GLY P 49 15.47 -10.78 -66.17
CA GLY P 49 14.33 -10.40 -65.38
C GLY P 49 13.76 -9.05 -65.78
N LEU P 50 12.46 -8.88 -65.55
CA LEU P 50 11.78 -7.63 -65.85
C LEU P 50 11.29 -6.90 -64.60
N GLY P 51 11.32 -7.56 -63.43
CA GLY P 51 10.91 -6.94 -62.20
C GLY P 51 9.87 -7.78 -61.49
N VAL P 52 8.89 -7.09 -60.88
CA VAL P 52 7.79 -7.76 -60.11
C VAL P 52 6.44 -7.21 -60.56
N LYS P 53 5.33 -7.86 -60.16
CA LYS P 53 3.97 -7.35 -60.49
C LYS P 53 3.06 -7.64 -59.29
N VAL P 54 2.17 -6.71 -58.95
CA VAL P 54 1.28 -6.90 -57.77
C VAL P 54 0.09 -7.76 -58.21
N ALA P 55 0.31 -9.06 -58.40
CA ALA P 55 -0.76 -9.98 -58.86
C ALA P 55 -2.12 -9.44 -58.46
N GLY P 56 -2.36 -9.36 -57.15
CA GLY P 56 -3.65 -8.89 -56.68
C GLY P 56 -3.57 -8.53 -55.21
N ILE P 57 -4.70 -8.04 -54.70
CA ILE P 57 -4.86 -7.75 -53.28
C ILE P 57 -6.09 -8.52 -52.79
N THR P 58 -5.85 -9.46 -51.89
CA THR P 58 -6.88 -10.37 -51.42
C THR P 58 -7.30 -10.04 -50.00
N GLN P 59 -8.60 -10.09 -49.76
CA GLN P 59 -9.16 -9.90 -48.43
C GLN P 59 -8.95 -11.15 -47.59
N ASP P 60 -8.92 -10.95 -46.27
CA ASP P 60 -8.76 -12.04 -45.32
C ASP P 60 -10.10 -12.24 -44.62
N PHE P 61 -10.93 -13.12 -45.18
CA PHE P 61 -12.30 -13.31 -44.71
C PHE P 61 -12.38 -14.36 -43.59
N THR P 62 -11.72 -14.08 -42.47
CA THR P 62 -11.87 -14.90 -41.28
C THR P 62 -12.74 -14.16 -40.26
N ASP P 63 -13.45 -14.93 -39.44
CA ASP P 63 -14.33 -14.33 -38.45
C ASP P 63 -13.52 -13.57 -37.40
N GLY P 64 -13.92 -12.33 -37.15
CA GLY P 64 -13.22 -11.50 -36.19
C GLY P 64 -13.78 -11.62 -34.79
N THR P 65 -13.39 -10.66 -33.95
CA THR P 65 -13.87 -10.61 -32.59
C THR P 65 -15.37 -10.32 -32.53
N THR P 66 -16.05 -10.96 -31.59
CA THR P 66 -17.43 -10.65 -31.27
C THR P 66 -17.46 -9.89 -29.95
N THR P 67 -17.95 -8.65 -29.98
CA THR P 67 -17.92 -7.78 -28.82
C THR P 67 -19.34 -7.37 -28.46
N ASN P 68 -19.71 -7.58 -27.20
CA ASN P 68 -21.03 -7.17 -26.73
C ASN P 68 -21.13 -5.65 -26.69
N THR P 69 -22.27 -5.12 -27.10
CA THR P 69 -22.48 -3.68 -27.16
C THR P 69 -23.62 -3.21 -26.26
N GLY P 70 -24.58 -4.06 -25.94
CA GLY P 70 -25.71 -3.67 -25.12
C GLY P 70 -26.86 -3.04 -25.85
N ARG P 71 -26.75 -2.84 -27.17
CA ARG P 71 -27.85 -2.31 -27.97
C ARG P 71 -28.53 -3.46 -28.69
N GLY P 72 -29.85 -3.39 -28.82
CA GLY P 72 -30.61 -4.48 -29.42
C GLY P 72 -30.56 -4.51 -30.94
N LEU P 73 -30.02 -3.48 -31.59
CA LEU P 73 -30.05 -3.40 -33.05
C LEU P 73 -28.72 -3.72 -33.71
N ASP P 74 -27.74 -4.23 -32.98
CA ASP P 74 -26.51 -4.71 -33.60
C ASP P 74 -26.52 -6.23 -33.68
N VAL P 75 -26.20 -6.77 -34.85
CA VAL P 75 -26.22 -8.20 -35.09
C VAL P 75 -24.83 -8.62 -35.57
N ALA P 76 -24.31 -9.70 -34.99
CA ALA P 76 -23.03 -10.25 -35.37
C ALA P 76 -23.23 -11.56 -36.13
N ILE P 77 -22.49 -11.71 -37.22
CA ILE P 77 -22.60 -12.88 -38.07
C ILE P 77 -21.39 -13.78 -37.82
N SER P 78 -21.58 -14.83 -37.04
CA SER P 78 -20.57 -15.86 -36.92
C SER P 78 -20.56 -16.72 -38.18
N GLN P 79 -19.40 -17.28 -38.49
CA GLN P 79 -19.23 -18.15 -39.68
C GLN P 79 -19.52 -17.32 -40.92
N ASN P 80 -20.06 -17.95 -41.97
CA ASN P 80 -20.28 -17.27 -43.23
C ASN P 80 -21.60 -16.51 -43.23
N GLY P 81 -21.69 -15.52 -44.11
CA GLY P 81 -22.90 -14.75 -44.28
C GLY P 81 -22.60 -13.28 -44.51
N PHE P 82 -23.47 -12.62 -45.28
CA PHE P 82 -23.36 -11.20 -45.57
C PHE P 82 -24.74 -10.56 -45.50
N PHE P 83 -24.83 -9.42 -44.82
CA PHE P 83 -26.05 -8.64 -44.83
C PHE P 83 -26.24 -8.00 -46.20
N ARG P 84 -27.48 -7.99 -46.69
CA ARG P 84 -27.82 -7.48 -48.02
C ARG P 84 -28.45 -6.10 -47.89
N LEU P 85 -27.91 -5.13 -48.62
CA LEU P 85 -28.36 -3.74 -48.57
C LEU P 85 -28.68 -3.23 -49.96
N VAL P 86 -29.54 -2.21 -50.03
CA VAL P 86 -29.80 -1.47 -51.26
C VAL P 86 -29.62 0.02 -50.98
N ASP P 87 -28.92 0.68 -51.88
CA ASP P 87 -28.66 2.11 -51.76
C ASP P 87 -29.82 2.91 -52.39
N SER P 88 -29.62 4.22 -52.49
CA SER P 88 -30.65 5.08 -53.09
C SER P 88 -30.81 4.83 -54.58
N ASN P 89 -29.76 4.37 -55.27
CA ASN P 89 -29.82 4.09 -56.69
C ASN P 89 -30.56 2.79 -56.97
N GLY P 90 -30.48 1.82 -56.07
CA GLY P 90 -31.07 0.51 -56.30
C GLY P 90 -30.08 -0.61 -56.51
N SER P 91 -28.78 -0.32 -56.43
CA SER P 91 -27.78 -1.37 -56.53
C SER P 91 -27.79 -2.22 -55.26
N VAL P 92 -27.36 -3.47 -55.39
CA VAL P 92 -27.34 -4.42 -54.29
C VAL P 92 -25.91 -4.49 -53.75
N PHE P 93 -25.78 -4.37 -52.43
CA PHE P 93 -24.49 -4.40 -51.75
C PHE P 93 -24.54 -5.42 -50.62
N TYR P 94 -23.37 -5.78 -50.12
CA TYR P 94 -23.25 -6.75 -49.05
C TYR P 94 -22.24 -6.26 -48.02
N SER P 95 -22.57 -6.45 -46.74
CA SER P 95 -21.77 -5.89 -45.66
C SER P 95 -21.85 -6.79 -44.43
N ARG P 96 -20.74 -6.88 -43.71
CA ARG P 96 -20.67 -7.64 -42.46
C ARG P 96 -20.93 -6.76 -41.23
N ASN P 97 -20.97 -5.44 -41.38
CA ASN P 97 -21.18 -4.55 -40.25
C ASN P 97 -22.65 -4.58 -39.84
N GLY P 98 -22.91 -5.01 -38.61
CA GLY P 98 -24.28 -5.17 -38.15
C GLY P 98 -24.82 -4.00 -37.34
N GLN P 99 -24.14 -2.86 -37.41
CA GLN P 99 -24.59 -1.67 -36.68
C GLN P 99 -25.75 -1.04 -37.44
N PHE P 100 -26.98 -1.40 -37.07
CA PHE P 100 -28.17 -0.97 -37.78
C PHE P 100 -28.91 0.09 -36.97
N LYS P 101 -29.67 0.91 -37.68
CA LYS P 101 -30.45 1.98 -37.05
C LYS P 101 -31.72 2.22 -37.86
N LEU P 102 -32.67 2.89 -37.22
CA LEU P 102 -33.95 3.22 -37.84
C LEU P 102 -33.96 4.69 -38.23
N ASP P 103 -34.54 4.99 -39.39
CA ASP P 103 -34.70 6.37 -39.83
C ASP P 103 -36.16 6.81 -39.69
N GLU P 104 -36.47 8.00 -40.23
CA GLU P 104 -37.86 8.47 -40.21
C GLU P 104 -38.79 7.53 -40.97
N ASN P 105 -38.35 7.00 -42.11
CA ASN P 105 -39.17 6.12 -42.93
C ASN P 105 -39.31 4.73 -42.35
N ARG P 106 -38.88 4.51 -41.10
CA ARG P 106 -39.01 3.25 -40.39
C ARG P 106 -38.28 2.10 -41.08
N ASN P 107 -37.23 2.39 -41.85
CA ASN P 107 -36.43 1.35 -42.48
C ASN P 107 -35.18 1.08 -41.67
N LEU P 108 -34.78 -0.18 -41.62
CA LEU P 108 -33.53 -0.57 -40.99
C LEU P 108 -32.39 -0.23 -41.95
N VAL P 109 -31.54 0.72 -41.56
CA VAL P 109 -30.46 1.19 -42.42
C VAL P 109 -29.14 1.06 -41.68
N ASN P 110 -28.05 1.13 -42.44
CA ASN P 110 -26.71 1.09 -41.88
C ASN P 110 -26.32 2.52 -41.48
N MET P 111 -25.09 2.70 -41.00
CA MET P 111 -24.64 4.03 -40.62
C MET P 111 -24.58 4.97 -41.82
N GLN P 112 -24.50 4.43 -43.03
CA GLN P 112 -24.47 5.24 -44.24
C GLN P 112 -25.84 5.37 -44.91
N GLY P 113 -26.90 4.90 -44.26
CA GLY P 113 -28.24 5.07 -44.79
C GLY P 113 -28.70 4.02 -45.78
N MET P 114 -27.88 3.01 -46.07
CA MET P 114 -28.31 1.96 -46.98
C MET P 114 -29.31 1.04 -46.29
N GLN P 115 -30.45 0.81 -46.94
CA GLN P 115 -31.56 0.08 -46.35
C GLN P 115 -31.23 -1.40 -46.24
N LEU P 116 -31.51 -1.99 -45.09
CA LEU P 116 -31.37 -3.43 -44.92
C LEU P 116 -32.59 -4.14 -45.47
N THR P 117 -32.36 -5.20 -46.23
CA THR P 117 -33.41 -5.97 -46.87
C THR P 117 -33.55 -7.36 -46.25
N GLY P 118 -34.64 -8.01 -46.59
CA GLY P 118 -34.91 -9.35 -46.13
C GLY P 118 -36.19 -9.87 -46.71
N TYR P 119 -36.49 -11.11 -46.39
CA TYR P 119 -37.76 -11.68 -46.83
C TYR P 119 -38.90 -11.03 -46.05
N PRO P 120 -39.83 -10.36 -46.72
CA PRO P 120 -40.88 -9.64 -45.99
C PRO P 120 -41.99 -10.57 -45.53
N ALA P 121 -42.79 -10.07 -44.59
CA ALA P 121 -43.92 -10.81 -44.07
C ALA P 121 -45.21 -10.26 -44.65
N THR P 122 -45.91 -11.10 -45.43
CA THR P 122 -47.14 -10.70 -46.09
C THR P 122 -48.21 -11.76 -45.82
N GLY P 123 -49.46 -11.32 -45.87
CA GLY P 123 -50.57 -12.20 -45.60
C GLY P 123 -51.19 -11.98 -44.24
N THR P 124 -52.20 -12.78 -43.95
CA THR P 124 -52.92 -12.70 -42.69
C THR P 124 -52.99 -14.07 -42.04
N PRO P 125 -52.17 -14.34 -41.01
CA PRO P 125 -51.16 -13.46 -40.41
C PRO P 125 -49.93 -13.30 -41.30
N PRO P 126 -49.16 -12.23 -41.12
CA PRO P 126 -47.97 -12.03 -41.97
C PRO P 126 -46.97 -13.17 -41.79
N THR P 127 -46.62 -13.79 -42.92
CA THR P 127 -45.70 -14.92 -42.93
C THR P 127 -44.59 -14.66 -43.93
N ILE P 128 -43.46 -15.32 -43.72
CA ILE P 128 -42.28 -15.09 -44.55
C ILE P 128 -42.50 -15.73 -45.92
N GLN P 129 -42.29 -14.94 -46.98
CA GLN P 129 -42.40 -15.42 -48.35
C GLN P 129 -40.99 -15.69 -48.88
N GLN P 130 -40.52 -16.91 -48.67
CA GLN P 130 -39.19 -17.30 -49.15
C GLN P 130 -39.10 -17.28 -50.67
N GLY P 131 -40.24 -17.40 -51.36
CA GLY P 131 -40.26 -17.35 -52.81
C GLY P 131 -40.32 -15.98 -53.42
N ALA P 132 -40.37 -14.91 -52.59
CA ALA P 132 -40.41 -13.58 -53.25
C ALA P 132 -39.11 -12.77 -53.10
N ASN P 133 -38.71 -12.06 -54.15
CA ASN P 133 -37.45 -11.27 -54.14
C ASN P 133 -37.34 -10.39 -52.89
N PRO P 134 -36.16 -10.34 -52.24
CA PRO P 134 -35.97 -9.48 -51.08
C PRO P 134 -36.42 -8.02 -51.16
N ALA P 135 -36.92 -7.45 -50.05
CA ALA P 135 -37.32 -6.05 -49.98
C ALA P 135 -36.78 -5.44 -48.69
N PRO P 136 -36.59 -4.13 -48.66
CA PRO P 136 -36.07 -3.49 -47.44
C PRO P 136 -36.95 -3.75 -46.23
N ILE P 137 -36.32 -3.99 -45.09
CA ILE P 137 -37.04 -4.31 -43.88
C ILE P 137 -37.53 -3.02 -43.23
N THR P 138 -38.82 -2.95 -42.95
CA THR P 138 -39.45 -1.77 -42.38
C THR P 138 -40.19 -2.14 -41.10
N ILE P 139 -40.04 -1.31 -40.07
CA ILE P 139 -40.77 -1.51 -38.83
C ILE P 139 -41.75 -0.34 -38.72
N PRO P 140 -42.96 -0.46 -39.29
CA PRO P 140 -43.87 0.68 -39.30
C PRO P 140 -44.36 1.03 -37.91
N ASN P 141 -44.65 2.31 -37.71
CA ASN P 141 -45.20 2.83 -36.46
C ASN P 141 -46.72 2.64 -36.42
N THR P 142 -47.32 2.33 -37.56
CA THR P 142 -48.78 2.22 -37.65
C THR P 142 -49.30 1.13 -36.71
N LEU P 143 -50.47 1.41 -36.14
CA LEU P 143 -51.06 0.50 -35.16
C LEU P 143 -51.51 -0.80 -35.82
N MET P 144 -51.71 -1.82 -34.99
CA MET P 144 -52.19 -3.12 -35.43
C MET P 144 -53.71 -3.15 -35.29
N ALA P 145 -54.38 -3.52 -36.37
CA ALA P 145 -55.84 -3.51 -36.41
C ALA P 145 -56.39 -4.64 -35.55
N ALA P 146 -57.71 -4.75 -35.46
CA ALA P 146 -58.36 -5.77 -34.67
C ALA P 146 -58.84 -6.91 -35.57
N LYS P 147 -58.79 -8.13 -35.04
CA LYS P 147 -59.18 -9.32 -35.76
C LYS P 147 -60.34 -9.99 -35.05
N SER P 148 -61.41 -10.27 -35.79
CA SER P 148 -62.54 -10.98 -35.23
C SER P 148 -62.16 -12.43 -34.95
N THR P 149 -62.49 -12.91 -33.75
CA THR P 149 -62.16 -14.28 -33.39
C THR P 149 -62.94 -15.26 -34.27
N THR P 150 -62.22 -16.19 -34.89
CA THR P 150 -62.82 -17.19 -35.75
C THR P 150 -62.59 -18.62 -35.30
N THR P 151 -61.76 -18.84 -34.28
CA THR P 151 -61.49 -20.18 -33.77
C THR P 151 -61.23 -20.11 -32.27
N ALA P 152 -61.91 -20.97 -31.52
CA ALA P 152 -61.69 -21.06 -30.08
C ALA P 152 -61.50 -22.53 -29.72
N SER P 153 -60.63 -22.78 -28.75
CA SER P 153 -60.32 -24.13 -28.31
C SER P 153 -60.38 -24.21 -26.79
N MET P 154 -61.07 -25.24 -26.30
CA MET P 154 -61.24 -25.44 -24.87
C MET P 154 -60.89 -26.88 -24.54
N GLN P 155 -59.76 -27.07 -23.86
CA GLN P 155 -59.38 -28.37 -23.31
C GLN P 155 -59.75 -28.39 -21.83
N ILE P 156 -60.71 -29.24 -21.48
CA ILE P 156 -61.22 -29.33 -20.12
C ILE P 156 -61.29 -30.80 -19.72
N ASN P 157 -60.87 -31.08 -18.48
CA ASN P 157 -60.95 -32.42 -17.91
C ASN P 157 -62.11 -32.47 -16.93
N LEU P 158 -62.99 -33.46 -17.09
CA LEU P 158 -64.24 -33.51 -16.36
C LEU P 158 -64.27 -34.70 -15.41
N ASN P 159 -64.97 -34.54 -14.29
CA ASN P 159 -65.08 -35.60 -13.29
C ASN P 159 -66.16 -36.60 -13.71
N SER P 160 -65.87 -37.88 -13.55
CA SER P 160 -66.84 -38.91 -13.89
C SER P 160 -67.94 -39.03 -12.86
N THR P 161 -67.66 -38.66 -11.61
CA THR P 161 -68.61 -38.82 -10.52
C THR P 161 -69.55 -37.63 -10.35
N ASP P 162 -69.55 -36.68 -11.28
CA ASP P 162 -70.42 -35.53 -11.16
C ASP P 162 -71.88 -35.97 -11.23
N PRO P 163 -72.71 -35.56 -10.27
CA PRO P 163 -74.11 -35.97 -10.28
C PRO P 163 -74.92 -35.18 -11.29
N VAL P 164 -75.91 -35.86 -11.87
CA VAL P 164 -76.82 -35.23 -12.83
C VAL P 164 -77.80 -34.34 -12.09
N PRO P 165 -77.85 -33.04 -12.40
CA PRO P 165 -78.86 -32.18 -11.76
C PRO P 165 -80.26 -32.62 -12.13
N SER P 166 -81.16 -32.60 -11.14
CA SER P 166 -82.54 -33.00 -11.38
C SER P 166 -83.46 -31.79 -11.50
N LYS P 167 -83.06 -30.65 -10.92
CA LYS P 167 -83.91 -29.47 -10.88
C LYS P 167 -83.94 -28.72 -12.21
N THR P 168 -84.59 -29.30 -13.21
CA THR P 168 -84.82 -28.59 -14.46
C THR P 168 -85.87 -27.50 -14.23
N PRO P 169 -85.83 -26.41 -15.02
CA PRO P 169 -84.90 -26.10 -16.11
C PRO P 169 -83.62 -25.43 -15.62
N PHE P 170 -82.68 -25.19 -16.54
CA PHE P 170 -81.43 -24.53 -16.20
C PHE P 170 -81.69 -23.07 -15.85
N SER P 171 -81.12 -22.63 -14.72
CA SER P 171 -81.25 -21.25 -14.26
C SER P 171 -79.89 -20.76 -13.82
N VAL P 172 -79.54 -19.53 -14.23
CA VAL P 172 -78.23 -18.97 -13.92
C VAL P 172 -78.13 -18.67 -12.43
N SER P 173 -79.26 -18.33 -11.80
CA SER P 173 -79.24 -17.98 -10.37
C SER P 173 -78.79 -19.16 -9.51
N ASP P 174 -79.27 -20.36 -9.83
CA ASP P 174 -78.92 -21.56 -9.07
C ASP P 174 -77.67 -22.18 -9.67
N ALA P 175 -76.64 -22.35 -8.85
CA ALA P 175 -75.36 -22.87 -9.35
C ALA P 175 -75.45 -24.37 -9.61
N ASP P 176 -76.39 -25.05 -8.95
CA ASP P 176 -76.50 -26.51 -9.09
C ASP P 176 -77.10 -26.90 -10.43
N SER P 177 -77.58 -25.91 -11.18
CA SER P 177 -78.16 -26.14 -12.50
C SER P 177 -77.12 -26.45 -13.56
N TYR P 178 -75.83 -26.32 -13.25
CA TYR P 178 -74.75 -26.65 -14.17
C TYR P 178 -73.65 -27.34 -13.39
N ASN P 179 -72.91 -28.20 -14.09
CA ASN P 179 -71.83 -28.95 -13.46
C ASN P 179 -70.50 -28.20 -13.49
N LYS P 180 -70.19 -27.51 -14.59
CA LYS P 180 -68.93 -26.78 -14.68
C LYS P 180 -69.16 -25.52 -15.51
N LYS P 181 -68.33 -24.51 -15.30
CA LYS P 181 -68.39 -23.27 -16.06
C LYS P 181 -67.01 -22.89 -16.59
N GLY P 182 -67.00 -22.17 -17.72
CA GLY P 182 -65.79 -21.61 -18.24
C GLY P 182 -66.07 -20.26 -18.89
N THR P 183 -65.01 -19.45 -18.99
CA THR P 183 -65.13 -18.12 -19.57
C THR P 183 -64.13 -17.99 -20.71
N VAL P 184 -64.61 -17.53 -21.86
CA VAL P 184 -63.76 -17.34 -23.04
C VAL P 184 -63.87 -15.88 -23.48
N THR P 185 -62.73 -15.25 -23.72
CA THR P 185 -62.68 -13.87 -24.19
C THR P 185 -62.47 -13.86 -25.69
N VAL P 186 -63.49 -13.48 -26.45
CA VAL P 186 -63.39 -13.40 -27.89
C VAL P 186 -63.53 -11.94 -28.32
N TYR P 187 -63.21 -11.67 -29.58
CA TYR P 187 -63.21 -10.32 -30.12
C TYR P 187 -63.89 -10.30 -31.48
N ASP P 188 -64.59 -9.20 -31.76
CA ASP P 188 -65.14 -8.98 -33.08
C ASP P 188 -64.15 -8.13 -33.90
N SER P 189 -64.53 -7.74 -35.11
CA SER P 189 -63.64 -7.00 -35.97
C SER P 189 -63.37 -5.59 -35.46
N GLN P 190 -64.31 -4.99 -34.73
CA GLN P 190 -64.17 -3.61 -34.28
C GLN P 190 -63.49 -3.48 -32.93
N GLY P 191 -63.10 -4.57 -32.29
CA GLY P 191 -62.30 -4.49 -31.09
C GLY P 191 -63.04 -4.60 -29.78
N ASN P 192 -64.34 -4.88 -29.81
CA ASN P 192 -65.08 -5.08 -28.57
C ASN P 192 -64.89 -6.51 -28.06
N ALA P 193 -64.76 -6.64 -26.75
CA ALA P 193 -64.52 -7.94 -26.12
C ALA P 193 -65.83 -8.57 -25.69
N HIS P 194 -65.95 -9.88 -25.92
CA HIS P 194 -67.10 -10.67 -25.50
C HIS P 194 -66.61 -11.70 -24.48
N ASP P 195 -67.23 -11.68 -23.30
CA ASP P 195 -66.89 -12.60 -22.21
C ASP P 195 -67.95 -13.70 -22.18
N MET P 196 -67.78 -14.71 -23.04
CA MET P 196 -68.81 -15.73 -23.21
C MET P 196 -68.61 -16.82 -22.15
N ASN P 197 -69.70 -17.15 -21.46
CA ASN P 197 -69.68 -18.20 -20.46
C ASN P 197 -70.24 -19.49 -21.04
N VAL P 198 -69.52 -20.59 -20.85
CA VAL P 198 -69.89 -21.90 -21.35
C VAL P 198 -70.17 -22.79 -20.14
N TYR P 199 -71.37 -23.35 -20.10
CA TYR P 199 -71.83 -24.18 -18.98
C TYR P 199 -71.95 -25.63 -19.43
N PHE P 200 -71.41 -26.54 -18.63
CA PHE P 200 -71.51 -27.97 -18.85
C PHE P 200 -72.44 -28.54 -17.78
N VAL P 201 -73.47 -29.26 -18.20
CA VAL P 201 -74.38 -29.93 -17.30
C VAL P 201 -74.50 -31.39 -17.74
N LYS P 202 -74.17 -32.31 -16.86
CA LYS P 202 -74.21 -33.73 -17.21
C LYS P 202 -75.65 -34.21 -17.29
N THR P 203 -76.11 -34.52 -18.49
CA THR P 203 -77.49 -34.99 -18.68
C THR P 203 -77.66 -36.45 -18.31
N LYS P 204 -76.76 -37.30 -18.77
CA LYS P 204 -76.75 -38.72 -18.42
C LYS P 204 -75.30 -39.19 -18.42
N ASP P 205 -75.09 -40.50 -18.36
CA ASP P 205 -73.74 -41.03 -18.27
C ASP P 205 -72.98 -40.76 -19.56
N ASN P 206 -71.79 -40.19 -19.41
CA ASN P 206 -70.88 -39.86 -20.51
C ASN P 206 -71.48 -38.85 -21.50
N GLU P 207 -72.55 -38.15 -21.13
CA GLU P 207 -73.21 -37.19 -22.01
C GLU P 207 -73.43 -35.90 -21.24
N TRP P 208 -72.75 -34.83 -21.68
CA TRP P 208 -72.84 -33.54 -21.01
C TRP P 208 -73.34 -32.49 -22.00
N ALA P 209 -74.50 -31.90 -21.71
CA ALA P 209 -74.99 -30.80 -22.52
C ALA P 209 -74.20 -29.54 -22.24
N VAL P 210 -74.08 -28.70 -23.26
CA VAL P 210 -73.26 -27.49 -23.21
C VAL P 210 -74.12 -26.31 -23.65
N TYR P 211 -74.18 -25.28 -22.80
CA TYR P 211 -74.84 -24.02 -23.08
C TYR P 211 -73.80 -22.92 -23.24
N THR P 212 -74.10 -21.94 -24.08
CA THR P 212 -73.24 -20.78 -24.30
C THR P 212 -74.05 -19.50 -24.12
N HIS P 213 -73.51 -18.56 -23.34
CA HIS P 213 -74.21 -17.30 -23.10
C HIS P 213 -73.21 -16.14 -23.22
N ASP P 214 -73.56 -15.13 -24.00
CA ASP P 214 -72.71 -13.96 -24.16
C ASP P 214 -73.06 -12.95 -23.07
N SER P 215 -72.25 -12.93 -22.00
CA SER P 215 -72.48 -12.02 -20.90
C SER P 215 -72.13 -10.57 -21.24
N SER P 216 -71.32 -10.34 -22.26
CA SER P 216 -70.94 -8.98 -22.64
C SER P 216 -72.05 -8.23 -23.34
N ASP P 217 -73.06 -8.92 -23.85
CA ASP P 217 -74.18 -8.27 -24.50
C ASP P 217 -75.37 -8.25 -23.54
N PRO P 218 -75.70 -7.09 -22.98
CA PRO P 218 -76.81 -7.04 -22.01
C PRO P 218 -78.19 -7.20 -22.63
N ALA P 219 -78.33 -7.07 -23.95
CA ALA P 219 -79.61 -7.18 -24.62
C ALA P 219 -79.81 -8.55 -25.27
N ALA P 220 -78.85 -9.47 -25.10
CA ALA P 220 -78.99 -10.79 -25.69
C ALA P 220 -80.01 -11.62 -24.92
N THR P 221 -80.76 -12.43 -25.64
CA THR P 221 -81.74 -13.32 -25.04
C THR P 221 -81.04 -14.44 -24.29
N ALA P 222 -81.51 -14.73 -23.08
CA ALA P 222 -80.91 -15.77 -22.25
C ALA P 222 -81.13 -17.13 -22.90
N PRO P 223 -80.08 -17.91 -23.14
CA PRO P 223 -80.25 -19.22 -23.80
C PRO P 223 -80.96 -20.21 -22.89
N THR P 224 -82.00 -20.84 -23.42
CA THR P 224 -82.72 -21.89 -22.70
C THR P 224 -82.54 -23.26 -23.34
N THR P 225 -81.87 -23.35 -24.48
CA THR P 225 -81.63 -24.62 -25.17
C THR P 225 -80.14 -24.90 -25.19
N ALA P 226 -79.78 -26.16 -24.95
CA ALA P 226 -78.38 -26.54 -24.94
C ALA P 226 -77.72 -26.28 -26.29
N SER P 227 -76.54 -25.65 -26.26
CA SER P 227 -75.84 -25.37 -27.49
C SER P 227 -75.38 -26.65 -28.17
N THR P 228 -74.88 -27.63 -27.40
CA THR P 228 -74.45 -28.90 -27.97
C THR P 228 -74.43 -29.95 -26.89
N THR P 229 -73.85 -31.11 -27.22
CA THR P 229 -73.71 -32.21 -26.28
C THR P 229 -72.41 -32.96 -26.55
N LEU P 230 -71.56 -33.05 -25.54
CA LEU P 230 -70.34 -33.84 -25.64
C LEU P 230 -70.60 -35.26 -25.15
N LYS P 231 -70.08 -36.24 -25.88
CA LYS P 231 -70.33 -37.65 -25.63
C LYS P 231 -68.99 -38.36 -25.46
N PHE P 232 -68.92 -39.25 -24.46
CA PHE P 232 -67.70 -39.98 -24.14
C PHE P 232 -67.95 -41.48 -24.22
N ASN P 233 -66.89 -42.24 -24.46
CA ASN P 233 -66.97 -43.69 -24.50
C ASN P 233 -66.66 -44.28 -23.14
N GLU P 234 -66.50 -45.61 -23.09
CA GLU P 234 -66.15 -46.28 -21.84
C GLU P 234 -64.69 -46.07 -21.47
N ASN P 235 -63.86 -45.65 -22.42
CA ASN P 235 -62.44 -45.40 -22.18
C ASN P 235 -62.17 -43.97 -21.73
N GLY P 236 -63.20 -43.15 -21.57
CA GLY P 236 -63.03 -41.76 -21.18
C GLY P 236 -62.61 -40.83 -22.28
N ILE P 237 -62.61 -41.28 -23.53
CA ILE P 237 -62.17 -40.48 -24.66
C ILE P 237 -63.37 -39.77 -25.27
N LEU P 238 -63.13 -38.56 -25.79
CA LEU P 238 -64.18 -37.84 -26.52
C LEU P 238 -64.60 -38.65 -27.74
N GLU P 239 -65.91 -38.75 -27.95
CA GLU P 239 -66.45 -39.59 -29.02
C GLU P 239 -66.95 -38.80 -30.22
N SER P 240 -67.84 -37.83 -30.01
CA SER P 240 -68.39 -37.05 -31.12
C SER P 240 -68.94 -35.74 -30.60
N GLY P 241 -69.16 -34.81 -31.53
CA GLY P 241 -69.74 -33.52 -31.21
C GLY P 241 -68.79 -32.50 -30.61
N GLY P 242 -67.50 -32.58 -30.91
CA GLY P 242 -66.53 -31.69 -30.31
C GLY P 242 -66.45 -30.30 -30.92
N THR P 243 -67.04 -30.08 -32.09
CA THR P 243 -66.91 -28.80 -32.78
C THR P 243 -68.30 -28.22 -33.02
N VAL P 244 -68.47 -26.94 -32.65
CA VAL P 244 -69.73 -26.24 -32.83
C VAL P 244 -69.44 -24.87 -33.42
N ASN P 245 -70.47 -24.23 -33.99
CA ASN P 245 -70.34 -22.88 -34.49
C ASN P 245 -71.23 -21.93 -33.70
N ILE P 246 -70.67 -20.85 -33.19
CA ILE P 246 -71.36 -19.94 -32.30
C ILE P 246 -71.23 -18.51 -32.83
N THR P 247 -72.32 -17.76 -32.77
CA THR P 247 -72.36 -16.35 -33.14
C THR P 247 -72.62 -15.52 -31.90
N THR P 248 -71.97 -14.37 -31.79
CA THR P 248 -72.13 -13.50 -30.64
C THR P 248 -73.25 -12.49 -30.89
N GLY P 249 -73.42 -11.59 -29.92
CA GLY P 249 -74.42 -10.55 -30.04
C GLY P 249 -73.85 -9.28 -30.65
N THR P 250 -74.70 -8.25 -30.69
CA THR P 250 -74.34 -6.94 -31.22
C THR P 250 -74.11 -5.99 -30.05
N ILE P 251 -72.90 -5.44 -29.98
CA ILE P 251 -72.52 -4.51 -28.91
C ILE P 251 -72.14 -3.18 -29.54
N ASN P 252 -72.86 -2.11 -29.19
CA ASN P 252 -72.57 -0.76 -29.65
C ASN P 252 -72.52 -0.68 -31.18
N GLY P 253 -73.38 -1.45 -31.84
CA GLY P 253 -73.44 -1.46 -33.29
C GLY P 253 -72.39 -2.31 -33.98
N ALA P 254 -71.53 -2.99 -33.22
CA ALA P 254 -70.51 -3.83 -33.83
C ALA P 254 -71.14 -5.09 -34.42
N THR P 255 -70.59 -5.53 -35.55
CA THR P 255 -71.09 -6.72 -36.22
C THR P 255 -70.80 -7.96 -35.37
N ALA P 256 -71.78 -8.86 -35.29
CA ALA P 256 -71.63 -10.06 -34.49
C ALA P 256 -70.49 -10.93 -35.00
N ALA P 257 -69.79 -11.57 -34.07
CA ALA P 257 -68.66 -12.43 -34.41
C ALA P 257 -69.11 -13.87 -34.49
N THR P 258 -68.69 -14.57 -35.54
CA THR P 258 -69.01 -15.97 -35.76
C THR P 258 -67.72 -16.77 -35.69
N PHE P 259 -67.68 -17.79 -34.84
CA PHE P 259 -66.47 -18.57 -34.67
C PHE P 259 -66.80 -20.02 -34.34
N SER P 260 -65.83 -20.89 -34.60
CA SER P 260 -65.97 -22.32 -34.32
C SER P 260 -65.28 -22.64 -33.00
N LEU P 261 -66.03 -23.24 -32.08
CA LEU P 261 -65.50 -23.67 -30.79
C LEU P 261 -65.25 -25.18 -30.83
N SER P 262 -64.03 -25.58 -30.46
CA SER P 262 -63.61 -26.97 -30.52
C SER P 262 -63.12 -27.43 -29.15
N PHE P 263 -63.59 -28.60 -28.73
CA PHE P 263 -63.18 -29.22 -27.48
C PHE P 263 -62.25 -30.40 -27.68
N LEU P 264 -61.32 -30.29 -28.64
CA LEU P 264 -60.43 -31.40 -28.97
C LEU P 264 -59.57 -31.78 -27.77
N ASN P 265 -59.32 -33.08 -27.64
CA ASN P 265 -58.50 -33.69 -26.59
C ASN P 265 -59.11 -33.56 -25.20
N SER P 266 -60.37 -33.14 -25.11
CA SER P 266 -61.05 -33.12 -23.82
C SER P 266 -61.33 -34.54 -23.36
N MET P 267 -61.26 -34.74 -22.04
CA MET P 267 -61.44 -36.06 -21.46
C MET P 267 -62.30 -35.94 -20.21
N GLN P 268 -63.03 -37.02 -19.91
CA GLN P 268 -63.79 -37.13 -18.67
C GLN P 268 -63.41 -38.46 -18.01
N GLN P 269 -62.83 -38.37 -16.83
CA GLN P 269 -62.42 -39.52 -16.03
C GLN P 269 -62.68 -39.22 -14.56
N ASN P 270 -62.08 -40.03 -13.68
CA ASN P 270 -62.20 -39.79 -12.25
C ASN P 270 -61.15 -38.78 -11.79
N THR P 271 -61.16 -37.60 -12.41
CA THR P 271 -60.27 -36.53 -11.98
C THR P 271 -60.78 -35.95 -10.67
N GLY P 272 -59.89 -35.29 -9.94
CA GLY P 272 -60.23 -34.75 -8.62
C GLY P 272 -61.41 -33.81 -8.63
N ALA P 273 -61.47 -32.92 -9.61
CA ALA P 273 -62.57 -31.96 -9.74
C ALA P 273 -62.62 -31.52 -11.21
N ASN P 274 -63.63 -30.72 -11.55
CA ASN P 274 -63.76 -30.18 -12.89
C ASN P 274 -62.90 -28.93 -13.03
N ASN P 275 -61.81 -29.04 -13.79
CA ASN P 275 -60.92 -27.92 -14.01
C ASN P 275 -60.55 -27.85 -15.49
N ILE P 276 -60.47 -26.63 -16.01
CA ILE P 276 -60.15 -26.40 -17.42
C ILE P 276 -58.64 -26.45 -17.57
N VAL P 277 -58.17 -27.25 -18.53
CA VAL P 277 -56.74 -27.35 -18.79
C VAL P 277 -56.24 -26.15 -19.59
N ALA P 278 -56.95 -25.79 -20.66
CA ALA P 278 -56.49 -24.71 -21.53
C ALA P 278 -57.66 -24.08 -22.27
N THR P 279 -57.52 -22.79 -22.56
CA THR P 279 -58.48 -22.05 -23.37
C THR P 279 -57.71 -21.08 -24.27
N ASN P 280 -58.00 -21.13 -25.56
CA ASN P 280 -57.24 -20.32 -26.51
C ASN P 280 -58.14 -19.81 -27.62
N GLN P 281 -57.74 -18.67 -28.18
CA GLN P 281 -58.42 -18.05 -29.31
C GLN P 281 -57.44 -17.12 -30.00
N ASN P 282 -57.73 -16.80 -31.26
CA ASN P 282 -56.79 -16.04 -32.09
C ASN P 282 -57.24 -14.61 -32.35
N GLY P 283 -58.24 -14.10 -31.63
CA GLY P 283 -58.63 -12.72 -31.76
C GLY P 283 -57.92 -11.83 -30.74
N TYR P 284 -57.79 -10.55 -31.10
CA TYR P 284 -57.13 -9.59 -30.23
C TYR P 284 -57.70 -8.19 -30.51
N LYS P 285 -57.31 -7.24 -29.67
CA LYS P 285 -57.77 -5.86 -29.66
C LYS P 285 -56.76 -4.94 -30.30
N PRO P 286 -57.16 -3.74 -30.76
CA PRO P 286 -56.21 -2.81 -31.37
C PRO P 286 -55.06 -2.45 -30.44
N GLY P 287 -53.86 -2.37 -30.99
CA GLY P 287 -52.68 -2.04 -30.21
C GLY P 287 -51.68 -1.28 -31.02
N ASP P 288 -50.79 -0.57 -30.32
CA ASP P 288 -49.71 0.17 -30.92
C ASP P 288 -48.38 -0.47 -30.57
N LEU P 289 -47.42 -0.35 -31.48
CA LEU P 289 -46.11 -0.96 -31.28
C LEU P 289 -45.40 -0.33 -30.10
N VAL P 290 -44.73 -1.16 -29.30
CA VAL P 290 -44.00 -0.71 -28.12
C VAL P 290 -42.50 -0.91 -28.28
N SER P 291 -42.10 -2.08 -28.76
CA SER P 291 -40.68 -2.37 -28.90
C SER P 291 -40.46 -3.26 -30.11
N TYR P 292 -39.19 -3.44 -30.48
CA TYR P 292 -38.81 -4.33 -31.57
C TYR P 292 -37.52 -5.03 -31.22
N GLN P 293 -37.41 -6.29 -31.66
CA GLN P 293 -36.25 -7.12 -31.35
C GLN P 293 -35.90 -7.98 -32.56
N ILE P 294 -34.67 -8.47 -32.57
CA ILE P 294 -34.17 -9.34 -33.63
C ILE P 294 -33.79 -10.68 -33.00
N ASN P 295 -34.45 -11.75 -33.44
CA ASN P 295 -34.14 -13.08 -32.92
C ASN P 295 -32.87 -13.62 -33.57
N ASN P 296 -32.38 -14.73 -33.02
CA ASN P 296 -31.18 -15.36 -33.54
C ASN P 296 -31.42 -16.07 -34.87
N ASP P 297 -32.68 -16.31 -35.24
CA ASP P 297 -33.02 -16.94 -36.50
C ASP P 297 -33.41 -15.95 -37.59
N GLY P 298 -33.20 -14.66 -37.36
CA GLY P 298 -33.41 -13.66 -38.38
C GLY P 298 -34.77 -13.00 -38.39
N THR P 299 -35.74 -13.51 -37.62
CA THR P 299 -37.06 -12.89 -37.59
C THR P 299 -37.05 -11.65 -36.71
N VAL P 300 -37.50 -10.53 -37.28
CA VAL P 300 -37.70 -9.30 -36.52
C VAL P 300 -39.10 -9.31 -35.95
N VAL P 301 -39.22 -9.06 -34.65
CA VAL P 301 -40.46 -9.21 -33.91
C VAL P 301 -40.80 -7.90 -33.23
N GLY P 302 -42.01 -7.41 -33.48
CA GLY P 302 -42.51 -6.22 -32.84
C GLY P 302 -43.46 -6.59 -31.71
N ASN P 303 -43.21 -6.01 -30.54
CA ASN P 303 -44.02 -6.20 -29.35
C ASN P 303 -44.93 -4.98 -29.21
N TYR P 304 -46.24 -5.21 -29.27
CA TYR P 304 -47.24 -4.17 -29.24
C TYR P 304 -47.75 -3.97 -27.81
N SER P 305 -48.81 -3.17 -27.66
CA SER P 305 -49.43 -2.92 -26.37
C SER P 305 -50.62 -3.83 -26.10
N ASN P 306 -51.11 -4.56 -27.10
CA ASN P 306 -52.23 -5.47 -26.91
C ASN P 306 -51.77 -6.89 -26.60
N GLU P 307 -50.58 -7.00 -26.01
CA GLU P 307 -50.00 -8.29 -25.61
C GLU P 307 -49.99 -9.30 -26.76
N GLN P 308 -49.53 -8.83 -27.92
CA GLN P 308 -49.43 -9.70 -29.09
C GLN P 308 -48.16 -9.35 -29.86
N GLU P 309 -47.43 -10.37 -30.29
CA GLU P 309 -46.19 -10.19 -31.03
C GLU P 309 -46.45 -10.37 -32.52
N GLN P 310 -45.75 -9.58 -33.33
CA GLN P 310 -45.93 -9.66 -34.78
C GLN P 310 -44.57 -9.77 -35.47
N VAL P 311 -44.46 -10.71 -36.40
CA VAL P 311 -43.22 -10.85 -37.18
C VAL P 311 -43.29 -9.93 -38.38
N LEU P 312 -42.27 -9.10 -38.56
CA LEU P 312 -42.26 -8.14 -39.66
C LEU P 312 -41.33 -8.53 -40.80
N GLY P 313 -40.51 -9.55 -40.64
CA GLY P 313 -39.64 -9.98 -41.71
C GLY P 313 -38.59 -10.94 -41.21
N GLN P 314 -37.79 -11.42 -42.15
CA GLN P 314 -36.69 -12.34 -41.86
C GLN P 314 -35.43 -11.83 -42.56
N ILE P 315 -34.39 -11.54 -41.78
CA ILE P 315 -33.16 -11.05 -42.37
C ILE P 315 -32.47 -12.19 -43.11
N VAL P 316 -32.17 -11.96 -44.39
CA VAL P 316 -31.60 -12.98 -45.26
C VAL P 316 -30.10 -12.78 -45.35
N LEU P 317 -29.36 -13.89 -45.33
CA LEU P 317 -27.91 -13.85 -45.45
C LEU P 317 -27.48 -14.40 -46.80
N ALA P 318 -26.48 -13.75 -47.39
CA ALA P 318 -25.96 -14.11 -48.70
C ALA P 318 -24.58 -14.69 -48.57
N ASN P 319 -24.33 -15.78 -49.30
CA ASN P 319 -23.02 -16.42 -49.35
C ASN P 319 -22.60 -16.55 -50.80
N PHE P 320 -21.29 -16.43 -51.04
CA PHE P 320 -20.74 -16.43 -52.38
C PHE P 320 -19.81 -17.63 -52.56
N ALA P 321 -19.70 -18.08 -53.81
CA ALA P 321 -18.77 -19.16 -54.12
C ALA P 321 -17.33 -18.74 -53.86
N ASN P 322 -17.01 -17.50 -54.21
CA ASN P 322 -15.65 -16.96 -53.99
C ASN P 322 -15.78 -15.66 -53.22
N ASN P 323 -15.42 -15.67 -51.93
CA ASN P 323 -15.48 -14.44 -51.15
C ASN P 323 -14.40 -13.46 -51.59
N GLU P 324 -13.33 -13.96 -52.21
CA GLU P 324 -12.21 -13.10 -52.59
C GLU P 324 -12.56 -12.12 -53.71
N GLY P 325 -13.48 -12.51 -54.60
CA GLY P 325 -13.76 -11.71 -55.77
C GLY P 325 -14.66 -10.51 -55.57
N LEU P 326 -15.14 -10.30 -54.34
CA LEU P 326 -16.00 -9.15 -54.07
C LEU P 326 -15.23 -7.85 -54.19
N ALA P 327 -15.89 -6.83 -54.72
CA ALA P 327 -15.28 -5.52 -54.91
C ALA P 327 -15.53 -4.66 -53.67
N SER P 328 -14.45 -4.20 -53.05
CA SER P 328 -14.57 -3.35 -51.87
C SER P 328 -15.01 -1.95 -52.29
N GLN P 329 -16.25 -1.60 -51.95
CA GLN P 329 -16.82 -0.31 -52.30
C GLN P 329 -16.62 0.73 -51.21
N GLY P 330 -15.91 0.39 -50.15
CA GLY P 330 -15.77 1.29 -49.01
C GLY P 330 -16.98 1.21 -48.11
N ASP P 331 -16.88 1.91 -46.98
CA ASP P 331 -17.94 1.94 -45.96
C ASP P 331 -18.30 0.53 -45.52
N ASN P 332 -17.28 -0.29 -45.28
CA ASN P 332 -17.38 -1.73 -44.98
C ASN P 332 -18.53 -2.38 -45.75
N VAL P 333 -18.52 -2.19 -47.08
CA VAL P 333 -19.56 -2.68 -47.97
C VAL P 333 -18.91 -3.28 -49.21
N TRP P 334 -19.40 -4.44 -49.63
CA TRP P 334 -18.89 -5.16 -50.79
C TRP P 334 -19.93 -5.18 -51.89
N ALA P 335 -19.46 -5.33 -53.13
CA ALA P 335 -20.32 -5.42 -54.30
C ALA P 335 -20.05 -6.72 -55.04
N ALA P 336 -21.11 -7.31 -55.61
CA ALA P 336 -20.96 -8.55 -56.36
C ALA P 336 -20.25 -8.30 -57.69
N THR P 337 -19.33 -9.20 -58.04
CA THR P 337 -18.57 -9.13 -59.28
C THR P 337 -18.66 -10.47 -60.00
N GLN P 338 -17.96 -10.55 -61.14
CA GLN P 338 -17.93 -11.79 -61.89
C GLN P 338 -17.17 -12.89 -61.15
N ALA P 339 -15.99 -12.57 -60.61
CA ALA P 339 -15.20 -13.57 -59.91
C ALA P 339 -15.80 -13.95 -58.56
N SER P 340 -16.64 -13.08 -58.00
CA SER P 340 -17.30 -13.39 -56.73
C SER P 340 -18.45 -14.38 -56.90
N GLY P 341 -19.11 -14.37 -58.05
CA GLY P 341 -20.22 -15.28 -58.29
C GLY P 341 -21.54 -14.68 -57.86
N VAL P 342 -22.62 -15.31 -58.34
CA VAL P 342 -23.96 -14.86 -58.01
C VAL P 342 -24.27 -15.19 -56.55
N ALA P 343 -24.88 -14.23 -55.86
CA ALA P 343 -25.14 -14.38 -54.43
C ALA P 343 -26.17 -15.47 -54.17
N LEU P 344 -25.78 -16.47 -53.38
CA LEU P 344 -26.69 -17.52 -52.95
C LEU P 344 -27.34 -17.09 -51.63
N LEU P 345 -28.65 -16.95 -51.64
CA LEU P 345 -29.37 -16.39 -50.51
C LEU P 345 -29.92 -17.49 -49.61
N GLY P 346 -30.12 -17.15 -48.34
CA GLY P 346 -30.68 -18.12 -47.43
C GLY P 346 -31.00 -17.51 -46.08
N THR P 347 -31.44 -18.37 -45.16
CA THR P 347 -31.81 -17.96 -43.82
C THR P 347 -30.63 -18.15 -42.87
N ALA P 348 -30.55 -17.28 -41.87
CA ALA P 348 -29.44 -17.31 -40.93
C ALA P 348 -29.43 -18.59 -40.12
N GLY P 349 -28.25 -19.16 -39.94
CA GLY P 349 -28.09 -20.35 -39.12
C GLY P 349 -28.56 -21.64 -39.75
N SER P 350 -28.89 -21.58 -41.03
CA SER P 350 -29.35 -22.80 -41.73
C SER P 350 -28.44 -23.08 -42.91
N GLY P 351 -28.52 -24.30 -43.44
CA GLY P 351 -27.74 -24.61 -44.64
C GLY P 351 -26.27 -24.32 -44.42
N ASN P 352 -25.66 -23.55 -45.31
CA ASN P 352 -24.20 -23.32 -45.21
C ASN P 352 -23.90 -21.96 -44.57
N PHE P 353 -24.90 -21.27 -44.06
CA PHE P 353 -24.68 -19.89 -43.56
C PHE P 353 -24.33 -19.90 -42.07
N GLY P 354 -24.16 -18.73 -41.48
CA GLY P 354 -23.91 -18.58 -40.06
C GLY P 354 -25.10 -18.04 -39.30
N LYS P 355 -24.96 -18.11 -37.98
CA LYS P 355 -26.11 -17.73 -37.13
C LYS P 355 -25.94 -16.30 -36.68
N LEU P 356 -27.06 -15.64 -36.44
CA LEU P 356 -27.04 -14.25 -36.00
C LEU P 356 -27.03 -14.17 -34.47
N THR P 357 -26.09 -13.40 -33.94
CA THR P 357 -26.02 -13.12 -32.52
C THR P 357 -26.51 -11.69 -32.28
N ASN P 358 -27.54 -11.55 -31.46
CA ASN P 358 -28.16 -10.25 -31.22
C ASN P 358 -27.44 -9.54 -30.08
N GLY P 359 -27.25 -8.23 -30.24
CA GLY P 359 -26.62 -7.44 -29.20
C GLY P 359 -25.12 -7.44 -29.23
N ALA P 360 -24.51 -7.96 -30.28
CA ALA P 360 -23.06 -8.02 -30.39
C ALA P 360 -22.64 -7.56 -31.78
N LEU P 361 -21.42 -7.02 -31.86
CA LEU P 361 -20.86 -6.52 -33.11
C LEU P 361 -19.61 -7.30 -33.45
N GLU P 362 -19.40 -7.51 -34.75
CA GLU P 362 -18.22 -8.22 -35.24
C GLU P 362 -17.08 -7.22 -35.41
N ALA P 363 -16.10 -7.29 -34.52
CA ALA P 363 -14.96 -6.40 -34.59
C ALA P 363 -14.03 -6.81 -35.73
N SER P 364 -13.03 -5.96 -36.00
CA SER P 364 -12.10 -6.20 -37.08
C SER P 364 -11.16 -7.35 -36.73
N ASN P 365 -10.47 -7.87 -37.75
CA ASN P 365 -9.54 -8.99 -37.59
C ASN P 365 -8.10 -8.58 -37.86
N VAL P 366 -7.73 -7.36 -37.49
CA VAL P 366 -6.37 -6.86 -37.75
C VAL P 366 -5.54 -7.00 -36.48
N ASP P 367 -4.52 -7.84 -36.52
CA ASP P 367 -3.60 -7.98 -35.41
C ASP P 367 -2.47 -6.97 -35.54
N LEU P 368 -2.27 -6.18 -34.48
CA LEU P 368 -1.36 -5.05 -34.53
C LEU P 368 0.11 -5.48 -34.56
N SER P 369 0.47 -6.54 -33.82
CA SER P 369 1.86 -6.97 -33.78
C SER P 369 2.35 -7.41 -35.15
N LYS P 370 1.53 -8.21 -35.85
CA LYS P 370 1.88 -8.66 -37.18
C LYS P 370 2.03 -7.46 -38.13
N GLU P 371 1.13 -6.49 -38.01
CA GLU P 371 1.21 -5.30 -38.85
C GLU P 371 2.50 -4.53 -38.59
N LEU P 372 2.91 -4.41 -37.33
CA LEU P 372 4.13 -3.68 -37.01
C LEU P 372 5.37 -4.37 -37.55
N VAL P 373 5.44 -5.70 -37.38
CA VAL P 373 6.62 -6.41 -37.86
C VAL P 373 6.67 -6.41 -39.38
N ASN P 374 5.50 -6.50 -40.04
CA ASN P 374 5.46 -6.40 -41.49
C ASN P 374 5.86 -5.01 -41.95
N MET P 375 5.49 -3.98 -41.19
CA MET P 375 5.94 -2.63 -41.53
C MET P 375 7.45 -2.52 -41.46
N ILE P 376 8.06 -3.13 -40.43
CA ILE P 376 9.51 -3.07 -40.29
C ILE P 376 10.19 -3.75 -41.48
N VAL P 377 9.74 -4.97 -41.80
CA VAL P 377 10.40 -5.71 -42.88
C VAL P 377 10.17 -5.03 -44.23
N ALA P 378 8.98 -4.45 -44.43
CA ALA P 378 8.71 -3.73 -45.67
C ALA P 378 9.57 -2.48 -45.79
N GLN P 379 9.79 -1.77 -44.67
CA GLN P 379 10.69 -0.63 -44.68
C GLN P 379 12.09 -1.04 -45.10
N ARG P 380 12.59 -2.15 -44.52
CA ARG P 380 13.93 -2.60 -44.89
C ARG P 380 14.02 -3.00 -46.36
N ASN P 381 13.00 -3.69 -46.87
CA ASN P 381 13.01 -4.06 -48.29
C ASN P 381 12.98 -2.83 -49.19
N TYR P 382 12.16 -1.83 -48.84
CA TYR P 382 12.11 -0.59 -49.60
C TYR P 382 13.45 0.11 -49.60
N GLN P 383 14.13 0.14 -48.45
CA GLN P 383 15.45 0.76 -48.38
C GLN P 383 16.46 0.00 -49.25
N SER P 384 16.37 -1.33 -49.27
CA SER P 384 17.28 -2.10 -50.12
C SER P 384 17.05 -1.80 -51.59
N ASN P 385 15.78 -1.68 -52.01
CA ASN P 385 15.50 -1.33 -53.40
C ASN P 385 16.00 0.07 -53.73
N ALA P 386 15.82 1.01 -52.81
CA ALA P 386 16.37 2.34 -53.01
C ALA P 386 17.89 2.29 -53.14
N GLN P 387 18.54 1.41 -52.36
CA GLN P 387 19.98 1.29 -52.43
C GLN P 387 20.45 0.78 -53.79
N THR P 388 19.76 -0.22 -54.34
CA THR P 388 20.18 -0.70 -55.66
C THR P 388 19.88 0.32 -56.74
N ILE P 389 18.81 1.10 -56.57
CA ILE P 389 18.56 2.22 -57.48
C ILE P 389 19.72 3.21 -57.45
N LYS P 390 20.18 3.54 -56.25
CA LYS P 390 21.29 4.47 -56.10
C LYS P 390 22.57 3.90 -56.72
N THR P 391 22.79 2.60 -56.55
CA THR P 391 23.97 1.97 -57.14
C THR P 391 23.95 2.05 -58.66
N GLN P 392 22.77 1.82 -59.25
CA GLN P 392 22.63 1.91 -60.72
C GLN P 392 22.91 3.35 -61.14
N ASP P 393 22.37 4.31 -60.41
CA ASP P 393 22.58 5.72 -60.75
C ASP P 393 24.06 6.07 -60.69
N GLN P 394 24.76 5.59 -59.66
CA GLN P 394 26.19 5.86 -59.55
C GLN P 394 26.98 5.23 -60.69
N ILE P 395 26.59 4.01 -61.10
CA ILE P 395 27.26 3.37 -62.22
C ILE P 395 27.06 4.19 -63.49
N LEU P 396 25.85 4.66 -63.72
CA LEU P 396 25.59 5.49 -64.90
C LEU P 396 26.39 6.79 -64.85
N ASN P 397 26.48 7.41 -63.67
CA ASN P 397 27.27 8.63 -63.52
C ASN P 397 28.74 8.37 -63.82
N THR P 398 29.27 7.26 -63.32
CA THR P 398 30.67 6.90 -63.60
C THR P 398 30.91 6.70 -65.08
N LEU P 399 29.97 6.04 -65.76
CA LEU P 399 30.09 5.87 -67.21
C LEU P 399 30.05 7.21 -67.92
N VAL P 400 29.20 8.12 -67.46
CA VAL P 400 29.09 9.45 -68.08
C VAL P 400 30.38 10.23 -67.92
N ASN P 401 31.01 10.14 -66.75
CA ASN P 401 32.17 10.98 -66.46
C ASN P 401 33.40 10.56 -67.25
N LEU P 402 33.29 9.49 -68.06
CA LEU P 402 34.39 9.06 -68.91
C LEU P 402 34.83 10.14 -69.88
N SER Q 2 40.20 -9.14 -49.29
CA SER Q 2 39.61 -8.40 -48.15
C SER Q 2 38.13 -8.12 -48.39
N PHE Q 3 37.61 -8.46 -49.58
CA PHE Q 3 36.15 -8.33 -49.81
C PHE Q 3 35.62 -9.75 -49.94
N SER Q 4 36.48 -10.74 -49.73
CA SER Q 4 36.03 -12.14 -49.76
C SER Q 4 36.35 -12.74 -48.41
N GLN Q 5 37.30 -12.14 -47.70
CA GLN Q 5 37.66 -12.59 -46.34
C GLN Q 5 36.68 -11.94 -45.37
N ALA Q 6 36.21 -10.74 -45.67
CA ALA Q 6 35.24 -10.04 -44.83
C ALA Q 6 33.82 -10.57 -45.06
N VAL Q 7 33.49 -10.94 -46.30
CA VAL Q 7 32.18 -11.49 -46.62
C VAL Q 7 32.00 -12.81 -45.87
N SER Q 8 33.07 -13.59 -45.77
CA SER Q 8 33.00 -14.86 -45.06
C SER Q 8 32.68 -14.63 -43.58
N GLY Q 9 33.33 -13.65 -42.96
CA GLY Q 9 33.05 -13.35 -41.56
C GLY Q 9 31.64 -12.81 -41.38
N LEU Q 10 31.18 -12.00 -42.32
CA LEU Q 10 29.80 -11.51 -42.27
C LEU Q 10 28.81 -12.66 -42.31
N ASN Q 11 29.03 -13.61 -43.22
CA ASN Q 11 28.12 -14.76 -43.32
C ASN Q 11 28.19 -15.64 -42.08
N ALA Q 12 29.38 -15.81 -41.51
CA ALA Q 12 29.51 -16.59 -40.28
C ALA Q 12 28.76 -15.93 -39.13
N ALA Q 13 28.89 -14.61 -38.99
CA ALA Q 13 28.15 -13.90 -37.95
C ALA Q 13 26.65 -13.99 -38.18
N ALA Q 14 26.21 -13.91 -39.44
CA ALA Q 14 24.79 -14.06 -39.74
C ALA Q 14 24.29 -15.45 -39.37
N THR Q 15 25.08 -16.49 -39.65
CA THR Q 15 24.69 -17.84 -39.28
C THR Q 15 24.59 -17.99 -37.77
N ASN Q 16 25.57 -17.42 -37.05
CA ASN Q 16 25.53 -17.47 -35.58
C ASN Q 16 24.28 -16.78 -35.05
N LEU Q 17 23.94 -15.62 -35.64
CA LEU Q 17 22.77 -14.89 -35.17
C LEU Q 17 21.49 -15.61 -35.50
N ASP Q 18 21.43 -16.28 -36.66
CA ASP Q 18 20.28 -17.11 -36.98
C ASP Q 18 20.12 -18.26 -35.99
N VAL Q 19 21.23 -18.88 -35.61
CA VAL Q 19 21.18 -19.96 -34.62
C VAL Q 19 20.67 -19.43 -33.28
N ILE Q 20 21.17 -18.26 -32.87
CA ILE Q 20 20.72 -17.66 -31.61
C ILE Q 20 19.24 -17.34 -31.66
N GLY Q 21 18.77 -16.78 -32.79
CA GLY Q 21 17.36 -16.49 -32.92
C GLY Q 21 16.50 -17.74 -32.90
N ASN Q 22 16.99 -18.83 -33.47
CA ASN Q 22 16.25 -20.09 -33.43
C ASN Q 22 16.18 -20.63 -32.01
N ASN Q 23 17.27 -20.49 -31.25
CA ASN Q 23 17.25 -20.88 -29.85
C ASN Q 23 16.24 -20.04 -29.07
N ILE Q 24 16.19 -18.74 -29.33
CA ILE Q 24 15.27 -17.87 -28.61
C ILE Q 24 13.82 -18.20 -28.97
N ALA Q 25 13.55 -18.43 -30.25
CA ALA Q 25 12.18 -18.67 -30.69
C ALA Q 25 11.62 -19.97 -30.12
N ASN Q 26 12.49 -20.95 -29.87
CA ASN Q 26 12.08 -22.22 -29.30
C ASN Q 26 12.26 -22.28 -27.79
N SER Q 27 12.09 -21.15 -27.10
CA SER Q 27 12.23 -21.11 -25.65
C SER Q 27 11.20 -22.01 -24.99
N ALA Q 28 9.97 -21.98 -25.49
CA ALA Q 28 8.88 -22.82 -25.00
C ALA Q 28 8.53 -23.83 -26.09
N THR Q 29 9.27 -24.95 -26.11
CA THR Q 29 9.06 -26.03 -27.08
C THR Q 29 9.57 -27.31 -26.42
N TYR Q 30 8.62 -28.16 -26.01
CA TYR Q 30 8.96 -29.38 -25.29
C TYR Q 30 9.81 -30.32 -26.15
N GLY Q 31 10.89 -30.82 -25.57
CA GLY Q 31 11.78 -31.72 -26.28
C GLY Q 31 12.77 -31.03 -27.21
N PHE Q 32 12.84 -29.70 -27.19
CA PHE Q 32 13.76 -28.96 -28.05
C PHE Q 32 15.15 -28.97 -27.45
N LYS Q 33 16.16 -29.08 -28.31
CA LYS Q 33 17.56 -28.97 -27.92
C LYS Q 33 18.17 -27.74 -28.58
N SER Q 34 18.85 -26.94 -27.78
CA SER Q 34 19.49 -25.73 -28.31
C SER Q 34 20.60 -26.10 -29.29
N GLY Q 35 20.97 -25.13 -30.12
CA GLY Q 35 21.99 -25.33 -31.13
C GLY Q 35 23.12 -24.31 -30.99
N THR Q 36 24.30 -24.69 -31.42
CA THR Q 36 25.47 -23.80 -31.43
C THR Q 36 26.23 -24.00 -32.73
N ALA Q 37 26.98 -22.97 -33.13
CA ALA Q 37 27.72 -23.01 -34.39
C ALA Q 37 29.21 -23.12 -34.11
N SER Q 38 29.89 -23.95 -34.89
CA SER Q 38 31.34 -24.09 -34.79
C SER Q 38 31.99 -23.58 -36.07
N PHE Q 39 32.96 -22.69 -35.91
CA PHE Q 39 33.66 -22.09 -37.04
C PHE Q 39 35.12 -22.52 -37.06
N ALA Q 40 35.66 -22.63 -38.26
CA ALA Q 40 37.06 -22.98 -38.46
C ALA Q 40 37.64 -22.15 -39.59
N ASP Q 41 38.91 -21.80 -39.47
CA ASP Q 41 39.56 -20.99 -40.49
C ASP Q 41 39.77 -21.81 -41.76
N MET Q 42 40.02 -21.10 -42.87
CA MET Q 42 40.15 -21.71 -44.18
C MET Q 42 41.48 -21.33 -44.82
N PHE Q 43 42.56 -21.45 -44.06
CA PHE Q 43 43.88 -21.09 -44.56
C PHE Q 43 44.26 -21.95 -45.77
N ALA Q 44 45.11 -21.35 -46.60
CA ALA Q 44 45.63 -22.07 -47.78
C ALA Q 44 47.11 -22.28 -47.57
N GLY Q 45 47.94 -21.45 -48.21
CA GLY Q 45 49.41 -21.62 -48.10
C GLY Q 45 49.89 -21.54 -46.66
N SER Q 46 49.38 -20.60 -45.88
CA SER Q 46 49.88 -20.39 -44.50
C SER Q 46 50.27 -18.92 -44.43
N LYS Q 47 50.27 -18.25 -45.57
CA LYS Q 47 50.56 -16.79 -45.60
C LYS Q 47 49.34 -16.13 -46.24
N VAL Q 48 48.43 -16.93 -46.80
CA VAL Q 48 47.22 -16.42 -47.49
C VAL Q 48 45.98 -16.96 -46.79
N GLY Q 49 45.28 -16.13 -46.02
CA GLY Q 49 44.02 -16.56 -45.37
C GLY Q 49 42.85 -16.37 -46.29
N LEU Q 50 41.89 -17.29 -46.30
CA LEU Q 50 40.74 -17.27 -47.18
C LEU Q 50 39.43 -16.96 -46.45
N GLY Q 51 39.47 -16.69 -45.15
CA GLY Q 51 38.29 -16.33 -44.40
C GLY Q 51 37.98 -17.37 -43.35
N VAL Q 52 36.69 -17.47 -43.03
CA VAL Q 52 36.21 -18.41 -42.03
C VAL Q 52 35.14 -19.30 -42.66
N LYS Q 53 35.04 -20.52 -42.14
CA LYS Q 53 34.10 -21.50 -42.67
C LYS Q 53 33.31 -22.10 -41.51
N VAL Q 54 32.00 -22.19 -41.67
CA VAL Q 54 31.16 -22.79 -40.62
C VAL Q 54 31.35 -24.29 -40.64
N ALA Q 55 32.05 -24.80 -39.63
CA ALA Q 55 32.30 -26.24 -39.55
C ALA Q 55 31.01 -27.04 -39.39
N GLY Q 56 30.08 -26.58 -38.58
CA GLY Q 56 28.82 -27.28 -38.42
C GLY Q 56 27.96 -26.62 -37.36
N ILE Q 57 26.75 -27.14 -37.25
CA ILE Q 57 25.78 -26.72 -36.24
C ILE Q 57 25.49 -27.93 -35.36
N THR Q 58 25.88 -27.85 -34.09
CA THR Q 58 25.76 -28.97 -33.17
C THR Q 58 24.70 -28.69 -32.12
N GLN Q 59 23.86 -29.68 -31.86
CA GLN Q 59 22.87 -29.59 -30.81
C GLN Q 59 23.52 -29.78 -29.44
N ASP Q 60 22.79 -29.36 -28.41
CA ASP Q 60 23.26 -29.45 -27.03
C ASP Q 60 22.28 -30.40 -26.32
N PHE Q 61 22.70 -31.65 -26.14
CA PHE Q 61 21.82 -32.72 -25.67
C PHE Q 61 21.90 -32.91 -24.16
N THR Q 62 21.40 -31.93 -23.41
CA THR Q 62 21.17 -32.12 -21.98
C THR Q 62 19.68 -32.16 -21.69
N ASP Q 63 19.32 -32.84 -20.60
CA ASP Q 63 17.91 -33.01 -20.27
C ASP Q 63 17.27 -31.68 -19.91
N GLY Q 64 16.05 -31.47 -20.38
CA GLY Q 64 15.28 -30.31 -19.99
C GLY Q 64 14.57 -30.53 -18.67
N THR Q 65 13.92 -29.47 -18.19
CA THR Q 65 13.18 -29.56 -16.95
C THR Q 65 11.95 -30.45 -17.12
N THR Q 66 11.75 -31.34 -16.16
CA THR Q 66 10.57 -32.20 -16.15
C THR Q 66 9.43 -31.49 -15.43
N THR Q 67 8.44 -31.09 -16.22
CA THR Q 67 7.27 -30.35 -15.71
C THR Q 67 6.05 -31.27 -15.68
N ASN Q 68 5.19 -31.14 -14.65
CA ASN Q 68 4.05 -32.08 -14.51
C ASN Q 68 2.78 -31.50 -15.13
N THR Q 69 2.64 -31.59 -16.45
CA THR Q 69 1.38 -31.13 -17.09
C THR Q 69 0.25 -32.03 -16.59
N GLY Q 70 0.50 -33.35 -16.52
CA GLY Q 70 -0.51 -34.25 -15.96
C GLY Q 70 -1.30 -34.98 -17.01
N ARG Q 71 -1.23 -34.56 -18.28
CA ARG Q 71 -1.94 -35.34 -19.32
C ARG Q 71 -1.47 -36.79 -19.18
N GLY Q 72 -2.42 -37.75 -19.18
CA GLY Q 72 -2.04 -39.15 -18.95
C GLY Q 72 -1.06 -39.67 -19.99
N LEU Q 73 -1.26 -39.34 -21.26
CA LEU Q 73 -0.40 -39.90 -22.32
C LEU Q 73 0.89 -39.08 -22.42
N ASP Q 74 1.07 -38.11 -21.53
CA ASP Q 74 2.34 -37.34 -21.50
C ASP Q 74 3.44 -38.21 -20.90
N VAL Q 75 4.56 -38.33 -21.58
CA VAL Q 75 5.68 -39.13 -21.11
C VAL Q 75 6.97 -38.37 -21.39
N ALA Q 76 7.82 -38.25 -20.38
CA ALA Q 76 9.11 -37.59 -20.51
C ALA Q 76 10.24 -38.60 -20.33
N ILE Q 77 11.24 -38.50 -21.19
CA ILE Q 77 12.39 -39.41 -21.15
C ILE Q 77 13.45 -38.78 -20.26
N SER Q 78 13.61 -39.32 -19.05
CA SER Q 78 14.71 -38.90 -18.20
C SER Q 78 16.00 -39.56 -18.68
N GLN Q 79 17.10 -38.83 -18.56
CA GLN Q 79 18.44 -39.30 -18.98
C GLN Q 79 18.40 -39.52 -20.50
N ASN Q 80 19.04 -40.57 -20.99
CA ASN Q 80 19.16 -40.80 -22.42
C ASN Q 80 17.99 -41.62 -22.95
N GLY Q 81 17.71 -41.47 -24.24
CA GLY Q 81 16.67 -42.21 -24.90
C GLY Q 81 15.84 -41.32 -25.82
N PHE Q 82 15.36 -41.92 -26.90
CA PHE Q 82 14.51 -41.23 -27.87
C PHE Q 82 13.30 -42.10 -28.19
N PHE Q 83 12.13 -41.47 -28.28
CA PHE Q 83 10.97 -42.19 -28.79
C PHE Q 83 11.14 -42.48 -30.27
N ARG Q 84 10.81 -43.70 -30.67
CA ARG Q 84 10.89 -44.14 -32.06
C ARG Q 84 9.51 -44.03 -32.70
N LEU Q 85 9.41 -43.24 -33.76
CA LEU Q 85 8.15 -42.97 -34.44
C LEU Q 85 8.24 -43.41 -35.90
N VAL Q 86 7.07 -43.71 -36.48
CA VAL Q 86 7.02 -44.08 -37.92
C VAL Q 86 6.09 -43.09 -38.61
N ASP Q 87 6.52 -42.49 -39.71
CA ASP Q 87 5.65 -41.55 -40.47
C ASP Q 87 4.70 -42.38 -41.35
N SER Q 88 3.80 -41.71 -42.07
CA SER Q 88 2.86 -42.43 -42.96
C SER Q 88 3.64 -43.22 -44.00
N ASN Q 89 4.71 -42.63 -44.55
CA ASN Q 89 5.47 -43.31 -45.63
C ASN Q 89 6.04 -44.62 -45.09
N GLY Q 90 6.31 -44.68 -43.78
CA GLY Q 90 6.94 -45.88 -43.21
C GLY Q 90 8.38 -45.61 -42.83
N SER Q 91 8.77 -44.33 -42.86
CA SER Q 91 10.16 -43.93 -42.52
C SER Q 91 10.32 -43.86 -41.00
N VAL Q 92 11.52 -44.14 -40.48
CA VAL Q 92 11.75 -44.11 -39.03
C VAL Q 92 12.16 -42.70 -38.63
N PHE Q 93 11.83 -42.33 -37.40
CA PHE Q 93 12.17 -41.03 -36.84
C PHE Q 93 12.32 -41.16 -35.33
N TYR Q 94 12.96 -40.17 -34.72
CA TYR Q 94 13.21 -40.19 -33.28
C TYR Q 94 12.90 -38.81 -32.70
N SER Q 95 12.21 -38.80 -31.56
CA SER Q 95 11.75 -37.56 -30.96
C SER Q 95 11.75 -37.68 -29.44
N ARG Q 96 12.09 -36.56 -28.78
CA ARG Q 96 12.07 -36.48 -27.32
C ARG Q 96 10.77 -35.95 -26.77
N ASN Q 97 9.87 -35.45 -27.62
CA ASN Q 97 8.62 -34.87 -27.16
C ASN Q 97 7.71 -35.98 -26.65
N GLY Q 98 6.82 -35.65 -25.72
CA GLY Q 98 5.95 -36.63 -25.12
C GLY Q 98 4.46 -36.35 -25.24
N GLN Q 99 4.12 -35.28 -25.94
CA GLN Q 99 2.67 -35.02 -26.11
C GLN Q 99 2.13 -36.05 -27.09
N PHE Q 100 1.43 -37.06 -26.59
CA PHE Q 100 0.79 -38.11 -27.37
C PHE Q 100 -0.72 -37.97 -27.30
N LYS Q 101 -1.38 -38.41 -28.37
CA LYS Q 101 -2.83 -38.44 -28.44
C LYS Q 101 -3.25 -39.67 -29.23
N LEU Q 102 -4.45 -40.15 -28.91
CA LEU Q 102 -4.96 -41.37 -29.60
C LEU Q 102 -5.62 -40.92 -30.90
N ASP Q 103 -4.93 -41.06 -32.03
CA ASP Q 103 -5.51 -40.68 -33.34
C ASP Q 103 -6.83 -41.44 -33.51
N GLU Q 104 -7.71 -40.94 -34.37
CA GLU Q 104 -9.05 -41.57 -34.52
C GLU Q 104 -8.92 -43.10 -34.45
N ASN Q 105 -8.09 -43.70 -35.29
CA ASN Q 105 -8.03 -45.18 -35.35
C ASN Q 105 -7.15 -45.76 -34.24
N ARG Q 106 -7.33 -45.32 -33.00
CA ARG Q 106 -6.63 -45.94 -31.85
C ARG Q 106 -5.14 -46.23 -32.13
N ASN Q 107 -4.32 -45.20 -32.32
CA ASN Q 107 -2.85 -45.43 -32.46
C ASN Q 107 -2.13 -44.28 -31.78
N LEU Q 108 -1.26 -44.57 -30.82
CA LEU Q 108 -0.59 -43.46 -30.08
C LEU Q 108 0.20 -42.62 -31.08
N VAL Q 109 -0.18 -41.36 -31.26
CA VAL Q 109 0.47 -40.46 -32.20
C VAL Q 109 0.78 -39.14 -31.51
N ASN Q 110 1.78 -38.44 -32.04
CA ASN Q 110 2.14 -37.11 -31.55
C ASN Q 110 1.28 -36.07 -32.28
N MET Q 111 1.60 -34.79 -32.08
CA MET Q 111 0.76 -33.73 -32.63
C MET Q 111 0.83 -33.68 -34.15
N GLN Q 112 1.92 -34.14 -34.74
CA GLN Q 112 2.05 -34.19 -36.19
C GLN Q 112 1.47 -35.47 -36.78
N GLY Q 113 0.91 -36.36 -35.97
CA GLY Q 113 0.26 -37.54 -36.46
C GLY Q 113 1.14 -38.74 -36.69
N MET Q 114 2.45 -38.61 -36.48
CA MET Q 114 3.33 -39.77 -36.63
C MET Q 114 3.06 -40.78 -35.53
N GLN Q 115 3.03 -42.05 -35.90
CA GLN Q 115 2.59 -43.11 -35.00
C GLN Q 115 3.75 -43.58 -34.12
N LEU Q 116 3.53 -43.55 -32.81
CA LEU Q 116 4.52 -44.10 -31.88
C LEU Q 116 4.66 -45.60 -32.09
N THR Q 117 5.89 -46.08 -32.12
CA THR Q 117 6.18 -47.48 -32.36
C THR Q 117 6.71 -48.13 -31.09
N GLY Q 118 6.49 -49.44 -31.00
CA GLY Q 118 6.93 -50.17 -29.84
C GLY Q 118 6.81 -51.66 -30.05
N TYR Q 119 7.28 -52.40 -29.07
CA TYR Q 119 7.16 -53.86 -29.11
C TYR Q 119 5.71 -54.24 -28.89
N PRO Q 120 5.08 -54.97 -29.82
CA PRO Q 120 3.66 -55.29 -29.68
C PRO Q 120 3.42 -56.40 -28.68
N ALA Q 121 2.18 -56.48 -28.20
CA ALA Q 121 1.76 -57.53 -27.29
C ALA Q 121 0.85 -58.49 -28.04
N THR Q 122 1.18 -59.78 -28.00
CA THR Q 122 0.43 -60.79 -28.71
C THR Q 122 0.28 -62.04 -27.83
N GLY Q 123 -0.66 -62.88 -28.20
CA GLY Q 123 -0.94 -64.10 -27.46
C GLY Q 123 -2.10 -63.95 -26.50
N THR Q 124 -2.37 -65.04 -25.80
CA THR Q 124 -3.46 -65.08 -24.84
C THR Q 124 -3.05 -65.88 -23.61
N PRO Q 125 -2.82 -65.24 -22.46
CA PRO Q 125 -2.94 -63.79 -22.21
C PRO Q 125 -1.82 -62.99 -22.88
N PRO Q 126 -2.13 -61.78 -23.34
CA PRO Q 126 -1.12 -61.01 -24.08
C PRO Q 126 0.12 -60.72 -23.25
N THR Q 127 1.28 -60.83 -23.89
CA THR Q 127 2.56 -60.49 -23.31
C THR Q 127 3.41 -59.77 -24.35
N ILE Q 128 4.35 -58.95 -23.87
CA ILE Q 128 5.20 -58.20 -24.79
C ILE Q 128 6.22 -59.15 -25.41
N GLN Q 129 6.33 -59.09 -26.74
CA GLN Q 129 7.31 -59.89 -27.48
C GLN Q 129 8.47 -58.98 -27.84
N GLN Q 130 9.49 -58.98 -26.98
CA GLN Q 130 10.61 -58.06 -27.14
C GLN Q 130 11.42 -58.34 -28.40
N GLY Q 131 11.52 -59.60 -28.82
CA GLY Q 131 12.31 -59.93 -29.99
C GLY Q 131 11.67 -59.56 -31.31
N ALA Q 132 10.38 -59.27 -31.33
CA ALA Q 132 9.70 -58.91 -32.56
C ALA Q 132 10.07 -57.51 -33.00
N ASN Q 133 9.91 -57.25 -34.30
CA ASN Q 133 10.20 -55.93 -34.84
C ASN Q 133 9.18 -54.91 -34.31
N PRO Q 134 9.60 -53.66 -34.11
CA PRO Q 134 8.69 -52.65 -33.56
C PRO Q 134 7.48 -52.43 -34.47
N ALA Q 135 6.33 -52.21 -33.84
CA ALA Q 135 5.07 -51.92 -34.50
C ALA Q 135 4.38 -50.75 -33.81
N PRO Q 136 3.51 -50.03 -34.51
CA PRO Q 136 2.79 -48.93 -33.88
C PRO Q 136 1.97 -49.40 -32.68
N ILE Q 137 1.96 -48.58 -31.63
CA ILE Q 137 1.24 -48.94 -30.42
C ILE Q 137 -0.24 -48.63 -30.60
N THR Q 138 -1.09 -49.62 -30.33
CA THR Q 138 -2.53 -49.51 -30.53
C THR Q 138 -3.26 -49.68 -29.21
N ILE Q 139 -4.36 -48.96 -29.06
CA ILE Q 139 -5.25 -49.11 -27.91
C ILE Q 139 -6.65 -49.35 -28.43
N PRO Q 140 -6.96 -50.55 -28.94
CA PRO Q 140 -8.29 -50.80 -29.50
C PRO Q 140 -9.35 -50.82 -28.40
N ASN Q 141 -10.58 -50.52 -28.79
CA ASN Q 141 -11.72 -50.55 -27.89
C ASN Q 141 -12.49 -51.86 -27.97
N THR Q 142 -11.91 -52.89 -28.58
CA THR Q 142 -12.60 -54.17 -28.72
C THR Q 142 -12.82 -54.81 -27.36
N LEU Q 143 -14.01 -55.40 -27.19
CA LEU Q 143 -14.37 -56.08 -25.95
C LEU Q 143 -13.60 -57.39 -25.83
N MET Q 144 -13.26 -57.73 -24.58
CA MET Q 144 -12.53 -58.95 -24.26
C MET Q 144 -13.51 -60.10 -24.14
N ALA Q 145 -13.19 -61.22 -24.77
CA ALA Q 145 -14.00 -62.43 -24.67
C ALA Q 145 -13.75 -63.07 -23.30
N ALA Q 146 -14.41 -64.18 -23.01
CA ALA Q 146 -14.27 -64.87 -21.74
C ALA Q 146 -13.19 -65.93 -21.83
N LYS Q 147 -12.49 -66.14 -20.73
CA LYS Q 147 -11.48 -67.19 -20.60
C LYS Q 147 -11.97 -68.21 -19.59
N SER Q 148 -12.18 -69.45 -20.06
CA SER Q 148 -12.60 -70.52 -19.16
C SER Q 148 -11.50 -70.82 -18.16
N THR Q 149 -11.89 -71.10 -16.92
CA THR Q 149 -10.93 -71.38 -15.87
C THR Q 149 -10.14 -72.64 -16.20
N THR Q 150 -8.81 -72.56 -16.06
CA THR Q 150 -7.93 -73.70 -16.31
C THR Q 150 -7.13 -74.14 -15.10
N THR Q 151 -6.72 -73.21 -14.24
CA THR Q 151 -5.97 -73.55 -13.03
C THR Q 151 -6.57 -72.79 -11.86
N ALA Q 152 -6.66 -73.47 -10.71
CA ALA Q 152 -7.13 -72.85 -9.48
C ALA Q 152 -6.24 -73.29 -8.34
N SER Q 153 -6.02 -72.38 -7.40
CA SER Q 153 -5.18 -72.65 -6.23
C SER Q 153 -5.91 -72.23 -4.98
N MET Q 154 -5.84 -73.06 -3.94
CA MET Q 154 -6.49 -72.80 -2.68
C MET Q 154 -5.54 -73.16 -1.54
N GLN Q 155 -4.87 -72.17 -0.99
CA GLN Q 155 -4.00 -72.35 0.16
C GLN Q 155 -4.85 -72.21 1.43
N ILE Q 156 -4.85 -73.25 2.26
CA ILE Q 156 -5.73 -73.37 3.41
C ILE Q 156 -4.91 -73.69 4.64
N ASN Q 157 -5.46 -73.40 5.82
CA ASN Q 157 -4.93 -73.84 7.10
C ASN Q 157 -5.98 -74.69 7.80
N LEU Q 158 -5.58 -75.89 8.23
CA LEU Q 158 -6.50 -76.82 8.87
C LEU Q 158 -6.07 -77.06 10.31
N ASN Q 159 -7.05 -77.11 11.21
CA ASN Q 159 -6.79 -77.30 12.63
C ASN Q 159 -6.53 -78.78 12.91
N SER Q 160 -5.49 -79.07 13.68
CA SER Q 160 -5.15 -80.44 14.00
C SER Q 160 -6.11 -81.04 15.03
N THR Q 161 -6.59 -80.23 15.97
CA THR Q 161 -7.42 -80.72 17.06
C THR Q 161 -8.89 -80.80 16.70
N ASP Q 162 -9.27 -80.47 15.46
CA ASP Q 162 -10.67 -80.55 15.07
C ASP Q 162 -11.14 -82.00 15.10
N PRO Q 163 -12.25 -82.29 15.76
CA PRO Q 163 -12.74 -83.67 15.82
C PRO Q 163 -13.39 -84.09 14.51
N VAL Q 164 -13.47 -85.40 14.31
CA VAL Q 164 -14.14 -86.00 13.16
C VAL Q 164 -15.62 -85.66 13.22
N PRO Q 165 -16.25 -85.28 12.10
CA PRO Q 165 -17.68 -84.95 12.14
C PRO Q 165 -18.51 -86.14 12.61
N SER Q 166 -19.58 -85.83 13.36
CA SER Q 166 -20.39 -86.87 13.97
C SER Q 166 -21.40 -87.45 12.98
N LYS Q 167 -22.13 -86.58 12.27
CA LYS Q 167 -23.23 -87.02 11.43
C LYS Q 167 -22.74 -87.63 10.12
N THR Q 168 -21.97 -88.70 10.21
CA THR Q 168 -21.58 -89.46 9.03
C THR Q 168 -22.81 -90.10 8.40
N PRO Q 169 -22.93 -90.08 7.06
CA PRO Q 169 -22.01 -89.54 6.04
C PRO Q 169 -22.14 -88.05 5.82
N PHE Q 170 -21.22 -87.49 5.02
CA PHE Q 170 -21.24 -86.06 4.74
C PHE Q 170 -22.54 -85.63 4.08
N SER Q 171 -23.11 -84.53 4.55
CA SER Q 171 -24.37 -84.00 4.05
C SER Q 171 -24.16 -82.54 3.66
N VAL Q 172 -24.61 -82.18 2.45
CA VAL Q 172 -24.50 -80.79 2.02
C VAL Q 172 -25.38 -79.89 2.87
N SER Q 173 -26.61 -80.34 3.16
CA SER Q 173 -27.54 -79.52 3.93
C SER Q 173 -27.07 -79.35 5.36
N ASP Q 174 -26.52 -80.40 5.96
CA ASP Q 174 -26.15 -80.41 7.37
C ASP Q 174 -24.71 -79.91 7.50
N ALA Q 175 -24.54 -78.80 8.23
CA ALA Q 175 -23.20 -78.23 8.40
C ALA Q 175 -22.36 -79.07 9.37
N ASP Q 176 -23.01 -79.79 10.27
CA ASP Q 176 -22.29 -80.56 11.29
C ASP Q 176 -21.63 -81.79 10.70
N SER Q 177 -21.96 -82.11 9.44
CA SER Q 177 -21.42 -83.30 8.79
C SER Q 177 -20.06 -83.07 8.14
N TYR Q 178 -19.55 -81.84 8.15
CA TYR Q 178 -18.26 -81.54 7.56
C TYR Q 178 -17.52 -80.55 8.44
N ASN Q 179 -16.21 -80.44 8.21
CA ASN Q 179 -15.38 -79.55 9.01
C ASN Q 179 -15.30 -78.13 8.44
N LYS Q 180 -15.07 -77.98 7.14
CA LYS Q 180 -14.90 -76.64 6.59
C LYS Q 180 -15.54 -76.59 5.20
N LYS Q 181 -16.06 -75.42 4.84
CA LYS Q 181 -16.61 -75.16 3.53
C LYS Q 181 -16.01 -73.89 2.95
N GLY Q 182 -15.58 -73.96 1.70
CA GLY Q 182 -15.05 -72.79 1.00
C GLY Q 182 -15.72 -72.64 -0.36
N THR Q 183 -15.63 -71.43 -0.89
CA THR Q 183 -16.24 -71.12 -2.18
C THR Q 183 -15.20 -70.47 -3.08
N VAL Q 184 -15.11 -70.96 -4.31
CA VAL Q 184 -14.23 -70.39 -5.33
C VAL Q 184 -15.06 -70.09 -6.57
N THR Q 185 -14.98 -68.87 -7.07
CA THR Q 185 -15.78 -68.47 -8.22
C THR Q 185 -14.95 -68.66 -9.50
N VAL Q 186 -15.38 -69.60 -10.32
CA VAL Q 186 -14.72 -69.86 -11.60
C VAL Q 186 -15.65 -69.45 -12.73
N TYR Q 187 -15.10 -69.45 -13.95
CA TYR Q 187 -15.83 -69.02 -15.13
C TYR Q 187 -15.59 -69.99 -16.27
N ASP Q 188 -16.62 -70.22 -17.08
CA ASP Q 188 -16.52 -71.10 -18.23
C ASP Q 188 -16.18 -70.28 -19.47
N SER Q 189 -16.28 -70.90 -20.65
CA SER Q 189 -15.95 -70.21 -21.90
C SER Q 189 -16.89 -69.06 -22.19
N GLN Q 190 -18.14 -69.12 -21.73
CA GLN Q 190 -19.10 -68.05 -21.96
C GLN Q 190 -19.09 -66.99 -20.87
N GLY Q 191 -18.31 -67.17 -19.82
CA GLY Q 191 -18.20 -66.16 -18.78
C GLY Q 191 -19.21 -66.28 -17.66
N ASN Q 192 -19.97 -67.38 -17.61
CA ASN Q 192 -20.89 -67.58 -16.51
C ASN Q 192 -20.13 -67.87 -15.23
N ALA Q 193 -20.76 -67.54 -14.10
CA ALA Q 193 -20.13 -67.70 -12.79
C ALA Q 193 -20.52 -69.03 -12.17
N HIS Q 194 -19.53 -69.79 -11.72
CA HIS Q 194 -19.74 -71.05 -11.01
C HIS Q 194 -19.11 -70.91 -9.64
N ASP Q 195 -19.95 -70.88 -8.59
CA ASP Q 195 -19.48 -70.79 -7.22
C ASP Q 195 -19.22 -72.19 -6.72
N MET Q 196 -18.06 -72.74 -7.07
CA MET Q 196 -17.70 -74.10 -6.70
C MET Q 196 -17.49 -74.16 -5.19
N ASN Q 197 -18.21 -75.07 -4.53
CA ASN Q 197 -18.04 -75.30 -3.10
C ASN Q 197 -17.10 -76.46 -2.87
N VAL Q 198 -16.15 -76.26 -1.96
CA VAL Q 198 -15.17 -77.27 -1.59
C VAL Q 198 -15.38 -77.59 -0.11
N TYR Q 199 -15.61 -78.85 0.20
CA TYR Q 199 -15.89 -79.30 1.55
C TYR Q 199 -14.72 -80.14 2.06
N PHE Q 200 -14.19 -79.76 3.22
CA PHE Q 200 -13.10 -80.48 3.88
C PHE Q 200 -13.69 -81.21 5.08
N VAL Q 201 -13.55 -82.54 5.08
CA VAL Q 201 -14.10 -83.40 6.13
C VAL Q 201 -12.94 -84.22 6.68
N LYS Q 202 -12.63 -84.05 7.96
CA LYS Q 202 -11.55 -84.81 8.57
C LYS Q 202 -11.97 -86.26 8.80
N THR Q 203 -11.43 -87.18 8.01
CA THR Q 203 -11.80 -88.58 8.11
C THR Q 203 -11.05 -89.32 9.21
N LYS Q 204 -9.75 -89.09 9.33
CA LYS Q 204 -8.94 -89.73 10.36
C LYS Q 204 -7.72 -88.84 10.62
N ASP Q 205 -6.73 -89.38 11.33
CA ASP Q 205 -5.53 -88.62 11.64
C ASP Q 205 -4.82 -88.21 10.36
N ASN Q 206 -4.71 -86.90 10.16
CA ASN Q 206 -4.02 -86.27 9.04
C ASN Q 206 -4.60 -86.66 7.68
N GLU Q 207 -5.88 -86.99 7.61
CA GLU Q 207 -6.54 -87.30 6.35
C GLU Q 207 -7.83 -86.49 6.25
N TRP Q 208 -7.94 -85.70 5.19
CA TRP Q 208 -9.10 -84.85 4.95
C TRP Q 208 -9.69 -85.19 3.59
N ALA Q 209 -10.89 -85.76 3.60
CA ALA Q 209 -11.63 -85.93 2.35
C ALA Q 209 -12.09 -84.58 1.84
N VAL Q 210 -11.96 -84.37 0.54
CA VAL Q 210 -12.31 -83.12 -0.11
C VAL Q 210 -13.39 -83.42 -1.14
N TYR Q 211 -14.55 -82.80 -0.95
CA TYR Q 211 -15.69 -82.92 -1.86
C TYR Q 211 -15.84 -81.64 -2.65
N THR Q 212 -16.27 -81.78 -3.91
CA THR Q 212 -16.48 -80.63 -4.78
C THR Q 212 -17.92 -80.63 -5.29
N HIS Q 213 -18.53 -79.45 -5.29
CA HIS Q 213 -19.92 -79.33 -5.72
C HIS Q 213 -20.07 -78.02 -6.50
N ASP Q 214 -21.03 -78.00 -7.42
CA ASP Q 214 -21.31 -76.79 -8.20
C ASP Q 214 -22.67 -76.24 -7.76
N SER Q 215 -22.66 -75.11 -7.05
CA SER Q 215 -23.88 -74.51 -6.56
C SER Q 215 -24.65 -73.74 -7.62
N SER Q 216 -23.99 -73.35 -8.72
CA SER Q 216 -24.65 -72.59 -9.77
C SER Q 216 -25.56 -73.44 -10.65
N ASP Q 217 -25.39 -74.76 -10.64
CA ASP Q 217 -26.21 -75.63 -11.47
C ASP Q 217 -27.42 -76.13 -10.67
N PRO Q 218 -28.64 -75.76 -11.07
CA PRO Q 218 -29.83 -76.26 -10.36
C PRO Q 218 -30.02 -77.76 -10.46
N ALA Q 219 -29.42 -78.42 -11.46
CA ALA Q 219 -29.52 -79.86 -11.61
C ALA Q 219 -28.29 -80.60 -11.11
N ALA Q 220 -27.37 -79.90 -10.46
CA ALA Q 220 -26.18 -80.54 -9.91
C ALA Q 220 -26.55 -81.44 -8.74
N THR Q 221 -25.99 -82.64 -8.73
CA THR Q 221 -26.29 -83.61 -7.68
C THR Q 221 -25.36 -83.42 -6.49
N ALA Q 222 -25.81 -83.86 -5.32
CA ALA Q 222 -24.99 -83.82 -4.12
C ALA Q 222 -23.86 -84.83 -4.24
N PRO Q 223 -22.61 -84.45 -4.00
CA PRO Q 223 -21.48 -85.38 -4.18
C PRO Q 223 -21.52 -86.50 -3.15
N THR Q 224 -21.65 -87.74 -3.63
CA THR Q 224 -21.58 -88.92 -2.78
C THR Q 224 -20.19 -89.52 -2.72
N THR Q 225 -19.25 -89.02 -3.52
CA THR Q 225 -17.88 -89.51 -3.55
C THR Q 225 -16.93 -88.33 -3.35
N ALA Q 226 -15.97 -88.50 -2.44
CA ALA Q 226 -15.00 -87.45 -2.18
C ALA Q 226 -14.17 -87.18 -3.43
N SER Q 227 -13.99 -85.90 -3.74
CA SER Q 227 -13.21 -85.54 -4.93
C SER Q 227 -11.75 -85.95 -4.79
N THR Q 228 -11.16 -85.72 -3.61
CA THR Q 228 -9.78 -86.14 -3.39
C THR Q 228 -9.55 -86.34 -1.90
N THR Q 229 -8.31 -86.66 -1.54
CA THR Q 229 -7.92 -86.89 -0.16
C THR Q 229 -6.62 -86.14 0.11
N LEU Q 230 -6.68 -85.14 0.98
CA LEU Q 230 -5.47 -84.44 1.42
C LEU Q 230 -4.85 -85.19 2.59
N LYS Q 231 -3.56 -85.52 2.44
CA LYS Q 231 -2.80 -86.17 3.51
C LYS Q 231 -1.64 -85.26 3.90
N PHE Q 232 -1.53 -84.98 5.18
CA PHE Q 232 -0.49 -84.13 5.73
C PHE Q 232 0.58 -84.97 6.40
N ASN Q 233 1.84 -84.57 6.22
CA ASN Q 233 2.95 -85.25 6.87
C ASN Q 233 2.93 -84.94 8.37
N GLU Q 234 3.90 -85.47 9.12
CA GLU Q 234 3.86 -85.38 10.62
C GLU Q 234 4.35 -84.03 11.15
N ASN Q 235 4.49 -83.04 10.28
CA ASN Q 235 4.81 -81.68 10.75
C ASN Q 235 3.66 -80.81 10.25
N GLY Q 236 2.97 -81.27 9.20
CA GLY Q 236 1.83 -80.56 8.67
C GLY Q 236 1.93 -80.14 7.22
N ILE Q 237 2.99 -80.53 6.51
CA ILE Q 237 3.15 -80.18 5.10
C ILE Q 237 2.36 -81.18 4.26
N LEU Q 238 1.59 -80.67 3.30
CA LEU Q 238 0.87 -81.52 2.38
C LEU Q 238 1.85 -82.28 1.49
N GLU Q 239 1.64 -83.59 1.36
CA GLU Q 239 2.53 -84.45 0.59
C GLU Q 239 1.85 -85.15 -0.56
N SER Q 240 0.60 -85.61 -0.38
CA SER Q 240 -0.09 -86.36 -1.42
C SER Q 240 -1.50 -85.81 -1.57
N GLY Q 241 -2.04 -85.97 -2.78
CA GLY Q 241 -3.38 -85.53 -3.09
C GLY Q 241 -3.56 -84.04 -3.24
N GLY Q 242 -2.48 -83.29 -3.45
CA GLY Q 242 -2.56 -81.84 -3.50
C GLY Q 242 -3.13 -81.26 -4.77
N THR Q 243 -3.31 -82.06 -5.82
CA THR Q 243 -3.82 -81.57 -7.10
C THR Q 243 -4.87 -82.53 -7.61
N VAL Q 244 -5.96 -81.99 -8.16
CA VAL Q 244 -7.00 -82.83 -8.73
C VAL Q 244 -7.75 -82.04 -9.81
N ASN Q 245 -8.24 -82.75 -10.81
CA ASN Q 245 -8.97 -82.10 -11.90
C ASN Q 245 -10.46 -82.18 -11.65
N ILE Q 246 -11.15 -81.04 -11.79
CA ILE Q 246 -12.58 -80.93 -11.51
C ILE Q 246 -13.27 -80.32 -12.72
N THR Q 247 -14.52 -80.75 -12.95
CA THR Q 247 -15.33 -80.27 -14.05
C THR Q 247 -16.57 -79.58 -13.50
N THR Q 248 -16.87 -78.39 -14.01
CA THR Q 248 -18.00 -77.62 -13.52
C THR Q 248 -19.31 -78.14 -14.13
N GLY Q 249 -20.40 -77.45 -13.80
CA GLY Q 249 -21.68 -77.81 -14.35
C GLY Q 249 -21.92 -77.18 -15.71
N THR Q 250 -23.06 -77.54 -16.30
CA THR Q 250 -23.48 -77.03 -17.61
C THR Q 250 -24.57 -75.99 -17.39
N ILE Q 251 -24.25 -74.73 -17.65
CA ILE Q 251 -25.17 -73.61 -17.47
C ILE Q 251 -25.50 -73.02 -18.83
N ASN Q 252 -26.79 -73.00 -19.16
CA ASN Q 252 -27.30 -72.36 -20.38
C ASN Q 252 -26.60 -72.90 -21.64
N GLY Q 253 -26.28 -74.19 -21.64
CA GLY Q 253 -25.65 -74.83 -22.77
C GLY Q 253 -24.17 -74.58 -22.92
N ALA Q 254 -23.55 -73.86 -21.98
CA ALA Q 254 -22.12 -73.57 -22.08
C ALA Q 254 -21.30 -74.82 -21.75
N THR Q 255 -20.11 -74.88 -22.33
CA THR Q 255 -19.21 -75.99 -22.08
C THR Q 255 -18.68 -75.93 -20.64
N ALA Q 256 -18.74 -77.06 -19.95
CA ALA Q 256 -18.25 -77.12 -18.58
C ALA Q 256 -16.74 -76.94 -18.55
N ALA Q 257 -16.26 -76.24 -17.52
CA ALA Q 257 -14.83 -75.96 -17.39
C ALA Q 257 -14.14 -77.08 -16.63
N THR Q 258 -13.12 -77.66 -17.23
CA THR Q 258 -12.30 -78.69 -16.60
C THR Q 258 -10.96 -78.06 -16.21
N PHE Q 259 -10.74 -77.91 -14.91
CA PHE Q 259 -9.59 -77.18 -14.41
C PHE Q 259 -8.92 -77.96 -13.29
N SER Q 260 -7.63 -77.70 -13.12
CA SER Q 260 -6.84 -78.36 -12.07
C SER Q 260 -6.85 -77.48 -10.83
N LEU Q 261 -7.41 -77.99 -9.74
CA LEU Q 261 -7.38 -77.32 -8.45
C LEU Q 261 -6.25 -77.90 -7.62
N SER Q 262 -5.42 -77.02 -7.06
CA SER Q 262 -4.27 -77.41 -6.27
C SER Q 262 -4.36 -76.81 -4.87
N PHE Q 263 -4.18 -77.66 -3.86
CA PHE Q 263 -4.09 -77.23 -2.47
C PHE Q 263 -2.64 -77.15 -2.01
N LEU Q 264 -1.72 -76.80 -2.90
CA LEU Q 264 -0.30 -76.77 -2.58
C LEU Q 264 -0.02 -75.69 -1.55
N ASN Q 265 0.98 -75.93 -0.71
CA ASN Q 265 1.45 -75.03 0.35
C ASN Q 265 0.49 -74.95 1.54
N SER Q 266 -0.62 -75.68 1.49
CA SER Q 266 -1.51 -75.75 2.65
C SER Q 266 -0.85 -76.53 3.78
N MET Q 267 -1.13 -76.13 5.01
CA MET Q 267 -0.54 -76.75 6.18
C MET Q 267 -1.62 -77.05 7.20
N GLN Q 268 -1.43 -78.14 7.95
CA GLN Q 268 -2.31 -78.51 9.06
C GLN Q 268 -1.44 -78.54 10.31
N GLN Q 269 -1.65 -77.55 11.17
CA GLN Q 269 -1.01 -77.46 12.48
C GLN Q 269 -2.05 -77.03 13.51
N ASN Q 270 -1.58 -76.67 14.70
CA ASN Q 270 -2.49 -76.28 15.77
C ASN Q 270 -2.91 -74.83 15.61
N THR Q 271 -3.52 -74.50 14.48
CA THR Q 271 -4.06 -73.16 14.28
C THR Q 271 -5.36 -73.01 15.07
N GLY Q 272 -5.82 -71.76 15.19
CA GLY Q 272 -7.10 -71.52 15.88
C GLY Q 272 -8.19 -72.38 15.28
N ALA Q 273 -8.63 -72.05 14.07
CA ALA Q 273 -9.69 -72.81 13.40
C ALA Q 273 -9.41 -72.86 11.89
N ASN Q 274 -10.12 -73.72 11.17
CA ASN Q 274 -9.85 -73.88 9.72
C ASN Q 274 -10.06 -72.53 9.02
N ASN Q 275 -9.01 -71.99 8.39
CA ASN Q 275 -9.11 -70.69 7.70
C ASN Q 275 -8.67 -70.87 6.24
N ILE Q 276 -9.23 -70.09 5.32
CA ILE Q 276 -8.76 -70.15 3.90
C ILE Q 276 -7.75 -69.01 3.70
N VAL Q 277 -6.47 -69.33 3.62
CA VAL Q 277 -5.41 -68.33 3.48
C VAL Q 277 -5.53 -67.58 2.17
N ALA Q 278 -5.70 -68.29 1.06
CA ALA Q 278 -5.75 -67.63 -0.24
C ALA Q 278 -6.46 -68.51 -1.25
N THR Q 279 -7.13 -67.86 -2.21
CA THR Q 279 -7.75 -68.54 -3.33
C THR Q 279 -7.47 -67.74 -4.60
N ASN Q 280 -7.32 -68.46 -5.71
CA ASN Q 280 -7.02 -67.82 -6.98
C ASN Q 280 -7.45 -68.71 -8.12
N GLN Q 281 -7.85 -68.06 -9.23
CA GLN Q 281 -8.21 -68.76 -10.46
C GLN Q 281 -7.93 -67.84 -11.63
N ASN Q 282 -7.56 -68.44 -12.77
CA ASN Q 282 -7.06 -67.69 -13.91
C ASN Q 282 -8.14 -67.33 -14.92
N GLY Q 283 -9.39 -67.70 -14.69
CA GLY Q 283 -10.46 -67.33 -15.59
C GLY Q 283 -11.06 -65.97 -15.25
N TYR Q 284 -11.92 -65.48 -16.13
CA TYR Q 284 -12.58 -64.21 -15.92
C TYR Q 284 -13.84 -64.15 -16.77
N LYS Q 285 -14.52 -63.00 -16.71
CA LYS Q 285 -15.78 -62.67 -17.36
C LYS Q 285 -15.54 -61.61 -18.45
N PRO Q 286 -16.36 -61.61 -19.52
CA PRO Q 286 -16.20 -60.58 -20.55
C PRO Q 286 -16.28 -59.16 -19.99
N GLY Q 287 -15.39 -58.29 -20.45
CA GLY Q 287 -15.36 -56.92 -19.96
C GLY Q 287 -14.99 -55.97 -21.07
N ASP Q 288 -15.43 -54.71 -20.90
CA ASP Q 288 -15.18 -53.65 -21.85
C ASP Q 288 -14.03 -52.78 -21.35
N LEU Q 289 -13.35 -52.13 -22.31
CA LEU Q 289 -12.26 -51.24 -21.99
C LEU Q 289 -12.76 -50.04 -21.19
N VAL Q 290 -12.16 -49.80 -20.04
CA VAL Q 290 -12.51 -48.68 -19.18
C VAL Q 290 -11.44 -47.60 -19.19
N SER Q 291 -10.17 -47.99 -19.11
CA SER Q 291 -9.11 -46.99 -19.05
C SER Q 291 -7.86 -47.51 -19.76
N TYR Q 292 -7.00 -46.57 -20.14
CA TYR Q 292 -5.70 -46.88 -20.71
C TYR Q 292 -4.65 -46.02 -20.02
N GLN Q 293 -3.47 -46.60 -19.79
CA GLN Q 293 -2.43 -45.91 -19.06
C GLN Q 293 -1.06 -46.32 -19.58
N ILE Q 294 -0.09 -45.44 -19.33
CA ILE Q 294 1.32 -45.71 -19.65
C ILE Q 294 2.08 -45.78 -18.33
N ASN Q 295 2.68 -46.94 -18.06
CA ASN Q 295 3.34 -47.18 -16.79
C ASN Q 295 4.76 -46.61 -16.80
N ASN Q 296 5.40 -46.70 -15.63
CA ASN Q 296 6.75 -46.16 -15.45
C ASN Q 296 7.79 -46.87 -16.30
N ASP Q 297 7.61 -48.16 -16.58
CA ASP Q 297 8.55 -48.93 -17.36
C ASP Q 297 8.45 -48.57 -18.84
N GLY Q 298 7.31 -48.02 -19.27
CA GLY Q 298 7.06 -47.76 -20.67
C GLY Q 298 6.07 -48.69 -21.33
N THR Q 299 5.60 -49.71 -20.61
CA THR Q 299 4.52 -50.54 -21.12
C THR Q 299 3.21 -49.76 -21.10
N VAL Q 300 2.29 -50.14 -21.97
CA VAL Q 300 0.96 -49.54 -22.02
C VAL Q 300 -0.06 -50.60 -21.61
N VAL Q 301 -0.96 -50.23 -20.69
CA VAL Q 301 -1.86 -51.17 -20.04
C VAL Q 301 -3.29 -50.66 -20.20
N GLY Q 302 -4.18 -51.54 -20.65
CA GLY Q 302 -5.60 -51.26 -20.70
C GLY Q 302 -6.33 -51.99 -19.59
N ASN Q 303 -7.03 -51.22 -18.77
CA ASN Q 303 -7.81 -51.76 -17.66
C ASN Q 303 -9.27 -51.88 -18.09
N TYR Q 304 -9.80 -53.09 -18.01
CA TYR Q 304 -11.13 -53.43 -18.49
C TYR Q 304 -12.10 -53.55 -17.33
N SER Q 305 -13.35 -53.89 -17.63
CA SER Q 305 -14.42 -53.93 -16.65
C SER Q 305 -14.42 -55.19 -15.79
N ASN Q 306 -13.67 -56.23 -16.18
CA ASN Q 306 -13.64 -57.46 -15.42
C ASN Q 306 -12.52 -57.47 -14.38
N GLU Q 307 -12.07 -56.27 -13.98
CA GLU Q 307 -11.04 -56.11 -12.96
C GLU Q 307 -9.77 -56.87 -13.33
N GLN Q 308 -9.37 -56.73 -14.58
CA GLN Q 308 -8.16 -57.38 -15.07
C GLN Q 308 -7.54 -56.52 -16.16
N GLU Q 309 -6.22 -56.52 -16.23
CA GLU Q 309 -5.48 -55.67 -17.14
C GLU Q 309 -4.97 -56.46 -18.35
N GLN Q 310 -4.79 -55.76 -19.46
CA GLN Q 310 -4.15 -56.32 -20.65
C GLN Q 310 -3.02 -55.42 -21.09
N VAL Q 311 -1.86 -56.01 -21.35
CA VAL Q 311 -0.76 -55.25 -21.93
C VAL Q 311 -1.03 -55.08 -23.43
N LEU Q 312 -0.83 -53.87 -23.92
CA LEU Q 312 -1.06 -53.57 -25.33
C LEU Q 312 0.22 -53.33 -26.10
N GLY Q 313 1.33 -53.09 -25.41
CA GLY Q 313 2.59 -52.86 -26.06
C GLY Q 313 3.58 -52.24 -25.09
N GLN Q 314 4.82 -52.16 -25.53
CA GLN Q 314 5.90 -51.58 -24.74
C GLN Q 314 6.59 -50.51 -25.58
N ILE Q 315 6.66 -49.28 -25.04
CA ILE Q 315 7.32 -48.20 -25.75
C ILE Q 315 8.82 -48.45 -25.78
N VAL Q 316 9.40 -48.40 -26.98
CA VAL Q 316 10.81 -48.71 -27.17
C VAL Q 316 11.60 -47.41 -27.27
N LEU Q 317 12.70 -47.34 -26.53
CA LEU Q 317 13.62 -46.23 -26.61
C LEU Q 317 14.82 -46.60 -27.47
N ALA Q 318 15.42 -45.59 -28.10
CA ALA Q 318 16.57 -45.79 -28.97
C ALA Q 318 17.70 -44.84 -28.56
N ASN Q 319 18.92 -45.35 -28.59
CA ASN Q 319 20.10 -44.53 -28.33
C ASN Q 319 21.11 -44.72 -29.45
N PHE Q 320 22.01 -43.74 -29.58
CA PHE Q 320 22.97 -43.69 -30.67
C PHE Q 320 24.38 -43.53 -30.12
N ALA Q 321 25.35 -44.00 -30.91
CA ALA Q 321 26.75 -43.76 -30.57
C ALA Q 321 27.11 -42.28 -30.62
N ASN Q 322 26.59 -41.56 -31.61
CA ASN Q 322 26.83 -40.13 -31.76
C ASN Q 322 25.48 -39.43 -31.88
N ASN Q 323 25.07 -38.76 -30.80
CA ASN Q 323 23.81 -38.03 -30.82
C ASN Q 323 23.86 -36.84 -31.78
N GLU Q 324 25.00 -36.16 -31.86
CA GLU Q 324 25.12 -34.98 -32.71
C GLU Q 324 24.99 -35.30 -34.19
N GLY Q 325 25.16 -36.56 -34.58
CA GLY Q 325 25.02 -36.93 -35.97
C GLY Q 325 23.59 -36.98 -36.47
N LEU Q 326 22.61 -36.87 -35.59
CA LEU Q 326 21.21 -36.84 -36.00
C LEU Q 326 20.90 -35.57 -36.77
N ALA Q 327 20.13 -35.70 -37.84
CA ALA Q 327 19.72 -34.56 -38.65
C ALA Q 327 18.30 -34.18 -38.28
N SER Q 328 18.13 -32.97 -37.76
CA SER Q 328 16.80 -32.51 -37.37
C SER Q 328 15.94 -32.29 -38.62
N GLN Q 329 14.74 -32.85 -38.61
CA GLN Q 329 13.83 -32.76 -39.74
C GLN Q 329 12.66 -31.83 -39.49
N GLY Q 330 12.70 -31.05 -38.41
CA GLY Q 330 11.56 -30.25 -38.04
C GLY Q 330 10.55 -31.05 -37.24
N ASP Q 331 9.52 -30.34 -36.78
CA ASP Q 331 8.46 -30.94 -35.96
C ASP Q 331 9.06 -31.61 -34.71
N ASN Q 332 10.11 -31.01 -34.17
CA ASN Q 332 10.95 -31.61 -33.11
C ASN Q 332 11.12 -33.11 -33.33
N VAL Q 333 11.67 -33.48 -34.49
CA VAL Q 333 11.83 -34.87 -34.90
C VAL Q 333 13.22 -35.03 -35.52
N TRP Q 334 13.92 -36.11 -35.14
CA TRP Q 334 15.25 -36.42 -35.64
C TRP Q 334 15.20 -37.64 -36.53
N ALA Q 335 16.05 -37.66 -37.55
CA ALA Q 335 16.22 -38.81 -38.42
C ALA Q 335 17.67 -39.28 -38.37
N ALA Q 336 17.85 -40.59 -38.18
CA ALA Q 336 19.19 -41.14 -38.06
C ALA Q 336 19.93 -41.07 -39.39
N THR Q 337 21.21 -40.70 -39.33
CA THR Q 337 22.07 -40.60 -40.50
C THR Q 337 23.29 -41.47 -40.29
N GLN Q 338 24.18 -41.47 -41.29
CA GLN Q 338 25.41 -42.26 -41.19
C GLN Q 338 26.32 -41.73 -40.08
N ALA Q 339 26.29 -40.42 -39.81
CA ALA Q 339 27.12 -39.84 -38.77
C ALA Q 339 26.70 -40.31 -37.38
N SER Q 340 25.43 -40.71 -37.21
CA SER Q 340 24.96 -41.19 -35.92
C SER Q 340 25.01 -42.71 -35.80
N GLY Q 341 25.06 -43.44 -36.92
CA GLY Q 341 25.08 -44.87 -36.89
C GLY Q 341 23.70 -45.47 -36.70
N VAL Q 342 23.67 -46.80 -36.61
CA VAL Q 342 22.41 -47.51 -36.42
C VAL Q 342 21.88 -47.26 -35.01
N ALA Q 343 20.56 -47.26 -34.89
CA ALA Q 343 19.92 -47.01 -33.61
C ALA Q 343 19.89 -48.29 -32.77
N LEU Q 344 20.36 -48.20 -31.53
CA LEU Q 344 20.27 -49.32 -30.60
C LEU Q 344 18.97 -49.20 -29.82
N LEU Q 345 18.11 -50.21 -29.96
CA LEU Q 345 16.76 -50.17 -29.40
C LEU Q 345 16.69 -50.98 -28.11
N GLY Q 346 15.73 -50.62 -27.27
CA GLY Q 346 15.52 -51.36 -26.04
C GLY Q 346 14.36 -50.81 -25.25
N THR Q 347 14.22 -51.31 -24.03
CA THR Q 347 13.17 -50.89 -23.12
C THR Q 347 13.72 -49.90 -22.11
N ALA Q 348 12.84 -49.00 -21.65
CA ALA Q 348 13.26 -47.97 -20.71
C ALA Q 348 13.67 -48.58 -19.38
N GLY Q 349 14.61 -47.92 -18.71
CA GLY Q 349 15.07 -48.38 -17.41
C GLY Q 349 16.10 -49.48 -17.43
N SER Q 350 16.67 -49.80 -18.59
CA SER Q 350 17.67 -50.85 -18.70
C SER Q 350 18.86 -50.34 -19.51
N GLY Q 351 20.05 -50.79 -19.13
CA GLY Q 351 21.25 -50.41 -19.86
C GLY Q 351 21.52 -48.92 -19.74
N ASN Q 352 21.62 -48.25 -20.89
CA ASN Q 352 21.86 -46.81 -20.94
C ASN Q 352 20.58 -46.02 -21.17
N PHE Q 353 19.43 -46.65 -21.00
CA PHE Q 353 18.14 -46.03 -21.21
C PHE Q 353 17.60 -45.54 -19.86
N GLY Q 354 17.16 -44.29 -19.83
CA GLY Q 354 16.65 -43.72 -18.61
C GLY Q 354 15.21 -44.12 -18.34
N LYS Q 355 14.71 -43.71 -17.18
CA LYS Q 355 13.36 -44.03 -16.76
C LYS Q 355 12.36 -43.05 -17.38
N LEU Q 356 11.21 -43.59 -17.77
CA LEU Q 356 10.13 -42.76 -18.30
C LEU Q 356 9.29 -42.21 -17.17
N THR Q 357 9.07 -40.90 -17.18
CA THR Q 357 8.24 -40.24 -16.20
C THR Q 357 6.88 -39.96 -16.83
N ASN Q 358 5.83 -40.53 -16.25
CA ASN Q 358 4.49 -40.38 -16.79
C ASN Q 358 3.81 -39.13 -16.24
N GLY Q 359 2.94 -38.54 -17.05
CA GLY Q 359 2.21 -37.36 -16.62
C GLY Q 359 3.02 -36.09 -16.61
N ALA Q 360 4.23 -36.10 -17.17
CA ALA Q 360 5.09 -34.94 -17.18
C ALA Q 360 5.76 -34.81 -18.54
N LEU Q 361 6.25 -33.61 -18.83
CA LEU Q 361 6.82 -33.27 -20.12
C LEU Q 361 8.21 -32.68 -19.94
N GLU Q 362 9.08 -32.95 -20.91
CA GLU Q 362 10.43 -32.41 -20.91
C GLU Q 362 10.43 -31.06 -21.62
N ALA Q 363 10.71 -29.99 -20.88
CA ALA Q 363 10.76 -28.67 -21.47
C ALA Q 363 12.06 -28.48 -22.23
N SER Q 364 12.17 -27.34 -22.92
CA SER Q 364 13.36 -27.03 -23.69
C SER Q 364 14.52 -26.69 -22.75
N ASN Q 365 15.74 -26.73 -23.29
CA ASN Q 365 16.95 -26.46 -22.51
C ASN Q 365 17.62 -25.15 -22.93
N VAL Q 366 16.86 -24.22 -23.47
CA VAL Q 366 17.40 -22.94 -23.94
C VAL Q 366 17.44 -21.97 -22.77
N ASP Q 367 18.63 -21.45 -22.48
CA ASP Q 367 18.78 -20.42 -21.46
C ASP Q 367 18.76 -19.04 -22.12
N LEU Q 368 17.82 -18.20 -21.69
CA LEU Q 368 17.52 -16.95 -22.37
C LEU Q 368 18.60 -15.89 -22.17
N SER Q 369 19.17 -15.80 -20.97
CA SER Q 369 20.19 -14.79 -20.71
C SER Q 369 21.42 -15.01 -21.59
N LYS Q 370 21.86 -16.27 -21.69
CA LYS Q 370 22.99 -16.61 -22.55
C LYS Q 370 22.68 -16.26 -24.00
N GLU Q 371 21.45 -16.55 -24.44
CA GLU Q 371 21.07 -16.22 -25.81
C GLU Q 371 21.12 -14.72 -26.05
N LEU Q 372 20.65 -13.92 -25.10
CA LEU Q 372 20.67 -12.47 -25.28
C LEU Q 372 22.08 -11.93 -25.34
N VAL Q 373 22.96 -12.39 -24.44
CA VAL Q 373 24.33 -11.87 -24.46
C VAL Q 373 25.07 -12.33 -25.72
N ASN Q 374 24.78 -13.55 -26.19
CA ASN Q 374 25.38 -14.00 -27.44
C ASN Q 374 24.86 -13.18 -28.61
N MET Q 375 23.59 -12.79 -28.57
CA MET Q 375 23.04 -11.90 -29.60
C MET Q 375 23.78 -10.58 -29.61
N ILE Q 376 24.06 -10.03 -28.42
CA ILE Q 376 24.77 -8.75 -28.35
C ILE Q 376 26.17 -8.87 -28.95
N VAL Q 377 26.92 -9.90 -28.53
CA VAL Q 377 28.29 -10.02 -29.01
C VAL Q 377 28.32 -10.31 -30.50
N ALA Q 378 27.35 -11.07 -31.00
CA ALA Q 378 27.28 -11.36 -32.43
C ALA Q 378 26.95 -10.11 -33.22
N GLN Q 379 26.06 -9.25 -32.69
CA GLN Q 379 25.79 -7.98 -33.33
C GLN Q 379 27.06 -7.14 -33.45
N ARG Q 380 27.84 -7.08 -32.36
CA ARG Q 380 29.09 -6.30 -32.41
C ARG Q 380 30.06 -6.87 -33.44
N ASN Q 381 30.21 -8.20 -33.48
CA ASN Q 381 31.11 -8.81 -34.46
C ASN Q 381 30.65 -8.53 -35.88
N TYR Q 382 29.35 -8.62 -36.13
CA TYR Q 382 28.81 -8.37 -37.46
C TYR Q 382 29.07 -6.91 -37.88
N GLN Q 383 28.88 -5.99 -36.94
CA GLN Q 383 29.16 -4.58 -37.24
C GLN Q 383 30.63 -4.36 -37.53
N SER Q 384 31.52 -5.05 -36.81
CA SER Q 384 32.95 -4.94 -37.09
C SER Q 384 33.27 -5.42 -38.51
N ASN Q 385 32.68 -6.55 -38.91
CA ASN Q 385 32.91 -7.04 -40.26
C ASN Q 385 32.38 -6.08 -41.32
N ALA Q 386 31.21 -5.48 -41.06
CA ALA Q 386 30.69 -4.47 -41.97
C ALA Q 386 31.62 -3.27 -42.05
N GLN Q 387 32.23 -2.89 -40.92
CA GLN Q 387 33.21 -1.82 -40.92
C GLN Q 387 34.39 -2.15 -41.81
N THR Q 388 34.87 -3.40 -41.74
CA THR Q 388 35.96 -3.83 -42.61
C THR Q 388 35.57 -3.74 -44.08
N ILE Q 389 34.35 -4.17 -44.41
CA ILE Q 389 33.88 -4.11 -45.79
C ILE Q 389 33.86 -2.67 -46.28
N LYS Q 390 33.33 -1.77 -45.45
CA LYS Q 390 33.23 -0.37 -45.87
C LYS Q 390 34.61 0.24 -46.04
N THR Q 391 35.55 -0.12 -45.16
CA THR Q 391 36.92 0.39 -45.29
C THR Q 391 37.54 -0.07 -46.61
N GLN Q 392 37.34 -1.33 -46.96
CA GLN Q 392 37.87 -1.82 -48.24
C GLN Q 392 37.25 -1.07 -49.42
N ASP Q 393 35.93 -0.84 -49.35
CA ASP Q 393 35.25 -0.09 -50.44
C ASP Q 393 35.90 1.28 -50.60
N GLN Q 394 36.07 2.01 -49.49
CA GLN Q 394 36.71 3.35 -49.55
C GLN Q 394 38.13 3.19 -50.07
N ILE Q 395 38.82 2.12 -49.63
CA ILE Q 395 40.24 1.90 -50.03
C ILE Q 395 40.29 1.81 -51.56
N LEU Q 396 39.32 1.14 -52.17
CA LEU Q 396 39.27 1.05 -53.65
C LEU Q 396 38.92 2.42 -54.24
N ASN Q 397 37.84 3.04 -53.77
CA ASN Q 397 37.42 4.37 -54.30
C ASN Q 397 38.64 5.27 -54.53
N THR Q 398 39.35 5.67 -53.48
CA THR Q 398 40.54 6.55 -53.56
C THR Q 398 41.44 6.06 -54.70
N LEU Q 399 41.69 4.75 -54.80
CA LEU Q 399 42.54 4.34 -55.94
C LEU Q 399 41.77 4.68 -57.22
N VAL Q 400 40.45 4.49 -57.23
CA VAL Q 400 39.79 4.79 -58.50
C VAL Q 400 39.86 6.28 -58.81
N ASN Q 401 39.75 7.13 -57.78
CA ASN Q 401 39.67 8.57 -58.02
C ASN Q 401 41.00 9.14 -58.51
N LEU Q 402 42.07 8.34 -58.52
CA LEU Q 402 43.36 8.77 -59.03
C LEU Q 402 43.26 9.28 -60.46
N SER R 2 50.27 11.16 -33.94
CA SER R 2 49.46 11.20 -32.72
C SER R 2 48.57 9.96 -32.62
N PHE R 3 48.62 9.11 -33.65
CA PHE R 3 47.79 7.90 -33.64
C PHE R 3 48.26 6.94 -32.56
N SER R 4 49.57 6.72 -32.46
CA SER R 4 50.11 5.76 -31.48
C SER R 4 49.84 6.22 -30.06
N GLN R 5 49.97 7.53 -29.81
CA GLN R 5 49.74 8.06 -28.47
C GLN R 5 48.29 7.84 -28.02
N ALA R 6 47.33 8.02 -28.92
CA ALA R 6 45.93 7.80 -28.60
C ALA R 6 45.60 6.32 -28.50
N VAL R 7 46.23 5.49 -29.32
CA VAL R 7 46.04 4.05 -29.27
C VAL R 7 46.52 3.52 -27.92
N SER R 8 47.61 4.09 -27.42
CA SER R 8 48.11 3.68 -26.11
C SER R 8 47.10 3.99 -25.01
N GLY R 9 46.49 5.17 -25.06
CA GLY R 9 45.49 5.52 -24.07
C GLY R 9 44.25 4.65 -24.18
N LEU R 10 43.86 4.34 -25.42
CA LEU R 10 42.73 3.42 -25.63
C LEU R 10 43.02 2.06 -25.02
N ASN R 11 44.22 1.55 -25.25
CA ASN R 11 44.60 0.25 -24.68
C ASN R 11 44.63 0.30 -23.17
N ALA R 12 45.15 1.39 -22.59
CA ALA R 12 45.20 1.51 -21.14
C ALA R 12 43.80 1.52 -20.54
N ALA R 13 42.88 2.28 -21.16
CA ALA R 13 41.50 2.27 -20.70
C ALA R 13 40.89 0.88 -20.85
N ALA R 14 41.27 0.16 -21.91
CA ALA R 14 40.76 -1.20 -22.09
C ALA R 14 41.21 -2.12 -20.97
N THR R 15 42.48 -2.06 -20.59
CA THR R 15 42.95 -2.90 -19.49
C THR R 15 42.32 -2.49 -18.16
N ASN R 16 42.14 -1.18 -17.95
CA ASN R 16 41.48 -0.73 -16.73
C ASN R 16 40.06 -1.28 -16.64
N LEU R 17 39.34 -1.23 -17.77
CA LEU R 17 37.96 -1.74 -17.78
C LEU R 17 37.93 -3.25 -17.65
N ASP R 18 38.93 -3.95 -18.20
CA ASP R 18 39.02 -5.39 -17.99
C ASP R 18 39.24 -5.72 -16.52
N VAL R 19 40.10 -4.96 -15.84
CA VAL R 19 40.31 -5.18 -14.40
C VAL R 19 39.02 -4.93 -13.63
N ILE R 20 38.31 -3.85 -13.98
CA ILE R 20 37.06 -3.54 -13.30
C ILE R 20 36.04 -4.64 -13.52
N GLY R 21 35.92 -5.13 -14.76
CA GLY R 21 34.97 -6.20 -15.04
C GLY R 21 35.33 -7.50 -14.36
N ASN R 22 36.63 -7.80 -14.27
CA ASN R 22 37.07 -8.99 -13.54
C ASN R 22 36.72 -8.86 -12.06
N ASN R 23 36.91 -7.68 -11.48
CA ASN R 23 36.52 -7.46 -10.08
C ASN R 23 35.02 -7.64 -9.90
N ILE R 24 34.23 -7.10 -10.83
CA ILE R 24 32.78 -7.21 -10.72
C ILE R 24 32.32 -8.65 -10.84
N ALA R 25 32.89 -9.39 -11.80
CA ALA R 25 32.47 -10.78 -12.02
C ALA R 25 32.77 -11.65 -10.82
N ASN R 26 33.78 -11.30 -10.03
CA ASN R 26 34.12 -12.03 -8.82
C ASN R 26 33.56 -11.38 -7.56
N SER R 27 32.36 -10.80 -7.63
CA SER R 27 31.73 -10.15 -6.49
C SER R 27 31.56 -11.12 -5.33
N ALA R 28 31.17 -12.36 -5.64
CA ALA R 28 30.98 -13.41 -4.65
C ALA R 28 31.93 -14.55 -5.00
N THR R 29 33.18 -14.44 -4.50
CA THR R 29 34.21 -15.45 -4.74
C THR R 29 35.15 -15.41 -3.53
N TYR R 30 35.02 -16.41 -2.68
CA TYR R 30 35.78 -16.48 -1.43
C TYR R 30 37.29 -16.52 -1.72
N GLY R 31 38.06 -15.70 -1.00
CA GLY R 31 39.49 -15.65 -1.19
C GLY R 31 39.95 -14.85 -2.38
N PHE R 32 39.10 -13.99 -2.95
CA PHE R 32 39.48 -13.16 -4.09
C PHE R 32 39.88 -11.77 -3.61
N LYS R 33 40.98 -11.27 -4.16
CA LYS R 33 41.44 -9.92 -3.89
C LYS R 33 41.31 -9.07 -5.13
N SER R 34 40.72 -7.88 -4.98
CA SER R 34 40.49 -7.01 -6.12
C SER R 34 41.80 -6.52 -6.72
N GLY R 35 41.71 -5.93 -7.91
CA GLY R 35 42.87 -5.45 -8.63
C GLY R 35 42.78 -3.97 -8.94
N THR R 36 43.93 -3.34 -9.10
CA THR R 36 44.02 -1.93 -9.46
C THR R 36 45.12 -1.75 -10.49
N ALA R 37 44.83 -1.02 -11.55
CA ALA R 37 45.80 -0.81 -12.62
C ALA R 37 46.62 0.43 -12.36
N SER R 38 47.93 0.34 -12.56
CA SER R 38 48.83 1.47 -12.42
C SER R 38 49.43 1.81 -13.78
N PHE R 39 49.34 3.08 -14.16
CA PHE R 39 49.83 3.56 -15.44
C PHE R 39 50.97 4.53 -15.24
N ALA R 40 51.91 4.54 -16.18
CA ALA R 40 53.06 5.42 -16.15
C ALA R 40 53.29 6.00 -17.54
N ASP R 41 53.75 7.24 -17.58
CA ASP R 41 54.07 7.88 -18.85
C ASP R 41 55.33 7.25 -19.45
N MET R 42 55.51 7.46 -20.75
CA MET R 42 56.61 6.88 -21.50
C MET R 42 57.37 7.95 -22.28
N PHE R 43 57.70 9.04 -21.61
CA PHE R 43 58.42 10.12 -22.27
C PHE R 43 59.81 9.65 -22.70
N ALA R 44 60.25 10.15 -23.85
CA ALA R 44 61.57 9.85 -24.40
C ALA R 44 62.37 11.14 -24.39
N GLY R 45 63.20 11.31 -23.35
CA GLY R 45 63.88 12.58 -23.15
C GLY R 45 62.91 13.66 -22.73
N SER R 46 62.63 14.60 -23.64
CA SER R 46 61.64 15.63 -23.41
C SER R 46 61.05 16.06 -24.75
N LYS R 47 59.86 16.65 -24.70
CA LYS R 47 59.15 17.15 -25.87
C LYS R 47 58.70 16.04 -26.81
N VAL R 48 59.00 14.79 -26.47
CA VAL R 48 58.59 13.64 -27.27
C VAL R 48 57.76 12.70 -26.42
N GLY R 49 56.44 12.86 -26.47
CA GLY R 49 55.57 11.95 -25.75
C GLY R 49 55.26 10.70 -26.57
N LEU R 50 55.38 9.55 -25.92
CA LEU R 50 55.16 8.27 -26.57
C LEU R 50 53.86 7.59 -26.16
N GLY R 51 53.06 8.22 -25.29
CA GLY R 51 51.78 7.69 -24.88
C GLY R 51 51.81 7.33 -23.42
N VAL R 52 51.17 6.20 -23.09
CA VAL R 52 51.10 5.71 -21.73
C VAL R 52 51.47 4.23 -21.72
N LYS R 53 51.77 3.73 -20.52
CA LYS R 53 52.20 2.34 -20.36
C LYS R 53 51.61 1.79 -19.09
N VAL R 54 51.18 0.52 -19.13
CA VAL R 54 50.63 -0.12 -17.95
C VAL R 54 51.79 -0.58 -17.06
N ALA R 55 51.98 0.12 -15.94
CA ALA R 55 53.06 -0.24 -15.03
C ALA R 55 52.84 -1.60 -14.37
N GLY R 56 51.62 -1.91 -13.97
CA GLY R 56 51.34 -3.18 -13.36
C GLY R 56 49.91 -3.26 -12.89
N ILE R 57 49.54 -4.46 -12.46
CA ILE R 57 48.24 -4.73 -11.84
C ILE R 57 48.50 -5.13 -10.39
N THR R 58 48.12 -4.27 -9.46
CA THR R 58 48.37 -4.49 -8.04
C THR R 58 47.15 -5.11 -7.38
N GLN R 59 47.38 -6.19 -6.65
CA GLN R 59 46.32 -6.82 -5.87
C GLN R 59 46.06 -6.03 -4.59
N ASP R 60 44.84 -6.13 -4.10
CA ASP R 60 44.41 -5.43 -2.88
C ASP R 60 44.28 -6.52 -1.82
N PHE R 61 45.31 -6.67 -0.99
CA PHE R 61 45.38 -7.74 0.01
C PHE R 61 44.77 -7.30 1.34
N THR R 62 43.53 -6.84 1.32
CA THR R 62 42.82 -6.55 2.54
C THR R 62 41.86 -7.69 2.88
N ASP R 63 41.77 -8.02 4.16
CA ASP R 63 40.98 -9.16 4.59
C ASP R 63 39.50 -8.94 4.27
N GLY R 64 38.86 -10.00 3.78
CA GLY R 64 37.44 -9.97 3.57
C GLY R 64 36.67 -10.40 4.79
N THR R 65 35.35 -10.26 4.72
CA THR R 65 34.49 -10.62 5.83
C THR R 65 34.44 -12.12 6.01
N THR R 66 34.61 -12.56 7.26
CA THR R 66 34.63 -14.01 7.57
C THR R 66 33.20 -14.56 7.48
N THR R 67 32.83 -15.10 6.32
CA THR R 67 31.45 -15.63 6.14
C THR R 67 31.30 -16.91 6.94
N ASN R 68 30.42 -16.92 7.95
CA ASN R 68 30.16 -18.16 8.72
C ASN R 68 29.44 -19.16 7.81
N THR R 69 29.90 -20.41 7.77
CA THR R 69 29.29 -21.41 6.87
C THR R 69 28.83 -22.61 7.70
N GLY R 70 29.71 -23.15 8.55
CA GLY R 70 29.33 -24.27 9.42
C GLY R 70 30.22 -25.49 9.20
N ARG R 71 30.29 -25.97 7.94
CA ARG R 71 31.10 -27.19 7.65
C ARG R 71 32.47 -27.03 8.31
N GLY R 72 32.76 -27.82 9.34
CA GLY R 72 34.04 -27.72 10.03
C GLY R 72 35.25 -27.73 9.12
N LEU R 73 35.09 -28.10 7.86
CA LEU R 73 36.21 -28.16 6.93
C LEU R 73 36.51 -26.83 6.26
N ASP R 74 35.78 -25.78 6.60
CA ASP R 74 36.09 -24.44 6.10
C ASP R 74 36.96 -23.71 7.12
N VAL R 75 38.09 -23.16 6.68
CA VAL R 75 39.00 -22.44 7.54
C VAL R 75 39.19 -21.04 6.95
N ALA R 76 39.05 -20.02 7.79
CA ALA R 76 39.21 -18.64 7.38
C ALA R 76 40.50 -18.07 7.99
N ILE R 77 41.18 -17.26 7.18
CA ILE R 77 42.47 -16.68 7.56
C ILE R 77 42.22 -15.31 8.18
N SER R 78 42.70 -15.13 9.41
CA SER R 78 42.72 -13.82 10.02
C SER R 78 44.07 -13.16 9.79
N GLN R 79 44.05 -11.85 9.57
CA GLN R 79 45.27 -11.05 9.36
C GLN R 79 46.03 -11.66 8.16
N ASN R 80 47.35 -11.71 8.25
CA ASN R 80 48.16 -12.22 7.15
C ASN R 80 48.32 -13.74 7.25
N GLY R 81 48.69 -14.35 6.14
CA GLY R 81 48.89 -15.78 6.06
C GLY R 81 48.33 -16.34 4.76
N PHE R 82 48.89 -17.46 4.33
CA PHE R 82 48.47 -18.13 3.11
C PHE R 82 48.47 -19.64 3.28
N PHE R 83 47.40 -20.28 2.81
CA PHE R 83 47.36 -21.73 2.79
C PHE R 83 48.31 -22.27 1.73
N ARG R 84 49.03 -23.34 2.07
CA ARG R 84 50.02 -23.94 1.18
C ARG R 84 49.45 -25.23 0.60
N LEU R 85 49.55 -25.38 -0.73
CA LEU R 85 48.98 -26.52 -1.43
C LEU R 85 50.00 -27.09 -2.42
N VAL R 86 49.83 -28.37 -2.75
CA VAL R 86 50.61 -29.01 -3.80
C VAL R 86 49.66 -29.83 -4.67
N ASP R 87 49.85 -29.75 -5.99
CA ASP R 87 49.09 -30.57 -6.93
C ASP R 87 49.86 -31.85 -7.23
N SER R 88 49.39 -32.59 -8.25
CA SER R 88 50.02 -33.85 -8.61
C SER R 88 51.42 -33.67 -9.17
N ASN R 89 51.72 -32.52 -9.76
CA ASN R 89 53.03 -32.27 -10.34
C ASN R 89 54.06 -31.85 -9.31
N GLY R 90 53.66 -31.67 -8.06
CA GLY R 90 54.58 -31.24 -7.02
C GLY R 90 54.82 -29.75 -6.94
N SER R 91 54.16 -28.97 -7.79
CA SER R 91 54.30 -27.52 -7.73
C SER R 91 53.65 -26.97 -6.47
N VAL R 92 54.32 -26.01 -5.84
CA VAL R 92 53.85 -25.42 -4.58
C VAL R 92 53.04 -24.17 -4.91
N PHE R 93 51.84 -24.08 -4.32
CA PHE R 93 50.93 -22.98 -4.57
C PHE R 93 50.42 -22.45 -3.24
N TYR R 94 49.84 -21.25 -3.29
CA TYR R 94 49.32 -20.58 -2.10
C TYR R 94 47.93 -20.04 -2.39
N SER R 95 47.04 -20.14 -1.40
CA SER R 95 45.66 -19.73 -1.59
C SER R 95 45.05 -19.27 -0.27
N ARG R 96 44.17 -18.28 -0.36
CA ARG R 96 43.42 -17.81 0.80
C ARG R 96 42.06 -18.48 0.95
N ASN R 97 41.67 -19.32 -0.01
CA ASN R 97 40.37 -19.98 0.04
C ASN R 97 40.44 -21.15 1.01
N GLY R 98 39.39 -21.33 1.82
CA GLY R 98 39.40 -22.36 2.83
C GLY R 98 38.38 -23.46 2.62
N GLN R 99 37.80 -23.54 1.44
CA GLN R 99 36.83 -24.59 1.12
C GLN R 99 37.59 -25.88 0.88
N PHE R 100 37.67 -26.72 1.91
CA PHE R 100 38.39 -27.98 1.85
C PHE R 100 37.43 -29.15 1.93
N LYS R 101 37.77 -30.23 1.23
CA LYS R 101 36.99 -31.46 1.25
C LYS R 101 37.94 -32.64 1.24
N LEU R 102 37.41 -33.81 1.61
CA LEU R 102 38.19 -35.03 1.66
C LEU R 102 38.17 -35.71 0.30
N ASP R 103 39.27 -36.36 -0.05
CA ASP R 103 39.40 -37.09 -1.31
C ASP R 103 39.13 -38.58 -1.08
N GLU R 104 39.22 -39.35 -2.17
CA GLU R 104 39.14 -40.80 -2.05
C GLU R 104 40.28 -41.35 -1.21
N ASN R 105 41.49 -40.81 -1.37
CA ASN R 105 42.66 -41.22 -0.60
C ASN R 105 42.78 -40.48 0.73
N ARG R 106 41.72 -39.78 1.16
CA ARG R 106 41.63 -39.13 2.46
C ARG R 106 42.55 -37.93 2.60
N ASN R 107 42.87 -37.24 1.51
CA ASN R 107 43.65 -36.02 1.59
C ASN R 107 42.73 -34.81 1.58
N LEU R 108 43.09 -33.80 2.38
CA LEU R 108 42.34 -32.56 2.44
C LEU R 108 42.64 -31.73 1.21
N VAL R 109 41.74 -31.78 0.23
CA VAL R 109 41.90 -31.05 -1.02
C VAL R 109 40.83 -29.97 -1.09
N ASN R 110 41.10 -28.94 -1.90
CA ASN R 110 40.14 -27.87 -2.12
C ASN R 110 39.20 -28.29 -3.25
N MET R 111 38.38 -27.34 -3.73
CA MET R 111 37.42 -27.67 -4.78
C MET R 111 38.11 -28.03 -6.09
N GLN R 112 39.32 -27.53 -6.32
CA GLN R 112 40.07 -27.84 -7.53
C GLN R 112 40.98 -29.06 -7.39
N GLY R 113 40.96 -29.72 -6.24
CA GLY R 113 41.68 -30.97 -6.09
C GLY R 113 43.10 -30.87 -5.57
N MET R 114 43.63 -29.66 -5.40
CA MET R 114 44.99 -29.52 -4.89
C MET R 114 45.03 -29.86 -3.40
N GLN R 115 46.09 -30.58 -3.00
CA GLN R 115 46.17 -31.14 -1.65
C GLN R 115 46.75 -30.12 -0.68
N LEU R 116 46.06 -29.96 0.46
CA LEU R 116 46.54 -29.06 1.50
C LEU R 116 47.75 -29.68 2.20
N THR R 117 48.78 -28.87 2.43
CA THR R 117 50.03 -29.34 3.01
C THR R 117 50.23 -28.79 4.41
N GLY R 118 51.04 -29.50 5.19
CA GLY R 118 51.31 -29.06 6.54
C GLY R 118 52.34 -29.94 7.21
N TYR R 119 52.60 -29.63 8.46
CA TYR R 119 53.54 -30.42 9.27
C TYR R 119 52.91 -31.76 9.62
N PRO R 120 53.62 -32.87 9.39
CA PRO R 120 53.05 -34.19 9.71
C PRO R 120 53.21 -34.53 11.18
N ALA R 121 52.52 -35.57 11.60
CA ALA R 121 52.58 -36.06 12.97
C ALA R 121 53.17 -37.47 13.00
N THR R 122 54.22 -37.65 13.81
CA THR R 122 54.89 -38.94 13.93
C THR R 122 55.11 -39.25 15.40
N GLY R 123 55.25 -40.54 15.70
CA GLY R 123 55.50 -40.99 17.05
C GLY R 123 54.24 -41.40 17.79
N THR R 124 54.46 -41.98 18.96
CA THR R 124 53.37 -42.42 19.83
C THR R 124 53.58 -41.88 21.24
N PRO R 125 52.75 -40.94 21.71
CA PRO R 125 51.60 -40.34 21.02
C PRO R 125 52.02 -39.38 19.91
N PRO R 126 51.21 -39.25 18.86
CA PRO R 126 51.59 -38.39 17.74
C PRO R 126 51.77 -36.94 18.18
N THR R 127 52.79 -36.30 17.64
CA THR R 127 53.12 -34.91 17.94
C THR R 127 53.69 -34.25 16.69
N ILE R 128 53.31 -33.00 16.47
CA ILE R 128 53.78 -32.27 15.30
C ILE R 128 55.29 -32.08 15.38
N GLN R 129 55.98 -32.42 14.29
CA GLN R 129 57.42 -32.19 14.19
C GLN R 129 57.62 -30.98 13.28
N GLN R 130 57.81 -29.81 13.91
CA GLN R 130 57.84 -28.55 13.18
C GLN R 130 59.00 -28.48 12.20
N GLY R 131 60.13 -29.13 12.49
CA GLY R 131 61.28 -29.05 11.62
C GLY R 131 61.17 -29.86 10.34
N ALA R 132 60.22 -30.78 10.26
CA ALA R 132 60.07 -31.60 9.08
C ALA R 132 59.49 -30.79 7.92
N ASN R 133 59.78 -31.26 6.70
CA ASN R 133 59.24 -30.59 5.52
C ASN R 133 57.73 -30.75 5.47
N PRO R 134 57.01 -29.72 5.03
CA PRO R 134 55.54 -29.83 4.95
C PRO R 134 55.12 -30.92 3.98
N ALA R 135 54.11 -31.68 4.37
CA ALA R 135 53.57 -32.79 3.60
C ALA R 135 52.06 -32.65 3.50
N PRO R 136 51.45 -33.22 2.46
CA PRO R 136 49.99 -33.17 2.34
C PRO R 136 49.31 -33.82 3.54
N ILE R 137 48.21 -33.20 3.98
CA ILE R 137 47.51 -33.68 5.17
C ILE R 137 46.54 -34.79 4.76
N THR R 138 46.63 -35.92 5.46
CA THR R 138 45.76 -37.06 5.23
C THR R 138 44.99 -37.38 6.50
N ILE R 139 43.74 -37.77 6.35
CA ILE R 139 42.91 -38.18 7.49
C ILE R 139 42.55 -39.65 7.29
N PRO R 140 43.45 -40.58 7.61
CA PRO R 140 43.13 -42.00 7.43
C PRO R 140 42.04 -42.46 8.38
N ASN R 141 41.27 -43.44 7.92
CA ASN R 141 40.25 -44.08 8.74
C ASN R 141 40.80 -45.31 9.46
N THR R 142 42.12 -45.50 9.46
CA THR R 142 42.73 -46.65 10.09
C THR R 142 42.46 -46.66 11.59
N LEU R 143 42.23 -47.86 12.13
CA LEU R 143 41.94 -48.01 13.54
C LEU R 143 43.18 -47.67 14.38
N MET R 144 42.93 -47.28 15.62
CA MET R 144 43.97 -47.02 16.60
C MET R 144 44.40 -48.33 17.25
N ALA R 145 45.71 -48.54 17.35
CA ALA R 145 46.26 -49.73 17.97
C ALA R 145 46.14 -49.60 19.49
N ALA R 146 46.18 -50.72 20.21
CA ALA R 146 46.08 -50.73 21.66
C ALA R 146 47.44 -50.46 22.28
N LYS R 147 47.44 -49.67 23.34
CA LYS R 147 48.67 -49.29 24.04
C LYS R 147 48.61 -49.84 25.46
N SER R 148 49.54 -50.74 25.78
CA SER R 148 49.61 -51.28 27.13
C SER R 148 50.04 -50.20 28.11
N THR R 149 49.40 -50.18 29.28
CA THR R 149 49.71 -49.17 30.28
C THR R 149 51.12 -49.36 30.81
N THR R 150 51.89 -48.27 30.85
CA THR R 150 53.23 -48.28 31.42
C THR R 150 53.39 -47.34 32.61
N THR R 151 52.51 -46.36 32.78
CA THR R 151 52.54 -45.45 33.92
C THR R 151 51.13 -45.26 34.43
N ALA R 152 50.99 -45.20 35.76
CA ALA R 152 49.72 -44.91 36.39
C ALA R 152 49.98 -44.05 37.62
N SER R 153 49.05 -43.12 37.89
CA SER R 153 49.17 -42.22 39.02
C SER R 153 47.85 -42.20 39.78
N MET R 154 47.96 -42.12 41.11
CA MET R 154 46.79 -42.10 41.98
C MET R 154 47.03 -41.11 43.10
N GLN R 155 46.40 -39.94 43.00
CA GLN R 155 46.42 -38.94 44.06
C GLN R 155 45.28 -39.21 45.02
N ILE R 156 45.61 -39.56 46.26
CA ILE R 156 44.63 -39.90 47.28
C ILE R 156 44.94 -39.13 48.56
N ASN R 157 43.93 -38.50 49.15
CA ASN R 157 44.04 -37.82 50.42
C ASN R 157 43.53 -38.74 51.52
N LEU R 158 44.39 -39.05 52.48
CA LEU R 158 44.06 -40.00 53.54
C LEU R 158 43.89 -39.27 54.86
N ASN R 159 42.81 -39.59 55.57
CA ASN R 159 42.54 -39.00 56.87
C ASN R 159 43.53 -39.54 57.89
N SER R 160 44.10 -38.65 58.70
CA SER R 160 45.09 -39.07 59.68
C SER R 160 44.46 -39.78 60.87
N THR R 161 43.20 -39.46 61.18
CA THR R 161 42.55 -39.98 62.38
C THR R 161 41.94 -41.36 62.18
N ASP R 162 42.16 -41.98 61.03
CA ASP R 162 41.59 -43.30 60.78
C ASP R 162 42.15 -44.33 61.77
N PRO R 163 41.31 -45.18 62.33
CA PRO R 163 41.81 -46.21 63.25
C PRO R 163 42.49 -47.33 62.50
N VAL R 164 43.33 -48.08 63.22
CA VAL R 164 44.01 -49.24 62.65
C VAL R 164 42.97 -50.31 62.35
N PRO R 165 43.12 -51.06 61.26
CA PRO R 165 42.15 -52.12 60.96
C PRO R 165 42.16 -53.20 62.02
N SER R 166 40.97 -53.48 62.57
CA SER R 166 40.86 -54.41 63.69
C SER R 166 41.02 -55.86 63.23
N LYS R 167 40.43 -56.22 62.10
CA LYS R 167 40.38 -57.61 61.67
C LYS R 167 41.66 -58.03 60.94
N THR R 168 42.76 -58.14 61.66
CA THR R 168 43.98 -58.65 61.09
C THR R 168 43.86 -60.15 60.83
N PRO R 169 44.54 -60.68 59.80
CA PRO R 169 45.42 -59.98 58.84
C PRO R 169 44.63 -59.37 57.68
N PHE R 170 45.33 -58.79 56.70
CA PHE R 170 44.65 -58.21 55.56
C PHE R 170 44.04 -59.30 54.70
N SER R 171 42.76 -59.12 54.35
CA SER R 171 42.03 -60.06 53.50
C SER R 171 41.15 -59.27 52.55
N VAL R 172 41.17 -59.66 51.27
CA VAL R 172 40.35 -58.98 50.26
C VAL R 172 38.88 -59.25 50.51
N SER R 173 38.54 -60.46 50.96
CA SER R 173 37.13 -60.84 51.09
C SER R 173 36.39 -59.93 52.06
N ASP R 174 37.01 -59.59 53.19
CA ASP R 174 36.40 -58.70 54.17
C ASP R 174 36.93 -57.27 53.98
N ALA R 175 36.02 -56.30 54.07
CA ALA R 175 36.41 -54.91 53.85
C ALA R 175 36.98 -54.29 55.12
N ASP R 176 36.61 -54.82 56.29
CA ASP R 176 36.99 -54.20 57.55
C ASP R 176 38.48 -54.32 57.81
N SER R 177 39.16 -55.24 57.12
CA SER R 177 40.57 -55.49 57.34
C SER R 177 41.48 -54.47 56.66
N TYR R 178 40.93 -53.58 55.83
CA TYR R 178 41.72 -52.53 55.20
C TYR R 178 40.99 -51.21 55.32
N ASN R 179 41.77 -50.13 55.36
CA ASN R 179 41.22 -48.80 55.60
C ASN R 179 40.59 -48.18 54.37
N LYS R 180 41.09 -48.46 53.18
CA LYS R 180 40.52 -47.85 51.98
C LYS R 180 40.69 -48.78 50.80
N LYS R 181 39.71 -48.77 49.89
CA LYS R 181 39.75 -49.54 48.65
C LYS R 181 39.50 -48.61 47.47
N GLY R 182 40.32 -48.75 46.43
CA GLY R 182 40.14 -48.01 45.21
C GLY R 182 40.36 -48.90 44.00
N THR R 183 39.89 -48.43 42.84
CA THR R 183 39.98 -49.20 41.61
C THR R 183 40.53 -48.33 40.50
N VAL R 184 41.48 -48.89 39.74
CA VAL R 184 42.05 -48.22 38.58
C VAL R 184 42.06 -49.22 37.43
N THR R 185 41.61 -48.80 36.26
CA THR R 185 41.55 -49.69 35.11
C THR R 185 42.79 -49.49 34.24
N VAL R 186 43.39 -50.59 33.81
CA VAL R 186 44.53 -50.56 32.90
C VAL R 186 44.25 -51.50 31.73
N TYR R 187 45.09 -51.41 30.70
CA TYR R 187 44.90 -52.17 29.47
C TYR R 187 46.22 -52.81 29.05
N ASP R 188 46.12 -54.01 28.49
CA ASP R 188 47.28 -54.71 27.94
C ASP R 188 47.33 -54.49 26.44
N SER R 189 48.20 -55.24 25.76
CA SER R 189 48.39 -55.06 24.32
C SER R 189 47.15 -55.47 23.52
N GLN R 190 46.32 -56.36 24.07
CA GLN R 190 45.10 -56.79 23.40
C GLN R 190 43.91 -55.88 23.68
N GLY R 191 44.00 -55.04 24.71
CA GLY R 191 42.91 -54.14 25.02
C GLY R 191 41.98 -54.62 26.12
N ASN R 192 42.32 -55.72 26.78
CA ASN R 192 41.50 -56.22 27.87
C ASN R 192 41.63 -55.30 29.09
N ALA R 193 40.52 -55.13 29.81
CA ALA R 193 40.48 -54.24 30.96
C ALA R 193 40.83 -54.99 32.23
N HIS R 194 41.91 -54.54 32.89
CA HIS R 194 42.33 -55.08 34.17
C HIS R 194 41.95 -54.06 35.24
N ASP R 195 41.02 -54.42 36.12
CA ASP R 195 40.57 -53.53 37.18
C ASP R 195 41.42 -53.79 38.42
N MET R 196 42.57 -53.11 38.49
CA MET R 196 43.48 -53.24 39.62
C MET R 196 42.84 -52.58 40.85
N ASN R 197 42.61 -53.37 41.88
CA ASN R 197 42.12 -52.86 43.15
C ASN R 197 43.29 -52.61 44.09
N VAL R 198 43.38 -51.39 44.60
CA VAL R 198 44.46 -50.94 45.48
C VAL R 198 43.87 -50.71 46.86
N TYR R 199 44.46 -51.33 47.87
CA TYR R 199 43.97 -51.28 49.23
C TYR R 199 45.01 -50.59 50.12
N PHE R 200 44.54 -49.65 50.93
CA PHE R 200 45.38 -48.89 51.86
C PHE R 200 45.05 -49.32 53.27
N VAL R 201 46.08 -49.73 54.02
CA VAL R 201 45.93 -50.26 55.37
C VAL R 201 46.87 -49.47 56.28
N LYS R 202 46.31 -48.73 57.23
CA LYS R 202 47.15 -48.01 58.18
C LYS R 202 47.82 -48.99 59.13
N THR R 203 49.16 -49.01 59.13
CA THR R 203 49.91 -49.91 59.99
C THR R 203 50.43 -49.21 61.25
N LYS R 204 51.07 -48.07 61.09
CA LYS R 204 51.52 -47.24 62.20
C LYS R 204 51.28 -45.80 61.81
N ASP R 205 51.35 -44.89 62.79
CA ASP R 205 51.05 -43.49 62.56
C ASP R 205 51.93 -42.94 61.44
N ASN R 206 51.30 -42.37 60.42
CA ASN R 206 51.92 -41.89 59.19
C ASN R 206 52.55 -43.00 58.37
N GLU R 207 52.03 -44.22 58.47
CA GLU R 207 52.54 -45.37 57.72
C GLU R 207 51.37 -46.18 57.19
N TRP R 208 51.30 -46.35 55.87
CA TRP R 208 50.21 -47.08 55.23
C TRP R 208 50.78 -48.15 54.31
N ALA R 209 50.52 -49.40 54.64
CA ALA R 209 50.81 -50.49 53.71
C ALA R 209 49.83 -50.44 52.54
N VAL R 210 50.33 -50.75 51.35
CA VAL R 210 49.55 -50.69 50.13
C VAL R 210 49.59 -52.06 49.46
N TYR R 211 48.42 -52.64 49.25
CA TYR R 211 48.25 -53.91 48.56
C TYR R 211 47.60 -53.65 47.21
N THR R 212 47.90 -54.53 46.24
CA THR R 212 47.27 -54.46 44.93
C THR R 212 46.80 -55.85 44.51
N HIS R 213 45.68 -55.91 43.82
CA HIS R 213 45.12 -57.18 43.36
C HIS R 213 44.50 -56.97 41.97
N ASP R 214 44.58 -58.01 41.14
CA ASP R 214 43.98 -57.96 39.81
C ASP R 214 42.60 -58.63 39.89
N SER R 215 41.55 -57.81 39.90
CA SER R 215 40.19 -58.34 39.99
C SER R 215 39.67 -58.87 38.66
N SER R 216 40.37 -58.60 37.55
CA SER R 216 39.97 -59.13 36.26
C SER R 216 40.54 -60.51 35.97
N ASP R 217 41.68 -60.84 36.56
CA ASP R 217 42.27 -62.16 36.39
C ASP R 217 41.57 -63.15 37.30
N PRO R 218 40.91 -64.18 36.75
CA PRO R 218 40.19 -65.14 37.60
C PRO R 218 41.08 -65.99 38.49
N ALA R 219 42.36 -66.17 38.13
CA ALA R 219 43.27 -67.03 38.88
C ALA R 219 44.18 -66.24 39.80
N ALA R 220 43.98 -64.93 39.94
CA ALA R 220 44.84 -64.13 40.79
C ALA R 220 44.53 -64.38 42.26
N THR R 221 45.57 -64.65 43.04
CA THR R 221 45.42 -64.88 44.47
C THR R 221 45.44 -63.57 45.23
N ALA R 222 44.64 -63.51 46.29
CA ALA R 222 44.58 -62.31 47.12
C ALA R 222 45.94 -62.04 47.76
N PRO R 223 46.45 -60.80 47.68
CA PRO R 223 47.80 -60.54 48.20
C PRO R 223 47.82 -60.56 49.72
N THR R 224 48.71 -61.38 50.28
CA THR R 224 48.96 -61.40 51.71
C THR R 224 50.17 -60.57 52.11
N THR R 225 50.89 -60.01 51.14
CA THR R 225 52.05 -59.16 51.39
C THR R 225 51.81 -57.79 50.78
N ALA R 226 52.11 -56.75 51.56
CA ALA R 226 51.90 -55.39 51.08
C ALA R 226 52.76 -55.10 49.86
N SER R 227 52.13 -54.51 48.83
CA SER R 227 52.88 -54.18 47.63
C SER R 227 53.92 -53.11 47.90
N THR R 228 53.57 -52.11 48.70
CA THR R 228 54.54 -51.08 49.07
C THR R 228 54.14 -50.45 50.40
N THR R 229 54.89 -49.44 50.82
CA THR R 229 54.64 -48.75 52.07
C THR R 229 54.76 -47.25 51.86
N LEU R 230 53.65 -46.54 52.04
CA LEU R 230 53.66 -45.09 52.01
C LEU R 230 54.03 -44.56 53.39
N LYS R 231 55.11 -43.78 53.44
CA LYS R 231 55.59 -43.17 54.67
C LYS R 231 55.42 -41.66 54.55
N PHE R 232 54.85 -41.05 55.58
CA PHE R 232 54.48 -39.64 55.55
C PHE R 232 55.31 -38.86 56.56
N ASN R 233 55.80 -37.70 56.14
CA ASN R 233 56.73 -36.92 56.94
C ASN R 233 56.00 -36.17 58.05
N GLU R 234 56.73 -35.25 58.69
CA GLU R 234 56.21 -34.56 59.87
C GLU R 234 54.97 -33.73 59.56
N ASN R 235 54.83 -33.22 58.34
CA ASN R 235 53.68 -32.41 57.95
C ASN R 235 52.66 -33.19 57.14
N GLY R 236 52.84 -34.50 56.96
CA GLY R 236 51.90 -35.31 56.24
C GLY R 236 52.10 -35.38 54.74
N ILE R 237 53.18 -34.78 54.23
CA ILE R 237 53.49 -34.84 52.81
C ILE R 237 54.29 -36.10 52.54
N LEU R 238 54.11 -36.68 51.35
CA LEU R 238 54.80 -37.90 50.96
C LEU R 238 56.31 -37.76 51.14
N GLU R 239 56.93 -38.77 51.76
CA GLU R 239 58.36 -38.80 51.97
C GLU R 239 59.05 -39.91 51.21
N SER R 240 58.56 -41.14 51.31
CA SER R 240 59.15 -42.27 50.61
C SER R 240 58.07 -43.32 50.34
N GLY R 241 58.35 -44.21 49.39
CA GLY R 241 57.44 -45.26 49.05
C GLY R 241 56.27 -44.88 48.16
N GLY R 242 56.34 -43.73 47.50
CA GLY R 242 55.24 -43.26 46.69
C GLY R 242 55.13 -43.88 45.31
N THR R 243 56.08 -44.73 44.92
CA THR R 243 56.06 -45.38 43.61
C THR R 243 56.41 -46.84 43.76
N VAL R 244 55.88 -47.67 42.86
CA VAL R 244 56.11 -49.11 42.90
C VAL R 244 55.78 -49.70 41.54
N ASN R 245 56.61 -50.65 41.10
CA ASN R 245 56.34 -51.38 39.87
C ASN R 245 55.28 -52.46 40.15
N ILE R 246 54.30 -52.56 39.27
CA ILE R 246 53.15 -53.45 39.47
C ILE R 246 52.90 -54.25 38.20
N THR R 247 52.72 -55.55 38.35
CA THR R 247 52.40 -56.46 37.25
C THR R 247 50.99 -56.99 37.43
N THR R 248 50.19 -56.91 36.37
CA THR R 248 48.81 -57.36 36.44
C THR R 248 48.72 -58.84 36.03
N GLY R 249 47.48 -59.33 35.98
CA GLY R 249 47.25 -60.72 35.64
C GLY R 249 47.28 -60.96 34.15
N THR R 250 46.93 -62.19 33.77
CA THR R 250 46.92 -62.62 32.38
C THR R 250 45.46 -62.94 31.99
N ILE R 251 44.99 -62.31 30.93
CA ILE R 251 43.63 -62.53 30.43
C ILE R 251 43.72 -63.21 29.08
N ASN R 252 43.10 -64.39 28.98
CA ASN R 252 43.01 -65.15 27.72
C ASN R 252 44.39 -65.43 27.13
N GLY R 253 45.41 -65.48 27.98
CA GLY R 253 46.76 -65.76 27.53
C GLY R 253 47.51 -64.58 26.97
N ALA R 254 46.92 -63.39 26.97
CA ALA R 254 47.59 -62.21 26.44
C ALA R 254 48.75 -61.80 27.36
N THR R 255 49.66 -61.01 26.80
CA THR R 255 50.82 -60.57 27.56
C THR R 255 50.40 -59.63 28.68
N ALA R 256 50.87 -59.91 29.90
CA ALA R 256 50.56 -59.06 31.04
C ALA R 256 51.40 -57.79 30.98
N ALA R 257 50.73 -56.66 31.13
CA ALA R 257 51.42 -55.37 31.09
C ALA R 257 51.78 -54.92 32.49
N THR R 258 53.04 -54.54 32.69
CA THR R 258 53.52 -54.02 33.96
C THR R 258 53.66 -52.51 33.84
N PHE R 259 53.50 -51.80 34.96
CA PHE R 259 53.51 -50.35 34.94
C PHE R 259 53.97 -49.81 36.28
N SER R 260 54.42 -48.56 36.28
CA SER R 260 54.83 -47.90 37.51
C SER R 260 53.63 -47.16 38.09
N LEU R 261 53.18 -47.59 39.27
CA LEU R 261 52.10 -46.93 39.98
C LEU R 261 52.70 -45.93 40.95
N SER R 262 52.33 -44.66 40.82
CA SER R 262 52.88 -43.57 41.61
C SER R 262 51.78 -42.90 42.41
N PHE R 263 52.02 -42.73 43.71
CA PHE R 263 51.12 -42.01 44.59
C PHE R 263 51.61 -40.58 44.85
N LEU R 264 52.17 -39.93 43.83
CA LEU R 264 52.75 -38.61 44.00
C LEU R 264 51.72 -37.59 44.46
N ASN R 265 52.17 -36.64 45.28
CA ASN R 265 51.37 -35.55 45.82
C ASN R 265 50.25 -36.03 46.75
N SER R 266 50.24 -37.31 47.12
CA SER R 266 49.30 -37.79 48.12
C SER R 266 49.66 -37.21 49.48
N MET R 267 48.64 -36.80 50.23
CA MET R 267 48.86 -36.14 51.51
C MET R 267 47.97 -36.78 52.57
N GLN R 268 48.48 -36.79 53.80
CA GLN R 268 47.74 -37.30 54.96
C GLN R 268 47.61 -36.16 55.96
N GLN R 269 46.38 -35.69 56.15
CA GLN R 269 46.03 -34.67 57.13
C GLN R 269 44.69 -35.04 57.75
N ASN R 270 44.08 -34.09 58.44
CA ASN R 270 42.80 -34.34 59.09
C ASN R 270 41.65 -34.14 58.09
N THR R 271 41.73 -34.82 56.96
CA THR R 271 40.64 -34.81 56.00
C THR R 271 39.45 -35.57 56.58
N GLY R 272 38.25 -35.20 56.13
CA GLY R 272 37.02 -35.77 56.66
C GLY R 272 36.95 -37.28 56.57
N ALA R 273 37.38 -37.84 55.45
CA ALA R 273 37.34 -39.29 55.26
C ALA R 273 38.39 -39.65 54.19
N ASN R 274 38.50 -40.94 53.90
CA ASN R 274 39.43 -41.41 52.88
C ASN R 274 38.80 -41.25 51.50
N ASN R 275 39.39 -40.39 50.67
CA ASN R 275 38.87 -40.14 49.33
C ASN R 275 40.03 -40.09 48.35
N ILE R 276 39.82 -40.68 47.18
CA ILE R 276 40.80 -40.66 46.10
C ILE R 276 40.56 -39.41 45.27
N VAL R 277 41.51 -38.49 45.27
CA VAL R 277 41.34 -37.22 44.57
C VAL R 277 41.35 -37.40 43.07
N ALA R 278 42.30 -38.18 42.53
CA ALA R 278 42.40 -38.32 41.09
C ALA R 278 43.12 -39.62 40.74
N THR R 279 42.82 -40.14 39.56
CA THR R 279 43.50 -41.30 39.00
C THR R 279 43.78 -41.04 37.54
N ASN R 280 44.91 -41.58 37.05
CA ASN R 280 45.29 -41.36 35.67
C ASN R 280 46.15 -42.53 35.20
N GLN R 281 45.98 -42.87 33.92
CA GLN R 281 46.75 -43.93 33.31
C GLN R 281 46.81 -43.65 31.81
N ASN R 282 47.94 -43.99 31.21
CA ASN R 282 48.26 -43.55 29.85
C ASN R 282 47.94 -44.57 28.77
N GLY R 283 47.39 -45.74 29.13
CA GLY R 283 47.00 -46.71 28.14
C GLY R 283 45.55 -46.57 27.72
N TYR R 284 45.16 -47.28 26.66
CA TYR R 284 43.77 -47.19 26.14
C TYR R 284 43.34 -48.50 25.47
N LYS R 285 42.23 -48.47 24.72
CA LYS R 285 41.68 -49.70 24.07
C LYS R 285 41.63 -49.52 22.56
N PRO R 286 41.58 -50.59 21.75
CA PRO R 286 41.42 -50.44 20.30
C PRO R 286 40.16 -49.63 19.95
N GLY R 287 40.26 -48.63 19.07
CA GLY R 287 39.12 -47.81 18.70
C GLY R 287 39.14 -47.48 17.23
N ASP R 288 37.99 -46.98 16.78
CA ASP R 288 37.84 -46.61 15.36
C ASP R 288 37.69 -45.10 15.29
N LEU R 289 37.99 -44.52 14.14
CA LEU R 289 37.84 -43.09 13.93
C LEU R 289 36.36 -42.70 13.87
N VAL R 290 35.97 -41.76 14.73
CA VAL R 290 34.59 -41.30 14.82
C VAL R 290 34.41 -39.94 14.17
N SER R 291 35.29 -38.98 14.48
CA SER R 291 35.15 -37.64 13.96
C SER R 291 36.53 -37.03 13.75
N TYR R 292 36.57 -35.95 12.98
CA TYR R 292 37.78 -35.18 12.76
C TYR R 292 37.45 -33.70 12.81
N GLN R 293 38.42 -32.90 13.20
CA GLN R 293 38.21 -31.46 13.36
C GLN R 293 39.53 -30.71 13.19
N ILE R 294 39.41 -29.41 12.95
CA ILE R 294 40.56 -28.52 12.80
C ILE R 294 40.48 -27.47 13.90
N ASN R 295 41.55 -27.36 14.68
CA ASN R 295 41.58 -26.40 15.78
C ASN R 295 41.92 -25.01 15.27
N ASN R 296 41.82 -24.02 16.18
CA ASN R 296 42.19 -22.66 15.86
C ASN R 296 43.68 -22.50 15.62
N ASP R 297 44.51 -23.39 16.17
CA ASP R 297 45.96 -23.34 15.99
C ASP R 297 46.44 -24.16 14.79
N GLY R 298 45.53 -24.76 14.04
CA GLY R 298 45.87 -25.46 12.82
C GLY R 298 46.01 -26.96 12.92
N THR R 299 46.15 -27.52 14.14
CA THR R 299 46.33 -28.95 14.27
C THR R 299 45.02 -29.67 13.97
N VAL R 300 45.10 -30.69 13.11
CA VAL R 300 43.97 -31.55 12.78
C VAL R 300 43.91 -32.66 13.82
N VAL R 301 42.77 -32.82 14.46
CA VAL R 301 42.60 -33.78 15.55
C VAL R 301 41.50 -34.76 15.17
N GLY R 302 41.80 -36.05 15.29
CA GLY R 302 40.83 -37.10 15.07
C GLY R 302 40.42 -37.73 16.39
N ASN R 303 39.12 -37.71 16.64
CA ASN R 303 38.53 -38.29 17.84
C ASN R 303 38.00 -39.67 17.50
N TYR R 304 38.46 -40.68 18.23
CA TYR R 304 38.16 -42.08 17.94
C TYR R 304 37.05 -42.58 18.87
N SER R 305 36.69 -43.84 18.71
CA SER R 305 35.62 -44.46 19.50
C SER R 305 36.09 -44.94 20.88
N ASN R 306 37.39 -44.95 21.13
CA ASN R 306 37.92 -45.38 22.42
C ASN R 306 38.22 -44.18 23.31
N GLU R 307 37.40 -43.13 23.19
CA GLU R 307 37.52 -41.88 23.96
C GLU R 307 38.97 -41.40 24.05
N GLN R 308 39.63 -41.35 22.90
CA GLN R 308 40.99 -40.82 22.80
C GLN R 308 41.14 -40.09 21.47
N GLU R 309 42.00 -39.09 21.44
CA GLU R 309 42.22 -38.27 20.26
C GLU R 309 43.67 -38.36 19.80
N GLN R 310 43.86 -38.25 18.48
CA GLN R 310 45.19 -38.24 17.89
C GLN R 310 45.36 -37.05 16.97
N VAL R 311 46.53 -36.41 17.04
CA VAL R 311 46.86 -35.35 16.10
C VAL R 311 47.36 -35.97 14.81
N LEU R 312 46.70 -35.62 13.70
CA LEU R 312 47.07 -36.15 12.39
C LEU R 312 48.00 -35.23 11.61
N GLY R 313 48.04 -33.95 11.96
CA GLY R 313 48.90 -33.01 11.28
C GLY R 313 48.52 -31.60 11.67
N GLN R 314 49.32 -30.65 11.18
CA GLN R 314 49.08 -29.24 11.44
C GLN R 314 49.11 -28.47 10.12
N ILE R 315 48.13 -27.59 9.92
CA ILE R 315 48.11 -26.76 8.73
C ILE R 315 49.19 -25.69 8.85
N VAL R 316 50.02 -25.59 7.82
CA VAL R 316 51.13 -24.64 7.81
C VAL R 316 50.72 -23.43 6.98
N LEU R 317 51.18 -22.25 7.39
CA LEU R 317 50.88 -21.01 6.69
C LEU R 317 52.16 -20.40 6.14
N ALA R 318 52.02 -19.66 5.04
CA ALA R 318 53.15 -19.03 4.37
C ALA R 318 52.93 -17.53 4.29
N ASN R 319 54.00 -16.77 4.53
CA ASN R 319 53.96 -15.31 4.45
C ASN R 319 55.09 -14.82 3.56
N PHE R 320 54.84 -13.71 2.89
CA PHE R 320 55.78 -13.16 1.92
C PHE R 320 56.15 -11.72 2.31
N ALA R 321 57.36 -11.33 1.91
CA ALA R 321 57.80 -9.95 2.17
C ALA R 321 57.06 -8.96 1.29
N ASN R 322 56.67 -9.37 0.08
CA ASN R 322 55.94 -8.52 -0.86
C ASN R 322 54.79 -9.35 -1.41
N ASN R 323 53.61 -9.22 -0.79
CA ASN R 323 52.45 -10.00 -1.23
C ASN R 323 52.00 -9.60 -2.63
N GLU R 324 52.14 -8.32 -2.99
CA GLU R 324 51.69 -7.85 -4.29
C GLU R 324 52.48 -8.45 -5.44
N GLY R 325 53.65 -9.03 -5.16
CA GLY R 325 54.45 -9.65 -6.21
C GLY R 325 54.03 -11.04 -6.62
N LEU R 326 53.03 -11.61 -5.94
CA LEU R 326 52.59 -12.96 -6.26
C LEU R 326 51.98 -13.02 -7.66
N ALA R 327 52.25 -14.11 -8.36
CA ALA R 327 51.72 -14.34 -9.69
C ALA R 327 50.48 -15.21 -9.59
N SER R 328 49.35 -14.70 -10.08
CA SER R 328 48.09 -15.44 -10.01
C SER R 328 48.03 -16.51 -11.08
N GLN R 329 47.72 -17.75 -10.66
CA GLN R 329 47.59 -18.87 -11.56
C GLN R 329 46.13 -19.21 -11.87
N GLY R 330 45.18 -18.42 -11.38
CA GLY R 330 43.78 -18.77 -11.51
C GLY R 330 43.35 -19.76 -10.44
N ASP R 331 42.06 -20.06 -10.45
CA ASP R 331 41.46 -20.95 -9.44
C ASP R 331 41.78 -20.47 -8.03
N ASN R 332 41.64 -19.16 -7.81
CA ASN R 332 41.96 -18.47 -6.55
C ASN R 332 43.18 -19.07 -5.86
N VAL R 333 44.28 -19.17 -6.60
CA VAL R 333 45.51 -19.80 -6.14
C VAL R 333 46.69 -18.95 -6.60
N TRP R 334 47.66 -18.76 -5.70
CA TRP R 334 48.83 -17.93 -5.96
C TRP R 334 50.06 -18.80 -6.12
N ALA R 335 51.06 -18.29 -6.83
CA ALA R 335 52.35 -18.94 -6.98
C ALA R 335 53.46 -17.96 -6.64
N ALA R 336 54.41 -18.40 -5.82
CA ALA R 336 55.50 -17.54 -5.42
C ALA R 336 56.50 -17.35 -6.56
N THR R 337 57.03 -16.14 -6.68
CA THR R 337 58.01 -15.78 -7.69
C THR R 337 59.16 -15.03 -7.03
N GLN R 338 60.09 -14.53 -7.86
CA GLN R 338 61.23 -13.79 -7.35
C GLN R 338 60.81 -12.51 -6.63
N ALA R 339 59.84 -11.79 -7.19
CA ALA R 339 59.41 -10.53 -6.60
C ALA R 339 58.79 -10.71 -5.23
N SER R 340 58.06 -11.80 -5.01
CA SER R 340 57.43 -12.05 -3.72
C SER R 340 58.38 -12.66 -2.70
N GLY R 341 59.56 -13.11 -3.14
CA GLY R 341 60.52 -13.72 -2.25
C GLY R 341 60.13 -15.15 -1.89
N VAL R 342 60.99 -15.78 -1.09
CA VAL R 342 60.71 -17.12 -0.62
C VAL R 342 59.61 -17.09 0.43
N ALA R 343 58.83 -18.16 0.50
CA ALA R 343 57.72 -18.21 1.44
C ALA R 343 58.23 -18.56 2.83
N LEU R 344 58.02 -17.65 3.78
CA LEU R 344 58.36 -17.90 5.17
C LEU R 344 57.23 -18.71 5.80
N LEU R 345 57.56 -19.92 6.26
CA LEU R 345 56.55 -20.85 6.74
C LEU R 345 56.44 -20.80 8.25
N GLY R 346 55.23 -21.05 8.74
CA GLY R 346 55.00 -21.02 10.18
C GLY R 346 53.65 -21.62 10.52
N THR R 347 53.31 -21.51 11.80
CA THR R 347 52.06 -22.04 12.32
C THR R 347 51.07 -20.91 12.56
N ALA R 348 49.79 -21.25 12.56
CA ALA R 348 48.74 -20.24 12.74
C ALA R 348 48.78 -19.67 14.15
N GLY R 349 48.56 -18.36 14.25
CA GLY R 349 48.49 -17.71 15.53
C GLY R 349 49.82 -17.49 16.22
N SER R 350 50.94 -17.70 15.52
CA SER R 350 52.26 -17.53 16.10
C SER R 350 53.01 -16.45 15.35
N GLY R 351 53.51 -15.46 16.10
CA GLY R 351 54.28 -14.38 15.49
C GLY R 351 53.45 -13.59 14.50
N ASN R 352 53.96 -13.45 13.28
CA ASN R 352 53.30 -12.68 12.24
C ASN R 352 52.44 -13.63 11.37
N PHE R 353 51.53 -14.34 11.99
CA PHE R 353 50.63 -15.16 11.15
C PHE R 353 49.21 -14.91 11.65
N GLY R 354 48.23 -15.65 11.15
CA GLY R 354 46.84 -15.35 11.52
C GLY R 354 46.14 -16.55 12.11
N LYS R 355 44.95 -16.37 12.64
CA LYS R 355 44.27 -17.49 13.34
C LYS R 355 43.25 -18.16 12.43
N LEU R 356 43.32 -19.49 12.33
CA LEU R 356 42.41 -20.24 11.44
C LEU R 356 41.02 -20.36 12.06
N THR R 357 40.12 -19.45 11.75
CA THR R 357 38.73 -19.50 12.19
C THR R 357 38.06 -20.71 11.55
N ASN R 358 37.70 -21.70 12.35
CA ASN R 358 37.09 -22.91 11.82
C ASN R 358 35.61 -22.69 11.51
N GLY R 359 35.16 -23.33 10.43
CA GLY R 359 33.77 -23.20 10.02
C GLY R 359 33.42 -21.88 9.40
N ALA R 360 34.40 -21.12 8.92
CA ALA R 360 34.16 -19.82 8.32
C ALA R 360 34.98 -19.68 7.04
N LEU R 361 34.50 -18.84 6.14
CA LEU R 361 35.16 -18.59 4.87
C LEU R 361 35.40 -17.09 4.70
N GLU R 362 36.58 -16.75 4.18
CA GLU R 362 36.91 -15.35 3.92
C GLU R 362 36.25 -14.91 2.62
N ALA R 363 35.31 -13.97 2.72
CA ALA R 363 34.61 -13.47 1.54
C ALA R 363 35.51 -12.51 0.77
N SER R 364 35.08 -12.18 -0.45
CA SER R 364 35.82 -11.27 -1.30
C SER R 364 35.73 -9.85 -0.73
N ASN R 365 36.68 -8.99 -1.14
CA ASN R 365 36.73 -7.61 -0.67
C ASN R 365 36.33 -6.63 -1.76
N VAL R 366 35.70 -7.10 -2.83
CA VAL R 366 35.30 -6.25 -3.95
C VAL R 366 34.06 -5.47 -3.54
N ASP R 367 34.18 -4.15 -3.49
CA ASP R 367 33.04 -3.29 -3.22
C ASP R 367 32.43 -2.82 -4.53
N LEU R 368 31.15 -3.15 -4.74
CA LEU R 368 30.51 -3.00 -6.04
C LEU R 368 30.28 -1.54 -6.43
N SER R 369 30.02 -0.67 -5.45
CA SER R 369 29.78 0.74 -5.76
C SER R 369 31.00 1.39 -6.40
N LYS R 370 32.17 1.17 -5.79
CA LYS R 370 33.41 1.72 -6.34
C LYS R 370 33.66 1.16 -7.73
N GLU R 371 33.38 -0.13 -7.92
CA GLU R 371 33.59 -0.74 -9.22
C GLU R 371 32.70 -0.11 -10.29
N LEU R 372 31.43 0.14 -9.96
CA LEU R 372 30.53 0.76 -10.93
C LEU R 372 30.97 2.18 -11.28
N VAL R 373 31.37 2.95 -10.26
CA VAL R 373 31.82 4.32 -10.53
C VAL R 373 33.07 4.32 -11.38
N ASN R 374 34.01 3.41 -11.08
CA ASN R 374 35.23 3.32 -11.88
C ASN R 374 34.92 2.88 -13.30
N MET R 375 33.90 2.01 -13.47
CA MET R 375 33.48 1.64 -14.82
C MET R 375 32.98 2.86 -15.59
N ILE R 376 32.20 3.71 -14.93
CA ILE R 376 31.69 4.91 -15.60
C ILE R 376 32.86 5.79 -16.02
N VAL R 377 33.80 6.03 -15.11
CA VAL R 377 34.92 6.92 -15.39
C VAL R 377 35.78 6.35 -16.53
N ALA R 378 36.05 5.05 -16.49
CA ALA R 378 36.86 4.44 -17.53
C ALA R 378 36.17 4.46 -18.88
N GLN R 379 34.85 4.27 -18.90
CA GLN R 379 34.09 4.44 -20.14
C GLN R 379 34.30 5.83 -20.71
N ARG R 380 34.19 6.84 -19.85
CA ARG R 380 34.33 8.22 -20.34
C ARG R 380 35.73 8.46 -20.90
N ASN R 381 36.76 7.97 -20.20
CA ASN R 381 38.12 8.15 -20.70
C ASN R 381 38.34 7.43 -22.02
N TYR R 382 37.81 6.21 -22.15
CA TYR R 382 37.94 5.47 -23.41
C TYR R 382 37.26 6.21 -24.55
N GLN R 383 36.06 6.76 -24.30
CA GLN R 383 35.36 7.50 -25.35
C GLN R 383 36.11 8.78 -25.72
N SER R 384 36.76 9.42 -24.74
CA SER R 384 37.56 10.60 -25.04
C SER R 384 38.74 10.24 -25.95
N ASN R 385 39.41 9.12 -25.65
CA ASN R 385 40.52 8.69 -26.50
C ASN R 385 40.03 8.34 -27.91
N ALA R 386 38.87 7.69 -28.00
CA ALA R 386 38.29 7.40 -29.31
C ALA R 386 37.98 8.68 -30.07
N GLN R 387 37.50 9.71 -29.37
CA GLN R 387 37.27 11.00 -29.99
C GLN R 387 38.56 11.59 -30.53
N THR R 388 39.66 11.46 -29.77
CA THR R 388 40.95 11.94 -30.26
C THR R 388 41.36 11.19 -31.54
N ILE R 389 41.17 9.87 -31.55
CA ILE R 389 41.50 9.09 -32.74
C ILE R 389 40.69 9.55 -33.93
N LYS R 390 39.39 9.78 -33.72
CA LYS R 390 38.52 10.22 -34.80
C LYS R 390 38.93 11.59 -35.33
N THR R 391 39.33 12.49 -34.42
CA THR R 391 39.80 13.81 -34.85
C THR R 391 41.05 13.70 -35.71
N GLN R 392 41.99 12.85 -35.29
CA GLN R 392 43.19 12.64 -36.09
C GLN R 392 42.85 12.06 -37.46
N ASP R 393 41.90 11.13 -37.50
CA ASP R 393 41.49 10.55 -38.78
C ASP R 393 40.87 11.60 -39.69
N GLN R 394 40.22 12.63 -39.18
CA GLN R 394 39.56 13.57 -40.12
C GLN R 394 40.53 14.63 -40.63
N ILE R 395 41.56 14.99 -39.85
CA ILE R 395 42.59 15.95 -40.32
C ILE R 395 43.38 15.32 -41.47
N LEU R 396 43.76 14.04 -41.33
CA LEU R 396 44.46 13.36 -42.43
C LEU R 396 43.53 13.31 -43.63
N ASN R 397 42.23 13.14 -43.42
CA ASN R 397 41.33 13.03 -44.58
C ASN R 397 41.41 14.37 -45.29
N THR R 398 41.26 15.45 -44.53
CA THR R 398 41.25 16.78 -45.17
C THR R 398 42.53 16.91 -45.98
N LEU R 399 43.68 16.53 -45.41
CA LEU R 399 44.89 16.74 -46.24
C LEU R 399 44.81 15.85 -47.49
N VAL R 400 44.74 14.54 -47.30
CA VAL R 400 44.60 13.63 -48.47
C VAL R 400 43.67 14.28 -49.48
N ASN R 401 42.57 14.90 -49.03
CA ASN R 401 41.64 15.35 -50.06
C ASN R 401 42.12 16.63 -50.74
N LEU R 402 43.37 17.02 -50.53
CA LEU R 402 43.93 18.18 -51.22
C LEU R 402 43.99 17.95 -52.72
N SER S 2 35.28 33.37 -31.65
CA SER S 2 34.44 33.48 -30.46
C SER S 2 34.54 32.23 -29.59
N PHE S 3 35.62 31.48 -29.75
CA PHE S 3 35.82 30.28 -28.94
C PHE S 3 36.14 30.65 -27.50
N SER S 4 36.91 31.71 -27.29
CA SER S 4 37.32 32.10 -25.94
C SER S 4 36.11 32.48 -25.10
N GLN S 5 35.16 33.21 -25.70
CA GLN S 5 33.98 33.65 -24.96
C GLN S 5 33.14 32.48 -24.46
N ALA S 6 32.98 31.45 -25.29
CA ALA S 6 32.22 30.27 -24.92
C ALA S 6 32.99 29.38 -23.95
N VAL S 7 34.31 29.29 -24.12
CA VAL S 7 35.15 28.49 -23.23
C VAL S 7 35.12 29.11 -21.83
N SER S 8 35.06 30.43 -21.76
CA SER S 8 34.97 31.10 -20.46
C SER S 8 33.69 30.71 -19.74
N GLY S 9 32.56 30.72 -20.46
CA GLY S 9 31.31 30.31 -19.85
C GLY S 9 31.30 28.85 -19.45
N LEU S 10 31.91 27.99 -20.28
CA LEU S 10 32.02 26.58 -19.94
C LEU S 10 32.84 26.39 -18.67
N ASN S 11 33.94 27.12 -18.54
CA ASN S 11 34.77 27.03 -17.34
C ASN S 11 34.02 27.54 -16.12
N ALA S 12 33.26 28.63 -16.28
CA ALA S 12 32.47 29.14 -15.16
C ALA S 12 31.43 28.13 -14.71
N ALA S 13 30.73 27.51 -15.65
CA ALA S 13 29.75 26.49 -15.31
C ALA S 13 30.41 25.30 -14.62
N ALA S 14 31.59 24.89 -15.11
CA ALA S 14 32.32 23.79 -14.49
C ALA S 14 32.72 24.15 -13.06
N THR S 15 33.18 25.38 -12.84
CA THR S 15 33.55 25.80 -11.48
C THR S 15 32.33 25.79 -10.56
N ASN S 16 31.20 26.29 -11.06
CA ASN S 16 29.97 26.27 -10.27
C ASN S 16 29.58 24.85 -9.91
N LEU S 17 29.67 23.94 -10.88
CA LEU S 17 29.28 22.55 -10.64
C LEU S 17 30.23 21.88 -9.66
N ASP S 18 31.53 22.18 -9.75
CA ASP S 18 32.48 21.64 -8.78
C ASP S 18 32.20 22.16 -7.38
N VAL S 19 31.87 23.45 -7.24
CA VAL S 19 31.53 24.00 -5.93
C VAL S 19 30.29 23.31 -5.37
N ILE S 20 29.27 23.13 -6.21
CA ILE S 20 28.05 22.47 -5.76
C ILE S 20 28.33 21.03 -5.35
N GLY S 21 29.14 20.32 -6.13
CA GLY S 21 29.48 18.94 -5.79
C GLY S 21 30.29 18.84 -4.51
N ASN S 22 31.21 19.77 -4.29
CA ASN S 22 31.98 19.80 -3.05
C ASN S 22 31.07 20.06 -1.86
N ASN S 23 30.11 20.97 -2.01
CA ASN S 23 29.16 21.23 -0.93
C ASN S 23 28.30 20.00 -0.65
N ILE S 24 27.86 19.31 -1.71
CA ILE S 24 26.99 18.16 -1.54
C ILE S 24 27.75 17.01 -0.87
N ALA S 25 29.01 16.79 -1.28
CA ALA S 25 29.79 15.71 -0.70
C ALA S 25 30.07 15.94 0.77
N ASN S 26 30.07 17.19 1.21
CA ASN S 26 30.31 17.54 2.61
C ASN S 26 29.01 17.73 3.38
N SER S 27 27.95 17.01 3.02
CA SER S 27 26.65 17.14 3.67
C SER S 27 26.74 16.91 5.17
N ALA S 28 27.48 15.88 5.58
CA ALA S 28 27.67 15.55 6.99
C ALA S 28 29.16 15.75 7.31
N THR S 29 29.52 16.98 7.66
CA THR S 29 30.89 17.34 8.00
C THR S 29 30.84 18.48 9.02
N TYR S 30 31.09 18.13 10.28
CA TYR S 30 31.05 19.12 11.36
C TYR S 30 32.07 20.23 11.14
N GLY S 31 31.64 21.47 11.31
CA GLY S 31 32.51 22.61 11.11
C GLY S 31 32.68 23.04 9.67
N PHE S 32 31.93 22.45 8.74
CA PHE S 32 32.01 22.81 7.34
C PHE S 32 31.05 23.95 7.04
N LYS S 33 31.51 24.91 6.22
CA LYS S 33 30.69 26.02 5.76
C LYS S 33 30.59 25.96 4.24
N SER S 34 29.37 26.12 3.73
CA SER S 34 29.12 25.99 2.30
C SER S 34 29.88 27.04 1.51
N GLY S 35 30.12 26.74 0.24
CA GLY S 35 30.83 27.63 -0.66
C GLY S 35 29.93 28.09 -1.79
N THR S 36 30.26 29.25 -2.36
CA THR S 36 29.52 29.82 -3.48
C THR S 36 30.49 30.54 -4.41
N ALA S 37 30.43 30.21 -5.69
CA ALA S 37 31.31 30.85 -6.67
C ALA S 37 30.62 32.07 -7.26
N SER S 38 31.32 33.20 -7.25
CA SER S 38 30.81 34.44 -7.83
C SER S 38 31.58 34.74 -9.11
N PHE S 39 30.85 35.16 -10.13
CA PHE S 39 31.42 35.42 -11.45
C PHE S 39 31.24 36.88 -11.83
N ALA S 40 32.19 37.39 -12.61
CA ALA S 40 32.16 38.76 -13.09
C ALA S 40 32.64 38.80 -14.54
N ASP S 41 32.11 39.75 -15.29
CA ASP S 41 32.48 39.88 -16.70
C ASP S 41 33.88 40.46 -16.84
N MET S 42 34.42 40.30 -18.04
CA MET S 42 35.73 40.90 -18.35
C MET S 42 35.48 41.55 -19.70
N PHE S 43 35.08 42.81 -19.71
CA PHE S 43 34.91 43.53 -20.98
C PHE S 43 36.21 44.28 -21.21
N ALA S 44 36.62 44.43 -22.47
CA ALA S 44 37.85 45.17 -22.80
C ALA S 44 37.42 46.51 -23.36
N GLY S 45 37.21 47.51 -22.51
CA GLY S 45 36.69 48.74 -23.07
C GLY S 45 35.21 48.63 -23.35
N SER S 46 34.82 48.80 -24.62
CA SER S 46 33.42 48.66 -25.01
C SER S 46 33.37 47.89 -26.31
N LYS S 47 32.22 47.24 -26.55
CA LYS S 47 31.95 46.46 -27.75
C LYS S 47 32.86 45.24 -27.88
N VAL S 48 33.72 45.01 -26.88
CA VAL S 48 34.62 43.86 -26.89
C VAL S 48 34.44 43.04 -25.62
N GLY S 49 33.61 42.00 -25.71
CA GLY S 49 33.44 41.09 -24.59
C GLY S 49 34.48 39.98 -24.62
N LEU S 50 35.06 39.71 -23.45
CA LEU S 50 36.08 38.67 -23.33
C LEU S 50 35.61 37.42 -22.61
N GLY S 51 34.42 37.49 -22.01
CA GLY S 51 33.86 36.28 -21.40
C GLY S 51 33.47 36.46 -19.95
N VAL S 52 33.62 35.42 -19.13
CA VAL S 52 33.31 35.48 -17.68
C VAL S 52 34.64 35.26 -16.97
N LYS S 53 34.68 35.54 -15.68
CA LYS S 53 35.89 35.29 -14.89
C LYS S 53 35.45 35.01 -13.47
N VAL S 54 35.97 33.97 -12.85
CA VAL S 54 35.58 33.62 -11.50
C VAL S 54 36.03 34.73 -10.56
N ALA S 55 35.08 35.52 -10.08
CA ALA S 55 35.41 36.64 -9.20
C ALA S 55 35.91 36.18 -7.84
N GLY S 56 35.43 35.05 -7.35
CA GLY S 56 35.90 34.53 -6.09
C GLY S 56 35.07 33.35 -5.65
N ILE S 57 35.55 32.71 -4.58
CA ILE S 57 34.85 31.60 -3.95
C ILE S 57 34.58 32.00 -2.51
N THR S 58 33.35 32.45 -2.24
CA THR S 58 33.00 33.00 -0.93
C THR S 58 32.32 31.93 -0.09
N GLN S 59 32.64 31.94 1.20
CA GLN S 59 32.04 30.99 2.12
C GLN S 59 30.75 31.56 2.71
N ASP S 60 29.95 30.67 3.29
CA ASP S 60 28.70 31.04 3.95
C ASP S 60 28.91 30.73 5.43
N PHE S 61 29.31 31.74 6.20
CA PHE S 61 29.64 31.56 7.61
C PHE S 61 28.42 31.76 8.50
N THR S 62 27.34 31.04 8.21
CA THR S 62 26.18 31.03 9.08
C THR S 62 26.25 29.83 10.01
N ASP S 63 25.85 30.03 11.26
CA ASP S 63 25.97 28.98 12.27
C ASP S 63 25.12 27.77 11.90
N GLY S 64 25.74 26.59 11.94
CA GLY S 64 25.00 25.37 11.69
C GLY S 64 24.30 24.86 12.92
N THR S 65 23.58 23.75 12.74
CA THR S 65 22.85 23.16 13.85
C THR S 65 23.82 22.60 14.88
N THR S 66 23.44 22.72 16.15
CA THR S 66 24.22 22.16 17.25
C THR S 66 23.66 20.80 17.61
N THR S 67 24.37 19.74 17.24
CA THR S 67 23.89 18.38 17.40
C THR S 67 24.56 17.75 18.62
N ASN S 68 23.73 17.23 19.53
CA ASN S 68 24.25 16.64 20.75
C ASN S 68 24.84 15.26 20.47
N THR S 69 26.00 14.98 21.05
CA THR S 69 26.67 13.70 20.91
C THR S 69 26.91 12.98 22.23
N GLY S 70 27.28 13.72 23.28
CA GLY S 70 27.48 13.13 24.59
C GLY S 70 28.91 12.89 24.99
N ARG S 71 29.88 13.29 24.17
CA ARG S 71 31.29 13.17 24.53
C ARG S 71 31.72 14.45 25.25
N GLY S 72 32.38 14.28 26.40
CA GLY S 72 32.79 15.41 27.20
C GLY S 72 33.91 16.23 26.62
N LEU S 73 34.63 15.71 25.62
CA LEU S 73 35.71 16.44 24.97
C LEU S 73 35.26 17.19 23.73
N ASP S 74 33.97 17.17 23.41
CA ASP S 74 33.46 17.84 22.22
C ASP S 74 32.90 19.21 22.60
N VAL S 75 33.31 20.24 21.86
CA VAL S 75 32.89 21.61 22.12
C VAL S 75 32.34 22.20 20.83
N ALA S 76 31.21 22.89 20.93
CA ALA S 76 30.58 23.55 19.79
C ALA S 76 30.59 25.06 20.00
N ILE S 77 31.01 25.81 18.97
CA ILE S 77 31.12 27.29 19.09
C ILE S 77 29.85 27.92 18.52
N SER S 78 29.34 28.97 19.16
CA SER S 78 28.12 29.65 18.66
C SER S 78 28.48 31.02 18.09
N GLN S 79 27.64 31.54 17.19
CA GLN S 79 27.91 32.86 16.56
C GLN S 79 29.35 32.89 16.06
N ASN S 80 30.09 33.98 16.34
CA ASN S 80 31.46 34.13 15.79
C ASN S 80 32.48 33.51 16.73
N GLY S 81 33.67 33.22 16.21
CA GLY S 81 34.75 32.60 17.02
C GLY S 81 35.32 31.40 16.30
N PHE S 82 36.65 31.23 16.34
CA PHE S 82 37.29 30.11 15.60
C PHE S 82 38.34 29.46 16.50
N PHE S 83 38.19 28.19 16.82
CA PHE S 83 39.19 27.49 17.61
C PHE S 83 40.57 27.70 17.02
N ARG S 84 41.56 27.92 17.88
CA ARG S 84 42.93 28.20 17.48
C ARG S 84 43.78 26.96 17.71
N LEU S 85 44.47 26.50 16.67
CA LEU S 85 45.26 25.29 16.69
C LEU S 85 46.67 25.55 16.17
N VAL S 86 47.60 24.67 16.55
CA VAL S 86 48.96 24.69 16.03
C VAL S 86 49.37 23.27 15.67
N ASP S 87 50.10 23.13 14.57
CA ASP S 87 50.65 21.84 14.19
C ASP S 87 52.06 21.69 14.77
N SER S 88 52.76 20.66 14.30
CA SER S 88 54.12 20.41 14.77
C SER S 88 55.09 21.50 14.34
N ASN S 89 54.76 22.25 13.29
CA ASN S 89 55.64 23.29 12.77
C ASN S 89 55.35 24.67 13.36
N GLY S 90 54.40 24.77 14.30
CA GLY S 90 54.09 26.04 14.90
C GLY S 90 53.18 26.93 14.10
N SER S 91 52.71 26.49 12.94
CA SER S 91 51.79 27.29 12.14
C SER S 91 50.45 27.41 12.84
N VAL S 92 49.86 28.60 12.77
CA VAL S 92 48.60 28.90 13.45
C VAL S 92 47.45 28.65 12.49
N PHE S 93 46.44 27.92 12.96
CA PHE S 93 45.28 27.57 12.17
C PHE S 93 44.01 27.83 12.97
N TYR S 94 42.90 27.92 12.26
CA TYR S 94 41.60 28.20 12.87
C TYR S 94 40.56 27.22 12.34
N SER S 95 39.76 26.69 13.25
CA SER S 95 38.79 25.65 12.89
C SER S 95 37.57 25.73 13.78
N ARG S 96 36.40 25.46 13.18
CA ARG S 96 35.16 25.36 13.93
C ARG S 96 34.83 23.94 14.36
N ASN S 97 35.62 22.96 13.95
CA ASN S 97 35.36 21.56 14.28
C ASN S 97 35.68 21.30 15.74
N GLY S 98 34.73 20.82 16.52
CA GLY S 98 35.02 20.70 17.95
C GLY S 98 35.09 19.26 18.39
N GLN S 99 35.67 18.37 17.59
CA GLN S 99 35.85 16.98 18.02
C GLN S 99 37.27 16.84 18.51
N PHE S 100 37.51 17.01 19.80
CA PHE S 100 38.88 16.98 20.35
C PHE S 100 39.15 15.66 21.05
N LYS S 101 40.39 15.18 21.04
CA LYS S 101 40.81 13.97 21.71
C LYS S 101 42.14 14.21 22.40
N LEU S 102 42.43 13.39 23.40
CA LEU S 102 43.69 13.43 24.11
C LEU S 102 44.66 12.47 23.44
N ASP S 103 45.89 12.91 23.22
CA ASP S 103 46.90 12.07 22.60
C ASP S 103 47.77 11.42 23.67
N GLU S 104 48.84 10.76 23.23
CA GLU S 104 49.76 10.13 24.18
C GLU S 104 50.45 11.15 25.07
N ASN S 105 50.81 12.30 24.52
CA ASN S 105 51.50 13.34 25.26
C ASN S 105 50.58 14.22 26.11
N ARG S 106 49.32 13.82 26.26
CA ARG S 106 48.34 14.50 27.10
C ARG S 106 47.99 15.90 26.61
N ASN S 107 47.88 16.10 25.30
CA ASN S 107 47.42 17.38 24.75
C ASN S 107 46.05 17.23 24.12
N LEU S 108 45.31 18.33 24.06
CA LEU S 108 44.03 18.37 23.34
C LEU S 108 44.31 18.54 21.86
N VAL S 109 43.94 17.54 21.06
CA VAL S 109 44.15 17.57 19.62
C VAL S 109 42.86 17.14 18.93
N ASN S 110 42.73 17.51 17.66
CA ASN S 110 41.58 17.09 16.87
C ASN S 110 41.93 15.79 16.15
N MET S 111 41.10 15.40 15.18
CA MET S 111 41.33 14.16 14.46
C MET S 111 42.63 14.18 13.68
N GLN S 112 43.06 15.37 13.25
CA GLN S 112 44.27 15.49 12.42
C GLN S 112 45.53 15.73 13.24
N GLY S 113 45.44 15.77 14.57
CA GLY S 113 46.61 15.87 15.41
C GLY S 113 47.04 17.28 15.75
N MET S 114 46.33 18.30 15.29
CA MET S 114 46.69 19.67 15.63
C MET S 114 46.32 19.98 17.08
N GLN S 115 47.27 20.56 17.82
CA GLN S 115 47.09 20.79 19.25
C GLN S 115 46.24 22.03 19.47
N LEU S 116 45.25 21.90 20.35
CA LEU S 116 44.41 23.04 20.72
C LEU S 116 45.21 24.00 21.60
N THR S 117 45.10 25.29 21.30
CA THR S 117 45.84 26.32 22.00
C THR S 117 44.91 27.14 22.87
N GLY S 118 45.47 27.76 23.91
CA GLY S 118 44.70 28.59 24.80
C GLY S 118 45.57 29.22 25.85
N TYR S 119 44.94 30.02 26.70
CA TYR S 119 45.65 30.67 27.78
C TYR S 119 46.04 29.62 28.83
N PRO S 120 47.33 29.52 29.17
CA PRO S 120 47.76 28.47 30.09
C PRO S 120 47.44 28.80 31.53
N ALA S 121 47.47 27.77 32.37
CA ALA S 121 47.28 27.93 33.81
C ALA S 121 48.59 27.64 34.53
N THR S 122 49.06 28.61 35.31
CA THR S 122 50.31 28.49 36.04
C THR S 122 50.11 29.00 37.47
N GLY S 123 51.03 28.63 38.34
CA GLY S 123 50.99 29.07 39.71
C GLY S 123 50.45 28.03 40.66
N THR S 124 50.45 28.39 41.94
CA THR S 124 49.97 27.52 43.00
C THR S 124 49.15 28.34 44.00
N PRO S 125 47.81 28.33 43.90
CA PRO S 125 46.97 27.57 42.96
C PRO S 125 47.05 28.11 41.53
N PRO S 126 46.79 27.26 40.54
CA PRO S 126 46.92 27.69 39.14
C PRO S 126 45.98 28.85 38.83
N THR S 127 46.46 29.77 38.01
CA THR S 127 45.70 30.94 37.60
C THR S 127 45.78 31.08 36.08
N ILE S 128 44.71 31.61 35.50
CA ILE S 128 44.69 31.86 34.06
C ILE S 128 45.50 33.12 33.77
N GLN S 129 46.52 32.97 32.93
CA GLN S 129 47.40 34.08 32.58
C GLN S 129 46.78 34.84 31.40
N GLN S 130 45.90 35.78 31.75
CA GLN S 130 45.14 36.51 30.74
C GLN S 130 46.04 37.30 29.80
N GLY S 131 47.18 37.79 30.27
CA GLY S 131 48.09 38.55 29.44
C GLY S 131 49.13 37.75 28.69
N ALA S 132 49.18 36.44 28.91
CA ALA S 132 50.21 35.61 28.29
C ALA S 132 49.77 35.15 26.89
N ASN S 133 50.75 34.75 26.10
CA ASN S 133 50.46 34.24 24.76
C ASN S 133 49.80 32.88 24.85
N PRO S 134 48.97 32.50 23.88
CA PRO S 134 48.33 31.19 23.91
C PRO S 134 49.37 30.07 23.81
N ALA S 135 49.09 28.96 24.49
CA ALA S 135 49.95 27.79 24.53
C ALA S 135 49.10 26.53 24.34
N PRO S 136 49.70 25.45 23.85
CA PRO S 136 48.96 24.19 23.71
C PRO S 136 48.41 23.72 25.06
N ILE S 137 47.18 23.19 25.02
CA ILE S 137 46.53 22.76 26.25
C ILE S 137 47.00 21.35 26.60
N THR S 138 47.41 21.17 27.85
CA THR S 138 47.87 19.89 28.34
C THR S 138 47.04 19.46 29.55
N ILE S 139 46.68 18.18 29.59
CA ILE S 139 45.94 17.61 30.72
C ILE S 139 46.84 16.59 31.39
N PRO S 140 47.72 17.01 32.30
CA PRO S 140 48.62 16.05 32.95
C PRO S 140 47.87 15.12 33.89
N ASN S 141 48.42 13.92 34.05
CA ASN S 141 47.93 12.95 35.03
C ASN S 141 48.74 13.01 36.32
N THR S 142 49.56 14.03 36.49
CA THR S 142 50.45 14.13 37.64
C THR S 142 49.67 14.29 38.94
N LEU S 143 50.14 13.64 39.99
CA LEU S 143 49.58 13.76 41.32
C LEU S 143 49.76 15.18 41.85
N MET S 144 48.77 15.63 42.62
CA MET S 144 48.83 16.92 43.31
C MET S 144 49.82 16.84 44.46
N ALA S 145 50.61 17.89 44.63
CA ALA S 145 51.40 18.07 45.84
C ALA S 145 50.46 18.55 46.95
N ALA S 146 50.80 18.24 48.21
CA ALA S 146 49.98 18.65 49.34
C ALA S 146 50.31 20.09 49.72
N LYS S 147 49.28 20.83 50.12
CA LYS S 147 49.42 22.22 50.50
C LYS S 147 49.21 22.35 51.99
N SER S 148 50.21 22.90 52.68
CA SER S 148 50.09 23.15 54.11
C SER S 148 49.05 24.22 54.37
N THR S 149 48.24 24.01 55.42
CA THR S 149 47.20 24.97 55.75
C THR S 149 47.82 26.29 56.21
N THR S 150 47.35 27.40 55.62
CA THR S 150 47.83 28.73 55.97
C THR S 150 46.76 29.66 56.51
N THR S 151 45.49 29.34 56.30
CA THR S 151 44.39 30.16 56.80
C THR S 151 43.18 29.28 57.05
N ALA S 152 42.44 29.59 58.11
CA ALA S 152 41.18 28.92 58.41
C ALA S 152 40.19 29.94 58.92
N SER S 153 38.91 29.69 58.67
CA SER S 153 37.85 30.58 59.09
C SER S 153 36.73 29.78 59.74
N MET S 154 36.16 30.36 60.79
CA MET S 154 35.10 29.70 61.56
C MET S 154 34.08 30.75 61.98
N GLN S 155 32.96 30.81 61.26
CA GLN S 155 31.86 31.69 61.61
C GLN S 155 30.89 30.91 62.51
N ILE S 156 30.66 31.42 63.71
CA ILE S 156 29.85 30.75 64.72
C ILE S 156 28.84 31.72 65.29
N ASN S 157 27.76 31.19 65.85
CA ASN S 157 26.76 31.97 66.56
C ASN S 157 26.69 31.48 68.00
N LEU S 158 26.78 32.41 68.95
CA LEU S 158 26.79 32.08 70.37
C LEU S 158 25.57 32.67 71.05
N ASN S 159 25.07 31.97 72.06
CA ASN S 159 23.89 32.40 72.80
C ASN S 159 24.32 33.30 73.95
N SER S 160 23.62 34.43 74.12
CA SER S 160 23.98 35.37 75.18
C SER S 160 23.48 34.93 76.54
N THR S 161 22.57 33.95 76.58
CA THR S 161 21.98 33.51 77.84
C THR S 161 22.70 32.34 78.49
N ASP S 162 23.82 31.89 77.93
CA ASP S 162 24.52 30.74 78.49
C ASP S 162 25.16 31.10 79.83
N PRO S 163 24.91 30.33 80.88
CA PRO S 163 25.63 30.54 82.14
C PRO S 163 27.10 30.20 82.01
N VAL S 164 27.91 30.84 82.85
CA VAL S 164 29.35 30.54 82.90
C VAL S 164 29.55 29.14 83.47
N PRO S 165 30.36 28.31 82.82
CA PRO S 165 30.61 26.96 83.35
C PRO S 165 31.19 27.01 84.76
N SER S 166 30.74 26.06 85.59
CA SER S 166 31.17 26.04 86.99
C SER S 166 32.57 25.47 87.14
N LYS S 167 32.92 24.46 86.33
CA LYS S 167 34.16 23.71 86.54
C LYS S 167 35.39 24.46 86.04
N THR S 168 35.89 25.40 86.83
CA THR S 168 37.18 26.00 86.54
C THR S 168 38.30 25.13 87.13
N PRO S 169 39.42 24.99 86.41
CA PRO S 169 39.74 25.56 85.09
C PRO S 169 39.22 24.69 83.95
N PHE S 170 39.42 25.12 82.71
CA PHE S 170 38.97 24.34 81.56
C PHE S 170 39.74 23.03 81.48
N SER S 171 39.01 21.94 81.20
CA SER S 171 39.60 20.64 81.00
C SER S 171 38.96 20.01 79.77
N VAL S 172 39.78 19.42 78.90
CA VAL S 172 39.26 18.79 77.68
C VAL S 172 38.40 17.58 78.04
N SER S 173 38.79 16.83 79.08
CA SER S 173 38.01 15.67 79.49
C SER S 173 36.70 16.08 80.14
N ASP S 174 36.69 17.21 80.84
CA ASP S 174 35.52 17.70 81.55
C ASP S 174 34.61 18.44 80.58
N ALA S 175 33.43 17.87 80.31
CA ALA S 175 32.48 18.52 79.41
C ALA S 175 31.85 19.74 80.06
N ASP S 176 31.77 19.75 81.38
CA ASP S 176 31.13 20.85 82.10
C ASP S 176 32.04 22.09 82.17
N SER S 177 33.29 21.94 81.74
CA SER S 177 34.28 23.01 81.86
C SER S 177 34.26 23.98 80.68
N TYR S 178 33.50 23.70 79.63
CA TYR S 178 33.45 24.56 78.46
C TYR S 178 32.02 24.68 77.95
N ASN S 179 31.79 25.74 77.17
CA ASN S 179 30.46 25.98 76.61
C ASN S 179 30.25 25.28 75.27
N LYS S 180 31.20 25.38 74.35
CA LYS S 180 31.00 24.82 73.02
C LYS S 180 32.31 24.25 72.51
N LYS S 181 32.22 23.15 71.75
CA LYS S 181 33.38 22.55 71.09
C LYS S 181 33.12 22.41 69.60
N GLY S 182 34.11 22.77 68.79
CA GLY S 182 34.05 22.57 67.36
C GLY S 182 35.33 21.95 66.84
N THR S 183 35.26 21.45 65.62
CA THR S 183 36.39 20.77 65.00
C THR S 183 36.65 21.34 63.62
N VAL S 184 37.91 21.50 63.27
CA VAL S 184 38.32 21.87 61.92
C VAL S 184 39.48 20.98 61.51
N THR S 185 39.39 20.38 60.32
CA THR S 185 40.43 19.49 59.86
C THR S 185 41.36 20.23 58.92
N VAL S 186 42.60 20.44 59.36
CA VAL S 186 43.61 21.12 58.57
C VAL S 186 44.61 20.08 58.07
N TYR S 187 45.45 20.50 57.11
CA TYR S 187 46.43 19.62 56.51
C TYR S 187 47.81 20.26 56.58
N ASP S 188 48.81 19.45 56.92
CA ASP S 188 50.18 19.92 57.12
C ASP S 188 50.92 19.92 55.77
N SER S 189 52.25 20.13 55.84
CA SER S 189 53.04 20.18 54.62
C SER S 189 53.06 18.86 53.87
N GLN S 190 53.18 17.73 54.58
CA GLN S 190 53.17 16.43 53.95
C GLN S 190 51.77 15.96 53.54
N GLY S 191 50.74 16.36 54.28
CA GLY S 191 49.39 15.96 53.94
C GLY S 191 48.66 15.19 55.02
N ASN S 192 49.21 15.14 56.23
CA ASN S 192 48.51 14.49 57.33
C ASN S 192 47.39 15.38 57.84
N ALA S 193 46.31 14.75 58.29
CA ALA S 193 45.13 15.48 58.77
C ALA S 193 45.26 15.76 60.26
N HIS S 194 45.10 17.03 60.62
CA HIS S 194 45.11 17.47 62.02
C HIS S 194 43.70 17.95 62.35
N ASP S 195 43.06 17.28 63.31
CA ASP S 195 41.71 17.65 63.75
C ASP S 195 41.84 18.64 64.90
N MET S 196 41.92 19.92 64.56
CA MET S 196 42.07 20.97 65.56
C MET S 196 40.73 21.20 66.24
N ASN S 197 40.70 21.02 67.55
CA ASN S 197 39.51 21.27 68.34
C ASN S 197 39.57 22.67 68.93
N VAL S 198 38.50 23.44 68.74
CA VAL S 198 38.40 24.81 69.23
C VAL S 198 37.29 24.85 70.27
N TYR S 199 37.62 25.34 71.45
CA TYR S 199 36.71 25.35 72.59
C TYR S 199 36.38 26.79 72.96
N PHE S 200 35.07 27.07 73.09
CA PHE S 200 34.56 28.37 73.49
C PHE S 200 34.03 28.25 74.92
N VAL S 201 34.55 29.10 75.81
CA VAL S 201 34.14 29.13 77.21
C VAL S 201 33.75 30.57 77.54
N LYS S 202 32.51 30.77 77.97
CA LYS S 202 32.08 32.12 78.36
C LYS S 202 32.66 32.47 79.73
N THR S 203 33.24 33.67 79.80
CA THR S 203 33.79 34.18 81.09
C THR S 203 32.88 35.28 81.64
N LYS S 204 32.64 36.34 80.88
CA LYS S 204 31.76 37.45 81.33
C LYS S 204 30.91 37.91 80.15
N ASP S 205 29.67 38.34 80.39
CA ASP S 205 28.79 38.68 79.24
C ASP S 205 29.60 39.52 78.24
N ASN S 206 29.61 39.13 76.96
CA ASN S 206 30.36 39.83 75.90
C ASN S 206 31.83 39.38 75.93
N GLU S 207 32.13 38.29 76.63
CA GLU S 207 33.51 37.74 76.62
C GLU S 207 33.52 36.22 76.49
N TRP S 208 34.36 35.67 75.62
CA TRP S 208 34.50 34.24 75.38
C TRP S 208 35.97 33.90 75.20
N ALA S 209 36.53 33.13 76.13
CA ALA S 209 37.87 32.60 75.96
C ALA S 209 37.83 31.44 74.97
N VAL S 210 38.83 31.39 74.10
CA VAL S 210 38.92 30.36 73.06
C VAL S 210 40.22 29.61 73.27
N TYR S 211 40.11 28.29 73.37
CA TYR S 211 41.25 27.38 73.50
C TYR S 211 41.34 26.51 72.25
N THR S 212 42.54 26.03 71.94
CA THR S 212 42.77 25.19 70.78
C THR S 212 43.60 23.97 71.19
N HIS S 213 43.32 22.84 70.53
CA HIS S 213 44.01 21.60 70.80
C HIS S 213 44.15 20.81 69.51
N ASP S 214 45.13 19.91 69.46
CA ASP S 214 45.33 19.05 68.29
C ASP S 214 44.92 17.63 68.67
N SER S 215 43.83 17.15 68.08
CA SER S 215 43.32 15.82 68.39
C SER S 215 44.00 14.72 67.62
N SER S 216 44.84 15.05 66.63
CA SER S 216 45.58 14.04 65.87
C SER S 216 46.97 13.80 66.41
N ASP S 217 47.49 14.70 67.23
CA ASP S 217 48.84 14.56 67.78
C ASP S 217 48.77 13.93 69.16
N PRO S 218 49.32 12.72 69.34
CA PRO S 218 49.33 12.11 70.68
C PRO S 218 50.30 12.76 71.65
N ALA S 219 51.22 13.61 71.16
CA ALA S 219 52.20 14.27 72.00
C ALA S 219 51.91 15.75 72.17
N ALA S 220 50.73 16.22 71.76
CA ALA S 220 50.38 17.62 71.93
C ALA S 220 50.19 17.96 73.39
N THR S 221 50.77 19.09 73.82
CA THR S 221 50.67 19.52 75.20
C THR S 221 49.23 19.90 75.53
N ALA S 222 48.83 19.62 76.77
CA ALA S 222 47.50 19.98 77.24
C ALA S 222 47.37 21.48 77.31
N PRO S 223 46.33 22.09 76.74
CA PRO S 223 46.19 23.54 76.76
C PRO S 223 45.91 24.05 78.16
N THR S 224 46.78 24.93 78.66
CA THR S 224 46.62 25.54 79.97
C THR S 224 46.41 27.06 79.90
N THR S 225 46.65 27.67 78.74
CA THR S 225 46.49 29.11 78.57
C THR S 225 45.44 29.36 77.49
N ALA S 226 44.58 30.34 77.72
CA ALA S 226 43.57 30.70 76.74
C ALA S 226 44.23 31.16 75.44
N SER S 227 43.82 30.55 74.33
CA SER S 227 44.43 30.88 73.05
C SER S 227 44.08 32.31 72.62
N THR S 228 42.81 32.71 72.78
CA THR S 228 42.43 34.07 72.45
C THR S 228 41.16 34.43 73.19
N THR S 229 40.70 35.67 72.96
CA THR S 229 39.51 36.20 73.64
C THR S 229 38.63 36.92 72.63
N LEU S 230 37.42 36.38 72.42
CA LEU S 230 36.43 37.05 71.59
C LEU S 230 35.59 37.99 72.45
N LYS S 231 35.50 39.24 72.02
CA LYS S 231 34.69 40.25 72.68
C LYS S 231 33.65 40.78 71.69
N PHE S 232 32.38 40.64 72.05
CA PHE S 232 31.28 41.09 71.21
C PHE S 232 30.69 42.37 71.80
N ASN S 233 30.34 43.32 70.94
CA ASN S 233 29.81 44.59 71.40
C ASN S 233 28.39 44.40 71.94
N GLU S 234 27.78 45.51 72.37
CA GLU S 234 26.44 45.45 72.92
C GLU S 234 25.39 45.11 71.88
N ASN S 235 25.71 45.28 70.60
CA ASN S 235 24.81 44.90 69.52
C ASN S 235 25.03 43.47 69.05
N GLY S 236 25.94 42.73 69.68
CA GLY S 236 26.20 41.36 69.31
C GLY S 236 27.20 41.17 68.20
N ILE S 237 27.81 42.24 67.70
CA ILE S 237 28.81 42.14 66.64
C ILE S 237 30.19 41.98 67.27
N LEU S 238 31.02 41.16 66.63
CA LEU S 238 32.38 40.96 67.12
C LEU S 238 33.20 42.23 66.97
N GLU S 239 33.94 42.59 68.02
CA GLU S 239 34.74 43.81 68.02
C GLU S 239 36.23 43.56 67.97
N SER S 240 36.75 42.63 68.77
CA SER S 240 38.18 42.37 68.80
C SER S 240 38.42 40.90 69.11
N GLY S 241 39.63 40.44 68.79
CA GLY S 241 40.03 39.08 69.07
C GLY S 241 39.59 38.04 68.07
N GLY S 242 39.13 38.45 66.89
CA GLY S 242 38.61 37.51 65.91
C GLY S 242 39.65 36.77 65.10
N THR S 243 40.93 37.11 65.23
CA THR S 243 41.98 36.46 64.47
C THR S 243 43.12 36.06 65.40
N VAL S 244 43.67 34.88 65.19
CA VAL S 244 44.77 34.39 66.02
C VAL S 244 45.61 33.42 65.21
N ASN S 245 46.93 33.55 65.33
CA ASN S 245 47.86 32.64 64.66
C ASN S 245 48.07 31.41 65.52
N ILE S 246 47.81 30.23 64.96
CA ILE S 246 47.83 28.97 65.68
C ILE S 246 48.75 27.99 64.96
N THR S 247 49.56 27.27 65.73
CA THR S 247 50.48 26.28 65.20
C THR S 247 50.09 24.89 65.70
N THR S 248 50.02 23.93 64.79
CA THR S 248 49.65 22.57 65.16
C THR S 248 50.86 21.81 65.69
N GLY S 249 50.65 20.53 65.96
CA GLY S 249 51.73 19.69 66.45
C GLY S 249 52.50 19.01 65.33
N THR S 250 53.40 18.12 65.74
CA THR S 250 54.24 17.36 64.81
C THR S 250 53.84 15.89 64.89
N ILE S 251 53.44 15.32 63.76
CA ILE S 251 53.07 13.91 63.68
C ILE S 251 54.07 13.18 62.79
N ASN S 252 54.74 12.18 63.35
CA ASN S 252 55.70 11.35 62.61
C ASN S 252 56.79 12.19 61.94
N GLY S 253 57.19 13.27 62.59
CA GLY S 253 58.25 14.12 62.08
C GLY S 253 57.84 15.12 61.03
N ALA S 254 56.56 15.18 60.67
CA ALA S 254 56.11 16.13 59.67
C ALA S 254 56.13 17.55 60.23
N THR S 255 56.46 18.51 59.35
CA THR S 255 56.55 19.90 59.77
C THR S 255 55.18 20.44 60.16
N ALA S 256 55.12 21.07 61.34
CA ALA S 256 53.86 21.63 61.83
C ALA S 256 53.45 22.82 60.98
N ALA S 257 52.13 22.99 60.82
CA ALA S 257 51.58 24.07 60.03
C ALA S 257 51.13 25.21 60.94
N THR S 258 51.55 26.43 60.60
CA THR S 258 51.14 27.63 61.32
C THR S 258 50.17 28.41 60.44
N PHE S 259 48.94 28.56 60.91
CA PHE S 259 47.88 29.17 60.10
C PHE S 259 47.11 30.17 60.95
N SER S 260 46.52 31.15 60.27
CA SER S 260 45.70 32.15 60.95
C SER S 260 44.26 31.66 61.01
N LEU S 261 43.75 31.44 62.21
CA LEU S 261 42.35 31.10 62.42
C LEU S 261 41.58 32.39 62.68
N SER S 262 40.56 32.63 61.88
CA SER S 262 39.78 33.85 61.94
C SER S 262 38.33 33.53 62.28
N PHE S 263 37.80 34.22 63.30
CA PHE S 263 36.41 34.12 63.68
C PHE S 263 35.57 35.27 63.13
N LEU S 264 35.88 35.72 61.91
CA LEU S 264 35.19 36.85 61.32
C LEU S 264 33.72 36.52 61.10
N ASN S 265 32.88 37.55 61.19
CA ASN S 265 31.42 37.47 61.02
C ASN S 265 30.74 36.67 62.12
N SER S 266 31.48 36.24 63.13
CA SER S 266 30.86 35.56 64.26
C SER S 266 30.05 36.57 65.08
N MET S 267 28.88 36.12 65.52
CA MET S 267 27.94 37.01 66.22
C MET S 267 27.38 36.29 67.44
N GLN S 268 27.22 37.05 68.53
CA GLN S 268 26.67 36.53 69.77
C GLN S 268 25.36 37.28 70.03
N GLN S 269 24.24 36.58 69.88
CA GLN S 269 22.92 37.10 70.17
C GLN S 269 22.06 36.00 70.80
N ASN S 270 20.76 36.26 70.88
CA ASN S 270 19.84 35.32 71.52
C ASN S 270 19.36 34.27 70.54
N THR S 271 20.26 33.39 70.12
CA THR S 271 19.86 32.28 69.26
C THR S 271 19.31 31.13 70.10
N GLY S 272 18.97 30.03 69.42
CA GLY S 272 18.49 28.86 70.11
C GLY S 272 19.55 28.22 70.99
N ALA S 273 20.75 28.09 70.47
CA ALA S 273 21.89 27.51 71.19
C ALA S 273 23.14 27.84 70.39
N ASN S 274 24.30 27.36 70.87
CA ASN S 274 25.56 27.56 70.17
C ASN S 274 25.57 26.71 68.90
N ASN S 275 25.60 27.37 67.74
CA ASN S 275 25.63 26.68 66.47
C ASN S 275 26.73 27.27 65.60
N ILE S 276 27.49 26.40 64.95
CA ILE S 276 28.57 26.83 64.06
C ILE S 276 27.98 27.07 62.67
N VAL S 277 28.00 28.33 62.24
CA VAL S 277 27.45 28.70 60.95
C VAL S 277 28.23 28.08 59.80
N ALA S 278 29.56 28.21 59.82
CA ALA S 278 30.38 27.70 58.73
C ALA S 278 31.82 27.54 59.19
N THR S 279 32.51 26.57 58.60
CA THR S 279 33.93 26.36 58.81
C THR S 279 34.59 26.12 57.45
N ASN S 280 35.81 26.64 57.30
CA ASN S 280 36.52 26.48 56.04
C ASN S 280 38.02 26.61 56.27
N GLN S 281 38.79 26.06 55.33
CA GLN S 281 40.24 26.14 55.37
C GLN S 281 40.77 25.90 53.97
N ASN S 282 41.95 26.46 53.68
CA ASN S 282 42.49 26.46 52.33
C ASN S 282 43.55 25.39 52.09
N GLY S 283 43.73 24.45 53.02
CA GLY S 283 44.66 23.37 52.81
C GLY S 283 43.97 22.09 52.35
N TYR S 284 44.77 21.18 51.80
CA TYR S 284 44.24 19.92 51.30
C TYR S 284 45.35 18.88 51.32
N LYS S 285 44.99 17.66 50.93
CA LYS S 285 45.82 16.47 50.88
C LYS S 285 46.20 16.13 49.43
N PRO S 286 47.17 15.22 49.22
CA PRO S 286 47.49 14.82 47.83
C PRO S 286 46.29 14.26 47.09
N GLY S 287 46.17 14.59 45.81
CA GLY S 287 45.02 14.16 45.03
C GLY S 287 45.44 13.62 43.69
N ASP S 288 44.71 12.61 43.24
CA ASP S 288 44.95 11.93 41.98
C ASP S 288 43.89 12.33 40.97
N LEU S 289 44.29 12.41 39.70
CA LEU S 289 43.39 12.82 38.64
C LEU S 289 42.26 11.80 38.49
N VAL S 290 41.02 12.30 38.52
CA VAL S 290 39.83 11.47 38.40
C VAL S 290 39.09 11.76 37.10
N SER S 291 38.86 13.03 36.80
CA SER S 291 38.13 13.38 35.59
C SER S 291 38.58 14.77 35.12
N TYR S 292 38.22 15.08 33.88
CA TYR S 292 38.48 16.40 33.31
C TYR S 292 37.25 16.86 32.55
N GLN S 293 37.08 18.17 32.44
CA GLN S 293 35.93 18.73 31.76
C GLN S 293 36.28 20.10 31.18
N ILE S 294 35.47 20.53 30.22
CA ILE S 294 35.57 21.86 29.62
C ILE S 294 34.28 22.60 29.95
N ASN S 295 34.40 23.70 30.68
CA ASN S 295 33.22 24.40 31.15
C ASN S 295 32.63 25.29 30.06
N ASN S 296 31.52 25.95 30.40
CA ASN S 296 30.82 26.81 29.45
C ASN S 296 31.69 27.97 28.98
N ASP S 297 32.45 28.59 29.89
CA ASP S 297 33.30 29.72 29.54
C ASP S 297 34.62 29.30 28.92
N GLY S 298 34.80 28.02 28.61
CA GLY S 298 35.99 27.55 27.95
C GLY S 298 37.10 27.07 28.86
N THR S 299 37.00 27.33 30.17
CA THR S 299 38.03 26.89 31.09
C THR S 299 38.04 25.38 31.21
N VAL S 300 39.24 24.79 31.16
CA VAL S 300 39.41 23.35 31.32
C VAL S 300 39.74 23.09 32.78
N VAL S 301 38.96 22.21 33.42
CA VAL S 301 39.08 21.95 34.84
C VAL S 301 39.24 20.45 35.06
N GLY S 302 40.26 20.07 35.84
CA GLY S 302 40.45 18.70 36.23
C GLY S 302 40.00 18.50 37.68
N ASN S 303 39.09 17.54 37.85
CA ASN S 303 38.58 17.15 39.16
C ASN S 303 39.38 15.95 39.66
N TYR S 304 39.95 16.09 40.86
CA TYR S 304 40.87 15.12 41.42
C TYR S 304 40.20 14.35 42.56
N SER S 305 40.95 13.43 43.16
CA SER S 305 40.44 12.56 44.22
C SER S 305 40.49 13.19 45.60
N ASN S 306 41.12 14.35 45.75
CA ASN S 306 41.20 15.03 47.04
C ASN S 306 40.13 16.11 47.16
N GLU S 307 38.97 15.85 46.55
CA GLU S 307 37.87 16.82 46.44
C GLU S 307 38.38 18.24 46.23
N GLN S 308 39.35 18.39 45.35
CA GLN S 308 39.87 19.70 44.98
C GLN S 308 40.13 19.70 43.47
N GLU S 309 39.80 20.81 42.83
CA GLU S 309 39.87 20.93 41.39
C GLU S 309 40.98 21.89 40.98
N GLN S 310 41.55 21.65 39.80
CA GLN S 310 42.58 22.53 39.26
C GLN S 310 42.19 23.01 37.86
N VAL S 311 42.33 24.30 37.63
CA VAL S 311 42.20 24.81 36.27
C VAL S 311 43.50 24.54 35.52
N LEU S 312 43.39 24.05 34.30
CA LEU S 312 44.55 23.69 33.50
C LEU S 312 44.71 24.56 32.26
N GLY S 313 43.74 25.42 31.99
CA GLY S 313 43.83 26.31 30.85
C GLY S 313 42.47 26.89 30.52
N GLN S 314 42.47 27.80 29.56
CA GLN S 314 41.24 28.41 29.06
C GLN S 314 41.30 28.48 27.55
N ILE S 315 40.31 27.89 26.87
CA ILE S 315 40.32 27.85 25.43
C ILE S 315 40.11 29.25 24.88
N VAL S 316 41.02 29.68 24.00
CA VAL S 316 40.97 31.01 23.41
C VAL S 316 40.23 30.95 22.09
N LEU S 317 39.46 31.98 21.79
CA LEU S 317 38.72 32.08 20.54
C LEU S 317 39.24 33.25 19.72
N ALA S 318 39.24 33.07 18.40
CA ALA S 318 39.73 34.08 17.47
C ALA S 318 38.57 34.62 16.64
N ASN S 319 38.54 35.94 16.48
CA ASN S 319 37.56 36.62 15.64
C ASN S 319 38.31 37.47 14.63
N PHE S 320 37.80 37.48 13.41
CA PHE S 320 38.47 38.16 12.30
C PHE S 320 37.63 39.32 11.81
N ALA S 321 38.32 40.34 11.29
CA ALA S 321 37.61 41.48 10.71
C ALA S 321 36.88 41.10 9.44
N ASN S 322 37.43 40.16 8.66
CA ASN S 322 36.78 39.67 7.41
C ASN S 322 36.74 38.17 7.43
N ASN S 323 35.68 37.56 7.96
CA ASN S 323 35.69 36.08 8.12
C ASN S 323 35.91 35.41 6.77
N GLU S 324 35.48 36.02 5.66
CA GLU S 324 35.56 35.35 4.34
C GLU S 324 37.00 35.28 3.86
N GLY S 325 37.75 36.36 4.00
CA GLY S 325 39.11 36.33 3.47
C GLY S 325 39.97 35.19 3.96
N LEU S 326 39.44 34.32 4.81
CA LEU S 326 40.20 33.19 5.30
C LEU S 326 40.47 32.19 4.18
N ALA S 327 41.72 31.76 4.07
CA ALA S 327 42.12 30.76 3.08
C ALA S 327 42.06 29.38 3.71
N SER S 328 41.16 28.54 3.21
CA SER S 328 40.97 27.22 3.79
C SER S 328 42.07 26.27 3.34
N GLN S 329 42.67 25.58 4.31
CA GLN S 329 43.74 24.63 4.05
C GLN S 329 43.29 23.18 4.06
N GLY S 330 41.98 22.93 4.13
CA GLY S 330 41.49 21.58 4.25
C GLY S 330 41.51 21.08 5.68
N ASP S 331 41.07 19.83 5.84
CA ASP S 331 40.96 19.21 7.16
C ASP S 331 40.10 20.04 8.09
N ASN S 332 38.98 20.56 7.56
CA ASN S 332 38.11 21.56 8.21
C ASN S 332 38.92 22.54 9.05
N VAL S 333 39.93 23.15 8.43
CA VAL S 333 40.87 24.04 9.10
C VAL S 333 41.11 25.25 8.20
N TRP S 334 41.14 26.44 8.80
CA TRP S 334 41.36 27.69 8.10
C TRP S 334 42.73 28.24 8.46
N ALA S 335 43.25 29.12 7.61
CA ALA S 335 44.51 29.81 7.85
C ALA S 335 44.31 31.32 7.70
N ALA S 336 44.98 32.09 8.57
CA ALA S 336 44.90 33.54 8.50
C ALA S 336 45.54 34.03 7.20
N THR S 337 44.96 35.09 6.64
CA THR S 337 45.38 35.64 5.37
C THR S 337 45.29 37.17 5.44
N GLN S 338 46.10 37.85 4.61
CA GLN S 338 46.07 39.31 4.57
C GLN S 338 44.66 39.84 4.33
N ALA S 339 43.86 39.14 3.51
CA ALA S 339 42.48 39.55 3.31
C ALA S 339 41.66 39.48 4.60
N SER S 340 41.86 38.42 5.40
CA SER S 340 41.12 38.27 6.64
C SER S 340 41.63 39.18 7.76
N GLY S 341 42.87 39.65 7.66
CA GLY S 341 43.44 40.47 8.70
C GLY S 341 43.98 39.64 9.86
N VAL S 342 44.50 40.35 10.86
CA VAL S 342 45.07 39.68 12.03
C VAL S 342 43.93 39.14 12.89
N ALA S 343 44.24 38.10 13.66
CA ALA S 343 43.24 37.45 14.51
C ALA S 343 43.12 38.20 15.83
N LEU S 344 41.90 38.52 16.22
CA LEU S 344 41.63 39.13 17.52
C LEU S 344 41.28 38.04 18.52
N LEU S 345 42.07 37.92 19.58
CA LEU S 345 41.92 36.83 20.53
C LEU S 345 41.06 37.25 21.71
N GLY S 346 40.33 36.29 22.26
CA GLY S 346 39.49 36.56 23.39
C GLY S 346 39.01 35.28 24.06
N THR S 347 38.14 35.43 25.04
CA THR S 347 37.56 34.31 25.77
C THR S 347 36.12 34.12 25.33
N ALA S 348 35.66 32.87 25.41
CA ALA S 348 34.33 32.52 24.95
C ALA S 348 33.26 33.20 25.81
N GLY S 349 32.16 33.59 25.17
CA GLY S 349 31.05 34.17 25.87
C GLY S 349 31.23 35.60 26.32
N SER S 350 32.25 36.30 25.82
CA SER S 350 32.51 37.67 26.20
C SER S 350 32.78 38.51 24.96
N GLY S 351 32.37 39.77 25.01
CA GLY S 351 32.59 40.67 23.89
C GLY S 351 31.84 40.22 22.67
N ASN S 352 32.54 40.03 21.56
CA ASN S 352 31.90 39.59 20.29
C ASN S 352 32.02 38.08 20.13
N PHE S 353 32.48 37.36 21.15
CA PHE S 353 32.72 35.92 21.10
C PHE S 353 31.54 35.18 21.70
N GLY S 354 31.05 34.17 20.98
CA GLY S 354 29.94 33.37 21.45
C GLY S 354 30.37 32.38 22.52
N LYS S 355 29.35 31.74 23.10
CA LYS S 355 29.58 30.78 24.17
C LYS S 355 29.85 29.39 23.60
N LEU S 356 30.54 28.58 24.40
CA LEU S 356 30.85 27.21 24.00
C LEU S 356 29.87 26.23 24.63
N THR S 357 29.32 25.36 23.79
CA THR S 357 28.37 24.33 24.22
C THR S 357 29.11 23.01 24.37
N ASN S 358 29.00 22.40 25.56
CA ASN S 358 29.65 21.13 25.83
C ASN S 358 28.78 19.96 25.40
N GLY S 359 29.43 18.86 25.03
CA GLY S 359 28.71 17.67 24.65
C GLY S 359 27.95 17.76 23.35
N ALA S 360 28.37 18.66 22.45
CA ALA S 360 27.67 18.87 21.19
C ALA S 360 28.66 19.33 20.14
N LEU S 361 28.26 19.18 18.88
CA LEU S 361 29.09 19.51 17.74
C LEU S 361 28.37 20.50 16.84
N GLU S 362 29.15 21.33 16.16
CA GLU S 362 28.59 22.26 15.18
C GLU S 362 28.48 21.57 13.83
N ALA S 363 27.26 21.20 13.44
CA ALA S 363 27.06 20.50 12.18
C ALA S 363 27.26 21.46 11.01
N SER S 364 27.26 20.89 9.80
CA SER S 364 27.46 21.69 8.60
C SER S 364 26.23 22.53 8.31
N ASN S 365 26.39 23.49 7.40
CA ASN S 365 25.29 24.37 7.01
C ASN S 365 24.90 24.16 5.54
N VAL S 366 25.03 22.95 5.03
CA VAL S 366 24.73 22.65 3.64
C VAL S 366 23.30 22.13 3.55
N ASP S 367 22.46 22.82 2.79
CA ASP S 367 21.11 22.36 2.54
C ASP S 367 21.04 21.66 1.19
N LEU S 368 20.91 20.32 1.28
CA LEU S 368 20.98 19.50 0.05
C LEU S 368 19.86 19.93 -0.89
N SER S 369 18.73 20.40 -0.39
CA SER S 369 17.67 20.74 -1.36
C SER S 369 18.17 21.86 -2.27
N LYS S 370 18.73 22.91 -1.68
CA LYS S 370 19.22 24.04 -2.48
C LYS S 370 20.31 23.51 -3.41
N GLU S 371 21.21 22.69 -2.90
CA GLU S 371 22.33 22.27 -3.76
C GLU S 371 21.78 21.47 -4.95
N LEU S 372 20.78 20.62 -4.77
CA LEU S 372 20.27 19.74 -5.85
C LEU S 372 19.34 20.49 -6.81
N VAL S 373 18.77 21.61 -6.38
CA VAL S 373 17.96 22.40 -7.35
C VAL S 373 18.91 23.36 -8.07
N ASN S 374 20.11 23.56 -7.55
CA ASN S 374 21.10 24.39 -8.28
C ASN S 374 21.80 23.52 -9.32
N MET S 375 22.61 22.54 -8.91
CA MET S 375 23.28 21.61 -9.81
C MET S 375 22.51 21.47 -11.11
N ILE S 376 21.18 21.41 -11.03
CA ILE S 376 20.36 21.32 -12.24
C ILE S 376 20.55 22.56 -13.11
N VAL S 377 20.49 23.74 -12.50
CA VAL S 377 20.64 24.98 -13.25
C VAL S 377 22.02 25.06 -13.90
N ALA S 378 23.06 24.68 -13.15
CA ALA S 378 24.42 24.72 -13.68
C ALA S 378 24.59 23.73 -14.83
N GLN S 379 23.98 22.55 -14.72
CA GLN S 379 24.00 21.60 -15.84
C GLN S 379 23.39 22.21 -17.10
N ARG S 380 22.26 22.89 -16.98
CA ARG S 380 21.66 23.38 -18.26
C ARG S 380 22.44 24.61 -18.73
N ASN S 381 23.08 25.40 -17.86
CA ASN S 381 23.97 26.45 -18.38
C ASN S 381 25.18 25.87 -19.10
N TYR S 382 25.76 24.81 -18.54
CA TYR S 382 26.90 24.15 -19.18
C TYR S 382 26.52 23.60 -20.54
N GLN S 383 25.34 22.98 -20.64
CA GLN S 383 24.89 22.47 -21.92
C GLN S 383 24.64 23.60 -22.92
N SER S 384 24.15 24.74 -22.44
CA SER S 384 23.96 25.89 -23.33
C SER S 384 25.30 26.38 -23.88
N ASN S 385 26.31 26.45 -23.02
CA ASN S 385 27.64 26.87 -23.50
C ASN S 385 28.21 25.87 -24.49
N ALA S 386 28.01 24.57 -24.23
CA ALA S 386 28.45 23.55 -25.19
C ALA S 386 27.73 23.70 -26.52
N GLN S 387 26.44 24.06 -26.48
CA GLN S 387 25.71 24.33 -27.71
C GLN S 387 26.31 25.50 -28.47
N THR S 388 26.71 26.55 -27.76
CA THR S 388 27.37 27.69 -28.41
C THR S 388 28.66 27.25 -29.09
N ILE S 389 29.46 26.43 -28.39
CA ILE S 389 30.72 25.94 -28.97
C ILE S 389 30.44 25.13 -30.23
N LYS S 390 29.44 24.26 -30.17
CA LYS S 390 29.11 23.42 -31.33
C LYS S 390 28.64 24.26 -32.51
N THR S 391 27.84 25.30 -32.24
CA THR S 391 27.38 26.18 -33.31
C THR S 391 28.54 26.90 -33.96
N GLN S 392 29.50 27.39 -33.16
CA GLN S 392 30.67 28.05 -33.74
C GLN S 392 31.49 27.07 -34.58
N ASP S 393 31.62 25.82 -34.10
CA ASP S 393 32.32 24.81 -34.87
C ASP S 393 31.63 24.56 -36.22
N GLN S 394 30.30 24.47 -36.22
CA GLN S 394 29.58 24.27 -37.47
C GLN S 394 29.78 25.46 -38.41
N ILE S 395 29.77 26.68 -37.88
CA ILE S 395 29.99 27.85 -38.72
C ILE S 395 31.37 27.82 -39.35
N LEU S 396 32.39 27.49 -38.54
CA LEU S 396 33.75 27.42 -39.07
C LEU S 396 33.88 26.32 -40.13
N ASN S 397 33.23 25.18 -39.91
CA ASN S 397 33.26 24.11 -40.91
C ASN S 397 32.60 24.55 -42.20
N THR S 398 31.47 25.25 -42.10
CA THR S 398 30.80 25.76 -43.30
C THR S 398 31.69 26.73 -44.05
N LEU S 399 32.38 27.61 -43.33
CA LEU S 399 33.31 28.54 -43.98
C LEU S 399 34.45 27.79 -44.65
N VAL S 400 34.98 26.75 -44.01
CA VAL S 400 36.10 26.00 -44.57
C VAL S 400 35.68 25.27 -45.84
N ASN S 401 34.48 24.67 -45.82
CA ASN S 401 34.07 23.80 -46.93
C ASN S 401 33.63 24.60 -48.15
N LEU S 402 33.97 25.88 -48.22
CA LEU S 402 33.66 26.68 -49.40
C LEU S 402 34.41 26.17 -50.63
N SER T 2 9.84 32.32 -41.13
CA SER T 2 8.84 31.65 -40.25
C SER T 2 9.38 31.63 -38.83
N PHE T 3 10.68 31.91 -38.68
CA PHE T 3 11.24 31.98 -37.31
C PHE T 3 10.47 33.09 -36.60
N SER T 4 10.16 34.17 -37.29
CA SER T 4 9.48 35.30 -36.62
C SER T 4 8.16 34.82 -36.02
N GLN T 5 7.37 34.10 -36.81
CA GLN T 5 6.05 33.63 -36.35
C GLN T 5 6.22 32.58 -35.24
N ALA T 6 7.20 31.68 -35.35
CA ALA T 6 7.35 30.59 -34.36
C ALA T 6 8.00 31.12 -33.09
N VAL T 7 8.99 32.00 -33.22
CA VAL T 7 9.68 32.56 -32.07
C VAL T 7 8.67 33.28 -31.18
N SER T 8 7.72 33.98 -31.80
CA SER T 8 6.70 34.68 -31.03
C SER T 8 5.84 33.71 -30.24
N GLY T 9 5.46 32.59 -30.86
CA GLY T 9 4.68 31.58 -30.15
C GLY T 9 5.47 30.94 -29.02
N LEU T 10 6.77 30.70 -29.26
CA LEU T 10 7.63 30.17 -28.22
C LEU T 10 7.70 31.12 -27.03
N ASN T 11 7.85 32.42 -27.31
CA ASN T 11 7.91 33.41 -26.24
C ASN T 11 6.59 33.49 -25.49
N ALA T 12 5.47 33.41 -26.21
CA ALA T 12 4.17 33.42 -25.55
C ALA T 12 4.00 32.21 -24.63
N ALA T 13 4.40 31.03 -25.10
CA ALA T 13 4.32 29.84 -24.26
C ALA T 13 5.22 29.98 -23.04
N ALA T 14 6.42 30.54 -23.22
CA ALA T 14 7.32 30.75 -22.10
C ALA T 14 6.72 31.72 -21.09
N THR T 15 6.07 32.78 -21.57
CA THR T 15 5.43 33.74 -20.67
C THR T 15 4.29 33.10 -19.90
N ASN T 16 3.48 32.28 -20.58
CA ASN T 16 2.40 31.57 -19.90
C ASN T 16 2.94 30.63 -18.84
N LEU T 17 4.04 29.94 -19.15
CA LEU T 17 4.63 29.01 -18.19
C LEU T 17 5.24 29.75 -17.00
N ASP T 18 5.82 30.92 -17.24
CA ASP T 18 6.31 31.74 -16.15
C ASP T 18 5.16 32.22 -15.26
N VAL T 19 4.04 32.58 -15.86
CA VAL T 19 2.87 32.99 -15.08
C VAL T 19 2.38 31.83 -14.22
N ILE T 20 2.32 30.64 -14.81
CA ILE T 20 1.87 29.46 -14.06
C ILE T 20 2.84 29.15 -12.92
N GLY T 21 4.14 29.26 -13.18
CA GLY T 21 5.11 29.04 -12.11
C GLY T 21 5.01 30.06 -11.01
N ASN T 22 4.73 31.32 -11.36
CA ASN T 22 4.51 32.34 -10.35
C ASN T 22 3.28 32.04 -9.51
N ASN T 23 2.20 31.57 -10.14
CA ASN T 23 1.00 31.21 -9.40
C ASN T 23 1.29 30.04 -8.47
N ILE T 24 2.05 29.05 -8.94
CA ILE T 24 2.38 27.89 -8.12
C ILE T 24 3.24 28.31 -6.92
N ALA T 25 4.25 29.16 -7.15
CA ALA T 25 5.15 29.56 -6.09
C ALA T 25 4.43 30.34 -4.99
N ASN T 26 3.35 31.03 -5.33
CA ASN T 26 2.56 31.79 -4.37
C ASN T 26 1.31 31.06 -3.93
N SER T 27 1.38 29.73 -3.78
CA SER T 27 0.24 28.95 -3.31
C SER T 27 -0.17 29.39 -1.91
N ALA T 28 0.80 29.66 -1.06
CA ALA T 28 0.56 30.12 0.31
C ALA T 28 1.13 31.53 0.42
N THR T 29 0.31 32.52 0.07
CA THR T 29 0.68 33.94 0.14
C THR T 29 -0.61 34.71 0.40
N TYR T 30 -0.77 35.18 1.64
CA TYR T 30 -1.99 35.87 2.04
C TYR T 30 -2.13 37.18 1.27
N GLY T 31 -3.30 37.40 0.68
CA GLY T 31 -3.52 38.56 -0.15
C GLY T 31 -3.01 38.45 -1.56
N PHE T 32 -2.81 37.24 -2.07
CA PHE T 32 -2.31 37.03 -3.43
C PHE T 32 -3.47 36.75 -4.36
N LYS T 33 -3.48 37.45 -5.50
CA LYS T 33 -4.42 37.19 -6.58
C LYS T 33 -3.67 36.67 -7.79
N SER T 34 -4.11 35.52 -8.30
CA SER T 34 -3.39 34.86 -9.39
C SER T 34 -3.46 35.69 -10.66
N GLY T 35 -2.59 35.35 -11.62
CA GLY T 35 -2.52 36.04 -12.90
C GLY T 35 -2.78 35.08 -14.05
N THR T 36 -3.30 35.62 -15.14
CA THR T 36 -3.56 34.84 -16.35
C THR T 36 -3.10 35.65 -17.56
N ALA T 37 -2.36 35.00 -18.45
CA ALA T 37 -1.85 35.67 -19.65
C ALA T 37 -2.93 35.69 -20.73
N SER T 38 -3.01 36.81 -21.46
CA SER T 38 -3.93 36.95 -22.58
C SER T 38 -3.14 37.15 -23.86
N PHE T 39 -3.54 36.42 -24.90
CA PHE T 39 -2.85 36.44 -26.18
C PHE T 39 -3.78 36.92 -27.28
N ALA T 40 -3.20 37.60 -28.28
CA ALA T 40 -3.93 38.10 -29.42
C ALA T 40 -3.08 37.92 -30.68
N ASP T 41 -3.75 37.74 -31.81
CA ASP T 41 -3.06 37.57 -33.07
C ASP T 41 -2.51 38.90 -33.58
N MET T 42 -1.56 38.83 -34.50
CA MET T 42 -0.85 39.99 -35.00
C MET T 42 -0.92 40.06 -36.52
N PHE T 43 -2.12 39.90 -37.09
CA PHE T 43 -2.27 39.98 -38.53
C PHE T 43 -1.96 41.38 -39.02
N ALA T 44 -1.22 41.47 -40.12
CA ALA T 44 -0.84 42.73 -40.75
C ALA T 44 -1.51 42.77 -42.12
N GLY T 45 -2.67 43.42 -42.19
CA GLY T 45 -3.48 43.39 -43.39
C GLY T 45 -4.26 42.09 -43.49
N SER T 46 -3.85 41.21 -44.41
CA SER T 46 -4.46 39.90 -44.52
C SER T 46 -3.42 38.93 -45.09
N LYS T 47 -3.60 37.64 -44.81
CA LYS T 47 -2.79 36.55 -45.34
C LYS T 47 -1.36 36.59 -44.83
N VAL T 48 -1.01 37.59 -44.03
CA VAL T 48 0.33 37.68 -43.45
C VAL T 48 0.25 37.67 -41.94
N GLY T 49 0.38 36.49 -41.34
CA GLY T 49 0.41 36.39 -39.90
C GLY T 49 1.80 36.68 -39.35
N LEU T 50 1.86 37.64 -38.43
CA LEU T 50 3.13 38.03 -37.82
C LEU T 50 3.43 37.31 -36.51
N GLY T 51 2.56 36.38 -36.09
CA GLY T 51 2.76 35.64 -34.86
C GLY T 51 1.68 35.96 -33.86
N VAL T 52 2.06 35.92 -32.58
CA VAL T 52 1.14 36.18 -31.49
C VAL T 52 1.73 37.25 -30.59
N LYS T 53 0.85 37.98 -29.91
CA LYS T 53 1.29 39.06 -29.01
C LYS T 53 0.64 38.88 -27.66
N VAL T 54 1.41 39.02 -26.59
CA VAL T 54 0.88 38.93 -25.24
C VAL T 54 0.07 40.19 -24.94
N ALA T 55 -1.25 40.07 -25.01
CA ALA T 55 -2.12 41.23 -24.83
C ALA T 55 -1.98 41.84 -23.44
N GLY T 56 -1.88 41.02 -22.40
CA GLY T 56 -1.72 41.55 -21.06
C GLY T 56 -1.73 40.43 -20.05
N ILE T 57 -1.63 40.83 -18.79
CA ILE T 57 -1.69 39.92 -17.65
C ILE T 57 -2.86 40.36 -16.78
N THR T 58 -3.89 39.52 -16.71
CA THR T 58 -5.11 39.83 -16.00
C THR T 58 -5.09 39.18 -14.63
N GLN T 59 -5.30 39.98 -13.59
CA GLN T 59 -5.41 39.45 -12.24
C GLN T 59 -6.78 38.83 -12.03
N ASP T 60 -6.84 37.88 -11.09
CA ASP T 60 -8.07 37.17 -10.75
C ASP T 60 -8.44 37.67 -9.35
N PHE T 61 -9.23 38.73 -9.28
CA PHE T 61 -9.59 39.37 -8.02
C PHE T 61 -10.80 38.71 -7.38
N THR T 62 -10.74 37.39 -7.18
CA THR T 62 -11.79 36.70 -6.45
C THR T 62 -11.39 36.52 -4.99
N ASP T 63 -12.39 36.53 -4.10
CA ASP T 63 -12.14 36.44 -2.68
C ASP T 63 -11.54 35.07 -2.33
N GLY T 64 -10.52 35.09 -1.48
CA GLY T 64 -9.91 33.86 -1.03
C GLY T 64 -10.50 33.38 0.29
N THR T 65 -9.98 32.24 0.75
CA THR T 65 -10.44 31.68 2.02
C THR T 65 -10.00 32.54 3.19
N THR T 66 -10.88 32.71 4.17
CA THR T 66 -10.56 33.44 5.39
C THR T 66 -10.16 32.46 6.48
N THR T 67 -8.89 32.44 6.82
CA THR T 67 -8.34 31.50 7.80
C THR T 67 -8.07 32.25 9.10
N ASN T 68 -8.62 31.74 10.20
CA ASN T 68 -8.43 32.39 11.49
C ASN T 68 -7.03 32.15 12.02
N THR T 69 -6.47 33.16 12.70
CA THR T 69 -5.15 33.07 13.30
C THR T 69 -5.14 33.39 14.79
N GLY T 70 -6.11 34.17 15.28
CA GLY T 70 -6.16 34.52 16.68
C GLY T 70 -5.42 35.77 17.08
N ARG T 71 -4.81 36.49 16.14
CA ARG T 71 -4.08 37.71 16.43
C ARG T 71 -5.05 38.90 16.37
N GLY T 72 -4.98 39.76 17.38
CA GLY T 72 -5.85 40.93 17.43
C GLY T 72 -5.54 41.99 16.39
N LEU T 73 -4.29 42.08 15.92
CA LEU T 73 -3.91 43.00 14.87
C LEU T 73 -4.07 42.42 13.48
N ASP T 74 -4.63 41.21 13.37
CA ASP T 74 -4.76 40.53 12.09
C ASP T 74 -6.19 40.69 11.60
N VAL T 75 -6.35 41.24 10.39
CA VAL T 75 -7.67 41.53 9.84
C VAL T 75 -7.67 41.22 8.35
N ALA T 76 -8.81 40.77 7.84
CA ALA T 76 -8.99 40.45 6.43
C ALA T 76 -10.22 41.15 5.87
N ILE T 77 -10.20 41.39 4.57
CA ILE T 77 -11.31 42.05 3.88
C ILE T 77 -12.15 40.99 3.17
N SER T 78 -13.44 40.95 3.49
CA SER T 78 -14.38 40.19 2.68
C SER T 78 -14.95 41.09 1.59
N GLN T 79 -15.39 40.47 0.49
CA GLN T 79 -15.99 41.19 -0.64
C GLN T 79 -14.94 42.14 -1.21
N ASN T 80 -15.37 43.32 -1.65
CA ASN T 80 -14.47 44.28 -2.29
C ASN T 80 -13.90 45.27 -1.28
N GLY T 81 -12.77 45.85 -1.64
CA GLY T 81 -12.10 46.84 -0.82
C GLY T 81 -10.63 46.51 -0.64
N PHE T 82 -9.81 47.55 -0.51
CA PHE T 82 -8.38 47.40 -0.37
C PHE T 82 -7.88 48.22 0.81
N PHE T 83 -6.88 47.69 1.50
CA PHE T 83 -6.18 48.48 2.52
C PHE T 83 -5.31 49.53 1.85
N ARG T 84 -5.29 50.73 2.42
CA ARG T 84 -4.49 51.83 1.91
C ARG T 84 -3.27 52.01 2.80
N LEU T 85 -2.09 51.95 2.20
CA LEU T 85 -0.82 52.06 2.90
C LEU T 85 -0.02 53.23 2.36
N VAL T 86 0.93 53.71 3.17
CA VAL T 86 1.81 54.79 2.77
C VAL T 86 3.26 54.36 3.01
N ASP T 87 4.12 54.61 2.02
CA ASP T 87 5.52 54.28 2.11
C ASP T 87 6.25 55.37 2.89
N SER T 88 7.52 55.12 3.24
CA SER T 88 8.30 56.11 3.97
C SER T 88 8.56 57.36 3.15
N ASN T 89 8.44 57.28 1.82
CA ASN T 89 8.59 58.44 0.96
C ASN T 89 7.27 59.13 0.65
N GLY T 90 6.17 58.67 1.24
CA GLY T 90 4.88 59.27 1.01
C GLY T 90 4.08 58.69 -0.12
N SER T 91 4.64 57.75 -0.89
CA SER T 91 3.89 57.11 -1.96
C SER T 91 2.80 56.22 -1.39
N VAL T 92 1.62 56.29 -2.00
CA VAL T 92 0.43 55.61 -1.49
C VAL T 92 0.22 54.33 -2.30
N PHE T 93 -0.07 53.23 -1.60
CA PHE T 93 -0.26 51.93 -2.21
C PHE T 93 -1.52 51.29 -1.65
N TYR T 94 -1.94 50.19 -2.28
CA TYR T 94 -3.13 49.45 -1.87
C TYR T 94 -2.83 47.96 -1.86
N SER T 95 -3.30 47.28 -0.81
CA SER T 95 -2.99 45.86 -0.64
C SER T 95 -4.12 45.17 0.09
N ARG T 96 -4.26 43.86 -0.15
CA ARG T 96 -5.34 43.08 0.51
C ARG T 96 -4.76 42.33 1.70
N ASN T 97 -3.44 42.23 1.76
CA ASN T 97 -2.82 41.44 2.83
C ASN T 97 -3.09 42.13 4.17
N GLY T 98 -3.39 41.34 5.19
CA GLY T 98 -3.79 41.90 6.46
C GLY T 98 -2.89 41.58 7.64
N GLN T 99 -1.62 41.25 7.37
CA GLN T 99 -0.66 41.03 8.43
C GLN T 99 -0.14 42.38 8.91
N PHE T 100 -0.85 42.97 9.87
CA PHE T 100 -0.48 44.26 10.43
C PHE T 100 0.13 44.07 11.81
N LYS T 101 1.22 44.80 12.06
CA LYS T 101 1.91 44.73 13.34
C LYS T 101 2.28 46.13 13.79
N LEU T 102 2.44 46.29 15.10
CA LEU T 102 2.83 47.57 15.68
C LEU T 102 4.35 47.68 15.65
N ASP T 103 4.86 48.80 15.14
CA ASP T 103 6.29 49.01 15.01
C ASP T 103 6.84 49.71 16.25
N GLU T 104 8.10 50.15 16.16
CA GLU T 104 8.74 50.83 17.27
C GLU T 104 8.04 52.13 17.62
N ASN T 105 7.65 52.92 16.62
CA ASN T 105 7.05 54.23 16.85
C ASN T 105 5.54 54.17 17.01
N ARG T 106 4.98 53.02 17.42
CA ARG T 106 3.56 52.87 17.73
C ARG T 106 2.65 53.08 16.52
N ASN T 107 3.17 52.93 15.31
CA ASN T 107 2.32 52.99 14.12
C ASN T 107 1.98 51.60 13.63
N LEU T 108 0.81 51.47 13.01
CA LEU T 108 0.37 50.19 12.46
C LEU T 108 0.97 50.02 11.08
N VAL T 109 1.89 49.07 10.94
CA VAL T 109 2.57 48.81 9.69
C VAL T 109 2.44 47.33 9.34
N ASN T 110 2.55 47.02 8.06
CA ASN T 110 2.55 45.63 7.60
C ASN T 110 3.98 45.08 7.72
N MET T 111 4.21 43.92 7.11
CA MET T 111 5.53 43.28 7.21
C MET T 111 6.63 44.14 6.60
N GLN T 112 6.36 44.78 5.47
CA GLN T 112 7.39 45.55 4.77
C GLN T 112 7.61 46.93 5.36
N GLY T 113 6.79 47.36 6.33
CA GLY T 113 6.97 48.65 6.95
C GLY T 113 6.12 49.77 6.41
N MET T 114 5.14 49.47 5.56
CA MET T 114 4.23 50.51 5.08
C MET T 114 3.13 50.75 6.10
N GLN T 115 2.89 52.03 6.40
CA GLN T 115 1.96 52.40 7.46
C GLN T 115 0.53 52.31 6.97
N LEU T 116 -0.32 51.65 7.74
CA LEU T 116 -1.75 51.63 7.45
C LEU T 116 -2.33 53.02 7.68
N THR T 117 -3.22 53.45 6.79
CA THR T 117 -3.78 54.80 6.83
C THR T 117 -5.27 54.74 7.08
N GLY T 118 -5.79 55.83 7.64
CA GLY T 118 -7.21 55.89 7.92
C GLY T 118 -7.60 57.25 8.46
N TYR T 119 -8.88 57.37 8.76
CA TYR T 119 -9.43 58.60 9.31
C TYR T 119 -8.99 58.75 10.77
N PRO T 120 -8.38 59.87 11.14
CA PRO T 120 -7.93 60.04 12.52
C PRO T 120 -9.07 60.48 13.44
N ALA T 121 -8.76 60.55 14.73
CA ALA T 121 -9.72 60.96 15.74
C ALA T 121 -9.28 62.26 16.39
N THR T 122 -10.20 63.22 16.50
CA THR T 122 -9.93 64.51 17.11
C THR T 122 -11.04 64.83 18.10
N GLY T 123 -10.69 65.68 19.07
CA GLY T 123 -11.66 66.13 20.06
C GLY T 123 -11.61 65.32 21.34
N THR T 124 -12.42 65.77 22.29
CA THR T 124 -12.52 65.13 23.60
C THR T 124 -13.99 65.01 24.00
N PRO T 125 -14.60 63.83 23.85
CA PRO T 125 -14.03 62.55 23.39
C PRO T 125 -13.72 62.56 21.89
N PRO T 126 -12.73 61.78 21.46
CA PRO T 126 -12.36 61.80 20.04
C PRO T 126 -13.38 61.08 19.19
N THR T 127 -13.54 61.56 17.95
CA THR T 127 -14.50 61.00 17.02
C THR T 127 -13.85 60.84 15.66
N ILE T 128 -14.30 59.83 14.92
CA ILE T 128 -13.78 59.59 13.57
C ILE T 128 -14.14 60.77 12.68
N GLN T 129 -13.11 61.46 12.17
CA GLN T 129 -13.30 62.62 11.31
C GLN T 129 -13.42 62.13 9.88
N GLN T 130 -14.68 61.89 9.47
CA GLN T 130 -14.94 61.40 8.11
C GLN T 130 -14.57 62.42 7.04
N GLY T 131 -14.52 63.70 7.39
CA GLY T 131 -14.12 64.73 6.45
C GLY T 131 -12.62 64.99 6.39
N ALA T 132 -11.84 64.31 7.22
CA ALA T 132 -10.39 64.52 7.25
C ALA T 132 -9.69 63.59 6.27
N ASN T 133 -8.53 64.03 5.79
CA ASN T 133 -7.73 63.21 4.90
C ASN T 133 -7.16 62.02 5.67
N PRO T 134 -7.00 60.87 5.02
CA PRO T 134 -6.45 59.70 5.72
C PRO T 134 -5.03 59.96 6.22
N ALA T 135 -4.75 59.46 7.41
CA ALA T 135 -3.45 59.61 8.05
C ALA T 135 -2.98 58.27 8.59
N PRO T 136 -1.67 58.07 8.73
CA PRO T 136 -1.17 56.81 9.30
C PRO T 136 -1.73 56.57 10.70
N ILE T 137 -2.09 55.31 10.97
CA ILE T 137 -2.70 54.96 12.24
C ILE T 137 -1.60 54.76 13.28
N THR T 138 -1.77 55.42 14.42
CA THR T 138 -0.83 55.31 15.55
C THR T 138 -1.60 54.93 16.81
N ILE T 139 -1.05 54.00 17.58
CA ILE T 139 -1.66 53.60 18.84
C ILE T 139 -0.73 54.09 19.94
N PRO T 140 -0.97 55.28 20.50
CA PRO T 140 -0.07 55.81 21.53
C PRO T 140 -0.28 55.11 22.87
N ASN T 141 0.80 55.00 23.62
CA ASN T 141 0.75 54.51 25.00
C ASN T 141 0.77 55.64 26.02
N THR T 142 0.59 56.88 25.58
CA THR T 142 0.64 58.02 26.48
C THR T 142 -0.51 57.95 27.49
N LEU T 143 -0.25 58.49 28.68
CA LEU T 143 -1.24 58.49 29.75
C LEU T 143 -2.49 59.26 29.32
N MET T 144 -3.65 58.67 29.57
CA MET T 144 -4.93 59.28 29.24
C MET T 144 -5.42 60.03 30.47
N ALA T 145 -5.54 61.35 30.34
CA ALA T 145 -5.78 62.23 31.48
C ALA T 145 -7.23 62.09 31.94
N ALA T 146 -7.56 62.73 33.06
CA ALA T 146 -8.90 62.70 33.61
C ALA T 146 -9.75 63.84 33.07
N LYS T 147 -11.06 63.61 33.03
CA LYS T 147 -12.02 64.61 32.58
C LYS T 147 -12.89 65.01 33.76
N SER T 148 -12.93 66.30 34.06
CA SER T 148 -13.81 66.81 35.11
C SER T 148 -15.25 66.54 34.73
N THR T 149 -16.03 66.06 35.70
CA THR T 149 -17.42 65.72 35.45
C THR T 149 -18.22 66.95 35.02
N THR T 150 -19.00 66.80 33.96
CA THR T 150 -19.80 67.90 33.43
C THR T 150 -21.30 67.63 33.47
N THR T 151 -21.75 66.41 33.18
CA THR T 151 -23.15 66.07 33.23
C THR T 151 -23.34 64.77 34.00
N ALA T 152 -24.37 64.72 34.84
CA ALA T 152 -24.70 63.52 35.58
C ALA T 152 -26.20 63.30 35.50
N SER T 153 -26.59 62.03 35.41
CA SER T 153 -27.99 61.66 35.29
C SER T 153 -28.33 60.62 36.35
N MET T 154 -29.49 60.80 36.97
CA MET T 154 -29.97 59.89 38.01
C MET T 154 -31.43 59.57 37.71
N GLN T 155 -31.69 58.40 37.15
CA GLN T 155 -33.04 57.94 36.87
C GLN T 155 -33.51 57.07 38.03
N ILE T 156 -34.47 57.56 38.79
CA ILE T 156 -34.92 56.91 40.01
C ILE T 156 -36.45 56.88 40.03
N ASN T 157 -37.02 55.77 40.47
CA ASN T 157 -38.46 55.62 40.59
C ASN T 157 -38.85 55.79 42.05
N LEU T 158 -39.77 56.71 42.32
CA LEU T 158 -40.22 57.02 43.66
C LEU T 158 -41.58 56.39 43.91
N ASN T 159 -41.86 56.07 45.18
CA ASN T 159 -43.16 55.55 45.58
C ASN T 159 -44.05 56.72 45.99
N SER T 160 -45.28 56.74 45.48
CA SER T 160 -46.19 57.82 45.80
C SER T 160 -46.82 57.65 47.18
N THR T 161 -46.59 56.51 47.82
CA THR T 161 -47.24 56.19 49.08
C THR T 161 -46.32 56.31 50.30
N ASP T 162 -45.13 56.89 50.15
CA ASP T 162 -44.30 57.13 51.33
C ASP T 162 -44.94 58.18 52.23
N PRO T 163 -44.86 58.02 53.55
CA PRO T 163 -45.33 59.08 54.43
C PRO T 163 -44.27 60.15 54.69
N VAL T 164 -44.75 61.31 55.12
CA VAL T 164 -43.88 62.45 55.37
C VAL T 164 -42.96 62.12 56.55
N PRO T 165 -41.65 62.30 56.41
CA PRO T 165 -40.73 61.98 57.51
C PRO T 165 -41.04 62.80 58.76
N SER T 166 -41.00 62.12 59.91
CA SER T 166 -41.36 62.76 61.18
C SER T 166 -40.27 63.71 61.67
N LYS T 167 -39.01 63.33 61.49
CA LYS T 167 -37.90 64.09 62.04
C LYS T 167 -37.64 65.35 61.20
N THR T 168 -38.26 66.46 61.57
CA THR T 168 -37.97 67.72 60.92
C THR T 168 -36.99 68.54 61.77
N PRO T 169 -36.05 69.25 61.14
CA PRO T 169 -35.84 69.39 59.70
C PRO T 169 -35.06 68.23 59.11
N PHE T 170 -34.56 68.37 57.88
CA PHE T 170 -33.82 67.30 57.24
C PHE T 170 -32.55 66.99 58.02
N SER T 171 -32.37 65.71 58.35
CA SER T 171 -31.23 65.26 59.14
C SER T 171 -30.46 64.22 58.34
N VAL T 172 -29.17 64.47 58.11
CA VAL T 172 -28.35 63.53 57.36
C VAL T 172 -28.10 62.27 58.18
N SER T 173 -28.05 62.40 59.51
CA SER T 173 -27.74 61.25 60.35
C SER T 173 -28.96 60.35 60.53
N ASP T 174 -30.14 60.94 60.56
CA ASP T 174 -31.38 60.20 60.85
C ASP T 174 -31.94 59.63 59.56
N ALA T 175 -32.07 58.30 59.50
CA ALA T 175 -32.61 57.66 58.30
C ALA T 175 -34.11 57.90 58.18
N ASP T 176 -34.79 58.21 59.28
CA ASP T 176 -36.22 58.45 59.26
C ASP T 176 -36.51 59.89 58.84
N SER T 177 -35.46 60.68 58.66
CA SER T 177 -35.59 62.07 58.22
C SER T 177 -35.63 62.21 56.71
N TYR T 178 -35.06 61.26 55.97
CA TYR T 178 -35.12 61.27 54.52
C TYR T 178 -35.70 59.95 54.03
N ASN T 179 -36.39 60.00 52.90
CA ASN T 179 -37.04 58.81 52.36
C ASN T 179 -36.13 57.98 51.49
N LYS T 180 -35.15 58.59 50.81
CA LYS T 180 -34.23 57.80 50.01
C LYS T 180 -32.83 58.42 50.04
N LYS T 181 -31.81 57.56 50.11
CA LYS T 181 -30.44 57.98 49.98
C LYS T 181 -29.78 57.22 48.82
N GLY T 182 -29.08 57.95 47.96
CA GLY T 182 -28.31 57.35 46.89
C GLY T 182 -26.96 58.05 46.77
N THR T 183 -26.13 57.53 45.89
CA THR T 183 -24.84 58.16 45.64
C THR T 183 -24.59 58.27 44.15
N VAL T 184 -23.92 59.34 43.75
CA VAL T 184 -23.39 59.49 42.40
C VAL T 184 -21.92 59.87 42.53
N THR T 185 -21.06 59.12 41.85
CA THR T 185 -19.62 59.34 41.96
C THR T 185 -19.13 60.14 40.76
N VAL T 186 -18.57 61.32 41.01
CA VAL T 186 -18.06 62.18 39.97
C VAL T 186 -16.57 62.38 40.19
N TYR T 187 -15.91 62.96 39.19
CA TYR T 187 -14.47 63.19 39.24
C TYR T 187 -14.17 64.62 38.79
N ASP T 188 -13.25 65.27 39.51
CA ASP T 188 -12.86 66.63 39.20
C ASP T 188 -11.68 66.62 38.22
N SER T 189 -11.03 67.77 38.07
CA SER T 189 -9.94 67.90 37.11
C SER T 189 -8.78 66.97 37.42
N GLN T 190 -8.42 66.80 38.70
CA GLN T 190 -7.30 65.95 39.09
C GLN T 190 -7.69 64.48 39.22
N GLY T 191 -8.96 64.13 38.96
CA GLY T 191 -9.37 62.75 39.03
C GLY T 191 -9.73 62.25 40.41
N ASN T 192 -9.84 63.13 41.39
CA ASN T 192 -10.25 62.73 42.72
C ASN T 192 -11.73 62.36 42.73
N ALA T 193 -12.10 61.44 43.61
CA ALA T 193 -13.45 60.91 43.66
C ALA T 193 -14.33 61.78 44.56
N HIS T 194 -15.50 62.13 44.08
CA HIS T 194 -16.50 62.89 44.84
C HIS T 194 -17.79 62.09 44.81
N ASP T 195 -18.08 61.38 45.89
CA ASP T 195 -19.26 60.52 45.96
C ASP T 195 -20.39 61.31 46.59
N MET T 196 -21.06 62.12 45.79
CA MET T 196 -22.14 62.97 46.28
C MET T 196 -23.34 62.12 46.65
N ASN T 197 -23.73 62.19 47.92
CA ASN T 197 -24.95 61.55 48.38
C ASN T 197 -26.15 62.45 48.10
N VAL T 198 -27.20 61.85 47.55
CA VAL T 198 -28.41 62.54 47.14
C VAL T 198 -29.55 62.01 48.00
N TYR T 199 -30.25 62.92 48.66
CA TYR T 199 -31.29 62.56 49.62
C TYR T 199 -32.64 63.08 49.13
N PHE T 200 -33.63 62.18 49.08
CA PHE T 200 -34.99 62.51 48.68
C PHE T 200 -35.87 62.47 49.92
N VAL T 201 -36.57 63.58 50.19
CA VAL T 201 -37.47 63.72 51.33
C VAL T 201 -38.81 64.21 50.79
N LYS T 202 -39.87 63.47 51.05
CA LYS T 202 -41.19 63.91 50.63
C LYS T 202 -41.67 65.03 51.53
N THR T 203 -42.08 66.15 50.91
CA THR T 203 -42.58 67.28 51.67
C THR T 203 -44.10 67.35 51.69
N LYS T 204 -44.74 67.10 50.56
CA LYS T 204 -46.18 66.97 50.46
C LYS T 204 -46.48 66.06 49.28
N ASP T 205 -47.74 66.01 48.86
CA ASP T 205 -48.11 65.17 47.73
C ASP T 205 -47.42 65.65 46.46
N ASN T 206 -46.76 64.72 45.78
CA ASN T 206 -46.03 64.96 44.53
C ASN T 206 -44.93 66.00 44.67
N GLU T 207 -44.35 66.17 45.86
CA GLU T 207 -43.27 67.12 46.08
C GLU T 207 -42.14 66.43 46.83
N TRP T 208 -40.98 66.33 46.19
CA TRP T 208 -39.81 65.66 46.75
C TRP T 208 -38.67 66.66 46.80
N ALA T 209 -38.31 67.10 48.01
CA ALA T 209 -37.13 67.92 48.16
C ALA T 209 -35.89 67.04 48.13
N VAL T 210 -34.95 67.39 47.27
CA VAL T 210 -33.73 66.62 47.10
C VAL T 210 -32.54 67.48 47.53
N TYR T 211 -31.72 66.93 48.40
CA TYR T 211 -30.50 67.54 48.92
C TYR T 211 -29.28 66.81 48.37
N THR T 212 -28.17 67.52 48.26
CA THR T 212 -26.90 66.96 47.81
C THR T 212 -25.82 67.25 48.83
N HIS T 213 -24.97 66.26 49.09
CA HIS T 213 -23.89 66.41 50.07
C HIS T 213 -22.66 65.67 49.60
N ASP T 214 -21.52 66.37 49.56
CA ASP T 214 -20.27 65.76 49.11
C ASP T 214 -19.63 65.04 50.31
N SER T 215 -19.73 63.71 50.32
CA SER T 215 -19.23 62.93 51.45
C SER T 215 -17.71 62.83 51.49
N SER T 216 -17.02 62.94 50.36
CA SER T 216 -15.57 62.81 50.32
C SER T 216 -14.85 64.03 50.90
N ASP T 217 -15.50 65.19 50.93
CA ASP T 217 -14.88 66.40 51.49
C ASP T 217 -14.87 66.29 53.01
N PRO T 218 -13.69 66.30 53.64
CA PRO T 218 -13.64 66.24 55.11
C PRO T 218 -14.27 67.44 55.80
N ALA T 219 -14.35 68.59 55.14
CA ALA T 219 -14.91 69.80 55.72
C ALA T 219 -16.27 70.16 55.12
N ALA T 220 -16.94 69.21 54.48
CA ALA T 220 -18.25 69.50 53.90
C ALA T 220 -19.30 69.65 54.98
N THR T 221 -20.04 70.76 54.91
CA THR T 221 -21.10 71.03 55.87
C THR T 221 -22.37 70.27 55.48
N ALA T 222 -23.08 69.78 56.49
CA ALA T 222 -24.34 69.10 56.27
C ALA T 222 -25.35 70.09 55.69
N PRO T 223 -26.05 69.75 54.60
CA PRO T 223 -26.96 70.70 53.97
C PRO T 223 -28.12 71.07 54.88
N THR T 224 -28.55 72.32 54.81
CA THR T 224 -29.71 72.80 55.54
C THR T 224 -30.84 73.24 54.61
N THR T 225 -30.52 73.57 53.37
CA THR T 225 -31.51 73.98 52.37
C THR T 225 -31.58 72.92 51.28
N ALA T 226 -32.79 72.64 50.80
CA ALA T 226 -32.96 71.67 49.74
C ALA T 226 -32.22 72.10 48.48
N SER T 227 -31.49 71.14 47.88
CA SER T 227 -30.79 71.44 46.65
C SER T 227 -31.78 71.82 45.55
N THR T 228 -32.87 71.07 45.41
CA THR T 228 -33.99 71.50 44.58
C THR T 228 -35.22 70.69 44.94
N THR T 229 -36.27 70.86 44.15
CA THR T 229 -37.57 70.24 44.44
C THR T 229 -38.11 69.61 43.16
N LEU T 230 -38.27 68.28 43.19
CA LEU T 230 -38.92 67.57 42.10
C LEU T 230 -40.44 67.57 42.33
N LYS T 231 -41.17 68.07 41.35
CA LYS T 231 -42.63 68.07 41.39
C LYS T 231 -43.13 67.16 40.26
N PHE T 232 -43.95 66.18 40.62
CA PHE T 232 -44.46 65.21 39.67
C PHE T 232 -45.91 65.54 39.33
N ASN T 233 -46.27 65.39 38.06
CA ASN T 233 -47.58 65.78 37.58
C ASN T 233 -48.65 64.83 38.10
N GLU T 234 -49.89 65.05 37.65
CA GLU T 234 -51.03 64.27 38.12
C GLU T 234 -50.84 62.78 37.85
N ASN T 235 -50.36 62.41 36.67
CA ASN T 235 -50.19 61.01 36.32
C ASN T 235 -48.84 60.43 36.75
N GLY T 236 -48.03 61.21 37.46
CA GLY T 236 -46.81 60.69 38.05
C GLY T 236 -45.54 60.90 37.27
N ILE T 237 -45.61 61.46 36.07
CA ILE T 237 -44.43 61.73 35.27
C ILE T 237 -43.79 63.02 35.78
N LEU T 238 -42.46 63.05 35.82
CA LEU T 238 -41.74 64.26 36.22
C LEU T 238 -42.13 65.42 35.32
N GLU T 239 -42.54 66.53 35.93
CA GLU T 239 -43.04 67.68 35.19
C GLU T 239 -42.12 68.90 35.27
N SER T 240 -41.58 69.20 36.45
CA SER T 240 -40.76 70.39 36.62
C SER T 240 -39.62 70.07 37.60
N GLY T 241 -38.54 70.83 37.47
CA GLY T 241 -37.38 70.66 38.33
C GLY T 241 -36.49 69.50 37.97
N GLY T 242 -36.44 69.09 36.71
CA GLY T 242 -35.68 67.92 36.32
C GLY T 242 -34.18 68.10 36.23
N THR T 243 -33.69 69.34 36.31
CA THR T 243 -32.25 69.61 36.20
C THR T 243 -31.83 70.57 37.28
N VAL T 244 -30.56 70.49 37.68
CA VAL T 244 -29.99 71.40 38.67
C VAL T 244 -28.48 71.44 38.46
N ASN T 245 -27.84 72.48 39.01
CA ASN T 245 -26.38 72.58 38.94
C ASN T 245 -25.79 72.35 40.33
N ILE T 246 -24.80 71.46 40.40
CA ILE T 246 -24.20 71.05 41.67
C ILE T 246 -22.70 71.28 41.60
N THR T 247 -22.16 71.89 42.66
CA THR T 247 -20.73 72.10 42.83
C THR T 247 -20.26 71.33 44.06
N THR T 248 -19.20 70.56 43.90
CA THR T 248 -18.71 69.74 45.01
C THR T 248 -17.74 70.52 45.89
N GLY T 249 -17.20 69.83 46.89
CA GLY T 249 -16.20 70.41 47.75
C GLY T 249 -14.81 70.35 47.14
N THR T 250 -13.85 70.90 47.88
CA THR T 250 -12.46 70.97 47.44
C THR T 250 -11.66 69.90 48.19
N ILE T 251 -11.00 69.02 47.43
CA ILE T 251 -10.12 67.99 47.98
C ILE T 251 -8.71 68.19 47.45
N ASN T 252 -7.75 68.32 48.36
CA ASN T 252 -6.32 68.40 48.03
C ASN T 252 -6.02 69.59 47.12
N GLY T 253 -6.80 70.65 47.24
CA GLY T 253 -6.56 71.86 46.50
C GLY T 253 -6.98 71.84 45.04
N ALA T 254 -7.57 70.74 44.57
CA ALA T 254 -8.01 70.67 43.18
C ALA T 254 -9.32 71.42 42.99
N THR T 255 -9.57 71.84 41.75
CA THR T 255 -10.79 72.56 41.44
C THR T 255 -12.01 71.66 41.59
N ALA T 256 -12.99 72.12 42.35
CA ALA T 256 -14.22 71.36 42.53
C ALA T 256 -14.97 71.22 41.21
N ALA T 257 -15.57 70.06 41.01
CA ALA T 257 -16.28 69.77 39.77
C ALA T 257 -17.70 70.31 39.83
N THR T 258 -18.03 71.19 38.89
CA THR T 258 -19.37 71.74 38.76
C THR T 258 -20.06 71.04 37.59
N PHE T 259 -21.22 70.44 37.85
CA PHE T 259 -21.87 69.62 36.84
C PHE T 259 -23.38 69.79 36.92
N SER T 260 -24.04 69.51 35.79
CA SER T 260 -25.49 69.55 35.72
C SER T 260 -26.03 68.16 36.04
N LEU T 261 -26.72 68.05 37.18
CA LEU T 261 -27.34 66.80 37.60
C LEU T 261 -28.81 66.82 37.23
N SER T 262 -29.24 65.79 36.50
CA SER T 262 -30.60 65.72 35.96
C SER T 262 -31.31 64.45 36.43
N PHE T 263 -32.54 64.61 36.91
CA PHE T 263 -33.40 63.50 37.27
C PHE T 263 -34.43 63.18 36.19
N LEU T 264 -34.08 63.36 34.92
CA LEU T 264 -35.05 63.19 33.85
C LEU T 264 -35.53 61.75 33.78
N ASN T 265 -36.70 61.57 33.16
CA ASN T 265 -37.34 60.28 32.90
C ASN T 265 -37.84 59.62 34.19
N SER T 266 -37.47 60.17 35.35
CA SER T 266 -37.92 59.61 36.62
C SER T 266 -39.43 59.67 36.75
N MET T 267 -39.96 58.88 37.68
CA MET T 267 -41.40 58.69 37.80
C MET T 267 -41.76 58.39 39.26
N GLN T 268 -43.00 58.70 39.61
CA GLN T 268 -43.54 58.45 40.95
C GLN T 268 -44.89 57.74 40.78
N GLN T 269 -44.88 56.42 40.92
CA GLN T 269 -46.09 55.61 40.87
C GLN T 269 -46.10 54.63 42.04
N ASN T 270 -47.06 53.72 42.03
CA ASN T 270 -47.20 52.74 43.10
C ASN T 270 -46.26 51.55 42.90
N THR T 271 -44.97 51.80 43.01
CA THR T 271 -43.99 50.73 42.87
C THR T 271 -43.83 49.97 44.19
N GLY T 272 -42.91 49.00 44.19
CA GLY T 272 -42.62 48.25 45.40
C GLY T 272 -42.06 49.09 46.52
N ALA T 273 -41.07 49.91 46.21
CA ALA T 273 -40.40 50.78 47.18
C ALA T 273 -39.53 51.77 46.41
N ASN T 274 -39.10 52.83 47.09
CA ASN T 274 -38.26 53.85 46.47
C ASN T 274 -36.91 53.25 46.11
N ASN T 275 -36.65 53.11 44.81
CA ASN T 275 -35.43 52.49 44.32
C ASN T 275 -34.87 53.28 43.15
N ILE T 276 -33.55 53.27 43.02
CA ILE T 276 -32.86 53.94 41.91
C ILE T 276 -32.76 52.96 40.75
N VAL T 277 -33.12 53.41 39.56
CA VAL T 277 -33.01 52.57 38.37
C VAL T 277 -31.61 52.64 37.77
N ALA T 278 -31.08 53.84 37.56
CA ALA T 278 -29.78 53.97 36.92
C ALA T 278 -29.13 55.29 37.29
N THR T 279 -27.79 55.31 37.21
CA THR T 279 -27.02 56.53 37.38
C THR T 279 -25.87 56.54 36.37
N ASN T 280 -25.61 57.72 35.81
CA ASN T 280 -24.55 57.87 34.81
C ASN T 280 -23.82 59.18 35.03
N GLN T 281 -22.57 59.21 34.58
CA GLN T 281 -21.75 60.41 34.63
C GLN T 281 -20.63 60.28 33.60
N ASN T 282 -20.21 61.42 33.05
CA ASN T 282 -19.26 61.45 31.95
C ASN T 282 -17.83 61.70 32.38
N GLY T 283 -17.56 61.80 33.69
CA GLY T 283 -16.21 61.97 34.16
C GLY T 283 -15.53 60.66 34.49
N TYR T 284 -14.20 60.70 34.54
CA TYR T 284 -13.41 59.50 34.82
C TYR T 284 -12.08 59.93 35.43
N LYS T 285 -11.44 58.97 36.10
CA LYS T 285 -10.11 59.10 36.69
C LYS T 285 -9.04 58.80 35.66
N PRO T 286 -7.78 59.23 35.88
CA PRO T 286 -6.71 58.92 34.92
C PRO T 286 -6.54 57.43 34.70
N GLY T 287 -6.31 57.04 33.45
CA GLY T 287 -6.12 55.64 33.12
C GLY T 287 -5.03 55.47 32.09
N ASP T 288 -4.31 54.36 32.21
CA ASP T 288 -3.22 54.02 31.31
C ASP T 288 -3.67 52.94 30.33
N LEU T 289 -2.96 52.86 29.20
CA LEU T 289 -3.30 51.91 28.15
C LEU T 289 -3.21 50.48 28.68
N VAL T 290 -4.24 49.69 28.41
CA VAL T 290 -4.31 48.30 28.83
C VAL T 290 -4.35 47.36 27.64
N SER T 291 -5.18 47.66 26.65
CA SER T 291 -5.31 46.81 25.47
C SER T 291 -5.74 47.64 24.28
N TYR T 292 -5.62 47.04 23.10
CA TYR T 292 -6.08 47.66 21.86
C TYR T 292 -6.67 46.59 20.96
N GLN T 293 -7.59 47.00 20.08
CA GLN T 293 -8.26 46.07 19.20
C GLN T 293 -8.74 46.79 17.94
N ILE T 294 -9.02 46.01 16.91
CA ILE T 294 -9.59 46.50 15.66
C ILE T 294 -11.01 45.96 15.56
N ASN T 295 -11.99 46.86 15.58
CA ASN T 295 -13.39 46.45 15.59
C ASN T 295 -13.80 45.87 14.24
N ASN T 296 -15.03 45.34 14.20
CA ASN T 296 -15.60 44.76 12.99
C ASN T 296 -15.74 45.79 11.87
N ASP T 297 -16.18 47.01 12.19
CA ASP T 297 -16.38 48.05 11.19
C ASP T 297 -15.11 48.82 10.86
N GLY T 298 -13.97 48.44 11.44
CA GLY T 298 -12.70 49.05 11.12
C GLY T 298 -12.16 50.03 12.12
N THR T 299 -12.96 50.44 13.11
CA THR T 299 -12.47 51.39 14.12
C THR T 299 -11.42 50.72 15.00
N VAL T 300 -10.37 51.45 15.33
CA VAL T 300 -9.34 51.00 16.26
C VAL T 300 -9.69 51.56 17.63
N VAL T 301 -9.86 50.67 18.60
CA VAL T 301 -10.33 51.04 19.94
C VAL T 301 -9.30 50.60 20.96
N GLY T 302 -8.91 51.54 21.83
CA GLY T 302 -8.01 51.25 22.93
C GLY T 302 -8.77 51.26 24.24
N ASN T 303 -8.60 50.18 25.01
CA ASN T 303 -9.22 50.01 26.31
C ASN T 303 -8.20 50.35 27.39
N TYR T 304 -8.54 51.32 28.23
CA TYR T 304 -7.65 51.82 29.27
C TYR T 304 -8.09 51.25 30.62
N SER T 305 -7.30 51.53 31.65
CA SER T 305 -7.58 51.02 32.99
C SER T 305 -8.68 51.78 33.71
N ASN T 306 -9.15 52.90 33.16
CA ASN T 306 -10.21 53.67 33.78
C ASN T 306 -11.58 53.31 33.22
N GLU T 307 -11.71 52.06 32.74
CA GLU T 307 -12.97 51.45 32.31
C GLU T 307 -13.71 52.33 31.29
N GLN T 308 -12.94 52.98 30.42
CA GLN T 308 -13.51 53.76 29.33
C GLN T 308 -12.68 53.52 28.07
N GLU T 309 -13.37 53.38 26.94
CA GLU T 309 -12.72 53.13 25.67
C GLU T 309 -12.42 54.44 24.96
N GLN T 310 -11.38 54.41 24.12
CA GLN T 310 -11.02 55.56 23.31
C GLN T 310 -10.76 55.13 21.88
N VAL T 311 -11.38 55.84 20.93
CA VAL T 311 -11.14 55.55 19.52
C VAL T 311 -9.85 56.24 19.07
N LEU T 312 -9.03 55.51 18.32
CA LEU T 312 -7.76 56.04 17.86
C LEU T 312 -7.72 56.27 16.35
N GLY T 313 -8.63 55.65 15.60
CA GLY T 313 -8.68 55.85 14.17
C GLY T 313 -9.58 54.81 13.53
N GLN T 314 -9.92 55.09 12.27
CA GLN T 314 -10.75 54.19 11.48
C GLN T 314 -10.00 53.79 10.22
N ILE T 315 -9.91 52.49 9.98
CA ILE T 315 -9.23 52.01 8.77
C ILE T 315 -10.09 52.33 7.56
N VAL T 316 -9.49 53.01 6.58
CA VAL T 316 -10.19 53.41 5.37
C VAL T 316 -9.92 52.38 4.28
N LEU T 317 -10.89 52.15 3.42
CA LEU T 317 -10.77 51.19 2.34
C LEU T 317 -10.89 51.91 1.00
N ALA T 318 -10.30 51.31 -0.03
CA ALA T 318 -10.28 51.88 -1.37
C ALA T 318 -10.90 50.92 -2.37
N ASN T 319 -11.69 51.45 -3.29
CA ASN T 319 -12.31 50.67 -4.36
C ASN T 319 -12.04 51.35 -5.69
N PHE T 320 -11.79 50.54 -6.71
CA PHE T 320 -11.41 51.02 -8.03
C PHE T 320 -12.49 50.68 -9.05
N ALA T 321 -12.60 51.53 -10.07
CA ALA T 321 -13.52 51.26 -11.17
C ALA T 321 -13.06 50.04 -11.97
N ASN T 322 -11.76 49.89 -12.16
CA ASN T 322 -11.18 48.80 -12.92
C ASN T 322 -10.02 48.25 -12.09
N ASN T 323 -10.26 47.13 -11.39
CA ASN T 323 -9.23 46.51 -10.57
C ASN T 323 -8.09 45.96 -11.41
N GLU T 324 -8.38 45.53 -12.64
CA GLU T 324 -7.37 44.93 -13.50
C GLU T 324 -6.25 45.90 -13.85
N GLY T 325 -6.50 47.20 -13.78
CA GLY T 325 -5.49 48.18 -14.13
C GLY T 325 -4.46 48.46 -13.06
N LEU T 326 -4.59 47.84 -11.89
CA LEU T 326 -3.65 48.06 -10.81
C LEU T 326 -2.29 47.45 -11.16
N ALA T 327 -1.24 48.26 -11.03
CA ALA T 327 0.12 47.82 -11.31
C ALA T 327 0.76 47.35 -10.00
N SER T 328 0.90 46.03 -9.84
CA SER T 328 1.47 45.48 -8.62
C SER T 328 2.96 45.81 -8.54
N GLN T 329 3.38 46.31 -7.38
CA GLN T 329 4.77 46.67 -7.13
C GLN T 329 5.53 45.59 -6.37
N GLY T 330 4.95 44.41 -6.20
CA GLY T 330 5.56 43.37 -5.40
C GLY T 330 5.27 43.56 -3.93
N ASP T 331 5.73 42.60 -3.14
CA ASP T 331 5.48 42.57 -1.69
C ASP T 331 3.99 42.70 -1.40
N ASN T 332 3.19 41.86 -2.09
CA ASN T 332 1.72 41.86 -2.04
C ASN T 332 1.15 43.26 -1.91
N VAL T 333 1.58 44.16 -2.80
CA VAL T 333 1.19 45.56 -2.77
C VAL T 333 0.86 46.01 -4.19
N TRP T 334 -0.25 46.71 -4.35
CA TRP T 334 -0.69 47.27 -5.62
C TRP T 334 -0.61 48.78 -5.56
N ALA T 335 -0.27 49.39 -6.69
CA ALA T 335 -0.23 50.84 -6.83
C ALA T 335 -1.25 51.29 -7.87
N ALA T 336 -2.05 52.30 -7.53
CA ALA T 336 -3.03 52.81 -8.46
C ALA T 336 -2.35 53.53 -9.62
N THR T 337 -2.85 53.27 -10.82
CA THR T 337 -2.36 53.90 -12.04
C THR T 337 -3.52 54.51 -12.81
N GLN T 338 -3.20 55.15 -13.93
CA GLN T 338 -4.23 55.80 -14.73
C GLN T 338 -5.22 54.78 -15.30
N ALA T 339 -4.75 53.58 -15.65
CA ALA T 339 -5.63 52.56 -16.19
C ALA T 339 -6.65 52.08 -15.16
N SER T 340 -6.25 52.02 -13.88
CA SER T 340 -7.16 51.55 -12.84
C SER T 340 -8.09 52.64 -12.33
N GLY T 341 -7.90 53.88 -12.75
CA GLY T 341 -8.73 54.97 -12.30
C GLY T 341 -8.32 55.48 -10.93
N VAL T 342 -9.09 56.46 -10.45
CA VAL T 342 -8.81 57.06 -9.14
C VAL T 342 -9.44 56.21 -8.05
N ALA T 343 -8.75 56.12 -6.92
CA ALA T 343 -9.23 55.31 -5.80
C ALA T 343 -10.38 56.00 -5.10
N LEU T 344 -11.49 55.30 -4.94
CA LEU T 344 -12.65 55.82 -4.20
C LEU T 344 -12.58 55.31 -2.77
N LEU T 345 -12.49 56.23 -1.82
CA LEU T 345 -12.32 55.87 -0.42
C LEU T 345 -13.68 55.60 0.24
N GLY T 346 -13.62 54.89 1.36
CA GLY T 346 -14.84 54.57 2.07
C GLY T 346 -14.54 53.85 3.36
N THR T 347 -15.63 53.47 4.06
CA THR T 347 -15.54 52.77 5.32
C THR T 347 -15.97 51.33 5.15
N ALA T 348 -15.46 50.46 6.02
CA ALA T 348 -15.74 49.04 5.92
C ALA T 348 -17.22 48.75 6.19
N GLY T 349 -17.79 47.86 5.39
CA GLY T 349 -19.16 47.44 5.58
C GLY T 349 -20.22 48.43 5.16
N SER T 350 -19.80 49.48 4.46
CA SER T 350 -20.73 50.56 4.07
C SER T 350 -21.31 50.28 2.68
N GLY T 351 -20.93 51.10 1.69
CA GLY T 351 -21.53 50.93 0.35
C GLY T 351 -20.53 50.36 -0.63
N ASN T 352 -20.83 49.20 -1.21
CA ASN T 352 -19.91 48.54 -2.17
C ASN T 352 -18.64 48.09 -1.44
N PHE T 353 -18.46 48.46 -0.17
CA PHE T 353 -17.26 47.96 0.50
C PHE T 353 -17.64 46.77 1.38
N GLY T 354 -16.75 45.80 1.47
CA GLY T 354 -16.99 44.63 2.30
C GLY T 354 -16.61 44.85 3.75
N LYS T 355 -17.14 43.98 4.60
CA LYS T 355 -16.90 44.06 6.03
C LYS T 355 -15.56 43.42 6.40
N LEU T 356 -14.93 43.98 7.43
CA LEU T 356 -13.67 43.46 7.92
C LEU T 356 -13.90 42.31 8.88
N THR T 357 -12.97 41.35 8.87
CA THR T 357 -12.97 40.26 9.84
C THR T 357 -11.64 40.27 10.59
N ASN T 358 -11.69 40.58 11.88
CA ASN T 358 -10.48 40.61 12.69
C ASN T 358 -10.11 39.21 13.15
N GLY T 359 -8.80 38.98 13.28
CA GLY T 359 -8.32 37.67 13.67
C GLY T 359 -8.33 36.64 12.56
N ALA T 360 -8.38 37.08 11.29
CA ALA T 360 -8.39 36.18 10.15
C ALA T 360 -7.68 36.82 8.99
N LEU T 361 -7.11 35.98 8.13
CA LEU T 361 -6.38 36.41 6.95
C LEU T 361 -7.02 35.86 5.69
N GLU T 362 -6.97 36.64 4.62
CA GLU T 362 -7.46 36.21 3.32
C GLU T 362 -6.34 35.49 2.58
N ALA T 363 -6.47 34.18 2.44
CA ALA T 363 -5.44 33.38 1.78
C ALA T 363 -5.50 33.61 0.27
N SER T 364 -4.52 33.04 -0.43
CA SER T 364 -4.45 33.16 -1.88
C SER T 364 -5.56 32.36 -2.54
N ASN T 365 -5.95 32.78 -3.73
CA ASN T 365 -7.02 32.11 -4.48
C ASN T 365 -6.47 31.21 -5.59
N VAL T 366 -5.32 30.58 -5.36
CA VAL T 366 -4.68 29.75 -6.35
C VAL T 366 -5.04 28.28 -6.09
N ASP T 367 -5.63 27.63 -7.08
CA ASP T 367 -5.87 26.20 -7.00
C ASP T 367 -4.80 25.43 -7.76
N LEU T 368 -4.17 24.48 -7.08
CA LEU T 368 -2.98 23.82 -7.60
C LEU T 368 -3.28 22.89 -8.78
N SER T 369 -4.43 22.22 -8.70
CA SER T 369 -4.83 21.32 -9.79
C SER T 369 -4.95 22.12 -11.07
N LYS T 370 -5.52 23.32 -11.00
CA LYS T 370 -5.74 24.13 -12.23
C LYS T 370 -4.41 24.79 -12.62
N GLU T 371 -3.36 24.58 -11.84
CA GLU T 371 -2.03 25.12 -12.24
C GLU T 371 -1.15 23.94 -12.67
N LEU T 372 -1.52 22.70 -12.32
CA LEU T 372 -0.73 21.50 -12.69
C LEU T 372 -1.25 20.95 -14.03
N VAL T 373 -2.39 21.45 -14.50
CA VAL T 373 -2.91 21.10 -15.83
C VAL T 373 -2.49 22.15 -16.85
N ASN T 374 -2.58 23.44 -16.49
CA ASN T 374 -2.18 24.50 -17.39
C ASN T 374 -0.68 24.41 -17.69
N MET T 375 0.12 24.02 -16.70
CA MET T 375 1.54 23.80 -16.92
C MET T 375 1.77 22.72 -17.97
N ILE T 376 1.00 21.62 -17.87
CA ILE T 376 1.12 20.54 -18.85
C ILE T 376 0.80 21.05 -20.26
N VAL T 377 -0.34 21.73 -20.39
CA VAL T 377 -0.76 22.19 -21.73
C VAL T 377 0.25 23.19 -22.30
N ALA T 378 0.74 24.11 -21.46
CA ALA T 378 1.71 25.09 -21.94
C ALA T 378 3.01 24.41 -22.36
N GLN T 379 3.44 23.39 -21.61
CA GLN T 379 4.63 22.64 -22.01
C GLN T 379 4.43 22.01 -23.39
N ARG T 380 3.26 21.42 -23.62
CA ARG T 380 3.01 20.78 -24.90
C ARG T 380 3.00 21.81 -26.03
N ASN T 381 2.37 22.96 -25.81
CA ASN T 381 2.37 24.01 -26.82
C ASN T 381 3.77 24.51 -27.12
N TYR T 382 4.59 24.71 -26.09
CA TYR T 382 5.95 25.18 -26.29
C TYR T 382 6.77 24.16 -27.06
N GLN T 383 6.57 22.87 -26.78
CA GLN T 383 7.25 21.83 -27.56
C GLN T 383 6.81 21.84 -29.00
N SER T 384 5.52 22.07 -29.25
CA SER T 384 5.05 22.16 -30.64
C SER T 384 5.71 23.32 -31.38
N ASN T 385 5.82 24.47 -30.72
CA ASN T 385 6.49 25.61 -31.35
C ASN T 385 7.97 25.31 -31.60
N ALA T 386 8.62 24.62 -30.67
CA ALA T 386 10.01 24.21 -30.87
C ALA T 386 10.12 23.29 -32.08
N GLN T 387 9.16 22.38 -32.26
CA GLN T 387 9.15 21.53 -33.44
C GLN T 387 9.02 22.34 -34.72
N THR T 388 8.18 23.38 -34.70
CA THR T 388 8.07 24.26 -35.85
C THR T 388 9.41 24.92 -36.17
N ILE T 389 10.09 25.39 -35.13
CA ILE T 389 11.41 26.02 -35.32
C ILE T 389 12.38 25.03 -35.94
N LYS T 390 12.40 23.81 -35.42
CA LYS T 390 13.30 22.78 -35.94
C LYS T 390 13.00 22.46 -37.40
N THR T 391 11.71 22.39 -37.76
CA THR T 391 11.34 22.12 -39.14
C THR T 391 11.81 23.23 -40.07
N GLN T 392 11.65 24.48 -39.65
CA GLN T 392 12.12 25.60 -40.47
C GLN T 392 13.64 25.55 -40.62
N ASP T 393 14.34 25.18 -39.55
CA ASP T 393 15.82 25.10 -39.61
C ASP T 393 16.25 24.03 -40.62
N GLN T 394 15.67 22.83 -40.51
CA GLN T 394 15.99 21.75 -41.48
C GLN T 394 15.61 22.22 -42.89
N ILE T 395 14.48 22.91 -42.98
CA ILE T 395 14.00 23.43 -44.31
C ILE T 395 15.10 24.31 -44.89
N LEU T 396 15.61 25.28 -44.10
CA LEU T 396 16.67 26.19 -44.59
C LEU T 396 17.89 25.37 -45.01
N ASN T 397 18.30 24.42 -44.17
CA ASN T 397 19.49 23.59 -44.47
C ASN T 397 19.42 23.04 -45.90
N THR T 398 18.37 22.29 -46.24
CA THR T 398 18.20 21.66 -47.57
C THR T 398 18.44 22.68 -48.67
N LEU T 399 17.98 23.92 -48.51
CA LEU T 399 18.29 24.89 -49.60
C LEU T 399 19.79 25.20 -49.62
N VAL T 400 20.47 25.22 -48.48
CA VAL T 400 21.92 25.56 -48.39
C VAL T 400 22.70 24.34 -48.83
N ASN T 401 22.15 23.14 -48.62
CA ASN T 401 22.96 22.02 -49.07
C ASN T 401 22.85 21.81 -50.58
N LEU T 402 21.95 22.52 -51.24
CA LEU T 402 21.79 22.43 -52.69
C LEU T 402 23.10 22.66 -53.42
N SER U 2 0.84 7.76 -49.42
CA SER U 2 0.40 6.91 -48.31
C SER U 2 0.15 7.73 -47.05
N PHE U 3 0.52 9.01 -47.11
CA PHE U 3 0.32 9.88 -45.95
C PHE U 3 -1.16 10.04 -45.63
N SER U 4 -2.02 9.97 -46.64
CA SER U 4 -3.44 10.18 -46.42
C SER U 4 -4.04 9.09 -45.52
N GLN U 5 -3.67 7.83 -45.77
CA GLN U 5 -4.23 6.74 -44.98
C GLN U 5 -3.79 6.82 -43.52
N ALA U 6 -2.50 7.08 -43.29
CA ALA U 6 -2.00 7.17 -41.92
C ALA U 6 -2.58 8.39 -41.21
N VAL U 7 -2.74 9.50 -41.92
CA VAL U 7 -3.35 10.70 -41.34
C VAL U 7 -4.80 10.42 -40.96
N SER U 8 -5.53 9.72 -41.83
CA SER U 8 -6.91 9.37 -41.52
C SER U 8 -6.99 8.46 -40.30
N GLY U 9 -6.09 7.48 -40.21
CA GLY U 9 -6.06 6.61 -39.05
C GLY U 9 -5.75 7.38 -37.77
N LEU U 10 -4.80 8.30 -37.84
CA LEU U 10 -4.47 9.12 -36.67
C LEU U 10 -5.65 9.97 -36.25
N ASN U 11 -6.35 10.57 -37.22
CA ASN U 11 -7.52 11.39 -36.91
C ASN U 11 -8.64 10.55 -36.29
N ALA U 12 -8.85 9.33 -36.81
CA ALA U 12 -9.87 8.46 -36.23
C ALA U 12 -9.51 8.06 -34.81
N ALA U 13 -8.24 7.73 -34.56
CA ALA U 13 -7.82 7.40 -33.21
C ALA U 13 -7.98 8.58 -32.27
N ALA U 14 -7.65 9.78 -32.74
CA ALA U 14 -7.82 10.98 -31.92
C ALA U 14 -9.29 11.22 -31.61
N THR U 15 -10.17 11.02 -32.60
CA THR U 15 -11.60 11.18 -32.37
C THR U 15 -12.11 10.17 -31.35
N ASN U 16 -11.66 8.92 -31.45
CA ASN U 16 -12.06 7.91 -30.48
C ASN U 16 -11.58 8.27 -29.08
N LEU U 17 -10.34 8.74 -28.97
CA LEU U 17 -9.81 9.15 -27.67
C LEU U 17 -10.60 10.32 -27.12
N ASP U 18 -10.98 11.27 -27.98
CA ASP U 18 -11.79 12.40 -27.54
C ASP U 18 -13.16 11.96 -27.05
N VAL U 19 -13.79 11.01 -27.75
CA VAL U 19 -15.09 10.52 -27.32
C VAL U 19 -14.97 9.81 -25.97
N ILE U 20 -13.92 9.01 -25.80
CA ILE U 20 -13.72 8.32 -24.53
C ILE U 20 -13.49 9.33 -23.40
N GLY U 21 -12.69 10.36 -23.66
CA GLY U 21 -12.47 11.38 -22.65
C GLY U 21 -13.74 12.14 -22.30
N ASN U 22 -14.57 12.41 -23.31
CA ASN U 22 -15.86 13.06 -23.04
C ASN U 22 -16.76 12.18 -22.18
N ASN U 23 -16.79 10.88 -22.48
CA ASN U 23 -17.60 9.96 -21.68
C ASN U 23 -17.08 9.91 -20.24
N ILE U 24 -15.76 9.93 -20.07
CA ILE U 24 -15.18 9.92 -18.73
C ILE U 24 -15.53 11.21 -18.00
N ALA U 25 -15.48 12.35 -18.69
CA ALA U 25 -15.72 13.63 -18.04
C ALA U 25 -17.14 13.74 -17.52
N ASN U 26 -18.12 13.18 -18.24
CA ASN U 26 -19.52 13.22 -17.83
C ASN U 26 -19.94 11.98 -17.07
N SER U 27 -19.04 11.38 -16.29
CA SER U 27 -19.35 10.17 -15.53
C SER U 27 -20.43 10.45 -14.48
N ALA U 28 -20.41 11.63 -13.88
CA ALA U 28 -21.42 12.05 -12.92
C ALA U 28 -22.20 13.20 -13.54
N THR U 29 -23.21 12.86 -14.35
CA THR U 29 -24.05 13.84 -15.04
C THR U 29 -25.40 13.18 -15.30
N TYR U 30 -26.43 13.66 -14.62
CA TYR U 30 -27.76 13.07 -14.71
C TYR U 30 -28.31 13.19 -16.13
N GLY U 31 -28.87 12.09 -16.65
CA GLY U 31 -29.46 12.08 -17.97
C GLY U 31 -28.47 12.04 -19.11
N PHE U 32 -27.19 11.76 -18.85
CA PHE U 32 -26.17 11.73 -19.88
C PHE U 32 -26.16 10.36 -20.54
N LYS U 33 -26.03 10.34 -21.86
CA LYS U 33 -25.90 9.11 -22.63
C LYS U 33 -24.53 9.07 -23.30
N SER U 34 -23.83 7.95 -23.17
CA SER U 34 -22.48 7.83 -23.70
C SER U 34 -22.48 7.89 -25.22
N GLY U 35 -21.31 8.15 -25.79
CA GLY U 35 -21.14 8.21 -27.22
C GLY U 35 -20.13 7.17 -27.69
N THR U 36 -20.30 6.70 -28.91
CA THR U 36 -19.40 5.72 -29.52
C THR U 36 -19.16 6.12 -30.98
N ALA U 37 -17.89 6.25 -31.35
CA ALA U 37 -17.55 6.63 -32.72
C ALA U 37 -17.48 5.39 -33.60
N SER U 38 -18.16 5.44 -34.75
CA SER U 38 -18.17 4.34 -35.70
C SER U 38 -17.38 4.74 -36.94
N PHE U 39 -16.41 3.91 -37.31
CA PHE U 39 -15.52 4.19 -38.43
C PHE U 39 -15.85 3.29 -39.62
N ALA U 40 -15.58 3.80 -40.81
CA ALA U 40 -15.77 3.05 -42.04
C ALA U 40 -14.58 3.26 -42.97
N ASP U 41 -14.24 2.24 -43.74
CA ASP U 41 -13.14 2.35 -44.67
C ASP U 41 -13.55 3.21 -45.87
N MET U 42 -12.56 3.66 -46.62
CA MET U 42 -12.75 4.61 -47.72
C MET U 42 -12.15 4.08 -49.01
N PHE U 43 -12.45 2.84 -49.36
CA PHE U 43 -11.99 2.27 -50.62
C PHE U 43 -12.52 3.10 -51.78
N ALA U 44 -11.72 3.25 -52.83
CA ALA U 44 -12.05 4.10 -53.98
C ALA U 44 -12.34 3.26 -55.21
N GLY U 45 -13.06 2.15 -55.04
CA GLY U 45 -13.27 1.24 -56.15
C GLY U 45 -11.97 0.64 -56.66
N SER U 46 -11.05 0.33 -55.75
CA SER U 46 -9.73 -0.14 -56.12
C SER U 46 -9.21 -1.13 -55.07
N LYS U 47 -7.91 -1.41 -55.10
CA LYS U 47 -7.36 -2.50 -54.31
C LYS U 47 -6.81 -2.01 -52.96
N VAL U 48 -5.93 -1.00 -52.98
CA VAL U 48 -5.24 -0.59 -51.77
C VAL U 48 -6.20 0.07 -50.79
N GLY U 49 -6.99 1.03 -51.27
CA GLY U 49 -7.86 1.79 -50.39
C GLY U 49 -7.32 3.16 -50.08
N LEU U 50 -8.15 4.06 -49.55
CA LEU U 50 -7.74 5.41 -49.24
C LEU U 50 -7.59 5.69 -47.75
N GLY U 51 -8.02 4.77 -46.88
CA GLY U 51 -7.92 4.97 -45.46
C GLY U 51 -9.27 4.81 -44.79
N VAL U 52 -9.45 5.51 -43.67
CA VAL U 52 -10.66 5.41 -42.87
C VAL U 52 -11.32 6.78 -42.79
N LYS U 53 -12.56 6.78 -42.31
CA LYS U 53 -13.30 8.00 -42.02
C LYS U 53 -14.27 7.74 -40.89
N VAL U 54 -14.70 8.82 -40.25
CA VAL U 54 -15.68 8.72 -39.16
C VAL U 54 -17.07 8.70 -39.76
N ALA U 55 -17.71 7.53 -39.75
CA ALA U 55 -19.08 7.43 -40.25
C ALA U 55 -20.05 8.22 -39.40
N GLY U 56 -19.82 8.29 -38.09
CA GLY U 56 -20.67 9.06 -37.20
C GLY U 56 -20.35 8.75 -35.77
N ILE U 57 -21.10 9.41 -34.89
CA ILE U 57 -21.02 9.19 -33.45
C ILE U 57 -22.41 8.85 -32.96
N THR U 58 -22.58 7.63 -32.47
CA THR U 58 -23.87 7.13 -32.03
C THR U 58 -24.01 7.24 -30.52
N GLN U 59 -25.20 7.63 -30.07
CA GLN U 59 -25.49 7.72 -28.66
C GLN U 59 -25.99 6.36 -28.14
N ASP U 60 -25.67 6.07 -26.89
CA ASP U 60 -26.09 4.84 -26.24
C ASP U 60 -27.29 5.19 -25.36
N PHE U 61 -28.48 4.95 -25.89
CA PHE U 61 -29.73 5.34 -25.22
C PHE U 61 -30.22 4.23 -24.29
N THR U 62 -29.34 3.78 -23.39
CA THR U 62 -29.73 2.81 -22.37
C THR U 62 -30.06 3.55 -21.08
N ASP U 63 -31.12 3.09 -20.41
CA ASP U 63 -31.56 3.76 -19.19
C ASP U 63 -30.52 3.63 -18.09
N GLY U 64 -30.14 4.76 -17.50
CA GLY U 64 -29.22 4.76 -16.39
C GLY U 64 -29.88 4.42 -15.08
N THR U 65 -29.04 4.22 -14.07
CA THR U 65 -29.54 3.91 -12.73
C THR U 65 -30.31 5.11 -12.17
N THR U 66 -31.44 4.82 -11.54
CA THR U 66 -32.26 5.86 -10.92
C THR U 66 -31.93 5.94 -9.44
N THR U 67 -31.51 7.13 -9.01
CA THR U 67 -31.10 7.36 -7.63
C THR U 67 -32.11 8.28 -6.95
N ASN U 68 -32.60 7.87 -5.79
CA ASN U 68 -33.54 8.68 -5.04
C ASN U 68 -32.81 9.80 -4.32
N THR U 69 -33.22 11.04 -4.59
CA THR U 69 -32.58 12.21 -4.00
C THR U 69 -33.45 12.90 -2.95
N GLY U 70 -34.78 12.84 -3.08
CA GLY U 70 -35.67 13.37 -2.07
C GLY U 70 -36.31 14.71 -2.38
N ARG U 71 -35.80 15.32 -3.44
CA ARG U 71 -36.37 16.60 -3.89
C ARG U 71 -37.69 16.19 -4.54
N GLY U 72 -38.70 17.05 -4.50
CA GLY U 72 -40.00 16.63 -5.02
C GLY U 72 -40.10 16.99 -6.47
N LEU U 73 -39.41 18.05 -6.86
CA LEU U 73 -39.37 18.40 -8.27
C LEU U 73 -38.38 17.56 -9.07
N ASP U 74 -37.73 16.57 -8.44
CA ASP U 74 -36.77 15.72 -9.12
C ASP U 74 -37.48 14.48 -9.65
N VAL U 75 -37.70 14.43 -10.97
CA VAL U 75 -38.43 13.34 -11.59
C VAL U 75 -37.56 12.71 -12.68
N ALA U 76 -37.47 11.39 -12.67
CA ALA U 76 -36.69 10.64 -13.64
C ALA U 76 -37.60 9.83 -14.55
N ILE U 77 -37.19 9.70 -15.80
CA ILE U 77 -37.94 8.93 -16.78
C ILE U 77 -37.37 7.52 -16.85
N SER U 78 -38.18 6.54 -16.51
CA SER U 78 -37.80 5.15 -16.73
C SER U 78 -38.22 4.71 -18.13
N GLN U 79 -37.49 3.76 -18.69
CA GLN U 79 -37.75 3.24 -20.04
C GLN U 79 -37.58 4.38 -21.03
N ASN U 80 -38.41 4.41 -22.09
CA ASN U 80 -38.29 5.42 -23.12
C ASN U 80 -39.08 6.68 -22.75
N GLY U 81 -38.73 7.78 -23.40
CA GLY U 81 -39.40 9.05 -23.21
C GLY U 81 -38.42 10.19 -23.10
N PHE U 82 -38.91 11.40 -23.40
CA PHE U 82 -38.11 12.61 -23.34
C PHE U 82 -38.96 13.76 -22.78
N PHE U 83 -38.38 14.50 -21.84
CA PHE U 83 -39.01 15.76 -21.43
C PHE U 83 -38.88 16.79 -22.55
N ARG U 84 -39.97 17.51 -22.80
CA ARG U 84 -40.04 18.52 -23.84
C ARG U 84 -39.94 19.90 -23.20
N LEU U 85 -38.97 20.69 -23.63
CA LEU U 85 -38.72 22.02 -23.08
C LEU U 85 -38.84 23.06 -24.18
N VAL U 86 -39.09 24.31 -23.78
CA VAL U 86 -39.17 25.43 -24.69
C VAL U 86 -38.22 26.53 -24.21
N ASP U 87 -37.44 27.08 -25.14
CA ASP U 87 -36.54 28.17 -24.84
C ASP U 87 -37.30 29.50 -24.86
N SER U 88 -36.59 30.58 -24.54
CA SER U 88 -37.21 31.90 -24.58
C SER U 88 -37.50 32.35 -26.01
N ASN U 89 -36.81 31.77 -27.00
CA ASN U 89 -37.03 32.08 -28.40
C ASN U 89 -38.12 31.23 -29.03
N GLY U 90 -38.73 30.33 -28.28
CA GLY U 90 -39.73 29.42 -28.82
C GLY U 90 -39.17 28.13 -29.38
N SER U 91 -37.85 27.95 -29.37
CA SER U 91 -37.26 26.71 -29.86
C SER U 91 -37.61 25.55 -28.96
N VAL U 92 -37.90 24.40 -29.56
CA VAL U 92 -38.31 23.21 -28.85
C VAL U 92 -37.09 22.31 -28.66
N PHE U 93 -36.89 21.83 -27.44
CA PHE U 93 -35.77 20.96 -27.10
C PHE U 93 -36.28 19.76 -26.32
N TYR U 94 -35.42 18.75 -26.21
CA TYR U 94 -35.75 17.50 -25.53
C TYR U 94 -34.60 17.10 -24.62
N SER U 95 -34.93 16.56 -23.45
CA SER U 95 -33.92 16.22 -22.47
C SER U 95 -34.42 15.15 -21.52
N ARG U 96 -33.50 14.32 -21.02
CA ARG U 96 -33.81 13.32 -20.01
C ARG U 96 -33.47 13.78 -18.60
N ASN U 97 -32.81 14.92 -18.45
CA ASN U 97 -32.44 15.42 -17.12
C ASN U 97 -33.68 15.93 -16.41
N GLY U 98 -33.88 15.50 -15.16
CA GLY U 98 -35.09 15.83 -14.43
C GLY U 98 -34.91 16.85 -13.32
N GLN U 99 -33.79 17.57 -13.34
CA GLN U 99 -33.54 18.58 -12.31
C GLN U 99 -34.34 19.83 -12.66
N PHE U 100 -35.56 19.91 -12.16
CA PHE U 100 -36.43 21.05 -12.37
C PHE U 100 -36.48 21.93 -11.13
N LYS U 101 -36.48 23.24 -11.35
CA LYS U 101 -36.65 24.19 -10.26
C LYS U 101 -37.73 25.20 -10.64
N LEU U 102 -38.44 25.66 -9.62
CA LEU U 102 -39.46 26.67 -9.80
C LEU U 102 -38.80 28.04 -9.82
N ASP U 103 -39.09 28.83 -10.85
CA ASP U 103 -38.39 30.09 -11.06
C ASP U 103 -39.19 31.26 -10.48
N GLU U 104 -38.76 32.48 -10.81
CA GLU U 104 -39.42 33.67 -10.30
C GLU U 104 -40.87 33.76 -10.75
N ASN U 105 -41.12 33.51 -12.04
CA ASN U 105 -42.46 33.61 -12.60
C ASN U 105 -43.28 32.33 -12.44
N ARG U 106 -42.92 31.48 -11.47
CA ARG U 106 -43.65 30.26 -11.13
C ARG U 106 -43.65 29.23 -12.24
N ASN U 107 -42.66 29.28 -13.13
CA ASN U 107 -42.53 28.30 -14.20
C ASN U 107 -41.56 27.19 -13.80
N LEU U 108 -41.86 25.97 -14.23
CA LEU U 108 -40.98 24.84 -13.98
C LEU U 108 -39.86 24.85 -15.03
N VAL U 109 -38.65 25.20 -14.60
CA VAL U 109 -37.51 25.28 -15.50
C VAL U 109 -36.39 24.40 -14.97
N ASN U 110 -35.52 23.96 -15.87
CA ASN U 110 -34.31 23.25 -15.47
C ASN U 110 -33.26 24.26 -15.04
N MET U 111 -32.02 23.79 -14.84
CA MET U 111 -30.95 24.68 -14.40
C MET U 111 -30.63 25.76 -15.43
N GLN U 112 -30.68 25.42 -16.71
CA GLN U 112 -30.35 26.37 -17.77
C GLN U 112 -31.48 27.34 -18.05
N GLY U 113 -32.66 27.16 -17.46
CA GLY U 113 -33.74 28.10 -17.62
C GLY U 113 -34.81 27.71 -18.63
N MET U 114 -34.64 26.59 -19.33
CA MET U 114 -35.63 26.16 -20.30
C MET U 114 -36.92 25.75 -19.59
N GLN U 115 -38.04 26.28 -20.06
CA GLN U 115 -39.33 26.08 -19.42
C GLN U 115 -39.91 24.73 -19.81
N LEU U 116 -40.29 23.95 -18.81
CA LEU U 116 -40.93 22.66 -19.06
C LEU U 116 -42.31 22.87 -19.67
N THR U 117 -42.63 22.09 -20.69
CA THR U 117 -43.91 22.18 -21.39
C THR U 117 -44.85 21.09 -20.91
N GLY U 118 -46.13 21.28 -21.19
CA GLY U 118 -47.12 20.29 -20.82
C GLY U 118 -48.51 20.71 -21.23
N TYR U 119 -49.43 19.76 -21.13
CA TYR U 119 -50.84 20.04 -21.38
C TYR U 119 -51.38 20.91 -20.25
N PRO U 120 -51.97 22.06 -20.57
CA PRO U 120 -52.47 22.96 -19.52
C PRO U 120 -53.82 22.51 -18.98
N ALA U 121 -54.23 23.14 -17.88
CA ALA U 121 -55.54 22.93 -17.29
C ALA U 121 -56.41 24.15 -17.54
N THR U 122 -57.63 23.92 -18.02
CA THR U 122 -58.55 25.00 -18.36
C THR U 122 -59.89 24.76 -17.70
N GLY U 123 -60.62 25.85 -17.48
CA GLY U 123 -61.95 25.77 -16.92
C GLY U 123 -61.96 25.73 -15.41
N THR U 124 -63.16 25.56 -14.87
CA THR U 124 -63.37 25.46 -13.43
C THR U 124 -64.45 24.44 -13.13
N PRO U 125 -64.12 23.32 -12.47
CA PRO U 125 -62.80 22.94 -11.93
C PRO U 125 -61.80 22.59 -13.03
N PRO U 126 -60.53 22.92 -12.83
CA PRO U 126 -59.52 22.66 -13.87
C PRO U 126 -59.41 21.17 -14.18
N THR U 127 -59.18 20.88 -15.45
CA THR U 127 -59.01 19.50 -15.92
C THR U 127 -57.97 19.47 -17.03
N ILE U 128 -57.35 18.31 -17.26
CA ILE U 128 -56.26 18.29 -18.27
C ILE U 128 -56.89 18.34 -19.66
N GLN U 129 -56.66 19.41 -20.42
CA GLN U 129 -57.15 19.47 -21.83
C GLN U 129 -56.09 18.83 -22.71
N GLN U 130 -56.25 17.54 -22.99
CA GLN U 130 -55.18 16.80 -23.73
C GLN U 130 -54.98 17.41 -25.12
N GLY U 131 -56.03 17.58 -25.91
CA GLY U 131 -55.83 18.04 -27.29
C GLY U 131 -54.97 19.29 -27.38
N ALA U 132 -55.08 20.20 -26.41
CA ALA U 132 -54.37 21.49 -26.48
C ALA U 132 -52.88 21.29 -26.79
N ASN U 133 -52.31 22.16 -27.62
CA ASN U 133 -50.86 22.08 -27.93
C ASN U 133 -50.06 22.41 -26.68
N PRO U 134 -48.97 21.68 -26.38
CA PRO U 134 -48.19 21.91 -25.16
C PRO U 134 -47.96 23.36 -24.77
N ALA U 135 -48.03 23.68 -23.48
CA ALA U 135 -47.72 25.03 -23.03
C ALA U 135 -46.80 24.96 -21.82
N PRO U 136 -46.01 26.01 -21.57
CA PRO U 136 -45.12 26.00 -20.40
C PRO U 136 -45.91 25.83 -19.11
N ILE U 137 -45.35 25.03 -18.20
CA ILE U 137 -46.03 24.73 -16.94
C ILE U 137 -45.78 25.88 -15.96
N THR U 138 -46.86 26.42 -15.40
CA THR U 138 -46.79 27.53 -14.46
C THR U 138 -47.55 27.15 -13.20
N ILE U 139 -46.99 27.50 -12.04
CA ILE U 139 -47.58 27.15 -10.75
C ILE U 139 -47.87 28.42 -9.97
N PRO U 140 -48.92 29.16 -10.30
CA PRO U 140 -49.19 30.41 -9.60
C PRO U 140 -49.54 30.18 -8.14
N ASN U 141 -49.21 31.17 -7.31
CA ASN U 141 -49.62 31.20 -5.92
C ASN U 141 -50.96 31.91 -5.73
N THR U 142 -51.69 32.15 -6.81
CA THR U 142 -52.96 32.84 -6.74
C THR U 142 -53.96 32.06 -5.89
N LEU U 143 -54.69 32.79 -5.06
CA LEU U 143 -55.69 32.17 -4.19
C LEU U 143 -56.82 31.58 -5.02
N MET U 144 -57.28 30.41 -4.59
CA MET U 144 -58.39 29.70 -5.22
C MET U 144 -59.69 30.28 -4.68
N ALA U 145 -60.58 30.68 -5.59
CA ALA U 145 -61.81 31.35 -5.22
C ALA U 145 -62.78 30.34 -4.63
N ALA U 146 -63.98 30.79 -4.23
CA ALA U 146 -64.98 29.93 -3.64
C ALA U 146 -65.99 29.48 -4.69
N LYS U 147 -66.47 28.25 -4.54
CA LYS U 147 -67.46 27.67 -5.43
C LYS U 147 -68.75 27.45 -4.65
N SER U 148 -69.81 28.15 -5.03
CA SER U 148 -71.11 27.95 -4.39
C SER U 148 -71.60 26.54 -4.67
N THR U 149 -72.22 25.93 -3.65
CA THR U 149 -72.67 24.55 -3.77
C THR U 149 -73.74 24.44 -4.85
N THR U 150 -73.58 23.44 -5.73
CA THR U 150 -74.55 23.17 -6.77
C THR U 150 -75.29 21.85 -6.60
N THR U 151 -74.66 20.86 -5.96
CA THR U 151 -75.31 19.58 -5.70
C THR U 151 -74.70 18.98 -4.45
N ALA U 152 -75.51 18.28 -3.65
CA ALA U 152 -75.04 17.63 -2.44
C ALA U 152 -75.78 16.30 -2.30
N SER U 153 -75.11 15.35 -1.67
CA SER U 153 -75.64 14.00 -1.52
C SER U 153 -75.48 13.53 -0.09
N MET U 154 -76.45 12.75 0.38
CA MET U 154 -76.45 12.24 1.75
C MET U 154 -77.05 10.84 1.75
N GLN U 155 -76.19 9.84 1.91
CA GLN U 155 -76.62 8.45 2.04
C GLN U 155 -76.80 8.13 3.51
N ILE U 156 -78.04 7.80 3.90
CA ILE U 156 -78.40 7.53 5.27
C ILE U 156 -79.23 6.25 5.32
N ASN U 157 -79.02 5.45 6.37
CA ASN U 157 -79.81 4.25 6.62
C ASN U 157 -80.79 4.52 7.76
N LEU U 158 -82.03 4.11 7.58
CA LEU U 158 -83.08 4.33 8.56
C LEU U 158 -83.54 3.00 9.15
N ASN U 159 -83.88 3.01 10.44
CA ASN U 159 -84.34 1.82 11.13
C ASN U 159 -85.85 1.70 10.97
N SER U 160 -86.31 0.51 10.58
CA SER U 160 -87.72 0.33 10.25
C SER U 160 -88.61 0.32 11.49
N THR U 161 -88.17 -0.33 12.57
CA THR U 161 -89.02 -0.57 13.72
C THR U 161 -89.23 0.65 14.60
N ASP U 162 -88.72 1.82 14.22
CA ASP U 162 -88.94 3.01 15.03
C ASP U 162 -90.41 3.41 15.02
N PRO U 163 -90.96 3.83 16.15
CA PRO U 163 -92.33 4.34 16.16
C PRO U 163 -92.40 5.77 15.67
N VAL U 164 -93.61 6.20 15.32
CA VAL U 164 -93.85 7.56 14.88
C VAL U 164 -93.60 8.51 16.04
N PRO U 165 -92.90 9.63 15.82
CA PRO U 165 -92.71 10.60 16.90
C PRO U 165 -94.03 11.10 17.45
N SER U 166 -94.09 11.23 18.78
CA SER U 166 -95.37 11.53 19.44
C SER U 166 -95.68 13.02 19.43
N LYS U 167 -94.69 13.86 19.71
CA LYS U 167 -94.95 15.28 19.90
C LYS U 167 -95.10 15.95 18.54
N THR U 168 -96.31 15.88 17.98
CA THR U 168 -96.58 16.50 16.70
C THR U 168 -96.86 18.00 16.88
N PRO U 169 -96.51 18.83 15.88
CA PRO U 169 -95.87 18.50 14.61
C PRO U 169 -94.36 18.46 14.73
N PHE U 170 -93.64 18.56 13.61
CA PHE U 170 -92.19 18.59 13.66
C PHE U 170 -91.71 19.90 14.28
N SER U 171 -90.88 19.80 15.31
CA SER U 171 -90.34 20.96 16.00
C SER U 171 -88.82 20.81 16.07
N VAL U 172 -88.11 21.86 15.68
CA VAL U 172 -86.65 21.85 15.76
C VAL U 172 -86.19 21.76 17.20
N SER U 173 -86.90 22.46 18.10
CA SER U 173 -86.51 22.44 19.51
C SER U 173 -86.78 21.08 20.14
N ASP U 174 -87.90 20.46 19.81
CA ASP U 174 -88.31 19.19 20.42
C ASP U 174 -87.58 18.04 19.75
N ALA U 175 -86.75 17.34 20.51
CA ALA U 175 -86.04 16.18 19.97
C ALA U 175 -86.99 15.04 19.70
N ASP U 176 -88.01 14.87 20.55
CA ASP U 176 -88.97 13.78 20.40
C ASP U 176 -89.90 14.00 19.22
N SER U 177 -89.87 15.19 18.62
CA SER U 177 -90.70 15.51 17.48
C SER U 177 -90.15 14.98 16.16
N TYR U 178 -88.93 14.44 16.17
CA TYR U 178 -88.31 13.88 14.97
C TYR U 178 -87.59 12.60 15.34
N ASN U 179 -87.35 11.78 14.31
CA ASN U 179 -86.68 10.50 14.52
C ASN U 179 -85.18 10.56 14.31
N LYS U 180 -84.71 11.34 13.32
CA LYS U 180 -83.28 11.43 13.08
C LYS U 180 -82.91 12.86 12.73
N LYS U 181 -81.74 13.30 13.18
CA LYS U 181 -81.20 14.61 12.83
C LYS U 181 -79.80 14.44 12.25
N GLY U 182 -79.55 15.10 11.12
CA GLY U 182 -78.24 15.11 10.51
C GLY U 182 -77.87 16.53 10.08
N THR U 183 -76.60 16.70 9.72
CA THR U 183 -76.10 18.01 9.34
C THR U 183 -75.16 17.87 8.15
N VAL U 184 -75.33 18.76 7.17
CA VAL U 184 -74.42 18.85 6.03
C VAL U 184 -73.99 20.30 5.87
N THR U 185 -72.72 20.52 5.53
CA THR U 185 -72.18 21.87 5.42
C THR U 185 -72.12 22.27 3.95
N VAL U 186 -72.74 23.39 3.60
CA VAL U 186 -72.74 23.91 2.25
C VAL U 186 -72.10 25.31 2.25
N TYR U 187 -71.72 25.77 1.07
CA TYR U 187 -71.02 27.04 0.91
C TYR U 187 -71.69 27.87 -0.17
N ASP U 188 -71.83 29.16 0.10
CA ASP U 188 -72.42 30.10 -0.85
C ASP U 188 -71.31 30.72 -1.71
N SER U 189 -71.65 31.80 -2.42
CA SER U 189 -70.68 32.43 -3.32
C SER U 189 -69.49 33.02 -2.58
N GLN U 190 -69.68 33.49 -1.35
CA GLN U 190 -68.58 34.06 -0.57
C GLN U 190 -67.86 33.04 0.28
N GLY U 191 -68.25 31.76 0.22
CA GLY U 191 -67.58 30.74 1.00
C GLY U 191 -68.05 30.60 2.42
N ASN U 192 -69.12 31.30 2.80
CA ASN U 192 -69.66 31.18 4.14
C ASN U 192 -70.29 29.81 4.34
N ALA U 193 -70.16 29.28 5.55
CA ALA U 193 -70.63 27.93 5.86
C ALA U 193 -72.06 27.96 6.36
N HIS U 194 -72.92 27.17 5.72
CA HIS U 194 -74.29 26.96 6.17
C HIS U 194 -74.40 25.52 6.65
N ASP U 195 -74.76 25.34 7.91
CA ASP U 195 -74.90 24.02 8.52
C ASP U 195 -76.34 23.56 8.38
N MET U 196 -76.70 23.11 7.17
CA MET U 196 -78.06 22.66 6.90
C MET U 196 -78.36 21.42 7.73
N ASN U 197 -79.33 21.55 8.64
CA ASN U 197 -79.79 20.43 9.43
C ASN U 197 -80.97 19.77 8.72
N VAL U 198 -80.91 18.46 8.57
CA VAL U 198 -81.94 17.67 7.92
C VAL U 198 -82.60 16.81 8.98
N TYR U 199 -83.92 16.87 9.05
CA TYR U 199 -84.70 16.17 10.05
C TYR U 199 -85.57 15.13 9.37
N PHE U 200 -85.44 13.88 9.80
CA PHE U 200 -86.21 12.76 9.29
C PHE U 200 -87.26 12.38 10.34
N VAL U 201 -88.52 12.47 9.95
CA VAL U 201 -89.66 12.16 10.82
C VAL U 201 -90.48 11.08 10.12
N LYS U 202 -90.59 9.91 10.74
CA LYS U 202 -91.40 8.85 10.16
C LYS U 202 -92.88 9.23 10.26
N THR U 203 -93.57 9.22 9.12
CA THR U 203 -94.98 9.56 9.09
C THR U 203 -95.89 8.33 9.09
N LYS U 204 -95.52 7.30 8.37
CA LYS U 204 -96.23 6.03 8.36
C LYS U 204 -95.25 4.95 7.92
N ASP U 205 -95.77 3.79 7.55
CA ASP U 205 -94.91 2.71 7.08
C ASP U 205 -94.23 3.10 5.78
N ASN U 206 -92.90 3.09 5.79
CA ASN U 206 -92.05 3.37 4.64
C ASN U 206 -92.23 4.79 4.09
N GLU U 207 -92.64 5.75 4.93
CA GLU U 207 -92.72 7.14 4.51
C GLU U 207 -92.05 8.02 5.56
N TRP U 208 -91.12 8.85 5.10
CA TRP U 208 -90.27 9.65 5.97
C TRP U 208 -90.28 11.09 5.47
N ALA U 209 -90.89 11.98 6.24
CA ALA U 209 -90.83 13.40 5.91
C ALA U 209 -89.46 13.96 6.26
N VAL U 210 -88.86 14.67 5.31
CA VAL U 210 -87.53 15.26 5.48
C VAL U 210 -87.69 16.77 5.44
N TYR U 211 -87.25 17.43 6.52
CA TYR U 211 -87.28 18.87 6.65
C TYR U 211 -85.85 19.40 6.62
N THR U 212 -85.69 20.63 6.12
CA THR U 212 -84.39 21.29 6.03
C THR U 212 -84.43 22.60 6.80
N HIS U 213 -83.36 22.88 7.54
CA HIS U 213 -83.24 24.12 8.29
C HIS U 213 -81.82 24.64 8.16
N ASP U 214 -81.66 25.96 8.27
CA ASP U 214 -80.36 26.59 8.19
C ASP U 214 -80.01 27.15 9.57
N SER U 215 -79.14 26.45 10.29
CA SER U 215 -78.76 26.87 11.63
C SER U 215 -77.78 28.04 11.64
N SER U 216 -76.97 28.19 10.60
CA SER U 216 -76.00 29.28 10.55
C SER U 216 -76.62 30.61 10.12
N ASP U 217 -77.85 30.60 9.63
CA ASP U 217 -78.53 31.83 9.23
C ASP U 217 -79.38 32.34 10.38
N PRO U 218 -79.08 33.52 10.93
CA PRO U 218 -79.89 34.06 12.03
C PRO U 218 -81.31 34.41 11.63
N ALA U 219 -81.58 34.64 10.35
CA ALA U 219 -82.91 35.00 9.88
C ALA U 219 -83.71 33.81 9.39
N ALA U 220 -83.18 32.59 9.54
CA ALA U 220 -83.90 31.41 9.08
C ALA U 220 -85.07 31.09 9.99
N THR U 221 -86.24 30.86 9.39
CA THR U 221 -87.44 30.54 10.15
C THR U 221 -87.52 29.03 10.37
N ALA U 222 -88.28 28.65 11.39
CA ALA U 222 -88.46 27.23 11.70
C ALA U 222 -89.27 26.56 10.59
N PRO U 223 -88.76 25.50 9.97
CA PRO U 223 -89.50 24.83 8.88
C PRO U 223 -90.74 24.14 9.42
N THR U 224 -91.87 24.36 8.75
CA THR U 224 -93.13 23.72 9.12
C THR U 224 -93.71 22.85 8.01
N THR U 225 -93.08 22.85 6.83
CA THR U 225 -93.51 22.03 5.70
C THR U 225 -92.38 21.11 5.29
N ALA U 226 -92.71 19.85 5.00
CA ALA U 226 -91.69 18.87 4.65
C ALA U 226 -90.97 19.27 3.37
N SER U 227 -89.63 19.24 3.42
CA SER U 227 -88.85 19.50 2.22
C SER U 227 -89.04 18.39 1.20
N THR U 228 -89.19 17.15 1.66
CA THR U 228 -89.52 16.04 0.78
C THR U 228 -90.14 14.91 1.59
N THR U 229 -90.56 13.86 0.89
CA THR U 229 -91.16 12.69 1.51
C THR U 229 -90.54 11.45 0.88
N LEU U 230 -89.53 10.89 1.53
CA LEU U 230 -88.88 9.68 1.04
C LEU U 230 -89.79 8.47 1.30
N LYS U 231 -90.06 7.71 0.24
CA LYS U 231 -90.88 6.51 0.35
C LYS U 231 -90.10 5.33 -0.21
N PHE U 232 -90.06 4.24 0.55
CA PHE U 232 -89.25 3.08 0.22
C PHE U 232 -90.13 1.92 -0.19
N ASN U 233 -89.63 1.09 -1.11
CA ASN U 233 -90.34 -0.10 -1.56
C ASN U 233 -90.32 -1.16 -0.47
N GLU U 234 -90.87 -2.34 -0.79
CA GLU U 234 -90.92 -3.43 0.17
C GLU U 234 -89.53 -3.96 0.52
N ASN U 235 -88.53 -3.67 -0.29
CA ASN U 235 -87.15 -4.06 -0.01
C ASN U 235 -86.32 -2.92 0.55
N GLY U 236 -86.95 -1.81 0.94
CA GLY U 236 -86.24 -0.69 1.51
C GLY U 236 -85.50 0.18 0.50
N ILE U 237 -85.72 -0.03 -0.78
CA ILE U 237 -85.04 0.76 -1.82
C ILE U 237 -85.80 2.05 -2.03
N LEU U 238 -85.06 3.16 -2.14
CA LEU U 238 -85.67 4.46 -2.37
C LEU U 238 -86.42 4.45 -3.70
N GLU U 239 -87.65 4.94 -3.69
CA GLU U 239 -88.48 4.98 -4.89
C GLU U 239 -88.82 6.39 -5.33
N SER U 240 -89.15 7.30 -4.40
CA SER U 240 -89.52 8.65 -4.77
C SER U 240 -89.05 9.62 -3.70
N GLY U 241 -88.88 10.88 -4.11
CA GLY U 241 -88.49 11.94 -3.20
C GLY U 241 -87.01 12.04 -2.92
N GLY U 242 -86.16 11.38 -3.72
CA GLY U 242 -84.74 11.34 -3.43
C GLY U 242 -83.97 12.60 -3.72
N THR U 243 -84.39 13.41 -4.70
CA THR U 243 -83.67 14.62 -5.08
C THR U 243 -84.60 15.82 -4.99
N VAL U 244 -84.21 16.81 -4.20
CA VAL U 244 -85.03 18.01 -4.03
C VAL U 244 -84.12 19.23 -3.96
N ASN U 245 -84.59 20.35 -4.50
CA ASN U 245 -83.81 21.58 -4.49
C ASN U 245 -83.95 22.28 -3.14
N ILE U 246 -82.83 22.78 -2.62
CA ILE U 246 -82.80 23.50 -1.35
C ILE U 246 -81.99 24.78 -1.55
N THR U 247 -82.54 25.89 -1.09
CA THR U 247 -81.90 27.20 -1.21
C THR U 247 -81.33 27.59 0.15
N THR U 248 -80.13 28.17 0.14
CA THR U 248 -79.45 28.54 1.37
C THR U 248 -80.04 29.83 1.95
N GLY U 249 -79.65 30.12 3.19
CA GLY U 249 -79.99 31.38 3.80
C GLY U 249 -79.06 32.49 3.31
N THR U 250 -79.28 33.70 3.84
CA THR U 250 -78.49 34.86 3.49
C THR U 250 -77.71 35.30 4.73
N ILE U 251 -76.38 35.12 4.69
CA ILE U 251 -75.51 35.51 5.78
C ILE U 251 -74.59 36.63 5.30
N ASN U 252 -74.60 37.75 6.02
CA ASN U 252 -73.77 38.92 5.69
C ASN U 252 -74.03 39.41 4.26
N GLY U 253 -75.25 39.25 3.79
CA GLY U 253 -75.62 39.73 2.47
C GLY U 253 -75.10 38.90 1.31
N ALA U 254 -74.53 37.72 1.58
CA ALA U 254 -73.99 36.90 0.51
C ALA U 254 -75.11 36.33 -0.35
N THR U 255 -74.76 36.04 -1.61
CA THR U 255 -75.71 35.44 -2.52
C THR U 255 -76.02 34.00 -2.10
N ALA U 256 -77.29 33.68 -1.96
CA ALA U 256 -77.69 32.36 -1.52
C ALA U 256 -77.36 31.32 -2.59
N ALA U 257 -76.90 30.15 -2.13
CA ALA U 257 -76.59 29.05 -3.03
C ALA U 257 -77.75 28.06 -3.06
N THR U 258 -78.18 27.69 -4.27
CA THR U 258 -79.25 26.73 -4.45
C THR U 258 -78.65 25.42 -4.95
N PHE U 259 -78.84 24.35 -4.19
CA PHE U 259 -78.24 23.07 -4.51
C PHE U 259 -79.29 21.98 -4.44
N SER U 260 -79.10 20.94 -5.25
CA SER U 260 -79.97 19.78 -5.23
C SER U 260 -79.44 18.80 -4.19
N LEU U 261 -80.23 18.57 -3.14
CA LEU U 261 -79.88 17.59 -2.11
C LEU U 261 -80.47 16.25 -2.53
N SER U 262 -79.63 15.22 -2.54
CA SER U 262 -79.95 13.93 -3.15
C SER U 262 -79.72 12.80 -2.17
N PHE U 263 -80.71 11.91 -2.04
CA PHE U 263 -80.66 10.77 -1.13
C PHE U 263 -80.50 9.45 -1.87
N LEU U 264 -79.76 9.41 -2.97
CA LEU U 264 -79.60 8.16 -3.71
C LEU U 264 -78.87 7.12 -2.86
N ASN U 265 -79.16 5.85 -3.14
CA ASN U 265 -78.59 4.69 -2.46
C ASN U 265 -78.99 4.61 -0.99
N SER U 266 -79.87 5.49 -0.52
CA SER U 266 -80.37 5.38 0.84
C SER U 266 -81.30 4.17 0.96
N MET U 267 -81.10 3.41 2.03
CA MET U 267 -81.84 2.18 2.24
C MET U 267 -82.37 2.15 3.66
N GLN U 268 -83.56 1.57 3.82
CA GLN U 268 -84.20 1.43 5.13
C GLN U 268 -84.47 -0.06 5.35
N GLN U 269 -83.91 -0.60 6.43
CA GLN U 269 -84.07 -1.99 6.84
C GLN U 269 -84.10 -2.06 8.36
N ASN U 270 -83.94 -3.28 8.88
CA ASN U 270 -83.91 -3.47 10.33
C ASN U 270 -82.49 -3.25 10.85
N THR U 271 -81.97 -2.03 10.69
CA THR U 271 -80.66 -1.70 11.25
C THR U 271 -80.79 -1.40 12.74
N GLY U 272 -79.64 -1.30 13.40
CA GLY U 272 -79.61 -1.03 14.83
C GLY U 272 -80.24 0.29 15.21
N ALA U 273 -79.97 1.33 14.44
CA ALA U 273 -80.52 2.67 14.67
C ALA U 273 -80.38 3.46 13.38
N ASN U 274 -80.65 4.76 13.45
CA ASN U 274 -80.51 5.63 12.29
C ASN U 274 -79.07 6.14 12.21
N ASN U 275 -78.36 5.72 11.16
CA ASN U 275 -76.97 6.11 10.96
C ASN U 275 -76.80 6.72 9.58
N ILE U 276 -75.98 7.75 9.48
CA ILE U 276 -75.65 8.37 8.21
C ILE U 276 -74.41 7.68 7.65
N VAL U 277 -74.54 7.12 6.46
CA VAL U 277 -73.42 6.41 5.84
C VAL U 277 -72.42 7.38 5.22
N ALA U 278 -72.90 8.36 4.45
CA ALA U 278 -71.98 9.26 3.77
C ALA U 278 -72.63 10.61 3.52
N THR U 279 -71.81 11.65 3.51
CA THR U 279 -72.21 13.00 3.14
C THR U 279 -71.19 13.55 2.16
N ASN U 280 -71.70 14.28 1.16
CA ASN U 280 -70.78 14.82 0.12
C ASN U 280 -71.38 16.08 -0.51
N GLN U 281 -70.53 17.07 -0.79
CA GLN U 281 -70.95 18.31 -1.42
C GLN U 281 -69.79 18.84 -2.24
N ASN U 282 -70.11 19.61 -3.27
CA ASN U 282 -69.13 20.04 -4.26
C ASN U 282 -68.64 21.47 -4.06
N GLY U 283 -69.03 22.12 -2.96
CA GLY U 283 -68.55 23.46 -2.70
C GLY U 283 -67.35 23.48 -1.77
N TYR U 284 -66.66 24.62 -1.77
CA TYR U 284 -65.48 24.80 -0.92
C TYR U 284 -65.33 26.29 -0.62
N LYS U 285 -64.33 26.61 0.20
CA LYS U 285 -64.05 27.95 0.68
C LYS U 285 -62.77 28.50 0.06
N PRO U 286 -62.57 29.82 0.06
CA PRO U 286 -61.31 30.38 -0.43
C PRO U 286 -60.11 29.86 0.31
N GLY U 287 -59.02 29.58 -0.39
CA GLY U 287 -57.82 29.06 0.24
C GLY U 287 -56.59 29.45 -0.57
N ASP U 288 -55.44 29.38 0.09
CA ASP U 288 -54.17 29.71 -0.51
C ASP U 288 -53.33 28.45 -0.67
N LEU U 289 -52.47 28.47 -1.69
CA LEU U 289 -51.61 27.32 -1.99
C LEU U 289 -50.67 27.06 -0.83
N VAL U 290 -50.57 25.81 -0.42
CA VAL U 290 -49.67 25.39 0.64
C VAL U 290 -48.62 24.40 0.13
N SER U 291 -48.93 23.67 -0.94
CA SER U 291 -47.95 22.73 -1.48
C SER U 291 -48.25 22.43 -2.94
N TYR U 292 -47.26 21.87 -3.62
CA TYR U 292 -47.43 21.36 -4.97
C TYR U 292 -46.65 20.06 -5.09
N GLN U 293 -47.09 19.19 -6.00
CA GLN U 293 -46.46 17.89 -6.18
C GLN U 293 -46.63 17.43 -7.62
N ILE U 294 -45.78 16.50 -8.02
CA ILE U 294 -45.83 15.88 -9.34
C ILE U 294 -46.10 14.38 -9.15
N ASN U 295 -47.28 13.94 -9.55
CA ASN U 295 -47.66 12.54 -9.38
C ASN U 295 -46.98 11.67 -10.43
N ASN U 296 -47.04 10.36 -10.21
CA ASN U 296 -46.39 9.40 -11.10
C ASN U 296 -46.99 9.39 -12.50
N ASP U 297 -48.18 9.96 -12.69
CA ASP U 297 -48.79 10.06 -14.01
C ASP U 297 -48.41 11.35 -14.72
N GLY U 298 -47.54 12.16 -14.13
CA GLY U 298 -47.09 13.39 -14.75
C GLY U 298 -47.91 14.62 -14.43
N THR U 299 -49.04 14.47 -13.74
CA THR U 299 -49.87 15.62 -13.42
C THR U 299 -49.24 16.43 -12.29
N VAL U 300 -49.23 17.75 -12.46
CA VAL U 300 -48.84 18.67 -11.40
C VAL U 300 -50.09 19.06 -10.63
N VAL U 301 -50.09 18.80 -9.32
CA VAL U 301 -51.26 19.02 -8.47
C VAL U 301 -50.87 19.95 -7.35
N GLY U 302 -51.64 21.02 -7.18
CA GLY U 302 -51.44 21.96 -6.09
C GLY U 302 -52.47 21.73 -5.00
N ASN U 303 -51.97 21.62 -3.77
CA ASN U 303 -52.80 21.50 -2.59
C ASN U 303 -52.87 22.86 -1.90
N TYR U 304 -54.08 23.34 -1.66
CA TYR U 304 -54.36 24.64 -1.08
C TYR U 304 -54.74 24.50 0.38
N SER U 305 -55.03 25.63 1.03
CA SER U 305 -55.39 25.65 2.44
C SER U 305 -56.85 25.29 2.69
N ASN U 306 -57.66 25.19 1.65
CA ASN U 306 -59.07 24.83 1.81
C ASN U 306 -59.28 23.34 1.59
N GLU U 307 -58.24 22.56 1.85
CA GLU U 307 -58.26 21.09 1.80
C GLU U 307 -58.85 20.57 0.49
N GLN U 308 -58.48 21.20 -0.63
CA GLN U 308 -58.94 20.70 -1.95
C GLN U 308 -57.78 20.79 -2.93
N GLU U 309 -57.78 19.95 -3.97
CA GLU U 309 -56.67 19.92 -4.93
C GLU U 309 -57.09 20.65 -6.21
N GLN U 310 -56.12 21.03 -7.02
CA GLN U 310 -56.42 21.72 -8.29
C GLN U 310 -55.30 21.39 -9.27
N VAL U 311 -55.59 20.55 -10.27
CA VAL U 311 -54.59 20.22 -11.28
C VAL U 311 -54.14 21.50 -11.98
N LEU U 312 -52.85 21.58 -12.28
CA LEU U 312 -52.30 22.75 -12.96
C LEU U 312 -51.74 22.41 -14.34
N GLY U 313 -51.54 21.14 -14.63
CA GLY U 313 -51.04 20.72 -15.92
C GLY U 313 -50.52 19.30 -15.85
N GLN U 314 -50.17 18.78 -17.02
CA GLN U 314 -49.64 17.44 -17.15
C GLN U 314 -48.40 17.46 -18.01
N ILE U 315 -47.31 16.87 -17.50
CA ILE U 315 -46.07 16.83 -18.25
C ILE U 315 -46.23 15.88 -19.44
N VAL U 316 -45.87 16.37 -20.62
CA VAL U 316 -46.01 15.59 -21.86
C VAL U 316 -44.64 15.08 -22.27
N LEU U 317 -44.57 13.79 -22.58
CA LEU U 317 -43.34 13.15 -23.02
C LEU U 317 -43.33 13.05 -24.54
N ALA U 318 -42.12 13.04 -25.10
CA ALA U 318 -41.94 12.94 -26.54
C ALA U 318 -41.09 11.71 -26.87
N ASN U 319 -41.54 10.93 -27.84
CA ASN U 319 -40.80 9.78 -28.33
C ASN U 319 -40.61 9.90 -29.83
N PHE U 320 -39.38 9.64 -30.28
CA PHE U 320 -39.01 9.85 -31.67
C PHE U 320 -39.01 8.53 -32.43
N ALA U 321 -39.07 8.65 -33.76
CA ALA U 321 -38.91 7.48 -34.62
C ALA U 321 -37.48 6.96 -34.57
N ASN U 322 -36.50 7.85 -34.40
CA ASN U 322 -35.09 7.49 -34.34
C ASN U 322 -34.41 8.35 -33.28
N ASN U 323 -33.91 7.70 -32.23
CA ASN U 323 -33.21 8.44 -31.18
C ASN U 323 -31.78 8.81 -31.60
N GLU U 324 -31.14 7.97 -32.41
CA GLU U 324 -29.74 8.17 -32.73
C GLU U 324 -29.49 9.40 -33.60
N GLY U 325 -30.50 9.90 -34.29
CA GLY U 325 -30.33 11.08 -35.12
C GLY U 325 -30.48 12.40 -34.40
N LEU U 326 -30.80 12.37 -33.12
CA LEU U 326 -30.94 13.60 -32.34
C LEU U 326 -29.60 14.33 -32.26
N ALA U 327 -29.63 15.63 -32.47
CA ALA U 327 -28.42 16.46 -32.40
C ALA U 327 -28.29 17.03 -31.00
N SER U 328 -27.18 16.72 -30.34
CA SER U 328 -26.97 17.22 -28.99
C SER U 328 -26.54 18.68 -29.01
N GLN U 329 -27.29 19.51 -28.30
CA GLN U 329 -27.02 20.94 -28.22
C GLN U 329 -26.21 21.32 -26.99
N GLY U 330 -25.75 20.35 -26.21
CA GLY U 330 -25.11 20.63 -24.95
C GLY U 330 -26.15 20.87 -23.86
N ASP U 331 -25.65 21.09 -22.64
CA ASP U 331 -26.49 21.30 -21.47
C ASP U 331 -27.51 20.18 -21.32
N ASN U 332 -27.03 18.94 -21.49
CA ASN U 332 -27.84 17.71 -21.52
C ASN U 332 -29.22 17.94 -22.14
N VAL U 333 -29.23 18.53 -23.34
CA VAL U 333 -30.43 18.89 -24.06
C VAL U 333 -30.27 18.50 -25.52
N TRP U 334 -31.31 17.89 -26.10
CA TRP U 334 -31.28 17.39 -27.45
C TRP U 334 -32.10 18.29 -28.37
N ALA U 335 -31.92 18.11 -29.68
CA ALA U 335 -32.70 18.82 -30.68
C ALA U 335 -33.14 17.85 -31.77
N ALA U 336 -34.39 17.99 -32.22
CA ALA U 336 -34.90 17.15 -33.28
C ALA U 336 -34.31 17.57 -34.62
N THR U 337 -33.98 16.58 -35.45
CA THR U 337 -33.39 16.80 -36.76
C THR U 337 -34.05 15.89 -37.79
N GLN U 338 -33.61 16.00 -39.04
CA GLN U 338 -34.29 15.19 -40.07
C GLN U 338 -33.80 13.75 -39.96
N ALA U 339 -32.70 13.49 -39.25
CA ALA U 339 -32.34 12.11 -38.98
C ALA U 339 -33.11 11.53 -37.81
N SER U 340 -33.74 12.38 -36.99
CA SER U 340 -34.43 11.92 -35.80
C SER U 340 -35.93 11.75 -36.00
N GLY U 341 -36.56 12.60 -36.79
CA GLY U 341 -37.98 12.50 -37.03
C GLY U 341 -38.80 13.45 -36.19
N VAL U 342 -40.10 13.46 -36.49
CA VAL U 342 -41.03 14.33 -35.76
C VAL U 342 -41.41 13.67 -34.44
N ALA U 343 -41.44 14.47 -33.38
CA ALA U 343 -41.68 13.95 -32.03
C ALA U 343 -43.14 13.53 -31.90
N LEU U 344 -43.36 12.36 -31.30
CA LEU U 344 -44.69 11.88 -30.97
C LEU U 344 -44.96 12.16 -29.50
N LEU U 345 -46.00 12.93 -29.22
CA LEU U 345 -46.29 13.38 -27.87
C LEU U 345 -47.28 12.45 -27.18
N GLY U 346 -47.12 12.30 -25.87
CA GLY U 346 -47.98 11.42 -25.12
C GLY U 346 -47.77 11.58 -23.63
N THR U 347 -48.36 10.65 -22.87
CA THR U 347 -48.33 10.68 -21.42
C THR U 347 -47.63 9.44 -20.88
N ALA U 348 -47.33 9.47 -19.59
CA ALA U 348 -46.59 8.39 -18.95
C ALA U 348 -47.42 7.11 -18.92
N GLY U 349 -46.72 5.97 -18.99
CA GLY U 349 -47.33 4.68 -18.76
C GLY U 349 -48.20 4.16 -19.88
N SER U 350 -48.25 4.84 -21.02
CA SER U 350 -49.11 4.44 -22.13
C SER U 350 -48.34 4.58 -23.44
N GLY U 351 -48.73 3.77 -24.42
CA GLY U 351 -48.06 3.80 -25.71
C GLY U 351 -46.61 3.41 -25.58
N ASN U 352 -45.73 4.27 -26.07
CA ASN U 352 -44.28 4.01 -26.08
C ASN U 352 -43.55 4.81 -25.02
N PHE U 353 -44.22 5.14 -23.91
CA PHE U 353 -43.67 6.03 -22.90
C PHE U 353 -43.58 5.29 -21.57
N GLY U 354 -42.43 5.36 -20.93
CA GLY U 354 -42.24 4.80 -19.61
C GLY U 354 -42.80 5.71 -18.53
N LYS U 355 -42.94 5.13 -17.33
CA LYS U 355 -43.49 5.87 -16.22
C LYS U 355 -42.46 6.82 -15.62
N LEU U 356 -42.96 7.90 -15.04
CA LEU U 356 -42.11 8.86 -14.34
C LEU U 356 -42.00 8.50 -12.87
N THR U 357 -40.77 8.51 -12.35
CA THR U 357 -40.51 8.27 -10.95
C THR U 357 -40.19 9.60 -10.28
N ASN U 358 -41.02 10.01 -9.33
CA ASN U 358 -40.83 11.28 -8.65
C ASN U 358 -39.89 11.13 -7.47
N GLY U 359 -39.15 12.18 -7.17
CA GLY U 359 -38.18 12.12 -6.10
C GLY U 359 -36.90 11.39 -6.43
N ALA U 360 -36.58 11.24 -7.72
CA ALA U 360 -35.39 10.51 -8.14
C ALA U 360 -34.86 11.10 -9.43
N LEU U 361 -33.58 10.84 -9.70
CA LEU U 361 -32.92 11.31 -10.91
C LEU U 361 -32.25 10.13 -11.61
N GLU U 362 -32.27 10.18 -12.95
CA GLU U 362 -31.60 9.18 -13.76
C GLU U 362 -30.12 9.56 -13.91
N ALA U 363 -29.24 8.74 -13.35
CA ALA U 363 -27.81 9.00 -13.46
C ALA U 363 -27.31 8.62 -14.86
N SER U 364 -26.04 8.91 -15.10
CA SER U 364 -25.43 8.59 -16.39
C SER U 364 -25.25 7.09 -16.54
N ASN U 365 -24.91 6.65 -17.75
CA ASN U 365 -24.77 5.23 -18.06
C ASN U 365 -23.37 4.88 -18.55
N VAL U 366 -22.38 5.69 -18.21
CA VAL U 366 -21.00 5.45 -18.63
C VAL U 366 -20.33 4.57 -17.58
N ASP U 367 -19.70 3.48 -18.02
CA ASP U 367 -18.95 2.62 -17.13
C ASP U 367 -17.47 2.97 -17.20
N LEU U 368 -17.04 3.57 -16.09
CA LEU U 368 -15.64 4.03 -16.03
C LEU U 368 -14.75 2.81 -16.27
N SER U 369 -15.13 1.64 -15.76
CA SER U 369 -14.29 0.46 -16.09
C SER U 369 -14.15 0.41 -17.62
N LYS U 370 -15.28 0.35 -18.32
CA LYS U 370 -15.24 0.26 -19.79
C LYS U 370 -14.46 1.44 -20.35
N GLU U 371 -14.76 2.65 -19.93
CA GLU U 371 -14.11 3.82 -20.54
C GLU U 371 -12.59 3.64 -20.45
N LEU U 372 -12.08 3.33 -19.27
CA LEU U 372 -10.61 3.23 -19.09
C LEU U 372 -10.11 2.10 -19.99
N VAL U 373 -10.68 0.91 -19.83
CA VAL U 373 -10.13 -0.24 -20.61
C VAL U 373 -10.00 0.23 -22.06
N ASN U 374 -10.98 0.96 -22.58
CA ASN U 374 -10.89 1.35 -24.02
C ASN U 374 -9.71 2.31 -24.20
N MET U 375 -9.76 3.50 -23.60
CA MET U 375 -8.73 4.52 -23.72
C MET U 375 -7.37 3.88 -23.97
N ILE U 376 -7.08 2.77 -23.28
CA ILE U 376 -5.82 2.06 -23.49
C ILE U 376 -5.73 1.58 -24.94
N VAL U 377 -6.81 0.97 -25.43
CA VAL U 377 -6.81 0.45 -26.80
C VAL U 377 -6.66 1.57 -27.81
N ALA U 378 -7.35 2.68 -27.59
CA ALA U 378 -7.26 3.82 -28.51
C ALA U 378 -5.86 4.42 -28.51
N GLN U 379 -5.23 4.50 -27.33
CA GLN U 379 -3.85 4.97 -27.26
C GLN U 379 -2.93 4.07 -28.08
N ARG U 380 -3.13 2.75 -27.97
CA ARG U 380 -2.28 1.82 -28.71
C ARG U 380 -2.47 1.99 -30.22
N ASN U 381 -3.73 2.12 -30.67
CA ASN U 381 -4.00 2.33 -32.09
C ASN U 381 -3.38 3.64 -32.57
N TYR U 382 -3.50 4.70 -31.77
CA TYR U 382 -2.92 6.00 -32.12
C TYR U 382 -1.40 5.91 -32.27
N GLN U 383 -0.75 5.22 -31.34
CA GLN U 383 0.70 5.06 -31.42
C GLN U 383 1.11 4.24 -32.64
N SER U 384 0.32 3.22 -32.98
CA SER U 384 0.61 2.44 -34.18
C SER U 384 0.52 3.29 -35.44
N ASN U 385 -0.53 4.13 -35.52
CA ASN U 385 -0.66 5.01 -36.68
C ASN U 385 0.48 6.02 -36.74
N ALA U 386 0.89 6.54 -35.58
CA ALA U 386 2.03 7.44 -35.54
C ALA U 386 3.30 6.76 -36.01
N GLN U 387 3.48 5.48 -35.65
CA GLN U 387 4.62 4.72 -36.14
C GLN U 387 4.58 4.56 -37.66
N THR U 388 3.38 4.36 -38.22
CA THR U 388 3.25 4.30 -39.67
C THR U 388 3.66 5.63 -40.32
N ILE U 389 3.23 6.74 -39.72
CA ILE U 389 3.62 8.06 -40.22
C ILE U 389 5.13 8.21 -40.18
N LYS U 390 5.75 7.79 -39.06
CA LYS U 390 7.20 7.87 -38.93
C LYS U 390 7.90 7.06 -40.00
N THR U 391 7.39 5.86 -40.27
CA THR U 391 8.01 5.00 -41.28
C THR U 391 7.96 5.67 -42.66
N GLN U 392 6.80 6.23 -43.01
CA GLN U 392 6.69 6.88 -44.31
C GLN U 392 7.59 8.10 -44.40
N ASP U 393 7.71 8.85 -43.31
CA ASP U 393 8.60 10.01 -43.30
C ASP U 393 10.04 9.58 -43.52
N GLN U 394 10.47 8.52 -42.84
CA GLN U 394 11.83 8.03 -43.03
C GLN U 394 12.06 7.52 -44.45
N ILE U 395 11.06 6.81 -44.99
CA ILE U 395 11.19 6.23 -46.35
C ILE U 395 11.33 7.37 -47.35
N LEU U 396 10.46 8.37 -47.20
CA LEU U 396 10.62 9.55 -48.08
C LEU U 396 12.02 10.08 -47.86
N ASN U 397 12.53 10.01 -46.64
CA ASN U 397 13.88 10.59 -46.38
C ASN U 397 14.87 9.87 -47.28
N THR U 398 14.90 8.54 -47.19
CA THR U 398 15.79 7.74 -48.08
C THR U 398 15.59 8.16 -49.54
N LEU U 399 14.36 8.17 -50.04
CA LEU U 399 14.22 8.46 -51.49
C LEU U 399 14.79 9.85 -51.81
N VAL U 400 14.41 10.87 -51.04
CA VAL U 400 14.91 12.26 -51.27
C VAL U 400 16.43 12.21 -51.36
N ASN U 401 17.07 11.63 -50.34
CA ASN U 401 18.56 11.65 -50.34
C ASN U 401 19.06 10.97 -51.62
N LEU U 402 18.67 9.72 -51.85
CA LEU U 402 19.22 8.98 -53.02
C LEU U 402 20.17 9.90 -53.79
N SER V 2 15.87 -13.84 -43.10
CA SER V 2 16.26 -13.99 -41.70
C SER V 2 15.21 -13.38 -40.78
N PHE V 3 14.46 -12.41 -41.30
CA PHE V 3 13.42 -11.77 -40.51
C PHE V 3 12.30 -12.75 -40.17
N SER V 4 11.90 -13.58 -41.13
CA SER V 4 10.73 -14.45 -40.94
C SER V 4 10.93 -15.41 -39.77
N GLN V 5 12.18 -15.72 -39.45
CA GLN V 5 12.47 -16.61 -38.33
C GLN V 5 12.06 -15.99 -37.00
N ALA V 6 12.53 -14.76 -36.74
CA ALA V 6 12.12 -14.05 -35.54
C ALA V 6 10.64 -13.70 -35.58
N VAL V 7 10.09 -13.47 -36.78
CA VAL V 7 8.66 -13.22 -36.90
C VAL V 7 7.86 -14.43 -36.46
N SER V 8 8.31 -15.64 -36.85
CA SER V 8 7.64 -16.85 -36.42
C SER V 8 7.74 -17.04 -34.91
N GLY V 9 8.91 -16.75 -34.35
CA GLY V 9 9.04 -16.81 -32.90
C GLY V 9 8.09 -15.86 -32.20
N LEU V 10 7.98 -14.63 -32.70
CA LEU V 10 7.08 -13.64 -32.12
C LEU V 10 5.63 -14.09 -32.24
N ASN V 11 5.25 -14.65 -33.38
CA ASN V 11 3.89 -15.13 -33.58
C ASN V 11 3.56 -16.27 -32.64
N ALA V 12 4.52 -17.17 -32.42
CA ALA V 12 4.31 -18.26 -31.46
C ALA V 12 4.10 -17.71 -30.05
N ALA V 13 4.91 -16.73 -29.65
CA ALA V 13 4.74 -16.13 -28.34
C ALA V 13 3.37 -15.45 -28.22
N ALA V 14 2.96 -14.75 -29.28
CA ALA V 14 1.65 -14.09 -29.26
C ALA V 14 0.52 -15.09 -29.16
N THR V 15 0.63 -16.22 -29.87
CA THR V 15 -0.39 -17.26 -29.78
C THR V 15 -0.45 -17.86 -28.38
N ASN V 16 0.72 -18.10 -27.77
CA ASN V 16 0.74 -18.63 -26.42
C ASN V 16 0.07 -17.67 -25.44
N LEU V 17 0.38 -16.37 -25.57
CA LEU V 17 -0.23 -15.39 -24.67
C LEU V 17 -1.73 -15.25 -24.94
N ASP V 18 -2.15 -15.40 -26.19
CA ASP V 18 -3.57 -15.41 -26.50
C ASP V 18 -4.28 -16.57 -25.81
N VAL V 19 -3.67 -17.75 -25.85
CA VAL V 19 -4.26 -18.92 -25.19
C VAL V 19 -4.32 -18.71 -23.69
N ILE V 20 -3.26 -18.13 -23.12
CA ILE V 20 -3.24 -17.88 -21.68
C ILE V 20 -4.32 -16.87 -21.29
N GLY V 21 -4.49 -15.83 -22.11
CA GLY V 21 -5.55 -14.87 -21.85
C GLY V 21 -6.93 -15.48 -21.93
N ASN V 22 -7.14 -16.38 -22.90
CA ASN V 22 -8.40 -17.12 -22.95
C ASN V 22 -8.60 -17.95 -21.68
N ASN V 23 -7.56 -18.63 -21.23
CA ASN V 23 -7.66 -19.47 -20.04
C ASN V 23 -8.04 -18.63 -18.83
N ILE V 24 -7.40 -17.46 -18.69
CA ILE V 24 -7.69 -16.60 -17.53
C ILE V 24 -9.10 -16.04 -17.63
N ALA V 25 -9.51 -15.60 -18.81
CA ALA V 25 -10.82 -14.98 -18.96
C ALA V 25 -11.96 -15.97 -18.68
N ASN V 26 -11.75 -17.25 -18.98
CA ASN V 26 -12.72 -18.29 -18.73
C ASN V 26 -12.50 -19.01 -17.41
N SER V 27 -11.96 -18.30 -16.40
CA SER V 27 -11.62 -18.92 -15.13
C SER V 27 -12.84 -19.51 -14.43
N ALA V 28 -13.98 -18.84 -14.54
CA ALA V 28 -15.23 -19.33 -13.96
C ALA V 28 -16.30 -19.39 -15.03
N THR V 29 -16.28 -20.47 -15.82
CA THR V 29 -17.32 -20.80 -16.80
C THR V 29 -17.45 -22.33 -16.75
N TYR V 30 -18.59 -22.80 -16.25
CA TYR V 30 -18.79 -24.22 -16.03
C TYR V 30 -18.67 -25.01 -17.32
N GLY V 31 -17.92 -26.11 -17.29
CA GLY V 31 -17.70 -26.92 -18.49
C GLY V 31 -16.56 -26.48 -19.36
N PHE V 32 -15.63 -25.66 -18.85
CA PHE V 32 -14.52 -25.16 -19.64
C PHE V 32 -13.28 -26.00 -19.38
N LYS V 33 -12.57 -26.35 -20.45
CA LYS V 33 -11.28 -27.02 -20.36
C LYS V 33 -10.19 -26.11 -20.91
N SER V 34 -9.16 -25.87 -20.11
CA SER V 34 -8.11 -24.94 -20.49
C SER V 34 -7.29 -25.50 -21.65
N GLY V 35 -6.83 -24.59 -22.50
CA GLY V 35 -6.05 -24.95 -23.68
C GLY V 35 -4.59 -24.61 -23.49
N THR V 36 -3.73 -25.28 -24.25
CA THR V 36 -2.30 -25.04 -24.24
C THR V 36 -1.75 -25.21 -25.65
N ALA V 37 -0.99 -24.22 -26.12
CA ALA V 37 -0.44 -24.26 -27.46
C ALA V 37 0.84 -25.09 -27.49
N SER V 38 0.92 -26.01 -28.44
CA SER V 38 2.10 -26.85 -28.62
C SER V 38 2.85 -26.42 -29.86
N PHE V 39 4.16 -26.18 -29.71
CA PHE V 39 4.99 -25.64 -30.76
C PHE V 39 5.92 -26.71 -31.32
N ALA V 40 6.42 -26.46 -32.53
CA ALA V 40 7.35 -27.36 -33.20
C ALA V 40 8.25 -26.55 -34.13
N ASP V 41 9.50 -27.01 -34.26
CA ASP V 41 10.46 -26.30 -35.10
C ASP V 41 10.22 -26.63 -36.57
N MET V 42 10.86 -25.84 -37.44
CA MET V 42 10.65 -25.92 -38.89
C MET V 42 11.98 -26.10 -39.63
N PHE V 43 12.80 -27.05 -39.18
CA PHE V 43 14.01 -27.38 -39.91
C PHE V 43 13.65 -27.82 -41.33
N ALA V 44 14.32 -27.26 -42.32
CA ALA V 44 13.96 -27.44 -43.73
C ALA V 44 15.06 -28.13 -44.52
N GLY V 45 15.60 -29.22 -43.97
CA GLY V 45 16.72 -29.88 -44.63
C GLY V 45 17.98 -29.04 -44.64
N SER V 46 18.28 -28.40 -43.50
CA SER V 46 19.47 -27.56 -43.38
C SER V 46 20.00 -27.66 -41.95
N LYS V 47 20.89 -26.74 -41.59
CA LYS V 47 21.53 -26.81 -40.28
C LYS V 47 21.09 -25.68 -39.36
N VAL V 48 20.87 -24.49 -39.94
CA VAL V 48 20.58 -23.30 -39.13
C VAL V 48 19.22 -23.41 -38.46
N GLY V 49 18.19 -23.77 -39.23
CA GLY V 49 16.83 -23.76 -38.72
C GLY V 49 16.10 -22.49 -39.07
N LEU V 50 14.78 -22.56 -39.21
CA LEU V 50 14.01 -21.40 -39.64
C LEU V 50 13.06 -20.86 -38.58
N GLY V 51 12.90 -21.55 -37.45
CA GLY V 51 12.05 -21.03 -36.40
C GLY V 51 11.11 -22.09 -35.88
N VAL V 52 9.89 -21.66 -35.57
CA VAL V 52 8.89 -22.50 -34.92
C VAL V 52 7.58 -22.38 -35.67
N LYS V 53 6.69 -23.33 -35.41
CA LYS V 53 5.30 -23.27 -35.86
C LYS V 53 4.40 -23.85 -34.79
N VAL V 54 3.18 -23.31 -34.70
CA VAL V 54 2.21 -23.80 -33.73
C VAL V 54 1.57 -25.08 -34.26
N ALA V 55 1.98 -26.22 -33.69
CA ALA V 55 1.43 -27.50 -34.13
C ALA V 55 -0.05 -27.62 -33.83
N GLY V 56 -0.53 -26.94 -32.79
CA GLY V 56 -1.94 -27.00 -32.45
C GLY V 56 -2.18 -26.47 -31.07
N ILE V 57 -3.44 -26.52 -30.66
CA ILE V 57 -3.88 -26.13 -29.33
C ILE V 57 -4.57 -27.34 -28.71
N THR V 58 -3.98 -27.86 -27.64
CA THR V 58 -4.46 -29.06 -26.97
C THR V 58 -5.31 -28.67 -25.77
N GLN V 59 -6.51 -29.24 -25.69
CA GLN V 59 -7.36 -29.05 -24.52
C GLN V 59 -6.86 -29.91 -23.37
N ASP V 60 -7.28 -29.55 -22.17
CA ASP V 60 -6.95 -30.31 -20.96
C ASP V 60 -8.26 -30.85 -20.39
N PHE V 61 -8.60 -32.07 -20.76
CA PHE V 61 -9.89 -32.66 -20.39
C PHE V 61 -9.83 -33.35 -19.03
N THR V 62 -9.38 -32.62 -18.02
CA THR V 62 -9.42 -33.11 -16.65
C THR V 62 -10.65 -32.55 -15.93
N ASP V 63 -11.25 -33.38 -15.09
CA ASP V 63 -12.49 -33.00 -14.42
C ASP V 63 -12.27 -31.79 -13.52
N GLY V 64 -13.18 -30.83 -13.63
CA GLY V 64 -13.18 -29.70 -12.72
C GLY V 64 -13.90 -30.03 -11.42
N THR V 65 -13.86 -29.08 -10.50
CA THR V 65 -14.51 -29.27 -9.22
C THR V 65 -16.03 -29.25 -9.39
N THR V 66 -16.71 -30.10 -8.63
CA THR V 66 -18.17 -30.18 -8.67
C THR V 66 -18.75 -29.24 -7.62
N THR V 67 -19.54 -28.27 -8.07
CA THR V 67 -20.10 -27.25 -7.20
C THR V 67 -21.61 -27.47 -7.08
N ASN V 68 -22.08 -27.62 -5.85
CA ASN V 68 -23.51 -27.78 -5.62
C ASN V 68 -24.22 -26.43 -5.74
N THR V 69 -25.32 -26.41 -6.49
CA THR V 69 -26.09 -25.19 -6.69
C THR V 69 -27.52 -25.29 -6.21
N GLY V 70 -28.04 -26.49 -5.99
CA GLY V 70 -29.40 -26.67 -5.50
C GLY V 70 -30.48 -26.69 -6.56
N ARG V 71 -30.14 -26.51 -7.84
CA ARG V 71 -31.12 -26.55 -8.91
C ARG V 71 -31.25 -27.97 -9.42
N GLY V 72 -32.49 -28.42 -9.58
CA GLY V 72 -32.74 -29.79 -10.01
C GLY V 72 -32.36 -30.09 -11.43
N LEU V 73 -32.23 -29.07 -12.28
CA LEU V 73 -31.88 -29.26 -13.69
C LEU V 73 -30.40 -29.08 -13.97
N ASP V 74 -29.58 -28.86 -12.95
CA ASP V 74 -28.14 -28.77 -13.13
C ASP V 74 -27.51 -30.14 -12.86
N VAL V 75 -26.88 -30.72 -13.87
CA VAL V 75 -26.29 -32.05 -13.78
C VAL V 75 -24.81 -31.95 -14.13
N ALA V 76 -23.96 -32.45 -13.25
CA ALA V 76 -22.53 -32.53 -13.50
C ALA V 76 -22.14 -33.97 -13.78
N ILE V 77 -21.06 -34.15 -14.54
CA ILE V 77 -20.60 -35.48 -14.90
C ILE V 77 -19.18 -35.67 -14.36
N SER V 78 -18.92 -36.85 -13.81
CA SER V 78 -17.57 -37.20 -13.39
C SER V 78 -16.93 -38.12 -14.41
N GLN V 79 -15.59 -38.18 -14.40
CA GLN V 79 -14.82 -39.07 -15.27
C GLN V 79 -15.12 -38.69 -16.73
N ASN V 80 -15.15 -39.66 -17.62
CA ASN V 80 -15.34 -39.40 -19.04
C ASN V 80 -16.83 -39.32 -19.38
N GLY V 81 -17.12 -38.74 -20.54
CA GLY V 81 -18.47 -38.61 -21.03
C GLY V 81 -18.71 -37.22 -21.58
N PHE V 82 -19.76 -37.09 -22.40
CA PHE V 82 -20.16 -35.82 -23.00
C PHE V 82 -21.66 -35.78 -23.17
N PHE V 83 -22.25 -34.63 -22.82
CA PHE V 83 -23.64 -34.39 -23.16
C PHE V 83 -23.79 -34.19 -24.67
N ARG V 84 -24.87 -34.72 -25.24
CA ARG V 84 -25.11 -34.67 -26.67
C ARG V 84 -26.34 -33.80 -26.95
N LEU V 85 -26.19 -32.84 -27.85
CA LEU V 85 -27.19 -31.82 -28.10
C LEU V 85 -27.47 -31.68 -29.60
N VAL V 86 -28.66 -31.18 -29.93
CA VAL V 86 -29.02 -30.87 -31.31
C VAL V 86 -29.72 -29.51 -31.33
N ASP V 87 -29.41 -28.72 -32.35
CA ASP V 87 -30.04 -27.42 -32.53
C ASP V 87 -31.26 -27.54 -33.45
N SER V 88 -31.80 -26.39 -33.85
CA SER V 88 -32.97 -26.36 -34.72
C SER V 88 -32.65 -26.83 -36.15
N ASN V 89 -31.38 -26.81 -36.55
CA ASN V 89 -30.98 -27.19 -37.90
C ASN V 89 -30.60 -28.66 -38.00
N GLY V 90 -30.72 -29.42 -36.92
CA GLY V 90 -30.39 -30.82 -36.92
C GLY V 90 -28.92 -31.14 -36.71
N SER V 91 -28.07 -30.13 -36.59
CA SER V 91 -26.65 -30.36 -36.37
C SER V 91 -26.42 -30.95 -34.98
N VAL V 92 -25.43 -31.83 -34.88
CA VAL V 92 -25.15 -32.59 -33.65
C VAL V 92 -23.92 -31.98 -32.99
N PHE V 93 -24.01 -31.70 -31.70
CA PHE V 93 -22.93 -31.09 -30.94
C PHE V 93 -22.79 -31.79 -29.60
N TYR V 94 -21.69 -31.48 -28.90
CA TYR V 94 -21.35 -32.12 -27.63
C TYR V 94 -20.83 -31.08 -26.65
N SER V 95 -21.25 -31.21 -25.39
CA SER V 95 -20.91 -30.21 -24.38
C SER V 95 -20.90 -30.86 -23.00
N ARG V 96 -20.10 -30.28 -22.09
CA ARG V 96 -20.06 -30.79 -20.69
C ARG V 96 -20.72 -29.78 -19.75
N ASN V 97 -21.35 -28.73 -20.30
CA ASN V 97 -22.05 -27.76 -19.46
C ASN V 97 -23.42 -28.31 -19.09
N GLY V 98 -23.74 -28.29 -17.80
CA GLY V 98 -24.97 -28.90 -17.33
C GLY V 98 -26.07 -27.95 -16.91
N GLN V 99 -25.97 -26.70 -17.32
CA GLN V 99 -27.00 -25.70 -16.97
C GLN V 99 -28.18 -25.91 -17.89
N PHE V 100 -29.14 -26.75 -17.51
CA PHE V 100 -30.32 -27.06 -18.31
C PHE V 100 -31.54 -26.31 -17.81
N LYS V 101 -32.44 -26.03 -18.75
CA LYS V 101 -33.67 -25.30 -18.41
C LYS V 101 -34.75 -25.72 -19.40
N LEU V 102 -36.01 -25.48 -19.09
CA LEU V 102 -37.14 -25.81 -19.95
C LEU V 102 -37.47 -24.63 -20.84
N ASP V 103 -37.82 -24.90 -22.10
CA ASP V 103 -38.26 -23.87 -23.01
C ASP V 103 -39.78 -23.81 -23.05
N GLU V 104 -40.32 -23.01 -23.98
CA GLU V 104 -41.77 -22.95 -24.14
C GLU V 104 -42.34 -24.28 -24.61
N ASN V 105 -41.58 -24.98 -25.44
CA ASN V 105 -42.04 -26.30 -25.96
C ASN V 105 -41.62 -27.41 -25.00
N ARG V 106 -41.48 -27.11 -23.71
CA ARG V 106 -41.22 -28.18 -22.70
C ARG V 106 -40.04 -29.08 -23.05
N ASN V 107 -38.99 -28.58 -23.68
CA ASN V 107 -37.78 -29.38 -23.89
C ASN V 107 -36.67 -28.93 -22.96
N LEU V 108 -35.78 -29.87 -22.63
CA LEU V 108 -34.60 -29.56 -21.82
C LEU V 108 -33.56 -28.92 -22.73
N VAL V 109 -33.23 -27.65 -22.45
CA VAL V 109 -32.25 -26.92 -23.23
C VAL V 109 -31.28 -26.23 -22.28
N ASN V 110 -30.09 -25.96 -22.78
CA ASN V 110 -29.11 -25.19 -22.04
C ASN V 110 -29.41 -23.71 -22.22
N MET V 111 -28.44 -22.85 -21.87
CA MET V 111 -28.65 -21.41 -22.01
C MET V 111 -28.80 -21.00 -23.47
N GLN V 112 -27.99 -21.56 -24.36
CA GLN V 112 -28.01 -21.16 -25.76
C GLN V 112 -29.21 -21.71 -26.52
N GLY V 113 -29.97 -22.64 -25.93
CA GLY V 113 -31.10 -23.23 -26.63
C GLY V 113 -30.82 -24.57 -27.29
N MET V 114 -29.65 -25.17 -27.05
CA MET V 114 -29.35 -26.49 -27.59
C MET V 114 -30.20 -27.54 -26.90
N GLN V 115 -30.93 -28.33 -27.70
CA GLN V 115 -31.85 -29.32 -27.17
C GLN V 115 -31.10 -30.55 -26.68
N LEU V 116 -31.32 -30.90 -25.41
CA LEU V 116 -30.73 -32.12 -24.87
C LEU V 116 -31.46 -33.32 -25.44
N THR V 117 -30.71 -34.33 -25.88
CA THR V 117 -31.28 -35.53 -26.46
C THR V 117 -31.01 -36.73 -25.56
N GLY V 118 -31.64 -37.84 -25.91
CA GLY V 118 -31.44 -39.06 -25.16
C GLY V 118 -32.33 -40.17 -25.69
N TYR V 119 -32.26 -41.30 -25.00
CA TYR V 119 -33.13 -42.40 -25.35
C TYR V 119 -34.55 -42.11 -24.88
N PRO V 120 -35.54 -42.13 -25.78
CA PRO V 120 -36.92 -41.89 -25.36
C PRO V 120 -37.54 -43.11 -24.72
N ALA V 121 -38.55 -42.88 -23.88
CA ALA V 121 -39.28 -43.95 -23.24
C ALA V 121 -40.62 -44.14 -23.94
N THR V 122 -40.90 -45.39 -24.34
CA THR V 122 -42.11 -45.71 -25.10
C THR V 122 -42.81 -46.88 -24.43
N GLY V 123 -44.11 -47.00 -24.72
CA GLY V 123 -44.91 -48.07 -24.17
C GLY V 123 -45.78 -47.64 -23.01
N THR V 124 -46.57 -48.59 -22.54
CA THR V 124 -47.47 -48.37 -21.42
C THR V 124 -47.41 -49.55 -20.45
N PRO V 125 -46.68 -49.43 -19.32
CA PRO V 125 -45.92 -48.25 -18.86
C PRO V 125 -44.66 -48.03 -19.69
N PRO V 126 -44.23 -46.79 -19.83
CA PRO V 126 -43.07 -46.50 -20.69
C PRO V 126 -41.82 -47.22 -20.22
N THR V 127 -41.06 -47.73 -21.19
CA THR V 127 -39.76 -48.33 -20.95
C THR V 127 -38.75 -47.70 -21.90
N ILE V 128 -37.49 -47.69 -21.47
CA ILE V 128 -36.47 -46.96 -22.22
C ILE V 128 -35.95 -47.84 -23.35
N GLN V 129 -36.06 -47.33 -24.58
CA GLN V 129 -35.59 -48.05 -25.76
C GLN V 129 -34.15 -47.64 -26.04
N GLN V 130 -33.22 -48.52 -25.63
CA GLN V 130 -31.81 -48.27 -25.89
C GLN V 130 -31.45 -48.48 -27.35
N GLY V 131 -32.30 -49.19 -28.11
CA GLY V 131 -32.08 -49.37 -29.53
C GLY V 131 -32.64 -48.27 -30.41
N ALA V 132 -33.33 -47.29 -29.82
CA ALA V 132 -33.90 -46.21 -30.58
C ALA V 132 -32.88 -45.08 -30.75
N ASN V 133 -33.05 -44.32 -31.82
CA ASN V 133 -32.16 -43.20 -32.09
C ASN V 133 -32.38 -42.09 -31.06
N PRO V 134 -31.34 -41.34 -30.71
CA PRO V 134 -31.51 -40.27 -29.71
C PRO V 134 -32.39 -39.15 -30.25
N ALA V 135 -33.35 -38.74 -29.44
CA ALA V 135 -34.29 -37.68 -29.77
C ALA V 135 -34.30 -36.64 -28.65
N PRO V 136 -34.66 -35.39 -28.96
CA PRO V 136 -34.69 -34.36 -27.92
C PRO V 136 -35.64 -34.73 -26.79
N ILE V 137 -35.23 -34.41 -25.56
CA ILE V 137 -36.02 -34.75 -24.39
C ILE V 137 -37.10 -33.69 -24.19
N THR V 138 -38.34 -34.13 -24.03
CA THR V 138 -39.47 -33.24 -23.79
C THR V 138 -40.15 -33.64 -22.49
N ILE V 139 -40.55 -32.64 -21.70
CA ILE V 139 -41.26 -32.89 -20.45
C ILE V 139 -42.68 -32.38 -20.63
N PRO V 140 -43.59 -33.17 -21.22
CA PRO V 140 -44.95 -32.69 -21.43
C PRO V 140 -45.69 -32.49 -20.12
N ASN V 141 -46.59 -31.50 -20.12
CA ASN V 141 -47.52 -31.28 -19.02
C ASN V 141 -48.86 -31.96 -19.26
N THR V 142 -48.97 -32.76 -20.32
CA THR V 142 -50.21 -33.46 -20.62
C THR V 142 -50.61 -34.39 -19.48
N LEU V 143 -51.89 -34.39 -19.16
CA LEU V 143 -52.41 -35.22 -18.09
C LEU V 143 -52.27 -36.70 -18.45
N MET V 144 -51.89 -37.50 -17.46
CA MET V 144 -51.71 -38.94 -17.60
C MET V 144 -53.08 -39.62 -17.62
N ALA V 145 -53.30 -40.46 -18.63
CA ALA V 145 -54.56 -41.17 -18.78
C ALA V 145 -54.68 -42.19 -17.65
N ALA V 146 -55.88 -42.71 -17.42
CA ALA V 146 -56.14 -43.66 -16.34
C ALA V 146 -56.00 -45.09 -16.87
N LYS V 147 -55.44 -45.95 -16.03
CA LYS V 147 -55.26 -47.37 -16.35
C LYS V 147 -56.20 -48.20 -15.48
N SER V 148 -57.00 -49.04 -16.10
CA SER V 148 -57.86 -49.95 -15.36
C SER V 148 -57.02 -51.03 -14.69
N THR V 149 -57.49 -51.49 -13.53
CA THR V 149 -56.79 -52.55 -12.81
C THR V 149 -56.89 -53.87 -13.58
N THR V 150 -55.73 -54.44 -13.91
CA THR V 150 -55.68 -55.72 -14.62
C THR V 150 -55.05 -56.85 -13.82
N THR V 151 -54.13 -56.55 -12.90
CA THR V 151 -53.54 -57.56 -12.04
C THR V 151 -53.58 -57.05 -10.60
N ALA V 152 -53.97 -57.93 -9.68
CA ALA V 152 -54.00 -57.58 -8.27
C ALA V 152 -53.46 -58.77 -7.47
N SER V 153 -52.81 -58.47 -6.36
CA SER V 153 -52.22 -59.49 -5.50
C SER V 153 -52.46 -59.13 -4.04
N MET V 154 -52.60 -60.16 -3.22
CA MET V 154 -52.79 -59.98 -1.78
C MET V 154 -52.12 -61.13 -1.04
N GLN V 155 -51.11 -60.81 -0.25
CA GLN V 155 -50.48 -61.78 0.64
C GLN V 155 -51.06 -61.59 2.04
N ILE V 156 -51.72 -62.62 2.55
CA ILE V 156 -52.37 -62.59 3.85
C ILE V 156 -51.94 -63.81 4.65
N ASN V 157 -51.73 -63.62 5.95
CA ASN V 157 -51.41 -64.71 6.86
C ASN V 157 -52.69 -65.09 7.62
N LEU V 158 -53.09 -66.35 7.49
CA LEU V 158 -54.30 -66.85 8.13
C LEU V 158 -53.93 -67.64 9.38
N ASN V 159 -54.78 -67.52 10.40
CA ASN V 159 -54.58 -68.26 11.64
C ASN V 159 -55.18 -69.65 11.50
N SER V 160 -54.37 -70.68 11.74
CA SER V 160 -54.82 -72.06 11.56
C SER V 160 -55.92 -72.41 12.57
N THR V 161 -55.80 -71.97 13.81
CA THR V 161 -56.73 -72.36 14.86
C THR V 161 -57.93 -71.42 14.97
N ASP V 162 -58.27 -70.70 13.91
CA ASP V 162 -59.44 -69.84 13.97
C ASP V 162 -60.72 -70.69 13.96
N PRO V 163 -61.66 -70.44 14.86
CA PRO V 163 -62.87 -71.25 14.91
C PRO V 163 -63.75 -71.07 13.68
N VAL V 164 -64.51 -72.11 13.37
CA VAL V 164 -65.48 -72.12 12.28
C VAL V 164 -66.62 -71.16 12.66
N PRO V 165 -67.13 -70.36 11.72
CA PRO V 165 -68.21 -69.42 12.08
C PRO V 165 -69.44 -70.13 12.60
N SER V 166 -70.09 -69.51 13.59
CA SER V 166 -71.36 -70.02 14.09
C SER V 166 -72.50 -69.72 13.13
N LYS V 167 -72.50 -68.52 12.54
CA LYS V 167 -73.62 -68.07 11.71
C LYS V 167 -73.45 -68.41 10.23
N THR V 168 -73.60 -69.68 9.87
CA THR V 168 -73.74 -70.04 8.47
C THR V 168 -75.17 -69.76 8.00
N PRO V 169 -75.36 -69.37 6.74
CA PRO V 169 -74.34 -69.17 5.68
C PRO V 169 -73.66 -67.82 5.75
N PHE V 170 -72.65 -67.60 4.90
CA PHE V 170 -71.94 -66.33 4.89
C PHE V 170 -72.81 -65.22 4.33
N SER V 171 -72.84 -64.08 5.02
CA SER V 171 -73.56 -62.90 4.57
C SER V 171 -72.75 -61.67 4.98
N VAL V 172 -72.75 -60.66 4.11
CA VAL V 172 -72.01 -59.43 4.39
C VAL V 172 -72.64 -58.67 5.55
N SER V 173 -73.97 -58.72 5.67
CA SER V 173 -74.69 -57.89 6.62
C SER V 173 -74.27 -58.17 8.06
N ASP V 174 -74.14 -59.44 8.41
CA ASP V 174 -73.76 -59.83 9.77
C ASP V 174 -72.26 -60.05 9.83
N ALA V 175 -71.63 -59.46 10.85
CA ALA V 175 -70.17 -59.52 10.96
C ALA V 175 -69.68 -60.91 11.34
N ASP V 176 -70.44 -61.63 12.17
CA ASP V 176 -70.01 -62.92 12.68
C ASP V 176 -70.01 -64.00 11.60
N SER V 177 -70.55 -63.69 10.43
CA SER V 177 -70.67 -64.65 9.34
C SER V 177 -69.36 -64.93 8.64
N TYR V 178 -68.29 -64.20 8.95
CA TYR V 178 -67.01 -64.38 8.28
C TYR V 178 -65.89 -64.30 9.31
N ASN V 179 -64.73 -64.86 8.95
CA ASN V 179 -63.55 -64.78 9.79
C ASN V 179 -62.72 -63.53 9.55
N LYS V 180 -62.43 -63.20 8.29
CA LYS V 180 -61.59 -62.04 8.02
C LYS V 180 -62.18 -61.22 6.89
N LYS V 181 -62.05 -59.91 6.99
CA LYS V 181 -62.48 -58.98 5.95
C LYS V 181 -61.34 -58.05 5.57
N GLY V 182 -61.09 -57.93 4.27
CA GLY V 182 -60.07 -57.04 3.78
C GLY V 182 -60.60 -56.20 2.63
N THR V 183 -59.90 -55.10 2.37
CA THR V 183 -60.32 -54.14 1.36
C THR V 183 -59.17 -53.87 0.40
N VAL V 184 -59.45 -53.98 -0.89
CA VAL V 184 -58.50 -53.65 -1.94
C VAL V 184 -59.18 -52.70 -2.92
N THR V 185 -58.51 -51.60 -3.24
CA THR V 185 -59.09 -50.59 -4.11
C THR V 185 -58.65 -50.86 -5.56
N VAL V 186 -59.62 -51.06 -6.45
CA VAL V 186 -59.36 -51.27 -7.86
C VAL V 186 -59.94 -50.11 -8.65
N TYR V 187 -59.48 -49.97 -9.88
CA TYR V 187 -59.88 -48.86 -10.75
C TYR V 187 -60.31 -49.39 -12.11
N ASP V 188 -61.38 -48.82 -12.64
CA ASP V 188 -61.86 -49.14 -13.97
C ASP V 188 -61.14 -48.28 -15.01
N SER V 189 -61.60 -48.33 -16.26
CA SER V 189 -60.95 -47.58 -17.32
C SER V 189 -61.07 -46.07 -17.14
N GLN V 190 -62.08 -45.62 -16.40
CA GLN V 190 -62.29 -44.19 -16.18
C GLN V 190 -61.67 -43.70 -14.88
N GLY V 191 -60.97 -44.55 -14.14
CA GLY V 191 -60.34 -44.12 -12.91
C GLY V 191 -61.24 -44.17 -11.69
N ASN V 192 -62.47 -44.64 -11.83
CA ASN V 192 -63.38 -44.75 -10.70
C ASN V 192 -62.85 -45.78 -9.71
N ALA V 193 -63.03 -45.49 -8.42
CA ALA V 193 -62.51 -46.34 -7.36
C ALA V 193 -63.59 -47.30 -6.87
N HIS V 194 -63.27 -48.59 -6.91
CA HIS V 194 -64.14 -49.65 -6.41
C HIS V 194 -63.43 -50.29 -5.22
N ASP V 195 -64.08 -50.29 -4.07
CA ASP V 195 -63.50 -50.82 -2.84
C ASP V 195 -63.90 -52.29 -2.70
N MET V 196 -63.17 -53.16 -3.40
CA MET V 196 -63.44 -54.60 -3.34
C MET V 196 -63.24 -55.09 -1.92
N ASN V 197 -64.26 -55.78 -1.39
CA ASN V 197 -64.16 -56.42 -0.09
C ASN V 197 -63.97 -57.91 -0.29
N VAL V 198 -62.94 -58.47 0.34
CA VAL V 198 -62.63 -59.89 0.27
C VAL V 198 -62.88 -60.49 1.64
N TYR V 199 -63.61 -61.59 1.68
CA TYR V 199 -64.03 -62.24 2.92
C TYR V 199 -63.45 -63.65 2.98
N PHE V 200 -62.80 -63.95 4.09
CA PHE V 200 -62.20 -65.25 4.35
C PHE V 200 -63.05 -65.97 5.39
N VAL V 201 -63.57 -67.14 5.03
CA VAL V 201 -64.41 -67.95 5.90
C VAL V 201 -63.84 -69.36 5.91
N LYS V 202 -63.41 -69.83 7.07
CA LYS V 202 -62.87 -71.17 7.18
C LYS V 202 -63.98 -72.20 7.02
N THR V 203 -63.76 -73.18 6.14
CA THR V 203 -64.73 -74.26 5.95
C THR V 203 -64.36 -75.52 6.72
N LYS V 204 -63.13 -75.99 6.57
CA LYS V 204 -62.61 -77.12 7.33
C LYS V 204 -61.09 -76.93 7.43
N ASP V 205 -60.42 -77.90 8.04
CA ASP V 205 -58.97 -77.80 8.24
C ASP V 205 -58.26 -77.50 6.93
N ASN V 206 -57.56 -76.36 6.90
CA ASN V 206 -56.74 -75.90 5.78
C ASN V 206 -57.54 -75.56 4.53
N GLU V 207 -58.77 -75.11 4.67
CA GLU V 207 -59.58 -74.64 3.55
C GLU V 207 -60.32 -73.37 3.94
N TRP V 208 -60.09 -72.29 3.19
CA TRP V 208 -60.70 -70.99 3.45
C TRP V 208 -61.43 -70.53 2.19
N ALA V 209 -62.76 -70.51 2.24
CA ALA V 209 -63.53 -69.93 1.15
C ALA V 209 -63.32 -68.43 1.12
N VAL V 210 -63.11 -67.89 -0.08
CA VAL V 210 -62.84 -66.48 -0.29
C VAL V 210 -63.95 -65.92 -1.16
N TYR V 211 -64.65 -64.91 -0.64
CA TYR V 211 -65.73 -64.23 -1.32
C TYR V 211 -65.30 -62.82 -1.70
N THR V 212 -65.86 -62.31 -2.79
CA THR V 212 -65.59 -60.95 -3.26
C THR V 212 -66.89 -60.18 -3.37
N HIS V 213 -66.84 -58.90 -3.02
CA HIS V 213 -68.03 -58.06 -3.07
C HIS V 213 -67.63 -56.65 -3.48
N ASP V 214 -68.38 -56.05 -4.41
CA ASP V 214 -68.10 -54.70 -4.86
C ASP V 214 -68.90 -53.72 -4.00
N SER V 215 -68.25 -53.13 -3.00
CA SER V 215 -68.92 -52.20 -2.10
C SER V 215 -69.23 -50.86 -2.76
N SER V 216 -68.42 -50.42 -3.72
CA SER V 216 -68.64 -49.14 -4.38
C SER V 216 -69.80 -49.17 -5.37
N ASP V 217 -70.09 -50.32 -5.96
CA ASP V 217 -71.19 -50.43 -6.91
C ASP V 217 -72.51 -50.47 -6.14
N PRO V 218 -73.39 -49.48 -6.34
CA PRO V 218 -74.64 -49.45 -5.57
C PRO V 218 -75.58 -50.60 -5.87
N ALA V 219 -75.45 -51.27 -7.02
CA ALA V 219 -76.33 -52.37 -7.39
C ALA V 219 -75.66 -53.74 -7.26
N ALA V 220 -74.56 -53.82 -6.53
CA ALA V 220 -73.86 -55.09 -6.39
C ALA V 220 -74.66 -56.05 -5.53
N THR V 221 -74.65 -57.32 -5.92
CA THR V 221 -75.32 -58.37 -5.16
C THR V 221 -74.36 -59.02 -4.18
N ALA V 222 -74.87 -59.35 -3.00
CA ALA V 222 -74.06 -60.04 -2.00
C ALA V 222 -73.71 -61.44 -2.50
N PRO V 223 -72.44 -61.85 -2.43
CA PRO V 223 -72.04 -63.16 -2.99
C PRO V 223 -72.65 -64.29 -2.18
N THR V 224 -73.31 -65.22 -2.88
CA THR V 224 -73.87 -66.41 -2.25
C THR V 224 -73.01 -67.65 -2.48
N THR V 225 -72.07 -67.60 -3.41
CA THR V 225 -71.12 -68.68 -3.64
C THR V 225 -69.70 -68.11 -3.59
N ALA V 226 -68.77 -68.91 -3.10
CA ALA V 226 -67.40 -68.44 -2.92
C ALA V 226 -66.77 -68.10 -4.26
N SER V 227 -66.09 -66.96 -4.31
CA SER V 227 -65.31 -66.61 -5.50
C SER V 227 -64.20 -67.61 -5.73
N THR V 228 -63.53 -68.04 -4.66
CA THR V 228 -62.54 -69.11 -4.75
C THR V 228 -62.44 -69.80 -3.40
N THR V 229 -61.50 -70.74 -3.31
CA THR V 229 -61.26 -71.47 -2.07
C THR V 229 -59.76 -71.72 -1.95
N LEU V 230 -59.13 -71.06 -0.99
CA LEU V 230 -57.71 -71.24 -0.74
C LEU V 230 -57.48 -72.55 0.02
N LYS V 231 -56.61 -73.39 -0.53
CA LYS V 231 -56.25 -74.66 0.06
C LYS V 231 -54.79 -74.61 0.48
N PHE V 232 -54.56 -74.67 1.80
CA PHE V 232 -53.21 -74.69 2.35
C PHE V 232 -52.80 -76.13 2.62
N ASN V 233 -51.51 -76.41 2.43
CA ASN V 233 -51.04 -77.79 2.47
C ASN V 233 -50.99 -78.31 3.90
N GLU V 234 -50.46 -79.52 4.05
CA GLU V 234 -50.34 -80.15 5.36
C GLU V 234 -49.38 -79.41 6.28
N ASN V 235 -48.46 -78.62 5.71
CA ASN V 235 -47.56 -77.78 6.49
C ASN V 235 -48.00 -76.32 6.57
N GLY V 236 -49.20 -76.01 6.10
CA GLY V 236 -49.73 -74.66 6.18
C GLY V 236 -49.29 -73.71 5.09
N ILE V 237 -48.57 -74.18 4.09
CA ILE V 237 -48.23 -73.38 2.91
C ILE V 237 -49.34 -73.53 1.90
N LEU V 238 -49.56 -72.49 1.09
CA LEU V 238 -50.61 -72.53 0.08
C LEU V 238 -50.33 -73.66 -0.92
N GLU V 239 -51.36 -74.48 -1.18
CA GLU V 239 -51.25 -75.62 -2.07
C GLU V 239 -51.74 -75.34 -3.48
N SER V 240 -53.00 -74.94 -3.64
CA SER V 240 -53.58 -74.74 -4.96
C SER V 240 -54.74 -73.76 -4.85
N GLY V 241 -55.13 -73.20 -6.00
CA GLY V 241 -56.26 -72.31 -6.08
C GLY V 241 -55.99 -70.89 -5.62
N GLY V 242 -54.75 -70.39 -5.75
CA GLY V 242 -54.42 -69.07 -5.27
C GLY V 242 -54.76 -67.92 -6.21
N THR V 243 -55.29 -68.20 -7.40
CA THR V 243 -55.58 -67.16 -8.37
C THR V 243 -57.03 -67.28 -8.82
N VAL V 244 -57.68 -66.13 -9.04
CA VAL V 244 -59.05 -66.11 -9.52
C VAL V 244 -59.29 -64.81 -10.27
N ASN V 245 -60.07 -64.88 -11.34
CA ASN V 245 -60.40 -63.68 -12.11
C ASN V 245 -61.66 -63.03 -11.55
N ILE V 246 -61.59 -61.73 -11.30
CA ILE V 246 -62.70 -60.97 -10.72
C ILE V 246 -63.03 -59.81 -11.64
N THR V 247 -64.32 -59.60 -11.88
CA THR V 247 -64.81 -58.50 -12.71
C THR V 247 -65.57 -57.53 -11.84
N THR V 248 -65.21 -56.26 -11.90
CA THR V 248 -65.88 -55.24 -11.11
C THR V 248 -67.20 -54.84 -11.76
N GLY V 249 -68.04 -54.17 -10.97
CA GLY V 249 -69.27 -53.62 -11.50
C GLY V 249 -69.01 -52.36 -12.31
N THR V 250 -70.09 -51.83 -12.87
CA THR V 250 -70.01 -50.64 -13.72
C THR V 250 -70.46 -49.44 -12.88
N ILE V 251 -69.64 -48.38 -12.93
CA ILE V 251 -69.95 -47.13 -12.24
C ILE V 251 -69.79 -46.00 -13.25
N ASN V 252 -70.82 -45.14 -13.36
CA ASN V 252 -70.81 -44.00 -14.26
C ASN V 252 -70.58 -44.42 -15.71
N GLY V 253 -71.04 -45.61 -16.07
CA GLY V 253 -70.99 -46.06 -17.45
C GLY V 253 -69.63 -46.55 -17.91
N ALA V 254 -68.64 -46.63 -17.03
CA ALA V 254 -67.33 -47.11 -17.42
C ALA V 254 -67.35 -48.61 -17.71
N THR V 255 -66.44 -49.04 -18.57
CA THR V 255 -66.34 -50.45 -18.93
C THR V 255 -65.94 -51.27 -17.71
N ALA V 256 -66.36 -52.54 -17.69
CA ALA V 256 -66.07 -53.40 -16.56
C ALA V 256 -64.57 -53.69 -16.48
N ALA V 257 -64.05 -53.66 -15.26
CA ALA V 257 -62.65 -53.97 -15.03
C ALA V 257 -62.50 -55.44 -14.64
N THR V 258 -61.79 -56.20 -15.47
CA THR V 258 -61.53 -57.61 -15.22
C THR V 258 -60.07 -57.76 -14.86
N PHE V 259 -59.79 -58.30 -13.67
CA PHE V 259 -58.43 -58.41 -13.19
C PHE V 259 -58.23 -59.77 -12.53
N SER V 260 -57.00 -60.27 -12.63
CA SER V 260 -56.62 -61.52 -11.98
C SER V 260 -56.12 -61.20 -10.58
N LEU V 261 -56.83 -61.67 -9.56
CA LEU V 261 -56.45 -61.48 -8.17
C LEU V 261 -55.78 -62.75 -7.68
N SER V 262 -54.54 -62.60 -7.18
CA SER V 262 -53.70 -63.72 -6.80
C SER V 262 -53.36 -63.64 -5.31
N PHE V 263 -53.51 -64.77 -4.62
CA PHE V 263 -53.19 -64.88 -3.20
C PHE V 263 -51.89 -65.66 -2.97
N LEU V 264 -50.93 -65.56 -3.89
CA LEU V 264 -49.71 -66.33 -3.78
C LEU V 264 -48.89 -65.91 -2.57
N ASN V 265 -48.05 -66.83 -2.09
CA ASN V 265 -47.16 -66.66 -0.95
C ASN V 265 -47.92 -66.53 0.37
N SER V 266 -49.24 -66.73 0.35
CA SER V 266 -50.01 -66.71 1.58
C SER V 266 -49.69 -67.94 2.42
N MET V 267 -49.65 -67.74 3.74
CA MET V 267 -49.34 -68.82 4.66
C MET V 267 -50.43 -68.88 5.73
N GLN V 268 -50.86 -70.10 6.03
CA GLN V 268 -51.85 -70.36 7.08
C GLN V 268 -51.09 -71.08 8.18
N GLN V 269 -50.55 -70.32 9.14
CA GLN V 269 -49.68 -70.92 10.12
C GLN V 269 -50.23 -70.54 11.49
N ASN V 270 -49.49 -70.80 12.57
CA ASN V 270 -49.94 -70.49 13.92
C ASN V 270 -49.67 -69.04 14.29
N THR V 271 -50.24 -68.09 13.54
CA THR V 271 -50.15 -66.69 13.90
C THR V 271 -51.09 -66.37 15.05
N GLY V 272 -50.90 -65.20 15.66
CA GLY V 272 -51.77 -64.75 16.74
C GLY V 272 -53.20 -64.52 16.29
N ALA V 273 -53.37 -64.00 15.07
CA ALA V 273 -54.69 -63.74 14.52
C ALA V 273 -54.60 -63.59 13.00
N ASN V 274 -55.68 -63.15 12.37
CA ASN V 274 -55.70 -62.95 10.93
C ASN V 274 -55.07 -61.60 10.59
N ASN V 275 -53.99 -61.62 9.81
CA ASN V 275 -53.28 -60.41 9.44
C ASN V 275 -52.97 -60.43 7.96
N ILE V 276 -53.15 -59.29 7.30
CA ILE V 276 -52.82 -59.14 5.90
C ILE V 276 -51.41 -58.59 5.79
N VAL V 277 -50.54 -59.30 5.06
CA VAL V 277 -49.15 -58.88 4.95
C VAL V 277 -49.00 -57.74 3.93
N ALA V 278 -49.58 -57.89 2.74
CA ALA V 278 -49.43 -56.87 1.71
C ALA V 278 -50.56 -56.97 0.70
N THR V 279 -50.85 -55.85 0.05
CA THR V 279 -51.80 -55.78 -1.05
C THR V 279 -51.21 -54.93 -2.16
N ASN V 280 -51.65 -55.19 -3.39
CA ASN V 280 -51.15 -54.44 -4.54
C ASN V 280 -52.13 -54.59 -5.70
N GLN V 281 -52.20 -53.53 -6.51
CA GLN V 281 -53.00 -53.54 -7.73
C GLN V 281 -52.28 -52.71 -8.79
N ASN V 282 -52.61 -52.97 -10.04
CA ASN V 282 -51.88 -52.42 -11.18
C ASN V 282 -52.48 -51.12 -11.71
N GLY V 283 -53.78 -50.88 -11.50
CA GLY V 283 -54.42 -49.73 -12.10
C GLY V 283 -54.24 -48.46 -11.29
N TYR V 284 -54.40 -47.33 -11.98
CA TYR V 284 -54.25 -46.03 -11.33
C TYR V 284 -55.34 -45.10 -11.86
N LYS V 285 -55.39 -43.90 -11.30
CA LYS V 285 -56.39 -42.89 -11.58
C LYS V 285 -55.74 -41.67 -12.25
N PRO V 286 -56.53 -40.82 -12.92
CA PRO V 286 -55.93 -39.67 -13.63
C PRO V 286 -55.13 -38.75 -12.72
N GLY V 287 -54.03 -38.22 -13.23
CA GLY V 287 -53.20 -37.31 -12.48
C GLY V 287 -52.47 -36.35 -13.39
N ASP V 288 -52.18 -35.17 -12.86
CA ASP V 288 -51.48 -34.13 -13.58
C ASP V 288 -50.03 -34.04 -13.11
N LEU V 289 -49.21 -33.37 -13.92
CA LEU V 289 -47.80 -33.24 -13.62
C LEU V 289 -47.62 -32.43 -12.33
N VAL V 290 -46.96 -33.03 -11.35
CA VAL V 290 -46.68 -32.40 -10.07
C VAL V 290 -45.22 -31.97 -9.97
N SER V 291 -44.29 -32.85 -10.34
CA SER V 291 -42.87 -32.52 -10.28
C SER V 291 -42.13 -33.30 -11.34
N TYR V 292 -40.89 -32.88 -11.60
CA TYR V 292 -40.00 -33.59 -12.49
C TYR V 292 -38.60 -33.58 -11.90
N GLN V 293 -37.82 -34.60 -12.23
CA GLN V 293 -36.48 -34.74 -11.70
C GLN V 293 -35.61 -35.53 -12.66
N ILE V 294 -34.30 -35.43 -12.47
CA ILE V 294 -33.32 -36.19 -13.22
C ILE V 294 -32.56 -37.08 -12.24
N ASN V 295 -32.62 -38.38 -12.46
CA ASN V 295 -31.93 -39.31 -11.57
C ASN V 295 -30.46 -39.42 -11.95
N ASN V 296 -29.68 -40.01 -11.05
CA ASN V 296 -28.25 -40.14 -11.25
C ASN V 296 -27.88 -41.06 -12.40
N ASP V 297 -28.81 -41.86 -12.90
CA ASP V 297 -28.58 -42.70 -14.06
C ASP V 297 -28.97 -42.02 -15.37
N GLY V 298 -29.35 -40.75 -15.33
CA GLY V 298 -29.73 -40.01 -16.51
C GLY V 298 -31.20 -40.05 -16.85
N THR V 299 -32.00 -40.84 -16.14
CA THR V 299 -33.42 -40.95 -16.45
C THR V 299 -34.17 -39.71 -15.97
N VAL V 300 -34.96 -39.12 -16.85
CA VAL V 300 -35.86 -38.03 -16.50
C VAL V 300 -37.17 -38.65 -16.06
N VAL V 301 -37.61 -38.32 -14.85
CA VAL V 301 -38.80 -38.94 -14.26
C VAL V 301 -39.76 -37.84 -13.83
N GLY V 302 -41.01 -37.96 -14.26
CA GLY V 302 -42.07 -37.06 -13.85
C GLY V 302 -42.99 -37.73 -12.84
N ASN V 303 -43.16 -37.07 -11.70
CA ASN V 303 -44.04 -37.54 -10.64
C ASN V 303 -45.36 -36.80 -10.73
N TYR V 304 -46.45 -37.55 -10.85
CA TYR V 304 -47.78 -37.00 -11.02
C TYR V 304 -48.55 -37.09 -9.70
N SER V 305 -49.81 -36.64 -9.73
CA SER V 305 -50.64 -36.59 -8.53
C SER V 305 -51.30 -37.92 -8.19
N ASN V 306 -51.11 -38.95 -9.03
CA ASN V 306 -51.65 -40.27 -8.71
C ASN V 306 -50.58 -41.19 -8.13
N GLU V 307 -49.62 -40.59 -7.41
CA GLU V 307 -48.59 -41.30 -6.65
C GLU V 307 -47.88 -42.38 -7.49
N GLN V 308 -47.84 -42.18 -8.80
CA GLN V 308 -47.07 -43.06 -9.68
C GLN V 308 -46.46 -42.24 -10.80
N GLU V 309 -45.23 -42.58 -11.16
CA GLU V 309 -44.38 -41.75 -12.00
C GLU V 309 -44.30 -42.29 -13.42
N GLN V 310 -43.86 -41.43 -14.34
CA GLN V 310 -43.58 -41.81 -15.71
C GLN V 310 -42.16 -41.42 -16.10
N VAL V 311 -41.46 -42.35 -16.75
CA VAL V 311 -40.15 -42.02 -17.31
C VAL V 311 -40.35 -41.32 -18.65
N LEU V 312 -39.75 -40.13 -18.80
CA LEU V 312 -39.89 -39.35 -20.01
C LEU V 312 -38.69 -39.47 -20.94
N GLY V 313 -37.57 -39.97 -20.44
CA GLY V 313 -36.39 -40.15 -21.27
C GLY V 313 -35.19 -40.50 -20.42
N GLN V 314 -34.07 -40.70 -21.09
CA GLN V 314 -32.80 -40.98 -20.43
C GLN V 314 -31.69 -40.23 -21.16
N ILE V 315 -30.96 -39.40 -20.43
CA ILE V 315 -29.88 -38.63 -21.03
C ILE V 315 -28.82 -39.57 -21.56
N VAL V 316 -28.43 -39.37 -22.82
CA VAL V 316 -27.44 -40.21 -23.48
C VAL V 316 -26.11 -39.49 -23.50
N LEU V 317 -25.04 -40.23 -23.21
CA LEU V 317 -23.69 -39.68 -23.20
C LEU V 317 -22.91 -40.18 -24.41
N ALA V 318 -21.93 -39.38 -24.82
CA ALA V 318 -21.12 -39.67 -26.00
C ALA V 318 -19.65 -39.72 -25.61
N ASN V 319 -18.93 -40.68 -26.17
CA ASN V 319 -17.49 -40.83 -25.94
C ASN V 319 -16.76 -40.78 -27.27
N PHE V 320 -15.55 -40.23 -27.24
CA PHE V 320 -14.75 -40.05 -28.43
C PHE V 320 -13.44 -40.82 -28.32
N ALA V 321 -12.97 -41.31 -29.47
CA ALA V 321 -11.66 -41.97 -29.50
C ALA V 321 -10.53 -40.97 -29.28
N ASN V 322 -10.74 -39.71 -29.67
CA ASN V 322 -9.72 -38.67 -29.55
C ASN V 322 -10.42 -37.43 -29.02
N ASN V 323 -10.32 -37.19 -27.71
CA ASN V 323 -10.88 -35.99 -27.12
C ASN V 323 -10.16 -34.74 -27.62
N GLU V 324 -8.83 -34.81 -27.80
CA GLU V 324 -8.06 -33.66 -28.24
C GLU V 324 -8.45 -33.18 -29.63
N GLY V 325 -8.99 -34.07 -30.47
CA GLY V 325 -9.36 -33.69 -31.82
C GLY V 325 -10.71 -33.02 -31.97
N LEU V 326 -11.43 -32.84 -30.87
CA LEU V 326 -12.73 -32.18 -30.93
C LEU V 326 -12.57 -30.73 -31.34
N ALA V 327 -13.48 -30.28 -32.21
CA ALA V 327 -13.47 -28.90 -32.67
C ALA V 327 -14.35 -28.06 -31.75
N SER V 328 -13.72 -27.12 -31.04
CA SER V 328 -14.47 -26.25 -30.14
C SER V 328 -15.25 -25.22 -30.95
N GLN V 329 -16.57 -25.28 -30.84
CA GLN V 329 -17.47 -24.43 -31.63
C GLN V 329 -17.90 -23.17 -30.90
N GLY V 330 -17.40 -22.95 -29.68
CA GLY V 330 -17.83 -21.81 -28.89
C GLY V 330 -19.09 -22.13 -28.10
N ASP V 331 -19.40 -21.23 -27.16
CA ASP V 331 -20.53 -21.41 -26.25
C ASP V 331 -20.44 -22.75 -25.51
N ASN V 332 -19.23 -23.05 -25.00
CA ASN V 332 -18.89 -24.34 -24.38
C ASN V 332 -19.56 -25.51 -25.09
N VAL V 333 -19.34 -25.61 -26.40
CA VAL V 333 -19.92 -26.64 -27.24
C VAL V 333 -18.87 -27.15 -28.20
N TRP V 334 -18.74 -28.49 -28.28
CA TRP V 334 -17.82 -29.14 -29.20
C TRP V 334 -18.61 -29.80 -30.32
N ALA V 335 -17.99 -29.92 -31.48
CA ALA V 335 -18.58 -30.58 -32.63
C ALA V 335 -17.72 -31.77 -33.05
N ALA V 336 -18.38 -32.83 -33.52
CA ALA V 336 -17.65 -34.01 -33.96
C ALA V 336 -16.78 -33.67 -35.17
N THR V 337 -15.63 -34.33 -35.27
CA THR V 337 -14.76 -34.10 -36.45
C THR V 337 -14.36 -35.46 -37.04
N GLN V 338 -13.45 -35.46 -38.03
CA GLN V 338 -12.96 -36.73 -38.59
C GLN V 338 -11.66 -37.08 -37.88
N ALA V 339 -11.09 -36.13 -37.13
CA ALA V 339 -9.89 -36.43 -36.32
C ALA V 339 -10.37 -36.88 -34.94
N SER V 340 -11.61 -36.54 -34.61
CA SER V 340 -12.15 -37.06 -33.36
C SER V 340 -13.06 -38.26 -33.57
N GLY V 341 -13.70 -38.36 -34.74
CA GLY V 341 -14.40 -39.57 -35.11
C GLY V 341 -15.83 -39.64 -34.61
N VAL V 342 -16.44 -40.79 -34.89
CA VAL V 342 -17.82 -41.02 -34.50
C VAL V 342 -17.90 -41.30 -33.01
N ALA V 343 -18.76 -40.56 -32.33
CA ALA V 343 -18.92 -40.70 -30.89
C ALA V 343 -19.75 -41.94 -30.57
N LEU V 344 -19.20 -42.83 -29.73
CA LEU V 344 -19.93 -43.98 -29.24
C LEU V 344 -20.96 -43.51 -28.23
N LEU V 345 -22.22 -43.91 -28.42
CA LEU V 345 -23.31 -43.47 -27.56
C LEU V 345 -23.57 -44.52 -26.49
N GLY V 346 -23.92 -44.04 -25.30
CA GLY V 346 -24.18 -44.94 -24.21
C GLY V 346 -24.95 -44.26 -23.10
N THR V 347 -25.12 -44.99 -22.01
CA THR V 347 -25.87 -44.52 -20.85
C THR V 347 -24.91 -44.15 -19.73
N ALA V 348 -25.31 -43.16 -18.94
CA ALA V 348 -24.45 -42.68 -17.86
C ALA V 348 -24.27 -43.76 -16.79
N GLY V 349 -23.03 -43.90 -16.34
CA GLY V 349 -22.71 -44.87 -15.31
C GLY V 349 -22.62 -46.30 -15.77
N SER V 350 -22.69 -46.56 -17.07
CA SER V 350 -22.63 -47.90 -17.62
C SER V 350 -21.52 -47.99 -18.65
N GLY V 351 -20.71 -49.04 -18.53
CA GLY V 351 -19.63 -49.25 -19.49
C GLY V 351 -18.51 -48.25 -19.26
N ASN V 352 -18.17 -47.50 -20.31
CA ASN V 352 -17.06 -46.56 -20.28
C ASN V 352 -17.54 -45.11 -20.17
N PHE V 353 -18.54 -44.86 -19.33
CA PHE V 353 -19.10 -43.53 -19.15
C PHE V 353 -19.17 -43.21 -17.66
N GLY V 354 -18.96 -41.94 -17.32
CA GLY V 354 -18.94 -41.51 -15.95
C GLY V 354 -20.32 -41.35 -15.35
N LYS V 355 -20.34 -41.17 -14.03
CA LYS V 355 -21.57 -41.04 -13.27
C LYS V 355 -22.09 -39.59 -13.33
N LEU V 356 -23.38 -39.45 -13.06
CA LEU V 356 -24.00 -38.13 -12.99
C LEU V 356 -24.26 -37.73 -11.55
N THR V 357 -24.01 -36.46 -11.25
CA THR V 357 -24.37 -35.87 -9.97
C THR V 357 -25.44 -34.80 -10.22
N ASN V 358 -26.59 -34.94 -9.59
CA ASN V 358 -27.67 -33.98 -9.76
C ASN V 358 -27.51 -32.81 -8.80
N GLY V 359 -28.03 -31.66 -9.21
CA GLY V 359 -27.93 -30.47 -8.39
C GLY V 359 -26.54 -29.89 -8.30
N ALA V 360 -25.65 -30.26 -9.22
CA ALA V 360 -24.27 -29.80 -9.20
C ALA V 360 -23.82 -29.50 -10.62
N LEU V 361 -22.81 -28.63 -10.72
CA LEU V 361 -22.22 -28.26 -11.99
C LEU V 361 -20.72 -28.49 -11.97
N GLU V 362 -20.16 -28.82 -13.13
CA GLU V 362 -18.73 -29.03 -13.25
C GLU V 362 -18.05 -27.70 -13.53
N ALA V 363 -17.28 -27.21 -12.56
CA ALA V 363 -16.60 -25.94 -12.70
C ALA V 363 -15.40 -26.10 -13.64
N SER V 364 -14.86 -24.97 -14.08
CA SER V 364 -13.70 -24.98 -14.97
C SER V 364 -12.47 -25.44 -14.22
N ASN V 365 -11.46 -25.89 -14.98
CA ASN V 365 -10.23 -26.43 -14.40
C ASN V 365 -9.07 -25.44 -14.51
N VAL V 366 -9.37 -24.15 -14.63
CA VAL V 366 -8.33 -23.13 -14.81
C VAL V 366 -7.88 -22.66 -13.43
N ASP V 367 -6.58 -22.84 -13.14
CA ASP V 367 -6.00 -22.33 -11.88
C ASP V 367 -5.41 -20.96 -12.13
N LEU V 368 -5.99 -19.94 -11.52
CA LEU V 368 -5.53 -18.57 -11.86
C LEU V 368 -4.02 -18.50 -11.61
N SER V 369 -3.50 -19.25 -10.65
CA SER V 369 -2.06 -19.08 -10.31
C SER V 369 -1.17 -19.50 -11.47
N LYS V 370 -1.37 -20.73 -11.94
CA LYS V 370 -0.53 -21.22 -13.06
C LYS V 370 -0.80 -20.30 -14.24
N GLU V 371 -2.05 -19.86 -14.44
CA GLU V 371 -2.27 -19.06 -15.66
C GLU V 371 -1.53 -17.72 -15.56
N LEU V 372 -1.48 -17.10 -14.38
CA LEU V 372 -0.80 -15.79 -14.14
C LEU V 372 0.71 -15.94 -14.20
N VAL V 373 1.25 -17.12 -13.91
CA VAL V 373 2.73 -17.23 -14.16
C VAL V 373 2.96 -17.39 -15.68
N ASN V 374 2.60 -18.49 -16.33
CA ASN V 374 2.81 -18.72 -17.75
C ASN V 374 2.71 -17.43 -18.55
N MET V 375 1.83 -16.51 -18.13
CA MET V 375 1.76 -15.21 -18.77
C MET V 375 3.09 -14.47 -18.64
N ILE V 376 3.68 -14.51 -17.44
CA ILE V 376 4.97 -13.84 -17.23
C ILE V 376 6.03 -14.44 -18.14
N VAL V 377 6.09 -15.77 -18.18
CA VAL V 377 7.13 -16.44 -19.00
C VAL V 377 6.94 -16.11 -20.47
N ALA V 378 5.69 -16.14 -20.95
CA ALA V 378 5.42 -15.86 -22.35
C ALA V 378 5.73 -14.40 -22.70
N GLN V 379 5.45 -13.48 -21.78
CA GLN V 379 5.82 -12.09 -21.99
C GLN V 379 7.32 -11.96 -22.16
N ARG V 380 8.10 -12.65 -21.31
CA ARG V 380 9.55 -12.56 -21.43
C ARG V 380 10.04 -13.15 -22.75
N ASN V 381 9.45 -14.27 -23.18
CA ASN V 381 9.82 -14.85 -24.48
C ASN V 381 9.50 -13.89 -25.62
N TYR V 382 8.32 -13.25 -25.57
CA TYR V 382 7.94 -12.31 -26.61
C TYR V 382 8.91 -11.14 -26.66
N GLN V 383 9.31 -10.62 -25.50
CA GLN V 383 10.26 -9.51 -25.49
C GLN V 383 11.62 -9.93 -26.03
N SER V 384 12.05 -11.16 -25.72
CA SER V 384 13.32 -11.66 -26.26
C SER V 384 13.27 -11.73 -27.78
N ASN V 385 12.16 -12.23 -28.34
CA ASN V 385 12.03 -12.28 -29.78
C ASN V 385 11.99 -10.87 -30.38
N ALA V 386 11.37 -9.93 -29.66
CA ALA V 386 11.37 -8.54 -30.11
C ALA V 386 12.79 -7.98 -30.17
N GLN V 387 13.62 -8.29 -29.18
CA GLN V 387 15.01 -7.85 -29.21
C GLN V 387 15.76 -8.49 -30.38
N THR V 388 15.45 -9.75 -30.69
CA THR V 388 16.04 -10.38 -31.88
C THR V 388 15.67 -9.62 -33.15
N ILE V 389 14.39 -9.25 -33.27
CA ILE V 389 13.94 -8.47 -34.42
C ILE V 389 14.69 -7.15 -34.49
N LYS V 390 14.87 -6.50 -33.33
CA LYS V 390 15.60 -5.24 -33.27
C LYS V 390 17.04 -5.41 -33.74
N THR V 391 17.68 -6.50 -33.33
CA THR V 391 19.06 -6.75 -33.74
C THR V 391 19.14 -6.93 -35.26
N GLN V 392 18.22 -7.69 -35.84
CA GLN V 392 18.22 -7.86 -37.29
C GLN V 392 17.97 -6.53 -38.00
N ASP V 393 17.09 -5.70 -37.45
CA ASP V 393 16.82 -4.39 -38.03
C ASP V 393 18.07 -3.52 -38.03
N GLN V 394 18.80 -3.51 -36.89
CA GLN V 394 20.03 -2.73 -36.82
C GLN V 394 21.08 -3.25 -37.80
N ILE V 395 21.15 -4.57 -37.97
CA ILE V 395 22.11 -5.15 -38.92
C ILE V 395 21.79 -4.68 -40.33
N LEU V 396 20.51 -4.75 -40.72
CA LEU V 396 20.13 -4.31 -42.06
C LEU V 396 20.39 -2.82 -42.24
N ASN V 397 20.14 -2.02 -41.21
CA ASN V 397 20.45 -0.59 -41.27
C ASN V 397 21.93 -0.36 -41.50
N THR V 398 22.78 -1.08 -40.77
CA THR V 398 24.22 -0.93 -40.92
C THR V 398 24.67 -1.31 -42.32
N LEU V 399 24.13 -2.41 -42.86
CA LEU V 399 24.51 -2.83 -44.20
C LEU V 399 24.05 -1.82 -45.26
N VAL V 400 22.83 -1.30 -45.12
CA VAL V 400 22.33 -0.30 -46.07
C VAL V 400 23.16 0.97 -46.00
N ASN V 401 23.62 1.34 -44.80
CA ASN V 401 24.30 2.62 -44.63
C ASN V 401 25.73 2.57 -45.16
N LEU V 402 26.16 1.43 -45.68
CA LEU V 402 27.49 1.31 -46.27
C LEU V 402 27.63 2.22 -47.49
N SER W 2 37.46 -9.44 -24.60
CA SER W 2 37.09 -8.40 -23.66
C SER W 2 35.68 -8.63 -23.13
N PHE W 3 34.84 -9.27 -23.95
CA PHE W 3 33.49 -9.60 -23.51
C PHE W 3 33.49 -10.83 -22.61
N SER W 4 34.59 -11.59 -22.63
CA SER W 4 34.64 -12.87 -21.93
C SER W 4 34.46 -12.70 -20.43
N GLN W 5 35.11 -11.68 -19.86
CA GLN W 5 35.03 -11.48 -18.41
C GLN W 5 33.61 -11.18 -17.97
N ALA W 6 32.94 -10.24 -18.64
CA ALA W 6 31.58 -9.87 -18.27
C ALA W 6 30.62 -11.03 -18.52
N VAL W 7 30.81 -11.75 -19.63
CA VAL W 7 29.94 -12.89 -19.91
C VAL W 7 30.09 -13.96 -18.84
N SER W 8 31.32 -14.26 -18.44
CA SER W 8 31.56 -15.25 -17.40
C SER W 8 30.97 -14.81 -16.07
N GLY W 9 31.09 -13.52 -15.75
CA GLY W 9 30.49 -13.02 -14.53
C GLY W 9 28.98 -13.14 -14.53
N LEU W 10 28.36 -12.81 -15.66
CA LEU W 10 26.91 -12.96 -15.78
C LEU W 10 26.50 -14.42 -15.65
N ASN W 11 27.24 -15.32 -16.27
CA ASN W 11 26.91 -16.74 -16.18
C ASN W 11 27.07 -17.27 -14.76
N ALA W 12 28.11 -16.82 -14.06
CA ALA W 12 28.30 -17.23 -12.67
C ALA W 12 27.18 -16.71 -11.78
N ALA W 13 26.79 -15.46 -11.97
CA ALA W 13 25.68 -14.91 -11.20
C ALA W 13 24.38 -15.67 -11.49
N ALA W 14 24.15 -16.01 -12.76
CA ALA W 14 22.96 -16.79 -13.10
C ALA W 14 22.99 -18.16 -12.45
N THR W 15 24.15 -18.83 -12.46
CA THR W 15 24.26 -20.14 -11.82
C THR W 15 23.98 -20.03 -10.33
N ASN W 16 24.53 -19.00 -9.68
CA ASN W 16 24.29 -18.80 -8.26
C ASN W 16 22.80 -18.58 -7.99
N LEU W 17 22.14 -17.80 -8.84
CA LEU W 17 20.73 -17.51 -8.62
C LEU W 17 19.86 -18.73 -8.86
N ASP W 18 20.21 -19.57 -9.84
CA ASP W 18 19.50 -20.82 -10.02
C ASP W 18 19.70 -21.75 -8.83
N VAL W 19 20.91 -21.78 -8.26
CA VAL W 19 21.14 -22.61 -7.07
C VAL W 19 20.28 -22.10 -5.91
N ILE W 20 20.22 -20.77 -5.74
CA ILE W 20 19.41 -20.20 -4.67
C ILE W 20 17.93 -20.51 -4.88
N GLY W 21 17.46 -20.40 -6.12
CA GLY W 21 16.07 -20.72 -6.41
C GLY W 21 15.74 -22.17 -6.17
N ASN W 22 16.68 -23.07 -6.51
CA ASN W 22 16.48 -24.49 -6.22
C ASN W 22 16.42 -24.73 -4.71
N ASN W 23 17.28 -24.06 -3.94
CA ASN W 23 17.25 -24.21 -2.50
C ASN W 23 15.93 -23.70 -1.92
N ILE W 24 15.42 -22.60 -2.47
CA ILE W 24 14.15 -22.05 -2.00
C ILE W 24 13.00 -22.99 -2.34
N ALA W 25 13.01 -23.57 -3.55
CA ALA W 25 11.92 -24.43 -3.98
C ALA W 25 11.82 -25.69 -3.14
N ASN W 26 12.93 -26.15 -2.58
CA ASN W 26 12.96 -27.35 -1.74
C ASN W 26 12.86 -27.02 -0.26
N SER W 27 12.15 -25.96 0.11
CA SER W 27 12.00 -25.59 1.52
C SER W 27 11.34 -26.71 2.30
N ALA W 28 10.35 -27.35 1.71
CA ALA W 28 9.65 -28.48 2.32
C ALA W 28 9.95 -29.72 1.47
N THR W 29 11.07 -30.37 1.77
CA THR W 29 11.49 -31.59 1.05
C THR W 29 12.39 -32.38 2.00
N TYR W 30 11.83 -33.46 2.54
CA TYR W 30 12.54 -34.28 3.52
C TYR W 30 13.80 -34.88 2.91
N GLY W 31 14.91 -34.80 3.64
CA GLY W 31 16.17 -35.33 3.15
C GLY W 31 16.87 -34.49 2.12
N PHE W 32 16.53 -33.21 1.99
CA PHE W 32 17.16 -32.33 1.03
C PHE W 32 18.36 -31.65 1.68
N LYS W 33 19.45 -31.52 0.92
CA LYS W 33 20.64 -30.82 1.36
C LYS W 33 20.90 -29.64 0.43
N SER W 34 21.06 -28.45 1.01
CA SER W 34 21.21 -27.24 0.22
C SER W 34 22.52 -27.26 -0.57
N GLY W 35 22.57 -26.44 -1.61
CA GLY W 35 23.73 -26.36 -2.48
C GLY W 35 24.35 -24.98 -2.45
N THR W 36 25.67 -24.94 -2.67
CA THR W 36 26.42 -23.69 -2.72
C THR W 36 27.38 -23.73 -3.90
N ALA W 37 27.40 -22.67 -4.68
CA ALA W 37 28.28 -22.60 -5.84
C ALA W 37 29.68 -22.18 -5.43
N SER W 38 30.69 -22.83 -5.99
CA SER W 38 32.08 -22.50 -5.72
C SER W 38 32.68 -21.81 -6.94
N PHE W 39 33.27 -20.64 -6.73
CA PHE W 39 33.79 -19.81 -7.80
C PHE W 39 35.31 -19.74 -7.75
N ALA W 40 35.91 -19.46 -8.90
CA ALA W 40 37.35 -19.31 -9.02
C ALA W 40 37.68 -18.40 -10.20
N ASP W 41 38.75 -17.64 -10.06
CA ASP W 41 39.19 -16.75 -11.13
C ASP W 41 39.89 -17.55 -12.23
N MET W 42 40.11 -16.89 -13.37
CA MET W 42 40.59 -17.54 -14.58
C MET W 42 41.83 -16.83 -15.13
N PHE W 43 42.80 -16.53 -14.25
CA PHE W 43 44.06 -15.96 -14.71
C PHE W 43 44.79 -16.94 -15.62
N ALA W 44 45.38 -16.44 -16.71
CA ALA W 44 46.09 -17.31 -17.64
C ALA W 44 47.15 -16.48 -18.37
N GLY W 45 48.39 -16.59 -17.92
CA GLY W 45 49.50 -15.95 -18.63
C GLY W 45 49.39 -14.45 -18.72
N SER W 46 48.84 -13.81 -17.70
CA SER W 46 48.67 -12.36 -17.66
C SER W 46 48.40 -11.95 -16.22
N LYS W 47 48.12 -10.68 -16.01
CA LYS W 47 47.79 -10.13 -14.68
C LYS W 47 46.51 -9.32 -14.77
N VAL W 48 45.53 -9.81 -15.52
CA VAL W 48 44.27 -9.09 -15.71
C VAL W 48 43.11 -9.91 -15.15
N GLY W 49 42.99 -11.16 -15.59
CA GLY W 49 41.88 -12.00 -15.15
C GLY W 49 40.83 -12.16 -16.23
N LEU W 50 40.65 -13.39 -16.69
CA LEU W 50 39.71 -13.66 -17.78
C LEU W 50 38.27 -13.70 -17.28
N GLY W 51 38.09 -13.72 -15.96
CA GLY W 51 36.76 -13.73 -15.38
C GLY W 51 36.66 -14.73 -14.25
N VAL W 52 35.49 -15.33 -14.13
CA VAL W 52 35.20 -16.29 -13.06
C VAL W 52 34.56 -17.53 -13.67
N LYS W 53 34.93 -18.69 -13.13
CA LYS W 53 34.34 -19.96 -13.52
C LYS W 53 33.78 -20.66 -12.29
N VAL W 54 32.78 -21.51 -12.51
CA VAL W 54 32.17 -22.24 -11.42
C VAL W 54 32.93 -23.55 -11.22
N ALA W 55 33.66 -23.64 -10.11
CA ALA W 55 34.42 -24.85 -9.81
C ALA W 55 33.51 -26.03 -9.55
N GLY W 56 32.31 -25.79 -9.04
CA GLY W 56 31.37 -26.87 -8.78
C GLY W 56 30.25 -26.38 -7.89
N ILE W 57 29.40 -27.33 -7.53
CA ILE W 57 28.29 -27.11 -6.61
C ILE W 57 28.43 -28.09 -5.46
N THR W 58 28.57 -27.56 -4.25
CA THR W 58 28.84 -28.37 -3.06
C THR W 58 27.60 -28.47 -2.20
N GLN W 59 27.29 -29.68 -1.76
CA GLN W 59 26.16 -29.91 -0.87
C GLN W 59 26.54 -29.58 0.57
N ASP W 60 25.54 -29.18 1.33
CA ASP W 60 25.70 -28.85 2.74
C ASP W 60 25.12 -30.04 3.50
N PHE W 61 25.98 -30.96 3.90
CA PHE W 61 25.56 -32.21 4.54
C PHE W 61 25.42 -32.04 6.06
N THR W 62 24.57 -31.10 6.47
CA THR W 62 24.26 -30.94 7.89
C THR W 62 22.89 -31.53 8.17
N ASP W 63 22.77 -32.16 9.34
CA ASP W 63 21.51 -32.82 9.69
C ASP W 63 20.38 -31.80 9.84
N GLY W 64 19.22 -32.13 9.27
CA GLY W 64 18.06 -31.28 9.41
C GLY W 64 17.29 -31.57 10.69
N THR W 65 16.26 -30.78 10.91
CA THR W 65 15.42 -30.97 12.08
C THR W 65 14.62 -32.26 11.97
N THR W 66 14.64 -33.06 13.03
CA THR W 66 13.88 -34.30 13.09
C THR W 66 12.45 -34.01 13.49
N THR W 67 11.51 -34.33 12.61
CA THR W 67 10.10 -34.02 12.80
C THR W 67 9.33 -35.30 13.08
N ASN W 68 8.61 -35.31 14.20
CA ASN W 68 7.78 -36.47 14.54
C ASN W 68 6.55 -36.50 13.64
N THR W 69 6.26 -37.69 13.10
CA THR W 69 5.14 -37.86 12.19
C THR W 69 4.08 -38.84 12.71
N GLY W 70 4.48 -39.84 13.49
CA GLY W 70 3.55 -40.84 13.96
C GLY W 70 3.37 -42.03 13.05
N ARG W 71 4.11 -42.11 11.95
CA ARG W 71 4.06 -43.26 11.05
C ARG W 71 5.18 -44.23 11.42
N GLY W 72 4.84 -45.50 11.60
CA GLY W 72 5.83 -46.49 11.98
C GLY W 72 6.89 -46.77 10.95
N LEU W 73 6.66 -46.44 9.68
CA LEU W 73 7.64 -46.65 8.63
C LEU W 73 8.50 -45.41 8.36
N ASP W 74 8.27 -44.32 9.09
CA ASP W 74 9.08 -43.12 8.93
C ASP W 74 10.27 -43.18 9.88
N VAL W 75 11.47 -43.32 9.34
CA VAL W 75 12.70 -43.38 10.12
C VAL W 75 13.67 -42.34 9.58
N ALA W 76 14.39 -41.68 10.48
CA ALA W 76 15.30 -40.60 10.14
C ALA W 76 16.71 -40.91 10.65
N ILE W 77 17.70 -40.32 10.00
CA ILE W 77 19.10 -40.54 10.36
C ILE W 77 19.58 -39.37 11.22
N SER W 78 19.98 -39.68 12.45
CA SER W 78 20.76 -38.72 13.22
C SER W 78 22.24 -38.90 12.90
N GLN W 79 23.00 -37.81 12.98
CA GLN W 79 24.44 -37.81 12.69
C GLN W 79 24.63 -38.27 11.24
N ASN W 80 25.68 -39.04 10.98
CA ASN W 80 26.02 -39.44 9.62
C ASN W 80 25.38 -40.77 9.27
N GLY W 81 25.23 -41.02 7.98
CA GLY W 81 24.69 -42.27 7.48
C GLY W 81 23.74 -42.03 6.31
N PHE W 82 23.69 -43.00 5.40
CA PHE W 82 22.85 -42.95 4.21
C PHE W 82 22.12 -44.27 4.04
N PHE W 83 20.83 -44.20 3.71
CA PHE W 83 20.10 -45.40 3.34
C PHE W 83 20.55 -45.91 1.98
N ARG W 84 20.63 -47.24 1.86
CA ARG W 84 21.05 -47.89 0.63
C ARG W 84 19.82 -48.47 -0.08
N LEU W 85 19.64 -48.11 -1.35
CA LEU W 85 18.50 -48.53 -2.14
C LEU W 85 18.97 -49.14 -3.45
N VAL W 86 18.12 -49.96 -4.05
CA VAL W 86 18.33 -50.47 -5.40
C VAL W 86 17.03 -50.35 -6.19
N ASP W 87 17.17 -50.05 -7.48
CA ASP W 87 16.03 -49.98 -8.39
C ASP W 87 15.83 -51.35 -9.05
N SER W 88 15.02 -51.37 -10.10
CA SER W 88 14.76 -52.62 -10.81
C SER W 88 16.00 -53.18 -11.49
N ASN W 89 16.92 -52.31 -11.90
CA ASN W 89 18.13 -52.77 -12.64
C ASN W 89 19.26 -53.14 -11.67
N GLY W 90 19.04 -52.95 -10.36
CA GLY W 90 20.04 -53.34 -9.38
C GLY W 90 21.13 -52.33 -9.10
N SER W 91 21.10 -51.17 -9.75
CA SER W 91 22.10 -50.15 -9.45
C SER W 91 21.88 -49.60 -8.05
N VAL W 92 22.98 -49.38 -7.34
CA VAL W 92 22.96 -49.00 -5.93
C VAL W 92 22.88 -47.48 -5.83
N PHE W 93 21.95 -46.99 -5.02
CA PHE W 93 21.74 -45.57 -4.78
C PHE W 93 21.70 -45.34 -3.26
N TYR W 94 21.83 -44.07 -2.87
CA TYR W 94 21.88 -43.71 -1.46
C TYR W 94 21.01 -42.48 -1.22
N SER W 95 20.27 -42.50 -0.11
CA SER W 95 19.31 -41.45 0.17
C SER W 95 19.08 -41.29 1.66
N ARG W 96 18.81 -40.05 2.08
CA ARG W 96 18.48 -39.72 3.46
C ARG W 96 16.98 -39.69 3.73
N ASN W 97 16.15 -39.82 2.71
CA ASN W 97 14.70 -39.74 2.88
C ASN W 97 14.19 -41.05 3.48
N GLY W 98 13.37 -40.96 4.51
CA GLY W 98 12.89 -42.13 5.20
C GLY W 98 11.43 -42.46 4.96
N GLN W 99 10.84 -41.91 3.91
CA GLN W 99 9.45 -42.17 3.57
C GLN W 99 9.37 -43.54 2.91
N PHE W 100 9.29 -44.59 3.73
CA PHE W 100 9.20 -45.96 3.25
C PHE W 100 7.76 -46.44 3.29
N LYS W 101 7.38 -47.19 2.27
CA LYS W 101 6.04 -47.78 2.19
C LYS W 101 6.17 -49.25 1.82
N LEU W 102 5.06 -49.98 1.99
CA LEU W 102 5.03 -51.39 1.67
C LEU W 102 4.53 -51.58 0.24
N ASP W 103 5.28 -52.34 -0.56
CA ASP W 103 4.95 -52.56 -1.95
C ASP W 103 4.11 -53.82 -2.11
N GLU W 104 3.81 -54.17 -3.36
CA GLU W 104 2.98 -55.33 -3.64
C GLU W 104 3.61 -56.62 -3.14
N ASN W 105 4.90 -56.83 -3.41
CA ASN W 105 5.59 -58.03 -2.96
C ASN W 105 6.09 -57.94 -1.54
N ARG W 106 5.55 -57.03 -0.72
CA ARG W 106 5.92 -56.85 0.67
C ARG W 106 7.33 -56.29 0.84
N ASN W 107 7.85 -55.62 -0.18
CA ASN W 107 9.16 -55.00 -0.08
C ASN W 107 9.02 -53.57 0.43
N LEU W 108 9.98 -53.16 1.25
CA LEU W 108 10.03 -51.79 1.74
C LEU W 108 10.64 -50.90 0.67
N VAL W 109 9.85 -50.00 0.10
CA VAL W 109 10.30 -49.10 -0.95
C VAL W 109 9.93 -47.68 -0.57
N ASN W 110 10.62 -46.73 -1.20
CA ASN W 110 10.32 -45.31 -1.01
C ASN W 110 9.16 -44.92 -1.93
N MET W 111 8.89 -43.62 -2.01
CA MET W 111 7.78 -43.15 -2.83
C MET W 111 8.01 -43.40 -4.31
N GLN W 112 9.28 -43.42 -4.73
CA GLN W 112 9.62 -43.64 -6.14
C GLN W 112 9.75 -45.12 -6.49
N GLY W 113 9.66 -46.02 -5.51
CA GLY W 113 9.68 -47.45 -5.79
C GLY W 113 11.01 -48.13 -5.60
N MET W 114 12.06 -47.40 -5.23
CA MET W 114 13.36 -48.01 -5.01
C MET W 114 13.33 -48.86 -3.75
N GLN W 115 13.83 -50.09 -3.87
CA GLN W 115 13.73 -51.07 -2.79
C GLN W 115 14.82 -50.80 -1.75
N LEU W 116 14.41 -50.69 -0.49
CA LEU W 116 15.36 -50.57 0.60
C LEU W 116 16.10 -51.89 0.79
N THR W 117 17.41 -51.83 1.01
CA THR W 117 18.24 -53.01 1.14
C THR W 117 18.88 -53.07 2.52
N GLY W 118 19.19 -54.29 2.94
CA GLY W 118 19.80 -54.50 4.23
C GLY W 118 20.24 -55.94 4.40
N TYR W 119 20.80 -56.21 5.58
CA TYR W 119 21.24 -57.55 5.91
C TYR W 119 20.04 -58.47 6.09
N PRO W 120 19.99 -59.62 5.42
CA PRO W 120 18.80 -60.48 5.50
C PRO W 120 18.84 -61.39 6.70
N ALA W 121 17.75 -62.14 6.88
CA ALA W 121 17.63 -63.12 7.95
C ALA W 121 17.63 -64.53 7.37
N THR W 122 18.53 -65.38 7.88
CA THR W 122 18.64 -66.75 7.43
C THR W 122 18.81 -67.67 8.63
N GLY W 123 18.48 -68.93 8.44
CA GLY W 123 18.62 -69.93 9.48
C GLY W 123 17.35 -70.15 10.26
N THR W 124 17.48 -70.98 11.30
CA THR W 124 16.37 -71.28 12.19
C THR W 124 16.84 -71.31 13.65
N PRO W 125 16.37 -70.37 14.48
CA PRO W 125 15.47 -69.24 14.16
C PRO W 125 16.18 -68.19 13.34
N PRO W 126 15.46 -67.39 12.55
CA PRO W 126 16.12 -66.42 11.69
C PRO W 126 16.98 -65.45 12.48
N THR W 127 18.19 -65.22 11.98
CA THR W 127 19.17 -64.34 12.61
C THR W 127 19.77 -63.42 11.57
N ILE W 128 20.20 -62.24 12.02
CA ILE W 128 20.79 -61.26 11.11
C ILE W 128 22.24 -61.65 10.84
N GLN W 129 22.53 -62.03 9.59
CA GLN W 129 23.89 -62.37 9.18
C GLN W 129 24.51 -61.14 8.52
N GLN W 130 25.45 -60.54 9.23
CA GLN W 130 26.08 -59.32 8.75
C GLN W 130 27.14 -59.56 7.70
N GLY W 131 27.53 -60.82 7.48
CA GLY W 131 28.55 -61.14 6.50
C GLY W 131 28.07 -61.23 5.07
N ALA W 132 26.75 -61.14 4.84
CA ALA W 132 26.22 -61.26 3.51
C ALA W 132 26.03 -59.88 2.87
N ASN W 133 25.97 -59.88 1.54
CA ASN W 133 25.69 -58.64 0.82
C ASN W 133 24.25 -58.19 1.08
N PRO W 134 23.98 -56.89 1.07
CA PRO W 134 22.62 -56.42 1.35
C PRO W 134 21.63 -56.90 0.30
N ALA W 135 20.41 -57.19 0.74
CA ALA W 135 19.31 -57.62 -0.10
C ALA W 135 18.07 -56.80 0.24
N PRO W 136 17.12 -56.68 -0.68
CA PRO W 136 15.89 -55.94 -0.39
C PRO W 136 15.15 -56.52 0.80
N ILE W 137 14.62 -55.63 1.63
CA ILE W 137 13.94 -56.05 2.86
C ILE W 137 12.48 -56.37 2.54
N THR W 138 12.04 -57.56 2.92
CA THR W 138 10.67 -58.02 2.68
C THR W 138 9.97 -58.26 4.00
N ILE W 139 8.64 -58.14 4.00
CA ILE W 139 7.83 -58.42 5.17
C ILE W 139 6.77 -59.43 4.76
N PRO W 140 7.13 -60.71 4.62
CA PRO W 140 6.14 -61.70 4.15
C PRO W 140 5.02 -61.90 5.16
N ASN W 141 3.84 -62.21 4.63
CA ASN W 141 2.68 -62.52 5.45
C ASN W 141 2.44 -64.02 5.59
N THR W 142 3.40 -64.84 5.15
CA THR W 142 3.27 -66.28 5.26
C THR W 142 3.21 -66.70 6.73
N LEU W 143 2.30 -67.62 7.02
CA LEU W 143 2.14 -68.11 8.38
C LEU W 143 3.41 -68.82 8.84
N MET W 144 3.78 -68.57 10.10
CA MET W 144 4.97 -69.15 10.70
C MET W 144 4.64 -70.54 11.22
N ALA W 145 5.50 -71.51 10.91
CA ALA W 145 5.29 -72.90 11.30
C ALA W 145 5.52 -73.03 12.81
N ALA W 146 5.14 -74.16 13.38
CA ALA W 146 5.29 -74.41 14.81
C ALA W 146 6.65 -75.04 15.09
N LYS W 147 7.16 -74.77 16.29
CA LYS W 147 8.45 -75.29 16.74
C LYS W 147 8.23 -76.22 17.91
N SER W 148 8.74 -77.45 17.80
CA SER W 148 8.65 -78.40 18.90
C SER W 148 9.49 -77.92 20.07
N THR W 149 8.97 -78.14 21.28
CA THR W 149 9.75 -77.83 22.48
C THR W 149 10.95 -78.77 22.58
N THR W 150 12.15 -78.20 22.45
CA THR W 150 13.39 -78.96 22.55
C THR W 150 14.12 -78.76 23.86
N THR W 151 13.85 -77.66 24.58
CA THR W 151 14.41 -77.44 25.90
C THR W 151 13.41 -76.64 26.72
N ALA W 152 13.25 -77.04 27.98
CA ALA W 152 12.34 -76.35 28.89
C ALA W 152 13.01 -76.23 30.25
N SER W 153 12.70 -75.16 30.95
CA SER W 153 13.27 -74.89 32.27
C SER W 153 12.16 -74.59 33.26
N MET W 154 12.33 -75.09 34.48
CA MET W 154 11.37 -74.86 35.56
C MET W 154 12.18 -74.63 36.83
N GLN W 155 12.19 -73.38 37.31
CA GLN W 155 12.88 -73.03 38.54
C GLN W 155 11.84 -72.82 39.64
N ILE W 156 11.86 -73.68 40.64
CA ILE W 156 10.87 -73.71 41.70
C ILE W 156 11.58 -73.89 43.04
N ASN W 157 11.12 -73.17 44.06
CA ASN W 157 11.70 -73.23 45.38
C ASN W 157 10.89 -74.19 46.25
N LEU W 158 11.59 -75.12 46.90
CA LEU W 158 10.97 -76.15 47.71
C LEU W 158 11.18 -75.86 49.19
N ASN W 159 10.12 -76.00 49.97
CA ASN W 159 10.17 -75.75 51.41
C ASN W 159 10.73 -76.99 52.11
N SER W 160 11.81 -76.80 52.86
CA SER W 160 12.41 -77.93 53.58
C SER W 160 11.49 -78.49 54.64
N THR W 161 10.81 -77.62 55.40
CA THR W 161 9.98 -78.05 56.51
C THR W 161 8.70 -78.75 56.07
N ASP W 162 8.45 -78.85 54.77
CA ASP W 162 7.27 -79.56 54.29
C ASP W 162 7.41 -81.05 54.63
N PRO W 163 6.42 -81.65 55.26
CA PRO W 163 6.57 -83.03 55.73
C PRO W 163 6.49 -84.05 54.61
N VAL W 164 7.06 -85.22 54.86
CA VAL W 164 7.04 -86.35 53.94
C VAL W 164 5.60 -86.84 53.82
N PRO W 165 5.07 -87.02 52.61
CA PRO W 165 3.69 -87.49 52.48
C PRO W 165 3.58 -88.98 52.80
N SER W 166 2.66 -89.29 53.71
CA SER W 166 2.56 -90.64 54.27
C SER W 166 1.92 -91.62 53.29
N LYS W 167 0.88 -91.19 52.57
CA LYS W 167 0.06 -92.13 51.81
C LYS W 167 0.78 -92.61 50.55
N THR W 168 1.55 -93.68 50.67
CA THR W 168 2.09 -94.36 49.51
C THR W 168 1.04 -95.32 48.94
N PRO W 169 1.12 -95.65 47.63
CA PRO W 169 2.11 -95.21 46.63
C PRO W 169 1.76 -93.87 46.01
N PHE W 170 2.56 -93.42 45.04
CA PHE W 170 2.31 -92.15 44.37
C PHE W 170 0.99 -92.22 43.61
N SER W 171 0.13 -91.24 43.84
CA SER W 171 -1.16 -91.14 43.17
C SER W 171 -1.30 -89.74 42.59
N VAL W 172 -1.57 -89.65 41.28
CA VAL W 172 -1.77 -88.35 40.65
C VAL W 172 -3.06 -87.71 41.14
N SER W 173 -4.07 -88.53 41.43
CA SER W 173 -5.38 -88.00 41.81
C SER W 173 -5.37 -87.45 43.23
N ASP W 174 -4.71 -88.15 44.16
CA ASP W 174 -4.72 -87.79 45.57
C ASP W 174 -3.62 -86.76 45.81
N ALA W 175 -4.01 -85.58 46.29
CA ALA W 175 -3.04 -84.52 46.53
C ALA W 175 -2.08 -84.87 47.67
N ASP W 176 -2.55 -85.66 48.64
CA ASP W 176 -1.73 -86.01 49.79
C ASP W 176 -0.61 -86.97 49.40
N SER W 177 -0.71 -87.54 48.20
CA SER W 177 0.30 -88.48 47.71
C SER W 177 1.53 -87.79 47.15
N TYR W 178 1.48 -86.46 46.95
CA TYR W 178 2.64 -85.71 46.51
C TYR W 178 2.74 -84.43 47.32
N ASN W 179 3.87 -83.75 47.19
CA ASN W 179 4.09 -82.54 47.96
C ASN W 179 3.79 -81.26 47.18
N LYS W 180 4.11 -81.22 45.89
CA LYS W 180 3.78 -80.05 45.09
C LYS W 180 3.49 -80.45 43.66
N LYS W 181 2.64 -79.66 42.99
CA LYS W 181 2.29 -79.85 41.60
C LYS W 181 2.60 -78.59 40.80
N GLY W 182 3.13 -78.78 39.59
CA GLY W 182 3.34 -77.68 38.67
C GLY W 182 2.90 -78.08 37.27
N THR W 183 2.66 -77.07 36.44
CA THR W 183 2.16 -77.30 35.09
C THR W 183 2.93 -76.43 34.11
N VAL W 184 3.38 -77.05 33.01
CA VAL W 184 4.07 -76.35 31.94
C VAL W 184 3.51 -76.82 30.61
N THR W 185 3.19 -75.89 29.72
CA THR W 185 2.62 -76.23 28.42
C THR W 185 3.72 -76.33 27.38
N VAL W 186 3.83 -77.48 26.72
CA VAL W 186 4.82 -77.70 25.67
C VAL W 186 4.08 -77.97 24.36
N TYR W 187 4.83 -77.94 23.27
CA TYR W 187 4.26 -78.08 21.93
C TYR W 187 5.04 -79.13 21.15
N ASP W 188 4.30 -79.97 20.42
CA ASP W 188 4.88 -80.99 19.58
C ASP W 188 5.11 -80.45 18.17
N SER W 189 5.37 -81.34 17.21
CA SER W 189 5.70 -80.91 15.86
C SER W 189 4.56 -80.15 15.18
N GLN W 190 3.31 -80.48 15.49
CA GLN W 190 2.17 -79.80 14.90
C GLN W 190 1.69 -78.61 15.73
N GLY W 191 2.35 -78.31 16.84
CA GLY W 191 1.95 -77.19 17.67
C GLY W 191 0.86 -77.49 18.66
N ASN W 192 0.44 -78.76 18.76
CA ASN W 192 -0.58 -79.12 19.73
C ASN W 192 -0.04 -78.96 21.14
N ALA W 193 -0.95 -78.68 22.09
CA ALA W 193 -0.55 -78.37 23.44
C ALA W 193 -0.53 -79.63 24.30
N HIS W 194 0.58 -79.84 25.00
CA HIS W 194 0.72 -80.92 25.98
C HIS W 194 0.92 -80.27 27.34
N ASP W 195 0.05 -80.57 28.29
CA ASP W 195 0.10 -79.98 29.62
C ASP W 195 0.93 -80.88 30.52
N MET W 196 2.26 -80.70 30.46
CA MET W 196 3.18 -81.44 31.30
C MET W 196 2.90 -81.11 32.75
N ASN W 197 2.40 -82.09 33.49
CA ASN W 197 2.22 -81.96 34.93
C ASN W 197 3.42 -82.59 35.63
N VAL W 198 4.00 -81.85 36.57
CA VAL W 198 5.18 -82.28 37.29
C VAL W 198 4.83 -82.36 38.77
N TYR W 199 5.22 -83.45 39.41
CA TYR W 199 4.92 -83.70 40.82
C TYR W 199 6.22 -83.85 41.59
N PHE W 200 6.34 -83.10 42.68
CA PHE W 200 7.48 -83.16 43.58
C PHE W 200 7.03 -83.83 44.87
N VAL W 201 7.71 -84.91 45.23
CA VAL W 201 7.42 -85.68 46.44
C VAL W 201 8.73 -85.81 47.22
N LYS W 202 8.79 -85.17 48.38
CA LYS W 202 9.97 -85.31 49.22
C LYS W 202 10.07 -86.75 49.73
N THR W 203 11.20 -87.40 49.49
CA THR W 203 11.36 -88.78 49.92
C THR W 203 12.19 -88.93 51.18
N LYS W 204 13.36 -88.32 51.23
CA LYS W 204 14.17 -88.21 52.44
C LYS W 204 14.61 -86.75 52.50
N ASP W 205 15.31 -86.36 53.57
CA ASP W 205 15.76 -84.99 53.68
C ASP W 205 16.61 -84.58 52.48
N ASN W 206 16.31 -83.41 51.94
CA ASN W 206 17.04 -82.78 50.85
C ASN W 206 16.97 -83.55 49.54
N GLU W 207 15.99 -84.44 49.37
CA GLU W 207 15.82 -85.15 48.10
C GLU W 207 14.33 -85.29 47.77
N TRP W 208 13.97 -84.87 46.56
CA TRP W 208 12.57 -84.81 46.10
C TRP W 208 12.47 -85.58 44.78
N ALA W 209 11.71 -86.67 44.79
CA ALA W 209 11.41 -87.37 43.55
C ALA W 209 10.48 -86.51 42.70
N VAL W 210 10.78 -86.46 41.40
CA VAL W 210 10.05 -85.63 40.45
C VAL W 210 9.46 -86.53 39.37
N TYR W 211 8.16 -86.43 39.17
CA TYR W 211 7.39 -87.20 38.20
C TYR W 211 6.84 -86.26 37.14
N THR W 212 6.74 -86.75 35.90
CA THR W 212 6.15 -85.99 34.81
C THR W 212 5.05 -86.83 34.15
N HIS W 213 3.99 -86.15 33.70
CA HIS W 213 2.86 -86.83 33.09
C HIS W 213 2.19 -85.89 32.11
N ASP W 214 1.94 -86.39 30.89
CA ASP W 214 1.21 -85.63 29.88
C ASP W 214 -0.28 -85.96 29.97
N SER W 215 -1.07 -84.99 30.44
CA SER W 215 -2.51 -85.17 30.61
C SER W 215 -3.30 -84.92 29.34
N SER W 216 -2.67 -84.38 28.30
CA SER W 216 -3.37 -84.11 27.04
C SER W 216 -3.68 -85.35 26.24
N ASP W 217 -2.96 -86.45 26.48
CA ASP W 217 -3.17 -87.69 25.75
C ASP W 217 -4.11 -88.59 26.52
N PRO W 218 -5.29 -88.91 25.97
CA PRO W 218 -6.24 -89.78 26.70
C PRO W 218 -5.73 -91.19 26.93
N ALA W 219 -4.77 -91.67 26.14
CA ALA W 219 -4.19 -92.98 26.32
C ALA W 219 -2.93 -92.96 27.17
N ALA W 220 -2.56 -91.79 27.69
CA ALA W 220 -1.36 -91.68 28.51
C ALA W 220 -1.55 -92.39 29.84
N THR W 221 -0.50 -93.07 30.29
CA THR W 221 -0.54 -93.77 31.57
C THR W 221 0.01 -92.90 32.69
N ALA W 222 -0.51 -93.11 33.89
CA ALA W 222 -0.01 -92.42 35.07
C ALA W 222 1.40 -92.90 35.39
N PRO W 223 2.30 -92.05 35.88
CA PRO W 223 3.68 -92.46 36.10
C PRO W 223 3.98 -93.17 37.41
N THR W 224 4.67 -94.31 37.30
CA THR W 224 5.01 -95.11 38.46
C THR W 224 6.49 -95.11 38.79
N THR W 225 7.35 -94.63 37.89
CA THR W 225 8.77 -94.55 38.13
C THR W 225 9.20 -93.09 38.19
N ALA W 226 10.24 -92.83 38.98
CA ALA W 226 10.71 -91.47 39.15
C ALA W 226 11.34 -90.95 37.87
N SER W 227 10.78 -89.84 37.36
CA SER W 227 11.41 -89.17 36.23
C SER W 227 12.80 -88.65 36.62
N THR W 228 12.92 -88.10 37.83
CA THR W 228 14.23 -87.79 38.38
C THR W 228 14.12 -87.70 39.89
N THR W 229 15.23 -87.37 40.53
CA THR W 229 15.27 -87.11 41.97
C THR W 229 16.18 -85.93 42.23
N LEU W 230 15.57 -84.76 42.45
CA LEU W 230 16.34 -83.57 42.77
C LEU W 230 17.01 -83.77 44.12
N LYS W 231 18.34 -83.73 44.12
CA LYS W 231 19.15 -83.94 45.32
C LYS W 231 19.85 -82.65 45.68
N PHE W 232 19.77 -82.27 46.95
CA PHE W 232 20.21 -80.97 47.41
C PHE W 232 21.36 -81.12 48.40
N ASN W 233 22.30 -80.18 48.31
CA ASN W 233 23.40 -80.16 49.30
C ASN W 233 22.83 -79.59 50.59
N GLU W 234 23.57 -79.65 51.69
CA GLU W 234 23.00 -79.22 52.98
C GLU W 234 22.72 -77.72 52.97
N ASN W 235 23.35 -76.95 52.08
CA ASN W 235 23.00 -75.50 51.98
C ASN W 235 21.75 -75.38 51.10
N GLY W 236 21.35 -76.46 50.44
CA GLY W 236 20.09 -76.41 49.71
C GLY W 236 20.15 -76.11 48.23
N ILE W 237 21.33 -76.02 47.64
CA ILE W 237 21.47 -75.82 46.20
C ILE W 237 21.37 -77.16 45.50
N LEU W 238 20.71 -77.18 44.34
CA LEU W 238 20.62 -78.40 43.54
C LEU W 238 22.02 -78.88 43.17
N GLU W 239 22.31 -80.13 43.50
CA GLU W 239 23.65 -80.69 43.32
C GLU W 239 23.76 -81.61 42.11
N SER W 240 22.73 -82.43 41.85
CA SER W 240 22.79 -83.38 40.75
C SER W 240 21.39 -83.58 40.18
N GLY W 241 21.33 -84.12 38.96
CA GLY W 241 20.08 -84.39 38.30
C GLY W 241 19.39 -83.18 37.72
N GLY W 242 20.12 -82.17 37.27
CA GLY W 242 19.52 -80.95 36.77
C GLY W 242 18.86 -81.04 35.42
N THR W 243 19.20 -82.03 34.60
CA THR W 243 18.64 -82.15 33.26
C THR W 243 18.08 -83.55 33.06
N VAL W 244 16.85 -83.63 32.56
CA VAL W 244 16.22 -84.92 32.28
C VAL W 244 15.65 -84.87 30.87
N ASN W 245 15.68 -86.01 30.18
CA ASN W 245 15.06 -86.11 28.87
C ASN W 245 13.62 -86.60 29.02
N ILE W 246 12.68 -85.80 28.55
CA ILE W 246 11.26 -86.09 28.71
C ILE W 246 10.62 -86.18 27.33
N THR W 247 9.86 -87.26 27.13
CA THR W 247 9.12 -87.51 25.90
C THR W 247 7.63 -87.35 26.20
N THR W 248 6.97 -86.49 25.43
CA THR W 248 5.57 -86.18 25.68
C THR W 248 4.67 -87.25 25.08
N GLY W 249 3.38 -86.93 24.98
CA GLY W 249 2.43 -87.82 24.35
C GLY W 249 2.39 -87.65 22.85
N THR W 250 1.56 -88.47 22.21
CA THR W 250 1.34 -88.43 20.77
C THR W 250 -0.08 -87.95 20.52
N ILE W 251 -0.23 -86.67 20.20
CA ILE W 251 -1.54 -86.06 19.97
C ILE W 251 -1.71 -85.87 18.47
N ASN W 252 -2.72 -86.57 17.91
CA ASN W 252 -3.03 -86.51 16.48
C ASN W 252 -1.80 -86.88 15.65
N GLY W 253 -1.28 -88.09 15.87
CA GLY W 253 -0.26 -88.65 15.01
C GLY W 253 1.09 -87.97 15.05
N ALA W 254 1.27 -86.94 15.87
CA ALA W 254 2.51 -86.18 15.86
C ALA W 254 3.55 -86.83 16.78
N THR W 255 4.82 -86.70 16.40
CA THR W 255 5.90 -87.17 17.26
C THR W 255 5.93 -86.35 18.54
N ALA W 256 6.19 -87.04 19.65
CA ALA W 256 6.21 -86.38 20.94
C ALA W 256 7.38 -85.41 21.05
N ALA W 257 7.20 -84.38 21.87
CA ALA W 257 8.26 -83.41 22.10
C ALA W 257 9.30 -83.99 23.05
N THR W 258 10.43 -84.40 22.50
CA THR W 258 11.55 -84.93 23.28
C THR W 258 12.43 -83.76 23.68
N PHE W 259 12.31 -83.32 24.93
CA PHE W 259 12.98 -82.10 25.36
C PHE W 259 13.72 -82.31 26.66
N SER W 260 14.74 -81.48 26.88
CA SER W 260 15.48 -81.48 28.12
C SER W 260 14.78 -80.57 29.12
N LEU W 261 14.21 -81.16 30.16
CA LEU W 261 13.62 -80.42 31.26
C LEU W 261 14.72 -80.14 32.28
N SER W 262 14.89 -78.87 32.64
CA SER W 262 15.99 -78.42 33.48
C SER W 262 15.45 -77.76 34.74
N PHE W 263 15.85 -78.29 35.90
CA PHE W 263 15.54 -77.68 37.18
C PHE W 263 16.67 -76.80 37.68
N LEU W 264 17.48 -76.27 36.77
CA LEU W 264 18.66 -75.49 37.16
C LEU W 264 18.26 -74.23 37.90
N ASN W 265 19.12 -73.81 38.83
CA ASN W 265 18.95 -72.64 39.68
C ASN W 265 17.79 -72.76 40.66
N SER W 266 17.14 -73.91 40.72
CA SER W 266 16.15 -74.15 41.76
C SER W 266 16.85 -74.32 43.10
N MET W 267 16.28 -73.69 44.13
CA MET W 267 16.91 -73.64 45.44
C MET W 267 15.93 -74.11 46.50
N GLN W 268 16.43 -74.92 47.43
CA GLN W 268 15.62 -75.54 48.48
C GLN W 268 16.07 -74.97 49.82
N GLN W 269 15.23 -74.12 50.41
CA GLN W 269 15.55 -73.48 51.67
C GLN W 269 14.27 -73.28 52.48
N ASN W 270 14.35 -72.59 53.61
CA ASN W 270 13.19 -72.41 54.49
C ASN W 270 12.27 -71.32 53.91
N THR W 271 11.59 -71.64 52.81
CA THR W 271 10.54 -70.75 52.31
C THR W 271 9.31 -70.88 53.19
N GLY W 272 8.44 -69.87 53.12
CA GLY W 272 7.17 -69.93 53.83
C GLY W 272 6.30 -71.06 53.33
N ALA W 273 6.38 -71.33 52.02
CA ALA W 273 5.65 -72.43 51.40
C ALA W 273 6.31 -72.82 50.08
N ASN W 274 5.74 -73.80 49.38
CA ASN W 274 6.32 -74.26 48.12
C ASN W 274 5.81 -73.36 46.99
N ASN W 275 6.73 -72.79 46.22
CA ASN W 275 6.38 -71.77 45.23
C ASN W 275 7.25 -71.98 43.99
N ILE W 276 6.63 -71.86 42.82
CA ILE W 276 7.33 -71.96 41.54
C ILE W 276 7.70 -70.55 41.08
N VAL W 277 8.97 -70.32 40.81
CA VAL W 277 9.41 -68.98 40.45
C VAL W 277 9.30 -68.73 38.95
N ALA W 278 9.90 -69.59 38.12
CA ALA W 278 9.97 -69.31 36.69
C ALA W 278 9.71 -70.57 35.88
N THR W 279 9.03 -70.39 34.75
CA THR W 279 8.83 -71.45 33.77
C THR W 279 9.17 -70.90 32.38
N ASN W 280 9.77 -71.75 31.54
CA ASN W 280 10.14 -71.32 30.20
C ASN W 280 10.22 -72.54 29.30
N GLN W 281 9.89 -72.34 28.02
CA GLN W 281 10.00 -73.38 27.03
C GLN W 281 10.31 -72.74 25.68
N ASN W 282 11.03 -73.48 24.83
CA ASN W 282 11.53 -72.94 23.57
C ASN W 282 10.63 -73.21 22.37
N GLY W 283 9.50 -73.87 22.56
CA GLY W 283 8.58 -74.13 21.46
C GLY W 283 7.43 -73.16 21.43
N TYR W 284 6.64 -73.24 20.35
CA TYR W 284 5.47 -72.39 20.20
C TYR W 284 4.50 -73.05 19.23
N LYS W 285 3.31 -72.45 19.13
CA LYS W 285 2.24 -72.82 18.22
C LYS W 285 2.30 -71.94 16.97
N PRO W 286 1.69 -72.35 15.84
CA PRO W 286 1.83 -71.54 14.62
C PRO W 286 0.88 -70.34 14.55
N GLY W 287 1.41 -69.21 14.13
CA GLY W 287 0.64 -67.99 14.06
C GLY W 287 1.09 -67.12 12.89
N ASP W 288 0.25 -66.16 12.56
CA ASP W 288 0.49 -65.27 11.42
C ASP W 288 0.85 -63.87 11.91
N LEU W 289 1.51 -63.13 11.03
CA LEU W 289 1.95 -61.77 11.34
C LEU W 289 0.73 -60.90 11.67
N VAL W 290 0.84 -60.14 12.76
CA VAL W 290 -0.19 -59.18 13.14
C VAL W 290 0.33 -57.75 13.10
N SER W 291 1.65 -57.58 13.15
CA SER W 291 2.23 -56.24 13.05
C SER W 291 3.69 -56.34 12.62
N TYR W 292 4.25 -55.20 12.25
CA TYR W 292 5.67 -55.09 11.94
C TYR W 292 6.17 -53.74 12.44
N GLN W 293 7.45 -53.71 12.82
CA GLN W 293 8.06 -52.50 13.36
C GLN W 293 9.51 -52.41 12.93
N ILE W 294 10.02 -51.18 12.95
CA ILE W 294 11.44 -50.91 12.70
C ILE W 294 12.05 -50.42 14.00
N ASN W 295 12.96 -51.21 14.55
CA ASN W 295 13.54 -50.90 15.85
C ASN W 295 14.52 -49.73 15.74
N ASN W 296 14.95 -49.25 16.91
CA ASN W 296 15.87 -48.12 16.97
C ASN W 296 17.24 -48.43 16.38
N ASP W 297 17.62 -49.71 16.28
CA ASP W 297 18.88 -50.10 15.70
C ASP W 297 18.77 -50.54 14.24
N GLY W 298 17.62 -50.34 13.62
CA GLY W 298 17.42 -50.69 12.23
C GLY W 298 16.89 -52.08 11.97
N THR W 299 16.77 -52.91 12.99
CA THR W 299 16.27 -54.27 12.80
C THR W 299 14.75 -54.23 12.60
N VAL W 300 14.29 -54.82 11.51
CA VAL W 300 12.87 -54.92 11.21
C VAL W 300 12.35 -56.20 11.87
N VAL W 301 11.33 -56.07 12.70
CA VAL W 301 10.80 -57.18 13.48
C VAL W 301 9.31 -57.32 13.17
N GLY W 302 8.90 -58.52 12.78
CA GLY W 302 7.50 -58.83 12.58
C GLY W 302 6.96 -59.56 13.80
N ASN W 303 5.92 -58.97 14.39
CA ASN W 303 5.22 -59.56 15.53
C ASN W 303 4.07 -60.39 15.00
N TYR W 304 4.07 -61.68 15.35
CA TYR W 304 3.10 -62.65 14.88
C TYR W 304 2.02 -62.85 15.95
N SER W 305 1.01 -63.66 15.63
CA SER W 305 -0.14 -63.85 16.50
C SER W 305 0.07 -64.91 17.56
N ASN W 306 1.16 -65.68 17.49
CA ASN W 306 1.40 -66.72 18.49
C ASN W 306 2.30 -66.21 19.61
N GLU W 307 2.33 -64.89 19.79
CA GLU W 307 3.13 -64.23 20.82
C GLU W 307 4.59 -64.62 20.63
N GLN W 308 5.17 -64.11 19.55
CA GLN W 308 6.59 -64.26 19.28
C GLN W 308 6.97 -63.32 18.14
N GLU W 309 8.18 -62.77 18.22
CA GLU W 309 8.68 -61.84 17.21
C GLU W 309 9.76 -62.51 16.37
N GLN W 310 9.77 -62.20 15.07
CA GLN W 310 10.76 -62.75 14.16
C GLN W 310 11.41 -61.61 13.39
N VAL W 311 12.74 -61.62 13.36
CA VAL W 311 13.47 -60.59 12.63
C VAL W 311 13.44 -60.91 11.14
N LEU W 312 13.22 -59.88 10.32
CA LEU W 312 13.13 -60.04 8.88
C LEU W 312 14.31 -59.43 8.14
N GLY W 313 14.98 -58.46 8.74
CA GLY W 313 16.13 -57.83 8.12
C GLY W 313 16.59 -56.64 8.93
N GLN W 314 17.84 -56.26 8.69
CA GLN W 314 18.44 -55.12 9.39
C GLN W 314 18.82 -54.06 8.36
N ILE W 315 18.38 -52.83 8.60
CA ILE W 315 18.69 -51.74 7.69
C ILE W 315 20.19 -51.48 7.70
N VAL W 316 20.80 -51.50 6.53
CA VAL W 316 22.23 -51.24 6.39
C VAL W 316 22.43 -49.77 6.05
N LEU W 317 23.41 -49.14 6.69
CA LEU W 317 23.74 -47.74 6.46
C LEU W 317 25.11 -47.66 5.79
N ALA W 318 25.21 -46.77 4.80
CA ALA W 318 26.42 -46.62 4.00
C ALA W 318 27.04 -45.26 4.27
N ASN W 319 28.36 -45.24 4.39
CA ASN W 319 29.09 -44.00 4.60
C ASN W 319 30.20 -43.86 3.57
N PHE W 320 30.56 -42.63 3.26
CA PHE W 320 31.51 -42.32 2.21
C PHE W 320 32.72 -41.58 2.77
N ALA W 321 33.85 -41.74 2.07
CA ALA W 321 35.04 -40.96 2.41
C ALA W 321 34.88 -39.50 2.02
N ASN W 322 34.14 -39.23 0.95
CA ASN W 322 33.96 -37.87 0.42
C ASN W 322 32.48 -37.70 0.08
N ASN W 323 31.75 -37.00 0.95
CA ASN W 323 30.31 -36.88 0.77
C ASN W 323 29.95 -35.95 -0.39
N GLU W 324 30.63 -34.81 -0.51
CA GLU W 324 30.28 -33.87 -1.57
C GLU W 324 30.66 -34.37 -2.96
N GLY W 325 31.38 -35.47 -3.05
CA GLY W 325 31.63 -36.08 -4.35
C GLY W 325 30.48 -36.88 -4.90
N LEU W 326 29.43 -37.09 -4.11
CA LEU W 326 28.24 -37.79 -4.59
C LEU W 326 27.52 -36.96 -5.64
N ALA W 327 27.02 -37.64 -6.67
CA ALA W 327 26.24 -36.99 -7.71
C ALA W 327 24.76 -37.25 -7.47
N SER W 328 24.00 -36.17 -7.28
CA SER W 328 22.56 -36.31 -7.04
C SER W 328 21.85 -36.69 -8.34
N GLN W 329 21.06 -37.75 -8.27
CA GLN W 329 20.35 -38.27 -9.44
C GLN W 329 18.89 -37.84 -9.49
N GLY W 330 18.47 -36.93 -8.61
CA GLY W 330 17.07 -36.56 -8.54
C GLY W 330 16.28 -37.55 -7.69
N ASP W 331 15.03 -37.18 -7.42
CA ASP W 331 14.16 -37.98 -6.55
C ASP W 331 14.82 -38.24 -5.21
N ASN W 332 15.39 -37.17 -4.62
CA ASN W 332 16.16 -37.20 -3.37
C ASN W 332 16.99 -38.48 -3.24
N VAL W 333 17.85 -38.72 -4.22
CA VAL W 333 18.66 -39.93 -4.29
C VAL W 333 20.07 -39.55 -4.76
N TRP W 334 21.07 -40.16 -4.13
CA TRP W 334 22.47 -39.97 -4.48
C TRP W 334 23.04 -41.27 -5.04
N ALA W 335 23.98 -41.14 -5.97
CA ALA W 335 24.70 -42.27 -6.54
C ALA W 335 26.20 -42.05 -6.38
N ALA W 336 26.90 -43.07 -5.90
CA ALA W 336 28.34 -42.96 -5.69
C ALA W 336 29.08 -42.88 -7.01
N THR W 337 30.11 -42.03 -7.07
CA THR W 337 30.94 -41.85 -8.24
C THR W 337 32.40 -42.05 -7.85
N GLN W 338 33.30 -41.72 -8.78
CA GLN W 338 34.72 -41.86 -8.51
C GLN W 338 35.17 -40.95 -7.37
N ALA W 339 34.70 -39.70 -7.35
CA ALA W 339 35.12 -38.75 -6.33
C ALA W 339 34.65 -39.15 -4.93
N SER W 340 33.46 -39.71 -4.81
CA SER W 340 32.92 -40.07 -3.50
C SER W 340 33.57 -41.32 -2.91
N GLY W 341 34.12 -42.19 -3.74
CA GLY W 341 34.78 -43.38 -3.24
C GLY W 341 33.81 -44.50 -2.92
N VAL W 342 34.39 -45.65 -2.54
CA VAL W 342 33.59 -46.82 -2.22
C VAL W 342 32.94 -46.65 -0.85
N ALA W 343 31.67 -47.05 -0.77
CA ALA W 343 30.90 -46.85 0.46
C ALA W 343 31.15 -47.98 1.45
N LEU W 344 31.46 -47.62 2.69
CA LEU W 344 31.60 -48.58 3.77
C LEU W 344 30.23 -48.84 4.40
N LEU W 345 29.85 -50.10 4.51
CA LEU W 345 28.55 -50.49 5.04
C LEU W 345 28.64 -50.79 6.53
N GLY W 346 27.52 -50.63 7.21
CA GLY W 346 27.49 -50.91 8.63
C GLY W 346 26.08 -50.81 9.17
N THR W 347 26.00 -50.82 10.51
CA THR W 347 24.74 -50.72 11.22
C THR W 347 24.67 -49.41 11.99
N ALA W 348 23.45 -48.96 12.27
CA ALA W 348 23.25 -47.68 12.93
C ALA W 348 23.72 -47.74 14.39
N GLY W 349 24.22 -46.60 14.87
CA GLY W 349 24.60 -46.47 16.25
C GLY W 349 25.96 -47.05 16.62
N SER W 350 26.72 -47.55 15.65
CA SER W 350 28.00 -48.16 15.91
C SER W 350 29.08 -47.56 15.02
N GLY W 351 30.26 -47.38 15.59
CA GLY W 351 31.38 -46.86 14.83
C GLY W 351 31.13 -45.44 14.34
N ASN W 352 31.17 -45.26 13.03
CA ASN W 352 31.07 -43.94 12.40
C ASN W 352 29.67 -43.69 11.82
N PHE W 353 28.71 -44.53 12.19
CA PHE W 353 27.35 -44.43 11.68
C PHE W 353 26.44 -43.90 12.77
N GLY W 354 25.56 -42.97 12.40
CA GLY W 354 24.68 -42.33 13.35
C GLY W 354 23.48 -43.17 13.72
N LYS W 355 22.74 -42.67 14.71
CA LYS W 355 21.55 -43.34 15.23
C LYS W 355 20.36 -43.16 14.29
N LEU W 356 19.46 -44.14 14.32
CA LEU W 356 18.19 -44.04 13.61
C LEU W 356 17.06 -43.74 14.58
N THR W 357 16.20 -42.80 14.20
CA THR W 357 15.02 -42.45 14.97
C THR W 357 13.78 -42.95 14.24
N ASN W 358 13.01 -43.82 14.91
CA ASN W 358 11.81 -44.39 14.33
C ASN W 358 10.61 -43.48 14.59
N GLY W 359 9.67 -43.49 13.64
CA GLY W 359 8.49 -42.65 13.78
C GLY W 359 8.73 -41.18 13.52
N ALA W 360 9.80 -40.85 12.80
CA ALA W 360 10.16 -39.46 12.55
C ALA W 360 10.85 -39.35 11.20
N LEU W 361 10.89 -38.14 10.67
CA LEU W 361 11.47 -37.87 9.37
C LEU W 361 12.49 -36.75 9.47
N GLU W 362 13.49 -36.79 8.60
CA GLU W 362 14.51 -35.75 8.56
C GLU W 362 14.07 -34.65 7.61
N ALA W 363 13.86 -33.45 8.13
CA ALA W 363 13.42 -32.33 7.32
C ALA W 363 14.62 -31.74 6.56
N SER W 364 14.32 -30.79 5.68
CA SER W 364 15.35 -30.12 4.89
C SER W 364 16.16 -29.19 5.79
N ASN W 365 17.40 -28.93 5.38
CA ASN W 365 18.31 -28.08 6.15
C ASN W 365 18.45 -26.68 5.54
N VAL W 366 17.49 -26.28 4.71
CA VAL W 366 17.54 -24.99 4.03
C VAL W 366 16.81 -23.95 4.87
N ASP W 367 17.46 -22.83 5.12
CA ASP W 367 16.85 -21.73 5.85
C ASP W 367 16.41 -20.63 4.88
N LEU W 368 15.13 -20.28 4.93
CA LEU W 368 14.50 -19.40 3.95
C LEU W 368 15.03 -17.97 4.00
N SER W 369 15.22 -17.49 5.23
CA SER W 369 15.79 -16.17 5.45
C SER W 369 17.15 -16.09 4.77
N LYS W 370 18.03 -17.06 5.03
CA LYS W 370 19.38 -16.98 4.44
C LYS W 370 19.21 -16.94 2.93
N GLU W 371 18.38 -17.82 2.39
CA GLU W 371 18.22 -17.89 0.93
C GLU W 371 17.62 -16.59 0.40
N LEU W 372 16.58 -16.05 1.05
CA LEU W 372 15.90 -14.87 0.48
C LEU W 372 16.77 -13.63 0.64
N VAL W 373 17.79 -13.66 1.49
CA VAL W 373 18.71 -12.49 1.58
C VAL W 373 19.84 -12.68 0.57
N ASN W 374 20.29 -13.91 0.34
CA ASN W 374 21.30 -14.15 -0.72
C ASN W 374 20.70 -13.73 -2.05
N MET W 375 19.59 -14.34 -2.45
CA MET W 375 18.95 -14.03 -3.71
C MET W 375 19.07 -12.55 -4.04
N ILE W 376 18.86 -11.69 -3.04
CA ILE W 376 18.99 -10.25 -3.27
C ILE W 376 20.42 -9.91 -3.68
N VAL W 377 21.40 -10.45 -2.96
CA VAL W 377 22.79 -10.14 -3.25
C VAL W 377 23.17 -10.61 -4.66
N ALA W 378 22.73 -11.82 -5.02
CA ALA W 378 23.05 -12.36 -6.34
C ALA W 378 22.36 -11.57 -7.45
N GLN W 379 21.15 -11.09 -7.20
CA GLN W 379 20.47 -10.23 -8.18
C GLN W 379 21.29 -8.96 -8.42
N ARG W 380 21.78 -8.35 -7.34
CA ARG W 380 22.60 -7.14 -7.51
C ARG W 380 23.90 -7.46 -8.25
N ASN W 381 24.53 -8.60 -7.95
CA ASN W 381 25.73 -8.99 -8.70
C ASN W 381 25.44 -9.16 -10.18
N TYR W 382 24.32 -9.80 -10.51
CA TYR W 382 23.93 -9.97 -11.91
C TYR W 382 23.72 -8.63 -12.59
N GLN W 383 23.06 -7.69 -11.91
CA GLN W 383 22.83 -6.38 -12.50
C GLN W 383 24.14 -5.62 -12.71
N SER W 384 25.09 -5.78 -11.79
CA SER W 384 26.40 -5.15 -11.96
C SER W 384 27.13 -5.74 -13.17
N ASN W 385 27.06 -7.06 -13.34
CA ASN W 385 27.67 -7.68 -14.52
C ASN W 385 27.00 -7.18 -15.79
N ALA W 386 25.68 -7.02 -15.77
CA ALA W 386 24.98 -6.44 -16.91
C ALA W 386 25.45 -5.02 -17.18
N GLN W 387 25.72 -4.26 -16.13
CA GLN W 387 26.27 -2.92 -16.28
C GLN W 387 27.60 -2.96 -17.02
N THR W 388 28.48 -3.90 -16.63
CA THR W 388 29.76 -4.04 -17.33
C THR W 388 29.55 -4.43 -18.79
N ILE W 389 28.58 -5.31 -19.05
CA ILE W 389 28.30 -5.74 -20.41
C ILE W 389 27.89 -4.55 -21.27
N LYS W 390 26.97 -3.73 -20.76
CA LYS W 390 26.50 -2.58 -21.54
C LYS W 390 27.62 -1.56 -21.70
N THR W 391 28.48 -1.42 -20.70
CA THR W 391 29.65 -0.56 -20.82
C THR W 391 30.51 -0.98 -22.02
N GLN W 392 30.86 -2.27 -22.09
CA GLN W 392 31.67 -2.75 -23.19
C GLN W 392 30.95 -2.60 -24.52
N ASP W 393 29.63 -2.80 -24.52
CA ASP W 393 28.85 -2.64 -25.74
C ASP W 393 28.91 -1.21 -26.25
N GLN W 394 28.77 -0.23 -25.35
CA GLN W 394 28.87 1.17 -25.77
C GLN W 394 30.27 1.51 -26.23
N ILE W 395 31.30 0.91 -25.61
CA ILE W 395 32.66 1.13 -26.06
C ILE W 395 32.84 0.64 -27.50
N LEU W 396 32.34 -0.57 -27.77
CA LEU W 396 32.45 -1.11 -29.13
C LEU W 396 31.67 -0.26 -30.12
N ASN W 397 30.49 0.23 -29.72
CA ASN W 397 29.72 1.11 -30.60
C ASN W 397 30.48 2.39 -30.91
N THR W 398 31.12 2.98 -29.90
CA THR W 398 31.90 4.20 -30.11
C THR W 398 33.07 3.93 -31.05
N LEU W 399 33.74 2.79 -30.88
CA LEU W 399 34.85 2.45 -31.76
C LEU W 399 34.37 2.24 -33.20
N VAL W 400 33.23 1.59 -33.37
CA VAL W 400 32.71 1.33 -34.72
C VAL W 400 32.29 2.62 -35.39
N ASN W 401 31.67 3.53 -34.64
CA ASN W 401 31.06 4.72 -35.25
C ASN W 401 32.10 5.80 -35.53
N LEU W 402 33.37 5.45 -35.54
CA LEU W 402 34.42 6.42 -35.85
C LEU W 402 34.35 6.85 -37.31
N SER X 2 37.22 16.74 -12.23
CA SER X 2 35.88 17.13 -11.82
C SER X 2 35.12 15.95 -11.23
N PHE X 3 35.58 14.73 -11.56
CA PHE X 3 34.97 13.54 -10.99
C PHE X 3 35.43 13.30 -9.56
N SER X 4 36.55 13.93 -9.18
CA SER X 4 37.24 13.56 -7.94
C SER X 4 36.39 13.87 -6.72
N GLN X 5 35.81 15.06 -6.65
CA GLN X 5 35.05 15.44 -5.47
C GLN X 5 33.79 14.59 -5.31
N ALA X 6 33.09 14.33 -6.42
CA ALA X 6 31.90 13.48 -6.35
C ALA X 6 32.26 12.07 -5.93
N VAL X 7 33.35 11.51 -6.47
CA VAL X 7 33.77 10.17 -6.11
C VAL X 7 34.13 10.11 -4.62
N SER X 8 34.88 11.11 -4.14
CA SER X 8 35.27 11.12 -2.74
C SER X 8 34.06 11.23 -1.83
N GLY X 9 33.09 12.07 -2.20
CA GLY X 9 31.89 12.20 -1.40
C GLY X 9 31.08 10.92 -1.38
N LEU X 10 30.97 10.25 -2.53
CA LEU X 10 30.25 8.98 -2.59
C LEU X 10 30.92 7.94 -1.70
N ASN X 11 32.26 7.88 -1.73
CA ASN X 11 32.98 6.96 -0.87
C ASN X 11 32.77 7.28 0.60
N ALA X 12 32.78 8.56 0.95
CA ALA X 12 32.55 8.96 2.34
C ALA X 12 31.14 8.59 2.79
N ALA X 13 30.14 8.81 1.94
CA ALA X 13 28.77 8.44 2.30
C ALA X 13 28.64 6.93 2.45
N ALA X 14 29.28 6.17 1.57
CA ALA X 14 29.26 4.72 1.69
C ALA X 14 29.92 4.26 2.99
N THR X 15 31.03 4.90 3.36
CA THR X 15 31.69 4.55 4.62
C THR X 15 30.81 4.88 5.82
N ASN X 16 30.12 6.02 5.78
CA ASN X 16 29.22 6.39 6.86
C ASN X 16 28.07 5.40 6.99
N LEU X 17 27.49 5.00 5.86
CA LEU X 17 26.42 4.00 5.88
C LEU X 17 26.92 2.66 6.39
N ASP X 18 28.15 2.30 6.02
CA ASP X 18 28.75 1.07 6.52
C ASP X 18 28.94 1.12 8.03
N VAL X 19 29.38 2.26 8.56
CA VAL X 19 29.56 2.40 10.00
C VAL X 19 28.20 2.30 10.71
N ILE X 20 27.18 2.94 10.14
CA ILE X 20 25.85 2.91 10.74
C ILE X 20 25.29 1.49 10.73
N GLY X 21 25.48 0.78 9.62
CA GLY X 21 25.02 -0.60 9.56
C GLY X 21 25.74 -1.50 10.55
N ASN X 22 27.06 -1.27 10.72
CA ASN X 22 27.80 -2.02 11.73
C ASN X 22 27.26 -1.74 13.13
N ASN X 23 26.94 -0.47 13.42
CA ASN X 23 26.38 -0.13 14.72
C ASN X 23 25.03 -0.82 14.93
N ILE X 24 24.20 -0.83 13.89
CA ILE X 24 22.88 -1.46 13.99
C ILE X 24 23.02 -2.97 14.20
N ALA X 25 23.96 -3.60 13.50
CA ALA X 25 24.13 -5.05 13.61
C ALA X 25 24.56 -5.45 15.02
N ASN X 26 25.17 -4.55 15.76
CA ASN X 26 25.63 -4.81 17.12
C ASN X 26 24.66 -4.29 18.18
N SER X 27 23.36 -4.36 17.92
CA SER X 27 22.35 -3.88 18.86
C SER X 27 22.43 -4.64 20.18
N ALA X 28 22.75 -5.93 20.12
CA ALA X 28 22.89 -6.78 21.30
C ALA X 28 24.26 -7.44 21.24
N THR X 29 25.27 -6.74 21.76
CA THR X 29 26.65 -7.25 21.83
C THR X 29 27.30 -6.57 23.04
N TYR X 30 27.46 -7.35 24.11
CA TYR X 30 27.93 -6.82 25.39
C TYR X 30 29.31 -6.19 25.24
N GLY X 31 29.47 -4.99 25.79
CA GLY X 31 30.74 -4.30 25.76
C GLY X 31 31.06 -3.59 24.46
N PHE X 32 30.15 -3.56 23.51
CA PHE X 32 30.38 -2.91 22.22
C PHE X 32 30.23 -1.40 22.37
N LYS X 33 31.18 -0.66 21.80
CA LYS X 33 31.11 0.80 21.76
C LYS X 33 30.93 1.25 20.32
N SER X 34 29.81 1.92 20.06
CA SER X 34 29.46 2.30 18.70
C SER X 34 30.46 3.30 18.13
N GLY X 35 30.72 3.17 16.83
CA GLY X 35 31.67 4.02 16.13
C GLY X 35 30.96 5.06 15.30
N THR X 36 31.66 6.17 15.02
CA THR X 36 31.15 7.25 14.19
C THR X 36 32.28 7.79 13.33
N ALA X 37 31.99 8.01 12.05
CA ALA X 37 33.01 8.48 11.11
C ALA X 37 33.11 10.01 11.16
N SER X 38 34.34 10.51 11.12
CA SER X 38 34.61 11.94 11.09
C SER X 38 35.12 12.33 9.71
N PHE X 39 34.53 13.38 9.15
CA PHE X 39 34.83 13.80 7.78
C PHE X 39 35.56 15.13 7.78
N ALA X 40 36.43 15.30 6.79
CA ALA X 40 37.18 16.54 6.60
C ALA X 40 37.33 16.81 5.11
N ASP X 41 37.30 18.09 4.75
CA ASP X 41 37.40 18.47 3.35
C ASP X 41 38.83 18.31 2.84
N MET X 42 38.99 18.40 1.52
CA MET X 42 40.28 18.20 0.88
C MET X 42 40.74 19.45 0.12
N PHE X 43 40.59 20.63 0.72
CA PHE X 43 41.03 21.86 0.08
C PHE X 43 42.53 21.84 -0.16
N ALA X 44 42.94 22.24 -1.36
CA ALA X 44 44.34 22.33 -1.73
C ALA X 44 44.46 23.16 -3.00
N GLY X 45 45.48 24.01 -3.06
CA GLY X 45 45.70 24.84 -4.22
C GLY X 45 44.58 25.84 -4.45
N SER X 46 43.78 25.61 -5.47
CA SER X 46 42.68 26.51 -5.79
C SER X 46 41.61 26.46 -4.70
N LYS X 47 40.84 27.54 -4.60
CA LYS X 47 39.79 27.68 -3.61
C LYS X 47 38.51 26.91 -3.98
N VAL X 48 38.58 26.03 -4.96
CA VAL X 48 37.38 25.38 -5.49
C VAL X 48 36.90 24.26 -4.58
N GLY X 49 37.75 23.27 -4.31
CA GLY X 49 37.37 22.14 -3.50
C GLY X 49 37.54 20.80 -4.18
N LEU X 50 38.36 19.93 -3.57
CA LEU X 50 38.65 18.62 -4.16
C LEU X 50 37.77 17.50 -3.62
N GLY X 51 36.89 17.80 -2.65
CA GLY X 51 35.99 16.81 -2.13
C GLY X 51 36.14 16.67 -0.63
N VAL X 52 35.91 15.46 -0.13
CA VAL X 52 35.95 15.16 1.29
C VAL X 52 36.78 13.89 1.50
N LYS X 53 37.30 13.74 2.72
CA LYS X 53 38.05 12.55 3.11
C LYS X 53 37.69 12.18 4.53
N VAL X 54 37.82 10.88 4.84
CA VAL X 54 37.50 10.38 6.16
C VAL X 54 38.71 10.57 7.07
N ALA X 55 38.62 11.55 7.98
CA ALA X 55 39.72 11.80 8.90
C ALA X 55 39.93 10.65 9.87
N GLY X 56 38.90 9.84 10.11
CA GLY X 56 39.03 8.71 11.00
C GLY X 56 37.67 8.21 11.42
N ILE X 57 37.70 7.17 12.25
CA ILE X 57 36.50 6.61 12.87
C ILE X 57 36.72 6.58 14.37
N THR X 58 35.92 7.35 15.09
CA THR X 58 36.07 7.49 16.53
C THR X 58 35.01 6.66 17.25
N GLN X 59 35.44 5.93 18.27
CA GLN X 59 34.53 5.17 19.11
C GLN X 59 33.78 6.12 20.05
N ASP X 60 32.70 5.61 20.62
CA ASP X 60 31.90 6.37 21.59
C ASP X 60 31.97 5.60 22.91
N PHE X 61 32.92 5.99 23.76
CA PHE X 61 33.20 5.26 25.00
C PHE X 61 32.30 5.71 26.14
N THR X 62 31.00 5.68 25.89
CA THR X 62 30.02 5.93 26.94
C THR X 62 29.49 4.62 27.48
N ASP X 63 29.38 4.53 28.80
CA ASP X 63 28.97 3.29 29.45
C ASP X 63 27.56 2.90 29.03
N GLY X 64 27.39 1.64 28.65
CA GLY X 64 26.08 1.12 28.34
C GLY X 64 25.32 0.73 29.59
N THR X 65 24.05 0.38 29.39
CA THR X 65 23.23 -0.05 30.52
C THR X 65 23.74 -1.37 31.08
N THR X 66 23.90 -1.40 32.40
CA THR X 66 24.38 -2.59 33.08
C THR X 66 23.19 -3.49 33.43
N THR X 67 23.14 -4.66 32.80
CA THR X 67 22.01 -5.57 32.93
C THR X 67 22.39 -6.73 33.84
N ASN X 68 21.57 -6.97 34.85
CA ASN X 68 21.83 -8.08 35.76
C ASN X 68 21.50 -9.40 35.09
N THR X 69 22.42 -10.37 35.19
CA THR X 69 22.24 -11.68 34.61
C THR X 69 22.19 -12.81 35.63
N GLY X 70 22.82 -12.64 36.79
CA GLY X 70 22.78 -13.62 37.84
C GLY X 70 23.84 -14.69 37.80
N ARG X 71 24.73 -14.68 36.81
CA ARG X 71 25.83 -15.63 36.75
C ARG X 71 26.96 -15.17 37.64
N GLY X 72 27.64 -16.12 38.29
CA GLY X 72 28.74 -15.79 39.18
C GLY X 72 29.99 -15.29 38.50
N LEU X 73 30.22 -15.64 37.24
CA LEU X 73 31.40 -15.20 36.51
C LEU X 73 31.16 -13.98 35.64
N ASP X 74 29.95 -13.43 35.64
CA ASP X 74 29.65 -12.24 34.86
C ASP X 74 29.92 -11.00 35.70
N VAL X 75 30.88 -10.20 35.27
CA VAL X 75 31.26 -8.98 35.96
C VAL X 75 31.33 -7.85 34.94
N ALA X 76 30.91 -6.65 35.35
CA ALA X 76 30.86 -5.50 34.47
C ALA X 76 31.64 -4.34 35.07
N ILE X 77 32.24 -3.54 34.20
CA ILE X 77 33.01 -2.37 34.62
C ILE X 77 32.12 -1.15 34.57
N SER X 78 31.73 -0.63 35.74
CA SER X 78 31.07 0.66 35.80
C SER X 78 32.10 1.76 35.71
N GLN X 79 31.71 2.89 35.13
CA GLN X 79 32.59 4.05 34.95
C GLN X 79 33.75 3.64 34.04
N ASN X 80 34.95 4.16 34.30
CA ASN X 80 36.09 3.93 33.43
C ASN X 80 36.81 2.64 33.81
N GLY X 81 37.52 2.07 32.85
CA GLY X 81 38.33 0.90 33.06
C GLY X 81 38.19 -0.10 31.92
N PHE X 82 39.20 -0.95 31.78
CA PHE X 82 39.24 -2.01 30.78
C PHE X 82 39.84 -3.27 31.38
N PHE X 83 39.26 -4.43 31.05
CA PHE X 83 39.85 -5.69 31.44
C PHE X 83 41.09 -5.98 30.59
N ARG X 84 42.08 -6.60 31.21
CA ARG X 84 43.33 -6.97 30.55
C ARG X 84 43.35 -8.47 30.31
N LEU X 85 43.50 -8.87 29.05
CA LEU X 85 43.54 -10.27 28.66
C LEU X 85 44.83 -10.55 27.89
N VAL X 86 45.20 -11.82 27.83
CA VAL X 86 46.34 -12.25 27.02
C VAL X 86 45.91 -13.43 26.15
N ASP X 87 46.42 -13.46 24.92
CA ASP X 87 46.24 -14.60 24.06
C ASP X 87 47.30 -15.67 24.37
N SER X 88 47.30 -16.75 23.59
CA SER X 88 48.30 -17.79 23.79
C SER X 88 49.69 -17.33 23.34
N ASN X 89 49.78 -16.19 22.66
CA ASN X 89 51.05 -15.68 22.15
C ASN X 89 51.73 -14.71 23.11
N GLY X 90 51.11 -14.40 24.24
CA GLY X 90 51.65 -13.41 25.15
C GLY X 90 51.29 -11.98 24.83
N SER X 91 50.56 -11.75 23.74
CA SER X 91 50.12 -10.40 23.41
C SER X 91 49.06 -9.94 24.40
N VAL X 92 49.07 -8.64 24.69
CA VAL X 92 48.16 -8.04 25.67
C VAL X 92 47.04 -7.33 24.93
N PHE X 93 45.80 -7.70 25.24
CA PHE X 93 44.62 -7.09 24.67
C PHE X 93 43.74 -6.55 25.79
N TYR X 94 42.81 -5.68 25.43
CA TYR X 94 41.97 -5.00 26.42
C TYR X 94 40.53 -5.08 25.97
N SER X 95 39.63 -5.42 26.90
CA SER X 95 38.25 -5.70 26.56
C SER X 95 37.32 -5.26 27.68
N ARG X 96 36.14 -4.75 27.29
CA ARG X 96 35.11 -4.37 28.24
C ARG X 96 34.06 -5.45 28.46
N ASN X 97 34.18 -6.59 27.77
CA ASN X 97 33.20 -7.66 27.91
C ASN X 97 33.42 -8.41 29.21
N GLY X 98 32.34 -8.93 29.79
CA GLY X 98 32.43 -9.59 31.08
C GLY X 98 31.97 -11.04 31.09
N GLN X 99 31.88 -11.67 29.92
CA GLN X 99 31.49 -13.07 29.83
C GLN X 99 32.72 -13.94 30.01
N PHE X 100 32.93 -14.43 31.22
CA PHE X 100 34.09 -15.25 31.56
C PHE X 100 33.65 -16.68 31.85
N LYS X 101 34.50 -17.63 31.46
CA LYS X 101 34.23 -19.05 31.68
C LYS X 101 35.52 -19.75 32.09
N LEU X 102 35.37 -21.01 32.48
CA LEU X 102 36.50 -21.83 32.92
C LEU X 102 36.91 -22.79 31.81
N ASP X 103 38.20 -22.83 31.51
CA ASP X 103 38.74 -23.71 30.47
C ASP X 103 39.28 -25.01 31.09
N GLU X 104 40.03 -25.76 30.26
CA GLU X 104 40.73 -26.95 30.74
C GLU X 104 41.56 -26.70 31.99
N ASN X 105 42.46 -25.72 31.94
CA ASN X 105 43.48 -25.56 32.96
C ASN X 105 43.02 -24.70 34.14
N ARG X 106 41.72 -24.65 34.40
CA ARG X 106 41.14 -23.91 35.51
C ARG X 106 41.43 -22.42 35.45
N ASN X 107 41.82 -21.91 34.28
CA ASN X 107 42.07 -20.49 34.12
C ASN X 107 40.79 -19.76 33.74
N LEU X 108 40.72 -18.48 34.08
CA LEU X 108 39.57 -17.65 33.74
C LEU X 108 39.77 -17.10 32.33
N VAL X 109 38.91 -17.51 31.41
CA VAL X 109 38.96 -17.07 30.02
C VAL X 109 37.59 -16.59 29.60
N ASN X 110 37.57 -15.73 28.59
CA ASN X 110 36.32 -15.27 28.00
C ASN X 110 35.88 -16.26 26.92
N MET X 111 34.87 -15.89 26.14
CA MET X 111 34.36 -16.79 25.11
C MET X 111 35.40 -17.06 24.04
N GLN X 112 36.21 -16.07 23.69
CA GLN X 112 37.22 -16.22 22.65
C GLN X 112 38.43 -17.01 23.10
N GLY X 113 38.57 -17.28 24.39
CA GLY X 113 39.67 -18.08 24.88
C GLY X 113 40.84 -17.31 25.45
N MET X 114 40.85 -15.98 25.36
CA MET X 114 41.91 -15.20 25.97
C MET X 114 41.81 -15.30 27.49
N GLN X 115 42.96 -15.37 28.15
CA GLN X 115 43.03 -15.58 29.59
C GLN X 115 42.98 -14.23 30.31
N LEU X 116 42.08 -14.12 31.27
CA LEU X 116 42.01 -12.92 32.10
C LEU X 116 43.24 -12.86 33.02
N THR X 117 43.86 -11.69 33.08
CA THR X 117 45.08 -11.49 33.84
C THR X 117 44.84 -10.52 34.99
N GLY X 118 45.75 -10.57 35.96
CA GLY X 118 45.66 -9.68 37.10
C GLY X 118 46.82 -9.89 38.04
N TYR X 119 46.73 -9.23 39.17
CA TYR X 119 47.77 -9.37 40.19
C TYR X 119 47.67 -10.73 40.86
N PRO X 120 48.75 -11.51 40.90
CA PRO X 120 48.68 -12.84 41.52
C PRO X 120 48.79 -12.77 43.03
N ALA X 121 48.37 -13.85 43.68
CA ALA X 121 48.45 -13.96 45.14
C ALA X 121 49.43 -15.06 45.52
N THR X 122 50.40 -14.71 46.35
CA THR X 122 51.41 -15.66 46.83
C THR X 122 51.62 -15.45 48.31
N GLY X 123 52.35 -16.39 48.92
CA GLY X 123 52.67 -16.30 50.32
C GLY X 123 51.88 -17.25 51.19
N THR X 124 52.32 -17.34 52.44
CA THR X 124 51.67 -18.20 53.43
C THR X 124 51.32 -17.39 54.67
N PRO X 125 50.07 -16.93 54.80
CA PRO X 125 48.91 -17.17 53.94
C PRO X 125 48.89 -16.36 52.65
N PRO X 126 48.15 -16.84 51.64
CA PRO X 126 48.14 -16.13 50.35
C PRO X 126 47.52 -14.74 50.48
N THR X 127 48.31 -13.73 50.11
CA THR X 127 47.87 -12.35 50.10
C THR X 127 48.21 -11.73 48.76
N ILE X 128 47.49 -10.67 48.41
CA ILE X 128 47.63 -10.07 47.09
C ILE X 128 48.93 -9.27 47.03
N GLN X 129 49.70 -9.49 45.97
CA GLN X 129 50.93 -8.75 45.72
C GLN X 129 50.67 -7.75 44.60
N GLN X 130 50.16 -6.58 44.98
CA GLN X 130 49.75 -5.58 43.99
C GLN X 130 50.93 -4.98 43.24
N GLY X 131 52.15 -5.13 43.75
CA GLY X 131 53.31 -4.58 43.08
C GLY X 131 53.94 -5.45 42.02
N ALA X 132 53.45 -6.67 41.84
CA ALA X 132 54.04 -7.59 40.88
C ALA X 132 53.42 -7.41 39.49
N ASN X 133 54.01 -8.09 38.52
CA ASN X 133 53.50 -8.04 37.16
C ASN X 133 52.17 -8.80 37.07
N PRO X 134 51.27 -8.38 36.18
CA PRO X 134 50.01 -9.11 36.02
C PRO X 134 50.25 -10.53 35.53
N ALA X 135 49.46 -11.46 36.06
CA ALA X 135 49.54 -12.87 35.71
C ALA X 135 48.15 -13.44 35.44
N PRO X 136 48.05 -14.48 34.63
CA PRO X 136 46.74 -15.11 34.39
C PRO X 136 46.12 -15.62 35.67
N ILE X 137 44.80 -15.50 35.77
CA ILE X 137 44.08 -15.93 36.97
C ILE X 137 43.71 -17.40 36.85
N THR X 138 44.09 -18.19 37.86
CA THR X 138 43.81 -19.61 37.88
C THR X 138 43.06 -19.97 39.16
N ILE X 139 42.07 -20.85 39.03
CA ILE X 139 41.31 -21.32 40.18
C ILE X 139 41.55 -22.82 40.33
N PRO X 140 42.67 -23.23 40.95
CA PRO X 140 42.94 -24.66 41.08
C PRO X 140 41.94 -25.34 42.00
N ASN X 141 41.69 -26.62 41.72
CA ASN X 141 40.84 -27.45 42.55
C ASN X 141 41.63 -28.23 43.59
N THR X 142 42.93 -27.96 43.72
CA THR X 142 43.75 -28.65 44.70
C THR X 142 43.29 -28.33 46.12
N LEU X 143 43.50 -29.29 47.02
CA LEU X 143 43.06 -29.12 48.40
C LEU X 143 43.90 -28.05 49.10
N MET X 144 43.34 -27.54 50.20
CA MET X 144 44.06 -26.63 51.09
C MET X 144 44.64 -27.45 52.24
N ALA X 145 45.95 -27.35 52.42
CA ALA X 145 46.66 -28.19 53.39
C ALA X 145 46.30 -27.73 54.80
N ALA X 146 46.85 -28.42 55.81
CA ALA X 146 46.56 -28.13 57.20
C ALA X 146 47.65 -27.24 57.79
N LYS X 147 47.22 -26.21 58.51
CA LYS X 147 48.11 -25.28 59.18
C LYS X 147 48.06 -25.52 60.67
N SER X 148 49.20 -25.89 61.26
CA SER X 148 49.27 -26.10 62.70
C SER X 148 49.03 -24.78 63.43
N THR X 149 48.28 -24.85 64.52
CA THR X 149 47.98 -23.66 65.30
C THR X 149 49.25 -23.10 65.92
N THR X 150 49.47 -21.79 65.75
CA THR X 150 50.61 -21.10 66.32
C THR X 150 50.24 -19.99 67.27
N THR X 151 49.00 -19.49 67.22
CA THR X 151 48.52 -18.47 68.14
C THR X 151 47.07 -18.76 68.47
N ALA X 152 46.63 -18.30 69.64
CA ALA X 152 45.25 -18.45 70.05
C ALA X 152 44.92 -17.35 71.06
N SER X 153 43.65 -16.95 71.08
CA SER X 153 43.17 -15.91 71.97
C SER X 153 41.91 -16.39 72.68
N MET X 154 41.83 -16.09 73.97
CA MET X 154 40.69 -16.47 74.80
C MET X 154 40.30 -15.28 75.66
N GLN X 155 39.39 -14.45 75.15
CA GLN X 155 38.91 -13.29 75.89
C GLN X 155 37.71 -13.72 76.73
N ILE X 156 37.91 -13.76 78.05
CA ILE X 156 36.92 -14.28 78.98
C ILE X 156 36.76 -13.28 80.12
N ASN X 157 35.52 -13.09 80.56
CA ASN X 157 35.22 -12.27 81.73
C ASN X 157 34.93 -13.19 82.92
N LEU X 158 35.38 -12.80 84.09
CA LEU X 158 35.31 -13.64 85.28
C LEU X 158 34.41 -13.00 86.33
N ASN X 159 33.66 -13.83 87.04
CA ASN X 159 32.81 -13.36 88.13
C ASN X 159 33.69 -13.11 89.35
N SER X 160 33.54 -11.94 89.97
CA SER X 160 34.44 -11.56 91.06
C SER X 160 34.16 -12.36 92.33
N THR X 161 32.89 -12.53 92.69
CA THR X 161 32.55 -13.11 93.98
C THR X 161 32.52 -14.64 93.99
N ASP X 162 33.20 -15.29 93.05
CA ASP X 162 33.26 -16.74 93.07
C ASP X 162 34.03 -17.21 94.31
N PRO X 163 33.49 -18.14 95.08
CA PRO X 163 34.22 -18.62 96.27
C PRO X 163 35.42 -19.45 95.90
N VAL X 164 36.37 -19.51 96.82
CA VAL X 164 37.61 -20.26 96.64
C VAL X 164 37.27 -21.75 96.60
N PRO X 165 37.82 -22.51 95.66
CA PRO X 165 37.53 -23.95 95.60
C PRO X 165 37.96 -24.67 96.87
N SER X 166 37.19 -25.69 97.25
CA SER X 166 37.42 -26.39 98.51
C SER X 166 38.52 -27.43 98.39
N LYS X 167 38.43 -28.32 97.39
CA LYS X 167 39.32 -29.47 97.34
C LYS X 167 40.59 -29.14 96.57
N THR X 168 41.51 -28.42 97.22
CA THR X 168 42.83 -28.21 96.66
C THR X 168 43.68 -29.47 96.84
N PRO X 169 44.63 -29.73 95.93
CA PRO X 169 44.96 -28.96 94.72
C PRO X 169 44.03 -29.28 93.56
N PHE X 170 44.27 -28.65 92.41
CA PHE X 170 43.40 -28.86 91.26
C PHE X 170 43.65 -30.21 90.61
N SER X 171 42.57 -30.85 90.18
CA SER X 171 42.63 -32.03 89.32
C SER X 171 41.44 -31.97 88.37
N VAL X 172 41.60 -32.54 87.17
CA VAL X 172 40.55 -32.46 86.17
C VAL X 172 39.32 -33.25 86.60
N SER X 173 39.54 -34.38 87.29
CA SER X 173 38.44 -35.31 87.56
C SER X 173 37.41 -34.70 88.51
N ASP X 174 37.87 -34.16 89.64
CA ASP X 174 36.97 -33.62 90.65
C ASP X 174 36.45 -32.26 90.18
N ALA X 175 35.17 -32.00 90.43
CA ALA X 175 34.51 -30.83 89.84
C ALA X 175 34.83 -29.56 90.61
N ASP X 176 34.85 -29.62 91.94
CA ASP X 176 34.90 -28.41 92.76
C ASP X 176 36.27 -27.73 92.70
N SER X 177 37.27 -28.39 92.12
CA SER X 177 38.63 -27.89 92.13
C SER X 177 38.89 -26.77 91.14
N TYR X 178 37.93 -26.45 90.27
CA TYR X 178 38.10 -25.36 89.32
C TYR X 178 36.88 -24.47 89.35
N ASN X 179 37.11 -23.18 89.06
CA ASN X 179 36.03 -22.22 89.00
C ASN X 179 35.35 -22.17 87.65
N LYS X 180 36.11 -22.26 86.55
CA LYS X 180 35.50 -22.26 85.23
C LYS X 180 36.31 -23.13 84.30
N LYS X 181 35.63 -23.76 83.34
CA LYS X 181 36.28 -24.60 82.34
C LYS X 181 35.83 -24.18 80.95
N GLY X 182 36.80 -24.04 80.03
CA GLY X 182 36.51 -23.73 78.65
C GLY X 182 37.27 -24.68 77.73
N THR X 183 36.83 -24.73 76.48
CA THR X 183 37.45 -25.59 75.49
C THR X 183 37.74 -24.78 74.23
N VAL X 184 38.97 -24.90 73.73
CA VAL X 184 39.35 -24.30 72.46
C VAL X 184 39.92 -25.39 71.57
N THR X 185 39.46 -25.45 70.33
CA THR X 185 39.90 -26.49 69.39
C THR X 185 41.07 -25.97 68.55
N VAL X 186 42.23 -26.57 68.73
CA VAL X 186 43.41 -26.25 67.92
C VAL X 186 43.69 -27.41 66.99
N TYR X 187 44.64 -27.21 66.08
CA TYR X 187 44.95 -28.21 65.06
C TYR X 187 46.46 -28.37 64.93
N ASP X 188 46.90 -29.62 64.81
CA ASP X 188 48.31 -29.95 64.64
C ASP X 188 48.69 -29.85 63.16
N SER X 189 49.86 -30.37 62.81
CA SER X 189 50.32 -30.30 61.42
C SER X 189 49.44 -31.10 60.47
N GLN X 190 48.84 -32.20 60.95
CA GLN X 190 47.93 -32.98 60.13
C GLN X 190 46.50 -32.43 60.14
N GLY X 191 46.24 -31.41 60.95
CA GLY X 191 44.88 -30.90 61.06
C GLY X 191 44.00 -31.64 62.03
N ASN X 192 44.59 -32.54 62.83
CA ASN X 192 43.80 -33.25 63.84
C ASN X 192 43.36 -32.29 64.93
N ALA X 193 42.16 -32.52 65.46
CA ALA X 193 41.57 -31.62 66.45
C ALA X 193 42.07 -31.95 67.84
N HIS X 194 42.65 -30.95 68.51
CA HIS X 194 43.08 -31.04 69.90
C HIS X 194 42.19 -30.11 70.71
N ASP X 195 41.43 -30.67 71.65
CA ASP X 195 40.50 -29.91 72.47
C ASP X 195 41.22 -29.44 73.72
N MET X 196 41.89 -28.31 73.63
CA MET X 196 42.57 -27.74 74.79
C MET X 196 41.52 -27.33 75.80
N ASN X 197 41.47 -28.03 76.92
CA ASN X 197 40.62 -27.66 78.04
C ASN X 197 41.41 -26.74 78.95
N VAL X 198 40.87 -25.55 79.21
CA VAL X 198 41.54 -24.52 79.99
C VAL X 198 40.70 -24.26 81.23
N TYR X 199 41.33 -24.35 82.40
CA TYR X 199 40.66 -24.24 83.69
C TYR X 199 41.12 -22.99 84.41
N PHE X 200 40.17 -22.17 84.84
CA PHE X 200 40.41 -21.01 85.69
C PHE X 200 40.03 -21.38 87.12
N VAL X 201 40.97 -21.23 88.05
CA VAL X 201 40.73 -21.49 89.46
C VAL X 201 41.04 -20.22 90.25
N LYS X 202 40.08 -19.79 91.06
CA LYS X 202 40.21 -18.55 91.81
C LYS X 202 41.06 -18.79 93.05
N THR X 203 42.28 -18.26 93.06
CA THR X 203 43.25 -18.59 94.11
C THR X 203 43.28 -17.57 95.23
N LYS X 204 43.58 -16.32 94.93
CA LYS X 204 43.43 -15.21 95.86
C LYS X 204 42.71 -14.09 95.11
N ASP X 205 42.35 -13.04 95.83
CA ASP X 205 41.64 -11.93 95.21
C ASP X 205 42.48 -11.36 94.07
N ASN X 206 41.84 -11.17 92.92
CA ASN X 206 42.45 -10.70 91.68
C ASN X 206 43.51 -11.66 91.14
N GLU X 207 43.47 -12.93 91.52
CA GLU X 207 44.39 -13.93 91.00
C GLU X 207 43.65 -15.20 90.64
N TRP X 208 43.78 -15.61 89.37
CA TRP X 208 43.17 -16.83 88.87
C TRP X 208 44.25 -17.68 88.21
N ALA X 209 44.54 -18.83 88.79
CA ALA X 209 45.50 -19.73 88.18
C ALA X 209 44.84 -20.46 87.00
N VAL X 210 45.59 -20.56 85.91
CA VAL X 210 45.09 -21.13 84.66
C VAL X 210 45.86 -22.40 84.37
N TYR X 211 45.15 -23.51 84.28
CA TYR X 211 45.69 -24.81 83.92
C TYR X 211 45.22 -25.17 82.51
N THR X 212 46.04 -25.97 81.82
CA THR X 212 45.72 -26.42 80.47
C THR X 212 45.88 -27.92 80.37
N HIS X 213 45.02 -28.56 79.57
CA HIS X 213 45.07 -30.01 79.40
C HIS X 213 44.63 -30.36 78.00
N ASP X 214 45.18 -31.44 77.45
CA ASP X 214 44.78 -31.94 76.14
C ASP X 214 43.88 -33.15 76.34
N SER X 215 42.57 -32.95 76.17
CA SER X 215 41.61 -34.02 76.37
C SER X 215 41.67 -35.11 75.30
N SER X 216 42.03 -34.76 74.07
CA SER X 216 42.10 -35.74 72.99
C SER X 216 43.37 -36.57 73.02
N ASP X 217 44.38 -36.16 73.78
CA ASP X 217 45.61 -36.92 73.92
C ASP X 217 45.40 -38.01 74.96
N PRO X 218 45.45 -39.29 74.58
CA PRO X 218 45.20 -40.36 75.55
C PRO X 218 46.41 -40.74 76.41
N ALA X 219 47.62 -40.29 76.08
CA ALA X 219 48.79 -40.52 76.90
C ALA X 219 49.17 -39.31 77.72
N ALA X 220 48.35 -38.26 77.71
CA ALA X 220 48.68 -37.04 78.44
C ALA X 220 48.56 -37.27 79.94
N THR X 221 49.53 -36.72 80.68
CA THR X 221 49.50 -36.80 82.14
C THR X 221 48.62 -35.70 82.70
N ALA X 222 48.06 -35.96 83.87
CA ALA X 222 47.19 -34.99 84.54
C ALA X 222 47.98 -33.75 84.92
N PRO X 223 47.55 -32.55 84.53
CA PRO X 223 48.30 -31.33 84.88
C PRO X 223 48.00 -30.90 86.31
N THR X 224 49.02 -30.92 87.15
CA THR X 224 48.89 -30.52 88.55
C THR X 224 49.58 -29.20 88.86
N THR X 225 50.33 -28.63 87.92
CA THR X 225 51.03 -27.37 88.11
C THR X 225 50.36 -26.31 87.24
N ALA X 226 50.15 -25.13 87.84
CA ALA X 226 49.47 -24.05 87.12
C ALA X 226 50.25 -23.63 85.90
N SER X 227 49.59 -23.67 84.74
CA SER X 227 50.24 -23.24 83.51
C SER X 227 50.60 -21.76 83.58
N THR X 228 49.71 -20.94 84.13
CA THR X 228 50.03 -19.53 84.35
C THR X 228 49.15 -18.98 85.46
N THR X 229 49.35 -17.70 85.76
CA THR X 229 48.50 -16.98 86.70
C THR X 229 47.99 -15.71 86.02
N LEU X 230 46.71 -15.42 86.20
CA LEU X 230 46.12 -14.19 85.69
C LEU X 230 45.90 -13.24 86.85
N LYS X 231 46.50 -12.06 86.76
CA LYS X 231 46.43 -11.05 87.81
C LYS X 231 45.71 -9.82 87.26
N PHE X 232 44.70 -9.36 87.99
CA PHE X 232 43.94 -8.18 87.62
C PHE X 232 44.28 -7.05 88.58
N ASN X 233 44.35 -5.83 88.05
CA ASN X 233 44.72 -4.69 88.87
C ASN X 233 43.56 -4.30 89.79
N GLU X 234 43.73 -3.16 90.47
CA GLU X 234 42.71 -2.68 91.39
C GLU X 234 41.39 -2.39 90.69
N ASN X 235 41.43 -2.02 89.41
CA ASN X 235 40.23 -1.76 88.63
C ASN X 235 39.70 -2.99 87.91
N GLY X 236 40.31 -4.15 88.12
CA GLY X 236 39.88 -5.36 87.45
C GLY X 236 40.39 -5.53 86.04
N ILE X 237 41.24 -4.63 85.57
CA ILE X 237 41.81 -4.70 84.24
C ILE X 237 42.93 -5.73 84.25
N LEU X 238 43.04 -6.50 83.17
CA LEU X 238 44.15 -7.43 83.02
C LEU X 238 45.47 -6.69 83.12
N GLU X 239 46.30 -7.08 84.08
CA GLU X 239 47.54 -6.36 84.36
C GLU X 239 48.79 -7.10 83.90
N SER X 240 48.88 -8.41 84.15
CA SER X 240 50.06 -9.16 83.77
C SER X 240 49.69 -10.62 83.59
N GLY X 241 50.58 -11.35 82.91
CA GLY X 241 50.41 -12.77 82.68
C GLY X 241 49.49 -13.14 81.52
N GLY X 242 49.33 -12.26 80.54
CA GLY X 242 48.36 -12.47 79.49
C GLY X 242 48.79 -13.40 78.37
N THR X 243 50.08 -13.72 78.24
CA THR X 243 50.56 -14.53 77.14
C THR X 243 51.34 -15.72 77.67
N VAL X 244 51.01 -16.91 77.15
CA VAL X 244 51.67 -18.15 77.56
C VAL X 244 51.95 -18.98 76.31
N ASN X 245 52.95 -19.85 76.41
CA ASN X 245 53.21 -20.80 75.33
C ASN X 245 52.80 -22.20 75.74
N ILE X 246 52.03 -22.88 74.89
CA ILE X 246 51.48 -24.19 75.21
C ILE X 246 51.82 -25.15 74.07
N THR X 247 52.36 -26.30 74.43
CA THR X 247 52.63 -27.37 73.48
C THR X 247 51.63 -28.49 73.71
N THR X 248 51.13 -29.07 72.62
CA THR X 248 50.18 -30.16 72.72
C THR X 248 50.90 -31.49 72.94
N GLY X 249 50.12 -32.55 72.97
CA GLY X 249 50.68 -33.88 72.87
C GLY X 249 50.88 -34.28 71.43
N THR X 250 51.66 -35.34 71.23
CA THR X 250 51.93 -35.87 69.89
C THR X 250 50.90 -36.97 69.61
N ILE X 251 50.09 -36.76 68.59
CA ILE X 251 49.02 -37.69 68.22
C ILE X 251 49.21 -38.12 66.78
N ASN X 252 49.34 -39.43 66.56
CA ASN X 252 49.39 -40.02 65.22
C ASN X 252 50.50 -39.38 64.38
N GLY X 253 51.74 -39.43 64.89
CA GLY X 253 52.89 -38.94 64.16
C GLY X 253 52.95 -37.44 63.96
N ALA X 254 51.87 -36.72 64.22
CA ALA X 254 51.87 -35.27 64.03
C ALA X 254 52.69 -34.58 65.10
N THR X 255 53.42 -33.55 64.69
CA THR X 255 54.19 -32.74 65.63
C THR X 255 53.23 -32.02 66.57
N ALA X 256 53.61 -31.92 67.84
CA ALA X 256 52.78 -31.20 68.80
C ALA X 256 52.68 -29.74 68.42
N ALA X 257 51.46 -29.21 68.45
CA ALA X 257 51.22 -27.82 68.09
C ALA X 257 51.62 -26.92 69.24
N THR X 258 52.63 -26.07 69.00
CA THR X 258 53.10 -25.11 70.00
C THR X 258 52.54 -23.75 69.64
N PHE X 259 51.64 -23.25 70.47
CA PHE X 259 50.91 -22.02 70.18
C PHE X 259 50.92 -21.11 71.39
N SER X 260 50.89 -19.81 71.12
CA SER X 260 50.84 -18.81 72.17
C SER X 260 49.38 -18.51 72.49
N LEU X 261 48.94 -18.88 73.70
CA LEU X 261 47.60 -18.57 74.16
C LEU X 261 47.62 -17.21 74.86
N SER X 262 46.74 -16.31 74.44
CA SER X 262 46.71 -14.94 74.93
C SER X 262 45.35 -14.63 75.52
N PHE X 263 45.35 -14.10 76.75
CA PHE X 263 44.13 -13.63 77.40
C PHE X 263 44.02 -12.11 77.37
N LEU X 264 44.53 -11.47 76.32
CA LEU X 264 44.48 -10.01 76.23
C LEU X 264 43.04 -9.53 76.17
N ASN X 265 42.79 -8.36 76.75
CA ASN X 265 41.49 -7.71 76.85
C ASN X 265 40.51 -8.49 77.72
N SER X 266 40.96 -9.54 78.40
CA SER X 266 40.13 -10.19 79.40
C SER X 266 39.93 -9.27 80.59
N MET X 267 38.78 -9.40 81.24
CA MET X 267 38.40 -8.46 82.29
C MET X 267 37.73 -9.22 83.42
N GLN X 268 37.86 -8.68 84.63
CA GLN X 268 37.29 -9.29 85.83
C GLN X 268 36.49 -8.23 86.59
N GLN X 269 35.17 -8.30 86.48
CA GLN X 269 34.32 -7.41 87.26
C GLN X 269 33.17 -8.20 87.88
N ASN X 270 32.22 -7.51 88.52
CA ASN X 270 31.13 -8.16 89.24
C ASN X 270 29.95 -8.49 88.32
N THR X 271 30.17 -9.35 87.34
CA THR X 271 29.06 -9.86 86.54
C THR X 271 28.41 -11.05 87.26
N GLY X 272 27.28 -11.50 86.73
CA GLY X 272 26.51 -12.56 87.34
C GLY X 272 27.24 -13.88 87.48
N ALA X 273 28.00 -14.27 86.45
CA ALA X 273 28.68 -15.56 86.46
C ALA X 273 29.84 -15.57 85.47
N ASN X 274 30.51 -16.72 85.33
CA ASN X 274 31.65 -16.85 84.45
C ASN X 274 31.17 -17.08 83.01
N ASN X 275 31.54 -16.18 82.11
CA ASN X 275 31.16 -16.28 80.70
C ASN X 275 32.41 -16.22 79.84
N ILE X 276 32.47 -17.08 78.83
CA ILE X 276 33.51 -17.03 77.82
C ILE X 276 33.00 -16.16 76.67
N VAL X 277 33.68 -15.05 76.43
CA VAL X 277 33.18 -14.09 75.44
C VAL X 277 33.67 -14.42 74.04
N ALA X 278 34.97 -14.63 73.86
CA ALA X 278 35.50 -14.85 72.51
C ALA X 278 36.66 -15.84 72.57
N THR X 279 36.71 -16.70 71.54
CA THR X 279 37.83 -17.61 71.33
C THR X 279 38.24 -17.53 69.86
N ASN X 280 39.55 -17.52 69.63
CA ASN X 280 40.08 -17.36 68.28
C ASN X 280 41.36 -18.16 68.14
N GLN X 281 41.61 -18.61 66.91
CA GLN X 281 42.82 -19.36 66.58
C GLN X 281 42.96 -19.39 65.07
N ASN X 282 44.21 -19.30 64.61
CA ASN X 282 44.50 -19.22 63.18
C ASN X 282 44.81 -20.58 62.56
N GLY X 283 44.66 -21.67 63.31
CA GLY X 283 44.80 -22.99 62.75
C GLY X 283 43.50 -23.51 62.18
N TYR X 284 43.61 -24.51 61.32
CA TYR X 284 42.45 -25.08 60.65
C TYR X 284 42.77 -26.49 60.20
N LYS X 285 41.75 -27.19 59.72
CA LYS X 285 41.83 -28.54 59.18
C LYS X 285 41.91 -28.50 57.67
N PRO X 286 42.34 -29.58 57.01
CA PRO X 286 42.36 -29.59 55.54
C PRO X 286 40.99 -29.38 54.93
N GLY X 287 40.93 -28.64 53.83
CA GLY X 287 39.68 -28.38 53.16
C GLY X 287 39.86 -28.33 51.66
N ASP X 288 38.78 -28.64 50.95
CA ASP X 288 38.75 -28.60 49.50
C ASP X 288 37.77 -27.53 49.02
N LEU X 289 37.92 -27.14 47.76
CA LEU X 289 37.06 -26.13 47.17
C LEU X 289 35.60 -26.56 47.22
N VAL X 290 34.74 -25.67 47.69
CA VAL X 290 33.30 -25.82 47.57
C VAL X 290 32.69 -24.75 46.68
N SER X 291 33.27 -23.55 46.68
CA SER X 291 32.77 -22.49 45.81
C SER X 291 33.88 -21.53 45.46
N TYR X 292 33.65 -20.73 44.43
CA TYR X 292 34.54 -19.63 44.06
C TYR X 292 33.69 -18.42 43.68
N GLN X 293 34.25 -17.23 43.86
CA GLN X 293 33.51 -16.01 43.61
C GLN X 293 34.47 -14.87 43.26
N ILE X 294 33.92 -13.84 42.64
CA ILE X 294 34.64 -12.62 42.30
C ILE X 294 33.96 -11.47 43.03
N ASN X 295 34.70 -10.80 43.90
CA ASN X 295 34.13 -9.73 44.71
C ASN X 295 34.09 -8.43 43.91
N ASN X 296 33.51 -7.40 44.53
CA ASN X 296 33.35 -6.10 43.88
C ASN X 296 34.68 -5.40 43.64
N ASP X 297 35.71 -5.68 44.41
CA ASP X 297 37.02 -5.09 44.23
C ASP X 297 37.92 -5.90 43.29
N GLY X 298 37.40 -6.97 42.70
CA GLY X 298 38.15 -7.77 41.76
C GLY X 298 38.92 -8.93 42.37
N THR X 299 38.95 -9.05 43.69
CA THR X 299 39.67 -10.14 44.32
C THR X 299 38.90 -11.44 44.16
N VAL X 300 39.49 -12.40 43.46
CA VAL X 300 38.91 -13.72 43.27
C VAL X 300 39.16 -14.53 44.53
N VAL X 301 38.10 -14.99 45.17
CA VAL X 301 38.17 -15.68 46.46
C VAL X 301 37.51 -17.04 46.31
N GLY X 302 38.24 -18.08 46.73
CA GLY X 302 37.70 -19.42 46.76
C GLY X 302 37.36 -19.82 48.19
N ASN X 303 36.11 -20.22 48.38
CA ASN X 303 35.61 -20.70 49.66
C ASN X 303 35.77 -22.21 49.70
N TYR X 304 36.41 -22.71 50.76
CA TYR X 304 36.73 -24.12 50.93
C TYR X 304 35.77 -24.74 51.94
N SER X 305 35.92 -26.05 52.14
CA SER X 305 35.08 -26.78 53.08
C SER X 305 35.57 -26.72 54.52
N ASN X 306 36.76 -26.18 54.75
CA ASN X 306 37.32 -26.10 56.10
C ASN X 306 36.95 -24.79 56.78
N GLU X 307 35.83 -24.18 56.34
CA GLU X 307 35.33 -22.93 56.90
C GLU X 307 36.39 -21.83 56.89
N GLN X 308 37.11 -21.74 55.77
CA GLN X 308 38.10 -20.70 55.57
C GLN X 308 38.23 -20.41 54.08
N GLU X 309 38.29 -19.14 53.73
CA GLU X 309 38.42 -18.71 52.34
C GLU X 309 39.86 -18.33 52.02
N GLN X 310 40.23 -18.47 50.76
CA GLN X 310 41.57 -18.13 50.30
C GLN X 310 41.49 -17.35 49.00
N VAL X 311 42.29 -16.28 48.91
CA VAL X 311 42.32 -15.48 47.69
C VAL X 311 43.23 -16.15 46.67
N LEU X 312 42.87 -16.05 45.40
CA LEU X 312 43.65 -16.63 44.31
C LEU X 312 44.27 -15.58 43.41
N GLY X 313 43.76 -14.35 43.44
CA GLY X 313 44.27 -13.30 42.59
C GLY X 313 43.30 -12.15 42.55
N GLN X 314 43.72 -11.06 41.90
CA GLN X 314 42.90 -9.87 41.78
C GLN X 314 42.86 -9.42 40.33
N ILE X 315 41.67 -9.09 39.84
CA ILE X 315 41.52 -8.62 38.47
C ILE X 315 42.13 -7.23 38.35
N VAL X 316 42.94 -7.02 37.32
CA VAL X 316 43.58 -5.74 37.08
C VAL X 316 42.77 -4.96 36.07
N LEU X 317 42.75 -3.64 36.23
CA LEU X 317 42.07 -2.74 35.31
C LEU X 317 43.09 -1.81 34.66
N ALA X 318 42.91 -1.57 33.37
CA ALA X 318 43.81 -0.73 32.59
C ALA X 318 43.07 0.48 32.05
N ASN X 319 43.66 1.65 32.24
CA ASN X 319 43.13 2.89 31.70
C ASN X 319 44.15 3.52 30.77
N PHE X 320 43.67 4.15 29.71
CA PHE X 320 44.51 4.76 28.70
C PHE X 320 44.35 6.28 28.72
N ALA X 321 45.41 6.97 28.29
CA ALA X 321 45.33 8.41 28.13
C ALA X 321 44.38 8.78 26.99
N ASN X 322 44.35 7.97 25.93
CA ASN X 322 43.49 8.21 24.76
C ASN X 322 42.74 6.91 24.47
N ASN X 323 41.49 6.84 24.91
CA ASN X 323 40.67 5.68 24.57
C ASN X 323 40.37 5.63 23.08
N GLU X 324 40.15 6.77 22.44
CA GLU X 324 39.82 6.79 21.02
C GLU X 324 40.97 6.29 20.15
N GLY X 325 42.20 6.31 20.65
CA GLY X 325 43.33 5.86 19.87
C GLY X 325 43.54 4.35 19.86
N LEU X 326 42.74 3.61 20.63
CA LEU X 326 42.87 2.17 20.66
C LEU X 326 42.50 1.55 19.31
N ALA X 327 43.31 0.60 18.86
CA ALA X 327 43.06 -0.10 17.61
C ALA X 327 42.22 -1.34 17.88
N SER X 328 40.99 -1.35 17.38
CA SER X 328 40.11 -2.48 17.60
C SER X 328 40.58 -3.69 16.80
N GLN X 329 40.67 -4.84 17.48
CA GLN X 329 41.10 -6.09 16.86
C GLN X 329 39.94 -7.04 16.58
N GLY X 330 38.71 -6.62 16.85
CA GLY X 330 37.58 -7.51 16.72
C GLY X 330 37.41 -8.39 17.94
N ASP X 331 36.34 -9.18 17.93
CA ASP X 331 36.02 -10.08 19.04
C ASP X 331 35.91 -9.31 20.35
N ASN X 332 35.22 -8.17 20.32
CA ASN X 332 35.10 -7.24 21.45
C ASN X 332 36.41 -7.09 22.21
N VAL X 333 37.49 -6.82 21.47
CA VAL X 333 38.84 -6.75 22.02
C VAL X 333 39.56 -5.55 21.42
N TRP X 334 40.29 -4.82 22.28
CA TRP X 334 41.10 -3.69 21.86
C TRP X 334 42.56 -4.02 22.09
N ALA X 335 43.44 -3.33 21.36
CA ALA X 335 44.88 -3.48 21.52
C ALA X 335 45.52 -2.11 21.72
N ALA X 336 46.54 -2.08 22.58
CA ALA X 336 47.25 -0.83 22.84
C ALA X 336 48.12 -0.45 21.64
N THR X 337 48.15 0.85 21.34
CA THR X 337 48.93 1.39 20.24
C THR X 337 49.64 2.65 20.71
N GLN X 338 50.46 3.22 19.82
CA GLN X 338 51.17 4.46 20.16
C GLN X 338 50.20 5.62 20.33
N ALA X 339 49.15 5.69 19.51
CA ALA X 339 48.17 6.77 19.64
C ALA X 339 47.46 6.73 20.99
N SER X 340 47.09 5.54 21.47
CA SER X 340 46.46 5.42 22.77
C SER X 340 47.45 5.57 23.92
N GLY X 341 48.72 5.23 23.70
CA GLY X 341 49.72 5.33 24.74
C GLY X 341 49.79 4.09 25.61
N VAL X 342 50.78 4.08 26.50
CA VAL X 342 50.99 2.93 27.37
C VAL X 342 49.86 2.83 28.38
N ALA X 343 49.36 1.61 28.58
CA ALA X 343 48.25 1.38 29.48
C ALA X 343 48.71 1.56 30.93
N LEU X 344 47.90 2.24 31.73
CA LEU X 344 48.15 2.38 33.16
C LEU X 344 47.34 1.31 33.90
N LEU X 345 48.04 0.50 34.69
CA LEU X 345 47.42 -0.61 35.41
C LEU X 345 47.03 -0.19 36.82
N GLY X 346 46.01 -0.84 37.35
CA GLY X 346 45.58 -0.56 38.71
C GLY X 346 44.50 -1.50 39.15
N THR X 347 43.93 -1.20 40.31
CA THR X 347 42.86 -2.00 40.89
C THR X 347 41.54 -1.25 40.78
N ALA X 348 40.44 -2.01 40.86
CA ALA X 348 39.12 -1.42 40.70
C ALA X 348 38.77 -0.51 41.88
N GLY X 349 38.01 0.54 41.59
CA GLY X 349 37.50 1.41 42.63
C GLY X 349 38.48 2.42 43.19
N SER X 350 39.67 2.54 42.60
CA SER X 350 40.70 3.45 43.10
C SER X 350 41.26 4.28 41.96
N GLY X 351 41.58 5.54 42.25
CA GLY X 351 42.15 6.42 41.25
C GLY X 351 41.18 6.67 40.11
N ASN X 352 41.66 6.45 38.88
CA ASN X 352 40.86 6.64 37.68
C ASN X 352 40.29 5.32 37.15
N PHE X 353 39.92 4.42 38.05
CA PHE X 353 39.36 3.12 37.69
C PHE X 353 37.98 2.99 38.32
N GLY X 354 37.02 2.53 37.53
CA GLY X 354 35.64 2.43 37.97
C GLY X 354 35.37 1.18 38.79
N LYS X 355 34.15 1.12 39.30
CA LYS X 355 33.71 0.01 40.15
C LYS X 355 33.32 -1.20 39.30
N LEU X 356 33.60 -2.37 39.86
CA LEU X 356 33.17 -3.63 39.24
C LEU X 356 31.90 -4.14 39.90
N THR X 357 30.93 -4.51 39.07
CA THR X 357 29.66 -5.07 39.53
C THR X 357 29.61 -6.53 39.15
N ASN X 358 29.48 -7.40 40.15
CA ASN X 358 29.45 -8.83 39.93
C ASN X 358 28.02 -9.29 39.63
N GLY X 359 27.91 -10.32 38.81
CA GLY X 359 26.61 -10.83 38.43
C GLY X 359 25.89 -10.02 37.38
N ALA X 360 26.57 -9.07 36.74
CA ALA X 360 25.95 -8.20 35.76
C ALA X 360 26.88 -8.04 34.57
N LEU X 361 26.29 -7.74 33.41
CA LEU X 361 27.02 -7.56 32.17
C LEU X 361 26.74 -6.17 31.61
N GLU X 362 27.77 -5.58 30.99
CA GLU X 362 27.62 -4.27 30.36
C GLU X 362 27.12 -4.46 28.93
N ALA X 363 25.87 -4.06 28.68
CA ALA X 363 25.30 -4.14 27.35
C ALA X 363 25.90 -3.05 26.47
N SER X 364 25.62 -3.14 25.17
CA SER X 364 26.15 -2.18 24.21
C SER X 364 25.45 -0.82 24.40
N ASN X 365 26.12 0.23 23.95
CA ASN X 365 25.56 1.59 24.03
C ASN X 365 24.99 2.05 22.71
N VAL X 366 24.46 1.13 21.91
CA VAL X 366 23.91 1.44 20.60
C VAL X 366 22.40 1.65 20.73
N ASP X 367 21.93 2.83 20.38
CA ASP X 367 20.50 3.09 20.34
C ASP X 367 20.00 2.97 18.90
N LEU X 368 18.97 2.14 18.70
CA LEU X 368 18.51 1.80 17.37
C LEU X 368 17.84 2.96 16.64
N SER X 369 17.11 3.81 17.37
CA SER X 369 16.35 4.89 16.73
C SER X 369 17.27 5.89 16.04
N LYS X 370 18.27 6.38 16.78
CA LYS X 370 19.18 7.37 16.23
C LYS X 370 19.99 6.78 15.07
N GLU X 371 20.35 5.50 15.18
CA GLU X 371 21.08 4.84 14.10
C GLU X 371 20.21 4.73 12.84
N LEU X 372 18.93 4.42 13.00
CA LEU X 372 18.03 4.36 11.85
C LEU X 372 17.90 5.74 11.19
N VAL X 373 17.77 6.78 12.01
CA VAL X 373 17.66 8.13 11.45
C VAL X 373 18.94 8.50 10.70
N ASN X 374 20.10 8.16 11.28
CA ASN X 374 21.36 8.44 10.61
C ASN X 374 21.49 7.66 9.31
N MET X 375 20.99 6.43 9.29
CA MET X 375 20.96 5.65 8.06
C MET X 375 20.14 6.35 6.99
N ILE X 376 18.99 6.89 7.37
CA ILE X 376 18.14 7.60 6.41
C ILE X 376 18.88 8.82 5.85
N VAL X 377 19.49 9.60 6.74
CA VAL X 377 20.19 10.81 6.29
C VAL X 377 21.35 10.45 5.38
N ALA X 378 22.10 9.41 5.72
CA ALA X 378 23.23 9.00 4.90
C ALA X 378 22.77 8.47 3.54
N GLN X 379 21.63 7.78 3.51
CA GLN X 379 21.06 7.36 2.24
C GLN X 379 20.74 8.56 1.35
N ARG X 380 20.13 9.59 1.94
CA ARG X 380 19.84 10.79 1.16
C ARG X 380 21.11 11.46 0.64
N ASN X 381 22.13 11.55 1.49
CA ASN X 381 23.40 12.14 1.06
C ASN X 381 24.02 11.34 -0.08
N TYR X 382 24.00 10.01 0.02
CA TYR X 382 24.53 9.16 -1.03
C TYR X 382 23.78 9.35 -2.34
N GLN X 383 22.45 9.44 -2.27
CA GLN X 383 21.68 9.63 -3.50
C GLN X 383 21.97 10.98 -4.14
N SER X 384 22.11 12.03 -3.32
CA SER X 384 22.47 13.34 -3.88
C SER X 384 23.84 13.30 -4.54
N ASN X 385 24.80 12.62 -3.92
CA ASN X 385 26.13 12.53 -4.50
C ASN X 385 26.10 11.75 -5.81
N ALA X 386 25.29 10.68 -5.87
CA ALA X 386 25.13 9.95 -7.11
C ALA X 386 24.49 10.82 -8.19
N GLN X 387 23.56 11.70 -7.80
CA GLN X 387 22.99 12.63 -8.75
C GLN X 387 24.06 13.58 -9.30
N THR X 388 24.97 14.04 -8.44
CA THR X 388 26.08 14.86 -8.91
C THR X 388 26.95 14.09 -9.90
N ILE X 389 27.23 12.82 -9.60
CA ILE X 389 28.01 11.97 -10.51
C ILE X 389 27.32 11.89 -11.86
N LYS X 390 25.99 11.70 -11.85
CA LYS X 390 25.23 11.60 -13.09
C LYS X 390 25.28 12.91 -13.87
N THR X 391 25.23 14.04 -13.15
CA THR X 391 25.34 15.34 -13.82
C THR X 391 26.68 15.47 -14.54
N GLN X 392 27.77 15.09 -13.86
CA GLN X 392 29.08 15.15 -14.50
C GLN X 392 29.17 14.21 -15.69
N ASP X 393 28.54 13.04 -15.59
CA ASP X 393 28.50 12.10 -16.71
C ASP X 393 27.79 12.71 -17.91
N GLN X 394 26.88 13.66 -17.68
CA GLN X 394 26.13 14.20 -18.84
C GLN X 394 26.93 15.31 -19.56
N ILE X 395 27.68 16.13 -18.82
CA ILE X 395 28.49 17.24 -19.38
C ILE X 395 29.61 16.69 -20.27
N LEU X 396 30.33 15.69 -19.78
CA LEU X 396 31.39 15.06 -20.61
C LEU X 396 30.71 14.44 -21.82
N ASN X 397 29.52 13.85 -21.68
CA ASN X 397 28.89 13.31 -22.91
C ASN X 397 28.69 14.46 -23.89
N THR X 398 28.05 15.55 -23.48
CA THR X 398 27.84 16.60 -24.48
C THR X 398 29.18 16.94 -25.13
N LEU X 399 30.21 17.18 -24.33
CA LEU X 399 31.46 17.64 -25.01
C LEU X 399 31.97 16.57 -25.98
N VAL X 400 32.11 15.33 -25.54
CA VAL X 400 32.61 14.23 -26.41
C VAL X 400 31.82 14.24 -27.70
N ASN X 401 30.50 14.30 -27.64
CA ASN X 401 29.66 14.24 -28.87
C ASN X 401 29.89 15.46 -29.76
N LEU X 402 29.78 16.68 -29.22
CA LEU X 402 29.91 17.90 -30.07
C LEU X 402 30.31 17.50 -31.49
N SER Y 2 12.29 32.75 -15.39
CA SER Y 2 12.31 31.36 -15.86
C SER Y 2 12.62 30.40 -14.73
N PHE Y 3 13.89 30.05 -14.58
CA PHE Y 3 14.30 29.13 -13.51
C PHE Y 3 14.12 29.78 -12.15
N SER Y 4 14.44 31.08 -12.04
CA SER Y 4 14.44 31.75 -10.74
C SER Y 4 13.06 31.75 -10.11
N GLN Y 5 12.02 31.74 -10.94
CA GLN Y 5 10.65 31.72 -10.41
C GLN Y 5 10.39 30.46 -9.61
N ALA Y 6 10.62 29.30 -10.22
CA ALA Y 6 10.41 28.04 -9.52
C ALA Y 6 11.42 27.84 -8.41
N VAL Y 7 12.64 28.39 -8.58
CA VAL Y 7 13.63 28.30 -7.52
C VAL Y 7 13.15 29.03 -6.27
N SER Y 8 12.61 30.25 -6.44
CA SER Y 8 12.08 31.00 -5.32
C SER Y 8 10.88 30.29 -4.70
N GLY Y 9 10.01 29.73 -5.55
CA GLY Y 9 8.89 28.97 -5.01
C GLY Y 9 9.32 27.79 -4.16
N LEU Y 10 10.31 27.03 -4.66
CA LEU Y 10 10.83 25.88 -3.92
C LEU Y 10 11.47 26.32 -2.62
N ASN Y 11 12.23 27.43 -2.64
CA ASN Y 11 12.86 27.93 -1.42
C ASN Y 11 11.81 28.34 -0.40
N ALA Y 12 10.75 29.02 -0.84
CA ALA Y 12 9.68 29.40 0.07
C ALA Y 12 8.99 28.19 0.67
N ALA Y 13 8.72 27.17 -0.16
CA ALA Y 13 8.10 25.96 0.36
C ALA Y 13 9.00 25.26 1.36
N ALA Y 14 10.30 25.21 1.08
CA ALA Y 14 11.26 24.61 2.01
C ALA Y 14 11.30 25.37 3.33
N THR Y 15 11.28 26.70 3.27
CA THR Y 15 11.27 27.49 4.50
C THR Y 15 10.01 27.23 5.31
N ASN Y 16 8.86 27.15 4.63
CA ASN Y 16 7.61 26.87 5.32
C ASN Y 16 7.66 25.50 5.99
N LEU Y 17 8.17 24.50 5.28
CA LEU Y 17 8.27 23.16 5.85
C LEU Y 17 9.24 23.13 7.03
N ASP Y 18 10.33 23.89 6.94
CA ASP Y 18 11.28 23.97 8.04
C ASP Y 18 10.65 24.61 9.28
N VAL Y 19 9.85 25.66 9.07
CA VAL Y 19 9.17 26.30 10.19
C VAL Y 19 8.18 25.33 10.83
N ILE Y 20 7.45 24.58 10.01
CA ILE Y 20 6.49 23.61 10.53
C ILE Y 20 7.21 22.52 11.32
N GLY Y 21 8.33 22.04 10.78
CA GLY Y 21 9.11 21.03 11.49
C GLY Y 21 9.66 21.53 12.81
N ASN Y 22 10.12 22.79 12.83
CA ASN Y 22 10.58 23.38 14.09
C ASN Y 22 9.44 23.47 15.10
N ASN Y 23 8.25 23.86 14.64
CA ASN Y 23 7.10 23.92 15.54
C ASN Y 23 6.77 22.55 16.11
N ILE Y 24 6.81 21.52 15.27
CA ILE Y 24 6.52 20.17 15.75
C ILE Y 24 7.58 19.70 16.74
N ALA Y 25 8.86 19.96 16.44
CA ALA Y 25 9.94 19.52 17.33
C ALA Y 25 9.84 20.18 18.69
N ASN Y 26 9.20 21.34 18.77
CA ASN Y 26 8.99 22.03 20.03
C ASN Y 26 7.57 21.87 20.57
N SER Y 27 6.97 20.69 20.39
CA SER Y 27 5.61 20.44 20.83
C SER Y 27 5.49 20.58 22.34
N ALA Y 28 6.48 20.11 23.08
CA ALA Y 28 6.50 20.19 24.54
C ALA Y 28 7.75 20.97 24.94
N THR Y 29 7.61 22.30 24.98
CA THR Y 29 8.69 23.21 25.35
C THR Y 29 8.05 24.43 26.01
N TYR Y 30 8.19 24.50 27.33
CA TYR Y 30 7.59 25.58 28.10
C TYR Y 30 8.13 26.94 27.67
N GLY Y 31 7.23 27.90 27.43
CA GLY Y 31 7.63 29.21 26.99
C GLY Y 31 7.95 29.33 25.51
N PHE Y 32 7.54 28.37 24.70
CA PHE Y 32 7.77 28.41 23.26
C PHE Y 32 6.55 28.97 22.56
N LYS Y 33 6.78 29.84 21.57
CA LYS Y 33 5.72 30.40 20.75
C LYS Y 33 5.88 29.92 19.31
N SER Y 34 4.78 29.46 18.73
CA SER Y 34 4.81 28.95 17.37
C SER Y 34 5.19 30.04 16.37
N GLY Y 35 5.79 29.62 15.26
CA GLY Y 35 6.21 30.54 14.21
C GLY Y 35 5.49 30.25 12.91
N THR Y 36 5.37 31.28 12.08
CA THR Y 36 4.72 31.15 10.77
C THR Y 36 5.47 32.01 9.77
N ALA Y 37 5.73 31.46 8.59
CA ALA Y 37 6.44 32.19 7.55
C ALA Y 37 5.49 33.12 6.82
N SER Y 38 5.97 34.31 6.47
CA SER Y 38 5.20 35.28 5.71
C SER Y 38 5.82 35.45 4.33
N PHE Y 39 4.99 35.31 3.29
CA PHE Y 39 5.45 35.37 1.92
C PHE Y 39 4.89 36.59 1.22
N ALA Y 40 5.62 37.07 0.20
CA ALA Y 40 5.24 38.24 -0.56
C ALA Y 40 5.66 38.06 -2.01
N ASP Y 41 5.01 38.82 -2.89
CA ASP Y 41 5.30 38.75 -4.31
C ASP Y 41 6.63 39.45 -4.63
N MET Y 42 7.14 39.22 -5.83
CA MET Y 42 8.39 39.81 -6.25
C MET Y 42 8.31 40.38 -7.66
N PHE Y 43 7.25 41.13 -7.95
CA PHE Y 43 7.11 41.75 -9.26
C PHE Y 43 8.22 42.79 -9.47
N ALA Y 44 8.79 42.80 -10.68
CA ALA Y 44 9.84 43.74 -11.04
C ALA Y 44 9.63 44.16 -12.49
N GLY Y 45 8.89 45.26 -12.68
CA GLY Y 45 8.66 45.80 -14.02
C GLY Y 45 7.68 44.99 -14.83
N SER Y 46 8.08 43.79 -15.22
CA SER Y 46 7.21 42.92 -16.01
C SER Y 46 6.03 42.43 -15.18
N LYS Y 47 4.93 42.15 -15.85
CA LYS Y 47 3.72 41.67 -15.18
C LYS Y 47 3.73 40.17 -14.95
N VAL Y 48 4.79 39.47 -15.36
CA VAL Y 48 4.80 38.00 -15.29
C VAL Y 48 4.99 37.49 -13.87
N GLY Y 49 5.26 38.36 -12.90
CA GLY Y 49 5.41 37.90 -11.53
C GLY Y 49 6.67 37.10 -11.29
N LEU Y 50 7.81 37.79 -11.33
CA LEU Y 50 9.13 37.11 -11.20
C LEU Y 50 9.07 35.97 -10.19
N GLY Y 51 8.68 36.23 -8.95
CA GLY Y 51 8.70 35.16 -7.99
C GLY Y 51 8.11 35.53 -6.64
N VAL Y 52 8.54 34.77 -5.63
CA VAL Y 52 8.07 34.95 -4.26
C VAL Y 52 9.29 35.02 -3.34
N LYS Y 53 9.13 35.69 -2.22
CA LYS Y 53 10.18 35.82 -1.23
C LYS Y 53 9.60 35.65 0.17
N VAL Y 54 10.46 35.28 1.11
CA VAL Y 54 10.03 35.10 2.50
C VAL Y 54 10.23 36.41 3.23
N ALA Y 55 9.14 37.11 3.51
CA ALA Y 55 9.23 38.42 4.16
C ALA Y 55 9.74 38.31 5.58
N GLY Y 56 9.52 37.18 6.24
CA GLY Y 56 10.00 37.01 7.61
C GLY Y 56 9.27 35.87 8.29
N ILE Y 57 9.58 35.72 9.57
CA ILE Y 57 8.96 34.71 10.42
C ILE Y 57 8.27 35.45 11.57
N THR Y 58 6.96 35.25 11.69
CA THR Y 58 6.17 35.91 12.71
C THR Y 58 5.79 34.91 13.80
N GLN Y 59 6.04 35.29 15.04
CA GLN Y 59 5.65 34.47 16.18
C GLN Y 59 4.18 34.69 16.51
N ASP Y 60 3.59 33.71 17.17
CA ASP Y 60 2.20 33.77 17.62
C ASP Y 60 2.26 33.87 19.14
N PHE Y 61 2.25 35.11 19.64
CA PHE Y 61 2.44 35.38 21.07
C PHE Y 61 1.16 35.20 21.86
N THR Y 62 0.54 34.02 21.74
CA THR Y 62 -0.67 33.72 22.48
C THR Y 62 -0.34 32.84 23.68
N ASP Y 63 -1.09 33.04 24.77
CA ASP Y 63 -0.86 32.27 25.99
C ASP Y 63 -1.07 30.78 25.75
N GLY Y 64 -0.13 29.98 26.24
CA GLY Y 64 -0.31 28.54 26.25
C GLY Y 64 -1.06 28.08 27.48
N THR Y 65 -1.18 26.77 27.61
CA THR Y 65 -1.84 26.19 28.77
C THR Y 65 -0.98 26.38 30.02
N THR Y 66 -1.62 26.72 31.12
CA THR Y 66 -0.93 26.86 32.40
C THR Y 66 -1.07 25.56 33.19
N THR Y 67 0.00 24.78 33.24
CA THR Y 67 -0.01 23.44 33.81
C THR Y 67 0.60 23.48 35.21
N ASN Y 68 -0.10 22.90 36.17
CA ASN Y 68 0.37 22.88 37.54
C ASN Y 68 1.48 21.84 37.71
N THR Y 69 2.58 22.25 38.32
CA THR Y 69 3.69 21.35 38.61
C THR Y 69 3.94 21.15 40.10
N GLY Y 70 3.57 22.10 40.94
CA GLY Y 70 3.69 21.96 42.37
C GLY Y 70 4.99 22.43 42.97
N ARG Y 71 5.95 22.81 42.11
CA ARG Y 71 7.23 23.38 42.61
C ARG Y 71 6.95 24.82 43.00
N GLY Y 72 7.86 25.44 43.73
CA GLY Y 72 7.64 26.81 44.20
C GLY Y 72 8.46 27.79 43.39
N LEU Y 73 9.21 27.25 42.43
CA LEU Y 73 10.04 28.12 41.55
C LEU Y 73 9.50 28.02 40.12
N ASP Y 74 8.33 27.43 39.92
CA ASP Y 74 7.69 27.53 38.62
C ASP Y 74 6.64 28.64 38.66
N VAL Y 75 6.87 29.69 37.88
CA VAL Y 75 5.95 30.82 37.80
C VAL Y 75 5.63 31.07 36.33
N ALA Y 76 4.35 31.22 36.02
CA ALA Y 76 3.88 31.42 34.67
C ALA Y 76 3.27 32.80 34.50
N ILE Y 77 3.60 33.45 33.38
CA ILE Y 77 3.08 34.78 33.09
C ILE Y 77 1.81 34.64 32.27
N SER Y 78 0.67 34.94 32.88
CA SER Y 78 -0.58 35.01 32.14
C SER Y 78 -0.71 36.37 31.46
N GLN Y 79 -1.34 36.37 30.30
CA GLN Y 79 -1.50 37.57 29.46
C GLN Y 79 -0.09 38.06 29.06
N ASN Y 80 0.08 39.37 28.94
CA ASN Y 80 1.33 39.93 28.45
C ASN Y 80 2.37 40.02 29.56
N GLY Y 81 3.63 40.04 29.16
CA GLY Y 81 4.75 40.17 30.08
C GLY Y 81 5.89 39.24 29.69
N PHE Y 82 7.10 39.64 30.10
CA PHE Y 82 8.31 38.87 29.83
C PHE Y 82 9.22 38.92 31.04
N PHE Y 83 9.73 37.75 31.44
CA PHE Y 83 10.78 37.71 32.44
C PHE Y 83 12.07 38.31 31.89
N ARG Y 84 12.76 39.08 32.73
CA ARG Y 84 13.99 39.74 32.35
C ARG Y 84 15.18 39.01 32.97
N LEU Y 85 16.15 38.65 32.15
CA LEU Y 85 17.31 37.87 32.56
C LEU Y 85 18.60 38.56 32.14
N VAL Y 86 19.69 38.24 32.83
CA VAL Y 86 21.02 38.76 32.50
C VAL Y 86 22.01 37.61 32.48
N ASP Y 87 22.88 37.61 31.48
CA ASP Y 87 23.93 36.60 31.37
C ASP Y 87 25.21 37.12 32.04
N SER Y 88 26.31 36.40 31.82
CA SER Y 88 27.57 36.77 32.44
C SER Y 88 28.18 38.03 31.85
N ASN Y 89 27.82 38.38 30.61
CA ASN Y 89 28.31 39.57 29.96
C ASN Y 89 27.53 40.80 30.39
N GLY Y 90 26.35 40.60 30.98
CA GLY Y 90 25.47 41.71 31.32
C GLY Y 90 24.44 42.05 30.27
N SER Y 91 24.40 41.30 29.17
CA SER Y 91 23.35 41.51 28.17
C SER Y 91 21.99 41.16 28.76
N VAL Y 92 20.98 41.92 28.37
CA VAL Y 92 19.62 41.75 28.88
C VAL Y 92 18.82 40.92 27.89
N PHE Y 93 18.15 39.89 28.40
CA PHE Y 93 17.32 39.01 27.59
C PHE Y 93 15.94 38.91 28.22
N TYR Y 94 15.00 38.37 27.45
CA TYR Y 94 13.62 38.26 27.90
C TYR Y 94 13.07 36.89 27.52
N SER Y 95 12.35 36.26 28.44
CA SER Y 95 11.87 34.91 28.24
C SER Y 95 10.58 34.69 29.02
N ARG Y 96 9.72 33.82 28.48
CA ARG Y 96 8.47 33.46 29.14
C ARG Y 96 8.57 32.20 29.99
N ASN Y 97 9.74 31.58 30.04
CA ASN Y 97 9.92 30.33 30.78
C ASN Y 97 9.88 30.61 32.28
N GLY Y 98 9.40 29.63 33.06
CA GLY Y 98 9.31 29.80 34.50
C GLY Y 98 10.10 28.78 35.28
N GLN Y 99 10.92 27.99 34.59
CA GLN Y 99 11.74 26.97 35.25
C GLN Y 99 12.98 27.64 35.83
N PHE Y 100 12.85 28.17 37.04
CA PHE Y 100 13.94 28.81 37.74
C PHE Y 100 14.51 27.87 38.80
N LYS Y 101 15.83 27.87 38.92
CA LYS Y 101 16.50 27.04 39.90
C LYS Y 101 17.40 27.91 40.76
N LEU Y 102 17.50 27.53 42.04
CA LEU Y 102 18.35 28.23 42.98
C LEU Y 102 19.74 27.63 42.92
N ASP Y 103 20.70 28.41 42.40
CA ASP Y 103 22.04 27.92 42.14
C ASP Y 103 22.88 27.92 43.41
N GLU Y 104 24.18 27.65 43.25
CA GLU Y 104 25.06 27.57 44.40
C GLU Y 104 25.34 28.93 45.03
N ASN Y 105 25.30 30.00 44.21
CA ASN Y 105 25.54 31.35 44.71
C ASN Y 105 24.27 32.00 45.25
N ARG Y 106 23.18 31.25 45.34
CA ARG Y 106 21.90 31.67 45.92
C ARG Y 106 21.12 32.62 45.01
N ASN Y 107 21.44 32.65 43.72
CA ASN Y 107 20.69 33.47 42.77
C ASN Y 107 19.62 32.64 42.08
N LEU Y 108 18.54 33.32 41.67
CA LEU Y 108 17.47 32.68 40.90
C LEU Y 108 17.86 32.70 39.43
N VAL Y 109 18.17 31.53 38.87
CA VAL Y 109 18.56 31.41 37.47
C VAL Y 109 17.68 30.35 36.81
N ASN Y 110 17.60 30.42 35.49
CA ASN Y 110 16.82 29.46 34.72
C ASN Y 110 17.66 28.20 34.48
N MET Y 111 17.16 27.31 33.61
CA MET Y 111 17.88 26.07 33.34
C MET Y 111 19.23 26.32 32.70
N GLN Y 112 19.33 27.35 31.84
CA GLN Y 112 20.57 27.65 31.14
C GLN Y 112 21.52 28.52 31.95
N GLY Y 113 21.10 29.01 33.12
CA GLY Y 113 22.00 29.72 34.00
C GLY Y 113 21.88 31.23 33.99
N MET Y 114 21.04 31.80 33.13
CA MET Y 114 20.85 33.24 33.13
C MET Y 114 20.11 33.68 34.39
N GLN Y 115 20.59 34.75 35.01
CA GLN Y 115 20.11 35.19 36.31
C GLN Y 115 18.84 36.01 36.17
N LEU Y 116 17.80 35.65 36.93
CA LEU Y 116 16.58 36.42 36.94
C LEU Y 116 16.81 37.77 37.61
N THR Y 117 16.19 38.82 37.06
CA THR Y 117 16.38 40.17 37.54
C THR Y 117 15.10 40.70 38.17
N GLY Y 118 15.27 41.71 39.02
CA GLY Y 118 14.13 42.32 39.66
C GLY Y 118 14.54 43.49 40.51
N TYR Y 119 13.53 44.17 41.06
CA TYR Y 119 13.77 45.28 41.97
C TYR Y 119 14.30 44.77 43.30
N PRO Y 120 15.42 45.30 43.80
CA PRO Y 120 15.96 44.82 45.06
C PRO Y 120 15.30 45.50 46.25
N ALA Y 121 15.55 44.94 47.44
CA ALA Y 121 15.04 45.48 48.69
C ALA Y 121 16.18 46.11 49.48
N THR Y 122 15.97 47.34 49.94
CA THR Y 122 16.97 48.07 50.71
C THR Y 122 16.32 48.67 51.95
N GLY Y 123 17.14 48.89 52.97
CA GLY Y 123 16.67 49.51 54.19
C GLY Y 123 16.28 48.50 55.26
N THR Y 124 15.91 49.04 56.42
CA THR Y 124 15.47 48.23 57.55
C THR Y 124 14.20 48.83 58.15
N PRO Y 125 13.04 48.17 58.01
CA PRO Y 125 12.82 46.88 57.34
C PRO Y 125 12.92 46.99 55.82
N PRO Y 126 13.45 45.95 55.16
CA PRO Y 126 13.63 46.02 53.72
C PRO Y 126 12.29 46.17 52.99
N THR Y 127 12.27 47.07 52.02
CA THR Y 127 11.12 47.30 51.17
C THR Y 127 11.59 47.47 49.72
N ILE Y 128 10.72 47.10 48.79
CA ILE Y 128 11.07 47.18 47.38
C ILE Y 128 11.15 48.64 46.96
N GLN Y 129 12.34 49.07 46.55
CA GLN Y 129 12.54 50.43 46.04
C GLN Y 129 12.49 50.37 44.51
N GLN Y 130 11.40 50.90 43.97
CA GLN Y 130 11.15 50.79 42.54
C GLN Y 130 11.88 51.85 41.73
N GLY Y 131 12.54 52.80 42.40
CA GLY Y 131 13.32 53.81 41.70
C GLY Y 131 14.67 53.34 41.21
N ALA Y 132 15.07 52.13 41.56
CA ALA Y 132 16.37 51.61 41.17
C ALA Y 132 16.26 50.73 39.93
N ASN Y 133 17.40 50.51 39.28
CA ASN Y 133 17.45 49.63 38.13
C ASN Y 133 17.37 48.18 38.59
N PRO Y 134 16.84 47.27 37.75
CA PRO Y 134 16.73 45.87 38.16
C PRO Y 134 18.10 45.25 38.42
N ALA Y 135 18.15 44.36 39.41
CA ALA Y 135 19.34 43.64 39.80
C ALA Y 135 19.03 42.16 39.95
N PRO Y 136 20.01 41.29 39.78
CA PRO Y 136 19.76 39.85 39.96
C PRO Y 136 19.23 39.54 41.36
N ILE Y 137 18.25 38.63 41.42
CA ILE Y 137 17.63 38.29 42.69
C ILE Y 137 18.42 37.18 43.35
N THR Y 138 18.80 37.39 44.61
CA THR Y 138 19.57 36.42 45.38
C THR Y 138 18.86 36.12 46.69
N ILE Y 139 19.08 34.92 47.22
CA ILE Y 139 18.45 34.50 48.46
C ILE Y 139 19.56 34.02 49.41
N PRO Y 140 20.16 34.90 50.23
CA PRO Y 140 21.24 34.45 51.07
C PRO Y 140 20.72 33.72 52.31
N ASN Y 141 21.58 32.93 52.97
CA ASN Y 141 21.21 32.23 54.22
C ASN Y 141 21.56 33.18 55.36
N THR Y 142 22.33 34.23 55.07
CA THR Y 142 22.74 35.23 56.09
C THR Y 142 21.72 35.30 57.22
N LEU Y 143 22.09 34.78 58.39
CA LEU Y 143 21.18 34.91 59.52
C LEU Y 143 20.62 36.33 59.61
N MET Y 144 19.37 36.42 60.05
CA MET Y 144 18.72 37.71 60.26
C MET Y 144 19.02 38.17 61.68
N ALA Y 145 19.49 39.41 61.81
CA ALA Y 145 19.88 39.96 63.10
C ALA Y 145 18.62 40.33 63.89
N ALA Y 146 18.78 40.66 65.16
CA ALA Y 146 17.65 41.03 66.01
C ALA Y 146 17.40 42.52 65.95
N LYS Y 147 16.16 42.88 66.28
CA LYS Y 147 15.75 44.29 66.27
C LYS Y 147 15.29 44.61 67.68
N SER Y 148 15.97 45.53 68.37
CA SER Y 148 15.50 45.94 69.70
C SER Y 148 14.18 46.71 69.50
N THR Y 149 13.26 46.60 70.45
CA THR Y 149 11.93 47.20 70.26
C THR Y 149 11.96 48.73 70.33
N THR Y 150 11.24 49.43 69.45
CA THR Y 150 11.08 50.87 69.51
C THR Y 150 9.64 51.32 69.69
N THR Y 151 8.67 50.46 69.41
CA THR Y 151 7.26 50.78 69.57
C THR Y 151 6.51 49.53 70.00
N ALA Y 152 5.74 49.65 71.08
CA ALA Y 152 4.92 48.56 71.57
C ALA Y 152 3.51 49.08 71.80
N SER Y 153 2.53 48.20 71.68
CA SER Y 153 1.12 48.57 71.82
C SER Y 153 0.38 47.51 72.60
N MET Y 154 -0.50 47.96 73.49
CA MET Y 154 -1.33 47.06 74.30
C MET Y 154 -2.74 47.62 74.36
N GLN Y 155 -3.64 47.06 73.56
CA GLN Y 155 -5.05 47.41 73.60
C GLN Y 155 -5.76 46.48 74.56
N ILE Y 156 -6.44 47.06 75.54
CA ILE Y 156 -7.13 46.31 76.60
C ILE Y 156 -8.48 46.96 76.86
N ASN Y 157 -9.45 46.15 77.28
CA ASN Y 157 -10.76 46.64 77.69
C ASN Y 157 -10.89 46.48 79.21
N LEU Y 158 -11.49 47.48 79.86
CA LEU Y 158 -11.54 47.53 81.31
C LEU Y 158 -12.98 47.43 81.80
N ASN Y 159 -13.14 46.93 83.02
CA ASN Y 159 -14.45 46.81 83.66
C ASN Y 159 -14.71 48.03 84.53
N SER Y 160 -15.92 48.58 84.45
CA SER Y 160 -16.27 49.73 85.25
C SER Y 160 -16.53 49.37 86.70
N THR Y 161 -17.02 48.16 86.95
CA THR Y 161 -17.49 47.76 88.28
C THR Y 161 -16.35 47.27 89.18
N ASP Y 162 -15.11 47.28 88.70
CA ASP Y 162 -14.01 46.78 89.51
C ASP Y 162 -13.84 47.65 90.76
N PRO Y 163 -13.79 47.05 91.95
CA PRO Y 163 -13.46 47.82 93.15
C PRO Y 163 -11.98 48.15 93.21
N VAL Y 164 -11.65 49.19 93.95
CA VAL Y 164 -10.27 49.63 94.11
C VAL Y 164 -9.49 48.56 94.87
N PRO Y 165 -8.18 48.42 94.64
CA PRO Y 165 -7.40 47.43 95.39
C PRO Y 165 -7.47 47.69 96.89
N SER Y 166 -7.54 46.60 97.66
CA SER Y 166 -7.71 46.73 99.10
C SER Y 166 -6.38 46.95 99.81
N LYS Y 167 -5.36 46.18 99.46
CA LYS Y 167 -4.12 46.17 100.24
C LYS Y 167 -3.12 47.20 99.75
N THR Y 168 -3.33 48.46 100.14
CA THR Y 168 -2.32 49.48 99.94
C THR Y 168 -1.15 49.24 100.90
N PRO Y 169 0.10 49.48 100.46
CA PRO Y 169 0.55 49.95 99.14
C PRO Y 169 0.75 48.85 98.11
N PHE Y 170 1.24 49.24 96.94
CA PHE Y 170 1.49 48.30 95.87
C PHE Y 170 2.63 47.34 96.19
N SER Y 171 2.43 46.08 95.85
CA SER Y 171 3.51 45.10 95.82
C SER Y 171 3.33 44.24 94.57
N VAL Y 172 4.42 44.05 93.82
CA VAL Y 172 4.34 43.20 92.63
C VAL Y 172 4.15 41.74 93.04
N SER Y 173 4.50 41.41 94.28
CA SER Y 173 4.36 40.03 94.75
C SER Y 173 2.90 39.70 95.03
N ASP Y 174 2.16 40.63 95.62
CA ASP Y 174 0.80 40.36 96.10
C ASP Y 174 -0.19 40.53 94.96
N ALA Y 175 -1.01 39.50 94.74
CA ALA Y 175 -2.02 39.55 93.68
C ALA Y 175 -3.17 40.48 94.04
N ASP Y 176 -3.53 40.52 95.33
CA ASP Y 176 -4.67 41.33 95.76
C ASP Y 176 -4.32 42.81 95.81
N SER Y 177 -3.04 43.13 95.57
CA SER Y 177 -2.57 44.50 95.57
C SER Y 177 -2.83 45.22 94.25
N TYR Y 178 -3.33 44.53 93.23
CA TYR Y 178 -3.56 45.15 91.94
C TYR Y 178 -4.80 44.55 91.28
N ASN Y 179 -5.38 45.29 90.34
CA ASN Y 179 -6.52 44.79 89.59
C ASN Y 179 -6.13 43.86 88.46
N LYS Y 180 -5.12 44.23 87.66
CA LYS Y 180 -4.79 43.40 86.50
C LYS Y 180 -3.28 43.35 86.31
N LYS Y 181 -2.81 42.27 85.71
CA LYS Y 181 -1.40 42.12 85.36
C LYS Y 181 -1.29 41.50 83.97
N GLY Y 182 -0.45 42.11 83.12
CA GLY Y 182 -0.24 41.61 81.78
C GLY Y 182 1.25 41.53 81.47
N THR Y 183 1.56 40.77 80.42
CA THR Y 183 2.96 40.53 80.06
C THR Y 183 3.15 40.80 78.57
N VAL Y 184 4.19 41.58 78.26
CA VAL Y 184 4.59 41.87 76.89
C VAL Y 184 6.06 41.54 76.74
N THR Y 185 6.40 40.78 75.70
CA THR Y 185 7.78 40.37 75.46
C THR Y 185 8.44 41.30 74.46
N VAL Y 186 9.47 42.02 74.90
CA VAL Y 186 10.24 42.90 74.05
C VAL Y 186 11.64 42.31 73.90
N TYR Y 187 12.43 42.93 73.02
CA TYR Y 187 13.75 42.41 72.67
C TYR Y 187 14.77 43.53 72.62
N ASP Y 188 15.96 43.27 73.15
CA ASP Y 188 17.03 44.24 73.23
C ASP Y 188 17.95 44.12 72.01
N SER Y 189 19.13 44.74 72.09
CA SER Y 189 20.06 44.74 70.96
C SER Y 189 20.53 43.35 70.59
N GLN Y 190 20.69 42.45 71.56
CA GLN Y 190 21.09 41.08 71.28
C GLN Y 190 19.92 40.13 71.10
N GLY Y 191 18.69 40.64 71.17
CA GLY Y 191 17.52 39.80 71.00
C GLY Y 191 17.06 39.08 72.24
N ASN Y 192 17.63 39.42 73.40
CA ASN Y 192 17.20 38.80 74.64
C ASN Y 192 15.77 39.22 74.97
N ALA Y 193 15.04 38.32 75.61
CA ALA Y 193 13.63 38.54 75.91
C ALA Y 193 13.47 39.28 77.22
N HIS Y 194 12.80 40.43 77.19
CA HIS Y 194 12.44 41.20 78.37
C HIS Y 194 10.94 41.11 78.54
N ASP Y 195 10.50 40.57 79.68
CA ASP Y 195 9.07 40.37 79.92
C ASP Y 195 8.55 41.53 80.77
N MET Y 196 8.12 42.59 80.10
CA MET Y 196 7.51 43.73 80.79
C MET Y 196 6.16 43.31 81.34
N ASN Y 197 6.05 43.33 82.67
CA ASN Y 197 4.77 43.15 83.33
C ASN Y 197 4.16 44.52 83.58
N VAL Y 198 2.93 44.69 83.12
CA VAL Y 198 2.18 45.94 83.25
C VAL Y 198 1.06 45.70 84.24
N TYR Y 199 0.99 46.55 85.25
CA TYR Y 199 0.10 46.37 86.40
C TYR Y 199 -0.95 47.47 86.41
N PHE Y 200 -2.22 47.08 86.48
CA PHE Y 200 -3.35 48.00 86.51
C PHE Y 200 -3.91 48.04 87.93
N VAL Y 201 -3.93 49.23 88.53
CA VAL Y 201 -4.57 49.47 89.82
C VAL Y 201 -5.59 50.60 89.62
N LYS Y 202 -6.84 50.35 89.98
CA LYS Y 202 -7.85 51.40 89.89
C LYS Y 202 -7.67 52.39 91.02
N THR Y 203 -7.46 53.66 90.68
CA THR Y 203 -7.25 54.69 91.70
C THR Y 203 -8.53 55.42 92.07
N LYS Y 204 -9.20 56.04 91.11
CA LYS Y 204 -10.50 56.65 91.32
C LYS Y 204 -11.40 56.21 90.16
N ASP Y 205 -12.57 56.84 90.05
CA ASP Y 205 -13.49 56.53 88.97
C ASP Y 205 -12.87 56.86 87.63
N ASN Y 206 -12.83 55.87 86.73
CA ASN Y 206 -12.31 55.99 85.38
C ASN Y 206 -10.81 56.33 85.35
N GLU Y 207 -10.09 56.08 86.44
CA GLU Y 207 -8.67 56.41 86.53
C GLU Y 207 -7.91 55.16 86.93
N TRP Y 208 -6.93 54.78 86.11
CA TRP Y 208 -6.23 53.51 86.27
C TRP Y 208 -4.73 53.74 86.19
N ALA Y 209 -4.04 53.54 87.32
CA ALA Y 209 -2.59 53.65 87.30
C ALA Y 209 -1.97 52.37 86.75
N VAL Y 210 -1.07 52.52 85.78
CA VAL Y 210 -0.36 51.41 85.17
C VAL Y 210 1.11 51.52 85.55
N TYR Y 211 1.64 50.42 86.07
CA TYR Y 211 3.04 50.28 86.47
C TYR Y 211 3.74 49.35 85.48
N THR Y 212 5.03 49.57 85.26
CA THR Y 212 5.82 48.74 84.37
C THR Y 212 7.02 48.18 85.12
N HIS Y 213 7.21 46.86 85.03
CA HIS Y 213 8.33 46.22 85.71
C HIS Y 213 8.92 45.14 84.81
N ASP Y 214 10.25 45.13 84.70
CA ASP Y 214 10.93 44.11 83.89
C ASP Y 214 11.19 42.92 84.80
N SER Y 215 10.62 41.76 84.43
CA SER Y 215 10.79 40.55 85.22
C SER Y 215 11.96 39.70 84.75
N SER Y 216 12.48 39.94 83.55
CA SER Y 216 13.61 39.19 83.04
C SER Y 216 14.91 39.55 83.74
N ASP Y 217 15.04 40.77 84.24
CA ASP Y 217 16.23 41.20 84.96
C ASP Y 217 16.05 40.90 86.45
N PRO Y 218 16.85 39.98 87.01
CA PRO Y 218 16.68 39.63 88.42
C PRO Y 218 17.07 40.73 89.40
N ALA Y 219 17.93 41.66 89.00
CA ALA Y 219 18.42 42.70 89.89
C ALA Y 219 17.63 44.00 89.77
N ALA Y 220 16.57 44.02 88.97
CA ALA Y 220 15.78 45.24 88.83
C ALA Y 220 14.89 45.45 90.06
N THR Y 221 14.82 46.70 90.50
CA THR Y 221 13.99 47.05 91.64
C THR Y 221 12.53 47.13 91.24
N ALA Y 222 11.65 46.75 92.15
CA ALA Y 222 10.22 46.79 91.90
C ALA Y 222 9.74 48.24 91.89
N PRO Y 223 9.03 48.68 90.84
CA PRO Y 223 8.52 50.06 90.79
C PRO Y 223 7.66 50.38 92.01
N THR Y 224 7.82 51.59 92.53
CA THR Y 224 7.01 52.08 93.64
C THR Y 224 6.21 53.32 93.28
N THR Y 225 6.44 53.92 92.11
CA THR Y 225 5.79 55.14 91.69
C THR Y 225 5.12 54.92 90.34
N ALA Y 226 4.02 55.63 90.10
CA ALA Y 226 3.20 55.40 88.92
C ALA Y 226 4.01 55.62 87.64
N SER Y 227 3.97 54.62 86.76
CA SER Y 227 4.55 54.78 85.44
C SER Y 227 3.66 55.64 84.55
N THR Y 228 2.35 55.41 84.59
CA THR Y 228 1.42 56.25 83.84
C THR Y 228 0.05 56.14 84.50
N THR Y 229 -0.80 57.14 84.26
CA THR Y 229 -2.17 57.12 84.77
C THR Y 229 -3.13 57.22 83.59
N LEU Y 230 -3.69 56.09 83.18
CA LEU Y 230 -4.69 56.06 82.13
C LEU Y 230 -5.98 56.71 82.61
N LYS Y 231 -6.52 57.61 81.80
CA LYS Y 231 -7.75 58.33 82.09
C LYS Y 231 -8.79 58.01 81.02
N PHE Y 232 -9.92 57.47 81.47
CA PHE Y 232 -10.97 57.06 80.53
C PHE Y 232 -12.13 58.04 80.64
N ASN Y 233 -12.74 58.41 79.51
CA ASN Y 233 -13.76 59.50 79.56
C ASN Y 233 -15.11 58.96 80.01
N GLU Y 234 -16.19 59.60 79.55
CA GLU Y 234 -17.55 59.23 80.04
C GLU Y 234 -17.89 57.79 79.63
N ASN Y 235 -17.32 57.31 78.52
CA ASN Y 235 -17.73 55.95 78.07
C ASN Y 235 -16.56 55.24 77.39
N GLY Y 236 -15.70 54.60 78.18
CA GLY Y 236 -14.54 53.89 77.61
C GLY Y 236 -13.56 54.83 76.97
N ILE Y 237 -13.98 55.54 75.92
CA ILE Y 237 -13.07 56.45 75.17
C ILE Y 237 -11.88 56.89 76.03
N LEU Y 238 -10.68 56.40 75.70
CA LEU Y 238 -9.44 56.83 76.34
C LEU Y 238 -9.27 58.33 76.22
N GLU Y 239 -8.94 58.99 77.32
CA GLU Y 239 -8.81 60.43 77.37
C GLU Y 239 -7.37 60.92 77.27
N SER Y 240 -6.49 60.44 78.14
CA SER Y 240 -5.10 60.87 78.14
C SER Y 240 -4.23 59.79 78.77
N GLY Y 241 -2.92 59.91 78.55
CA GLY Y 241 -1.97 58.97 79.09
C GLY Y 241 -1.75 57.72 78.27
N GLY Y 242 -2.12 57.71 76.99
CA GLY Y 242 -2.03 56.52 76.19
C GLY Y 242 -0.63 56.13 75.74
N THR Y 243 0.36 57.00 75.90
CA THR Y 243 1.70 56.73 75.42
C THR Y 243 2.71 57.04 76.52
N VAL Y 244 3.65 56.13 76.73
CA VAL Y 244 4.67 56.29 77.77
C VAL Y 244 6.00 55.76 77.27
N ASN Y 245 7.08 56.47 77.59
CA ASN Y 245 8.42 55.97 77.31
C ASN Y 245 8.81 54.96 78.39
N ILE Y 246 9.31 53.80 77.94
CA ILE Y 246 9.66 52.71 78.83
C ILE Y 246 11.08 52.27 78.51
N THR Y 247 11.91 52.16 79.55
CA THR Y 247 13.31 51.75 79.40
C THR Y 247 13.49 50.36 79.98
N THR Y 248 14.13 49.49 79.21
CA THR Y 248 14.40 48.13 79.63
C THR Y 248 15.53 48.11 80.67
N GLY Y 249 15.70 46.96 81.30
CA GLY Y 249 16.89 46.71 82.08
C GLY Y 249 18.04 46.26 81.18
N THR Y 250 19.24 46.28 81.76
CA THR Y 250 20.44 45.85 81.04
C THR Y 250 20.72 44.41 81.45
N ILE Y 251 20.58 43.49 80.50
CA ILE Y 251 20.69 42.06 80.76
C ILE Y 251 21.81 41.48 79.92
N ASN Y 252 22.74 40.80 80.58
CA ASN Y 252 23.83 40.06 79.92
C ASN Y 252 24.65 40.97 79.00
N GLY Y 253 24.82 42.24 79.39
CA GLY Y 253 25.65 43.15 78.64
C GLY Y 253 25.02 43.74 77.40
N ALA Y 254 23.78 43.38 77.09
CA ALA Y 254 23.13 43.92 75.91
C ALA Y 254 22.62 45.33 76.16
N THR Y 255 22.54 46.13 75.10
CA THR Y 255 22.02 47.47 75.21
C THR Y 255 20.55 47.44 75.59
N ALA Y 256 20.19 48.18 76.63
CA ALA Y 256 18.80 48.29 77.02
C ALA Y 256 18.00 48.99 75.92
N ALA Y 257 16.84 48.41 75.59
CA ALA Y 257 16.00 48.96 74.55
C ALA Y 257 14.90 49.82 75.15
N THR Y 258 14.90 51.10 74.83
CA THR Y 258 13.85 52.02 75.24
C THR Y 258 12.84 52.11 74.10
N PHE Y 259 11.57 52.27 74.45
CA PHE Y 259 10.52 52.22 73.45
C PHE Y 259 9.28 52.97 73.93
N SER Y 260 8.45 53.38 72.98
CA SER Y 260 7.18 54.02 73.27
C SER Y 260 6.10 52.94 73.36
N LEU Y 261 5.49 52.81 74.53
CA LEU Y 261 4.42 51.84 74.74
C LEU Y 261 3.09 52.58 74.73
N SER Y 262 2.13 52.05 73.97
CA SER Y 262 0.90 52.75 73.62
C SER Y 262 -0.32 52.02 74.18
N PHE Y 263 -1.31 52.79 74.62
CA PHE Y 263 -2.61 52.27 75.04
C PHE Y 263 -3.74 52.81 74.19
N LEU Y 264 -3.47 53.20 72.95
CA LEU Y 264 -4.48 53.83 72.11
C LEU Y 264 -5.63 52.88 71.84
N ASN Y 265 -6.83 53.44 71.70
CA ASN Y 265 -8.08 52.72 71.44
C ASN Y 265 -8.47 51.77 72.56
N SER Y 266 -7.87 51.91 73.74
CA SER Y 266 -8.32 51.16 74.89
C SER Y 266 -9.62 51.74 75.42
N MET Y 267 -10.49 50.87 75.94
CA MET Y 267 -11.81 51.27 76.39
C MET Y 267 -12.06 50.75 77.79
N GLN Y 268 -12.91 51.46 78.54
CA GLN Y 268 -13.27 51.13 79.91
C GLN Y 268 -14.78 51.26 80.02
N GLN Y 269 -15.48 50.12 80.07
CA GLN Y 269 -16.93 50.10 80.14
C GLN Y 269 -17.39 48.95 81.03
N ASN Y 270 -18.67 48.59 80.96
CA ASN Y 270 -19.22 47.50 81.78
C ASN Y 270 -18.88 46.14 81.18
N THR Y 271 -17.60 45.89 80.89
CA THR Y 271 -17.15 44.59 80.44
C THR Y 271 -17.01 43.65 81.64
N GLY Y 272 -17.21 42.35 81.42
CA GLY Y 272 -17.21 41.37 82.49
C GLY Y 272 -15.95 41.36 83.33
N ALA Y 273 -14.78 41.46 82.69
CA ALA Y 273 -13.52 41.45 83.41
C ALA Y 273 -12.40 42.06 82.57
N ASN Y 274 -11.25 42.32 83.19
CA ASN Y 274 -10.12 42.89 82.47
C ASN Y 274 -9.32 41.78 81.80
N ASN Y 275 -9.35 41.75 80.48
CA ASN Y 275 -8.58 40.79 79.70
C ASN Y 275 -7.91 41.51 78.54
N ILE Y 276 -6.71 41.07 78.19
CA ILE Y 276 -5.91 41.73 77.16
C ILE Y 276 -6.51 41.42 75.80
N VAL Y 277 -6.64 42.43 74.96
CA VAL Y 277 -7.20 42.26 73.62
C VAL Y 277 -6.10 42.13 72.58
N ALA Y 278 -5.09 42.99 72.62
CA ALA Y 278 -4.02 42.94 71.63
C ALA Y 278 -2.72 43.42 72.25
N THR Y 279 -1.63 42.70 71.93
CA THR Y 279 -0.27 43.11 72.28
C THR Y 279 0.62 42.96 71.07
N ASN Y 280 1.28 44.05 70.69
CA ASN Y 280 2.16 44.05 69.52
C ASN Y 280 3.46 44.77 69.84
N GLN Y 281 4.52 44.37 69.13
CA GLN Y 281 5.82 45.00 69.26
C GLN Y 281 6.62 44.69 68.01
N ASN Y 282 7.52 45.62 67.65
CA ASN Y 282 8.23 45.55 66.38
C ASN Y 282 9.58 44.85 66.48
N GLY Y 283 9.95 44.33 67.66
CA GLY Y 283 11.21 43.64 67.81
C GLY Y 283 11.09 42.15 67.60
N TYR Y 284 12.22 41.52 67.32
CA TYR Y 284 12.28 40.08 67.08
C TYR Y 284 13.67 39.58 67.42
N LYS Y 285 13.78 38.28 67.65
CA LYS Y 285 15.03 37.60 67.95
C LYS Y 285 15.67 37.08 66.66
N PRO Y 286 16.98 36.77 66.68
CA PRO Y 286 17.62 36.25 65.46
C PRO Y 286 16.97 34.98 64.94
N GLY Y 287 16.91 34.85 63.62
CA GLY Y 287 16.31 33.67 63.01
C GLY Y 287 17.08 33.26 61.77
N ASP Y 288 17.06 31.96 61.50
CA ASP Y 288 17.73 31.38 60.35
C ASP Y 288 16.71 31.10 59.26
N LEU Y 289 17.20 31.07 58.02
CA LEU Y 289 16.33 30.85 56.87
C LEU Y 289 15.67 29.48 56.97
N VAL Y 290 14.35 29.47 56.86
CA VAL Y 290 13.57 28.23 56.90
C VAL Y 290 12.98 27.91 55.53
N SER Y 291 12.40 28.90 54.86
CA SER Y 291 11.80 28.66 53.56
C SER Y 291 11.83 29.93 52.73
N TYR Y 292 11.55 29.79 51.44
CA TYR Y 292 11.42 30.92 50.53
C TYR Y 292 10.25 30.68 49.61
N GLN Y 293 9.61 31.76 49.17
CA GLN Y 293 8.44 31.66 48.31
C GLN Y 293 8.39 32.87 47.39
N ILE Y 294 7.62 32.73 46.31
CA ILE Y 294 7.37 33.81 45.37
C ILE Y 294 5.87 34.07 45.36
N ASN Y 295 5.49 35.31 45.70
CA ASN Y 295 4.08 35.66 45.73
C ASN Y 295 3.56 35.92 44.32
N ASN Y 296 2.23 35.98 44.20
CA ASN Y 296 1.61 36.23 42.91
C ASN Y 296 1.88 37.62 42.39
N ASP Y 297 2.36 38.53 43.22
CA ASP Y 297 2.74 39.87 42.79
C ASP Y 297 4.21 39.98 42.42
N GLY Y 298 4.96 38.87 42.43
CA GLY Y 298 6.35 38.87 42.06
C GLY Y 298 7.33 39.02 43.20
N THR Y 299 6.87 39.35 44.41
CA THR Y 299 7.78 39.52 45.54
C THR Y 299 8.35 38.16 45.96
N VAL Y 300 9.66 38.14 46.21
CA VAL Y 300 10.33 36.97 46.78
C VAL Y 300 10.42 37.20 48.28
N VAL Y 301 9.84 36.29 49.06
CA VAL Y 301 9.74 36.43 50.51
C VAL Y 301 10.42 35.23 51.16
N GLY Y 302 11.36 35.52 52.07
CA GLY Y 302 12.01 34.48 52.86
C GLY Y 302 11.43 34.46 54.25
N ASN Y 303 10.98 33.27 54.65
CA ASN Y 303 10.43 33.02 55.98
C ASN Y 303 11.52 32.40 56.85
N TYR Y 304 11.83 33.06 57.96
CA TYR Y 304 12.90 32.67 58.86
C TYR Y 304 12.34 31.90 60.05
N SER Y 305 13.21 31.55 61.00
CA SER Y 305 12.84 30.74 62.15
C SER Y 305 12.28 31.56 63.31
N ASN Y 306 12.38 32.88 63.26
CA ASN Y 306 11.86 33.71 64.34
C ASN Y 306 10.43 34.14 64.04
N GLU Y 307 9.76 33.41 63.14
CA GLU Y 307 8.42 33.75 62.67
C GLU Y 307 8.41 35.20 62.20
N GLN Y 308 9.15 35.45 61.13
CA GLN Y 308 9.25 36.79 60.55
C GLN Y 308 9.64 36.65 59.09
N GLU Y 309 8.96 37.40 58.23
CA GLU Y 309 9.21 37.35 56.80
C GLU Y 309 10.04 38.55 56.37
N GLN Y 310 10.89 38.34 55.37
CA GLN Y 310 11.71 39.42 54.82
C GLN Y 310 11.66 39.35 53.30
N VAL Y 311 11.42 40.50 52.66
CA VAL Y 311 11.43 40.56 51.21
C VAL Y 311 12.88 40.61 50.72
N LEU Y 312 13.17 39.90 49.64
CA LEU Y 312 14.50 39.86 49.07
C LEU Y 312 14.57 40.43 47.66
N GLY Y 313 13.42 40.58 47.01
CA GLY Y 313 13.40 41.13 45.67
C GLY Y 313 12.02 40.90 45.06
N GLN Y 314 11.72 41.72 44.07
CA GLN Y 314 10.44 41.66 43.37
C GLN Y 314 10.68 41.44 41.89
N ILE Y 315 10.02 40.43 41.31
CA ILE Y 315 10.23 40.11 39.91
C ILE Y 315 9.70 41.23 39.04
N VAL Y 316 10.53 41.72 38.12
CA VAL Y 316 10.15 42.76 37.18
C VAL Y 316 9.71 42.11 35.88
N LEU Y 317 8.76 42.75 35.20
CA LEU Y 317 8.26 42.26 33.92
C LEU Y 317 8.43 43.33 32.85
N ALA Y 318 8.83 42.89 31.66
CA ALA Y 318 9.09 43.77 30.54
C ALA Y 318 8.07 43.53 29.44
N ASN Y 319 7.51 44.61 28.91
CA ASN Y 319 6.59 44.55 27.79
C ASN Y 319 7.11 45.45 26.68
N PHE Y 320 6.90 45.01 25.43
CA PHE Y 320 7.44 45.70 24.27
C PHE Y 320 6.30 46.27 23.42
N ALA Y 321 6.63 47.33 22.69
CA ALA Y 321 5.69 47.89 21.72
C ALA Y 321 5.40 46.90 20.60
N ASN Y 322 6.42 46.15 20.18
CA ASN Y 322 6.30 45.19 19.09
C ASN Y 322 6.93 43.89 19.55
N ASN Y 323 6.10 42.94 20.01
CA ASN Y 323 6.61 41.65 20.45
C ASN Y 323 7.23 40.88 19.29
N GLU Y 324 6.63 40.96 18.08
CA GLU Y 324 7.14 40.22 16.95
C GLU Y 324 8.50 40.73 16.48
N GLY Y 325 8.93 41.90 16.92
CA GLY Y 325 10.25 42.40 16.58
C GLY Y 325 11.38 41.83 17.42
N LEU Y 326 11.06 41.01 18.42
CA LEU Y 326 12.07 40.40 19.26
C LEU Y 326 12.84 39.34 18.47
N ALA Y 327 14.15 39.29 18.68
CA ALA Y 327 15.00 38.31 18.01
C ALA Y 327 15.22 37.13 18.93
N SER Y 328 14.85 35.93 18.47
CA SER Y 328 15.03 34.73 19.27
C SER Y 328 16.49 34.31 19.27
N GLN Y 329 17.06 34.19 20.47
CA GLN Y 329 18.46 33.82 20.63
C GLN Y 329 18.65 32.37 21.03
N GLY Y 330 17.60 31.55 20.99
CA GLY Y 330 17.69 30.19 21.49
C GLY Y 330 17.48 30.14 22.98
N ASP Y 331 17.54 28.92 23.50
CA ASP Y 331 17.30 28.65 24.92
C ASP Y 331 15.96 29.24 25.37
N ASN Y 332 14.95 29.14 24.49
CA ASN Y 332 13.65 29.80 24.64
C ASN Y 332 13.80 31.19 25.27
N VAL Y 333 14.63 32.02 24.65
CA VAL Y 333 14.97 33.35 25.16
C VAL Y 333 14.96 34.33 24.00
N TRP Y 334 14.37 35.51 24.24
CA TRP Y 334 14.25 36.56 23.23
C TRP Y 334 15.22 37.69 23.56
N ALA Y 335 15.57 38.47 22.54
CA ALA Y 335 16.46 39.60 22.69
C ALA Y 335 15.78 40.87 22.17
N ALA Y 336 15.99 41.98 22.87
CA ALA Y 336 15.45 43.25 22.44
C ALA Y 336 16.20 43.78 21.23
N THR Y 337 15.47 44.37 20.30
CA THR Y 337 16.02 44.94 19.08
C THR Y 337 15.29 46.26 18.80
N GLN Y 338 15.83 47.05 17.86
CA GLN Y 338 15.21 48.33 17.54
C GLN Y 338 13.80 48.15 17.01
N ALA Y 339 13.55 47.11 16.20
CA ALA Y 339 12.21 46.86 15.71
C ALA Y 339 11.25 46.50 16.83
N SER Y 340 11.74 45.81 17.87
CA SER Y 340 10.90 45.48 19.01
C SER Y 340 10.65 46.66 19.93
N GLY Y 341 11.45 47.71 19.84
CA GLY Y 341 11.30 48.87 20.70
C GLY Y 341 11.97 48.67 22.05
N VAL Y 342 12.01 49.76 22.81
CA VAL Y 342 12.63 49.73 24.13
C VAL Y 342 11.71 49.01 25.11
N ALA Y 343 12.30 48.27 26.04
CA ALA Y 343 11.54 47.47 26.98
C ALA Y 343 10.91 48.36 28.04
N LEU Y 344 9.61 48.23 28.24
CA LEU Y 344 8.90 48.93 29.30
C LEU Y 344 8.83 48.02 30.53
N LEU Y 345 9.45 48.45 31.62
CA LEU Y 345 9.54 47.66 32.84
C LEU Y 345 8.38 47.99 33.78
N GLY Y 346 7.99 47.01 34.57
CA GLY Y 346 6.93 47.22 35.52
C GLY Y 346 6.74 46.03 36.44
N THR Y 347 5.66 46.07 37.20
CA THR Y 347 5.32 45.03 38.16
C THR Y 347 4.10 44.27 37.68
N ALA Y 348 4.00 43.02 38.11
CA ALA Y 348 2.88 42.17 37.70
C ALA Y 348 1.57 42.70 38.27
N GLY Y 349 0.52 42.65 37.45
CA GLY Y 349 -0.80 43.08 37.89
C GLY Y 349 -1.05 44.57 37.82
N SER Y 350 -0.13 45.34 37.24
CA SER Y 350 -0.29 46.78 37.14
C SER Y 350 -0.04 47.23 35.71
N GLY Y 351 -0.87 48.15 35.23
CA GLY Y 351 -0.71 48.63 33.86
C GLY Y 351 -1.09 47.56 32.86
N ASN Y 352 -0.18 47.30 31.91
CA ASN Y 352 -0.40 46.35 30.84
C ASN Y 352 0.30 45.01 31.07
N PHE Y 353 0.50 44.64 32.33
CA PHE Y 353 1.18 43.40 32.69
C PHE Y 353 0.21 42.47 33.39
N GLY Y 354 0.17 41.22 32.93
CA GLY Y 354 -0.68 40.21 33.54
C GLY Y 354 -0.10 39.69 34.85
N LYS Y 355 -0.95 39.02 35.60
CA LYS Y 355 -0.56 38.49 36.90
C LYS Y 355 0.25 37.22 36.73
N LEU Y 356 1.05 36.92 37.74
CA LEU Y 356 1.86 35.71 37.75
C LEU Y 356 1.14 34.58 38.49
N THR Y 357 1.18 33.38 37.92
CA THR Y 357 0.65 32.19 38.56
C THR Y 357 1.83 31.41 39.14
N ASN Y 358 1.84 31.29 40.47
CA ASN Y 358 2.92 30.60 41.15
C ASN Y 358 2.65 29.10 41.22
N GLY Y 359 3.73 28.31 41.14
CA GLY Y 359 3.59 26.88 41.17
C GLY Y 359 3.10 26.27 39.88
N ALA Y 360 3.12 27.03 38.78
CA ALA Y 360 2.63 26.55 37.50
C ALA Y 360 3.57 27.00 36.40
N LEU Y 361 3.52 26.28 35.27
CA LEU Y 361 4.38 26.55 34.13
C LEU Y 361 3.53 26.80 32.89
N GLU Y 362 3.98 27.72 32.06
CA GLU Y 362 3.28 28.03 30.82
C GLU Y 362 3.78 27.10 29.72
N ALA Y 363 2.88 26.26 29.21
CA ALA Y 363 3.24 25.34 28.14
C ALA Y 363 3.23 26.05 26.80
N SER Y 364 3.74 25.35 25.78
CA SER Y 364 3.81 25.92 24.44
C SER Y 364 2.41 26.02 23.83
N ASN Y 365 2.30 26.81 22.76
CA ASN Y 365 1.04 27.02 22.07
C ASN Y 365 0.99 26.29 20.74
N VAL Y 366 1.82 25.27 20.56
CA VAL Y 366 1.90 24.52 19.32
C VAL Y 366 0.78 23.48 19.30
N ASP Y 367 -0.11 23.58 18.32
CA ASP Y 367 -1.16 22.59 18.14
C ASP Y 367 -0.76 21.61 17.05
N LEU Y 368 -0.49 20.39 17.49
CA LEU Y 368 0.08 19.39 16.56
C LEU Y 368 -0.98 18.96 15.56
N SER Y 369 -2.25 18.97 15.88
CA SER Y 369 -3.18 18.56 14.82
C SER Y 369 -3.01 19.53 13.65
N LYS Y 370 -3.04 20.82 13.96
CA LYS Y 370 -2.89 21.84 12.91
C LYS Y 370 -1.56 21.66 12.21
N GLU Y 371 -0.48 21.39 12.92
CA GLU Y 371 0.82 21.33 12.21
C GLU Y 371 0.83 20.11 11.30
N LEU Y 372 0.33 18.98 11.74
CA LEU Y 372 0.37 17.74 10.93
C LEU Y 372 -0.46 18.01 9.70
N VAL Y 373 -1.53 18.79 9.83
CA VAL Y 373 -2.26 19.14 8.57
C VAL Y 373 -1.31 20.00 7.73
N ASN Y 374 -0.97 21.22 8.16
CA ASN Y 374 -0.08 22.11 7.38
C ASN Y 374 0.94 21.29 6.59
N MET Y 375 1.90 20.66 7.24
CA MET Y 375 2.96 19.86 6.64
C MET Y 375 2.49 19.21 5.34
N ILE Y 376 1.27 18.67 5.35
CA ILE Y 376 0.74 18.05 4.14
C ILE Y 376 0.63 19.07 3.02
N VAL Y 377 0.06 20.24 3.34
CA VAL Y 377 -0.12 21.29 2.34
C VAL Y 377 1.21 21.76 1.79
N ALA Y 378 2.21 21.95 2.68
CA ALA Y 378 3.51 22.41 2.24
C ALA Y 378 4.22 21.37 1.39
N GLN Y 379 4.07 20.08 1.73
CA GLN Y 379 4.61 19.03 0.88
C GLN Y 379 4.03 19.10 -0.52
N ARG Y 380 2.71 19.27 -0.61
CA ARG Y 380 2.08 19.34 -1.93
C ARG Y 380 2.56 20.55 -2.72
N ASN Y 381 2.68 21.71 -2.06
CA ASN Y 381 3.19 22.90 -2.74
C ASN Y 381 4.62 22.71 -3.21
N TYR Y 382 5.46 22.10 -2.38
CA TYR Y 382 6.86 21.85 -2.75
C TYR Y 382 6.94 20.92 -3.95
N GLN Y 383 6.12 19.87 -3.97
CA GLN Y 383 6.14 18.94 -5.10
C GLN Y 383 5.64 19.62 -6.38
N SER Y 384 4.65 20.51 -6.25
CA SER Y 384 4.20 21.26 -7.42
C SER Y 384 5.31 22.15 -7.98
N ASN Y 385 6.05 22.81 -7.08
CA ASN Y 385 7.17 23.64 -7.53
C ASN Y 385 8.26 22.81 -8.19
N ALA Y 386 8.52 21.60 -7.66
CA ALA Y 386 9.48 20.71 -8.30
C ALA Y 386 8.99 20.28 -9.67
N GLN Y 387 7.68 20.09 -9.83
CA GLN Y 387 7.11 19.78 -11.13
C GLN Y 387 7.37 20.92 -12.11
N THR Y 388 7.20 22.16 -11.65
CA THR Y 388 7.51 23.31 -12.51
C THR Y 388 8.98 23.33 -12.90
N ILE Y 389 9.86 23.01 -11.94
CA ILE Y 389 11.30 22.97 -12.22
C ILE Y 389 11.59 21.95 -13.32
N LYS Y 390 11.00 20.76 -13.21
CA LYS Y 390 11.26 19.71 -14.19
C LYS Y 390 10.66 20.08 -15.54
N THR Y 391 9.54 20.79 -15.54
CA THR Y 391 8.97 21.28 -16.81
C THR Y 391 9.95 22.22 -17.51
N GLN Y 392 10.51 23.16 -16.76
CA GLN Y 392 11.48 24.08 -17.36
C GLN Y 392 12.74 23.33 -17.81
N ASP Y 393 13.12 22.29 -17.08
CA ASP Y 393 14.24 21.45 -17.51
C ASP Y 393 13.97 20.79 -18.85
N GLN Y 394 12.77 20.22 -19.02
CA GLN Y 394 12.43 19.60 -20.29
C GLN Y 394 12.36 20.63 -21.41
N ILE Y 395 11.92 21.85 -21.08
CA ILE Y 395 11.91 22.93 -22.08
C ILE Y 395 13.33 23.22 -22.55
N LEU Y 396 14.26 23.39 -21.61
CA LEU Y 396 15.63 23.70 -21.99
C LEU Y 396 16.26 22.56 -22.76
N ASN Y 397 15.95 21.31 -22.40
CA ASN Y 397 16.43 20.17 -23.17
C ASN Y 397 15.90 20.20 -24.59
N THR Y 398 14.61 20.53 -24.75
CA THR Y 398 14.02 20.63 -26.08
C THR Y 398 14.74 21.67 -26.93
N LEU Y 399 15.01 22.84 -26.34
CA LEU Y 399 15.68 23.90 -27.10
C LEU Y 399 17.12 23.53 -27.41
N VAL Y 400 17.80 22.86 -26.49
CA VAL Y 400 19.20 22.47 -26.71
C VAL Y 400 19.29 21.41 -27.81
N ASN Y 401 18.31 20.50 -27.87
CA ASN Y 401 18.40 19.38 -28.79
C ASN Y 401 18.28 19.83 -30.25
N LEU Y 402 17.87 21.07 -30.48
CA LEU Y 402 17.84 21.61 -31.84
C LEU Y 402 19.24 21.74 -32.41
N SER Z 2 -5.81 17.70 -27.81
CA SER Z 2 -7.20 17.95 -27.42
C SER Z 2 -7.39 17.77 -25.92
N PHE Z 3 -6.89 18.73 -25.15
CA PHE Z 3 -6.99 18.65 -23.69
C PHE Z 3 -8.35 19.08 -23.17
N SER Z 4 -9.16 19.74 -24.00
CA SER Z 4 -10.38 20.39 -23.54
C SER Z 4 -11.35 19.40 -22.90
N GLN Z 5 -11.34 18.15 -23.34
CA GLN Z 5 -12.26 17.15 -22.83
C GLN Z 5 -11.77 16.47 -21.56
N ALA Z 6 -10.53 16.70 -21.16
CA ALA Z 6 -10.01 16.16 -19.91
C ALA Z 6 -9.85 17.23 -18.85
N VAL Z 7 -9.44 18.43 -19.23
CA VAL Z 7 -9.30 19.54 -18.28
C VAL Z 7 -10.64 19.88 -17.66
N SER Z 8 -11.69 19.95 -18.49
CA SER Z 8 -13.03 20.26 -18.00
C SER Z 8 -13.53 19.17 -17.05
N GLY Z 9 -13.29 17.91 -17.39
CA GLY Z 9 -13.69 16.83 -16.50
C GLY Z 9 -12.97 16.88 -15.18
N LEU Z 10 -11.67 17.17 -15.21
CA LEU Z 10 -10.91 17.31 -13.98
C LEU Z 10 -11.43 18.45 -13.12
N ASN Z 11 -11.76 19.59 -13.77
CA ASN Z 11 -12.30 20.72 -13.03
C ASN Z 11 -13.65 20.39 -12.42
N ALA Z 12 -14.51 19.68 -13.16
CA ALA Z 12 -15.81 19.29 -12.62
C ALA Z 12 -15.64 18.35 -11.43
N ALA Z 13 -14.73 17.38 -11.53
CA ALA Z 13 -14.48 16.49 -10.41
C ALA Z 13 -13.96 17.24 -9.20
N ALA Z 14 -13.07 18.21 -9.43
CA ALA Z 14 -12.55 19.00 -8.32
C ALA Z 14 -13.65 19.83 -7.67
N THR Z 15 -14.55 20.40 -8.47
CA THR Z 15 -15.66 21.17 -7.93
C THR Z 15 -16.58 20.27 -7.10
N ASN Z 16 -16.88 19.08 -7.60
CA ASN Z 16 -17.72 18.15 -6.84
C ASN Z 16 -17.05 17.77 -5.53
N LEU Z 17 -15.74 17.52 -5.56
CA LEU Z 17 -15.03 17.14 -4.35
C LEU Z 17 -14.98 18.29 -3.35
N ASP Z 18 -14.83 19.52 -3.84
CA ASP Z 18 -14.89 20.68 -2.96
C ASP Z 18 -16.27 20.82 -2.31
N VAL Z 19 -17.33 20.57 -3.07
CA VAL Z 19 -18.68 20.62 -2.52
C VAL Z 19 -18.85 19.55 -1.44
N ILE Z 20 -18.33 18.35 -1.70
CA ILE Z 20 -18.43 17.27 -0.73
C ILE Z 20 -17.66 17.62 0.54
N GLY Z 21 -16.47 18.20 0.38
CA GLY Z 21 -15.70 18.62 1.54
C GLY Z 21 -16.40 19.70 2.34
N ASN Z 22 -17.08 20.62 1.65
CA ASN Z 22 -17.85 21.65 2.35
C ASN Z 22 -19.00 21.04 3.12
N ASN Z 23 -19.69 20.06 2.53
CA ASN Z 23 -20.76 19.36 3.22
C ASN Z 23 -20.23 18.65 4.46
N ILE Z 24 -19.08 17.97 4.33
CA ILE Z 24 -18.52 17.23 5.45
C ILE Z 24 -18.09 18.18 6.57
N ALA Z 25 -17.41 19.28 6.20
CA ALA Z 25 -16.89 20.19 7.22
C ALA Z 25 -18.00 20.85 8.01
N ASN Z 26 -19.18 21.03 7.40
CA ASN Z 26 -20.33 21.60 8.07
C ASN Z 26 -21.33 20.54 8.54
N SER Z 27 -20.84 19.36 8.95
CA SER Z 27 -21.71 18.29 9.41
C SER Z 27 -22.49 18.72 10.65
N ALA Z 28 -21.82 19.41 11.57
CA ALA Z 28 -22.44 19.92 12.80
C ALA Z 28 -22.47 21.43 12.70
N THR Z 29 -23.53 21.96 12.08
CA THR Z 29 -23.73 23.40 11.91
C THR Z 29 -25.23 23.64 11.78
N TYR Z 30 -25.82 24.18 12.85
CA TYR Z 30 -27.26 24.41 12.90
C TYR Z 30 -27.71 25.35 11.78
N GLY Z 31 -28.76 24.97 11.08
CA GLY Z 31 -29.27 25.77 9.98
C GLY Z 31 -28.50 25.66 8.69
N PHE Z 32 -27.69 24.62 8.51
CA PHE Z 32 -26.92 24.43 7.29
C PHE Z 32 -27.66 23.47 6.36
N LYS Z 33 -27.74 23.83 5.09
CA LYS Z 33 -28.31 22.98 4.06
C LYS Z 33 -27.22 22.53 3.10
N SER Z 34 -27.15 21.22 2.86
CA SER Z 34 -26.07 20.64 2.08
C SER Z 34 -26.15 21.09 0.62
N GLY Z 35 -25.03 20.95 -0.09
CA GLY Z 35 -24.94 21.34 -1.49
C GLY Z 35 -24.56 20.15 -2.35
N THR Z 36 -24.94 20.22 -3.62
CA THR Z 36 -24.66 19.18 -4.60
C THR Z 36 -24.32 19.83 -5.94
N ALA Z 37 -23.28 19.32 -6.61
CA ALA Z 37 -22.87 19.88 -7.89
C ALA Z 37 -23.70 19.29 -9.01
N SER Z 38 -24.10 20.13 -9.97
CA SER Z 38 -24.83 19.68 -11.14
C SER Z 38 -23.99 19.95 -12.39
N PHE Z 39 -23.90 18.95 -13.26
CA PHE Z 39 -23.03 19.00 -14.43
C PHE Z 39 -23.85 18.89 -15.70
N ALA Z 40 -23.33 19.50 -16.78
CA ALA Z 40 -23.94 19.43 -18.10
C ALA Z 40 -22.84 19.47 -19.15
N ASP Z 41 -23.07 18.74 -20.24
CA ASP Z 41 -22.09 18.65 -21.30
C ASP Z 41 -22.09 19.90 -22.17
N MET Z 42 -21.06 20.05 -22.99
CA MET Z 42 -20.86 21.27 -23.76
C MET Z 42 -20.68 20.99 -25.24
N PHE Z 43 -21.58 20.20 -25.83
CA PHE Z 43 -21.54 19.96 -27.27
C PHE Z 43 -21.59 21.27 -28.02
N ALA Z 44 -20.77 21.39 -29.07
CA ALA Z 44 -20.68 22.61 -29.86
C ALA Z 44 -20.37 22.23 -31.32
N GLY Z 45 -21.43 22.15 -32.13
CA GLY Z 45 -21.27 21.89 -33.54
C GLY Z 45 -21.05 20.42 -33.88
N SER Z 46 -19.85 19.93 -33.61
CA SER Z 46 -19.51 18.55 -33.93
C SER Z 46 -20.17 17.60 -32.94
N LYS Z 47 -20.15 16.31 -33.27
CA LYS Z 47 -20.72 15.28 -32.42
C LYS Z 47 -19.73 14.70 -31.42
N VAL Z 48 -18.50 15.24 -31.36
CA VAL Z 48 -17.46 14.62 -30.56
C VAL Z 48 -17.64 14.87 -29.07
N GLY Z 49 -18.53 15.78 -28.68
CA GLY Z 49 -18.73 16.01 -27.26
C GLY Z 49 -17.59 16.73 -26.56
N LEU Z 50 -17.45 18.03 -26.83
CA LEU Z 50 -16.37 18.87 -26.32
C LEU Z 50 -15.99 18.58 -24.87
N GLY Z 51 -16.96 18.53 -23.96
CA GLY Z 51 -16.65 18.24 -22.58
C GLY Z 51 -17.83 18.40 -21.65
N VAL Z 52 -17.52 18.79 -20.41
CA VAL Z 52 -18.51 18.93 -19.36
C VAL Z 52 -18.27 20.25 -18.64
N LYS Z 53 -19.37 20.94 -18.33
CA LYS Z 53 -19.31 22.17 -17.55
C LYS Z 53 -20.17 22.03 -16.30
N VAL Z 54 -19.77 22.72 -15.25
CA VAL Z 54 -20.50 22.70 -13.99
C VAL Z 54 -21.69 23.64 -14.11
N ALA Z 55 -22.90 23.07 -14.17
CA ALA Z 55 -24.10 23.88 -14.31
C ALA Z 55 -24.33 24.77 -13.10
N GLY Z 56 -24.13 24.25 -11.90
CA GLY Z 56 -24.33 25.05 -10.71
C GLY Z 56 -24.30 24.20 -9.46
N ILE Z 57 -24.65 24.84 -8.35
CA ILE Z 57 -24.68 24.22 -7.03
C ILE Z 57 -26.12 24.25 -6.53
N THR Z 58 -26.64 23.10 -6.15
CA THR Z 58 -28.01 22.96 -5.66
C THR Z 58 -27.99 22.83 -4.15
N GLN Z 59 -28.79 23.65 -3.48
CA GLN Z 59 -29.01 23.47 -2.06
C GLN Z 59 -30.11 22.43 -1.84
N ASP Z 60 -29.94 21.61 -0.81
CA ASP Z 60 -30.88 20.55 -0.48
C ASP Z 60 -31.71 21.04 0.70
N PHE Z 61 -32.89 21.57 0.41
CA PHE Z 61 -33.75 22.19 1.42
C PHE Z 61 -34.65 21.16 2.09
N THR Z 62 -34.03 20.09 2.59
CA THR Z 62 -34.75 19.09 3.38
C THR Z 62 -34.64 19.44 4.85
N ASP Z 63 -35.78 19.38 5.54
CA ASP Z 63 -35.83 19.77 6.95
C ASP Z 63 -34.87 18.93 7.77
N GLY Z 64 -34.06 19.60 8.59
CA GLY Z 64 -33.15 18.89 9.47
C GLY Z 64 -33.81 18.48 10.77
N THR Z 65 -33.08 17.65 11.52
CA THR Z 65 -33.60 17.19 12.80
C THR Z 65 -33.66 18.34 13.81
N THR Z 66 -34.73 18.36 14.59
CA THR Z 66 -34.93 19.40 15.59
C THR Z 66 -34.47 18.89 16.95
N THR Z 67 -33.44 19.53 17.50
CA THR Z 67 -32.83 19.10 18.74
C THR Z 67 -33.12 20.12 19.83
N ASN Z 68 -33.61 19.65 20.97
CA ASN Z 68 -33.86 20.54 22.10
C ASN Z 68 -32.54 20.90 22.77
N THR Z 69 -32.31 22.20 22.96
CA THR Z 69 -31.07 22.70 23.53
C THR Z 69 -31.23 23.23 24.95
N GLY Z 70 -32.43 23.64 25.35
CA GLY Z 70 -32.67 24.17 26.67
C GLY Z 70 -32.52 25.67 26.82
N ARG Z 71 -32.16 26.38 25.76
CA ARG Z 71 -32.08 27.84 25.79
C ARG Z 71 -33.41 28.42 25.33
N GLY Z 72 -33.88 29.46 26.03
CA GLY Z 72 -35.15 30.08 25.70
C GLY Z 72 -35.17 30.85 24.41
N LEU Z 73 -34.00 31.20 23.87
CA LEU Z 73 -33.90 31.89 22.59
C LEU Z 73 -33.54 30.97 21.43
N ASP Z 74 -33.57 29.65 21.65
CA ASP Z 74 -33.27 28.72 20.58
C ASP Z 74 -34.55 28.41 19.83
N VAL Z 75 -34.63 28.82 18.56
CA VAL Z 75 -35.83 28.70 17.76
C VAL Z 75 -35.53 27.88 16.53
N ALA Z 76 -36.36 26.87 16.26
CA ALA Z 76 -36.22 26.00 15.11
C ALA Z 76 -37.42 26.13 14.19
N ILE Z 77 -37.15 26.23 12.90
CA ILE Z 77 -38.19 26.39 11.88
C ILE Z 77 -38.63 25.01 11.41
N SER Z 78 -39.89 24.67 11.66
CA SER Z 78 -40.47 23.48 11.09
C SER Z 78 -41.02 23.78 9.69
N GLN Z 79 -40.81 22.84 8.77
CA GLN Z 79 -41.29 22.95 7.39
C GLN Z 79 -40.66 24.19 6.75
N ASN Z 80 -41.41 24.90 5.92
CA ASN Z 80 -40.87 26.02 5.16
C ASN Z 80 -40.95 27.32 5.95
N GLY Z 81 -40.03 28.22 5.66
CA GLY Z 81 -39.97 29.52 6.30
C GLY Z 81 -38.54 29.87 6.67
N PHE Z 82 -38.19 31.15 6.48
CA PHE Z 82 -36.84 31.64 6.73
C PHE Z 82 -36.89 32.82 7.69
N PHE Z 83 -35.90 32.89 8.57
CA PHE Z 83 -35.74 34.07 9.43
C PHE Z 83 -35.24 35.25 8.63
N ARG Z 84 -35.85 36.41 8.86
CA ARG Z 84 -35.49 37.64 8.18
C ARG Z 84 -34.66 38.52 9.12
N LEU Z 85 -33.41 38.75 8.75
CA LEU Z 85 -32.46 39.50 9.56
C LEU Z 85 -32.00 40.76 8.82
N VAL Z 86 -31.52 41.74 9.59
CA VAL Z 86 -30.93 42.95 9.03
C VAL Z 86 -29.64 43.25 9.78
N ASP Z 87 -28.60 43.67 9.04
CA ASP Z 87 -27.35 44.07 9.65
C ASP Z 87 -27.36 45.57 9.93
N SER Z 88 -26.18 46.12 10.24
CA SER Z 88 -26.06 47.53 10.59
C SER Z 88 -26.42 48.45 9.43
N ASN Z 89 -26.23 48.00 8.19
CA ASN Z 89 -26.47 48.84 7.02
C ASN Z 89 -27.88 48.72 6.47
N GLY Z 90 -28.75 47.94 7.11
CA GLY Z 90 -30.11 47.82 6.64
C GLY Z 90 -30.33 46.77 5.57
N SER Z 91 -29.29 46.07 5.15
CA SER Z 91 -29.45 45.00 4.17
C SER Z 91 -30.27 43.86 4.76
N VAL Z 92 -31.06 43.21 3.93
CA VAL Z 92 -31.98 42.16 4.36
C VAL Z 92 -31.41 40.81 4.00
N PHE Z 93 -31.38 39.90 4.97
CA PHE Z 93 -30.85 38.55 4.80
C PHE Z 93 -31.84 37.54 5.34
N TYR Z 94 -31.65 36.28 4.95
CA TYR Z 94 -32.53 35.19 5.35
C TYR Z 94 -31.70 34.02 5.84
N SER Z 95 -32.10 33.43 6.96
CA SER Z 95 -31.31 32.40 7.61
C SER Z 95 -32.21 31.43 8.38
N ARG Z 96 -31.78 30.17 8.44
CA ARG Z 96 -32.46 29.15 9.23
C ARG Z 96 -31.82 28.92 10.59
N ASN Z 97 -30.76 29.63 10.93
CA ASN Z 97 -30.07 29.43 12.20
C ASN Z 97 -30.82 30.17 13.30
N GLY Z 98 -31.23 29.45 14.34
CA GLY Z 98 -32.04 30.03 15.39
C GLY Z 98 -31.27 30.40 16.65
N GLN Z 99 -29.95 30.51 16.54
CA GLN Z 99 -29.13 30.92 17.69
C GLN Z 99 -29.23 32.43 17.84
N PHE Z 100 -30.12 32.87 18.73
CA PHE Z 100 -30.32 34.29 18.99
C PHE Z 100 -29.83 34.65 20.39
N LYS Z 101 -29.20 35.82 20.49
CA LYS Z 101 -28.68 36.30 21.76
C LYS Z 101 -29.09 37.75 21.95
N LEU Z 102 -29.15 38.18 23.21
CA LEU Z 102 -29.46 39.55 23.55
C LEU Z 102 -28.16 40.36 23.53
N ASP Z 103 -28.14 41.42 22.73
CA ASP Z 103 -26.94 42.23 22.62
C ASP Z 103 -26.93 43.33 23.67
N GLU Z 104 -26.01 44.28 23.53
CA GLU Z 104 -25.94 45.41 24.44
C GLU Z 104 -27.18 46.29 24.36
N ASN Z 105 -27.67 46.53 23.14
CA ASN Z 105 -28.78 47.45 22.91
C ASN Z 105 -30.15 46.81 23.10
N ARG Z 106 -30.22 45.66 23.77
CA ARG Z 106 -31.47 44.94 24.02
C ARG Z 106 -32.16 44.47 22.74
N ASN Z 107 -31.41 44.36 21.64
CA ASN Z 107 -31.95 43.81 20.41
C ASN Z 107 -31.79 42.29 20.39
N LEU Z 108 -32.59 41.63 19.56
CA LEU Z 108 -32.41 40.21 19.32
C LEU Z 108 -31.50 40.03 18.12
N VAL Z 109 -30.30 39.50 18.35
CA VAL Z 109 -29.31 39.31 17.31
C VAL Z 109 -28.80 37.89 17.34
N ASN Z 110 -28.28 37.43 16.21
CA ASN Z 110 -27.68 36.11 16.13
C ASN Z 110 -26.21 36.21 16.54
N MET Z 111 -25.47 35.10 16.38
CA MET Z 111 -24.08 35.08 16.81
C MET Z 111 -23.22 36.03 16.00
N GLN Z 112 -23.64 36.36 14.77
CA GLN Z 112 -22.87 37.26 13.92
C GLN Z 112 -23.29 38.72 14.05
N GLY Z 113 -24.27 39.02 14.90
CA GLY Z 113 -24.66 40.40 15.15
C GLY Z 113 -25.81 40.91 14.33
N MET Z 114 -26.27 40.18 13.32
CA MET Z 114 -27.42 40.63 12.54
C MET Z 114 -28.68 40.60 13.38
N GLN Z 115 -29.49 41.64 13.24
CA GLN Z 115 -30.67 41.83 14.09
C GLN Z 115 -31.87 41.12 13.49
N LEU Z 116 -32.62 40.41 14.33
CA LEU Z 116 -33.84 39.76 13.88
C LEU Z 116 -34.93 40.80 13.65
N THR Z 117 -35.73 40.59 12.61
CA THR Z 117 -36.79 41.50 12.22
C THR Z 117 -38.14 40.90 12.55
N GLY Z 118 -39.13 41.78 12.68
CA GLY Z 118 -40.48 41.31 12.94
C GLY Z 118 -41.47 42.45 12.95
N TYR Z 119 -42.74 42.08 13.04
CA TYR Z 119 -43.82 43.05 13.17
C TYR Z 119 -43.71 43.74 14.52
N PRO Z 120 -43.73 45.07 14.55
CA PRO Z 120 -43.61 45.78 15.83
C PRO Z 120 -44.92 45.83 16.59
N ALA Z 121 -44.83 46.22 17.86
CA ALA Z 121 -46.00 46.31 18.72
C ALA Z 121 -46.25 47.77 19.10
N THR Z 122 -47.46 48.26 18.81
CA THR Z 122 -47.88 49.59 19.20
C THR Z 122 -49.27 49.51 19.81
N GLY Z 123 -49.69 50.62 20.42
CA GLY Z 123 -50.95 50.64 21.14
C GLY Z 123 -50.75 50.58 22.65
N THR Z 124 -51.87 50.68 23.36
CA THR Z 124 -51.81 50.69 24.81
C THR Z 124 -52.94 49.85 25.42
N PRO Z 125 -52.67 48.61 25.86
CA PRO Z 125 -51.49 47.77 25.65
C PRO Z 125 -51.06 47.64 24.20
N PRO Z 126 -49.77 47.39 23.97
CA PRO Z 126 -49.29 47.21 22.59
C PRO Z 126 -50.01 46.09 21.87
N THR Z 127 -50.21 46.27 20.57
CA THR Z 127 -50.81 45.26 19.71
C THR Z 127 -49.95 45.12 18.46
N ILE Z 128 -50.05 43.94 17.83
CA ILE Z 128 -49.21 43.66 16.67
C ILE Z 128 -49.85 44.25 15.41
N GLN Z 129 -49.07 45.04 14.67
CA GLN Z 129 -49.50 45.59 13.39
C GLN Z 129 -49.03 44.63 12.29
N GLN Z 130 -49.90 43.67 11.96
CA GLN Z 130 -49.56 42.64 10.99
C GLN Z 130 -49.35 43.22 9.59
N GLY Z 131 -49.87 44.41 9.30
CA GLY Z 131 -49.65 45.03 8.01
C GLY Z 131 -48.46 45.96 7.93
N ALA Z 132 -47.88 46.32 9.07
CA ALA Z 132 -46.76 47.24 9.09
C ALA Z 132 -45.48 46.54 8.62
N ASN Z 133 -44.54 47.36 8.13
CA ASN Z 133 -43.27 46.83 7.68
C ASN Z 133 -42.47 46.27 8.86
N PRO Z 134 -41.66 45.24 8.64
CA PRO Z 134 -40.90 44.65 9.76
C PRO Z 134 -39.89 45.65 10.32
N ALA Z 135 -39.66 45.55 11.62
CA ALA Z 135 -38.70 46.36 12.35
C ALA Z 135 -37.84 45.47 13.24
N PRO Z 136 -36.62 45.89 13.56
CA PRO Z 136 -35.79 45.09 14.47
C PRO Z 136 -36.47 44.90 15.81
N ILE Z 137 -36.35 43.68 16.34
CA ILE Z 137 -37.04 43.34 17.59
C ILE Z 137 -36.19 43.80 18.77
N THR Z 138 -36.82 44.54 19.68
CA THR Z 138 -36.16 45.02 20.89
C THR Z 138 -36.88 44.50 22.11
N ILE Z 139 -36.15 44.33 23.20
CA ILE Z 139 -36.73 43.92 24.48
C ILE Z 139 -36.30 44.95 25.51
N PRO Z 140 -37.00 46.08 25.62
CA PRO Z 140 -36.62 47.10 26.58
C PRO Z 140 -36.81 46.62 28.01
N ASN Z 141 -35.94 47.11 28.90
CA ASN Z 141 -36.04 46.84 30.33
C ASN Z 141 -36.74 47.96 31.07
N THR Z 142 -37.27 48.96 30.36
CA THR Z 142 -37.94 50.07 31.01
C THR Z 142 -39.20 49.60 31.74
N LEU Z 143 -39.45 50.19 32.90
CA LEU Z 143 -40.60 49.85 33.70
C LEU Z 143 -41.89 50.26 33.00
N MET Z 144 -42.91 49.41 33.10
CA MET Z 144 -44.21 49.63 32.49
C MET Z 144 -45.01 50.59 33.37
N ALA Z 145 -45.74 51.50 32.73
CA ALA Z 145 -46.48 52.52 33.45
C ALA Z 145 -47.77 51.93 34.02
N ALA Z 146 -48.49 52.70 34.81
CA ALA Z 146 -49.76 52.26 35.41
C ALA Z 146 -50.92 52.65 34.51
N LYS Z 147 -51.87 51.74 34.38
CA LYS Z 147 -53.06 51.94 33.55
C LYS Z 147 -54.25 52.19 34.46
N SER Z 148 -54.85 53.38 34.33
CA SER Z 148 -56.00 53.72 35.15
C SER Z 148 -57.16 52.79 34.85
N THR Z 149 -57.81 52.30 35.91
CA THR Z 149 -58.94 51.40 35.75
C THR Z 149 -60.12 52.12 35.13
N THR Z 150 -60.67 51.55 34.06
CA THR Z 150 -61.83 52.11 33.39
C THR Z 150 -63.01 51.14 33.29
N THR Z 151 -62.77 49.84 33.40
CA THR Z 151 -63.84 48.84 33.39
C THR Z 151 -63.61 47.85 34.52
N ALA Z 152 -64.71 47.35 35.09
CA ALA Z 152 -64.64 46.31 36.10
C ALA Z 152 -65.86 45.42 35.95
N SER Z 153 -65.69 44.14 36.26
CA SER Z 153 -66.75 43.16 36.15
C SER Z 153 -66.86 42.36 37.44
N MET Z 154 -68.10 42.20 37.91
CA MET Z 154 -68.37 41.47 39.15
C MET Z 154 -69.60 40.59 38.94
N GLN Z 155 -69.38 39.33 38.61
CA GLN Z 155 -70.46 38.35 38.49
C GLN Z 155 -70.61 37.64 39.82
N ILE Z 156 -71.76 37.81 40.46
CA ILE Z 156 -72.00 37.30 41.81
C ILE Z 156 -73.34 36.59 41.85
N ASN Z 157 -73.37 35.42 42.49
CA ASN Z 157 -74.59 34.64 42.68
C ASN Z 157 -75.30 35.13 43.93
N LEU Z 158 -76.61 35.35 43.82
CA LEU Z 158 -77.43 35.78 44.94
C LEU Z 158 -78.42 34.69 45.33
N ASN Z 159 -78.69 34.56 46.62
CA ASN Z 159 -79.58 33.53 47.12
C ASN Z 159 -80.99 34.12 47.23
N SER Z 160 -81.97 33.45 46.64
CA SER Z 160 -83.33 33.98 46.59
C SER Z 160 -83.99 33.97 47.96
N THR Z 161 -83.61 33.03 48.83
CA THR Z 161 -84.24 32.89 50.13
C THR Z 161 -83.68 33.85 51.17
N ASP Z 162 -82.70 34.67 50.80
CA ASP Z 162 -82.11 35.60 51.76
C ASP Z 162 -83.17 36.60 52.24
N PRO Z 163 -83.23 36.88 53.54
CA PRO Z 163 -84.24 37.82 54.04
C PRO Z 163 -83.84 39.26 53.82
N VAL Z 164 -84.83 40.15 53.93
CA VAL Z 164 -84.60 41.59 53.88
C VAL Z 164 -83.97 42.03 55.20
N PRO Z 165 -82.85 42.75 55.17
CA PRO Z 165 -82.26 43.23 56.42
C PRO Z 165 -83.22 44.12 57.20
N SER Z 166 -83.28 43.90 58.52
CA SER Z 166 -84.19 44.66 59.36
C SER Z 166 -83.54 45.94 59.88
N LYS Z 167 -82.24 45.90 60.14
CA LYS Z 167 -81.55 47.04 60.73
C LYS Z 167 -81.33 48.14 59.68
N THR Z 168 -82.33 48.98 59.49
CA THR Z 168 -82.20 50.10 58.57
C THR Z 168 -81.57 51.30 59.29
N PRO Z 169 -80.85 52.17 58.57
CA PRO Z 169 -80.52 52.10 57.14
C PRO Z 169 -79.23 51.32 56.88
N PHE Z 170 -78.68 51.43 55.68
CA PHE Z 170 -77.43 50.75 55.38
C PHE Z 170 -76.28 51.38 56.15
N SER Z 171 -75.49 50.54 56.80
CA SER Z 171 -74.33 50.98 57.58
C SER Z 171 -73.19 49.99 57.37
N VAL Z 172 -72.01 50.52 57.02
CA VAL Z 172 -70.85 49.65 56.78
C VAL Z 172 -70.38 49.01 58.08
N SER Z 173 -70.71 49.63 59.22
CA SER Z 173 -70.23 49.11 60.51
C SER Z 173 -70.98 47.85 60.91
N ASP Z 174 -72.29 47.81 60.68
CA ASP Z 174 -73.13 46.69 61.10
C ASP Z 174 -73.23 45.69 59.95
N ALA Z 175 -72.83 44.44 60.21
CA ALA Z 175 -72.88 43.41 59.19
C ALA Z 175 -74.33 43.02 58.88
N ASP Z 176 -75.20 43.04 59.89
CA ASP Z 176 -76.59 42.66 59.72
C ASP Z 176 -77.34 43.65 58.85
N SER Z 177 -76.74 44.82 58.61
CA SER Z 177 -77.34 45.85 57.80
C SER Z 177 -77.23 45.60 56.31
N TYR Z 178 -76.50 44.55 55.90
CA TYR Z 178 -76.35 44.23 54.49
C TYR Z 178 -76.41 42.72 54.28
N ASN Z 179 -76.88 42.33 53.09
CA ASN Z 179 -76.91 40.92 52.74
C ASN Z 179 -75.55 40.38 52.33
N LYS Z 180 -74.80 41.12 51.51
CA LYS Z 180 -73.53 40.61 51.04
C LYS Z 180 -72.50 41.73 50.96
N LYS Z 181 -71.24 41.39 51.20
CA LYS Z 181 -70.12 42.30 51.02
C LYS Z 181 -69.06 41.67 50.13
N GLY Z 182 -68.67 42.38 49.09
CA GLY Z 182 -67.58 41.96 48.24
C GLY Z 182 -66.55 43.07 48.13
N THR Z 183 -65.37 42.71 47.61
CA THR Z 183 -64.30 43.67 47.47
C THR Z 183 -63.64 43.52 46.11
N VAL Z 184 -63.42 44.65 45.43
CA VAL Z 184 -62.67 44.70 44.20
C VAL Z 184 -61.58 45.75 44.36
N THR Z 185 -60.35 45.40 44.00
CA THR Z 185 -59.24 46.32 44.14
C THR Z 185 -58.98 47.03 42.82
N VAL Z 186 -59.32 48.31 42.76
CA VAL Z 186 -59.17 49.11 41.55
C VAL Z 186 -57.92 49.98 41.67
N TYR Z 187 -57.31 50.28 40.52
CA TYR Z 187 -56.06 51.01 40.47
C TYR Z 187 -56.27 52.35 39.79
N ASP Z 188 -55.66 53.40 40.36
CA ASP Z 188 -55.81 54.75 39.89
C ASP Z 188 -54.66 55.09 38.92
N SER Z 189 -54.51 56.38 38.61
CA SER Z 189 -53.50 56.80 37.64
C SER Z 189 -52.08 56.46 38.08
N GLN Z 190 -51.77 56.61 39.38
CA GLN Z 190 -50.45 56.31 39.88
C GLN Z 190 -50.29 54.87 40.37
N GLY Z 191 -51.29 54.03 40.17
CA GLY Z 191 -51.18 52.64 40.55
C GLY Z 191 -51.54 52.35 41.99
N ASN Z 192 -52.01 53.35 42.73
CA ASN Z 192 -52.42 53.12 44.11
C ASN Z 192 -53.65 52.22 44.14
N ALA Z 193 -53.67 51.29 45.09
CA ALA Z 193 -54.75 50.31 45.20
C ALA Z 193 -55.86 50.85 46.08
N HIS Z 194 -57.09 50.79 45.57
CA HIS Z 194 -58.28 51.16 46.31
C HIS Z 194 -59.14 49.90 46.43
N ASP Z 195 -59.25 49.37 47.65
CA ASP Z 195 -60.04 48.16 47.90
C ASP Z 195 -61.50 48.56 48.07
N MET Z 196 -62.18 48.80 46.95
CA MET Z 196 -63.56 49.28 46.96
C MET Z 196 -64.48 48.13 47.33
N ASN Z 197 -65.31 48.35 48.36
CA ASN Z 197 -66.28 47.35 48.79
C ASN Z 197 -67.63 47.61 48.15
N VAL Z 198 -68.33 46.53 47.81
CA VAL Z 198 -69.67 46.57 47.22
C VAL Z 198 -70.61 45.86 48.18
N TYR Z 199 -71.69 46.55 48.56
CA TYR Z 199 -72.64 46.05 49.54
C TYR Z 199 -73.97 45.77 48.86
N PHE Z 200 -74.50 44.58 49.07
CA PHE Z 200 -75.78 44.14 48.50
C PHE Z 200 -76.80 44.06 49.62
N VAL Z 201 -77.90 44.79 49.47
CA VAL Z 201 -79.01 44.79 50.42
C VAL Z 201 -80.28 44.51 49.64
N LYS Z 202 -80.94 43.40 49.94
CA LYS Z 202 -82.22 43.12 49.29
C LYS Z 202 -83.29 44.03 49.89
N THR Z 203 -83.96 44.79 49.03
CA THR Z 203 -85.02 45.68 49.48
C THR Z 203 -86.40 45.04 49.39
N LYS Z 204 -86.56 44.08 48.49
CA LYS Z 204 -87.72 43.20 48.43
C LYS Z 204 -87.37 42.07 47.46
N ASP Z 205 -88.35 41.23 47.15
CA ASP Z 205 -88.11 40.09 46.27
C ASP Z 205 -87.64 40.56 44.90
N ASN Z 206 -86.52 40.00 44.45
CA ASN Z 206 -85.91 40.27 43.15
C ASN Z 206 -85.40 41.71 43.01
N GLU Z 207 -85.35 42.47 44.11
CA GLU Z 207 -84.89 43.85 44.10
C GLU Z 207 -83.73 43.99 45.08
N TRP Z 208 -82.55 44.35 44.57
CA TRP Z 208 -81.35 44.44 45.40
C TRP Z 208 -80.72 45.82 45.23
N ALA Z 209 -80.79 46.64 46.27
CA ALA Z 209 -80.02 47.87 46.27
C ALA Z 209 -78.54 47.55 46.45
N VAL Z 210 -77.69 48.28 45.75
CA VAL Z 210 -76.26 48.04 45.74
C VAL Z 210 -75.56 49.36 46.05
N TYR Z 211 -74.74 49.35 47.10
CA TYR Z 211 -73.96 50.51 47.52
C TYR Z 211 -72.49 50.24 47.23
N THR Z 212 -71.74 51.31 46.98
CA THR Z 212 -70.29 51.23 46.81
C THR Z 212 -69.61 52.13 47.82
N HIS Z 213 -68.53 51.62 48.42
CA HIS Z 213 -67.77 52.39 49.40
C HIS Z 213 -66.28 52.17 49.13
N ASP Z 214 -65.46 53.16 49.50
CA ASP Z 214 -64.02 53.06 49.32
C ASP Z 214 -63.36 52.97 50.69
N SER Z 215 -62.92 51.78 51.07
CA SER Z 215 -62.28 51.57 52.36
C SER Z 215 -60.85 52.08 52.41
N SER Z 216 -60.20 52.29 51.25
CA SER Z 216 -58.84 52.78 51.23
C SER Z 216 -58.70 54.25 51.62
N ASP Z 217 -59.68 55.07 51.28
CA ASP Z 217 -59.61 56.50 51.55
C ASP Z 217 -59.87 56.75 53.03
N PRO Z 218 -58.90 57.32 53.75
CA PRO Z 218 -59.13 57.66 55.17
C PRO Z 218 -60.19 58.74 55.36
N ALA Z 219 -60.47 59.55 54.34
CA ALA Z 219 -61.49 60.58 54.41
C ALA Z 219 -62.72 60.25 53.55
N ALA Z 220 -62.92 58.96 53.24
CA ALA Z 220 -64.05 58.57 52.41
C ALA Z 220 -65.37 58.88 53.10
N THR Z 221 -66.33 59.38 52.33
CA THR Z 221 -67.66 59.67 52.84
C THR Z 221 -68.48 58.38 52.92
N ALA Z 222 -69.24 58.23 53.99
CA ALA Z 222 -70.09 57.06 54.15
C ALA Z 222 -71.22 57.09 53.13
N PRO Z 223 -71.37 56.06 52.29
CA PRO Z 223 -72.44 56.06 51.28
C PRO Z 223 -73.81 56.14 51.93
N THR Z 224 -74.56 57.18 51.58
CA THR Z 224 -75.90 57.39 52.09
C THR Z 224 -76.99 57.20 51.02
N THR Z 225 -76.63 57.27 49.75
CA THR Z 225 -77.56 57.13 48.65
C THR Z 225 -77.23 55.86 47.87
N ALA Z 226 -78.26 55.21 47.35
CA ALA Z 226 -78.08 53.96 46.63
C ALA Z 226 -77.25 54.18 45.38
N SER Z 227 -76.20 53.37 45.21
CA SER Z 227 -75.37 53.47 44.02
C SER Z 227 -76.09 52.92 42.79
N THR Z 228 -76.75 51.76 42.94
CA THR Z 228 -77.55 51.23 41.85
C THR Z 228 -78.59 50.26 42.42
N THR Z 229 -79.46 49.77 41.54
CA THR Z 229 -80.53 48.85 41.93
C THR Z 229 -80.58 47.70 40.93
N LEU Z 230 -80.18 46.51 41.35
CA LEU Z 230 -80.30 45.33 40.54
C LEU Z 230 -81.74 44.82 40.57
N LYS Z 231 -82.31 44.63 39.39
CA LYS Z 231 -83.65 44.09 39.22
C LYS Z 231 -83.54 42.75 38.52
N PHE Z 232 -84.38 41.80 38.93
CA PHE Z 232 -84.28 40.42 38.49
C PHE Z 232 -85.58 39.95 37.87
N ASN Z 233 -85.49 39.29 36.72
CA ASN Z 233 -86.66 38.71 36.06
C ASN Z 233 -87.13 37.46 36.79
N GLU Z 234 -88.14 36.80 36.21
CA GLU Z 234 -88.69 35.59 36.81
C GLU Z 234 -87.68 34.45 36.86
N ASN Z 235 -86.68 34.46 35.98
CA ASN Z 235 -85.67 33.42 35.93
C ASN Z 235 -84.43 33.76 36.76
N GLY Z 236 -84.43 34.88 37.47
CA GLY Z 236 -83.28 35.29 38.22
C GLY Z 236 -82.18 35.95 37.42
N ILE Z 237 -82.47 36.34 36.18
CA ILE Z 237 -81.48 36.95 35.30
C ILE Z 237 -81.52 38.46 35.51
N LEU Z 238 -80.46 39.15 35.08
CA LEU Z 238 -80.45 40.60 35.08
C LEU Z 238 -81.46 41.16 34.09
N GLU Z 239 -82.16 42.22 34.48
CA GLU Z 239 -83.01 42.98 33.57
C GLU Z 239 -82.62 44.45 33.50
N SER Z 240 -82.16 45.03 34.60
CA SER Z 240 -81.74 46.43 34.61
C SER Z 240 -80.76 46.65 35.75
N GLY Z 241 -80.02 47.75 35.66
CA GLY Z 241 -79.10 48.14 36.71
C GLY Z 241 -77.78 47.39 36.74
N GLY Z 242 -77.48 46.60 35.72
CA GLY Z 242 -76.28 45.79 35.71
C GLY Z 242 -74.98 46.55 35.52
N THR Z 243 -75.04 47.80 35.07
CA THR Z 243 -73.84 48.61 34.85
C THR Z 243 -74.03 49.96 35.53
N VAL Z 244 -72.96 50.45 36.16
CA VAL Z 244 -73.01 51.75 36.83
C VAL Z 244 -71.60 52.34 36.87
N ASN Z 245 -71.51 53.65 36.68
CA ASN Z 245 -70.21 54.32 36.70
C ASN Z 245 -69.86 54.74 38.12
N ILE Z 246 -68.75 54.22 38.63
CA ILE Z 246 -68.32 54.46 40.00
C ILE Z 246 -67.00 55.22 39.97
N THR Z 247 -66.89 56.25 40.81
CA THR Z 247 -65.68 57.05 40.96
C THR Z 247 -65.10 56.80 42.35
N THR Z 248 -63.79 56.57 42.40
CA THR Z 248 -63.11 56.32 43.67
C THR Z 248 -62.73 57.63 44.36
N GLY Z 249 -61.87 57.51 45.37
CA GLY Z 249 -61.37 58.68 46.06
C GLY Z 249 -60.02 59.12 45.51
N THR Z 250 -59.51 60.21 46.10
CA THR Z 250 -58.23 60.79 45.70
C THR Z 250 -57.22 60.53 46.83
N ILE Z 251 -56.28 59.64 46.58
CA ILE Z 251 -55.24 59.27 47.55
C ILE Z 251 -53.88 59.65 46.98
N ASN Z 252 -53.08 60.35 47.79
CA ASN Z 252 -51.71 60.72 47.44
C ASN Z 252 -51.67 61.58 46.17
N GLY Z 253 -52.71 62.36 45.94
CA GLY Z 253 -52.73 63.29 44.82
C GLY Z 253 -53.03 62.68 43.48
N ALA Z 254 -53.35 61.39 43.41
CA ALA Z 254 -53.65 60.75 42.13
C ALA Z 254 -55.12 60.88 41.79
N THR Z 255 -55.42 60.80 40.50
CA THR Z 255 -56.80 60.91 40.03
C THR Z 255 -57.65 59.78 40.57
N ALA Z 256 -58.89 60.09 40.94
CA ALA Z 256 -59.86 59.05 41.27
C ALA Z 256 -60.17 58.22 40.03
N ALA Z 257 -60.35 56.92 40.23
CA ALA Z 257 -60.62 56.02 39.11
C ALA Z 257 -62.10 55.98 38.80
N THR Z 258 -62.48 56.56 37.67
CA THR Z 258 -63.87 56.55 37.19
C THR Z 258 -64.03 55.37 36.24
N PHE Z 259 -64.68 54.32 36.71
CA PHE Z 259 -64.75 53.08 35.96
C PHE Z 259 -66.18 52.57 35.94
N SER Z 260 -66.51 51.85 34.86
CA SER Z 260 -67.83 51.24 34.73
C SER Z 260 -67.80 49.87 35.41
N LEU Z 261 -68.51 49.74 36.51
CA LEU Z 261 -68.68 48.46 37.18
C LEU Z 261 -69.91 47.77 36.57
N SER Z 262 -69.69 46.60 35.98
CA SER Z 262 -70.73 45.83 35.32
C SER Z 262 -70.96 44.55 36.10
N PHE Z 263 -72.22 44.29 36.43
CA PHE Z 263 -72.63 43.06 37.11
C PHE Z 263 -73.13 42.01 36.13
N LEU Z 264 -72.58 41.98 34.92
CA LEU Z 264 -73.09 41.12 33.86
C LEU Z 264 -73.08 39.66 34.29
N ASN Z 265 -74.13 38.95 33.90
CA ASN Z 265 -74.35 37.53 34.19
C ASN Z 265 -74.59 37.26 35.67
N SER Z 266 -74.82 38.29 36.48
CA SER Z 266 -75.26 38.07 37.84
C SER Z 266 -76.62 37.38 37.85
N MET Z 267 -76.75 36.37 38.72
CA MET Z 267 -77.91 35.50 38.67
C MET Z 267 -78.33 35.16 40.09
N GLN Z 268 -79.62 35.37 40.38
CA GLN Z 268 -80.21 35.16 41.71
C GLN Z 268 -81.16 33.98 41.62
N GLN Z 269 -80.76 32.86 42.20
CA GLN Z 269 -81.60 31.69 42.25
C GLN Z 269 -81.32 30.98 43.57
N ASN Z 270 -81.98 29.86 43.86
CA ASN Z 270 -81.89 29.24 45.18
C ASN Z 270 -80.55 28.52 45.36
N THR Z 271 -79.45 29.25 45.22
CA THR Z 271 -78.15 28.74 45.64
C THR Z 271 -78.08 28.79 47.15
N GLY Z 272 -77.32 27.86 47.74
CA GLY Z 272 -77.24 27.74 49.19
C GLY Z 272 -76.82 29.01 49.91
N ALA Z 273 -76.06 29.87 49.24
CA ALA Z 273 -75.64 31.14 49.82
C ALA Z 273 -75.27 32.15 48.75
N ASN Z 274 -74.86 33.34 49.15
CA ASN Z 274 -74.42 34.37 48.22
C ASN Z 274 -72.93 34.21 47.95
N ASN Z 275 -72.59 33.69 46.76
CA ASN Z 275 -71.20 33.46 46.39
C ASN Z 275 -70.85 34.35 45.20
N ILE Z 276 -69.69 34.99 45.26
CA ILE Z 276 -69.19 35.81 44.17
C ILE Z 276 -68.49 34.89 43.17
N VAL Z 277 -68.98 34.87 41.93
CA VAL Z 277 -68.47 33.93 40.94
C VAL Z 277 -67.15 34.42 40.34
N ALA Z 278 -67.10 35.67 39.89
CA ALA Z 278 -65.92 36.17 39.21
C ALA Z 278 -65.78 37.67 39.44
N THR Z 279 -64.53 38.11 39.63
CA THR Z 279 -64.19 39.51 39.73
C THR Z 279 -63.03 39.81 38.79
N ASN Z 280 -63.12 40.95 38.10
CA ASN Z 280 -62.09 41.31 37.13
C ASN Z 280 -62.01 42.82 37.00
N GLN Z 281 -60.79 43.31 36.77
CA GLN Z 281 -60.57 44.72 36.49
C GLN Z 281 -59.36 44.84 35.58
N ASN Z 282 -59.42 45.82 34.67
CA ASN Z 282 -58.44 45.94 33.60
C ASN Z 282 -57.31 46.90 33.93
N GLY Z 283 -57.26 47.44 35.14
CA GLY Z 283 -56.13 48.27 35.54
C GLY Z 283 -55.05 47.47 36.21
N TYR Z 284 -53.81 47.93 36.06
CA TYR Z 284 -52.67 47.24 36.62
C TYR Z 284 -51.68 48.27 37.15
N LYS Z 285 -50.89 47.85 38.15
CA LYS Z 285 -49.88 48.66 38.80
C LYS Z 285 -48.58 48.62 38.01
N PRO Z 286 -47.72 49.64 38.13
CA PRO Z 286 -46.44 49.62 37.42
C PRO Z 286 -45.54 48.50 37.91
N GLY Z 287 -44.74 47.94 37.01
CA GLY Z 287 -43.85 46.85 37.36
C GLY Z 287 -42.62 46.84 36.48
N ASP Z 288 -41.61 46.11 36.92
CA ASP Z 288 -40.35 45.98 36.20
C ASP Z 288 -40.35 44.68 35.41
N LEU Z 289 -39.52 44.64 34.37
CA LEU Z 289 -39.37 43.45 33.55
C LEU Z 289 -38.76 42.32 34.38
N VAL Z 290 -39.39 41.15 34.33
CA VAL Z 290 -38.94 39.99 35.09
C VAL Z 290 -38.39 38.91 34.18
N SER Z 291 -39.10 38.57 33.11
CA SER Z 291 -38.65 37.55 32.18
C SER Z 291 -39.21 37.83 30.80
N TYR Z 292 -38.80 37.01 29.84
CA TYR Z 292 -39.27 37.13 28.46
C TYR Z 292 -39.30 35.76 27.82
N GLN Z 293 -40.08 35.63 26.75
CA GLN Z 293 -40.23 34.37 26.06
C GLN Z 293 -40.63 34.60 24.61
N ILE Z 294 -40.37 33.59 23.79
CA ILE Z 294 -40.78 33.56 22.38
C ILE Z 294 -41.78 32.41 22.24
N ASN Z 295 -43.01 32.75 21.90
CA ASN Z 295 -44.05 31.74 21.79
C ASN Z 295 -43.95 31.02 20.45
N ASN Z 296 -44.72 29.94 20.33
CA ASN Z 296 -44.69 29.10 19.13
C ASN Z 296 -45.19 29.82 17.89
N ASP Z 297 -45.98 30.88 18.04
CA ASP Z 297 -46.46 31.66 16.89
C ASP Z 297 -45.55 32.84 16.57
N GLY Z 298 -44.34 32.87 17.11
CA GLY Z 298 -43.41 33.95 16.84
C GLY Z 298 -43.60 35.19 17.67
N THR Z 299 -44.57 35.20 18.58
CA THR Z 299 -44.84 36.39 19.38
C THR Z 299 -43.86 36.48 20.54
N VAL Z 300 -43.25 37.64 20.72
CA VAL Z 300 -42.31 37.89 21.81
C VAL Z 300 -43.07 38.54 22.95
N VAL Z 301 -43.07 37.87 24.11
CA VAL Z 301 -43.87 38.28 25.25
C VAL Z 301 -42.96 38.50 26.44
N GLY Z 302 -43.04 39.69 27.03
CA GLY Z 302 -42.30 40.01 28.25
C GLY Z 302 -43.21 39.96 29.46
N ASN Z 303 -42.83 39.15 30.44
CA ASN Z 303 -43.58 39.00 31.67
C ASN Z 303 -42.96 39.90 32.74
N TYR Z 304 -43.78 40.77 33.32
CA TYR Z 304 -43.32 41.77 34.26
C TYR Z 304 -43.61 41.31 35.69
N SER Z 305 -43.35 42.19 36.66
CA SER Z 305 -43.56 41.89 38.06
C SER Z 305 -44.96 42.23 38.55
N ASN Z 306 -45.78 42.87 37.72
CA ASN Z 306 -47.13 43.24 38.13
C ASN Z 306 -48.14 42.18 37.73
N GLU Z 307 -47.67 40.94 37.55
CA GLU Z 307 -48.52 39.81 37.15
C GLU Z 307 -49.26 40.12 35.85
N GLN Z 308 -48.55 40.79 34.94
CA GLN Z 308 -49.13 41.18 33.67
C GLN Z 308 -48.08 41.03 32.58
N GLU Z 309 -48.51 40.53 31.42
CA GLU Z 309 -47.62 40.33 30.28
C GLU Z 309 -47.80 41.45 29.27
N GLN Z 310 -46.77 41.65 28.46
CA GLN Z 310 -46.79 42.64 27.40
C GLN Z 310 -46.23 42.03 26.13
N VAL Z 311 -46.72 42.48 24.98
CA VAL Z 311 -46.16 42.05 23.70
C VAL Z 311 -45.08 43.04 23.28
N LEU Z 312 -43.99 42.53 22.70
CA LEU Z 312 -42.91 43.38 22.23
C LEU Z 312 -42.70 43.29 20.73
N GLY Z 313 -43.20 42.24 20.10
CA GLY Z 313 -43.07 42.09 18.67
C GLY Z 313 -43.44 40.69 18.26
N GLN Z 314 -43.50 40.48 16.94
CA GLN Z 314 -43.80 39.17 16.38
C GLN Z 314 -42.73 38.81 15.36
N ILE Z 315 -42.14 37.63 15.49
CA ILE Z 315 -41.13 37.20 14.54
C ILE Z 315 -41.78 36.89 13.21
N VAL Z 316 -41.27 37.50 12.14
CA VAL Z 316 -41.83 37.34 10.81
C VAL Z 316 -40.98 36.34 10.04
N LEU Z 317 -41.63 35.55 9.19
CA LEU Z 317 -40.97 34.56 8.36
C LEU Z 317 -41.07 34.98 6.90
N ALA Z 318 -40.08 34.56 6.10
CA ALA Z 318 -40.03 34.86 4.68
C ALA Z 318 -39.93 33.58 3.89
N ASN Z 319 -40.83 33.42 2.92
CA ASN Z 319 -40.81 32.28 2.02
C ASN Z 319 -40.72 32.77 0.58
N PHE Z 320 -40.01 32.02 -0.24
CA PHE Z 320 -39.68 32.42 -1.59
C PHE Z 320 -40.39 31.54 -2.61
N ALA Z 321 -40.54 32.08 -3.82
CA ALA Z 321 -41.02 31.27 -4.93
C ALA Z 321 -39.99 30.20 -5.31
N ASN Z 322 -38.71 30.52 -5.14
CA ASN Z 322 -37.61 29.60 -5.43
C ASN Z 322 -36.59 29.70 -4.30
N ASN Z 323 -36.56 28.70 -3.42
CA ASN Z 323 -35.53 28.67 -2.38
C ASN Z 323 -34.14 28.42 -2.98
N GLU Z 324 -34.07 27.65 -4.07
CA GLU Z 324 -32.79 27.33 -4.68
C GLU Z 324 -32.11 28.54 -5.31
N GLY Z 325 -32.86 29.62 -5.57
CA GLY Z 325 -32.27 30.79 -6.19
C GLY Z 325 -31.55 31.73 -5.25
N LEU Z 326 -31.63 31.50 -3.95
CA LEU Z 326 -30.98 32.36 -2.98
C LEU Z 326 -29.46 32.25 -3.11
N ALA Z 327 -28.79 33.40 -2.99
CA ALA Z 327 -27.33 33.44 -3.01
C ALA Z 327 -26.81 33.43 -1.57
N SER Z 328 -26.13 32.35 -1.21
CA SER Z 328 -25.61 32.24 0.16
C SER Z 328 -24.46 33.20 0.37
N GLN Z 329 -24.52 33.96 1.46
CA GLN Z 329 -23.52 34.97 1.77
C GLN Z 329 -22.57 34.55 2.89
N GLY Z 330 -22.61 33.29 3.32
CA GLY Z 330 -21.83 32.87 4.45
C GLY Z 330 -22.50 33.24 5.77
N ASP Z 331 -21.86 32.81 6.85
CA ASP Z 331 -22.40 33.00 8.21
C ASP Z 331 -23.82 32.48 8.31
N ASN Z 332 -24.02 31.26 7.77
CA ASN Z 332 -25.35 30.61 7.65
C ASN Z 332 -26.45 31.61 7.35
N VAL Z 333 -26.28 32.36 6.26
CA VAL Z 333 -27.16 33.47 5.89
C VAL Z 333 -27.34 33.49 4.39
N TRP Z 334 -28.58 33.67 3.93
CA TRP Z 334 -28.91 33.78 2.51
C TRP Z 334 -29.36 35.20 2.20
N ALA Z 335 -29.17 35.62 0.95
CA ALA Z 335 -29.64 36.91 0.47
C ALA Z 335 -30.50 36.71 -0.77
N ALA Z 336 -31.61 37.45 -0.83
CA ALA Z 336 -32.50 37.33 -1.97
C ALA Z 336 -31.88 37.95 -3.22
N THR Z 337 -32.12 37.32 -4.35
CA THR Z 337 -31.66 37.80 -5.65
C THR Z 337 -32.83 37.74 -6.64
N GLN Z 338 -32.53 38.01 -7.91
CA GLN Z 338 -33.57 37.96 -8.93
C GLN Z 338 -34.13 36.56 -9.09
N ALA Z 339 -33.27 35.54 -9.10
CA ALA Z 339 -33.70 34.17 -9.34
C ALA Z 339 -34.64 33.66 -8.25
N SER Z 340 -34.45 34.09 -7.00
CA SER Z 340 -35.30 33.65 -5.91
C SER Z 340 -36.59 34.44 -5.82
N GLY Z 341 -36.68 35.58 -6.52
CA GLY Z 341 -37.89 36.39 -6.49
C GLY Z 341 -38.00 37.21 -5.23
N VAL Z 342 -39.12 37.93 -5.13
CA VAL Z 342 -39.38 38.76 -3.97
C VAL Z 342 -39.83 37.89 -2.80
N ALA Z 343 -39.24 38.14 -1.63
CA ALA Z 343 -39.59 37.38 -0.44
C ALA Z 343 -41.00 37.70 0.00
N LEU Z 344 -41.77 36.66 0.35
CA LEU Z 344 -43.13 36.82 0.82
C LEU Z 344 -43.15 36.66 2.34
N LEU Z 345 -43.68 37.67 3.04
CA LEU Z 345 -43.66 37.69 4.50
C LEU Z 345 -44.89 36.97 5.05
N GLY Z 346 -44.77 36.54 6.30
CA GLY Z 346 -45.87 35.86 6.94
C GLY Z 346 -45.57 35.54 8.39
N THR Z 347 -46.52 34.86 9.02
CA THR Z 347 -46.42 34.48 10.43
C THR Z 347 -46.56 32.98 10.57
N ALA Z 348 -46.27 32.49 11.78
CA ALA Z 348 -46.28 31.06 12.05
C ALA Z 348 -47.67 30.46 11.86
N GLY Z 349 -47.70 29.27 11.26
CA GLY Z 349 -48.93 28.51 11.14
C GLY Z 349 -49.97 29.09 10.20
N SER Z 350 -49.63 30.14 9.46
CA SER Z 350 -50.58 30.80 8.58
C SER Z 350 -50.10 30.67 7.14
N GLY Z 351 -50.97 30.16 6.28
CA GLY Z 351 -50.61 30.02 4.88
C GLY Z 351 -49.52 28.98 4.68
N ASN Z 352 -48.45 29.39 3.99
CA ASN Z 352 -47.38 28.49 3.59
C ASN Z 352 -46.15 28.69 4.49
N PHE Z 353 -46.38 28.80 5.80
CA PHE Z 353 -45.31 28.98 6.78
C PHE Z 353 -45.48 27.99 7.91
N GLY Z 354 -44.40 27.30 8.26
CA GLY Z 354 -44.43 26.35 9.34
C GLY Z 354 -44.22 27.01 10.70
N LYS Z 355 -44.63 26.29 11.73
CA LYS Z 355 -44.57 26.79 13.09
C LYS Z 355 -43.12 26.77 13.61
N LEU Z 356 -42.82 27.73 14.48
CA LEU Z 356 -41.51 27.80 15.10
C LEU Z 356 -41.54 27.16 16.48
N THR Z 357 -40.57 26.29 16.75
CA THR Z 357 -40.44 25.63 18.03
C THR Z 357 -39.38 26.34 18.86
N ASN Z 358 -39.79 26.86 20.01
CA ASN Z 358 -38.85 27.53 20.90
C ASN Z 358 -38.07 26.50 21.72
N GLY Z 359 -36.86 26.89 22.12
CA GLY Z 359 -36.01 26.01 22.91
C GLY Z 359 -35.37 24.88 22.14
N ALA Z 360 -35.27 25.00 20.81
CA ALA Z 360 -34.74 23.94 19.97
C ALA Z 360 -34.04 24.55 18.76
N LEU Z 361 -33.16 23.76 18.15
CA LEU Z 361 -32.43 24.19 16.97
C LEU Z 361 -32.55 23.16 15.86
N GLU Z 362 -32.56 23.63 14.62
CA GLU Z 362 -32.56 22.75 13.46
C GLU Z 362 -31.12 22.41 13.09
N ALA Z 363 -30.74 21.15 13.30
CA ALA Z 363 -29.39 20.71 12.95
C ALA Z 363 -29.27 20.58 11.43
N SER Z 364 -28.03 20.48 10.96
CA SER Z 364 -27.77 20.37 9.54
C SER Z 364 -28.29 19.03 9.01
N ASN Z 365 -28.44 18.95 7.69
CA ASN Z 365 -28.97 17.76 7.05
C ASN Z 365 -27.90 17.01 6.27
N VAL Z 366 -26.64 17.10 6.72
CA VAL Z 366 -25.52 16.43 6.04
C VAL Z 366 -25.39 15.02 6.60
N ASP Z 367 -25.68 14.02 5.77
CA ASP Z 367 -25.48 12.63 6.17
C ASP Z 367 -24.08 12.19 5.78
N LEU Z 368 -23.31 11.93 6.84
CA LEU Z 368 -21.88 11.66 6.63
C LEU Z 368 -21.72 10.32 5.91
N SER Z 369 -22.66 9.39 6.02
CA SER Z 369 -22.48 8.16 5.24
C SER Z 369 -22.46 8.52 3.76
N LYS Z 370 -23.51 9.19 3.32
CA LYS Z 370 -23.58 9.60 1.91
C LYS Z 370 -22.35 10.47 1.58
N GLU Z 371 -21.95 11.35 2.49
CA GLU Z 371 -20.85 12.26 2.09
C GLU Z 371 -19.57 11.46 1.90
N LEU Z 372 -19.25 10.53 2.80
CA LEU Z 372 -17.99 9.75 2.74
C LEU Z 372 -18.04 8.82 1.53
N VAL Z 373 -19.23 8.38 1.11
CA VAL Z 373 -19.19 7.56 -0.14
C VAL Z 373 -18.92 8.49 -1.32
N ASN Z 374 -19.85 9.33 -1.76
CA ASN Z 374 -19.73 10.22 -2.91
C ASN Z 374 -18.31 10.77 -3.04
N MET Z 375 -17.62 10.96 -1.92
CA MET Z 375 -16.23 11.38 -1.98
C MET Z 375 -15.37 10.31 -2.64
N ILE Z 376 -15.62 9.04 -2.30
CA ILE Z 376 -14.90 7.94 -2.95
C ILE Z 376 -15.15 7.94 -4.46
N VAL Z 377 -16.43 8.07 -4.84
CA VAL Z 377 -16.77 8.06 -6.26
C VAL Z 377 -16.11 9.23 -6.99
N ALA Z 378 -16.13 10.42 -6.37
CA ALA Z 378 -15.53 11.59 -6.99
C ALA Z 378 -14.02 11.45 -7.11
N GLN Z 379 -13.37 10.84 -6.12
CA GLN Z 379 -11.94 10.58 -6.22
C GLN Z 379 -11.64 9.68 -7.41
N ARG Z 380 -12.45 8.63 -7.58
CA ARG Z 380 -12.24 7.73 -8.72
C ARG Z 380 -12.44 8.45 -10.04
N ASN Z 381 -13.47 9.31 -10.11
CA ASN Z 381 -13.69 10.14 -11.29
C ASN Z 381 -12.48 11.02 -11.59
N TYR Z 382 -11.94 11.67 -10.57
CA TYR Z 382 -10.80 12.57 -10.74
C TYR Z 382 -9.58 11.80 -11.24
N GLN Z 383 -9.35 10.60 -10.69
CA GLN Z 383 -8.22 9.79 -11.14
C GLN Z 383 -8.40 9.34 -12.59
N SER Z 384 -9.63 9.00 -12.98
CA SER Z 384 -9.88 8.62 -14.37
C SER Z 384 -9.59 9.79 -15.31
N ASN Z 385 -10.02 10.99 -14.94
CA ASN Z 385 -9.74 12.16 -15.76
C ASN Z 385 -8.24 12.44 -15.85
N ALA Z 386 -7.52 12.24 -14.74
CA ALA Z 386 -6.07 12.39 -14.76
C ALA Z 386 -5.43 11.37 -15.70
N GLN Z 387 -5.97 10.14 -15.72
CA GLN Z 387 -5.48 9.14 -16.65
C GLN Z 387 -5.69 9.57 -18.09
N THR Z 388 -6.84 10.17 -18.38
CA THR Z 388 -7.09 10.70 -19.73
C THR Z 388 -6.07 11.78 -20.09
N ILE Z 389 -5.80 12.68 -19.13
CA ILE Z 389 -4.81 13.72 -19.36
C ILE Z 389 -3.46 13.11 -19.69
N LYS Z 390 -3.07 12.09 -18.93
CA LYS Z 390 -1.78 11.43 -19.15
C LYS Z 390 -1.74 10.77 -20.53
N THR Z 391 -2.86 10.17 -20.94
CA THR Z 391 -2.91 9.54 -22.26
C THR Z 391 -2.70 10.57 -23.37
N GLN Z 392 -3.38 11.72 -23.26
CA GLN Z 392 -3.19 12.77 -24.26
C GLN Z 392 -1.76 13.28 -24.27
N ASP Z 393 -1.17 13.43 -23.07
CA ASP Z 393 0.23 13.83 -22.98
C ASP Z 393 1.14 12.84 -23.70
N GLN Z 394 0.88 11.55 -23.51
CA GLN Z 394 1.73 10.53 -24.14
C GLN Z 394 1.59 10.55 -25.66
N ILE Z 395 0.37 10.71 -26.18
CA ILE Z 395 0.22 10.76 -27.63
C ILE Z 395 0.88 12.02 -28.20
N LEU Z 396 0.81 13.14 -27.46
CA LEU Z 396 1.50 14.34 -27.90
C LEU Z 396 3.01 14.13 -27.93
N ASN Z 397 3.55 13.46 -26.90
CA ASN Z 397 4.98 13.14 -26.89
C ASN Z 397 5.33 12.25 -28.08
N THR Z 398 4.47 11.29 -28.42
CA THR Z 398 4.71 10.43 -29.57
C THR Z 398 4.80 11.26 -30.84
N LEU Z 399 3.89 12.22 -31.02
CA LEU Z 399 3.96 13.07 -32.21
C LEU Z 399 5.21 13.94 -32.23
N VAL Z 400 5.57 14.52 -31.08
CA VAL Z 400 6.72 15.43 -31.04
C VAL Z 400 8.02 14.68 -31.30
N ASN Z 401 8.19 13.51 -30.70
CA ASN Z 401 9.48 12.83 -30.77
C ASN Z 401 9.64 12.08 -32.09
N LEU Z 402 8.80 12.36 -33.07
CA LEU Z 402 8.96 11.78 -34.40
C LEU Z 402 10.28 12.23 -35.01
N SER AA 2 -4.78 -11.27 -28.37
CA SER AA 2 -4.48 -9.84 -28.38
C SER AA 2 -5.17 -9.14 -27.21
N PHE AA 3 -5.62 -7.91 -27.44
CA PHE AA 3 -6.29 -7.15 -26.39
C PHE AA 3 -7.70 -7.69 -26.12
N SER AA 4 -8.30 -8.31 -27.14
CA SER AA 4 -9.72 -8.67 -27.08
C SER AA 4 -10.00 -9.69 -25.98
N GLN AA 5 -9.11 -10.67 -25.81
CA GLN AA 5 -9.34 -11.68 -24.79
C GLN AA 5 -9.35 -11.09 -23.40
N ALA AA 6 -8.37 -10.23 -23.11
CA ALA AA 6 -8.32 -9.58 -21.80
C ALA AA 6 -9.50 -8.65 -21.60
N VAL AA 7 -9.92 -7.93 -22.66
CA VAL AA 7 -11.07 -7.05 -22.54
C VAL AA 7 -12.33 -7.84 -22.20
N SER AA 8 -12.55 -8.96 -22.90
CA SER AA 8 -13.73 -9.78 -22.66
C SER AA 8 -13.70 -10.37 -21.26
N GLY AA 9 -12.54 -10.86 -20.82
CA GLY AA 9 -12.44 -11.39 -19.47
C GLY AA 9 -12.70 -10.33 -18.42
N LEU AA 10 -12.18 -9.13 -18.64
CA LEU AA 10 -12.40 -8.03 -17.71
C LEU AA 10 -13.88 -7.68 -17.63
N ASN AA 11 -14.56 -7.62 -18.77
CA ASN AA 11 -15.99 -7.30 -18.77
C ASN AA 11 -16.80 -8.38 -18.08
N ALA AA 12 -16.44 -9.65 -18.32
CA ALA AA 12 -17.15 -10.74 -17.64
C ALA AA 12 -16.95 -10.69 -16.14
N ALA AA 13 -15.72 -10.41 -15.69
CA ALA AA 13 -15.48 -10.29 -14.26
C ALA AA 13 -16.25 -9.13 -13.66
N ALA AA 14 -16.32 -8.01 -14.39
CA ALA AA 14 -17.08 -6.85 -13.90
C ALA AA 14 -18.57 -7.18 -13.79
N THR AA 15 -19.11 -7.89 -14.77
CA THR AA 15 -20.51 -8.29 -14.70
C THR AA 15 -20.78 -9.22 -13.52
N ASN AA 16 -19.87 -10.17 -13.30
CA ASN AA 16 -20.01 -11.07 -12.15
C ASN AA 16 -19.96 -10.30 -10.84
N LEU AA 17 -19.05 -9.32 -10.75
CA LEU AA 17 -18.95 -8.51 -9.54
C LEU AA 17 -20.22 -7.68 -9.33
N ASP AA 18 -20.80 -7.17 -10.41
CA ASP AA 18 -22.06 -6.43 -10.31
C ASP AA 18 -23.18 -7.33 -9.80
N VAL AA 19 -23.25 -8.56 -10.32
CA VAL AA 19 -24.29 -9.48 -9.88
C VAL AA 19 -24.13 -9.81 -8.40
N ILE AA 20 -22.89 -10.05 -7.97
CA ILE AA 20 -22.63 -10.34 -6.55
C ILE AA 20 -22.99 -9.14 -5.69
N GLY AA 21 -22.63 -7.94 -6.14
CA GLY AA 21 -22.97 -6.75 -5.38
C GLY AA 21 -24.46 -6.54 -5.25
N ASN AA 22 -25.22 -6.90 -6.29
CA ASN AA 22 -26.67 -6.80 -6.18
C ASN AA 22 -27.21 -7.84 -5.20
N ASN AA 23 -26.73 -9.08 -5.30
CA ASN AA 23 -27.16 -10.11 -4.36
C ASN AA 23 -26.89 -9.69 -2.93
N ILE AA 24 -25.78 -8.99 -2.70
CA ILE AA 24 -25.50 -8.48 -1.36
C ILE AA 24 -26.45 -7.33 -1.01
N ALA AA 25 -26.66 -6.40 -1.95
CA ALA AA 25 -27.46 -5.21 -1.67
C ALA AA 25 -28.90 -5.56 -1.34
N ASN AA 26 -29.40 -6.67 -1.87
CA ASN AA 26 -30.76 -7.14 -1.57
C ASN AA 26 -30.76 -8.21 -0.49
N SER AA 27 -29.89 -8.09 0.52
CA SER AA 27 -29.79 -9.06 1.60
C SER AA 27 -31.11 -9.18 2.34
N ALA AA 28 -31.78 -8.06 2.57
CA ALA AA 28 -33.08 -8.01 3.24
C ALA AA 28 -34.07 -7.41 2.26
N THR AA 29 -34.63 -8.25 1.38
CA THR AA 29 -35.60 -7.82 0.38
C THR AA 29 -36.55 -8.99 0.17
N TYR AA 30 -37.78 -8.84 0.69
CA TYR AA 30 -38.77 -9.90 0.63
C TYR AA 30 -39.11 -10.25 -0.82
N GLY AA 31 -39.12 -11.55 -1.14
CA GLY AA 31 -39.42 -12.00 -2.48
C GLY AA 31 -38.29 -11.86 -3.47
N PHE AA 32 -37.06 -11.66 -3.01
CA PHE AA 32 -35.91 -11.52 -3.89
C PHE AA 32 -35.29 -12.87 -4.16
N LYS AA 33 -34.94 -13.11 -5.42
CA LYS AA 33 -34.22 -14.32 -5.82
C LYS AA 33 -32.84 -13.93 -6.36
N SER AA 34 -31.81 -14.59 -5.86
CA SER AA 34 -30.44 -14.22 -6.21
C SER AA 34 -30.16 -14.49 -7.68
N GLY AA 35 -29.13 -13.81 -8.20
CA GLY AA 35 -28.73 -13.96 -9.58
C GLY AA 35 -27.35 -14.58 -9.68
N THR AA 36 -27.09 -15.27 -10.78
CA THR AA 36 -25.81 -15.90 -11.05
C THR AA 36 -25.47 -15.75 -12.52
N ALA AA 37 -24.23 -15.36 -12.81
CA ALA AA 37 -23.80 -15.16 -14.19
C ALA AA 37 -23.32 -16.48 -14.79
N SER AA 38 -23.74 -16.75 -16.01
CA SER AA 38 -23.30 -17.91 -16.76
C SER AA 38 -22.44 -17.46 -17.94
N PHE AA 39 -21.24 -18.01 -18.04
CA PHE AA 39 -20.28 -17.59 -19.05
C PHE AA 39 -20.05 -18.70 -20.07
N ALA AA 40 -19.73 -18.30 -21.30
CA ALA AA 40 -19.39 -19.21 -22.36
C ALA AA 40 -18.23 -18.64 -23.17
N ASP AA 41 -17.30 -19.52 -23.54
CA ASP AA 41 -16.14 -19.11 -24.31
C ASP AA 41 -16.52 -18.85 -25.76
N MET AA 42 -15.60 -18.24 -26.50
CA MET AA 42 -15.91 -17.76 -27.84
C MET AA 42 -14.94 -18.26 -28.90
N PHE AA 43 -14.68 -19.56 -28.95
CA PHE AA 43 -13.93 -20.11 -30.08
C PHE AA 43 -14.62 -19.74 -31.39
N ALA AA 44 -13.84 -19.18 -32.33
CA ALA AA 44 -14.38 -18.68 -33.60
C ALA AA 44 -13.32 -18.87 -34.68
N GLY AA 45 -13.46 -19.93 -35.45
CA GLY AA 45 -12.55 -20.19 -36.56
C GLY AA 45 -11.22 -20.76 -36.14
N SER AA 46 -10.38 -19.92 -35.55
CA SER AA 46 -9.08 -20.38 -35.07
C SER AA 46 -9.24 -21.19 -33.78
N LYS AA 47 -8.19 -21.93 -33.42
CA LYS AA 47 -8.19 -22.73 -32.21
C LYS AA 47 -7.57 -22.00 -31.02
N VAL AA 48 -7.26 -20.72 -31.15
CA VAL AA 48 -6.58 -20.00 -30.08
C VAL AA 48 -7.54 -19.52 -29.00
N GLY AA 49 -8.85 -19.71 -29.18
CA GLY AA 49 -9.78 -19.34 -28.13
C GLY AA 49 -10.00 -17.85 -27.99
N LEU AA 50 -10.70 -17.26 -28.97
CA LEU AA 50 -10.86 -15.82 -29.12
C LEU AA 50 -11.18 -15.11 -27.81
N GLY AA 51 -12.30 -15.41 -27.16
CA GLY AA 51 -12.66 -14.66 -25.99
C GLY AA 51 -13.74 -15.29 -25.13
N VAL AA 52 -14.36 -14.46 -24.30
CA VAL AA 52 -15.35 -14.88 -23.32
C VAL AA 52 -16.57 -13.97 -23.43
N LYS AA 53 -17.75 -14.57 -23.32
CA LYS AA 53 -19.01 -13.84 -23.38
C LYS AA 53 -19.90 -14.24 -22.21
N VAL AA 54 -20.77 -13.32 -21.82
CA VAL AA 54 -21.74 -13.58 -20.76
C VAL AA 54 -22.97 -14.20 -21.39
N ALA AA 55 -23.18 -15.50 -21.16
CA ALA AA 55 -24.33 -16.18 -21.72
C ALA AA 55 -25.64 -15.64 -21.18
N GLY AA 56 -25.72 -15.37 -19.88
CA GLY AA 56 -26.93 -14.83 -19.31
C GLY AA 56 -26.80 -14.68 -17.81
N ILE AA 57 -27.85 -14.12 -17.23
CA ILE AA 57 -27.99 -13.99 -15.78
C ILE AA 57 -29.18 -14.84 -15.37
N THR AA 58 -28.93 -15.91 -14.64
CA THR AA 58 -29.97 -16.84 -14.23
C THR AA 58 -30.39 -16.59 -12.79
N GLN AA 59 -31.68 -16.67 -12.54
CA GLN AA 59 -32.21 -16.49 -11.20
C GLN AA 59 -32.24 -17.82 -10.46
N ASP AA 60 -32.10 -17.74 -9.14
CA ASP AA 60 -32.12 -18.92 -8.27
C ASP AA 60 -33.47 -18.94 -7.56
N PHE AA 61 -34.39 -19.75 -8.07
CA PHE AA 61 -35.77 -19.77 -7.57
C PHE AA 61 -35.96 -20.80 -6.47
N THR AA 62 -35.16 -20.70 -5.41
CA THR AA 62 -35.35 -21.54 -4.23
C THR AA 62 -36.05 -20.73 -3.15
N ASP AA 63 -36.98 -21.38 -2.46
CA ASP AA 63 -37.79 -20.67 -1.47
C ASP AA 63 -36.94 -20.18 -0.31
N GLY AA 64 -37.15 -18.92 0.07
CA GLY AA 64 -36.48 -18.35 1.22
C GLY AA 64 -37.21 -18.63 2.51
N THR AA 65 -36.64 -18.14 3.60
CA THR AA 65 -37.24 -18.33 4.91
C THR AA 65 -38.53 -17.53 5.02
N THR AA 66 -39.57 -18.18 5.54
CA THR AA 66 -40.86 -17.52 5.75
C THR AA 66 -40.93 -16.99 7.16
N THR AA 67 -40.80 -15.67 7.31
CA THR AA 67 -40.72 -15.00 8.60
C THR AA 67 -42.07 -14.38 8.93
N ASN AA 68 -42.58 -14.69 10.12
CA ASN AA 68 -43.86 -14.15 10.54
C ASN AA 68 -43.75 -12.65 10.83
N THR AA 69 -44.80 -11.91 10.49
CA THR AA 69 -44.85 -10.47 10.71
C THR AA 69 -45.91 -10.05 11.72
N GLY AA 70 -47.06 -10.70 11.75
CA GLY AA 70 -48.14 -10.34 12.64
C GLY AA 70 -49.25 -9.53 12.00
N ARG AA 71 -49.16 -9.24 10.71
CA ARG AA 71 -50.21 -8.52 10.00
C ARG AA 71 -50.95 -9.49 9.09
N GLY AA 72 -52.28 -9.37 9.05
CA GLY AA 72 -53.08 -10.26 8.22
C GLY AA 72 -52.99 -10.00 6.73
N LEU AA 73 -52.37 -8.90 6.32
CA LEU AA 73 -52.26 -8.56 4.91
C LEU AA 73 -50.94 -9.01 4.29
N ASP AA 74 -50.07 -9.66 5.04
CA ASP AA 74 -48.85 -10.24 4.49
C ASP AA 74 -49.02 -11.75 4.36
N VAL AA 75 -48.97 -12.24 3.13
CA VAL AA 75 -49.11 -13.66 2.84
C VAL AA 75 -47.91 -14.10 1.99
N ALA AA 76 -47.32 -15.24 2.36
CA ALA AA 76 -46.14 -15.75 1.70
C ALA AA 76 -46.45 -17.03 0.94
N ILE AA 77 -45.74 -17.25 -0.16
CA ILE AA 77 -45.93 -18.44 -0.99
C ILE AA 77 -44.85 -19.45 -0.64
N SER AA 78 -45.28 -20.63 -0.19
CA SER AA 78 -44.36 -21.74 -0.05
C SER AA 78 -44.36 -22.56 -1.33
N GLN AA 79 -43.24 -23.21 -1.62
CA GLN AA 79 -43.05 -24.01 -2.84
C GLN AA 79 -43.31 -23.11 -4.05
N ASN AA 80 -43.91 -23.65 -5.10
CA ASN AA 80 -44.10 -22.92 -6.34
C ASN AA 80 -45.32 -22.00 -6.26
N GLY AA 81 -45.36 -21.02 -7.15
CA GLY AA 81 -46.47 -20.10 -7.24
C GLY AA 81 -46.00 -18.67 -7.32
N PHE AA 82 -46.77 -17.84 -8.02
CA PHE AA 82 -46.48 -16.42 -8.17
C PHE AA 82 -47.77 -15.62 -8.02
N PHE AA 83 -47.71 -14.54 -7.25
CA PHE AA 83 -48.82 -13.61 -7.19
C PHE AA 83 -48.97 -12.88 -8.51
N ARG AA 84 -50.21 -12.71 -8.96
CA ARG AA 84 -50.52 -12.04 -10.21
C ARG AA 84 -51.06 -10.64 -9.90
N LEU AA 85 -50.47 -9.64 -10.52
CA LEU AA 85 -50.84 -8.25 -10.32
C LEU AA 85 -51.07 -7.56 -11.67
N VAL AA 86 -51.79 -6.45 -11.64
CA VAL AA 86 -51.99 -5.61 -12.82
C VAL AA 86 -51.71 -4.17 -12.42
N ASP AA 87 -51.08 -3.41 -13.32
CA ASP AA 87 -50.84 -2.00 -13.08
C ASP AA 87 -52.03 -1.18 -13.57
N SER AA 88 -51.86 0.14 -13.61
CA SER AA 88 -52.94 1.02 -14.04
C SER AA 88 -53.27 0.85 -15.52
N ASN AA 89 -52.31 0.42 -16.34
CA ASN AA 89 -52.51 0.30 -17.77
C ASN AA 89 -52.90 -1.12 -18.21
N GLY AA 90 -53.14 -2.03 -17.27
CA GLY AA 90 -53.58 -3.36 -17.61
C GLY AA 90 -52.49 -4.38 -17.85
N SER AA 91 -51.22 -3.98 -17.78
CA SER AA 91 -50.14 -4.94 -17.95
C SER AA 91 -50.10 -5.91 -16.78
N VAL AA 92 -49.91 -7.19 -17.08
CA VAL AA 92 -49.95 -8.25 -16.09
C VAL AA 92 -48.53 -8.58 -15.66
N PHE AA 93 -48.33 -8.65 -14.34
CA PHE AA 93 -47.02 -8.92 -13.76
C PHE AA 93 -47.15 -10.04 -12.73
N TYR AA 94 -46.01 -10.64 -12.40
CA TYR AA 94 -45.96 -11.75 -11.45
C TYR AA 94 -44.85 -11.50 -10.45
N SER AA 95 -45.15 -11.72 -9.17
CA SER AA 95 -44.21 -11.41 -8.11
C SER AA 95 -44.47 -12.30 -6.89
N ARG AA 96 -43.38 -12.62 -6.17
CA ARG AA 96 -43.48 -13.47 -4.99
C ARG AA 96 -43.67 -12.67 -3.69
N ASN AA 97 -43.57 -11.35 -3.72
CA ASN AA 97 -43.71 -10.56 -2.51
C ASN AA 97 -45.18 -10.46 -2.13
N GLY AA 98 -45.49 -10.75 -0.87
CA GLY AA 98 -46.86 -10.70 -0.39
C GLY AA 98 -47.15 -9.58 0.58
N GLN AA 99 -46.37 -8.50 0.52
CA GLN AA 99 -46.54 -7.38 1.45
C GLN AA 99 -47.49 -6.38 0.82
N PHE AA 100 -48.79 -6.56 1.05
CA PHE AA 100 -49.83 -5.75 0.43
C PHE AA 100 -50.42 -4.77 1.44
N LYS AA 101 -51.03 -3.69 0.93
CA LYS AA 101 -51.91 -2.87 1.73
C LYS AA 101 -53.23 -2.67 0.99
N LEU AA 102 -54.25 -2.31 1.76
CA LEU AA 102 -55.53 -1.90 1.23
C LEU AA 102 -55.48 -0.40 0.93
N ASP AA 103 -55.76 -0.02 -0.32
CA ASP AA 103 -55.65 1.36 -0.72
C ASP AA 103 -56.97 2.11 -0.49
N GLU AA 104 -57.03 3.36 -0.97
CA GLU AA 104 -58.22 4.18 -0.74
C GLU AA 104 -59.46 3.60 -1.41
N ASN AA 105 -59.33 3.11 -2.63
CA ASN AA 105 -60.46 2.57 -3.38
C ASN AA 105 -60.81 1.14 -2.99
N ARG AA 106 -60.33 0.68 -1.84
CA ARG AA 106 -60.66 -0.63 -1.26
C ARG AA 106 -60.08 -1.80 -2.06
N ASN AA 107 -59.04 -1.56 -2.85
CA ASN AA 107 -58.34 -2.63 -3.54
C ASN AA 107 -57.07 -3.01 -2.80
N LEU AA 108 -56.56 -4.20 -3.10
CA LEU AA 108 -55.32 -4.68 -2.50
C LEU AA 108 -54.17 -4.37 -3.44
N VAL AA 109 -53.19 -3.60 -2.97
CA VAL AA 109 -52.04 -3.21 -3.77
C VAL AA 109 -50.76 -3.51 -3.02
N ASN AA 110 -49.67 -3.66 -3.77
CA ASN AA 110 -48.35 -3.90 -3.22
C ASN AA 110 -47.66 -2.58 -2.87
N MET AA 111 -46.34 -2.62 -2.71
CA MET AA 111 -45.56 -1.42 -2.43
C MET AA 111 -45.79 -0.33 -3.47
N GLN AA 112 -45.77 -0.69 -4.75
CA GLN AA 112 -45.83 0.32 -5.82
C GLN AA 112 -47.25 0.69 -6.21
N GLY AA 113 -48.27 0.00 -5.71
CA GLY AA 113 -49.63 0.35 -6.04
C GLY AA 113 -50.29 -0.49 -7.10
N MET AA 114 -49.60 -1.48 -7.65
CA MET AA 114 -50.22 -2.37 -8.61
C MET AA 114 -51.24 -3.27 -7.93
N GLN AA 115 -52.38 -3.48 -8.58
CA GLN AA 115 -53.53 -4.09 -7.96
C GLN AA 115 -53.43 -5.62 -7.98
N LEU AA 116 -53.63 -6.24 -6.82
CA LEU AA 116 -53.70 -7.69 -6.74
C LEU AA 116 -54.96 -8.20 -7.43
N THR AA 117 -54.82 -9.28 -8.20
CA THR AA 117 -55.92 -9.85 -8.95
C THR AA 117 -56.28 -11.22 -8.41
N GLY AA 118 -57.44 -11.71 -8.83
CA GLY AA 118 -57.90 -13.02 -8.40
C GLY AA 118 -59.25 -13.35 -8.96
N TYR AA 119 -59.71 -14.55 -8.64
CA TYR AA 119 -61.04 -14.98 -9.05
C TYR AA 119 -62.11 -14.28 -8.23
N PRO AA 120 -63.08 -13.62 -8.88
CA PRO AA 120 -64.13 -12.94 -8.12
C PRO AA 120 -65.29 -13.88 -7.82
N ALA AA 121 -66.26 -13.36 -7.07
CA ALA AA 121 -67.47 -14.09 -6.74
C ALA AA 121 -68.69 -13.29 -7.19
N THR AA 122 -69.70 -14.00 -7.71
CA THR AA 122 -70.91 -13.36 -8.21
C THR AA 122 -72.12 -13.99 -7.54
N GLY AA 123 -73.20 -13.20 -7.46
CA GLY AA 123 -74.44 -13.66 -6.88
C GLY AA 123 -74.56 -13.35 -5.40
N THR AA 124 -75.70 -13.77 -4.84
CA THR AA 124 -75.98 -13.56 -3.43
C THR AA 124 -76.65 -14.82 -2.86
N PRO AA 125 -75.96 -15.56 -1.97
CA PRO AA 125 -74.60 -15.32 -1.46
C PRO AA 125 -73.53 -15.57 -2.50
N PRO AA 126 -72.48 -14.74 -2.52
CA PRO AA 126 -71.45 -14.88 -3.55
C PRO AA 126 -70.75 -16.23 -3.47
N THR AA 127 -70.39 -16.75 -4.64
CA THR AA 127 -69.64 -17.98 -4.76
C THR AA 127 -68.51 -17.75 -5.76
N ILE AA 128 -67.31 -18.24 -5.40
CA ILE AA 128 -66.11 -17.97 -6.19
C ILE AA 128 -66.32 -18.47 -7.62
N GLN AA 129 -66.14 -17.57 -8.58
CA GLN AA 129 -66.39 -17.86 -9.99
C GLN AA 129 -65.05 -18.24 -10.62
N GLN AA 130 -64.63 -19.48 -10.37
CA GLN AA 130 -63.29 -19.92 -10.74
C GLN AA 130 -63.04 -19.87 -12.25
N GLY AA 131 -64.09 -20.01 -13.05
CA GLY AA 131 -63.91 -19.96 -14.50
C GLY AA 131 -63.69 -18.58 -15.07
N ALA AA 132 -64.07 -17.53 -14.35
CA ALA AA 132 -63.96 -16.17 -14.83
C ALA AA 132 -62.51 -15.71 -14.84
N ASN AA 133 -62.21 -14.74 -15.71
CA ASN AA 133 -60.88 -14.18 -15.77
C ASN AA 133 -60.57 -13.41 -14.48
N PRO AA 134 -59.30 -13.41 -14.04
CA PRO AA 134 -58.95 -12.70 -12.81
C PRO AA 134 -59.24 -11.21 -12.92
N ALA AA 135 -59.70 -10.62 -11.82
CA ALA AA 135 -60.01 -9.21 -11.71
C ALA AA 135 -59.40 -8.66 -10.43
N PRO AA 136 -59.16 -7.35 -10.36
CA PRO AA 136 -58.63 -6.77 -9.13
C PRO AA 136 -59.51 -7.06 -7.92
N ILE AA 137 -58.88 -7.39 -6.80
CA ILE AA 137 -59.63 -7.75 -5.60
C ILE AA 137 -60.02 -6.49 -4.85
N THR AA 138 -61.30 -6.36 -4.54
CA THR AA 138 -61.83 -5.19 -3.85
C THR AA 138 -62.53 -5.62 -2.57
N ILE AA 139 -62.27 -4.91 -1.49
CA ILE AA 139 -62.93 -5.15 -0.20
C ILE AA 139 -63.85 -3.97 0.08
N PRO AA 140 -65.06 -3.94 -0.47
CA PRO AA 140 -65.94 -2.78 -0.26
C PRO AA 140 -66.38 -2.66 1.19
N ASN AA 141 -66.60 -1.43 1.62
CA ASN AA 141 -67.12 -1.14 2.95
C ASN AA 141 -68.62 -0.91 2.93
N THR AA 142 -69.27 -1.11 1.79
CA THR AA 142 -70.71 -0.94 1.71
C THR AA 142 -71.43 -1.97 2.59
N LEU AA 143 -72.50 -1.53 3.21
CA LEU AA 143 -73.27 -2.39 4.10
C LEU AA 143 -73.93 -3.52 3.30
N MET AA 144 -74.01 -4.68 3.93
CA MET AA 144 -74.65 -5.85 3.34
C MET AA 144 -76.13 -5.84 3.68
N ALA AA 145 -76.97 -5.98 2.66
CA ALA AA 145 -78.42 -5.93 2.84
C ALA AA 145 -78.90 -7.22 3.49
N ALA AA 146 -80.18 -7.30 3.83
CA ALA AA 146 -80.75 -8.49 4.45
C ALA AA 146 -81.32 -9.42 3.39
N LYS AA 147 -81.39 -10.70 3.73
CA LYS AA 147 -81.94 -11.72 2.84
C LYS AA 147 -83.07 -12.43 3.57
N SER AA 148 -84.24 -12.49 2.95
CA SER AA 148 -85.40 -13.08 3.58
C SER AA 148 -85.21 -14.57 3.77
N THR AA 149 -85.81 -15.12 4.83
CA THR AA 149 -85.72 -16.54 5.11
C THR AA 149 -86.47 -17.34 4.05
N THR AA 150 -85.77 -18.28 3.40
CA THR AA 150 -86.38 -19.14 2.41
C THR AA 150 -86.44 -20.60 2.82
N THR AA 151 -85.51 -21.08 3.64
CA THR AA 151 -85.53 -22.46 4.11
C THR AA 151 -84.99 -22.50 5.53
N ALA AA 152 -85.65 -23.26 6.40
CA ALA AA 152 -85.25 -23.41 7.78
C ALA AA 152 -85.38 -24.87 8.17
N SER AA 153 -84.60 -25.27 9.16
CA SER AA 153 -84.61 -26.65 9.66
C SER AA 153 -84.65 -26.63 11.19
N MET AA 154 -85.45 -27.53 11.74
CA MET AA 154 -85.60 -27.65 13.19
C MET AA 154 -85.61 -29.13 13.54
N GLN AA 155 -84.45 -29.69 13.87
CA GLN AA 155 -84.34 -31.11 14.16
C GLN AA 155 -84.29 -31.29 15.67
N ILE AA 156 -85.29 -31.98 16.21
CA ILE AA 156 -85.51 -32.11 17.65
C ILE AA 156 -85.80 -33.57 17.97
N ASN AA 157 -85.66 -33.92 19.24
CA ASN AA 157 -85.90 -35.28 19.72
C ASN AA 157 -87.13 -35.28 20.61
N LEU AA 158 -88.00 -36.26 20.41
CA LEU AA 158 -89.24 -36.38 21.17
C LEU AA 158 -89.15 -37.57 22.12
N ASN AA 159 -89.71 -37.39 23.32
CA ASN AA 159 -89.81 -38.49 24.28
C ASN AA 159 -91.09 -39.28 23.99
N SER AA 160 -90.96 -40.61 23.95
CA SER AA 160 -92.07 -41.45 23.51
C SER AA 160 -93.17 -41.56 24.56
N THR AA 161 -92.83 -41.35 25.84
CA THR AA 161 -93.76 -41.63 26.92
C THR AA 161 -94.55 -40.43 27.40
N ASP AA 162 -94.47 -39.29 26.71
CA ASP AA 162 -95.25 -38.13 27.14
C ASP AA 162 -96.74 -38.41 26.97
N PRO AA 163 -97.56 -38.11 27.97
CA PRO AA 163 -99.00 -38.28 27.83
C PRO AA 163 -99.61 -37.17 26.99
N VAL AA 164 -100.77 -37.47 26.41
CA VAL AA 164 -101.52 -36.51 25.62
C VAL AA 164 -101.96 -35.36 26.53
N PRO AA 165 -101.86 -34.11 26.09
CA PRO AA 165 -102.31 -32.99 26.93
C PRO AA 165 -103.77 -33.13 27.31
N SER AA 166 -104.07 -32.83 28.57
CA SER AA 166 -105.42 -33.03 29.09
C SER AA 166 -106.37 -31.92 28.63
N LYS AA 167 -105.87 -30.69 28.54
CA LYS AA 167 -106.74 -29.55 28.25
C LYS AA 167 -107.00 -29.38 26.76
N THR AA 168 -107.83 -30.26 26.19
CA THR AA 168 -108.27 -30.08 24.81
C THR AA 168 -109.31 -28.96 24.73
N PRO AA 169 -109.31 -28.18 23.63
CA PRO AA 169 -108.39 -28.23 22.49
C PRO AA 169 -107.10 -27.48 22.79
N PHE AA 170 -106.16 -27.46 21.84
CA PHE AA 170 -104.90 -26.76 22.07
C PHE AA 170 -105.14 -25.26 22.21
N SER AA 171 -104.61 -24.68 23.29
CA SER AA 171 -104.73 -23.25 23.56
C SER AA 171 -103.33 -22.70 23.81
N VAL AA 172 -102.99 -21.62 23.11
CA VAL AA 172 -101.66 -21.03 23.28
C VAL AA 172 -101.59 -20.26 24.59
N SER AA 173 -102.73 -19.95 25.19
CA SER AA 173 -102.74 -19.15 26.42
C SER AA 173 -102.20 -19.95 27.60
N ASP AA 174 -102.62 -21.21 27.73
CA ASP AA 174 -102.22 -22.04 28.86
C ASP AA 174 -101.06 -22.94 28.43
N ALA AA 175 -100.15 -23.21 29.37
CA ALA AA 175 -98.97 -24.00 29.04
C ALA AA 175 -99.26 -25.50 29.09
N ASP AA 176 -100.39 -25.88 29.70
CA ASP AA 176 -100.72 -27.29 29.85
C ASP AA 176 -101.18 -27.92 28.55
N SER AA 177 -101.45 -27.10 27.54
CA SER AA 177 -102.04 -27.56 26.29
C SER AA 177 -101.02 -28.09 25.29
N TYR AA 178 -99.73 -27.92 25.55
CA TYR AA 178 -98.71 -28.38 24.62
C TYR AA 178 -97.61 -29.13 25.37
N ASN AA 179 -96.99 -30.07 24.67
CA ASN AA 179 -95.87 -30.83 25.24
C ASN AA 179 -94.54 -30.12 25.06
N LYS AA 180 -94.36 -29.37 23.99
CA LYS AA 180 -93.10 -28.66 23.79
C LYS AA 180 -93.34 -27.36 23.03
N LYS AA 181 -92.64 -26.32 23.42
CA LYS AA 181 -92.63 -25.05 22.71
C LYS AA 181 -91.20 -24.67 22.36
N GLY AA 182 -90.97 -24.33 21.08
CA GLY AA 182 -89.65 -23.93 20.63
C GLY AA 182 -89.72 -22.61 19.89
N THR AA 183 -88.54 -22.00 19.76
CA THR AA 183 -88.47 -20.66 19.13
C THR AA 183 -87.38 -20.64 18.07
N VAL AA 184 -87.75 -20.25 16.84
CA VAL AA 184 -86.79 -20.10 15.75
C VAL AA 184 -86.91 -18.68 15.21
N THR AA 185 -85.78 -18.01 15.04
CA THR AA 185 -85.78 -16.62 14.59
C THR AA 185 -85.57 -16.58 13.07
N VAL AA 186 -86.58 -16.10 12.36
CA VAL AA 186 -86.50 -15.92 10.92
C VAL AA 186 -86.48 -14.43 10.61
N TYR AA 187 -86.18 -14.10 9.36
CA TYR AA 187 -86.06 -12.71 8.94
C TYR AA 187 -86.78 -12.49 7.62
N ASP AA 188 -87.48 -11.35 7.53
CA ASP AA 188 -88.23 -10.99 6.33
C ASP AA 188 -87.33 -10.23 5.35
N SER AA 189 -87.93 -9.63 4.34
CA SER AA 189 -87.17 -8.90 3.33
C SER AA 189 -86.46 -7.68 3.91
N GLN AA 190 -87.02 -7.05 4.93
CA GLN AA 190 -86.39 -5.91 5.58
C GLN AA 190 -85.47 -6.32 6.72
N GLY AA 191 -85.32 -7.62 6.97
CA GLY AA 191 -84.46 -8.08 8.05
C GLY AA 191 -85.09 -8.03 9.42
N ASN AA 192 -86.39 -7.75 9.50
CA ASN AA 192 -87.07 -7.73 10.78
C ASN AA 192 -87.14 -9.16 11.36
N ALA AA 193 -86.97 -9.24 12.67
CA ALA AA 193 -86.92 -10.53 13.36
C ALA AA 193 -88.33 -11.04 13.64
N HIS AA 194 -88.59 -12.28 13.26
CA HIS AA 194 -89.86 -12.96 13.53
C HIS AA 194 -89.54 -14.17 14.40
N ASP AA 195 -90.11 -14.22 15.59
CA ASP AA 195 -89.88 -15.33 16.51
C ASP AA 195 -90.96 -16.37 16.29
N MET AA 196 -90.73 -17.26 15.33
CA MET AA 196 -91.65 -18.34 15.05
C MET AA 196 -91.65 -19.30 16.23
N ASN AA 197 -92.75 -19.28 16.99
CA ASN AA 197 -92.95 -20.25 18.06
C ASN AA 197 -93.63 -21.48 17.49
N VAL AA 198 -93.01 -22.63 17.71
CA VAL AA 198 -93.46 -23.90 17.16
C VAL AA 198 -93.89 -24.77 18.33
N TYR AA 199 -95.14 -25.22 18.30
CA TYR AA 199 -95.75 -25.97 19.39
C TYR AA 199 -95.97 -27.42 18.95
N PHE AA 200 -95.42 -28.35 19.74
CA PHE AA 200 -95.54 -29.77 19.49
C PHE AA 200 -96.41 -30.38 20.58
N VAL AA 201 -97.48 -31.07 20.17
CA VAL AA 201 -98.40 -31.76 21.07
C VAL AA 201 -98.53 -33.18 20.55
N LYS AA 202 -98.84 -34.13 21.44
CA LYS AA 202 -99.11 -35.49 21.00
C LYS AA 202 -100.61 -35.72 20.90
N THR AA 203 -101.06 -36.19 19.74
CA THR AA 203 -102.48 -36.50 19.56
C THR AA 203 -102.79 -37.97 19.83
N LYS AA 204 -102.03 -38.88 19.25
CA LYS AA 204 -102.11 -40.30 19.55
C LYS AA 204 -100.70 -40.87 19.43
N ASP AA 205 -100.58 -42.19 19.50
CA ASP AA 205 -99.28 -42.84 19.39
C ASP AA 205 -98.67 -42.54 18.03
N ASN AA 206 -97.39 -42.17 18.04
CA ASN AA 206 -96.61 -41.85 16.84
C ASN AA 206 -97.17 -40.65 16.07
N GLU AA 207 -97.97 -39.80 16.72
CA GLU AA 207 -98.68 -38.72 16.06
C GLU AA 207 -98.46 -37.44 16.85
N TRP AA 208 -97.70 -36.50 16.28
CA TRP AA 208 -97.40 -35.24 16.95
C TRP AA 208 -97.92 -34.08 16.10
N ALA AA 209 -98.99 -33.44 16.57
CA ALA AA 209 -99.50 -32.26 15.89
C ALA AA 209 -98.62 -31.05 16.21
N VAL AA 210 -98.25 -30.29 15.19
CA VAL AA 210 -97.36 -29.16 15.33
C VAL AA 210 -98.05 -27.92 14.77
N TYR AA 211 -97.94 -26.82 15.50
CA TYR AA 211 -98.56 -25.54 15.19
C TYR AA 211 -97.50 -24.44 15.15
N THR AA 212 -97.77 -23.39 14.38
CA THR AA 212 -96.86 -22.27 14.22
C THR AA 212 -97.55 -20.98 14.64
N HIS AA 213 -96.78 -20.09 15.27
CA HIS AA 213 -97.31 -18.81 15.70
C HIS AA 213 -96.23 -17.76 15.65
N ASP AA 214 -96.49 -16.64 14.97
CA ASP AA 214 -95.53 -15.55 14.92
C ASP AA 214 -95.82 -14.58 16.07
N SER AA 215 -95.14 -14.76 17.19
CA SER AA 215 -95.37 -13.93 18.37
C SER AA 215 -94.78 -12.53 18.23
N SER AA 216 -93.93 -12.30 17.23
CA SER AA 216 -93.36 -10.97 17.01
C SER AA 216 -94.34 -9.99 16.37
N ASP AA 217 -95.33 -10.50 15.64
CA ASP AA 217 -96.28 -9.64 14.94
C ASP AA 217 -97.45 -9.30 15.85
N PRO AA 218 -97.65 -8.02 16.19
CA PRO AA 218 -98.78 -7.65 17.06
C PRO AA 218 -100.15 -7.88 16.43
N ALA AA 219 -100.23 -7.98 15.10
CA ALA AA 219 -101.51 -8.15 14.42
C ALA AA 219 -101.83 -9.61 14.15
N ALA AA 220 -100.98 -10.54 14.59
CA ALA AA 220 -101.23 -11.95 14.36
C ALA AA 220 -102.35 -12.45 15.26
N THR AA 221 -103.28 -13.21 14.68
CA THR AA 221 -104.37 -13.78 15.44
C THR AA 221 -103.94 -15.07 16.11
N ALA AA 222 -104.72 -15.50 17.09
CA ALA AA 222 -104.43 -16.74 17.81
C ALA AA 222 -104.55 -17.92 16.86
N PRO AA 223 -103.56 -18.81 16.78
CA PRO AA 223 -103.64 -19.97 15.88
C PRO AA 223 -104.79 -20.89 16.28
N THR AA 224 -105.62 -21.25 15.30
CA THR AA 224 -106.75 -22.14 15.53
C THR AA 224 -106.68 -23.43 14.73
N THR AA 225 -105.74 -23.53 13.78
CA THR AA 225 -105.64 -24.71 12.92
C THR AA 225 -104.24 -25.28 13.01
N ALA AA 226 -104.14 -26.61 13.01
CA ALA AA 226 -102.85 -27.27 13.09
C ALA AA 226 -102.04 -27.00 11.84
N SER AA 227 -100.76 -26.68 12.03
CA SER AA 227 -99.88 -26.47 10.89
C SER AA 227 -99.61 -27.78 10.15
N THR AA 228 -99.24 -28.83 10.87
CA THR AA 228 -99.10 -30.15 10.27
C THR AA 228 -99.01 -31.20 11.37
N THR AA 229 -98.76 -32.45 10.97
CA THR AA 229 -98.58 -33.55 11.92
C THR AA 229 -97.34 -34.34 11.55
N LEU AA 230 -96.43 -34.47 12.51
CA LEU AA 230 -95.27 -35.35 12.38
C LEU AA 230 -95.69 -36.78 12.67
N LYS AA 231 -95.32 -37.69 11.76
CA LYS AA 231 -95.71 -39.10 11.84
C LYS AA 231 -94.44 -39.93 11.94
N PHE AA 232 -94.48 -40.96 12.78
CA PHE AA 232 -93.30 -41.71 13.17
C PHE AA 232 -93.53 -43.20 12.97
N ASN AA 233 -92.47 -43.91 12.56
CA ASN AA 233 -92.55 -45.34 12.29
C ASN AA 233 -92.37 -46.14 13.58
N GLU AA 234 -92.15 -47.45 13.42
CA GLU AA 234 -91.95 -48.33 14.56
C GLU AA 234 -90.70 -47.98 15.34
N ASN AA 235 -89.62 -47.60 14.66
CA ASN AA 235 -88.35 -47.25 15.29
C ASN AA 235 -88.30 -45.79 15.72
N GLY AA 236 -89.37 -45.03 15.51
CA GLY AA 236 -89.37 -43.62 15.82
C GLY AA 236 -88.82 -42.73 14.72
N ILE AA 237 -88.68 -43.24 13.51
CA ILE AA 237 -88.14 -42.48 12.39
C ILE AA 237 -89.27 -41.73 11.70
N LEU AA 238 -88.97 -40.53 11.19
CA LEU AA 238 -89.93 -39.76 10.42
C LEU AA 238 -90.36 -40.52 9.18
N GLU AA 239 -91.67 -40.53 8.92
CA GLU AA 239 -92.21 -41.11 7.70
C GLU AA 239 -92.85 -40.07 6.78
N SER AA 240 -93.52 -39.06 7.36
CA SER AA 240 -94.17 -38.03 6.57
C SER AA 240 -94.21 -36.74 7.37
N GLY AA 241 -94.59 -35.65 6.70
CA GLY AA 241 -94.67 -34.35 7.33
C GLY AA 241 -93.36 -33.67 7.59
N GLY AA 242 -92.29 -34.07 6.90
CA GLY AA 242 -90.97 -33.53 7.17
C GLY AA 242 -90.69 -32.14 6.64
N THR AA 243 -91.50 -31.64 5.70
CA THR AA 243 -91.32 -30.30 5.15
C THR AA 243 -92.67 -29.62 5.03
N VAL AA 244 -92.77 -28.39 5.51
CA VAL AA 244 -94.01 -27.63 5.47
C VAL AA 244 -93.71 -26.19 5.08
N ASN AA 245 -94.64 -25.55 4.38
CA ASN AA 245 -94.46 -24.16 3.99
C ASN AA 245 -95.15 -23.24 4.99
N ILE AA 246 -94.39 -22.31 5.57
CA ILE AA 246 -94.89 -21.39 6.59
C ILE AA 246 -94.64 -19.97 6.14
N THR AA 247 -95.68 -19.14 6.22
CA THR AA 247 -95.60 -17.73 5.87
C THR AA 247 -95.79 -16.89 7.13
N THR AA 248 -94.86 -15.98 7.38
CA THR AA 248 -94.93 -15.14 8.56
C THR AA 248 -95.92 -14.01 8.38
N GLY AA 249 -96.07 -13.20 9.42
CA GLY AA 249 -96.91 -12.02 9.35
C GLY AA 249 -96.20 -10.84 8.73
N THR AA 250 -96.95 -9.77 8.53
CA THR AA 250 -96.43 -8.54 7.95
C THR AA 250 -96.14 -7.55 9.10
N ILE AA 251 -94.86 -7.30 9.34
CA ILE AA 251 -94.42 -6.40 10.40
C ILE AA 251 -93.80 -5.16 9.79
N ASN AA 252 -94.30 -3.99 10.20
CA ASN AA 252 -93.72 -2.69 9.85
C ASN AA 252 -93.66 -2.52 8.32
N GLY AA 253 -94.67 -3.02 7.62
CA GLY AA 253 -94.76 -2.83 6.19
C GLY AA 253 -93.85 -3.72 5.37
N ALA AA 254 -93.10 -4.62 6.00
CA ALA AA 254 -92.20 -5.49 5.26
C ALA AA 254 -92.95 -6.65 4.62
N THR AA 255 -92.39 -7.17 3.53
CA THR AA 255 -92.98 -8.32 2.88
C THR AA 255 -92.85 -9.55 3.77
N ALA AA 256 -93.95 -10.27 3.95
CA ALA AA 256 -93.95 -11.45 4.79
C ALA AA 256 -93.00 -12.51 4.24
N ALA AA 257 -92.24 -13.12 5.14
CA ALA AA 257 -91.25 -14.11 4.74
C ALA AA 257 -91.88 -15.50 4.70
N THR AA 258 -91.94 -16.08 3.51
CA THR AA 258 -92.40 -17.45 3.33
C THR AA 258 -91.18 -18.36 3.24
N PHE AA 259 -91.22 -19.47 3.97
CA PHE AA 259 -90.07 -20.36 4.04
C PHE AA 259 -90.54 -21.80 4.24
N SER AA 260 -89.70 -22.73 3.77
CA SER AA 260 -89.94 -24.15 3.99
C SER AA 260 -89.25 -24.57 5.28
N LEU AA 261 -90.04 -24.90 6.30
CA LEU AA 261 -89.50 -25.42 7.55
C LEU AA 261 -89.48 -26.94 7.48
N SER AA 262 -88.32 -27.52 7.72
CA SER AA 262 -88.11 -28.96 7.62
C SER AA 262 -87.73 -29.52 8.97
N PHE AA 263 -88.38 -30.61 9.36
CA PHE AA 263 -88.11 -31.28 10.62
C PHE AA 263 -87.19 -32.48 10.45
N LEU AA 264 -86.28 -32.41 9.47
CA LEU AA 264 -85.50 -33.57 9.06
C LEU AA 264 -84.66 -34.11 10.22
N ASN AA 265 -84.48 -35.44 10.23
CA ASN AA 265 -83.67 -36.16 11.21
C ASN AA 265 -84.28 -36.16 12.61
N SER AA 266 -85.57 -35.86 12.73
CA SER AA 266 -86.23 -35.95 14.02
C SER AA 266 -86.66 -37.38 14.33
N MET AA 267 -86.31 -37.85 15.52
CA MET AA 267 -86.63 -39.19 16.00
C MET AA 267 -87.47 -39.10 17.26
N GLN AA 268 -88.23 -40.17 17.52
CA GLN AA 268 -89.00 -40.34 18.76
C GLN AA 268 -88.54 -41.64 19.41
N GLN AA 269 -87.73 -41.51 20.47
CA GLN AA 269 -87.40 -42.64 21.32
C GLN AA 269 -87.53 -42.24 22.78
N ASN AA 270 -87.10 -43.11 23.70
CA ASN AA 270 -87.25 -42.88 25.13
C ASN AA 270 -86.19 -41.92 25.66
N THR AA 271 -86.12 -40.72 25.09
CA THR AA 271 -85.25 -39.69 25.63
C THR AA 271 -85.81 -39.16 26.95
N GLY AA 272 -84.94 -38.54 27.75
CA GLY AA 272 -85.34 -38.03 29.04
C GLY AA 272 -86.46 -37.01 28.99
N ALA AA 273 -86.45 -36.15 27.97
CA ALA AA 273 -87.48 -35.14 27.82
C ALA AA 273 -87.51 -34.60 26.39
N ASN AA 274 -88.41 -33.66 26.12
CA ASN AA 274 -88.50 -33.04 24.81
C ASN AA 274 -87.37 -32.04 24.64
N ASN AA 275 -86.46 -32.32 23.69
CA ASN AA 275 -85.27 -31.51 23.51
C ASN AA 275 -85.15 -31.05 22.08
N ILE AA 276 -84.92 -29.75 21.90
CA ILE AA 276 -84.59 -29.17 20.60
C ILE AA 276 -83.07 -29.20 20.47
N VAL AA 277 -82.58 -29.98 19.50
CA VAL AA 277 -81.14 -30.20 19.39
C VAL AA 277 -80.50 -29.28 18.36
N ALA AA 278 -81.11 -29.11 17.18
CA ALA AA 278 -80.51 -28.24 16.18
C ALA AA 278 -81.59 -27.38 15.53
N THR AA 279 -81.25 -26.12 15.29
CA THR AA 279 -82.11 -25.21 14.56
C THR AA 279 -81.26 -24.31 13.67
N ASN AA 280 -81.57 -24.33 12.39
CA ASN AA 280 -80.87 -23.53 11.39
C ASN AA 280 -81.88 -22.76 10.56
N GLN AA 281 -81.44 -21.63 10.02
CA GLN AA 281 -82.27 -20.85 9.10
C GLN AA 281 -81.35 -20.19 8.09
N ASN AA 282 -81.91 -19.88 6.93
CA ASN AA 282 -81.13 -19.44 5.78
C ASN AA 282 -80.95 -17.93 5.75
N GLY AA 283 -81.97 -17.16 6.14
CA GLY AA 283 -81.88 -15.72 6.08
C GLY AA 283 -81.01 -15.12 7.19
N TYR AA 284 -80.87 -13.80 7.14
CA TYR AA 284 -80.06 -13.09 8.12
C TYR AA 284 -80.52 -11.64 8.18
N LYS AA 285 -79.96 -10.90 9.13
CA LYS AA 285 -80.34 -9.48 9.28
C LYS AA 285 -79.22 -8.61 8.73
N PRO AA 286 -79.45 -7.32 8.46
CA PRO AA 286 -78.44 -6.43 7.89
C PRO AA 286 -77.20 -6.31 8.75
N GLY AA 287 -76.04 -6.25 8.13
CA GLY AA 287 -74.79 -6.17 8.86
C GLY AA 287 -73.82 -5.21 8.21
N ASP AA 288 -72.86 -4.75 9.00
CA ASP AA 288 -71.82 -3.85 8.54
C ASP AA 288 -70.46 -4.55 8.61
N LEU AA 289 -69.58 -4.18 7.70
CA LEU AA 289 -68.24 -4.78 7.64
C LEU AA 289 -67.48 -4.48 8.92
N VAL AA 290 -66.89 -5.52 9.50
CA VAL AA 290 -66.08 -5.40 10.71
C VAL AA 290 -64.62 -5.76 10.45
N SER AA 291 -64.38 -6.84 9.71
CA SER AA 291 -63.00 -7.26 9.51
C SER AA 291 -62.87 -7.98 8.17
N TYR AA 292 -61.63 -8.27 7.80
CA TYR AA 292 -61.33 -9.03 6.59
C TYR AA 292 -60.07 -9.85 6.83
N GLN AA 293 -59.96 -10.97 6.12
CA GLN AA 293 -58.81 -11.85 6.27
C GLN AA 293 -58.55 -12.60 4.97
N ILE AA 294 -57.33 -13.10 4.83
CA ILE AA 294 -56.92 -13.95 3.73
C ILE AA 294 -56.65 -15.33 4.29
N ASN AA 295 -57.36 -16.33 3.78
CA ASN AA 295 -57.25 -17.68 4.32
C ASN AA 295 -56.02 -18.39 3.75
N ASN AA 296 -55.82 -19.62 4.19
CA ASN AA 296 -54.69 -20.42 3.73
C ASN AA 296 -54.81 -20.84 2.28
N ASP AA 297 -56.03 -20.91 1.73
CA ASP AA 297 -56.25 -21.27 0.34
C ASP AA 297 -56.36 -20.07 -0.57
N GLY AA 298 -56.09 -18.86 -0.06
CA GLY AA 298 -56.14 -17.65 -0.85
C GLY AA 298 -57.48 -16.95 -0.90
N THR AA 299 -58.52 -17.52 -0.30
CA THR AA 299 -59.83 -16.88 -0.30
C THR AA 299 -59.84 -15.68 0.64
N VAL AA 300 -60.35 -14.55 0.15
CA VAL AA 300 -60.51 -13.35 0.95
C VAL AA 300 -61.92 -13.35 1.54
N VAL AA 301 -62.02 -13.28 2.86
CA VAL AA 301 -63.30 -13.39 3.56
C VAL AA 301 -63.48 -12.14 4.41
N GLY AA 302 -64.63 -11.48 4.25
CA GLY AA 302 -64.97 -10.33 5.06
C GLY AA 302 -66.03 -10.70 6.08
N ASN AA 303 -65.73 -10.42 7.35
CA ASN AA 303 -66.62 -10.70 8.47
C ASN AA 303 -67.42 -9.44 8.78
N TYR AA 304 -68.74 -9.57 8.74
CA TYR AA 304 -69.69 -8.47 8.89
C TYR AA 304 -70.20 -8.42 10.32
N SER AA 305 -71.08 -7.46 10.60
CA SER AA 305 -71.58 -7.22 11.96
C SER AA 305 -72.78 -8.08 12.34
N ASN AA 306 -73.39 -8.79 11.39
CA ASN AA 306 -74.51 -9.66 11.71
C ASN AA 306 -74.04 -11.08 11.99
N GLU AA 307 -72.79 -11.21 12.44
CA GLU AA 307 -72.20 -12.51 12.80
C GLU AA 307 -72.24 -13.48 11.63
N GLN AA 308 -71.87 -12.99 10.45
CA GLN AA 308 -71.84 -13.80 9.25
C GLN AA 308 -70.77 -13.26 8.31
N GLU AA 309 -70.09 -14.18 7.61
CA GLU AA 309 -69.00 -13.81 6.72
C GLU AA 309 -69.44 -13.91 5.26
N GLN AA 310 -68.67 -13.28 4.38
CA GLN AA 310 -68.91 -13.33 2.95
C GLN AA 310 -67.60 -13.36 2.19
N VAL AA 311 -67.54 -14.17 1.15
CA VAL AA 311 -66.33 -14.24 0.32
C VAL AA 311 -66.31 -13.05 -0.63
N LEU AA 312 -65.13 -12.46 -0.81
CA LEU AA 312 -64.98 -11.30 -1.69
C LEU AA 312 -64.08 -11.59 -2.89
N GLY AA 313 -63.26 -12.62 -2.81
CA GLY AA 313 -62.39 -12.97 -3.92
C GLY AA 313 -61.37 -13.98 -3.45
N GLN AA 314 -60.68 -14.58 -4.43
CA GLN AA 314 -59.69 -15.61 -4.14
C GLN AA 314 -58.41 -15.29 -4.90
N ILE AA 315 -57.27 -15.38 -4.20
CA ILE AA 315 -55.99 -15.08 -4.82
C ILE AA 315 -55.66 -16.16 -5.85
N VAL AA 316 -55.31 -15.72 -7.05
CA VAL AA 316 -54.91 -16.63 -8.12
C VAL AA 316 -53.39 -16.70 -8.16
N LEU AA 317 -52.85 -17.89 -8.41
CA LEU AA 317 -51.41 -18.08 -8.50
C LEU AA 317 -51.05 -18.58 -9.90
N ALA AA 318 -49.95 -18.03 -10.43
CA ALA AA 318 -49.50 -18.35 -11.77
C ALA AA 318 -48.14 -19.06 -11.70
N ASN AA 319 -48.01 -20.14 -12.47
CA ASN AA 319 -46.73 -20.81 -12.63
C ASN AA 319 -46.40 -20.93 -14.10
N PHE AA 320 -45.11 -21.05 -14.39
CA PHE AA 320 -44.59 -20.97 -15.75
C PHE AA 320 -43.91 -22.27 -16.15
N ALA AA 321 -43.75 -22.43 -17.47
CA ALA AA 321 -43.00 -23.57 -17.99
C ALA AA 321 -41.51 -23.43 -17.69
N ASN AA 322 -41.00 -22.18 -17.71
CA ASN AA 322 -39.59 -21.91 -17.48
C ASN AA 322 -39.50 -20.69 -16.57
N ASN AA 323 -39.23 -20.92 -15.28
CA ASN AA 323 -39.07 -19.82 -14.35
C ASN AA 323 -37.86 -18.96 -14.70
N GLU AA 324 -36.76 -19.58 -15.12
CA GLU AA 324 -35.53 -18.85 -15.38
C GLU AA 324 -35.63 -17.92 -16.58
N GLY AA 325 -36.67 -18.08 -17.40
CA GLY AA 325 -36.85 -17.21 -18.55
C GLY AA 325 -37.55 -15.90 -18.26
N LEU AA 326 -38.04 -15.72 -17.04
CA LEU AA 326 -38.72 -14.48 -16.68
C LEU AA 326 -37.76 -13.30 -16.69
N ALA AA 327 -38.20 -12.20 -17.30
CA ALA AA 327 -37.41 -10.97 -17.35
C ALA AA 327 -37.83 -10.07 -16.20
N SER AA 328 -36.89 -9.79 -15.29
CA SER AA 328 -37.20 -8.95 -14.14
C SER AA 328 -37.37 -7.50 -14.57
N GLN AA 329 -38.49 -6.91 -14.16
CA GLN AA 329 -38.78 -5.51 -14.43
C GLN AA 329 -38.38 -4.58 -13.29
N GLY AA 330 -37.76 -5.11 -12.24
CA GLY AA 330 -37.48 -4.32 -11.05
C GLY AA 330 -38.70 -4.22 -10.17
N ASP AA 331 -38.49 -3.55 -9.03
CA ASP AA 331 -39.54 -3.38 -8.03
C ASP AA 331 -40.14 -4.72 -7.61
N ASN AA 332 -39.26 -5.69 -7.33
CA ASN AA 332 -39.62 -7.08 -7.03
C ASN AA 332 -40.81 -7.56 -7.86
N VAL AA 333 -40.71 -7.41 -9.18
CA VAL AA 333 -41.78 -7.76 -10.10
C VAL AA 333 -41.18 -8.43 -11.34
N TRP AA 334 -41.80 -9.52 -11.77
CA TRP AA 334 -41.44 -10.20 -13.01
C TRP AA 334 -42.56 -10.04 -14.02
N ALA AA 335 -42.19 -9.95 -15.30
CA ALA AA 335 -43.13 -9.88 -16.39
C ALA AA 335 -42.97 -11.10 -17.30
N ALA AA 336 -44.07 -11.55 -17.89
CA ALA AA 336 -44.03 -12.71 -18.77
C ALA AA 336 -43.18 -12.42 -20.00
N THR AA 337 -42.35 -13.39 -20.37
CA THR AA 337 -41.43 -13.29 -21.48
C THR AA 337 -41.62 -14.50 -22.39
N GLN AA 338 -41.33 -14.31 -23.69
CA GLN AA 338 -41.53 -15.38 -24.67
C GLN AA 338 -40.83 -16.66 -24.24
N ALA AA 339 -39.62 -16.55 -23.67
CA ALA AA 339 -38.90 -17.74 -23.21
C ALA AA 339 -39.65 -18.48 -22.12
N SER AA 340 -40.45 -17.79 -21.32
CA SER AA 340 -41.20 -18.44 -20.25
C SER AA 340 -42.57 -18.94 -20.72
N GLY AA 341 -43.08 -18.43 -21.83
CA GLY AA 341 -44.38 -18.86 -22.33
C GLY AA 341 -45.53 -18.21 -21.58
N VAL AA 342 -46.74 -18.65 -21.92
CA VAL AA 342 -47.94 -18.13 -21.27
C VAL AA 342 -48.05 -18.70 -19.87
N ALA AA 343 -48.50 -17.86 -18.93
CA ALA AA 343 -48.61 -18.26 -17.55
C ALA AA 343 -49.79 -19.19 -17.35
N LEU AA 344 -49.61 -20.24 -16.55
CA LEU AA 344 -50.69 -21.14 -16.16
C LEU AA 344 -51.27 -20.67 -14.84
N LEU AA 345 -52.54 -20.30 -14.85
CA LEU AA 345 -53.23 -19.78 -13.68
C LEU AA 345 -53.91 -20.91 -12.92
N GLY AA 346 -54.03 -20.74 -11.61
CA GLY AA 346 -54.66 -21.75 -10.80
C GLY AA 346 -54.86 -21.29 -9.37
N THR AA 347 -55.29 -22.25 -8.55
CA THR AA 347 -55.61 -22.01 -7.14
C THR AA 347 -54.55 -22.68 -6.27
N ALA AA 348 -54.19 -21.98 -5.19
CA ALA AA 348 -53.20 -22.51 -4.26
C ALA AA 348 -53.70 -23.80 -3.61
N GLY AA 349 -52.77 -24.72 -3.37
CA GLY AA 349 -53.12 -25.98 -2.73
C GLY AA 349 -53.71 -27.03 -3.65
N SER AA 350 -53.73 -26.78 -4.97
CA SER AA 350 -54.26 -27.73 -5.93
C SER AA 350 -53.34 -27.80 -7.14
N GLY AA 351 -53.23 -28.98 -7.72
CA GLY AA 351 -52.41 -29.13 -8.92
C GLY AA 351 -50.93 -28.99 -8.60
N ASN AA 352 -50.27 -28.02 -9.25
CA ASN AA 352 -48.84 -27.80 -9.10
C ASN AA 352 -48.60 -26.38 -8.57
N PHE AA 353 -49.24 -26.05 -7.45
CA PHE AA 353 -49.05 -24.77 -6.78
C PHE AA 353 -48.81 -25.02 -5.30
N GLY AA 354 -47.91 -24.25 -4.71
CA GLY AA 354 -47.54 -24.43 -3.32
C GLY AA 354 -48.56 -23.82 -2.36
N LYS AA 355 -48.35 -24.13 -1.08
CA LYS AA 355 -49.23 -23.65 -0.02
C LYS AA 355 -48.96 -22.19 0.32
N LEU AA 356 -50.01 -21.50 0.73
CA LEU AA 356 -49.90 -20.10 1.15
C LEU AA 356 -49.92 -20.02 2.66
N THR AA 357 -48.98 -19.26 3.22
CA THR AA 357 -48.90 -19.03 4.66
C THR AA 357 -49.34 -17.60 4.95
N ASN AA 358 -50.41 -17.45 5.73
CA ASN AA 358 -50.94 -16.14 6.05
C ASN AA 358 -50.24 -15.56 7.27
N GLY AA 359 -50.13 -14.23 7.30
CA GLY AA 359 -49.48 -13.57 8.40
C GLY AA 359 -47.97 -13.65 8.40
N ALA AA 360 -47.36 -13.93 7.26
CA ALA AA 360 -45.91 -14.09 7.17
C ALA AA 360 -45.45 -13.67 5.78
N LEU AA 361 -44.16 -13.35 5.69
CA LEU AA 361 -43.56 -12.86 4.46
C LEU AA 361 -42.38 -13.74 4.07
N GLU AA 362 -42.23 -13.95 2.77
CA GLU AA 362 -41.12 -14.75 2.25
C GLU AA 362 -39.88 -13.88 2.12
N ALA AA 363 -38.83 -14.25 2.84
CA ALA AA 363 -37.60 -13.47 2.82
C ALA AA 363 -36.78 -13.80 1.59
N SER AA 364 -35.67 -13.08 1.41
CA SER AA 364 -34.78 -13.31 0.28
C SER AA 364 -34.03 -14.62 0.48
N ASN AA 365 -33.40 -15.10 -0.60
CA ASN AA 365 -32.67 -16.35 -0.57
C ASN AA 365 -31.17 -16.14 -0.81
N VAL AA 366 -30.65 -14.98 -0.46
CA VAL AA 366 -29.23 -14.68 -0.63
C VAL AA 366 -28.49 -15.03 0.65
N ASP AA 367 -27.32 -15.66 0.57
CA ASP AA 367 -26.57 -15.91 1.82
C ASP AA 367 -25.38 -14.98 1.84
N LEU AA 368 -25.32 -14.08 2.82
CA LEU AA 368 -24.23 -13.08 2.77
C LEU AA 368 -22.89 -13.81 2.89
N SER AA 369 -22.84 -14.93 3.61
CA SER AA 369 -21.59 -15.71 3.68
C SER AA 369 -21.15 -16.11 2.28
N LYS AA 370 -21.99 -16.82 1.53
CA LYS AA 370 -21.63 -17.32 0.19
C LYS AA 370 -21.52 -16.18 -0.81
N GLU AA 371 -21.97 -14.98 -0.46
CA GLU AA 371 -21.77 -13.87 -1.41
C GLU AA 371 -20.39 -13.24 -1.16
N LEU AA 372 -19.94 -13.12 0.09
CA LEU AA 372 -18.65 -12.43 0.37
C LEU AA 372 -17.43 -13.29 -0.03
N VAL AA 373 -17.58 -14.56 -0.39
CA VAL AA 373 -16.51 -15.39 -0.95
C VAL AA 373 -16.49 -15.27 -2.47
N ASN AA 374 -17.67 -15.27 -3.11
CA ASN AA 374 -17.72 -15.10 -4.56
C ASN AA 374 -17.20 -13.74 -4.98
N MET AA 375 -17.46 -12.71 -4.16
CA MET AA 375 -16.90 -11.39 -4.42
C MET AA 375 -15.39 -11.44 -4.42
N ILE AA 376 -14.80 -12.14 -3.45
CA ILE AA 376 -13.34 -12.26 -3.39
C ILE AA 376 -12.81 -12.98 -4.63
N VAL AA 377 -13.47 -14.06 -5.03
CA VAL AA 377 -13.01 -14.83 -6.18
C VAL AA 377 -13.08 -13.98 -7.45
N ALA AA 378 -14.18 -13.26 -7.63
CA ALA AA 378 -14.30 -12.37 -8.80
C ALA AA 378 -13.29 -11.24 -8.75
N GLN AA 379 -13.00 -10.73 -7.55
CA GLN AA 379 -11.95 -9.74 -7.36
C GLN AA 379 -10.62 -10.21 -7.92
N ARG AA 380 -10.23 -11.43 -7.53
CA ARG AA 380 -8.97 -11.99 -8.03
C ARG AA 380 -9.01 -12.24 -9.53
N ASN AA 381 -10.16 -12.71 -10.04
CA ASN AA 381 -10.33 -12.86 -11.48
C ASN AA 381 -10.11 -11.54 -12.21
N TYR AA 382 -10.68 -10.46 -11.67
CA TYR AA 382 -10.55 -9.15 -12.30
C TYR AA 382 -9.10 -8.67 -12.28
N GLN AA 383 -8.40 -8.88 -11.16
CA GLN AA 383 -6.99 -8.51 -11.15
C GLN AA 383 -6.19 -9.33 -12.16
N SER AA 384 -6.51 -10.62 -12.32
CA SER AA 384 -5.77 -11.43 -13.29
C SER AA 384 -5.99 -10.92 -14.71
N ASN AA 385 -7.25 -10.59 -15.05
CA ASN AA 385 -7.51 -10.05 -16.38
C ASN AA 385 -6.81 -8.71 -16.59
N ALA AA 386 -6.78 -7.87 -15.56
CA ALA AA 386 -6.05 -6.61 -15.66
C ALA AA 386 -4.55 -6.85 -15.86
N GLN AA 387 -4.01 -7.88 -15.21
CA GLN AA 387 -2.61 -8.22 -15.40
C GLN AA 387 -2.34 -8.64 -16.84
N THR AA 388 -3.27 -9.40 -17.44
CA THR AA 388 -3.12 -9.74 -18.86
C THR AA 388 -3.14 -8.49 -19.73
N ILE AA 389 -4.04 -7.55 -19.40
CA ILE AA 389 -4.08 -6.27 -20.12
C ILE AA 389 -2.73 -5.57 -20.04
N LYS AA 390 -2.15 -5.54 -18.84
CA LYS AA 390 -0.86 -4.88 -18.65
C LYS AA 390 0.23 -5.57 -19.45
N THR AA 391 0.20 -6.90 -19.50
CA THR AA 391 1.19 -7.64 -20.28
C THR AA 391 1.11 -7.29 -21.75
N GLN AA 392 -0.10 -7.24 -22.31
CA GLN AA 392 -0.25 -6.86 -23.71
C GLN AA 392 0.21 -5.43 -23.96
N ASP AA 393 -0.10 -4.53 -23.01
CA ASP AA 393 0.34 -3.14 -23.15
C ASP AA 393 1.86 -3.06 -23.19
N GLN AA 394 2.54 -3.79 -22.29
CA GLN AA 394 3.99 -3.78 -22.27
C GLN AA 394 4.57 -4.37 -23.56
N ILE AA 395 3.94 -5.41 -24.10
CA ILE AA 395 4.54 -6.08 -25.30
C ILE AA 395 4.57 -5.08 -26.45
N LEU AA 396 3.49 -4.32 -26.63
CA LEU AA 396 3.44 -3.38 -27.78
C LEU AA 396 4.33 -2.17 -27.49
N ASN AA 397 4.53 -1.80 -26.23
CA ASN AA 397 5.48 -0.69 -25.99
C ASN AA 397 6.82 -1.12 -26.56
N THR AA 398 7.18 -2.39 -26.45
CA THR AA 398 8.44 -2.91 -27.04
C THR AA 398 8.33 -2.93 -28.55
N LEU AA 399 7.31 -3.57 -29.11
CA LEU AA 399 7.31 -3.59 -30.60
C LEU AA 399 7.22 -2.16 -31.13
N VAL AA 400 6.74 -1.20 -30.33
CA VAL AA 400 6.73 0.14 -30.90
C VAL AA 400 8.09 0.80 -30.72
N ASN AA 401 8.71 0.62 -29.55
CA ASN AA 401 9.94 1.32 -29.25
C ASN AA 401 11.14 0.71 -29.97
N LEU AA 402 10.90 -0.20 -30.90
CA LEU AA 402 11.99 -0.78 -31.69
C LEU AA 402 12.67 0.28 -32.56
N SER BA 2 15.58 -20.16 -16.80
CA SER BA 2 15.67 -20.61 -15.42
C SER BA 2 14.37 -20.35 -14.66
N PHE BA 3 13.33 -19.98 -15.41
CA PHE BA 3 12.03 -19.73 -14.80
C PHE BA 3 11.43 -21.02 -14.24
N SER BA 4 11.67 -22.14 -14.92
CA SER BA 4 10.98 -23.39 -14.59
C SER BA 4 11.29 -23.84 -13.17
N GLN BA 5 12.45 -23.45 -12.65
CA GLN BA 5 12.81 -23.80 -11.27
C GLN BA 5 11.81 -23.23 -10.28
N ALA BA 6 11.68 -21.91 -10.25
CA ALA BA 6 10.72 -21.27 -9.34
C ALA BA 6 9.29 -21.61 -9.73
N VAL BA 7 9.04 -21.89 -11.01
CA VAL BA 7 7.70 -22.31 -11.41
C VAL BA 7 7.32 -23.63 -10.74
N SER BA 8 8.22 -24.60 -10.76
CA SER BA 8 7.97 -25.89 -10.12
C SER BA 8 7.86 -25.71 -8.61
N GLY BA 9 8.70 -24.87 -8.03
CA GLY BA 9 8.59 -24.60 -6.60
C GLY BA 9 7.24 -24.02 -6.23
N LEU BA 10 6.77 -23.05 -7.02
CA LEU BA 10 5.46 -22.45 -6.78
C LEU BA 10 4.34 -23.46 -6.94
N ASN BA 11 4.44 -24.32 -7.95
CA ASN BA 11 3.41 -25.34 -8.15
C ASN BA 11 3.37 -26.32 -6.98
N ALA BA 12 4.55 -26.73 -6.48
CA ALA BA 12 4.59 -27.62 -5.33
C ALA BA 12 4.00 -26.96 -4.09
N ALA BA 13 4.33 -25.69 -3.86
CA ALA BA 13 3.75 -24.97 -2.73
C ALA BA 13 2.24 -24.84 -2.86
N ALA BA 14 1.76 -24.60 -4.07
CA ALA BA 14 0.32 -24.53 -4.30
C ALA BA 14 -0.35 -25.87 -4.02
N THR BA 15 0.29 -26.98 -4.44
CA THR BA 15 -0.25 -28.30 -4.15
C THR BA 15 -0.32 -28.54 -2.64
N ASN BA 16 0.73 -28.15 -1.91
CA ASN BA 16 0.73 -28.31 -0.47
C ASN BA 16 -0.38 -27.49 0.18
N LEU BA 17 -0.57 -26.26 -0.30
CA LEU BA 17 -1.64 -25.41 0.23
C LEU BA 17 -3.01 -26.02 -0.06
N ASP BA 18 -3.18 -26.59 -1.25
CA ASP BA 18 -4.44 -27.26 -1.58
C ASP BA 18 -4.69 -28.44 -0.64
N VAL BA 19 -3.65 -29.23 -0.36
CA VAL BA 19 -3.81 -30.37 0.55
C VAL BA 19 -4.19 -29.89 1.94
N ILE BA 20 -3.54 -28.82 2.41
CA ILE BA 20 -3.84 -28.30 3.74
C ILE BA 20 -5.28 -27.77 3.79
N GLY BA 21 -5.70 -27.06 2.76
CA GLY BA 21 -7.07 -26.56 2.73
C GLY BA 21 -8.09 -27.68 2.69
N ASN BA 22 -7.80 -28.74 1.94
CA ASN BA 22 -8.69 -29.90 1.91
C ASN BA 22 -8.78 -30.55 3.29
N ASN BA 23 -7.64 -30.66 3.98
CA ASN BA 23 -7.65 -31.22 5.33
C ASN BA 23 -8.48 -30.35 6.27
N ILE BA 24 -8.34 -29.02 6.15
CA ILE BA 24 -9.11 -28.12 7.01
C ILE BA 24 -10.60 -28.26 6.73
N ALA BA 25 -10.98 -28.33 5.46
CA ALA BA 25 -12.40 -28.38 5.10
C ALA BA 25 -13.06 -29.66 5.59
N ASN BA 26 -12.31 -30.74 5.72
CA ASN BA 26 -12.84 -32.02 6.18
C ASN BA 26 -12.56 -32.29 7.65
N SER BA 27 -12.51 -31.26 8.48
CA SER BA 27 -12.28 -31.44 9.91
C SER BA 27 -13.42 -32.22 10.53
N ALA BA 28 -14.65 -31.96 10.09
CA ALA BA 28 -15.83 -32.67 10.56
C ALA BA 28 -16.35 -33.52 9.39
N THR BA 29 -15.76 -34.71 9.25
CA THR BA 29 -16.12 -35.67 8.20
C THR BA 29 -15.72 -37.05 8.70
N TYR BA 30 -16.73 -37.82 9.11
CA TYR BA 30 -16.51 -39.15 9.67
C TYR BA 30 -15.80 -40.06 8.70
N GLY BA 31 -14.76 -40.75 9.16
CA GLY BA 31 -14.01 -41.65 8.32
C GLY BA 31 -12.98 -41.00 7.41
N PHE BA 32 -12.78 -39.69 7.52
CA PHE BA 32 -11.81 -38.98 6.69
C PHE BA 32 -10.41 -39.21 7.22
N LYS BA 33 -9.46 -39.38 6.30
CA LYS BA 33 -8.04 -39.48 6.64
C LYS BA 33 -7.29 -38.32 6.00
N SER BA 34 -6.46 -37.65 6.80
CA SER BA 34 -5.75 -36.48 6.32
C SER BA 34 -4.72 -36.88 5.26
N GLY BA 35 -4.32 -35.89 4.46
CA GLY BA 35 -3.37 -36.10 3.38
C GLY BA 35 -2.11 -35.28 3.60
N THR BA 36 -1.00 -35.76 3.04
CA THR BA 36 0.28 -35.06 3.12
C THR BA 36 0.97 -35.14 1.77
N ALA BA 37 1.57 -34.03 1.34
CA ALA BA 37 2.27 -34.00 0.07
C ALA BA 37 3.73 -34.40 0.27
N SER BA 38 4.25 -35.23 -0.63
CA SER BA 38 5.64 -35.65 -0.59
C SER BA 38 6.38 -35.08 -1.80
N PHE BA 39 7.49 -34.39 -1.52
CA PHE BA 39 8.24 -33.70 -2.54
C PHE BA 39 9.59 -34.37 -2.78
N ALA BA 40 10.19 -34.07 -3.93
CA ALA BA 40 11.50 -34.57 -4.28
C ALA BA 40 12.17 -33.59 -5.24
N ASP BA 41 13.50 -33.54 -5.18
CA ASP BA 41 14.26 -32.67 -6.06
C ASP BA 41 14.31 -33.25 -7.47
N MET BA 42 14.71 -32.41 -8.43
CA MET BA 42 14.73 -32.83 -9.82
C MET BA 42 16.10 -32.61 -10.46
N PHE BA 43 17.15 -33.06 -9.79
CA PHE BA 43 18.48 -33.02 -10.37
C PHE BA 43 18.51 -33.81 -11.67
N ALA BA 44 19.14 -33.23 -12.71
CA ALA BA 44 19.21 -33.86 -14.03
C ALA BA 44 20.47 -33.36 -14.74
N GLY BA 45 21.52 -34.18 -14.72
CA GLY BA 45 22.74 -33.88 -15.44
C GLY BA 45 23.64 -32.89 -14.72
N SER BA 46 23.26 -31.61 -14.76
CA SER BA 46 24.04 -30.58 -14.08
C SER BA 46 23.67 -30.55 -12.60
N LYS BA 47 24.56 -29.98 -11.79
CA LYS BA 47 24.34 -29.88 -10.36
C LYS BA 47 23.49 -28.67 -9.97
N VAL BA 48 22.80 -28.05 -10.93
CA VAL BA 48 22.06 -26.82 -10.64
C VAL BA 48 20.79 -27.08 -9.86
N GLY BA 49 20.32 -28.33 -9.79
CA GLY BA 49 19.09 -28.60 -9.06
C GLY BA 49 17.88 -28.04 -9.75
N LEU BA 50 17.51 -28.64 -10.89
CA LEU BA 50 16.57 -28.05 -11.84
C LEU BA 50 15.25 -27.60 -11.20
N GLY BA 51 14.78 -28.33 -10.19
CA GLY BA 51 13.59 -27.90 -9.50
C GLY BA 51 13.08 -28.93 -8.53
N VAL BA 52 11.78 -28.84 -8.26
CA VAL BA 52 11.09 -29.74 -7.34
C VAL BA 52 9.85 -30.29 -8.02
N LYS BA 53 9.31 -31.36 -7.46
CA LYS BA 53 8.07 -31.95 -7.93
C LYS BA 53 7.37 -32.63 -6.77
N VAL BA 54 6.04 -32.77 -6.90
CA VAL BA 54 5.25 -33.47 -5.89
C VAL BA 54 5.32 -34.97 -6.21
N ALA BA 55 6.09 -35.70 -5.40
CA ALA BA 55 6.30 -37.12 -5.65
C ALA BA 55 5.01 -37.92 -5.46
N GLY BA 56 4.15 -37.50 -4.54
CA GLY BA 56 2.90 -38.22 -4.32
C GLY BA 56 2.14 -37.63 -3.16
N ILE BA 57 1.01 -38.26 -2.87
CA ILE BA 57 0.15 -37.88 -1.77
C ILE BA 57 0.00 -39.09 -0.86
N THR BA 58 0.32 -38.91 0.42
CA THR BA 58 0.26 -39.97 1.41
C THR BA 58 -0.92 -39.74 2.35
N GLN BA 59 -1.77 -40.74 2.48
CA GLN BA 59 -2.84 -40.71 3.45
C GLN BA 59 -2.31 -41.03 4.84
N ASP BA 60 -2.95 -40.49 5.86
CA ASP BA 60 -2.59 -40.73 7.26
C ASP BA 60 -3.67 -41.64 7.83
N PHE BA 61 -3.39 -42.94 7.87
CA PHE BA 61 -4.37 -43.95 8.31
C PHE BA 61 -4.27 -44.19 9.81
N THR BA 62 -4.33 -43.13 10.59
CA THR BA 62 -4.37 -43.26 12.04
C THR BA 62 -5.82 -43.39 12.51
N ASP BA 63 -6.01 -44.13 13.59
CA ASP BA 63 -7.35 -44.34 14.11
C ASP BA 63 -7.94 -43.05 14.67
N GLY BA 64 -9.09 -42.65 14.16
CA GLY BA 64 -9.75 -41.45 14.64
C GLY BA 64 -10.50 -41.69 15.92
N THR BA 65 -10.90 -40.59 16.55
CA THR BA 65 -11.65 -40.66 17.79
C THR BA 65 -13.04 -41.24 17.55
N THR BA 66 -13.48 -42.09 18.46
CA THR BA 66 -14.79 -42.73 18.35
C THR BA 66 -15.81 -41.96 19.17
N THR BA 67 -16.86 -41.47 18.50
CA THR BA 67 -17.89 -40.65 19.12
C THR BA 67 -19.19 -41.43 19.16
N ASN BA 68 -19.77 -41.55 20.35
CA ASN BA 68 -20.99 -42.32 20.51
C ASN BA 68 -22.18 -41.44 20.11
N THR BA 69 -23.03 -41.97 19.23
CA THR BA 69 -24.22 -41.26 18.78
C THR BA 69 -25.52 -41.93 19.20
N GLY BA 70 -25.49 -43.22 19.55
CA GLY BA 70 -26.66 -43.91 20.02
C GLY BA 70 -27.51 -44.57 18.95
N ARG BA 71 -27.18 -44.40 17.68
CA ARG BA 71 -27.94 -45.04 16.60
C ARG BA 71 -27.44 -46.47 16.44
N GLY BA 72 -28.37 -47.41 16.27
CA GLY BA 72 -28.02 -48.81 16.15
C GLY BA 72 -27.31 -49.18 14.86
N LEU BA 73 -27.44 -48.36 13.81
CA LEU BA 73 -26.82 -48.66 12.53
C LEU BA 73 -25.45 -48.01 12.37
N ASP BA 74 -24.93 -47.33 13.39
CA ASP BA 74 -23.60 -46.74 13.32
C ASP BA 74 -22.59 -47.70 13.95
N VAL BA 75 -21.63 -48.15 13.16
CA VAL BA 75 -20.58 -49.05 13.61
C VAL BA 75 -19.24 -48.50 13.17
N ALA BA 76 -18.30 -48.41 14.11
CA ALA BA 76 -16.99 -47.85 13.86
C ALA BA 76 -15.93 -48.94 13.92
N ILE BA 77 -14.92 -48.81 13.05
CA ILE BA 77 -13.85 -49.79 12.96
C ILE BA 77 -12.71 -49.33 13.87
N SER BA 78 -12.37 -50.16 14.85
CA SER BA 78 -11.18 -49.90 15.65
C SER BA 78 -9.99 -50.66 15.07
N GLN BA 79 -8.81 -50.09 15.22
CA GLN BA 79 -7.57 -50.68 14.71
C GLN BA 79 -7.67 -50.77 13.18
N ASN BA 80 -7.13 -51.85 12.60
CA ASN BA 80 -7.10 -51.98 11.15
C ASN BA 80 -8.36 -52.66 10.63
N GLY BA 81 -8.71 -52.34 9.40
CA GLY BA 81 -9.87 -52.94 8.73
C GLY BA 81 -10.62 -51.90 7.92
N PHE BA 82 -11.25 -52.36 6.84
CA PHE BA 82 -12.02 -51.50 5.95
C PHE BA 82 -13.40 -52.11 5.73
N PHE BA 83 -14.43 -51.26 5.74
CA PHE BA 83 -15.75 -51.69 5.33
C PHE BA 83 -15.79 -51.89 3.81
N ARG BA 84 -16.45 -52.96 3.39
CA ARG BA 84 -16.52 -53.35 1.98
C ARG BA 84 -17.89 -53.02 1.43
N LEU BA 85 -17.93 -52.32 0.29
CA LEU BA 85 -19.17 -51.92 -0.35
C LEU BA 85 -19.12 -52.27 -1.84
N VAL BA 86 -20.30 -52.36 -2.44
CA VAL BA 86 -20.44 -52.54 -3.88
C VAL BA 86 -21.38 -51.46 -4.41
N ASP BA 87 -20.98 -50.82 -5.49
CA ASP BA 87 -21.80 -49.81 -6.14
C ASP BA 87 -22.81 -50.55 -7.02
N SER BA 88 -23.82 -49.81 -7.52
CA SER BA 88 -24.88 -50.43 -8.31
C SER BA 88 -24.33 -51.10 -9.57
N ASN BA 89 -23.14 -50.73 -10.02
CA ASN BA 89 -22.50 -51.39 -11.15
C ASN BA 89 -21.76 -52.67 -10.75
N GLY BA 90 -21.74 -53.01 -9.47
CA GLY BA 90 -21.03 -54.18 -9.00
C GLY BA 90 -19.58 -53.95 -8.67
N SER BA 91 -19.05 -52.75 -8.90
CA SER BA 91 -17.66 -52.46 -8.58
C SER BA 91 -17.45 -52.44 -7.06
N VAL BA 92 -16.34 -53.01 -6.62
CA VAL BA 92 -16.02 -53.12 -5.20
C VAL BA 92 -15.31 -51.84 -4.76
N PHE BA 93 -15.58 -51.42 -3.52
CA PHE BA 93 -14.97 -50.23 -2.94
C PHE BA 93 -14.84 -50.43 -1.44
N TYR BA 94 -13.99 -49.61 -0.82
CA TYR BA 94 -13.64 -49.79 0.59
C TYR BA 94 -13.65 -48.44 1.30
N SER BA 95 -14.23 -48.42 2.50
CA SER BA 95 -14.38 -47.16 3.22
C SER BA 95 -14.44 -47.42 4.72
N ARG BA 96 -14.00 -46.41 5.49
CA ARG BA 96 -14.06 -46.46 6.94
C ARG BA 96 -15.30 -45.79 7.51
N ASN BA 97 -16.18 -45.25 6.67
CA ASN BA 97 -17.37 -44.55 7.14
C ASN BA 97 -18.36 -45.56 7.72
N GLY BA 98 -18.85 -45.28 8.93
CA GLY BA 98 -19.75 -46.20 9.60
C GLY BA 98 -21.20 -45.75 9.61
N GLN BA 99 -21.57 -44.87 8.69
CA GLN BA 99 -22.96 -44.39 8.61
C GLN BA 99 -23.72 -45.26 7.62
N PHE BA 100 -24.64 -46.06 8.14
CA PHE BA 100 -25.44 -46.96 7.33
C PHE BA 100 -26.93 -46.73 7.57
N LYS BA 101 -27.72 -46.95 6.52
CA LYS BA 101 -29.16 -46.81 6.59
C LYS BA 101 -29.81 -47.94 5.80
N LEU BA 102 -31.06 -48.24 6.14
CA LEU BA 102 -31.84 -49.23 5.41
C LEU BA 102 -32.57 -48.54 4.27
N ASP BA 103 -32.35 -49.02 3.06
CA ASP BA 103 -33.01 -48.47 1.89
C ASP BA 103 -34.39 -49.10 1.70
N GLU BA 104 -35.06 -48.72 0.61
CA GLU BA 104 -36.40 -49.23 0.35
C GLU BA 104 -36.41 -50.75 0.15
N ASN BA 105 -35.36 -51.29 -0.45
CA ASN BA 105 -35.25 -52.71 -0.68
C ASN BA 105 -34.63 -53.46 0.49
N ARG BA 106 -34.57 -52.84 1.67
CA ARG BA 106 -34.06 -53.43 2.90
C ARG BA 106 -32.59 -53.84 2.80
N ASN BA 107 -31.78 -53.06 2.10
CA ASN BA 107 -30.35 -53.32 2.01
C ASN BA 107 -29.58 -52.27 2.81
N LEU BA 108 -28.56 -52.73 3.54
CA LEU BA 108 -27.72 -51.83 4.33
C LEU BA 108 -26.90 -50.98 3.37
N VAL BA 109 -27.19 -49.69 3.30
CA VAL BA 109 -26.51 -48.77 2.40
C VAL BA 109 -26.05 -47.56 3.20
N ASN BA 110 -25.01 -46.89 2.68
CA ASN BA 110 -24.50 -45.68 3.29
C ASN BA 110 -25.26 -44.48 2.76
N MET BA 111 -24.74 -43.27 3.00
CA MET BA 111 -25.43 -42.06 2.59
C MET BA 111 -25.49 -41.93 1.07
N GLN BA 112 -24.56 -42.56 0.35
CA GLN BA 112 -24.53 -42.48 -1.11
C GLN BA 112 -25.27 -43.62 -1.79
N GLY BA 113 -25.93 -44.49 -1.04
CA GLY BA 113 -26.62 -45.62 -1.63
C GLY BA 113 -25.77 -46.84 -1.88
N MET BA 114 -24.51 -46.82 -1.47
CA MET BA 114 -23.61 -47.94 -1.70
C MET BA 114 -23.93 -49.08 -0.73
N GLN BA 115 -24.11 -50.27 -1.28
CA GLN BA 115 -24.59 -51.41 -0.50
C GLN BA 115 -23.44 -52.04 0.27
N LEU BA 116 -23.65 -52.24 1.57
CA LEU BA 116 -22.68 -52.97 2.39
C LEU BA 116 -22.72 -54.45 2.03
N THR BA 117 -21.55 -55.09 2.02
CA THR BA 117 -21.42 -56.49 1.69
C THR BA 117 -21.03 -57.31 2.92
N GLY BA 118 -21.27 -58.60 2.84
CA GLY BA 118 -20.91 -59.48 3.94
C GLY BA 118 -21.21 -60.92 3.63
N TYR BA 119 -20.82 -61.78 4.56
CA TYR BA 119 -21.09 -63.21 4.45
C TYR BA 119 -22.57 -63.47 4.68
N PRO BA 120 -23.25 -64.13 3.75
CA PRO BA 120 -24.67 -64.42 3.95
C PRO BA 120 -24.88 -65.67 4.80
N ALA BA 121 -26.09 -65.79 5.32
CA ALA BA 121 -26.47 -66.93 6.15
C ALA BA 121 -27.57 -67.73 5.47
N THR BA 122 -27.40 -69.05 5.40
CA THR BA 122 -28.38 -69.94 4.81
C THR BA 122 -28.59 -71.13 5.74
N GLY BA 123 -29.72 -71.80 5.57
CA GLY BA 123 -30.10 -72.88 6.45
C GLY BA 123 -31.19 -72.48 7.42
N THR BA 124 -31.60 -73.45 8.24
CA THR BA 124 -32.65 -73.17 9.21
C THR BA 124 -32.37 -73.86 10.56
N PRO BA 125 -31.97 -73.10 11.59
CA PRO BA 125 -31.48 -71.77 11.64
C PRO BA 125 -30.33 -71.47 10.69
N PRO BA 126 -30.38 -70.28 10.10
CA PRO BA 126 -29.29 -69.84 9.23
C PRO BA 126 -27.98 -69.76 10.00
N THR BA 127 -26.89 -70.10 9.32
CA THR BA 127 -25.55 -70.00 9.89
C THR BA 127 -24.67 -69.19 8.96
N ILE BA 128 -23.71 -68.48 9.53
CA ILE BA 128 -22.83 -67.62 8.75
C ILE BA 128 -21.91 -68.48 7.89
N GLN BA 129 -21.89 -68.20 6.59
CA GLN BA 129 -21.05 -68.92 5.64
C GLN BA 129 -19.80 -68.08 5.37
N GLN BA 130 -18.80 -68.25 6.24
CA GLN BA 130 -17.56 -67.49 6.11
C GLN BA 130 -16.77 -67.88 4.86
N GLY BA 131 -17.08 -69.03 4.26
CA GLY BA 131 -16.40 -69.44 3.05
C GLY BA 131 -17.05 -68.99 1.76
N ALA BA 132 -18.30 -68.56 1.82
CA ALA BA 132 -19.01 -68.14 0.61
C ALA BA 132 -18.59 -66.73 0.19
N ASN BA 133 -18.88 -66.40 -1.06
CA ASN BA 133 -18.56 -65.08 -1.57
C ASN BA 133 -19.44 -64.03 -0.90
N PRO BA 134 -18.89 -62.87 -0.55
CA PRO BA 134 -19.70 -61.83 0.10
C PRO BA 134 -20.79 -61.32 -0.81
N ALA BA 135 -21.95 -61.04 -0.23
CA ALA BA 135 -23.12 -60.52 -0.92
C ALA BA 135 -23.66 -59.32 -0.16
N PRO BA 136 -24.40 -58.44 -0.83
CA PRO BA 136 -25.00 -57.30 -0.12
C PRO BA 136 -25.91 -57.77 1.01
N ILE BA 137 -25.84 -57.05 2.14
CA ILE BA 137 -26.60 -57.46 3.32
C ILE BA 137 -28.04 -57.00 3.18
N THR BA 138 -28.97 -57.94 3.34
CA THR BA 138 -30.39 -57.67 3.24
C THR BA 138 -31.09 -58.05 4.53
N ILE BA 139 -31.98 -57.19 5.01
CA ILE BA 139 -32.76 -57.47 6.21
C ILE BA 139 -34.20 -57.72 5.79
N PRO BA 140 -34.56 -58.96 5.45
CA PRO BA 140 -35.93 -59.22 5.00
C PRO BA 140 -36.93 -59.00 6.12
N ASN BA 141 -38.08 -58.43 5.77
CA ASN BA 141 -39.18 -58.23 6.70
C ASN BA 141 -40.21 -59.35 6.63
N THR BA 142 -39.95 -60.40 5.85
CA THR BA 142 -40.89 -61.49 5.71
C THR BA 142 -41.01 -62.27 7.02
N LEU BA 143 -42.18 -62.84 7.24
CA LEU BA 143 -42.45 -63.59 8.46
C LEU BA 143 -41.60 -64.87 8.48
N MET BA 144 -41.19 -65.25 9.69
CA MET BA 144 -40.42 -66.47 9.92
C MET BA 144 -41.40 -67.61 10.16
N ALA BA 145 -41.20 -68.71 9.44
CA ALA BA 145 -42.12 -69.85 9.50
C ALA BA 145 -41.85 -70.64 10.77
N ALA BA 146 -42.68 -71.64 11.05
CA ALA BA 146 -42.55 -72.47 12.25
C ALA BA 146 -41.74 -73.72 11.92
N LYS BA 147 -40.96 -74.17 12.90
CA LYS BA 147 -40.13 -75.35 12.77
C LYS BA 147 -40.64 -76.41 13.74
N SER BA 148 -40.98 -77.58 13.21
CA SER BA 148 -41.54 -78.65 14.02
C SER BA 148 -40.53 -79.12 15.05
N THR BA 149 -41.02 -79.46 16.25
CA THR BA 149 -40.15 -79.93 17.31
C THR BA 149 -39.54 -81.28 16.95
N THR BA 150 -38.21 -81.33 16.89
CA THR BA 150 -37.48 -82.55 16.61
C THR BA 150 -36.64 -83.06 17.77
N THR BA 151 -36.23 -82.17 18.68
CA THR BA 151 -35.47 -82.57 19.86
C THR BA 151 -36.08 -81.91 21.09
N ALA BA 152 -35.94 -82.56 22.24
CA ALA BA 152 -36.40 -82.01 23.50
C ALA BA 152 -35.55 -82.59 24.62
N SER BA 153 -35.35 -81.80 25.67
CA SER BA 153 -34.57 -82.22 26.82
C SER BA 153 -35.27 -81.78 28.09
N MET BA 154 -35.30 -82.68 29.07
CA MET BA 154 -35.88 -82.39 30.38
C MET BA 154 -34.97 -82.95 31.46
N GLN BA 155 -34.26 -82.08 32.17
CA GLN BA 155 -33.41 -82.45 33.28
C GLN BA 155 -34.16 -82.25 34.57
N ILE BA 156 -34.31 -83.33 35.35
CA ILE BA 156 -35.13 -83.36 36.56
C ILE BA 156 -34.33 -83.94 37.71
N ASN BA 157 -34.50 -83.38 38.90
CA ASN BA 157 -33.99 -83.95 40.13
C ASN BA 157 -35.11 -84.75 40.79
N LEU BA 158 -34.84 -86.03 41.06
CA LEU BA 158 -35.81 -86.93 41.67
C LEU BA 158 -35.36 -87.32 43.06
N ASN BA 159 -36.31 -87.36 44.00
CA ASN BA 159 -36.00 -87.73 45.37
C ASN BA 159 -35.92 -89.25 45.48
N SER BA 160 -34.85 -89.74 46.10
CA SER BA 160 -34.67 -91.19 46.24
C SER BA 160 -35.70 -91.78 47.19
N THR BA 161 -36.20 -91.00 48.14
CA THR BA 161 -37.14 -91.49 49.14
C THR BA 161 -38.59 -91.38 48.70
N ASP BA 162 -38.85 -90.97 47.45
CA ASP BA 162 -40.22 -90.87 46.99
C ASP BA 162 -40.89 -92.24 47.00
N PRO BA 163 -42.07 -92.37 47.60
CA PRO BA 163 -42.70 -93.69 47.69
C PRO BA 163 -43.37 -94.09 46.40
N VAL BA 164 -43.61 -95.40 46.27
CA VAL BA 164 -44.40 -95.95 45.17
C VAL BA 164 -45.82 -95.46 45.33
N PRO BA 165 -46.48 -94.99 44.27
CA PRO BA 165 -47.85 -94.48 44.40
C PRO BA 165 -48.79 -95.53 44.97
N SER BA 166 -49.64 -95.10 45.91
CA SER BA 166 -50.59 -96.01 46.54
C SER BA 166 -51.77 -96.31 45.64
N LYS BA 167 -52.22 -95.31 44.87
CA LYS BA 167 -53.41 -95.46 44.04
C LYS BA 167 -53.06 -96.14 42.71
N THR BA 168 -52.55 -97.36 42.77
CA THR BA 168 -52.28 -98.12 41.56
C THR BA 168 -53.59 -98.68 41.01
N PRO BA 169 -53.72 -98.78 39.67
CA PRO BA 169 -52.77 -98.40 38.63
C PRO BA 169 -52.76 -96.90 38.36
N PHE BA 170 -51.91 -96.44 37.45
CA PHE BA 170 -51.76 -95.01 37.20
C PHE BA 170 -53.04 -94.43 36.60
N SER BA 171 -53.39 -93.21 37.02
CA SER BA 171 -54.47 -92.44 36.42
C SER BA 171 -54.03 -90.99 36.35
N VAL BA 172 -54.30 -90.34 35.22
CA VAL BA 172 -53.92 -88.93 35.07
C VAL BA 172 -54.65 -88.07 36.09
N SER BA 173 -55.96 -88.30 36.25
CA SER BA 173 -56.75 -87.48 37.17
C SER BA 173 -56.36 -87.75 38.62
N ASP BA 174 -55.89 -88.96 38.91
CA ASP BA 174 -55.50 -89.34 40.27
C ASP BA 174 -54.14 -88.72 40.56
N ALA BA 175 -54.11 -87.76 41.49
CA ALA BA 175 -52.89 -87.04 41.78
C ALA BA 175 -51.84 -87.93 42.42
N ASP BA 176 -52.26 -88.80 43.34
CA ASP BA 176 -51.33 -89.63 44.10
C ASP BA 176 -50.93 -90.88 43.32
N SER BA 177 -51.48 -91.06 42.12
CA SER BA 177 -51.14 -92.18 41.27
C SER BA 177 -49.80 -92.01 40.58
N TYR BA 178 -49.20 -90.83 40.64
CA TYR BA 178 -47.90 -90.58 40.04
C TYR BA 178 -47.03 -89.82 41.02
N ASN BA 179 -45.71 -89.93 40.85
CA ASN BA 179 -44.77 -89.23 41.70
C ASN BA 179 -44.50 -87.81 41.22
N LYS BA 180 -44.64 -87.54 39.93
CA LYS BA 180 -44.42 -86.21 39.38
C LYS BA 180 -45.23 -85.94 38.14
N LYS BA 181 -45.71 -84.70 38.03
CA LYS BA 181 -46.30 -84.15 36.82
C LYS BA 181 -45.45 -82.97 36.34
N GLY BA 182 -45.10 -82.98 35.05
CA GLY BA 182 -44.37 -81.88 34.45
C GLY BA 182 -44.96 -81.54 33.09
N THR BA 183 -44.66 -80.32 32.63
CA THR BA 183 -45.26 -79.85 31.36
C THR BA 183 -44.23 -79.18 30.46
N VAL BA 184 -44.12 -79.63 29.21
CA VAL BA 184 -43.25 -79.02 28.21
C VAL BA 184 -44.12 -78.63 27.03
N THR BA 185 -43.95 -77.40 26.55
CA THR BA 185 -44.71 -76.92 25.39
C THR BA 185 -43.91 -77.20 24.13
N VAL BA 186 -44.45 -78.07 23.27
CA VAL BA 186 -43.80 -78.39 22.01
C VAL BA 186 -44.65 -77.84 20.88
N TYR BA 187 -44.06 -77.77 19.69
CA TYR BA 187 -44.71 -77.15 18.54
C TYR BA 187 -44.58 -78.06 17.33
N ASP BA 188 -45.68 -78.19 16.60
CA ASP BA 188 -45.78 -79.09 15.46
C ASP BA 188 -45.46 -78.33 14.16
N SER BA 189 -45.74 -78.95 13.02
CA SER BA 189 -45.49 -78.30 11.74
C SER BA 189 -46.29 -77.02 11.58
N GLN BA 190 -47.50 -76.96 12.13
CA GLN BA 190 -48.27 -75.73 12.10
C GLN BA 190 -47.99 -74.82 13.29
N GLY BA 191 -47.14 -75.24 14.22
CA GLY BA 191 -46.77 -74.38 15.32
C GLY BA 191 -47.75 -74.36 16.46
N ASN BA 192 -48.75 -75.24 16.45
CA ASN BA 192 -49.70 -75.32 17.54
C ASN BA 192 -49.01 -75.79 18.81
N ALA BA 193 -49.48 -75.28 19.95
CA ALA BA 193 -48.88 -75.61 21.23
C ALA BA 193 -49.43 -76.92 21.75
N HIS BA 194 -48.55 -77.91 21.90
CA HIS BA 194 -48.89 -79.20 22.49
C HIS BA 194 -48.29 -79.22 23.89
N ASP BA 195 -49.14 -79.40 24.90
CA ASP BA 195 -48.72 -79.36 26.30
C ASP BA 195 -48.39 -80.78 26.74
N MET BA 196 -47.21 -81.25 26.39
CA MET BA 196 -46.79 -82.60 26.76
C MET BA 196 -46.60 -82.66 28.27
N ASN BA 197 -47.53 -83.33 28.94
CA ASN BA 197 -47.37 -83.66 30.35
C ASN BA 197 -46.60 -84.96 30.48
N VAL BA 198 -45.56 -84.94 31.28
CA VAL BA 198 -44.70 -86.10 31.55
C VAL BA 198 -44.95 -86.51 33.00
N TYR BA 199 -45.21 -87.79 33.21
CA TYR BA 199 -45.58 -88.32 34.51
C TYR BA 199 -44.54 -89.32 34.98
N PHE BA 200 -44.04 -89.10 36.19
CA PHE BA 200 -43.07 -89.98 36.84
C PHE BA 200 -43.79 -90.83 37.87
N VAL BA 201 -43.68 -92.15 37.72
CA VAL BA 201 -44.26 -93.12 38.65
C VAL BA 201 -43.14 -94.08 39.03
N LYS BA 202 -42.77 -94.09 40.31
CA LYS BA 202 -41.72 -95.01 40.76
C LYS BA 202 -42.27 -96.43 40.80
N THR BA 203 -41.50 -97.38 40.25
CA THR BA 203 -41.91 -98.78 40.23
C THR BA 203 -41.14 -99.63 41.22
N LYS BA 204 -39.82 -99.48 41.29
CA LYS BA 204 -38.98 -100.23 42.21
C LYS BA 204 -37.79 -99.33 42.53
N ASP BA 205 -36.85 -99.83 43.34
CA ASP BA 205 -35.67 -99.04 43.68
C ASP BA 205 -34.94 -98.60 42.42
N ASN BA 206 -34.80 -97.29 42.26
CA ASN BA 206 -34.07 -96.65 41.17
C ASN BA 206 -34.70 -96.91 39.80
N GLU BA 207 -35.99 -97.21 39.73
CA GLU BA 207 -36.68 -97.42 38.47
C GLU BA 207 -37.95 -96.59 38.44
N TRP BA 208 -38.08 -95.77 37.40
CA TRP BA 208 -39.18 -94.81 37.28
C TRP BA 208 -39.81 -94.92 35.90
N ALA BA 209 -41.08 -95.34 35.85
CA ALA BA 209 -41.82 -95.29 34.61
C ALA BA 209 -42.19 -93.85 34.27
N VAL BA 210 -41.97 -93.47 33.01
CA VAL BA 210 -42.23 -92.12 32.53
C VAL BA 210 -43.30 -92.22 31.45
N TYR BA 211 -44.39 -91.48 31.66
CA TYR BA 211 -45.55 -91.46 30.79
C TYR BA 211 -45.61 -90.11 30.08
N THR BA 212 -46.16 -90.11 28.87
CA THR BA 212 -46.37 -88.88 28.11
C THR BA 212 -47.83 -88.77 27.68
N HIS BA 213 -48.38 -87.57 27.81
CA HIS BA 213 -49.76 -87.34 27.37
C HIS BA 213 -49.91 -85.88 26.95
N ASP BA 214 -50.63 -85.64 25.86
CA ASP BA 214 -50.85 -84.28 25.40
C ASP BA 214 -52.14 -83.75 26.01
N SER BA 215 -52.16 -82.46 26.35
CA SER BA 215 -53.34 -81.83 26.91
C SER BA 215 -54.08 -80.96 25.89
N SER BA 216 -53.46 -80.68 24.74
CA SER BA 216 -54.11 -79.87 23.71
C SER BA 216 -55.12 -80.64 22.89
N ASP BA 217 -54.88 -81.93 22.65
CA ASP BA 217 -55.82 -82.76 21.91
C ASP BA 217 -56.66 -83.58 22.89
N PRO BA 218 -57.97 -83.29 22.99
CA PRO BA 218 -58.80 -84.01 23.96
C PRO BA 218 -59.09 -85.45 23.58
N ALA BA 219 -58.76 -85.88 22.36
CA ALA BA 219 -59.05 -87.23 21.91
C ALA BA 219 -57.92 -88.21 22.20
N ALA BA 220 -56.89 -87.77 22.91
CA ALA BA 220 -55.78 -88.66 23.23
C ALA BA 220 -56.20 -89.66 24.32
N THR BA 221 -55.61 -90.85 24.26
CA THR BA 221 -55.93 -91.90 25.22
C THR BA 221 -55.00 -91.82 26.42
N ALA BA 222 -55.51 -92.20 27.57
CA ALA BA 222 -54.73 -92.19 28.80
C ALA BA 222 -53.59 -93.20 28.71
N PRO BA 223 -52.37 -92.84 29.09
CA PRO BA 223 -51.24 -93.78 28.98
C PRO BA 223 -51.28 -94.81 30.11
N THR BA 224 -51.25 -96.08 29.74
CA THR BA 224 -51.23 -97.18 30.70
C THR BA 224 -49.93 -97.97 30.66
N THR BA 225 -49.09 -97.75 29.66
CA THR BA 225 -47.82 -98.45 29.50
C THR BA 225 -46.70 -97.42 29.48
N ALA BA 226 -45.56 -97.80 30.03
CA ALA BA 226 -44.44 -96.86 30.17
C ALA BA 226 -43.98 -96.35 28.82
N SER BA 227 -44.05 -95.03 28.64
CA SER BA 227 -43.42 -94.42 27.47
C SER BA 227 -41.91 -94.60 27.51
N THR BA 228 -41.31 -94.49 28.69
CA THR BA 228 -39.93 -94.89 28.88
C THR BA 228 -39.74 -95.34 30.32
N THR BA 229 -38.57 -95.88 30.63
CA THR BA 229 -38.25 -96.34 31.97
C THR BA 229 -36.85 -95.85 32.34
N LEU BA 230 -36.77 -94.98 33.34
CA LEU BA 230 -35.50 -94.53 33.86
C LEU BA 230 -34.95 -95.53 34.85
N LYS BA 231 -33.71 -95.97 34.61
CA LYS BA 231 -33.00 -96.86 35.52
C LYS BA 231 -31.82 -96.11 36.10
N PHE BA 232 -31.69 -96.13 37.42
CA PHE BA 232 -30.67 -95.38 38.14
C PHE BA 232 -29.74 -96.34 38.88
N ASN BA 233 -28.48 -95.96 39.00
CA ASN BA 233 -27.51 -96.77 39.73
C ASN BA 233 -27.55 -96.44 41.22
N GLU BA 234 -26.58 -97.01 41.96
CA GLU BA 234 -26.51 -96.77 43.39
C GLU BA 234 -26.07 -95.36 43.73
N ASN BA 235 -25.26 -94.72 42.88
CA ASN BA 235 -24.80 -93.36 43.11
C ASN BA 235 -25.81 -92.32 42.65
N GLY BA 236 -26.87 -92.74 41.96
CA GLY BA 236 -27.89 -91.83 41.49
C GLY BA 236 -27.68 -91.28 40.09
N ILE BA 237 -26.72 -91.81 39.34
CA ILE BA 237 -26.49 -91.35 37.97
C ILE BA 237 -27.29 -92.22 37.01
N LEU BA 238 -27.74 -91.60 35.92
CA LEU BA 238 -28.58 -92.28 34.93
C LEU BA 238 -27.79 -93.36 34.20
N GLU BA 239 -28.43 -94.51 33.98
CA GLU BA 239 -27.86 -95.61 33.21
C GLU BA 239 -28.54 -95.82 31.86
N SER BA 240 -29.87 -95.95 31.86
CA SER BA 240 -30.58 -96.32 30.65
C SER BA 240 -32.00 -95.77 30.71
N GLY BA 241 -32.64 -95.70 29.55
CA GLY BA 241 -33.99 -95.22 29.41
C GLY BA 241 -34.15 -93.71 29.35
N GLY BA 242 -33.05 -92.97 29.20
CA GLY BA 242 -33.11 -91.52 29.21
C GLY BA 242 -33.62 -90.86 27.94
N THR BA 243 -33.81 -91.62 26.86
CA THR BA 243 -34.27 -91.05 25.60
C THR BA 243 -35.47 -91.83 25.10
N VAL BA 244 -36.41 -91.12 24.47
CA VAL BA 244 -37.62 -91.76 23.94
C VAL BA 244 -38.19 -90.87 22.85
N ASN BA 245 -38.66 -91.51 21.77
CA ASN BA 245 -39.32 -90.79 20.69
C ASN BA 245 -40.81 -90.66 20.98
N ILE BA 246 -41.34 -89.45 20.86
CA ILE BA 246 -42.74 -89.15 21.19
C ILE BA 246 -43.36 -88.33 20.08
N THR BA 247 -44.59 -88.68 19.71
CA THR BA 247 -45.34 -87.99 18.66
C THR BA 247 -46.53 -87.27 19.28
N THR BA 248 -46.92 -86.15 18.66
CA THR BA 248 -48.03 -85.36 19.16
C THR BA 248 -49.33 -85.74 18.43
N GLY BA 249 -50.41 -85.09 18.84
CA GLY BA 249 -51.68 -85.25 18.16
C GLY BA 249 -51.80 -84.32 16.97
N THR BA 250 -52.94 -84.44 16.28
CA THR BA 250 -53.24 -83.61 15.11
C THR BA 250 -54.28 -82.57 15.50
N ILE BA 251 -53.92 -81.30 15.34
CA ILE BA 251 -54.81 -80.18 15.69
C ILE BA 251 -54.95 -79.28 14.48
N ASN BA 252 -56.19 -78.98 14.10
CA ASN BA 252 -56.49 -78.14 12.94
C ASN BA 252 -55.84 -78.68 11.67
N GLY BA 253 -55.75 -80.01 11.57
CA GLY BA 253 -55.12 -80.64 10.43
C GLY BA 253 -53.61 -80.62 10.43
N ALA BA 254 -52.97 -80.30 11.55
CA ALA BA 254 -51.53 -80.19 11.61
C ALA BA 254 -50.85 -81.55 11.55
N THR BA 255 -49.60 -81.54 11.12
CA THR BA 255 -48.78 -82.74 11.13
C THR BA 255 -48.35 -83.06 12.56
N ALA BA 256 -48.42 -84.34 12.92
CA ALA BA 256 -47.93 -84.76 14.23
C ALA BA 256 -46.41 -84.61 14.28
N ALA BA 257 -45.92 -84.10 15.40
CA ALA BA 257 -44.50 -83.86 15.55
C ALA BA 257 -43.84 -84.99 16.32
N THR BA 258 -42.92 -85.70 15.66
CA THR BA 258 -42.18 -86.79 16.26
C THR BA 258 -40.82 -86.28 16.68
N PHE BA 259 -40.58 -86.23 18.00
CA PHE BA 259 -39.36 -85.65 18.53
C PHE BA 259 -38.73 -86.59 19.54
N SER BA 260 -37.40 -86.54 19.61
CA SER BA 260 -36.65 -87.33 20.59
C SER BA 260 -36.53 -86.51 21.87
N LEU BA 261 -37.13 -86.99 22.95
CA LEU BA 261 -37.09 -86.33 24.24
C LEU BA 261 -36.11 -87.08 25.13
N SER BA 262 -35.18 -86.34 25.75
CA SER BA 262 -34.03 -86.92 26.43
C SER BA 262 -33.98 -86.43 27.87
N PHE BA 263 -33.61 -87.34 28.78
CA PHE BA 263 -33.44 -87.05 30.20
C PHE BA 263 -31.98 -87.01 30.62
N LEU BA 264 -31.11 -86.44 29.78
CA LEU BA 264 -29.70 -86.40 30.10
C LEU BA 264 -29.45 -85.58 31.35
N ASN BA 265 -28.45 -86.00 32.14
CA ASN BA 265 -28.02 -85.35 33.37
C ASN BA 265 -29.06 -85.45 34.49
N SER BA 266 -30.16 -86.16 34.28
CA SER BA 266 -31.11 -86.40 35.35
C SER BA 266 -30.49 -87.31 36.41
N MET BA 267 -30.73 -86.98 37.67
CA MET BA 267 -30.09 -87.67 38.78
C MET BA 267 -31.08 -87.80 39.93
N GLN BA 268 -30.98 -88.92 40.65
CA GLN BA 268 -31.89 -89.25 41.75
C GLN BA 268 -31.06 -89.36 43.03
N GLN BA 269 -31.41 -88.54 44.03
CA GLN BA 269 -30.72 -88.56 45.31
C GLN BA 269 -31.65 -88.16 46.45
N ASN BA 270 -31.07 -87.82 47.59
CA ASN BA 270 -31.81 -87.49 48.81
C ASN BA 270 -32.21 -86.01 48.84
N THR BA 271 -32.45 -85.43 47.67
CA THR BA 271 -32.92 -84.05 47.61
C THR BA 271 -34.21 -83.90 48.39
N GLY BA 272 -34.37 -82.73 49.02
CA GLY BA 272 -35.52 -82.47 49.87
C GLY BA 272 -36.85 -82.59 49.16
N ALA BA 273 -36.85 -82.37 47.85
CA ALA BA 273 -38.08 -82.45 47.06
C ALA BA 273 -37.75 -82.86 45.63
N ASN BA 274 -38.74 -83.36 44.90
CA ASN BA 274 -38.53 -83.73 43.49
C ASN BA 274 -38.97 -82.57 42.59
N ASN BA 275 -38.03 -82.06 41.80
CA ASN BA 275 -38.23 -80.84 41.01
C ASN BA 275 -37.55 -80.97 39.65
N ILE BA 276 -38.03 -80.18 38.70
CA ILE BA 276 -37.44 -80.11 37.37
C ILE BA 276 -36.37 -79.03 37.36
N VAL BA 277 -35.17 -79.37 36.89
CA VAL BA 277 -34.10 -78.40 36.78
C VAL BA 277 -34.22 -77.57 35.50
N ALA BA 278 -34.42 -78.22 34.37
CA ALA BA 278 -34.42 -77.48 33.11
C ALA BA 278 -35.27 -78.20 32.06
N THR BA 279 -35.85 -77.41 31.16
CA THR BA 279 -36.55 -77.91 29.99
C THR BA 279 -36.11 -77.12 28.77
N ASN BA 280 -36.03 -77.80 27.62
CA ASN BA 280 -35.65 -77.12 26.39
C ASN BA 280 -36.15 -77.92 25.19
N GLN BA 281 -36.36 -77.19 24.09
CA GLN BA 281 -36.77 -77.78 22.82
C GLN BA 281 -36.55 -76.76 21.72
N ASN BA 282 -36.38 -77.26 20.50
CA ASN BA 282 -35.97 -76.43 19.37
C ASN BA 282 -37.13 -75.93 18.51
N GLY BA 283 -38.37 -76.21 18.90
CA GLY BA 283 -39.51 -75.70 18.15
C GLY BA 283 -39.96 -74.34 18.64
N TYR BA 284 -40.70 -73.64 17.79
CA TYR BA 284 -41.19 -72.30 18.11
C TYR BA 284 -42.42 -72.03 17.27
N LYS BA 285 -42.99 -70.84 17.45
CA LYS BA 285 -44.09 -70.33 16.65
C LYS BA 285 -43.59 -69.22 15.73
N PRO BA 286 -44.33 -68.90 14.68
CA PRO BA 286 -43.94 -67.76 13.82
C PRO BA 286 -43.94 -66.44 14.57
N GLY BA 287 -43.10 -65.52 14.13
CA GLY BA 287 -43.11 -64.17 14.66
C GLY BA 287 -42.79 -63.17 13.57
N ASP BA 288 -43.15 -61.91 13.82
CA ASP BA 288 -42.85 -60.81 12.93
C ASP BA 288 -41.57 -60.12 13.40
N LEU BA 289 -40.87 -59.50 12.46
CA LEU BA 289 -39.63 -58.82 12.78
C LEU BA 289 -39.92 -57.66 13.72
N VAL BA 290 -39.32 -57.71 14.90
CA VAL BA 290 -39.50 -56.69 15.93
C VAL BA 290 -38.35 -55.69 15.91
N SER BA 291 -37.12 -56.18 15.83
CA SER BA 291 -35.97 -55.30 15.84
C SER BA 291 -34.82 -55.94 15.09
N TYR BA 292 -33.82 -55.13 14.75
CA TYR BA 292 -32.58 -55.61 14.16
C TYR BA 292 -31.42 -54.94 14.86
N GLN BA 293 -30.28 -55.62 14.89
CA GLN BA 293 -29.11 -55.14 15.61
C GLN BA 293 -27.85 -55.64 14.95
N ILE BA 294 -26.75 -54.93 15.22
CA ILE BA 294 -25.42 -55.29 14.75
C ILE BA 294 -24.53 -55.48 15.97
N ASN BA 295 -24.07 -56.70 16.18
CA ASN BA 295 -23.23 -57.00 17.33
C ASN BA 295 -21.79 -56.57 17.06
N ASN BA 296 -20.96 -56.65 18.11
CA ASN BA 296 -19.58 -56.19 18.02
C ASN BA 296 -18.72 -57.02 17.09
N ASP BA 297 -19.15 -58.22 16.70
CA ASP BA 297 -18.41 -59.06 15.79
C ASP BA 297 -18.83 -58.88 14.34
N GLY BA 298 -19.70 -57.90 14.05
CA GLY BA 298 -20.14 -57.64 12.70
C GLY BA 298 -21.36 -58.41 12.24
N THR BA 299 -21.91 -59.29 13.08
CA THR BA 299 -23.06 -60.09 12.68
C THR BA 299 -24.34 -59.26 12.83
N VAL BA 300 -25.22 -59.37 11.84
CA VAL BA 300 -26.53 -58.72 11.87
C VAL BA 300 -27.54 -59.75 12.36
N VAL BA 301 -28.26 -59.40 13.42
CA VAL BA 301 -29.21 -60.31 14.06
C VAL BA 301 -30.56 -59.62 14.17
N GLY BA 302 -31.61 -60.29 13.72
CA GLY BA 302 -32.96 -59.79 13.83
C GLY BA 302 -33.70 -60.53 14.94
N ASN BA 303 -34.27 -59.74 15.85
CA ASN BA 303 -35.07 -60.26 16.95
C ASN BA 303 -36.54 -60.20 16.55
N TYR BA 304 -37.21 -61.34 16.61
CA TYR BA 304 -38.57 -61.50 16.15
C TYR BA 304 -39.53 -61.47 17.34
N SER BA 305 -40.82 -61.64 17.07
CA SER BA 305 -41.85 -61.57 18.11
C SER BA 305 -42.14 -62.91 18.76
N ASN BA 306 -41.48 -63.99 18.32
CA ASN BA 306 -41.68 -65.30 18.93
C ASN BA 306 -40.56 -65.62 19.92
N GLU BA 307 -39.98 -64.58 20.53
CA GLU BA 307 -38.85 -64.73 21.44
C GLU BA 307 -37.74 -65.58 20.82
N GLN BA 308 -37.47 -65.33 19.55
CA GLN BA 308 -36.44 -66.05 18.81
C GLN BA 308 -35.68 -65.08 17.93
N GLU BA 309 -34.38 -65.30 17.78
CA GLU BA 309 -33.53 -64.46 16.95
C GLU BA 309 -33.06 -65.23 15.72
N GLN BA 310 -32.73 -64.49 14.67
CA GLN BA 310 -32.24 -65.07 13.43
C GLN BA 310 -31.10 -64.22 12.89
N VAL BA 311 -30.01 -64.87 12.48
CA VAL BA 311 -28.87 -64.12 11.94
C VAL BA 311 -29.05 -63.97 10.44
N LEU BA 312 -28.85 -62.74 9.95
CA LEU BA 312 -29.08 -62.43 8.54
C LEU BA 312 -27.81 -62.29 7.74
N GLY BA 313 -26.68 -62.00 8.38
CA GLY BA 313 -25.42 -61.88 7.68
C GLY BA 313 -24.37 -61.28 8.60
N GLN BA 314 -23.11 -61.46 8.18
CA GLN BA 314 -21.98 -60.96 8.96
C GLN BA 314 -21.21 -59.96 8.12
N ILE BA 315 -20.96 -58.78 8.68
CA ILE BA 315 -20.19 -57.76 7.98
C ILE BA 315 -18.75 -58.25 7.81
N VAL BA 316 -18.22 -58.09 6.60
CA VAL BA 316 -16.87 -58.54 6.28
C VAL BA 316 -15.95 -57.32 6.21
N LEU BA 317 -14.73 -57.49 6.70
CA LEU BA 317 -13.72 -56.43 6.68
C LEU BA 317 -12.60 -56.79 5.70
N ALA BA 318 -12.02 -55.77 5.10
CA ALA BA 318 -10.94 -55.94 4.14
C ALA BA 318 -9.69 -55.22 4.64
N ASN BA 319 -8.55 -55.89 4.53
CA ASN BA 319 -7.26 -55.32 4.87
C ASN BA 319 -6.35 -55.40 3.67
N PHE BA 320 -5.48 -54.41 3.54
CA PHE BA 320 -4.58 -54.29 2.40
C PHE BA 320 -3.13 -54.36 2.85
N ALA BA 321 -2.28 -54.86 1.96
CA ALA BA 321 -0.84 -54.84 2.22
C ALA BA 321 -0.31 -53.42 2.30
N ASN BA 322 -0.81 -52.54 1.44
CA ASN BA 322 -0.39 -51.13 1.40
C ASN BA 322 -1.64 -50.27 1.47
N ASN BA 323 -1.97 -49.79 2.66
CA ASN BA 323 -3.13 -48.90 2.81
C ASN BA 323 -2.92 -47.58 2.07
N GLU BA 324 -1.69 -47.08 2.05
CA GLU BA 324 -1.40 -45.80 1.41
C GLU BA 324 -1.67 -45.83 -0.09
N GLY BA 325 -1.53 -46.99 -0.73
CA GLY BA 325 -1.72 -47.08 -2.17
C GLY BA 325 -3.14 -47.02 -2.65
N LEU BA 326 -4.12 -47.04 -1.75
CA LEU BA 326 -5.52 -46.97 -2.14
C LEU BA 326 -5.81 -45.65 -2.83
N ALA BA 327 -6.54 -45.72 -3.95
CA ALA BA 327 -6.94 -44.53 -4.69
C ALA BA 327 -8.38 -44.16 -4.31
N SER BA 328 -8.52 -43.09 -3.53
CA SER BA 328 -9.84 -42.65 -3.10
C SER BA 328 -10.65 -42.12 -4.27
N GLN BA 329 -11.93 -42.47 -4.31
CA GLN BA 329 -12.84 -42.06 -5.36
C GLN BA 329 -13.76 -40.92 -4.94
N GLY BA 330 -13.54 -40.34 -3.77
CA GLY BA 330 -14.47 -39.37 -3.23
C GLY BA 330 -15.60 -40.03 -2.47
N ASP BA 331 -16.42 -39.19 -1.84
CA ASP BA 331 -17.51 -39.67 -0.98
C ASP BA 331 -16.99 -40.60 0.10
N ASN BA 332 -15.83 -40.23 0.67
CA ASN BA 332 -15.07 -41.05 1.63
C ASN BA 332 -15.09 -42.53 1.24
N VAL BA 333 -14.62 -42.82 0.03
CA VAL BA 333 -14.62 -44.17 -0.51
C VAL BA 333 -13.31 -44.42 -1.23
N TRP BA 334 -12.69 -45.57 -0.96
CA TRP BA 334 -11.45 -45.98 -1.61
C TRP BA 334 -11.74 -47.10 -2.61
N ALA BA 335 -10.95 -47.16 -3.66
CA ALA BA 335 -11.07 -48.20 -4.68
C ALA BA 335 -9.84 -49.10 -4.65
N ALA BA 336 -10.05 -50.38 -4.94
CA ALA BA 336 -8.95 -51.31 -5.02
C ALA BA 336 -8.07 -50.97 -6.22
N THR BA 337 -6.77 -50.85 -5.98
CA THR BA 337 -5.80 -50.45 -6.97
C THR BA 337 -4.59 -51.36 -6.85
N GLN BA 338 -3.86 -51.53 -7.96
CA GLN BA 338 -2.64 -52.34 -7.93
C GLN BA 338 -1.67 -51.85 -6.85
N ALA BA 339 -1.65 -50.54 -6.59
CA ALA BA 339 -0.81 -50.01 -5.52
C ALA BA 339 -1.12 -50.62 -4.17
N SER BA 340 -2.40 -50.86 -3.87
CA SER BA 340 -2.77 -51.51 -2.63
C SER BA 340 -2.77 -53.03 -2.71
N GLY BA 341 -2.93 -53.59 -3.91
CA GLY BA 341 -3.00 -55.02 -4.06
C GLY BA 341 -4.40 -55.57 -3.82
N VAL BA 342 -4.51 -56.88 -3.91
CA VAL BA 342 -5.80 -57.55 -3.74
C VAL BA 342 -6.19 -57.53 -2.26
N ALA BA 343 -7.42 -57.10 -1.99
CA ALA BA 343 -7.91 -56.98 -0.62
C ALA BA 343 -8.03 -58.35 0.03
N LEU BA 344 -7.52 -58.49 1.24
CA LEU BA 344 -7.65 -59.72 2.01
C LEU BA 344 -8.86 -59.59 2.93
N LEU BA 345 -9.80 -60.53 2.82
CA LEU BA 345 -11.07 -60.43 3.50
C LEU BA 345 -11.09 -61.29 4.76
N GLY BA 346 -11.83 -60.81 5.76
CA GLY BA 346 -11.92 -61.53 7.03
C GLY BA 346 -13.06 -61.00 7.87
N THR BA 347 -13.10 -61.49 9.10
CA THR BA 347 -14.14 -61.11 10.06
C THR BA 347 -13.54 -60.22 11.14
N ALA BA 348 -14.39 -59.37 11.71
CA ALA BA 348 -13.95 -58.48 12.77
C ALA BA 348 -13.56 -59.27 14.02
N GLY BA 349 -12.48 -58.86 14.67
CA GLY BA 349 -12.00 -59.56 15.83
C GLY BA 349 -11.21 -60.81 15.56
N SER BA 350 -10.75 -61.00 14.33
CA SER BA 350 -9.98 -62.18 13.97
C SER BA 350 -8.75 -61.76 13.17
N GLY BA 351 -7.61 -62.39 13.48
CA GLY BA 351 -6.39 -62.12 12.74
C GLY BA 351 -5.96 -60.67 12.91
N ASN BA 352 -5.71 -60.01 11.77
CA ASN BA 352 -5.25 -58.63 11.75
C ASN BA 352 -6.40 -57.63 11.57
N PHE BA 353 -7.59 -57.98 12.06
CA PHE BA 353 -8.77 -57.13 11.96
C PHE BA 353 -9.20 -56.71 13.36
N GLY BA 354 -9.42 -55.42 13.55
CA GLY BA 354 -9.87 -54.91 14.83
C GLY BA 354 -11.35 -55.14 15.05
N LYS BA 355 -11.76 -54.93 16.30
CA LYS BA 355 -13.14 -55.13 16.68
C LYS BA 355 -14.01 -53.96 16.20
N LEU BA 356 -15.32 -54.20 16.19
CA LEU BA 356 -16.27 -53.17 15.80
C LEU BA 356 -16.96 -52.58 17.03
N THR BA 357 -17.04 -51.26 17.07
CA THR BA 357 -17.76 -50.56 18.14
C THR BA 357 -19.13 -50.13 17.60
N ASN BA 358 -20.18 -50.72 18.16
CA ASN BA 358 -21.53 -50.43 17.69
C ASN BA 358 -22.10 -49.20 18.37
N GLY BA 359 -23.00 -48.53 17.66
CA GLY BA 359 -23.62 -47.34 18.20
C GLY BA 359 -22.72 -46.13 18.24
N ALA BA 360 -21.70 -46.07 17.40
CA ALA BA 360 -20.72 -45.00 17.41
C ALA BA 360 -20.15 -44.79 16.02
N LEU BA 361 -19.47 -43.67 15.84
CA LEU BA 361 -18.90 -43.28 14.55
C LEU BA 361 -17.44 -42.90 14.72
N GLU BA 362 -16.63 -43.28 13.73
CA GLU BA 362 -15.22 -42.93 13.74
C GLU BA 362 -15.06 -41.54 13.13
N ALA BA 363 -14.60 -40.58 13.94
CA ALA BA 363 -14.41 -39.23 13.46
C ALA BA 363 -13.14 -39.14 12.62
N SER BA 364 -12.87 -37.95 12.10
CA SER BA 364 -11.69 -37.72 11.30
C SER BA 364 -10.44 -37.67 12.18
N ASN BA 365 -9.27 -37.64 11.54
CA ASN BA 365 -8.00 -37.56 12.25
C ASN BA 365 -7.29 -36.24 11.98
N VAL BA 366 -8.03 -35.21 11.60
CA VAL BA 366 -7.45 -33.92 11.24
C VAL BA 366 -7.39 -33.04 12.48
N ASP BA 367 -6.20 -32.58 12.82
CA ASP BA 367 -6.02 -31.63 13.90
C ASP BA 367 -5.88 -30.22 13.34
N LEU BA 368 -6.75 -29.32 13.80
CA LEU BA 368 -6.83 -27.98 13.23
C LEU BA 368 -5.57 -27.15 13.51
N SER BA 369 -4.95 -27.32 14.67
CA SER BA 369 -3.75 -26.56 14.99
C SER BA 369 -2.61 -26.89 14.03
N LYS BA 370 -2.38 -28.18 13.80
CA LYS BA 370 -1.34 -28.59 12.86
C LYS BA 370 -1.63 -28.07 11.47
N GLU BA 371 -2.90 -28.14 11.05
CA GLU BA 371 -3.27 -27.66 9.73
C GLU BA 371 -3.00 -26.16 9.59
N LEU BA 372 -3.37 -25.37 10.59
CA LEU BA 372 -3.15 -23.93 10.51
C LEU BA 372 -1.67 -23.59 10.47
N VAL BA 373 -0.87 -24.24 11.32
CA VAL BA 373 0.56 -23.95 11.34
C VAL BA 373 1.22 -24.33 10.02
N ASN BA 374 0.88 -25.52 9.51
CA ASN BA 374 1.46 -25.94 8.23
C ASN BA 374 0.98 -25.04 7.10
N MET BA 375 -0.23 -24.51 7.20
CA MET BA 375 -0.71 -23.56 6.20
C MET BA 375 0.11 -22.27 6.23
N ILE BA 376 0.43 -21.80 7.44
CA ILE BA 376 1.28 -20.61 7.57
C ILE BA 376 2.64 -20.86 6.91
N VAL BA 377 3.22 -22.02 7.20
CA VAL BA 377 4.53 -22.35 6.63
C VAL BA 377 4.46 -22.43 5.11
N ALA BA 378 3.40 -23.07 4.58
CA ALA BA 378 3.24 -23.19 3.14
C ALA BA 378 3.04 -21.83 2.49
N GLN BA 379 2.29 -20.94 3.14
CA GLN BA 379 2.11 -19.58 2.63
C GLN BA 379 3.46 -18.86 2.52
N ARG BA 380 4.28 -18.98 3.57
CA ARG BA 380 5.60 -18.33 3.53
C ARG BA 380 6.47 -18.92 2.44
N ASN BA 381 6.45 -20.24 2.27
CA ASN BA 381 7.21 -20.88 1.20
C ASN BA 381 6.75 -20.40 -0.18
N TYR BA 382 5.43 -20.31 -0.37
CA TYR BA 382 4.89 -19.85 -1.66
C TYR BA 382 5.32 -18.41 -1.94
N GLN BA 383 5.29 -17.56 -0.92
CA GLN BA 383 5.71 -16.18 -1.11
C GLN BA 383 7.21 -16.09 -1.44
N SER BA 384 8.02 -16.96 -0.83
CA SER BA 384 9.44 -16.97 -1.17
C SER BA 384 9.67 -17.39 -2.62
N ASN BA 385 8.92 -18.40 -3.07
CA ASN BA 385 9.04 -18.82 -4.47
C ASN BA 385 8.60 -17.70 -5.41
N ALA BA 386 7.52 -16.99 -5.06
CA ALA BA 386 7.09 -15.84 -5.85
C ALA BA 386 8.16 -14.75 -5.87
N GLN BA 387 8.87 -14.57 -4.75
CA GLN BA 387 9.97 -13.63 -4.70
C GLN BA 387 11.07 -14.01 -5.68
N THR BA 388 11.40 -15.31 -5.74
CA THR BA 388 12.40 -15.78 -6.70
C THR BA 388 11.94 -15.51 -8.13
N ILE BA 389 10.65 -15.76 -8.41
CA ILE BA 389 10.10 -15.49 -9.73
C ILE BA 389 10.28 -14.01 -10.07
N LYS BA 390 9.98 -13.13 -9.11
CA LYS BA 390 10.10 -11.70 -9.34
C LYS BA 390 11.55 -11.29 -9.61
N THR BA 391 12.49 -11.86 -8.85
CA THR BA 391 13.89 -11.53 -9.06
C THR BA 391 14.35 -11.92 -10.46
N GLN BA 392 13.97 -13.12 -10.92
CA GLN BA 392 14.33 -13.53 -12.27
C GLN BA 392 13.65 -12.65 -13.31
N ASP BA 393 12.43 -12.22 -13.02
CA ASP BA 393 11.74 -11.29 -13.92
C ASP BA 393 12.51 -9.98 -14.06
N GLN BA 394 12.98 -9.44 -12.94
CA GLN BA 394 13.78 -8.20 -13.00
C GLN BA 394 15.10 -8.43 -13.73
N ILE BA 395 15.67 -9.63 -13.59
CA ILE BA 395 16.88 -9.96 -14.35
C ILE BA 395 16.60 -9.88 -15.84
N LEU BA 396 15.50 -10.49 -16.28
CA LEU BA 396 15.17 -10.43 -17.70
C LEU BA 396 14.87 -9.01 -18.14
N ASN BA 397 14.26 -8.21 -17.27
CA ASN BA 397 14.03 -6.79 -17.58
C ASN BA 397 15.35 -6.06 -17.82
N THR BA 398 16.30 -6.19 -16.90
CA THR BA 398 17.54 -5.44 -17.02
C THR BA 398 18.39 -5.96 -18.18
N LEU BA 399 18.19 -7.22 -18.56
CA LEU BA 399 18.87 -7.73 -19.76
C LEU BA 399 18.24 -7.17 -21.03
N VAL BA 400 16.91 -7.11 -21.08
CA VAL BA 400 16.23 -6.58 -22.25
C VAL BA 400 16.55 -5.11 -22.45
N ASN BA 401 16.57 -4.34 -21.35
CA ASN BA 401 16.72 -2.89 -21.47
C ASN BA 401 18.16 -2.49 -21.82
N LEU BA 402 19.05 -3.46 -21.97
CA LEU BA 402 20.43 -3.18 -22.35
C LEU BA 402 20.50 -2.55 -23.75
N SER CA 2 29.57 -3.36 2.22
CA SER CA 2 28.44 -3.67 1.31
C SER CA 2 27.29 -4.28 2.09
N PHE CA 3 26.93 -5.51 1.77
CA PHE CA 3 25.78 -6.14 2.45
C PHE CA 3 26.30 -6.90 3.66
N SER CA 4 27.61 -7.14 3.73
CA SER CA 4 28.16 -7.98 4.82
C SER CA 4 27.74 -7.43 6.17
N GLN CA 5 27.89 -6.14 6.36
CA GLN CA 5 27.61 -5.54 7.71
C GLN CA 5 26.17 -5.86 8.10
N ALA CA 6 25.35 -6.35 7.17
CA ALA CA 6 23.93 -6.67 7.46
C ALA CA 6 23.71 -8.19 7.34
N VAL CA 7 24.00 -8.78 6.19
CA VAL CA 7 23.86 -10.26 6.04
C VAL CA 7 24.47 -10.94 7.27
N SER CA 8 25.35 -10.30 8.04
CA SER CA 8 25.79 -10.89 9.30
C SER CA 8 24.90 -10.45 10.45
N GLY CA 9 24.50 -9.18 10.46
CA GLY CA 9 23.57 -8.72 11.48
C GLY CA 9 22.26 -9.46 11.43
N LEU CA 10 21.75 -9.70 10.22
CA LEU CA 10 20.51 -10.44 10.04
C LEU CA 10 20.65 -11.88 10.53
N ASN CA 11 21.79 -12.51 10.20
CA ASN CA 11 22.04 -13.87 10.65
C ASN CA 11 22.11 -13.95 12.17
N ALA CA 12 22.77 -12.97 12.80
CA ALA CA 12 22.85 -12.94 14.25
C ALA CA 12 21.48 -12.74 14.88
N ALA CA 13 20.66 -11.86 14.32
CA ALA CA 13 19.32 -11.65 14.85
C ALA CA 13 18.48 -12.91 14.69
N ALA CA 14 18.61 -13.59 13.54
CA ALA CA 14 17.87 -14.84 13.33
C ALA CA 14 18.31 -15.91 14.31
N THR CA 15 19.63 -15.99 14.58
CA THR CA 15 20.12 -16.94 15.56
C THR CA 15 19.57 -16.64 16.96
N ASN CA 16 19.55 -15.37 17.34
CA ASN CA 16 19.03 -14.99 18.64
C ASN CA 16 17.55 -15.34 18.76
N LEU CA 17 16.77 -15.03 17.73
CA LEU CA 17 15.35 -15.33 17.76
C LEU CA 17 15.09 -16.83 17.76
N ASP CA 18 15.92 -17.58 17.04
CA ASP CA 18 15.84 -19.04 17.05
C ASP CA 18 16.11 -19.58 18.45
N VAL CA 19 17.13 -19.04 19.13
CA VAL CA 19 17.44 -19.49 20.49
C VAL CA 19 16.28 -19.17 21.42
N ILE CA 20 15.67 -17.99 21.25
CA ILE CA 20 14.53 -17.62 22.07
C ILE CA 20 13.36 -18.58 21.83
N GLY CA 21 13.11 -18.94 20.57
CA GLY CA 21 12.07 -19.89 20.27
C GLY CA 21 12.33 -21.26 20.87
N ASN CA 22 13.60 -21.68 20.86
CA ASN CA 22 13.96 -22.95 21.50
C ASN CA 22 13.71 -22.89 23.00
N ASN CA 23 14.05 -21.77 23.63
CA ASN CA 23 13.81 -21.63 25.07
C ASN CA 23 12.32 -21.67 25.36
N ILE CA 24 11.52 -20.99 24.54
CA ILE CA 24 10.07 -20.94 24.77
C ILE CA 24 9.46 -22.33 24.58
N ALA CA 25 9.88 -23.06 23.55
CA ALA CA 25 9.31 -24.37 23.29
C ALA CA 25 9.67 -25.38 24.38
N ASN CA 26 10.75 -25.13 25.12
CA ASN CA 26 11.17 -25.99 26.20
C ASN CA 26 10.80 -25.43 27.58
N SER CA 27 9.71 -24.67 27.67
CA SER CA 27 9.30 -24.08 28.94
C SER CA 27 8.96 -25.15 29.96
N ALA CA 28 8.36 -26.24 29.51
CA ALA CA 28 8.02 -27.38 30.36
C ALA CA 28 8.84 -28.56 29.88
N THR CA 29 10.08 -28.66 30.38
CA THR CA 29 11.00 -29.75 30.02
C THR CA 29 11.92 -29.95 31.23
N TYR CA 30 11.64 -31.01 32.00
CA TYR CA 30 12.38 -31.27 33.22
C TYR CA 30 13.84 -31.55 32.93
N GLY CA 31 14.73 -30.76 33.52
CA GLY CA 31 16.15 -30.88 33.24
C GLY CA 31 16.65 -30.04 32.09
N PHE CA 32 15.91 -29.00 31.69
CA PHE CA 32 16.32 -28.14 30.60
C PHE CA 32 16.98 -26.88 31.15
N LYS CA 33 18.10 -26.50 30.56
CA LYS CA 33 18.77 -25.24 30.86
C LYS CA 33 18.74 -24.35 29.62
N SER CA 34 18.24 -23.12 29.79
CA SER CA 34 18.06 -22.22 28.67
C SER CA 34 19.40 -21.85 28.03
N GLY CA 35 19.32 -21.31 26.82
CA GLY CA 35 20.50 -20.89 26.08
C GLY CA 35 20.46 -19.40 25.78
N THR CA 36 21.63 -18.80 25.62
CA THR CA 36 21.77 -17.39 25.29
C THR CA 36 22.90 -17.23 24.30
N ALA CA 37 22.67 -16.44 23.25
CA ALA CA 37 23.67 -16.25 22.21
C ALA CA 37 24.59 -15.10 22.58
N SER CA 38 25.89 -15.31 22.40
CA SER CA 38 26.90 -14.27 22.61
C SER CA 38 27.52 -13.89 21.28
N PHE CA 39 27.55 -12.59 21.00
CA PHE CA 39 27.99 -12.07 19.72
C PHE CA 39 29.30 -11.31 19.87
N ALA CA 40 30.00 -11.15 18.75
CA ALA CA 40 31.25 -10.39 18.69
C ALA CA 40 31.36 -9.71 17.33
N ASP CA 41 32.06 -8.59 17.30
CA ASP CA 41 32.27 -7.86 16.07
C ASP CA 41 33.38 -8.51 15.24
N MET CA 42 33.52 -8.05 14.00
CA MET CA 42 34.45 -8.67 13.07
C MET CA 42 35.37 -7.65 12.41
N PHE CA 43 35.99 -6.77 13.19
CA PHE CA 43 36.97 -5.85 12.64
C PHE CA 43 38.10 -6.62 11.96
N ALA CA 44 38.45 -6.19 10.74
CA ALA CA 44 39.49 -6.85 9.95
C ALA CA 44 40.35 -5.77 9.28
N GLY CA 45 41.40 -5.36 9.97
CA GLY CA 45 42.33 -4.38 9.43
C GLY CA 45 41.79 -2.97 9.41
N SER CA 46 40.70 -2.75 8.67
CA SER CA 46 40.10 -1.43 8.58
C SER CA 46 39.38 -1.09 9.88
N LYS CA 47 39.18 0.21 10.10
CA LYS CA 47 38.52 0.70 11.31
C LYS CA 47 37.00 0.74 11.17
N VAL CA 48 36.45 0.13 10.12
CA VAL CA 48 35.09 0.46 9.73
C VAL CA 48 34.07 -0.55 10.25
N GLY CA 49 34.50 -1.60 10.95
CA GLY CA 49 33.55 -2.53 11.52
C GLY CA 49 32.83 -3.42 10.53
N LEU CA 50 33.56 -4.39 9.97
CA LEU CA 50 33.05 -5.25 8.90
C LEU CA 50 31.71 -5.90 9.23
N GLY CA 51 31.57 -6.50 10.40
CA GLY CA 51 30.32 -7.12 10.74
C GLY CA 51 30.31 -7.72 12.13
N VAL CA 52 29.40 -8.69 12.33
CA VAL CA 52 29.21 -9.35 13.61
C VAL CA 52 29.28 -10.85 13.39
N LYS CA 53 29.56 -11.57 14.47
CA LYS CA 53 29.61 -13.02 14.46
C LYS CA 53 29.08 -13.57 15.77
N VAL CA 54 28.55 -14.78 15.72
CA VAL CA 54 28.04 -15.45 16.92
C VAL CA 54 29.18 -16.17 17.61
N ALA CA 55 29.66 -15.61 18.72
CA ALA CA 55 30.76 -16.22 19.45
C ALA CA 55 30.40 -17.59 19.99
N GLY CA 56 29.15 -17.81 20.37
CA GLY CA 56 28.73 -19.10 20.86
C GLY CA 56 27.35 -19.03 21.47
N ILE CA 57 26.88 -20.19 21.90
CA ILE CA 57 25.62 -20.33 22.62
C ILE CA 57 25.94 -20.85 24.02
N THR CA 58 25.72 -20.03 25.03
CA THR CA 58 26.04 -20.36 26.40
C THR CA 58 24.79 -20.84 27.13
N GLN CA 59 24.92 -21.98 27.82
CA GLN CA 59 23.84 -22.50 28.62
C GLN CA 59 23.77 -21.76 29.96
N ASP CA 60 22.58 -21.74 30.53
CA ASP CA 60 22.32 -21.05 31.79
C ASP CA 60 22.11 -22.13 32.84
N PHE CA 61 23.16 -22.44 33.59
CA PHE CA 61 23.19 -23.59 34.49
C PHE CA 61 22.79 -23.21 35.92
N THR CA 62 21.61 -22.62 36.10
CA THR CA 62 21.07 -22.41 37.43
C THR CA 62 20.00 -23.44 37.74
N ASP CA 63 19.87 -23.78 39.01
CA ASP CA 63 18.92 -24.79 39.43
C ASP CA 63 17.49 -24.34 39.15
N GLY CA 64 16.70 -25.24 38.56
CA GLY CA 64 15.30 -24.96 38.33
C GLY CA 64 14.47 -25.26 39.56
N THR CA 65 13.16 -25.00 39.43
CA THR CA 65 12.24 -25.25 40.53
C THR CA 65 12.12 -26.75 40.78
N THR CA 66 12.14 -27.13 42.06
CA THR CA 66 11.98 -28.52 42.45
C THR CA 66 10.51 -28.81 42.70
N THR CA 67 9.91 -29.64 41.85
CA THR CA 67 8.49 -29.92 41.92
C THR CA 67 8.28 -31.36 42.39
N ASN CA 68 7.46 -31.53 43.41
CA ASN CA 68 7.17 -32.86 43.93
C ASN CA 68 6.21 -33.59 43.00
N THR CA 69 6.55 -34.84 42.68
CA THR CA 69 5.75 -35.66 41.77
C THR CA 69 5.08 -36.83 42.46
N GLY CA 70 5.75 -37.46 43.43
CA GLY CA 70 5.18 -38.59 44.14
C GLY CA 70 5.57 -39.95 43.61
N ARG CA 71 6.28 -40.04 42.49
CA ARG CA 71 6.78 -41.30 41.99
C ARG CA 71 8.06 -41.67 42.76
N GLY CA 72 8.21 -42.96 43.05
CA GLY CA 72 9.38 -43.42 43.81
C GLY CA 72 10.67 -43.37 43.04
N LEU CA 73 10.63 -43.35 41.71
CA LEU CA 73 11.83 -43.36 40.89
C LEU CA 73 12.22 -41.98 40.38
N ASP CA 74 11.53 -40.93 40.80
CA ASP CA 74 11.87 -39.57 40.39
C ASP CA 74 12.80 -38.94 41.42
N VAL CA 75 13.97 -38.51 40.97
CA VAL CA 75 14.99 -37.93 41.84
C VAL CA 75 15.41 -36.58 41.27
N ALA CA 76 15.42 -35.56 42.11
CA ALA CA 76 15.88 -34.22 41.74
C ALA CA 76 17.19 -33.92 42.45
N ILE CA 77 18.04 -33.15 41.80
CA ILE CA 77 19.37 -32.84 42.34
C ILE CA 77 19.50 -31.34 42.52
N SER CA 78 19.92 -30.94 43.72
CA SER CA 78 20.15 -29.52 44.01
C SER CA 78 21.63 -29.20 43.87
N GLN CA 79 21.93 -27.92 43.69
CA GLN CA 79 23.31 -27.42 43.58
C GLN CA 79 23.97 -28.10 42.37
N ASN CA 80 25.27 -28.35 42.46
CA ASN CA 80 26.01 -28.88 41.32
C ASN CA 80 26.04 -30.41 41.35
N GLY CA 81 26.30 -30.99 40.20
CA GLY CA 81 26.36 -32.43 40.02
C GLY CA 81 25.45 -32.87 38.91
N PHE CA 82 25.91 -33.88 38.16
CA PHE CA 82 25.19 -34.41 37.00
C PHE CA 82 25.00 -35.90 37.13
N PHE CA 83 23.84 -36.39 36.67
CA PHE CA 83 23.66 -37.83 36.51
C PHE CA 83 24.53 -38.36 35.38
N ARG CA 84 25.14 -39.52 35.62
CA ARG CA 84 26.00 -40.18 34.65
C ARG CA 84 25.25 -41.38 34.07
N LEU CA 85 25.03 -41.37 32.75
CA LEU CA 85 24.29 -42.40 32.05
C LEU CA 85 25.17 -43.05 30.99
N VAL CA 86 24.90 -44.32 30.71
CA VAL CA 86 25.59 -45.05 29.64
C VAL CA 86 24.55 -45.74 28.77
N ASP CA 87 24.71 -45.61 27.46
CA ASP CA 87 23.80 -46.22 26.50
C ASP CA 87 24.28 -47.62 26.13
N SER CA 88 23.67 -48.19 25.09
CA SER CA 88 23.97 -49.56 24.69
C SER CA 88 25.37 -49.72 24.13
N ASN CA 89 25.97 -48.65 23.62
CA ASN CA 89 27.29 -48.72 23.01
C ASN CA 89 28.43 -48.43 23.99
N GLY CA 90 28.12 -48.17 25.25
CA GLY CA 90 29.14 -47.87 26.23
C GLY CA 90 29.56 -46.41 26.28
N SER CA 91 29.00 -45.56 25.43
CA SER CA 91 29.32 -44.14 25.49
C SER CA 91 28.70 -43.50 26.71
N VAL CA 92 29.44 -42.57 27.32
CA VAL CA 92 29.05 -41.96 28.59
C VAL CA 92 28.45 -40.59 28.31
N PHE CA 93 27.31 -40.31 28.94
CA PHE CA 93 26.60 -39.05 28.82
C PHE CA 93 26.27 -38.53 30.21
N TYR CA 94 25.94 -37.24 30.28
CA TYR CA 94 25.60 -36.59 31.53
C TYR CA 94 24.29 -35.82 31.38
N SER CA 95 23.41 -35.97 32.36
CA SER CA 95 22.07 -35.41 32.25
C SER CA 95 21.61 -34.90 33.60
N ARG CA 96 20.71 -33.91 33.56
CA ARG CA 96 20.10 -33.35 34.76
C ARG CA 96 18.68 -33.83 34.98
N ASN CA 97 18.11 -34.58 34.04
CA ASN CA 97 16.73 -35.03 34.16
C ASN CA 97 16.67 -36.26 35.07
N GLY CA 98 15.76 -36.24 36.04
CA GLY CA 98 15.66 -37.31 37.01
C GLY CA 98 14.49 -38.25 36.80
N GLN CA 99 13.88 -38.20 35.62
CA GLN CA 99 12.74 -39.08 35.33
C GLN CA 99 13.27 -40.43 34.87
N PHE CA 100 13.51 -41.33 35.82
CA PHE CA 100 14.06 -42.63 35.54
C PHE CA 100 12.98 -43.70 35.71
N LYS CA 101 13.01 -44.71 34.84
CA LYS CA 101 12.06 -45.81 34.88
C LYS CA 101 12.82 -47.12 34.84
N LEU CA 102 12.09 -48.21 35.05
CA LEU CA 102 12.66 -49.54 34.96
C LEU CA 102 12.33 -50.17 33.60
N ASP CA 103 13.30 -50.87 33.03
CA ASP CA 103 13.12 -51.54 31.76
C ASP CA 103 12.91 -53.04 31.96
N GLU CA 104 12.82 -53.78 30.85
CA GLU CA 104 12.54 -55.21 30.94
C GLU CA 104 13.63 -55.97 31.67
N ASN CA 105 14.88 -55.49 31.59
CA ASN CA 105 16.00 -56.20 32.19
C ASN CA 105 16.35 -55.68 33.57
N ARG CA 106 15.41 -55.01 34.25
CA ARG CA 106 15.55 -54.52 35.62
C ARG CA 106 16.62 -53.45 35.75
N ASN CA 107 16.89 -52.69 34.69
CA ASN CA 107 17.84 -51.60 34.75
C ASN CA 107 17.12 -50.27 34.93
N LEU CA 108 17.74 -49.38 35.70
CA LEU CA 108 17.23 -48.03 35.89
C LEU CA 108 17.60 -47.21 34.66
N VAL CA 109 16.60 -46.85 33.85
CA VAL CA 109 16.82 -46.11 32.62
C VAL CA 109 15.88 -44.91 32.59
N ASN CA 110 16.26 -43.91 31.79
CA ASN CA 110 15.40 -42.78 31.52
C ASN CA 110 14.42 -43.14 30.40
N MET CA 111 13.71 -42.15 29.88
CA MET CA 111 12.71 -42.43 28.84
C MET CA 111 13.36 -42.81 27.52
N GLN CA 112 14.65 -42.50 27.34
CA GLN CA 112 15.36 -42.82 26.12
C GLN CA 112 16.12 -44.14 26.20
N GLY CA 113 16.06 -44.84 27.34
CA GLY CA 113 16.69 -46.13 27.46
C GLY CA 113 18.12 -46.11 27.97
N MET CA 114 18.71 -44.95 28.18
CA MET CA 114 20.05 -44.88 28.72
C MET CA 114 20.06 -45.31 30.19
N GLN CA 115 21.00 -46.19 30.54
CA GLN CA 115 21.01 -46.80 31.86
C GLN CA 115 21.70 -45.89 32.86
N LEU CA 116 21.02 -45.60 33.97
CA LEU CA 116 21.64 -44.88 35.07
C LEU CA 116 22.67 -45.77 35.73
N THR CA 117 23.83 -45.19 36.05
CA THR CA 117 24.96 -45.95 36.57
C THR CA 117 25.41 -45.41 37.91
N GLY CA 118 26.17 -46.23 38.62
CA GLY CA 118 26.66 -45.85 39.93
C GLY CA 118 27.59 -46.90 40.49
N TYR CA 119 27.95 -46.70 41.75
CA TYR CA 119 28.79 -47.66 42.44
C TYR CA 119 28.00 -48.94 42.72
N PRO CA 120 28.50 -50.10 42.31
CA PRO CA 120 27.77 -51.35 42.54
C PRO CA 120 28.02 -51.90 43.93
N ALA CA 121 27.24 -52.93 44.27
CA ALA CA 121 27.35 -53.59 45.56
C ALA CA 121 27.67 -55.07 45.37
N THR CA 122 28.64 -55.56 46.14
CA THR CA 122 29.02 -56.97 46.10
C THR CA 122 29.28 -57.44 47.53
N GLY CA 123 29.23 -58.75 47.73
CA GLY CA 123 29.43 -59.34 49.04
C GLY CA 123 28.15 -59.88 49.63
N THR CA 124 28.30 -60.50 50.80
CA THR CA 124 27.18 -61.10 51.50
C THR CA 124 27.18 -60.66 52.96
N PRO CA 125 26.42 -59.62 53.32
CA PRO CA 125 25.51 -58.84 52.48
C PRO CA 125 26.26 -57.85 51.58
N PRO CA 126 25.65 -57.45 50.47
CA PRO CA 126 26.34 -56.54 49.54
C PRO CA 126 26.71 -55.22 50.20
N THR CA 127 27.87 -54.69 49.83
CA THR CA 127 28.37 -53.43 50.35
C THR CA 127 28.77 -52.52 49.20
N ILE CA 128 28.56 -51.22 49.40
CA ILE CA 128 28.87 -50.25 48.36
C ILE CA 128 30.37 -49.98 48.33
N GLN CA 129 30.96 -50.09 47.14
CA GLN CA 129 32.39 -49.83 46.95
C GLN CA 129 32.56 -48.54 46.16
N GLN CA 130 32.77 -47.45 46.89
CA GLN CA 130 32.93 -46.14 46.27
C GLN CA 130 34.18 -46.07 45.40
N GLY CA 131 35.19 -46.89 45.68
CA GLY CA 131 36.42 -46.86 44.91
C GLY CA 131 36.41 -47.66 43.63
N ALA CA 132 35.36 -48.44 43.39
CA ALA CA 132 35.28 -49.25 42.19
C ALA CA 132 34.75 -48.44 41.01
N ASN CA 133 34.88 -49.01 39.82
CA ASN CA 133 34.36 -48.36 38.63
C ASN CA 133 32.84 -48.37 38.65
N PRO CA 134 32.18 -47.38 38.04
CA PRO CA 134 30.71 -47.36 38.05
C PRO CA 134 30.14 -48.32 37.02
N ALA CA 135 29.05 -48.97 37.38
CA ALA CA 135 28.38 -49.97 36.58
C ALA CA 135 26.89 -49.64 36.47
N PRO CA 136 26.22 -50.09 35.41
CA PRO CA 136 24.79 -49.84 35.27
C PRO CA 136 24.01 -50.37 36.47
N ILE CA 137 23.05 -49.57 36.95
CA ILE CA 137 22.29 -49.93 38.13
C ILE CA 137 21.20 -50.92 37.78
N THR CA 138 21.14 -52.03 38.53
CA THR CA 138 20.10 -53.03 38.39
C THR CA 138 19.52 -53.35 39.75
N ILE CA 139 18.25 -53.74 39.77
CA ILE CA 139 17.62 -54.23 41.00
C ILE CA 139 17.01 -55.60 40.72
N PRO CA 140 17.81 -56.67 40.78
CA PRO CA 140 17.26 -58.01 40.52
C PRO CA 140 16.12 -58.35 41.46
N ASN CA 141 15.15 -59.08 40.92
CA ASN CA 141 14.03 -59.60 41.68
C ASN CA 141 14.31 -60.97 42.27
N THR CA 142 15.51 -61.50 42.05
CA THR CA 142 15.88 -62.80 42.62
C THR CA 142 15.91 -62.71 44.14
N LEU CA 143 15.41 -63.76 44.79
CA LEU CA 143 15.33 -63.78 46.24
C LEU CA 143 16.72 -63.84 46.86
N MET CA 144 16.79 -63.45 48.12
CA MET CA 144 18.02 -63.53 48.91
C MET CA 144 18.01 -64.84 49.68
N ALA CA 145 19.18 -65.47 49.76
CA ALA CA 145 19.34 -66.71 50.51
C ALA CA 145 19.36 -66.37 52.01
N ALA CA 146 19.52 -67.37 52.85
CA ALA CA 146 19.61 -67.15 54.29
C ALA CA 146 21.05 -67.27 54.75
N LYS CA 147 21.39 -66.47 55.77
CA LYS CA 147 22.72 -66.48 56.36
C LYS CA 147 22.63 -67.12 57.73
N SER CA 148 23.40 -68.18 57.94
CA SER CA 148 23.44 -68.83 59.24
C SER CA 148 23.98 -67.86 60.28
N THR CA 149 23.36 -67.84 61.45
CA THR CA 149 23.76 -66.90 62.49
C THR CA 149 25.17 -67.21 62.98
N THR CA 150 26.05 -66.20 62.96
CA THR CA 150 27.41 -66.35 63.43
C THR CA 150 27.69 -65.61 64.73
N THR CA 151 27.01 -64.51 65.00
CA THR CA 151 27.17 -63.77 66.25
C THR CA 151 25.80 -63.38 66.77
N ALA CA 152 25.61 -63.52 68.08
CA ALA CA 152 24.41 -63.09 68.75
C ALA CA 152 24.80 -62.38 70.04
N SER CA 153 23.96 -61.45 70.47
CA SER CA 153 24.22 -60.67 71.67
C SER CA 153 22.96 -60.57 72.51
N MET CA 154 23.13 -60.63 73.82
CA MET CA 154 22.02 -60.53 74.76
C MET CA 154 22.43 -59.63 75.92
N GLN CA 155 21.94 -58.39 75.93
CA GLN CA 155 22.15 -57.47 77.03
C GLN CA 155 21.00 -57.64 78.02
N ILE CA 156 21.33 -58.01 79.25
CA ILE CA 156 20.35 -58.26 80.29
C ILE CA 156 20.77 -57.49 81.54
N ASN CA 157 19.79 -57.15 82.37
CA ASN CA 157 20.06 -56.61 83.70
C ASN CA 157 19.48 -57.54 84.75
N LEU CA 158 20.23 -57.76 85.82
CA LEU CA 158 19.86 -58.71 86.85
C LEU CA 158 19.76 -58.00 88.20
N ASN CA 159 18.75 -58.35 88.97
CA ASN CA 159 18.56 -57.78 90.30
C ASN CA 159 19.48 -58.50 91.28
N SER CA 160 20.30 -57.74 91.99
CA SER CA 160 21.33 -58.33 92.83
C SER CA 160 20.76 -59.09 94.01
N THR CA 161 19.63 -58.63 94.57
CA THR CA 161 19.10 -59.21 95.79
C THR CA 161 18.18 -60.40 95.54
N ASP CA 162 18.07 -60.88 94.31
CA ASP CA 162 17.28 -62.07 94.06
C ASP CA 162 17.88 -63.28 94.76
N PRO CA 163 17.07 -64.10 95.42
CA PRO CA 163 17.62 -65.25 96.16
C PRO CA 163 18.05 -66.36 95.22
N VAL CA 164 18.97 -67.19 95.73
CA VAL CA 164 19.43 -68.38 95.02
C VAL CA 164 18.25 -69.35 94.92
N PRO CA 165 18.03 -69.99 93.77
CA PRO CA 165 16.90 -70.92 93.65
C PRO CA 165 16.99 -72.06 94.66
N SER CA 166 15.83 -72.42 95.22
CA SER CA 166 15.77 -73.53 96.16
C SER CA 166 15.84 -74.87 95.45
N LYS CA 167 15.29 -74.95 94.25
CA LYS CA 167 15.22 -76.22 93.51
C LYS CA 167 16.54 -76.51 92.81
N THR CA 168 17.41 -77.27 93.47
CA THR CA 168 18.62 -77.74 92.82
C THR CA 168 18.43 -79.17 92.30
N PRO CA 169 19.01 -79.50 91.14
CA PRO CA 169 19.80 -78.65 90.25
C PRO CA 169 18.94 -77.95 89.19
N PHE CA 170 19.57 -77.41 88.15
CA PHE CA 170 18.83 -76.78 87.07
C PHE CA 170 18.04 -77.81 86.28
N SER CA 171 16.74 -77.55 86.09
CA SER CA 171 15.87 -78.43 85.34
C SER CA 171 15.07 -77.60 84.34
N VAL CA 172 14.98 -78.06 83.11
CA VAL CA 172 14.24 -77.33 82.08
C VAL CA 172 12.74 -77.34 82.41
N SER CA 173 12.23 -78.46 82.91
CA SER CA 173 10.80 -78.55 83.20
C SER CA 173 10.41 -77.70 84.40
N ASP CA 174 11.25 -77.68 85.43
CA ASP CA 174 10.95 -76.97 86.68
C ASP CA 174 11.33 -75.50 86.52
N ALA CA 175 10.33 -74.62 86.59
CA ALA CA 175 10.59 -73.19 86.45
C ALA CA 175 11.32 -72.63 87.67
N ASP CA 176 11.04 -73.18 88.85
CA ASP CA 176 11.64 -72.69 90.08
C ASP CA 176 13.12 -73.04 90.18
N SER CA 177 13.59 -73.90 89.28
CA SER CA 177 14.98 -74.32 89.24
C SER CA 177 15.90 -73.29 88.62
N TYR CA 178 15.35 -72.27 87.97
CA TYR CA 178 16.16 -71.22 87.34
C TYR CA 178 15.56 -69.87 87.68
N ASN CA 179 16.42 -68.85 87.71
CA ASN CA 179 15.97 -67.49 87.98
C ASN CA 179 15.27 -66.85 86.79
N LYS CA 180 15.79 -67.02 85.58
CA LYS CA 180 15.25 -66.30 84.44
C LYS CA 180 15.33 -67.18 83.20
N LYS CA 181 14.33 -67.07 82.33
CA LYS CA 181 14.34 -67.74 81.04
C LYS CA 181 14.13 -66.73 79.92
N GLY CA 182 14.98 -66.80 78.89
CA GLY CA 182 14.85 -65.97 77.72
C GLY CA 182 14.95 -66.80 76.45
N THR CA 183 14.55 -66.19 75.34
CA THR CA 183 14.53 -66.88 74.06
C THR CA 183 15.06 -65.96 72.97
N VAL CA 184 15.99 -66.48 72.17
CA VAL CA 184 16.51 -65.76 71.01
C VAL CA 184 16.45 -66.70 69.82
N THR CA 185 15.93 -66.21 68.70
CA THR CA 185 15.76 -67.05 67.51
C THR CA 185 16.96 -66.88 66.59
N VAL CA 186 17.66 -67.97 66.33
CA VAL CA 186 18.79 -67.98 65.40
C VAL CA 186 18.37 -68.75 64.15
N TYR CA 187 19.20 -68.65 63.12
CA TYR CA 187 18.93 -69.28 61.83
C TYR CA 187 20.13 -70.07 61.37
N ASP CA 188 19.87 -71.26 60.81
CA ASP CA 188 20.92 -72.15 60.35
C ASP CA 188 21.22 -71.91 58.87
N SER CA 189 21.97 -72.83 58.26
CA SER CA 189 22.35 -72.68 56.85
C SER CA 189 21.14 -72.70 55.92
N GLN CA 190 20.15 -73.55 56.20
CA GLN CA 190 18.94 -73.60 55.38
C GLN CA 190 17.86 -72.65 55.87
N GLY CA 191 18.15 -71.82 56.86
CA GLY CA 191 17.20 -70.81 57.27
C GLY CA 191 16.15 -71.27 58.25
N ASN CA 192 16.20 -72.53 58.67
CA ASN CA 192 15.25 -73.00 59.68
C ASN CA 192 15.56 -72.38 61.03
N ALA CA 193 14.50 -71.99 61.74
CA ALA CA 193 14.64 -71.22 62.97
C ALA CA 193 14.90 -72.14 64.16
N HIS CA 194 15.89 -71.78 64.96
CA HIS CA 194 16.19 -72.47 66.22
C HIS CA 194 15.93 -71.50 67.36
N ASP CA 195 15.00 -71.84 68.24
CA ASP CA 195 14.65 -70.97 69.37
C ASP CA 195 15.57 -71.29 70.54
N MET CA 196 16.75 -70.66 70.56
CA MET CA 196 17.71 -70.81 71.65
C MET CA 196 17.06 -70.33 72.95
N ASN CA 197 16.83 -71.25 73.89
CA ASN CA 197 16.38 -70.88 75.21
C ASN CA 197 17.56 -70.79 76.16
N VAL CA 198 17.71 -69.63 76.81
CA VAL CA 198 18.83 -69.34 77.68
C VAL CA 198 18.30 -69.20 79.09
N TYR CA 199 18.87 -69.96 80.02
CA TYR CA 199 18.43 -69.97 81.41
C TYR CA 199 19.51 -69.37 82.28
N PHE CA 200 19.10 -68.44 83.14
CA PHE CA 200 19.99 -67.78 84.09
C PHE CA 200 19.64 -68.27 85.48
N VAL CA 201 20.63 -68.81 86.18
CA VAL CA 201 20.48 -69.26 87.57
C VAL CA 201 21.58 -68.57 88.37
N LYS CA 202 21.28 -68.20 89.61
CA LYS CA 202 22.32 -67.69 90.49
C LYS CA 202 23.06 -68.85 91.12
N THR CA 203 24.40 -68.82 91.04
CA THR CA 203 25.21 -69.87 91.63
C THR CA 203 25.77 -69.49 92.99
N LYS CA 204 26.31 -68.29 93.11
CA LYS CA 204 26.73 -67.71 94.38
C LYS CA 204 26.80 -66.21 94.15
N ASP CA 205 27.13 -65.46 95.19
CA ASP CA 205 27.18 -64.00 95.13
C ASP CA 205 27.87 -63.49 93.88
N ASN CA 206 27.11 -62.77 93.04
CA ASN CA 206 27.60 -62.09 91.85
C ASN CA 206 28.13 -63.04 90.78
N GLU CA 207 27.74 -64.31 90.82
CA GLU CA 207 28.02 -65.23 89.71
C GLU CA 207 26.75 -65.92 89.27
N TRP CA 208 26.47 -65.84 87.97
CA TRP CA 208 25.22 -66.29 87.37
C TRP CA 208 25.55 -67.35 86.34
N ALA CA 209 25.21 -68.61 86.62
CA ALA CA 209 25.37 -69.65 85.63
C ALA CA 209 24.33 -69.50 84.52
N VAL CA 210 24.77 -69.70 83.29
CA VAL CA 210 23.94 -69.54 82.11
C VAL CA 210 23.98 -70.86 81.35
N TYR CA 211 22.79 -71.39 81.05
CA TYR CA 211 22.59 -72.64 80.34
C TYR CA 211 21.88 -72.36 79.02
N THR CA 212 22.15 -73.20 78.02
CA THR CA 212 21.52 -73.08 76.71
C THR CA 212 20.79 -74.36 76.37
N HIS CA 213 19.67 -74.23 75.65
CA HIS CA 213 18.89 -75.39 75.23
C HIS CA 213 18.20 -75.10 73.91
N ASP CA 214 18.02 -76.13 73.09
CA ASP CA 214 17.39 -75.99 71.79
C ASP CA 214 15.98 -76.57 71.84
N SER CA 215 14.98 -75.70 71.91
CA SER CA 215 13.59 -76.15 72.00
C SER CA 215 13.06 -76.74 70.70
N SER CA 216 13.55 -76.26 69.55
CA SER CA 216 13.09 -76.77 68.27
C SER CA 216 13.72 -78.10 67.88
N ASP CA 217 14.79 -78.50 68.57
CA ASP CA 217 15.41 -79.80 68.32
C ASP CA 217 14.56 -80.90 68.92
N PRO CA 218 14.11 -81.88 68.13
CA PRO CA 218 13.25 -82.93 68.66
C PRO CA 218 13.97 -83.94 69.55
N ALA CA 219 15.28 -84.13 69.37
CA ALA CA 219 16.02 -85.16 70.09
C ALA CA 219 17.05 -84.57 71.05
N ALA CA 220 17.03 -83.26 71.29
CA ALA CA 220 17.98 -82.66 72.19
C ALA CA 220 17.63 -82.96 73.65
N THR CA 221 18.61 -83.43 74.41
CA THR CA 221 18.42 -83.69 75.82
C THR CA 221 18.60 -82.41 76.62
N ALA CA 222 18.20 -82.46 77.89
CA ALA CA 222 18.38 -81.31 78.77
C ALA CA 222 19.86 -81.05 78.98
N PRO CA 223 20.31 -79.80 78.90
CA PRO CA 223 21.74 -79.50 79.09
C PRO CA 223 22.18 -79.85 80.50
N THR CA 224 23.39 -80.40 80.62
CA THR CA 224 23.91 -80.83 81.92
C THR CA 224 25.17 -80.07 82.33
N THR CA 225 25.82 -79.36 81.41
CA THR CA 225 27.04 -78.62 81.71
C THR CA 225 26.77 -77.14 81.60
N ALA CA 226 27.38 -76.36 82.49
CA ALA CA 226 27.19 -74.92 82.48
C ALA CA 226 27.76 -74.32 81.20
N SER CA 227 26.88 -73.69 80.40
CA SER CA 227 27.35 -73.02 79.20
C SER CA 227 28.31 -71.89 79.55
N THR CA 228 28.00 -71.11 80.58
CA THR CA 228 28.98 -70.17 81.11
C THR CA 228 28.59 -69.78 82.53
N THR CA 229 29.41 -68.93 83.13
CA THR CA 229 29.14 -68.36 84.45
C THR CA 229 29.59 -66.91 84.45
N LEU CA 230 28.63 -66.00 84.30
CA LEU CA 230 28.93 -64.58 84.34
C LEU CA 230 29.41 -64.19 85.74
N LYS CA 231 30.57 -63.52 85.80
CA LYS CA 231 31.15 -63.06 87.04
C LYS CA 231 31.15 -61.53 87.02
N PHE CA 232 30.64 -60.93 88.09
CA PHE CA 232 30.39 -59.49 88.14
C PHE CA 232 31.23 -58.86 89.24
N ASN CA 233 31.66 -57.63 89.00
CA ASN CA 233 32.57 -56.94 89.92
C ASN CA 233 31.79 -56.36 91.10
N GLU CA 234 32.47 -55.49 91.85
CA GLU CA 234 31.83 -54.81 92.97
C GLU CA 234 30.62 -54.00 92.54
N ASN CA 235 30.66 -53.41 91.34
CA ASN CA 235 29.55 -52.63 90.82
C ASN CA 235 28.65 -53.45 89.89
N GLY CA 236 28.87 -54.75 89.77
CA GLY CA 236 28.05 -55.58 88.93
C GLY CA 236 28.36 -55.54 87.46
N ILE CA 237 29.41 -54.84 87.06
CA ILE CA 237 29.79 -54.72 85.65
C ILE CA 237 30.47 -56.02 85.23
N LEU CA 238 30.20 -56.44 84.00
CA LEU CA 238 30.70 -57.72 83.48
C LEU CA 238 32.22 -57.77 83.54
N GLU CA 239 32.76 -58.91 83.99
CA GLU CA 239 34.19 -59.17 84.00
C GLU CA 239 34.59 -60.34 83.12
N SER CA 240 33.87 -61.45 83.17
CA SER CA 240 34.24 -62.64 82.43
C SER CA 240 33.00 -63.48 82.14
N GLY CA 241 33.17 -64.44 81.22
CA GLY CA 241 32.12 -65.36 80.86
C GLY CA 241 31.13 -64.85 79.85
N GLY CA 242 31.36 -63.69 79.25
CA GLY CA 242 30.40 -63.10 78.33
C GLY CA 242 30.27 -63.78 76.99
N THR CA 243 31.33 -64.38 76.47
CA THR CA 243 31.33 -64.94 75.13
C THR CA 243 31.41 -66.46 75.20
N VAL CA 244 30.49 -67.13 74.50
CA VAL CA 244 30.46 -68.60 74.48
C VAL CA 244 30.11 -69.05 73.07
N ASN CA 245 30.77 -70.12 72.62
CA ASN CA 245 30.50 -70.68 71.31
C ASN CA 245 29.39 -71.73 71.43
N ILE CA 246 28.24 -71.43 70.84
CA ILE CA 246 27.05 -72.28 70.94
C ILE CA 246 26.71 -72.80 69.55
N THR CA 247 26.53 -74.12 69.44
CA THR CA 247 26.18 -74.78 68.19
C THR CA 247 24.80 -75.38 68.32
N THR CA 248 23.93 -75.08 67.36
CA THR CA 248 22.58 -75.63 67.37
C THR CA 248 22.59 -77.09 66.91
N GLY CA 249 21.42 -77.70 66.92
CA GLY CA 249 21.28 -79.05 66.43
C GLY CA 249 21.10 -79.11 64.92
N THR CA 250 20.99 -80.33 64.41
CA THR CA 250 20.76 -80.58 63.00
C THR CA 250 19.26 -80.86 62.83
N ILE CA 251 18.55 -79.91 62.24
CA ILE CA 251 17.10 -79.95 62.14
C ILE CA 251 16.69 -79.95 60.68
N ASN CA 252 15.85 -80.92 60.31
CA ASN CA 252 15.24 -80.98 58.97
C ASN CA 252 16.29 -80.98 57.87
N GLY CA 253 17.41 -81.68 58.11
CA GLY CA 253 18.45 -81.79 57.12
C GLY CA 253 19.35 -80.57 56.98
N ALA CA 254 19.14 -79.55 57.81
CA ALA CA 254 19.95 -78.34 57.72
C ALA CA 254 21.25 -78.48 58.49
N THR CA 255 22.28 -77.79 58.02
CA THR CA 255 23.55 -77.76 58.72
C THR CA 255 23.38 -77.06 60.06
N ALA CA 256 24.00 -77.62 61.11
CA ALA CA 256 23.90 -77.04 62.44
C ALA CA 256 24.49 -75.64 62.45
N ALA CA 257 23.82 -74.74 63.16
CA ALA CA 257 24.25 -73.35 63.23
C ALA CA 257 25.19 -73.15 64.41
N THR CA 258 26.41 -72.72 64.11
CA THR CA 258 27.42 -72.44 65.13
C THR CA 258 27.62 -70.94 65.20
N PHE CA 259 27.41 -70.36 66.38
CA PHE CA 259 27.53 -68.92 66.55
C PHE CA 259 28.23 -68.62 67.87
N SER CA 260 28.55 -67.35 68.08
CA SER CA 260 29.11 -66.89 69.34
C SER CA 260 28.08 -66.01 70.03
N LEU CA 261 27.64 -66.42 71.23
CA LEU CA 261 26.70 -65.65 72.02
C LEU CA 261 27.49 -64.80 73.00
N SER CA 262 27.22 -63.50 73.00
CA SER CA 262 27.95 -62.54 73.81
C SER CA 262 26.99 -61.81 74.75
N PHE CA 263 27.36 -61.70 76.01
CA PHE CA 263 26.60 -60.96 77.01
C PHE CA 263 27.22 -59.61 77.31
N LEU CA 264 27.77 -58.94 76.30
CA LEU CA 264 28.36 -57.62 76.49
C LEU CA 264 27.30 -56.62 76.94
N ASN CA 265 27.72 -55.67 77.76
CA ASN CA 265 26.87 -54.64 78.36
C ASN CA 265 25.87 -55.19 79.36
N SER CA 266 25.85 -56.49 79.59
CA SER CA 266 25.04 -57.04 80.65
C SER CA 266 25.66 -56.71 82.01
N MET CA 267 24.80 -56.39 82.98
CA MET CA 267 25.26 -55.87 84.25
C MET CA 267 24.19 -56.08 85.31
N GLN CA 268 24.63 -56.23 86.56
CA GLN CA 268 23.78 -56.59 87.69
C GLN CA 268 23.75 -55.44 88.69
N GLN CA 269 22.56 -54.87 88.88
CA GLN CA 269 22.34 -53.83 89.87
C GLN CA 269 21.07 -54.12 90.66
N ASN CA 270 20.59 -53.15 91.43
CA ASN CA 270 19.35 -53.30 92.19
C ASN CA 270 18.13 -52.90 91.38
N THR CA 271 17.91 -53.54 90.23
CA THR CA 271 16.72 -53.27 89.45
C THR CA 271 15.48 -53.86 90.13
N GLY CA 272 14.31 -53.41 89.69
CA GLY CA 272 13.07 -53.94 90.22
C GLY CA 272 12.93 -55.42 89.98
N ALA CA 273 13.42 -55.89 88.83
CA ALA CA 273 13.40 -57.29 88.49
C ALA CA 273 14.43 -57.60 87.41
N ASN CA 274 14.49 -58.85 86.97
CA ASN CA 274 15.41 -59.26 85.92
C ASN CA 274 14.73 -59.17 84.57
N ASN CA 275 15.17 -58.23 83.74
CA ASN CA 275 14.57 -58.00 82.43
C ASN CA 275 15.66 -58.02 81.37
N ILE CA 276 15.28 -58.42 80.16
CA ILE CA 276 16.21 -58.45 79.02
C ILE CA 276 16.22 -57.07 78.38
N VAL CA 277 17.37 -56.41 78.42
CA VAL CA 277 17.48 -55.07 77.85
C VAL CA 277 17.44 -55.10 76.32
N ALA CA 278 18.19 -56.01 75.71
CA ALA CA 278 18.26 -56.05 74.25
C ALA CA 278 18.71 -57.42 73.78
N THR CA 279 18.23 -57.80 72.59
CA THR CA 279 18.66 -59.01 71.90
C THR CA 279 19.03 -58.66 70.47
N ASN CA 280 20.06 -59.33 69.95
CA ASN CA 280 20.54 -59.05 68.61
C ASN CA 280 21.18 -60.29 68.02
N GLN CA 281 21.15 -60.37 66.69
CA GLN CA 281 21.77 -61.47 65.96
C GLN CA 281 21.93 -61.05 64.50
N ASN CA 282 22.86 -61.71 63.82
CA ASN CA 282 23.22 -61.33 62.46
C ASN CA 282 22.67 -62.28 61.40
N GLY CA 283 21.95 -63.34 61.80
CA GLY CA 283 21.34 -64.23 60.83
C GLY CA 283 19.97 -63.78 60.42
N TYR CA 284 19.46 -64.39 59.34
CA TYR CA 284 18.14 -64.06 58.82
C TYR CA 284 17.62 -65.26 58.03
N LYS CA 285 16.33 -65.20 57.69
CA LYS CA 285 15.60 -66.23 56.97
C LYS CA 285 15.45 -65.86 55.50
N PRO CA 286 15.13 -66.83 54.62
CA PRO CA 286 14.91 -66.49 53.22
C PRO CA 286 13.78 -65.50 53.02
N GLY CA 287 13.93 -64.60 52.05
CA GLY CA 287 12.91 -63.62 51.76
C GLY CA 287 12.98 -63.17 50.31
N ASP CA 288 11.88 -62.58 49.85
CA ASP CA 288 11.79 -62.00 48.53
C ASP CA 288 11.51 -60.51 48.65
N LEU CA 289 11.94 -59.76 47.63
CA LEU CA 289 11.85 -58.31 47.68
C LEU CA 289 10.39 -57.87 47.64
N VAL CA 290 10.05 -56.90 48.48
CA VAL CA 290 8.70 -56.33 48.54
C VAL CA 290 8.68 -54.90 48.00
N SER CA 291 9.77 -54.16 48.18
CA SER CA 291 9.83 -52.79 47.68
C SER CA 291 11.27 -52.42 47.35
N TYR CA 292 11.42 -51.34 46.59
CA TYR CA 292 12.72 -50.73 46.35
C TYR CA 292 12.58 -49.23 46.45
N GLN CA 293 13.66 -48.56 46.84
CA GLN CA 293 13.62 -47.12 47.07
C GLN CA 293 15.00 -46.52 46.84
N ILE CA 294 15.02 -45.20 46.69
CA ILE CA 294 16.26 -44.44 46.53
C ILE CA 294 16.38 -43.50 47.73
N ASN CA 295 17.50 -43.58 48.44
CA ASN CA 295 17.72 -42.76 49.61
C ASN CA 295 18.17 -41.36 49.20
N ASN CA 296 18.22 -40.46 50.19
CA ASN CA 296 18.59 -39.07 49.95
C ASN CA 296 20.00 -38.90 49.42
N ASP CA 297 20.89 -39.87 49.65
CA ASP CA 297 22.26 -39.81 49.16
C ASP CA 297 22.48 -40.68 47.93
N GLY CA 298 21.41 -41.18 47.31
CA GLY CA 298 21.53 -41.93 46.07
C GLY CA 298 21.63 -43.43 46.22
N THR CA 299 21.70 -43.95 47.44
CA THR CA 299 21.80 -45.40 47.61
C THR CA 299 20.46 -46.05 47.32
N VAL CA 300 20.47 -47.07 46.45
CA VAL CA 300 19.28 -47.85 46.12
C VAL CA 300 19.17 -48.98 47.12
N VAL CA 301 18.05 -49.02 47.84
CA VAL CA 301 17.82 -49.99 48.91
C VAL CA 301 16.58 -50.81 48.57
N GLY CA 302 16.73 -52.13 48.59
CA GLY CA 302 15.62 -53.03 48.39
C GLY CA 302 15.20 -53.65 49.71
N ASN CA 303 13.92 -53.50 50.03
CA ASN CA 303 13.32 -54.09 51.23
C ASN CA 303 12.65 -55.39 50.83
N TYR CA 304 13.01 -56.47 51.53
CA TYR CA 304 12.59 -57.83 51.21
C TYR CA 304 11.55 -58.29 52.24
N SER CA 305 11.09 -59.53 52.08
CA SER CA 305 10.07 -60.10 52.94
C SER CA 305 10.63 -60.75 54.21
N ASN CA 306 11.95 -60.70 54.41
CA ASN CA 306 12.55 -61.25 55.62
C ASN CA 306 12.88 -60.15 56.60
N GLU CA 307 12.20 -59.01 56.47
CA GLU CA 307 12.40 -57.83 57.31
C GLU CA 307 13.88 -57.43 57.37
N GLN CA 308 14.54 -57.51 56.22
CA GLN CA 308 15.93 -57.07 56.09
C GLN CA 308 16.11 -56.36 54.77
N GLU CA 309 16.88 -55.28 54.77
CA GLU CA 309 17.11 -54.48 53.58
C GLU CA 309 18.51 -54.74 53.02
N GLN CA 310 18.62 -54.58 51.70
CA GLN CA 310 19.89 -54.77 51.00
C GLN CA 310 20.20 -53.53 50.17
N VAL CA 311 21.49 -53.21 50.07
CA VAL CA 311 21.91 -52.15 49.13
C VAL CA 311 22.21 -52.79 47.79
N LEU CA 312 21.68 -52.20 46.72
CA LEU CA 312 21.87 -52.73 45.37
C LEU CA 312 22.56 -51.76 44.43
N GLY CA 313 22.87 -50.56 44.88
CA GLY CA 313 23.63 -49.62 44.06
C GLY CA 313 23.55 -48.23 44.65
N GLN CA 314 24.54 -47.41 44.27
CA GLN CA 314 24.61 -46.02 44.72
C GLN CA 314 24.73 -45.13 43.49
N ILE CA 315 23.81 -44.16 43.37
CA ILE CA 315 23.85 -43.25 42.24
C ILE CA 315 25.06 -42.34 42.36
N VAL CA 316 25.84 -42.27 41.29
CA VAL CA 316 27.04 -41.44 41.24
C VAL CA 316 26.71 -40.14 40.53
N LEU CA 317 27.22 -39.03 41.05
CA LEU CA 317 27.11 -37.74 40.41
C LEU CA 317 28.45 -37.34 39.82
N ALA CA 318 28.42 -36.45 38.83
CA ALA CA 318 29.63 -35.98 38.17
C ALA CA 318 29.56 -34.47 37.99
N ASN CA 319 30.67 -33.80 38.30
CA ASN CA 319 30.78 -32.36 38.10
C ASN CA 319 31.97 -32.07 37.19
N PHE CA 320 31.97 -30.88 36.60
CA PHE CA 320 32.95 -30.52 35.60
C PHE CA 320 33.62 -29.20 35.96
N ALA CA 321 34.81 -29.00 35.40
CA ALA CA 321 35.51 -27.72 35.55
C ALA CA 321 34.75 -26.61 34.86
N ASN CA 322 34.09 -26.92 33.74
CA ASN CA 322 33.41 -25.92 32.91
C ASN CA 322 32.06 -26.53 32.54
N ASN CA 323 31.01 -26.16 33.28
CA ASN CA 323 29.67 -26.62 32.95
C ASN CA 323 29.21 -26.11 31.58
N GLU CA 324 29.52 -24.86 31.26
CA GLU CA 324 29.10 -24.30 29.98
C GLU CA 324 29.90 -24.86 28.81
N GLY CA 325 30.96 -25.63 29.08
CA GLY CA 325 31.75 -26.21 28.02
C GLY CA 325 31.21 -27.52 27.47
N LEU CA 326 30.20 -28.10 28.13
CA LEU CA 326 29.64 -29.36 27.66
C LEU CA 326 28.85 -29.16 26.37
N ALA CA 327 28.81 -30.21 25.55
CA ALA CA 327 28.09 -30.19 24.29
C ALA CA 327 26.75 -30.90 24.46
N SER CA 328 25.66 -30.21 24.15
CA SER CA 328 24.33 -30.80 24.26
C SER CA 328 24.07 -31.74 23.10
N GLN CA 329 23.76 -32.99 23.41
CA GLN CA 329 23.51 -34.02 22.41
C GLN CA 329 22.03 -34.24 22.13
N GLY CA 330 21.14 -33.48 22.77
CA GLY CA 330 19.72 -33.70 22.64
C GLY CA 330 19.20 -34.70 23.66
N ASP CA 331 17.87 -34.74 23.78
CA ASP CA 331 17.20 -35.58 24.76
C ASP CA 331 17.71 -35.31 26.17
N ASN CA 332 17.70 -34.02 26.55
CA ASN CA 332 18.24 -33.51 27.82
C ASN CA 332 19.47 -34.28 28.28
N VAL CA 333 20.48 -34.32 27.41
CA VAL CA 333 21.72 -35.06 27.65
C VAL CA 333 22.90 -34.20 27.25
N TRP CA 334 23.92 -34.17 28.11
CA TRP CA 334 25.19 -33.51 27.83
C TRP CA 334 26.28 -34.56 27.72
N ALA CA 335 27.21 -34.36 26.79
CA ALA CA 335 28.34 -35.25 26.59
C ALA CA 335 29.64 -34.53 26.94
N ALA CA 336 30.62 -35.29 27.43
CA ALA CA 336 31.88 -34.70 27.81
C ALA CA 336 32.61 -34.13 26.60
N THR CA 337 33.23 -32.97 26.79
CA THR CA 337 33.87 -32.22 25.72
C THR CA 337 35.15 -31.60 26.29
N GLN CA 338 36.12 -31.34 25.40
CA GLN CA 338 37.40 -30.80 25.84
C GLN CA 338 37.21 -29.51 26.63
N ALA CA 339 36.32 -28.63 26.17
CA ALA CA 339 36.11 -27.36 26.87
C ALA CA 339 35.64 -27.56 28.30
N SER CA 340 35.05 -28.71 28.63
CA SER CA 340 34.59 -28.95 29.99
C SER CA 340 35.59 -29.73 30.84
N GLY CA 341 36.45 -30.53 30.20
CA GLY CA 341 37.39 -31.35 30.93
C GLY CA 341 36.79 -32.67 31.36
N VAL CA 342 37.64 -33.49 31.99
CA VAL CA 342 37.22 -34.80 32.45
C VAL CA 342 36.22 -34.65 33.59
N ALA CA 343 35.25 -35.56 33.65
CA ALA CA 343 34.21 -35.50 34.66
C ALA CA 343 34.73 -36.03 35.99
N LEU CA 344 34.60 -35.22 37.04
CA LEU CA 344 34.98 -35.63 38.38
C LEU CA 344 33.79 -36.30 39.05
N LEU CA 345 33.98 -37.56 39.46
CA LEU CA 345 32.92 -38.38 40.02
C LEU CA 345 32.83 -38.20 41.54
N GLY CA 346 31.65 -38.46 42.07
CA GLY CA 346 31.45 -38.39 43.50
C GLY CA 346 30.06 -38.84 43.88
N THR CA 347 29.74 -38.66 45.16
CA THR CA 347 28.44 -39.04 45.70
C THR CA 347 27.74 -37.80 46.26
N ALA CA 348 26.44 -37.93 46.46
CA ALA CA 348 25.65 -36.82 46.99
C ALA CA 348 26.08 -36.47 48.40
N GLY CA 349 26.12 -35.17 48.68
CA GLY CA 349 26.49 -34.70 50.00
C GLY CA 349 27.96 -34.78 50.34
N SER CA 350 28.82 -35.01 49.34
CA SER CA 350 30.25 -35.10 49.56
C SER CA 350 30.96 -34.16 48.59
N GLY CA 351 32.02 -33.52 49.07
CA GLY CA 351 32.75 -32.59 48.22
C GLY CA 351 31.87 -31.43 47.81
N ASN CA 352 31.78 -31.20 46.50
CA ASN CA 352 30.97 -30.12 45.93
C ASN CA 352 29.74 -30.65 45.20
N PHE CA 353 29.10 -31.70 45.72
CA PHE CA 353 27.94 -32.30 45.10
C PHE CA 353 26.72 -32.08 45.99
N GLY CA 354 25.60 -31.73 45.39
CA GLY CA 354 24.40 -31.40 46.13
C GLY CA 354 23.62 -32.62 46.59
N LYS CA 355 22.55 -32.35 47.31
CA LYS CA 355 21.70 -33.39 47.87
C LYS CA 355 20.74 -33.93 46.81
N LEU CA 356 20.27 -35.16 47.04
CA LEU CA 356 19.26 -35.76 46.17
C LEU CA 356 17.92 -35.82 46.90
N THR CA 357 16.88 -35.35 46.23
CA THR CA 357 15.53 -35.38 46.75
C THR CA 357 14.72 -36.42 45.99
N ASN CA 358 14.24 -37.42 46.70
CA ASN CA 358 13.42 -38.47 46.09
C ASN CA 358 11.99 -37.99 45.91
N GLY CA 359 11.34 -38.49 44.86
CA GLY CA 359 9.98 -38.11 44.57
C GLY CA 359 9.82 -36.68 44.08
N ALA CA 360 10.88 -36.09 43.53
CA ALA CA 360 10.85 -34.72 43.05
C ALA CA 360 11.62 -34.63 41.75
N LEU CA 361 11.29 -33.63 40.95
CA LEU CA 361 11.90 -33.41 39.65
C LEU CA 361 12.31 -31.96 39.51
N GLU CA 362 13.46 -31.75 38.85
CA GLU CA 362 13.95 -30.40 38.60
C GLU CA 362 13.35 -29.87 37.31
N ALA CA 363 12.45 -28.89 37.43
CA ALA CA 363 11.81 -28.31 36.27
C ALA CA 363 12.80 -27.43 35.51
N SER CA 364 12.38 -26.97 34.33
CA SER CA 364 13.21 -26.13 33.49
C SER CA 364 13.37 -24.75 34.15
N ASN CA 365 14.37 -24.00 33.70
CA ASN CA 365 14.65 -22.68 34.24
C ASN CA 365 14.33 -21.58 33.24
N VAL CA 366 13.40 -21.83 32.33
CA VAL CA 366 13.01 -20.85 31.31
C VAL CA 366 11.84 -20.05 31.85
N ASP CA 367 12.03 -18.74 31.98
CA ASP CA 367 10.93 -17.86 32.37
C ASP CA 367 10.33 -17.23 31.12
N LEU CA 368 9.01 -17.43 30.95
CA LEU CA 368 8.33 -17.07 29.72
C LEU CA 368 8.29 -15.56 29.48
N SER CA 369 8.07 -14.84 30.58
CA SER CA 369 8.01 -13.37 30.51
C SER CA 369 9.34 -12.88 29.95
N LYS CA 370 10.44 -13.18 30.66
CA LYS CA 370 11.76 -12.68 30.22
C LYS CA 370 12.00 -13.09 28.77
N GLU CA 371 11.42 -14.20 28.31
CA GLU CA 371 11.72 -14.66 26.92
C GLU CA 371 10.92 -13.81 25.94
N LEU CA 372 9.61 -13.70 26.12
CA LEU CA 372 8.77 -12.93 25.21
C LEU CA 372 9.34 -11.53 24.97
N VAL CA 373 9.83 -10.89 26.03
CA VAL CA 373 10.41 -9.55 25.87
C VAL CA 373 11.63 -9.61 24.96
N ASN CA 374 12.50 -10.61 25.18
CA ASN CA 374 13.67 -10.76 24.31
C ASN CA 374 13.27 -11.07 22.89
N MET CA 375 12.17 -11.80 22.70
CA MET CA 375 11.64 -12.06 21.37
C MET CA 375 11.28 -10.77 20.68
N ILE CA 376 10.61 -9.86 21.40
CA ILE CA 376 10.23 -8.58 20.83
C ILE CA 376 11.47 -7.79 20.43
N VAL CA 377 12.45 -7.73 21.33
CA VAL CA 377 13.66 -6.96 21.06
C VAL CA 377 14.40 -7.51 19.84
N ALA CA 378 14.53 -8.84 19.77
CA ALA CA 378 15.25 -9.46 18.65
C ALA CA 378 14.48 -9.28 17.34
N GLN CA 379 13.14 -9.31 17.40
CA GLN CA 379 12.35 -8.98 16.23
C GLN CA 379 12.68 -7.59 15.71
N ARG CA 380 12.76 -6.61 16.63
CA ARG CA 380 13.08 -5.26 16.21
C ARG CA 380 14.47 -5.16 15.61
N ASN CA 381 15.45 -5.86 16.21
CA ASN CA 381 16.79 -5.87 15.65
C ASN CA 381 16.81 -6.49 14.24
N TYR CA 382 16.08 -7.59 14.06
CA TYR CA 382 16.01 -8.25 12.76
C TYR CA 382 15.39 -7.33 11.71
N GLN CA 383 14.33 -6.62 12.08
CA GLN CA 383 13.70 -5.70 11.15
C GLN CA 383 14.64 -4.54 10.80
N SER CA 384 15.40 -4.05 11.77
CA SER CA 384 16.37 -2.99 11.49
C SER CA 384 17.44 -3.46 10.51
N ASN CA 385 17.93 -4.69 10.69
CA ASN CA 385 18.91 -5.22 9.76
C ASN CA 385 18.32 -5.39 8.36
N ALA CA 386 17.06 -5.83 8.27
CA ALA CA 386 16.40 -5.92 6.98
C ALA CA 386 16.27 -4.54 6.34
N GLN CA 387 15.99 -3.51 7.15
CA GLN CA 387 15.92 -2.15 6.63
C GLN CA 387 17.27 -1.72 6.06
N THR CA 388 18.36 -2.06 6.74
CA THR CA 388 19.69 -1.74 6.22
C THR CA 388 19.94 -2.45 4.89
N ILE CA 389 19.51 -3.71 4.79
CA ILE CA 389 19.64 -4.44 3.53
C ILE CA 389 18.88 -3.72 2.42
N LYS CA 390 17.66 -3.28 2.71
CA LYS CA 390 16.86 -2.57 1.72
C LYS CA 390 17.53 -1.28 1.30
N THR CA 391 18.13 -0.57 2.26
CA THR CA 391 18.84 0.67 1.94
C THR CA 391 20.00 0.41 0.98
N GLN CA 392 20.79 -0.64 1.24
CA GLN CA 392 21.90 -0.96 0.35
C GLN CA 392 21.38 -1.40 -1.03
N ASP CA 393 20.24 -2.08 -1.04
CA ASP CA 393 19.62 -2.46 -2.31
C ASP CA 393 19.26 -1.23 -3.14
N GLN CA 394 18.66 -0.23 -2.49
CA GLN CA 394 18.33 1.00 -3.21
C GLN CA 394 19.59 1.74 -3.65
N ILE CA 395 20.65 1.68 -2.84
CA ILE CA 395 21.93 2.26 -3.25
C ILE CA 395 22.41 1.63 -4.56
N LEU CA 396 22.42 0.30 -4.61
CA LEU CA 396 22.87 -0.38 -5.82
C LEU CA 396 21.95 -0.08 -6.99
N ASN CA 397 20.64 0.06 -6.71
CA ASN CA 397 19.70 0.39 -7.78
C ASN CA 397 20.00 1.76 -8.39
N THR CA 398 20.18 2.78 -7.53
CA THR CA 398 20.38 4.13 -8.06
C THR CA 398 21.74 4.24 -8.74
N LEU CA 399 22.70 3.40 -8.34
CA LEU CA 399 23.96 3.39 -9.07
C LEU CA 399 23.82 2.70 -10.42
N VAL CA 400 23.08 1.58 -10.47
CA VAL CA 400 22.94 0.83 -11.71
C VAL CA 400 22.16 1.63 -12.75
N ASN CA 401 21.10 2.32 -12.33
CA ASN CA 401 20.22 2.97 -13.29
C ASN CA 401 20.85 4.23 -13.89
N LEU CA 402 22.10 4.52 -13.55
CA LEU CA 402 22.79 5.67 -14.13
C LEU CA 402 23.13 5.40 -15.60
N SER DA 2 18.79 18.97 6.10
CA SER DA 2 17.72 19.82 6.68
C SER DA 2 17.03 19.07 7.81
N PHE DA 3 17.49 17.86 8.11
CA PHE DA 3 16.82 17.05 9.16
C PHE DA 3 17.24 17.64 10.51
N SER DA 4 17.99 18.73 10.46
CA SER DA 4 18.51 19.39 11.69
C SER DA 4 17.42 19.50 12.75
N GLN DA 5 16.19 19.78 12.34
CA GLN DA 5 15.12 20.01 13.35
C GLN DA 5 14.45 18.68 13.67
N ALA DA 6 14.13 17.91 12.65
CA ALA DA 6 13.37 16.68 12.90
C ALA DA 6 14.19 15.69 13.71
N VAL DA 7 15.48 15.57 13.42
CA VAL DA 7 16.32 14.64 14.17
C VAL DA 7 16.40 15.06 15.64
N SER DA 8 16.57 16.36 15.89
CA SER DA 8 16.64 16.87 17.26
C SER DA 8 15.32 16.65 17.98
N GLY DA 9 14.20 16.88 17.29
CA GLY DA 9 12.91 16.63 17.91
C GLY DA 9 12.70 15.17 18.26
N LEU DA 10 13.11 14.28 17.36
CA LEU DA 10 13.01 12.85 17.62
C LEU DA 10 13.87 12.45 18.81
N ASN DA 11 15.09 13.00 18.89
CA ASN DA 11 15.97 12.69 20.01
C ASN DA 11 15.39 13.20 21.33
N ALA DA 12 14.81 14.40 21.31
CA ALA DA 12 14.19 14.93 22.52
C ALA DA 12 13.00 14.10 22.96
N ALA DA 13 12.16 13.68 22.00
CA ALA DA 13 11.03 12.83 22.34
C ALA DA 13 11.49 11.49 22.90
N ALA DA 14 12.55 10.93 22.32
CA ALA DA 14 13.10 9.67 22.83
C ALA DA 14 13.64 9.84 24.24
N THR DA 15 14.32 10.95 24.51
CA THR DA 15 14.83 11.22 25.85
C THR DA 15 13.69 11.33 26.86
N ASN DA 16 12.64 12.07 26.49
CA ASN DA 16 11.49 12.22 27.39
C ASN DA 16 10.83 10.87 27.65
N LEU DA 17 10.69 10.05 26.60
CA LEU DA 17 10.06 8.74 26.75
C LEU DA 17 10.93 7.83 27.63
N ASP DA 18 12.25 7.90 27.47
CA ASP DA 18 13.13 7.13 28.34
C ASP DA 18 13.01 7.58 29.79
N VAL DA 19 12.91 8.89 30.03
CA VAL DA 19 12.74 9.39 31.38
C VAL DA 19 11.44 8.88 31.98
N ILE DA 20 10.37 8.92 31.19
CA ILE DA 20 9.07 8.44 31.68
C ILE DA 20 9.14 6.94 32.00
N GLY DA 21 9.77 6.16 31.12
CA GLY DA 21 9.91 4.73 31.38
C GLY DA 21 10.74 4.43 32.61
N ASN DA 22 11.82 5.19 32.81
CA ASN DA 22 12.63 5.02 34.00
C ASN DA 22 11.85 5.36 35.26
N ASN DA 23 11.04 6.42 35.21
CA ASN DA 23 10.18 6.76 36.33
C ASN DA 23 9.19 5.63 36.61
N ILE DA 24 8.63 5.05 35.57
CA ILE DA 24 7.70 3.93 35.73
C ILE DA 24 8.40 2.75 36.39
N ALA DA 25 9.63 2.49 35.96
CA ALA DA 25 10.36 1.30 36.45
C ALA DA 25 10.76 1.45 37.92
N ASN DA 26 11.15 2.66 38.34
CA ASN DA 26 11.64 2.84 39.72
C ASN DA 26 10.47 3.19 40.64
N SER DA 27 9.26 2.77 40.29
CA SER DA 27 8.06 3.15 41.08
C SER DA 27 8.12 2.60 42.51
N ALA DA 28 8.84 1.51 42.74
CA ALA DA 28 8.82 0.90 44.09
C ALA DA 28 10.19 1.05 44.75
N THR DA 29 10.95 2.08 44.38
CA THR DA 29 12.32 2.24 44.91
C THR DA 29 12.32 3.21 46.09
N TYR DA 30 12.08 2.74 47.31
CA TYR DA 30 12.22 3.66 48.43
C TYR DA 30 13.36 4.65 48.19
N GLY DA 31 13.11 5.93 48.44
CA GLY DA 31 14.12 6.94 48.26
C GLY DA 31 14.32 7.41 46.84
N PHE DA 32 13.39 7.11 45.93
CA PHE DA 32 13.50 7.52 44.55
C PHE DA 32 12.74 8.82 44.31
N LYS DA 33 13.33 9.72 43.55
CA LYS DA 33 12.69 10.95 43.11
C LYS DA 33 12.53 10.93 41.60
N SER DA 34 11.32 11.24 41.13
CA SER DA 34 11.06 11.25 39.70
C SER DA 34 11.86 12.34 39.00
N GLY DA 35 11.98 12.21 37.69
CA GLY DA 35 12.72 13.17 36.88
C GLY DA 35 11.88 13.66 35.72
N THR DA 36 12.20 14.86 35.24
CA THR DA 36 11.52 15.47 34.09
C THR DA 36 12.55 16.15 33.20
N ALA DA 37 12.46 15.88 31.90
CA ALA DA 37 13.37 16.51 30.95
C ALA DA 37 12.93 17.93 30.67
N SER DA 38 13.90 18.84 30.54
CA SER DA 38 13.63 20.23 30.22
C SER DA 38 14.21 20.56 28.85
N PHE DA 39 13.36 21.07 27.97
CA PHE DA 39 13.71 21.29 26.58
C PHE DA 39 13.90 22.78 26.30
N ALA DA 40 14.77 23.07 25.34
CA ALA DA 40 15.04 24.43 24.89
C ALA DA 40 15.30 24.42 23.39
N ASP DA 41 14.86 25.49 22.73
CA ASP DA 41 15.09 25.62 21.30
C ASP DA 41 16.49 26.16 21.02
N MET DA 42 16.95 25.97 19.78
CA MET DA 42 18.31 26.32 19.41
C MET DA 42 18.37 27.23 18.19
N PHE DA 43 17.59 28.31 18.18
CA PHE DA 43 17.70 29.29 17.11
C PHE DA 43 19.13 29.79 17.01
N ALA DA 44 19.65 29.83 15.77
CA ALA DA 44 21.05 30.17 15.52
C ALA DA 44 21.10 31.09 14.30
N GLY DA 45 21.13 32.40 14.55
CA GLY DA 45 21.25 33.37 13.50
C GLY DA 45 19.97 33.55 12.69
N SER DA 46 19.60 32.53 11.93
CA SER DA 46 18.41 32.60 11.11
C SER DA 46 17.16 32.50 11.97
N LYS DA 47 16.01 32.73 11.35
CA LYS DA 47 14.72 32.67 12.04
C LYS DA 47 13.99 31.36 11.81
N VAL DA 48 14.66 30.34 11.27
CA VAL DA 48 13.97 29.13 10.85
C VAL DA 48 13.80 28.14 11.98
N GLY DA 49 14.35 28.40 13.17
CA GLY DA 49 14.17 27.46 14.25
C GLY DA 49 14.93 26.16 14.07
N LEU DA 50 16.26 26.22 14.20
CA LEU DA 50 17.15 25.11 13.86
C LEU DA 50 16.73 23.79 14.48
N GLY DA 51 16.22 23.80 15.70
CA GLY DA 51 15.73 22.58 16.31
C GLY DA 51 15.41 22.74 17.77
N VAL DA 52 15.56 21.64 18.50
CA VAL DA 52 15.35 21.60 19.95
C VAL DA 52 16.50 20.85 20.60
N LYS DA 53 16.71 21.11 21.88
CA LYS DA 53 17.71 20.41 22.67
C LYS DA 53 17.20 20.23 24.09
N VAL DA 54 17.74 19.22 24.77
CA VAL DA 54 17.38 18.98 26.16
C VAL DA 54 18.33 19.77 27.05
N ALA DA 55 17.80 20.79 27.72
CA ALA DA 55 18.62 21.63 28.58
C ALA DA 55 19.09 20.89 29.84
N GLY DA 56 18.41 19.81 30.20
CA GLY DA 56 18.81 19.04 31.37
C GLY DA 56 17.68 18.14 31.82
N ILE DA 57 17.94 17.47 32.94
CA ILE DA 57 16.96 16.61 33.59
C ILE DA 57 16.83 17.08 35.03
N THR DA 58 15.64 17.51 35.41
CA THR DA 58 15.39 18.06 36.73
C THR DA 58 14.68 17.04 37.61
N GLN DA 59 15.20 16.86 38.82
CA GLN DA 59 14.60 15.97 39.79
C GLN DA 59 13.36 16.62 40.41
N ASP DA 60 12.54 15.79 41.04
CA ASP DA 60 11.36 16.26 41.77
C ASP DA 60 11.55 15.81 43.22
N PHE DA 61 12.11 16.70 44.04
CA PHE DA 61 12.45 16.38 45.42
C PHE DA 61 11.28 16.63 46.37
N THR DA 62 10.14 16.03 46.06
CA THR DA 62 8.99 16.08 46.94
C THR DA 62 8.91 14.81 47.76
N ASP DA 63 8.62 14.95 49.06
CA ASP DA 63 8.59 13.81 49.95
C ASP DA 63 7.53 12.80 49.52
N GLY DA 64 7.92 11.52 49.52
CA GLY DA 64 7.00 10.46 49.20
C GLY DA 64 6.20 10.01 50.40
N THR DA 65 5.29 9.07 50.16
CA THR DA 65 4.46 8.55 51.25
C THR DA 65 5.30 7.74 52.22
N THR DA 66 5.03 7.91 53.51
CA THR DA 66 5.76 7.23 54.56
C THR DA 66 5.02 5.95 54.93
N THR DA 67 5.66 4.79 54.71
CA THR DA 67 5.05 3.50 54.95
C THR DA 67 5.74 2.80 56.10
N ASN DA 68 4.96 2.46 57.12
CA ASN DA 68 5.56 1.89 58.36
C ASN DA 68 5.95 0.43 58.15
N THR DA 69 7.03 0.19 57.41
CA THR DA 69 7.52 -1.20 57.26
C THR DA 69 7.75 -1.77 58.66
N GLY DA 70 8.29 -0.98 59.58
CA GLY DA 70 8.42 -1.44 60.97
C GLY DA 70 9.83 -1.80 61.37
N ARG DA 71 10.58 -2.47 60.49
CA ARG DA 71 11.95 -2.93 60.88
C ARG DA 71 12.62 -1.75 61.62
N GLY DA 72 13.08 -1.96 62.84
CA GLY DA 72 13.63 -0.85 63.64
C GLY DA 72 14.65 -0.03 62.90
N LEU DA 73 15.63 -0.67 62.26
CA LEU DA 73 16.74 0.10 61.62
C LEU DA 73 16.16 1.07 60.59
N ASP DA 74 15.02 0.71 60.00
CA ASP DA 74 14.45 1.57 58.93
C ASP DA 74 14.18 2.96 59.50
N VAL DA 75 14.67 4.00 58.82
CA VAL DA 75 14.37 5.36 59.24
C VAL DA 75 13.94 6.15 58.02
N ALA DA 76 12.75 6.73 58.08
CA ALA DA 76 12.25 7.61 57.05
C ALA DA 76 12.57 9.05 57.40
N ILE DA 77 12.83 9.85 56.38
CA ILE DA 77 13.19 11.25 56.58
C ILE DA 77 12.06 12.14 56.08
N SER DA 78 11.67 13.11 56.89
CA SER DA 78 10.60 14.02 56.51
C SER DA 78 11.18 15.40 56.22
N GLN DA 79 10.50 16.15 55.35
CA GLN DA 79 10.91 17.50 54.96
C GLN DA 79 12.28 17.42 54.32
N ASN DA 80 13.11 18.44 54.52
CA ASN DA 80 14.43 18.49 53.89
C ASN DA 80 15.44 17.67 54.69
N GLY DA 81 16.51 17.30 54.04
CA GLY DA 81 17.60 16.54 54.66
C GLY DA 81 18.02 15.39 53.77
N PHE DA 82 19.26 14.93 53.98
CA PHE DA 82 19.82 13.82 53.24
C PHE DA 82 20.69 12.97 54.15
N PHE DA 83 20.50 11.65 54.07
CA PHE DA 83 21.36 10.72 54.80
C PHE DA 83 22.75 10.71 54.18
N ARG DA 84 23.78 10.68 55.03
CA ARG DA 84 25.16 10.79 54.60
C ARG DA 84 25.87 9.44 54.75
N LEU DA 85 26.49 8.98 53.67
CA LEU DA 85 27.16 7.69 53.62
C LEU DA 85 28.58 7.86 53.09
N VAL DA 86 29.42 6.86 53.37
CA VAL DA 86 30.78 6.80 52.82
C VAL DA 86 31.01 5.40 52.28
N ASP DA 87 31.71 5.33 51.14
CA ASP DA 87 32.09 4.05 50.55
C ASP DA 87 33.39 3.56 51.18
N SER DA 88 33.94 2.48 50.61
CA SER DA 88 35.18 1.93 51.13
C SER DA 88 36.39 2.81 50.83
N ASN DA 89 36.26 3.75 49.91
CA ASN DA 89 37.37 4.62 49.53
C ASN DA 89 37.28 6.01 50.13
N GLY DA 90 36.34 6.24 51.04
CA GLY DA 90 36.27 7.52 51.75
C GLY DA 90 35.44 8.59 51.08
N SER DA 91 34.90 8.34 49.88
CA SER DA 91 34.07 9.33 49.22
C SER DA 91 32.76 9.50 49.97
N VAL DA 92 32.19 10.70 49.90
CA VAL DA 92 30.98 11.05 50.62
C VAL DA 92 29.81 11.07 49.65
N PHE DA 93 28.71 10.44 50.03
CA PHE DA 93 27.52 10.32 49.20
C PHE DA 93 26.28 10.61 50.05
N TYR DA 94 25.18 10.89 49.37
CA TYR DA 94 23.94 11.27 50.03
C TYR DA 94 22.76 10.50 49.46
N SER DA 95 21.83 10.12 50.32
CA SER DA 95 20.71 9.28 49.93
C SER DA 95 19.53 9.52 50.84
N ARG DA 96 18.33 9.45 50.26
CA ARG DA 96 17.10 9.51 51.04
C ARG DA 96 16.58 8.14 51.44
N ASN DA 97 17.20 7.07 50.98
CA ASN DA 97 16.77 5.71 51.32
C ASN DA 97 17.23 5.40 52.74
N GLY DA 98 16.30 4.96 53.58
CA GLY DA 98 16.60 4.71 54.98
C GLY DA 98 16.58 3.25 55.37
N GLN DA 99 16.85 2.35 54.43
CA GLN DA 99 16.88 0.92 54.72
C GLN DA 99 18.30 0.55 55.12
N PHE DA 100 18.52 0.35 56.41
CA PHE DA 100 19.85 0.09 56.97
C PHE DA 100 19.90 -1.29 57.61
N LYS DA 101 21.12 -1.81 57.71
CA LYS DA 101 21.39 -3.06 58.41
C LYS DA 101 22.80 -3.02 58.98
N LEU DA 102 23.04 -3.86 59.97
CA LEU DA 102 24.38 -3.99 60.56
C LEU DA 102 25.13 -5.12 59.87
N ASP DA 103 26.33 -4.81 59.38
CA ASP DA 103 27.15 -5.80 58.72
C ASP DA 103 27.90 -6.65 59.75
N GLU DA 104 28.84 -7.46 59.25
CA GLU DA 104 29.57 -8.38 60.13
C GLU DA 104 30.48 -7.64 61.11
N ASN DA 105 31.02 -6.50 60.68
CA ASN DA 105 31.90 -5.71 61.57
C ASN DA 105 31.02 -4.77 62.38
N ARG DA 106 29.71 -5.03 62.41
CA ARG DA 106 28.77 -4.19 63.20
C ARG DA 106 28.80 -2.73 62.73
N ASN DA 107 28.87 -2.50 61.42
CA ASN DA 107 28.82 -1.11 60.89
C ASN DA 107 27.48 -0.89 60.19
N LEU DA 108 26.76 0.17 60.57
CA LEU DA 108 25.48 0.50 59.95
C LEU DA 108 25.71 0.74 58.46
N VAL DA 109 25.13 -0.12 57.63
CA VAL DA 109 25.26 -0.02 56.18
C VAL DA 109 23.88 -0.21 55.57
N ASN DA 110 23.71 0.33 54.36
CA ASN DA 110 22.49 0.12 53.60
C ASN DA 110 22.64 -1.16 52.77
N MET DA 111 21.73 -1.37 51.82
CA MET DA 111 21.76 -2.61 51.04
C MET DA 111 23.03 -2.75 50.23
N GLN DA 112 23.62 -1.63 49.80
CA GLN DA 112 24.82 -1.67 48.96
C GLN DA 112 26.11 -1.68 49.76
N GLY DA 113 26.04 -1.72 51.09
CA GLY DA 113 27.24 -1.76 51.90
C GLY DA 113 27.87 -0.42 52.19
N MET DA 114 27.22 0.68 51.83
CA MET DA 114 27.78 2.00 52.10
C MET DA 114 27.60 2.33 53.58
N GLN DA 115 28.68 2.77 54.21
CA GLN DA 115 28.71 2.97 55.65
C GLN DA 115 28.00 4.28 56.03
N LEU DA 116 26.97 4.17 56.86
CA LEU DA 116 26.27 5.34 57.36
C LEU DA 116 27.17 6.11 58.31
N THR DA 117 27.16 7.44 58.20
CA THR DA 117 28.02 8.30 58.99
C THR DA 117 27.20 9.16 59.95
N GLY DA 118 27.89 9.71 60.94
CA GLY DA 118 27.26 10.58 61.90
C GLY DA 118 28.25 11.05 62.93
N TYR DA 119 27.74 11.84 63.87
CA TYR DA 119 28.57 12.30 64.97
C TYR DA 119 28.81 11.16 65.95
N PRO DA 120 30.06 10.80 66.22
CA PRO DA 120 30.32 9.71 67.17
C PRO DA 120 30.35 10.22 68.60
N ALA DA 121 30.34 9.28 69.53
CA ALA DA 121 30.38 9.59 70.96
C ALA DA 121 31.69 9.09 71.56
N THR DA 122 32.28 9.89 72.45
CA THR DA 122 33.52 9.53 73.12
C THR DA 122 33.44 9.94 74.58
N GLY DA 123 34.32 9.35 75.39
CA GLY DA 123 34.36 9.66 76.81
C GLY DA 123 33.63 8.64 77.65
N THR DA 124 33.69 8.87 78.97
CA THR DA 124 33.04 7.99 79.94
C THR DA 124 32.30 8.83 80.98
N PRO DA 125 30.98 8.97 80.88
CA PRO DA 125 30.09 8.38 79.86
C PRO DA 125 30.22 9.07 78.50
N PRO DA 126 30.02 8.32 77.41
CA PRO DA 126 30.14 8.93 76.08
C PRO DA 126 29.12 10.03 75.87
N THR DA 127 29.56 11.09 75.19
CA THR DA 127 28.70 12.21 74.84
C THR DA 127 28.75 12.42 73.34
N ILE DA 128 27.61 12.80 72.77
CA ILE DA 128 27.53 12.99 71.32
C ILE DA 128 28.41 14.18 70.93
N GLN DA 129 29.41 13.91 70.08
CA GLN DA 129 30.39 14.91 69.69
C GLN DA 129 29.85 15.67 68.48
N GLN DA 130 28.83 16.48 68.73
CA GLN DA 130 28.14 17.17 67.59
C GLN DA 130 29.15 17.97 66.78
N GLY DA 131 30.32 18.26 67.36
CA GLY DA 131 31.34 18.98 66.60
C GLY DA 131 32.23 18.02 65.84
N ALA DA 132 32.59 16.89 66.45
CA ALA DA 132 33.55 15.97 65.82
C ALA DA 132 33.16 15.71 64.36
N ASN DA 133 34.14 15.79 63.46
CA ASN DA 133 33.85 15.46 62.04
C ASN DA 133 33.07 14.15 61.99
N PRO DA 134 32.07 14.01 61.12
CA PRO DA 134 31.22 12.81 61.03
C PRO DA 134 32.07 11.57 60.78
N ALA DA 135 31.71 10.48 61.44
CA ALA DA 135 32.40 9.20 61.34
C ALA DA 135 31.39 8.08 61.16
N PRO DA 136 31.81 6.96 60.58
CA PRO DA 136 30.89 5.81 60.46
C PRO DA 136 30.39 5.36 61.83
N ILE DA 137 29.11 5.01 61.89
CA ILE DA 137 28.50 4.64 63.15
C ILE DA 137 28.66 3.14 63.37
N THR DA 138 29.16 2.77 64.55
CA THR DA 138 29.39 1.38 64.91
C THR DA 138 28.58 1.02 66.15
N ILE DA 139 28.20 -0.24 66.25
CA ILE DA 139 27.42 -0.73 67.39
C ILE DA 139 28.18 -1.90 68.00
N PRO DA 140 29.25 -1.66 68.77
CA PRO DA 140 30.01 -2.77 69.33
C PRO DA 140 29.20 -3.57 70.33
N ASN DA 141 29.49 -4.87 70.39
CA ASN DA 141 28.84 -5.78 71.33
C ASN DA 141 29.69 -6.01 72.58
N THR DA 142 30.80 -5.30 72.73
CA THR DA 142 31.67 -5.49 73.88
C THR DA 142 30.94 -5.17 75.18
N LEU DA 143 31.27 -5.92 76.23
CA LEU DA 143 30.64 -5.74 77.51
C LEU DA 143 30.97 -4.36 78.09
N MET DA 144 29.97 -3.75 78.69
CA MET DA 144 30.05 -2.39 79.20
C MET DA 144 30.63 -2.40 80.61
N ALA DA 145 31.67 -1.60 80.83
CA ALA DA 145 32.35 -1.54 82.10
C ALA DA 145 31.46 -0.84 83.13
N ALA DA 146 31.83 -0.90 84.40
CA ALA DA 146 31.06 -0.28 85.48
C ALA DA 146 31.76 0.95 86.01
N LYS DA 147 30.95 1.90 86.49
CA LYS DA 147 31.44 3.16 87.05
C LYS DA 147 31.32 3.11 88.56
N SER DA 148 32.44 3.31 89.25
CA SER DA 148 32.42 3.36 90.71
C SER DA 148 31.54 4.51 91.18
N THR DA 149 30.77 4.26 92.23
CA THR DA 149 29.87 5.28 92.77
C THR DA 149 30.67 6.44 93.34
N THR DA 150 30.45 7.63 92.79
CA THR DA 150 31.13 8.84 93.25
C THR DA 150 30.19 9.93 93.74
N THR DA 151 28.93 9.92 93.30
CA THR DA 151 27.92 10.87 93.75
C THR DA 151 26.62 10.14 94.00
N ALA DA 152 25.99 10.40 95.15
CA ALA DA 152 24.70 9.83 95.47
C ALA DA 152 23.86 10.88 96.17
N SER DA 153 22.55 10.79 96.00
CA SER DA 153 21.61 11.73 96.59
C SER DA 153 20.45 10.97 97.22
N MET DA 154 19.98 11.47 98.36
CA MET DA 154 18.87 10.85 99.08
C MET DA 154 17.96 11.94 99.59
N GLN DA 155 16.81 12.12 98.93
CA GLN DA 155 15.79 13.05 99.37
C GLN DA 155 14.82 12.32 100.27
N ILE DA 156 14.68 12.78 101.51
CA ILE DA 156 13.90 12.10 102.54
C ILE DA 156 13.00 13.11 103.23
N ASN DA 157 11.78 12.67 103.56
CA ASN DA 157 10.86 13.45 104.39
C ASN DA 157 10.92 12.93 105.81
N LEU DA 158 11.23 13.82 106.75
CA LEU DA 158 11.29 13.47 108.17
C LEU DA 158 10.08 14.08 108.88
N ASN DA 159 9.61 13.39 109.92
CA ASN DA 159 8.46 13.84 110.67
C ASN DA 159 8.94 14.54 111.94
N SER DA 160 8.37 15.72 112.21
CA SER DA 160 8.82 16.52 113.34
C SER DA 160 8.33 15.97 114.68
N THR DA 161 7.33 15.09 114.66
CA THR DA 161 6.71 14.64 115.90
C THR DA 161 7.28 13.33 116.42
N ASP DA 162 8.33 12.79 115.81
CA ASP DA 162 8.95 11.60 116.36
C ASP DA 162 9.63 11.92 117.68
N PRO DA 163 9.52 11.06 118.68
CA PRO DA 163 10.24 11.28 119.94
C PRO DA 163 11.71 10.91 119.78
N VAL DA 164 12.54 11.50 120.65
CA VAL DA 164 13.94 11.11 120.75
C VAL DA 164 13.97 9.65 121.17
N PRO DA 165 14.77 8.79 120.54
CA PRO DA 165 14.74 7.36 120.86
C PRO DA 165 15.01 7.10 122.34
N SER DA 166 14.27 6.14 122.90
CA SER DA 166 14.39 5.83 124.31
C SER DA 166 15.71 5.11 124.60
N LYS DA 167 16.13 4.21 123.72
CA LYS DA 167 17.32 3.41 123.96
C LYS DA 167 18.56 4.05 123.38
N THR DA 168 18.82 5.30 123.74
CA THR DA 168 20.06 5.95 123.37
C THR DA 168 21.21 5.42 124.23
N PRO DA 169 22.44 5.41 123.70
CA PRO DA 169 22.89 5.88 122.38
C PRO DA 169 22.55 4.91 121.25
N PHE DA 170 22.75 5.34 120.01
CA PHE DA 170 22.38 4.53 118.86
C PHE DA 170 23.27 3.29 118.75
N SER DA 171 22.65 2.16 118.41
CA SER DA 171 23.35 0.92 118.09
C SER DA 171 22.60 0.23 116.96
N VAL DA 172 23.35 -0.36 116.02
CA VAL DA 172 22.71 -1.02 114.88
C VAL DA 172 21.88 -2.21 115.33
N SER DA 173 22.27 -2.84 116.44
CA SER DA 173 21.52 -3.98 116.95
C SER DA 173 20.13 -3.55 117.43
N ASP DA 174 20.05 -2.40 118.09
CA ASP DA 174 18.80 -1.91 118.66
C ASP DA 174 18.02 -1.16 117.58
N ALA DA 175 16.86 -1.69 117.21
CA ALA DA 175 16.04 -1.03 116.20
C ALA DA 175 15.40 0.24 116.75
N ASP DA 176 15.08 0.26 118.04
CA ASP DA 176 14.43 1.41 118.66
C ASP DA 176 15.43 2.55 118.89
N SER DA 177 16.71 2.27 118.69
CA SER DA 177 17.77 3.26 118.90
C SER DA 177 17.83 4.30 117.78
N TYR DA 178 17.10 4.11 116.70
CA TYR DA 178 17.10 5.05 115.59
C TYR DA 178 15.66 5.34 115.17
N ASN DA 179 15.45 6.53 114.60
CA ASN DA 179 14.12 6.93 114.15
C ASN DA 179 13.78 6.39 112.78
N LYS DA 180 14.74 6.36 111.86
CA LYS DA 180 14.47 5.91 110.50
C LYS DA 180 15.69 5.16 109.96
N LYS DA 181 15.46 4.24 109.04
CA LYS DA 181 16.54 3.54 108.37
C LYS DA 181 16.23 3.42 106.87
N GLY DA 182 17.25 3.68 106.05
CA GLY DA 182 17.13 3.55 104.62
C GLY DA 182 18.34 2.85 104.03
N THR DA 183 18.21 2.46 102.77
CA THR DA 183 19.26 1.72 102.09
C THR DA 183 19.46 2.28 100.69
N VAL DA 184 20.73 2.45 100.31
CA VAL DA 184 21.09 2.85 98.96
C VAL DA 184 22.15 1.88 98.46
N THR DA 185 21.92 1.31 97.28
CA THR DA 185 22.82 0.29 96.74
C THR DA 185 23.84 0.95 95.83
N VAL DA 186 25.07 1.08 96.32
CA VAL DA 186 26.16 1.69 95.56
C VAL DA 186 27.05 0.58 95.00
N TYR DA 187 27.81 0.92 93.96
CA TYR DA 187 28.67 -0.04 93.29
C TYR DA 187 30.09 0.52 93.22
N ASP DA 188 31.07 -0.34 93.49
CA ASP DA 188 32.47 0.05 93.51
C ASP DA 188 33.05 -0.03 92.10
N SER DA 189 34.40 0.04 92.01
CA SER DA 189 35.05 -0.03 90.72
C SER DA 189 34.86 -1.38 90.04
N GLN DA 190 34.54 -2.43 90.80
CA GLN DA 190 34.27 -3.74 90.24
C GLN DA 190 32.79 -4.02 90.02
N GLY DA 191 31.91 -3.13 90.47
CA GLY DA 191 30.49 -3.37 90.31
C GLY DA 191 29.89 -4.26 91.37
N ASN DA 192 30.62 -4.53 92.45
CA ASN DA 192 30.05 -5.26 93.57
C ASN DA 192 29.04 -4.39 94.29
N ALA DA 193 28.03 -5.02 94.90
CA ALA DA 193 26.94 -4.30 95.54
C ALA DA 193 27.27 -4.02 96.99
N HIS DA 194 27.30 -2.74 97.36
CA HIS DA 194 27.41 -2.32 98.75
C HIS DA 194 26.09 -1.65 99.12
N ASP DA 195 25.34 -2.28 100.02
CA ASP DA 195 24.07 -1.74 100.47
C ASP DA 195 24.33 -0.78 101.63
N MET DA 196 24.63 0.47 101.30
CA MET DA 196 24.86 1.51 102.30
C MET DA 196 23.59 1.68 103.12
N ASN DA 197 23.67 1.37 104.42
CA ASN DA 197 22.55 1.58 105.32
C ASN DA 197 22.72 2.89 106.06
N VAL DA 198 21.68 3.73 106.01
CA VAL DA 198 21.70 5.07 106.57
C VAL DA 198 20.67 5.11 107.70
N TYR DA 199 21.12 5.51 108.88
CA TYR DA 199 20.28 5.55 110.08
C TYR DA 199 20.09 6.99 110.52
N PHE DA 200 18.84 7.39 110.70
CA PHE DA 200 18.46 8.73 111.11
C PHE DA 200 17.97 8.67 112.55
N VAL DA 201 18.63 9.42 113.43
CA VAL DA 201 18.31 9.44 114.86
C VAL DA 201 18.04 10.88 115.26
N LYS DA 202 16.84 11.15 115.75
CA LYS DA 202 16.51 12.50 116.20
C LYS DA 202 17.21 12.78 117.52
N THR DA 203 18.12 13.74 117.53
CA THR DA 203 18.89 14.06 118.73
C THR DA 203 18.39 15.29 119.46
N LYS DA 204 17.75 16.23 118.76
CA LYS DA 204 17.23 17.45 119.37
C LYS DA 204 16.18 18.01 118.41
N ASP DA 205 15.65 19.19 118.74
CA ASP DA 205 14.69 19.85 117.87
C ASP DA 205 15.33 20.20 116.54
N ASN DA 206 14.78 19.64 115.46
CA ASN DA 206 15.26 19.82 114.09
C ASN DA 206 16.70 19.38 113.90
N GLU DA 207 17.20 18.49 114.75
CA GLU DA 207 18.57 18.00 114.68
C GLU DA 207 18.56 16.49 114.56
N TRP DA 208 19.15 15.97 113.48
CA TRP DA 208 19.12 14.54 113.20
C TRP DA 208 20.53 14.05 112.92
N ALA DA 209 21.02 13.13 113.77
CA ALA DA 209 22.27 12.46 113.50
C ALA DA 209 22.08 11.36 112.46
N VAL DA 210 23.07 11.22 111.58
CA VAL DA 210 23.01 10.28 110.47
C VAL DA 210 24.23 9.37 110.56
N TYR DA 211 23.97 8.07 110.62
CA TYR DA 211 25.00 7.04 110.64
C TYR DA 211 24.98 6.27 109.32
N THR DA 212 26.15 5.81 108.90
CA THR DA 212 26.28 4.98 107.71
C THR DA 212 27.00 3.69 108.07
N HIS DA 213 26.50 2.58 107.52
CA HIS DA 213 27.10 1.27 107.72
C HIS DA 213 27.10 0.46 106.43
N ASP DA 214 28.09 -0.40 106.27
CA ASP DA 214 28.22 -1.24 105.08
C ASP DA 214 27.97 -2.70 105.47
N SER DA 215 26.73 -3.15 105.30
CA SER DA 215 26.37 -4.53 105.60
C SER DA 215 26.93 -5.53 104.60
N SER DA 216 27.40 -5.07 103.44
CA SER DA 216 28.02 -5.96 102.46
C SER DA 216 29.41 -6.41 102.88
N ASP DA 217 30.17 -5.55 103.56
CA ASP DA 217 31.50 -5.92 104.03
C ASP DA 217 31.38 -6.52 105.43
N PRO DA 218 31.69 -7.81 105.59
CA PRO DA 218 31.52 -8.45 106.90
C PRO DA 218 32.60 -8.09 107.91
N ALA DA 219 33.77 -7.64 107.47
CA ALA DA 219 34.89 -7.39 108.36
C ALA DA 219 34.96 -5.93 108.83
N ALA DA 220 34.00 -5.10 108.42
CA ALA DA 220 34.00 -3.70 108.85
C ALA DA 220 33.47 -3.59 110.27
N THR DA 221 34.15 -2.78 111.08
CA THR DA 221 33.74 -2.57 112.46
C THR DA 221 32.47 -1.72 112.51
N ALA DA 222 31.67 -1.96 113.53
CA ALA DA 222 30.40 -1.25 113.68
C ALA DA 222 30.63 0.23 113.96
N PRO DA 223 30.06 1.14 113.19
CA PRO DA 223 30.25 2.57 113.43
C PRO DA 223 29.46 3.02 114.66
N THR DA 224 30.11 3.81 115.52
CA THR DA 224 29.46 4.36 116.70
C THR DA 224 29.28 5.87 116.64
N THR DA 225 29.85 6.54 115.64
CA THR DA 225 29.79 7.99 115.52
C THR DA 225 28.96 8.35 114.29
N ALA DA 226 28.08 9.34 114.45
CA ALA DA 226 27.21 9.75 113.36
C ALA DA 226 28.01 10.25 112.17
N SER DA 227 27.60 9.81 110.97
CA SER DA 227 28.26 10.27 109.76
C SER DA 227 28.08 11.77 109.57
N THR DA 228 26.90 12.29 109.87
CA THR DA 228 26.68 13.74 109.77
C THR DA 228 25.57 14.14 110.73
N THR DA 229 25.29 15.45 110.73
CA THR DA 229 24.26 16.03 111.60
C THR DA 229 23.45 17.04 110.79
N LEU DA 230 22.23 16.66 110.41
CA LEU DA 230 21.36 17.56 109.68
C LEU DA 230 20.66 18.50 110.65
N LYS DA 231 20.75 19.80 110.35
CA LYS DA 231 20.08 20.86 111.11
C LYS DA 231 19.07 21.54 110.21
N PHE DA 232 17.82 21.64 110.68
CA PHE DA 232 16.73 22.17 109.90
C PHE DA 232 16.20 23.46 110.52
N ASN DA 233 15.67 24.34 109.69
CA ASN DA 233 15.13 25.61 110.16
C ASN DA 233 13.67 25.46 110.57
N GLU DA 234 13.01 26.59 110.80
CA GLU DA 234 11.61 26.59 111.22
C GLU DA 234 10.68 26.06 110.14
N ASN DA 235 11.04 26.22 108.88
CA ASN DA 235 10.21 25.77 107.77
C ASN DA 235 10.53 24.34 107.33
N GLY DA 236 11.45 23.67 108.04
CA GLY DA 236 11.85 22.33 107.66
C GLY DA 236 12.90 22.26 106.58
N ILE DA 237 13.49 23.38 106.19
CA ILE DA 237 14.50 23.41 105.15
C ILE DA 237 15.86 23.10 105.76
N LEU DA 238 16.58 22.16 105.16
CA LEU DA 238 17.93 21.84 105.59
C LEU DA 238 18.85 23.03 105.35
N GLU DA 239 19.67 23.35 106.36
CA GLU DA 239 20.61 24.46 106.27
C GLU DA 239 22.04 24.03 105.97
N SER DA 240 22.59 23.11 106.76
CA SER DA 240 23.99 22.72 106.59
C SER DA 240 24.12 21.24 106.90
N GLY DA 241 25.24 20.66 106.46
CA GLY DA 241 25.52 19.26 106.67
C GLY DA 241 24.85 18.32 105.69
N GLY DA 242 24.36 18.82 104.56
CA GLY DA 242 23.65 17.99 103.60
C GLY DA 242 24.53 17.14 102.70
N THR DA 243 25.82 17.43 102.59
CA THR DA 243 26.71 16.69 101.72
C THR DA 243 27.92 16.21 102.51
N VAL DA 244 28.13 14.90 102.53
CA VAL DA 244 29.24 14.30 103.28
C VAL DA 244 29.83 13.16 102.47
N ASN DA 245 31.13 12.94 102.63
CA ASN DA 245 31.82 11.85 101.95
C ASN DA 245 31.65 10.55 102.73
N ILE DA 246 31.24 9.50 102.04
CA ILE DA 246 31.07 8.18 102.64
C ILE DA 246 31.94 7.19 101.86
N THR DA 247 32.71 6.38 102.59
CA THR DA 247 33.60 5.40 102.00
C THR DA 247 33.10 4.00 102.33
N THR DA 248 33.04 3.14 101.34
CA THR DA 248 32.54 1.78 101.53
C THR DA 248 33.65 0.89 102.10
N GLY DA 249 33.38 -0.41 102.10
CA GLY DA 249 34.39 -1.38 102.47
C GLY DA 249 35.14 -1.90 101.27
N THR DA 250 36.21 -2.65 101.56
CA THR DA 250 37.03 -3.29 100.52
C THR DA 250 36.55 -4.73 100.40
N ILE DA 251 35.92 -5.06 99.28
CA ILE DA 251 35.35 -6.39 99.05
C ILE DA 251 36.06 -7.02 97.85
N ASN DA 252 36.64 -8.21 98.06
CA ASN DA 252 37.25 -9.01 97.00
C ASN DA 252 38.30 -8.22 96.23
N GLY DA 253 39.12 -7.44 96.93
CA GLY DA 253 40.20 -6.69 96.31
C GLY DA 253 39.78 -5.46 95.57
N ALA DA 254 38.51 -5.06 95.63
CA ALA DA 254 38.04 -3.88 94.93
C ALA DA 254 38.25 -2.63 95.79
N THR DA 255 38.50 -1.51 95.10
CA THR DA 255 38.60 -0.23 95.79
C THR DA 255 37.27 0.13 96.44
N ALA DA 256 37.32 0.54 97.71
CA ALA DA 256 36.11 1.00 98.37
C ALA DA 256 35.55 2.22 97.65
N ALA DA 257 34.24 2.18 97.39
CA ALA DA 257 33.59 3.24 96.63
C ALA DA 257 33.35 4.44 97.53
N THR DA 258 34.20 5.45 97.43
CA THR DA 258 34.06 6.69 98.15
C THR DA 258 33.20 7.64 97.31
N PHE DA 259 32.09 8.10 97.89
CA PHE DA 259 31.13 8.90 97.15
C PHE DA 259 30.59 10.00 98.04
N SER DA 260 30.21 11.11 97.42
CA SER DA 260 29.56 12.21 98.13
C SER DA 260 28.08 11.92 98.22
N LEU DA 261 27.60 11.64 99.44
CA LEU DA 261 26.19 11.46 99.71
C LEU DA 261 25.59 12.82 100.05
N SER DA 262 24.53 13.19 99.34
CA SER DA 262 23.92 14.50 99.44
C SER DA 262 22.47 14.37 99.86
N PHE DA 263 21.96 15.41 100.53
CA PHE DA 263 20.59 15.43 101.04
C PHE DA 263 19.80 16.64 100.57
N LEU DA 264 19.94 17.02 99.30
CA LEU DA 264 19.17 18.15 98.77
C LEU DA 264 17.68 17.81 98.77
N ASN DA 265 16.86 18.85 98.91
CA ASN DA 265 15.41 18.79 98.88
C ASN DA 265 14.81 18.00 100.05
N SER DA 266 15.58 17.75 101.10
CA SER DA 266 15.05 17.07 102.26
C SER DA 266 14.41 18.06 103.23
N MET DA 267 13.12 17.87 103.47
CA MET DA 267 12.33 18.67 104.41
C MET DA 267 11.86 17.82 105.57
N GLN DA 268 11.73 18.46 106.74
CA GLN DA 268 11.17 17.84 107.94
C GLN DA 268 9.96 18.66 108.39
N GLN DA 269 8.78 18.21 107.99
CA GLN DA 269 7.53 18.83 108.42
C GLN DA 269 6.60 17.77 109.01
N ASN DA 270 5.35 18.13 109.28
CA ASN DA 270 4.40 17.22 109.92
C ASN DA 270 3.86 16.20 108.93
N THR DA 271 4.73 15.35 108.39
CA THR DA 271 4.30 14.28 107.52
C THR DA 271 3.53 13.22 108.31
N GLY DA 272 2.79 12.37 107.61
CA GLY DA 272 2.07 11.29 108.25
C GLY DA 272 2.99 10.30 108.94
N ALA DA 273 4.19 10.13 108.39
CA ALA DA 273 5.19 9.24 108.96
C ALA DA 273 6.56 9.55 108.37
N ASN DA 274 7.58 8.80 108.79
CA ASN DA 274 8.93 8.97 108.25
C ASN DA 274 9.04 8.21 106.93
N ASN DA 275 9.23 8.95 105.85
CA ASN DA 275 9.24 8.37 104.51
C ASN DA 275 10.43 8.90 103.72
N ILE DA 276 10.98 8.05 102.87
CA ILE DA 276 12.08 8.44 101.98
C ILE DA 276 11.48 8.75 100.62
N VAL DA 277 11.75 9.96 100.12
CA VAL DA 277 11.14 10.41 98.87
C VAL DA 277 11.81 9.79 97.66
N ALA DA 278 13.13 9.93 97.54
CA ALA DA 278 13.83 9.44 96.36
C ALA DA 278 15.28 9.12 96.69
N THR DA 279 15.82 8.15 95.97
CA THR DA 279 17.22 7.77 96.09
C THR DA 279 17.83 7.71 94.68
N ASN DA 280 19.07 8.17 94.57
CA ASN DA 280 19.75 8.19 93.28
C ASN DA 280 21.24 8.00 93.50
N GLN DA 281 21.87 7.32 92.55
CA GLN DA 281 23.31 7.12 92.58
C GLN DA 281 23.82 6.98 91.16
N ASN DA 282 25.10 7.28 90.97
CA ASN DA 282 25.70 7.38 89.65
C ASN DA 282 26.47 6.13 89.22
N GLY DA 283 26.47 5.08 90.03
CA GLY DA 283 27.18 3.87 89.68
C GLY DA 283 26.27 2.82 89.07
N TYR DA 284 26.89 1.82 88.45
CA TYR DA 284 26.17 0.73 87.82
C TYR DA 284 27.07 -0.49 87.76
N LYS DA 285 26.52 -1.58 87.20
CA LYS DA 285 27.12 -2.91 87.10
C LYS DA 285 27.53 -3.21 85.65
N PRO DA 286 28.53 -4.06 85.44
CA PRO DA 286 28.84 -4.50 84.06
C PRO DA 286 27.64 -5.15 83.38
N GLY DA 287 27.43 -4.81 82.11
CA GLY DA 287 26.30 -5.35 81.37
C GLY DA 287 26.64 -5.53 79.91
N ASP DA 288 25.89 -6.43 79.27
CA ASP DA 288 26.08 -6.75 77.86
C ASP DA 288 24.95 -6.15 77.03
N LEU DA 289 25.21 -6.03 75.73
CA LEU DA 289 24.24 -5.47 74.81
C LEU DA 289 22.96 -6.31 74.82
N VAL DA 290 21.83 -5.65 74.97
CA VAL DA 290 20.53 -6.29 74.94
C VAL DA 290 19.71 -5.83 73.74
N SER DA 291 19.72 -4.53 73.46
CA SER DA 291 18.98 -4.01 72.31
C SER DA 291 19.66 -2.75 71.81
N TYR DA 292 19.29 -2.36 70.59
CA TYR DA 292 19.75 -1.10 70.01
C TYR DA 292 18.58 -0.44 69.29
N GLN DA 293 18.57 0.89 69.29
CA GLN DA 293 17.48 1.65 68.70
C GLN DA 293 17.99 2.97 68.17
N ILE DA 294 17.18 3.59 67.30
CA ILE DA 294 17.45 4.93 66.78
C ILE DA 294 16.30 5.83 67.20
N ASN DA 295 16.63 6.90 67.91
CA ASN DA 295 15.59 7.83 68.34
C ASN DA 295 15.20 8.76 67.19
N ASN DA 296 14.14 9.54 67.42
CA ASN DA 296 13.65 10.49 66.42
C ASN DA 296 14.65 11.60 66.13
N ASP DA 297 15.62 11.83 67.02
CA ASP DA 297 16.67 12.82 66.79
C ASP DA 297 17.86 12.24 66.04
N GLY DA 298 17.82 10.95 65.69
CA GLY DA 298 18.93 10.29 65.04
C GLY DA 298 19.93 9.67 65.97
N THR DA 299 19.79 9.84 67.28
CA THR DA 299 20.72 9.25 68.23
C THR DA 299 20.57 7.73 68.26
N VAL DA 300 21.69 7.02 68.17
CA VAL DA 300 21.70 5.57 68.31
C VAL DA 300 21.95 5.24 69.77
N VAL DA 301 21.04 4.48 70.37
CA VAL DA 301 21.10 4.16 71.79
C VAL DA 301 21.16 2.65 71.95
N GLY DA 302 22.12 2.17 72.73
CA GLY DA 302 22.22 0.77 73.07
C GLY DA 302 21.77 0.54 74.51
N ASN DA 303 20.74 -0.29 74.66
CA ASN DA 303 20.20 -0.67 75.95
C ASN DA 303 20.88 -1.94 76.41
N TYR DA 304 21.48 -1.89 77.60
CA TYR DA 304 22.28 -2.96 78.16
C TYR DA 304 21.46 -3.77 79.17
N SER DA 305 22.10 -4.74 79.81
CA SER DA 305 21.46 -5.58 80.80
C SER DA 305 21.62 -5.06 82.22
N ASN DA 306 22.34 -3.96 82.42
CA ASN DA 306 22.56 -3.43 83.75
C ASN DA 306 21.63 -2.26 84.06
N GLU DA 307 20.48 -2.22 83.38
CA GLU DA 307 19.51 -1.14 83.53
C GLU DA 307 20.19 0.22 83.31
N GLN DA 308 20.98 0.27 82.23
CA GLN DA 308 21.66 1.50 81.84
C GLN DA 308 21.91 1.44 80.33
N GLU DA 309 21.81 2.59 79.67
CA GLU DA 309 22.00 2.66 78.23
C GLU DA 309 23.20 3.54 77.90
N GLN DA 310 23.71 3.39 76.68
CA GLN DA 310 24.79 4.23 76.18
C GLN DA 310 24.38 4.83 74.83
N VAL DA 311 24.98 5.98 74.51
CA VAL DA 311 24.75 6.59 73.20
C VAL DA 311 25.96 6.32 72.32
N LEU DA 312 25.74 5.67 71.18
CA LEU DA 312 26.82 5.26 70.29
C LEU DA 312 27.07 6.25 69.15
N GLY DA 313 26.08 7.04 68.78
CA GLY DA 313 26.26 8.00 67.72
C GLY DA 313 24.95 8.71 67.42
N GLN DA 314 25.07 9.75 66.60
CA GLN DA 314 23.92 10.56 66.19
C GLN DA 314 23.97 10.74 64.69
N ILE DA 315 22.89 10.31 64.01
CA ILE DA 315 22.87 10.36 62.55
C ILE DA 315 22.83 11.81 62.10
N VAL DA 316 23.74 12.17 61.19
CA VAL DA 316 23.87 13.53 60.67
C VAL DA 316 23.06 13.64 59.38
N LEU DA 317 22.45 14.81 59.19
CA LEU DA 317 21.68 15.11 57.99
C LEU DA 317 22.38 16.20 57.18
N ALA DA 318 22.15 16.18 55.87
CA ALA DA 318 22.77 17.13 54.96
C ALA DA 318 21.70 17.88 54.19
N ASN DA 319 21.91 19.18 54.03
CA ASN DA 319 21.01 20.04 53.27
C ASN DA 319 21.85 20.80 52.25
N PHE DA 320 21.25 21.05 51.09
CA PHE DA 320 21.94 21.68 49.97
C PHE DA 320 21.20 22.92 49.51
N ALA DA 321 21.97 23.90 49.03
CA ALA DA 321 21.37 25.09 48.43
C ALA DA 321 20.60 24.74 47.17
N ASN DA 322 21.14 23.82 46.36
CA ASN DA 322 20.53 23.46 45.08
C ASN DA 322 20.29 21.94 45.07
N ASN DA 323 19.05 21.54 45.37
CA ASN DA 323 18.69 20.13 45.27
C ASN DA 323 18.77 19.63 43.84
N GLU DA 324 18.37 20.46 42.87
CA GLU DA 324 18.40 20.04 41.47
C GLU DA 324 19.82 19.86 40.95
N GLY DA 325 20.82 20.36 41.66
CA GLY DA 325 22.20 20.22 41.22
C GLY DA 325 22.89 18.94 41.60
N LEU DA 326 22.27 18.12 42.46
CA LEU DA 326 22.88 16.88 42.87
C LEU DA 326 22.87 15.87 41.72
N ALA DA 327 24.03 15.30 41.44
CA ALA DA 327 24.18 14.33 40.35
C ALA DA 327 24.00 12.93 40.91
N SER DA 328 22.99 12.22 40.41
CA SER DA 328 22.70 10.88 40.90
C SER DA 328 23.72 9.89 40.36
N GLN DA 329 24.30 9.09 41.27
CA GLN DA 329 25.27 8.08 40.92
C GLN DA 329 24.68 6.68 40.87
N GLY DA 330 23.36 6.55 40.96
CA GLY DA 330 22.74 5.24 41.00
C GLY DA 330 22.69 4.68 42.40
N ASP DA 331 22.04 3.51 42.51
CA ASP DA 331 21.85 2.82 43.79
C ASP DA 331 21.22 3.76 44.82
N ASN DA 332 20.16 4.45 44.39
CA ASN DA 332 19.47 5.50 45.16
C ASN DA 332 20.44 6.31 46.01
N VAL DA 333 21.47 6.86 45.37
CA VAL DA 333 22.53 7.61 46.04
C VAL DA 333 22.87 8.83 45.21
N TRP DA 334 23.05 9.97 45.87
CA TRP DA 334 23.40 11.23 45.23
C TRP DA 334 24.79 11.67 45.64
N ALA DA 335 25.46 12.40 44.77
CA ALA DA 335 26.79 12.93 45.03
C ALA DA 335 26.77 14.45 44.84
N ALA DA 336 27.36 15.16 45.80
CA ALA DA 336 27.44 16.61 45.70
C ALA DA 336 28.51 17.03 44.71
N THR DA 337 28.16 17.99 43.84
CA THR DA 337 29.06 18.50 42.83
C THR DA 337 29.13 20.02 42.93
N GLN DA 338 29.75 20.63 41.93
CA GLN DA 338 29.92 22.09 41.93
C GLN DA 338 28.59 22.82 41.90
N ALA DA 339 27.64 22.35 41.09
CA ALA DA 339 26.37 23.04 40.96
C ALA DA 339 25.53 22.96 42.22
N SER DA 340 25.64 21.88 42.99
CA SER DA 340 24.83 21.72 44.19
C SER DA 340 25.45 22.41 45.40
N GLY DA 341 26.70 22.87 45.31
CA GLY DA 341 27.34 23.53 46.43
C GLY DA 341 27.83 22.54 47.47
N VAL DA 342 28.39 23.10 48.54
CA VAL DA 342 28.88 22.28 49.65
C VAL DA 342 27.72 21.87 50.54
N ALA DA 343 27.83 20.68 51.11
CA ALA DA 343 26.77 20.15 51.96
C ALA DA 343 26.79 20.84 53.32
N LEU DA 344 25.62 21.29 53.78
CA LEU DA 344 25.48 21.85 55.12
C LEU DA 344 25.00 20.75 56.06
N LEU DA 345 25.79 20.47 57.10
CA LEU DA 345 25.52 19.35 57.98
C LEU DA 345 24.81 19.81 59.24
N GLY DA 346 23.97 18.93 59.76
CA GLY DA 346 23.23 19.25 60.97
C GLY DA 346 22.55 18.03 61.54
N THR DA 347 21.63 18.26 62.47
CA THR DA 347 20.89 17.19 63.11
C THR DA 347 19.40 17.34 62.82
N ALA DA 348 18.67 16.24 62.97
CA ALA DA 348 17.24 16.24 62.69
C ALA DA 348 16.48 17.06 63.73
N GLY DA 349 15.54 17.87 63.26
CA GLY DA 349 14.71 18.66 64.15
C GLY DA 349 15.33 19.97 64.61
N SER DA 350 16.55 20.28 64.18
CA SER DA 350 17.20 21.52 64.56
C SER DA 350 17.67 22.25 63.31
N GLY DA 351 17.50 23.56 63.31
CA GLY DA 351 17.89 24.34 62.15
C GLY DA 351 16.90 24.19 61.02
N ASN DA 352 17.40 23.78 59.85
CA ASN DA 352 16.58 23.63 58.65
C ASN DA 352 16.42 22.17 58.23
N PHE DA 353 16.21 21.26 59.19
CA PHE DA 353 16.11 19.84 58.93
C PHE DA 353 14.81 19.30 59.51
N GLY DA 354 14.17 18.40 58.77
CA GLY DA 354 13.00 17.71 59.27
C GLY DA 354 13.38 16.55 60.17
N LYS DA 355 12.42 16.12 60.97
CA LYS DA 355 12.67 15.07 61.94
C LYS DA 355 12.66 13.69 61.27
N LEU DA 356 13.11 12.69 62.02
CA LEU DA 356 13.19 11.33 61.51
C LEU DA 356 12.05 10.48 62.06
N THR DA 357 11.40 9.73 61.17
CA THR DA 357 10.35 8.80 61.54
C THR DA 357 10.96 7.40 61.68
N ASN DA 358 10.75 6.78 62.84
CA ASN DA 358 11.32 5.48 63.11
C ASN DA 358 10.36 4.37 62.69
N GLY DA 359 10.94 3.24 62.28
CA GLY DA 359 10.14 2.11 61.85
C GLY DA 359 9.37 2.34 60.58
N ALA DA 360 9.81 3.26 59.73
CA ALA DA 360 9.10 3.60 58.51
C ALA DA 360 10.10 3.92 57.41
N LEU DA 361 9.65 3.77 56.17
CA LEU DA 361 10.45 4.07 55.00
C LEU DA 361 9.69 5.03 54.09
N GLU DA 362 10.45 5.89 53.41
CA GLU DA 362 9.86 6.84 52.47
C GLU DA 362 9.82 6.21 51.08
N ALA DA 363 8.61 6.09 50.52
CA ALA DA 363 8.45 5.53 49.20
C ALA DA 363 8.76 6.57 48.13
N SER DA 364 8.81 6.13 46.88
CA SER DA 364 9.07 7.02 45.77
C SER DA 364 7.86 7.92 45.54
N ASN DA 365 8.09 9.07 44.90
CA ASN DA 365 7.03 10.02 44.59
C ASN DA 365 6.60 9.92 43.13
N VAL DA 366 6.62 8.72 42.56
CA VAL DA 366 6.25 8.50 41.17
C VAL DA 366 4.80 8.06 41.12
N ASP DA 367 3.95 8.90 40.54
CA ASP DA 367 2.55 8.53 40.34
C ASP DA 367 2.39 7.87 38.97
N LEU DA 368 1.84 6.67 38.96
CA LEU DA 368 1.77 5.86 37.75
C LEU DA 368 0.83 6.44 36.70
N SER DA 369 -0.29 7.06 37.13
CA SER DA 369 -1.24 7.61 36.18
C SER DA 369 -0.63 8.72 35.36
N LYS DA 370 0.05 9.66 36.02
CA LYS DA 370 0.69 10.76 35.32
C LYS DA 370 1.77 10.25 34.38
N GLU DA 371 2.51 9.23 34.82
CA GLU DA 371 3.55 8.65 33.98
C GLU DA 371 2.96 8.03 32.72
N LEU DA 372 1.85 7.29 32.87
CA LEU DA 372 1.23 6.67 31.70
C LEU DA 372 0.70 7.72 30.72
N VAL DA 373 0.05 8.77 31.23
CA VAL DA 373 -0.47 9.80 30.35
C VAL DA 373 0.66 10.53 29.63
N ASN DA 374 1.73 10.84 30.36
CA ASN DA 374 2.88 11.49 29.74
C ASN DA 374 3.53 10.58 28.70
N MET DA 375 3.54 9.27 28.95
CA MET DA 375 4.06 8.33 27.98
C MET DA 375 3.23 8.36 26.70
N ILE DA 376 1.90 8.42 26.84
CA ILE DA 376 1.03 8.50 25.67
C ILE DA 376 1.34 9.77 24.86
N VAL DA 377 1.42 10.90 25.55
CA VAL DA 377 1.66 12.18 24.88
C VAL DA 377 3.02 12.16 24.19
N ALA DA 378 4.04 11.64 24.85
CA ALA DA 378 5.38 11.61 24.28
C ALA DA 378 5.45 10.66 23.09
N GLN DA 379 4.72 9.55 23.14
CA GLN DA 379 4.63 8.66 21.99
C GLN DA 379 4.03 9.39 20.79
N ARG DA 380 2.96 10.15 21.03
CA ARG DA 380 2.34 10.90 19.93
C ARG DA 380 3.29 11.94 19.37
N ASN DA 381 4.03 12.64 20.24
CA ASN DA 381 5.02 13.61 19.75
C ASN DA 381 6.11 12.94 18.94
N TYR DA 382 6.59 11.77 19.39
CA TYR DA 382 7.60 11.03 18.66
C TYR DA 382 7.10 10.64 17.27
N GLN DA 383 5.85 10.19 17.19
CA GLN DA 383 5.29 9.83 15.89
C GLN DA 383 5.13 11.05 14.98
N SER DA 384 4.80 12.19 15.57
CA SER DA 384 4.72 13.43 14.78
C SER DA 384 6.10 13.79 14.20
N ASN DA 385 7.14 13.69 15.02
CA ASN DA 385 8.48 13.97 14.51
C ASN DA 385 8.88 12.97 13.43
N ALA DA 386 8.50 11.70 13.60
CA ALA DA 386 8.76 10.71 12.56
C ALA DA 386 8.04 11.06 11.26
N GLN DA 387 6.82 11.60 11.37
CA GLN DA 387 6.11 12.06 10.19
C GLN DA 387 6.85 13.21 9.51
N THR DA 388 7.43 14.12 10.29
CA THR DA 388 8.24 15.18 9.73
C THR DA 388 9.45 14.61 8.97
N ILE DA 389 10.09 13.60 9.56
CA ILE DA 389 11.23 12.96 8.91
C ILE DA 389 10.80 12.34 7.59
N LYS DA 390 9.64 11.68 7.59
CA LYS DA 390 9.12 11.08 6.36
C LYS DA 390 8.84 12.14 5.30
N THR DA 391 8.31 13.29 5.73
CA THR DA 391 8.06 14.38 4.80
C THR DA 391 9.36 14.84 4.12
N GLN DA 392 10.40 15.04 4.93
CA GLN DA 392 11.68 15.45 4.35
C GLN DA 392 12.25 14.36 3.43
N ASP DA 393 12.04 13.10 3.79
CA ASP DA 393 12.46 12.00 2.93
C ASP DA 393 11.78 12.06 1.57
N GLN DA 394 10.46 12.27 1.56
CA GLN DA 394 9.75 12.35 0.29
C GLN DA 394 10.20 13.55 -0.52
N ILE DA 395 10.46 14.68 0.14
CA ILE DA 395 10.94 15.86 -0.58
C ILE DA 395 12.28 15.58 -1.26
N LEU DA 396 13.21 14.98 -0.51
CA LEU DA 396 14.51 14.67 -1.09
C LEU DA 396 14.40 13.64 -2.21
N ASN DA 397 13.55 12.63 -2.04
CA ASN DA 397 13.34 11.65 -3.09
C ASN DA 397 12.80 12.31 -4.35
N THR DA 398 11.84 13.23 -4.20
CA THR DA 398 11.29 13.93 -5.35
C THR DA 398 12.37 14.72 -6.07
N LEU DA 399 13.25 15.39 -5.30
CA LEU DA 399 14.31 16.17 -5.95
C LEU DA 399 15.33 15.28 -6.66
N VAL DA 400 15.69 14.15 -6.05
CA VAL DA 400 16.66 13.26 -6.69
C VAL DA 400 16.08 12.64 -7.95
N ASN DA 401 14.77 12.34 -7.94
CA ASN DA 401 14.16 11.68 -9.09
C ASN DA 401 14.05 12.64 -10.29
N LEU DA 402 14.31 13.92 -10.08
CA LEU DA 402 14.27 14.89 -11.17
C LEU DA 402 15.37 14.61 -12.18
N SER EA 2 -9.51 24.11 -1.94
CA SER EA 2 -9.52 22.65 -1.92
C SER EA 2 -9.00 22.12 -0.57
N PHE EA 3 -7.72 22.37 -0.29
CA PHE EA 3 -7.13 21.90 0.95
C PHE EA 3 -7.66 22.68 2.15
N SER EA 4 -7.69 24.01 2.05
CA SER EA 4 -8.03 24.84 3.20
C SER EA 4 -9.44 24.56 3.69
N GLN EA 5 -10.31 24.08 2.80
CA GLN EA 5 -11.68 23.75 3.19
C GLN EA 5 -11.72 22.58 4.16
N ALA EA 6 -11.03 21.48 3.82
CA ALA EA 6 -10.92 20.36 4.75
C ALA EA 6 -10.11 20.75 5.98
N VAL EA 7 -9.16 21.68 5.82
CA VAL EA 7 -8.41 22.18 6.97
C VAL EA 7 -9.34 22.85 7.96
N SER EA 8 -10.23 23.71 7.47
CA SER EA 8 -11.18 24.40 8.33
C SER EA 8 -12.13 23.41 8.98
N GLY EA 9 -12.57 22.40 8.23
CA GLY EA 9 -13.40 21.36 8.82
C GLY EA 9 -12.71 20.65 9.97
N LEU EA 10 -11.44 20.28 9.76
CA LEU EA 10 -10.66 19.61 10.80
C LEU EA 10 -10.50 20.51 12.02
N ASN EA 11 -10.21 21.80 11.79
CA ASN EA 11 -10.04 22.73 12.91
C ASN EA 11 -11.34 22.88 13.70
N ALA EA 12 -12.47 22.95 12.99
CA ALA EA 12 -13.76 23.04 13.69
C ALA EA 12 -14.04 21.80 14.52
N ALA EA 13 -13.74 20.62 13.97
CA ALA EA 13 -13.93 19.39 14.74
C ALA EA 13 -13.03 19.36 15.96
N ALA EA 14 -11.78 19.81 15.81
CA ALA EA 14 -10.86 19.84 16.94
C ALA EA 14 -11.34 20.81 18.01
N THR EA 15 -11.85 21.98 17.62
CA THR EA 15 -12.38 22.94 18.58
C THR EA 15 -13.59 22.36 19.31
N ASN EA 16 -14.46 21.67 18.58
CA ASN EA 16 -15.62 21.04 19.21
C ASN EA 16 -15.18 20.02 20.25
N LEU EA 17 -14.22 19.16 19.89
CA LEU EA 17 -13.77 18.14 20.83
C LEU EA 17 -13.05 18.76 22.01
N ASP EA 18 -12.35 19.88 21.80
CA ASP EA 18 -11.75 20.61 22.91
C ASP EA 18 -12.81 21.13 23.87
N VAL EA 19 -13.90 21.68 23.33
CA VAL EA 19 -14.99 22.17 24.17
C VAL EA 19 -15.58 21.03 24.98
N ILE EA 20 -15.78 19.87 24.32
CA ILE EA 20 -16.38 18.73 25.01
C ILE EA 20 -15.46 18.22 26.10
N GLY EA 21 -14.16 18.14 25.82
CA GLY EA 21 -13.21 17.72 26.84
C GLY EA 21 -13.15 18.68 28.02
N ASN EA 22 -13.23 19.98 27.74
CA ASN EA 22 -13.29 20.96 28.82
C ASN EA 22 -14.53 20.77 29.67
N ASN EA 23 -15.68 20.52 29.03
CA ASN EA 23 -16.91 20.26 29.77
C ASN EA 23 -16.76 19.02 30.65
N ILE EA 24 -16.16 17.97 30.11
CA ILE EA 24 -15.98 16.73 30.88
C ILE EA 24 -15.06 16.96 32.07
N ALA EA 25 -13.96 17.71 31.86
CA ALA EA 25 -13.00 17.92 32.93
C ALA EA 25 -13.61 18.68 34.11
N ASN EA 26 -14.67 19.46 33.84
CA ASN EA 26 -15.38 20.19 34.89
C ASN EA 26 -16.64 19.49 35.34
N SER EA 27 -16.64 18.15 35.37
CA SER EA 27 -17.81 17.39 35.79
C SER EA 27 -18.19 17.74 37.22
N ALA EA 28 -17.19 17.86 38.10
CA ALA EA 28 -17.41 18.21 39.49
C ALA EA 28 -16.66 19.52 39.76
N THR EA 29 -17.33 20.65 39.48
CA THR EA 29 -16.75 21.97 39.69
C THR EA 29 -17.92 22.93 39.96
N TYR EA 30 -18.03 23.35 41.22
CA TYR EA 30 -19.13 24.19 41.66
C TYR EA 30 -19.17 25.51 40.89
N GLY EA 31 -20.36 25.90 40.43
CA GLY EA 31 -20.52 27.14 39.71
C GLY EA 31 -20.04 27.13 38.27
N PHE EA 32 -19.79 25.96 37.69
CA PHE EA 32 -19.34 25.85 36.32
C PHE EA 32 -20.54 25.88 35.37
N LYS EA 33 -20.35 26.49 34.21
CA LYS EA 33 -21.34 26.48 33.14
C LYS EA 33 -20.74 25.79 31.92
N SER EA 34 -21.46 24.79 31.40
CA SER EA 34 -20.98 24.04 30.25
C SER EA 34 -20.88 24.93 29.02
N GLY EA 35 -20.06 24.51 28.07
CA GLY EA 35 -19.80 25.26 26.85
C GLY EA 35 -20.21 24.49 25.61
N THR EA 36 -20.55 25.23 24.56
CA THR EA 36 -20.89 24.66 23.26
C THR EA 36 -20.31 25.54 22.17
N ALA EA 37 -20.06 24.95 21.01
CA ALA EA 37 -19.50 25.71 19.89
C ALA EA 37 -20.58 25.94 18.84
N SER EA 38 -20.55 27.10 18.19
CA SER EA 38 -21.47 27.42 17.11
C SER EA 38 -20.67 27.64 15.83
N PHE EA 39 -21.06 26.93 14.77
CA PHE EA 39 -20.37 26.94 13.51
C PHE EA 39 -21.17 27.68 12.45
N ALA EA 40 -20.46 28.28 11.49
CA ALA EA 40 -21.08 28.97 10.37
C ALA EA 40 -20.29 28.70 9.11
N ASP EA 41 -21.00 28.53 8.00
CA ASP EA 41 -20.35 28.27 6.72
C ASP EA 41 -19.63 29.52 6.23
N MET EA 42 -18.75 29.32 5.23
CA MET EA 42 -17.85 30.39 4.81
C MET EA 42 -17.92 30.60 3.31
N PHE EA 43 -19.11 30.73 2.75
CA PHE EA 43 -19.24 31.01 1.32
C PHE EA 43 -18.61 32.36 1.00
N ALA EA 44 -17.84 32.39 -0.10
CA ALA EA 44 -17.13 33.61 -0.52
C ALA EA 44 -17.27 33.72 -2.05
N GLY EA 45 -18.30 34.45 -2.48
CA GLY EA 45 -18.51 34.69 -3.89
C GLY EA 45 -19.07 33.49 -4.64
N SER EA 46 -18.24 32.47 -4.81
CA SER EA 46 -18.67 31.27 -5.51
C SER EA 46 -19.61 30.44 -4.64
N LYS EA 47 -20.34 29.52 -5.27
CA LYS EA 47 -21.27 28.64 -4.57
C LYS EA 47 -20.59 27.41 -4.00
N VAL EA 48 -19.26 27.34 -4.06
CA VAL EA 48 -18.54 26.12 -3.66
C VAL EA 48 -18.65 25.85 -2.16
N GLY EA 49 -18.84 26.88 -1.35
CA GLY EA 49 -18.81 26.67 0.09
C GLY EA 49 -17.40 26.51 0.61
N LEU EA 50 -16.64 27.60 0.59
CA LEU EA 50 -15.19 27.61 0.84
C LEU EA 50 -14.79 26.90 2.13
N GLY EA 51 -15.64 26.91 3.13
CA GLY EA 51 -15.34 26.17 4.35
C GLY EA 51 -16.28 26.46 5.49
N VAL EA 52 -15.80 26.18 6.69
CA VAL EA 52 -16.57 26.35 7.92
C VAL EA 52 -15.70 27.05 8.95
N LYS EA 53 -16.30 27.99 9.68
CA LYS EA 53 -15.63 28.72 10.73
C LYS EA 53 -16.45 28.65 12.01
N VAL EA 54 -15.76 28.82 13.14
CA VAL EA 54 -16.44 28.81 14.43
C VAL EA 54 -17.02 30.19 14.70
N ALA EA 55 -18.35 30.27 14.73
CA ALA EA 55 -19.01 31.55 14.97
C ALA EA 55 -18.76 32.06 16.39
N GLY EA 56 -18.77 31.17 17.37
CA GLY EA 56 -18.53 31.58 18.74
C GLY EA 56 -18.65 30.42 19.69
N ILE EA 57 -18.40 30.70 20.95
CA ILE EA 57 -18.52 29.74 22.03
C ILE EA 57 -19.58 30.24 23.00
N THR EA 58 -20.62 29.44 23.20
CA THR EA 58 -21.76 29.82 24.03
C THR EA 58 -21.76 29.04 25.33
N GLN EA 59 -21.92 29.77 26.43
CA GLN EA 59 -22.09 29.17 27.74
C GLN EA 59 -23.56 28.83 27.97
N ASP EA 60 -23.78 27.74 28.70
CA ASP EA 60 -25.13 27.26 29.02
C ASP EA 60 -25.40 27.71 30.45
N PHE EA 61 -26.14 28.80 30.59
CA PHE EA 61 -26.38 29.42 31.89
C PHE EA 61 -27.64 28.86 32.55
N THR EA 62 -27.70 27.54 32.70
CA THR EA 62 -28.79 26.90 33.42
C THR EA 62 -28.35 26.58 34.84
N ASP EA 63 -29.29 26.66 35.78
CA ASP EA 63 -28.97 26.40 37.18
C ASP EA 63 -28.58 24.94 37.37
N GLY EA 64 -27.50 24.72 38.12
CA GLY EA 64 -27.09 23.37 38.46
C GLY EA 64 -27.81 22.84 39.68
N THR EA 65 -27.56 21.58 39.98
CA THR EA 65 -28.16 20.96 41.14
C THR EA 65 -27.56 21.54 42.42
N THR EA 66 -28.44 21.88 43.36
CA THR EA 66 -28.02 22.42 44.65
C THR EA 66 -27.57 21.29 45.57
N THR EA 67 -26.33 21.37 46.04
CA THR EA 67 -25.75 20.35 46.90
C THR EA 67 -25.54 20.92 48.29
N ASN EA 68 -26.06 20.23 49.30
CA ASN EA 68 -25.91 20.68 50.68
C ASN EA 68 -24.47 20.42 51.15
N THR EA 69 -23.93 21.36 51.93
CA THR EA 69 -22.57 21.26 52.44
C THR EA 69 -22.50 21.30 53.96
N GLY EA 70 -23.26 22.16 54.61
CA GLY EA 70 -23.26 22.27 56.05
C GLY EA 70 -22.41 23.39 56.61
N ARG EA 71 -21.51 23.97 55.83
CA ARG EA 71 -20.71 25.11 56.26
C ARG EA 71 -21.55 26.38 56.14
N GLY EA 72 -21.38 27.29 57.09
CA GLY EA 72 -22.15 28.51 57.10
C GLY EA 72 -21.70 29.59 56.13
N LEU EA 73 -20.57 29.40 55.46
CA LEU EA 73 -20.02 30.44 54.59
C LEU EA 73 -20.25 30.20 53.11
N ASP EA 74 -20.80 29.05 52.72
CA ASP EA 74 -21.13 28.82 51.32
C ASP EA 74 -22.61 29.09 51.09
N VAL EA 75 -22.92 29.89 50.09
CA VAL EA 75 -24.30 30.21 49.73
C VAL EA 75 -24.47 29.96 48.23
N ALA EA 76 -25.60 29.38 47.87
CA ALA EA 76 -25.93 29.09 46.49
C ALA EA 76 -27.05 29.99 46.01
N ILE EA 77 -27.02 30.32 44.73
CA ILE EA 77 -28.01 31.22 44.14
C ILE EA 77 -28.85 30.46 43.11
N SER EA 78 -30.16 30.60 43.19
CA SER EA 78 -31.04 30.05 42.19
C SER EA 78 -31.51 31.15 41.25
N GLN EA 79 -32.13 30.77 40.15
CA GLN EA 79 -32.61 31.72 39.13
C GLN EA 79 -31.39 32.49 38.59
N ASN EA 80 -31.58 33.77 38.31
CA ASN EA 80 -30.51 34.60 37.77
C ASN EA 80 -29.77 35.32 38.89
N GLY EA 81 -28.62 35.88 38.54
CA GLY EA 81 -27.79 36.62 39.48
C GLY EA 81 -26.35 36.17 39.41
N PHE EA 82 -25.45 37.04 39.85
CA PHE EA 82 -24.02 36.74 39.95
C PHE EA 82 -23.43 37.45 41.15
N PHE EA 83 -22.55 36.74 41.86
CA PHE EA 83 -21.74 37.39 42.90
C PHE EA 83 -20.77 38.37 42.26
N ARG EA 84 -20.62 39.53 42.89
CA ARG EA 84 -19.70 40.57 42.45
C ARG EA 84 -18.47 40.55 43.35
N LEU EA 85 -17.30 40.40 42.75
CA LEU EA 85 -16.03 40.29 43.47
C LEU EA 85 -15.04 41.33 42.96
N VAL EA 86 -14.05 41.62 43.78
CA VAL EA 86 -12.95 42.50 43.41
C VAL EA 86 -11.63 41.86 43.83
N ASP EA 87 -10.63 41.98 42.98
CA ASP EA 87 -9.30 41.47 43.30
C ASP EA 87 -8.46 42.56 43.97
N SER EA 88 -7.16 42.30 44.10
CA SER EA 88 -6.28 43.25 44.76
C SER EA 88 -6.11 44.53 43.96
N ASN EA 89 -6.24 44.48 42.64
CA ASN EA 89 -6.06 45.65 41.79
C ASN EA 89 -7.35 46.45 41.62
N GLY EA 90 -8.45 46.02 42.21
CA GLY EA 90 -9.70 46.75 42.10
C GLY EA 90 -10.56 46.39 40.92
N SER EA 91 -10.08 45.53 40.02
CA SER EA 91 -10.89 45.12 38.88
C SER EA 91 -12.10 44.31 39.35
N VAL EA 92 -13.23 44.55 38.72
CA VAL EA 92 -14.50 43.94 39.12
C VAL EA 92 -14.70 42.66 38.31
N PHE EA 93 -15.24 41.63 38.96
CA PHE EA 93 -15.49 40.35 38.35
C PHE EA 93 -16.81 39.79 38.87
N TYR EA 94 -17.34 38.79 38.18
CA TYR EA 94 -18.62 38.19 38.54
C TYR EA 94 -18.49 36.67 38.49
N SER EA 95 -18.99 36.00 39.54
CA SER EA 95 -18.81 34.54 39.64
C SER EA 95 -20.06 33.91 40.25
N ARG EA 96 -20.35 32.65 39.92
CA ARG EA 96 -21.50 31.99 40.57
C ARG EA 96 -21.00 30.98 41.61
N ASN EA 97 -19.75 31.12 42.02
CA ASN EA 97 -19.17 30.12 42.96
C ASN EA 97 -19.42 30.60 44.39
N GLY EA 98 -20.21 29.84 45.16
CA GLY EA 98 -20.50 30.33 46.49
C GLY EA 98 -19.51 29.89 47.55
N GLN EA 99 -18.36 29.36 47.14
CA GLN EA 99 -17.35 28.90 48.09
C GLN EA 99 -16.60 30.11 48.62
N PHE EA 100 -16.96 30.54 49.83
CA PHE EA 100 -16.34 31.69 50.47
C PHE EA 100 -15.58 31.22 51.71
N LYS EA 101 -14.45 31.88 51.96
CA LYS EA 101 -13.67 31.64 53.17
C LYS EA 101 -13.29 32.99 53.78
N LEU EA 102 -13.13 32.98 55.10
CA LEU EA 102 -12.74 34.18 55.83
C LEU EA 102 -11.23 34.22 55.96
N ASP EA 103 -10.61 35.29 55.46
CA ASP EA 103 -9.16 35.38 55.44
C ASP EA 103 -8.64 35.95 56.76
N GLU EA 104 -7.33 36.19 56.82
CA GLU EA 104 -6.72 36.68 58.04
C GLU EA 104 -7.07 38.14 58.32
N ASN EA 105 -7.32 38.92 57.28
CA ASN EA 105 -7.67 40.33 57.43
C ASN EA 105 -9.16 40.55 57.65
N ARG EA 106 -9.89 39.53 58.10
CA ARG EA 106 -11.31 39.60 58.39
C ARG EA 106 -12.15 40.01 57.18
N ASN EA 107 -11.83 39.49 56.00
CA ASN EA 107 -12.60 39.75 54.80
C ASN EA 107 -13.25 38.45 54.32
N LEU EA 108 -14.32 38.60 53.56
CA LEU EA 108 -14.95 37.45 52.89
C LEU EA 108 -14.36 37.32 51.49
N VAL EA 109 -13.64 36.23 51.26
CA VAL EA 109 -12.99 35.99 49.97
C VAL EA 109 -13.31 34.57 49.52
N ASN EA 110 -13.13 34.33 48.22
CA ASN EA 110 -13.27 32.99 47.67
C ASN EA 110 -11.97 32.23 47.87
N MET EA 111 -11.88 31.03 47.29
CA MET EA 111 -10.67 30.23 47.45
C MET EA 111 -9.47 30.86 46.72
N GLN EA 112 -9.74 31.68 45.70
CA GLN EA 112 -8.67 32.28 44.91
C GLN EA 112 -8.24 33.66 45.42
N GLY EA 113 -8.86 34.16 46.49
CA GLY EA 113 -8.43 35.41 47.08
C GLY EA 113 -9.23 36.64 46.66
N MET EA 114 -10.14 36.52 45.71
CA MET EA 114 -10.96 37.66 45.33
C MET EA 114 -11.93 38.01 46.46
N GLN EA 115 -12.07 39.31 46.73
CA GLN EA 115 -12.87 39.78 47.85
C GLN EA 115 -14.32 39.95 47.45
N LEU EA 116 -15.22 39.39 48.26
CA LEU EA 116 -16.65 39.56 48.03
C LEU EA 116 -17.06 40.99 48.33
N THR EA 117 -17.96 41.53 47.52
CA THR EA 117 -18.42 42.91 47.64
C THR EA 117 -19.88 42.97 48.04
N GLY EA 118 -20.25 44.07 48.67
CA GLY EA 118 -21.63 44.26 49.06
C GLY EA 118 -21.85 45.63 49.66
N TYR EA 119 -23.11 45.91 49.97
CA TYR EA 119 -23.48 47.17 50.62
C TYR EA 119 -23.02 47.15 52.07
N PRO EA 120 -22.23 48.14 52.51
CA PRO EA 120 -21.82 48.18 53.92
C PRO EA 120 -22.90 48.79 54.78
N ALA EA 121 -22.74 48.62 56.09
CA ALA EA 121 -23.67 49.17 57.08
C ALA EA 121 -23.00 50.29 57.85
N THR EA 122 -23.71 51.41 57.99
CA THR EA 122 -23.18 52.59 58.65
C THR EA 122 -24.12 53.05 59.74
N GLY EA 123 -23.57 53.72 60.74
CA GLY EA 123 -24.35 54.25 61.84
C GLY EA 123 -24.40 53.34 63.04
N THR EA 124 -24.99 53.86 64.11
CA THR EA 124 -25.16 53.11 65.35
C THR EA 124 -26.60 53.25 65.82
N PRO EA 125 -27.42 52.21 65.70
CA PRO EA 125 -27.11 50.88 65.16
C PRO EA 125 -26.99 50.90 63.63
N PRO EA 126 -26.21 49.99 63.05
CA PRO EA 126 -25.95 50.07 61.62
C PRO EA 126 -27.17 49.68 60.79
N THR EA 127 -27.31 50.35 59.65
CA THR EA 127 -28.36 50.05 58.68
C THR EA 127 -27.73 49.86 57.31
N ILE EA 128 -28.38 49.06 56.47
CA ILE EA 128 -27.83 48.74 55.16
C ILE EA 128 -27.92 49.96 54.26
N GLN EA 129 -26.76 50.41 53.77
CA GLN EA 129 -26.70 51.55 52.84
C GLN EA 129 -26.94 51.00 51.43
N GLN EA 130 -28.22 50.81 51.11
CA GLN EA 130 -28.59 50.22 49.84
C GLN EA 130 -28.24 51.10 48.65
N GLY EA 131 -28.04 52.40 48.87
CA GLY EA 131 -27.73 53.30 47.77
C GLY EA 131 -26.26 53.50 47.48
N ALA EA 132 -25.38 53.11 48.41
CA ALA EA 132 -23.96 53.38 48.26
C ALA EA 132 -23.32 52.36 47.32
N ASN EA 133 -22.11 52.70 46.86
CA ASN EA 133 -21.36 51.79 46.01
C ASN EA 133 -20.93 50.56 46.81
N PRO EA 134 -20.85 49.39 46.19
CA PRO EA 134 -20.43 48.19 46.92
C PRO EA 134 -19.01 48.32 47.44
N ALA EA 135 -18.78 47.76 48.62
CA ALA EA 135 -17.49 47.76 49.27
C ALA EA 135 -17.12 46.35 49.70
N PRO EA 136 -15.84 46.04 49.83
CA PRO EA 136 -15.44 44.71 50.30
C PRO EA 136 -16.08 44.39 51.65
N ILE EA 137 -16.71 43.23 51.72
CA ILE EA 137 -17.45 42.85 52.93
C ILE EA 137 -16.47 42.42 54.01
N THR EA 138 -16.68 42.93 55.22
CA THR EA 138 -15.82 42.63 56.35
C THR EA 138 -16.64 42.04 57.49
N ILE EA 139 -16.02 41.17 58.27
CA ILE EA 139 -16.61 40.67 59.51
C ILE EA 139 -15.60 40.92 60.62
N PRO EA 140 -15.43 42.17 61.05
CA PRO EA 140 -14.40 42.47 62.07
C PRO EA 140 -14.75 41.86 63.42
N ASN EA 141 -13.70 41.56 64.18
CA ASN EA 141 -13.85 41.04 65.54
C ASN EA 141 -13.75 42.13 66.59
N THR EA 142 -13.83 43.40 66.19
CA THR EA 142 -13.72 44.51 67.12
C THR EA 142 -14.85 44.49 68.14
N LEU EA 143 -14.53 44.89 69.36
CA LEU EA 143 -15.51 44.95 70.43
C LEU EA 143 -16.62 45.94 70.09
N MET EA 144 -17.84 45.59 70.52
CA MET EA 144 -19.00 46.46 70.35
C MET EA 144 -19.21 47.27 71.62
N ALA EA 145 -19.19 48.59 71.48
CA ALA EA 145 -19.31 49.49 72.62
C ALA EA 145 -20.76 49.45 73.13
N ALA EA 146 -20.98 49.96 74.34
CA ALA EA 146 -22.30 49.97 74.94
C ALA EA 146 -23.06 51.23 74.54
N LYS EA 147 -24.37 51.09 74.38
CA LYS EA 147 -25.24 52.18 74.01
C LYS EA 147 -26.15 52.50 75.19
N SER EA 148 -26.09 53.74 75.66
CA SER EA 148 -26.90 54.15 76.81
C SER EA 148 -28.38 54.12 76.45
N THR EA 149 -29.21 53.70 77.40
CA THR EA 149 -30.65 53.63 77.17
C THR EA 149 -31.20 55.02 76.91
N THR EA 150 -31.92 55.16 75.79
CA THR EA 150 -32.56 56.42 75.44
C THR EA 150 -34.08 56.32 75.35
N THR EA 151 -34.63 55.12 75.16
CA THR EA 151 -36.07 54.91 75.18
C THR EA 151 -36.36 53.61 75.94
N ALA EA 152 -37.54 53.53 76.52
CA ALA EA 152 -37.99 52.32 77.19
C ALA EA 152 -39.50 52.22 77.06
N SER EA 153 -39.99 50.98 77.01
CA SER EA 153 -41.42 50.71 76.87
C SER EA 153 -41.83 49.69 77.92
N MET EA 154 -42.93 49.99 78.61
CA MET EA 154 -43.46 49.10 79.64
C MET EA 154 -44.97 48.95 79.42
N GLN EA 155 -45.37 47.84 78.81
CA GLN EA 155 -46.78 47.52 78.60
C GLN EA 155 -47.23 46.60 79.72
N ILE EA 156 -48.22 47.05 80.49
CA ILE EA 156 -48.71 46.34 81.66
C ILE EA 156 -50.22 46.46 81.73
N ASN EA 157 -50.88 45.39 82.18
CA ASN EA 157 -52.33 45.39 82.40
C ASN EA 157 -52.59 45.50 83.89
N LEU EA 158 -53.59 46.31 84.25
CA LEU EA 158 -53.94 46.56 85.64
C LEU EA 158 -55.32 45.97 85.95
N ASN EA 159 -55.49 45.48 87.17
CA ASN EA 159 -56.77 44.94 87.59
C ASN EA 159 -57.64 46.06 88.16
N SER EA 160 -58.95 45.97 87.92
CA SER EA 160 -59.85 47.03 88.37
C SER EA 160 -60.21 46.90 89.84
N THR EA 161 -59.89 45.77 90.46
CA THR EA 161 -60.27 45.52 91.84
C THR EA 161 -59.16 45.79 92.85
N ASP EA 162 -58.03 46.34 92.41
CA ASP EA 162 -56.96 46.65 93.36
C ASP EA 162 -57.39 47.82 94.25
N PRO EA 163 -57.35 47.66 95.57
CA PRO EA 163 -57.78 48.75 96.46
C PRO EA 163 -56.67 49.77 96.66
N VAL EA 164 -57.09 50.99 97.01
CA VAL EA 164 -56.17 52.07 97.33
C VAL EA 164 -55.46 51.72 98.64
N PRO EA 165 -54.13 51.85 98.70
CA PRO EA 165 -53.41 51.48 99.93
C PRO EA 165 -53.88 52.30 101.13
N SER EA 166 -54.02 51.62 102.27
CA SER EA 166 -54.42 52.29 103.49
C SER EA 166 -53.26 53.05 104.13
N LYS EA 167 -52.04 52.52 104.01
CA LYS EA 167 -50.88 53.11 104.65
C LYS EA 167 -50.20 54.15 103.77
N THR EA 168 -50.92 55.21 103.43
CA THR EA 168 -50.31 56.32 102.71
C THR EA 168 -49.34 57.06 103.64
N PRO EA 169 -48.28 57.66 103.08
CA PRO EA 169 -47.90 57.74 101.67
C PRO EA 169 -47.03 56.57 101.20
N PHE EA 170 -46.35 56.75 100.07
CA PHE EA 170 -45.56 55.67 99.48
C PHE EA 170 -44.24 55.50 100.23
N SER EA 171 -43.84 54.25 100.44
CA SER EA 171 -42.59 53.91 101.10
C SER EA 171 -41.97 52.72 100.38
N VAL EA 172 -40.67 52.83 100.05
CA VAL EA 172 -39.98 51.74 99.37
C VAL EA 172 -39.66 50.61 100.34
N SER EA 173 -39.50 50.94 101.63
CA SER EA 173 -39.13 49.92 102.61
C SER EA 173 -40.32 49.02 102.93
N ASP EA 174 -41.52 49.60 103.03
CA ASP EA 174 -42.71 48.85 103.38
C ASP EA 174 -43.41 48.40 102.09
N ALA EA 175 -43.68 47.11 101.98
CA ALA EA 175 -44.28 46.57 100.76
C ALA EA 175 -45.75 46.92 100.66
N ASP EA 176 -46.39 47.21 101.78
CA ASP EA 176 -47.84 47.47 101.80
C ASP EA 176 -48.17 48.86 101.27
N SER EA 177 -47.15 49.67 101.01
CA SER EA 177 -47.34 51.06 100.58
C SER EA 177 -47.55 51.21 99.08
N TYR EA 178 -47.51 50.12 98.32
CA TYR EA 178 -47.69 50.18 96.88
C TYR EA 178 -48.55 49.02 96.41
N ASN EA 179 -49.18 49.21 95.25
CA ASN EA 179 -49.99 48.15 94.67
C ASN EA 179 -49.19 47.20 93.80
N LYS EA 180 -48.26 47.70 93.00
CA LYS EA 180 -47.36 46.85 92.24
C LYS EA 180 -45.91 47.30 92.34
N LYS EA 181 -45.01 46.31 92.31
CA LYS EA 181 -43.59 46.50 92.09
C LYS EA 181 -43.17 45.80 90.81
N GLY EA 182 -42.48 46.53 89.94
CA GLY EA 182 -41.87 45.95 88.76
C GLY EA 182 -40.44 46.44 88.61
N THR EA 183 -39.70 45.81 87.72
CA THR EA 183 -38.31 46.17 87.50
C THR EA 183 -37.98 46.09 86.03
N VAL EA 184 -37.34 47.14 85.52
CA VAL EA 184 -36.85 47.19 84.15
C VAL EA 184 -35.36 47.47 84.20
N THR EA 185 -34.58 46.70 83.45
CA THR EA 185 -33.13 46.88 83.45
C THR EA 185 -32.72 47.83 82.34
N VAL EA 186 -32.09 48.94 82.71
CA VAL EA 186 -31.59 49.91 81.76
C VAL EA 186 -30.07 49.98 81.89
N TYR EA 187 -29.42 50.54 80.87
CA TYR EA 187 -27.96 50.58 80.80
C TYR EA 187 -27.49 51.99 80.49
N ASP EA 188 -26.46 52.42 81.22
CA ASP EA 188 -25.91 53.76 81.07
C ASP EA 188 -24.83 53.77 79.98
N SER EA 189 -24.05 54.85 79.93
CA SER EA 189 -23.01 54.99 78.91
C SER EA 189 -21.95 53.90 79.01
N GLN EA 190 -21.51 53.55 80.21
CA GLN EA 190 -20.50 52.52 80.40
C GLN EA 190 -21.08 51.10 80.37
N GLY EA 191 -22.40 50.97 80.26
CA GLY EA 191 -23.01 49.66 80.21
C GLY EA 191 -23.39 49.08 81.55
N ASN EA 192 -23.24 49.85 82.63
CA ASN EA 192 -23.65 49.37 83.94
C ASN EA 192 -25.16 49.23 84.01
N ALA EA 193 -25.62 48.27 84.81
CA ALA EA 193 -27.03 47.91 84.85
C ALA EA 193 -27.73 48.65 86.00
N HIS EA 194 -28.84 49.30 85.66
CA HIS EA 194 -29.74 49.92 86.64
C HIS EA 194 -31.04 49.14 86.62
N ASP EA 195 -31.33 48.44 87.73
CA ASP EA 195 -32.60 47.73 87.87
C ASP EA 195 -33.62 48.74 88.37
N MET EA 196 -34.14 49.54 87.44
CA MET EA 196 -35.09 50.59 87.75
C MET EA 196 -36.39 49.96 88.24
N ASN EA 197 -36.69 50.12 89.53
CA ASN EA 197 -37.95 49.66 90.10
C ASN EA 197 -39.03 50.70 89.87
N VAL EA 198 -40.21 50.23 89.45
CA VAL EA 198 -41.36 51.07 89.18
C VAL EA 198 -42.49 50.61 90.08
N TYR EA 199 -43.06 51.55 90.84
CA TYR EA 199 -44.11 51.25 91.81
C TYR EA 199 -45.41 51.88 91.37
N PHE EA 200 -46.48 51.09 91.38
CA PHE EA 200 -47.82 51.54 91.03
C PHE EA 200 -48.66 51.62 92.30
N VAL EA 201 -49.19 52.81 92.57
CA VAL EA 201 -50.04 53.06 93.73
C VAL EA 201 -51.33 53.71 93.22
N LYS EA 202 -52.47 53.09 93.54
CA LYS EA 202 -53.75 53.67 93.13
C LYS EA 202 -54.08 54.88 94.00
N THR EA 203 -54.42 56.00 93.37
CA THR EA 203 -54.76 57.20 94.12
C THR EA 203 -56.26 57.39 94.28
N LYS EA 204 -57.03 57.22 93.21
CA LYS EA 204 -58.48 57.31 93.25
C LYS EA 204 -59.01 56.52 92.05
N ASP EA 205 -60.28 56.73 91.73
CA ASP EA 205 -60.91 56.00 90.64
C ASP EA 205 -60.18 56.25 89.32
N ASN EA 206 -59.65 55.18 88.73
CA ASN EA 206 -59.00 55.18 87.43
C ASN EA 206 -57.71 56.00 87.39
N GLU EA 207 -57.11 56.31 88.54
CA GLU EA 207 -55.88 57.09 88.59
C GLU EA 207 -54.80 56.27 89.28
N TRP EA 208 -53.70 56.03 88.56
CA TRP EA 208 -52.61 55.16 89.01
C TRP EA 208 -51.32 55.96 89.05
N ALA EA 209 -50.90 56.38 90.23
CA ALA EA 209 -49.62 57.06 90.37
C ALA EA 209 -48.47 56.07 90.17
N VAL EA 210 -47.47 56.50 89.43
CA VAL EA 210 -46.31 55.68 89.07
C VAL EA 210 -45.06 56.38 89.61
N TYR EA 211 -44.28 55.65 90.40
CA TYR EA 211 -43.06 56.15 91.04
C TYR EA 211 -41.87 55.32 90.59
N THR EA 212 -40.69 55.90 90.70
CA THR EA 212 -39.45 55.28 90.26
C THR EA 212 -38.43 55.23 91.39
N HIS EA 213 -37.60 54.19 91.40
CA HIS EA 213 -36.54 54.04 92.39
C HIS EA 213 -35.39 53.25 91.78
N ASP EA 214 -34.17 53.78 91.90
CA ASP EA 214 -33.00 53.10 91.33
C ASP EA 214 -32.40 52.19 92.39
N SER EA 215 -32.44 50.88 92.14
CA SER EA 215 -31.94 49.90 93.10
C SER EA 215 -30.45 49.62 92.95
N SER EA 216 -29.83 49.99 91.83
CA SER EA 216 -28.43 49.67 91.60
C SER EA 216 -27.47 50.69 92.19
N ASP EA 217 -27.81 51.97 92.16
CA ASP EA 217 -26.87 53.01 92.59
C ASP EA 217 -26.70 53.01 94.11
N PRO EA 218 -25.51 53.40 94.61
CA PRO EA 218 -25.30 53.47 96.06
C PRO EA 218 -25.94 54.69 96.71
N ALA EA 219 -26.31 55.70 95.94
CA ALA EA 219 -26.90 56.93 96.47
C ALA EA 219 -28.42 56.95 96.35
N ALA EA 220 -29.07 55.80 96.52
CA ALA EA 220 -30.52 55.73 96.35
C ALA EA 220 -31.22 56.55 97.42
N THR EA 221 -31.96 57.57 96.97
CA THR EA 221 -32.80 58.36 97.86
C THR EA 221 -34.23 57.86 97.77
N ALA EA 222 -34.93 57.89 98.90
CA ALA EA 222 -36.30 57.40 98.94
C ALA EA 222 -37.21 58.34 98.16
N PRO EA 223 -37.88 57.88 97.11
CA PRO EA 223 -38.72 58.78 96.29
C PRO EA 223 -40.02 59.10 96.99
N THR EA 224 -40.25 60.40 97.22
CA THR EA 224 -41.53 60.89 97.72
C THR EA 224 -42.27 61.73 96.70
N THR EA 225 -41.75 61.84 95.48
CA THR EA 225 -42.36 62.63 94.42
C THR EA 225 -42.88 61.69 93.34
N ALA EA 226 -44.09 61.97 92.87
CA ALA EA 226 -44.70 61.13 91.84
C ALA EA 226 -43.97 61.31 90.51
N SER EA 227 -43.59 60.19 89.90
CA SER EA 227 -43.00 60.25 88.57
C SER EA 227 -44.06 60.58 87.52
N THR EA 228 -45.24 59.97 87.63
CA THR EA 228 -46.36 60.33 86.77
C THR EA 228 -47.66 59.82 87.36
N THR EA 229 -48.76 60.09 86.66
CA THR EA 229 -50.06 59.53 87.02
C THR EA 229 -50.75 59.08 85.73
N LEU EA 230 -51.20 57.83 85.72
CA LEU EA 230 -51.95 57.28 84.61
C LEU EA 230 -53.43 57.56 84.82
N LYS EA 231 -54.05 58.20 83.81
CA LYS EA 231 -55.48 58.49 83.79
C LYS EA 231 -56.13 57.54 82.81
N PHE EA 232 -57.26 56.95 83.20
CA PHE EA 232 -57.89 55.89 82.42
C PHE EA 232 -59.30 56.29 82.02
N ASN EA 233 -59.63 56.02 80.76
CA ASN EA 233 -60.94 56.34 80.20
C ASN EA 233 -61.94 55.25 80.62
N GLU EA 234 -63.23 55.53 80.39
CA GLU EA 234 -64.30 54.61 80.81
C GLU EA 234 -64.18 53.23 80.18
N ASN EA 235 -63.52 53.11 79.03
CA ASN EA 235 -63.31 51.82 78.39
C ASN EA 235 -61.92 51.25 78.62
N GLY EA 236 -61.12 51.86 79.49
CA GLY EA 236 -59.83 51.31 79.86
C GLY EA 236 -58.66 51.66 78.96
N ILE EA 237 -58.84 52.56 77.99
CA ILE EA 237 -57.75 53.05 77.17
C ILE EA 237 -57.00 54.12 77.94
N LEU EA 238 -55.67 54.04 77.92
CA LEU EA 238 -54.85 55.06 78.59
C LEU EA 238 -55.15 56.42 78.01
N GLU EA 239 -55.39 57.40 78.89
CA GLU EA 239 -55.78 58.74 78.46
C GLU EA 239 -54.60 59.71 78.38
N SER EA 240 -53.76 59.75 79.42
CA SER EA 240 -52.63 60.66 79.44
C SER EA 240 -51.60 60.15 80.44
N GLY EA 241 -50.41 60.76 80.39
CA GLY EA 241 -49.33 60.41 81.28
C GLY EA 241 -48.56 59.17 80.90
N GLY EA 242 -48.70 58.68 79.66
CA GLY EA 242 -48.00 57.48 79.24
C GLY EA 242 -46.53 57.65 78.96
N THR EA 243 -46.06 58.87 78.69
CA THR EA 243 -44.66 59.10 78.35
C THR EA 243 -44.05 60.04 79.39
N VAL EA 244 -42.95 59.59 79.99
CA VAL EA 244 -42.26 60.34 81.04
C VAL EA 244 -40.77 60.36 80.73
N ASN EA 245 -40.05 61.28 81.36
CA ASN EA 245 -38.61 61.34 81.23
C ASN EA 245 -37.94 60.92 82.53
N ILE EA 246 -37.07 59.92 82.47
CA ILE EA 246 -36.43 59.36 83.65
C ILE EA 246 -34.92 59.43 83.49
N THR EA 247 -34.25 59.94 84.52
CA THR EA 247 -32.80 59.94 84.61
C THR EA 247 -32.40 59.05 85.77
N THR EA 248 -31.51 58.09 85.50
CA THR EA 248 -31.13 57.10 86.50
C THR EA 248 -30.11 57.69 87.48
N GLY EA 249 -29.51 56.82 88.26
CA GLY EA 249 -28.47 57.23 89.18
C GLY EA 249 -27.08 57.21 88.54
N THR EA 250 -26.10 57.64 89.32
CA THR EA 250 -24.69 57.65 88.91
C THR EA 250 -23.98 56.53 89.66
N ILE EA 251 -23.51 55.54 88.93
CA ILE EA 251 -22.86 54.36 89.51
C ILE EA 251 -21.45 54.25 88.96
N ASN EA 252 -20.47 54.16 89.86
CA ASN EA 252 -19.06 53.95 89.51
C ASN EA 252 -18.56 55.01 88.53
N GLY EA 253 -19.03 56.25 88.69
CA GLY EA 253 -18.59 57.35 87.87
C GLY EA 253 -19.28 57.47 86.53
N ALA EA 254 -20.19 56.56 86.19
CA ALA EA 254 -20.89 56.64 84.92
C ALA EA 254 -22.05 57.62 84.99
N THR EA 255 -22.12 58.51 84.02
CA THR EA 255 -23.20 59.49 83.96
C THR EA 255 -24.51 58.81 83.63
N ALA EA 256 -25.57 59.19 84.33
CA ALA EA 256 -26.87 58.56 84.17
C ALA EA 256 -27.43 58.81 82.77
N ALA EA 257 -28.16 57.82 82.26
CA ALA EA 257 -28.80 57.94 80.96
C ALA EA 257 -30.22 58.48 81.13
N THR EA 258 -30.55 59.51 80.36
CA THR EA 258 -31.87 60.11 80.37
C THR EA 258 -32.69 59.50 79.25
N PHE EA 259 -33.80 58.83 79.60
CA PHE EA 259 -34.56 58.07 78.63
C PHE EA 259 -36.05 58.36 78.79
N SER EA 260 -36.79 58.19 77.69
CA SER EA 260 -38.23 58.39 77.70
C SER EA 260 -38.91 57.04 77.92
N LEU EA 261 -39.69 56.93 78.99
CA LEU EA 261 -40.40 55.70 79.32
C LEU EA 261 -41.85 55.84 78.87
N SER EA 262 -42.32 54.85 78.11
CA SER EA 262 -43.65 54.88 77.50
C SER EA 262 -44.51 53.77 78.06
N PHE EA 263 -45.69 54.14 78.58
CA PHE EA 263 -46.68 53.21 79.07
C PHE EA 263 -47.80 52.97 78.07
N LEU EA 264 -47.50 53.06 76.77
CA LEU EA 264 -48.54 52.96 75.74
C LEU EA 264 -49.15 51.57 75.74
N ASN EA 265 -50.42 51.50 75.31
CA ASN EA 265 -51.21 50.29 75.22
C ASN EA 265 -51.51 49.66 76.58
N SER EA 266 -51.18 50.34 77.67
CA SER EA 266 -51.53 49.84 78.99
C SER EA 266 -53.02 49.97 79.23
N MET EA 267 -53.61 48.92 79.82
CA MET EA 267 -55.04 48.93 80.08
C MET EA 267 -55.29 48.50 81.52
N GLN EA 268 -56.38 49.01 82.08
CA GLN EA 268 -56.80 48.71 83.45
C GLN EA 268 -58.19 48.10 83.34
N GLN EA 269 -58.27 46.79 83.59
CA GLN EA 269 -59.46 45.99 83.32
C GLN EA 269 -59.63 44.97 84.45
N ASN EA 270 -60.67 44.13 84.40
CA ASN EA 270 -60.91 43.18 85.49
C ASN EA 270 -60.18 41.86 85.27
N THR EA 271 -58.85 41.90 85.22
CA THR EA 271 -58.06 40.69 85.10
C THR EA 271 -58.12 39.90 86.41
N GLY EA 272 -57.69 38.64 86.34
CA GLY EA 272 -57.62 37.82 87.54
C GLY EA 272 -56.66 38.42 88.55
N ALA EA 273 -55.60 39.04 88.02
CA ALA EA 273 -54.65 39.79 88.84
C ALA EA 273 -53.87 40.73 87.93
N ASN EA 274 -53.11 41.63 88.51
CA ASN EA 274 -52.24 42.51 87.74
C ASN EA 274 -51.14 41.69 87.09
N ASN EA 275 -51.02 41.78 85.77
CA ASN EA 275 -50.01 41.04 85.03
C ASN EA 275 -49.19 41.99 84.17
N ILE EA 276 -47.87 41.93 84.33
CA ILE EA 276 -46.95 42.71 83.50
C ILE EA 276 -46.77 41.98 82.17
N VAL EA 277 -46.93 42.71 81.07
CA VAL EA 277 -46.89 42.07 79.76
C VAL EA 277 -45.51 42.13 79.14
N ALA EA 278 -44.98 43.33 78.93
CA ALA EA 278 -43.72 43.47 78.20
C ALA EA 278 -42.91 44.64 78.73
N THR EA 279 -41.60 44.44 78.80
CA THR EA 279 -40.65 45.50 79.11
C THR EA 279 -39.52 45.45 78.08
N ASN EA 280 -39.17 46.61 77.53
CA ASN EA 280 -38.15 46.65 76.49
C ASN EA 280 -37.40 47.97 76.56
N GLN EA 281 -36.18 47.94 76.04
CA GLN EA 281 -35.31 49.11 76.01
C GLN EA 281 -34.22 48.86 74.97
N ASN EA 282 -33.56 49.94 74.56
CA ASN EA 282 -32.60 49.89 73.46
C ASN EA 282 -31.15 49.88 73.90
N GLY EA 283 -30.87 49.70 75.20
CA GLY EA 283 -29.51 49.65 75.67
C GLY EA 283 -28.98 48.23 75.75
N TYR EA 284 -27.66 48.11 75.79
CA TYR EA 284 -27.00 46.82 75.88
C TYR EA 284 -25.60 47.02 76.46
N LYS EA 285 -25.00 45.92 76.92
CA LYS EA 285 -23.67 45.89 77.50
C LYS EA 285 -22.64 45.55 76.43
N PRO EA 286 -21.36 45.89 76.65
CA PRO EA 286 -20.33 45.50 75.69
C PRO EA 286 -20.24 43.99 75.51
N GLY EA 287 -20.04 43.55 74.28
CA GLY EA 287 -19.94 42.13 73.99
C GLY EA 287 -19.12 41.90 72.73
N ASP EA 288 -18.47 40.74 72.69
CA ASP EA 288 -17.63 40.35 71.58
C ASP EA 288 -18.38 39.40 70.65
N LEU EA 289 -17.94 39.34 69.40
CA LEU EA 289 -18.54 38.46 68.41
C LEU EA 289 -18.37 37.01 68.84
N VAL EA 290 -19.46 36.25 68.81
CA VAL EA 290 -19.43 34.82 69.10
C VAL EA 290 -19.85 34.00 67.89
N SER EA 291 -20.55 34.62 66.93
CA SER EA 291 -20.92 33.91 65.71
C SER EA 291 -21.16 34.91 64.59
N TYR EA 292 -21.15 34.41 63.36
CA TYR EA 292 -21.55 35.20 62.20
C TYR EA 292 -22.30 34.29 61.24
N GLN EA 293 -23.24 34.88 60.50
CA GLN EA 293 -24.05 34.13 59.55
C GLN EA 293 -24.42 35.01 58.37
N ILE EA 294 -24.85 34.37 57.29
CA ILE EA 294 -25.38 35.05 56.12
C ILE EA 294 -26.84 34.63 55.97
N ASN EA 295 -27.74 35.60 56.07
CA ASN EA 295 -29.16 35.30 55.97
C ASN EA 295 -29.56 35.09 54.51
N ASN EA 296 -30.76 34.55 54.31
CA ASN EA 296 -31.24 34.20 52.98
C ASN EA 296 -31.42 35.40 52.06
N ASP EA 297 -31.47 36.62 52.60
CA ASP EA 297 -31.62 37.83 51.79
C ASP EA 297 -30.30 38.53 51.53
N GLY EA 298 -29.18 37.90 51.84
CA GLY EA 298 -27.87 38.47 51.60
C GLY EA 298 -27.26 39.22 52.76
N THR EA 299 -28.01 39.44 53.84
CA THR EA 299 -27.48 40.18 54.98
C THR EA 299 -26.45 39.32 55.72
N VAL EA 300 -25.36 39.96 56.15
CA VAL EA 300 -24.38 39.34 57.02
C VAL EA 300 -24.64 39.85 58.43
N VAL EA 301 -24.91 38.94 59.35
CA VAL EA 301 -25.31 39.28 60.72
C VAL EA 301 -24.35 38.61 61.69
N GLY EA 302 -23.80 39.39 62.60
CA GLY EA 302 -22.92 38.87 63.64
C GLY EA 302 -23.64 38.84 64.97
N ASN EA 303 -23.59 37.67 65.61
CA ASN EA 303 -24.15 37.46 66.94
C ASN EA 303 -23.05 37.67 67.97
N TYR EA 304 -23.32 38.54 68.94
CA TYR EA 304 -22.38 38.91 69.98
C TYR EA 304 -22.71 38.16 71.28
N SER EA 305 -22.00 38.49 72.35
CA SER EA 305 -22.21 37.86 73.64
C SER EA 305 -23.26 38.55 74.50
N ASN EA 306 -23.66 39.76 74.15
CA ASN EA 306 -24.66 40.49 74.93
C ASN EA 306 -26.06 40.25 74.39
N GLU EA 307 -26.25 39.14 73.66
CA GLU EA 307 -27.55 38.77 73.11
C GLU EA 307 -28.08 39.90 72.20
N GLN EA 308 -27.15 40.49 71.45
CA GLN EA 308 -27.49 41.54 70.51
C GLN EA 308 -26.82 41.25 69.18
N GLU EA 309 -27.58 41.33 68.10
CA GLU EA 309 -27.09 41.04 66.76
C GLU EA 309 -26.83 42.34 66.00
N GLN EA 310 -25.75 42.35 65.23
CA GLN EA 310 -25.36 43.53 64.48
C GLN EA 310 -25.10 43.17 63.03
N VAL EA 311 -25.68 43.95 62.11
CA VAL EA 311 -25.48 43.72 60.69
C VAL EA 311 -24.14 44.30 60.27
N LEU EA 312 -23.47 43.65 59.33
CA LEU EA 312 -22.17 44.08 58.84
C LEU EA 312 -22.15 44.38 57.35
N GLY EA 313 -23.06 43.79 56.58
CA GLY EA 313 -23.11 44.04 55.17
C GLY EA 313 -24.18 43.20 54.50
N GLN EA 314 -24.50 43.58 53.28
CA GLN EA 314 -25.50 42.90 52.47
C GLN EA 314 -24.88 42.51 51.14
N ILE EA 315 -24.89 41.22 50.82
CA ILE EA 315 -24.25 40.74 49.61
C ILE EA 315 -24.97 41.31 48.39
N VAL EA 316 -24.20 41.83 47.44
CA VAL EA 316 -24.75 42.45 46.24
C VAL EA 316 -24.72 41.44 45.10
N LEU EA 317 -25.87 41.23 44.48
CA LEU EA 317 -25.98 40.38 43.30
C LEU EA 317 -25.98 41.24 42.05
N ALA EA 318 -25.53 40.65 40.94
CA ALA EA 318 -25.45 41.36 39.68
C ALA EA 318 -26.20 40.59 38.60
N ASN EA 319 -26.91 41.31 37.75
CA ASN EA 319 -27.61 40.73 36.62
C ASN EA 319 -27.23 41.49 35.35
N PHE EA 320 -27.13 40.76 34.25
CA PHE EA 320 -26.64 41.30 32.99
C PHE EA 320 -27.73 41.25 31.93
N ALA EA 321 -27.64 42.19 30.99
CA ALA EA 321 -28.54 42.19 29.85
C ALA EA 321 -28.23 41.02 28.90
N ASN EA 322 -26.95 40.70 28.75
CA ASN EA 322 -26.50 39.65 27.83
C ASN EA 322 -25.57 38.73 28.61
N ASN EA 323 -26.12 37.63 29.13
CA ASN EA 323 -25.28 36.66 29.83
C ASN EA 323 -24.31 35.98 28.88
N GLU EA 324 -24.68 35.83 27.60
CA GLU EA 324 -23.81 35.14 26.65
C GLU EA 324 -22.59 35.95 26.29
N GLY EA 325 -22.54 37.24 26.65
CA GLY EA 325 -21.40 38.06 26.35
C GLY EA 325 -20.32 38.10 27.40
N LEU EA 326 -20.57 37.49 28.57
CA LEU EA 326 -19.59 37.48 29.63
C LEU EA 326 -18.35 36.69 29.22
N ALA EA 327 -17.17 37.25 29.50
CA ALA EA 327 -15.91 36.62 29.15
C ALA EA 327 -15.33 35.93 30.38
N SER EA 328 -15.09 34.62 30.26
CA SER EA 328 -14.52 33.87 31.38
C SER EA 328 -13.03 34.15 31.49
N GLN EA 329 -12.59 34.45 32.72
CA GLN EA 329 -11.20 34.76 33.00
C GLN EA 329 -10.46 33.61 33.70
N GLY EA 330 -11.09 32.45 33.82
CA GLY EA 330 -10.52 31.38 34.61
C GLY EA 330 -10.89 31.53 36.07
N ASP EA 331 -10.57 30.48 36.83
CA ASP EA 331 -10.92 30.41 38.25
C ASP EA 331 -12.43 30.61 38.45
N ASN EA 332 -13.22 29.99 37.57
CA ASN EA 332 -14.68 30.13 37.54
C ASN EA 332 -15.12 31.57 37.80
N VAL EA 333 -14.66 32.50 36.98
CA VAL EA 333 -14.92 33.92 37.13
C VAL EA 333 -15.26 34.52 35.77
N TRP EA 334 -16.31 35.34 35.74
CA TRP EA 334 -16.73 36.04 34.53
C TRP EA 334 -16.37 37.51 34.65
N ALA EA 335 -16.02 38.13 33.53
CA ALA EA 335 -15.73 39.55 33.46
C ALA EA 335 -16.70 40.24 32.50
N ALA EA 336 -17.24 41.37 32.94
CA ALA EA 336 -18.15 42.13 32.09
C ALA EA 336 -17.40 42.82 30.96
N THR EA 337 -18.01 42.86 29.79
CA THR EA 337 -17.45 43.51 28.62
C THR EA 337 -18.52 44.35 27.94
N GLN EA 338 -18.17 44.93 26.79
CA GLN EA 338 -19.15 45.71 26.03
C GLN EA 338 -20.30 44.85 25.53
N ALA EA 339 -20.01 43.65 25.02
CA ALA EA 339 -21.05 42.80 24.46
C ALA EA 339 -22.05 42.33 25.51
N SER EA 340 -21.65 42.33 26.78
CA SER EA 340 -22.57 41.93 27.85
C SER EA 340 -23.27 43.12 28.50
N GLY EA 341 -22.80 44.34 28.23
CA GLY EA 341 -23.43 45.52 28.79
C GLY EA 341 -23.01 45.77 30.22
N VAL EA 342 -23.52 46.87 30.76
CA VAL EA 342 -23.23 47.23 32.15
C VAL EA 342 -23.97 46.29 33.09
N ALA EA 343 -23.40 46.10 34.28
CA ALA EA 343 -23.98 45.19 35.26
C ALA EA 343 -25.00 45.93 36.12
N LEU EA 344 -26.21 45.37 36.21
CA LEU EA 344 -27.24 45.92 37.07
C LEU EA 344 -27.12 45.29 38.45
N LEU EA 345 -26.85 46.11 39.46
CA LEU EA 345 -26.66 45.62 40.82
C LEU EA 345 -27.99 45.57 41.56
N GLY EA 346 -28.04 44.72 42.58
CA GLY EA 346 -29.26 44.61 43.36
C GLY EA 346 -29.06 43.66 44.52
N THR EA 347 -30.18 43.35 45.17
CA THR EA 347 -30.19 42.45 46.31
C THR EA 347 -30.99 41.19 45.96
N ALA EA 348 -30.57 40.07 46.54
CA ALA EA 348 -31.17 38.78 46.21
C ALA EA 348 -32.58 38.69 46.77
N GLY EA 349 -33.43 37.95 46.07
CA GLY EA 349 -34.79 37.73 46.50
C GLY EA 349 -35.77 38.85 46.18
N SER EA 350 -35.32 39.89 45.49
CA SER EA 350 -36.16 41.03 45.16
C SER EA 350 -35.96 41.41 43.70
N GLY EA 351 -37.06 41.74 43.02
CA GLY EA 351 -36.97 42.17 41.64
C GLY EA 351 -36.55 41.04 40.73
N ASN EA 352 -35.53 41.29 39.91
CA ASN EA 352 -35.05 40.34 38.92
C ASN EA 352 -33.75 39.67 39.39
N PHE EA 353 -33.70 39.28 40.66
CA PHE EA 353 -32.54 38.60 41.23
C PHE EA 353 -33.01 37.36 41.97
N GLY EA 354 -32.20 36.30 41.89
CA GLY EA 354 -32.57 35.02 42.47
C GLY EA 354 -32.42 34.99 43.98
N LYS EA 355 -32.83 33.86 44.55
CA LYS EA 355 -32.80 33.65 45.99
C LYS EA 355 -31.45 33.14 46.45
N LEU EA 356 -31.22 33.20 47.76
CA LEU EA 356 -30.02 32.62 48.35
C LEU EA 356 -30.38 31.45 49.25
N THR EA 357 -29.62 30.37 49.12
CA THR EA 357 -29.71 29.24 50.03
C THR EA 357 -28.38 29.11 50.77
N ASN EA 358 -28.41 29.26 52.09
CA ASN EA 358 -27.20 29.17 52.88
C ASN EA 358 -26.88 27.73 53.22
N GLY EA 359 -25.59 27.45 53.35
CA GLY EA 359 -25.15 26.08 53.61
C GLY EA 359 -25.27 25.16 52.41
N ALA EA 360 -25.32 25.72 51.21
CA ALA EA 360 -25.47 24.92 49.99
C ALA EA 360 -24.69 25.57 48.87
N LEU EA 361 -24.34 24.77 47.87
CA LEU EA 361 -23.54 25.21 46.74
C LEU EA 361 -24.22 24.81 45.44
N GLU EA 362 -23.95 25.59 44.39
CA GLU EA 362 -24.47 25.28 43.07
C GLU EA 362 -23.45 24.47 42.29
N ALA EA 363 -23.74 23.20 42.06
CA ALA EA 363 -22.83 22.34 41.34
C ALA EA 363 -22.89 22.65 39.84
N SER EA 364 -21.99 22.01 39.09
CA SER EA 364 -21.93 22.23 37.65
C SER EA 364 -23.14 21.61 36.96
N ASN EA 365 -23.45 22.12 35.77
CA ASN EA 365 -24.57 21.62 34.98
C ASN EA 365 -24.10 20.74 33.82
N VAL EA 366 -23.01 20.02 34.01
CA VAL EA 366 -22.45 19.17 32.96
C VAL EA 366 -23.00 17.76 33.14
N ASP EA 367 -23.73 17.27 32.15
CA ASP EA 367 -24.21 15.90 32.17
C ASP EA 367 -23.24 15.03 31.38
N LEU EA 368 -22.59 14.16 32.15
CA LEU EA 368 -21.54 13.29 31.56
C LEU EA 368 -22.16 12.42 30.48
N SER EA 369 -23.41 11.98 30.56
CA SER EA 369 -23.92 11.15 29.45
C SER EA 369 -23.85 11.92 28.14
N LYS EA 370 -24.38 13.14 28.13
CA LYS EA 370 -24.40 13.89 26.85
C LYS EA 370 -22.96 14.17 26.41
N GLU EA 371 -22.03 14.43 27.34
CA GLU EA 371 -20.67 14.79 26.88
C GLU EA 371 -20.02 13.55 26.31
N LEU EA 372 -20.27 12.39 26.92
CA LEU EA 372 -19.65 11.12 26.48
C LEU EA 372 -20.29 10.69 25.16
N VAL EA 373 -21.45 11.25 24.81
CA VAL EA 373 -21.96 10.96 23.44
C VAL EA 373 -21.32 11.96 22.46
N ASN EA 374 -21.57 13.26 22.59
CA ASN EA 374 -21.05 14.32 21.74
C ASN EA 374 -19.59 14.07 21.38
N MET EA 375 -18.82 13.49 22.30
CA MET EA 375 -17.45 13.10 21.96
C MET EA 375 -17.44 12.07 20.84
N ILE EA 376 -18.35 11.10 20.90
CA ILE EA 376 -18.43 10.08 19.85
C ILE EA 376 -18.72 10.75 18.51
N VAL EA 377 -19.73 11.62 18.48
CA VAL EA 377 -20.14 12.28 17.24
C VAL EA 377 -19.00 13.14 16.69
N ALA EA 378 -18.34 13.90 17.55
CA ALA EA 378 -17.28 14.79 17.09
C ALA EA 378 -16.07 14.00 16.62
N GLN EA 379 -15.74 12.93 17.34
CA GLN EA 379 -14.56 12.12 16.97
C GLN EA 379 -14.81 11.57 15.57
N ARG EA 380 -16.06 11.21 15.27
CA ARG EA 380 -16.39 10.66 13.93
C ARG EA 380 -16.27 11.78 12.89
N ASN EA 381 -16.94 12.90 13.14
CA ASN EA 381 -16.80 14.03 12.21
C ASN EA 381 -15.33 14.32 11.90
N TYR EA 382 -14.47 14.28 12.92
CA TYR EA 382 -13.04 14.50 12.72
C TYR EA 382 -12.46 13.45 11.79
N GLN EA 383 -12.83 12.18 11.97
CA GLN EA 383 -12.31 11.12 11.10
C GLN EA 383 -12.82 11.28 9.68
N SER EA 384 -14.06 11.72 9.51
CA SER EA 384 -14.58 11.95 8.16
C SER EA 384 -13.81 13.07 7.47
N ASN EA 385 -13.53 14.15 8.19
CA ASN EA 385 -12.75 15.24 7.60
C ASN EA 385 -11.32 14.78 7.29
N ALA EA 386 -10.76 13.91 8.12
CA ALA EA 386 -9.46 13.33 7.83
C ALA EA 386 -9.51 12.50 6.55
N GLN EA 387 -10.58 11.76 6.34
CA GLN EA 387 -10.74 11.01 5.09
C GLN EA 387 -10.81 11.95 3.90
N THR EA 388 -11.51 13.08 4.05
CA THR EA 388 -11.57 14.07 2.97
C THR EA 388 -10.18 14.61 2.64
N ILE EA 389 -9.40 14.93 3.67
CA ILE EA 389 -8.06 15.48 3.43
C ILE EA 389 -7.16 14.41 2.80
N LYS EA 390 -7.37 13.15 3.17
CA LYS EA 390 -6.64 12.06 2.54
C LYS EA 390 -6.98 11.96 1.06
N THR EA 391 -8.27 12.11 0.73
CA THR EA 391 -8.68 12.08 -0.67
C THR EA 391 -8.02 13.19 -1.46
N GLN EA 392 -8.00 14.40 -0.92
CA GLN EA 392 -7.35 15.51 -1.62
C GLN EA 392 -5.85 15.28 -1.77
N ASP EA 393 -5.22 14.72 -0.73
CA ASP EA 393 -3.79 14.42 -0.80
C ASP EA 393 -3.51 13.40 -1.91
N GLN EA 394 -4.34 12.36 -2.01
CA GLN EA 394 -4.14 11.37 -3.07
C GLN EA 394 -4.38 11.97 -4.44
N ILE EA 395 -5.33 12.91 -4.55
CA ILE EA 395 -5.56 13.59 -5.82
C ILE EA 395 -4.33 14.37 -6.25
N LEU EA 396 -3.75 15.15 -5.32
CA LEU EA 396 -2.55 15.89 -5.65
C LEU EA 396 -1.39 14.96 -5.98
N ASN EA 397 -1.32 13.81 -5.29
CA ASN EA 397 -0.27 12.84 -5.57
C ASN EA 397 -0.39 12.31 -7.00
N THR EA 398 -1.58 11.88 -7.40
CA THR EA 398 -1.73 11.28 -8.73
C THR EA 398 -1.53 12.34 -9.81
N LEU EA 399 -1.91 13.59 -9.53
CA LEU EA 399 -1.65 14.65 -10.51
C LEU EA 399 -0.16 14.95 -10.63
N VAL EA 400 0.56 14.93 -9.51
CA VAL EA 400 2.00 15.19 -9.55
C VAL EA 400 2.72 14.08 -10.29
N ASN EA 401 2.30 12.83 -10.07
CA ASN EA 401 3.04 11.69 -10.61
C ASN EA 401 2.91 11.60 -12.13
N LEU EA 402 2.04 12.40 -12.73
CA LEU EA 402 1.93 12.44 -14.18
C LEU EA 402 3.24 12.86 -14.83
N SER FA 2 -21.15 1.65 -11.90
CA SER FA 2 -21.32 0.39 -11.17
C SER FA 2 -21.31 0.62 -9.67
N PHE FA 3 -20.81 1.78 -9.26
CA PHE FA 3 -20.82 2.15 -7.84
C PHE FA 3 -22.24 2.32 -7.33
N SER FA 4 -23.11 2.94 -8.14
CA SER FA 4 -24.43 3.36 -7.68
C SER FA 4 -25.23 2.17 -7.13
N GLN FA 5 -24.93 0.96 -7.61
CA GLN FA 5 -25.62 -0.22 -7.13
C GLN FA 5 -25.28 -0.51 -5.66
N ALA FA 6 -23.99 -0.52 -5.34
CA ALA FA 6 -23.58 -0.70 -3.94
C ALA FA 6 -23.99 0.50 -3.09
N VAL FA 7 -24.01 1.69 -3.68
CA VAL FA 7 -24.46 2.87 -2.95
C VAL FA 7 -25.93 2.74 -2.58
N SER FA 8 -26.75 2.23 -3.51
CA SER FA 8 -28.17 2.01 -3.22
C SER FA 8 -28.35 0.96 -2.14
N GLY FA 9 -27.55 -0.11 -2.20
CA GLY FA 9 -27.58 -1.09 -1.12
C GLY FA 9 -27.25 -0.49 0.23
N LEU FA 10 -26.21 0.35 0.27
CA LEU FA 10 -25.83 1.01 1.52
C LEU FA 10 -26.93 1.92 2.01
N ASN FA 11 -27.57 2.67 1.09
CA ASN FA 11 -28.64 3.58 1.48
C ASN FA 11 -29.83 2.82 2.05
N ALA FA 12 -30.17 1.69 1.43
CA ALA FA 12 -31.26 0.86 1.97
C ALA FA 12 -30.93 0.34 3.35
N ALA FA 13 -29.70 -0.15 3.54
CA ALA FA 13 -29.29 -0.62 4.86
C ALA FA 13 -29.34 0.50 5.89
N ALA FA 14 -28.89 1.70 5.52
CA ALA FA 14 -28.90 2.83 6.43
C ALA FA 14 -30.31 3.24 6.79
N THR FA 15 -31.23 3.22 5.82
CA THR FA 15 -32.63 3.54 6.11
C THR FA 15 -33.23 2.52 7.06
N ASN FA 16 -32.93 1.24 6.85
CA ASN FA 16 -33.42 0.21 7.77
C ASN FA 16 -32.86 0.42 9.18
N LEU FA 17 -31.58 0.74 9.27
CA LEU FA 17 -30.97 0.98 10.58
C LEU FA 17 -31.58 2.19 11.27
N ASP FA 18 -31.85 3.25 10.50
CA ASP FA 18 -32.51 4.42 11.07
C ASP FA 18 -33.91 4.08 11.58
N VAL FA 19 -34.66 3.27 10.82
CA VAL FA 19 -35.99 2.88 11.27
C VAL FA 19 -35.91 2.09 12.57
N ILE FA 20 -34.95 1.16 12.64
CA ILE FA 20 -34.79 0.35 13.85
C ILE FA 20 -34.41 1.23 15.04
N GLY FA 21 -33.49 2.17 14.82
CA GLY FA 21 -33.09 3.07 15.90
C GLY FA 21 -34.23 3.95 16.37
N ASN FA 22 -35.07 4.42 15.43
CA ASN FA 22 -36.25 5.19 15.82
C ASN FA 22 -37.22 4.34 16.62
N ASN FA 23 -37.41 3.08 16.22
CA ASN FA 23 -38.31 2.20 16.96
C ASN FA 23 -37.81 1.97 18.38
N ILE FA 24 -36.49 1.78 18.54
CA ILE FA 24 -35.94 1.60 19.87
C ILE FA 24 -36.06 2.88 20.69
N ALA FA 25 -35.84 4.03 20.06
CA ALA FA 25 -35.96 5.30 20.77
C ALA FA 25 -37.38 5.51 21.30
N ASN FA 26 -38.37 4.94 20.63
CA ASN FA 26 -39.77 5.00 21.06
C ASN FA 26 -40.18 3.78 21.86
N SER FA 27 -39.27 3.21 22.65
CA SER FA 27 -39.58 2.03 23.45
C SER FA 27 -40.71 2.31 24.43
N ALA FA 28 -40.67 3.47 25.07
CA ALA FA 28 -41.69 3.90 26.01
C ALA FA 28 -42.30 5.22 25.50
N THR FA 29 -43.31 5.09 24.63
CA THR FA 29 -43.99 6.25 24.05
C THR FA 29 -45.43 5.82 23.74
N TYR FA 30 -46.36 6.29 24.57
CA TYR FA 30 -47.76 5.91 24.44
C TYR FA 30 -48.31 6.29 23.07
N GLY FA 31 -49.08 5.39 22.47
CA GLY FA 31 -49.66 5.65 21.17
C GLY FA 31 -48.71 5.55 19.99
N PHE FA 32 -47.56 4.92 20.16
CA PHE FA 32 -46.59 4.78 19.07
C PHE FA 32 -46.82 3.45 18.34
N LYS FA 33 -46.70 3.48 17.02
CA LYS FA 33 -46.74 2.28 16.20
C LYS FA 33 -45.39 2.10 15.53
N SER FA 34 -44.84 0.89 15.64
CA SER FA 34 -43.51 0.61 15.11
C SER FA 34 -43.49 0.75 13.59
N GLY FA 35 -42.30 1.00 13.05
CA GLY FA 35 -42.11 1.17 11.63
C GLY FA 35 -41.23 0.09 11.05
N THR FA 36 -41.42 -0.20 9.76
CA THR FA 36 -40.63 -1.20 9.06
C THR FA 36 -40.41 -0.74 7.62
N ALA FA 37 -39.18 -0.86 7.15
CA ALA FA 37 -38.84 -0.44 5.80
C ALA FA 37 -39.03 -1.59 4.82
N SER FA 38 -39.55 -1.28 3.64
CA SER FA 38 -39.72 -2.26 2.58
C SER FA 38 -38.85 -1.88 1.38
N PHE FA 39 -38.20 -2.88 0.80
CA PHE FA 39 -37.24 -2.67 -0.27
C PHE FA 39 -37.69 -3.34 -1.55
N ALA FA 40 -37.25 -2.80 -2.69
CA ALA FA 40 -37.58 -3.31 -4.00
C ALA FA 40 -36.40 -3.14 -4.94
N ASP FA 41 -36.17 -4.15 -5.77
CA ASP FA 41 -35.06 -4.11 -6.73
C ASP FA 41 -35.41 -3.21 -7.91
N MET FA 42 -34.38 -2.87 -8.68
CA MET FA 42 -34.53 -1.86 -9.74
C MET FA 42 -34.06 -2.36 -11.10
N PHE FA 43 -34.48 -3.55 -11.51
CA PHE FA 43 -34.16 -4.02 -12.85
C PHE FA 43 -34.71 -3.06 -13.89
N ALA FA 44 -33.89 -2.74 -14.91
CA ALA FA 44 -34.28 -1.83 -15.97
C ALA FA 44 -33.49 -2.18 -17.24
N GLY FA 45 -34.15 -2.88 -18.15
CA GLY FA 45 -33.56 -3.22 -19.43
C GLY FA 45 -32.62 -4.42 -19.37
N SER FA 46 -31.43 -4.21 -18.85
CA SER FA 46 -30.46 -5.29 -18.75
C SER FA 46 -30.83 -6.25 -17.63
N LYS FA 47 -30.33 -7.49 -17.72
CA LYS FA 47 -30.55 -8.49 -16.69
C LYS FA 47 -29.58 -8.35 -15.53
N VAL FA 48 -28.65 -7.39 -15.59
CA VAL FA 48 -27.64 -7.25 -14.55
C VAL FA 48 -28.23 -6.76 -13.24
N GLY FA 49 -29.46 -6.27 -13.23
CA GLY FA 49 -30.08 -5.89 -11.98
C GLY FA 49 -29.51 -4.66 -11.33
N LEU FA 50 -29.80 -3.48 -11.90
CA LEU FA 50 -29.23 -2.20 -11.50
C LEU FA 50 -29.01 -2.04 -10.00
N GLY FA 51 -30.04 -2.25 -9.18
CA GLY FA 51 -29.86 -2.09 -7.76
C GLY FA 51 -31.12 -2.32 -6.95
N VAL FA 52 -31.14 -1.74 -5.75
CA VAL FA 52 -32.24 -1.87 -4.82
C VAL FA 52 -32.67 -0.47 -4.36
N LYS FA 53 -33.97 -0.30 -4.16
CA LYS FA 53 -34.53 0.96 -3.69
C LYS FA 53 -35.54 0.70 -2.59
N VAL FA 54 -35.75 1.71 -1.75
CA VAL FA 54 -36.72 1.62 -0.67
C VAL FA 54 -38.11 1.88 -1.23
N ALA FA 55 -39.00 0.88 -1.10
CA ALA FA 55 -40.36 1.04 -1.60
C ALA FA 55 -41.20 1.91 -0.69
N GLY FA 56 -40.99 1.84 0.62
CA GLY FA 56 -41.74 2.67 1.53
C GLY FA 56 -41.44 2.30 2.97
N ILE FA 57 -42.06 3.04 3.87
CA ILE FA 57 -42.00 2.78 5.30
C ILE FA 57 -43.42 2.52 5.78
N THR FA 58 -43.67 1.33 6.32
CA THR FA 58 -44.99 0.92 6.74
C THR FA 58 -45.06 0.84 8.26
N GLN FA 59 -46.15 1.36 8.81
CA GLN FA 59 -46.41 1.24 10.23
C GLN FA 59 -47.00 -0.13 10.55
N ASP FA 60 -46.89 -0.52 11.81
CA ASP FA 60 -47.42 -1.80 12.29
C ASP FA 60 -48.51 -1.47 13.31
N PHE FA 61 -49.76 -1.53 12.88
CA PHE FA 61 -50.91 -1.01 13.64
C PHE FA 61 -51.56 -2.08 14.51
N THR FA 62 -50.80 -2.71 15.40
CA THR FA 62 -51.40 -3.61 16.37
C THR FA 62 -51.66 -2.88 17.68
N ASP FA 63 -52.62 -3.37 18.45
CA ASP FA 63 -52.96 -2.74 19.72
C ASP FA 63 -51.81 -2.89 20.71
N GLY FA 64 -51.45 -1.79 21.36
CA GLY FA 64 -50.47 -1.84 22.41
C GLY FA 64 -51.07 -2.23 23.75
N THR FA 65 -50.21 -2.42 24.73
CA THR FA 65 -50.66 -2.77 26.06
C THR FA 65 -51.40 -1.61 26.70
N THR FA 66 -52.54 -1.91 27.33
CA THR FA 66 -53.30 -0.91 28.06
C THR FA 66 -52.83 -0.89 29.51
N THR FA 67 -52.14 0.18 29.89
CA THR FA 67 -51.56 0.31 31.21
C THR FA 67 -52.41 1.26 32.04
N ASN FA 68 -52.81 0.82 33.23
CA ASN FA 68 -53.65 1.64 34.09
C ASN FA 68 -52.82 2.71 34.77
N THR FA 69 -53.24 3.97 34.63
CA THR FA 69 -52.56 5.10 35.24
C THR FA 69 -53.32 5.70 36.40
N GLY FA 70 -54.65 5.57 36.42
CA GLY FA 70 -55.46 6.10 37.49
C GLY FA 70 -55.99 7.51 37.28
N ARG FA 71 -55.63 8.17 36.19
CA ARG FA 71 -56.15 9.50 35.90
C ARG FA 71 -57.43 9.38 35.08
N GLY FA 72 -58.47 10.09 35.49
CA GLY FA 72 -59.75 10.02 34.80
C GLY FA 72 -59.75 10.59 33.40
N LEU FA 73 -58.74 11.39 33.04
CA LEU FA 73 -58.65 11.98 31.73
C LEU FA 73 -57.85 11.13 30.73
N ASP FA 74 -57.35 9.97 31.16
CA ASP FA 74 -56.61 9.09 30.27
C ASP FA 74 -57.56 8.02 29.71
N VAL FA 75 -57.66 7.96 28.39
CA VAL FA 75 -58.53 7.00 27.70
C VAL FA 75 -57.70 6.28 26.64
N ALA FA 76 -57.81 4.95 26.62
CA ALA FA 76 -57.10 4.12 25.66
C ALA FA 76 -58.10 3.42 24.75
N ILE FA 77 -57.74 3.33 23.48
CA ILE FA 77 -58.62 2.76 22.46
C ILE FA 77 -58.30 1.28 22.29
N SER FA 78 -59.32 0.44 22.42
CA SER FA 78 -59.18 -0.96 22.10
C SER FA 78 -59.53 -1.20 20.64
N GLN FA 79 -58.83 -2.13 20.01
CA GLN FA 79 -59.04 -2.48 18.59
C GLN FA 79 -58.77 -1.24 17.75
N ASN FA 80 -59.53 -1.06 16.68
CA ASN FA 80 -59.34 0.08 15.78
C ASN FA 80 -59.94 1.35 16.37
N GLY FA 81 -59.50 2.48 15.85
CA GLY FA 81 -60.00 3.78 16.26
C GLY FA 81 -58.89 4.80 16.41
N PHE FA 82 -59.21 6.04 16.06
CA PHE FA 82 -58.29 7.17 16.18
C PHE FA 82 -59.01 8.35 16.80
N PHE FA 83 -58.37 8.97 17.80
CA PHE FA 83 -58.88 10.22 18.34
C PHE FA 83 -58.69 11.34 17.33
N ARG FA 84 -59.74 12.15 17.15
CA ARG FA 84 -59.72 13.26 16.21
C ARG FA 84 -59.47 14.55 16.96
N LEU FA 85 -58.44 15.29 16.55
CA LEU FA 85 -58.05 16.53 17.19
C LEU FA 85 -57.94 17.64 16.16
N VAL FA 86 -58.05 18.88 16.64
CA VAL FA 86 -57.90 20.07 15.83
C VAL FA 86 -56.85 20.97 16.48
N ASP FA 87 -55.98 21.57 15.67
CA ASP FA 87 -54.95 22.44 16.19
C ASP FA 87 -55.47 23.88 16.23
N SER FA 88 -54.56 24.82 16.48
CA SER FA 88 -54.94 26.22 16.61
C SER FA 88 -55.43 26.84 15.31
N ASN FA 89 -55.09 26.25 14.18
CA ASN FA 89 -55.43 26.84 12.88
C ASN FA 89 -56.49 26.04 12.12
N GLY FA 90 -57.24 25.17 12.80
CA GLY FA 90 -58.35 24.48 12.17
C GLY FA 90 -58.00 23.23 11.41
N SER FA 91 -56.72 22.86 11.33
CA SER FA 91 -56.34 21.63 10.65
C SER FA 91 -56.76 20.42 11.48
N VAL FA 92 -56.99 19.30 10.81
CA VAL FA 92 -57.47 18.07 11.44
C VAL FA 92 -56.30 17.12 11.59
N PHE FA 93 -56.31 16.34 12.67
CA PHE FA 93 -55.25 15.39 12.96
C PHE FA 93 -55.83 14.22 13.76
N TYR FA 94 -55.07 13.12 13.82
CA TYR FA 94 -55.53 11.90 14.47
C TYR FA 94 -54.42 11.33 15.35
N SER FA 95 -54.80 10.85 16.53
CA SER FA 95 -53.83 10.33 17.50
C SER FA 95 -54.43 9.15 18.26
N ARG FA 96 -53.60 8.14 18.49
CA ARG FA 96 -53.93 7.08 19.43
C ARG FA 96 -53.48 7.38 20.85
N ASN FA 97 -52.74 8.46 21.06
CA ASN FA 97 -52.25 8.82 22.39
C ASN FA 97 -53.39 9.45 23.18
N GLY FA 98 -53.78 8.82 24.27
CA GLY FA 98 -54.95 9.23 25.02
C GLY FA 98 -54.69 10.07 26.25
N GLN FA 99 -53.51 10.67 26.35
CA GLN FA 99 -53.19 11.52 27.49
C GLN FA 99 -53.71 12.92 27.21
N PHE FA 100 -54.88 13.23 27.77
CA PHE FA 100 -55.52 14.52 27.61
C PHE FA 100 -55.50 15.28 28.92
N LYS FA 101 -55.32 16.60 28.84
CA LYS FA 101 -55.39 17.45 30.02
C LYS FA 101 -56.28 18.65 29.74
N LEU FA 102 -56.92 19.13 30.80
CA LEU FA 102 -57.75 20.31 30.73
C LEU FA 102 -56.84 21.54 30.76
N ASP FA 103 -57.04 22.46 29.81
CA ASP FA 103 -56.16 23.60 29.66
C ASP FA 103 -56.73 24.83 30.38
N GLU FA 104 -56.11 25.99 30.13
CA GLU FA 104 -56.55 27.23 30.76
C GLU FA 104 -57.96 27.61 30.33
N ASN FA 105 -58.29 27.44 29.05
CA ASN FA 105 -59.59 27.82 28.53
C ASN FA 105 -60.61 26.68 28.58
N ARG FA 106 -60.44 25.71 29.49
CA ARG FA 106 -61.38 24.62 29.72
C ARG FA 106 -61.53 23.70 28.51
N ASN FA 107 -60.52 23.61 27.65
CA ASN FA 107 -60.55 22.70 26.52
C ASN FA 107 -59.91 21.37 26.89
N LEU FA 108 -60.21 20.35 26.09
CA LEU FA 108 -59.55 19.05 26.23
C LEU FA 108 -58.41 19.00 25.22
N VAL FA 109 -57.18 19.07 25.72
CA VAL FA 109 -56.00 19.11 24.87
C VAL FA 109 -55.00 18.07 25.35
N ASN FA 110 -54.13 17.65 24.44
CA ASN FA 110 -53.03 16.75 24.76
C ASN FA 110 -51.79 17.58 25.12
N MET FA 111 -50.63 16.91 25.17
CA MET FA 111 -49.40 17.60 25.55
C MET FA 111 -49.03 18.71 24.58
N GLN FA 112 -49.38 18.56 23.31
CA GLN FA 112 -49.00 19.54 22.30
C GLN FA 112 -50.03 20.66 22.13
N GLY FA 113 -51.11 20.65 22.91
CA GLY FA 113 -52.09 21.71 22.82
C GLY FA 113 -53.18 21.51 21.79
N MET FA 114 -53.17 20.40 21.06
CA MET FA 114 -54.22 20.13 20.10
C MET FA 114 -55.51 19.76 20.83
N GLN FA 115 -56.61 20.39 20.42
CA GLN FA 115 -57.88 20.24 21.11
C GLN FA 115 -58.61 18.99 20.65
N LEU FA 116 -59.06 18.19 21.61
CA LEU FA 116 -59.85 17.00 21.30
C LEU FA 116 -61.21 17.42 20.77
N THR FA 117 -61.66 16.75 19.70
CA THR FA 117 -62.92 17.07 19.05
C THR FA 117 -63.94 15.97 19.32
N GLY FA 118 -65.20 16.29 19.05
CA GLY FA 118 -66.25 15.30 19.21
C GLY FA 118 -67.62 15.89 18.93
N TYR FA 119 -68.61 15.03 19.04
CA TYR FA 119 -70.01 15.44 18.91
C TYR FA 119 -70.38 16.38 20.04
N PRO FA 120 -70.94 17.56 19.75
CA PRO FA 120 -71.34 18.47 20.82
C PRO FA 120 -72.68 18.09 21.43
N ALA FA 121 -72.94 18.61 22.62
CA ALA FA 121 -74.19 18.37 23.33
C ALA FA 121 -75.04 19.64 23.30
N THR FA 122 -76.29 19.51 22.86
CA THR FA 122 -77.21 20.63 22.78
C THR FA 122 -78.57 20.22 23.33
N GLY FA 123 -79.35 21.23 23.72
CA GLY FA 123 -80.68 21.00 24.24
C GLY FA 123 -80.78 21.27 25.73
N THR FA 124 -82.01 21.18 26.22
CA THR FA 124 -82.32 21.45 27.62
C THR FA 124 -83.11 20.29 28.22
N PRO FA 125 -82.44 19.28 28.80
CA PRO FA 125 -81.08 19.07 28.99
C PRO FA 125 -80.25 18.72 27.76
N PRO FA 126 -78.92 18.77 27.90
CA PRO FA 126 -78.07 18.52 26.73
C PRO FA 126 -78.22 17.09 26.22
N THR FA 127 -78.25 16.96 24.90
CA THR FA 127 -78.38 15.68 24.23
C THR FA 127 -77.38 15.64 23.08
N ILE FA 128 -76.82 14.46 22.85
CA ILE FA 128 -75.69 14.34 21.93
C ILE FA 128 -76.20 14.39 20.50
N GLN FA 129 -75.75 15.38 19.75
CA GLN FA 129 -76.16 15.55 18.36
C GLN FA 129 -75.26 14.66 17.49
N GLN FA 130 -75.75 13.44 17.26
CA GLN FA 130 -74.97 12.43 16.58
C GLN FA 130 -74.61 12.83 15.15
N GLY FA 131 -75.55 13.43 14.42
CA GLY FA 131 -75.29 13.84 13.04
C GLY FA 131 -74.60 15.19 12.88
N ALA FA 132 -74.45 15.94 13.97
CA ALA FA 132 -73.86 17.26 13.87
C ALA FA 132 -72.35 17.19 13.60
N ASN FA 133 -71.79 18.32 13.19
CA ASN FA 133 -70.37 18.40 12.92
C ASN FA 133 -69.57 18.31 14.22
N PRO FA 134 -68.40 17.69 14.21
CA PRO FA 134 -67.59 17.60 15.42
C PRO FA 134 -67.09 18.97 15.86
N ALA FA 135 -67.06 19.19 17.18
CA ALA FA 135 -66.59 20.43 17.78
C ALA FA 135 -65.69 20.10 18.96
N PRO FA 136 -64.76 21.01 19.30
CA PRO FA 136 -63.88 20.75 20.45
C PRO FA 136 -64.68 20.57 21.74
N ILE FA 137 -64.20 19.66 22.58
CA ILE FA 137 -64.89 19.36 23.82
C ILE FA 137 -64.45 20.33 24.90
N THR FA 138 -65.42 20.96 25.57
CA THR FA 138 -65.16 21.95 26.59
C THR FA 138 -65.93 21.61 27.86
N ILE FA 139 -65.26 21.79 29.00
CA ILE FA 139 -65.89 21.68 30.32
C ILE FA 139 -65.99 23.07 30.95
N PRO FA 140 -66.99 23.90 30.64
CA PRO FA 140 -67.19 25.09 31.38
C PRO FA 140 -67.36 24.85 32.88
N ASN FA 141 -66.71 25.71 33.66
CA ASN FA 141 -66.91 25.76 35.10
C ASN FA 141 -68.17 26.54 35.46
N THR FA 142 -68.96 26.94 34.47
CA THR FA 142 -70.16 27.71 34.74
C THR FA 142 -71.18 26.87 35.49
N LEU FA 143 -72.02 27.55 36.27
CA LEU FA 143 -73.06 26.88 37.03
C LEU FA 143 -74.14 26.34 36.11
N MET FA 144 -74.95 25.42 36.65
CA MET FA 144 -76.09 24.87 35.95
C MET FA 144 -77.36 25.53 36.48
N ALA FA 145 -78.24 25.92 35.57
CA ALA FA 145 -79.52 26.49 35.95
C ALA FA 145 -80.46 25.36 36.34
N ALA FA 146 -81.46 25.64 37.16
CA ALA FA 146 -82.43 24.63 37.57
C ALA FA 146 -83.68 24.72 36.70
N LYS FA 147 -84.28 23.56 36.46
CA LYS FA 147 -85.44 23.44 35.59
C LYS FA 147 -86.68 23.30 36.45
N SER FA 148 -87.67 24.15 36.21
CA SER FA 148 -88.92 24.08 36.95
C SER FA 148 -89.62 22.76 36.68
N THR FA 149 -90.16 22.15 37.73
CA THR FA 149 -90.80 20.85 37.58
C THR FA 149 -92.05 20.96 36.71
N THR FA 150 -92.11 20.14 35.67
CA THR FA 150 -93.29 20.07 34.80
C THR FA 150 -93.95 18.70 34.80
N THR FA 151 -93.23 17.64 35.13
CA THR FA 151 -93.81 16.31 35.22
C THR FA 151 -93.37 15.65 36.52
N ALA FA 152 -94.35 15.08 37.23
CA ALA FA 152 -94.07 14.32 38.44
C ALA FA 152 -94.84 13.01 38.37
N SER FA 153 -94.27 11.97 38.96
CA SER FA 153 -94.88 10.65 38.99
C SER FA 153 -94.87 10.12 40.42
N MET FA 154 -96.03 9.67 40.87
CA MET FA 154 -96.18 9.21 42.24
C MET FA 154 -96.88 7.85 42.21
N GLN FA 155 -96.15 6.80 42.55
CA GLN FA 155 -96.67 5.43 42.53
C GLN FA 155 -96.80 4.91 43.95
N ILE FA 156 -97.99 4.44 44.30
CA ILE FA 156 -98.35 4.06 45.66
C ILE FA 156 -99.03 2.69 45.64
N ASN FA 157 -99.07 2.04 46.79
CA ASN FA 157 -99.92 0.88 47.02
C ASN FA 157 -100.95 1.24 48.09
N LEU FA 158 -102.23 1.05 47.77
CA LEU FA 158 -103.33 1.41 48.65
C LEU FA 158 -103.97 0.15 49.24
N ASN FA 159 -104.27 0.19 50.53
CA ASN FA 159 -104.86 -0.95 51.23
C ASN FA 159 -106.38 -0.85 51.17
N SER FA 160 -107.02 -1.96 50.80
CA SER FA 160 -108.47 -1.95 50.61
C SER FA 160 -109.22 -1.96 51.94
N THR FA 161 -108.60 -2.44 53.01
CA THR FA 161 -109.30 -2.63 54.28
C THR FA 161 -109.16 -1.45 55.23
N ASP FA 162 -108.56 -0.34 54.80
CA ASP FA 162 -108.50 0.83 55.66
C ASP FA 162 -109.90 1.38 55.88
N PRO FA 163 -110.32 1.57 57.13
CA PRO FA 163 -111.66 2.13 57.38
C PRO FA 163 -111.72 3.60 57.00
N VAL FA 164 -112.91 4.01 56.56
CA VAL FA 164 -113.16 5.41 56.21
C VAL FA 164 -113.07 6.24 57.48
N PRO FA 165 -112.27 7.30 57.52
CA PRO FA 165 -112.16 8.11 58.73
C PRO FA 165 -113.49 8.69 59.15
N SER FA 166 -113.77 8.64 60.46
CA SER FA 166 -115.03 9.16 60.99
C SER FA 166 -115.03 10.67 61.03
N LYS FA 167 -113.85 11.30 61.12
CA LYS FA 167 -113.75 12.74 61.26
C LYS FA 167 -113.89 13.44 59.90
N THR FA 168 -115.03 13.25 59.24
CA THR FA 168 -115.30 13.97 58.02
C THR FA 168 -115.73 15.40 58.33
N PRO FA 169 -115.43 16.37 57.44
CA PRO FA 169 -114.72 16.23 56.16
C PRO FA 169 -113.21 16.29 56.31
N PHE FA 170 -112.50 16.56 55.21
CA PHE FA 170 -111.04 16.58 55.25
C PHE FA 170 -110.54 17.84 55.94
N SER FA 171 -109.58 17.67 56.85
CA SER FA 171 -108.92 18.78 57.51
C SER FA 171 -107.41 18.53 57.50
N VAL FA 172 -106.65 19.56 57.13
CA VAL FA 172 -105.19 19.44 57.13
C VAL FA 172 -104.66 19.21 58.53
N SER FA 173 -105.22 19.94 59.51
CA SER FA 173 -104.76 19.80 60.88
C SER FA 173 -105.07 18.42 61.44
N ASP FA 174 -106.23 17.88 61.10
CA ASP FA 174 -106.67 16.58 61.61
C ASP FA 174 -105.87 15.48 60.93
N ALA FA 175 -104.98 14.83 61.69
CA ALA FA 175 -104.16 13.77 61.13
C ALA FA 175 -105.00 12.54 60.80
N ASP FA 176 -106.01 12.25 61.62
CA ASP FA 176 -106.82 11.05 61.45
C ASP FA 176 -107.86 11.23 60.35
N SER FA 177 -107.97 12.44 59.81
CA SER FA 177 -108.93 12.73 58.76
C SER FA 177 -108.49 12.23 57.39
N TYR FA 178 -107.26 11.75 57.26
CA TYR FA 178 -106.76 11.22 55.99
C TYR FA 178 -106.10 9.87 56.24
N ASN FA 179 -106.28 8.97 55.27
CA ASN FA 179 -105.73 7.62 55.38
C ASN FA 179 -104.23 7.58 55.15
N LYS FA 180 -103.72 8.33 54.17
CA LYS FA 180 -102.29 8.31 53.89
C LYS FA 180 -101.80 9.73 53.61
N LYS FA 181 -100.56 10.00 53.97
CA LYS FA 181 -99.91 11.27 53.63
C LYS FA 181 -98.55 11.01 53.01
N GLY FA 182 -98.29 11.68 51.88
CA GLY FA 182 -97.00 11.62 51.22
C GLY FA 182 -96.49 13.01 50.92
N THR FA 183 -95.20 13.09 50.59
CA THR FA 183 -94.56 14.36 50.30
C THR FA 183 -93.67 14.21 49.07
N VAL FA 184 -93.79 15.16 48.14
CA VAL FA 184 -92.96 15.20 46.95
C VAL FA 184 -92.40 16.62 46.81
N THR FA 185 -91.10 16.72 46.56
CA THR FA 185 -90.44 18.02 46.49
C THR FA 185 -90.33 18.48 45.04
N VAL FA 186 -90.92 19.63 44.74
CA VAL FA 186 -90.84 20.23 43.42
C VAL FA 186 -90.07 21.54 43.53
N TYR FA 187 -89.74 22.12 42.38
CA TYR FA 187 -88.93 23.34 42.33
C TYR FA 187 -89.50 24.31 41.31
N ASP FA 188 -89.38 25.60 41.62
CA ASP FA 188 -89.90 26.67 40.78
C ASP FA 188 -88.80 27.21 39.86
N SER FA 189 -89.07 28.33 39.20
CA SER FA 189 -88.08 28.95 38.32
C SER FA 189 -86.86 29.43 39.09
N GLN FA 190 -87.04 29.98 40.29
CA GLN FA 190 -85.93 30.39 41.13
C GLN FA 190 -85.41 29.27 42.02
N GLY FA 191 -85.79 28.01 41.76
CA GLY FA 191 -85.20 26.89 42.44
C GLY FA 191 -85.68 26.66 43.85
N ASN FA 192 -86.71 27.37 44.28
CA ASN FA 192 -87.23 27.18 45.63
C ASN FA 192 -87.89 25.81 45.76
N ALA FA 193 -87.66 25.16 46.89
CA ALA FA 193 -88.19 23.83 47.13
C ALA FA 193 -89.58 23.92 47.75
N HIS FA 194 -90.55 23.27 47.11
CA HIS FA 194 -91.93 23.21 47.59
C HIS FA 194 -92.22 21.76 47.94
N ASP FA 195 -92.57 21.52 49.20
CA ASP FA 195 -92.88 20.17 49.68
C ASP FA 195 -94.38 19.92 49.52
N MET FA 196 -94.76 19.49 48.32
CA MET FA 196 -96.15 19.13 48.04
C MET FA 196 -96.57 17.98 48.94
N ASN FA 197 -97.41 18.28 49.92
CA ASN FA 197 -98.02 17.25 50.75
C ASN FA 197 -99.32 16.80 50.10
N VAL FA 198 -99.43 15.49 49.90
CA VAL FA 198 -100.59 14.89 49.25
C VAL FA 198 -101.25 13.95 50.26
N TYR FA 199 -102.58 13.95 50.27
CA TYR FA 199 -103.38 13.24 51.25
C TYR FA 199 -104.35 12.31 50.53
N PHE FA 200 -104.38 11.05 50.96
CA PHE FA 200 -105.20 10.02 50.36
C PHE FA 200 -106.30 9.62 51.34
N VAL FA 201 -107.55 9.79 50.92
CA VAL FA 201 -108.71 9.46 51.74
C VAL FA 201 -109.62 8.58 50.90
N LYS FA 202 -109.90 7.37 51.37
CA LYS FA 202 -110.83 6.49 50.66
C LYS FA 202 -112.25 6.99 50.84
N THR FA 203 -112.97 7.17 49.73
CA THR FA 203 -114.36 7.59 49.78
C THR FA 203 -115.32 6.41 49.75
N LYS FA 204 -115.18 5.53 48.77
CA LYS FA 204 -115.90 4.27 48.71
C LYS FA 204 -114.94 3.22 48.17
N ASP FA 205 -115.46 2.04 47.85
CA ASP FA 205 -114.62 0.97 47.32
C ASP FA 205 -114.06 1.37 45.96
N ASN FA 206 -112.74 1.26 45.83
CA ASN FA 206 -112.00 1.60 44.62
C ASN FA 206 -112.14 3.06 44.21
N GLU FA 207 -112.40 3.95 45.16
CA GLU FA 207 -112.48 5.39 44.91
C GLU FA 207 -111.70 6.12 46.00
N TRP FA 208 -110.66 6.85 45.60
CA TRP FA 208 -109.74 7.49 46.53
C TRP FA 208 -109.59 8.96 46.17
N ALA FA 209 -109.97 9.84 47.08
CA ALA FA 209 -109.75 11.26 46.88
C ALA FA 209 -108.33 11.64 47.30
N VAL FA 210 -107.63 12.37 46.44
CA VAL FA 210 -106.27 12.81 46.68
C VAL FA 210 -106.27 14.33 46.72
N TYR FA 211 -105.73 14.88 47.81
CA TYR FA 211 -105.70 16.30 48.11
C TYR FA 211 -104.25 16.76 48.08
N THR FA 212 -104.02 18.02 47.72
CA THR FA 212 -102.67 18.55 47.61
C THR FA 212 -102.57 19.92 48.28
N HIS FA 213 -101.43 20.16 48.95
CA HIS FA 213 -101.18 21.43 49.61
C HIS FA 213 -99.70 21.61 49.82
N ASP FA 214 -99.21 22.84 49.59
CA ASP FA 214 -97.79 23.13 49.80
C ASP FA 214 -97.59 23.73 51.19
N SER FA 215 -96.64 23.18 51.95
CA SER FA 215 -96.32 23.70 53.26
C SER FA 215 -95.34 24.87 53.21
N SER FA 216 -94.76 25.15 52.05
CA SER FA 216 -93.80 26.24 51.91
C SER FA 216 -94.46 27.62 51.92
N ASP FA 217 -95.66 27.75 51.38
CA ASP FA 217 -96.32 29.04 51.28
C ASP FA 217 -97.34 29.21 52.41
N PRO FA 218 -97.09 30.11 53.36
CA PRO FA 218 -98.07 30.35 54.43
C PRO FA 218 -99.33 31.05 53.94
N ALA FA 219 -99.31 31.66 52.75
CA ALA FA 219 -100.46 32.36 52.22
C ALA FA 219 -101.28 31.50 51.26
N ALA FA 220 -100.91 30.24 51.08
CA ALA FA 220 -101.65 29.36 50.19
C ALA FA 220 -102.99 28.99 50.80
N THR FA 221 -104.00 28.82 49.94
CA THR FA 221 -105.33 28.48 50.40
C THR FA 221 -105.38 27.04 50.89
N ALA FA 222 -106.15 26.82 51.95
CA ALA FA 222 -106.33 25.48 52.50
C ALA FA 222 -107.08 24.60 51.51
N PRO FA 223 -106.64 23.36 51.28
CA PRO FA 223 -107.33 22.50 50.32
C PRO FA 223 -108.68 22.04 50.87
N THR FA 224 -109.76 22.47 50.22
CA THR FA 224 -111.10 22.08 50.59
C THR FA 224 -111.84 21.36 49.47
N THR FA 225 -111.25 21.27 48.27
CA THR FA 225 -111.88 20.64 47.13
C THR FA 225 -110.93 19.57 46.59
N ALA FA 226 -111.51 18.51 46.01
CA ALA FA 226 -110.71 17.38 45.56
C ALA FA 226 -109.70 17.81 44.51
N SER FA 227 -108.42 17.59 44.82
CA SER FA 227 -107.38 17.80 43.81
C SER FA 227 -107.50 16.78 42.69
N THR FA 228 -107.71 15.51 43.04
CA THR FA 228 -108.02 14.50 42.04
C THR FA 228 -108.74 13.34 42.71
N THR FA 229 -109.26 12.43 41.90
CA THR FA 229 -109.99 11.26 42.38
C THR FA 229 -109.57 10.05 41.57
N LEU FA 230 -108.90 9.11 42.22
CA LEU FA 230 -108.50 7.87 41.58
C LEU FA 230 -109.63 6.85 41.65
N LYS FA 231 -110.03 6.34 40.49
CA LYS FA 231 -111.00 5.25 40.37
C LYS FA 231 -110.26 4.02 39.89
N PHE FA 232 -110.59 2.87 40.48
CA PHE FA 232 -109.81 1.66 40.30
C PHE FA 232 -110.72 0.52 39.86
N ASN FA 233 -110.20 -0.37 39.03
CA ASN FA 233 -110.96 -1.52 38.56
C ASN FA 233 -110.91 -2.65 39.59
N GLU FA 234 -111.42 -3.82 39.19
CA GLU FA 234 -111.58 -4.94 40.11
C GLU FA 234 -110.26 -5.51 40.58
N ASN FA 235 -109.27 -5.64 39.70
CA ASN FA 235 -108.03 -6.35 40.02
C ASN FA 235 -106.89 -5.42 40.40
N GLY FA 236 -107.17 -4.16 40.70
CA GLY FA 236 -106.12 -3.22 41.04
C GLY FA 236 -105.51 -2.47 39.88
N ILE FA 237 -106.17 -2.42 38.74
CA ILE FA 237 -105.73 -1.64 37.60
C ILE FA 237 -106.36 -0.26 37.69
N LEU FA 238 -105.60 0.77 37.29
CA LEU FA 238 -106.12 2.13 37.32
C LEU FA 238 -107.18 2.31 36.24
N GLU FA 239 -108.21 3.10 36.55
CA GLU FA 239 -109.30 3.35 35.62
C GLU FA 239 -109.34 4.79 35.10
N SER FA 240 -109.38 5.77 36.00
CA SER FA 240 -109.45 7.17 35.59
C SER FA 240 -108.95 8.05 36.72
N GLY FA 241 -108.64 9.30 36.37
CA GLY FA 241 -108.21 10.29 37.33
C GLY FA 241 -106.77 10.21 37.77
N GLY FA 242 -105.94 9.46 37.05
CA GLY FA 242 -104.56 9.25 37.46
C GLY FA 242 -103.60 10.38 37.19
N THR FA 243 -104.06 11.44 36.54
CA THR FA 243 -103.19 12.58 36.20
C THR FA 243 -103.92 13.87 36.50
N VAL FA 244 -103.22 14.82 37.12
CA VAL FA 244 -103.82 16.10 37.50
C VAL FA 244 -102.76 17.19 37.42
N ASN FA 245 -103.18 18.37 36.97
CA ASN FA 245 -102.30 19.53 36.95
C ASN FA 245 -102.29 20.18 38.33
N ILE FA 246 -101.09 20.47 38.82
CA ILE FA 246 -100.89 20.97 40.18
C ILE FA 246 -100.06 22.25 40.11
N THR FA 247 -100.53 23.29 40.79
CA THR FA 247 -99.84 24.58 40.85
C THR FA 247 -99.46 24.87 42.29
N THR FA 248 -98.20 25.24 42.49
CA THR FA 248 -97.70 25.56 43.83
C THR FA 248 -98.02 27.00 44.20
N GLY FA 249 -97.40 27.46 45.29
CA GLY FA 249 -97.51 28.84 45.69
C GLY FA 249 -96.45 29.72 45.04
N THR FA 250 -96.53 31.01 45.35
CA THR FA 250 -95.57 32.00 44.89
C THR FA 250 -94.70 32.38 46.08
N ILE FA 251 -93.43 31.98 46.05
CA ILE FA 251 -92.50 32.19 47.15
C ILE FA 251 -91.34 33.02 46.67
N ASN FA 252 -91.10 34.15 47.34
CA ASN FA 252 -89.95 35.03 47.09
C ASN FA 252 -89.84 35.42 45.61
N GLY FA 253 -90.98 35.73 44.99
CA GLY FA 253 -91.01 36.14 43.60
C GLY FA 253 -90.93 35.01 42.60
N ALA FA 254 -90.71 33.78 43.03
CA ALA FA 254 -90.68 32.65 42.11
C ALA FA 254 -92.08 32.34 41.61
N THR FA 255 -92.18 32.09 40.31
CA THR FA 255 -93.47 31.75 39.71
C THR FA 255 -93.92 30.37 40.22
N ALA FA 256 -95.23 30.21 40.41
CA ALA FA 256 -95.77 28.95 40.89
C ALA FA 256 -95.45 27.83 39.92
N ALA FA 257 -95.05 26.68 40.47
CA ALA FA 257 -94.68 25.54 39.65
C ALA FA 257 -95.94 24.79 39.20
N THR FA 258 -96.23 24.88 37.91
CA THR FA 258 -97.35 24.17 37.31
C THR FA 258 -96.81 22.89 36.67
N PHE FA 259 -97.15 21.75 37.27
CA PHE FA 259 -96.64 20.48 36.78
C PHE FA 259 -97.76 19.45 36.75
N SER FA 260 -97.65 18.52 35.81
CA SER FA 260 -98.60 17.42 35.71
C SER FA 260 -98.11 16.27 36.60
N LEU FA 261 -98.91 15.94 37.62
CA LEU FA 261 -98.58 14.85 38.53
C LEU FA 261 -99.43 13.65 38.15
N SER FA 262 -98.77 12.52 37.92
CA SER FA 262 -99.40 11.32 37.39
C SER FA 262 -99.32 10.18 38.39
N PHE FA 263 -100.44 9.50 38.60
CA PHE FA 263 -100.53 8.32 39.46
C PHE FA 263 -100.45 7.02 38.67
N LEU FA 264 -99.75 7.02 37.54
CA LEU FA 264 -99.65 5.81 36.73
C LEU FA 264 -98.86 4.74 37.46
N ASN FA 265 -99.14 3.49 37.10
CA ASN FA 265 -98.54 2.29 37.70
C ASN FA 265 -98.95 2.08 39.15
N SER FA 266 -99.85 2.91 39.67
CA SER FA 266 -100.37 2.68 41.01
C SER FA 266 -101.29 1.46 41.02
N MET FA 267 -101.16 0.66 42.08
CA MET FA 267 -101.93 -0.58 42.19
C MET FA 267 -102.45 -0.69 43.62
N GLN FA 268 -103.70 -1.13 43.73
CA GLN FA 268 -104.41 -1.17 45.02
C GLN FA 268 -104.81 -2.60 45.33
N GLN FA 269 -104.25 -3.15 46.41
CA GLN FA 269 -104.58 -4.49 46.86
C GLN FA 269 -104.65 -4.52 48.38
N ASN FA 270 -104.68 -5.71 48.97
CA ASN FA 270 -104.71 -5.86 50.42
C ASN FA 270 -103.32 -5.80 51.04
N THR FA 271 -102.66 -4.65 50.94
CA THR FA 271 -101.36 -4.48 51.55
C THR FA 271 -101.49 -4.41 53.07
N GLY FA 272 -100.47 -4.91 53.76
CA GLY FA 272 -100.48 -4.92 55.22
C GLY FA 272 -100.37 -3.53 55.83
N ALA FA 273 -99.86 -2.58 55.06
CA ALA FA 273 -99.68 -1.21 55.56
C ALA FA 273 -99.66 -0.22 54.39
N ASN FA 274 -99.72 1.08 54.72
CA ASN FA 274 -99.70 2.12 53.70
C ASN FA 274 -98.26 2.48 53.36
N ASN FA 275 -97.87 2.24 52.11
CA ASN FA 275 -96.52 2.51 51.65
C ASN FA 275 -96.56 3.18 50.28
N ILE FA 276 -95.61 4.08 50.03
CA ILE FA 276 -95.48 4.73 48.73
C ILE FA 276 -94.32 4.08 47.99
N VAL FA 277 -94.61 3.54 46.81
CA VAL FA 277 -93.61 2.77 46.07
C VAL FA 277 -92.52 3.67 45.50
N ALA FA 278 -92.90 4.77 44.85
CA ALA FA 278 -91.90 5.59 44.17
C ALA FA 278 -92.41 7.02 44.03
N THR FA 279 -91.48 7.97 44.10
CA THR FA 279 -91.74 9.38 43.82
C THR FA 279 -90.64 9.91 42.91
N ASN FA 280 -91.04 10.44 41.76
CA ASN FA 280 -90.09 10.98 40.79
C ASN FA 280 -90.56 12.37 40.36
N GLN FA 281 -89.58 13.25 40.12
CA GLN FA 281 -89.85 14.58 39.60
C GLN FA 281 -88.62 15.05 38.87
N ASN FA 282 -88.84 15.77 37.77
CA ASN FA 282 -87.77 16.17 36.86
C ASN FA 282 -87.13 17.51 37.21
N GLY FA 283 -87.59 18.17 38.28
CA GLY FA 283 -86.97 19.42 38.70
C GLY FA 283 -85.82 19.20 39.66
N TYR FA 284 -85.04 20.25 39.83
CA TYR FA 284 -83.88 20.20 40.73
C TYR FA 284 -83.55 21.63 41.16
N LYS FA 285 -82.52 21.75 42.00
CA LYS FA 285 -81.95 23.02 42.41
C LYS FA 285 -80.70 23.32 41.57
N PRO FA 286 -80.24 24.58 41.53
CA PRO FA 286 -79.01 24.88 40.82
C PRO FA 286 -77.82 24.09 41.36
N GLY FA 287 -76.95 23.64 40.47
CA GLY FA 287 -75.81 22.84 40.87
C GLY FA 287 -74.54 23.36 40.23
N ASP FA 288 -73.41 23.01 40.85
CA ASP FA 288 -72.10 23.44 40.40
C ASP FA 288 -71.18 22.24 40.27
N LEU FA 289 -70.22 22.34 39.34
CA LEU FA 289 -69.32 21.24 39.02
C LEU FA 289 -68.58 20.77 40.26
N VAL FA 290 -68.77 19.50 40.61
CA VAL FA 290 -68.02 18.85 41.68
C VAL FA 290 -67.09 17.79 41.12
N SER FA 291 -67.41 17.23 39.95
CA SER FA 291 -66.50 16.29 39.30
C SER FA 291 -66.84 16.21 37.82
N TYR FA 292 -65.91 15.63 37.05
CA TYR FA 292 -66.16 15.29 35.65
C TYR FA 292 -65.51 13.96 35.35
N GLN FA 293 -66.07 13.25 34.39
CA GLN FA 293 -65.62 11.91 34.04
C GLN FA 293 -65.86 11.64 32.57
N ILE FA 294 -65.19 10.61 32.06
CA ILE FA 294 -65.38 10.13 30.69
C ILE FA 294 -65.83 8.68 30.77
N ASN FA 295 -66.98 8.38 30.16
CA ASN FA 295 -67.51 7.03 30.18
C ASN FA 295 -66.89 6.20 29.05
N ASN FA 296 -67.16 4.89 29.10
CA ASN FA 296 -66.58 3.96 28.13
C ASN FA 296 -67.04 4.22 26.71
N ASP FA 297 -68.20 4.84 26.52
CA ASP FA 297 -68.68 5.20 25.18
C ASP FA 297 -68.14 6.53 24.68
N GLY FA 298 -67.34 7.21 25.49
CA GLY FA 298 -66.78 8.50 25.12
C GLY FA 298 -67.59 9.70 25.58
N THR FA 299 -68.69 9.48 26.30
CA THR FA 299 -69.47 10.60 26.81
C THR FA 299 -68.72 11.29 27.93
N VAL FA 300 -68.59 12.61 27.83
CA VAL FA 300 -68.05 13.43 28.92
C VAL FA 300 -69.22 13.84 29.80
N VAL FA 301 -69.17 13.46 31.07
CA VAL FA 301 -70.26 13.70 32.01
C VAL FA 301 -69.74 14.49 33.19
N GLY FA 302 -70.34 15.64 33.44
CA GLY FA 302 -70.02 16.45 34.59
C GLY FA 302 -71.05 16.23 35.68
N ASN FA 303 -70.57 15.77 36.83
CA ASN FA 303 -71.40 15.57 38.02
C ASN FA 303 -71.37 16.85 38.84
N TYR FA 304 -72.56 17.37 39.16
CA TYR FA 304 -72.71 18.65 39.83
C TYR FA 304 -73.03 18.42 41.31
N SER FA 305 -73.31 19.51 42.02
CA SER FA 305 -73.61 19.45 43.44
C SER FA 305 -75.10 19.23 43.74
N ASN FA 306 -75.95 19.24 42.72
CA ASN FA 306 -77.38 19.08 42.92
C ASN FA 306 -77.84 17.65 42.61
N GLU FA 307 -76.94 16.67 42.79
CA GLU FA 307 -77.18 15.28 42.41
C GLU FA 307 -77.84 15.19 41.03
N GLN FA 308 -77.22 15.85 40.05
CA GLN FA 308 -77.70 15.79 38.68
C GLN FA 308 -76.52 15.98 37.74
N GLU FA 309 -76.39 15.10 36.77
CA GLU FA 309 -75.26 15.13 35.85
C GLU FA 309 -75.66 15.79 34.53
N GLN FA 310 -74.64 16.24 33.80
CA GLN FA 310 -74.84 16.86 32.50
C GLN FA 310 -73.85 16.26 31.50
N VAL FA 311 -74.33 15.97 30.30
CA VAL FA 311 -73.44 15.53 29.24
C VAL FA 311 -72.86 16.74 28.53
N LEU FA 312 -71.63 16.61 28.04
CA LEU FA 312 -70.92 17.72 27.41
C LEU FA 312 -70.48 17.41 25.98
N GLY FA 313 -70.18 16.16 25.67
CA GLY FA 313 -69.76 15.82 24.34
C GLY FA 313 -69.42 14.35 24.24
N GLN FA 314 -69.31 13.90 22.98
CA GLN FA 314 -68.98 12.51 22.66
C GLN FA 314 -67.64 12.49 21.93
N ILE FA 315 -66.71 11.67 22.43
CA ILE FA 315 -65.43 11.52 21.74
C ILE FA 315 -65.67 10.77 20.44
N VAL FA 316 -65.28 11.37 19.34
CA VAL FA 316 -65.48 10.80 18.01
C VAL FA 316 -64.23 10.05 17.59
N LEU FA 317 -64.42 8.84 17.08
CA LEU FA 317 -63.33 8.01 16.61
C LEU FA 317 -63.38 7.90 15.09
N ALA FA 318 -62.20 7.95 14.47
CA ALA FA 318 -62.08 7.93 13.02
C ALA FA 318 -61.33 6.67 12.58
N ASN FA 319 -61.85 6.03 11.55
CA ASN FA 319 -61.20 4.90 10.91
C ASN FA 319 -61.10 5.15 9.41
N PHE FA 320 -60.04 4.63 8.81
CA PHE FA 320 -59.73 4.88 7.42
C PHE FA 320 -59.83 3.58 6.62
N ALA FA 321 -59.90 3.74 5.30
CA ALA FA 321 -59.83 2.58 4.42
C ALA FA 321 -58.42 1.97 4.45
N ASN FA 322 -57.40 2.80 4.63
CA ASN FA 322 -56.01 2.36 4.61
C ASN FA 322 -55.29 3.00 5.79
N ASN FA 323 -55.07 2.21 6.85
CA ASN FA 323 -54.26 2.70 7.97
C ASN FA 323 -52.81 2.92 7.54
N GLU FA 324 -52.28 2.07 6.68
CA GLU FA 324 -50.89 2.18 6.25
C GLU FA 324 -50.62 3.49 5.51
N GLY FA 325 -51.61 4.06 4.84
CA GLY FA 325 -51.40 5.26 4.05
C GLY FA 325 -51.32 6.54 4.85
N LEU FA 326 -51.60 6.50 6.15
CA LEU FA 326 -51.52 7.69 6.98
C LEU FA 326 -50.07 8.17 7.09
N ALA FA 327 -49.89 9.48 7.06
CA ALA FA 327 -48.56 10.08 7.16
C ALA FA 327 -48.39 10.68 8.55
N SER FA 328 -47.33 10.28 9.24
CA SER FA 328 -47.06 10.81 10.57
C SER FA 328 -46.43 12.19 10.49
N GLN FA 329 -46.89 13.10 11.35
CA GLN FA 329 -46.41 14.47 11.38
C GLN FA 329 -45.65 14.81 12.65
N GLY FA 330 -45.15 13.82 13.38
CA GLY FA 330 -44.51 14.07 14.65
C GLY FA 330 -45.53 14.28 15.76
N ASP FA 331 -45.02 14.35 16.98
CA ASP FA 331 -45.87 14.53 18.16
C ASP FA 331 -46.95 13.47 18.24
N ASN FA 332 -46.58 12.23 17.91
CA ASN FA 332 -47.46 11.05 17.86
C ASN FA 332 -48.85 11.40 17.35
N VAL FA 333 -48.92 12.02 16.18
CA VAL FA 333 -50.17 12.41 15.55
C VAL FA 333 -50.12 11.98 14.09
N TRP FA 334 -51.29 11.81 13.49
CA TRP FA 334 -51.40 11.38 12.10
C TRP FA 334 -52.27 12.35 11.33
N ALA FA 335 -51.91 12.57 10.06
CA ALA FA 335 -52.65 13.46 9.17
C ALA FA 335 -53.23 12.68 8.01
N ALA FA 336 -54.49 12.96 7.68
CA ALA FA 336 -55.13 12.27 6.57
C ALA FA 336 -54.47 12.64 5.25
N THR FA 337 -54.34 11.65 4.38
CA THR FA 337 -53.69 11.80 3.08
C THR FA 337 -54.56 11.17 2.01
N GLN FA 338 -54.23 11.44 0.74
CA GLN FA 338 -54.99 10.86 -0.36
C GLN FA 338 -54.89 9.34 -0.35
N ALA FA 339 -53.81 8.77 0.19
CA ALA FA 339 -53.70 7.33 0.31
C ALA FA 339 -54.61 6.78 1.40
N SER FA 340 -54.76 7.51 2.51
CA SER FA 340 -55.64 7.07 3.59
C SER FA 340 -57.11 7.25 3.24
N GLY FA 341 -57.44 8.18 2.35
CA GLY FA 341 -58.82 8.43 1.99
C GLY FA 341 -59.54 9.28 3.02
N VAL FA 342 -60.83 9.47 2.77
CA VAL FA 342 -61.65 10.27 3.68
C VAL FA 342 -61.86 9.51 4.98
N ALA FA 343 -61.79 10.23 6.09
CA ALA FA 343 -61.92 9.62 7.41
C ALA FA 343 -63.38 9.31 7.70
N LEU FA 344 -63.64 8.09 8.18
CA LEU FA 344 -64.98 7.69 8.59
C LEU FA 344 -65.12 7.90 10.09
N LEU FA 345 -66.07 8.75 10.48
CA LEU FA 345 -66.24 9.14 11.87
C LEU FA 345 -67.36 8.34 12.51
N GLY FA 346 -67.26 8.16 13.82
CA GLY FA 346 -68.31 7.47 14.55
C GLY FA 346 -68.06 7.50 16.04
N THR FA 347 -68.86 6.70 16.76
CA THR FA 347 -68.79 6.63 18.20
C THR FA 347 -68.16 5.31 18.63
N ALA FA 348 -67.50 5.34 19.79
CA ALA FA 348 -66.82 4.15 20.28
C ALA FA 348 -67.80 3.06 20.67
N GLY FA 349 -67.40 1.81 20.48
CA GLY FA 349 -68.21 0.68 20.87
C GLY FA 349 -69.31 0.31 19.92
N SER FA 350 -69.40 0.97 18.76
CA SER FA 350 -70.45 0.69 17.79
C SER FA 350 -69.84 0.59 16.39
N GLY FA 351 -70.34 -0.34 15.60
CA GLY FA 351 -69.87 -0.48 14.24
C GLY FA 351 -68.47 -1.07 14.19
N ASN FA 352 -67.56 -0.38 13.49
CA ASN FA 352 -66.19 -0.82 13.32
C ASN FA 352 -65.24 -0.12 14.30
N PHE FA 353 -65.72 0.20 15.50
CA PHE FA 353 -64.96 0.94 16.49
C PHE FA 353 -64.94 0.17 17.81
N GLY FA 354 -63.76 0.02 18.38
CA GLY FA 354 -63.61 -0.71 19.62
C GLY FA 354 -63.97 0.13 20.84
N LYS FA 355 -63.93 -0.53 22.00
CA LYS FA 355 -64.26 0.12 23.25
C LYS FA 355 -63.16 1.07 23.69
N LEU FA 356 -63.55 2.09 24.44
CA LEU FA 356 -62.60 2.96 25.12
C LEU FA 356 -62.53 2.62 26.60
N THR FA 357 -61.31 2.49 27.12
CA THR FA 357 -61.10 2.23 28.54
C THR FA 357 -60.54 3.49 29.20
N ASN FA 358 -61.22 3.96 30.23
CA ASN FA 358 -60.83 5.16 30.93
C ASN FA 358 -59.86 4.84 32.06
N GLY FA 359 -59.00 5.80 32.38
CA GLY FA 359 -57.99 5.57 33.39
C GLY FA 359 -56.83 4.71 32.95
N ALA FA 360 -56.62 4.58 31.64
CA ALA FA 360 -55.55 3.76 31.10
C ALA FA 360 -55.02 4.40 29.83
N LEU FA 361 -53.78 4.03 29.48
CA LEU FA 361 -53.13 4.54 28.28
C LEU FA 361 -52.62 3.37 27.45
N GLU FA 362 -52.69 3.54 26.12
CA GLU FA 362 -52.20 2.52 25.19
C GLU FA 362 -50.70 2.72 24.99
N ALA FA 363 -49.90 1.77 25.46
CA ALA FA 363 -48.45 1.87 25.35
C ALA FA 363 -48.00 1.53 23.93
N SER FA 364 -46.71 1.70 23.69
CA SER FA 364 -46.13 1.44 22.38
C SER FA 364 -46.16 -0.06 22.09
N ASN FA 365 -46.00 -0.40 20.80
CA ASN FA 365 -46.07 -1.79 20.37
C ASN FA 365 -44.75 -2.29 19.81
N VAL FA 366 -43.63 -1.75 20.30
CA VAL FA 366 -42.31 -2.17 19.84
C VAL FA 366 -41.76 -3.23 20.79
N ASP FA 367 -41.16 -4.27 20.22
CA ASP FA 367 -40.51 -5.30 21.03
C ASP FA 367 -39.00 -5.15 20.94
N LEU FA 368 -38.37 -4.90 22.08
CA LEU FA 368 -36.97 -4.54 22.14
C LEU FA 368 -36.05 -5.65 21.66
N SER FA 369 -36.37 -6.91 21.98
CA SER FA 369 -35.53 -8.03 21.55
C SER FA 369 -35.48 -8.12 20.03
N LYS FA 370 -36.65 -8.06 19.39
CA LYS FA 370 -36.72 -8.13 17.93
C LYS FA 370 -35.98 -6.95 17.31
N GLU FA 371 -36.12 -5.77 17.93
CA GLU FA 371 -35.44 -4.59 17.41
C GLU FA 371 -33.92 -4.74 17.48
N LEU FA 372 -33.40 -5.29 18.59
CA LEU FA 372 -31.96 -5.51 18.71
C LEU FA 372 -31.47 -6.52 17.68
N VAL FA 373 -32.20 -7.61 17.49
CA VAL FA 373 -31.78 -8.62 16.51
C VAL FA 373 -31.82 -8.03 15.10
N ASN FA 374 -32.85 -7.24 14.79
CA ASN FA 374 -32.93 -6.59 13.49
C ASN FA 374 -31.79 -5.60 13.29
N MET FA 375 -31.38 -4.91 14.36
CA MET FA 375 -30.23 -4.03 14.27
C MET FA 375 -28.96 -4.82 13.96
N ILE FA 376 -28.82 -5.98 14.58
CA ILE FA 376 -27.65 -6.83 14.29
C ILE FA 376 -27.63 -7.22 12.81
N VAL FA 377 -28.78 -7.66 12.31
CA VAL FA 377 -28.86 -8.09 10.91
C VAL FA 377 -28.58 -6.92 9.98
N ALA FA 378 -29.15 -5.75 10.27
CA ALA FA 378 -28.92 -4.58 9.44
C ALA FA 378 -27.46 -4.14 9.47
N GLN FA 379 -26.82 -4.23 10.64
CA GLN FA 379 -25.40 -3.96 10.75
C GLN FA 379 -24.60 -4.85 9.80
N ARG FA 380 -24.90 -6.15 9.83
CA ARG FA 380 -24.15 -7.08 8.99
C ARG FA 380 -24.38 -6.80 7.51
N ASN FA 381 -25.63 -6.49 7.14
CA ASN FA 381 -25.91 -6.15 5.74
C ASN FA 381 -25.17 -4.89 5.32
N TYR FA 382 -25.14 -3.87 6.18
CA TYR FA 382 -24.44 -2.63 5.88
C TYR FA 382 -22.95 -2.89 5.70
N GLN FA 383 -22.35 -3.73 6.55
CA GLN FA 383 -20.94 -4.04 6.40
C GLN FA 383 -20.67 -4.83 5.12
N SER FA 384 -21.59 -5.72 4.74
CA SER FA 384 -21.43 -6.45 3.49
C SER FA 384 -21.44 -5.50 2.29
N ASN FA 385 -22.37 -4.54 2.31
CA ASN FA 385 -22.40 -3.54 1.24
C ASN FA 385 -21.13 -2.69 1.25
N ALA FA 386 -20.59 -2.40 2.43
CA ALA FA 386 -19.33 -1.67 2.51
C ALA FA 386 -18.20 -2.47 1.87
N GLN FA 387 -18.16 -3.78 2.09
CA GLN FA 387 -17.17 -4.61 1.42
C GLN FA 387 -17.36 -4.60 -0.09
N THR FA 388 -18.62 -4.57 -0.55
CA THR FA 388 -18.85 -4.46 -1.99
C THR FA 388 -18.26 -3.16 -2.54
N ILE FA 389 -18.49 -2.05 -1.82
CA ILE FA 389 -17.93 -0.77 -2.24
C ILE FA 389 -16.41 -0.83 -2.27
N LYS FA 390 -15.81 -1.44 -1.25
CA LYS FA 390 -14.36 -1.55 -1.19
C LYS FA 390 -13.83 -2.39 -2.35
N THR FA 391 -14.56 -3.45 -2.71
CA THR FA 391 -14.19 -4.27 -3.86
C THR FA 391 -14.19 -3.44 -5.14
N GLN FA 392 -15.25 -2.66 -5.37
CA GLN FA 392 -15.28 -1.84 -6.57
C GLN FA 392 -14.18 -0.80 -6.55
N ASP FA 393 -13.87 -0.26 -5.38
CA ASP FA 393 -12.80 0.72 -5.25
C ASP FA 393 -11.45 0.11 -5.63
N GLN FA 394 -11.18 -1.10 -5.16
CA GLN FA 394 -9.89 -1.72 -5.46
C GLN FA 394 -9.83 -2.15 -6.92
N ILE FA 395 -10.97 -2.53 -7.51
CA ILE FA 395 -11.04 -2.77 -8.94
C ILE FA 395 -10.64 -1.52 -9.72
N LEU FA 396 -11.29 -0.40 -9.51
CA LEU FA 396 -10.87 0.71 -10.39
C LEU FA 396 -9.39 0.98 -10.14
N ASN FA 397 -8.86 0.65 -8.98
CA ASN FA 397 -7.44 1.01 -8.74
C ASN FA 397 -6.56 0.25 -9.71
N THR FA 398 -6.84 -1.03 -9.94
CA THR FA 398 -5.98 -1.83 -10.83
C THR FA 398 -5.91 -1.12 -12.17
N LEU FA 399 -7.05 -0.70 -12.71
CA LEU FA 399 -7.07 -0.10 -14.08
C LEU FA 399 -6.36 1.25 -14.02
N VAL FA 400 -6.64 2.04 -13.00
CA VAL FA 400 -6.05 3.41 -12.97
C VAL FA 400 -4.52 3.26 -12.87
N ASN FA 401 -4.03 2.13 -12.35
CA ASN FA 401 -2.55 2.08 -12.17
C ASN FA 401 -1.88 1.26 -13.28
N LEU FA 402 -2.66 0.52 -14.07
CA LEU FA 402 -2.00 -0.15 -15.23
C LEU FA 402 -1.15 0.90 -15.96
N SER GA 2 -7.75 -22.60 -7.01
CA SER GA 2 -7.62 -23.34 -5.76
C SER GA 2 -8.55 -22.76 -4.69
N PHE GA 3 -9.47 -21.90 -5.12
CA PHE GA 3 -10.42 -21.31 -4.20
C PHE GA 3 -11.55 -22.28 -3.87
N SER GA 4 -11.72 -23.31 -4.71
CA SER GA 4 -12.86 -24.20 -4.60
C SER GA 4 -12.85 -24.97 -3.28
N GLN GA 5 -11.68 -25.41 -2.85
CA GLN GA 5 -11.57 -26.19 -1.62
C GLN GA 5 -12.01 -25.37 -0.41
N ALA GA 6 -11.50 -24.15 -0.30
CA ALA GA 6 -11.89 -23.26 0.80
C ALA GA 6 -13.36 -22.91 0.73
N VAL GA 7 -13.87 -22.65 -0.48
CA VAL GA 7 -15.29 -22.32 -0.63
C VAL GA 7 -16.16 -23.48 -0.16
N SER GA 8 -15.82 -24.70 -0.58
CA SER GA 8 -16.61 -25.86 -0.19
C SER GA 8 -16.53 -26.11 1.31
N GLY GA 9 -15.35 -25.96 1.90
CA GLY GA 9 -15.24 -26.12 3.34
C GLY GA 9 -16.06 -25.10 4.11
N LEU GA 10 -16.02 -23.84 3.66
CA LEU GA 10 -16.80 -22.80 4.31
C LEU GA 10 -18.29 -23.07 4.18
N ASN GA 11 -18.73 -23.51 3.01
CA ASN GA 11 -20.15 -23.81 2.81
C ASN GA 11 -20.58 -25.00 3.67
N ALA GA 12 -19.74 -26.02 3.79
CA ALA GA 12 -20.07 -27.15 4.65
C ALA GA 12 -20.16 -26.73 6.11
N ALA GA 13 -19.22 -25.89 6.57
CA ALA GA 13 -19.29 -25.40 7.94
C ALA GA 13 -20.54 -24.56 8.16
N ALA GA 14 -20.91 -23.74 7.18
CA ALA GA 14 -22.12 -22.94 7.29
C ALA GA 14 -23.36 -23.82 7.38
N THR GA 15 -23.40 -24.88 6.56
CA THR GA 15 -24.53 -25.80 6.62
C THR GA 15 -24.61 -26.50 7.97
N ASN GA 16 -23.47 -26.93 8.51
CA ASN GA 16 -23.45 -27.56 9.82
C ASN GA 16 -23.95 -26.60 10.90
N LEU GA 17 -23.52 -25.34 10.83
CA LEU GA 17 -23.94 -24.36 11.83
C LEU GA 17 -25.42 -24.03 11.69
N ASP GA 18 -25.93 -24.02 10.46
CA ASP GA 18 -27.36 -23.84 10.26
C ASP GA 18 -28.14 -25.00 10.87
N VAL GA 19 -27.66 -26.23 10.69
CA VAL GA 19 -28.33 -27.39 11.28
C VAL GA 19 -28.32 -27.28 12.81
N ILE GA 20 -27.18 -26.89 13.37
CA ILE GA 20 -27.08 -26.75 14.83
C ILE GA 20 -28.03 -25.67 15.34
N GLY GA 21 -28.08 -24.53 14.65
CA GLY GA 21 -29.00 -23.47 15.05
C GLY GA 21 -30.45 -23.89 14.95
N ASN GA 22 -30.79 -24.65 13.90
CA ASN GA 22 -32.14 -25.18 13.78
C ASN GA 22 -32.47 -26.11 14.95
N ASN GA 23 -31.53 -26.97 15.31
CA ASN GA 23 -31.75 -27.85 16.45
C ASN GA 23 -31.95 -27.06 17.73
N ILE GA 24 -31.16 -25.99 17.91
CA ILE GA 24 -31.29 -25.15 19.09
C ILE GA 24 -32.66 -24.49 19.13
N ALA GA 25 -33.13 -23.98 17.98
CA ALA GA 25 -34.41 -23.28 17.96
C ALA GA 25 -35.59 -24.21 18.22
N ASN GA 26 -35.41 -25.51 17.98
CA ASN GA 26 -36.45 -26.50 18.21
C ASN GA 26 -36.26 -27.28 19.51
N SER GA 27 -35.51 -26.73 20.46
CA SER GA 27 -35.28 -27.42 21.73
C SER GA 27 -36.57 -27.59 22.50
N ALA GA 28 -37.53 -26.68 22.30
CA ALA GA 28 -38.85 -26.76 22.90
C ALA GA 28 -39.86 -26.87 21.76
N THR GA 29 -40.05 -28.10 21.24
CA THR GA 29 -40.96 -28.36 20.13
C THR GA 29 -41.38 -29.83 20.22
N TYR GA 30 -42.61 -30.06 20.67
CA TYR GA 30 -43.12 -31.41 20.81
C TYR GA 30 -43.11 -32.16 19.49
N GLY GA 31 -42.59 -33.39 19.49
CA GLY GA 31 -42.56 -34.19 18.29
C GLY GA 31 -41.45 -33.87 17.31
N PHE GA 32 -40.44 -33.12 17.72
CA PHE GA 32 -39.34 -32.75 16.85
C PHE GA 32 -38.22 -33.77 16.98
N LYS GA 33 -37.54 -34.04 15.86
CA LYS GA 33 -36.37 -34.91 15.83
C LYS GA 33 -35.14 -34.11 15.42
N SER GA 34 -34.05 -34.29 16.15
CA SER GA 34 -32.82 -33.56 15.87
C SER GA 34 -32.26 -33.95 14.51
N GLY GA 35 -31.48 -33.05 13.92
CA GLY GA 35 -30.86 -33.28 12.63
C GLY GA 35 -29.35 -33.15 12.72
N THR GA 36 -28.65 -33.91 11.87
CA THR GA 36 -27.20 -33.87 11.81
C THR GA 36 -26.76 -33.94 10.35
N ALA GA 37 -25.87 -33.03 9.96
CA ALA GA 37 -25.39 -32.99 8.58
C ALA GA 37 -24.20 -33.92 8.40
N SER GA 38 -24.22 -34.68 7.30
CA SER GA 38 -23.16 -35.62 6.98
C SER GA 38 -22.37 -35.11 5.77
N PHE GA 39 -21.04 -35.20 5.86
CA PHE GA 39 -20.15 -34.63 4.86
C PHE GA 39 -19.37 -35.73 4.15
N ALA GA 40 -18.98 -35.43 2.90
CA ALA GA 40 -18.19 -36.35 2.09
C ALA GA 40 -17.26 -35.54 1.18
N ASP GA 41 -16.06 -36.11 0.99
CA ASP GA 41 -15.02 -35.45 0.19
C ASP GA 41 -15.30 -35.63 -1.29
N MET GA 42 -14.62 -34.85 -2.12
CA MET GA 42 -14.92 -34.92 -3.57
C MET GA 42 -13.62 -35.10 -4.36
N PHE GA 43 -12.83 -36.10 -4.00
CA PHE GA 43 -11.62 -36.38 -4.81
C PHE GA 43 -12.08 -36.59 -6.25
N ALA GA 44 -11.23 -36.28 -7.22
CA ALA GA 44 -11.61 -36.38 -8.64
C ALA GA 44 -10.35 -36.21 -9.50
N GLY GA 45 -9.81 -37.33 -9.96
CA GLY GA 45 -8.67 -37.31 -10.84
C GLY GA 45 -7.37 -37.03 -10.12
N SER GA 46 -7.19 -35.78 -9.70
CA SER GA 46 -6.01 -35.43 -8.93
C SER GA 46 -6.18 -35.87 -7.48
N LYS GA 47 -5.08 -36.27 -6.86
CA LYS GA 47 -5.08 -36.75 -5.48
C LYS GA 47 -5.15 -35.62 -4.46
N VAL GA 48 -5.32 -34.38 -4.90
CA VAL GA 48 -5.19 -33.24 -3.98
C VAL GA 48 -6.45 -33.01 -3.14
N GLY GA 49 -7.50 -33.80 -3.32
CA GLY GA 49 -8.68 -33.64 -2.47
C GLY GA 49 -9.45 -32.37 -2.72
N LEU GA 50 -10.16 -32.30 -3.85
CA LEU GA 50 -10.86 -31.10 -4.31
C LEU GA 50 -11.62 -30.35 -3.22
N GLY GA 51 -12.42 -31.04 -2.42
CA GLY GA 51 -13.14 -30.34 -1.37
C GLY GA 51 -14.09 -31.22 -0.59
N VAL GA 52 -15.16 -30.60 -0.10
CA VAL GA 52 -16.14 -31.24 0.76
C VAL GA 52 -17.54 -30.97 0.20
N LYS GA 53 -18.42 -31.95 0.35
CA LYS GA 53 -19.83 -31.79 0.03
C LYS GA 53 -20.66 -32.41 1.14
N VAL GA 54 -21.89 -31.90 1.29
CA VAL GA 54 -22.82 -32.43 2.27
C VAL GA 54 -23.60 -33.58 1.64
N ALA GA 55 -23.38 -34.79 2.16
CA ALA GA 55 -24.11 -35.96 1.65
C ALA GA 55 -25.58 -35.88 1.98
N GLY GA 56 -25.95 -35.13 3.01
CA GLY GA 56 -27.35 -34.99 3.39
C GLY GA 56 -27.45 -34.56 4.82
N ILE GA 57 -28.69 -34.50 5.31
CA ILE GA 57 -28.99 -34.22 6.70
C ILE GA 57 -29.89 -35.34 7.21
N THR GA 58 -29.40 -36.08 8.20
CA THR GA 58 -30.08 -37.24 8.74
C THR GA 58 -30.76 -36.90 10.05
N GLN GA 59 -31.98 -37.38 10.21
CA GLN GA 59 -32.73 -37.20 11.45
C GLN GA 59 -32.31 -38.24 12.48
N ASP GA 60 -32.52 -37.90 13.75
CA ASP GA 60 -32.15 -38.75 14.87
C ASP GA 60 -33.48 -39.18 15.48
N PHE GA 61 -33.92 -40.39 15.15
CA PHE GA 61 -35.23 -40.88 15.57
C PHE GA 61 -35.15 -41.65 16.88
N THR GA 62 -34.58 -41.02 17.90
CA THR GA 62 -34.64 -41.57 19.25
C THR GA 62 -35.83 -41.00 20.00
N ASP GA 63 -36.46 -41.84 20.81
CA ASP GA 63 -37.67 -41.42 21.51
C ASP GA 63 -37.37 -40.34 22.53
N GLY GA 64 -38.15 -39.26 22.49
CA GLY GA 64 -38.03 -38.21 23.47
C GLY GA 64 -38.80 -38.54 24.74
N THR GA 65 -38.54 -37.74 25.77
CA THR GA 65 -39.22 -37.94 27.04
C THR GA 65 -40.71 -37.65 26.91
N THR GA 66 -41.52 -38.49 27.54
CA THR GA 66 -42.96 -38.31 27.54
C THR GA 66 -43.39 -37.55 28.78
N THR GA 67 -44.01 -36.39 28.52
CA THR GA 67 -44.44 -35.49 29.61
C THR GA 67 -45.95 -35.62 29.81
N ASN GA 68 -46.40 -35.71 31.06
CA ASN GA 68 -47.83 -35.93 31.34
C ASN GA 68 -48.59 -34.61 31.24
N THR GA 69 -48.85 -34.15 30.01
CA THR GA 69 -49.67 -32.92 29.87
C THR GA 69 -51.05 -33.19 30.45
N GLY GA 70 -51.71 -34.26 30.01
CA GLY GA 70 -53.06 -34.61 30.52
C GLY GA 70 -54.15 -34.30 29.50
N ARG GA 71 -53.92 -33.31 28.64
CA ARG GA 71 -54.92 -32.91 27.63
C ARG GA 71 -55.50 -34.21 27.05
N GLY GA 72 -56.82 -34.39 27.18
CA GLY GA 72 -57.44 -35.67 26.75
C GLY GA 72 -57.13 -36.03 25.32
N LEU GA 73 -57.27 -35.07 24.40
CA LEU GA 73 -57.09 -35.39 22.96
C LEU GA 73 -55.60 -35.43 22.63
N ASP GA 74 -54.74 -35.50 23.65
CA ASP GA 74 -53.28 -35.64 23.36
C ASP GA 74 -52.92 -37.12 23.38
N VAL GA 75 -51.71 -37.46 22.94
CA VAL GA 75 -51.27 -38.84 22.82
C VAL GA 75 -49.82 -38.87 22.35
N ALA GA 76 -49.01 -39.69 22.99
CA ALA GA 76 -47.61 -39.85 22.66
C ALA GA 76 -47.30 -41.27 22.23
N ILE GA 77 -46.38 -41.41 21.27
CA ILE GA 77 -45.99 -42.70 20.74
C ILE GA 77 -44.69 -43.15 21.42
N SER GA 78 -44.75 -44.29 22.10
CA SER GA 78 -43.54 -44.92 22.59
C SER GA 78 -42.94 -45.82 21.52
N GLN GA 79 -41.62 -45.92 21.50
CA GLN GA 79 -40.89 -46.77 20.56
C GLN GA 79 -41.21 -46.31 19.13
N ASN GA 80 -41.36 -47.24 18.20
CA ASN GA 80 -41.58 -46.92 16.80
C ASN GA 80 -43.05 -46.68 16.51
N GLY GA 81 -43.31 -45.82 15.54
CA GLY GA 81 -44.66 -45.50 15.11
C GLY GA 81 -44.78 -44.05 14.68
N PHE GA 82 -45.67 -43.81 13.71
CA PHE GA 82 -45.95 -42.49 13.20
C PHE GA 82 -47.46 -42.28 13.07
N PHE GA 83 -47.91 -41.09 13.46
CA PHE GA 83 -49.29 -40.72 13.20
C PHE GA 83 -49.48 -40.43 11.72
N ARG GA 84 -50.59 -40.89 11.16
CA ARG GA 84 -50.91 -40.69 9.75
C ARG GA 84 -52.00 -39.63 9.63
N LEU GA 85 -51.78 -38.63 8.78
CA LEU GA 85 -52.68 -37.50 8.63
C LEU GA 85 -53.00 -37.27 7.16
N VAL GA 86 -54.14 -36.64 6.91
CA VAL GA 86 -54.56 -36.26 5.57
C VAL GA 86 -54.90 -34.78 5.58
N ASP GA 87 -54.46 -34.06 4.55
CA ASP GA 87 -54.74 -32.64 4.45
C ASP GA 87 -56.05 -32.42 3.69
N SER GA 88 -56.33 -31.16 3.35
CA SER GA 88 -57.57 -30.83 2.67
C SER GA 88 -57.66 -31.43 1.27
N ASN GA 89 -56.53 -31.53 0.57
CA ASN GA 89 -56.51 -32.02 -0.81
C ASN GA 89 -56.32 -33.53 -0.89
N GLY GA 90 -56.28 -34.23 0.24
CA GLY GA 90 -56.09 -35.67 0.22
C GLY GA 90 -54.67 -36.15 0.30
N SER GA 91 -53.71 -35.24 0.39
CA SER GA 91 -52.31 -35.64 0.52
C SER GA 91 -52.07 -36.33 1.86
N VAL GA 92 -51.24 -37.37 1.83
CA VAL GA 92 -50.96 -38.19 3.01
C VAL GA 92 -49.65 -37.72 3.64
N PHE GA 93 -49.66 -37.54 4.95
CA PHE GA 93 -48.49 -37.08 5.69
C PHE GA 93 -48.34 -37.90 6.96
N TYR GA 94 -47.14 -37.82 7.55
CA TYR GA 94 -46.82 -38.56 8.76
C TYR GA 94 -46.17 -37.62 9.77
N SER GA 95 -46.60 -37.72 11.02
CA SER GA 95 -46.15 -36.80 12.05
C SER GA 95 -46.09 -37.51 13.40
N ARG GA 96 -45.13 -37.09 14.22
CA ARG GA 96 -45.04 -37.57 15.60
C ARG GA 96 -45.67 -36.62 16.61
N ASN GA 97 -46.16 -35.46 16.17
CA ASN GA 97 -46.80 -34.51 17.07
C ASN GA 97 -48.17 -35.04 17.48
N GLY GA 98 -48.36 -35.26 18.78
CA GLY GA 98 -49.59 -35.85 19.26
C GLY GA 98 -50.58 -34.88 19.85
N GLN GA 99 -50.42 -33.58 19.56
CA GLN GA 99 -51.36 -32.57 20.04
C GLN GA 99 -52.49 -32.44 19.03
N PHE GA 100 -53.65 -32.99 19.38
CA PHE GA 100 -54.81 -33.00 18.49
C PHE GA 100 -55.95 -32.21 19.12
N LYS GA 101 -56.77 -31.63 18.26
CA LYS GA 101 -57.94 -30.88 18.69
C LYS GA 101 -59.14 -31.28 17.84
N LEU GA 102 -60.33 -31.03 18.38
CA LEU GA 102 -61.57 -31.29 17.67
C LEU GA 102 -62.05 -29.99 17.03
N ASP GA 103 -62.16 -29.97 15.70
CA ASP GA 103 -62.54 -28.76 14.99
C ASP GA 103 -64.06 -28.67 14.87
N GLU GA 104 -64.53 -27.66 14.12
CA GLU GA 104 -65.96 -27.40 14.04
C GLU GA 104 -66.70 -28.50 13.28
N ASN GA 105 -66.05 -29.14 12.29
CA ASN GA 105 -66.68 -30.24 11.57
C ASN GA 105 -66.53 -31.58 12.30
N ARG GA 106 -66.20 -31.56 13.59
CA ARG GA 106 -66.11 -32.75 14.44
C ARG GA 106 -65.02 -33.72 13.98
N ASN GA 107 -64.04 -33.25 13.22
CA ASN GA 107 -62.90 -34.07 12.83
C ASN GA 107 -61.79 -33.95 13.85
N LEU GA 108 -60.91 -34.95 13.88
CA LEU GA 108 -59.75 -34.94 14.76
C LEU GA 108 -58.58 -34.35 13.99
N VAL GA 109 -58.13 -33.16 14.39
CA VAL GA 109 -57.08 -32.44 13.69
C VAL GA 109 -56.03 -31.96 14.68
N ASN GA 110 -54.82 -31.75 14.18
CA ASN GA 110 -53.72 -31.21 14.97
C ASN GA 110 -53.76 -29.68 14.92
N MET GA 111 -52.66 -29.05 15.34
CA MET GA 111 -52.60 -27.60 15.38
C MET GA 111 -52.87 -26.97 14.02
N GLN GA 112 -52.34 -27.55 12.95
CA GLN GA 112 -52.51 -26.97 11.61
C GLN GA 112 -53.81 -27.40 10.95
N GLY GA 113 -54.58 -28.29 11.55
CA GLY GA 113 -55.84 -28.70 10.97
C GLY GA 113 -55.80 -29.95 10.12
N MET GA 114 -54.65 -30.62 10.04
CA MET GA 114 -54.59 -31.88 9.30
C MET GA 114 -55.37 -32.97 10.03
N GLN GA 115 -56.24 -33.65 9.30
CA GLN GA 115 -57.16 -34.61 9.89
C GLN GA 115 -56.44 -35.89 10.28
N LEU GA 116 -56.66 -36.34 11.51
CA LEU GA 116 -56.15 -37.63 11.96
C LEU GA 116 -56.84 -38.75 11.20
N THR GA 117 -56.09 -39.76 10.79
CA THR GA 117 -56.60 -40.87 10.01
C THR GA 117 -56.65 -42.13 10.85
N GLY GA 118 -57.45 -43.09 10.37
CA GLY GA 118 -57.51 -44.36 11.05
C GLY GA 118 -58.58 -45.24 10.45
N TYR GA 119 -58.69 -46.44 11.02
CA TYR GA 119 -59.73 -47.37 10.61
C TYR GA 119 -61.08 -46.91 11.14
N PRO GA 120 -62.09 -46.78 10.29
CA PRO GA 120 -63.40 -46.34 10.78
C PRO GA 120 -64.13 -47.46 11.50
N ALA GA 121 -65.20 -47.09 12.20
CA ALA GA 121 -66.01 -48.05 12.93
C ALA GA 121 -67.37 -48.19 12.24
N THR GA 122 -67.72 -49.43 11.89
CA THR GA 122 -68.95 -49.72 11.17
C THR GA 122 -69.71 -50.82 11.88
N GLY GA 123 -71.02 -50.82 11.70
CA GLY GA 123 -71.88 -51.80 12.33
C GLY GA 123 -72.79 -51.20 13.38
N THR GA 124 -73.67 -52.05 13.91
CA THR GA 124 -74.61 -51.65 14.95
C THR GA 124 -74.55 -52.64 16.12
N PRO GA 125 -73.75 -52.35 17.16
CA PRO GA 125 -72.89 -51.18 17.35
C PRO GA 125 -71.66 -51.22 16.46
N PRO GA 126 -71.04 -50.06 16.19
CA PRO GA 126 -69.90 -50.03 15.26
C PRO GA 126 -68.71 -50.81 15.81
N THR GA 127 -67.93 -51.38 14.90
CA THR GA 127 -66.71 -52.09 15.24
C THR GA 127 -65.65 -51.80 14.19
N ILE GA 128 -64.38 -52.07 14.55
CA ILE GA 128 -63.26 -51.71 13.70
C ILE GA 128 -63.13 -52.69 12.55
N GLN GA 129 -62.87 -52.17 11.35
CA GLN GA 129 -62.50 -52.98 10.19
C GLN GA 129 -61.04 -52.69 9.86
N GLN GA 130 -60.15 -53.48 10.47
CA GLN GA 130 -58.71 -53.23 10.32
C GLN GA 130 -58.25 -53.37 8.88
N GLY GA 131 -58.96 -54.14 8.06
CA GLY GA 131 -58.58 -54.28 6.67
C GLY GA 131 -59.08 -53.19 5.74
N ALA GA 132 -59.93 -52.30 6.23
CA ALA GA 132 -60.48 -51.25 5.41
C ALA GA 132 -59.47 -50.12 5.21
N ASN GA 133 -59.77 -49.25 4.25
CA ASN GA 133 -58.93 -48.08 4.01
C ASN GA 133 -59.04 -47.10 5.17
N PRO GA 134 -57.98 -46.36 5.47
CA PRO GA 134 -58.03 -45.42 6.60
C PRO GA 134 -58.79 -44.15 6.22
N ALA GA 135 -59.64 -43.69 7.14
CA ALA GA 135 -60.49 -42.53 6.95
C ALA GA 135 -60.31 -41.56 8.10
N PRO GA 136 -60.58 -40.28 7.89
CA PRO GA 136 -60.44 -39.30 8.98
C PRO GA 136 -61.31 -39.65 10.18
N ILE GA 137 -60.77 -39.43 11.37
CA ILE GA 137 -61.48 -39.76 12.60
C ILE GA 137 -62.50 -38.67 12.89
N THR GA 138 -63.74 -39.08 13.11
CA THR GA 138 -64.83 -38.17 13.42
C THR GA 138 -65.44 -38.52 14.77
N ILE GA 139 -65.87 -37.50 15.51
CA ILE GA 139 -66.58 -37.70 16.76
C ILE GA 139 -67.97 -37.06 16.58
N PRO GA 140 -68.97 -37.82 16.16
CA PRO GA 140 -70.28 -37.24 15.93
C PRO GA 140 -70.94 -36.78 17.23
N ASN GA 141 -71.71 -35.70 17.13
CA ASN GA 141 -72.50 -35.21 18.25
C ASN GA 141 -73.90 -35.79 18.28
N THR GA 142 -74.25 -36.61 17.28
CA THR GA 142 -75.59 -37.18 17.22
C THR GA 142 -75.80 -38.21 18.31
N LEU GA 143 -77.07 -38.48 18.61
CA LEU GA 143 -77.42 -39.50 19.58
C LEU GA 143 -77.25 -40.89 18.98
N MET GA 144 -76.99 -41.87 19.85
CA MET GA 144 -76.97 -43.27 19.47
C MET GA 144 -78.35 -43.85 19.70
N ALA GA 145 -78.94 -44.40 18.65
CA ALA GA 145 -80.34 -44.79 18.64
C ALA GA 145 -80.56 -45.93 19.63
N ALA GA 146 -81.82 -46.20 19.97
CA ALA GA 146 -82.17 -47.27 20.90
C ALA GA 146 -82.21 -48.61 20.17
N LYS GA 147 -81.71 -49.64 20.84
CA LYS GA 147 -81.66 -50.99 20.29
C LYS GA 147 -82.62 -51.88 21.04
N SER GA 148 -83.57 -52.47 20.32
CA SER GA 148 -84.52 -53.38 20.94
C SER GA 148 -83.82 -54.63 21.43
N THR GA 149 -84.20 -55.10 22.61
CA THR GA 149 -83.58 -56.28 23.19
C THR GA 149 -83.88 -57.51 22.34
N THR GA 150 -82.84 -58.28 22.02
CA THR GA 150 -82.98 -59.50 21.24
C THR GA 150 -82.62 -60.76 22.01
N THR GA 151 -81.73 -60.67 23.00
CA THR GA 151 -81.37 -61.79 23.85
C THR GA 151 -81.12 -61.27 25.26
N ALA GA 152 -81.23 -62.16 26.25
CA ALA GA 152 -80.95 -61.84 27.62
C ALA GA 152 -80.66 -63.12 28.39
N SER GA 153 -79.86 -62.99 29.44
CA SER GA 153 -79.47 -64.13 30.26
C SER GA 153 -79.70 -63.80 31.72
N MET GA 154 -80.13 -64.83 32.47
CA MET GA 154 -80.39 -64.68 33.91
C MET GA 154 -79.72 -65.84 34.63
N GLN GA 155 -78.74 -65.54 35.46
CA GLN GA 155 -78.08 -66.53 36.30
C GLN GA 155 -78.61 -66.39 37.72
N ILE GA 156 -79.18 -67.49 38.25
CA ILE GA 156 -79.83 -67.48 39.55
C ILE GA 156 -79.38 -68.73 40.32
N ASN GA 157 -79.37 -68.62 41.65
CA ASN GA 157 -79.12 -69.76 42.53
C ASN GA 157 -80.45 -70.20 43.14
N LEU GA 158 -80.76 -71.49 42.99
CA LEU GA 158 -82.02 -72.05 43.47
C LEU GA 158 -81.74 -73.04 44.59
N ASN GA 159 -82.61 -73.04 45.60
CA ASN GA 159 -82.45 -73.90 46.76
C ASN GA 159 -83.32 -75.14 46.62
N SER GA 160 -82.77 -76.30 46.99
CA SER GA 160 -83.49 -77.56 46.80
C SER GA 160 -84.47 -77.83 47.93
N THR GA 161 -84.22 -77.25 49.11
CA THR GA 161 -85.02 -77.56 50.30
C THR GA 161 -86.25 -76.66 50.44
N ASP GA 162 -86.54 -75.82 49.46
CA ASP GA 162 -87.71 -74.95 49.56
C ASP GA 162 -88.99 -75.80 49.53
N PRO GA 163 -89.90 -75.59 50.47
CA PRO GA 163 -91.16 -76.36 50.46
C PRO GA 163 -92.09 -75.90 49.35
N VAL GA 164 -92.98 -76.80 48.94
CA VAL GA 164 -93.97 -76.53 47.91
C VAL GA 164 -94.98 -75.52 48.45
N PRO GA 165 -95.29 -74.45 47.71
CA PRO GA 165 -96.29 -73.50 48.18
C PRO GA 165 -97.66 -74.17 48.35
N SER GA 166 -98.36 -73.77 49.41
CA SER GA 166 -99.66 -74.36 49.72
C SER GA 166 -100.75 -73.84 48.80
N LYS GA 167 -100.73 -72.54 48.49
CA LYS GA 167 -101.81 -71.92 47.76
C LYS GA 167 -101.63 -72.06 46.25
N THR GA 168 -101.59 -73.30 45.77
CA THR GA 168 -101.53 -73.54 44.34
C THR GA 168 -102.87 -73.21 43.69
N PRO GA 169 -102.89 -72.81 42.41
CA PRO GA 169 -101.75 -72.63 41.50
C PRO GA 169 -101.16 -71.23 41.56
N PHE GA 170 -100.37 -70.85 40.55
CA PHE GA 170 -99.75 -69.54 40.52
C PHE GA 170 -100.79 -68.45 40.32
N SER GA 171 -100.69 -67.40 41.14
CA SER GA 171 -101.57 -66.23 41.04
C SER GA 171 -100.72 -64.98 41.06
N VAL GA 172 -101.07 -64.00 40.23
CA VAL GA 172 -100.33 -62.74 40.18
C VAL GA 172 -100.44 -62.00 41.51
N SER GA 173 -101.66 -61.95 42.07
CA SER GA 173 -101.87 -61.24 43.33
C SER GA 173 -101.20 -61.97 44.49
N ASP GA 174 -101.22 -63.30 44.46
CA ASP GA 174 -100.69 -64.11 45.55
C ASP GA 174 -99.17 -64.19 45.43
N ALA GA 175 -98.46 -63.54 46.37
CA ALA GA 175 -97.00 -63.59 46.35
C ALA GA 175 -96.50 -64.96 46.80
N ASP GA 176 -97.22 -65.61 47.72
CA ASP GA 176 -96.81 -66.91 48.23
C ASP GA 176 -96.99 -68.01 47.19
N SER GA 177 -97.70 -67.70 46.11
CA SER GA 177 -97.95 -68.66 45.04
C SER GA 177 -96.73 -68.94 44.19
N TYR GA 178 -95.64 -68.18 44.37
CA TYR GA 178 -94.41 -68.41 43.66
C TYR GA 178 -93.25 -68.42 44.65
N ASN GA 179 -92.22 -69.19 44.33
CA ASN GA 179 -91.09 -69.38 45.23
C ASN GA 179 -90.02 -68.30 45.08
N LYS GA 180 -89.74 -67.86 43.86
CA LYS GA 180 -88.73 -66.82 43.66
C LYS GA 180 -89.19 -65.86 42.57
N LYS GA 181 -88.91 -64.57 42.78
CA LYS GA 181 -89.26 -63.51 41.84
C LYS GA 181 -88.02 -62.70 41.50
N GLY GA 182 -87.79 -62.48 40.20
CA GLY GA 182 -86.76 -61.59 39.75
C GLY GA 182 -87.29 -60.70 38.64
N THR GA 183 -86.48 -59.70 38.26
CA THR GA 183 -86.90 -58.78 37.22
C THR GA 183 -85.73 -58.44 36.31
N VAL GA 184 -86.04 -58.14 35.05
CA VAL GA 184 -85.07 -57.65 34.08
C VAL GA 184 -85.74 -56.55 33.26
N THR GA 185 -85.03 -55.44 33.06
CA THR GA 185 -85.58 -54.33 32.29
C THR GA 185 -85.10 -54.42 30.84
N VAL GA 186 -86.04 -54.50 29.91
CA VAL GA 186 -85.73 -54.59 28.49
C VAL GA 186 -86.28 -53.35 27.79
N TYR GA 187 -85.84 -53.15 26.56
CA TYR GA 187 -86.14 -51.95 25.80
C TYR GA 187 -86.61 -52.31 24.40
N ASP GA 188 -87.57 -51.53 23.89
CA ASP GA 188 -88.15 -51.75 22.57
C ASP GA 188 -87.40 -50.90 21.54
N SER GA 189 -87.98 -50.79 20.34
CA SER GA 189 -87.39 -49.96 19.30
C SER GA 189 -87.39 -48.48 19.69
N GLN GA 190 -88.39 -48.02 20.44
CA GLN GA 190 -88.45 -46.64 20.89
C GLN GA 190 -87.78 -46.42 22.24
N GLY GA 191 -87.29 -47.48 22.87
CA GLY GA 191 -86.56 -47.33 24.12
C GLY GA 191 -87.41 -47.38 25.37
N ASN GA 192 -88.67 -47.81 25.26
CA ASN GA 192 -89.51 -47.91 26.44
C ASN GA 192 -89.07 -49.07 27.32
N ALA GA 193 -89.33 -48.95 28.62
CA ALA GA 193 -88.87 -49.93 29.59
C ALA GA 193 -89.96 -50.96 29.86
N HIS GA 194 -89.60 -52.24 29.77
CA HIS GA 194 -90.49 -53.35 30.11
C HIS GA 194 -89.82 -54.14 31.24
N ASP GA 195 -90.56 -54.34 32.33
CA ASP GA 195 -90.03 -55.04 33.51
C ASP GA 195 -90.48 -56.49 33.47
N MET GA 196 -89.73 -57.32 32.76
CA MET GA 196 -90.00 -58.76 32.70
C MET GA 196 -89.76 -59.36 34.07
N ASN GA 197 -90.82 -59.80 34.73
CA ASN GA 197 -90.71 -60.50 35.99
C ASN GA 197 -90.69 -62.00 35.74
N VAL GA 198 -89.67 -62.67 36.28
CA VAL GA 198 -89.45 -64.10 36.13
C VAL GA 198 -89.80 -64.75 37.46
N TYR GA 199 -90.68 -65.75 37.41
CA TYR GA 199 -91.15 -66.44 38.61
C TYR GA 199 -90.73 -67.90 38.55
N PHE GA 200 -90.11 -68.37 39.63
CA PHE GA 200 -89.72 -69.77 39.78
C PHE GA 200 -90.61 -70.40 40.84
N VAL GA 201 -91.25 -71.51 40.49
CA VAL GA 201 -92.11 -72.26 41.41
C VAL GA 201 -91.68 -73.72 41.37
N LYS GA 202 -91.28 -74.27 42.51
CA LYS GA 202 -90.90 -75.67 42.57
C LYS GA 202 -92.12 -76.55 42.37
N THR GA 203 -92.12 -77.33 41.29
CA THR GA 203 -93.22 -78.25 41.00
C THR GA 203 -92.97 -79.66 41.51
N LYS GA 204 -91.74 -80.14 41.42
CA LYS GA 204 -91.37 -81.46 41.89
C LYS GA 204 -89.87 -81.46 42.17
N ASP GA 205 -89.29 -82.65 42.30
CA ASP GA 205 -87.86 -82.76 42.58
C ASP GA 205 -87.05 -82.19 41.43
N ASN GA 206 -86.34 -81.09 41.70
CA ASN GA 206 -85.43 -80.42 40.78
C ASN GA 206 -86.14 -79.92 39.52
N GLU GA 207 -87.43 -79.59 39.60
CA GLU GA 207 -88.17 -79.05 38.48
C GLU GA 207 -88.84 -77.75 38.91
N TRP GA 208 -88.58 -76.67 38.17
CA TRP GA 208 -89.08 -75.35 38.51
C TRP GA 208 -89.87 -74.77 37.35
N ALA GA 209 -91.18 -74.65 37.53
CA ALA GA 209 -91.99 -73.92 36.56
C ALA GA 209 -91.56 -72.45 36.53
N VAL GA 210 -91.36 -71.93 35.32
CA VAL GA 210 -90.85 -70.59 35.11
C VAL GA 210 -91.93 -69.79 34.38
N TYR GA 211 -92.37 -68.70 35.02
CA TYR GA 211 -93.34 -67.76 34.47
C TYR GA 211 -92.62 -66.48 34.06
N THR GA 212 -93.11 -65.84 33.00
CA THR GA 212 -92.65 -64.53 32.58
C THR GA 212 -93.85 -63.60 32.45
N HIS GA 213 -93.80 -62.48 33.17
CA HIS GA 213 -94.92 -61.55 33.18
C HIS GA 213 -94.41 -60.14 32.89
N ASP GA 214 -95.15 -59.40 32.06
CA ASP GA 214 -94.79 -58.02 31.76
C ASP GA 214 -95.50 -57.10 32.75
N SER GA 215 -94.72 -56.46 33.63
CA SER GA 215 -95.27 -55.57 34.64
C SER GA 215 -95.38 -54.12 34.19
N SER GA 216 -94.92 -53.79 32.99
CA SER GA 216 -94.94 -52.40 32.53
C SER GA 216 -96.20 -52.02 31.77
N ASP GA 217 -96.71 -52.91 30.91
CA ASP GA 217 -97.92 -52.60 30.15
C ASP GA 217 -99.15 -52.95 30.98
N PRO GA 218 -100.00 -51.98 31.30
CA PRO GA 218 -101.24 -52.30 32.03
C PRO GA 218 -102.21 -53.14 31.23
N ALA GA 219 -102.07 -53.23 29.90
CA ALA GA 219 -102.96 -54.00 29.05
C ALA GA 219 -102.48 -55.42 28.82
N ALA GA 220 -101.39 -55.83 29.47
CA ALA GA 220 -100.90 -57.19 29.31
C ALA GA 220 -101.85 -58.17 29.99
N THR GA 221 -102.17 -59.26 29.30
CA THR GA 221 -103.08 -60.26 29.82
C THR GA 221 -102.44 -61.02 30.98
N ALA GA 222 -103.28 -61.52 31.88
CA ALA GA 222 -102.78 -62.22 33.06
C ALA GA 222 -102.25 -63.59 32.69
N PRO GA 223 -100.98 -63.89 32.97
CA PRO GA 223 -100.45 -65.23 32.67
C PRO GA 223 -100.94 -66.25 33.68
N THR GA 224 -101.37 -67.41 33.18
CA THR GA 224 -101.81 -68.51 34.04
C THR GA 224 -101.04 -69.80 33.79
N THR GA 225 -100.32 -69.90 32.67
CA THR GA 225 -99.60 -71.11 32.30
C THR GA 225 -98.11 -70.83 32.33
N ALA GA 226 -97.33 -71.83 32.76
CA ALA GA 226 -95.89 -71.67 32.86
C ALA GA 226 -95.29 -71.40 31.49
N SER GA 227 -94.41 -70.39 31.43
CA SER GA 227 -93.66 -70.13 30.20
C SER GA 227 -92.76 -71.32 29.87
N THR GA 228 -92.18 -71.95 30.89
CA THR GA 228 -91.38 -73.15 30.67
C THR GA 228 -91.25 -73.91 31.97
N THR GA 229 -90.49 -75.02 31.92
CA THR GA 229 -90.11 -75.75 33.12
C THR GA 229 -88.60 -75.98 33.09
N LEU GA 230 -87.90 -75.38 34.04
CA LEU GA 230 -86.48 -75.61 34.21
C LEU GA 230 -86.26 -76.99 34.82
N LYS GA 231 -85.45 -77.80 34.14
CA LYS GA 231 -85.18 -79.17 34.53
C LYS GA 231 -83.69 -79.32 34.81
N PHE GA 232 -83.36 -80.05 35.86
CA PHE GA 232 -81.97 -80.25 36.26
C PHE GA 232 -81.69 -81.73 36.48
N ASN GA 233 -80.43 -82.12 36.29
CA ASN GA 233 -80.02 -83.50 36.46
C ASN GA 233 -79.77 -83.81 37.94
N GLU GA 234 -79.19 -84.97 38.20
CA GLU GA 234 -78.93 -85.39 39.58
C GLU GA 234 -77.89 -84.52 40.27
N ASN GA 235 -76.92 -83.98 39.53
CA ASN GA 235 -75.87 -83.15 40.10
C ASN GA 235 -76.23 -81.66 40.13
N GLY GA 236 -77.45 -81.31 39.72
CA GLY GA 236 -77.87 -79.92 39.73
C GLY GA 236 -77.47 -79.11 38.51
N ILE GA 237 -76.95 -79.75 37.48
CA ILE GA 237 -76.60 -79.07 36.23
C ILE GA 237 -77.85 -78.99 35.37
N LEU GA 238 -77.98 -77.89 34.64
CA LEU GA 238 -79.17 -77.66 33.81
C LEU GA 238 -79.36 -78.79 32.80
N GLU GA 239 -80.59 -79.26 32.68
CA GLU GA 239 -80.94 -80.34 31.76
C GLU GA 239 -81.70 -79.87 30.53
N SER GA 240 -82.80 -79.15 30.74
CA SER GA 240 -83.62 -78.69 29.61
C SER GA 240 -84.44 -77.48 30.05
N GLY GA 241 -84.97 -76.76 29.06
CA GLY GA 241 -85.82 -75.62 29.30
C GLY GA 241 -85.11 -74.32 29.63
N GLY GA 242 -83.81 -74.23 29.38
CA GLY GA 242 -83.05 -73.04 29.75
C GLY GA 242 -83.22 -71.84 28.85
N THR GA 243 -83.73 -72.02 27.63
CA THR GA 243 -83.87 -70.92 26.69
C THR GA 243 -85.30 -70.86 26.18
N VAL GA 244 -85.93 -69.69 26.34
CA VAL GA 244 -87.31 -69.50 25.93
C VAL GA 244 -87.45 -68.13 25.26
N ASN GA 245 -88.09 -68.10 24.10
CA ASN GA 245 -88.38 -66.84 23.43
C ASN GA 245 -89.56 -66.16 24.12
N ILE GA 246 -89.42 -64.87 24.41
CA ILE GA 246 -90.44 -64.09 25.09
C ILE GA 246 -90.72 -62.83 24.25
N THR GA 247 -92.01 -62.59 24.01
CA THR GA 247 -92.47 -61.38 23.32
C THR GA 247 -93.23 -60.52 24.30
N THR GA 248 -92.86 -59.24 24.38
CA THR GA 248 -93.50 -58.34 25.32
C THR GA 248 -94.79 -57.77 24.73
N GLY GA 249 -95.54 -57.06 25.56
CA GLY GA 249 -96.73 -56.38 25.10
C GLY GA 249 -96.41 -55.08 24.41
N THR GA 250 -97.45 -54.43 23.92
CA THR GA 250 -97.33 -53.15 23.20
C THR GA 250 -97.48 -52.02 24.21
N ILE GA 251 -96.54 -51.08 24.17
CA ILE GA 251 -96.58 -49.88 25.00
C ILE GA 251 -96.39 -48.66 24.10
N ASN GA 252 -97.32 -47.71 24.19
CA ASN GA 252 -97.21 -46.42 23.48
C ASN GA 252 -97.33 -46.61 21.96
N GLY GA 253 -97.43 -47.86 21.52
CA GLY GA 253 -97.46 -48.18 20.11
C GLY GA 253 -96.15 -48.65 19.53
N ALA GA 254 -95.11 -48.78 20.34
CA ALA GA 254 -93.82 -49.23 19.85
C ALA GA 254 -93.86 -50.72 19.52
N THR GA 255 -92.90 -51.15 18.71
CA THR GA 255 -92.77 -52.56 18.36
C THR GA 255 -92.46 -53.37 19.61
N ALA GA 256 -93.14 -54.51 19.75
CA ALA GA 256 -92.95 -55.36 20.93
C ALA GA 256 -91.54 -55.92 20.95
N ALA GA 257 -91.00 -56.09 22.16
CA ALA GA 257 -89.65 -56.60 22.33
C ALA GA 257 -89.66 -58.12 22.28
N THR GA 258 -88.97 -58.68 21.29
CA THR GA 258 -88.84 -60.12 21.13
C THR GA 258 -87.43 -60.54 21.52
N PHE GA 259 -87.29 -61.19 22.66
CA PHE GA 259 -85.98 -61.50 23.21
C PHE GA 259 -85.98 -62.90 23.80
N SER GA 260 -84.82 -63.57 23.71
CA SER GA 260 -84.68 -64.92 24.22
C SER GA 260 -84.14 -64.85 25.64
N LEU GA 261 -84.94 -65.27 26.61
CA LEU GA 261 -84.52 -65.38 28.00
C LEU GA 261 -83.79 -66.71 28.17
N SER GA 262 -82.55 -66.64 28.66
CA SER GA 262 -81.66 -67.80 28.69
C SER GA 262 -81.19 -68.07 30.11
N PHE GA 263 -81.32 -69.33 30.54
CA PHE GA 263 -80.86 -69.77 31.84
C PHE GA 263 -79.67 -70.72 31.76
N LEU GA 264 -78.79 -70.55 30.78
CA LEU GA 264 -77.59 -71.39 30.71
C LEU GA 264 -76.69 -71.12 31.90
N ASN GA 265 -75.91 -72.13 32.27
CA ASN GA 265 -74.97 -72.12 33.39
C ASN GA 265 -75.67 -72.06 34.75
N SER GA 266 -77.00 -71.98 34.77
CA SER GA 266 -77.72 -71.97 36.03
C SER GA 266 -77.68 -73.34 36.68
N MET GA 267 -77.45 -73.36 37.99
CA MET GA 267 -77.36 -74.60 38.76
C MET GA 267 -78.47 -74.64 39.79
N GLN GA 268 -78.88 -75.86 40.14
CA GLN GA 268 -79.90 -76.11 41.15
C GLN GA 268 -79.21 -76.91 42.25
N GLN GA 269 -78.97 -76.28 43.40
CA GLN GA 269 -78.15 -76.91 44.42
C GLN GA 269 -78.57 -76.46 45.82
N ASN GA 270 -77.72 -76.67 46.81
CA ASN GA 270 -78.04 -76.47 48.22
C ASN GA 270 -77.65 -75.06 48.69
N THR GA 271 -77.80 -74.06 47.81
CA THR GA 271 -77.58 -72.69 48.22
C THR GA 271 -78.54 -72.30 49.34
N GLY GA 272 -78.08 -71.40 50.21
CA GLY GA 272 -78.81 -71.05 51.41
C GLY GA 272 -80.20 -70.48 51.18
N ALA GA 273 -80.37 -69.77 50.07
CA ALA GA 273 -81.67 -69.17 49.76
C ALA GA 273 -81.80 -68.87 48.27
N ASN GA 274 -82.99 -68.47 47.85
CA ASN GA 274 -83.24 -68.12 46.45
C ASN GA 274 -82.67 -66.73 46.17
N ASN GA 275 -81.56 -66.69 45.43
CA ASN GA 275 -80.88 -65.44 45.14
C ASN GA 275 -80.50 -65.40 43.67
N ILE GA 276 -80.73 -64.24 43.04
CA ILE GA 276 -80.36 -64.02 41.65
C ILE GA 276 -78.90 -63.59 41.60
N VAL GA 277 -78.10 -64.28 40.80
CA VAL GA 277 -76.67 -63.97 40.72
C VAL GA 277 -76.41 -62.81 39.77
N ALA GA 278 -76.95 -62.87 38.56
CA ALA GA 278 -76.66 -61.84 37.56
C ALA GA 278 -77.75 -61.81 36.51
N THR GA 279 -77.87 -60.67 35.83
CA THR GA 279 -78.77 -60.50 34.70
C THR GA 279 -78.10 -59.65 33.64
N ASN GA 280 -78.33 -60.00 32.38
CA ASN GA 280 -77.74 -59.26 31.27
C ASN GA 280 -78.71 -59.25 30.10
N GLN GA 281 -78.62 -58.20 29.30
CA GLN GA 281 -79.48 -58.04 28.13
C GLN GA 281 -78.85 -57.02 27.20
N ASN GA 282 -79.15 -57.17 25.90
CA ASN GA 282 -78.51 -56.38 24.86
C ASN GA 282 -79.25 -55.10 24.50
N GLY GA 283 -80.40 -54.83 25.12
CA GLY GA 283 -81.13 -53.62 24.83
C GLY GA 283 -80.73 -52.46 25.74
N TYR GA 284 -80.91 -51.25 25.22
CA TYR GA 284 -80.58 -50.05 25.97
C TYR GA 284 -81.47 -48.91 25.49
N LYS GA 285 -81.57 -47.88 26.33
CA LYS GA 285 -82.36 -46.69 26.11
C LYS GA 285 -81.57 -45.70 25.25
N PRO GA 286 -82.24 -44.70 24.65
CA PRO GA 286 -81.51 -43.70 23.85
C PRO GA 286 -80.42 -42.99 24.65
N GLY GA 287 -79.29 -42.73 24.03
CA GLY GA 287 -78.18 -42.09 24.71
C GLY GA 287 -77.57 -41.01 23.84
N ASP GA 288 -77.08 -39.97 24.51
CA ASP GA 288 -76.40 -38.86 23.86
C ASP GA 288 -74.94 -38.82 24.30
N LEU GA 289 -74.08 -38.41 23.39
CA LEU GA 289 -72.64 -38.38 23.65
C LEU GA 289 -72.35 -37.45 24.81
N VAL GA 290 -71.54 -37.92 25.75
CA VAL GA 290 -71.15 -37.14 26.92
C VAL GA 290 -69.65 -36.89 26.95
N SER GA 291 -68.85 -37.93 26.73
CA SER GA 291 -67.40 -37.77 26.75
C SER GA 291 -66.78 -38.62 25.65
N TYR GA 292 -65.52 -38.33 25.34
CA TYR GA 292 -64.76 -39.13 24.39
C TYR GA 292 -63.37 -39.35 24.97
N GLN GA 293 -62.85 -40.57 24.80
CA GLN GA 293 -61.54 -40.89 25.35
C GLN GA 293 -60.79 -41.81 24.38
N ILE GA 294 -59.48 -41.85 24.55
CA ILE GA 294 -58.58 -42.64 23.69
C ILE GA 294 -57.86 -43.64 24.57
N ASN GA 295 -57.94 -44.91 24.20
CA ASN GA 295 -57.29 -45.97 24.97
C ASN GA 295 -55.81 -46.08 24.60
N ASN GA 296 -55.13 -46.99 25.29
CA ASN GA 296 -53.71 -47.24 25.01
C ASN GA 296 -53.49 -47.90 23.65
N ASP GA 297 -54.52 -48.53 23.07
CA ASP GA 297 -54.41 -49.18 21.79
C ASP GA 297 -54.84 -48.29 20.62
N GLY GA 298 -55.19 -47.03 20.90
CA GLY GA 298 -55.49 -46.08 19.84
C GLY GA 298 -56.95 -45.98 19.46
N THR GA 299 -57.82 -46.86 19.97
CA THR GA 299 -59.23 -46.76 19.63
C THR GA 299 -59.89 -45.63 20.41
N VAL GA 300 -60.62 -44.78 19.71
CA VAL GA 300 -61.37 -43.68 20.32
C VAL GA 300 -62.77 -44.19 20.63
N VAL GA 301 -63.18 -44.05 21.88
CA VAL GA 301 -64.48 -44.52 22.35
C VAL GA 301 -65.21 -43.38 23.04
N GLY GA 302 -66.47 -43.18 22.66
CA GLY GA 302 -67.32 -42.19 23.29
C GLY GA 302 -68.23 -42.83 24.32
N ASN GA 303 -68.27 -42.21 25.50
CA ASN GA 303 -69.19 -42.59 26.56
C ASN GA 303 -70.44 -41.72 26.46
N TYR GA 304 -71.59 -42.36 26.33
CA TYR GA 304 -72.86 -41.70 26.12
C TYR GA 304 -73.61 -41.53 27.45
N SER GA 305 -74.80 -40.95 27.38
CA SER GA 305 -75.57 -40.60 28.57
C SER GA 305 -76.34 -41.77 29.17
N ASN GA 306 -76.57 -42.84 28.41
CA ASN GA 306 -77.33 -43.98 28.93
C ASN GA 306 -76.38 -45.04 29.49
N GLU GA 307 -75.17 -44.63 29.84
CA GLU GA 307 -74.15 -45.53 30.40
C GLU GA 307 -73.85 -46.66 29.43
N GLN GA 308 -73.33 -46.29 28.26
CA GLN GA 308 -72.96 -47.26 27.24
C GLN GA 308 -71.86 -46.66 26.37
N GLU GA 309 -70.81 -47.43 26.13
CA GLU GA 309 -69.68 -46.98 25.32
C GLU GA 309 -69.91 -47.34 23.86
N GLN GA 310 -69.30 -46.54 22.97
CA GLN GA 310 -69.35 -46.80 21.55
C GLN GA 310 -68.04 -46.37 20.89
N VAL GA 311 -67.40 -47.29 20.18
CA VAL GA 311 -66.13 -46.98 19.55
C VAL GA 311 -66.38 -46.31 18.21
N LEU GA 312 -65.64 -45.23 17.93
CA LEU GA 312 -65.83 -44.44 16.72
C LEU GA 312 -64.73 -44.66 15.70
N GLY GA 313 -63.58 -45.18 16.10
CA GLY GA 313 -62.50 -45.42 15.16
C GLY GA 313 -61.24 -45.85 15.90
N GLN GA 314 -60.28 -46.30 15.10
CA GLN GA 314 -58.99 -46.73 15.62
C GLN GA 314 -57.88 -45.94 14.93
N ILE GA 315 -57.02 -45.30 15.72
CA ILE GA 315 -55.93 -44.53 15.14
C ILE GA 315 -54.92 -45.49 14.51
N VAL GA 316 -54.57 -45.23 13.26
CA VAL GA 316 -53.62 -46.05 12.52
C VAL GA 316 -52.22 -45.49 12.72
N LEU GA 317 -51.23 -46.38 12.72
CA LEU GA 317 -49.83 -46.01 12.83
C LEU GA 317 -49.06 -46.49 11.61
N ALA GA 318 -48.07 -45.71 11.19
CA ALA GA 318 -47.26 -46.02 10.03
C ALA GA 318 -45.82 -46.29 10.43
N ASN GA 319 -45.25 -47.35 9.89
CA ASN GA 319 -43.86 -47.70 10.11
C ASN GA 319 -43.16 -47.78 8.76
N PHE GA 320 -41.92 -47.30 8.72
CA PHE GA 320 -41.16 -47.20 7.49
C PHE GA 320 -39.92 -48.07 7.56
N ALA GA 321 -39.52 -48.59 6.39
CA ALA GA 321 -38.26 -49.30 6.30
C ALA GA 321 -37.07 -48.36 6.42
N ASN GA 322 -37.24 -47.11 5.98
CA ASN GA 322 -36.17 -46.11 6.02
C ASN GA 322 -36.75 -44.84 6.64
N ASN GA 323 -36.61 -44.71 7.96
CA ASN GA 323 -37.05 -43.50 8.63
C ASN GA 323 -36.19 -42.30 8.26
N GLU GA 324 -34.89 -42.51 8.06
CA GLU GA 324 -34.00 -41.39 7.74
C GLU GA 324 -34.17 -40.90 6.31
N GLY GA 325 -34.81 -41.68 5.44
CA GLY GA 325 -35.15 -41.21 4.11
C GLY GA 325 -36.43 -40.43 4.04
N LEU GA 326 -37.14 -40.30 5.15
CA LEU GA 326 -38.38 -39.55 5.18
C LEU GA 326 -38.12 -38.07 4.94
N ALA GA 327 -38.96 -37.46 4.12
CA ALA GA 327 -38.78 -36.05 3.74
C ALA GA 327 -39.63 -35.17 4.64
N SER GA 328 -38.98 -34.20 5.28
CA SER GA 328 -39.69 -33.27 6.16
C SER GA 328 -40.34 -32.16 5.34
N GLN GA 329 -41.61 -31.87 5.65
CA GLN GA 329 -42.38 -30.86 4.94
C GLN GA 329 -42.67 -29.63 5.80
N GLY GA 330 -42.07 -29.52 6.97
CA GLY GA 330 -42.36 -28.41 7.86
C GLY GA 330 -43.59 -28.67 8.71
N ASP GA 331 -43.72 -27.84 9.75
CA ASP GA 331 -44.78 -28.02 10.75
C ASP GA 331 -44.79 -29.44 11.28
N ASN GA 332 -43.60 -29.93 11.66
CA ASN GA 332 -43.32 -31.32 12.08
C ASN GA 332 -44.18 -32.32 11.33
N VAL GA 333 -44.09 -32.28 10.00
CA VAL GA 333 -44.84 -33.15 9.11
C VAL GA 333 -43.86 -33.79 8.13
N TRP GA 334 -43.99 -35.10 7.95
CA TRP GA 334 -43.16 -35.84 7.01
C TRP GA 334 -44.02 -36.40 5.89
N ALA GA 335 -43.43 -36.52 4.71
CA ALA GA 335 -44.11 -37.09 3.55
C ALA GA 335 -43.28 -38.23 2.97
N ALA GA 336 -43.95 -39.29 2.55
CA ALA GA 336 -43.26 -40.47 2.06
C ALA GA 336 -42.50 -40.18 0.78
N THR GA 337 -41.35 -40.84 0.63
CA THR GA 337 -40.46 -40.65 -0.51
C THR GA 337 -39.93 -42.02 -0.95
N GLN GA 338 -39.40 -42.06 -2.18
CA GLN GA 338 -38.84 -43.31 -2.70
C GLN GA 338 -37.76 -43.88 -1.78
N ALA GA 339 -36.86 -43.03 -1.27
CA ALA GA 339 -35.82 -43.50 -0.37
C ALA GA 339 -36.38 -44.04 0.93
N SER GA 340 -37.55 -43.55 1.37
CA SER GA 340 -38.14 -44.02 2.61
C SER GA 340 -39.04 -45.24 2.40
N GLY GA 341 -39.48 -45.49 1.18
CA GLY GA 341 -40.33 -46.63 0.90
C GLY GA 341 -41.79 -46.38 1.22
N VAL GA 342 -42.60 -47.40 0.97
CA VAL GA 342 -44.03 -47.30 1.22
C VAL GA 342 -44.31 -47.54 2.69
N ALA GA 343 -45.22 -46.75 3.24
CA ALA GA 343 -45.57 -46.85 4.66
C ALA GA 343 -46.32 -48.14 4.92
N LEU GA 344 -45.95 -48.84 5.99
CA LEU GA 344 -46.66 -50.05 6.41
C LEU GA 344 -47.58 -49.68 7.58
N LEU GA 345 -48.87 -49.99 7.42
CA LEU GA 345 -49.88 -49.56 8.38
C LEU GA 345 -50.12 -50.62 9.44
N GLY GA 346 -50.54 -50.17 10.61
CA GLY GA 346 -50.86 -51.08 11.69
C GLY GA 346 -51.49 -50.35 12.85
N THR GA 347 -51.54 -51.04 13.99
CA THR GA 347 -52.11 -50.51 15.21
C THR GA 347 -51.08 -50.56 16.33
N ALA GA 348 -51.29 -49.74 17.36
CA ALA GA 348 -50.37 -49.67 18.47
C ALA GA 348 -50.42 -50.95 19.29
N GLY GA 349 -49.26 -51.35 19.82
CA GLY GA 349 -49.19 -52.55 20.63
C GLY GA 349 -49.22 -53.84 19.86
N SER GA 350 -49.14 -53.80 18.54
CA SER GA 350 -49.16 -54.99 17.71
C SER GA 350 -48.06 -54.90 16.66
N GLY GA 351 -47.49 -56.04 16.31
CA GLY GA 351 -46.42 -56.05 15.33
C GLY GA 351 -45.22 -55.28 15.84
N ASN GA 352 -44.71 -54.38 15.00
CA ASN GA 352 -43.55 -53.56 15.34
C ASN GA 352 -43.94 -52.12 15.69
N PHE GA 353 -45.07 -51.93 16.37
CA PHE GA 353 -45.56 -50.62 16.76
C PHE GA 353 -45.57 -50.52 18.28
N GLY GA 354 -45.14 -49.37 18.80
CA GLY GA 354 -45.10 -49.16 20.23
C GLY GA 354 -46.44 -48.76 20.80
N LYS GA 355 -46.49 -48.71 22.13
CA LYS GA 355 -47.70 -48.37 22.86
C LYS GA 355 -47.96 -46.87 22.84
N LEU GA 356 -49.24 -46.51 22.72
CA LEU GA 356 -49.65 -45.11 22.79
C LEU GA 356 -50.05 -44.75 24.21
N THR GA 357 -49.53 -43.62 24.69
CA THR GA 357 -49.87 -43.12 26.01
C THR GA 357 -50.74 -41.89 25.88
N ASN GA 358 -51.96 -41.96 26.43
CA ASN GA 358 -52.88 -40.85 26.36
C ASN GA 358 -52.65 -39.88 27.51
N GLY GA 359 -52.99 -38.62 27.28
CA GLY GA 359 -52.78 -37.60 28.29
C GLY GA 359 -51.34 -37.14 28.44
N ALA GA 360 -50.47 -37.52 27.50
CA ALA GA 360 -49.07 -37.13 27.57
C ALA GA 360 -48.58 -36.82 26.17
N LEU GA 361 -47.52 -36.00 26.10
CA LEU GA 361 -46.93 -35.58 24.83
C LEU GA 361 -45.47 -35.96 24.78
N GLU GA 362 -44.98 -36.22 23.57
CA GLU GA 362 -43.59 -36.59 23.36
C GLU GA 362 -42.76 -35.33 23.12
N ALA GA 363 -41.80 -35.07 24.01
CA ALA GA 363 -40.95 -33.90 23.87
C ALA GA 363 -39.85 -34.17 22.84
N SER GA 364 -39.17 -33.09 22.44
CA SER GA 364 -38.08 -33.20 21.48
C SER GA 364 -36.85 -33.84 22.14
N ASN GA 365 -35.93 -34.31 21.30
CA ASN GA 365 -34.71 -34.96 21.78
C ASN GA 365 -33.49 -34.07 21.61
N VAL GA 366 -33.68 -32.76 21.60
CA VAL GA 366 -32.59 -31.82 21.42
C VAL GA 366 -31.93 -31.58 22.78
N ASP GA 367 -30.68 -31.99 22.92
CA ASP GA 367 -29.91 -31.71 24.12
C ASP GA 367 -29.12 -30.42 23.94
N LEU GA 368 -29.42 -29.43 24.79
CA LEU GA 368 -28.87 -28.10 24.65
C LEU GA 368 -27.36 -28.06 24.80
N SER GA 369 -26.82 -28.84 25.74
CA SER GA 369 -25.37 -28.84 25.97
C SER GA 369 -24.62 -29.30 24.73
N LYS GA 370 -25.03 -30.42 24.15
CA LYS GA 370 -24.37 -30.94 22.96
C LYS GA 370 -24.50 -29.96 21.80
N GLU GA 371 -25.67 -29.34 21.67
CA GLU GA 371 -25.86 -28.36 20.59
C GLU GA 371 -24.92 -27.17 20.75
N LEU GA 372 -24.76 -26.67 21.98
CA LEU GA 372 -23.85 -25.55 22.20
C LEU GA 372 -22.41 -25.92 21.92
N VAL GA 373 -21.97 -27.11 22.35
CA VAL GA 373 -20.60 -27.52 22.11
C VAL GA 373 -20.36 -27.71 20.62
N ASN GA 374 -21.32 -28.32 19.91
CA ASN GA 374 -21.20 -28.47 18.47
C ASN GA 374 -21.17 -27.11 17.78
N MET GA 375 -21.92 -26.14 18.29
CA MET GA 375 -21.86 -24.78 17.75
C MET GA 375 -20.46 -24.21 17.90
N ILE GA 376 -19.84 -24.40 19.06
CA ILE GA 376 -18.48 -23.92 19.27
C ILE GA 376 -17.51 -24.56 18.27
N VAL GA 377 -17.59 -25.90 18.14
CA VAL GA 377 -16.67 -26.60 17.25
C VAL GA 377 -16.87 -26.17 15.80
N ALA GA 378 -18.12 -26.04 15.37
CA ALA GA 378 -18.40 -25.64 13.99
C ALA GA 378 -17.97 -24.20 13.74
N GLN GA 379 -18.12 -23.32 14.73
CA GLN GA 379 -17.60 -21.96 14.60
C GLN GA 379 -16.10 -21.97 14.37
N ARG GA 380 -15.38 -22.78 15.15
CA ARG GA 380 -13.93 -22.82 14.98
C ARG GA 380 -13.54 -23.41 13.62
N ASN GA 381 -14.27 -24.41 13.15
CA ASN GA 381 -14.03 -24.95 11.82
C ASN GA 381 -14.27 -23.89 10.75
N TYR GA 382 -15.35 -23.12 10.88
CA TYR GA 382 -15.64 -22.07 9.92
C TYR GA 382 -14.54 -21.01 9.92
N GLN GA 383 -14.04 -20.65 11.11
CA GLN GA 383 -12.97 -19.67 11.17
C GLN GA 383 -11.68 -20.20 10.54
N SER GA 384 -11.40 -21.49 10.72
CA SER GA 384 -10.24 -22.08 10.06
C SER GA 384 -10.38 -22.02 8.54
N ASN GA 385 -11.57 -22.34 8.04
CA ASN GA 385 -11.79 -22.26 6.59
C ASN GA 385 -11.70 -20.82 6.09
N ALA GA 386 -12.15 -19.86 6.90
CA ALA GA 386 -11.99 -18.45 6.54
C ALA GA 386 -10.53 -18.06 6.48
N GLN GA 387 -9.72 -18.58 7.40
CA GLN GA 387 -8.28 -18.35 7.34
C GLN GA 387 -7.69 -18.94 6.06
N THR GA 388 -8.18 -20.11 5.65
CA THR GA 388 -7.75 -20.67 4.36
C THR GA 388 -8.09 -19.74 3.21
N ILE GA 389 -9.30 -19.19 3.21
CA ILE GA 389 -9.72 -18.25 2.17
C ILE GA 389 -8.78 -17.05 2.16
N LYS GA 390 -8.48 -16.52 3.34
CA LYS GA 390 -7.61 -15.34 3.44
C LYS GA 390 -6.20 -15.65 2.93
N THR GA 391 -5.69 -16.84 3.25
CA THR GA 391 -4.36 -17.22 2.79
C THR GA 391 -4.31 -17.30 1.28
N GLN GA 392 -5.34 -17.89 0.66
CA GLN GA 392 -5.39 -17.94 -0.80
C GLN GA 392 -5.49 -16.53 -1.39
N ASP GA 393 -6.22 -15.64 -0.70
CA ASP GA 393 -6.32 -14.25 -1.14
C ASP GA 393 -4.94 -13.61 -1.16
N GLN GA 394 -4.15 -13.80 -0.10
CA GLN GA 394 -2.80 -13.23 -0.07
C GLN GA 394 -1.90 -13.85 -1.13
N ILE GA 395 -2.09 -15.15 -1.40
CA ILE GA 395 -1.33 -15.79 -2.48
C ILE GA 395 -1.61 -15.09 -3.81
N LEU GA 396 -2.88 -14.90 -4.14
CA LEU GA 396 -3.20 -14.26 -5.42
C LEU GA 396 -2.75 -12.80 -5.43
N ASN GA 397 -2.77 -12.14 -4.27
CA ASN GA 397 -2.27 -10.76 -4.19
C ASN GA 397 -0.77 -10.70 -4.49
N THR GA 398 0.02 -11.55 -3.86
CA THR GA 398 1.47 -11.51 -4.06
C THR GA 398 1.83 -11.96 -5.46
N LEU GA 399 0.97 -12.76 -6.09
CA LEU GA 399 1.20 -13.11 -7.49
C LEU GA 399 0.86 -11.95 -8.43
N VAL GA 400 -0.23 -11.22 -8.13
CA VAL GA 400 -0.63 -10.11 -8.98
C VAL GA 400 0.39 -8.98 -8.90
N ASN GA 401 0.88 -8.70 -7.70
CA ASN GA 401 1.76 -7.54 -7.52
C ASN GA 401 3.18 -7.81 -8.03
N LEU GA 402 3.40 -8.95 -8.68
CA LEU GA 402 4.71 -9.24 -9.26
C LEU GA 402 5.02 -8.33 -10.43
N SER HA 2 13.88 -21.38 13.50
CA SER HA 2 13.00 -20.74 12.54
C SER HA 2 11.55 -21.12 12.79
N PHE HA 3 10.99 -21.94 11.88
CA PHE HA 3 9.60 -22.35 12.01
C PHE HA 3 9.47 -23.68 12.74
N SER HA 4 10.42 -24.59 12.52
CA SER HA 4 10.34 -25.92 13.10
C SER HA 4 10.28 -25.87 14.62
N GLN HA 5 10.99 -24.91 15.22
CA GLN HA 5 11.04 -24.82 16.67
C GLN HA 5 9.68 -24.46 17.26
N ALA HA 6 9.05 -23.42 16.70
CA ALA HA 6 7.73 -23.03 17.19
C ALA HA 6 6.68 -24.09 16.86
N VAL HA 7 6.84 -24.77 15.72
CA VAL HA 7 5.93 -25.87 15.40
C VAL HA 7 6.04 -26.98 16.46
N SER HA 8 7.26 -27.34 16.82
CA SER HA 8 7.47 -28.40 17.81
C SER HA 8 6.94 -27.97 19.17
N GLY HA 9 7.18 -26.72 19.56
CA GLY HA 9 6.67 -26.23 20.83
C GLY HA 9 5.15 -26.22 20.88
N LEU HA 10 4.51 -25.78 19.79
CA LEU HA 10 3.06 -25.78 19.72
C LEU HA 10 2.51 -27.21 19.78
N ASN HA 11 3.16 -28.13 19.09
CA ASN HA 11 2.71 -29.53 19.12
C ASN HA 11 2.88 -30.13 20.51
N ALA HA 12 3.97 -29.82 21.20
CA ALA HA 12 4.17 -30.31 22.55
C ALA HA 12 3.13 -29.73 23.51
N ALA HA 13 2.83 -28.44 23.38
CA ALA HA 13 1.80 -27.83 24.21
C ALA HA 13 0.43 -28.46 23.94
N ALA HA 14 0.14 -28.71 22.65
CA ALA HA 14 -1.13 -29.34 22.31
C ALA HA 14 -1.22 -30.76 22.86
N THR HA 15 -0.12 -31.50 22.83
CA THR HA 15 -0.11 -32.86 23.40
C THR HA 15 -0.33 -32.81 24.91
N ASN HA 16 0.34 -31.87 25.59
CA ASN HA 16 0.15 -31.74 27.03
C ASN HA 16 -1.30 -31.37 27.36
N LEU HA 17 -1.89 -30.47 26.57
CA LEU HA 17 -3.26 -30.07 26.80
C LEU HA 17 -4.22 -31.22 26.51
N ASP HA 18 -3.92 -32.03 25.50
CA ASP HA 18 -4.71 -33.23 25.22
C ASP HA 18 -4.68 -34.19 26.40
N VAL HA 19 -3.49 -34.39 26.98
CA VAL HA 19 -3.37 -35.30 28.13
C VAL HA 19 -4.15 -34.75 29.32
N ILE HA 20 -4.05 -33.44 29.55
CA ILE HA 20 -4.77 -32.83 30.67
C ILE HA 20 -6.28 -32.95 30.47
N GLY HA 21 -6.75 -32.72 29.24
CA GLY HA 21 -8.17 -32.88 28.97
C GLY HA 21 -8.64 -34.31 29.12
N ASN HA 22 -7.79 -35.27 28.73
CA ASN HA 22 -8.13 -36.68 28.93
C ASN HA 22 -8.23 -37.00 30.42
N ASN HA 23 -7.30 -36.48 31.22
CA ASN HA 23 -7.35 -36.70 32.66
C ASN HA 23 -8.61 -36.09 33.26
N ILE HA 24 -8.97 -34.88 32.82
CA ILE HA 24 -10.14 -34.20 33.36
C ILE HA 24 -11.42 -34.93 32.98
N ALA HA 25 -11.51 -35.39 31.72
CA ALA HA 25 -12.70 -36.11 31.28
C ALA HA 25 -12.88 -37.42 32.02
N ASN HA 26 -11.79 -37.98 32.54
CA ASN HA 26 -11.83 -39.20 33.33
C ASN HA 26 -11.72 -38.94 34.82
N SER HA 27 -12.31 -37.84 35.30
CA SER HA 27 -12.23 -37.47 36.71
C SER HA 27 -12.84 -38.55 37.59
N ALA HA 28 -13.96 -39.12 37.16
CA ALA HA 28 -14.65 -40.18 37.90
C ALA HA 28 -14.77 -41.38 36.96
N THR HA 29 -13.73 -42.21 36.91
CA THR HA 29 -13.69 -43.41 36.09
C THR HA 29 -12.87 -44.45 36.87
N TYR HA 30 -13.56 -45.47 37.37
CA TYR HA 30 -12.95 -46.48 38.23
C TYR HA 30 -11.82 -47.20 37.52
N GLY HA 31 -10.67 -47.33 38.19
CA GLY HA 31 -9.53 -47.99 37.61
C GLY HA 31 -8.74 -47.17 36.61
N PHE HA 32 -8.89 -45.85 36.61
CA PHE HA 32 -8.16 -44.99 35.68
C PHE HA 32 -6.91 -44.44 36.35
N LYS HA 33 -5.80 -44.46 35.62
CA LYS HA 33 -4.55 -43.85 36.07
C LYS HA 33 -4.23 -42.65 35.19
N SER HA 34 -3.92 -41.53 35.84
CA SER HA 34 -3.66 -40.29 35.12
C SER HA 34 -2.40 -40.42 34.27
N GLY HA 35 -2.26 -39.50 33.31
CA GLY HA 35 -1.11 -39.47 32.43
C GLY HA 35 -0.42 -38.12 32.48
N THR HA 36 0.88 -38.12 32.17
CA THR HA 36 1.68 -36.89 32.12
C THR HA 36 2.64 -36.99 30.95
N ALA HA 37 2.74 -35.91 30.18
CA ALA HA 37 3.64 -35.87 29.04
C ALA HA 37 5.06 -35.55 29.49
N SER HA 38 6.03 -36.29 28.97
CA SER HA 38 7.44 -36.04 29.24
C SER HA 38 8.11 -35.53 27.96
N PHE HA 39 8.72 -34.36 28.05
CA PHE HA 39 9.29 -33.68 26.90
C PHE HA 39 10.82 -33.75 26.92
N ALA HA 40 11.42 -33.49 25.78
CA ALA HA 40 12.87 -33.46 25.63
C ALA HA 40 13.24 -32.55 24.47
N ASP HA 41 14.44 -32.00 24.54
CA ASP HA 41 14.92 -31.09 23.50
C ASP HA 41 15.55 -31.87 22.35
N MET HA 42 15.73 -31.20 21.22
CA MET HA 42 16.20 -31.85 20.00
C MET HA 42 17.51 -31.27 19.50
N PHE HA 43 18.48 -31.09 20.39
CA PHE HA 43 19.80 -30.66 19.97
C PHE HA 43 20.38 -31.65 18.96
N ALA HA 44 20.87 -31.13 17.83
CA ALA HA 44 21.37 -31.97 16.73
C ALA HA 44 22.50 -31.21 16.03
N GLY HA 45 23.74 -31.55 16.38
CA GLY HA 45 24.89 -30.96 15.75
C GLY HA 45 25.17 -29.54 16.17
N SER HA 46 24.29 -28.62 15.80
CA SER HA 46 24.45 -27.22 16.17
C SER HA 46 24.08 -27.00 17.63
N LYS HA 47 24.66 -25.95 18.22
CA LYS HA 47 24.37 -25.59 19.60
C LYS HA 47 23.11 -24.74 19.72
N VAL HA 48 22.34 -24.58 18.65
CA VAL HA 48 21.27 -23.61 18.68
C VAL HA 48 19.98 -24.22 19.22
N GLY HA 49 19.90 -25.55 19.33
CA GLY HA 49 18.71 -26.17 19.90
C GLY HA 49 17.46 -26.15 19.04
N LEU HA 50 17.43 -27.00 18.02
CA LEU HA 50 16.35 -27.04 17.04
C LEU HA 50 14.95 -27.02 17.63
N GLY HA 51 14.57 -28.02 18.41
CA GLY HA 51 13.19 -28.09 18.85
C GLY HA 51 12.96 -28.97 20.05
N VAL HA 52 11.69 -29.34 20.24
CA VAL HA 52 11.26 -30.18 21.36
C VAL HA 52 10.49 -31.37 20.81
N LYS HA 53 10.50 -32.46 21.57
CA LYS HA 53 9.76 -33.66 21.21
C LYS HA 53 9.18 -34.28 22.47
N VAL HA 54 8.08 -35.02 22.30
CA VAL HA 54 7.46 -35.73 23.42
C VAL HA 54 8.13 -37.07 23.58
N ALA HA 55 8.99 -37.19 24.60
CA ALA HA 55 9.71 -38.43 24.84
C ALA HA 55 8.79 -39.58 25.18
N GLY HA 56 7.64 -39.29 25.80
CA GLY HA 56 6.69 -40.34 26.13
C GLY HA 56 5.54 -39.80 26.93
N ILE HA 57 4.58 -40.68 27.18
CA ILE HA 57 3.43 -40.40 28.03
C ILE HA 57 3.48 -41.36 29.20
N THR HA 58 3.68 -40.84 30.39
CA THR HA 58 3.91 -41.65 31.58
C THR HA 58 2.63 -41.76 32.40
N GLN HA 59 2.21 -42.98 32.67
CA GLN HA 59 1.08 -43.24 33.54
C GLN HA 59 1.51 -43.14 35.00
N ASP HA 60 0.63 -42.60 35.82
CA ASP HA 60 0.87 -42.43 37.25
C ASP HA 60 0.12 -43.55 37.96
N PHE HA 61 0.83 -44.58 38.37
CA PHE HA 61 0.22 -45.75 39.01
C PHE HA 61 0.16 -45.60 40.52
N THR HA 62 -0.41 -44.49 40.98
CA THR HA 62 -0.67 -44.28 42.39
C THR HA 62 -2.09 -44.70 42.73
N ASP HA 63 -2.19 -45.56 43.75
CA ASP HA 63 -3.50 -46.11 44.12
C ASP HA 63 -4.46 -44.99 44.51
N GLY HA 64 -5.69 -45.04 44.01
CA GLY HA 64 -6.68 -44.07 44.38
C GLY HA 64 -7.46 -44.48 45.62
N THR HA 65 -8.38 -43.61 46.01
CA THR HA 65 -9.22 -43.88 47.17
C THR HA 65 -10.17 -45.03 46.89
N THR HA 66 -10.39 -45.87 47.90
CA THR HA 66 -11.29 -47.00 47.79
C THR HA 66 -12.69 -46.58 48.21
N THR HA 67 -13.68 -46.84 47.36
CA THR HA 67 -15.05 -46.44 47.58
C THR HA 67 -15.92 -47.67 47.79
N ASN HA 68 -16.66 -47.68 48.90
CA ASN HA 68 -17.54 -48.80 49.20
C ASN HA 68 -18.80 -48.70 48.35
N THR HA 69 -19.14 -49.80 47.67
CA THR HA 69 -20.33 -49.85 46.83
C THR HA 69 -21.37 -50.85 47.30
N GLY HA 70 -20.95 -51.93 47.97
CA GLY HA 70 -21.88 -52.90 48.54
C GLY HA 70 -22.27 -54.03 47.62
N ARG HA 71 -21.70 -54.08 46.42
CA ARG HA 71 -22.02 -55.12 45.41
C ARG HA 71 -21.07 -56.31 45.59
N GLY HA 72 -21.60 -57.53 45.74
CA GLY HA 72 -20.76 -58.68 46.00
C GLY HA 72 -19.74 -58.98 44.92
N LEU HA 73 -19.93 -58.48 43.69
CA LEU HA 73 -19.01 -58.74 42.60
C LEU HA 73 -18.02 -57.60 42.37
N ASP HA 74 -18.00 -56.59 43.23
CA ASP HA 74 -17.02 -55.51 43.13
C ASP HA 74 -15.87 -55.79 44.08
N VAL HA 75 -14.67 -55.93 43.52
CA VAL HA 75 -13.46 -56.15 44.30
C VAL HA 75 -12.41 -55.15 43.85
N ALA HA 76 -11.62 -54.66 44.80
CA ALA HA 76 -10.63 -53.62 44.53
C ALA HA 76 -9.24 -54.12 44.90
N ILE HA 77 -8.25 -53.71 44.10
CA ILE HA 77 -6.87 -54.11 44.30
C ILE HA 77 -6.18 -53.05 45.16
N SER HA 78 -5.77 -53.45 46.36
CA SER HA 78 -4.90 -52.60 47.17
C SER HA 78 -3.44 -52.87 46.81
N GLN HA 79 -2.63 -51.82 46.85
CA GLN HA 79 -1.20 -51.90 46.53
C GLN HA 79 -1.05 -52.32 45.06
N ASN HA 80 -0.03 -53.11 44.76
CA ASN HA 80 0.27 -53.48 43.39
C ASN HA 80 -0.51 -54.75 43.01
N GLY HA 81 -0.82 -54.86 41.73
CA GLY HA 81 -1.53 -56.01 41.19
C GLY HA 81 -2.44 -55.62 40.05
N PHE HA 82 -2.63 -56.54 39.12
CA PHE HA 82 -3.45 -56.33 37.94
C PHE HA 82 -4.37 -57.52 37.70
N PHE HA 83 -5.63 -57.23 37.38
CA PHE HA 83 -6.55 -58.27 36.96
C PHE HA 83 -6.18 -58.76 35.57
N ARG HA 84 -6.23 -60.08 35.38
CA ARG HA 84 -5.90 -60.71 34.11
C ARG HA 84 -7.20 -61.13 33.41
N LEU HA 85 -7.40 -60.64 32.19
CA LEU HA 85 -8.63 -60.85 31.45
C LEU HA 85 -8.33 -61.48 30.09
N VAL HA 86 -9.29 -62.24 29.58
CA VAL HA 86 -9.21 -62.84 28.25
C VAL HA 86 -10.49 -62.51 27.50
N ASP HA 87 -10.35 -62.06 26.26
CA ASP HA 87 -11.49 -61.73 25.43
C ASP HA 87 -11.90 -62.96 24.60
N SER HA 88 -12.79 -62.73 23.63
CA SER HA 88 -13.30 -63.82 22.80
C SER HA 88 -12.23 -64.37 21.87
N ASN HA 89 -11.17 -63.64 21.57
CA ASN HA 89 -10.20 -64.23 20.62
C ASN HA 89 -9.00 -64.80 21.38
N GLY HA 90 -9.09 -64.95 22.71
CA GLY HA 90 -8.04 -65.59 23.45
C GLY HA 90 -6.89 -64.68 23.84
N SER HA 91 -6.94 -63.41 23.44
CA SER HA 91 -5.88 -62.47 23.79
C SER HA 91 -5.92 -62.16 25.28
N VAL HA 92 -4.74 -61.89 25.85
CA VAL HA 92 -4.59 -61.62 27.27
C VAL HA 92 -4.43 -60.12 27.48
N PHE HA 93 -5.19 -59.58 28.43
CA PHE HA 93 -5.13 -58.17 28.79
C PHE HA 93 -5.11 -58.04 30.30
N TYR HA 94 -4.82 -56.82 30.77
CA TYR HA 94 -4.70 -56.55 32.20
C TYR HA 94 -5.39 -55.25 32.53
N SER HA 95 -6.15 -55.25 33.63
CA SER HA 95 -6.96 -54.10 34.00
C SER HA 95 -7.10 -54.02 35.52
N ARG HA 96 -7.22 -52.79 36.02
CA ARG HA 96 -7.44 -52.56 37.44
C ARG HA 96 -8.92 -52.35 37.79
N ASN HA 97 -9.79 -52.21 36.79
CA ASN HA 97 -11.21 -51.98 37.05
C ASN HA 97 -11.82 -53.23 37.67
N GLY HA 98 -12.66 -53.04 38.69
CA GLY HA 98 -13.25 -54.16 39.40
C GLY HA 98 -14.74 -54.30 39.24
N GLN HA 99 -15.27 -53.83 38.12
CA GLN HA 99 -16.70 -53.96 37.83
C GLN HA 99 -16.92 -55.28 37.10
N PHE HA 100 -17.28 -56.33 37.84
CA PHE HA 100 -17.48 -57.65 37.29
C PHE HA 100 -18.94 -58.04 37.41
N LYS HA 101 -19.41 -58.81 36.42
CA LYS HA 101 -20.78 -59.30 36.42
C LYS HA 101 -20.81 -60.68 35.75
N LEU HA 102 -21.86 -61.43 36.04
CA LEU HA 102 -22.08 -62.73 35.44
C LEU HA 102 -22.84 -62.55 34.13
N ASP HA 103 -22.30 -63.14 33.05
CA ASP HA 103 -22.96 -63.07 31.76
C ASP HA 103 -24.03 -64.16 31.65
N GLU HA 104 -24.54 -64.37 30.44
CA GLU HA 104 -25.58 -65.37 30.24
C GLU HA 104 -25.08 -66.77 30.55
N ASN HA 105 -23.83 -67.09 30.17
CA ASN HA 105 -23.28 -68.42 30.34
C ASN HA 105 -22.60 -68.62 31.69
N ARG HA 106 -22.96 -67.85 32.71
CA ARG HA 106 -22.46 -67.98 34.08
C ARG HA 106 -20.96 -67.73 34.19
N ASN HA 107 -20.39 -66.90 33.33
CA ASN HA 107 -18.99 -66.56 33.40
C ASN HA 107 -18.80 -65.16 33.98
N LEU HA 108 -17.71 -64.98 34.72
CA LEU HA 108 -17.39 -63.68 35.31
C LEU HA 108 -16.75 -62.81 34.24
N VAL HA 109 -17.41 -61.70 33.92
CA VAL HA 109 -16.93 -60.77 32.90
C VAL HA 109 -17.08 -59.35 33.41
N ASN HA 110 -16.35 -58.42 32.80
CA ASN HA 110 -16.48 -57.01 33.11
C ASN HA 110 -17.53 -56.39 32.18
N MET HA 111 -17.65 -55.06 32.21
CA MET HA 111 -18.67 -54.39 31.41
C MET HA 111 -18.44 -54.56 29.92
N GLN HA 112 -17.20 -54.81 29.51
CA GLN HA 112 -16.87 -55.01 28.10
C GLN HA 112 -17.05 -56.44 27.63
N GLY HA 113 -17.40 -57.36 28.54
CA GLY HA 113 -17.62 -58.74 28.16
C GLY HA 113 -16.39 -59.61 28.14
N MET HA 114 -15.22 -59.07 28.48
CA MET HA 114 -14.02 -59.88 28.54
C MET HA 114 -14.01 -60.75 29.78
N GLN HA 115 -13.49 -61.96 29.63
CA GLN HA 115 -13.58 -62.98 30.66
C GLN HA 115 -12.54 -62.77 31.75
N LEU HA 116 -12.99 -62.74 33.00
CA LEU HA 116 -12.07 -62.73 34.14
C LEU HA 116 -11.39 -64.08 34.24
N THR HA 117 -10.09 -64.08 34.52
CA THR HA 117 -9.28 -65.29 34.51
C THR HA 117 -8.66 -65.53 35.88
N GLY HA 118 -8.35 -66.79 36.14
CA GLY HA 118 -7.76 -67.16 37.41
C GLY HA 118 -7.48 -68.64 37.48
N TYR HA 119 -6.96 -69.06 38.63
CA TYR HA 119 -6.63 -70.46 38.84
C TYR HA 119 -7.93 -71.27 39.03
N PRO HA 120 -8.13 -72.32 38.24
CA PRO HA 120 -9.36 -73.11 38.38
C PRO HA 120 -9.26 -74.10 39.51
N ALA HA 121 -10.41 -74.70 39.84
CA ALA HA 121 -10.48 -75.75 40.86
C ALA HA 121 -10.83 -77.07 40.21
N THR HA 122 -9.97 -78.07 40.41
CA THR HA 122 -10.17 -79.39 39.84
C THR HA 122 -9.94 -80.46 40.90
N GLY HA 123 -10.41 -81.66 40.60
CA GLY HA 123 -10.26 -82.78 41.52
C GLY HA 123 -11.47 -82.95 42.42
N THR HA 124 -11.47 -84.09 43.12
CA THR HA 124 -12.54 -84.41 44.06
C THR HA 124 -11.94 -84.68 45.44
N PRO HA 125 -12.12 -83.77 46.41
CA PRO HA 125 -12.82 -82.48 46.32
C PRO HA 125 -11.99 -81.44 45.56
N PRO HA 126 -12.65 -80.47 44.94
CA PRO HA 126 -11.90 -79.46 44.16
C PRO HA 126 -10.92 -78.68 45.04
N THR HA 127 -9.74 -78.43 44.48
CA THR HA 127 -8.68 -77.69 45.16
C THR HA 127 -8.11 -76.66 44.21
N ILE HA 128 -7.55 -75.59 44.78
CA ILE HA 128 -6.98 -74.53 43.98
C ILE HA 128 -5.66 -75.01 43.37
N GLN HA 129 -5.60 -75.05 42.04
CA GLN HA 129 -4.41 -75.48 41.32
C GLN HA 129 -3.53 -74.26 41.08
N GLN HA 130 -2.64 -73.99 42.04
CA GLN HA 130 -1.79 -72.81 41.98
C GLN HA 130 -0.79 -72.88 40.83
N GLY HA 131 -0.41 -74.09 40.40
CA GLY HA 131 0.54 -74.23 39.31
C GLY HA 131 -0.07 -74.36 37.93
N ALA HA 132 -1.37 -74.60 37.84
CA ALA HA 132 -2.02 -74.79 36.55
C ALA HA 132 -2.15 -73.48 35.80
N ASN HA 133 -2.49 -73.59 34.52
CA ASN HA 133 -2.68 -72.41 33.69
C ASN HA 133 -3.94 -71.65 34.14
N PRO HA 134 -3.94 -70.32 34.05
CA PRO HA 134 -5.16 -69.57 34.39
C PRO HA 134 -6.30 -69.91 33.44
N ALA HA 135 -7.50 -69.97 34.00
CA ALA HA 135 -8.70 -70.29 33.25
C ALA HA 135 -9.80 -69.28 33.57
N PRO HA 136 -10.71 -69.03 32.62
CA PRO HA 136 -11.83 -68.12 32.89
C PRO HA 136 -12.65 -68.60 34.07
N ILE HA 137 -13.01 -67.66 34.95
CA ILE HA 137 -13.76 -67.99 36.15
C ILE HA 137 -15.23 -68.15 35.81
N THR HA 138 -15.81 -69.30 36.18
CA THR HA 138 -17.20 -69.59 35.92
C THR HA 138 -17.89 -69.99 37.22
N ILE HA 139 -19.17 -69.67 37.35
CA ILE HA 139 -19.95 -70.04 38.52
C ILE HA 139 -21.15 -70.84 38.03
N PRO HA 140 -21.03 -72.16 37.89
CA PRO HA 140 -22.17 -72.95 37.42
C PRO HA 140 -23.30 -72.96 38.44
N ASN HA 141 -24.52 -73.06 37.94
CA ASN HA 141 -25.71 -73.19 38.77
C ASN HA 141 -26.17 -74.64 38.90
N THR HA 142 -25.42 -75.58 38.32
CA THR HA 142 -25.79 -76.99 38.41
C THR HA 142 -25.71 -77.47 39.85
N LEU HA 143 -26.60 -78.38 40.21
CA LEU HA 143 -26.64 -78.91 41.57
C LEU HA 143 -25.39 -79.71 41.87
N MET HA 144 -25.01 -79.71 43.15
CA MET HA 144 -23.86 -80.46 43.64
C MET HA 144 -24.36 -81.73 44.33
N ALA HA 145 -23.86 -82.87 43.88
CA ALA HA 145 -24.38 -84.16 44.30
C ALA HA 145 -23.89 -84.49 45.70
N ALA HA 146 -24.22 -85.68 46.20
CA ALA HA 146 -23.87 -86.11 47.55
C ALA HA 146 -22.60 -86.95 47.53
N LYS HA 147 -21.97 -87.05 48.69
CA LYS HA 147 -20.79 -87.88 48.89
C LYS HA 147 -21.10 -88.89 49.99
N SER HA 148 -20.86 -90.16 49.69
CA SER HA 148 -21.00 -91.21 50.70
C SER HA 148 -19.99 -90.99 51.82
N THR HA 149 -20.45 -91.14 53.06
CA THR HA 149 -19.58 -90.91 54.21
C THR HA 149 -18.45 -91.93 54.22
N THR HA 150 -17.21 -91.44 54.24
CA THR HA 150 -16.04 -92.30 54.31
C THR HA 150 -15.42 -92.37 55.69
N THR HA 151 -15.59 -91.34 56.52
CA THR HA 151 -15.09 -91.36 57.89
C THR HA 151 -15.94 -90.41 58.73
N ALA HA 152 -15.91 -90.61 60.04
CA ALA HA 152 -16.60 -89.75 60.98
C ALA HA 152 -15.84 -89.76 62.29
N SER HA 153 -16.09 -88.75 63.12
CA SER HA 153 -15.43 -88.61 64.40
C SER HA 153 -16.45 -88.23 65.47
N MET HA 154 -16.25 -88.77 66.67
CA MET HA 154 -17.14 -88.49 67.79
C MET HA 154 -16.32 -88.47 69.07
N GLN HA 155 -16.08 -87.27 69.60
CA GLN HA 155 -15.40 -87.12 70.88
C GLN HA 155 -16.46 -86.93 71.97
N ILE HA 156 -16.45 -87.84 72.95
CA ILE HA 156 -17.43 -87.86 74.02
C ILE HA 156 -16.69 -88.06 75.34
N ASN HA 157 -17.21 -87.46 76.42
CA ASN HA 157 -16.65 -87.61 77.75
C ASN HA 157 -17.53 -88.54 78.57
N LEU HA 158 -16.92 -89.56 79.16
CA LEU HA 158 -17.64 -90.56 79.93
C LEU HA 158 -17.47 -90.31 81.42
N ASN HA 159 -18.56 -90.50 82.17
CA ASN HA 159 -18.55 -90.22 83.60
C ASN HA 159 -18.01 -91.43 84.36
N SER HA 160 -17.06 -91.19 85.26
CA SER HA 160 -16.44 -92.28 86.00
C SER HA 160 -17.35 -92.83 87.10
N THR HA 161 -18.36 -92.05 87.50
CA THR HA 161 -19.24 -92.46 88.59
C THR HA 161 -20.37 -93.35 88.14
N ASP HA 162 -20.41 -93.74 86.87
CA ASP HA 162 -21.50 -94.58 86.37
C ASP HA 162 -21.43 -95.96 87.03
N PRO HA 163 -22.51 -96.41 87.66
CA PRO HA 163 -22.52 -97.76 88.24
C PRO HA 163 -22.59 -98.83 87.15
N VAL HA 164 -22.11 -100.03 87.49
CA VAL HA 164 -22.10 -101.15 86.56
C VAL HA 164 -23.53 -101.63 86.34
N PRO HA 165 -24.01 -101.67 85.10
CA PRO HA 165 -25.37 -102.14 84.85
C PRO HA 165 -25.52 -103.62 85.19
N SER HA 166 -26.56 -103.93 85.96
CA SER HA 166 -26.84 -105.32 86.32
C SER HA 166 -27.50 -106.07 85.17
N LYS HA 167 -28.27 -105.38 84.34
CA LYS HA 167 -29.06 -106.02 83.30
C LYS HA 167 -28.24 -106.34 82.06
N THR HA 168 -27.29 -107.27 82.18
CA THR HA 168 -26.57 -107.75 81.01
C THR HA 168 -27.41 -108.79 80.27
N PRO HA 169 -27.33 -108.82 78.94
CA PRO HA 169 -26.55 -107.96 78.05
C PRO HA 169 -27.32 -106.71 77.63
N PHE HA 170 -26.79 -105.96 76.67
CA PHE HA 170 -27.45 -104.75 76.21
C PHE HA 170 -28.73 -105.09 75.45
N SER HA 171 -29.79 -104.34 75.74
CA SER HA 171 -31.08 -104.51 75.07
C SER HA 171 -31.49 -103.16 74.48
N VAL HA 172 -31.90 -103.18 73.21
CA VAL HA 172 -32.28 -101.93 72.55
C VAL HA 172 -33.58 -101.37 73.14
N SER HA 173 -34.51 -102.26 73.51
CA SER HA 173 -35.79 -101.81 74.03
C SER HA 173 -35.66 -101.34 75.47
N ASP HA 174 -34.69 -101.88 76.21
CA ASP HA 174 -34.51 -101.58 77.63
C ASP HA 174 -33.68 -100.31 77.77
N ALA HA 175 -34.25 -99.30 78.41
CA ALA HA 175 -33.53 -98.04 78.60
C ALA HA 175 -32.41 -98.19 79.62
N ASP HA 176 -32.61 -99.04 80.62
CA ASP HA 176 -31.62 -99.21 81.69
C ASP HA 176 -30.43 -100.04 81.22
N SER HA 177 -30.51 -100.62 80.03
CA SER HA 177 -29.49 -101.51 79.50
C SER HA 177 -28.31 -100.77 78.89
N TYR HA 178 -28.39 -99.46 78.73
CA TYR HA 178 -27.30 -98.68 78.15
C TYR HA 178 -27.00 -97.49 79.04
N ASN HA 179 -25.71 -97.14 79.11
CA ASN HA 179 -25.28 -96.01 79.92
C ASN HA 179 -25.40 -94.68 79.19
N LYS HA 180 -25.13 -94.64 77.89
CA LYS HA 180 -25.20 -93.40 77.14
C LYS HA 180 -25.66 -93.68 75.72
N LYS HA 181 -26.40 -92.75 75.13
CA LYS HA 181 -26.86 -92.86 73.76
C LYS HA 181 -26.54 -91.58 73.00
N GLY HA 182 -25.96 -91.74 71.80
CA GLY HA 182 -25.70 -90.62 70.92
C GLY HA 182 -26.18 -90.94 69.51
N THR HA 183 -26.27 -89.90 68.69
CA THR HA 183 -26.74 -90.05 67.33
C THR HA 183 -25.81 -89.32 66.37
N VAL HA 184 -25.39 -90.02 65.32
CA VAL HA 184 -24.57 -89.42 64.27
C VAL HA 184 -25.30 -89.63 62.93
N THR HA 185 -25.44 -88.55 62.17
CA THR HA 185 -26.13 -88.62 60.89
C THR HA 185 -25.11 -88.72 59.77
N VAL HA 186 -25.09 -89.85 59.08
CA VAL HA 186 -24.19 -90.07 57.95
C VAL HA 186 -25.03 -90.15 56.68
N TYR HA 187 -24.33 -90.20 55.54
CA TYR HA 187 -24.98 -90.17 54.23
C TYR HA 187 -24.35 -91.22 53.32
N ASP HA 188 -25.21 -91.90 52.55
CA ASP HA 188 -24.78 -92.92 51.62
C ASP HA 188 -24.53 -92.29 50.25
N SER HA 189 -24.43 -93.13 49.21
CA SER HA 189 -24.18 -92.64 47.86
C SER HA 189 -25.25 -91.68 47.37
N GLN HA 190 -26.52 -91.97 47.63
CA GLN HA 190 -27.61 -91.09 47.22
C GLN HA 190 -27.88 -89.97 48.20
N GLY HA 191 -27.14 -89.90 49.30
CA GLY HA 191 -27.33 -88.82 50.26
C GLY HA 191 -28.43 -89.04 51.26
N ASN HA 192 -28.99 -90.25 51.32
CA ASN HA 192 -30.01 -90.55 52.32
C ASN HA 192 -29.42 -90.47 53.71
N ALA HA 193 -30.21 -90.00 54.66
CA ALA HA 193 -29.74 -89.78 56.02
C ALA HA 193 -29.85 -91.07 56.82
N HIS HA 194 -28.70 -91.58 57.28
CA HIS HA 194 -28.63 -92.74 58.15
C HIS HA 194 -28.31 -92.25 59.56
N ASP HA 195 -29.24 -92.46 60.48
CA ASP HA 195 -29.11 -91.98 61.86
C ASP HA 195 -28.53 -93.11 62.71
N MET HA 196 -27.21 -93.24 62.69
CA MET HA 196 -26.54 -94.27 63.48
C MET HA 196 -26.61 -93.89 64.96
N ASN HA 197 -27.28 -94.73 65.75
CA ASN HA 197 -27.30 -94.57 67.19
C ASN HA 197 -26.14 -95.36 67.79
N VAL HA 198 -25.36 -94.69 68.64
CA VAL HA 198 -24.20 -95.26 69.29
C VAL HA 198 -24.53 -95.41 70.77
N TYR HA 199 -24.42 -96.63 71.27
CA TYR HA 199 -24.76 -96.95 72.65
C TYR HA 199 -23.50 -97.31 73.42
N PHE HA 200 -23.28 -96.64 74.55
CA PHE HA 200 -22.19 -96.91 75.47
C PHE HA 200 -22.77 -97.65 76.68
N VAL HA 201 -22.22 -98.83 76.95
CA VAL HA 201 -22.61 -99.64 78.10
C VAL HA 201 -21.35 -99.96 78.89
N LYS HA 202 -21.29 -99.51 80.14
CA LYS HA 202 -20.14 -99.81 80.98
C LYS HA 202 -20.10 -101.29 81.32
N THR HA 203 -19.00 -101.96 80.99
CA THR HA 203 -18.85 -103.37 81.29
C THR HA 203 -18.07 -103.63 82.57
N LYS HA 204 -16.85 -103.12 82.65
CA LYS HA 204 -16.04 -103.20 83.86
C LYS HA 204 -15.50 -101.79 84.14
N ASP HA 205 -14.58 -101.69 85.10
CA ASP HA 205 -13.94 -100.42 85.37
C ASP HA 205 -13.05 -100.03 84.19
N ASN HA 206 -13.22 -98.81 83.70
CA ASN HA 206 -12.50 -98.26 82.55
C ASN HA 206 -12.72 -99.07 81.28
N GLU HA 207 -13.86 -99.73 81.15
CA GLU HA 207 -14.19 -100.52 79.96
C GLU HA 207 -15.63 -100.23 79.56
N TRP HA 208 -15.82 -99.75 78.33
CA TRP HA 208 -17.14 -99.36 77.85
C TRP HA 208 -17.40 -100.02 76.50
N ALA HA 209 -18.31 -100.98 76.46
CA ALA HA 209 -18.72 -101.56 75.20
C ALA HA 209 -19.52 -100.54 74.39
N VAL HA 210 -19.23 -100.46 73.10
CA VAL HA 210 -19.85 -99.50 72.20
C VAL HA 210 -20.52 -100.27 71.08
N TYR HA 211 -21.82 -100.05 70.91
CA TYR HA 211 -22.61 -100.67 69.87
C TYR HA 211 -23.15 -99.60 68.92
N THR HA 212 -23.41 -100.00 67.68
CA THR HA 212 -23.96 -99.11 66.67
C THR HA 212 -25.22 -99.73 66.07
N HIS HA 213 -26.21 -98.89 65.76
CA HIS HA 213 -27.44 -99.36 65.17
C HIS HA 213 -27.91 -98.38 64.11
N ASP HA 214 -28.41 -98.89 62.99
CA ASP HA 214 -28.90 -98.04 61.91
C ASP HA 214 -30.40 -97.87 62.09
N SER HA 215 -30.82 -96.68 62.50
CA SER HA 215 -32.23 -96.39 62.73
C SER HA 215 -32.98 -96.04 61.45
N SER HA 216 -32.28 -95.74 60.36
CA SER HA 216 -32.94 -95.34 59.12
C SER HA 216 -33.35 -96.54 58.25
N ASP HA 217 -32.92 -97.75 58.60
CA ASP HA 217 -33.26 -98.92 57.83
C ASP HA 217 -34.54 -99.53 58.37
N PRO HA 218 -35.63 -99.54 57.58
CA PRO HA 218 -36.88 -100.16 58.06
C PRO HA 218 -36.77 -101.66 58.29
N ALA HA 219 -35.82 -102.34 57.65
CA ALA HA 219 -35.59 -103.76 57.84
C ALA HA 219 -34.28 -104.05 58.57
N ALA HA 220 -33.90 -103.19 59.54
CA ALA HA 220 -32.66 -103.39 60.27
C ALA HA 220 -32.65 -104.72 61.01
N THR HA 221 -31.54 -105.43 60.88
CA THR HA 221 -31.40 -106.73 61.54
C THR HA 221 -30.89 -106.56 62.96
N ALA HA 222 -31.19 -107.54 63.80
CA ALA HA 222 -30.74 -107.51 65.18
C ALA HA 222 -29.23 -107.70 65.25
N PRO HA 223 -28.49 -106.81 65.90
CA PRO HA 223 -27.03 -106.97 65.98
C PRO HA 223 -26.65 -108.14 66.87
N THR HA 224 -25.75 -108.98 66.37
CA THR HA 224 -25.26 -110.14 67.11
C THR HA 224 -23.78 -110.02 67.48
N THR HA 225 -23.10 -108.97 67.04
CA THR HA 225 -21.68 -108.79 67.30
C THR HA 225 -21.45 -107.42 67.93
N ALA HA 226 -20.67 -107.39 69.01
CA ALA HA 226 -20.32 -106.12 69.63
C ALA HA 226 -19.45 -105.30 68.69
N SER HA 227 -19.78 -104.01 68.57
CA SER HA 227 -19.07 -103.16 67.62
C SER HA 227 -17.63 -102.90 68.08
N THR HA 228 -17.45 -102.40 69.30
CA THR HA 228 -16.10 -102.20 69.82
C THR HA 228 -16.15 -102.06 71.34
N THR HA 229 -14.98 -101.85 71.93
CA THR HA 229 -14.85 -101.69 73.36
C THR HA 229 -13.80 -100.62 73.66
N LEU HA 230 -14.24 -99.48 74.19
CA LEU HA 230 -13.34 -98.43 74.61
C LEU HA 230 -12.66 -98.81 75.92
N LYS HA 231 -11.34 -98.67 75.94
CA LYS HA 231 -10.52 -98.93 77.12
C LYS HA 231 -9.72 -97.68 77.46
N PHE HA 232 -9.75 -97.27 78.72
CA PHE HA 232 -9.02 -96.11 79.20
C PHE HA 232 -7.92 -96.55 80.15
N ASN HA 233 -6.77 -95.88 80.07
CA ASN HA 233 -5.65 -96.18 80.94
C ASN HA 233 -5.85 -95.53 82.32
N GLU HA 234 -4.80 -95.54 83.12
CA GLU HA 234 -4.88 -95.02 84.48
C GLU HA 234 -5.22 -93.54 84.52
N ASN HA 235 -4.86 -92.78 83.50
CA ASN HA 235 -5.12 -91.35 83.44
C ASN HA 235 -6.40 -91.00 82.71
N GLY HA 236 -7.19 -92.00 82.31
CA GLY HA 236 -8.40 -91.74 81.56
C GLY HA 236 -8.21 -91.48 80.09
N ILE HA 237 -7.02 -91.71 79.55
CA ILE HA 237 -6.73 -91.52 78.14
C ILE HA 237 -7.11 -92.79 77.39
N LEU HA 238 -7.86 -92.63 76.30
CA LEU HA 238 -8.29 -93.78 75.52
C LEU HA 238 -7.10 -94.52 74.94
N GLU HA 239 -7.10 -95.84 75.08
CA GLU HA 239 -5.98 -96.69 74.65
C GLU HA 239 -6.28 -97.44 73.36
N SER HA 240 -7.42 -98.12 73.28
CA SER HA 240 -7.74 -98.93 72.12
C SER HA 240 -9.25 -98.90 71.90
N GLY HA 241 -9.65 -99.31 70.69
CA GLY HA 241 -11.04 -99.30 70.32
C GLY HA 241 -11.58 -97.98 69.83
N GLY HA 242 -10.72 -96.99 69.60
CA GLY HA 242 -11.16 -95.69 69.16
C GLY HA 242 -11.56 -95.61 67.70
N THR HA 243 -11.20 -96.59 66.88
CA THR HA 243 -11.57 -96.60 65.47
C THR HA 243 -12.28 -97.89 65.16
N VAL HA 244 -13.40 -97.81 64.46
CA VAL HA 244 -14.17 -98.99 64.10
C VAL HA 244 -14.92 -98.70 62.81
N ASN HA 245 -14.93 -99.66 61.90
CA ASN HA 245 -15.56 -99.47 60.59
C ASN HA 245 -17.01 -99.92 60.63
N ILE HA 246 -17.93 -99.00 60.37
CA ILE HA 246 -19.36 -99.24 60.41
C ILE HA 246 -19.92 -99.17 58.99
N THR HA 247 -20.76 -100.13 58.65
CA THR HA 247 -21.44 -100.18 57.36
C THR HA 247 -22.91 -99.85 57.57
N THR HA 248 -23.44 -98.94 56.77
CA THR HA 248 -24.83 -98.54 56.88
C THR HA 248 -25.74 -99.54 56.18
N GLY HA 249 -27.05 -99.33 56.31
CA GLY HA 249 -28.01 -100.17 55.66
C GLY HA 249 -28.26 -99.79 54.21
N THR HA 250 -29.12 -100.57 53.56
CA THR HA 250 -29.48 -100.36 52.16
C THR HA 250 -30.83 -99.66 52.12
N ILE HA 251 -30.83 -98.41 51.62
CA ILE HA 251 -32.04 -97.61 51.54
C ILE HA 251 -32.25 -97.19 50.09
N ASN HA 252 -33.42 -97.53 49.55
CA ASN HA 252 -33.81 -97.18 48.18
C ASN HA 252 -32.79 -97.69 47.15
N GLY HA 253 -32.16 -98.83 47.45
CA GLY HA 253 -31.23 -99.44 46.52
C GLY HA 253 -29.85 -98.82 46.47
N ALA HA 254 -29.58 -97.81 47.29
CA ALA HA 254 -28.27 -97.18 47.28
C ALA HA 254 -27.22 -98.07 47.93
N THR HA 255 -25.98 -97.90 47.50
CA THR HA 255 -24.87 -98.66 48.08
C THR HA 255 -24.72 -98.31 49.56
N ALA HA 256 -24.50 -99.34 50.38
CA ALA HA 256 -24.28 -99.11 51.80
C ALA HA 256 -23.03 -98.28 52.03
N ALA HA 257 -23.13 -97.34 52.96
CA ALA HA 257 -22.02 -96.45 53.25
C ALA HA 257 -21.11 -97.08 54.30
N THR HA 258 -19.87 -97.37 53.90
CA THR HA 258 -18.87 -97.98 54.77
C THR HA 258 -17.91 -96.88 55.22
N PHE HA 259 -17.96 -96.53 56.50
CA PHE HA 259 -17.19 -95.39 57.00
C PHE HA 259 -16.51 -95.79 58.31
N SER HA 260 -15.34 -95.20 58.53
CA SER HA 260 -14.58 -95.43 59.76
C SER HA 260 -15.02 -94.40 60.80
N LEU HA 261 -15.71 -94.86 61.84
CA LEU HA 261 -16.07 -94.01 62.96
C LEU HA 261 -14.91 -94.00 63.96
N SER HA 262 -14.45 -92.80 64.30
CA SER HA 262 -13.30 -92.61 65.16
C SER HA 262 -13.76 -92.06 66.50
N PHE HA 263 -13.13 -92.54 67.57
CA PHE HA 263 -13.43 -92.10 68.94
C PHE HA 263 -12.24 -91.43 69.59
N LEU HA 264 -11.36 -90.82 68.80
CA LEU HA 264 -10.14 -90.24 69.32
C LEU HA 264 -10.46 -89.02 70.19
N ASN HA 265 -9.55 -88.71 71.11
CA ASN HA 265 -9.68 -87.64 72.10
C ASN HA 265 -10.81 -87.90 73.10
N SER HA 266 -11.48 -89.04 73.02
CA SER HA 266 -12.45 -89.40 74.04
C SER HA 266 -11.72 -89.76 75.34
N MET HA 267 -12.27 -89.26 76.45
CA MET HA 267 -11.61 -89.40 77.73
C MET HA 267 -12.66 -89.56 78.83
N GLN HA 268 -12.36 -90.44 79.78
CA GLN HA 268 -13.27 -90.79 80.88
C GLN HA 268 -12.66 -90.31 82.18
N GLN HA 269 -13.22 -89.24 82.74
CA GLN HA 269 -12.74 -88.69 84.01
C GLN HA 269 -13.90 -88.08 84.78
N ASN HA 270 -13.61 -87.29 85.81
CA ASN HA 270 -14.64 -86.77 86.70
C ASN HA 270 -15.44 -85.64 86.07
N THR HA 271 -16.17 -85.92 85.00
CA THR HA 271 -17.15 -84.97 84.49
C THR HA 271 -18.39 -84.99 85.37
N GLY HA 272 -19.16 -83.91 85.31
CA GLY HA 272 -20.39 -83.82 86.08
C GLY HA 272 -21.39 -84.89 85.71
N ALA HA 273 -21.42 -85.25 84.42
CA ALA HA 273 -22.30 -86.30 83.92
C ALA HA 273 -21.85 -86.74 82.53
N ASN HA 274 -22.64 -87.55 81.86
CA ASN HA 274 -22.33 -87.98 80.51
C ASN HA 274 -22.56 -86.82 79.55
N ASN HA 275 -21.50 -86.38 78.88
CA ASN HA 275 -21.56 -85.22 77.99
C ASN HA 275 -20.91 -85.58 76.67
N ILE HA 276 -21.56 -85.15 75.58
CA ILE HA 276 -21.02 -85.33 74.23
C ILE HA 276 -20.32 -84.04 73.83
N VAL HA 277 -19.06 -84.16 73.41
CA VAL HA 277 -18.25 -82.98 73.11
C VAL HA 277 -18.40 -82.56 71.65
N ALA HA 278 -18.09 -83.45 70.71
CA ALA HA 278 -18.08 -83.05 69.30
C ALA HA 278 -18.41 -84.25 68.40
N THR HA 279 -19.10 -83.95 67.31
CA THR HA 279 -19.40 -84.93 66.27
C THR HA 279 -19.10 -84.31 64.91
N ASN HA 280 -18.62 -85.13 63.98
CA ASN HA 280 -18.26 -84.65 62.66
C ASN HA 280 -18.31 -85.80 61.66
N GLN HA 281 -18.66 -85.46 60.42
CA GLN HA 281 -18.67 -86.43 59.34
C GLN HA 281 -18.57 -85.68 58.02
N ASN HA 282 -18.00 -86.34 57.01
CA ASN HA 282 -17.72 -85.71 55.73
C ASN HA 282 -18.82 -85.90 54.71
N GLY HA 283 -19.90 -86.59 55.07
CA GLY HA 283 -21.00 -86.79 54.14
C GLY HA 283 -22.00 -85.66 54.17
N TYR HA 284 -22.81 -85.61 53.11
CA TYR HA 284 -23.82 -84.57 52.97
C TYR HA 284 -24.86 -85.04 51.95
N LYS HA 285 -25.95 -84.28 51.85
CA LYS HA 285 -27.04 -84.56 50.94
C LYS HA 285 -26.96 -83.64 49.72
N PRO HA 286 -27.76 -83.91 48.68
CA PRO HA 286 -27.79 -83.03 47.52
C PRO HA 286 -28.01 -81.57 47.88
N GLY HA 287 -27.29 -80.68 47.23
CA GLY HA 287 -27.42 -79.26 47.49
C GLY HA 287 -27.42 -78.47 46.21
N ASP HA 288 -28.03 -77.29 46.28
CA ASP HA 288 -28.08 -76.35 45.17
C ASP HA 288 -27.47 -75.02 45.60
N LEU HA 289 -26.83 -74.35 44.64
CA LEU HA 289 -26.14 -73.10 44.93
C LEU HA 289 -27.12 -72.05 45.42
N VAL HA 290 -26.81 -71.44 46.56
CA VAL HA 290 -27.64 -70.40 47.15
C VAL HA 290 -27.00 -69.03 47.04
N SER HA 291 -25.66 -68.97 47.05
CA SER HA 291 -24.98 -67.69 46.93
C SER HA 291 -23.56 -67.91 46.43
N TYR HA 292 -22.93 -66.82 46.00
CA TYR HA 292 -21.52 -66.82 45.63
C TYR HA 292 -20.87 -65.57 46.21
N GLN HA 293 -19.56 -65.68 46.45
CA GLN HA 293 -18.83 -64.59 47.08
C GLN HA 293 -17.35 -64.66 46.68
N ILE HA 294 -16.66 -63.54 46.88
CA ILE HA 294 -15.22 -63.44 46.64
C ILE HA 294 -14.56 -63.08 47.95
N ASN HA 295 -13.65 -63.94 48.41
CA ASN HA 295 -12.94 -63.69 49.66
C ASN HA 295 -11.75 -62.77 49.43
N ASN HA 296 -11.15 -62.31 50.54
CA ASN HA 296 -10.01 -61.41 50.48
C ASN HA 296 -8.79 -62.05 49.84
N ASP HA 297 -8.71 -63.38 49.81
CA ASP HA 297 -7.59 -64.09 49.18
C ASP HA 297 -7.84 -64.41 47.72
N GLY HA 298 -8.95 -63.94 47.15
CA GLY HA 298 -9.24 -64.13 45.75
C GLY HA 298 -10.01 -65.39 45.39
N THR HA 299 -10.27 -66.26 46.36
CA THR HA 299 -11.03 -67.48 46.07
C THR HA 299 -12.49 -67.16 45.80
N VAL HA 300 -13.02 -67.75 44.74
CA VAL HA 300 -14.45 -67.66 44.42
C VAL HA 300 -15.15 -68.81 45.13
N VAL HA 301 -16.07 -68.49 46.03
CA VAL HA 301 -16.67 -69.46 46.93
C VAL HA 301 -18.17 -69.49 46.70
N GLY HA 302 -18.70 -70.69 46.43
CA GLY HA 302 -20.12 -70.89 46.29
C GLY HA 302 -20.68 -71.58 47.53
N ASN HA 303 -21.70 -70.96 48.10
CA ASN HA 303 -22.44 -71.50 49.23
C ASN HA 303 -23.71 -72.17 48.70
N TYR HA 304 -23.87 -73.45 49.02
CA TYR HA 304 -24.98 -74.25 48.55
C TYR HA 304 -26.04 -74.38 49.65
N SER HA 305 -27.05 -75.21 49.39
CA SER HA 305 -28.20 -75.34 50.28
C SER HA 305 -27.98 -76.35 51.41
N ASN HA 306 -27.10 -77.33 51.24
CA ASN HA 306 -26.91 -78.37 52.24
C ASN HA 306 -25.80 -78.02 53.21
N GLU HA 307 -25.47 -76.73 53.33
CA GLU HA 307 -24.41 -76.25 54.21
C GLU HA 307 -23.11 -76.99 53.85
N GLN HA 308 -22.56 -76.62 52.71
CA GLN HA 308 -21.28 -77.11 52.20
C GLN HA 308 -20.72 -76.09 51.23
N GLU HA 309 -19.52 -75.60 51.52
CA GLU HA 309 -18.88 -74.58 50.69
C GLU HA 309 -18.09 -75.25 49.58
N GLN HA 310 -18.04 -74.60 48.42
CA GLN HA 310 -17.33 -75.15 47.27
C GLN HA 310 -16.49 -74.07 46.60
N VAL HA 311 -15.22 -74.38 46.34
CA VAL HA 311 -14.35 -73.44 45.65
C VAL HA 311 -14.50 -73.62 44.15
N LEU HA 312 -14.85 -72.54 43.45
CA LEU HA 312 -15.02 -72.58 42.01
C LEU HA 312 -13.85 -71.94 41.25
N GLY HA 313 -12.96 -71.26 41.95
CA GLY HA 313 -11.82 -70.64 41.32
C GLY HA 313 -11.20 -69.62 42.24
N GLN HA 314 -10.00 -69.18 41.86
CA GLN HA 314 -9.26 -68.18 42.61
C GLN HA 314 -8.80 -67.09 41.65
N ILE HA 315 -9.15 -65.84 41.96
CA ILE HA 315 -8.76 -64.74 41.08
C ILE HA 315 -7.26 -64.57 41.11
N VAL HA 316 -6.65 -64.59 39.94
CA VAL HA 316 -5.20 -64.48 39.80
C VAL HA 316 -4.84 -63.00 39.65
N LEU HA 317 -3.63 -62.65 40.10
CA LEU HA 317 -3.12 -61.29 39.98
C LEU HA 317 -1.85 -61.29 39.14
N ALA HA 318 -1.64 -60.20 38.42
CA ALA HA 318 -0.50 -60.06 37.53
C ALA HA 318 0.32 -58.84 37.94
N ASN HA 319 1.65 -58.98 37.89
CA ASN HA 319 2.57 -57.90 38.20
C ASN HA 319 3.57 -57.79 37.06
N PHE HA 320 4.04 -56.57 36.81
CA PHE HA 320 4.97 -56.31 35.73
C PHE HA 320 6.26 -55.71 36.27
N ALA HA 321 7.37 -56.04 35.61
CA ALA HA 321 8.65 -55.46 35.97
C ALA HA 321 8.66 -53.96 35.72
N ASN HA 322 7.89 -53.51 34.73
CA ASN HA 322 7.81 -52.10 34.37
C ASN HA 322 6.35 -51.79 34.07
N ASN HA 323 5.66 -51.17 35.04
CA ASN HA 323 4.25 -50.82 34.83
C ASN HA 323 4.10 -49.69 33.82
N GLU HA 324 5.10 -48.81 33.74
CA GLU HA 324 5.01 -47.66 32.83
C GLU HA 324 4.98 -48.07 31.36
N GLY HA 325 5.52 -49.23 31.02
CA GLY HA 325 5.57 -49.65 29.63
C GLY HA 325 4.31 -50.29 29.10
N LEU HA 326 3.29 -50.45 29.94
CA LEU HA 326 2.03 -51.03 29.48
C LEU HA 326 1.34 -50.11 28.49
N ALA HA 327 0.84 -50.71 27.41
CA ALA HA 327 0.13 -49.96 26.37
C ALA HA 327 -1.37 -50.07 26.60
N SER HA 328 -2.03 -48.93 26.76
CA SER HA 328 -3.47 -48.92 27.01
C SER HA 328 -4.23 -49.18 25.71
N GLN HA 329 -5.18 -50.12 25.78
CA GLN HA 329 -6.01 -50.46 24.64
C GLN HA 329 -7.39 -49.82 24.69
N GLY HA 330 -7.63 -48.92 25.64
CA GLY HA 330 -8.94 -48.36 25.83
C GLY HA 330 -9.81 -49.26 26.69
N ASP HA 331 -10.99 -48.72 27.03
CA ASP HA 331 -11.94 -49.42 27.91
C ASP HA 331 -11.27 -49.81 29.23
N ASN HA 332 -10.52 -48.87 29.81
CA ASN HA 332 -9.66 -49.05 30.99
C ASN HA 332 -9.00 -50.43 30.99
N VAL HA 333 -8.25 -50.73 29.94
CA VAL HA 333 -7.58 -52.01 29.75
C VAL HA 333 -6.17 -51.77 29.27
N TRP HA 334 -5.22 -52.53 29.81
CA TRP HA 334 -3.82 -52.49 29.38
C TRP HA 334 -3.47 -53.79 28.69
N ALA HA 335 -2.48 -53.74 27.79
CA ALA HA 335 -1.97 -54.91 27.11
C ALA HA 335 -0.48 -55.05 27.37
N ALA HA 336 -0.03 -56.29 27.56
CA ALA HA 336 1.38 -56.53 27.82
C ALA HA 336 2.21 -56.25 26.57
N THR HA 337 3.39 -55.68 26.78
CA THR HA 337 4.30 -55.32 25.70
C THR HA 337 5.71 -55.74 26.09
N GLN HA 338 6.64 -55.69 25.14
CA GLN HA 338 8.02 -56.03 25.45
C GLN HA 338 8.62 -55.09 26.50
N ALA HA 339 8.33 -53.80 26.40
CA ALA HA 339 8.90 -52.83 27.34
C ALA HA 339 8.39 -53.05 28.76
N SER HA 340 7.21 -53.64 28.92
CA SER HA 340 6.71 -53.99 30.24
C SER HA 340 7.12 -55.37 30.69
N GLY HA 341 7.73 -56.16 29.80
CA GLY HA 341 8.17 -57.49 30.13
C GLY HA 341 7.01 -58.47 30.19
N VAL HA 342 7.35 -59.71 30.55
CA VAL HA 342 6.33 -60.74 30.71
C VAL HA 342 5.67 -60.58 32.08
N ALA HA 343 4.38 -60.93 32.13
CA ALA HA 343 3.61 -60.77 33.36
C ALA HA 343 3.93 -61.90 34.34
N LEU HA 344 4.22 -61.53 35.58
CA LEU HA 344 4.42 -62.50 36.65
C LEU HA 344 3.09 -62.71 37.37
N LEU HA 345 2.64 -63.96 37.41
CA LEU HA 345 1.33 -64.28 37.95
C LEU HA 345 1.46 -64.75 39.40
N GLY HA 346 0.39 -64.55 40.16
CA GLY HA 346 0.39 -64.96 41.55
C GLY HA 346 -0.97 -64.79 42.18
N THR HA 347 -0.99 -64.92 43.51
CA THR HA 347 -2.21 -64.75 44.28
C THR HA 347 -2.09 -63.54 45.19
N ALA HA 348 -3.24 -63.03 45.62
CA ALA HA 348 -3.27 -61.88 46.52
C ALA HA 348 -2.70 -62.25 47.88
N GLY HA 349 -2.02 -61.30 48.52
CA GLY HA 349 -1.45 -61.52 49.82
C GLY HA 349 -0.19 -62.36 49.84
N SER HA 350 0.44 -62.58 48.70
CA SER HA 350 1.67 -63.36 48.62
C SER HA 350 2.69 -62.65 47.76
N GLY HA 351 3.93 -62.64 48.22
CA GLY HA 351 5.01 -62.04 47.46
C GLY HA 351 4.84 -60.53 47.36
N ASN HA 352 4.68 -60.04 46.13
CA ASN HA 352 4.63 -58.61 45.84
C ASN HA 352 3.20 -58.11 45.69
N PHE HA 353 2.22 -59.01 45.62
CA PHE HA 353 0.85 -58.67 45.30
C PHE HA 353 0.13 -58.19 46.55
N GLY HA 354 -0.63 -57.11 46.42
CA GLY HA 354 -1.42 -56.59 47.51
C GLY HA 354 -2.72 -57.34 47.70
N LYS HA 355 -3.39 -57.04 48.81
CA LYS HA 355 -4.63 -57.71 49.16
C LYS HA 355 -5.78 -57.19 48.32
N LEU HA 356 -6.81 -58.03 48.17
CA LEU HA 356 -8.02 -57.65 47.47
C LEU HA 356 -9.14 -57.38 48.48
N THR HA 357 -9.84 -56.27 48.30
CA THR HA 357 -10.94 -55.88 49.19
C THR HA 357 -12.26 -56.09 48.48
N ASN HA 358 -13.12 -56.93 49.05
CA ASN HA 358 -14.41 -57.24 48.44
C ASN HA 358 -15.45 -56.18 48.80
N GLY HA 359 -16.43 -56.01 47.92
CA GLY HA 359 -17.48 -55.05 48.16
C GLY HA 359 -17.06 -53.60 48.03
N ALA HA 360 -16.00 -53.33 47.27
CA ALA HA 360 -15.48 -51.98 47.12
C ALA HA 360 -14.86 -51.84 45.73
N LEU HA 361 -14.63 -50.59 45.32
CA LEU HA 361 -14.10 -50.29 44.00
C LEU HA 361 -12.99 -49.26 44.12
N GLU HA 362 -12.08 -49.28 43.16
CA GLU HA 362 -10.96 -48.34 43.14
C GLU HA 362 -11.27 -47.18 42.21
N ALA HA 363 -11.47 -45.99 42.79
CA ALA HA 363 -11.75 -44.80 42.00
C ALA HA 363 -10.47 -44.31 41.32
N SER HA 364 -10.64 -43.38 40.38
CA SER HA 364 -9.52 -42.84 39.65
C SER HA 364 -8.64 -41.98 40.56
N ASN HA 365 -7.41 -41.72 40.11
CA ASN HA 365 -6.45 -40.94 40.88
C ASN HA 365 -6.22 -39.57 40.26
N VAL HA 366 -7.23 -39.01 39.60
CA VAL HA 366 -7.13 -37.71 38.95
C VAL HA 366 -7.74 -36.65 39.86
N ASP HA 367 -6.90 -35.75 40.37
CA ASP HA 367 -7.38 -34.64 41.18
C ASP HA 367 -7.64 -33.43 40.29
N LEU HA 368 -8.91 -33.04 40.21
CA LEU HA 368 -9.29 -31.93 39.29
C LEU HA 368 -8.62 -30.64 39.75
N SER HA 369 -8.44 -30.49 41.06
CA SER HA 369 -7.84 -29.25 41.60
C SER HA 369 -6.40 -29.12 41.11
N LYS HA 370 -5.79 -30.21 40.63
CA LYS HA 370 -4.37 -30.16 40.21
C LYS HA 370 -4.25 -30.24 38.69
N GLU HA 371 -5.34 -30.62 38.01
CA GLU HA 371 -5.32 -30.66 36.53
C GLU HA 371 -5.63 -29.26 36.00
N LEU HA 372 -6.64 -28.60 36.57
CA LEU HA 372 -7.03 -27.27 36.10
C LEU HA 372 -5.84 -26.33 36.07
N VAL HA 373 -5.00 -26.36 37.11
CA VAL HA 373 -3.83 -25.49 37.13
C VAL HA 373 -2.86 -25.83 36.01
N ASN HA 374 -2.64 -27.13 35.79
CA ASN HA 374 -1.77 -27.56 34.69
C ASN HA 374 -2.36 -27.15 33.34
N MET HA 375 -3.68 -27.18 33.22
CA MET HA 375 -4.33 -26.72 31.99
C MET HA 375 -4.07 -25.24 31.78
N ILE HA 376 -4.13 -24.45 32.85
CA ILE HA 376 -3.83 -23.02 32.75
C ILE HA 376 -2.40 -22.81 32.26
N VAL HA 377 -1.46 -23.52 32.87
CA VAL HA 377 -0.05 -23.36 32.51
C VAL HA 377 0.18 -23.77 31.05
N ALA HA 378 -0.45 -24.88 30.64
CA ALA HA 378 -0.29 -25.34 29.26
C ALA HA 378 -0.91 -24.36 28.27
N GLN HA 379 -2.05 -23.76 28.62
CA GLN HA 379 -2.61 -22.71 27.79
C GLN HA 379 -1.63 -21.56 27.61
N ARG HA 380 -0.98 -21.15 28.71
CA ARG HA 380 -0.02 -20.06 28.62
C ARG HA 380 1.16 -20.45 27.73
N ASN HA 381 1.65 -21.68 27.87
CA ASN HA 381 2.75 -22.15 27.03
C ASN HA 381 2.36 -22.17 25.55
N TYR HA 382 1.14 -22.64 25.26
CA TYR HA 382 0.67 -22.66 23.88
C TYR HA 382 0.58 -21.25 23.31
N GLN HA 383 0.10 -20.30 24.11
CA GLN HA 383 0.01 -18.92 23.63
C GLN HA 383 1.40 -18.33 23.39
N SER HA 384 2.37 -18.67 24.23
CA SER HA 384 3.74 -18.21 24.01
C SER HA 384 4.30 -18.77 22.70
N ASN HA 385 4.07 -20.06 22.44
CA ASN HA 385 4.54 -20.64 21.19
C ASN HA 385 3.84 -20.04 19.99
N ALA HA 386 2.54 -19.72 20.12
CA ALA HA 386 1.83 -19.03 19.05
C ALA HA 386 2.42 -17.65 18.80
N GLN HA 387 2.82 -16.95 19.87
CA GLN HA 387 3.48 -15.66 19.70
C GLN HA 387 4.80 -15.82 18.95
N THR HA 388 5.54 -16.90 19.24
CA THR HA 388 6.77 -17.17 18.49
C THR HA 388 6.47 -17.40 17.01
N ILE HA 389 5.41 -18.17 16.72
CA ILE HA 389 4.98 -18.36 15.34
C ILE HA 389 4.70 -17.03 14.67
N LYS HA 390 3.99 -16.15 15.38
CA LYS HA 390 3.66 -14.83 14.83
C LYS HA 390 4.92 -14.01 14.57
N THR HA 391 5.90 -14.13 15.47
CA THR HA 391 7.17 -13.41 15.28
C THR HA 391 7.88 -13.88 14.01
N GLN HA 392 7.93 -15.19 13.79
CA GLN HA 392 8.56 -15.70 12.57
C GLN HA 392 7.77 -15.26 11.33
N ASP HA 393 6.45 -15.24 11.43
CA ASP HA 393 5.64 -14.77 10.31
C ASP HA 393 5.94 -13.32 9.98
N GLN HA 394 6.06 -12.47 11.00
CA GLN HA 394 6.39 -11.07 10.76
C GLN HA 394 7.79 -10.94 10.17
N ILE HA 395 8.73 -11.77 10.62
CA ILE HA 395 10.07 -11.78 10.04
C ILE HA 395 10.02 -12.06 8.54
N LEU HA 396 9.31 -13.13 8.16
CA LEU HA 396 9.27 -13.50 6.75
C LEU HA 396 8.51 -12.47 5.93
N ASN HA 397 7.46 -11.89 6.50
CA ASN HA 397 6.74 -10.81 5.82
C ASN HA 397 7.65 -9.62 5.56
N THR HA 398 8.43 -9.23 6.56
CA THR HA 398 9.35 -8.11 6.39
C THR HA 398 10.38 -8.40 5.31
N LEU HA 399 10.92 -9.62 5.29
CA LEU HA 399 11.94 -9.94 4.29
C LEU HA 399 11.34 -10.01 2.88
N VAL HA 400 10.16 -10.60 2.74
CA VAL HA 400 9.54 -10.70 1.42
C VAL HA 400 9.17 -9.32 0.90
N ASN HA 401 8.67 -8.45 1.77
CA ASN HA 401 8.20 -7.14 1.31
C ASN HA 401 9.34 -6.15 1.13
N LEU HA 402 10.58 -6.63 1.11
CA LEU HA 402 11.73 -5.77 0.84
C LEU HA 402 11.75 -5.30 -0.61
N SER IA 2 16.45 3.41 26.73
CA SER IA 2 15.44 2.96 25.78
C SER IA 2 14.76 1.69 26.30
N PHE IA 3 14.98 0.57 25.60
CA PHE IA 3 14.37 -0.69 25.99
C PHE IA 3 14.87 -1.15 27.35
N SER IA 4 16.13 -0.80 27.68
CA SER IA 4 16.76 -1.33 28.88
C SER IA 4 16.02 -0.89 30.14
N GLN IA 5 15.58 0.36 30.17
CA GLN IA 5 14.89 0.86 31.37
C GLN IA 5 13.60 0.10 31.63
N ALA IA 6 12.79 -0.08 30.59
CA ALA IA 6 11.53 -0.80 30.74
C ALA IA 6 11.78 -2.28 31.06
N VAL IA 7 12.81 -2.88 30.47
CA VAL IA 7 13.14 -4.26 30.77
C VAL IA 7 13.52 -4.41 32.23
N SER IA 8 14.36 -3.50 32.74
CA SER IA 8 14.75 -3.55 34.14
C SER IA 8 13.57 -3.33 35.06
N GLY IA 9 12.66 -2.42 34.68
CA GLY IA 9 11.46 -2.21 35.48
C GLY IA 9 10.59 -3.45 35.55
N LEU IA 10 10.40 -4.12 34.40
CA LEU IA 10 9.63 -5.35 34.38
C LEU IA 10 10.29 -6.43 35.23
N ASN IA 11 11.62 -6.54 35.13
CA ASN IA 11 12.32 -7.54 35.93
C ASN IA 11 12.18 -7.26 37.42
N ALA IA 12 12.28 -5.99 37.83
CA ALA IA 12 12.11 -5.65 39.24
C ALA IA 12 10.69 -5.93 39.71
N ALA IA 13 9.69 -5.59 38.90
CA ALA IA 13 8.31 -5.88 39.27
C ALA IA 13 8.07 -7.38 39.38
N ALA IA 14 8.65 -8.16 38.47
CA ALA IA 14 8.52 -9.61 38.53
C ALA IA 14 9.19 -10.16 39.77
N THR IA 15 10.36 -9.64 40.13
CA THR IA 15 11.03 -10.10 41.35
C THR IA 15 10.20 -9.78 42.58
N ASN IA 16 9.61 -8.58 42.62
CA ASN IA 16 8.74 -8.22 43.73
C ASN IA 16 7.54 -9.17 43.81
N LEU IA 17 6.95 -9.50 42.66
CA LEU IA 17 5.79 -10.38 42.65
C LEU IA 17 6.18 -11.80 43.07
N ASP IA 18 7.38 -12.25 42.69
CA ASP IA 18 7.86 -13.55 43.16
C ASP IA 18 8.08 -13.55 44.66
N VAL IA 19 8.62 -12.46 45.21
CA VAL IA 19 8.79 -12.37 46.65
C VAL IA 19 7.43 -12.42 47.35
N ILE IA 20 6.46 -11.70 46.80
CA ILE IA 20 5.11 -11.69 47.38
C ILE IA 20 4.49 -13.08 47.30
N GLY IA 21 4.69 -13.77 46.17
CA GLY IA 21 4.16 -15.12 46.03
C GLY IA 21 4.79 -16.10 46.99
N ASN IA 22 6.11 -15.98 47.20
CA ASN IA 22 6.78 -16.82 48.18
C ASN IA 22 6.25 -16.55 49.58
N ASN IA 23 6.03 -15.28 49.92
CA ASN IA 23 5.50 -14.95 51.24
C ASN IA 23 4.09 -15.50 51.42
N ILE IA 24 3.25 -15.37 50.39
CA ILE IA 24 1.84 -15.73 50.53
C ILE IA 24 1.68 -17.25 50.51
N ALA IA 25 2.56 -17.96 49.82
CA ALA IA 25 2.52 -19.41 49.84
C ALA IA 25 3.06 -19.97 51.15
N ASN IA 26 3.87 -19.18 51.85
CA ASN IA 26 4.47 -19.59 53.12
C ASN IA 26 3.76 -19.00 54.33
N SER IA 27 2.50 -18.59 54.17
CA SER IA 27 1.77 -17.98 55.28
C SER IA 27 1.58 -18.96 56.43
N ALA IA 28 1.46 -20.24 56.11
CA ALA IA 28 1.34 -21.30 57.11
C ALA IA 28 2.63 -22.11 57.09
N THR IA 29 3.63 -21.63 57.82
CA THR IA 29 4.93 -22.29 57.92
C THR IA 29 5.59 -21.82 59.22
N TYR IA 30 5.69 -22.74 60.18
CA TYR IA 30 6.25 -22.43 61.48
C TYR IA 30 7.70 -21.96 61.36
N GLY IA 31 8.00 -20.78 61.88
CA GLY IA 31 9.34 -20.25 61.87
C GLY IA 31 9.75 -19.53 60.61
N PHE IA 32 8.84 -19.35 59.65
CA PHE IA 32 9.14 -18.64 58.42
C PHE IA 32 9.10 -17.14 58.67
N LYS IA 33 10.01 -16.41 58.05
CA LYS IA 33 10.05 -14.95 58.11
C LYS IA 33 9.76 -14.37 56.73
N SER IA 34 8.99 -13.28 56.71
CA SER IA 34 8.61 -12.65 55.44
C SER IA 34 9.84 -12.06 54.76
N GLY IA 35 9.70 -11.83 53.45
CA GLY IA 35 10.74 -11.20 52.65
C GLY IA 35 10.21 -9.97 51.94
N THR IA 36 11.10 -9.03 51.66
CA THR IA 36 10.75 -7.81 50.95
C THR IA 36 11.87 -7.42 50.01
N ALA IA 37 11.53 -7.11 48.77
CA ALA IA 37 12.53 -6.74 47.78
C ALA IA 37 12.86 -5.26 47.88
N SER IA 38 14.15 -4.93 47.91
CA SER IA 38 14.61 -3.55 47.96
C SER IA 38 15.25 -3.18 46.62
N PHE IA 39 14.75 -2.11 46.01
CA PHE IA 39 15.16 -1.72 44.67
C PHE IA 39 16.04 -0.48 44.73
N ALA IA 40 16.94 -0.36 43.75
CA ALA IA 40 17.80 0.79 43.61
C ALA IA 40 17.94 1.14 42.13
N ASP IA 41 18.07 2.44 41.86
CA ASP IA 41 18.20 2.91 40.48
C ASP IA 41 19.62 2.72 39.97
N MET IA 42 19.79 2.92 38.66
CA MET IA 42 21.07 2.64 38.03
C MET IA 42 21.59 3.81 37.21
N PHE IA 43 21.59 5.01 37.79
CA PHE IA 43 22.20 6.15 37.12
C PHE IA 43 23.68 5.91 36.90
N ALA IA 44 24.17 6.25 35.69
CA ALA IA 44 25.58 6.06 35.33
C ALA IA 44 25.97 7.18 34.36
N GLY IA 45 26.57 8.23 34.89
CA GLY IA 45 27.08 9.32 34.08
C GLY IA 45 25.99 10.25 33.57
N SER IA 46 25.19 9.76 32.62
CA SER IA 46 24.10 10.55 32.09
C SER IA 46 22.99 10.71 33.12
N LYS IA 47 22.21 11.78 32.99
CA LYS IA 47 21.11 12.03 33.90
C LYS IA 47 19.82 11.33 33.49
N VAL IA 48 19.88 10.46 32.48
CA VAL IA 48 18.67 9.88 31.92
C VAL IA 48 18.05 8.81 32.82
N GLY IA 49 18.80 8.28 33.78
CA GLY IA 49 18.24 7.27 34.64
C GLY IA 49 18.10 5.91 33.97
N LEU IA 50 19.23 5.27 33.70
CA LEU IA 50 19.30 4.01 32.95
C LEU IA 50 18.25 2.99 33.37
N GLY IA 51 17.91 2.93 34.66
CA GLY IA 51 16.86 2.03 35.08
C GLY IA 51 16.88 1.74 36.56
N VAL IA 52 16.36 0.57 36.92
CA VAL IA 52 16.30 0.12 38.30
C VAL IA 52 16.87 -1.29 38.37
N LYS IA 53 17.32 -1.66 39.57
CA LYS IA 53 17.82 -3.00 39.83
C LYS IA 53 17.39 -3.43 41.23
N VAL IA 54 17.32 -4.75 41.43
CA VAL IA 54 16.98 -5.29 42.73
C VAL IA 54 18.23 -5.32 43.60
N ALA IA 55 18.29 -4.42 44.58
CA ALA IA 55 19.45 -4.37 45.47
C ALA IA 55 19.57 -5.63 46.31
N GLY IA 56 18.45 -6.19 46.74
CA GLY IA 56 18.48 -7.41 47.52
C GLY IA 56 17.10 -7.76 48.01
N ILE IA 57 17.03 -8.86 48.75
CA ILE IA 57 15.81 -9.30 49.41
C ILE IA 57 16.10 -9.36 50.90
N THR IA 58 15.37 -8.55 51.67
CA THR IA 58 15.57 -8.43 53.10
C THR IA 58 14.51 -9.23 53.85
N GLN IA 59 14.96 -10.08 54.75
CA GLN IA 59 14.07 -10.81 55.63
C GLN IA 59 13.54 -9.89 56.73
N ASP IA 60 12.38 -10.24 57.26
CA ASP IA 60 11.75 -9.49 58.35
C ASP IA 60 11.72 -10.43 59.56
N PHE IA 61 12.63 -10.20 60.49
CA PHE IA 61 12.78 -11.06 61.67
C PHE IA 61 11.96 -10.55 62.84
N THR IA 62 10.67 -10.32 62.61
CA THR IA 62 9.77 -9.97 63.69
C THR IA 62 9.22 -11.23 64.35
N ASP IA 63 9.18 -11.21 65.68
CA ASP IA 63 8.72 -12.37 66.42
C ASP IA 63 7.26 -12.67 66.10
N GLY IA 64 7.00 -13.85 65.57
CA GLY IA 64 5.65 -14.23 65.20
C GLY IA 64 4.82 -14.68 66.38
N THR IA 65 3.55 -14.93 66.10
CA THR IA 65 2.63 -15.40 67.14
C THR IA 65 3.00 -16.80 67.59
N THR IA 66 2.93 -17.02 68.89
CA THR IA 66 3.26 -18.32 69.47
C THR IA 66 2.00 -19.18 69.56
N THR IA 67 2.04 -20.35 68.94
CA THR IA 67 0.90 -21.25 68.88
C THR IA 67 1.23 -22.54 69.62
N ASN IA 68 0.39 -22.91 70.57
CA ASN IA 68 0.60 -24.14 71.32
C ASN IA 68 0.19 -25.35 70.50
N THR IA 69 0.80 -26.50 70.78
CA THR IA 69 0.49 -27.74 70.08
C THR IA 69 0.32 -28.94 71.00
N GLY IA 70 0.85 -28.89 72.22
CA GLY IA 70 0.75 -29.99 73.13
C GLY IA 70 1.80 -31.06 72.99
N ARG IA 71 2.85 -30.84 72.20
CA ARG IA 71 3.93 -31.80 72.03
C ARG IA 71 5.11 -31.38 72.90
N GLY IA 72 5.67 -32.34 73.64
CA GLY IA 72 6.77 -32.07 74.54
C GLY IA 72 8.08 -31.72 73.88
N LEU IA 73 8.27 -32.10 72.61
CA LEU IA 73 9.49 -31.77 71.89
C LEU IA 73 9.38 -30.47 71.10
N ASP IA 74 8.29 -29.74 71.24
CA ASP IA 74 8.08 -28.50 70.50
C ASP IA 74 8.42 -27.31 71.38
N VAL IA 75 9.38 -26.50 70.96
CA VAL IA 75 9.81 -25.33 71.71
C VAL IA 75 10.05 -24.19 70.73
N ALA IA 76 9.62 -22.99 71.11
CA ALA IA 76 9.76 -21.80 70.28
C ALA IA 76 10.68 -20.79 70.94
N ILE IA 77 11.47 -20.09 70.12
CA ILE IA 77 12.39 -19.07 70.60
C ILE IA 77 11.67 -17.74 70.64
N SER IA 78 11.43 -17.23 71.83
CA SER IA 78 10.91 -15.87 71.97
C SER IA 78 12.04 -14.86 71.83
N GLN IA 79 11.71 -13.68 71.31
CA GLN IA 79 12.69 -12.61 71.10
C GLN IA 79 13.76 -13.11 70.15
N ASN IA 80 15.02 -12.72 70.37
CA ASN IA 80 16.11 -13.09 69.49
C ASN IA 80 16.73 -14.43 69.90
N GLY IA 81 17.25 -15.14 68.92
CA GLY IA 81 17.89 -16.43 69.13
C GLY IA 81 17.55 -17.38 68.01
N PHE IA 82 18.50 -18.26 67.69
CA PHE IA 82 18.37 -19.22 66.60
C PHE IA 82 18.77 -20.61 67.08
N PHE IA 83 18.01 -21.61 66.64
CA PHE IA 83 18.42 -23.00 66.87
C PHE IA 83 19.61 -23.35 65.99
N ARG IA 84 20.60 -24.01 66.60
CA ARG IA 84 21.80 -24.45 65.91
C ARG IA 84 21.69 -25.93 65.59
N LEU IA 85 21.85 -26.28 64.31
CA LEU IA 85 21.67 -27.64 63.82
C LEU IA 85 22.89 -28.08 63.03
N VAL IA 86 23.05 -29.40 62.92
CA VAL IA 86 24.16 -29.99 62.18
C VAL IA 86 23.60 -31.06 61.25
N ASP IA 87 24.12 -31.11 60.02
CA ASP IA 87 23.70 -32.11 59.05
C ASP IA 87 24.62 -33.32 59.10
N SER IA 88 24.49 -34.19 58.10
CA SER IA 88 25.31 -35.39 58.03
C SER IA 88 26.79 -35.09 57.84
N ASN IA 89 27.12 -34.06 57.06
CA ASN IA 89 28.51 -33.73 56.74
C ASN IA 89 29.20 -32.90 57.81
N GLY IA 90 28.50 -32.53 58.88
CA GLY IA 90 29.07 -31.66 59.89
C GLY IA 90 28.87 -30.19 59.65
N SER IA 91 28.28 -29.80 58.52
CA SER IA 91 28.00 -28.40 58.26
C SER IA 91 26.96 -27.88 59.25
N VAL IA 92 27.13 -26.62 59.66
CA VAL IA 92 26.27 -26.00 60.67
C VAL IA 92 25.17 -25.22 59.96
N PHE IA 93 24.03 -25.08 60.64
CA PHE IA 93 22.88 -24.36 60.12
C PHE IA 93 22.12 -23.75 61.28
N TYR IA 94 21.26 -22.78 60.97
CA TYR IA 94 20.49 -22.06 61.98
C TYR IA 94 19.05 -21.92 61.53
N SER IA 95 18.13 -22.20 62.44
CA SER IA 95 16.71 -22.19 62.11
C SER IA 95 15.88 -21.79 63.33
N ARG IA 96 14.79 -21.06 63.08
CA ARG IA 96 13.86 -20.67 64.12
C ARG IA 96 12.74 -21.69 64.34
N ASN IA 97 12.64 -22.70 63.48
CA ASN IA 97 11.57 -23.69 63.60
C ASN IA 97 11.91 -24.66 64.74
N GLY IA 98 10.94 -24.93 65.60
CA GLY IA 98 11.18 -25.74 66.78
C GLY IA 98 10.47 -27.08 66.78
N GLN IA 99 10.27 -27.67 65.61
CA GLN IA 99 9.65 -28.99 65.50
C GLN IA 99 10.75 -30.04 65.47
N PHE IA 100 10.93 -30.74 66.58
CA PHE IA 100 11.96 -31.77 66.70
C PHE IA 100 11.32 -33.13 66.96
N LYS IA 101 12.00 -34.18 66.50
CA LYS IA 101 11.57 -35.54 66.72
C LYS IA 101 12.78 -36.40 67.08
N LEU IA 102 12.54 -37.44 67.87
CA LEU IA 102 13.59 -38.34 68.31
C LEU IA 102 13.76 -39.46 67.29
N ASP IA 103 14.80 -39.36 66.47
CA ASP IA 103 15.05 -40.33 65.40
C ASP IA 103 15.45 -41.69 65.98
N GLU IA 104 15.68 -42.65 65.08
CA GLU IA 104 15.97 -44.02 65.51
C GLU IA 104 17.30 -44.10 66.25
N ASN IA 105 18.29 -43.30 65.86
CA ASN IA 105 19.57 -43.23 66.57
C ASN IA 105 19.49 -42.40 67.84
N ARG IA 106 18.28 -42.10 68.31
CA ARG IA 106 18.03 -41.33 69.53
C ARG IA 106 18.60 -39.92 69.48
N ASN IA 107 18.80 -39.37 68.28
CA ASN IA 107 19.18 -37.98 68.12
C ASN IA 107 17.95 -37.11 68.05
N LEU IA 108 18.10 -35.85 68.47
CA LEU IA 108 17.06 -34.86 68.28
C LEU IA 108 17.25 -34.20 66.92
N VAL IA 109 16.31 -34.43 66.01
CA VAL IA 109 16.39 -33.92 64.66
C VAL IA 109 15.11 -33.16 64.34
N ASN IA 110 15.21 -32.22 63.40
CA ASN IA 110 14.05 -31.47 62.95
C ASN IA 110 13.27 -32.32 61.95
N MET IA 111 12.30 -31.70 61.27
CA MET IA 111 11.48 -32.45 60.33
C MET IA 111 12.30 -32.99 59.16
N GLN IA 112 13.36 -32.28 58.77
CA GLN IA 112 14.19 -32.70 57.65
C GLN IA 112 15.39 -33.54 58.08
N GLY IA 113 15.51 -33.87 59.37
CA GLY IA 113 16.53 -34.79 59.83
C GLY IA 113 17.83 -34.16 60.27
N MET IA 114 17.94 -32.83 60.29
CA MET IA 114 19.15 -32.20 60.80
C MET IA 114 19.20 -32.28 62.31
N GLN IA 115 20.34 -32.74 62.83
CA GLN IA 115 20.49 -33.05 64.25
C GLN IA 115 20.56 -31.78 65.08
N LEU IA 116 19.75 -31.71 66.14
CA LEU IA 116 19.82 -30.60 67.07
C LEU IA 116 21.12 -30.66 67.86
N THR IA 117 21.76 -29.50 68.03
CA THR IA 117 23.04 -29.41 68.72
C THR IA 117 22.90 -28.66 70.04
N GLY IA 118 23.93 -28.79 70.87
CA GLY IA 118 23.94 -28.07 72.13
C GLY IA 118 25.11 -28.48 72.98
N TYR IA 119 25.21 -27.85 74.14
CA TYR IA 119 26.24 -28.20 75.12
C TYR IA 119 25.95 -29.56 75.73
N PRO IA 120 26.95 -30.43 75.86
CA PRO IA 120 26.69 -31.75 76.43
C PRO IA 120 26.88 -31.76 77.93
N ALA IA 121 26.39 -32.84 78.56
CA ALA IA 121 26.50 -33.03 80.00
C ALA IA 121 27.49 -34.15 80.30
N THR IA 122 28.52 -33.84 81.09
CA THR IA 122 29.53 -34.82 81.47
C THR IA 122 29.75 -34.75 82.97
N GLY IA 123 30.46 -35.76 83.49
CA GLY IA 123 30.73 -35.83 84.91
C GLY IA 123 29.91 -36.93 85.58
N THR IA 124 30.23 -37.14 86.86
CA THR IA 124 29.56 -38.17 87.64
C THR IA 124 28.98 -37.55 88.91
N PRO IA 125 27.73 -37.06 88.87
CA PRO IA 125 26.78 -36.99 87.84
C PRO IA 125 26.96 -35.95 86.72
N PRO IA 126 26.28 -36.17 85.60
CA PRO IA 126 26.48 -35.29 84.43
C PRO IA 126 26.05 -33.86 84.74
N THR IA 127 26.86 -32.91 84.28
CA THR IA 127 26.60 -31.50 84.42
C THR IA 127 27.07 -30.79 83.15
N ILE IA 128 26.39 -29.69 82.83
CA ILE IA 128 26.63 -29.01 81.57
C ILE IA 128 27.97 -28.30 81.60
N GLN IA 129 28.84 -28.63 80.64
CA GLN IA 129 30.12 -27.96 80.46
C GLN IA 129 29.93 -26.89 79.39
N GLN IA 130 29.51 -25.71 79.84
CA GLN IA 130 29.08 -24.67 78.92
C GLN IA 130 30.22 -24.16 78.04
N GLY IA 131 31.47 -24.38 78.42
CA GLY IA 131 32.59 -23.95 77.60
C GLY IA 131 32.96 -24.88 76.48
N ALA IA 132 32.47 -26.12 76.49
CA ALA IA 132 32.82 -27.09 75.48
C ALA IA 132 32.12 -26.77 74.16
N ASN IA 133 32.62 -27.40 73.10
CA ASN IA 133 32.02 -27.21 71.79
C ASN IA 133 30.63 -27.84 71.74
N PRO IA 134 29.68 -27.26 71.01
CA PRO IA 134 28.34 -27.85 70.93
C PRO IA 134 28.36 -29.22 70.28
N ALA IA 135 27.51 -30.11 70.77
CA ALA IA 135 27.40 -31.47 70.29
C ALA IA 135 25.94 -31.84 70.07
N PRO IA 136 25.67 -32.81 69.20
CA PRO IA 136 24.28 -33.24 68.99
C PRO IA 136 23.67 -33.78 70.29
N ILE IA 137 22.38 -33.50 70.48
CA ILE IA 137 21.71 -33.89 71.71
C ILE IA 137 21.12 -35.29 71.54
N THR IA 138 21.43 -36.19 72.46
CA THR IA 138 20.97 -37.57 72.42
C THR IA 138 20.16 -37.86 73.66
N ILE IA 139 19.19 -38.78 73.53
CA ILE IA 139 18.39 -39.24 74.66
C ILE IA 139 18.45 -40.75 74.69
N PRO IA 140 19.54 -41.35 75.19
CA PRO IA 140 19.65 -42.81 75.20
C PRO IA 140 18.70 -43.44 76.18
N ASN IA 141 18.33 -44.69 75.90
CA ASN IA 141 17.47 -45.48 76.77
C ASN IA 141 18.26 -46.40 77.69
N THR IA 142 19.59 -46.29 77.69
CA THR IA 142 20.41 -47.13 78.55
C THR IA 142 20.11 -46.86 80.01
N LEU IA 143 20.04 -47.94 80.80
CA LEU IA 143 19.69 -47.83 82.20
C LEU IA 143 20.79 -47.11 82.98
N MET IA 144 20.39 -46.47 84.07
CA MET IA 144 21.30 -45.76 84.96
C MET IA 144 21.76 -46.72 86.06
N ALA IA 145 23.05 -46.68 86.37
CA ALA IA 145 23.60 -47.46 87.46
C ALA IA 145 23.20 -46.81 88.79
N ALA IA 146 23.46 -47.49 89.90
CA ALA IA 146 23.11 -46.99 91.22
C ALA IA 146 24.30 -46.30 91.84
N LYS IA 147 24.02 -45.25 92.62
CA LYS IA 147 25.05 -44.48 93.31
C LYS IA 147 25.06 -44.87 94.78
N SER IA 148 26.20 -45.37 95.24
CA SER IA 148 26.35 -45.71 96.65
C SER IA 148 26.35 -44.44 97.48
N THR IA 149 25.70 -44.51 98.65
CA THR IA 149 25.61 -43.36 99.52
C THR IA 149 26.99 -42.97 100.04
N THR IA 150 27.32 -41.68 99.92
CA THR IA 150 28.58 -41.14 100.41
C THR IA 150 28.41 -40.06 101.48
N THR IA 151 27.37 -39.24 101.39
CA THR IA 151 27.05 -38.27 102.41
C THR IA 151 25.55 -38.32 102.70
N ALA IA 152 25.19 -38.33 103.98
CA ALA IA 152 23.80 -38.35 104.39
C ALA IA 152 23.61 -37.32 105.50
N SER IA 153 22.38 -36.82 105.62
CA SER IA 153 22.05 -35.77 106.56
C SER IA 153 20.81 -36.14 107.35
N MET IA 154 20.83 -35.83 108.64
CA MET IA 154 19.71 -36.11 109.54
C MET IA 154 19.46 -34.86 110.36
N GLN IA 155 18.30 -34.23 110.13
CA GLN IA 155 17.87 -33.10 110.94
C GLN IA 155 16.71 -33.56 111.83
N ILE IA 156 16.93 -33.56 113.14
CA ILE IA 156 15.98 -34.08 114.12
C ILE IA 156 15.84 -33.07 115.25
N ASN IA 157 14.72 -33.10 115.94
CA ASN IA 157 14.47 -32.25 117.10
C ASN IA 157 14.53 -33.09 118.36
N LEU IA 158 15.32 -32.64 119.33
CA LEU IA 158 15.50 -33.34 120.60
C LEU IA 158 14.90 -32.52 121.73
N ASN IA 159 14.15 -33.19 122.60
CA ASN IA 159 13.49 -32.52 123.71
C ASN IA 159 14.33 -32.65 124.97
N SER IA 160 14.50 -31.55 125.70
CA SER IA 160 15.36 -31.56 126.88
C SER IA 160 14.75 -32.32 128.04
N THR IA 161 13.43 -32.52 128.02
CA THR IA 161 12.73 -33.14 129.14
C THR IA 161 12.68 -34.66 129.05
N ASP IA 162 13.28 -35.26 128.02
CA ASP IA 162 13.26 -36.71 127.91
C ASP IA 162 14.14 -37.34 128.99
N PRO IA 163 13.61 -38.27 129.77
CA PRO IA 163 14.42 -38.87 130.85
C PRO IA 163 15.38 -39.92 130.31
N VAL IA 164 16.44 -40.15 131.07
CA VAL IA 164 17.40 -41.21 130.77
C VAL IA 164 16.73 -42.55 131.02
N PRO IA 165 16.81 -43.50 130.08
CA PRO IA 165 16.14 -44.79 130.29
C PRO IA 165 16.65 -45.51 131.52
N SER IA 166 15.74 -46.18 132.21
CA SER IA 166 16.09 -46.92 133.43
C SER IA 166 16.86 -48.20 133.11
N LYS IA 167 16.44 -48.91 132.05
CA LYS IA 167 17.06 -50.18 131.70
C LYS IA 167 18.33 -49.97 130.88
N THR IA 168 19.37 -49.43 131.49
CA THR IA 168 20.64 -49.26 130.82
C THR IA 168 21.31 -50.63 130.60
N PRO IA 169 22.05 -50.79 129.50
CA PRO IA 169 22.30 -49.83 128.42
C PRO IA 169 21.21 -49.85 127.35
N PHE IA 170 21.48 -49.27 126.18
CA PHE IA 170 20.49 -49.22 125.12
C PHE IA 170 20.14 -50.63 124.63
N SER IA 171 18.84 -50.89 124.48
CA SER IA 171 18.34 -52.17 124.00
C SER IA 171 17.45 -51.92 122.79
N VAL IA 172 17.71 -52.65 121.70
CA VAL IA 172 16.95 -52.45 120.48
C VAL IA 172 15.50 -52.91 120.65
N SER IA 173 15.28 -54.01 121.37
CA SER IA 173 13.93 -54.53 121.53
C SER IA 173 13.13 -53.70 122.53
N ASP IA 174 13.77 -53.25 123.60
CA ASP IA 174 13.08 -52.55 124.69
C ASP IA 174 12.77 -51.13 124.24
N ALA IA 175 11.48 -50.80 124.17
CA ALA IA 175 11.07 -49.46 123.76
C ALA IA 175 11.48 -48.41 124.80
N ASP IA 176 11.42 -48.77 126.08
CA ASP IA 176 11.74 -47.83 127.14
C ASP IA 176 13.24 -47.59 127.25
N SER IA 177 14.03 -48.40 126.54
CA SER IA 177 15.48 -48.31 126.60
C SER IA 177 16.07 -47.27 125.68
N TYR IA 178 15.28 -46.68 124.78
CA TYR IA 178 15.76 -45.65 123.88
C TYR IA 178 14.77 -44.48 123.87
N ASN IA 179 15.29 -43.30 123.57
CA ASN IA 179 14.47 -42.09 123.55
C ASN IA 179 13.90 -41.79 122.18
N LYS IA 180 14.65 -42.05 121.11
CA LYS IA 180 14.12 -41.82 119.76
C LYS IA 180 14.75 -42.80 118.80
N LYS IA 181 13.93 -43.32 117.89
CA LYS IA 181 14.38 -44.22 116.83
C LYS IA 181 13.95 -43.67 115.47
N GLY IA 182 14.92 -43.61 114.55
CA GLY IA 182 14.64 -43.20 113.19
C GLY IA 182 15.20 -44.20 112.20
N THR IA 183 14.65 -44.17 110.99
CA THR IA 183 15.07 -45.10 109.94
C THR IA 183 15.45 -44.32 108.69
N VAL IA 184 16.63 -44.61 108.15
CA VAL IA 184 17.10 -44.01 106.92
C VAL IA 184 17.45 -45.12 105.94
N THR IA 185 16.92 -45.04 104.72
CA THR IA 185 17.20 -46.04 103.71
C THR IA 185 18.32 -45.56 102.80
N VAL IA 186 19.42 -46.29 102.78
CA VAL IA 186 20.57 -45.95 101.97
C VAL IA 186 20.79 -47.06 100.94
N TYR IA 187 21.72 -46.83 100.02
CA TYR IA 187 22.02 -47.77 98.95
C TYR IA 187 23.52 -47.98 98.86
N ASP IA 188 23.92 -49.24 98.74
CA ASP IA 188 25.33 -49.60 98.61
C ASP IA 188 25.75 -49.45 97.14
N SER IA 189 26.91 -50.01 96.79
CA SER IA 189 27.41 -49.90 95.43
C SER IA 189 26.48 -50.53 94.41
N GLN IA 190 25.90 -51.70 94.71
CA GLN IA 190 24.96 -52.35 93.82
C GLN IA 190 23.54 -51.83 93.95
N GLY IA 191 23.28 -50.96 94.93
CA GLY IA 191 21.98 -50.31 95.02
C GLY IA 191 20.96 -51.01 95.90
N ASN IA 192 21.37 -52.01 96.66
CA ASN IA 192 20.45 -52.67 97.57
C ASN IA 192 20.04 -51.73 98.70
N ALA IA 193 18.80 -51.86 99.15
CA ALA IA 193 18.25 -50.98 100.16
C ALA IA 193 18.65 -51.45 101.56
N HIS IA 194 19.37 -50.58 102.28
CA HIS IA 194 19.82 -50.86 103.64
C HIS IA 194 19.13 -49.90 104.59
N ASP IA 195 18.47 -50.43 105.62
CA ASP IA 195 17.69 -49.62 106.55
C ASP IA 195 18.52 -49.38 107.82
N MET IA 196 19.27 -48.28 107.82
CA MET IA 196 20.00 -47.87 109.02
C MET IA 196 19.03 -47.33 110.05
N ASN IA 197 18.99 -47.97 111.22
CA ASN IA 197 18.23 -47.47 112.35
C ASN IA 197 19.15 -46.65 113.25
N VAL IA 198 18.78 -45.39 113.47
CA VAL IA 198 19.56 -44.45 114.26
C VAL IA 198 18.82 -44.20 115.56
N TYR IA 199 19.48 -44.45 116.69
CA TYR IA 199 18.87 -44.36 118.00
C TYR IA 199 19.52 -43.23 118.79
N PHE IA 200 18.70 -42.29 119.26
CA PHE IA 200 19.13 -41.19 120.10
C PHE IA 200 18.66 -41.47 121.52
N VAL IA 201 19.62 -41.63 122.44
CA VAL IA 201 19.32 -41.94 123.84
C VAL IA 201 20.04 -40.92 124.70
N LYS IA 202 19.28 -40.18 125.51
CA LYS IA 202 19.88 -39.18 126.38
C LYS IA 202 20.65 -39.87 127.50
N THR IA 203 21.91 -39.46 127.68
CA THR IA 203 22.76 -40.04 128.72
C THR IA 203 22.98 -39.09 129.90
N LYS IA 204 23.10 -37.79 129.64
CA LYS IA 204 23.32 -36.81 130.68
C LYS IA 204 22.62 -35.52 130.25
N ASP IA 205 22.80 -34.45 131.02
CA ASP IA 205 22.18 -33.18 130.68
C ASP IA 205 22.76 -32.64 129.39
N ASN IA 206 21.89 -32.49 128.37
CA ASN IA 206 22.24 -32.01 127.04
C ASN IA 206 23.25 -32.92 126.34
N GLU IA 207 23.34 -34.18 126.72
CA GLU IA 207 24.24 -35.14 126.10
C GLU IA 207 23.42 -36.33 125.62
N TRP IA 208 23.54 -36.66 124.34
CA TRP IA 208 22.73 -37.71 123.71
C TRP IA 208 23.65 -38.66 122.97
N ALA IA 209 23.71 -39.92 123.43
CA ALA IA 209 24.42 -40.95 122.68
C ALA IA 209 23.61 -41.34 121.45
N VAL IA 210 24.31 -41.56 120.34
CA VAL IA 210 23.70 -41.94 119.07
C VAL IA 210 24.29 -43.29 118.67
N TYR IA 211 23.42 -44.26 118.46
CA TYR IA 211 23.79 -45.60 118.03
C TYR IA 211 23.25 -45.86 116.64
N THR IA 212 23.92 -46.74 115.89
CA THR IA 212 23.49 -47.16 114.57
C THR IA 212 23.30 -48.67 114.55
N HIS IA 213 22.28 -49.12 113.82
CA HIS IA 213 21.97 -50.54 113.73
C HIS IA 213 21.59 -50.87 112.29
N ASP IA 214 21.93 -52.07 111.84
CA ASP IA 214 21.59 -52.54 110.51
C ASP IA 214 20.50 -53.59 110.61
N SER IA 215 19.26 -53.22 110.31
CA SER IA 215 18.15 -54.15 110.36
C SER IA 215 17.96 -54.92 109.06
N SER IA 216 18.70 -54.58 108.01
CA SER IA 216 18.59 -55.28 106.74
C SER IA 216 19.59 -56.41 106.58
N ASP IA 217 20.69 -56.39 107.33
CA ASP IA 217 21.73 -57.41 107.21
C ASP IA 217 21.51 -58.51 108.23
N PRO IA 218 21.24 -59.75 107.79
CA PRO IA 218 21.08 -60.86 108.76
C PRO IA 218 22.36 -61.19 109.52
N ALA IA 219 23.53 -60.80 109.01
CA ALA IA 219 24.80 -61.06 109.68
C ALA IA 219 25.33 -59.85 110.42
N ALA IA 220 24.55 -58.77 110.50
CA ALA IA 220 25.01 -57.57 111.18
C ALA IA 220 25.03 -57.79 112.70
N THR IA 221 26.08 -57.30 113.33
CA THR IA 221 26.23 -57.45 114.78
C THR IA 221 25.34 -56.46 115.51
N ALA IA 222 24.97 -56.82 116.73
CA ALA IA 222 24.16 -55.95 117.57
C ALA IA 222 24.99 -54.72 117.98
N PRO IA 223 24.37 -53.54 118.10
CA PRO IA 223 25.14 -52.34 118.45
C PRO IA 223 25.64 -52.42 119.89
N THR IA 224 26.97 -52.35 120.05
CA THR IA 224 27.59 -52.38 121.36
C THR IA 224 28.40 -51.12 121.65
N THR IA 225 28.60 -50.25 120.66
CA THR IA 225 29.35 -49.02 120.83
C THR IA 225 28.54 -47.85 120.27
N ALA IA 226 28.48 -46.77 121.02
CA ALA IA 226 27.76 -45.58 120.57
C ALA IA 226 28.43 -45.00 119.34
N SER IA 227 27.62 -44.72 118.31
CA SER IA 227 28.17 -44.15 117.08
C SER IA 227 28.74 -42.76 117.31
N THR IA 228 28.06 -41.94 118.10
CA THR IA 228 28.61 -40.62 118.44
C THR IA 228 27.94 -40.13 119.71
N THR IA 229 28.36 -38.93 120.15
CA THR IA 229 27.82 -38.30 121.34
C THR IA 229 27.52 -36.84 121.02
N LEU IA 230 26.24 -36.52 120.81
CA LEU IA 230 25.84 -35.17 120.51
C LEU IA 230 25.74 -34.35 121.79
N LYS IA 231 26.40 -33.19 121.80
CA LYS IA 231 26.37 -32.27 122.93
C LYS IA 231 25.89 -30.91 122.46
N PHE IA 232 24.87 -30.38 123.13
CA PHE IA 232 24.35 -29.06 122.85
C PHE IA 232 24.84 -28.09 123.91
N ASN IA 233 25.32 -26.93 123.47
CA ASN IA 233 25.89 -25.95 124.38
C ASN IA 233 24.79 -25.29 125.21
N GLU IA 234 25.20 -24.34 126.06
CA GLU IA 234 24.24 -23.63 126.89
C GLU IA 234 23.34 -22.71 126.07
N ASN IA 235 23.69 -22.46 124.81
CA ASN IA 235 22.87 -21.66 123.91
C ASN IA 235 21.84 -22.49 123.17
N GLY IA 236 21.78 -23.79 123.40
CA GLY IA 236 20.84 -24.66 122.73
C GLY IA 236 21.25 -25.10 121.35
N ILE IA 237 22.44 -24.75 120.89
CA ILE IA 237 22.93 -25.09 119.55
C ILE IA 237 23.91 -26.24 119.66
N LEU IA 238 23.83 -27.19 118.71
CA LEU IA 238 24.78 -28.28 118.68
C LEU IA 238 26.18 -27.76 118.40
N GLU IA 239 27.15 -28.19 119.21
CA GLU IA 239 28.51 -27.68 119.14
C GLU IA 239 29.42 -28.50 118.23
N SER IA 240 29.59 -29.79 118.53
CA SER IA 240 30.49 -30.63 117.76
C SER IA 240 30.09 -32.08 117.91
N GLY IA 241 30.67 -32.93 117.07
CA GLY IA 241 30.38 -34.35 117.08
C GLY IA 241 29.18 -34.76 116.26
N GLY IA 242 28.64 -33.87 115.43
CA GLY IA 242 27.47 -34.19 114.63
C GLY IA 242 27.75 -34.97 113.37
N THR IA 243 29.00 -35.28 113.07
CA THR IA 243 29.36 -36.01 111.87
C THR IA 243 30.05 -37.32 112.26
N VAL IA 244 29.68 -38.41 111.59
CA VAL IA 244 30.27 -39.71 111.88
C VAL IA 244 30.23 -40.55 110.62
N ASN IA 245 31.30 -41.29 110.36
CA ASN IA 245 31.35 -42.18 109.20
C ASN IA 245 30.73 -43.52 109.55
N ILE IA 246 29.69 -43.92 108.82
CA ILE IA 246 28.95 -45.14 109.07
C ILE IA 246 29.11 -46.06 107.88
N THR IA 247 29.36 -47.34 108.16
CA THR IA 247 29.56 -48.36 107.14
C THR IA 247 28.43 -49.38 107.24
N THR IA 248 27.83 -49.70 106.10
CA THR IA 248 26.77 -50.70 106.07
C THR IA 248 27.37 -52.10 106.01
N GLY IA 249 26.49 -53.10 105.98
CA GLY IA 249 26.93 -54.47 105.84
C GLY IA 249 27.23 -54.83 104.41
N THR IA 250 27.70 -56.06 104.23
CA THR IA 250 28.00 -56.60 102.90
C THR IA 250 26.86 -57.56 102.55
N ILE IA 251 25.91 -57.08 101.75
CA ILE IA 251 24.71 -57.83 101.42
C ILE IA 251 24.73 -58.12 99.92
N ASN IA 252 24.72 -59.41 99.57
CA ASN IA 252 24.88 -59.90 98.20
C ASN IA 252 26.15 -59.36 97.55
N GLY IA 253 27.21 -59.24 98.33
CA GLY IA 253 28.53 -58.94 97.79
C GLY IA 253 28.75 -57.51 97.36
N ALA IA 254 27.78 -56.63 97.57
CA ALA IA 254 27.98 -55.22 97.27
C ALA IA 254 29.01 -54.62 98.21
N THR IA 255 29.79 -53.68 97.69
CA THR IA 255 30.78 -53.00 98.52
C THR IA 255 30.08 -52.26 99.65
N ALA IA 256 30.61 -52.41 100.86
CA ALA IA 256 30.02 -51.77 102.02
C ALA IA 256 29.99 -50.26 101.84
N ALA IA 257 28.84 -49.66 102.13
CA ALA IA 257 28.64 -48.24 101.89
C ALA IA 257 29.18 -47.43 103.07
N THR IA 258 30.35 -46.82 102.88
CA THR IA 258 30.96 -45.94 103.87
C THR IA 258 30.52 -44.51 103.56
N PHE IA 259 29.62 -43.98 104.39
CA PHE IA 259 29.04 -42.66 104.14
C PHE IA 259 29.12 -41.83 105.40
N SER IA 260 29.35 -40.53 105.23
CA SER IA 260 29.41 -39.60 106.34
C SER IA 260 28.00 -39.13 106.68
N LEU IA 261 27.48 -39.54 107.83
CA LEU IA 261 26.19 -39.09 108.31
C LEU IA 261 26.41 -37.86 109.19
N SER IA 262 25.73 -36.77 108.85
CA SER IA 262 25.88 -35.50 109.53
C SER IA 262 24.57 -35.08 110.16
N PHE IA 263 24.62 -34.70 111.44
CA PHE IA 263 23.48 -34.17 112.15
C PHE IA 263 23.49 -32.64 112.20
N LEU IA 264 24.06 -32.00 111.17
CA LEU IA 264 24.05 -30.54 111.10
C LEU IA 264 22.63 -30.03 110.91
N ASN IA 265 22.38 -28.80 111.33
CA ASN IA 265 21.09 -28.13 111.32
C ASN IA 265 20.12 -28.73 112.34
N SER IA 266 20.53 -29.76 113.07
CA SER IA 266 19.72 -30.29 114.15
C SER IA 266 19.89 -29.46 115.41
N MET IA 267 18.81 -29.31 116.16
CA MET IA 267 18.83 -28.51 117.37
C MET IA 267 18.01 -29.21 118.45
N GLN IA 268 18.35 -28.91 119.70
CA GLN IA 268 17.69 -29.51 120.86
C GLN IA 268 16.78 -28.44 121.45
N GLN IA 269 15.47 -28.61 121.26
CA GLN IA 269 14.50 -27.59 121.61
C GLN IA 269 13.45 -28.16 122.57
N ASN IA 270 12.51 -27.33 123.02
CA ASN IA 270 11.48 -27.75 123.95
C ASN IA 270 10.25 -28.29 123.21
N THR IA 271 10.46 -29.27 122.34
CA THR IA 271 9.34 -29.89 121.64
C THR IA 271 8.54 -30.78 122.59
N GLY IA 272 7.24 -30.87 122.36
CA GLY IA 272 6.39 -31.72 123.16
C GLY IA 272 6.72 -33.19 123.01
N ALA IA 273 7.29 -33.55 121.87
CA ALA IA 273 7.70 -34.93 121.59
C ALA IA 273 8.82 -34.95 120.56
N ASN IA 274 9.39 -36.13 120.31
CA ASN IA 274 10.48 -36.25 119.36
C ASN IA 274 9.92 -36.23 117.94
N ASN IA 275 10.35 -35.27 117.13
CA ASN IA 275 9.89 -35.11 115.77
C ASN IA 275 11.07 -35.11 114.81
N ILE IA 276 10.93 -35.81 113.70
CA ILE IA 276 11.96 -35.88 112.68
C ILE IA 276 11.68 -34.81 111.63
N VAL IA 277 12.68 -33.97 111.35
CA VAL IA 277 12.51 -32.89 110.39
C VAL IA 277 12.91 -33.30 108.99
N ALA IA 278 14.11 -33.86 108.82
CA ALA IA 278 14.60 -34.17 107.48
C ALA IA 278 15.52 -35.38 107.51
N THR IA 279 15.36 -36.24 106.52
CA THR IA 279 16.26 -37.37 106.28
C THR IA 279 16.68 -37.35 104.81
N ASN IA 280 17.99 -37.18 104.58
CA ASN IA 280 18.46 -37.02 103.21
C ASN IA 280 19.68 -37.92 102.99
N GLN IA 281 19.80 -38.41 101.77
CA GLN IA 281 20.97 -39.17 101.35
C GLN IA 281 21.22 -38.91 99.88
N ASN IA 282 22.49 -38.99 99.49
CA ASN IA 282 22.92 -38.59 98.15
C ASN IA 282 22.94 -39.73 97.14
N GLY IA 283 22.60 -40.94 97.55
CA GLY IA 283 22.59 -42.06 96.63
C GLY IA 283 21.21 -42.35 96.06
N TYR IA 284 21.17 -43.31 95.14
CA TYR IA 284 19.91 -43.73 94.53
C TYR IA 284 20.08 -45.14 93.98
N LYS IA 285 18.96 -45.74 93.60
CA LYS IA 285 18.87 -47.10 93.06
C LYS IA 285 18.79 -47.06 91.53
N PRO IA 286 18.90 -48.21 90.84
CA PRO IA 286 18.82 -48.19 89.38
C PRO IA 286 17.51 -47.61 88.85
N GLY IA 287 17.58 -46.87 87.76
CA GLY IA 287 16.41 -46.28 87.16
C GLY IA 287 16.46 -46.34 85.65
N ASP IA 288 15.29 -46.43 85.05
CA ASP IA 288 15.14 -46.45 83.60
C ASP IA 288 14.42 -45.20 83.11
N LEU IA 289 14.66 -44.86 81.84
CA LEU IA 289 14.05 -43.70 81.23
C LEU IA 289 12.53 -43.83 81.20
N VAL IA 290 11.85 -43.02 82.01
CA VAL IA 290 10.40 -42.97 82.07
C VAL IA 290 9.85 -41.82 81.25
N SER IA 291 10.48 -40.64 81.35
CA SER IA 291 10.02 -39.51 80.56
C SER IA 291 11.20 -38.60 80.28
N TYR IA 292 11.00 -37.67 79.33
CA TYR IA 292 12.00 -36.67 79.00
C TYR IA 292 11.27 -35.37 78.69
N GLN IA 293 11.96 -34.25 78.92
CA GLN IA 293 11.36 -32.94 78.71
C GLN IA 293 12.44 -31.92 78.40
N ILE IA 294 11.99 -30.78 77.86
CA ILE IA 294 12.85 -29.62 77.62
C ILE IA 294 12.32 -28.48 78.48
N ASN IA 295 13.14 -28.02 79.41
CA ASN IA 295 12.70 -27.01 80.37
C ASN IA 295 12.74 -25.62 79.72
N ASN IA 296 12.44 -24.61 80.55
CA ASN IA 296 12.43 -23.23 80.10
C ASN IA 296 13.79 -22.74 79.64
N ASP IA 297 14.87 -23.17 80.30
CA ASP IA 297 16.22 -22.75 79.94
C ASP IA 297 16.82 -23.60 78.83
N GLY IA 298 16.06 -24.53 78.26
CA GLY IA 298 16.53 -25.35 77.17
C GLY IA 298 17.23 -26.63 77.57
N THR IA 299 17.34 -26.93 78.86
CA THR IA 299 17.98 -28.16 79.30
C THR IA 299 17.12 -29.36 78.96
N VAL IA 300 17.72 -30.39 78.39
CA VAL IA 300 17.07 -31.66 78.14
C VAL IA 300 17.22 -32.51 79.39
N VAL IA 301 16.09 -32.88 80.00
CA VAL IA 301 16.08 -33.56 81.29
C VAL IA 301 15.32 -34.86 81.16
N GLY IA 302 15.94 -35.95 81.62
CA GLY IA 302 15.29 -37.25 81.68
C GLY IA 302 14.88 -37.57 83.11
N ASN IA 303 13.61 -37.91 83.27
CA ASN IA 303 13.06 -38.37 84.53
C ASN IA 303 13.02 -39.89 84.52
N TYR IA 304 13.66 -40.50 85.51
CA TYR IA 304 14.00 -41.90 85.54
C TYR IA 304 13.03 -42.67 86.44
N SER IA 305 13.18 -43.99 86.49
CA SER IA 305 12.31 -44.86 87.26
C SER IA 305 12.61 -44.87 88.75
N ASN IA 306 13.82 -44.49 89.16
CA ASN IA 306 14.18 -44.52 90.57
C ASN IA 306 13.90 -43.19 91.25
N GLU IA 307 13.00 -42.40 90.65
CA GLU IA 307 12.67 -41.06 91.14
C GLU IA 307 13.94 -40.20 91.21
N GLN IA 308 14.55 -40.01 90.05
CA GLN IA 308 15.78 -39.23 89.95
C GLN IA 308 15.84 -38.58 88.57
N GLU IA 309 16.26 -37.32 88.54
CA GLU IA 309 16.35 -36.56 87.31
C GLU IA 309 17.80 -36.42 86.88
N GLN IA 310 18.04 -36.47 85.57
CA GLN IA 310 19.38 -36.29 85.03
C GLN IA 310 19.35 -35.45 83.77
N VAL IA 311 20.27 -34.50 83.68
CA VAL IA 311 20.39 -33.68 82.48
C VAL IA 311 21.20 -34.44 81.43
N LEU IA 312 20.81 -34.30 80.17
CA LEU IA 312 21.53 -34.91 79.06
C LEU IA 312 22.17 -33.89 78.14
N GLY IA 313 21.72 -32.64 78.18
CA GLY IA 313 22.31 -31.59 77.37
C GLY IA 313 21.49 -30.33 77.49
N GLN IA 314 22.09 -29.24 77.02
CA GLN IA 314 21.45 -27.93 77.02
C GLN IA 314 21.46 -27.37 75.61
N ILE IA 315 20.28 -27.01 75.10
CA ILE IA 315 20.20 -26.49 73.74
C ILE IA 315 20.91 -25.14 73.69
N VAL IA 316 21.59 -24.88 72.57
CA VAL IA 316 22.38 -23.67 72.40
C VAL IA 316 21.67 -22.75 71.43
N LEU IA 317 21.82 -21.44 71.64
CA LEU IA 317 21.26 -20.43 70.76
C LEU IA 317 22.37 -19.66 70.08
N ALA IA 318 22.09 -19.17 68.87
CA ALA IA 318 23.05 -18.39 68.11
C ALA IA 318 22.47 -17.02 67.80
N ASN IA 319 23.26 -15.98 68.05
CA ASN IA 319 22.90 -14.61 67.72
C ASN IA 319 23.94 -14.05 66.77
N PHE IA 320 23.47 -13.25 65.82
CA PHE IA 320 24.31 -12.77 64.74
C PHE IA 320 24.40 -11.24 64.77
N ALA IA 321 25.56 -10.74 64.30
CA ALA IA 321 25.71 -9.30 64.14
C ALA IA 321 24.76 -8.77 63.08
N ASN IA 322 24.54 -9.52 62.01
CA ASN IA 322 23.71 -9.11 60.89
C ASN IA 322 22.75 -10.26 60.58
N ASN IA 323 21.51 -10.15 61.08
CA ASN IA 323 20.51 -11.15 60.74
C ASN IA 323 20.13 -11.08 59.26
N GLU IA 324 20.13 -9.88 58.69
CA GLU IA 324 19.78 -9.72 57.27
C GLU IA 324 20.78 -10.38 56.35
N GLY IA 325 22.01 -10.61 56.81
CA GLY IA 325 23.02 -11.25 55.98
C GLY IA 325 22.92 -12.76 55.91
N LEU IA 326 22.03 -13.36 56.67
CA LEU IA 326 21.88 -14.81 56.66
C LEU IA 326 21.36 -15.28 55.29
N ALA IA 327 22.00 -16.32 54.77
CA ALA IA 327 21.62 -16.89 53.48
C ALA IA 327 20.67 -18.06 53.70
N SER IA 328 19.56 -18.07 52.97
CA SER IA 328 18.56 -19.11 53.13
C SER IA 328 18.91 -20.32 52.26
N GLN IA 329 18.81 -21.51 52.85
CA GLN IA 329 19.04 -22.76 52.16
C GLN IA 329 17.77 -23.55 51.92
N GLY IA 330 16.61 -22.98 52.22
CA GLY IA 330 15.38 -23.73 52.18
C GLY IA 330 15.16 -24.51 53.47
N ASP IA 331 14.20 -25.43 53.42
CA ASP IA 331 13.76 -26.24 54.56
C ASP IA 331 13.73 -25.42 55.86
N ASN IA 332 13.20 -24.20 55.77
CA ASN IA 332 13.15 -23.23 56.88
C ASN IA 332 14.45 -23.22 57.69
N VAL IA 333 15.58 -23.15 56.99
CA VAL IA 333 16.90 -23.21 57.59
C VAL IA 333 17.80 -22.17 56.93
N TRP IA 334 18.53 -21.43 57.75
CA TRP IA 334 19.47 -20.40 57.29
C TRP IA 334 20.89 -20.91 57.43
N ALA IA 335 21.79 -20.38 56.60
CA ALA IA 335 23.21 -20.70 56.67
C ALA IA 335 24.01 -19.43 56.90
N ALA IA 336 24.96 -19.51 57.83
CA ALA IA 336 25.84 -18.38 58.09
C ALA IA 336 26.77 -18.13 56.90
N THR IA 337 27.02 -16.85 56.62
CA THR IA 337 27.85 -16.46 55.50
C THR IA 337 28.82 -15.36 55.96
N GLN IA 338 29.67 -14.91 55.04
CA GLN IA 338 30.67 -13.89 55.36
C GLN IA 338 30.00 -12.58 55.75
N ALA IA 339 28.95 -12.17 55.06
CA ALA IA 339 28.30 -10.90 55.34
C ALA IA 339 27.51 -10.93 56.64
N SER IA 340 27.04 -12.10 57.07
CA SER IA 340 26.27 -12.21 58.29
C SER IA 340 27.16 -12.27 59.53
N GLY IA 341 28.47 -12.41 59.37
CA GLY IA 341 29.38 -12.44 60.49
C GLY IA 341 29.44 -13.81 61.15
N VAL IA 342 30.32 -13.91 62.15
CA VAL IA 342 30.50 -15.16 62.86
C VAL IA 342 29.44 -15.29 63.95
N ALA IA 343 28.81 -16.46 63.99
CA ALA IA 343 27.72 -16.71 64.93
C ALA IA 343 28.23 -16.67 66.36
N LEU IA 344 27.50 -15.97 67.23
CA LEU IA 344 27.82 -15.92 68.66
C LEU IA 344 26.94 -16.92 69.39
N LEU IA 345 27.55 -17.88 70.06
CA LEU IA 345 26.83 -18.93 70.75
C LEU IA 345 26.55 -18.54 72.20
N GLY IA 346 25.43 -19.05 72.72
CA GLY IA 346 25.07 -18.74 74.08
C GLY IA 346 23.91 -19.59 74.55
N THR IA 347 23.44 -19.27 75.75
CA THR IA 347 22.35 -20.00 76.40
C THR IA 347 21.10 -19.14 76.47
N ALA IA 348 19.96 -19.80 76.65
CA ALA IA 348 18.69 -19.09 76.70
C ALA IA 348 18.61 -18.22 77.95
N GLY IA 349 17.98 -17.05 77.79
CA GLY IA 349 17.71 -16.17 78.93
C GLY IA 349 18.89 -15.39 79.43
N SER IA 350 20.01 -15.37 78.71
CA SER IA 350 21.21 -14.68 79.16
C SER IA 350 21.76 -13.82 78.03
N GLY IA 351 22.18 -12.61 78.38
CA GLY IA 351 22.77 -11.72 77.40
C GLY IA 351 21.77 -11.29 76.35
N ASN IA 352 22.13 -11.47 75.08
CA ASN IA 352 21.31 -11.05 73.95
C ASN IA 352 20.52 -12.21 73.36
N PHE IA 353 20.01 -13.10 74.22
CA PHE IA 353 19.24 -14.25 73.79
C PHE IA 353 17.89 -14.25 74.49
N GLY IA 354 16.82 -14.45 73.72
CA GLY IA 354 15.49 -14.53 74.28
C GLY IA 354 15.22 -15.88 74.90
N LYS IA 355 14.14 -15.92 75.69
CA LYS IA 355 13.77 -17.14 76.39
C LYS IA 355 13.06 -18.11 75.46
N LEU IA 356 13.05 -19.38 75.88
CA LEU IA 356 12.39 -20.43 75.11
C LEU IA 356 11.09 -20.84 75.77
N THR IA 357 10.04 -20.94 74.97
CA THR IA 357 8.72 -21.36 75.43
C THR IA 357 8.49 -22.80 74.99
N ASN IA 358 8.29 -23.70 75.95
CA ASN IA 358 8.12 -25.11 75.66
C ASN IA 358 6.67 -25.44 75.34
N GLY IA 359 6.48 -26.45 74.50
CA GLY IA 359 5.15 -26.88 74.14
C GLY IA 359 4.45 -26.01 73.12
N ALA IA 360 5.20 -25.23 72.35
CA ALA IA 360 4.62 -24.32 71.37
C ALA IA 360 5.62 -24.00 70.28
N LEU IA 361 5.12 -23.50 69.15
CA LEU IA 361 5.94 -23.14 68.00
C LEU IA 361 5.72 -21.68 67.65
N GLU IA 362 6.75 -21.06 67.08
CA GLU IA 362 6.64 -19.71 66.55
C GLU IA 362 6.07 -19.77 65.14
N ALA IA 363 4.87 -19.23 64.96
CA ALA IA 363 4.23 -19.24 63.65
C ALA IA 363 4.91 -18.23 62.74
N SER IA 364 4.52 -18.25 61.47
CA SER IA 364 5.08 -17.33 60.49
C SER IA 364 4.58 -15.91 60.77
N ASN IA 365 5.32 -14.92 60.28
CA ASN IA 365 4.96 -13.52 60.44
C ASN IA 365 4.34 -12.95 59.17
N VAL IA 366 3.77 -13.80 58.33
CA VAL IA 366 3.19 -13.37 57.06
C VAL IA 366 1.75 -12.96 57.30
N ASP IA 367 1.46 -11.66 57.15
CA ASP IA 367 0.09 -11.18 57.22
C ASP IA 367 -0.51 -11.15 55.82
N LEU IA 368 -1.65 -11.84 55.67
CA LEU IA 368 -2.22 -12.10 54.35
C LEU IA 368 -2.76 -10.85 53.67
N SER IA 369 -3.38 -9.94 54.42
CA SER IA 369 -3.95 -8.73 53.81
C SER IA 369 -2.86 -7.87 53.19
N LYS IA 370 -1.74 -7.70 53.89
CA LYS IA 370 -0.63 -6.94 53.36
C LYS IA 370 -0.09 -7.57 52.08
N GLU IA 371 0.00 -8.91 52.07
CA GLU IA 371 0.48 -9.61 50.88
C GLU IA 371 -0.47 -9.39 49.71
N LEU IA 372 -1.77 -9.44 49.95
CA LEU IA 372 -2.74 -9.22 48.88
C LEU IA 372 -2.64 -7.81 48.31
N VAL IA 373 -2.54 -6.81 49.19
CA VAL IA 373 -2.46 -5.43 48.71
C VAL IA 373 -1.16 -5.22 47.93
N ASN IA 374 -0.05 -5.76 48.43
CA ASN IA 374 1.21 -5.65 47.71
C ASN IA 374 1.15 -6.35 46.36
N MET IA 375 0.44 -7.48 46.30
CA MET IA 375 0.26 -8.17 45.03
C MET IA 375 -0.50 -7.31 44.04
N ILE IA 376 -1.55 -6.63 44.51
CA ILE IA 376 -2.32 -5.74 43.62
C ILE IA 376 -1.44 -4.62 43.10
N VAL IA 377 -0.69 -4.00 44.01
CA VAL IA 377 0.23 -2.90 43.61
C VAL IA 377 1.24 -3.45 42.60
N ALA IA 378 1.87 -4.59 42.91
CA ALA IA 378 2.93 -5.12 42.03
C ALA IA 378 2.36 -5.40 40.64
N GLN IA 379 1.19 -6.04 40.56
CA GLN IA 379 0.65 -6.40 39.23
C GLN IA 379 0.45 -5.12 38.43
N ARG IA 380 -0.14 -4.10 39.05
CA ARG IA 380 -0.40 -2.82 38.35
C ARG IA 380 0.93 -2.24 37.86
N ASN IA 381 1.94 -2.19 38.73
CA ASN IA 381 3.28 -1.71 38.30
C ASN IA 381 3.70 -2.50 37.06
N TYR IA 382 3.60 -3.84 37.13
CA TYR IA 382 4.01 -4.66 36.00
C TYR IA 382 3.23 -4.27 34.74
N GLN IA 383 1.94 -4.00 34.87
CA GLN IA 383 1.16 -3.58 33.72
C GLN IA 383 1.63 -2.23 33.19
N SER IA 384 2.00 -1.31 34.08
CA SER IA 384 2.52 -0.03 33.64
C SER IA 384 3.82 -0.19 32.87
N ASN IA 385 4.72 -1.05 33.35
CA ASN IA 385 5.96 -1.29 32.63
C ASN IA 385 5.70 -1.98 31.29
N ALA IA 386 4.71 -2.86 31.24
CA ALA IA 386 4.32 -3.48 29.97
C ALA IA 386 3.81 -2.42 28.99
N GLN IA 387 3.04 -1.45 29.49
CA GLN IA 387 2.60 -0.35 28.63
C GLN IA 387 3.78 0.47 28.13
N THR IA 388 4.79 0.67 28.97
CA THR IA 388 6.00 1.37 28.53
C THR IA 388 6.68 0.62 27.39
N ILE IA 389 6.80 -0.71 27.52
CA ILE IA 389 7.40 -1.52 26.46
C ILE IA 389 6.57 -1.42 25.19
N LYS IA 390 5.25 -1.44 25.34
CA LYS IA 390 4.36 -1.31 24.18
C LYS IA 390 4.58 0.02 23.47
N THR IA 391 4.70 1.10 24.24
CA THR IA 391 4.93 2.41 23.66
C THR IA 391 6.24 2.46 22.88
N GLN IA 392 7.31 1.92 23.46
CA GLN IA 392 8.60 1.95 22.77
C GLN IA 392 8.59 1.04 21.55
N ASP IA 393 7.84 -0.07 21.62
CA ASP IA 393 7.68 -0.93 20.45
C ASP IA 393 6.98 -0.20 19.32
N GLN IA 394 5.92 0.55 19.64
CA GLN IA 394 5.25 1.35 18.62
C GLN IA 394 6.19 2.41 18.05
N ILE IA 395 7.03 3.01 18.90
CA ILE IA 395 8.00 3.99 18.43
C ILE IA 395 8.95 3.36 17.41
N LEU IA 396 9.50 2.19 17.74
CA LEU IA 396 10.43 1.54 16.83
C LEU IA 396 9.74 1.12 15.54
N ASN IA 397 8.49 0.65 15.63
CA ASN IA 397 7.74 0.33 14.41
C ASN IA 397 7.55 1.55 13.53
N THR IA 398 7.21 2.69 14.14
CA THR IA 398 7.03 3.93 13.38
C THR IA 398 8.32 4.32 12.67
N LEU IA 399 9.45 4.23 13.38
CA LEU IA 399 10.72 4.61 12.77
C LEU IA 399 11.15 3.65 11.68
N VAL IA 400 10.89 2.36 11.85
CA VAL IA 400 11.25 1.38 10.84
C VAL IA 400 10.40 1.57 9.59
N ASN IA 401 9.11 1.83 9.76
CA ASN IA 401 8.20 1.87 8.62
C ASN IA 401 8.34 3.15 7.82
N LEU IA 402 9.30 4.01 8.16
CA LEU IA 402 9.54 5.22 7.40
C LEU IA 402 9.89 4.92 5.94
N SER JA 2 -6.07 20.92 23.64
CA SER JA 2 -6.16 19.56 23.11
C SER JA 2 -5.93 18.52 24.21
N PHE JA 3 -4.67 18.11 24.37
CA PHE JA 3 -4.34 17.12 25.41
C PHE JA 3 -4.35 17.75 26.79
N SER JA 4 -4.03 19.05 26.87
CA SER JA 4 -3.86 19.70 28.16
C SER JA 4 -5.15 19.72 28.95
N GLN JA 5 -6.28 19.93 28.27
CA GLN JA 5 -7.57 20.02 28.96
C GLN JA 5 -7.92 18.70 29.63
N ALA JA 6 -7.83 17.60 28.88
CA ALA JA 6 -8.11 16.29 29.45
C ALA JA 6 -7.10 15.92 30.52
N VAL JA 7 -5.84 16.31 30.34
CA VAL JA 7 -4.82 16.04 31.34
C VAL JA 7 -5.17 16.74 32.66
N SER JA 8 -5.55 18.02 32.58
CA SER JA 8 -5.91 18.76 33.78
C SER JA 8 -7.15 18.18 34.45
N GLY JA 9 -8.14 17.79 33.65
CA GLY JA 9 -9.31 17.16 34.22
C GLY JA 9 -8.99 15.85 34.91
N LEU JA 10 -8.11 15.06 34.31
CA LEU JA 10 -7.68 13.80 34.91
C LEU JA 10 -6.95 14.04 36.22
N ASN JA 11 -6.07 15.05 36.25
CA ASN JA 11 -5.35 15.36 37.48
C ASN JA 11 -6.31 15.82 38.57
N ALA JA 12 -7.29 16.66 38.22
CA ALA JA 12 -8.26 17.11 39.21
C ALA JA 12 -9.08 15.95 39.75
N ALA JA 13 -9.51 15.03 38.88
CA ALA JA 13 -10.27 13.88 39.35
C ALA JA 13 -9.42 12.99 40.24
N ALA JA 14 -8.14 12.80 39.90
CA ALA JA 14 -7.25 12.02 40.73
C ALA JA 14 -7.07 12.66 42.11
N THR JA 15 -6.92 13.98 42.15
CA THR JA 15 -6.80 14.67 43.42
C THR JA 15 -8.07 14.52 44.26
N ASN JA 16 -9.23 14.62 43.61
CA ASN JA 16 -10.50 14.44 44.32
C ASN JA 16 -10.61 13.04 44.89
N LEU JA 17 -10.23 12.02 44.11
CA LEU JA 17 -10.26 10.66 44.61
C LEU JA 17 -9.27 10.45 45.75
N ASP JA 18 -8.12 11.10 45.68
CA ASP JA 18 -7.16 11.03 46.79
C ASP JA 18 -7.75 11.64 48.05
N VAL JA 19 -8.44 12.78 47.93
CA VAL JA 19 -9.07 13.41 49.09
C VAL JA 19 -10.14 12.49 49.67
N ILE JA 20 -10.94 11.88 48.80
CA ILE JA 20 -11.99 10.96 49.26
C ILE JA 20 -11.38 9.76 49.98
N GLY JA 21 -10.30 9.20 49.42
CA GLY JA 21 -9.64 8.10 50.08
C GLY JA 21 -9.05 8.47 51.43
N ASN JA 22 -8.51 9.70 51.52
CA ASN JA 22 -8.03 10.20 52.81
C ASN JA 22 -9.17 10.27 53.81
N ASN JA 23 -10.32 10.81 53.39
CA ASN JA 23 -11.46 10.91 54.29
C ASN JA 23 -11.91 9.52 54.75
N ILE JA 24 -11.95 8.56 53.83
CA ILE JA 24 -12.37 7.21 54.18
C ILE JA 24 -11.39 6.57 55.15
N ALA JA 25 -10.09 6.74 54.91
CA ALA JA 25 -9.08 6.11 55.76
C ALA JA 25 -9.14 6.64 57.19
N ASN JA 26 -9.53 7.89 57.37
CA ASN JA 26 -9.62 8.50 58.69
C ASN JA 26 -11.05 8.54 59.22
N SER JA 27 -11.86 7.52 58.93
CA SER JA 27 -13.21 7.43 59.46
C SER JA 27 -13.17 7.34 60.97
N ALA JA 28 -12.20 6.60 61.50
CA ALA JA 28 -11.99 6.45 62.94
C ALA JA 28 -10.62 7.06 63.26
N THR JA 29 -10.61 8.38 63.49
CA THR JA 29 -9.40 9.12 63.85
C THR JA 29 -9.87 10.34 64.67
N TYR JA 30 -9.66 10.26 65.98
CA TYR JA 30 -10.17 11.28 66.91
C TYR JA 30 -9.59 12.65 66.60
N GLY JA 31 -10.45 13.66 66.53
CA GLY JA 31 -10.02 15.02 66.26
C GLY JA 31 -9.71 15.32 64.81
N PHE JA 32 -10.17 14.50 63.87
CA PHE JA 32 -9.90 14.70 62.46
C PHE JA 32 -11.03 15.48 61.81
N LYS JA 33 -10.67 16.45 60.98
CA LYS JA 33 -11.63 17.20 60.16
C LYS JA 33 -11.41 16.88 58.70
N SER JA 34 -12.48 16.50 58.02
CA SER JA 34 -12.38 16.05 56.63
C SER JA 34 -12.02 17.22 55.71
N GLY JA 35 -11.61 16.88 54.50
CA GLY JA 35 -11.24 17.86 53.49
C GLY JA 35 -12.05 17.67 52.21
N THR JA 36 -12.13 18.74 51.43
CA THR JA 36 -12.84 18.72 50.15
C THR JA 36 -12.11 19.62 49.17
N ALA JA 37 -11.89 19.11 47.95
CA ALA JA 37 -11.16 19.86 46.94
C ALA JA 37 -12.08 20.84 46.23
N SER JA 38 -11.61 22.06 46.02
CA SER JA 38 -12.33 23.08 45.28
C SER JA 38 -11.61 23.38 43.97
N PHE JA 39 -12.34 23.29 42.86
CA PHE JA 39 -11.77 23.39 41.53
C PHE JA 39 -12.12 24.72 40.88
N ALA JA 40 -11.28 25.15 39.95
CA ALA JA 40 -11.49 26.35 39.17
C ALA JA 40 -11.02 26.11 37.74
N ASP JA 41 -11.67 26.79 36.79
CA ASP JA 41 -11.33 26.66 35.39
C ASP JA 41 -10.13 27.53 35.04
N MET JA 42 -9.61 27.34 33.82
CA MET JA 42 -8.38 28.01 33.41
C MET JA 42 -8.53 28.76 32.09
N PHE JA 43 -9.60 29.55 31.96
CA PHE JA 43 -9.74 30.39 30.77
C PHE JA 43 -8.60 31.41 30.72
N ALA JA 44 -8.05 31.62 29.51
CA ALA JA 44 -7.00 32.60 29.29
C ALA JA 44 -7.06 33.06 27.82
N GLY JA 45 -7.64 34.24 27.61
CA GLY JA 45 -7.69 34.82 26.29
C GLY JA 45 -8.80 34.28 25.42
N SER JA 46 -8.61 33.07 24.91
CA SER JA 46 -9.63 32.45 24.06
C SER JA 46 -10.75 31.86 24.92
N LYS JA 47 -11.92 31.68 24.31
CA LYS JA 47 -13.07 31.15 25.00
C LYS JA 47 -13.11 29.63 25.04
N VAL JA 48 -12.01 28.96 24.67
CA VAL JA 48 -12.02 27.51 24.54
C VAL JA 48 -12.00 26.79 25.88
N GLY JA 49 -11.70 27.49 26.97
CA GLY JA 49 -11.67 26.81 28.26
C GLY JA 49 -10.51 25.86 28.42
N LEU JA 50 -9.30 26.39 28.54
CA LEU JA 50 -8.07 25.61 28.51
C LEU JA 50 -8.07 24.41 29.46
N GLY JA 51 -8.57 24.57 30.67
CA GLY JA 51 -8.64 23.44 31.56
C GLY JA 51 -9.19 23.77 32.92
N VAL JA 52 -8.90 22.90 33.88
CA VAL JA 52 -9.32 23.06 35.27
C VAL JA 52 -8.09 23.02 36.16
N LYS JA 53 -8.20 23.66 37.31
CA LYS JA 53 -7.13 23.69 38.29
C LYS JA 53 -7.71 23.47 39.68
N VAL JA 54 -6.89 22.95 40.58
CA VAL JA 54 -7.29 22.75 41.97
C VAL JA 54 -6.93 24.01 42.75
N ALA JA 55 -7.93 24.84 43.03
CA ALA JA 55 -7.70 26.08 43.77
C ALA JA 55 -7.25 25.80 45.20
N GLY JA 56 -7.62 24.66 45.77
CA GLY JA 56 -7.19 24.31 47.09
C GLY JA 56 -8.02 23.18 47.65
N ILE JA 57 -7.66 22.78 48.87
CA ILE JA 57 -8.43 21.81 49.64
C ILE JA 57 -8.89 22.51 50.91
N THR JA 58 -10.21 22.59 51.10
CA THR JA 58 -10.79 23.26 52.25
C THR JA 58 -11.20 22.23 53.30
N GLN JA 59 -10.92 22.55 54.56
CA GLN JA 59 -11.27 21.67 55.67
C GLN JA 59 -12.69 21.98 56.15
N ASP JA 60 -13.33 20.95 56.72
CA ASP JA 60 -14.67 21.06 57.26
C ASP JA 60 -14.56 21.09 58.78
N PHE JA 61 -14.58 22.29 59.35
CA PHE JA 61 -14.38 22.48 60.79
C PHE JA 61 -15.69 22.47 61.55
N THR JA 62 -16.45 21.38 61.42
CA THR JA 62 -17.64 21.18 62.23
C THR JA 62 -17.34 20.17 63.33
N ASP JA 63 -17.92 20.41 64.51
CA ASP JA 63 -17.65 19.55 65.65
C ASP JA 63 -18.19 18.15 65.42
N GLY JA 64 -17.37 17.15 65.76
CA GLY JA 64 -17.80 15.77 65.65
C GLY JA 64 -18.55 15.30 66.88
N THR JA 65 -19.05 14.07 66.80
CA THR JA 65 -19.77 13.48 67.91
C THR JA 65 -18.83 13.22 69.07
N THR JA 66 -19.29 13.54 70.29
CA THR JA 66 -18.49 13.37 71.49
C THR JA 66 -18.67 11.97 72.04
N THR JA 67 -17.55 11.29 72.29
CA THR JA 67 -17.56 9.90 72.76
C THR JA 67 -16.94 9.85 74.15
N ASN JA 68 -17.65 9.22 75.09
CA ASN JA 68 -17.17 9.11 76.45
C ASN JA 68 -16.36 7.83 76.63
N THR JA 69 -15.15 7.96 77.18
CA THR JA 69 -14.31 6.82 77.46
C THR JA 69 -14.00 6.64 78.95
N GLY JA 70 -14.13 7.70 79.75
CA GLY JA 70 -14.03 7.57 81.20
C GLY JA 70 -12.66 7.82 81.80
N ARG JA 71 -11.66 8.19 81.01
CA ARG JA 71 -10.34 8.51 81.54
C ARG JA 71 -10.27 10.02 81.77
N GLY JA 72 -9.69 10.43 82.90
CA GLY JA 72 -9.67 11.83 83.27
C GLY JA 72 -8.81 12.71 82.39
N LEU JA 73 -8.01 12.12 81.50
CA LEU JA 73 -7.16 12.88 80.60
C LEU JA 73 -7.81 13.13 79.24
N ASP JA 74 -9.03 12.64 79.02
CA ASP JA 74 -9.74 12.87 77.77
C ASP JA 74 -10.57 14.14 77.87
N VAL JA 75 -10.22 15.15 77.07
CA VAL JA 75 -10.93 16.41 77.04
C VAL JA 75 -11.32 16.72 75.60
N ALA JA 76 -12.59 17.06 75.39
CA ALA JA 76 -13.13 17.36 74.07
C ALA JA 76 -13.55 18.82 74.00
N ILE JA 77 -13.37 19.40 72.83
CA ILE JA 77 -13.67 20.82 72.60
C ILE JA 77 -15.05 20.95 71.97
N SER JA 78 -15.97 21.60 72.67
CA SER JA 78 -17.26 21.91 72.10
C SER JA 78 -17.21 23.26 71.40
N GLN JA 79 -17.96 23.37 70.30
CA GLN JA 79 -18.03 24.60 69.50
C GLN JA 79 -16.63 24.90 68.97
N ASN JA 80 -16.26 26.17 68.92
CA ASN JA 80 -14.95 26.57 68.41
C ASN JA 80 -13.87 26.39 69.47
N GLY JA 81 -12.63 26.40 69.03
CA GLY JA 81 -11.47 26.33 69.91
C GLY JA 81 -10.45 25.32 69.42
N PHE JA 82 -9.20 25.55 69.79
CA PHE JA 82 -8.10 24.66 69.45
C PHE JA 82 -7.18 24.48 70.66
N PHE JA 83 -6.81 23.23 70.92
CA PHE JA 83 -5.77 22.94 71.90
C PHE JA 83 -4.42 23.42 71.37
N ARG JA 84 -3.64 24.05 72.25
CA ARG JA 84 -2.36 24.63 71.87
C ARG JA 84 -1.23 23.73 72.39
N LEU JA 85 -0.35 23.32 71.48
CA LEU JA 85 0.75 22.42 71.79
C LEU JA 85 2.06 23.04 71.34
N VAL JA 86 3.16 22.58 71.94
CA VAL JA 86 4.50 23.03 71.58
C VAL JA 86 5.42 21.81 71.51
N ASP JA 87 6.20 21.73 70.43
CA ASP JA 87 7.11 20.63 70.22
C ASP JA 87 8.37 20.82 71.06
N SER JA 88 9.35 19.94 70.84
CA SER JA 88 10.63 20.06 71.56
C SER JA 88 11.43 21.28 71.11
N ASN JA 89 11.12 21.84 69.95
CA ASN JA 89 11.86 22.97 69.41
C ASN JA 89 11.21 24.31 69.73
N GLY JA 90 10.12 24.32 70.50
CA GLY JA 90 9.44 25.55 70.85
C GLY JA 90 8.45 26.06 69.83
N SER JA 91 8.28 25.37 68.72
CA SER JA 91 7.30 25.79 67.72
C SER JA 91 5.89 25.58 68.23
N VAL JA 92 4.97 26.46 67.83
CA VAL JA 92 3.58 26.42 68.26
C VAL JA 92 2.79 25.58 67.27
N PHE JA 93 1.77 24.88 67.78
CA PHE JA 93 0.91 24.04 66.97
C PHE JA 93 -0.47 23.99 67.62
N TYR JA 94 -1.46 23.56 66.83
CA TYR JA 94 -2.85 23.54 67.27
C TYR JA 94 -3.50 22.24 66.86
N SER JA 95 -4.30 21.67 67.77
CA SER JA 95 -4.90 20.36 67.54
C SER JA 95 -6.20 20.22 68.33
N ARG JA 96 -7.12 19.44 67.77
CA ARG JA 96 -8.39 19.16 68.43
C ARG JA 96 -8.41 17.82 69.15
N ASN JA 97 -7.31 17.07 69.14
CA ASN JA 97 -7.28 15.74 69.75
C ASN JA 97 -7.20 15.89 71.27
N GLY JA 98 -7.99 15.08 71.97
CA GLY JA 98 -8.02 15.11 73.43
C GLY JA 98 -7.25 13.98 74.09
N GLN JA 99 -6.44 13.27 73.31
CA GLN JA 99 -5.65 12.17 73.84
C GLN JA 99 -4.39 12.74 74.47
N PHE JA 100 -4.33 12.74 75.80
CA PHE JA 100 -3.18 13.27 76.52
C PHE JA 100 -2.71 12.27 77.56
N LYS JA 101 -1.43 12.37 77.91
CA LYS JA 101 -0.81 11.50 78.90
C LYS JA 101 0.31 12.26 79.58
N LEU JA 102 0.64 11.83 80.80
CA LEU JA 102 1.75 12.40 81.55
C LEU JA 102 3.01 11.59 81.28
N ASP JA 103 3.99 12.23 80.64
CA ASP JA 103 5.23 11.55 80.28
C ASP JA 103 6.13 11.37 81.50
N GLU JA 104 7.37 10.93 81.24
CA GLU JA 104 8.31 10.71 82.32
C GLU JA 104 8.61 11.99 83.10
N ASN JA 105 8.71 13.12 82.41
CA ASN JA 105 8.98 14.39 83.05
C ASN JA 105 7.73 15.05 83.62
N ARG JA 106 6.65 14.30 83.80
CA ARG JA 106 5.40 14.76 84.40
C ARG JA 106 4.72 15.86 83.59
N ASN JA 107 5.06 15.98 82.30
CA ASN JA 107 4.44 16.96 81.43
C ASN JA 107 3.19 16.36 80.77
N LEU JA 108 2.23 17.24 80.48
CA LEU JA 108 1.03 16.83 79.76
C LEU JA 108 1.33 16.79 78.27
N VAL JA 109 1.40 15.59 77.71
CA VAL JA 109 1.75 15.41 76.31
C VAL JA 109 0.74 14.48 75.65
N ASN JA 110 0.66 14.58 74.33
CA ASN JA 110 -0.20 13.70 73.54
C ASN JA 110 0.61 12.46 73.11
N MET JA 111 0.04 11.68 72.18
CA MET JA 111 0.70 10.45 71.76
C MET JA 111 1.99 10.72 70.98
N GLN JA 112 2.09 11.90 70.37
CA GLN JA 112 3.29 12.24 69.60
C GLN JA 112 4.37 12.90 70.45
N GLY JA 113 4.14 13.07 71.74
CA GLY JA 113 5.09 13.75 72.59
C GLY JA 113 4.95 15.26 72.61
N MET JA 114 4.00 15.82 71.88
CA MET JA 114 3.80 17.25 71.87
C MET JA 114 3.36 17.73 73.25
N GLN JA 115 4.01 18.79 73.74
CA GLN JA 115 3.75 19.29 75.09
C GLN JA 115 2.55 20.22 75.07
N LEU JA 116 1.57 19.93 75.93
CA LEU JA 116 0.42 20.82 76.08
C LEU JA 116 0.83 22.08 76.82
N THR JA 117 0.31 23.22 76.39
CA THR JA 117 0.67 24.51 76.95
C THR JA 117 -0.53 25.19 77.58
N GLY JA 118 -0.27 26.09 78.52
CA GLY JA 118 -1.33 26.81 79.17
C GLY JA 118 -0.78 27.83 80.14
N TYR JA 119 -1.71 28.50 80.82
CA TYR JA 119 -1.35 29.50 81.81
C TYR JA 119 -0.81 28.81 83.07
N PRO JA 120 0.36 29.20 83.57
CA PRO JA 120 0.89 28.59 84.79
C PRO JA 120 0.35 29.28 86.04
N ALA JA 121 0.69 28.71 87.19
CA ALA JA 121 0.28 29.25 88.48
C ALA JA 121 1.47 29.89 89.19
N THR JA 122 1.26 31.10 89.71
CA THR JA 122 2.29 31.83 90.43
C THR JA 122 1.71 32.39 91.71
N GLY JA 123 2.59 32.68 92.66
CA GLY JA 123 2.20 33.27 93.93
C GLY JA 123 2.26 32.29 95.09
N THR JA 124 1.94 32.81 96.27
CA THR JA 124 1.94 32.03 97.50
C THR JA 124 0.71 32.36 98.32
N PRO JA 125 -0.33 31.51 98.30
CA PRO JA 125 -0.44 30.24 97.56
C PRO JA 125 -0.59 30.49 96.06
N PRO JA 126 -0.12 29.56 95.23
CA PRO JA 126 -0.16 29.79 93.78
C PRO JA 126 -1.59 29.92 93.28
N THR JA 127 -1.79 30.89 92.38
CA THR JA 127 -3.06 31.12 91.73
C THR JA 127 -2.84 31.23 90.23
N ILE JA 128 -3.90 30.97 89.46
CA ILE JA 128 -3.78 30.98 88.01
C ILE JA 128 -3.54 32.41 87.53
N GLN JA 129 -2.55 32.56 86.65
CA GLN JA 129 -2.19 33.87 86.09
C GLN JA 129 -2.59 33.88 84.62
N GLN JA 130 -3.74 34.48 84.34
CA GLN JA 130 -4.28 34.48 82.99
C GLN JA 130 -3.56 35.45 82.07
N GLY JA 131 -2.83 36.43 82.62
CA GLY JA 131 -2.14 37.41 81.81
C GLY JA 131 -0.73 37.03 81.39
N ALA JA 132 -0.19 35.93 81.90
CA ALA JA 132 1.17 35.54 81.60
C ALA JA 132 1.25 34.80 80.27
N ASN JA 133 2.47 34.69 79.76
CA ASN JA 133 2.71 33.92 78.55
C ASN JA 133 2.44 32.45 78.81
N PRO JA 134 2.00 31.68 77.81
CA PRO JA 134 1.68 30.27 78.05
C PRO JA 134 2.95 29.44 78.22
N ALA JA 135 2.89 28.50 79.15
CA ALA JA 135 4.00 27.63 79.49
C ALA JA 135 3.54 26.18 79.50
N PRO JA 136 4.45 25.23 79.31
CA PRO JA 136 4.06 23.81 79.34
C PRO JA 136 3.41 23.44 80.66
N ILE JA 137 2.37 22.60 80.57
CA ILE JA 137 1.63 22.20 81.77
C ILE JA 137 2.38 21.08 82.48
N THR JA 138 2.63 21.27 83.77
CA THR JA 138 3.36 20.31 84.58
C THR JA 138 2.49 19.82 85.73
N ILE JA 139 2.74 18.60 86.17
CA ILE JA 139 2.05 18.03 87.33
C ILE JA 139 3.12 17.57 88.31
N PRO JA 140 3.67 18.45 89.14
CA PRO JA 140 4.69 18.03 90.10
C PRO JA 140 4.10 17.15 91.19
N ASN JA 141 4.79 16.05 91.49
CA ASN JA 141 4.42 15.15 92.57
C ASN JA 141 5.13 15.50 93.88
N THR JA 142 5.86 16.61 93.90
CA THR JA 142 6.58 17.03 95.10
C THR JA 142 5.61 17.35 96.23
N LEU JA 143 6.06 17.09 97.46
CA LEU JA 143 5.26 17.36 98.64
C LEU JA 143 4.94 18.85 98.74
N MET JA 144 3.68 19.14 99.07
CA MET JA 144 3.21 20.51 99.23
C MET JA 144 3.45 20.94 100.68
N ALA JA 145 4.07 22.10 100.84
CA ALA JA 145 4.50 22.58 102.15
C ALA JA 145 3.26 22.91 103.00
N ALA JA 146 3.47 23.16 104.29
CA ALA JA 146 2.40 23.49 105.21
C ALA JA 146 2.26 25.00 105.36
N LYS JA 147 1.03 25.45 105.56
CA LYS JA 147 0.71 26.85 105.73
C LYS JA 147 0.33 27.11 107.18
N SER JA 148 1.15 27.89 107.88
CA SER JA 148 0.83 28.27 109.25
C SER JA 148 -0.46 29.08 109.27
N THR JA 149 -1.32 28.78 110.23
CA THR JA 149 -2.63 29.44 110.31
C THR JA 149 -2.45 30.93 110.53
N THR JA 150 -3.13 31.73 109.70
CA THR JA 150 -3.08 33.19 109.80
C THR JA 150 -4.44 33.84 109.97
N THR JA 151 -5.52 33.19 109.57
CA THR JA 151 -6.86 33.74 109.71
C THR JA 151 -7.80 32.62 110.14
N ALA JA 152 -8.60 32.88 111.18
CA ALA JA 152 -9.58 31.91 111.66
C ALA JA 152 -10.90 32.62 111.85
N SER JA 153 -11.99 31.89 111.59
CA SER JA 153 -13.33 32.44 111.69
C SER JA 153 -14.20 31.52 112.53
N MET JA 154 -15.01 32.14 113.40
CA MET JA 154 -15.90 31.41 114.29
C MET JA 154 -17.27 32.05 114.22
N GLN JA 155 -18.26 31.30 113.75
CA GLN JA 155 -19.66 31.72 113.75
C GLN JA 155 -20.43 30.85 114.71
N ILE JA 156 -20.98 31.46 115.76
CA ILE JA 156 -21.57 30.74 116.88
C ILE JA 156 -22.97 31.30 117.15
N ASN JA 157 -23.83 30.46 117.72
CA ASN JA 157 -25.14 30.89 118.21
C ASN JA 157 -25.05 31.13 119.71
N LEU JA 158 -25.38 32.34 120.13
CA LEU JA 158 -25.26 32.75 121.52
C LEU JA 158 -26.64 32.81 122.16
N ASN JA 159 -26.79 32.13 123.30
CA ASN JA 159 -28.06 32.08 124.01
C ASN JA 159 -28.04 33.12 125.13
N SER JA 160 -29.02 34.02 125.12
CA SER JA 160 -29.06 35.09 126.12
C SER JA 160 -29.47 34.57 127.49
N THR JA 161 -30.13 33.40 127.54
CA THR JA 161 -30.60 32.84 128.79
C THR JA 161 -29.58 31.93 129.46
N ASP JA 162 -28.35 31.88 128.96
CA ASP JA 162 -27.34 31.02 129.57
C ASP JA 162 -27.02 31.51 130.98
N PRO JA 163 -27.09 30.64 131.99
CA PRO JA 163 -26.84 31.09 133.36
C PRO JA 163 -25.37 31.34 133.61
N VAL JA 164 -25.10 32.22 134.57
CA VAL JA 164 -23.74 32.55 135.00
C VAL JA 164 -23.17 31.38 135.78
N PRO JA 165 -21.95 30.93 135.49
CA PRO JA 165 -21.36 29.83 136.25
C PRO JA 165 -21.24 30.17 137.73
N SER JA 166 -21.49 29.16 138.57
CA SER JA 166 -21.44 29.37 140.02
C SER JA 166 -20.02 29.16 140.56
N LYS JA 167 -19.30 28.19 140.00
CA LYS JA 167 -17.97 27.84 140.52
C LYS JA 167 -16.90 28.77 139.97
N THR JA 168 -16.93 30.04 140.37
CA THR JA 168 -15.89 30.98 139.98
C THR JA 168 -14.57 30.62 140.66
N PRO JA 169 -13.43 30.88 140.00
CA PRO JA 169 -13.27 31.47 138.66
C PRO JA 169 -13.35 30.43 137.55
N PHE JA 170 -13.25 30.87 136.30
CA PHE JA 170 -13.28 29.94 135.17
C PHE JA 170 -12.08 29.01 135.22
N SER JA 171 -12.34 27.72 135.02
CA SER JA 171 -11.30 26.69 135.05
C SER JA 171 -11.52 25.73 133.89
N VAL JA 172 -10.42 25.30 133.26
CA VAL JA 172 -10.52 24.34 132.16
C VAL JA 172 -11.04 23.01 132.66
N SER JA 173 -10.52 22.54 133.80
CA SER JA 173 -10.93 21.24 134.35
C SER JA 173 -12.38 21.28 134.80
N ASP JA 174 -12.82 22.42 135.35
CA ASP JA 174 -14.18 22.56 135.87
C ASP JA 174 -15.11 22.87 134.70
N ALA JA 175 -15.95 21.91 134.34
CA ALA JA 175 -16.89 22.11 133.24
C ALA JA 175 -17.98 23.10 133.63
N ASP JA 176 -18.31 23.17 134.91
CA ASP JA 176 -19.38 24.06 135.38
C ASP JA 176 -18.90 25.50 135.49
N SER JA 177 -17.60 25.72 135.30
CA SER JA 177 -17.02 27.05 135.43
C SER JA 177 -17.09 27.87 134.16
N TYR JA 178 -17.60 27.31 133.06
CA TYR JA 178 -17.72 28.02 131.80
C TYR JA 178 -19.03 27.65 131.13
N ASN JA 179 -19.48 28.52 130.23
CA ASN JA 179 -20.76 28.31 129.56
C ASN JA 179 -20.63 27.50 128.26
N LYS JA 180 -19.64 27.79 127.43
CA LYS JA 180 -19.51 27.12 126.15
C LYS JA 180 -18.06 26.74 125.90
N LYS JA 181 -17.85 25.54 125.36
CA LYS JA 181 -16.53 25.03 125.03
C LYS JA 181 -16.48 24.62 123.56
N GLY JA 182 -15.40 24.98 122.88
CA GLY JA 182 -15.21 24.60 121.50
C GLY JA 182 -13.73 24.37 121.20
N THR JA 183 -13.48 23.74 120.05
CA THR JA 183 -12.13 23.40 119.64
C THR JA 183 -11.93 23.81 118.18
N VAL JA 184 -10.82 24.49 117.91
CA VAL JA 184 -10.45 24.87 116.55
C VAL JA 184 -9.01 24.42 116.30
N THR JA 185 -8.80 23.73 115.18
CA THR JA 185 -7.48 23.16 114.90
C THR JA 185 -6.67 24.14 114.05
N VAL JA 186 -5.48 24.46 114.52
CA VAL JA 186 -4.55 25.32 113.78
C VAL JA 186 -3.26 24.54 113.53
N TYR JA 187 -2.44 25.05 112.62
CA TYR JA 187 -1.20 24.41 112.24
C TYR JA 187 -0.07 25.42 112.21
N ASP JA 188 1.13 24.98 112.62
CA ASP JA 188 2.29 25.84 112.66
C ASP JA 188 3.07 25.74 111.35
N SER JA 189 4.29 26.27 111.33
CA SER JA 189 5.11 26.23 110.12
C SER JA 189 5.48 24.80 109.72
N GLN JA 190 5.65 23.91 110.69
CA GLN JA 190 5.93 22.50 110.40
C GLN JA 190 4.66 21.68 110.18
N GLY JA 191 3.49 22.27 110.36
CA GLY JA 191 2.25 21.55 110.16
C GLY JA 191 1.72 20.81 111.37
N ASN JA 192 2.33 21.02 112.54
CA ASN JA 192 1.86 20.37 113.75
C ASN JA 192 0.48 20.89 114.14
N ALA JA 193 -0.38 19.99 114.58
CA ALA JA 193 -1.76 20.32 114.89
C ALA JA 193 -1.88 20.78 116.34
N HIS JA 194 -2.49 21.96 116.54
CA HIS JA 194 -2.76 22.51 117.86
C HIS JA 194 -4.26 22.69 117.98
N ASP JA 195 -4.86 22.06 119.00
CA ASP JA 195 -6.31 22.15 119.22
C ASP JA 195 -6.58 23.31 120.17
N MET JA 196 -6.69 24.51 119.60
CA MET JA 196 -7.02 25.71 120.37
C MET JA 196 -8.38 25.50 121.03
N ASN JA 197 -8.40 25.45 122.35
CA ASN JA 197 -9.64 25.37 123.10
C ASN JA 197 -10.16 26.77 123.38
N VAL JA 198 -11.41 27.02 123.02
CA VAL JA 198 -12.04 28.33 123.14
C VAL JA 198 -13.21 28.21 124.10
N TYR JA 199 -13.25 29.08 125.10
CA TYR JA 199 -14.29 29.09 126.12
C TYR JA 199 -15.05 30.40 126.10
N PHE JA 200 -16.37 30.31 126.06
CA PHE JA 200 -17.26 31.46 126.09
C PHE JA 200 -17.98 31.49 127.43
N VAL JA 201 -17.84 32.59 128.16
CA VAL JA 201 -18.47 32.77 129.47
C VAL JA 201 -19.23 34.09 129.45
N LYS JA 202 -20.54 34.04 129.68
CA LYS JA 202 -21.33 35.26 129.76
C LYS JA 202 -21.10 35.94 131.10
N THR JA 203 -20.75 37.23 131.06
CA THR JA 203 -20.53 38.00 132.28
C THR JA 203 -21.67 38.94 132.61
N LYS JA 204 -22.32 39.51 131.59
CA LYS JA 204 -23.44 40.41 131.77
C LYS JA 204 -24.25 40.37 130.47
N ASP JA 205 -25.35 41.12 130.43
CA ASP JA 205 -26.15 41.20 129.22
C ASP JA 205 -25.32 41.75 128.07
N ASN JA 206 -25.25 40.98 126.98
CA ASN JA 206 -24.46 41.31 125.79
C ASN JA 206 -22.98 41.45 126.08
N GLU JA 207 -22.47 40.76 127.10
CA GLU JA 207 -21.05 40.80 127.47
C GLU JA 207 -20.55 39.37 127.62
N TRP JA 208 -19.63 38.96 126.75
CA TRP JA 208 -19.13 37.59 126.73
C TRP JA 208 -17.61 37.60 126.74
N ALA JA 209 -17.02 37.04 127.80
CA ALA JA 209 -15.58 36.84 127.82
C ALA JA 209 -15.22 35.57 127.07
N VAL JA 210 -14.13 35.64 126.29
CA VAL JA 210 -13.66 34.52 125.49
C VAL JA 210 -12.22 34.23 125.88
N TYR JA 211 -11.96 32.98 126.23
CA TYR JA 211 -10.65 32.50 126.64
C TYR JA 211 -10.12 31.50 125.61
N THR JA 212 -8.80 31.48 125.45
CA THR JA 212 -8.13 30.54 124.55
C THR JA 212 -7.05 29.79 125.30
N HIS JA 213 -6.85 28.52 124.93
CA HIS JA 213 -5.85 27.68 125.57
C HIS JA 213 -5.26 26.71 124.55
N ASP JA 214 -4.00 26.34 124.77
CA ASP JA 214 -3.32 25.39 123.89
C ASP JA 214 -3.20 24.05 124.62
N SER JA 215 -3.93 23.04 124.15
CA SER JA 215 -3.89 21.72 124.75
C SER JA 215 -2.72 20.88 124.26
N SER JA 216 -2.08 21.26 123.15
CA SER JA 216 -0.98 20.50 122.60
C SER JA 216 0.38 20.86 123.21
N ASP JA 217 0.54 22.10 123.68
CA ASP JA 217 1.80 22.54 124.23
C ASP JA 217 1.81 22.34 125.74
N PRO JA 218 2.73 21.52 126.27
CA PRO JA 218 2.81 21.35 127.73
C PRO JA 218 3.23 22.61 128.47
N ALA JA 219 3.83 23.58 127.79
CA ALA JA 219 4.25 24.83 128.41
C ALA JA 219 3.24 25.95 128.21
N ALA JA 220 2.04 25.63 127.72
CA ALA JA 220 1.02 26.65 127.51
C ALA JA 220 0.55 27.21 128.85
N THR JA 221 0.33 28.52 128.89
CA THR JA 221 -0.10 29.19 130.10
C THR JA 221 -1.57 28.90 130.39
N ALA JA 222 -1.89 28.72 131.66
CA ALA JA 222 -3.27 28.50 132.07
C ALA JA 222 -4.09 29.76 131.82
N PRO JA 223 -5.34 29.64 131.36
CA PRO JA 223 -6.13 30.83 131.06
C PRO JA 223 -6.52 31.58 132.32
N THR JA 224 -5.96 32.79 132.48
CA THR JA 224 -6.32 33.67 133.58
C THR JA 224 -6.91 34.99 133.11
N THR JA 225 -6.68 35.37 131.85
CA THR JA 225 -7.24 36.58 131.27
C THR JA 225 -8.03 36.19 130.02
N ALA JA 226 -9.21 36.79 129.87
CA ALA JA 226 -10.05 36.51 128.70
C ALA JA 226 -9.33 36.93 127.43
N SER JA 227 -9.37 36.06 126.42
CA SER JA 227 -8.71 36.38 125.15
C SER JA 227 -9.37 37.59 124.49
N THR JA 228 -10.69 37.70 124.56
CA THR JA 228 -11.36 38.87 124.03
C THR JA 228 -12.67 39.08 124.78
N THR JA 229 -13.30 40.23 124.52
CA THR JA 229 -14.54 40.62 125.16
C THR JA 229 -15.55 40.99 124.09
N LEU JA 230 -16.48 40.08 123.81
CA LEU JA 230 -17.53 40.33 122.84
C LEU JA 230 -18.63 41.17 123.47
N LYS JA 231 -18.90 42.33 122.86
CA LYS JA 231 -19.97 43.22 123.26
C LYS JA 231 -20.87 43.47 122.04
N PHE JA 232 -22.16 43.23 122.19
CA PHE JA 232 -23.13 43.36 121.12
C PHE JA 232 -24.21 44.36 121.51
N ASN JA 233 -24.86 44.94 120.50
CA ASN JA 233 -26.00 45.81 120.75
C ASN JA 233 -27.24 44.97 121.05
N GLU JA 234 -28.38 45.65 121.19
CA GLU JA 234 -29.62 44.96 121.51
C GLU JA 234 -30.10 44.06 120.37
N ASN JA 235 -29.74 44.37 119.13
CA ASN JA 235 -30.18 43.59 117.97
C ASN JA 235 -29.19 42.51 117.56
N GLY JA 236 -28.10 42.33 118.32
CA GLY JA 236 -27.15 41.28 118.03
C GLY JA 236 -26.10 41.62 116.99
N ILE JA 237 -26.02 42.87 116.55
CA ILE JA 237 -25.01 43.29 115.58
C ILE JA 237 -23.68 43.48 116.30
N LEU JA 238 -22.61 43.03 115.67
CA LEU JA 238 -21.28 43.12 116.27
C LEU JA 238 -20.92 44.58 116.55
N GLU JA 239 -20.71 44.91 117.82
CA GLU JA 239 -20.37 46.26 118.25
C GLU JA 239 -18.89 46.46 118.49
N SER JA 240 -18.23 45.51 119.15
CA SER JA 240 -16.81 45.61 119.44
C SER JA 240 -16.24 44.22 119.68
N GLY JA 241 -14.92 44.13 119.62
CA GLY JA 241 -14.21 42.89 119.89
C GLY JA 241 -14.26 41.86 118.80
N GLY JA 242 -14.34 42.27 117.54
CA GLY JA 242 -14.47 41.33 116.43
C GLY JA 242 -13.20 40.60 116.05
N THR JA 243 -12.02 41.15 116.36
CA THR JA 243 -10.76 40.53 115.97
C THR JA 243 -9.87 40.36 117.19
N VAL JA 244 -9.20 39.21 117.27
CA VAL JA 244 -8.27 38.95 118.37
C VAL JA 244 -7.05 38.22 117.83
N ASN JA 245 -5.86 38.60 118.29
CA ASN JA 245 -4.65 37.92 117.88
C ASN JA 245 -4.35 36.77 118.84
N ILE JA 246 -4.19 35.56 118.28
CA ILE JA 246 -3.93 34.37 119.07
C ILE JA 246 -2.63 33.74 118.58
N THR JA 247 -1.71 33.49 119.50
CA THR JA 247 -0.42 32.89 119.21
C THR JA 247 -0.33 31.55 119.93
N THR JA 248 0.07 30.52 119.19
CA THR JA 248 0.16 29.17 119.75
C THR JA 248 1.50 28.96 120.43
N GLY JA 249 1.68 27.75 120.97
CA GLY JA 249 2.94 27.40 121.59
C GLY JA 249 3.99 27.01 120.57
N THR JA 250 5.21 26.84 121.07
CA THR JA 250 6.36 26.47 120.24
C THR JA 250 6.69 25.00 120.52
N ILE JA 251 6.43 24.15 119.53
CA ILE JA 251 6.65 22.71 119.66
C ILE JA 251 7.61 22.26 118.56
N ASN JA 252 8.65 21.52 118.95
CA ASN JA 252 9.65 20.99 118.02
C ASN JA 252 10.37 22.11 117.27
N GLY JA 253 10.50 23.28 117.90
CA GLY JA 253 11.25 24.38 117.33
C GLY JA 253 10.54 25.14 116.24
N ALA JA 254 9.30 24.80 115.92
CA ALA JA 254 8.56 25.52 114.90
C ALA JA 254 8.15 26.90 115.40
N THR JA 255 8.10 27.86 114.47
CA THR JA 255 7.66 29.20 114.80
C THR JA 255 6.22 29.17 115.31
N ALA JA 256 5.96 29.85 116.42
CA ALA JA 256 4.62 29.89 116.97
C ALA JA 256 3.66 30.52 115.97
N ALA JA 257 2.52 29.84 115.77
CA ALA JA 257 1.55 30.28 114.78
C ALA JA 257 0.66 31.37 115.36
N THR JA 258 0.80 32.59 114.83
CA THR JA 258 -0.05 33.71 115.20
C THR JA 258 -1.10 33.89 114.13
N PHE JA 259 -2.34 34.11 114.55
CA PHE JA 259 -3.45 34.26 113.62
C PHE JA 259 -4.50 35.19 114.18
N SER JA 260 -5.25 35.81 113.28
CA SER JA 260 -6.36 36.69 113.66
C SER JA 260 -7.64 35.86 113.68
N LEU JA 261 -8.26 35.76 114.86
CA LEU JA 261 -9.54 35.09 115.03
C LEU JA 261 -10.64 36.14 114.95
N SER JA 262 -11.66 35.86 114.14
CA SER JA 262 -12.76 36.79 113.90
C SER JA 262 -14.08 36.10 114.19
N PHE JA 263 -14.95 36.80 114.91
CA PHE JA 263 -16.30 36.37 115.21
C PHE JA 263 -17.32 37.03 114.29
N LEU JA 264 -16.97 37.22 113.02
CA LEU JA 264 -17.82 37.96 112.09
C LEU JA 264 -19.18 37.28 111.92
N ASN JA 265 -20.22 38.10 111.81
CA ASN JA 265 -21.61 37.67 111.63
C ASN JA 265 -22.14 36.87 112.80
N SER JA 266 -21.54 37.00 113.98
CA SER JA 266 -22.10 36.39 115.17
C SER JA 266 -23.27 37.20 115.70
N MET JA 267 -24.31 36.51 116.18
CA MET JA 267 -25.47 37.16 116.76
C MET JA 267 -25.86 36.43 118.04
N GLN JA 268 -26.51 37.18 118.94
CA GLN JA 268 -26.94 36.68 120.24
C GLN JA 268 -28.47 36.74 120.29
N GLN JA 269 -29.09 35.59 120.54
CA GLN JA 269 -30.55 35.53 120.56
C GLN JA 269 -31.02 34.42 121.50
N ASN JA 270 -32.30 34.04 121.41
CA ASN JA 270 -32.86 32.97 122.23
C ASN JA 270 -32.73 31.61 121.55
N THR JA 271 -31.50 31.20 121.25
CA THR JA 271 -31.27 29.92 120.59
C THR JA 271 -31.67 28.77 121.50
N GLY JA 272 -32.02 27.63 120.89
CA GLY JA 272 -32.50 26.48 121.62
C GLY JA 272 -31.51 25.90 122.61
N ALA JA 273 -30.23 25.85 122.23
CA ALA JA 273 -29.21 25.27 123.09
C ALA JA 273 -27.81 25.69 122.66
N ASN JA 274 -26.78 25.14 123.31
CA ASN JA 274 -25.41 25.49 122.98
C ASN JA 274 -24.98 24.77 121.71
N ASN JA 275 -24.87 25.52 120.61
CA ASN JA 275 -24.50 24.96 119.32
C ASN JA 275 -23.62 25.95 118.57
N ILE JA 276 -22.56 25.44 117.96
CA ILE JA 276 -21.66 26.24 117.14
C ILE JA 276 -21.99 25.97 115.67
N VAL JA 277 -22.15 27.05 114.90
CA VAL JA 277 -22.54 26.91 113.50
C VAL JA 277 -21.36 26.59 112.61
N ALA JA 278 -20.27 27.36 112.70
CA ALA JA 278 -19.17 27.18 111.77
C ALA JA 278 -17.85 27.52 112.44
N THR JA 279 -16.83 26.72 112.15
CA THR JA 279 -15.46 27.00 112.53
C THR JA 279 -14.57 26.77 111.32
N ASN JA 280 -13.69 27.72 111.05
CA ASN JA 280 -12.85 27.61 109.86
C ASN JA 280 -11.48 28.24 110.12
N GLN JA 281 -10.49 27.74 109.40
CA GLN JA 281 -9.13 28.26 109.50
C GLN JA 281 -8.46 28.09 108.14
N ASN JA 282 -7.42 28.92 107.92
CA ASN JA 282 -6.72 28.93 106.64
C ASN JA 282 -5.46 28.09 106.64
N GLY JA 283 -5.16 27.40 107.74
CA GLY JA 283 -3.98 26.55 107.80
C GLY JA 283 -4.27 25.11 107.43
N TYR JA 284 -3.20 24.38 107.11
CA TYR JA 284 -3.32 22.98 106.76
C TYR JA 284 -1.99 22.29 107.03
N LYS JA 285 -2.00 20.96 107.05
CA LYS JA 285 -0.85 20.12 107.27
C LYS JA 285 -0.23 19.68 105.94
N PRO JA 286 1.03 19.25 105.93
CA PRO JA 286 1.63 18.77 104.68
C PRO JA 286 0.88 17.58 104.09
N GLY JA 287 0.80 17.52 102.77
CA GLY JA 287 0.15 16.43 102.10
C GLY JA 287 0.77 16.14 100.76
N ASP JA 288 0.66 14.88 100.33
CA ASP JA 288 1.22 14.42 99.08
C ASP JA 288 0.13 14.34 98.02
N LEU JA 289 0.53 14.57 96.77
CA LEU JA 289 -0.39 14.51 95.64
C LEU JA 289 -0.99 13.11 95.54
N VAL JA 290 -2.32 13.04 95.51
CA VAL JA 290 -3.03 11.77 95.47
C VAL JA 290 -3.82 11.61 94.17
N SER JA 291 -4.20 12.73 93.54
CA SER JA 291 -4.94 12.65 92.28
C SER JA 291 -4.86 13.98 91.56
N TYR JA 292 -5.27 13.96 90.29
CA TYR JA 292 -5.35 15.16 89.47
C TYR JA 292 -6.60 15.08 88.61
N GLN JA 293 -7.14 16.24 88.25
CA GLN JA 293 -8.33 16.30 87.43
C GLN JA 293 -8.36 17.61 86.65
N ILE JA 294 -9.23 17.66 85.64
CA ILE JA 294 -9.40 18.83 84.80
C ILE JA 294 -10.86 19.26 84.89
N ASN JA 295 -11.08 20.53 85.22
CA ASN JA 295 -12.42 21.07 85.28
C ASN JA 295 -12.90 21.47 83.88
N ASN JA 296 -14.19 21.85 83.80
CA ASN JA 296 -14.78 22.22 82.53
C ASN JA 296 -14.27 23.54 81.99
N ASP JA 297 -13.60 24.35 82.82
CA ASP JA 297 -13.04 25.62 82.38
C ASP JA 297 -11.58 25.52 81.97
N GLY JA 298 -11.03 24.32 81.93
CA GLY JA 298 -9.64 24.12 81.55
C GLY JA 298 -8.65 24.15 82.70
N THR JA 299 -9.11 24.42 83.92
CA THR JA 299 -8.20 24.45 85.06
C THR JA 299 -7.83 23.03 85.48
N VAL JA 300 -6.53 22.81 85.67
CA VAL JA 300 -6.02 21.53 86.16
C VAL JA 300 -5.85 21.66 87.68
N VAL JA 301 -6.53 20.79 88.43
CA VAL JA 301 -6.53 20.84 89.87
C VAL JA 301 -5.97 19.52 90.41
N GLY JA 302 -4.96 19.60 91.26
CA GLY JA 302 -4.42 18.44 91.93
C GLY JA 302 -4.96 18.34 93.34
N ASN JA 303 -5.48 17.16 93.67
CA ASN JA 303 -5.98 16.86 95.00
C ASN JA 303 -4.89 16.11 95.76
N TYR JA 304 -4.58 16.58 96.97
CA TYR JA 304 -3.48 16.06 97.77
C TYR JA 304 -4.02 15.18 98.88
N SER JA 305 -3.12 14.67 99.72
CA SER JA 305 -3.48 13.75 100.80
C SER JA 305 -3.89 14.46 102.08
N ASN JA 306 -3.68 15.78 102.19
CA ASN JA 306 -4.00 16.50 103.41
C ASN JA 306 -5.34 17.19 103.32
N GLU JA 307 -6.24 16.67 102.48
CA GLU JA 307 -7.56 17.26 102.25
C GLU JA 307 -7.38 18.71 101.77
N GLN JA 308 -6.86 18.84 100.55
CA GLN JA 308 -6.56 20.14 99.98
C GLN JA 308 -6.42 20.00 98.47
N GLU JA 309 -6.99 20.94 97.73
CA GLU JA 309 -6.84 21.01 96.29
C GLU JA 309 -6.06 22.25 95.90
N GLN JA 310 -5.28 22.12 94.84
CA GLN JA 310 -4.43 23.22 94.37
C GLN JA 310 -4.44 23.28 92.85
N VAL JA 311 -4.60 24.49 92.31
CA VAL JA 311 -4.59 24.66 90.87
C VAL JA 311 -3.14 24.69 90.37
N LEU JA 312 -2.84 23.83 89.40
CA LEU JA 312 -1.49 23.72 88.86
C LEU JA 312 -1.33 24.39 87.51
N GLY JA 313 -2.43 24.70 86.82
CA GLY JA 313 -2.35 25.34 85.53
C GLY JA 313 -3.72 25.36 84.87
N GLN JA 314 -3.81 26.14 83.80
CA GLN JA 314 -5.04 26.29 83.05
C GLN JA 314 -4.77 26.02 81.57
N ILE JA 315 -5.62 25.19 80.96
CA ILE JA 315 -5.48 24.90 79.54
C ILE JA 315 -5.97 26.08 78.73
N VAL JA 316 -5.16 26.53 77.78
CA VAL JA 316 -5.50 27.67 76.93
C VAL JA 316 -6.15 27.16 75.65
N LEU JA 317 -7.03 27.97 75.07
CA LEU JA 317 -7.62 27.69 73.78
C LEU JA 317 -7.29 28.81 72.79
N ALA JA 318 -6.91 28.40 71.59
CA ALA JA 318 -6.55 29.34 70.54
C ALA JA 318 -7.62 29.34 69.46
N ASN JA 319 -8.10 30.53 69.11
CA ASN JA 319 -9.05 30.70 68.02
C ASN JA 319 -8.38 31.54 66.94
N PHE JA 320 -8.78 31.29 65.69
CA PHE JA 320 -8.17 31.93 64.54
C PHE JA 320 -9.22 32.72 63.77
N ALA JA 321 -8.76 33.82 63.16
CA ALA JA 321 -9.62 34.59 62.28
C ALA JA 321 -10.01 33.78 61.04
N ASN JA 322 -9.12 32.91 60.58
CA ASN JA 322 -9.34 32.08 59.39
C ASN JA 322 -8.99 30.65 59.76
N ASN JA 323 -10.01 29.86 60.14
CA ASN JA 323 -9.79 28.45 60.43
C ASN JA 323 -9.34 27.69 59.18
N GLU JA 324 -9.94 28.00 58.03
CA GLU JA 324 -9.63 27.28 56.80
C GLU JA 324 -8.20 27.49 56.34
N GLY JA 325 -7.54 28.57 56.76
CA GLY JA 325 -6.18 28.84 56.34
C GLY JA 325 -5.11 28.06 57.05
N LEU JA 326 -5.47 27.28 58.07
CA LEU JA 326 -4.49 26.49 58.80
C LEU JA 326 -3.87 25.44 57.90
N ALA JA 327 -2.55 25.29 57.99
CA ALA JA 327 -1.82 24.31 57.20
C ALA JA 327 -1.60 23.06 58.05
N SER JA 328 -2.16 21.93 57.61
CA SER JA 328 -2.02 20.69 58.35
C SER JA 328 -0.62 20.13 58.21
N GLN JA 329 -0.03 19.75 59.33
CA GLN JA 329 1.33 19.20 59.36
C GLN JA 329 1.36 17.69 59.60
N GLY JA 330 0.20 17.04 59.61
CA GLY JA 330 0.15 15.64 59.96
C GLY JA 330 0.10 15.43 61.46
N ASP JA 331 -0.10 14.17 61.85
CA ASP JA 331 -0.22 13.79 63.26
C ASP JA 331 -1.32 14.60 63.94
N ASN JA 332 -2.48 14.71 63.26
CA ASN JA 332 -3.59 15.62 63.60
C ASN JA 332 -3.12 16.85 64.36
N VAL JA 333 -2.24 17.62 63.74
CA VAL JA 333 -1.67 18.84 64.31
C VAL JA 333 -1.67 19.93 63.26
N TRP JA 334 -2.12 21.13 63.64
CA TRP JA 334 -2.20 22.27 62.74
C TRP JA 334 -1.09 23.26 63.06
N ALA JA 335 -0.73 24.08 62.08
CA ALA JA 335 0.30 25.09 62.24
C ALA JA 335 -0.22 26.46 61.84
N ALA JA 336 0.28 27.50 62.51
CA ALA JA 336 -0.10 28.86 62.16
C ALA JA 336 0.45 29.23 60.79
N THR JA 337 -0.32 30.03 60.05
CA THR JA 337 0.00 30.40 58.68
C THR JA 337 -0.37 31.86 58.47
N GLN JA 338 0.34 32.52 57.55
CA GLN JA 338 0.04 33.91 57.22
C GLN JA 338 -1.42 34.09 56.81
N ALA JA 339 -1.97 33.14 56.05
CA ALA JA 339 -3.38 33.22 55.67
C ALA JA 339 -4.31 33.00 56.85
N SER JA 340 -3.88 32.22 57.85
CA SER JA 340 -4.70 31.95 59.02
C SER JA 340 -4.62 33.07 60.05
N GLY JA 341 -3.65 33.98 59.93
CA GLY JA 341 -3.52 35.06 60.86
C GLY JA 341 -2.86 34.63 62.16
N VAL JA 342 -2.76 35.59 63.08
CA VAL JA 342 -2.16 35.31 64.38
C VAL JA 342 -3.19 34.68 65.30
N ALA JA 343 -2.71 33.91 66.27
CA ALA JA 343 -3.59 33.18 67.18
C ALA JA 343 -4.18 34.12 68.23
N LEU JA 344 -5.45 33.91 68.56
CA LEU JA 344 -6.09 34.64 69.66
C LEU JA 344 -6.30 33.67 70.81
N LEU JA 345 -5.63 33.93 71.93
CA LEU JA 345 -5.64 33.02 73.06
C LEU JA 345 -6.72 33.38 74.06
N GLY JA 346 -7.23 32.38 74.76
CA GLY JA 346 -8.25 32.63 75.76
C GLY JA 346 -8.57 31.37 76.56
N THR JA 347 -9.67 31.45 77.30
CA THR JA 347 -10.10 30.41 78.20
C THR JA 347 -11.40 29.80 77.71
N ALA JA 348 -11.57 28.50 77.94
CA ALA JA 348 -12.78 27.80 77.51
C ALA JA 348 -14.01 28.33 78.23
N GLY JA 349 -15.11 28.42 77.50
CA GLY JA 349 -16.37 28.88 78.07
C GLY JA 349 -16.50 30.38 78.19
N SER JA 350 -15.52 31.15 77.69
CA SER JA 350 -15.55 32.60 77.76
C SER JA 350 -15.19 33.17 76.40
N GLY JA 351 -15.80 34.30 76.07
CA GLY JA 351 -15.53 34.92 74.78
C GLY JA 351 -16.07 34.07 73.65
N ASN JA 352 -15.21 33.77 72.68
CA ASN JA 352 -15.57 32.97 71.51
C ASN JA 352 -15.06 31.53 71.63
N PHE JA 353 -15.03 30.98 72.84
CA PHE JA 353 -14.56 29.62 73.07
C PHE JA 353 -15.67 28.81 73.74
N GLY JA 354 -15.88 27.59 73.26
CA GLY JA 354 -16.84 26.70 73.87
C GLY JA 354 -16.29 26.05 75.12
N LYS JA 355 -17.17 25.32 75.80
CA LYS JA 355 -16.79 24.64 77.03
C LYS JA 355 -16.18 23.28 76.72
N LEU JA 356 -15.26 22.86 77.59
CA LEU JA 356 -14.58 21.58 77.42
C LEU JA 356 -15.31 20.49 78.17
N THR JA 357 -15.42 19.31 77.53
CA THR JA 357 -16.03 18.14 78.13
C THR JA 357 -14.92 17.22 78.64
N ASN JA 358 -14.90 16.96 79.93
CA ASN JA 358 -13.89 16.11 80.52
C ASN JA 358 -14.31 14.65 80.48
N GLY JA 359 -13.33 13.77 80.33
CA GLY JA 359 -13.61 12.35 80.23
C GLY JA 359 -14.20 11.90 78.91
N ALA JA 360 -14.08 12.73 77.87
CA ALA JA 360 -14.65 12.42 76.57
C ALA JA 360 -13.78 13.04 75.49
N LEU JA 361 -13.91 12.53 74.26
CA LEU JA 361 -13.13 12.99 73.13
C LEU JA 361 -14.02 13.33 71.96
N GLU JA 362 -13.52 14.21 71.09
CA GLU JA 362 -14.23 14.60 69.88
C GLU JA 362 -13.87 13.65 68.75
N ALA JA 363 -14.82 12.83 68.33
CA ALA JA 363 -14.59 11.89 67.24
C ALA JA 363 -14.51 12.63 65.91
N SER JA 364 -14.13 11.91 64.86
CA SER JA 364 -14.01 12.50 63.54
C SER JA 364 -15.40 12.78 62.97
N ASN JA 365 -15.45 13.63 61.94
CA ASN JA 365 -16.70 14.02 61.32
C ASN JA 365 -16.83 13.46 59.90
N VAL JA 366 -16.28 12.27 59.66
CA VAL JA 366 -16.35 11.64 58.34
C VAL JA 366 -17.58 10.75 58.28
N ASP JA 367 -18.43 11.01 57.30
CA ASP JA 367 -19.60 10.17 57.06
C ASP JA 367 -19.33 9.23 55.89
N LEU JA 368 -19.37 7.93 56.16
CA LEU JA 368 -18.92 6.90 55.23
C LEU JA 368 -19.73 6.85 53.94
N SER JA 369 -21.06 6.93 54.04
CA SER JA 369 -21.90 6.82 52.85
C SER JA 369 -21.64 7.97 51.89
N LYS JA 370 -21.51 9.18 52.43
CA LYS JA 370 -21.19 10.34 51.61
C LYS JA 370 -19.88 10.12 50.86
N GLU JA 371 -18.87 9.59 51.56
CA GLU JA 371 -17.58 9.36 50.95
C GLU JA 371 -17.66 8.30 49.86
N LEU JA 372 -18.44 7.24 50.09
CA LEU JA 372 -18.59 6.20 49.07
C LEU JA 372 -19.25 6.74 47.81
N VAL JA 373 -20.32 7.53 47.97
CA VAL JA 373 -20.99 8.09 46.81
C VAL JA 373 -20.08 9.07 46.08
N ASN JA 374 -19.31 9.87 46.83
CA ASN JA 374 -18.36 10.77 46.20
C ASN JA 374 -17.28 10.00 45.45
N MET JA 375 -16.85 8.86 46.00
CA MET JA 375 -15.87 8.02 45.30
C MET JA 375 -16.46 7.54 43.97
N ILE JA 376 -17.72 7.12 43.97
CA ILE JA 376 -18.34 6.65 42.74
C ILE JA 376 -18.40 7.77 41.71
N VAL JA 377 -18.81 8.97 42.14
CA VAL JA 377 -18.92 10.10 41.21
C VAL JA 377 -17.55 10.47 40.66
N ALA JA 378 -16.53 10.50 41.52
CA ALA JA 378 -15.18 10.83 41.08
C ALA JA 378 -14.63 9.78 40.12
N GLN JA 379 -14.92 8.52 40.42
CA GLN JA 379 -14.42 7.42 39.57
C GLN JA 379 -14.95 7.66 38.16
N ARG JA 380 -16.26 7.89 38.05
CA ARG JA 380 -16.87 8.08 36.71
C ARG JA 380 -16.22 9.30 36.05
N ASN JA 381 -16.16 10.42 36.78
CA ASN JA 381 -15.58 11.66 36.19
C ASN JA 381 -14.24 11.29 35.57
N TYR JA 382 -13.39 10.65 36.35
CA TYR JA 382 -12.06 10.28 35.88
C TYR JA 382 -12.14 9.39 34.65
N GLN JA 383 -13.08 8.45 34.63
CA GLN JA 383 -13.23 7.60 33.45
C GLN JA 383 -13.67 8.40 32.23
N SER JA 384 -14.54 9.39 32.42
CA SER JA 384 -14.93 10.25 31.31
C SER JA 384 -13.74 11.07 30.79
N ASN JA 385 -12.90 11.56 31.71
CA ASN JA 385 -11.71 12.29 31.28
C ASN JA 385 -10.75 11.39 30.53
N ALA JA 386 -10.61 10.13 30.98
CA ALA JA 386 -9.79 9.17 30.25
C ALA JA 386 -10.37 8.88 28.87
N GLN JA 387 -11.70 8.87 28.76
CA GLN JA 387 -12.32 8.72 27.45
C GLN JA 387 -11.99 9.89 26.54
N THR JA 388 -11.97 11.11 27.09
CA THR JA 388 -11.55 12.26 26.30
C THR JA 388 -10.10 12.12 25.85
N ILE JA 389 -9.23 11.63 26.75
CA ILE JA 389 -7.83 11.41 26.40
C ILE JA 389 -7.74 10.41 25.24
N LYS JA 390 -8.53 9.34 25.32
CA LYS JA 390 -8.53 8.33 24.26
C LYS JA 390 -9.03 8.90 22.95
N THR JA 391 -10.02 9.81 23.02
CA THR JA 391 -10.53 10.45 21.81
C THR JA 391 -9.43 11.28 21.14
N GLN JA 392 -8.69 12.06 21.93
CA GLN JA 392 -7.60 12.84 21.36
C GLN JA 392 -6.50 11.93 20.80
N ASP JA 393 -6.24 10.81 21.49
CA ASP JA 393 -5.28 9.85 20.98
C ASP JA 393 -5.69 9.30 19.63
N GLN JA 394 -6.97 8.93 19.47
CA GLN JA 394 -7.45 8.44 18.19
C GLN JA 394 -7.36 9.53 17.12
N ILE JA 395 -7.66 10.78 17.49
CA ILE JA 395 -7.54 11.88 16.54
C ILE JA 395 -6.12 11.96 16.01
N LEU JA 396 -5.14 11.96 16.91
CA LEU JA 396 -3.75 12.04 16.47
C LEU JA 396 -3.35 10.79 15.69
N ASN JA 397 -3.92 9.64 16.02
CA ASN JA 397 -3.64 8.44 15.24
C ASN JA 397 -4.09 8.60 13.79
N THR JA 398 -5.32 9.06 13.57
CA THR JA 398 -5.79 9.27 12.20
C THR JA 398 -4.95 10.33 11.49
N LEU JA 399 -4.56 11.39 12.19
CA LEU JA 399 -3.82 12.46 11.54
C LEU JA 399 -2.41 12.01 11.14
N VAL JA 400 -1.74 11.24 12.00
CA VAL JA 400 -0.41 10.74 11.67
C VAL JA 400 -0.49 9.68 10.57
N ASN JA 401 -1.53 8.84 10.61
CA ASN JA 401 -1.62 7.74 9.65
C ASN JA 401 -2.02 8.23 8.26
N LEU JA 402 -2.04 9.54 8.05
CA LEU JA 402 -2.34 10.10 6.73
C LEU JA 402 -1.22 9.80 5.75
N SER KA 2 -28.91 7.75 11.40
CA SER KA 2 -27.80 8.61 11.78
C SER KA 2 -27.61 8.63 13.29
N PHE KA 3 -26.72 9.50 13.76
CA PHE KA 3 -26.46 9.59 15.20
C PHE KA 3 -27.61 10.26 15.93
N SER KA 4 -28.40 11.08 15.22
CA SER KA 4 -29.40 11.91 15.87
C SER KA 4 -30.46 11.08 16.58
N GLN KA 5 -30.92 10.00 15.94
CA GLN KA 5 -31.97 9.19 16.53
C GLN KA 5 -31.50 8.53 17.82
N ALA KA 6 -30.29 7.95 17.80
CA ALA KA 6 -29.76 7.31 19.00
C ALA KA 6 -29.50 8.34 20.10
N VAL KA 7 -29.01 9.53 19.73
CA VAL KA 7 -28.77 10.57 20.72
C VAL KA 7 -30.09 10.99 21.38
N SER KA 8 -31.14 11.18 20.58
CA SER KA 8 -32.43 11.57 21.14
C SER KA 8 -32.99 10.48 22.05
N GLY KA 9 -32.86 9.21 21.62
CA GLY KA 9 -33.32 8.11 22.47
C GLY KA 9 -32.57 8.05 23.79
N LEU KA 10 -31.25 8.23 23.73
CA LEU KA 10 -30.44 8.22 24.95
C LEU KA 10 -30.82 9.36 25.87
N ASN KA 11 -31.06 10.55 25.31
CA ASN KA 11 -31.46 11.69 26.13
C ASN KA 11 -32.82 11.45 26.79
N ALA KA 12 -33.76 10.88 26.03
CA ALA KA 12 -35.07 10.58 26.60
C ALA KA 12 -34.96 9.55 27.73
N ALA KA 13 -34.14 8.51 27.53
CA ALA KA 13 -33.96 7.50 28.57
C ALA KA 13 -33.29 8.12 29.81
N ALA KA 14 -32.32 9.00 29.60
CA ALA KA 14 -31.67 9.67 30.73
C ALA KA 14 -32.67 10.54 31.49
N THR KA 15 -33.53 11.25 30.78
CA THR KA 15 -34.55 12.08 31.44
C THR KA 15 -35.52 11.20 32.24
N ASN KA 16 -35.92 10.07 31.67
CA ASN KA 16 -36.81 9.16 32.39
C ASN KA 16 -36.14 8.63 33.66
N LEU KA 17 -34.87 8.24 33.55
CA LEU KA 17 -34.14 7.75 34.71
C LEU KA 17 -34.02 8.84 35.77
N ASP KA 18 -33.77 10.08 35.35
CA ASP KA 18 -33.70 11.18 36.30
C ASP KA 18 -35.04 11.40 37.00
N VAL KA 19 -36.15 11.30 36.25
CA VAL KA 19 -37.46 11.48 36.86
C VAL KA 19 -37.72 10.39 37.90
N ILE KA 20 -37.37 9.15 37.56
CA ILE KA 20 -37.56 8.05 38.52
C ILE KA 20 -36.69 8.25 39.75
N GLY KA 21 -35.44 8.68 39.56
CA GLY KA 21 -34.57 8.93 40.70
C GLY KA 21 -35.09 10.03 41.59
N ASN KA 22 -35.61 11.11 40.98
CA ASN KA 22 -36.20 12.19 41.76
C ASN KA 22 -37.43 11.72 42.53
N ASN KA 23 -38.25 10.88 41.91
CA ASN KA 23 -39.42 10.34 42.59
C ASN KA 23 -39.02 9.48 43.78
N ILE KA 24 -37.99 8.66 43.61
CA ILE KA 24 -37.54 7.79 44.70
C ILE KA 24 -36.92 8.62 45.82
N ALA KA 25 -36.14 9.64 45.47
CA ALA KA 25 -35.53 10.49 46.49
C ALA KA 25 -36.58 11.16 47.37
N ASN KA 26 -37.81 11.29 46.87
CA ASN KA 26 -38.92 11.84 47.64
C ASN KA 26 -39.87 10.78 48.15
N SER KA 27 -39.36 9.62 48.55
CA SER KA 27 -40.20 8.53 49.05
C SER KA 27 -40.96 8.95 50.30
N ALA KA 28 -40.29 9.69 51.18
CA ALA KA 28 -40.88 10.21 52.41
C ALA KA 28 -40.77 11.74 52.35
N THR KA 29 -41.77 12.38 51.72
CA THR KA 29 -41.81 13.83 51.56
C THR KA 29 -43.28 14.24 51.52
N TYR KA 30 -43.74 14.85 52.61
CA TYR KA 30 -45.13 15.25 52.75
C TYR KA 30 -45.53 16.26 51.67
N GLY KA 31 -46.67 16.05 51.04
CA GLY KA 31 -47.16 16.95 50.02
C GLY KA 31 -46.49 16.83 48.67
N PHE KA 32 -45.69 15.79 48.45
CA PHE KA 32 -45.02 15.59 47.17
C PHE KA 32 -45.90 14.77 46.24
N LYS KA 33 -45.93 15.15 44.97
CA LYS KA 33 -46.58 14.37 43.93
C LYS KA 33 -45.54 13.91 42.92
N SER KA 34 -45.58 12.62 42.60
CA SER KA 34 -44.59 12.05 41.69
C SER KA 34 -44.73 12.63 40.29
N GLY KA 35 -43.74 12.38 39.45
CA GLY KA 35 -43.72 12.87 38.09
C GLY KA 35 -43.54 11.74 37.08
N THR KA 36 -44.02 11.96 35.87
CA THR KA 36 -43.88 10.99 34.78
C THR KA 36 -43.58 11.74 33.49
N ALA KA 37 -42.54 11.32 32.78
CA ALA KA 37 -42.15 11.98 31.54
C ALA KA 37 -42.98 11.45 30.38
N SER KA 38 -43.47 12.36 29.55
CA SER KA 38 -44.24 11.99 28.36
C SER KA 38 -43.37 12.24 27.12
N PHE KA 39 -43.29 11.22 26.26
CA PHE KA 39 -42.43 11.24 25.10
C PHE KA 39 -43.25 11.32 23.82
N ALA KA 40 -42.65 11.91 22.78
CA ALA KA 40 -43.26 12.01 21.47
C ALA KA 40 -42.17 11.95 20.41
N ASP KA 41 -42.47 11.24 19.31
CA ASP KA 41 -41.51 11.10 18.23
C ASP KA 41 -41.45 12.38 17.41
N MET KA 42 -40.46 12.45 16.52
CA MET KA 42 -40.14 13.69 15.83
C MET KA 42 -40.13 13.53 14.31
N PHE KA 43 -41.15 12.90 13.74
CA PHE KA 43 -41.26 12.85 12.29
C PHE KA 43 -41.35 14.26 11.71
N ALA KA 44 -40.55 14.52 10.67
CA ALA KA 44 -40.54 15.82 10.00
C ALA KA 44 -40.42 15.58 8.50
N GLY KA 45 -41.56 15.50 7.82
CA GLY KA 45 -41.58 15.33 6.38
C GLY KA 45 -41.23 13.92 5.93
N SER KA 46 -39.99 13.52 6.16
CA SER KA 46 -39.55 12.19 5.75
C SER KA 46 -40.17 11.12 6.63
N LYS KA 47 -40.24 9.90 6.11
CA LYS KA 47 -40.78 8.77 6.85
C LYS KA 47 -39.74 8.07 7.71
N VAL KA 48 -38.55 8.66 7.87
CA VAL KA 48 -37.46 7.97 8.54
C VAL KA 48 -37.62 7.96 10.05
N GLY KA 49 -38.44 8.82 10.63
CA GLY KA 49 -38.60 8.83 12.07
C GLY KA 49 -37.37 9.36 12.78
N LEU KA 50 -37.12 10.67 12.68
CA LEU KA 50 -35.88 11.29 13.14
C LEU KA 50 -35.50 10.91 14.57
N GLY KA 51 -36.46 10.84 15.48
CA GLY KA 51 -36.15 10.42 16.82
C GLY KA 51 -37.31 10.62 17.77
N VAL KA 52 -36.97 10.92 19.02
CA VAL KA 52 -37.94 11.12 20.07
C VAL KA 52 -37.63 12.44 20.79
N LYS KA 53 -38.65 12.99 21.44
CA LYS KA 53 -38.50 14.19 22.24
C LYS KA 53 -39.34 14.08 23.49
N VAL KA 54 -38.89 14.72 24.55
CA VAL KA 54 -39.63 14.74 25.81
C VAL KA 54 -40.58 15.93 25.79
N ALA KA 55 -41.86 15.66 25.51
CA ALA KA 55 -42.84 16.73 25.43
C ALA KA 55 -43.02 17.45 26.76
N GLY KA 56 -42.84 16.75 27.87
CA GLY KA 56 -42.96 17.38 29.17
C GLY KA 56 -42.95 16.35 30.27
N ILE KA 57 -43.10 16.85 31.49
CA ILE KA 57 -43.19 16.02 32.69
C ILE KA 57 -44.49 16.36 33.38
N THR KA 58 -45.34 15.35 33.57
CA THR KA 58 -46.65 15.52 34.16
C THR KA 58 -46.65 15.04 35.60
N GLN KA 59 -47.19 15.86 36.50
CA GLN KA 59 -47.33 15.50 37.89
C GLN KA 59 -48.46 14.48 38.06
N ASP KA 60 -48.45 13.80 39.19
CA ASP KA 60 -49.46 12.80 39.54
C ASP KA 60 -50.23 13.33 40.74
N PHE KA 61 -51.37 13.96 40.48
CA PHE KA 61 -52.16 14.62 41.52
C PHE KA 61 -53.15 13.67 42.17
N THR KA 62 -52.65 12.54 42.68
CA THR KA 62 -53.47 11.66 43.50
C THR KA 62 -53.11 11.86 44.97
N ASP KA 63 -54.14 11.90 45.81
CA ASP KA 63 -53.92 12.18 47.23
C ASP KA 63 -53.10 11.08 47.87
N GLY KA 64 -52.12 11.48 48.68
CA GLY KA 64 -51.32 10.53 49.43
C GLY KA 64 -52.02 10.08 50.69
N THR KA 65 -51.45 9.05 51.31
CA THR KA 65 -52.01 8.52 52.54
C THR KA 65 -51.85 9.53 53.67
N THR KA 66 -52.95 9.77 54.40
CA THR KA 66 -52.96 10.74 55.48
C THR KA 66 -52.57 10.07 56.79
N THR KA 67 -51.49 10.56 57.40
CA THR KA 67 -50.95 9.99 58.63
C THR KA 67 -51.07 11.01 59.76
N ASN KA 68 -51.64 10.58 60.88
CA ASN KA 68 -51.85 11.49 62.01
C ASN KA 68 -50.54 11.77 62.72
N THR KA 69 -50.29 13.06 63.02
CA THR KA 69 -49.09 13.48 63.72
C THR KA 69 -49.37 14.09 65.09
N GLY KA 70 -50.60 14.55 65.34
CA GLY KA 70 -50.98 15.06 66.65
C GLY KA 70 -50.61 16.49 66.94
N ARG KA 71 -50.03 17.22 65.98
CA ARG KA 71 -49.66 18.61 66.19
C ARG KA 71 -50.83 19.50 65.79
N GLY KA 72 -51.25 20.37 66.72
CA GLY KA 72 -52.39 21.24 66.49
C GLY KA 72 -52.21 22.22 65.34
N LEU KA 73 -50.98 22.56 64.98
CA LEU KA 73 -50.71 23.46 63.87
C LEU KA 73 -50.55 22.73 62.54
N ASP KA 74 -50.78 21.42 62.52
CA ASP KA 74 -50.47 20.60 61.36
C ASP KA 74 -51.79 20.15 60.73
N VAL KA 75 -52.00 20.52 59.47
CA VAL KA 75 -53.26 20.25 58.76
C VAL KA 75 -52.95 19.63 57.40
N ALA KA 76 -53.93 18.93 56.83
CA ALA KA 76 -53.81 18.25 55.54
C ALA KA 76 -55.08 18.42 54.72
N ILE KA 77 -54.95 18.27 53.40
CA ILE KA 77 -56.07 18.44 52.47
C ILE KA 77 -56.49 17.08 51.93
N SER KA 78 -57.79 16.80 51.99
CA SER KA 78 -58.37 15.69 51.25
C SER KA 78 -59.03 16.21 49.99
N GLN KA 79 -59.06 15.35 48.96
CA GLN KA 79 -59.61 15.70 47.64
C GLN KA 79 -58.78 16.88 47.08
N ASN KA 80 -59.41 17.77 46.33
CA ASN KA 80 -58.69 18.84 45.67
C ASN KA 80 -58.59 20.07 46.57
N GLY KA 81 -57.57 20.87 46.32
CA GLY KA 81 -57.33 22.09 47.07
C GLY KA 81 -55.85 22.29 47.32
N PHE KA 82 -55.43 23.55 47.35
CA PHE KA 82 -54.03 23.91 47.57
C PHE KA 82 -53.94 25.01 48.62
N PHE KA 83 -52.93 24.92 49.48
CA PHE KA 83 -52.65 26.00 50.42
C PHE KA 83 -52.01 27.18 49.68
N ARG KA 84 -52.40 28.38 50.07
CA ARG KA 84 -51.92 29.61 49.46
C ARG KA 84 -50.93 30.28 50.39
N LEU KA 85 -49.74 30.60 49.87
CA LEU KA 85 -48.68 31.21 50.65
C LEU KA 85 -48.16 32.45 49.93
N VAL KA 86 -47.55 33.35 50.70
CA VAL KA 86 -46.89 34.53 50.16
C VAL KA 86 -45.48 34.60 50.71
N ASP KA 87 -44.54 35.04 49.87
CA ASP KA 87 -43.16 35.21 50.29
C ASP KA 87 -42.93 36.63 50.79
N SER KA 88 -41.66 36.99 50.98
CA SER KA 88 -41.31 38.33 51.41
C SER KA 88 -41.65 39.38 50.35
N ASN KA 89 -41.64 39.02 49.07
CA ASN KA 89 -41.92 39.96 48.00
C ASN KA 89 -43.38 39.98 47.59
N GLY KA 90 -44.24 39.24 48.28
CA GLY KA 90 -45.65 39.23 47.96
C GLY KA 90 -46.06 38.29 46.85
N SER KA 91 -45.13 37.52 46.29
CA SER KA 91 -45.48 36.56 45.25
C SER KA 91 -46.32 35.43 45.85
N VAL KA 92 -47.29 34.95 45.07
CA VAL KA 92 -48.25 33.96 45.53
C VAL KA 92 -47.78 32.58 45.10
N PHE KA 93 -47.79 31.63 46.04
CA PHE KA 93 -47.42 30.25 45.79
C PHE KA 93 -48.49 29.33 46.33
N TYR KA 94 -48.48 28.09 45.86
CA TYR KA 94 -49.47 27.09 46.24
C TYR KA 94 -48.77 25.78 46.59
N SER KA 95 -49.25 25.11 47.63
CA SER KA 95 -48.61 23.85 48.05
C SER KA 95 -49.60 23.07 48.92
N ARG KA 96 -49.34 21.77 49.13
CA ARG KA 96 -50.22 21.00 50.05
C ARG KA 96 -49.41 20.58 51.27
N ASN KA 97 -48.12 20.92 51.30
CA ASN KA 97 -47.29 20.64 52.50
C ASN KA 97 -47.93 21.35 53.68
N GLY KA 98 -48.71 20.63 54.49
CA GLY KA 98 -49.38 21.34 55.56
C GLY KA 98 -48.65 21.36 56.89
N GLN KA 99 -47.33 21.22 56.85
CA GLN KA 99 -46.53 21.27 58.07
C GLN KA 99 -46.24 22.73 58.39
N PHE KA 100 -47.09 23.33 59.22
CA PHE KA 100 -47.02 24.75 59.54
C PHE KA 100 -46.48 24.96 60.95
N LYS KA 101 -45.80 26.09 61.14
CA LYS KA 101 -45.29 26.48 62.44
C LYS KA 101 -45.49 27.98 62.62
N LEU KA 102 -45.53 28.41 63.88
CA LEU KA 102 -45.71 29.81 64.23
C LEU KA 102 -44.35 30.49 64.33
N ASP KA 103 -44.20 31.62 63.63
CA ASP KA 103 -42.94 32.34 63.59
C ASP KA 103 -42.87 33.38 64.72
N GLU KA 104 -41.90 34.29 64.61
CA GLU KA 104 -41.78 35.41 65.54
C GLU KA 104 -42.98 36.35 65.49
N ASN KA 105 -43.39 36.77 64.29
CA ASN KA 105 -44.47 37.74 64.13
C ASN KA 105 -45.84 37.11 64.22
N ARG KA 106 -45.93 35.92 64.82
CA ARG KA 106 -47.18 35.18 64.98
C ARG KA 106 -47.81 34.80 63.65
N ASN KA 107 -47.00 34.71 62.60
CA ASN KA 107 -47.48 34.30 61.28
C ASN KA 107 -47.50 32.78 61.19
N LEU KA 108 -48.43 32.27 60.40
CA LEU KA 108 -48.49 30.83 60.13
C LEU KA 108 -47.61 30.55 58.92
N VAL KA 109 -46.49 29.87 59.14
CA VAL KA 109 -45.51 29.63 58.08
C VAL KA 109 -45.12 28.16 58.08
N ASN KA 110 -44.61 27.70 56.94
CA ASN KA 110 -44.02 26.37 56.82
C ASN KA 110 -42.53 26.45 57.13
N MET KA 111 -41.80 25.38 56.82
CA MET KA 111 -40.36 25.36 57.10
C MET KA 111 -39.63 26.41 56.28
N GLN KA 112 -40.14 26.76 55.10
CA GLN KA 112 -39.51 27.76 54.25
C GLN KA 112 -39.81 29.19 54.67
N GLY KA 113 -40.68 29.38 55.66
CA GLY KA 113 -41.00 30.72 56.13
C GLY KA 113 -42.07 31.44 55.34
N MET KA 114 -42.63 30.82 54.29
CA MET KA 114 -43.71 31.44 53.55
C MET KA 114 -44.96 31.53 54.42
N GLN KA 115 -45.59 32.69 54.42
CA GLN KA 115 -46.72 32.96 55.30
C GLN KA 115 -47.99 32.32 54.72
N LEU KA 116 -48.66 31.51 55.53
CA LEU KA 116 -49.94 30.95 55.13
C LEU KA 116 -50.98 32.06 55.10
N THR KA 117 -51.81 32.07 54.05
CA THR KA 117 -52.75 33.15 53.83
C THR KA 117 -54.18 32.63 53.89
N GLY KA 118 -55.11 33.56 54.01
CA GLY KA 118 -56.52 33.22 54.06
C GLY KA 118 -57.37 34.45 54.25
N TYR KA 119 -58.66 34.20 54.45
CA TYR KA 119 -59.58 35.30 54.69
C TYR KA 119 -59.37 35.86 56.09
N PRO KA 120 -59.11 37.16 56.22
CA PRO KA 120 -58.90 37.74 57.55
C PRO KA 120 -60.21 37.95 58.28
N ALA KA 121 -60.09 38.23 59.58
CA ALA KA 121 -61.25 38.46 60.43
C ALA KA 121 -61.34 39.93 60.81
N THR KA 122 -62.53 40.49 60.70
CA THR KA 122 -62.78 41.89 61.04
C THR KA 122 -63.97 41.98 61.97
N GLY KA 123 -63.97 43.01 62.81
CA GLY KA 123 -65.05 43.23 63.74
C GLY KA 123 -64.78 42.61 65.10
N THR KA 124 -65.76 42.81 65.99
CA THR KA 124 -65.70 42.28 67.34
C THR KA 124 -67.12 41.96 67.83
N PRO KA 125 -67.52 40.69 67.89
CA PRO KA 125 -66.74 39.48 67.55
C PRO KA 125 -66.49 39.34 66.04
N PRO KA 126 -65.31 38.84 65.69
CA PRO KA 126 -64.93 38.77 64.28
C PRO KA 126 -65.91 37.95 63.44
N THR KA 127 -66.11 38.39 62.20
CA THR KA 127 -66.85 37.64 61.21
C THR KA 127 -65.97 37.47 59.98
N ILE KA 128 -65.92 36.24 59.47
CA ILE KA 128 -65.03 35.93 58.35
C ILE KA 128 -65.56 36.58 57.09
N GLN KA 129 -64.74 37.45 56.48
CA GLN KA 129 -65.12 38.17 55.27
C GLN KA 129 -64.67 37.35 54.07
N GLN KA 130 -65.60 36.51 53.57
CA GLN KA 130 -65.29 35.61 52.47
C GLN KA 130 -64.99 36.34 51.17
N GLY KA 131 -65.45 37.59 51.03
CA GLY KA 131 -65.21 38.34 49.81
C GLY KA 131 -63.96 39.18 49.79
N ALA KA 132 -63.32 39.38 50.94
CA ALA KA 132 -62.13 40.22 51.02
C ALA KA 132 -60.92 39.51 50.40
N ASN KA 133 -59.96 40.31 49.98
CA ASN KA 133 -58.72 39.76 49.45
C ASN KA 133 -57.94 39.05 50.56
N PRO KA 134 -57.44 37.84 50.32
CA PRO KA 134 -56.74 37.10 51.37
C PRO KA 134 -55.50 37.84 51.85
N ALA KA 135 -55.22 37.72 53.14
CA ALA KA 135 -54.08 38.32 53.80
C ALA KA 135 -53.37 37.27 54.64
N PRO KA 136 -52.08 37.45 54.93
CA PRO KA 136 -51.37 36.49 55.78
C PRO KA 136 -52.05 36.32 57.12
N ILE KA 137 -52.16 35.07 57.56
CA ILE KA 137 -52.88 34.76 58.80
C ILE KA 137 -51.94 34.95 59.98
N THR KA 138 -52.37 35.74 60.96
CA THR KA 138 -51.60 36.01 62.16
C THR KA 138 -52.35 35.49 63.38
N ILE KA 139 -51.60 35.20 64.44
CA ILE KA 139 -52.20 34.82 65.72
C ILE KA 139 -51.63 35.73 66.80
N PRO KA 140 -52.04 37.00 66.86
CA PRO KA 140 -51.48 37.90 67.87
C PRO KA 140 -51.79 37.42 69.29
N ASN KA 141 -50.84 37.65 70.18
CA ASN KA 141 -51.02 37.37 71.60
C ASN KA 141 -51.46 38.60 72.38
N THR KA 142 -51.88 39.66 71.68
CA THR KA 142 -52.32 40.87 72.36
C THR KA 142 -53.57 40.59 73.20
N LEU KA 143 -53.70 41.34 74.30
CA LEU KA 143 -54.83 41.16 75.18
C LEU KA 143 -56.12 41.63 74.51
N MET KA 144 -57.18 40.86 74.75
CA MET KA 144 -58.51 41.21 74.27
C MET KA 144 -59.26 41.92 75.39
N ALA KA 145 -59.92 43.03 75.05
CA ALA KA 145 -60.64 43.82 76.03
C ALA KA 145 -61.99 43.16 76.31
N ALA KA 146 -62.79 43.76 77.20
CA ALA KA 146 -64.11 43.24 77.51
C ALA KA 146 -65.18 44.01 76.73
N LYS KA 147 -66.24 43.29 76.38
CA LYS KA 147 -67.41 43.88 75.75
C LYS KA 147 -68.49 44.07 76.81
N SER KA 148 -68.90 45.32 77.02
CA SER KA 148 -69.93 45.59 78.00
C SER KA 148 -71.24 44.92 77.59
N THR KA 149 -72.00 44.45 78.57
CA THR KA 149 -73.24 43.76 78.26
C THR KA 149 -74.25 44.71 77.61
N THR KA 150 -74.92 44.22 76.57
CA THR KA 150 -75.94 44.98 75.87
C THR KA 150 -77.25 44.22 75.70
N THR KA 151 -77.21 42.89 75.66
CA THR KA 151 -78.41 42.06 75.54
C THR KA 151 -78.28 40.88 76.49
N ALA KA 152 -79.35 40.59 77.22
CA ALA KA 152 -79.37 39.45 78.13
C ALA KA 152 -80.77 38.84 78.11
N SER KA 153 -80.82 37.52 78.29
CA SER KA 153 -82.08 36.80 78.27
C SER KA 153 -82.13 35.81 79.44
N MET KA 154 -83.32 35.63 79.97
CA MET KA 154 -83.53 34.73 81.11
C MET KA 154 -84.82 33.94 80.85
N GLN KA 155 -84.68 32.62 80.72
CA GLN KA 155 -85.83 31.73 80.56
C GLN KA 155 -86.05 30.98 81.86
N ILE KA 156 -87.22 31.17 82.46
CA ILE KA 156 -87.55 30.61 83.77
C ILE KA 156 -88.92 29.94 83.68
N ASN KA 157 -89.13 28.95 84.52
CA ASN KA 157 -90.44 28.32 84.70
C ASN KA 157 -90.98 28.70 86.07
N LEU KA 158 -92.18 29.27 86.10
CA LEU KA 158 -92.79 29.77 87.33
C LEU KA 158 -93.84 28.80 87.82
N ASN KA 159 -93.99 28.71 89.14
CA ASN KA 159 -94.95 27.80 89.75
C ASN KA 159 -96.29 28.51 89.92
N SER KA 160 -97.36 27.91 89.37
CA SER KA 160 -98.68 28.51 89.46
C SER KA 160 -99.25 28.40 90.87
N THR KA 161 -98.84 27.38 91.63
CA THR KA 161 -99.38 27.14 92.96
C THR KA 161 -98.65 27.92 94.05
N ASP KA 162 -97.67 28.75 93.69
CA ASP KA 162 -96.96 29.52 94.70
C ASP KA 162 -97.90 30.53 95.34
N PRO KA 163 -98.02 30.54 96.67
CA PRO KA 163 -98.94 31.48 97.32
C PRO KA 163 -98.40 32.90 97.30
N VAL KA 164 -99.32 33.85 97.36
CA VAL KA 164 -98.97 35.28 97.41
C VAL KA 164 -98.52 35.62 98.83
N PRO KA 165 -97.32 36.15 99.00
CA PRO KA 165 -96.88 36.56 100.34
C PRO KA 165 -97.79 37.62 100.95
N SER KA 166 -98.05 37.48 102.25
CA SER KA 166 -98.96 38.40 102.92
C SER KA 166 -98.29 39.74 103.19
N LYS KA 167 -96.99 39.75 103.47
CA LYS KA 167 -96.30 40.96 103.87
C LYS KA 167 -95.99 41.85 102.67
N THR KA 168 -97.02 42.39 102.04
CA THR KA 168 -96.82 43.34 100.95
C THR KA 168 -96.29 44.66 101.49
N PRO KA 169 -95.47 45.38 100.71
CA PRO KA 169 -94.99 45.05 99.36
C PRO KA 169 -93.75 44.17 99.39
N PHE KA 170 -93.04 44.05 98.27
CA PHE KA 170 -91.83 43.23 98.23
C PHE KA 170 -90.77 43.83 99.14
N SER KA 171 -90.17 42.97 99.99
CA SER KA 171 -89.17 43.39 100.95
C SER KA 171 -87.91 42.56 100.75
N VAL KA 172 -86.79 43.24 100.52
CA VAL KA 172 -85.52 42.54 100.36
C VAL KA 172 -85.05 41.96 101.69
N SER KA 173 -85.40 42.62 102.80
CA SER KA 173 -84.94 42.18 104.11
C SER KA 173 -85.52 40.81 104.48
N ASP KA 174 -86.80 40.60 104.17
CA ASP KA 174 -87.49 39.37 104.56
C ASP KA 174 -87.31 38.32 103.47
N ALA KA 175 -86.74 37.18 103.85
CA ALA KA 175 -86.52 36.10 102.88
C ALA KA 175 -87.84 35.48 102.44
N ASP KA 176 -88.84 35.49 103.33
CA ASP KA 176 -90.13 34.87 103.02
C ASP KA 176 -91.01 35.81 102.20
N SER KA 177 -90.51 37.01 101.92
CA SER KA 177 -91.28 38.01 101.19
C SER KA 177 -91.17 37.87 99.67
N TYR KA 178 -90.37 36.93 99.18
CA TYR KA 178 -90.23 36.73 97.75
C TYR KA 178 -90.41 35.25 97.42
N ASN KA 179 -90.86 34.98 96.21
CA ASN KA 179 -91.09 33.60 95.76
C ASN KA 179 -89.89 33.00 95.05
N LYS KA 180 -89.25 33.73 94.15
CA LYS KA 180 -88.08 33.21 93.47
C LYS KA 180 -86.99 34.27 93.43
N LYS KA 181 -85.74 33.84 93.63
CA LYS KA 181 -84.59 34.71 93.58
C LYS KA 181 -83.49 34.06 92.74
N GLY KA 182 -83.02 34.80 91.73
CA GLY KA 182 -81.97 34.31 90.85
C GLY KA 182 -80.90 35.36 90.65
N THR KA 183 -79.79 34.93 90.04
CA THR KA 183 -78.64 35.80 89.84
C THR KA 183 -78.22 35.75 88.37
N VAL KA 184 -77.91 36.92 87.81
CA VAL KA 184 -77.37 37.03 86.46
C VAL KA 184 -76.13 37.92 86.52
N THR KA 185 -75.05 37.48 85.89
CA THR KA 185 -73.79 38.21 85.94
C THR KA 185 -73.61 39.00 84.64
N VAL KA 186 -73.38 40.31 84.77
CA VAL KA 186 -73.12 41.16 83.62
C VAL KA 186 -71.83 41.94 83.87
N TYR KA 187 -71.35 42.60 82.82
CA TYR KA 187 -70.08 43.31 82.87
C TYR KA 187 -70.24 44.68 82.22
N ASP KA 188 -69.59 45.68 82.81
CA ASP KA 188 -69.72 47.06 82.36
C ASP KA 188 -68.63 47.36 81.32
N SER KA 189 -68.46 48.64 80.99
CA SER KA 189 -67.43 49.01 80.03
C SER KA 189 -66.03 48.69 80.54
N GLN KA 190 -65.79 48.82 81.85
CA GLN KA 190 -64.52 48.37 82.41
C GLN KA 190 -64.53 46.89 82.76
N GLY KA 191 -65.61 46.17 82.47
CA GLY KA 191 -65.64 44.74 82.68
C GLY KA 191 -65.87 44.30 84.10
N ASN KA 192 -66.18 45.22 85.01
CA ASN KA 192 -66.44 44.85 86.39
C ASN KA 192 -67.75 44.08 86.52
N ALA KA 193 -67.79 43.14 87.44
CA ALA KA 193 -68.91 42.22 87.57
C ALA KA 193 -70.06 42.87 88.33
N HIS KA 194 -71.24 42.89 87.70
CA HIS KA 194 -72.48 43.28 88.35
C HIS KA 194 -73.33 42.03 88.45
N ASP KA 195 -73.64 41.60 89.67
CA ASP KA 195 -74.44 40.41 89.90
C ASP KA 195 -75.87 40.85 90.21
N MET KA 196 -76.66 40.99 89.15
CA MET KA 196 -78.03 41.46 89.29
C MET KA 196 -78.89 40.32 89.84
N ASN KA 197 -79.49 40.55 90.99
CA ASN KA 197 -80.44 39.61 91.57
C ASN KA 197 -81.85 39.95 91.08
N VAL KA 198 -82.55 38.93 90.59
CA VAL KA 198 -83.87 39.06 90.02
C VAL KA 198 -84.85 38.34 90.94
N TYR KA 199 -85.92 39.04 91.33
CA TYR KA 199 -86.91 38.54 92.27
C TYR KA 199 -88.26 38.43 91.59
N PHE KA 200 -88.88 37.26 91.69
CA PHE KA 200 -90.19 36.98 91.11
C PHE KA 200 -91.18 36.77 92.25
N VAL KA 201 -92.26 37.56 92.26
CA VAL KA 201 -93.34 37.43 93.24
C VAL KA 201 -94.66 37.47 92.49
N LYS KA 202 -95.49 36.44 92.66
CA LYS KA 202 -96.79 36.42 92.00
C LYS KA 202 -97.73 37.43 92.65
N THR KA 203 -98.45 38.20 91.83
CA THR KA 203 -99.37 39.21 92.33
C THR KA 203 -100.82 38.89 92.03
N LYS KA 204 -101.12 38.41 90.83
CA LYS KA 204 -102.49 38.11 90.42
C LYS KA 204 -102.45 36.91 89.48
N ASP KA 205 -103.60 36.58 88.88
CA ASP KA 205 -103.67 35.47 87.95
C ASP KA 205 -102.77 35.72 86.75
N ASN KA 206 -101.76 34.86 86.59
CA ASN KA 206 -100.77 34.93 85.52
C ASN KA 206 -100.02 36.26 85.50
N GLU KA 207 -99.85 36.91 86.66
CA GLU KA 207 -99.17 38.19 86.77
C GLU KA 207 -98.09 38.08 87.83
N TRP KA 208 -96.85 38.42 87.46
CA TRP KA 208 -95.72 38.30 88.37
C TRP KA 208 -94.92 39.60 88.37
N ALA KA 209 -94.82 40.22 89.54
CA ALA KA 209 -93.92 41.36 89.69
C ALA KA 209 -92.47 40.88 89.77
N VAL KA 210 -91.62 41.52 88.98
CA VAL KA 210 -90.21 41.15 88.87
C VAL KA 210 -89.38 42.37 89.24
N TYR KA 211 -88.48 42.18 90.21
CA TYR KA 211 -87.60 43.23 90.69
C TYR KA 211 -86.15 42.89 90.34
N THR KA 212 -85.36 43.92 90.07
CA THR KA 212 -83.93 43.78 89.78
C THR KA 212 -83.12 44.64 90.73
N HIS KA 213 -82.08 44.05 91.32
CA HIS KA 213 -81.25 44.78 92.26
C HIS KA 213 -79.79 44.44 92.04
N ASP KA 214 -78.93 45.45 92.00
CA ASP KA 214 -77.49 45.23 91.85
C ASP KA 214 -76.88 45.09 93.23
N SER KA 215 -76.74 43.85 93.70
CA SER KA 215 -76.24 43.59 95.05
C SER KA 215 -74.73 43.69 95.17
N SER KA 216 -74.00 43.64 94.06
CA SER KA 216 -72.54 43.75 94.10
C SER KA 216 -72.04 45.17 94.23
N ASP KA 217 -72.90 46.16 94.02
CA ASP KA 217 -72.52 47.56 94.14
C ASP KA 217 -72.71 48.01 95.59
N PRO KA 218 -71.63 48.41 96.28
CA PRO KA 218 -71.78 48.84 97.68
C PRO KA 218 -72.61 50.10 97.86
N ALA KA 219 -72.80 50.90 96.81
CA ALA KA 219 -73.59 52.12 96.89
C ALA KA 219 -75.00 51.94 96.34
N ALA KA 220 -75.47 50.70 96.19
CA ALA KA 220 -76.79 50.46 95.65
C ALA KA 220 -77.87 50.96 96.61
N THR KA 221 -78.90 51.58 96.05
CA THR KA 221 -80.02 52.09 96.84
C THR KA 221 -81.06 51.00 97.05
N ALA KA 222 -81.92 51.21 98.04
CA ALA KA 222 -82.96 50.24 98.36
C ALA KA 222 -84.01 50.22 97.26
N PRO KA 223 -84.31 49.06 96.66
CA PRO KA 223 -85.34 49.00 95.62
C PRO KA 223 -86.74 49.11 96.22
N THR KA 224 -87.47 50.15 95.82
CA THR KA 224 -88.83 50.37 96.28
C THR KA 224 -89.85 50.44 95.16
N THR KA 225 -89.41 50.34 93.91
CA THR KA 225 -90.29 50.41 92.75
C THR KA 225 -90.13 49.16 91.91
N ALA KA 226 -91.24 48.62 91.43
CA ALA KA 226 -91.21 47.40 90.63
C ALA KA 226 -90.42 47.61 89.35
N SER KA 227 -89.52 46.67 89.06
CA SER KA 227 -88.75 46.75 87.82
C SER KA 227 -89.62 46.46 86.61
N THR KA 228 -90.43 45.40 86.67
CA THR KA 228 -91.35 45.09 85.58
C THR KA 228 -92.45 44.17 86.11
N THR KA 229 -93.46 43.95 85.26
CA THR KA 229 -94.59 43.09 85.58
C THR KA 229 -94.83 42.16 84.41
N LEU KA 230 -94.47 40.89 84.58
CA LEU KA 230 -94.65 39.90 83.53
C LEU KA 230 -96.08 39.37 83.54
N LYS KA 231 -96.70 39.32 82.36
CA LYS KA 231 -98.07 38.82 82.20
C LYS KA 231 -98.04 37.65 81.23
N PHE KA 232 -98.78 36.60 81.55
CA PHE KA 232 -98.85 35.41 80.73
C PHE KA 232 -100.30 35.16 80.30
N ASN KA 233 -100.47 34.61 79.11
CA ASN KA 233 -101.80 34.35 78.58
C ASN KA 233 -102.38 33.07 79.21
N GLU KA 234 -103.54 32.66 78.71
CA GLU KA 234 -104.21 31.47 79.24
C GLU KA 234 -103.41 30.20 78.98
N ASN KA 235 -102.55 30.19 77.98
CA ASN KA 235 -101.74 29.02 77.65
C ASN KA 235 -100.39 29.01 78.35
N GLY KA 236 -100.12 30.00 79.20
CA GLY KA 236 -98.85 30.07 79.90
C GLY KA 236 -97.73 30.71 79.11
N ILE KA 237 -98.01 31.23 77.93
CA ILE KA 237 -97.01 31.89 77.09
C ILE KA 237 -96.93 33.35 77.50
N LEU KA 238 -95.74 33.93 77.43
CA LEU KA 238 -95.55 35.34 77.77
C LEU KA 238 -96.40 36.22 76.87
N GLU KA 239 -97.10 37.17 77.48
CA GLU KA 239 -98.07 38.02 76.78
C GLU KA 239 -97.52 39.39 76.42
N SER KA 240 -96.94 40.11 77.37
CA SER KA 240 -96.43 41.44 77.13
C SER KA 240 -95.27 41.72 78.09
N GLY KA 241 -94.48 42.73 77.75
CA GLY KA 241 -93.34 43.09 78.55
C GLY KA 241 -92.11 42.21 78.37
N GLY KA 242 -91.94 41.61 77.19
CA GLY KA 242 -90.84 40.70 76.95
C GLY KA 242 -89.47 41.33 76.90
N THR KA 243 -89.37 42.65 76.84
CA THR KA 243 -88.09 43.35 76.84
C THR KA 243 -88.15 44.51 77.80
N VAL KA 244 -87.01 44.82 78.43
CA VAL KA 244 -86.92 45.95 79.34
C VAL KA 244 -85.48 46.47 79.30
N ASN KA 245 -85.31 47.77 79.56
CA ASN KA 245 -83.97 48.35 79.64
C ASN KA 245 -83.52 48.39 81.08
N ILE KA 246 -82.39 47.76 81.39
CA ILE KA 246 -81.85 47.68 82.73
C ILE KA 246 -80.46 48.33 82.73
N THR KA 247 -80.24 49.24 83.68
CA THR KA 247 -78.99 49.98 83.77
C THR KA 247 -78.19 49.47 84.96
N THR KA 248 -76.92 49.16 84.74
CA THR KA 248 -76.06 48.69 85.80
C THR KA 248 -75.57 49.87 86.64
N GLY KA 249 -74.90 49.55 87.75
CA GLY KA 249 -74.38 50.58 88.62
C GLY KA 249 -73.15 51.25 88.06
N THR KA 250 -72.75 52.33 88.73
CA THR KA 250 -71.57 53.10 88.35
C THR KA 250 -70.44 52.71 89.29
N ILE KA 251 -69.52 51.88 88.79
CA ILE KA 251 -68.42 51.33 89.59
C ILE KA 251 -67.11 51.75 88.94
N ASN KA 252 -66.22 52.34 89.75
CA ASN KA 252 -64.87 52.73 89.33
C ASN KA 252 -64.90 53.75 88.18
N GLY KA 253 -65.97 54.53 88.10
CA GLY KA 253 -66.04 55.58 87.12
C GLY KA 253 -66.31 55.13 85.69
N ALA KA 254 -66.65 53.86 85.49
CA ALA KA 254 -66.94 53.38 84.15
C ALA KA 254 -68.23 54.01 83.62
N THR KA 255 -68.35 54.07 82.30
CA THR KA 255 -69.58 54.54 81.68
C THR KA 255 -70.72 53.57 82.02
N ALA KA 256 -71.91 54.11 82.19
CA ALA KA 256 -73.05 53.30 82.58
C ALA KA 256 -73.36 52.26 81.50
N ALA KA 257 -73.61 51.04 81.95
CA ALA KA 257 -73.97 49.95 81.04
C ALA KA 257 -75.48 49.73 81.07
N THR KA 258 -76.13 49.98 79.94
CA THR KA 258 -77.56 49.77 79.78
C THR KA 258 -77.76 48.61 78.81
N PHE KA 259 -78.50 47.60 79.25
CA PHE KA 259 -78.68 46.39 78.45
C PHE KA 259 -80.16 46.04 78.37
N SER KA 260 -80.53 45.40 77.27
CA SER KA 260 -81.89 44.92 77.06
C SER KA 260 -82.03 43.55 77.71
N LEU KA 261 -82.74 43.50 78.83
CA LEU KA 261 -83.03 42.25 79.52
C LEU KA 261 -84.38 41.73 79.04
N SER KA 262 -84.41 40.48 78.60
CA SER KA 262 -85.61 39.88 78.03
C SER KA 262 -85.93 38.59 78.76
N PHE KA 263 -87.19 38.45 79.18
CA PHE KA 263 -87.70 37.21 79.74
C PHE KA 263 -88.44 36.38 78.69
N LEU KA 264 -87.99 36.44 77.44
CA LEU KA 264 -88.61 35.65 76.39
C LEU KA 264 -88.40 34.16 76.64
N ASN KA 265 -89.35 33.36 76.17
CA ASN KA 265 -89.39 31.91 76.34
C ASN KA 265 -89.69 31.50 77.79
N SER KA 266 -89.78 32.46 78.71
CA SER KA 266 -90.22 32.15 80.06
C SER KA 266 -91.72 31.88 80.07
N MET KA 267 -92.13 30.92 80.90
CA MET KA 267 -93.52 30.52 80.96
C MET KA 267 -93.94 30.31 82.39
N GLN KA 268 -95.23 30.54 82.66
CA GLN KA 268 -95.83 30.33 83.98
C GLN KA 268 -96.81 29.17 83.83
N GLN KA 269 -96.46 28.03 84.43
CA GLN KA 269 -97.29 26.84 84.32
C GLN KA 269 -97.25 26.07 85.64
N ASN KA 270 -97.67 24.81 85.64
CA ASN KA 270 -97.81 24.03 86.86
C ASN KA 270 -96.56 23.20 87.15
N THR KA 271 -95.39 23.76 86.85
CA THR KA 271 -94.12 23.12 87.23
C THR KA 271 -94.04 22.97 88.75
N GLY KA 272 -93.23 22.02 89.20
CA GLY KA 272 -93.11 21.71 90.61
C GLY KA 272 -92.67 22.89 91.46
N ALA KA 273 -91.87 23.78 90.89
CA ALA KA 273 -91.42 24.97 91.59
C ALA KA 273 -90.90 26.02 90.60
N ASN KA 274 -90.41 27.15 91.11
CA ASN KA 274 -89.84 28.18 90.26
C ASN KA 274 -88.44 27.75 89.84
N ASN KA 275 -88.30 27.34 88.59
CA ASN KA 275 -87.04 26.81 88.07
C ASN KA 275 -86.61 27.61 86.86
N ILE KA 276 -85.34 28.02 86.86
CA ILE KA 276 -84.76 28.77 85.76
C ILE KA 276 -84.30 27.78 84.68
N VAL KA 277 -84.87 27.88 83.49
CA VAL KA 277 -84.48 27.01 82.39
C VAL KA 277 -83.08 27.36 81.87
N ALA KA 278 -82.82 28.63 81.63
CA ALA KA 278 -81.54 29.03 81.06
C ALA KA 278 -81.29 30.52 81.30
N THR KA 279 -80.00 30.88 81.28
CA THR KA 279 -79.56 32.27 81.30
C THR KA 279 -78.58 32.49 80.16
N ASN KA 280 -78.66 33.66 79.54
CA ASN KA 280 -77.79 33.97 78.42
C ASN KA 280 -77.47 35.46 78.45
N GLN KA 281 -76.26 35.79 78.00
CA GLN KA 281 -75.81 37.18 78.00
C GLN KA 281 -74.71 37.33 76.96
N ASN KA 282 -74.52 38.57 76.51
CA ASN KA 282 -73.53 38.89 75.48
C ASN KA 282 -72.30 39.60 76.02
N GLY KA 283 -72.34 40.06 77.28
CA GLY KA 283 -71.17 40.69 77.88
C GLY KA 283 -70.10 39.67 78.22
N TYR KA 284 -68.90 40.17 78.48
CA TYR KA 284 -67.76 39.28 78.69
C TYR KA 284 -66.71 40.00 79.52
N LYS KA 285 -65.60 39.29 79.80
CA LYS KA 285 -64.53 39.75 80.68
C LYS KA 285 -63.16 39.60 80.02
N PRO KA 286 -62.18 40.41 80.44
CA PRO KA 286 -60.82 40.28 79.90
C PRO KA 286 -60.11 38.99 80.31
N GLY KA 287 -59.20 38.53 79.48
CA GLY KA 287 -58.39 37.37 79.80
C GLY KA 287 -57.40 37.09 78.69
N ASP KA 288 -56.31 36.41 79.05
CA ASP KA 288 -55.20 36.17 78.14
C ASP KA 288 -55.46 34.95 77.26
N LEU KA 289 -54.70 34.88 76.17
CA LEU KA 289 -54.78 33.76 75.25
C LEU KA 289 -54.25 32.49 75.91
N VAL KA 290 -54.95 31.38 75.70
CA VAL KA 290 -54.53 30.07 76.17
C VAL KA 290 -54.21 29.14 75.02
N SER KA 291 -55.15 28.95 74.11
CA SER KA 291 -54.96 27.96 73.05
C SER KA 291 -55.37 28.56 71.71
N TYR KA 292 -54.83 27.97 70.65
CA TYR KA 292 -55.23 28.29 69.29
C TYR KA 292 -55.35 27.00 68.50
N GLN KA 293 -56.30 26.95 67.59
CA GLN KA 293 -56.54 25.72 66.84
C GLN KA 293 -57.10 26.03 65.46
N ILE KA 294 -56.93 25.07 64.56
CA ILE KA 294 -57.47 25.13 63.21
C ILE KA 294 -58.49 24.00 63.06
N ASN KA 295 -59.75 24.35 62.83
CA ASN KA 295 -60.80 23.35 62.76
C ASN KA 295 -60.79 22.66 61.40
N ASN KA 296 -61.73 21.73 61.23
CA ASN KA 296 -61.84 20.98 59.99
C ASN KA 296 -62.24 21.84 58.80
N ASP KA 297 -62.78 23.02 59.03
CA ASP KA 297 -63.21 23.92 57.95
C ASP KA 297 -62.20 25.01 57.66
N GLY KA 298 -61.00 24.95 58.25
CA GLY KA 298 -59.99 25.95 58.02
C GLY KA 298 -60.06 27.17 58.89
N THR KA 299 -60.99 27.22 59.84
CA THR KA 299 -61.10 28.36 60.73
C THR KA 299 -59.99 28.34 61.77
N VAL KA 300 -59.34 29.47 61.98
CA VAL KA 300 -58.33 29.64 63.02
C VAL KA 300 -59.00 30.34 64.19
N VAL KA 301 -59.10 29.65 65.32
CA VAL KA 301 -59.85 30.13 66.47
C VAL KA 301 -58.97 30.08 67.70
N GLY KA 302 -58.98 31.17 68.48
CA GLY KA 302 -58.26 31.23 69.74
C GLY KA 302 -59.22 31.18 70.91
N ASN KA 303 -58.86 30.36 71.89
CA ASN KA 303 -59.64 30.18 73.12
C ASN KA 303 -58.86 30.79 74.28
N TYR KA 304 -59.53 31.59 75.08
CA TYR KA 304 -58.91 32.39 76.13
C TYR KA 304 -59.33 31.87 77.50
N SER KA 305 -58.71 32.40 78.55
CA SER KA 305 -59.09 32.08 79.92
C SER KA 305 -60.44 32.65 80.32
N ASN KA 306 -60.90 33.68 79.61
CA ASN KA 306 -62.17 34.35 79.85
C ASN KA 306 -63.39 33.65 79.25
N GLU KA 307 -63.21 32.45 78.70
CA GLU KA 307 -64.31 31.62 78.20
C GLU KA 307 -65.11 32.30 77.09
N GLN KA 308 -64.42 32.60 75.99
CA GLN KA 308 -65.04 32.71 74.67
C GLN KA 308 -63.99 32.38 73.64
N GLU KA 309 -64.42 32.08 72.43
CA GLU KA 309 -63.53 31.89 71.31
C GLU KA 309 -63.58 33.11 70.40
N GLN KA 310 -62.48 33.37 69.71
CA GLN KA 310 -62.43 34.44 68.73
C GLN KA 310 -61.75 33.96 67.45
N VAL KA 311 -62.27 34.42 66.31
CA VAL KA 311 -61.73 34.00 65.03
C VAL KA 311 -60.62 34.97 64.62
N LEU KA 312 -59.46 34.42 64.26
CA LEU KA 312 -58.36 35.23 63.76
C LEU KA 312 -58.20 35.15 62.25
N GLY KA 313 -58.77 34.13 61.62
CA GLY KA 313 -58.71 34.00 60.18
C GLY KA 313 -59.26 32.67 59.74
N GLN KA 314 -59.39 32.52 58.43
CA GLN KA 314 -59.86 31.28 57.82
C GLN KA 314 -58.91 30.88 56.72
N ILE KA 315 -58.41 29.64 56.78
CA ILE KA 315 -57.46 29.17 55.79
C ILE KA 315 -58.16 29.01 54.45
N VAL KA 316 -57.62 29.67 53.43
CA VAL KA 316 -58.21 29.65 52.09
C VAL KA 316 -57.54 28.53 51.29
N LEU KA 317 -58.29 27.96 50.36
CA LEU KA 317 -57.78 26.94 49.46
C LEU KA 317 -57.88 27.42 48.02
N ALA KA 318 -56.97 26.95 47.18
CA ALA KA 318 -56.92 27.34 45.78
C ALA KA 318 -57.03 26.11 44.90
N ASN KA 319 -57.84 26.20 43.85
CA ASN KA 319 -58.00 25.13 42.88
C ASN KA 319 -57.79 25.71 41.49
N PHE KA 320 -57.22 24.89 40.61
CA PHE KA 320 -56.84 25.32 39.27
C PHE KA 320 -57.61 24.55 38.23
N ALA KA 321 -57.83 25.19 37.08
CA ALA KA 321 -58.41 24.50 35.93
C ALA KA 321 -57.45 23.48 35.35
N ASN KA 322 -56.14 23.76 35.42
CA ASN KA 322 -55.12 22.89 34.84
C ASN KA 322 -54.04 22.68 35.89
N ASN KA 323 -54.18 21.62 36.68
CA ASN KA 323 -53.13 21.28 37.64
C ASN KA 323 -51.87 20.80 36.93
N GLU KA 324 -52.01 20.24 35.72
CA GLU KA 324 -50.85 19.74 34.99
C GLU KA 324 -49.91 20.84 34.56
N GLY KA 325 -50.41 22.07 34.40
CA GLY KA 325 -49.57 23.17 33.97
C GLY KA 325 -48.85 23.92 35.06
N LEU KA 326 -49.01 23.49 36.32
CA LEU KA 326 -48.34 24.15 37.43
C LEU KA 326 -46.84 23.90 37.38
N ALA KA 327 -46.06 24.96 37.58
CA ALA KA 327 -44.61 24.88 37.58
C ALA KA 327 -44.10 24.84 39.02
N SER KA 328 -43.46 23.74 39.40
CA SER KA 328 -42.93 23.61 40.75
C SER KA 328 -41.65 24.43 40.90
N GLN KA 329 -41.58 25.19 41.98
CA GLN KA 329 -40.40 25.98 42.30
C GLN KA 329 -39.49 25.30 43.31
N GLY KA 330 -39.77 24.06 43.66
CA GLY KA 330 -39.02 23.39 44.71
C GLY KA 330 -39.57 23.70 46.08
N ASP KA 331 -38.97 23.07 47.08
CA ASP KA 331 -39.39 23.21 48.48
C ASP KA 331 -40.88 22.93 48.63
N ASN KA 332 -41.34 21.87 47.96
CA ASN KA 332 -42.76 21.50 47.87
C ASN KA 332 -43.66 22.72 47.71
N VAL KA 333 -43.33 23.58 46.75
CA VAL KA 333 -44.05 24.82 46.49
C VAL KA 333 -44.27 24.96 45.00
N TRP KA 334 -45.49 25.31 44.60
CA TRP KA 334 -45.87 25.47 43.21
C TRP KA 334 -46.10 26.95 42.91
N ALA KA 335 -45.91 27.32 41.65
CA ALA KA 335 -46.19 28.68 41.18
C ALA KA 335 -47.14 28.62 40.00
N ALA KA 336 -48.13 29.51 40.01
CA ALA KA 336 -49.11 29.54 38.93
C ALA KA 336 -48.50 30.11 37.65
N THR KA 337 -48.88 29.53 36.52
CA THR KA 337 -48.38 29.93 35.20
C THR KA 337 -49.56 30.25 34.29
N GLN KA 338 -49.24 30.58 33.04
CA GLN KA 338 -50.28 30.87 32.05
C GLN KA 338 -51.12 29.63 31.75
N ALA KA 339 -50.49 28.47 31.62
CA ALA KA 339 -51.21 27.26 31.26
C ALA KA 339 -52.09 26.75 32.39
N SER KA 340 -51.83 27.18 33.63
CA SER KA 340 -52.65 26.76 34.76
C SER KA 340 -53.82 27.71 35.01
N GLY KA 341 -53.73 28.95 34.56
CA GLY KA 341 -54.81 29.90 34.75
C GLY KA 341 -54.78 30.55 36.12
N VAL KA 342 -55.73 31.47 36.31
CA VAL KA 342 -55.84 32.17 37.60
C VAL KA 342 -56.49 31.25 38.62
N ALA KA 343 -55.89 31.19 39.81
CA ALA KA 343 -56.36 30.29 40.85
C ALA KA 343 -57.74 30.69 41.32
N LEU KA 344 -58.64 29.71 41.43
CA LEU KA 344 -59.96 29.92 41.99
C LEU KA 344 -59.92 29.65 43.49
N LEU KA 345 -60.26 30.66 44.28
CA LEU KA 345 -60.17 30.57 45.73
C LEU KA 345 -61.47 30.06 46.34
N GLY KA 346 -61.36 29.48 47.52
CA GLY KA 346 -62.53 28.95 48.19
C GLY KA 346 -62.19 28.45 49.57
N THR KA 347 -63.15 27.74 50.17
CA THR KA 347 -63.03 27.23 51.53
C THR KA 347 -63.21 25.72 51.51
N ALA KA 348 -62.70 25.06 52.56
CA ALA KA 348 -62.75 23.61 52.63
C ALA KA 348 -64.18 23.12 52.75
N GLY KA 349 -64.49 22.05 52.01
CA GLY KA 349 -65.80 21.45 52.05
C GLY KA 349 -66.87 22.14 51.24
N SER KA 350 -66.51 23.16 50.46
CA SER KA 350 -67.48 23.92 49.68
C SER KA 350 -67.11 23.87 48.20
N GLY KA 351 -68.07 23.51 47.38
CA GLY KA 351 -67.85 23.48 45.94
C GLY KA 351 -66.82 22.42 45.56
N ASN KA 352 -65.77 22.85 44.85
CA ASN KA 352 -64.74 21.95 44.35
C ASN KA 352 -63.53 22.00 45.30
N PHE KA 353 -63.79 21.89 46.59
CA PHE KA 353 -62.74 21.88 47.60
C PHE KA 353 -63.06 20.79 48.64
N GLY KA 354 -62.04 20.06 49.04
CA GLY KA 354 -62.18 19.06 50.07
C GLY KA 354 -61.95 19.64 51.45
N LYS KA 355 -62.44 18.92 52.45
CA LYS KA 355 -62.31 19.36 53.83
C LYS KA 355 -60.87 19.19 54.32
N LEU KA 356 -60.53 19.99 55.32
CA LEU KA 356 -59.18 19.93 55.91
C LEU KA 356 -59.21 19.06 57.16
N THR KA 357 -58.17 18.26 57.34
CA THR KA 357 -58.02 17.41 58.51
C THR KA 357 -56.89 17.95 59.38
N ASN KA 358 -57.20 18.22 60.65
CA ASN KA 358 -56.23 18.78 61.57
C ASN KA 358 -55.49 17.68 62.31
N GLY KA 359 -54.21 17.93 62.59
CA GLY KA 359 -53.37 16.96 63.28
C GLY KA 359 -52.87 15.81 62.43
N ALA KA 360 -52.77 15.99 61.11
CA ALA KA 360 -52.37 14.92 60.22
C ALA KA 360 -51.77 15.50 58.94
N LEU KA 361 -50.89 14.72 58.32
CA LEU KA 361 -50.15 15.15 57.15
C LEU KA 361 -50.42 14.24 55.96
N GLU KA 362 -50.42 14.83 54.77
CA GLU KA 362 -50.58 14.07 53.54
C GLU KA 362 -49.22 13.61 53.06
N ALA KA 363 -49.00 12.29 53.09
CA ALA KA 363 -47.72 11.73 52.66
C ALA KA 363 -47.62 11.78 51.13
N SER KA 364 -46.46 11.40 50.63
CA SER KA 364 -46.24 11.39 49.18
C SER KA 364 -46.99 10.21 48.55
N ASN KA 365 -47.15 10.28 47.22
CA ASN KA 365 -47.84 9.23 46.48
C ASN KA 365 -46.87 8.37 45.68
N VAL KA 366 -45.61 8.31 46.10
CA VAL KA 366 -44.59 7.56 45.39
C VAL KA 366 -44.56 6.13 45.91
N ASP KA 367 -44.94 5.18 45.06
CA ASP KA 367 -44.86 3.76 45.43
C ASP KA 367 -43.53 3.20 44.98
N LEU KA 368 -42.77 2.64 45.93
CA LEU KA 368 -41.38 2.28 45.71
C LEU KA 368 -41.21 1.14 44.71
N SER KA 369 -42.12 0.17 44.84
CA SER KA 369 -42.15 -0.99 43.93
C SER KA 369 -42.40 -0.51 42.51
N LYS KA 370 -43.42 0.29 42.29
CA LYS KA 370 -43.58 0.78 40.90
C LYS KA 370 -42.28 1.48 40.52
N GLU KA 371 -41.71 2.29 41.40
CA GLU KA 371 -40.53 3.07 40.98
C GLU KA 371 -39.33 2.13 40.81
N LEU KA 372 -39.19 1.15 41.68
CA LEU KA 372 -37.99 0.28 41.61
C LEU KA 372 -38.12 -0.64 40.40
N VAL KA 373 -39.31 -0.74 39.81
CA VAL KA 373 -39.40 -1.60 38.59
C VAL KA 373 -39.32 -0.72 37.34
N ASN KA 374 -39.66 0.57 37.45
CA ASN KA 374 -39.56 1.48 36.29
C ASN KA 374 -38.08 1.84 36.03
N MET KA 375 -37.23 1.93 37.03
CA MET KA 375 -35.79 2.14 36.91
C MET KA 375 -35.16 1.01 36.10
N ILE KA 376 -35.59 -0.23 36.35
CA ILE KA 376 -35.05 -1.36 35.60
C ILE KA 376 -35.36 -1.22 34.11
N VAL KA 377 -36.60 -0.90 33.78
CA VAL KA 377 -37.00 -0.76 32.39
C VAL KA 377 -36.24 0.38 31.72
N ALA KA 378 -36.09 1.50 32.43
CA ALA KA 378 -35.35 2.63 31.90
C ALA KA 378 -33.88 2.29 31.67
N GLN KA 379 -33.28 1.53 32.58
CA GLN KA 379 -31.91 1.07 32.39
C GLN KA 379 -31.79 0.24 31.12
N ARG KA 380 -32.72 -0.68 30.91
CA ARG KA 380 -32.67 -1.50 29.71
C ARG KA 380 -32.83 -0.67 28.44
N ASN KA 381 -33.75 0.30 28.47
CA ASN KA 381 -33.94 1.17 27.32
C ASN KA 381 -32.69 1.99 27.02
N TYR KA 382 -32.06 2.53 28.07
CA TYR KA 382 -30.84 3.31 27.90
C TYR KA 382 -29.72 2.45 27.34
N GLN KA 383 -29.61 1.21 27.80
CA GLN KA 383 -28.58 0.31 27.27
C GLN KA 383 -28.85 -0.04 25.81
N SER KA 384 -30.13 -0.19 25.44
CA SER KA 384 -30.46 -0.43 24.04
C SER KA 384 -30.05 0.75 23.16
N ASN KA 385 -30.32 1.97 23.64
CA ASN KA 385 -29.92 3.15 22.87
C ASN KA 385 -28.39 3.26 22.78
N ALA KA 386 -27.70 2.90 23.85
CA ALA KA 386 -26.23 2.87 23.81
C ALA KA 386 -25.74 1.84 22.80
N GLN KA 387 -26.41 0.70 22.72
CA GLN KA 387 -26.07 -0.29 21.71
C GLN KA 387 -26.27 0.24 20.31
N THR KA 388 -27.34 1.02 20.10
CA THR KA 388 -27.54 1.67 18.81
C THR KA 388 -26.41 2.65 18.50
N ILE KA 389 -25.97 3.41 19.52
CA ILE KA 389 -24.85 4.33 19.33
C ILE KA 389 -23.60 3.57 18.92
N LYS KA 390 -23.34 2.45 19.58
CA LYS KA 390 -22.17 1.63 19.26
C LYS KA 390 -22.27 1.07 17.84
N THR KA 391 -23.48 0.69 17.43
CA THR KA 391 -23.71 0.23 16.06
C THR KA 391 -23.33 1.31 15.06
N GLN KA 392 -23.81 2.54 15.27
CA GLN KA 392 -23.48 3.63 14.36
C GLN KA 392 -21.98 3.91 14.37
N ASP KA 393 -21.36 3.80 15.54
CA ASP KA 393 -19.92 4.01 15.64
C ASP KA 393 -19.15 3.00 14.81
N GLN KA 394 -19.52 1.72 14.90
CA GLN KA 394 -18.86 0.68 14.10
C GLN KA 394 -19.12 0.89 12.61
N ILE KA 395 -20.33 1.32 12.25
CA ILE KA 395 -20.63 1.58 10.85
C ILE KA 395 -19.73 2.68 10.30
N LEU KA 396 -19.59 3.77 11.06
CA LEU KA 396 -18.75 4.87 10.61
C LEU KA 396 -17.28 4.46 10.56
N ASN KA 397 -16.83 3.63 11.51
CA ASN KA 397 -15.47 3.12 11.45
C ASN KA 397 -15.24 2.28 10.19
N THR KA 398 -16.20 1.42 9.86
CA THR KA 398 -16.08 0.60 8.65
C THR KA 398 -16.00 1.48 7.41
N LEU KA 399 -16.83 2.53 7.37
CA LEU KA 399 -16.79 3.44 6.23
C LEU KA 399 -15.46 4.18 6.14
N VAL KA 400 -14.94 4.63 7.28
CA VAL KA 400 -13.71 5.43 7.28
C VAL KA 400 -12.50 4.59 6.88
N ASN KA 401 -12.41 3.37 7.43
CA ASN KA 401 -11.21 2.57 7.21
C ASN KA 401 -11.09 2.07 5.78
N LEU KA 402 -12.13 2.24 4.98
CA LEU KA 402 -12.09 1.84 3.57
C LEU KA 402 -10.99 2.59 2.81
N SER LA 2 -28.74 -19.59 8.49
CA SER LA 2 -28.51 -18.16 8.36
C SER LA 2 -29.10 -17.40 9.55
N PHE LA 3 -29.31 -16.09 9.35
CA PHE LA 3 -29.88 -15.27 10.43
C PHE LA 3 -31.34 -15.61 10.65
N SER LA 4 -32.04 -16.08 9.61
CA SER LA 4 -33.48 -16.29 9.69
C SER LA 4 -33.81 -17.36 10.74
N GLN LA 5 -33.03 -18.43 10.78
CA GLN LA 5 -33.30 -19.52 11.72
C GLN LA 5 -33.20 -19.03 13.16
N ALA LA 6 -32.13 -18.30 13.47
CA ALA LA 6 -31.95 -17.78 14.83
C ALA LA 6 -33.02 -16.75 15.17
N VAL LA 7 -33.40 -15.92 14.19
CA VAL LA 7 -34.47 -14.94 14.43
C VAL LA 7 -35.78 -15.65 14.76
N SER LA 8 -36.11 -16.70 14.01
CA SER LA 8 -37.34 -17.44 14.27
C SER LA 8 -37.30 -18.12 15.63
N GLY LA 9 -36.13 -18.69 15.98
CA GLY LA 9 -36.01 -19.31 17.29
C GLY LA 9 -36.17 -18.32 18.42
N LEU LA 10 -35.59 -17.13 18.26
CA LEU LA 10 -35.74 -16.09 19.27
C LEU LA 10 -37.19 -15.64 19.38
N ASN LA 11 -37.87 -15.51 18.24
CA ASN LA 11 -39.29 -15.14 18.27
C ASN LA 11 -40.12 -16.20 18.98
N ALA LA 12 -39.84 -17.48 18.71
CA ALA LA 12 -40.58 -18.56 19.38
C ALA LA 12 -40.32 -18.54 20.89
N ALA LA 13 -39.06 -18.36 21.30
CA ALA LA 13 -38.76 -18.30 22.72
C ALA LA 13 -39.44 -17.10 23.38
N ALA LA 14 -39.46 -15.95 22.69
CA ALA LA 14 -40.12 -14.78 23.23
C ALA LA 14 -41.61 -14.99 23.37
N THR LA 15 -42.23 -15.66 22.40
CA THR LA 15 -43.66 -15.95 22.48
C THR LA 15 -43.96 -16.91 23.64
N ASN LA 16 -43.10 -17.92 23.81
CA ASN LA 16 -43.29 -18.85 24.93
C ASN LA 16 -43.17 -18.13 26.26
N LEU LA 17 -42.14 -17.32 26.43
CA LEU LA 17 -41.99 -16.59 27.71
C LEU LA 17 -43.16 -15.61 27.86
N ASP LA 18 -43.66 -15.06 26.77
CA ASP LA 18 -44.85 -14.17 26.85
C ASP LA 18 -46.02 -14.92 27.48
N VAL LA 19 -46.34 -16.08 26.93
CA VAL LA 19 -47.47 -16.88 27.45
C VAL LA 19 -47.21 -17.20 28.92
N ILE LA 20 -45.98 -17.54 29.31
CA ILE LA 20 -45.75 -17.97 30.73
C ILE LA 20 -45.95 -16.75 31.62
N GLY LA 21 -45.55 -15.57 31.15
CA GLY LA 21 -45.77 -14.34 31.92
C GLY LA 21 -47.26 -14.04 32.04
N ASN LA 22 -48.02 -14.19 30.97
CA ASN LA 22 -49.48 -14.01 31.08
C ASN LA 22 -49.98 -14.96 32.15
N ASN LA 23 -49.54 -16.21 32.12
CA ASN LA 23 -50.10 -17.16 33.11
C ASN LA 23 -49.75 -16.68 34.51
N ILE LA 24 -48.51 -16.26 34.74
CA ILE LA 24 -48.07 -15.93 36.14
C ILE LA 24 -48.76 -14.64 36.59
N ALA LA 25 -49.09 -13.76 35.66
CA ALA LA 25 -49.83 -12.53 36.03
C ALA LA 25 -51.28 -12.92 36.31
N ASN LA 26 -51.73 -14.03 35.72
CA ASN LA 26 -53.07 -14.48 35.98
C ASN LA 26 -53.13 -15.64 36.98
N SER LA 27 -52.23 -15.67 37.95
CA SER LA 27 -52.22 -16.72 38.96
C SER LA 27 -53.51 -16.71 39.77
N ALA LA 28 -53.98 -15.52 40.13
CA ALA LA 28 -55.22 -15.34 40.89
C ALA LA 28 -56.19 -14.55 40.00
N THR LA 29 -56.94 -15.28 39.16
CA THR LA 29 -57.89 -14.67 38.23
C THR LA 29 -59.00 -15.70 37.99
N TYR LA 30 -60.15 -15.46 38.60
CA TYR LA 30 -61.28 -16.38 38.52
C TYR LA 30 -61.75 -16.57 37.08
N GLY LA 31 -61.98 -17.82 36.69
CA GLY LA 31 -62.44 -18.13 35.35
C GLY LA 31 -61.39 -18.11 34.28
N PHE LA 32 -60.14 -17.84 34.62
CA PHE LA 32 -59.04 -17.82 33.65
C PHE LA 32 -58.61 -19.25 33.34
N LYS LA 33 -58.35 -19.52 32.07
CA LYS LA 33 -57.77 -20.77 31.63
C LYS LA 33 -56.38 -20.50 31.04
N SER LA 34 -55.38 -21.24 31.52
CA SER LA 34 -54.00 -20.99 31.11
C SER LA 34 -53.82 -21.27 29.63
N GLY LA 35 -52.70 -20.79 29.09
CA GLY LA 35 -52.37 -20.95 27.69
C GLY LA 35 -51.04 -21.66 27.52
N THR LA 36 -50.85 -22.28 26.35
CA THR LA 36 -49.60 -22.93 26.00
C THR LA 36 -49.32 -22.71 24.52
N ALA LA 37 -48.11 -22.25 24.22
CA ALA LA 37 -47.73 -22.02 22.82
C ALA LA 37 -47.32 -23.33 22.16
N SER LA 38 -47.70 -23.48 20.90
CA SER LA 38 -47.35 -24.67 20.12
C SER LA 38 -46.46 -24.25 18.94
N PHE LA 39 -45.40 -25.02 18.73
CA PHE LA 39 -44.40 -24.70 17.72
C PHE LA 39 -44.33 -25.80 16.66
N ALA LA 40 -43.93 -25.41 15.45
CA ALA LA 40 -43.75 -26.33 14.34
C ALA LA 40 -42.62 -25.83 13.45
N ASP LA 41 -41.87 -26.78 12.89
CA ASP LA 41 -40.73 -26.44 12.04
C ASP LA 41 -41.20 -25.90 10.70
N MET LA 42 -40.27 -25.32 9.95
CA MET LA 42 -40.62 -24.66 8.69
C MET LA 42 -39.76 -25.15 7.52
N PHE LA 43 -39.66 -26.47 7.35
CA PHE LA 43 -38.98 -27.00 6.19
C PHE LA 43 -39.64 -26.49 4.91
N ALA LA 44 -38.81 -26.02 3.97
CA ALA LA 44 -39.31 -25.48 2.70
C ALA LA 44 -38.31 -25.87 1.61
N GLY LA 45 -38.58 -26.98 0.92
CA GLY LA 45 -37.75 -27.41 -0.18
C GLY LA 45 -36.46 -28.07 0.28
N SER LA 46 -35.54 -27.27 0.82
CA SER LA 46 -34.27 -27.80 1.30
C SER LA 46 -34.48 -28.58 2.59
N LYS LA 47 -33.48 -29.38 2.95
CA LYS LA 47 -33.52 -30.17 4.16
C LYS LA 47 -32.89 -29.47 5.36
N VAL LA 48 -32.53 -28.19 5.22
CA VAL LA 48 -31.74 -27.52 6.25
C VAL LA 48 -32.57 -27.04 7.43
N GLY LA 49 -33.90 -27.06 7.33
CA GLY LA 49 -34.71 -26.66 8.47
C GLY LA 49 -34.75 -25.17 8.72
N LEU LA 50 -35.42 -24.42 7.83
CA LEU LA 50 -35.49 -22.96 7.88
C LEU LA 50 -35.67 -22.38 9.28
N GLY LA 51 -36.68 -22.83 10.02
CA GLY LA 51 -36.87 -22.31 11.35
C GLY LA 51 -38.13 -22.80 12.03
N VAL LA 52 -38.63 -21.99 12.95
CA VAL LA 52 -39.79 -22.32 13.76
C VAL LA 52 -40.82 -21.21 13.63
N LYS LA 53 -42.09 -21.59 13.69
CA LYS LA 53 -43.19 -20.64 13.73
C LYS LA 53 -44.19 -21.07 14.78
N VAL LA 54 -44.83 -20.07 15.39
CA VAL LA 54 -45.85 -20.33 16.41
C VAL LA 54 -47.13 -20.76 15.73
N ALA LA 55 -47.40 -22.06 15.72
CA ALA LA 55 -48.62 -22.58 15.11
C ALA LA 55 -49.87 -22.05 15.81
N GLY LA 56 -49.76 -21.67 17.07
CA GLY LA 56 -50.89 -21.12 17.79
C GLY LA 56 -50.64 -21.15 19.27
N ILE LA 57 -51.63 -20.66 20.01
CA ILE LA 57 -51.65 -20.72 21.47
C ILE LA 57 -52.93 -21.42 21.88
N THR LA 58 -52.79 -22.59 22.51
CA THR LA 58 -53.92 -23.42 22.89
C THR LA 58 -54.25 -23.23 24.36
N GLN LA 59 -55.54 -23.04 24.65
CA GLN LA 59 -55.99 -22.93 26.02
C GLN LA 59 -56.00 -24.29 26.70
N ASP LA 60 -55.97 -24.28 28.03
CA ASP LA 60 -56.04 -25.48 28.84
C ASP LA 60 -57.39 -25.44 29.54
N PHE LA 61 -58.36 -26.17 28.99
CA PHE LA 61 -59.74 -26.13 29.47
C PHE LA 61 -60.00 -27.18 30.54
N THR LA 62 -59.17 -27.19 31.58
CA THR LA 62 -59.43 -28.04 32.74
C THR LA 62 -60.11 -27.22 33.83
N ASP LA 63 -60.97 -27.88 34.60
CA ASP LA 63 -61.70 -27.18 35.65
C ASP LA 63 -60.76 -26.69 36.73
N GLY LA 64 -60.91 -25.42 37.11
CA GLY LA 64 -60.17 -24.89 38.23
C GLY LA 64 -60.78 -25.26 39.55
N THR LA 65 -60.07 -24.93 40.63
CA THR LA 65 -60.57 -25.22 41.96
C THR LA 65 -61.77 -24.35 42.29
N THR LA 66 -62.82 -24.99 42.81
CA THR LA 66 -64.03 -24.28 43.19
C THR LA 66 -63.92 -23.85 44.66
N THR LA 67 -64.01 -22.54 44.90
CA THR LA 67 -63.83 -21.98 46.23
C THR LA 67 -65.11 -21.29 46.65
N ASN LA 68 -65.61 -21.62 47.84
CA ASN LA 68 -66.81 -20.98 48.36
C ASN LA 68 -66.53 -19.52 48.68
N THR LA 69 -67.43 -18.64 48.28
CA THR LA 69 -67.27 -17.20 48.50
C THR LA 69 -68.28 -16.61 49.48
N GLY LA 70 -69.41 -17.29 49.72
CA GLY LA 70 -70.40 -16.78 50.63
C GLY LA 70 -71.39 -15.79 50.04
N ARG LA 71 -71.25 -15.45 48.77
CA ARG LA 71 -72.18 -14.52 48.11
C ARG LA 71 -73.13 -15.32 47.23
N GLY LA 72 -74.42 -15.00 47.32
CA GLY LA 72 -75.43 -15.72 46.57
C GLY LA 72 -75.39 -15.56 45.06
N LEU LA 73 -74.71 -14.52 44.56
CA LEU LA 73 -74.60 -14.30 43.13
C LEU LA 73 -73.33 -14.87 42.52
N ASP LA 74 -72.49 -15.52 43.31
CA ASP LA 74 -71.29 -16.18 42.79
C ASP LA 74 -71.63 -17.63 42.46
N VAL LA 75 -71.63 -17.96 41.17
CA VAL LA 75 -71.95 -19.31 40.71
C VAL LA 75 -70.77 -19.82 39.89
N ALA LA 76 -70.44 -21.09 40.06
CA ALA LA 76 -69.32 -21.73 39.39
C ALA LA 76 -69.81 -22.88 38.51
N ILE LA 77 -69.20 -23.01 37.34
CA ILE LA 77 -69.56 -24.05 36.39
C ILE LA 77 -68.70 -25.28 36.67
N SER LA 78 -69.33 -26.32 37.23
CA SER LA 78 -68.66 -27.61 37.33
C SER LA 78 -68.72 -28.32 35.99
N GLN LA 79 -67.66 -29.06 35.69
CA GLN LA 79 -67.54 -29.82 34.43
C GLN LA 79 -67.58 -28.82 33.27
N ASN LA 80 -68.17 -29.22 32.14
CA ASN LA 80 -68.15 -28.39 30.94
C ASN LA 80 -69.34 -27.43 30.99
N GLY LA 81 -69.16 -26.28 30.38
CA GLY LA 81 -70.19 -25.25 30.31
C GLY LA 81 -69.58 -23.85 30.21
N PHE LA 82 -70.32 -22.96 29.56
CA PHE LA 82 -69.90 -21.57 29.38
C PHE LA 82 -71.11 -20.66 29.54
N PHE LA 83 -70.93 -19.58 30.30
CA PHE LA 83 -71.98 -18.57 30.40
C PHE LA 83 -72.07 -17.77 29.10
N ARG LA 84 -73.30 -17.45 28.72
CA ARG LA 84 -73.58 -16.68 27.51
C ARG LA 84 -73.92 -15.25 27.93
N LEU LA 85 -73.17 -14.28 27.41
CA LEU LA 85 -73.24 -12.89 27.83
C LEU LA 85 -73.53 -11.98 26.64
N VAL LA 86 -74.08 -10.80 26.93
CA VAL LA 86 -74.33 -9.78 25.92
C VAL LA 86 -73.89 -8.44 26.49
N ASP LA 87 -73.25 -7.64 25.62
CA ASP LA 87 -72.78 -6.30 26.03
C ASP LA 87 -73.74 -5.24 25.48
N SER LA 88 -73.38 -3.96 25.63
CA SER LA 88 -74.23 -2.86 25.12
C SER LA 88 -74.40 -2.99 23.61
N ASN LA 89 -73.36 -3.44 22.91
CA ASN LA 89 -73.41 -3.56 21.43
C ASN LA 89 -74.47 -4.59 21.04
N GLY LA 90 -74.92 -5.40 22.00
CA GLY LA 90 -75.91 -6.46 21.69
C GLY LA 90 -75.20 -7.69 21.17
N SER LA 91 -73.90 -7.57 20.87
CA SER LA 91 -73.14 -8.71 20.41
C SER LA 91 -73.09 -9.79 21.48
N VAL LA 92 -72.96 -11.04 21.03
CA VAL LA 92 -73.01 -12.20 21.91
C VAL LA 92 -71.58 -12.68 22.18
N PHE LA 93 -71.29 -12.93 23.45
CA PHE LA 93 -69.97 -13.40 23.87
C PHE LA 93 -70.16 -14.51 24.91
N TYR LA 94 -69.05 -15.11 25.34
CA TYR LA 94 -69.12 -16.22 26.28
C TYR LA 94 -68.01 -16.10 27.31
N SER LA 95 -68.34 -16.41 28.56
CA SER LA 95 -67.41 -16.25 29.67
C SER LA 95 -67.69 -17.30 30.75
N ARG LA 96 -66.63 -17.69 31.45
CA ARG LA 96 -66.73 -18.73 32.50
C ARG LA 96 -66.57 -18.08 33.88
N ASN LA 97 -66.64 -16.75 33.95
CA ASN LA 97 -66.55 -16.07 35.25
C ASN LA 97 -67.91 -16.09 35.94
N GLY LA 98 -67.90 -16.05 37.27
CA GLY LA 98 -69.14 -16.10 38.02
C GLY LA 98 -69.36 -14.95 38.99
N GLN LA 99 -68.67 -13.83 38.78
CA GLN LA 99 -68.86 -12.65 39.63
C GLN LA 99 -70.03 -11.83 39.05
N PHE LA 100 -71.20 -11.96 39.67
CA PHE LA 100 -72.40 -11.30 39.20
C PHE LA 100 -72.83 -10.20 40.16
N LYS LA 101 -73.28 -9.08 39.60
CA LYS LA 101 -73.80 -7.98 40.38
C LYS LA 101 -75.00 -7.38 39.66
N LEU LA 102 -75.85 -6.71 40.43
CA LEU LA 102 -76.99 -5.98 39.87
C LEU LA 102 -76.55 -4.58 39.47
N ASP LA 103 -77.05 -4.12 38.34
CA ASP LA 103 -76.80 -2.76 37.90
C ASP LA 103 -77.97 -1.84 38.30
N GLU LA 104 -77.93 -0.60 37.81
CA GLU LA 104 -79.06 0.29 38.01
C GLU LA 104 -80.30 -0.21 37.29
N ASN LA 105 -80.12 -0.92 36.19
CA ASN LA 105 -81.22 -1.42 35.36
C ASN LA 105 -81.74 -2.79 35.80
N ARG LA 106 -81.32 -3.27 36.97
CA ARG LA 106 -81.76 -4.55 37.54
C ARG LA 106 -81.38 -5.74 36.67
N ASN LA 107 -80.30 -5.64 35.90
CA ASN LA 107 -79.85 -6.76 35.09
C ASN LA 107 -78.63 -7.41 35.73
N LEU LA 108 -78.64 -8.75 35.77
CA LEU LA 108 -77.52 -9.51 36.29
C LEU LA 108 -76.35 -9.35 35.34
N VAL LA 109 -75.31 -8.64 35.78
CA VAL LA 109 -74.15 -8.34 34.95
C VAL LA 109 -72.89 -8.71 35.69
N ASN LA 110 -71.81 -8.87 34.94
CA ASN LA 110 -70.51 -9.17 35.51
C ASN LA 110 -69.84 -7.86 35.93
N MET LA 111 -68.55 -7.93 36.30
CA MET LA 111 -67.84 -6.73 36.73
C MET LA 111 -67.65 -5.74 35.58
N GLN LA 112 -67.63 -6.22 34.34
CA GLN LA 112 -67.46 -5.34 33.19
C GLN LA 112 -68.79 -4.84 32.62
N GLY LA 113 -69.91 -5.14 33.28
CA GLY LA 113 -71.20 -4.70 32.79
C GLY LA 113 -71.86 -5.60 31.77
N MET LA 114 -71.24 -6.73 31.45
CA MET LA 114 -71.79 -7.64 30.45
C MET LA 114 -73.00 -8.37 31.02
N GLN LA 115 -74.10 -8.36 30.28
CA GLN LA 115 -75.38 -8.82 30.79
C GLN LA 115 -75.49 -10.34 30.69
N LEU LA 116 -75.94 -10.97 31.77
CA LEU LA 116 -76.25 -12.39 31.75
C LEU LA 116 -77.41 -12.66 30.80
N THR LA 117 -77.36 -13.81 30.11
CA THR LA 117 -78.44 -14.25 29.25
C THR LA 117 -79.00 -15.57 29.76
N GLY LA 118 -80.25 -15.83 29.39
CA GLY LA 118 -80.86 -17.09 29.77
C GLY LA 118 -82.27 -17.21 29.23
N TYR LA 119 -82.83 -18.39 29.45
CA TYR LA 119 -84.21 -18.65 29.06
C TYR LA 119 -85.17 -17.84 29.94
N PRO LA 120 -86.04 -17.03 29.35
CA PRO LA 120 -86.92 -16.19 30.17
C PRO LA 120 -88.06 -16.98 30.78
N ALA LA 121 -88.57 -16.46 31.89
CA ALA LA 121 -89.75 -17.03 32.54
C ALA LA 121 -90.90 -16.04 32.41
N THR LA 122 -92.00 -16.49 31.82
CA THR LA 122 -93.13 -15.62 31.51
C THR LA 122 -94.43 -16.26 31.98
N GLY LA 123 -95.48 -15.46 32.01
CA GLY LA 123 -96.80 -15.93 32.33
C GLY LA 123 -97.14 -15.83 33.81
N THR LA 124 -98.43 -16.02 34.08
CA THR LA 124 -98.96 -16.03 35.44
C THR LA 124 -99.71 -17.33 35.67
N PRO LA 125 -99.12 -18.31 36.37
CA PRO LA 125 -97.85 -18.26 37.11
C PRO LA 125 -96.62 -18.34 36.21
N PRO LA 126 -95.44 -17.96 36.71
CA PRO LA 126 -94.26 -17.90 35.84
C PRO LA 126 -93.79 -19.28 35.44
N THR LA 127 -93.67 -19.49 34.13
CA THR LA 127 -93.19 -20.74 33.56
C THR LA 127 -91.95 -20.46 32.72
N ILE LA 128 -90.96 -21.34 32.83
CA ILE LA 128 -89.73 -21.17 32.08
C ILE LA 128 -89.99 -21.50 30.62
N GLN LA 129 -89.36 -20.75 29.71
CA GLN LA 129 -89.53 -20.94 28.28
C GLN LA 129 -88.20 -21.42 27.71
N GLN LA 130 -87.91 -22.71 27.93
CA GLN LA 130 -86.57 -23.25 27.56
C GLN LA 130 -86.37 -23.28 26.05
N GLY LA 131 -87.28 -22.68 25.29
CA GLY LA 131 -87.08 -22.58 23.84
C GLY LA 131 -86.75 -21.15 23.44
N ALA LA 132 -87.31 -20.18 24.16
CA ALA LA 132 -87.13 -18.76 23.79
C ALA LA 132 -85.65 -18.42 23.64
N ASN LA 133 -85.31 -17.58 22.66
CA ASN LA 133 -83.90 -17.15 22.47
C ASN LA 133 -83.45 -16.43 23.74
N PRO LA 134 -82.24 -16.74 24.28
CA PRO LA 134 -81.81 -16.15 25.54
C PRO LA 134 -82.00 -14.63 25.65
N ALA LA 135 -82.61 -14.18 26.74
CA ALA LA 135 -82.81 -12.77 26.99
C ALA LA 135 -82.12 -12.38 28.30
N PRO LA 136 -81.76 -11.10 28.46
CA PRO LA 136 -81.12 -10.69 29.72
C PRO LA 136 -81.99 -10.99 30.92
N ILE LA 137 -81.35 -11.50 31.97
CA ILE LA 137 -82.08 -11.87 33.19
C ILE LA 137 -82.25 -10.64 34.07
N THR LA 138 -83.49 -10.29 34.37
CA THR LA 138 -83.81 -9.12 35.16
C THR LA 138 -84.59 -9.53 36.40
N ILE LA 139 -84.25 -8.93 37.54
CA ILE LA 139 -84.96 -9.19 38.79
C ILE LA 139 -85.68 -7.91 39.21
N PRO LA 140 -86.87 -7.63 38.68
CA PRO LA 140 -87.57 -6.40 39.06
C PRO LA 140 -88.02 -6.43 40.50
N ASN LA 141 -88.10 -5.25 41.10
CA ASN LA 141 -88.62 -5.08 42.45
C ASN LA 141 -90.12 -4.77 42.45
N THR LA 142 -90.76 -4.81 41.28
CA THR LA 142 -92.18 -4.49 41.18
C THR LA 142 -93.02 -5.51 41.94
N LEU LA 143 -94.03 -5.00 42.64
CA LEU LA 143 -94.95 -5.84 43.41
C LEU LA 143 -95.68 -6.82 42.48
N MET LA 144 -95.88 -8.03 43.01
CA MET LA 144 -96.59 -9.08 42.29
C MET LA 144 -98.09 -8.94 42.52
N ALA LA 145 -98.87 -9.14 41.47
CA ALA LA 145 -100.32 -9.00 41.54
C ALA LA 145 -100.90 -10.23 42.24
N ALA LA 146 -102.23 -10.28 42.37
CA ALA LA 146 -102.91 -11.41 43.00
C ALA LA 146 -103.43 -12.37 41.93
N LYS LA 147 -103.43 -13.65 42.28
CA LYS LA 147 -103.84 -14.71 41.37
C LYS LA 147 -105.16 -15.30 41.87
N SER LA 148 -106.16 -15.35 40.99
CA SER LA 148 -107.49 -15.80 41.38
C SER LA 148 -107.49 -17.28 41.75
N THR LA 149 -108.19 -17.61 42.83
CA THR LA 149 -108.31 -19.00 43.25
C THR LA 149 -109.26 -19.74 42.30
N THR LA 150 -108.81 -20.89 41.81
CA THR LA 150 -109.58 -21.70 40.89
C THR LA 150 -109.86 -23.11 41.37
N THR LA 151 -108.89 -23.77 42.02
CA THR LA 151 -109.07 -25.12 42.51
C THR LA 151 -108.55 -25.21 43.94
N ALA LA 152 -109.31 -25.85 44.81
CA ALA LA 152 -108.93 -26.07 46.19
C ALA LA 152 -109.25 -27.50 46.59
N SER LA 153 -108.41 -28.06 47.46
CA SER LA 153 -108.56 -29.42 47.92
C SER LA 153 -108.51 -29.47 49.45
N MET LA 154 -109.43 -30.25 50.02
CA MET LA 154 -109.60 -30.33 51.47
C MET LA 154 -109.72 -31.80 51.84
N GLN LA 155 -108.59 -32.45 52.12
CA GLN LA 155 -108.56 -33.85 52.51
C GLN LA 155 -108.63 -33.93 54.04
N ILE LA 156 -109.72 -34.49 54.55
CA ILE LA 156 -109.99 -34.52 55.98
C ILE LA 156 -110.38 -35.94 56.38
N ASN LA 157 -110.13 -36.29 57.64
CA ASN LA 157 -110.54 -37.57 58.20
C ASN LA 157 -111.70 -37.33 59.17
N LEU LA 158 -112.77 -38.11 59.01
CA LEU LA 158 -113.97 -37.98 59.81
C LEU LA 158 -114.17 -39.22 60.68
N ASN LA 159 -114.74 -39.03 61.87
CA ASN LA 159 -114.99 -40.12 62.78
C ASN LA 159 -116.33 -40.79 62.47
N SER LA 160 -116.34 -42.12 62.44
CA SER LA 160 -117.56 -42.84 62.10
C SER LA 160 -118.56 -42.85 63.26
N THR LA 161 -118.07 -42.70 64.49
CA THR LA 161 -118.92 -42.83 65.67
C THR LA 161 -119.64 -41.53 66.05
N ASP LA 162 -119.47 -40.47 65.28
CA ASP LA 162 -120.15 -39.22 65.59
C ASP LA 162 -121.66 -39.40 65.48
N PRO LA 163 -122.43 -38.88 66.44
CA PRO LA 163 -123.88 -39.03 66.37
C PRO LA 163 -124.49 -38.22 65.24
N VAL LA 164 -125.59 -38.73 64.70
CA VAL LA 164 -126.31 -38.07 63.61
C VAL LA 164 -127.17 -36.96 64.18
N PRO LA 165 -126.96 -35.71 63.77
CA PRO LA 165 -127.83 -34.62 64.25
C PRO LA 165 -129.28 -34.83 63.81
N SER LA 166 -130.21 -34.51 64.70
CA SER LA 166 -131.63 -34.64 64.40
C SER LA 166 -132.22 -33.31 63.92
N LYS LA 167 -131.63 -32.20 64.34
CA LYS LA 167 -132.18 -30.88 64.04
C LYS LA 167 -131.80 -30.41 62.65
N THR LA 168 -132.18 -31.17 61.62
CA THR LA 168 -131.92 -30.76 60.26
C THR LA 168 -132.84 -29.61 59.86
N PRO LA 169 -132.39 -28.72 58.97
CA PRO LA 169 -131.08 -28.67 58.32
C PRO LA 169 -130.05 -27.88 59.12
N PHE LA 170 -128.93 -27.51 58.51
CA PHE LA 170 -127.92 -26.72 59.20
C PHE LA 170 -128.44 -25.33 59.51
N SER LA 171 -128.21 -24.89 60.75
CA SER LA 171 -128.63 -23.57 61.20
C SER LA 171 -127.44 -22.91 61.89
N VAL LA 172 -127.24 -21.62 61.62
CA VAL LA 172 -126.15 -20.88 62.26
C VAL LA 172 -126.39 -20.79 63.77
N SER LA 173 -127.62 -20.48 64.16
CA SER LA 173 -127.95 -20.35 65.58
C SER LA 173 -127.85 -21.70 66.30
N ASP LA 174 -128.29 -22.77 65.63
CA ASP LA 174 -128.33 -24.10 66.23
C ASP LA 174 -127.00 -24.80 65.98
N ALA LA 175 -126.20 -24.92 67.04
CA ALA LA 175 -124.88 -25.54 66.91
C ALA LA 175 -124.99 -27.04 66.69
N ASP LA 176 -126.06 -27.66 67.21
CA ASP LA 176 -126.23 -29.10 67.11
C ASP LA 176 -126.65 -29.52 65.70
N SER LA 177 -126.97 -28.54 64.86
CA SER LA 177 -127.44 -28.80 63.50
C SER LA 177 -126.32 -29.26 62.57
N TYR LA 178 -125.07 -29.18 62.99
CA TYR LA 178 -123.94 -29.58 62.15
C TYR LA 178 -122.98 -30.43 62.97
N ASN LA 179 -122.28 -31.33 62.27
CA ASN LA 179 -121.30 -32.21 62.91
C ASN LA 179 -119.94 -31.54 63.09
N LYS LA 180 -119.44 -30.87 62.06
CA LYS LA 180 -118.12 -30.27 62.13
C LYS LA 180 -118.14 -28.93 61.42
N LYS LA 181 -117.45 -27.94 61.99
CA LYS LA 181 -117.31 -26.63 61.40
C LYS LA 181 -115.82 -26.28 61.31
N GLY LA 182 -115.34 -26.10 60.08
CA GLY LA 182 -113.94 -25.81 59.85
C GLY LA 182 -113.79 -24.54 59.05
N THR LA 183 -112.55 -24.04 59.01
CA THR LA 183 -112.25 -22.78 58.35
C THR LA 183 -111.08 -22.97 57.39
N VAL LA 184 -111.22 -22.43 56.18
CA VAL LA 184 -110.16 -22.44 55.18
C VAL LA 184 -109.89 -21.00 54.78
N THR LA 185 -108.62 -20.61 54.74
CA THR LA 185 -108.24 -19.24 54.40
C THR LA 185 -108.02 -19.14 52.90
N VAL LA 186 -108.82 -18.32 52.24
CA VAL LA 186 -108.70 -18.08 50.80
C VAL LA 186 -108.49 -16.59 50.57
N TYR LA 187 -108.22 -16.22 49.33
CA TYR LA 187 -107.98 -14.84 48.95
C TYR LA 187 -108.71 -14.51 47.65
N ASP LA 188 -109.28 -13.32 47.59
CA ASP LA 188 -110.04 -12.85 46.44
C ASP LA 188 -109.10 -12.21 45.43
N SER LA 189 -109.67 -11.53 44.43
CA SER LA 189 -108.87 -10.84 43.43
C SER LA 189 -108.03 -9.72 44.04
N GLN LA 190 -108.45 -9.16 45.17
CA GLN LA 190 -107.70 -8.12 45.86
C GLN LA 190 -106.76 -8.68 46.92
N GLY LA 191 -106.79 -9.98 47.16
CA GLY LA 191 -105.91 -10.56 48.17
C GLY LA 191 -106.41 -10.44 49.59
N ASN LA 192 -107.68 -10.10 49.78
CA ASN LA 192 -108.25 -10.05 51.12
C ASN LA 192 -108.35 -11.46 51.69
N ALA LA 193 -108.16 -11.58 53.00
CA ALA LA 193 -108.20 -12.87 53.67
C ALA LA 193 -109.63 -13.24 54.02
N HIS LA 194 -110.16 -14.29 53.39
CA HIS LA 194 -111.51 -14.77 53.62
C HIS LA 194 -111.42 -16.08 54.41
N ASP LA 195 -112.00 -16.08 55.61
CA ASP LA 195 -112.06 -17.26 56.45
C ASP LA 195 -113.32 -18.04 56.10
N MET LA 196 -113.28 -18.74 54.96
CA MET LA 196 -114.46 -19.42 54.44
C MET LA 196 -114.78 -20.62 55.31
N ASN LA 197 -116.02 -20.73 55.75
CA ASN LA 197 -116.42 -21.78 56.67
C ASN LA 197 -117.01 -22.97 55.90
N VAL LA 198 -116.55 -24.16 56.25
CA VAL LA 198 -117.04 -25.41 55.67
C VAL LA 198 -117.75 -26.17 56.76
N TYR LA 199 -119.00 -26.55 56.50
CA TYR LA 199 -119.84 -27.24 57.47
C TYR LA 199 -120.11 -28.65 56.99
N PHE LA 200 -119.74 -29.65 57.79
CA PHE LA 200 -120.01 -31.04 57.51
C PHE LA 200 -121.13 -31.51 58.43
N VAL LA 201 -122.21 -32.00 57.85
CA VAL LA 201 -123.37 -32.48 58.61
C VAL LA 201 -123.64 -33.91 58.19
N LYS LA 202 -123.52 -34.84 59.14
CA LYS LA 202 -123.82 -36.24 58.84
C LYS LA 202 -125.33 -36.41 58.73
N THR LA 203 -125.80 -36.86 57.57
CA THR LA 203 -127.23 -37.03 57.34
C THR LA 203 -127.69 -38.47 57.55
N LYS LA 204 -126.89 -39.44 57.13
CA LYS LA 204 -127.19 -40.85 57.32
C LYS LA 204 -125.86 -41.61 57.28
N ASP LA 205 -125.94 -42.92 57.13
CA ASP LA 205 -124.73 -43.73 57.06
C ASP LA 205 -123.89 -43.35 55.85
N ASN LA 206 -122.70 -42.84 56.11
CA ASN LA 206 -121.69 -42.49 55.10
C ASN LA 206 -122.13 -41.37 54.16
N GLU LA 207 -123.01 -40.48 54.61
CA GLU LA 207 -123.43 -39.33 53.80
C GLU LA 207 -123.26 -38.06 54.62
N TRP LA 208 -122.54 -37.09 54.07
CA TRP LA 208 -122.23 -35.84 54.76
C TRP LA 208 -122.57 -34.68 53.83
N ALA LA 209 -123.55 -33.86 54.23
CA ALA LA 209 -123.83 -32.63 53.51
C ALA LA 209 -122.77 -31.58 53.83
N VAL LA 210 -122.34 -30.85 52.80
CA VAL LA 210 -121.28 -29.86 52.90
C VAL LA 210 -121.86 -28.50 52.57
N TYR LA 211 -121.73 -27.57 53.52
CA TYR LA 211 -122.15 -26.18 53.37
C TYR LA 211 -120.91 -25.29 53.27
N THR LA 212 -120.99 -24.27 52.42
CA THR LA 212 -119.94 -23.27 52.28
C THR LA 212 -120.48 -21.90 52.66
N HIS LA 213 -119.72 -21.18 53.47
CA HIS LA 213 -120.15 -19.87 53.96
C HIS LA 213 -119.00 -18.88 53.85
N ASP LA 214 -119.32 -17.64 53.50
CA ASP LA 214 -118.33 -16.57 53.45
C ASP LA 214 -118.48 -15.72 54.72
N SER LA 215 -117.72 -16.06 55.77
CA SER LA 215 -117.91 -15.47 57.08
C SER LA 215 -117.11 -14.18 57.28
N SER LA 216 -116.24 -13.81 56.35
CA SER LA 216 -115.42 -12.61 56.53
C SER LA 216 -116.20 -11.32 56.28
N ASP LA 217 -117.35 -11.39 55.64
CA ASP LA 217 -118.18 -10.21 55.45
C ASP LA 217 -119.05 -10.01 56.68
N PRO LA 218 -118.93 -8.89 57.38
CA PRO LA 218 -119.75 -8.66 58.59
C PRO LA 218 -121.24 -8.58 58.30
N ALA LA 219 -121.64 -8.29 57.06
CA ALA LA 219 -123.05 -8.24 56.69
C ALA LA 219 -123.48 -9.44 55.86
N ALA LA 220 -122.71 -10.52 55.87
CA ALA LA 220 -123.04 -11.70 55.07
C ALA LA 220 -124.30 -12.37 55.62
N THR LA 221 -125.17 -12.78 54.70
CA THR LA 221 -126.40 -13.47 55.09
C THR LA 221 -126.11 -14.90 55.48
N ALA LA 222 -126.96 -15.45 56.34
CA ALA LA 222 -126.81 -16.83 56.79
C ALA LA 222 -127.05 -17.79 55.63
N PRO LA 223 -126.18 -18.79 55.43
CA PRO LA 223 -126.39 -19.75 54.33
C PRO LA 223 -127.66 -20.57 54.55
N THR LA 224 -128.36 -20.85 53.46
CA THR LA 224 -129.62 -21.59 53.52
C THR LA 224 -129.60 -22.90 52.76
N THR LA 225 -128.73 -23.05 51.77
CA THR LA 225 -128.70 -24.24 50.92
C THR LA 225 -127.33 -24.89 50.99
N ALA LA 226 -127.32 -26.21 51.14
CA ALA LA 226 -126.07 -26.95 51.20
C ALA LA 226 -125.34 -26.90 49.87
N SER LA 227 -124.02 -26.72 49.93
CA SER LA 227 -123.24 -26.67 48.70
C SER LA 227 -123.25 -28.02 47.98
N THR LA 228 -123.08 -29.12 48.71
CA THR LA 228 -123.09 -30.43 48.08
C THR LA 228 -123.39 -31.49 49.14
N THR LA 229 -123.33 -32.75 48.71
CA THR LA 229 -123.55 -33.89 49.59
C THR LA 229 -122.59 -35.01 49.20
N LEU LA 230 -121.57 -35.22 50.01
CA LEU LA 230 -120.58 -36.26 49.76
C LEU LA 230 -121.09 -37.60 50.24
N LYS LA 231 -120.92 -38.63 49.42
CA LYS LA 231 -121.34 -40.00 49.74
C LYS LA 231 -120.12 -40.90 49.72
N PHE LA 232 -119.94 -41.67 50.80
CA PHE LA 232 -118.79 -42.55 50.96
C PHE LA 232 -119.22 -43.99 50.78
N ASN LA 233 -118.42 -44.75 50.01
CA ASN LA 233 -118.71 -46.14 49.75
C ASN LA 233 -118.28 -47.01 50.94
N GLU LA 234 -118.25 -48.33 50.72
CA GLU LA 234 -117.88 -49.27 51.77
C GLU LA 234 -116.45 -49.06 52.26
N ASN LA 235 -115.52 -48.75 51.36
CA ASN LA 235 -114.13 -48.52 51.72
C ASN LA 235 -113.84 -47.07 52.08
N GLY LA 236 -114.83 -46.20 52.04
CA GLY LA 236 -114.62 -44.79 52.30
C GLY LA 236 -114.06 -44.01 51.13
N ILE LA 237 -113.95 -44.62 49.96
CA ILE LA 237 -113.39 -43.97 48.78
C ILE LA 237 -114.45 -43.12 48.11
N LEU LA 238 -114.08 -41.90 47.76
CA LEU LA 238 -115.01 -41.00 47.06
C LEU LA 238 -115.31 -41.55 45.67
N GLU LA 239 -116.60 -41.60 45.33
CA GLU LA 239 -117.03 -42.11 44.03
C GLU LA 239 -117.48 -41.00 43.09
N SER LA 240 -118.34 -40.09 43.55
CA SER LA 240 -118.81 -38.98 42.72
C SER LA 240 -119.31 -37.86 43.61
N GLY LA 241 -119.48 -36.69 43.00
CA GLY LA 241 -120.00 -35.53 43.70
C GLY LA 241 -119.01 -34.81 44.60
N GLY LA 242 -117.72 -35.12 44.50
CA GLY LA 242 -116.73 -34.51 45.36
C GLY LA 242 -116.27 -33.13 44.96
N THR LA 243 -116.66 -32.65 43.79
CA THR LA 243 -116.23 -31.33 43.31
C THR LA 243 -117.45 -30.42 43.21
N VAL LA 244 -117.33 -29.22 43.76
CA VAL LA 244 -118.44 -28.27 43.74
C VAL LA 244 -117.87 -26.88 43.47
N ASN LA 245 -118.55 -26.13 42.60
CA ASN LA 245 -118.17 -24.76 42.31
C ASN LA 245 -118.73 -23.83 43.37
N ILE LA 246 -117.86 -23.05 44.00
CA ILE LA 246 -118.24 -22.13 45.07
C ILE LA 246 -117.85 -20.72 44.66
N THR LA 247 -118.79 -19.79 44.81
CA THR LA 247 -118.60 -18.40 44.44
C THR LA 247 -118.70 -17.53 45.68
N THR LA 248 -117.71 -16.67 45.90
CA THR LA 248 -117.73 -15.75 47.02
C THR LA 248 -118.54 -14.50 46.68
N GLY LA 249 -118.77 -13.67 47.69
CA GLY LA 249 -119.48 -12.43 47.48
C GLY LA 249 -118.57 -11.31 47.01
N THR LA 250 -119.19 -10.16 46.76
CA THR LA 250 -118.48 -8.94 46.34
C THR LA 250 -118.13 -8.17 47.61
N ILE LA 251 -116.91 -8.36 48.09
CA ILE LA 251 -116.45 -7.79 49.36
C ILE LA 251 -115.40 -6.73 49.06
N ASN LA 252 -115.65 -5.50 49.55
CA ASN LA 252 -114.74 -4.38 49.36
C ASN LA 252 -114.48 -4.09 47.89
N GLY LA 253 -115.47 -4.37 47.05
CA GLY LA 253 -115.37 -4.15 45.63
C GLY LA 253 -114.61 -5.21 44.86
N ALA LA 254 -114.17 -6.27 45.52
CA ALA LA 254 -113.43 -7.34 44.84
C ALA LA 254 -114.37 -8.20 44.00
N THR LA 255 -113.80 -8.81 42.97
CA THR LA 255 -114.59 -9.69 42.10
C THR LA 255 -115.00 -10.95 42.86
N ALA LA 256 -116.18 -11.47 42.53
CA ALA LA 256 -116.61 -12.74 43.09
C ALA LA 256 -115.65 -13.85 42.67
N ALA LA 257 -115.22 -14.65 43.64
CA ALA LA 257 -114.26 -15.70 43.38
C ALA LA 257 -114.96 -17.04 43.22
N THR LA 258 -114.93 -17.57 42.00
CA THR LA 258 -115.53 -18.86 41.68
C THR LA 258 -114.43 -19.89 41.56
N PHE LA 259 -114.44 -20.89 42.43
CA PHE LA 259 -113.40 -21.91 42.46
C PHE LA 259 -114.01 -23.28 42.70
N SER LA 260 -113.33 -24.31 42.20
CA SER LA 260 -113.77 -25.69 42.38
C SER LA 260 -113.18 -26.24 43.66
N LEU LA 261 -114.04 -26.49 44.66
CA LEU LA 261 -113.62 -27.09 45.91
C LEU LA 261 -113.85 -28.60 45.83
N SER LA 262 -112.82 -29.37 46.17
CA SER LA 262 -112.87 -30.83 46.12
C SER LA 262 -112.45 -31.40 47.47
N PHE LA 263 -113.11 -32.48 47.87
CA PHE LA 263 -112.77 -33.22 49.08
C PHE LA 263 -112.23 -34.61 48.78
N LEU LA 264 -111.45 -34.75 47.72
CA LEU LA 264 -110.95 -36.06 47.32
C LEU LA 264 -110.00 -36.62 48.37
N ASN LA 265 -109.92 -37.95 48.42
CA ASN LA 265 -109.11 -38.72 49.36
C ASN LA 265 -109.59 -38.61 50.80
N SER LA 266 -110.69 -37.89 51.04
CA SER LA 266 -111.25 -37.84 52.38
C SER LA 266 -111.89 -39.19 52.73
N MET LA 267 -111.62 -39.65 53.95
CA MET LA 267 -112.03 -40.98 54.37
C MET LA 267 -112.55 -40.95 55.80
N GLN LA 268 -113.54 -41.80 56.05
CA GLN LA 268 -114.27 -41.85 57.33
C GLN LA 268 -114.01 -43.21 57.96
N GLN LA 269 -113.23 -43.21 59.05
CA GLN LA 269 -112.84 -44.45 59.70
C GLN LA 269 -112.88 -44.29 61.22
N ASN LA 270 -112.32 -45.24 61.96
CA ASN LA 270 -112.31 -45.20 63.42
C ASN LA 270 -111.27 -44.23 63.97
N THR LA 271 -111.34 -42.97 63.55
CA THR LA 271 -110.46 -41.96 64.09
C THR LA 271 -110.97 -41.46 65.43
N GLY LA 272 -110.05 -40.99 66.28
CA GLY LA 272 -110.43 -40.49 67.58
C GLY LA 272 -111.22 -39.19 67.51
N ALA LA 273 -111.02 -38.44 66.42
CA ALA LA 273 -111.72 -37.18 66.21
C ALA LA 273 -111.61 -36.76 64.75
N ASN LA 274 -112.16 -35.59 64.42
CA ASN LA 274 -112.06 -35.07 63.06
C ASN LA 274 -110.72 -34.36 62.89
N ASN LA 275 -109.88 -34.91 62.01
CA ASN LA 275 -108.53 -34.38 61.80
C ASN LA 275 -108.33 -34.11 60.32
N ILE LA 276 -107.56 -33.07 60.03
CA ILE LA 276 -107.32 -32.64 58.66
C ILE LA 276 -106.02 -33.27 58.16
N VAL LA 277 -106.08 -33.91 56.99
CA VAL LA 277 -104.88 -34.48 56.39
C VAL LA 277 -104.16 -33.48 55.52
N ALA LA 278 -104.86 -32.80 54.63
CA ALA LA 278 -104.22 -31.89 53.69
C ALA LA 278 -105.15 -30.75 53.33
N THR LA 279 -104.57 -29.56 53.18
CA THR LA 279 -105.26 -28.38 52.68
C THR LA 279 -104.45 -27.78 51.54
N ASN LA 280 -105.14 -27.37 50.49
CA ASN LA 280 -104.45 -26.77 49.36
C ASN LA 280 -105.35 -25.77 48.65
N GLN LA 281 -104.79 -24.60 48.38
CA GLN LA 281 -105.44 -23.58 47.56
C GLN LA 281 -104.36 -22.78 46.87
N ASN LA 282 -104.64 -22.37 45.63
CA ASN LA 282 -103.63 -21.75 44.77
C ASN LA 282 -103.64 -20.23 44.83
N GLY LA 283 -104.50 -19.62 45.64
CA GLY LA 283 -104.52 -18.18 45.75
C GLY LA 283 -103.55 -17.65 46.79
N TYR LA 284 -103.28 -16.35 46.70
CA TYR LA 284 -102.37 -15.69 47.64
C TYR LA 284 -102.72 -14.20 47.68
N LYS LA 285 -101.84 -13.44 48.31
CA LYS LA 285 -101.92 -11.99 48.48
C LYS LA 285 -100.77 -11.31 47.72
N PRO LA 286 -100.98 -10.10 47.21
CA PRO LA 286 -99.84 -9.35 46.63
C PRO LA 286 -98.74 -9.11 47.65
N GLY LA 287 -97.48 -9.21 47.21
CA GLY LA 287 -96.36 -9.08 48.13
C GLY LA 287 -95.22 -8.33 47.49
N ASP LA 288 -94.30 -7.86 48.34
CA ASP LA 288 -93.11 -7.14 47.92
C ASP LA 288 -91.91 -8.08 47.95
N LEU LA 289 -90.89 -7.71 47.17
CA LEU LA 289 -89.69 -8.52 47.05
C LEU LA 289 -88.94 -8.57 48.38
N VAL LA 290 -88.49 -9.76 48.75
CA VAL LA 290 -87.70 -9.96 49.96
C VAL LA 290 -86.27 -10.37 49.62
N SER LA 291 -86.11 -11.38 48.77
CA SER LA 291 -84.77 -11.85 48.43
C SER LA 291 -84.80 -12.56 47.09
N TYR LA 292 -83.61 -12.98 46.65
CA TYR LA 292 -83.46 -13.73 45.40
C TYR LA 292 -82.39 -14.80 45.60
N GLN LA 293 -82.46 -15.84 44.76
CA GLN LA 293 -81.53 -16.95 44.86
C GLN LA 293 -81.33 -17.58 43.48
N ILE LA 294 -80.22 -18.29 43.34
CA ILE LA 294 -79.88 -19.02 42.13
C ILE LA 294 -79.75 -20.49 42.49
N ASN LA 295 -80.56 -21.33 41.85
CA ASN LA 295 -80.55 -22.75 42.15
C ASN LA 295 -79.41 -23.45 41.41
N ASN LA 296 -79.22 -24.73 41.74
CA ASN LA 296 -78.17 -25.54 41.13
C ASN LA 296 -78.36 -25.70 39.62
N ASP LA 297 -79.60 -25.62 39.12
CA ASP LA 297 -79.88 -25.78 37.70
C ASP LA 297 -79.91 -24.46 36.95
N GLY LA 298 -79.65 -23.34 37.63
CA GLY LA 298 -79.62 -22.04 36.98
C GLY LA 298 -80.90 -21.24 37.07
N THR LA 299 -81.95 -21.77 37.70
CA THR LA 299 -83.19 -21.01 37.83
C THR LA 299 -83.00 -19.84 38.77
N VAL LA 300 -83.51 -18.68 38.39
CA VAL LA 300 -83.52 -17.50 39.24
C VAL LA 300 -84.85 -17.48 39.97
N VAL LA 301 -84.82 -17.52 41.31
CA VAL LA 301 -86.02 -17.60 42.12
C VAL LA 301 -86.08 -16.38 43.02
N GLY LA 302 -87.16 -15.59 42.90
CA GLY LA 302 -87.36 -14.44 43.75
C GLY LA 302 -88.41 -14.75 44.80
N ASN LA 303 -88.01 -14.59 46.06
CA ASN LA 303 -88.88 -14.81 47.21
C ASN LA 303 -89.44 -13.47 47.65
N TYR LA 304 -90.77 -13.36 47.65
CA TYR LA 304 -91.46 -12.12 47.96
C TYR LA 304 -91.93 -12.14 49.42
N SER LA 305 -92.66 -11.10 49.82
CA SER LA 305 -93.15 -10.97 51.19
C SER LA 305 -94.49 -11.65 51.41
N ASN LA 306 -95.10 -12.22 50.36
CA ASN LA 306 -96.39 -12.87 50.50
C ASN LA 306 -96.24 -14.37 50.68
N GLU LA 307 -95.08 -14.80 51.16
CA GLU LA 307 -94.77 -16.21 51.38
C GLU LA 307 -95.00 -17.02 50.10
N GLN LA 308 -94.51 -16.49 48.98
CA GLN LA 308 -94.67 -17.12 47.68
C GLN LA 308 -93.49 -16.73 46.80
N GLU LA 309 -93.04 -17.65 45.95
CA GLU LA 309 -91.88 -17.42 45.11
C GLU LA 309 -92.29 -17.30 43.65
N GLN LA 310 -91.41 -16.68 42.86
CA GLN LA 310 -91.62 -16.54 41.42
C GLN LA 310 -90.34 -16.87 40.68
N VAL LA 311 -90.47 -17.47 39.50
CA VAL LA 311 -89.31 -17.76 38.66
C VAL LA 311 -89.09 -16.61 37.69
N LEU LA 312 -87.86 -16.09 37.66
CA LEU LA 312 -87.51 -14.98 36.79
C LEU LA 312 -86.78 -15.40 35.52
N GLY LA 313 -86.07 -16.52 35.56
CA GLY LA 313 -85.35 -16.98 34.39
C GLY LA 313 -84.44 -18.14 34.73
N GLN LA 314 -83.83 -18.69 33.68
CA GLN LA 314 -82.89 -19.80 33.80
C GLN LA 314 -81.58 -19.42 33.13
N ILE LA 315 -80.48 -19.49 33.86
CA ILE LA 315 -79.19 -19.19 33.27
C ILE LA 315 -78.85 -20.24 32.22
N VAL LA 316 -78.60 -19.80 31.00
CA VAL LA 316 -78.31 -20.69 29.89
C VAL LA 316 -76.80 -20.93 29.83
N LEU LA 317 -76.43 -22.16 29.48
CA LEU LA 317 -75.03 -22.52 29.30
C LEU LA 317 -74.79 -22.89 27.85
N ALA LA 318 -73.60 -22.56 27.36
CA ALA LA 318 -73.21 -22.82 25.99
C ALA LA 318 -72.02 -23.78 25.96
N ASN LA 319 -72.12 -24.79 25.09
CA ASN LA 319 -71.04 -25.73 24.88
C ASN LA 319 -70.69 -25.74 23.40
N PHE LA 320 -69.40 -25.78 23.10
CA PHE LA 320 -68.91 -25.69 21.73
C PHE LA 320 -68.33 -27.02 21.30
N ALA LA 321 -68.36 -27.25 19.99
CA ALA LA 321 -67.70 -28.43 19.43
C ALA LA 321 -66.19 -28.34 19.61
N ASN LA 322 -65.65 -27.13 19.70
CA ASN LA 322 -64.22 -26.89 19.85
C ASN LA 322 -64.06 -25.74 20.82
N ASN LA 323 -63.80 -26.04 22.09
CA ASN LA 323 -63.55 -24.98 23.07
C ASN LA 323 -62.25 -24.25 22.79
N GLU LA 324 -61.23 -24.97 22.32
CA GLU LA 324 -59.94 -24.35 22.05
C GLU LA 324 -59.99 -23.43 20.82
N GLY LA 325 -61.05 -23.48 20.04
CA GLY LA 325 -61.21 -22.57 18.92
C GLY LA 325 -61.75 -21.20 19.29
N LEU LA 326 -62.07 -20.99 20.56
CA LEU LA 326 -62.58 -19.70 21.01
C LEU LA 326 -61.49 -18.64 20.91
N ALA LA 327 -61.88 -17.46 20.42
CA ALA LA 327 -60.97 -16.33 20.33
C ALA LA 327 -61.22 -15.41 21.52
N SER LA 328 -60.27 -15.36 22.44
CA SER LA 328 -60.44 -14.56 23.65
C SER LA 328 -60.41 -13.08 23.31
N GLN LA 329 -61.37 -12.33 23.86
CA GLN LA 329 -61.48 -10.90 23.63
C GLN LA 329 -61.07 -10.07 24.84
N GLY LA 330 -60.48 -10.69 25.85
CA GLY LA 330 -60.14 -9.99 27.07
C GLY LA 330 -61.29 -9.98 28.06
N ASP LA 331 -60.99 -9.48 29.26
CA ASP LA 331 -61.94 -9.46 30.37
C ASP LA 331 -62.50 -10.85 30.65
N ASN LA 332 -61.62 -11.86 30.55
CA ASN LA 332 -61.99 -13.29 30.63
C ASN LA 332 -63.30 -13.58 29.91
N VAL LA 333 -63.38 -13.17 28.64
CA VAL LA 333 -64.58 -13.33 27.83
C VAL LA 333 -64.17 -13.82 26.45
N TRP LA 334 -64.86 -14.85 25.96
CA TRP LA 334 -64.58 -15.47 24.67
C TRP LA 334 -65.67 -15.12 23.67
N ALA LA 335 -65.28 -15.05 22.39
CA ALA LA 335 -66.20 -14.80 21.30
C ALA LA 335 -66.16 -15.96 20.32
N ALA LA 336 -67.33 -16.35 19.82
CA ALA LA 336 -67.40 -17.45 18.86
C ALA LA 336 -66.80 -17.04 17.53
N THR LA 337 -66.13 -17.99 16.88
CA THR LA 337 -65.54 -17.80 15.56
C THR LA 337 -65.92 -18.98 14.68
N GLN LA 338 -65.46 -18.95 13.43
CA GLN LA 338 -65.76 -20.04 12.50
C GLN LA 338 -65.13 -21.35 12.96
N ALA LA 339 -63.89 -21.31 13.43
CA ALA LA 339 -63.23 -22.54 13.89
C ALA LA 339 -63.81 -23.01 15.22
N SER LA 340 -64.40 -22.12 16.00
CA SER LA 340 -64.99 -22.50 17.28
C SER LA 340 -66.32 -23.21 17.13
N GLY LA 341 -67.07 -22.93 16.07
CA GLY LA 341 -68.38 -23.52 15.88
C GLY LA 341 -69.47 -22.76 16.59
N VAL LA 342 -70.71 -23.10 16.24
CA VAL LA 342 -71.86 -22.44 16.85
C VAL LA 342 -72.04 -22.92 18.27
N ALA LA 343 -72.56 -22.03 19.12
CA ALA LA 343 -72.77 -22.36 20.53
C ALA LA 343 -74.02 -23.22 20.68
N LEU LA 344 -73.86 -24.39 21.30
CA LEU LA 344 -74.99 -25.25 21.63
C LEU LA 344 -75.52 -24.85 22.99
N LEU LA 345 -76.76 -24.37 23.03
CA LEU LA 345 -77.35 -23.84 24.25
C LEU LA 345 -78.05 -24.94 25.04
N GLY LA 346 -78.13 -24.74 26.35
CA GLY LA 346 -78.80 -25.71 27.20
C GLY LA 346 -78.85 -25.23 28.63
N THR LA 347 -79.30 -26.14 29.49
CA THR LA 347 -79.39 -25.87 30.92
C THR LA 347 -78.42 -26.78 31.67
N ALA LA 348 -77.98 -26.31 32.83
CA ALA LA 348 -77.00 -27.05 33.61
C ALA LA 348 -77.57 -28.37 34.10
N GLY LA 349 -76.71 -29.39 34.17
CA GLY LA 349 -77.12 -30.68 34.67
C GLY LA 349 -77.92 -31.53 33.69
N SER LA 350 -78.06 -31.10 32.45
CA SER LA 350 -78.83 -31.84 31.45
C SER LA 350 -77.97 -32.03 30.20
N GLY LA 351 -78.06 -33.22 29.62
CA GLY LA 351 -77.30 -33.51 28.42
C GLY LA 351 -75.81 -33.53 28.72
N ASN LA 352 -75.05 -32.73 27.98
CA ASN LA 352 -73.60 -32.65 28.11
C ASN LA 352 -73.15 -31.38 28.84
N PHE LA 353 -73.98 -30.89 29.77
CA PHE LA 353 -73.69 -29.66 30.50
C PHE LA 353 -73.48 -29.98 31.97
N GLY LA 354 -72.43 -29.40 32.55
CA GLY LA 354 -72.14 -29.61 33.96
C GLY LA 354 -73.05 -28.77 34.85
N LYS LA 355 -73.00 -29.09 36.14
CA LYS LA 355 -73.86 -28.45 37.12
C LYS LA 355 -73.33 -27.07 37.51
N LEU LA 356 -74.25 -26.20 37.91
CA LEU LA 356 -73.89 -24.91 38.48
C LEU LA 356 -73.95 -24.97 39.99
N THR LA 357 -72.86 -24.54 40.64
CA THR LA 357 -72.78 -24.53 42.09
C THR LA 357 -72.88 -23.08 42.56
N ASN LA 358 -73.87 -22.80 43.41
CA ASN LA 358 -74.09 -21.45 43.91
C ASN LA 358 -73.20 -21.16 45.11
N GLY LA 359 -72.96 -19.87 45.34
CA GLY LA 359 -72.11 -19.46 46.44
C GLY LA 359 -70.66 -19.85 46.30
N ALA LA 360 -70.21 -20.11 45.07
CA ALA LA 360 -68.84 -20.55 44.83
C ALA LA 360 -68.33 -19.92 43.54
N LEU LA 361 -67.01 -19.88 43.42
CA LEU LA 361 -66.33 -19.29 42.28
C LEU LA 361 -65.28 -20.26 41.76
N GLU LA 362 -65.12 -20.27 40.43
CA GLU LA 362 -64.13 -21.13 39.80
C GLU LA 362 -62.82 -20.36 39.66
N ALA LA 363 -61.79 -20.83 40.36
CA ALA LA 363 -60.49 -20.16 40.34
C ALA LA 363 -59.75 -20.49 39.05
N SER LA 364 -58.54 -19.94 38.93
CA SER LA 364 -57.72 -20.16 37.76
C SER LA 364 -57.11 -21.57 37.79
N ASN LA 365 -56.64 -22.03 36.62
CA ASN LA 365 -56.02 -23.34 36.49
C ASN LA 365 -54.52 -23.24 36.29
N VAL LA 366 -53.88 -22.23 36.87
CA VAL LA 366 -52.45 -21.98 36.66
C VAL LA 366 -51.68 -22.53 37.85
N ASP LA 367 -50.77 -23.47 37.59
CA ASP LA 367 -49.86 -23.96 38.61
C ASP LA 367 -48.57 -23.16 38.58
N LEU LA 368 -48.23 -22.56 39.72
CA LEU LA 368 -47.13 -21.61 39.79
C LEU LA 368 -45.76 -22.27 39.61
N SER LA 369 -45.55 -23.44 40.23
CA SER LA 369 -44.26 -24.11 40.12
C SER LA 369 -43.97 -24.52 38.68
N LYS LA 370 -44.98 -25.05 37.99
CA LYS LA 370 -44.82 -25.42 36.59
C LYS LA 370 -44.48 -24.19 35.74
N GLU LA 371 -45.14 -23.07 36.03
CA GLU LA 371 -44.86 -21.84 35.29
C GLU LA 371 -43.43 -21.37 35.53
N LEU LA 372 -42.95 -21.45 36.77
CA LEU LA 372 -41.57 -21.05 37.05
C LEU LA 372 -40.57 -21.95 36.33
N VAL LA 373 -40.82 -23.26 36.34
CA VAL LA 373 -39.92 -24.18 35.64
C VAL LA 373 -39.91 -23.89 34.14
N ASN LA 374 -41.10 -23.67 33.56
CA ASN LA 374 -41.17 -23.34 32.15
C ASN LA 374 -40.45 -22.02 31.85
N MET LA 375 -40.53 -21.06 32.77
CA MET LA 375 -39.79 -19.81 32.60
C MET LA 375 -38.29 -20.06 32.56
N ILE LA 376 -37.80 -20.93 33.45
CA ILE LA 376 -36.38 -21.24 33.48
C ILE LA 376 -35.94 -21.87 32.16
N VAL LA 377 -36.70 -22.87 31.70
CA VAL LA 377 -36.34 -23.56 30.46
C VAL LA 377 -36.41 -22.60 29.28
N ALA LA 378 -37.41 -21.73 29.25
CA ALA LA 378 -37.53 -20.78 28.15
C ALA LA 378 -36.40 -19.75 28.16
N GLN LA 379 -36.02 -19.33 29.36
CA GLN LA 379 -34.91 -18.36 29.50
C GLN LA 379 -33.65 -19.01 28.93
N ARG LA 380 -33.38 -20.24 29.35
CA ARG LA 380 -32.15 -20.93 28.88
C ARG LA 380 -32.24 -21.15 27.37
N ASN LA 381 -33.43 -21.56 26.88
CA ASN LA 381 -33.60 -21.74 25.42
C ASN LA 381 -33.30 -20.40 24.72
N TYR LA 382 -33.87 -19.31 25.24
CA TYR LA 382 -33.64 -17.99 24.64
C TYR LA 382 -32.13 -17.75 24.51
N GLN LA 383 -31.41 -17.89 25.62
CA GLN LA 383 -29.97 -17.64 25.63
C GLN LA 383 -29.25 -18.48 24.58
N SER LA 384 -29.70 -19.72 24.38
CA SER LA 384 -29.11 -20.55 23.33
C SER LA 384 -29.31 -19.93 21.95
N ASN LA 385 -30.53 -19.44 21.69
CA ASN LA 385 -30.79 -18.79 20.41
C ASN LA 385 -29.98 -17.51 20.26
N ALA LA 386 -29.80 -16.78 21.36
CA ALA LA 386 -28.95 -15.59 21.32
C ALA LA 386 -27.51 -15.95 20.99
N GLN LA 387 -27.02 -17.07 21.53
CA GLN LA 387 -25.68 -17.53 21.18
C GLN LA 387 -25.59 -17.92 19.71
N THR LA 388 -26.66 -18.50 19.16
CA THR LA 388 -26.69 -18.78 17.73
C THR LA 388 -26.58 -17.49 16.92
N ILE LA 389 -27.31 -16.46 17.36
CA ILE LA 389 -27.23 -15.15 16.70
C ILE LA 389 -25.80 -14.63 16.75
N LYS LA 390 -25.17 -14.74 17.92
CA LYS LA 390 -23.80 -14.25 18.09
C LYS LA 390 -22.82 -15.04 17.22
N THR LA 391 -23.05 -16.35 17.07
CA THR LA 391 -22.20 -17.16 16.22
C THR LA 391 -22.29 -16.73 14.77
N GLN LA 392 -23.50 -16.49 14.28
CA GLN LA 392 -23.66 -16.00 12.91
C GLN LA 392 -23.04 -14.60 12.76
N ASP LA 393 -23.14 -13.78 13.81
CA ASP LA 393 -22.51 -12.47 13.80
C ASP LA 393 -21.00 -12.59 13.65
N GLN LA 394 -20.40 -13.63 14.22
CA GLN LA 394 -18.93 -13.74 14.19
C GLN LA 394 -18.48 -14.28 12.84
N ILE LA 395 -19.21 -15.23 12.28
CA ILE LA 395 -18.89 -15.76 10.94
C ILE LA 395 -18.88 -14.62 9.91
N LEU LA 396 -19.95 -13.81 9.87
CA LEU LA 396 -19.99 -12.78 8.81
C LEU LA 396 -18.89 -11.76 9.11
N ASN LA 397 -18.56 -11.53 10.37
CA ASN LA 397 -17.54 -10.52 10.68
C ASN LA 397 -16.26 -11.06 10.07
N THR LA 398 -15.94 -12.32 10.30
CA THR LA 398 -14.75 -12.93 9.68
C THR LA 398 -14.82 -12.68 8.18
N LEU LA 399 -15.91 -13.07 7.53
CA LEU LA 399 -15.96 -12.97 6.05
C LEU LA 399 -15.71 -11.54 5.57
N VAL LA 400 -16.31 -10.55 6.19
CA VAL LA 400 -16.14 -9.12 5.76
C VAL LA 400 -14.71 -8.65 6.07
N ASN LA 401 -14.16 -8.93 7.24
CA ASN LA 401 -12.85 -8.37 7.64
C ASN LA 401 -11.70 -8.96 6.82
N LEU LA 402 -12.01 -9.85 5.90
CA LEU LA 402 -11.01 -10.42 5.01
C LEU LA 402 -10.25 -9.34 4.25
N SER MA 2 -7.63 -32.71 21.38
CA SER MA 2 -8.37 -31.74 20.57
C SER MA 2 -9.77 -31.52 21.13
N PHE MA 3 -10.70 -31.13 20.27
CA PHE MA 3 -12.06 -30.89 20.71
C PHE MA 3 -12.76 -32.18 21.11
N SER MA 4 -12.39 -33.29 20.49
CA SER MA 4 -13.10 -34.56 20.69
C SER MA 4 -13.00 -35.02 22.13
N GLN MA 5 -11.82 -34.86 22.75
CA GLN MA 5 -11.64 -35.33 24.12
C GLN MA 5 -12.58 -34.61 25.08
N ALA MA 6 -12.63 -33.29 24.99
CA ALA MA 6 -13.48 -32.52 25.89
C ALA MA 6 -14.96 -32.73 25.57
N VAL MA 7 -15.29 -32.92 24.29
CA VAL MA 7 -16.67 -33.22 23.92
C VAL MA 7 -17.13 -34.53 24.55
N SER MA 8 -16.28 -35.57 24.46
CA SER MA 8 -16.61 -36.85 25.05
C SER MA 8 -16.72 -36.76 26.56
N GLY MA 9 -15.81 -36.01 27.19
CA GLY MA 9 -15.89 -35.82 28.63
C GLY MA 9 -17.18 -35.12 29.03
N LEU MA 10 -17.58 -34.10 28.26
CA LEU MA 10 -18.82 -33.40 28.53
C LEU MA 10 -20.01 -34.34 28.40
N ASN MA 11 -20.02 -35.17 27.36
CA ASN MA 11 -21.12 -36.11 27.16
C ASN MA 11 -21.19 -37.12 28.30
N ALA MA 12 -20.04 -37.62 28.76
CA ALA MA 12 -20.04 -38.56 29.87
C ALA MA 12 -20.54 -37.91 31.16
N ALA MA 13 -20.08 -36.68 31.43
CA ALA MA 13 -20.55 -35.98 32.62
C ALA MA 13 -22.05 -35.72 32.55
N ALA MA 14 -22.56 -35.35 31.37
CA ALA MA 14 -23.98 -35.15 31.21
C ALA MA 14 -24.76 -36.44 31.43
N THR MA 15 -24.23 -37.56 30.94
CA THR MA 15 -24.89 -38.85 31.16
C THR MA 15 -24.94 -39.19 32.64
N ASN MA 16 -23.84 -38.97 33.35
CA ASN MA 16 -23.83 -39.23 34.79
C ASN MA 16 -24.84 -38.34 35.51
N LEU MA 17 -24.90 -37.06 35.11
CA LEU MA 17 -25.86 -36.14 35.72
C LEU MA 17 -27.29 -36.59 35.46
N ASP MA 18 -27.55 -37.07 34.23
CA ASP MA 18 -28.89 -37.58 33.91
C ASP MA 18 -29.24 -38.79 34.76
N VAL MA 19 -28.27 -39.69 34.96
CA VAL MA 19 -28.53 -40.87 35.79
C VAL MA 19 -28.86 -40.46 37.21
N ILE MA 20 -28.09 -39.51 37.76
CA ILE MA 20 -28.32 -39.06 39.13
C ILE MA 20 -29.69 -38.38 39.24
N GLY MA 21 -30.03 -37.53 38.27
CA GLY MA 21 -31.32 -36.86 38.29
C GLY MA 21 -32.48 -37.83 38.18
N ASN MA 22 -32.33 -38.86 37.36
CA ASN MA 22 -33.35 -39.89 37.26
C ASN MA 22 -33.49 -40.65 38.58
N ASN MA 23 -32.36 -40.95 39.24
CA ASN MA 23 -32.41 -41.65 40.51
C ASN MA 23 -33.15 -40.83 41.57
N ILE MA 24 -32.89 -39.51 41.62
CA ILE MA 24 -33.62 -38.67 42.55
C ILE MA 24 -35.09 -38.56 42.17
N ALA MA 25 -35.37 -38.51 40.85
CA ALA MA 25 -36.75 -38.38 40.40
C ALA MA 25 -37.60 -39.56 40.87
N ASN MA 26 -36.98 -40.70 41.16
CA ASN MA 26 -37.68 -41.86 41.68
C ASN MA 26 -37.29 -42.20 43.12
N SER MA 27 -37.14 -41.19 43.98
CA SER MA 27 -36.77 -41.42 45.38
C SER MA 27 -37.83 -42.24 46.08
N ALA MA 28 -39.10 -41.94 45.83
CA ALA MA 28 -40.23 -42.66 46.42
C ALA MA 28 -40.97 -43.35 45.30
N THR MA 29 -40.51 -44.55 44.92
CA THR MA 29 -41.11 -45.34 43.84
C THR MA 29 -40.89 -46.82 44.19
N TYR MA 30 -41.99 -47.54 44.37
CA TYR MA 30 -41.94 -48.94 44.77
C TYR MA 30 -41.26 -49.79 43.71
N GLY MA 31 -40.34 -50.65 44.12
CA GLY MA 31 -39.69 -51.56 43.21
C GLY MA 31 -38.64 -50.94 42.31
N PHE MA 32 -38.18 -49.73 42.60
CA PHE MA 32 -37.18 -49.06 41.78
C PHE MA 32 -35.78 -49.42 42.25
N LYS MA 33 -34.85 -49.56 41.31
CA LYS MA 33 -33.45 -49.80 41.61
C LYS MA 33 -32.61 -48.69 41.03
N SER MA 34 -31.68 -48.16 41.82
CA SER MA 34 -30.84 -47.06 41.38
C SER MA 34 -29.91 -47.51 40.26
N GLY MA 35 -29.37 -46.53 39.53
CA GLY MA 35 -28.45 -46.79 38.44
C GLY MA 35 -27.17 -45.99 38.61
N THR MA 36 -26.12 -46.44 37.93
CA THR MA 36 -24.84 -45.75 37.93
C THR MA 36 -24.17 -45.93 36.58
N ALA MA 37 -23.69 -44.83 36.00
CA ALA MA 37 -23.04 -44.88 34.70
C ALA MA 37 -21.59 -45.34 34.85
N SER MA 38 -21.16 -46.23 33.95
CA SER MA 38 -19.80 -46.73 33.95
C SER MA 38 -19.04 -46.18 32.75
N PHE MA 39 -17.84 -45.66 33.01
CA PHE MA 39 -17.05 -44.98 32.00
C PHE MA 39 -15.81 -45.78 31.66
N ALA MA 40 -15.36 -45.65 30.41
CA ALA MA 40 -14.16 -46.30 29.92
C ALA MA 40 -13.45 -45.39 28.93
N ASP MA 41 -12.12 -45.36 29.01
CA ASP MA 41 -11.33 -44.52 28.13
C ASP MA 41 -11.30 -45.09 26.72
N MET MA 42 -10.82 -44.27 25.78
CA MET MA 42 -10.83 -44.65 24.37
C MET MA 42 -9.46 -44.55 23.73
N PHE MA 43 -8.44 -45.10 24.37
CA PHE MA 43 -7.12 -45.18 23.75
C PHE MA 43 -7.21 -45.96 22.43
N ALA MA 44 -6.69 -45.36 21.35
CA ALA MA 44 -6.77 -45.96 20.02
C ALA MA 44 -5.57 -45.47 19.20
N GLY MA 45 -4.55 -46.32 19.09
CA GLY MA 45 -3.40 -46.02 18.26
C GLY MA 45 -2.47 -44.98 18.87
N SER MA 46 -2.94 -43.74 18.94
CA SER MA 46 -2.18 -42.69 19.58
C SER MA 46 -2.13 -42.92 21.09
N LYS MA 47 -0.97 -42.63 21.68
CA LYS MA 47 -0.77 -42.80 23.11
C LYS MA 47 -1.18 -41.57 23.91
N VAL MA 48 -2.04 -40.71 23.37
CA VAL MA 48 -2.39 -39.46 24.03
C VAL MA 48 -3.75 -39.50 24.69
N GLY MA 49 -4.44 -40.65 24.70
CA GLY MA 49 -5.71 -40.73 25.40
C GLY MA 49 -6.85 -39.99 24.73
N LEU MA 50 -7.37 -40.54 23.63
CA LEU MA 50 -8.41 -39.89 22.82
C LEU MA 50 -9.57 -39.35 23.64
N GLY MA 51 -10.12 -40.12 24.56
CA GLY MA 51 -11.19 -39.60 25.38
C GLY MA 51 -11.81 -40.61 26.31
N VAL MA 52 -13.04 -40.31 26.72
CA VAL MA 52 -13.81 -41.17 27.60
C VAL MA 52 -15.13 -41.52 26.93
N LYS MA 53 -15.64 -42.70 27.24
CA LYS MA 53 -16.92 -43.16 26.73
C LYS MA 53 -17.65 -43.91 27.83
N VAL MA 54 -18.98 -43.94 27.72
CA VAL MA 54 -19.79 -44.65 28.70
C VAL MA 54 -19.87 -46.11 28.32
N ALA MA 55 -19.43 -47.00 29.23
CA ALA MA 55 -19.55 -48.43 28.98
C ALA MA 55 -20.98 -48.92 29.12
N GLY MA 56 -21.77 -48.27 29.95
CA GLY MA 56 -23.15 -48.68 30.15
C GLY MA 56 -23.69 -48.13 31.45
N ILE MA 57 -24.84 -48.67 31.84
CA ILE MA 57 -25.48 -48.36 33.11
C ILE MA 57 -25.57 -49.64 33.92
N THR MA 58 -25.05 -49.60 35.14
CA THR MA 58 -25.19 -50.70 36.08
C THR MA 58 -26.32 -50.40 37.04
N GLN MA 59 -27.29 -51.31 37.11
CA GLN MA 59 -28.34 -51.22 38.10
C GLN MA 59 -27.85 -51.77 39.43
N ASP MA 60 -28.42 -51.26 40.52
CA ASP MA 60 -28.05 -51.67 41.87
C ASP MA 60 -29.20 -52.49 42.42
N PHE MA 61 -29.12 -53.81 42.26
CA PHE MA 61 -30.20 -54.72 42.63
C PHE MA 61 -30.09 -55.15 44.09
N THR MA 62 -30.00 -54.18 44.99
CA THR MA 62 -30.05 -54.47 46.42
C THR MA 62 -31.48 -54.41 46.91
N ASP MA 63 -31.78 -55.22 47.92
CA ASP MA 63 -33.14 -55.26 48.45
C ASP MA 63 -33.49 -53.95 49.13
N GLY MA 64 -34.64 -53.39 48.76
CA GLY MA 64 -35.11 -52.16 49.35
C GLY MA 64 -35.82 -52.38 50.67
N THR MA 65 -36.06 -51.27 51.37
CA THR MA 65 -36.76 -51.34 52.65
C THR MA 65 -38.21 -51.74 52.43
N THR MA 66 -38.72 -52.61 53.29
CA THR MA 66 -40.08 -53.11 53.20
C THR MA 66 -41.02 -52.16 53.93
N THR MA 67 -42.09 -51.73 53.25
CA THR MA 67 -43.02 -50.75 53.78
C THR MA 67 -44.40 -51.39 53.93
N ASN MA 68 -44.97 -51.28 55.13
CA ASN MA 68 -46.31 -51.80 55.38
C ASN MA 68 -47.34 -50.82 54.84
N THR MA 69 -48.42 -51.35 54.24
CA THR MA 69 -49.46 -50.53 53.67
C THR MA 69 -50.86 -50.86 54.17
N GLY MA 70 -51.10 -52.09 54.61
CA GLY MA 70 -52.41 -52.47 55.11
C GLY MA 70 -53.34 -53.11 54.10
N ARG MA 71 -52.89 -53.30 52.86
CA ARG MA 71 -53.70 -54.00 51.85
C ARG MA 71 -53.19 -55.43 51.72
N GLY MA 72 -54.13 -56.37 51.59
CA GLY MA 72 -53.75 -57.76 51.44
C GLY MA 72 -53.22 -58.12 50.08
N LEU MA 73 -53.30 -57.21 49.10
CA LEU MA 73 -52.82 -57.44 47.76
C LEU MA 73 -51.37 -57.04 47.55
N ASP MA 74 -50.75 -56.40 48.54
CA ASP MA 74 -49.36 -55.95 48.40
C ASP MA 74 -48.42 -57.06 48.86
N VAL MA 75 -47.66 -57.60 47.92
CA VAL MA 75 -46.69 -58.66 48.20
C VAL MA 75 -45.31 -58.17 47.76
N ALA MA 76 -44.34 -58.31 48.65
CA ALA MA 76 -42.98 -57.85 48.39
C ALA MA 76 -42.02 -59.04 48.39
N ILE MA 77 -41.00 -58.94 47.53
CA ILE MA 77 -40.03 -60.02 47.34
C ILE MA 77 -38.81 -59.76 48.20
N SER MA 78 -38.53 -60.68 49.12
CA SER MA 78 -37.28 -60.63 49.85
C SER MA 78 -36.21 -61.41 49.09
N GLN MA 79 -34.95 -61.02 49.28
CA GLN MA 79 -33.80 -61.66 48.64
C GLN MA 79 -34.00 -61.59 47.11
N ASN MA 80 -33.58 -62.64 46.41
CA ASN MA 80 -33.69 -62.67 44.95
C ASN MA 80 -35.10 -63.11 44.53
N GLY MA 81 -35.43 -62.81 43.29
CA GLY MA 81 -36.72 -63.17 42.71
C GLY MA 81 -37.35 -61.97 42.02
N PHE MA 82 -38.22 -62.27 41.05
CA PHE MA 82 -38.91 -61.24 40.28
C PHE MA 82 -40.33 -61.70 39.98
N PHE MA 83 -41.28 -60.76 40.06
CA PHE MA 83 -42.63 -61.05 39.61
C PHE MA 83 -42.66 -61.19 38.09
N ARG MA 84 -43.37 -62.20 37.61
CA ARG MA 84 -43.47 -62.48 36.19
C ARG MA 84 -44.85 -62.04 35.69
N LEU MA 85 -44.86 -61.13 34.72
CA LEU MA 85 -46.08 -60.55 34.18
C LEU MA 85 -46.16 -60.77 32.68
N VAL MA 86 -47.38 -60.70 32.15
CA VAL MA 86 -47.62 -60.84 30.72
C VAL MA 86 -48.55 -59.73 30.28
N ASP MA 87 -48.31 -59.22 29.06
CA ASP MA 87 -49.19 -58.22 28.48
C ASP MA 87 -50.25 -58.89 27.62
N SER MA 88 -51.00 -58.07 26.86
CA SER MA 88 -52.04 -58.60 25.99
C SER MA 88 -51.46 -59.27 24.76
N ASN MA 89 -50.28 -58.87 24.31
CA ASN MA 89 -49.68 -59.38 23.08
C ASN MA 89 -48.90 -60.68 23.29
N GLY MA 90 -48.85 -61.20 24.51
CA GLY MA 90 -48.15 -62.45 24.77
C GLY MA 90 -46.70 -62.31 25.16
N SER MA 91 -46.13 -61.12 25.10
CA SER MA 91 -44.75 -60.93 25.53
C SER MA 91 -44.67 -60.99 27.05
N VAL MA 92 -43.58 -61.58 27.55
CA VAL MA 92 -43.37 -61.76 28.98
C VAL MA 92 -42.46 -60.64 29.49
N PHE MA 93 -42.65 -60.26 30.75
CA PHE MA 93 -41.85 -59.23 31.40
C PHE MA 93 -41.69 -59.58 32.88
N TYR MA 94 -40.79 -58.87 33.54
CA TYR MA 94 -40.46 -59.14 34.93
C TYR MA 94 -40.33 -57.81 35.68
N SER MA 95 -40.91 -57.78 36.88
CA SER MA 95 -40.97 -56.55 37.66
C SER MA 95 -40.94 -56.88 39.14
N ARG MA 96 -40.35 -55.98 39.93
CA ARG MA 96 -40.31 -56.13 41.38
C ARG MA 96 -41.43 -55.40 42.10
N ASN MA 97 -42.21 -54.59 41.38
CA ASN MA 97 -43.29 -53.82 42.01
C ASN MA 97 -44.39 -54.77 42.47
N GLY MA 98 -44.83 -54.61 43.71
CA GLY MA 98 -45.82 -55.50 44.28
C GLY MA 98 -47.22 -54.91 44.35
N GLN MA 99 -47.46 -53.83 43.62
CA GLN MA 99 -48.77 -53.18 43.61
C GLN MA 99 -49.67 -53.95 42.64
N PHE MA 100 -50.56 -54.77 43.18
CA PHE MA 100 -51.47 -55.58 42.38
C PHE MA 100 -52.92 -55.25 42.72
N LYS MA 101 -53.79 -55.36 41.72
CA LYS MA 101 -55.22 -55.11 41.87
C LYS MA 101 -55.98 -56.06 40.95
N LEU MA 102 -57.23 -56.33 41.33
CA LEU MA 102 -58.10 -57.15 40.51
C LEU MA 102 -58.90 -56.26 39.56
N ASP MA 103 -58.84 -56.58 38.27
CA ASP MA 103 -59.57 -55.84 37.27
C ASP MA 103 -61.02 -56.31 37.21
N GLU MA 104 -61.76 -55.83 36.21
CA GLU MA 104 -63.17 -56.20 36.07
C GLU MA 104 -63.34 -57.71 35.85
N ASN MA 105 -62.43 -58.33 35.10
CA ASN MA 105 -62.51 -59.75 34.81
C ASN MA 105 -61.86 -60.62 35.87
N ARG MA 106 -61.69 -60.11 37.10
CA ARG MA 106 -61.17 -60.85 38.24
C ARG MA 106 -59.75 -61.36 38.02
N ASN MA 107 -58.97 -60.70 37.18
CA ASN MA 107 -57.58 -61.06 36.98
C ASN MA 107 -56.67 -60.12 37.77
N LEU MA 108 -55.58 -60.69 38.29
CA LEU MA 108 -54.62 -59.91 39.08
C LEU MA 108 -53.74 -59.11 38.13
N VAL MA 109 -53.82 -57.79 38.22
CA VAL MA 109 -53.04 -56.89 37.37
C VAL MA 109 -52.41 -55.81 38.24
N ASN MA 110 -51.35 -55.20 37.74
CA ASN MA 110 -50.69 -54.12 38.43
C ASN MA 110 -51.38 -52.80 38.06
N MET MA 111 -50.75 -51.67 38.43
CA MET MA 111 -51.33 -50.38 38.11
C MET MA 111 -51.39 -50.14 36.60
N GLN MA 112 -50.44 -50.71 35.86
CA GLN MA 112 -50.41 -50.55 34.41
C GLN MA 112 -51.25 -51.61 33.69
N GLY MA 113 -51.85 -52.56 34.42
CA GLY MA 113 -52.67 -53.56 33.80
C GLY MA 113 -51.97 -54.83 33.39
N MET MA 114 -50.73 -55.05 33.86
CA MET MA 114 -50.00 -56.26 33.50
C MET MA 114 -50.48 -57.43 34.36
N GLN MA 115 -50.89 -58.51 33.69
CA GLN MA 115 -51.45 -59.67 34.36
C GLN MA 115 -50.35 -60.46 35.06
N LEU MA 116 -50.57 -60.78 36.33
CA LEU MA 116 -49.63 -61.60 37.08
C LEU MA 116 -49.76 -63.05 36.65
N THR MA 117 -48.63 -63.69 36.34
CA THR MA 117 -48.60 -65.07 35.88
C THR MA 117 -48.15 -65.99 37.01
N GLY MA 118 -48.60 -67.23 36.92
CA GLY MA 118 -48.23 -68.21 37.92
C GLY MA 118 -48.74 -69.58 37.54
N TYR MA 119 -48.44 -70.55 38.39
CA TYR MA 119 -48.90 -71.91 38.14
C TYR MA 119 -50.36 -72.05 38.52
N PRO MA 120 -51.21 -72.53 37.62
CA PRO MA 120 -52.65 -72.61 37.92
C PRO MA 120 -52.99 -73.87 38.73
N ALA MA 121 -54.23 -73.89 39.20
CA ALA MA 121 -54.76 -75.05 39.92
C ALA MA 121 -55.87 -75.70 39.11
N THR MA 122 -55.84 -77.03 39.04
CA THR MA 122 -56.83 -77.80 38.30
C THR MA 122 -57.35 -78.94 39.17
N GLY MA 123 -58.52 -79.44 38.79
CA GLY MA 123 -59.12 -80.58 39.47
C GLY MA 123 -60.14 -80.18 40.52
N THR MA 124 -60.79 -81.22 41.06
CA THR MA 124 -61.79 -81.04 42.11
C THR MA 124 -61.63 -82.12 43.17
N PRO MA 125 -61.05 -81.81 44.32
CA PRO MA 125 -60.50 -80.53 44.88
C PRO MA 125 -59.30 -80.01 44.11
N PRO MA 126 -59.24 -78.70 43.88
CA PRO MA 126 -58.15 -78.14 43.08
C PRO MA 126 -56.80 -78.35 43.76
N THR MA 127 -55.79 -78.63 42.94
CA THR MA 127 -54.42 -78.73 43.41
C THR MA 127 -53.50 -78.02 42.42
N ILE MA 128 -52.41 -77.47 42.95
CA ILE MA 128 -51.53 -76.64 42.13
C ILE MA 128 -50.70 -77.52 41.21
N GLN MA 129 -50.48 -77.02 40.00
CA GLN MA 129 -49.64 -77.76 39.02
C GLN MA 129 -48.33 -77.00 38.84
N GLN MA 130 -47.37 -77.21 39.74
CA GLN MA 130 -46.07 -76.52 39.67
C GLN MA 130 -45.34 -76.85 38.35
N GLY MA 131 -45.77 -77.90 37.64
CA GLY MA 131 -45.05 -78.31 36.43
C GLY MA 131 -45.66 -77.71 35.16
N ALA MA 132 -46.89 -77.20 35.24
CA ALA MA 132 -47.57 -76.64 34.09
C ALA MA 132 -46.97 -75.29 33.71
N ASN MA 133 -47.26 -74.87 32.48
CA ASN MA 133 -46.79 -73.58 32.01
C ASN MA 133 -47.49 -72.46 32.78
N PRO MA 134 -46.79 -71.36 33.07
CA PRO MA 134 -47.43 -70.26 33.81
C PRO MA 134 -48.59 -69.66 33.03
N ALA MA 135 -49.66 -69.34 33.75
CA ALA MA 135 -50.85 -68.71 33.19
C ALA MA 135 -51.25 -67.52 34.06
N PRO MA 136 -51.94 -66.54 33.49
CA PRO MA 136 -52.39 -65.40 34.30
C PRO MA 136 -53.28 -65.84 35.45
N ILE MA 137 -53.08 -65.21 36.60
CA ILE MA 137 -53.82 -65.59 37.81
C ILE MA 137 -55.21 -65.00 37.75
N THR MA 138 -56.23 -65.86 37.88
CA THR MA 138 -57.62 -65.45 37.85
C THR MA 138 -58.30 -65.87 39.15
N ILE MA 139 -59.14 -64.98 39.69
CA ILE MA 139 -59.84 -65.25 40.94
C ILE MA 139 -61.33 -65.11 40.68
N PRO MA 140 -61.97 -66.09 40.05
CA PRO MA 140 -63.40 -65.96 39.74
C PRO MA 140 -64.25 -65.93 40.99
N ASN MA 141 -65.39 -65.24 40.89
CA ASN MA 141 -66.35 -65.15 41.98
C ASN MA 141 -67.40 -66.26 41.91
N THR MA 142 -67.25 -67.21 41.00
CA THR MA 142 -68.23 -68.29 40.86
C THR MA 142 -68.23 -69.17 42.09
N LEU MA 143 -69.40 -69.72 42.40
CA LEU MA 143 -69.59 -70.55 43.58
C LEU MA 143 -68.95 -71.93 43.38
N MET MA 144 -68.63 -72.57 44.50
CA MET MA 144 -68.08 -73.92 44.53
C MET MA 144 -69.20 -74.92 44.74
N ALA MA 145 -69.25 -75.95 43.91
CA ALA MA 145 -70.27 -76.98 44.00
C ALA MA 145 -69.95 -77.90 45.19
N ALA MA 146 -70.76 -78.92 45.40
CA ALA MA 146 -70.57 -79.85 46.50
C ALA MA 146 -69.94 -81.15 45.99
N LYS MA 147 -69.00 -81.66 46.77
CA LYS MA 147 -68.28 -82.90 46.46
C LYS MA 147 -68.92 -84.03 47.25
N SER MA 148 -69.31 -85.10 46.54
CA SER MA 148 -69.93 -86.25 47.20
C SER MA 148 -68.99 -86.85 48.22
N THR MA 149 -69.53 -87.20 49.38
CA THR MA 149 -68.73 -87.72 50.47
C THR MA 149 -68.13 -89.07 50.08
N THR MA 150 -66.83 -89.24 50.31
CA THR MA 150 -66.13 -90.47 49.98
C THR MA 150 -65.51 -91.18 51.17
N THR MA 151 -64.90 -90.45 52.11
CA THR MA 151 -64.33 -91.04 53.31
C THR MA 151 -64.69 -90.19 54.52
N ALA MA 152 -64.89 -90.86 55.66
CA ALA MA 152 -65.17 -90.19 56.91
C ALA MA 152 -64.39 -90.86 58.02
N SER MA 153 -64.03 -90.09 59.04
CA SER MA 153 -63.22 -90.58 60.14
C SER MA 153 -63.88 -90.24 61.47
N MET MA 154 -63.83 -91.19 62.40
CA MET MA 154 -64.35 -90.98 63.74
C MET MA 154 -63.37 -91.56 64.74
N GLN MA 155 -62.62 -90.69 65.42
CA GLN MA 155 -61.73 -91.10 66.49
C GLN MA 155 -62.49 -91.04 67.81
N ILE MA 156 -62.63 -92.19 68.46
CA ILE MA 156 -63.41 -92.35 69.68
C ILE MA 156 -62.59 -93.12 70.70
N ASN MA 157 -62.68 -92.71 71.96
CA ASN MA 157 -62.05 -93.42 73.07
C ASN MA 157 -63.12 -94.22 73.80
N LEU MA 158 -62.91 -95.53 73.92
CA LEU MA 158 -63.88 -96.43 74.52
C LEU MA 158 -63.37 -96.94 75.86
N ASN MA 159 -64.30 -97.16 76.78
CA ASN MA 159 -63.97 -97.76 78.07
C ASN MA 159 -64.59 -99.14 78.16
N SER MA 160 -63.84 -100.11 78.70
CA SER MA 160 -64.29 -101.50 78.70
C SER MA 160 -65.33 -101.75 79.79
N THR MA 161 -65.60 -100.77 80.65
CA THR MA 161 -66.45 -100.99 81.81
C THR MA 161 -67.92 -100.75 81.55
N ASP MA 162 -68.33 -100.50 80.31
CA ASP MA 162 -69.74 -100.28 80.02
C ASP MA 162 -70.53 -101.57 80.25
N PRO MA 163 -71.61 -101.52 81.03
CA PRO MA 163 -72.46 -102.71 81.19
C PRO MA 163 -73.37 -102.90 80.00
N VAL MA 164 -73.66 -104.16 79.69
CA VAL MA 164 -74.51 -104.50 78.56
C VAL MA 164 -75.97 -104.33 78.95
N PRO MA 165 -76.73 -103.50 78.23
CA PRO MA 165 -78.15 -103.36 78.54
C PRO MA 165 -78.90 -104.68 78.39
N SER MA 166 -79.82 -104.92 79.32
CA SER MA 166 -80.58 -106.17 79.31
C SER MA 166 -81.73 -106.12 78.31
N LYS MA 167 -82.34 -104.95 78.13
CA LYS MA 167 -83.55 -104.84 77.32
C LYS MA 167 -83.22 -104.63 75.84
N THR MA 168 -82.51 -105.57 75.23
CA THR MA 168 -82.28 -105.55 73.80
C THR MA 168 -83.57 -105.92 73.06
N PRO MA 169 -83.72 -105.51 71.78
CA PRO MA 169 -82.79 -104.75 70.95
C PRO MA 169 -82.97 -103.23 71.06
N PHE MA 170 -82.45 -102.49 70.09
CA PHE MA 170 -82.55 -101.03 70.11
C PHE MA 170 -84.00 -100.60 69.98
N SER MA 171 -84.40 -99.65 70.84
CA SER MA 171 -85.75 -99.09 70.83
C SER MA 171 -85.66 -97.60 71.09
N VAL MA 172 -86.42 -96.81 70.33
CA VAL MA 172 -86.45 -95.37 70.57
C VAL MA 172 -87.12 -95.05 71.90
N SER MA 173 -88.17 -95.81 72.24
CA SER MA 173 -88.87 -95.58 73.51
C SER MA 173 -87.96 -95.85 74.70
N ASP MA 174 -87.14 -96.91 74.62
CA ASP MA 174 -86.24 -97.29 75.71
C ASP MA 174 -84.90 -96.60 75.50
N ALA MA 175 -84.63 -95.57 76.29
CA ALA MA 175 -83.39 -94.81 76.14
C ALA MA 175 -82.18 -95.64 76.51
N ASP MA 176 -82.37 -96.72 77.28
CA ASP MA 176 -81.26 -97.54 77.73
C ASP MA 176 -80.88 -98.59 76.69
N SER MA 177 -81.59 -98.61 75.56
CA SER MA 177 -81.38 -99.62 74.53
C SER MA 177 -80.07 -99.44 73.78
N TYR MA 178 -79.41 -98.29 73.91
CA TYR MA 178 -78.12 -98.07 73.29
C TYR MA 178 -77.17 -97.44 74.31
N ASN MA 179 -75.89 -97.80 74.19
CA ASN MA 179 -74.90 -97.33 75.16
C ASN MA 179 -74.34 -95.95 74.84
N LYS MA 180 -74.05 -95.67 73.57
CA LYS MA 180 -73.51 -94.37 73.21
C LYS MA 180 -74.06 -93.96 71.86
N LYS MA 181 -74.24 -92.65 71.67
CA LYS MA 181 -74.78 -92.10 70.43
C LYS MA 181 -73.93 -90.93 69.97
N GLY MA 182 -73.63 -90.89 68.67
CA GLY MA 182 -72.88 -89.80 68.08
C GLY MA 182 -73.49 -89.38 66.75
N THR MA 183 -73.04 -88.22 66.26
CA THR MA 183 -73.58 -87.66 65.03
C THR MA 183 -72.44 -87.21 64.14
N VAL MA 184 -72.53 -87.58 62.85
CA VAL MA 184 -71.59 -87.11 61.83
C VAL MA 184 -72.42 -86.59 60.66
N THR MA 185 -72.10 -85.38 60.20
CA THR MA 185 -72.86 -84.77 59.13
C THR MA 185 -72.15 -85.00 57.80
N VAL MA 186 -72.83 -85.66 56.86
CA VAL MA 186 -72.28 -85.92 55.54
C VAL MA 186 -73.16 -85.23 54.50
N TYR MA 187 -72.71 -85.25 53.26
CA TYR MA 187 -73.40 -84.58 52.17
C TYR MA 187 -73.43 -85.47 50.93
N ASP MA 188 -74.52 -85.39 50.19
CA ASP MA 188 -74.70 -86.20 48.99
C ASP MA 188 -74.14 -85.48 47.77
N SER MA 189 -74.50 -85.95 46.58
CA SER MA 189 -73.96 -85.38 45.35
C SER MA 189 -74.32 -83.91 45.19
N GLN MA 190 -75.55 -83.52 45.48
CA GLN MA 190 -75.96 -82.12 45.39
C GLN MA 190 -75.76 -81.35 46.68
N GLY MA 191 -75.28 -81.99 47.74
CA GLY MA 191 -74.93 -81.27 48.95
C GLY MA 191 -75.97 -81.27 50.04
N ASN MA 192 -77.04 -82.06 49.91
CA ASN MA 192 -78.02 -82.16 50.98
C ASN MA 192 -77.40 -82.82 52.20
N ALA MA 193 -77.78 -82.34 53.38
CA ALA MA 193 -77.15 -82.74 54.63
C ALA MA 193 -77.82 -83.99 55.18
N HIS MA 194 -77.02 -85.01 55.48
CA HIS MA 194 -77.46 -86.22 56.15
C HIS MA 194 -76.79 -86.24 57.52
N ASP MA 195 -77.60 -86.16 58.58
CA ASP MA 195 -77.11 -86.19 59.96
C ASP MA 195 -77.02 -87.64 60.38
N MET MA 196 -75.99 -88.33 59.89
CA MET MA 196 -75.82 -89.76 60.14
C MET MA 196 -75.59 -89.99 61.64
N ASN MA 197 -76.56 -90.63 62.28
CA ASN MA 197 -76.44 -90.96 63.69
C ASN MA 197 -75.86 -92.36 63.85
N VAL MA 198 -74.89 -92.51 64.74
CA VAL MA 198 -74.17 -93.75 64.93
C VAL MA 198 -74.35 -94.19 66.38
N TYR MA 199 -74.71 -95.46 66.56
CA TYR MA 199 -75.02 -96.02 67.88
C TYR MA 199 -74.01 -97.10 68.21
N PHE MA 200 -73.44 -97.04 69.41
CA PHE MA 200 -72.52 -98.06 69.92
C PHE MA 200 -73.19 -98.78 71.08
N VAL MA 201 -73.29 -100.11 70.95
CA VAL MA 201 -73.90 -100.96 71.98
C VAL MA 201 -72.93 -102.11 72.25
N LYS MA 202 -72.47 -102.21 73.50
CA LYS MA 202 -71.59 -103.30 73.86
C LYS MA 202 -72.39 -104.58 74.03
N THR MA 203 -71.93 -105.67 73.41
CA THR MA 203 -72.59 -106.97 73.56
C THR MA 203 -71.93 -107.82 74.63
N LYS MA 204 -70.60 -107.87 74.66
CA LYS MA 204 -69.84 -108.46 75.76
C LYS MA 204 -68.44 -107.87 75.71
N ASP MA 205 -67.52 -108.43 76.49
CA ASP MA 205 -66.17 -107.89 76.58
C ASP MA 205 -65.49 -107.90 75.22
N ASN MA 206 -65.01 -106.74 74.79
CA ASN MA 206 -64.33 -106.52 73.53
C ASN MA 206 -65.20 -106.81 72.31
N GLU MA 207 -66.51 -106.61 72.41
CA GLU MA 207 -67.42 -106.71 71.28
C GLU MA 207 -68.40 -105.57 71.32
N TRP MA 208 -68.31 -104.66 70.34
CA TRP MA 208 -69.15 -103.47 70.27
C TRP MA 208 -69.88 -103.45 68.94
N ALA MA 209 -71.19 -103.62 68.97
CA ALA MA 209 -72.00 -103.48 67.76
C ALA MA 209 -72.24 -102.02 67.45
N VAL MA 210 -72.09 -101.65 66.18
CA VAL MA 210 -72.22 -100.27 65.73
C VAL MA 210 -73.32 -100.22 64.68
N TYR MA 211 -74.32 -99.37 64.93
CA TYR MA 211 -75.47 -99.17 64.06
C TYR MA 211 -75.40 -97.78 63.43
N THR MA 212 -75.99 -97.64 62.24
CA THR MA 212 -76.05 -96.38 61.53
C THR MA 212 -77.48 -96.06 61.14
N HIS MA 213 -77.84 -94.78 61.24
CA HIS MA 213 -79.20 -94.32 60.93
C HIS MA 213 -79.15 -92.98 60.20
N ASP MA 214 -79.92 -92.86 59.12
CA ASP MA 214 -80.02 -91.62 58.38
C ASP MA 214 -81.25 -90.86 58.85
N SER MA 215 -81.04 -89.80 59.64
CA SER MA 215 -82.14 -89.03 60.20
C SER MA 215 -82.79 -88.10 59.19
N SER MA 216 -82.05 -87.64 58.17
CA SER MA 216 -82.59 -86.72 57.18
C SER MA 216 -83.40 -87.40 56.10
N ASP MA 217 -83.29 -88.73 55.97
CA ASP MA 217 -84.03 -89.46 54.96
C ASP MA 217 -85.47 -89.66 55.42
N PRO MA 218 -86.46 -89.14 54.70
CA PRO MA 218 -87.87 -89.30 55.13
C PRO MA 218 -88.36 -90.73 55.09
N ALA MA 219 -87.70 -91.62 54.35
CA ALA MA 219 -88.12 -93.02 54.25
C ALA MA 219 -87.14 -93.98 54.89
N ALA MA 220 -86.22 -93.47 55.72
CA ALA MA 220 -85.24 -94.33 56.36
C ALA MA 220 -85.89 -95.16 57.46
N THR MA 221 -85.56 -96.45 57.49
CA THR MA 221 -86.04 -97.33 58.54
C THR MA 221 -85.11 -97.28 59.75
N ALA MA 222 -85.65 -97.60 60.91
CA ALA MA 222 -84.87 -97.62 62.13
C ALA MA 222 -83.79 -98.70 62.05
N PRO MA 223 -82.55 -98.42 62.47
CA PRO MA 223 -81.48 -99.41 62.35
C PRO MA 223 -81.73 -100.61 63.27
N THR MA 224 -81.91 -101.78 62.68
CA THR MA 224 -82.11 -103.02 63.41
C THR MA 224 -80.97 -104.00 63.27
N THR MA 225 -80.03 -103.73 62.35
CA THR MA 225 -78.86 -104.58 62.15
C THR MA 225 -77.61 -103.74 62.33
N ALA MA 226 -76.65 -104.26 63.10
CA ALA MA 226 -75.44 -103.53 63.38
C ALA MA 226 -74.64 -103.29 62.11
N SER MA 227 -74.18 -102.05 61.93
CA SER MA 227 -73.39 -101.71 60.74
C SER MA 227 -72.02 -102.40 60.79
N THR MA 228 -71.42 -102.50 61.96
CA THR MA 228 -70.14 -103.20 62.08
C THR MA 228 -69.97 -103.72 63.50
N THR MA 229 -68.85 -104.41 63.72
CA THR MA 229 -68.54 -105.02 65.01
C THR MA 229 -67.09 -104.73 65.36
N LEU MA 230 -66.88 -103.95 66.42
CA LEU MA 230 -65.54 -103.63 66.88
C LEU MA 230 -65.07 -104.65 67.91
N LYS MA 231 -63.88 -105.22 67.65
CA LYS MA 231 -63.20 -106.11 68.58
C LYS MA 231 -61.77 -105.58 68.78
N PHE MA 232 -61.32 -105.58 70.03
CA PHE MA 232 -60.01 -105.05 70.39
C PHE MA 232 -59.15 -106.12 71.03
N ASN MA 233 -57.85 -106.02 70.83
CA ASN MA 233 -56.89 -106.98 71.38
C ASN MA 233 -56.71 -106.74 72.88
N GLU MA 234 -55.77 -107.48 73.47
CA GLU MA 234 -55.50 -107.35 74.90
C GLU MA 234 -55.00 -105.96 75.28
N ASN MA 235 -54.29 -105.29 74.37
CA ASN MA 235 -53.83 -103.93 74.59
C ASN MA 235 -54.85 -102.88 74.16
N GLY MA 236 -55.98 -103.32 73.59
CA GLY MA 236 -57.04 -102.40 73.22
C GLY MA 236 -56.90 -101.73 71.87
N ILE MA 237 -55.92 -102.13 71.06
CA ILE MA 237 -55.75 -101.57 69.74
C ILE MA 237 -56.77 -102.17 68.79
N LEU MA 238 -57.36 -101.34 67.94
CA LEU MA 238 -58.35 -101.80 66.98
C LEU MA 238 -57.72 -102.81 66.02
N GLU MA 239 -58.39 -103.93 65.83
CA GLU MA 239 -57.88 -105.01 64.99
C GLU MA 239 -58.72 -105.26 63.74
N SER MA 240 -60.04 -105.31 63.88
CA SER MA 240 -60.90 -105.58 62.73
C SER MA 240 -62.25 -104.90 62.95
N GLY MA 241 -62.95 -104.67 61.84
CA GLY MA 241 -64.28 -104.09 61.86
C GLY MA 241 -64.33 -102.58 62.03
N GLY MA 242 -63.17 -101.91 62.04
CA GLY MA 242 -63.16 -100.47 62.22
C GLY MA 242 -63.42 -99.65 60.98
N THR MA 243 -63.44 -100.28 59.80
CA THR MA 243 -63.69 -99.57 58.55
C THR MA 243 -64.84 -100.27 57.82
N VAL MA 244 -65.81 -99.49 57.38
CA VAL MA 244 -66.99 -100.06 56.72
C VAL MA 244 -67.57 -99.00 55.78
N ASN MA 245 -68.10 -99.46 54.64
CA ASN MA 245 -68.73 -98.55 53.69
C ASN MA 245 -70.21 -98.38 54.05
N ILE MA 246 -70.65 -97.14 54.17
CA ILE MA 246 -72.02 -96.80 54.52
C ILE MA 246 -72.60 -95.91 53.43
N THR MA 247 -73.85 -96.20 53.05
CA THR MA 247 -74.55 -95.46 52.01
C THR MA 247 -75.70 -94.67 52.64
N THR MA 248 -75.79 -93.39 52.29
CA THR MA 248 -76.85 -92.54 52.83
C THR MA 248 -78.16 -92.82 52.12
N GLY MA 249 -79.21 -92.13 52.57
CA GLY MA 249 -80.51 -92.25 51.95
C GLY MA 249 -80.63 -91.44 50.68
N THR MA 250 -81.77 -91.60 50.01
CA THR MA 250 -82.07 -90.89 48.78
C THR MA 250 -83.04 -89.75 49.12
N ILE MA 251 -82.55 -88.52 49.04
CA ILE MA 251 -83.33 -87.34 49.37
C ILE MA 251 -83.56 -86.53 48.10
N ASN MA 252 -84.83 -86.28 47.77
CA ASN MA 252 -85.22 -85.46 46.62
C ASN MA 252 -84.64 -86.00 45.31
N GLY MA 253 -84.42 -87.31 45.24
CA GLY MA 253 -83.89 -87.94 44.05
C GLY MA 253 -82.40 -87.80 43.87
N ALA MA 254 -81.70 -87.17 44.82
CA ALA MA 254 -80.25 -87.00 44.68
C ALA MA 254 -79.54 -88.33 44.90
N THR MA 255 -78.34 -88.44 44.32
CA THR MA 255 -77.57 -89.66 44.44
C THR MA 255 -77.12 -89.88 45.88
N ALA MA 256 -77.31 -91.09 46.38
CA ALA MA 256 -76.91 -91.41 47.74
C ALA MA 256 -75.39 -91.36 47.87
N ALA MA 257 -74.93 -90.89 49.02
CA ALA MA 257 -73.50 -90.75 49.27
C ALA MA 257 -72.94 -92.03 49.91
N THR MA 258 -72.04 -92.69 49.20
CA THR MA 258 -71.35 -93.87 49.70
C THR MA 258 -70.00 -93.44 50.24
N PHE MA 259 -69.77 -93.66 51.54
CA PHE MA 259 -68.56 -93.18 52.19
C PHE MA 259 -67.97 -94.29 53.05
N SER MA 260 -66.64 -94.36 53.07
CA SER MA 260 -65.93 -95.30 53.92
C SER MA 260 -65.76 -94.67 55.30
N LEU MA 261 -66.52 -95.14 56.27
CA LEU MA 261 -66.40 -94.69 57.65
C LEU MA 261 -65.30 -95.49 58.33
N SER MA 262 -64.34 -94.80 58.93
CA SER MA 262 -63.16 -95.41 59.52
C SER MA 262 -63.00 -94.97 60.97
N PHE MA 263 -62.79 -95.94 61.87
CA PHE MA 263 -62.41 -95.69 63.24
C PHE MA 263 -60.91 -95.89 63.46
N LEU MA 264 -60.09 -95.56 62.46
CA LEU MA 264 -58.66 -95.80 62.54
C LEU MA 264 -58.03 -94.98 63.66
N ASN MA 265 -57.02 -95.55 64.30
CA ASN MA 265 -56.28 -94.96 65.40
C ASN MA 265 -57.14 -94.72 66.64
N SER MA 266 -58.28 -95.38 66.73
CA SER MA 266 -59.03 -95.36 67.98
C SER MA 266 -58.64 -96.57 68.83
N MET MA 267 -58.44 -96.31 70.13
CA MET MA 267 -58.12 -97.37 71.08
C MET MA 267 -59.01 -97.22 72.31
N GLN MA 268 -58.91 -98.21 73.21
CA GLN MA 268 -59.57 -98.16 74.51
C GLN MA 268 -58.47 -98.01 75.56
N GLN MA 269 -58.54 -96.91 76.33
CA GLN MA 269 -57.52 -96.62 77.32
C GLN MA 269 -58.18 -96.28 78.65
N ASN MA 270 -57.40 -95.77 79.61
CA ASN MA 270 -57.90 -95.46 80.94
C ASN MA 270 -58.73 -94.18 80.96
N THR MA 271 -59.77 -94.12 80.13
CA THR MA 271 -60.70 -92.99 80.14
C THR MA 271 -61.82 -93.26 81.13
N GLY MA 272 -62.44 -92.18 81.62
CA GLY MA 272 -63.54 -92.30 82.55
C GLY MA 272 -64.76 -92.97 81.94
N ALA MA 273 -64.99 -92.74 80.65
CA ALA MA 273 -66.12 -93.33 79.95
C ALA MA 273 -65.90 -93.27 78.45
N ASN MA 274 -66.93 -93.60 77.66
CA ASN MA 274 -66.84 -93.54 76.21
C ASN MA 274 -66.86 -92.09 75.76
N ASN MA 275 -65.81 -91.66 75.07
CA ASN MA 275 -65.69 -90.29 74.60
C ASN MA 275 -65.22 -90.29 73.15
N ILE MA 276 -65.82 -89.42 72.35
CA ILE MA 276 -65.47 -89.29 70.94
C ILE MA 276 -64.46 -88.16 70.79
N VAL MA 277 -63.25 -88.49 70.35
CA VAL MA 277 -62.21 -87.49 70.18
C VAL MA 277 -62.56 -86.53 69.04
N ALA MA 278 -62.95 -87.05 67.89
CA ALA MA 278 -63.23 -86.18 66.74
C ALA MA 278 -64.08 -86.92 65.71
N THR MA 279 -64.88 -86.15 65.00
CA THR MA 279 -65.60 -86.62 63.82
C THR MA 279 -65.28 -85.70 62.66
N ASN MA 280 -64.97 -86.29 61.50
CA ASN MA 280 -64.55 -85.53 60.34
C ASN MA 280 -65.01 -86.23 59.07
N GLN MA 281 -65.16 -85.44 58.02
CA GLN MA 281 -65.59 -85.97 56.73
C GLN MA 281 -65.14 -85.01 55.65
N ASN MA 282 -65.07 -85.52 54.42
CA ASN MA 282 -64.49 -84.79 53.30
C ASN MA 282 -65.53 -84.09 52.43
N GLY MA 283 -66.80 -84.09 52.83
CA GLY MA 283 -67.82 -83.39 52.08
C GLY MA 283 -68.14 -82.02 52.65
N TYR MA 284 -68.81 -81.21 51.84
CA TYR MA 284 -69.19 -79.86 52.23
C TYR MA 284 -70.37 -79.41 51.38
N LYS MA 285 -70.99 -78.31 51.78
CA LYS MA 285 -72.13 -77.76 51.09
C LYS MA 285 -71.70 -76.63 50.14
N PRO MA 286 -72.46 -76.38 49.07
CA PRO MA 286 -72.08 -75.31 48.12
C PRO MA 286 -71.99 -73.95 48.79
N GLY MA 287 -70.99 -73.17 48.41
CA GLY MA 287 -70.81 -71.84 48.95
C GLY MA 287 -70.26 -70.89 47.92
N ASP MA 288 -70.46 -69.60 48.16
CA ASP MA 288 -69.94 -68.54 47.32
C ASP MA 288 -68.65 -67.99 47.90
N LEU MA 289 -67.79 -67.50 47.02
CA LEU MA 289 -66.52 -66.91 47.44
C LEU MA 289 -66.79 -65.72 48.35
N VAL MA 290 -66.12 -65.69 49.50
CA VAL MA 290 -66.30 -64.66 50.50
C VAL MA 290 -65.10 -63.72 50.55
N SER MA 291 -63.89 -64.27 50.53
CA SER MA 291 -62.70 -63.44 50.62
C SER MA 291 -61.56 -64.13 49.87
N TYR MA 292 -60.49 -63.37 49.64
CA TYR MA 292 -59.29 -63.90 49.01
C TYR MA 292 -58.07 -63.41 49.78
N GLN MA 293 -56.97 -64.15 49.69
CA GLN MA 293 -55.74 -63.78 50.36
C GLN MA 293 -54.55 -64.32 49.58
N ILE MA 294 -53.40 -63.69 49.81
CA ILE MA 294 -52.13 -64.11 49.25
C ILE MA 294 -51.26 -64.62 50.40
N ASN MA 295 -50.87 -65.88 50.34
CA ASN MA 295 -50.06 -66.45 51.40
C ASN MA 295 -48.60 -66.04 51.25
N ASN MA 296 -47.84 -66.24 52.33
CA ASN MA 296 -46.42 -65.93 52.31
C ASN MA 296 -45.63 -66.80 51.36
N ASP MA 297 -46.20 -67.91 50.88
CA ASP MA 297 -45.54 -68.79 49.94
C ASP MA 297 -45.93 -68.52 48.49
N GLY MA 298 -46.68 -67.44 48.23
CA GLY MA 298 -47.03 -67.07 46.88
C GLY MA 298 -48.34 -67.64 46.37
N THR MA 299 -49.02 -68.47 47.14
CA THR MA 299 -50.28 -69.05 46.67
C THR MA 299 -51.45 -68.11 46.95
N VAL MA 300 -52.35 -67.97 45.99
CA VAL MA 300 -53.57 -67.20 46.14
C VAL MA 300 -54.68 -68.17 46.55
N VAL MA 301 -55.28 -67.92 47.71
CA VAL MA 301 -56.28 -68.81 48.29
C VAL MA 301 -57.54 -68.02 48.60
N GLY MA 302 -58.68 -68.53 48.15
CA GLY MA 302 -59.96 -67.91 48.42
C GLY MA 302 -60.73 -68.70 49.46
N ASN MA 303 -61.27 -67.98 50.44
CA ASN MA 303 -62.09 -68.56 51.50
C ASN MA 303 -63.55 -68.34 51.13
N TYR MA 304 -64.30 -69.44 51.04
CA TYR MA 304 -65.68 -69.45 50.60
C TYR MA 304 -66.63 -69.41 51.81
N SER MA 305 -67.92 -69.63 51.55
CA SER MA 305 -68.93 -69.66 52.59
C SER MA 305 -69.03 -70.99 53.31
N ASN MA 306 -68.38 -72.04 52.80
CA ASN MA 306 -68.50 -73.37 53.38
C ASN MA 306 -67.36 -73.64 54.36
N GLU MA 307 -66.69 -72.58 54.82
CA GLU MA 307 -65.56 -72.68 55.74
C GLU MA 307 -64.46 -73.58 55.15
N GLN MA 308 -64.32 -73.50 53.82
CA GLN MA 308 -63.33 -74.30 53.10
C GLN MA 308 -62.59 -73.39 52.14
N GLU MA 309 -61.26 -73.52 52.10
CA GLU MA 309 -60.42 -72.67 51.28
C GLU MA 309 -59.99 -73.41 50.01
N GLN MA 310 -59.96 -72.67 48.90
CA GLN MA 310 -59.55 -73.21 47.62
C GLN MA 310 -58.39 -72.40 47.06
N VAL MA 311 -57.34 -73.08 46.62
CA VAL MA 311 -56.22 -72.39 46.00
C VAL MA 311 -56.50 -72.19 44.51
N LEU MA 312 -56.44 -70.94 44.06
CA LEU MA 312 -56.72 -70.62 42.67
C LEU MA 312 -55.47 -70.46 41.83
N GLY MA 313 -54.29 -70.49 42.45
CA GLY MA 313 -53.05 -70.36 41.72
C GLY MA 313 -51.92 -70.15 42.69
N GLN MA 314 -50.70 -70.17 42.15
CA GLN MA 314 -49.50 -69.91 42.94
C GLN MA 314 -48.59 -68.98 42.15
N ILE MA 315 -48.26 -67.83 42.73
CA ILE MA 315 -47.46 -66.85 42.02
C ILE MA 315 -46.05 -67.39 41.82
N VAL MA 316 -45.56 -67.30 40.59
CA VAL MA 316 -44.24 -67.81 40.23
C VAL MA 316 -43.24 -66.66 40.30
N LEU MA 317 -41.99 -67.00 40.62
CA LEU MA 317 -40.90 -66.04 40.65
C LEU MA 317 -39.83 -66.46 39.67
N ALA MA 318 -39.09 -65.49 39.15
CA ALA MA 318 -38.05 -65.73 38.16
C ALA MA 318 -36.74 -65.06 38.59
N ASN MA 319 -35.65 -65.79 38.44
CA ASN MA 319 -34.32 -65.24 38.66
C ASN MA 319 -33.46 -65.51 37.43
N PHE MA 320 -32.50 -64.61 37.20
CA PHE MA 320 -31.67 -64.66 36.00
C PHE MA 320 -30.21 -64.91 36.38
N ALA MA 321 -29.48 -65.46 35.41
CA ALA MA 321 -28.04 -65.62 35.58
C ALA MA 321 -27.34 -64.27 35.70
N ASN MA 322 -27.92 -63.24 35.09
CA ASN MA 322 -27.35 -61.89 35.10
C ASN MA 322 -28.49 -60.88 35.25
N ASN MA 323 -28.58 -60.28 36.44
CA ASN MA 323 -29.56 -59.21 36.65
C ASN MA 323 -29.17 -57.95 35.90
N GLU MA 324 -27.87 -57.73 35.71
CA GLU MA 324 -27.40 -56.50 35.06
C GLU MA 324 -27.76 -56.46 33.57
N GLY MA 325 -27.98 -57.62 32.95
CA GLY MA 325 -28.30 -57.65 31.53
C GLY MA 325 -29.75 -57.38 31.18
N LEU MA 326 -30.60 -57.23 32.18
CA LEU MA 326 -32.01 -56.95 31.92
C LEU MA 326 -32.19 -55.59 31.28
N ALA MA 327 -33.03 -55.54 30.25
CA ALA MA 327 -33.33 -54.30 29.54
C ALA MA 327 -34.60 -53.68 30.11
N SER MA 328 -34.47 -52.50 30.71
CA SER MA 328 -35.62 -51.84 31.30
C SER MA 328 -36.58 -51.35 30.22
N GLN MA 329 -37.86 -51.66 30.37
CA GLN MA 329 -38.90 -51.25 29.44
C GLN MA 329 -39.70 -50.06 29.93
N GLY MA 330 -39.35 -49.49 31.08
CA GLY MA 330 -40.13 -48.43 31.67
C GLY MA 330 -41.28 -48.97 32.50
N ASP MA 331 -41.90 -48.06 33.26
CA ASP MA 331 -43.00 -48.40 34.16
C ASP MA 331 -42.60 -49.51 35.13
N ASN MA 332 -41.38 -49.38 35.68
CA ASN MA 332 -40.75 -50.40 36.53
C ASN MA 332 -40.99 -51.82 36.01
N VAL MA 333 -40.66 -52.04 34.74
CA VAL MA 333 -40.83 -53.33 34.09
C VAL MA 333 -39.56 -53.67 33.33
N TRP MA 334 -39.09 -54.91 33.48
CA TRP MA 334 -37.89 -55.39 32.82
C TRP MA 334 -38.24 -56.48 31.83
N ALA MA 335 -37.44 -56.58 30.77
CA ALA MA 335 -37.60 -57.63 29.76
C ALA MA 335 -36.34 -58.48 29.69
N ALA MA 336 -36.52 -59.78 29.57
CA ALA MA 336 -35.38 -60.69 29.42
C ALA MA 336 -34.66 -60.42 28.11
N THR MA 337 -33.34 -60.53 28.14
CA THR MA 337 -32.49 -60.25 26.99
C THR MA 337 -31.45 -61.37 26.85
N GLN MA 338 -30.78 -61.39 25.70
CA GLN MA 338 -29.74 -62.39 25.47
C GLN MA 338 -28.61 -62.25 26.49
N ALA MA 339 -28.22 -61.02 26.81
CA ALA MA 339 -27.18 -60.80 27.81
C ALA MA 339 -27.60 -61.30 29.19
N SER MA 340 -28.87 -61.16 29.54
CA SER MA 340 -29.33 -61.62 30.85
C SER MA 340 -29.72 -63.10 30.84
N GLY MA 341 -29.84 -63.72 29.67
CA GLY MA 341 -30.16 -65.13 29.58
C GLY MA 341 -31.63 -65.41 29.81
N VAL MA 342 -31.96 -66.70 29.84
CA VAL MA 342 -33.33 -67.13 30.05
C VAL MA 342 -33.62 -67.19 31.55
N ALA MA 343 -34.89 -66.96 31.90
CA ALA MA 343 -35.30 -66.90 33.30
C ALA MA 343 -35.46 -68.30 33.88
N LEU MA 344 -34.95 -68.50 35.08
CA LEU MA 344 -35.21 -69.70 35.85
C LEU MA 344 -36.40 -69.45 36.78
N LEU MA 345 -37.40 -70.32 36.72
CA LEU MA 345 -38.65 -70.11 37.42
C LEU MA 345 -38.76 -71.01 38.64
N GLY MA 346 -39.50 -70.53 39.65
CA GLY MA 346 -39.67 -71.28 40.87
C GLY MA 346 -40.73 -70.66 41.74
N THR MA 347 -40.82 -71.17 42.98
CA THR MA 347 -41.79 -70.70 43.95
C THR MA 347 -41.06 -70.13 45.16
N ALA MA 348 -41.77 -69.27 45.90
CA ALA MA 348 -41.19 -68.63 47.07
C ALA MA 348 -40.79 -69.66 48.11
N GLY MA 349 -39.63 -69.45 48.73
CA GLY MA 349 -39.14 -70.36 49.74
C GLY MA 349 -38.54 -71.64 49.22
N SER MA 350 -38.32 -71.76 47.91
CA SER MA 350 -37.77 -72.95 47.31
C SER MA 350 -36.65 -72.58 46.35
N GLY MA 351 -35.65 -73.45 46.26
CA GLY MA 351 -34.53 -73.20 45.36
C GLY MA 351 -33.78 -71.95 45.75
N ASN MA 352 -33.49 -71.11 44.76
CA ASN MA 352 -32.75 -69.87 44.95
C ASN MA 352 -33.67 -68.65 44.91
N PHE MA 353 -34.90 -68.78 45.42
CA PHE MA 353 -35.88 -67.72 45.39
C PHE MA 353 -36.21 -67.30 46.82
N GLY MA 354 -36.29 -65.99 47.04
CA GLY MA 354 -36.57 -65.47 48.36
C GLY MA 354 -38.04 -65.54 48.71
N LYS MA 355 -38.31 -65.40 50.00
CA LYS MA 355 -39.66 -65.47 50.53
C LYS MA 355 -40.46 -64.22 50.18
N LEU MA 356 -41.76 -64.42 49.97
CA LEU MA 356 -42.66 -63.30 49.72
C LEU MA 356 -43.36 -62.90 51.01
N THR MA 357 -43.43 -61.59 51.26
CA THR MA 357 -44.11 -61.05 52.43
C THR MA 357 -45.39 -60.36 51.99
N ASN MA 358 -46.50 -60.68 52.65
CA ASN MA 358 -47.80 -60.14 52.28
C ASN MA 358 -48.07 -58.83 53.02
N GLY MA 359 -48.97 -58.04 52.46
CA GLY MA 359 -49.36 -56.79 53.08
C GLY MA 359 -48.27 -55.74 53.13
N ALA MA 360 -47.32 -55.77 52.19
CA ALA MA 360 -46.20 -54.84 52.20
C ALA MA 360 -45.66 -54.69 50.79
N LEU MA 361 -44.90 -53.61 50.58
CA LEU MA 361 -44.29 -53.32 49.29
C LEU MA 361 -42.79 -53.10 49.46
N GLU MA 362 -42.06 -53.30 48.37
CA GLU MA 362 -40.63 -53.03 48.34
C GLU MA 362 -40.39 -51.61 47.84
N ALA MA 363 -39.80 -50.77 48.69
CA ALA MA 363 -39.56 -49.38 48.32
C ALA MA 363 -38.31 -49.28 47.44
N SER MA 364 -37.91 -48.04 47.15
CA SER MA 364 -36.74 -47.80 46.32
C SER MA 364 -35.47 -47.98 47.13
N ASN MA 365 -34.34 -48.09 46.44
CA ASN MA 365 -33.03 -48.22 47.07
C ASN MA 365 -32.17 -46.98 46.87
N VAL MA 366 -32.79 -45.85 46.58
CA VAL MA 366 -32.07 -44.62 46.25
C VAL MA 366 -31.86 -43.82 47.53
N ASP MA 367 -30.60 -43.59 47.87
CA ASP MA 367 -30.27 -42.75 49.02
C ASP MA 367 -30.05 -41.32 48.56
N LEU MA 368 -30.88 -40.40 49.07
CA LEU MA 368 -30.93 -39.03 48.58
C LEU MA 368 -29.62 -38.26 48.82
N SER MA 369 -29.03 -38.56 49.97
CA SER MA 369 -27.75 -37.94 50.34
C SER MA 369 -26.69 -38.44 49.36
N LYS MA 370 -26.71 -39.75 49.06
CA LYS MA 370 -25.65 -40.32 48.20
C LYS MA 370 -25.95 -39.96 46.74
N GLU MA 371 -27.06 -39.26 46.48
CA GLU MA 371 -27.37 -38.80 45.10
C GLU MA 371 -26.98 -37.32 44.98
N LEU MA 372 -27.24 -36.53 46.01
CA LEU MA 372 -26.90 -35.11 46.01
C LEU MA 372 -25.39 -34.91 45.92
N VAL MA 373 -24.62 -35.69 46.69
CA VAL MA 373 -23.16 -35.57 46.62
C VAL MA 373 -22.66 -35.96 45.23
N ASN MA 374 -23.26 -37.00 44.64
CA ASN MA 374 -22.88 -37.40 43.30
C ASN MA 374 -23.19 -36.30 42.28
N MET MA 375 -24.32 -35.61 42.44
CA MET MA 375 -24.61 -34.48 41.57
C MET MA 375 -23.55 -33.39 41.71
N ILE MA 376 -23.15 -33.10 42.94
CA ILE MA 376 -22.14 -32.06 43.15
C ILE MA 376 -20.84 -32.44 42.43
N VAL MA 377 -20.39 -33.69 42.62
CA VAL MA 377 -19.14 -34.14 42.00
C VAL MA 377 -19.24 -34.11 40.48
N ALA MA 378 -20.36 -34.62 39.94
CA ALA MA 378 -20.53 -34.67 38.50
C ALA MA 378 -20.61 -33.26 37.91
N GLN MA 379 -21.24 -32.33 38.61
CA GLN MA 379 -21.32 -30.96 38.15
C GLN MA 379 -19.94 -30.32 38.10
N ARG MA 380 -19.12 -30.57 39.13
CA ARG MA 380 -17.75 -30.07 39.10
C ARG MA 380 -16.96 -30.66 37.93
N ASN MA 381 -17.14 -31.96 37.68
CA ASN MA 381 -16.47 -32.57 36.54
C ASN MA 381 -16.91 -31.95 35.22
N TYR MA 382 -18.21 -31.71 35.07
CA TYR MA 382 -18.73 -31.08 33.85
C TYR MA 382 -18.17 -29.67 33.69
N GLN MA 383 -18.10 -28.90 34.78
CA GLN MA 383 -17.56 -27.56 34.68
C GLN MA 383 -16.09 -27.58 34.30
N SER MA 384 -15.33 -28.54 34.81
CA SER MA 384 -13.94 -28.68 34.41
C SER MA 384 -13.82 -29.00 32.92
N ASN MA 385 -14.69 -29.90 32.43
CA ASN MA 385 -14.66 -30.23 31.00
C ASN MA 385 -15.04 -29.02 30.15
N ALA MA 386 -16.02 -28.24 30.59
CA ALA MA 386 -16.39 -27.02 29.88
C ALA MA 386 -15.24 -26.02 29.87
N GLN MA 387 -14.49 -25.94 30.97
CA GLN MA 387 -13.31 -25.09 31.01
C GLN MA 387 -12.28 -25.58 30.00
N THR MA 388 -12.13 -26.90 29.85
CA THR MA 388 -11.23 -27.44 28.84
C THR MA 388 -11.67 -27.02 27.43
N ILE MA 389 -12.98 -27.11 27.17
CA ILE MA 389 -13.51 -26.69 25.87
C ILE MA 389 -13.21 -25.22 25.63
N LYS MA 390 -13.39 -24.39 26.66
CA LYS MA 390 -13.11 -22.96 26.53
C LYS MA 390 -11.64 -22.72 26.25
N THR MA 391 -10.76 -23.49 26.88
CA THR MA 391 -9.34 -23.38 26.63
C THR MA 391 -9.00 -23.70 25.17
N GLN MA 392 -9.56 -24.81 24.66
CA GLN MA 392 -9.32 -25.16 23.26
C GLN MA 392 -9.89 -24.09 22.32
N ASP MA 393 -11.04 -23.52 22.68
CA ASP MA 393 -11.62 -22.45 21.88
C ASP MA 393 -10.69 -21.24 21.82
N GLN MA 394 -9.86 -21.08 22.83
CA GLN MA 394 -8.98 -19.89 22.82
C GLN MA 394 -7.68 -20.25 22.09
N ILE MA 395 -7.28 -21.51 22.07
CA ILE MA 395 -6.04 -21.94 21.34
C ILE MA 395 -6.25 -21.76 19.84
N LEU MA 396 -7.38 -22.21 19.30
CA LEU MA 396 -7.62 -21.97 17.86
C LEU MA 396 -7.93 -20.48 17.65
N ASN MA 397 -8.33 -19.73 18.67
CA ASN MA 397 -8.62 -18.29 18.38
C ASN MA 397 -7.30 -17.55 18.38
N THR MA 398 -6.28 -18.09 19.02
CA THR MA 398 -4.95 -17.44 18.91
C THR MA 398 -4.31 -17.95 17.62
N LEU MA 399 -4.74 -19.11 17.12
CA LEU MA 399 -4.17 -19.58 15.83
C LEU MA 399 -4.89 -18.95 14.62
N VAL MA 400 -6.18 -18.59 14.71
CA VAL MA 400 -6.78 -17.94 13.54
C VAL MA 400 -6.47 -16.45 13.53
N ASN MA 401 -6.37 -15.83 14.70
CA ASN MA 401 -6.21 -14.37 14.75
C ASN MA 401 -4.78 -13.95 14.44
N LEU MA 402 -3.89 -14.90 14.19
CA LEU MA 402 -2.52 -14.59 13.80
C LEU MA 402 -2.49 -13.79 12.50
N SER NA 2 8.10 -17.83 39.08
CA SER NA 2 6.99 -17.60 38.16
C SER NA 2 5.79 -18.47 38.52
N PHE NA 3 5.51 -19.45 37.67
CA PHE NA 3 4.37 -20.34 37.94
C PHE NA 3 4.70 -21.35 39.02
N SER NA 4 5.96 -21.76 39.12
CA SER NA 4 6.34 -22.86 40.01
C SER NA 4 6.03 -22.53 41.46
N GLN NA 5 6.30 -21.29 41.88
CA GLN NA 5 6.04 -20.89 43.25
C GLN NA 5 4.57 -21.02 43.59
N ALA NA 6 3.70 -20.49 42.73
CA ALA NA 6 2.26 -20.53 42.99
C ALA NA 6 1.72 -21.95 42.96
N VAL NA 7 2.20 -22.77 42.01
CA VAL NA 7 1.70 -24.14 41.94
C VAL NA 7 2.16 -24.95 43.15
N SER NA 8 3.39 -24.71 43.63
CA SER NA 8 3.85 -25.38 44.83
C SER NA 8 3.04 -24.97 46.04
N GLY NA 9 2.74 -23.68 46.16
CA GLY NA 9 1.91 -23.23 47.26
C GLY NA 9 0.51 -23.83 47.20
N LEU NA 10 -0.06 -23.90 46.00
CA LEU NA 10 -1.38 -24.49 45.84
C LEU NA 10 -1.37 -25.98 46.21
N ASN NA 11 -0.32 -26.69 45.79
CA ASN NA 11 -0.21 -28.11 46.12
C ASN NA 11 -0.08 -28.31 47.62
N ALA NA 12 0.71 -27.47 48.29
CA ALA NA 12 0.83 -27.57 49.74
C ALA NA 12 -0.49 -27.30 50.43
N ALA NA 13 -1.23 -26.28 49.96
CA ALA NA 13 -2.53 -25.99 50.56
C ALA NA 13 -3.51 -27.13 50.33
N ALA NA 14 -3.48 -27.73 49.14
CA ALA NA 14 -4.36 -28.86 48.85
C ALA NA 14 -4.02 -30.06 49.74
N THR NA 15 -2.73 -30.31 49.96
CA THR NA 15 -2.33 -31.39 50.84
C THR NA 15 -2.79 -31.13 52.27
N ASN NA 16 -2.66 -29.88 52.72
CA ASN NA 16 -3.15 -29.52 54.06
C ASN NA 16 -4.65 -29.74 54.18
N LEU NA 17 -5.39 -29.32 53.16
CA LEU NA 17 -6.85 -29.51 53.17
C LEU NA 17 -7.21 -30.98 53.18
N ASP NA 18 -6.50 -31.80 52.40
CA ASP NA 18 -6.76 -33.23 52.39
C ASP NA 18 -6.47 -33.85 53.75
N VAL NA 19 -5.38 -33.43 54.40
CA VAL NA 19 -5.06 -33.96 55.73
C VAL NA 19 -6.15 -33.59 56.73
N ILE NA 20 -6.61 -32.33 56.68
CA ILE NA 20 -7.67 -31.90 57.61
C ILE NA 20 -8.96 -32.69 57.34
N GLY NA 21 -9.31 -32.88 56.07
CA GLY NA 21 -10.51 -33.64 55.76
C GLY NA 21 -10.42 -35.08 56.21
N ASN NA 22 -9.24 -35.70 56.04
CA ASN NA 22 -9.05 -37.06 56.53
C ASN NA 22 -9.17 -37.12 58.05
N ASN NA 23 -8.62 -36.12 58.74
CA ASN NA 23 -8.72 -36.09 60.20
C ASN NA 23 -10.16 -35.98 60.65
N ILE NA 24 -10.95 -35.11 60.01
CA ILE NA 24 -12.35 -34.97 60.40
C ILE NA 24 -13.15 -36.21 60.04
N ALA NA 25 -12.83 -36.85 58.92
CA ALA NA 25 -13.55 -38.06 58.52
C ALA NA 25 -13.38 -39.17 59.54
N ASN NA 26 -12.30 -39.13 60.32
CA ASN NA 26 -12.06 -40.10 61.39
C ASN NA 26 -12.33 -39.52 62.77
N SER NA 27 -13.35 -38.68 62.91
CA SER NA 27 -13.68 -38.08 64.19
C SER NA 27 -14.02 -39.15 65.22
N ALA NA 28 -14.77 -40.17 64.80
CA ALA NA 28 -15.13 -41.30 65.66
C ALA NA 28 -14.44 -42.53 65.09
N THR NA 29 -13.18 -42.74 65.49
CA THR NA 29 -12.38 -43.88 65.04
C THR NA 29 -11.39 -44.21 66.17
N TYR NA 30 -11.69 -45.29 66.89
CA TYR NA 30 -10.88 -45.70 68.03
C TYR NA 30 -9.45 -46.01 67.62
N GLY NA 31 -8.48 -45.49 68.36
CA GLY NA 31 -7.09 -45.72 68.06
C GLY NA 31 -6.51 -44.85 66.96
N PHE NA 32 -7.28 -43.89 66.45
CA PHE NA 32 -6.81 -43.00 65.39
C PHE NA 32 -6.11 -41.80 66.02
N LYS NA 33 -5.02 -41.35 65.40
CA LYS NA 33 -4.30 -40.18 65.83
C LYS NA 33 -4.31 -39.14 64.71
N SER NA 34 -4.51 -37.88 65.08
CA SER NA 34 -4.60 -36.81 64.09
C SER NA 34 -3.26 -36.57 63.41
N GLY NA 35 -3.32 -36.05 62.19
CA GLY NA 35 -2.15 -35.75 61.40
C GLY NA 35 -2.07 -34.28 61.04
N THR NA 36 -0.85 -33.77 60.93
CA THR NA 36 -0.61 -32.39 60.54
C THR NA 36 0.50 -32.34 59.50
N ALA NA 37 0.27 -31.61 58.41
CA ALA NA 37 1.26 -31.50 57.35
C ALA NA 37 2.31 -30.46 57.70
N SER NA 38 3.57 -30.78 57.43
CA SER NA 38 4.68 -29.86 57.70
C SER NA 38 5.26 -29.36 56.39
N PHE NA 39 5.42 -28.04 56.29
CA PHE NA 39 5.85 -27.38 55.07
C PHE NA 39 7.24 -26.78 55.24
N ALA NA 40 8.03 -26.85 54.17
CA ALA NA 40 9.37 -26.28 54.14
C ALA NA 40 9.60 -25.60 52.80
N ASP NA 41 10.28 -24.46 52.84
CA ASP NA 41 10.57 -23.71 51.63
C ASP NA 41 11.66 -24.41 50.81
N MET NA 42 11.84 -23.95 49.57
CA MET NA 42 12.74 -24.62 48.64
C MET NA 42 13.73 -23.67 47.98
N PHE NA 43 14.41 -22.84 48.77
CA PHE NA 43 15.47 -21.99 48.21
C PHE NA 43 16.52 -22.86 47.54
N ALA NA 44 16.95 -22.44 46.33
CA ALA NA 44 17.93 -23.19 45.54
C ALA NA 44 18.79 -22.17 44.78
N GLY NA 45 19.95 -21.85 45.35
CA GLY NA 45 20.88 -20.94 44.71
C GLY NA 45 20.45 -19.49 44.76
N SER NA 46 19.39 -19.15 44.02
CA SER NA 46 18.90 -17.79 44.00
C SER NA 46 18.21 -17.44 45.32
N LYS NA 47 18.10 -16.15 45.60
CA LYS NA 47 17.43 -15.67 46.80
C LYS NA 47 15.93 -15.51 46.64
N VAL NA 48 15.39 -15.83 45.46
CA VAL NA 48 14.00 -15.52 45.17
C VAL NA 48 13.01 -16.44 45.87
N GLY NA 49 13.48 -17.52 46.49
CA GLY NA 49 12.57 -18.41 47.18
C GLY NA 49 11.69 -19.22 46.25
N LEU NA 50 12.30 -20.18 45.54
CA LEU NA 50 11.65 -20.95 44.49
C LEU NA 50 10.23 -21.42 44.84
N GLY NA 51 10.04 -22.04 45.99
CA GLY NA 51 8.71 -22.46 46.35
C GLY NA 51 8.63 -23.13 47.71
N VAL NA 52 7.59 -23.94 47.88
CA VAL NA 52 7.34 -24.66 49.12
C VAL NA 52 7.21 -26.14 48.80
N LYS NA 53 7.55 -26.97 49.78
CA LYS NA 53 7.44 -28.41 49.65
C LYS NA 53 6.90 -29.00 50.94
N VAL NA 54 6.23 -30.14 50.81
CA VAL NA 54 5.65 -30.83 51.96
C VAL NA 54 6.74 -31.69 52.60
N ALA NA 55 7.22 -31.27 53.76
CA ALA NA 55 8.23 -32.03 54.47
C ALA NA 55 7.73 -33.40 54.90
N GLY NA 56 6.44 -33.51 55.21
CA GLY NA 56 5.88 -34.79 55.60
C GLY NA 56 4.63 -34.59 56.43
N ILE NA 57 4.21 -35.68 57.06
CA ILE NA 57 3.05 -35.69 57.94
C ILE NA 57 3.53 -36.03 59.34
N THR NA 58 2.94 -35.38 60.33
CA THR NA 58 3.27 -35.60 61.74
C THR NA 58 2.05 -36.10 62.47
N GLN NA 59 2.20 -37.22 63.16
CA GLN NA 59 1.11 -37.78 63.94
C GLN NA 59 1.14 -37.22 65.37
N ASP NA 60 -0.04 -36.93 65.89
CA ASP NA 60 -0.21 -36.39 67.24
C ASP NA 60 -0.52 -37.57 68.15
N PHE NA 61 0.51 -38.12 68.78
CA PHE NA 61 0.37 -39.30 69.64
C PHE NA 61 0.02 -38.91 71.06
N THR NA 62 -1.04 -38.11 71.21
CA THR NA 62 -1.57 -37.79 72.52
C THR NA 62 -2.80 -38.65 72.80
N ASP NA 63 -2.85 -39.22 74.00
CA ASP NA 63 -3.91 -40.15 74.34
C ASP NA 63 -5.26 -39.45 74.33
N GLY NA 64 -6.23 -40.08 73.67
CA GLY NA 64 -7.59 -39.59 73.69
C GLY NA 64 -8.34 -40.04 74.92
N THR NA 65 -9.55 -39.50 75.08
CA THR NA 65 -10.38 -39.88 76.20
C THR NA 65 -10.78 -41.35 76.12
N THR NA 66 -10.64 -42.06 77.22
CA THR NA 66 -10.99 -43.48 77.28
C THR NA 66 -12.44 -43.61 77.73
N THR NA 67 -13.26 -44.24 76.88
CA THR NA 67 -14.69 -44.36 77.12
C THR NA 67 -15.02 -45.79 77.48
N ASN NA 68 -15.75 -45.97 78.58
CA ASN NA 68 -16.10 -47.31 79.04
C ASN NA 68 -17.14 -47.90 78.09
N THR NA 69 -16.94 -49.17 77.71
CA THR NA 69 -17.86 -49.88 76.85
C THR NA 69 -18.63 -50.98 77.57
N GLY NA 70 -17.98 -51.75 78.42
CA GLY NA 70 -18.62 -52.85 79.12
C GLY NA 70 -18.34 -54.22 78.54
N ARG NA 71 -17.56 -54.32 77.47
CA ARG NA 71 -17.20 -55.60 76.88
C ARG NA 71 -15.81 -55.99 77.37
N GLY NA 72 -15.68 -57.23 77.85
CA GLY NA 72 -14.42 -57.71 78.40
C GLY NA 72 -13.28 -57.81 77.43
N LEU NA 73 -13.56 -57.86 76.12
CA LEU NA 73 -12.52 -57.97 75.11
C LEU NA 73 -12.06 -56.63 74.58
N ASP NA 74 -12.60 -55.52 75.09
CA ASP NA 74 -12.16 -54.19 74.68
C ASP NA 74 -11.16 -53.65 75.70
N VAL NA 75 -9.90 -53.53 75.29
CA VAL NA 75 -8.83 -53.08 76.17
C VAL NA 75 -8.15 -51.88 75.53
N ALA NA 76 -7.93 -50.83 76.31
CA ALA NA 76 -7.31 -49.60 75.84
C ALA NA 76 -5.97 -49.39 76.56
N ILE NA 77 -5.05 -48.75 75.85
CA ILE NA 77 -3.70 -48.52 76.35
C ILE NA 77 -3.62 -47.12 76.94
N SER NA 78 -3.26 -47.04 78.22
CA SER NA 78 -2.97 -45.75 78.83
C SER NA 78 -1.49 -45.44 78.67
N GLN NA 79 -1.16 -44.15 78.60
CA GLN NA 79 0.21 -43.67 78.44
C GLN NA 79 0.76 -44.23 77.12
N ASN NA 80 2.05 -44.53 77.07
CA ASN NA 80 2.65 -45.07 75.86
C ASN NA 80 2.54 -46.59 75.84
N GLY NA 81 2.50 -47.14 74.64
CA GLY NA 81 2.37 -48.57 74.43
C GLY NA 81 1.50 -48.86 73.22
N PHE NA 82 1.85 -49.92 72.50
CA PHE NA 82 1.18 -50.29 71.26
C PHE NA 82 0.86 -51.77 71.26
N PHE NA 83 -0.37 -52.11 70.86
CA PHE NA 83 -0.71 -53.50 70.61
C PHE NA 83 0.06 -54.02 69.41
N ARG NA 84 0.63 -55.22 69.56
CA ARG NA 84 1.39 -55.86 68.49
C ARG NA 84 0.54 -56.95 67.85
N LEU NA 85 0.39 -56.89 66.53
CA LEU NA 85 -0.49 -57.79 65.80
C LEU NA 85 0.28 -58.45 64.65
N VAL NA 86 -0.21 -59.61 64.23
CA VAL NA 86 0.34 -60.33 63.09
C VAL NA 86 -0.84 -60.76 62.19
N ASP NA 87 -0.61 -60.73 60.88
CA ASP NA 87 -1.64 -61.22 59.93
C ASP NA 87 -1.22 -62.60 59.43
N SER NA 88 -1.87 -63.10 58.39
CA SER NA 88 -1.56 -64.44 57.83
C SER NA 88 -0.14 -64.46 57.26
N ASN NA 89 0.26 -63.39 56.58
CA ASN NA 89 1.60 -63.37 55.92
C ASN NA 89 2.68 -63.10 56.97
N GLY NA 90 2.37 -63.36 58.25
CA GLY NA 90 3.35 -63.22 59.33
C GLY NA 90 3.81 -61.80 59.55
N SER NA 91 3.40 -60.86 58.69
CA SER NA 91 3.92 -59.50 58.82
C SER NA 91 3.56 -58.93 60.18
N VAL NA 92 4.42 -58.07 60.70
CA VAL NA 92 4.26 -57.49 62.03
C VAL NA 92 3.64 -56.11 61.88
N PHE NA 93 2.64 -55.81 62.71
CA PHE NA 93 1.98 -54.52 62.69
C PHE NA 93 1.73 -54.08 64.13
N TYR NA 94 1.45 -52.79 64.30
CA TYR NA 94 1.23 -52.19 65.61
C TYR NA 94 0.04 -51.24 65.54
N SER NA 95 -0.81 -51.29 66.57
CA SER NA 95 -2.04 -50.51 66.56
C SER NA 95 -2.50 -50.25 67.98
N ARG NA 96 -3.22 -49.14 68.15
CA ARG NA 96 -3.86 -48.81 69.43
C ARG NA 96 -5.32 -49.24 69.48
N ASN NA 97 -5.87 -49.80 68.41
CA ASN NA 97 -7.27 -50.19 68.37
C ASN NA 97 -7.49 -51.39 69.28
N GLY NA 98 -8.53 -51.30 70.12
CA GLY NA 98 -8.77 -52.33 71.11
C GLY NA 98 -10.02 -53.17 70.89
N GLN NA 99 -10.62 -53.08 69.71
CA GLN NA 99 -11.81 -53.89 69.40
C GLN NA 99 -11.33 -55.28 69.00
N PHE NA 100 -11.40 -56.22 69.95
CA PHE NA 100 -10.94 -57.58 69.73
C PHE NA 100 -12.12 -58.56 69.87
N LYS NA 101 -12.17 -59.54 68.97
CA LYS NA 101 -13.25 -60.51 68.94
C LYS NA 101 -12.69 -61.90 68.71
N LEU NA 102 -13.48 -62.91 69.05
CA LEU NA 102 -13.08 -64.30 68.90
C LEU NA 102 -13.64 -64.86 67.60
N ASP NA 103 -12.74 -65.33 66.73
CA ASP NA 103 -13.14 -65.98 65.49
C ASP NA 103 -13.31 -67.49 65.73
N GLU NA 104 -13.40 -68.24 64.62
CA GLU NA 104 -13.62 -69.67 64.73
C GLU NA 104 -12.46 -70.38 65.42
N ASN NA 105 -11.23 -69.88 65.26
CA ASN NA 105 -10.06 -70.52 65.83
C ASN NA 105 -9.71 -70.00 67.22
N ARG NA 106 -10.64 -69.37 67.92
CA ARG NA 106 -10.47 -68.89 69.29
C ARG NA 106 -9.32 -67.89 69.42
N ASN NA 107 -8.99 -67.16 68.36
CA ASN NA 107 -7.91 -66.18 68.42
C ASN NA 107 -8.46 -64.77 68.63
N LEU NA 108 -7.72 -63.99 69.40
CA LEU NA 108 -8.05 -62.59 69.61
C LEU NA 108 -7.72 -61.82 68.33
N VAL NA 109 -8.73 -61.57 67.51
CA VAL NA 109 -8.55 -60.86 66.25
C VAL NA 109 -9.37 -59.58 66.29
N ASN NA 110 -8.90 -58.57 65.56
CA ASN NA 110 -9.62 -57.32 65.44
C ASN NA 110 -10.67 -57.44 64.35
N MET NA 111 -11.30 -56.33 63.99
CA MET NA 111 -12.34 -56.36 62.96
C MET NA 111 -11.78 -56.75 61.60
N GLN NA 112 -10.47 -56.61 61.41
CA GLN NA 112 -9.84 -56.91 60.13
C GLN NA 112 -9.22 -58.29 60.07
N GLY NA 113 -9.39 -59.12 61.10
CA GLY NA 113 -8.85 -60.46 61.09
C GLY NA 113 -7.41 -60.60 61.54
N MET NA 114 -6.79 -59.53 62.01
CA MET NA 114 -5.40 -59.58 62.44
C MET NA 114 -5.33 -60.05 63.89
N GLN NA 115 -4.50 -61.06 64.14
CA GLN NA 115 -4.50 -61.75 65.43
C GLN NA 115 -3.51 -61.11 66.39
N LEU NA 116 -3.98 -60.82 67.60
CA LEU NA 116 -3.14 -60.22 68.61
C LEU NA 116 -2.16 -61.25 69.14
N THR NA 117 -0.93 -60.82 69.40
CA THR NA 117 0.16 -61.68 69.82
C THR NA 117 0.58 -61.36 71.25
N GLY NA 118 1.25 -62.32 71.87
CA GLY NA 118 1.69 -62.14 73.25
C GLY NA 118 2.54 -63.31 73.69
N TYR NA 119 3.05 -63.18 74.91
CA TYR NA 119 3.85 -64.26 75.47
C TYR NA 119 2.95 -65.42 75.89
N PRO NA 120 3.16 -66.62 75.35
CA PRO NA 120 2.31 -67.75 75.73
C PRO NA 120 2.70 -68.32 77.09
N ALA NA 121 1.75 -69.05 77.69
CA ALA NA 121 1.99 -69.75 78.94
C ALA NA 121 2.15 -71.24 78.63
N THR NA 122 3.30 -71.81 79.03
CA THR NA 122 3.64 -73.17 78.68
C THR NA 122 4.14 -73.91 79.92
N GLY NA 123 4.06 -75.23 79.85
CA GLY NA 123 4.57 -76.09 80.91
C GLY NA 123 3.56 -76.35 82.01
N THR NA 124 4.02 -77.14 82.99
CA THR NA 124 3.21 -77.51 84.14
C THR NA 124 3.93 -77.14 85.42
N PRO NA 125 3.45 -76.12 86.16
CA PRO NA 125 2.26 -75.30 85.91
C PRO NA 125 2.50 -74.30 84.78
N PRO NA 126 1.45 -73.82 84.11
CA PRO NA 126 1.64 -72.82 83.05
C PRO NA 126 2.29 -71.56 83.60
N THR NA 127 3.24 -71.03 82.83
CA THR NA 127 4.01 -69.87 83.24
C THR NA 127 4.25 -68.98 82.02
N ILE NA 128 4.04 -67.67 82.21
CA ILE NA 128 4.29 -66.71 81.14
C ILE NA 128 5.77 -66.71 80.82
N GLN NA 129 6.09 -66.84 79.52
CA GLN NA 129 7.47 -66.98 79.06
C GLN NA 129 7.88 -65.69 78.36
N GLN NA 130 8.57 -64.82 79.11
CA GLN NA 130 8.97 -63.52 78.58
C GLN NA 130 9.92 -63.64 77.41
N GLY NA 131 10.90 -64.54 77.48
CA GLY NA 131 11.90 -64.64 76.44
C GLY NA 131 11.43 -65.24 75.13
N ALA NA 132 10.38 -66.06 75.17
CA ALA NA 132 9.88 -66.70 73.96
C ALA NA 132 9.30 -65.66 73.00
N ASN NA 133 9.37 -65.98 71.71
CA ASN NA 133 8.81 -65.10 70.70
C ASN NA 133 7.30 -65.02 70.86
N PRO NA 134 6.69 -63.85 70.66
CA PRO NA 134 5.24 -63.73 70.82
C PRO NA 134 4.50 -64.64 69.86
N ALA NA 135 3.42 -65.24 70.36
CA ALA NA 135 2.57 -66.14 69.60
C ALA NA 135 1.12 -65.66 69.67
N PRO NA 136 0.30 -66.02 68.69
CA PRO NA 136 -1.12 -65.61 68.74
C PRO NA 136 -1.80 -66.12 69.99
N ILE NA 137 -2.60 -65.26 70.61
CA ILE NA 137 -3.33 -65.64 71.82
C ILE NA 137 -4.55 -66.45 71.44
N THR NA 138 -4.72 -67.59 72.09
CA THR NA 138 -5.83 -68.50 71.82
C THR NA 138 -6.52 -68.89 73.12
N ILE NA 139 -7.82 -69.15 73.04
CA ILE NA 139 -8.62 -69.56 74.18
C ILE NA 139 -9.40 -70.83 73.83
N PRO NA 140 -8.75 -71.99 73.79
CA PRO NA 140 -9.47 -73.22 73.42
C PRO NA 140 -10.60 -73.53 74.39
N ASN NA 141 -11.67 -74.11 73.86
CA ASN NA 141 -12.77 -74.61 74.67
C ASN NA 141 -12.49 -76.01 75.20
N THR NA 142 -11.34 -76.58 74.86
CA THR NA 142 -10.96 -77.89 75.37
C THR NA 142 -10.76 -77.83 76.88
N LEU NA 143 -11.08 -78.92 77.56
CA LEU NA 143 -11.05 -78.95 79.01
C LEU NA 143 -9.61 -78.88 79.52
N MET NA 144 -9.48 -78.70 80.83
CA MET NA 144 -8.19 -78.62 81.51
C MET NA 144 -7.91 -79.99 82.11
N ALA NA 145 -6.71 -80.50 81.88
CA ALA NA 145 -6.32 -81.84 82.31
C ALA NA 145 -6.30 -81.91 83.84
N ALA NA 146 -6.02 -83.08 84.40
CA ALA NA 146 -6.00 -83.26 85.84
C ALA NA 146 -4.57 -83.41 86.34
N LYS NA 147 -4.28 -82.76 87.46
CA LYS NA 147 -3.00 -82.88 88.15
C LYS NA 147 -3.22 -83.65 89.45
N SER NA 148 -2.52 -84.76 89.60
CA SER NA 148 -2.64 -85.57 90.80
C SER NA 148 -2.14 -84.78 92.01
N THR NA 149 -2.86 -84.90 93.12
CA THR NA 149 -2.47 -84.19 94.33
C THR NA 149 -1.15 -84.73 94.87
N THR NA 150 -0.15 -83.85 94.97
CA THR NA 150 1.16 -84.22 95.49
C THR NA 150 1.54 -83.51 96.77
N THR NA 151 1.04 -82.29 97.01
CA THR NA 151 1.31 -81.58 98.24
C THR NA 151 0.01 -81.05 98.82
N ALA NA 152 -0.22 -81.34 100.10
CA ALA NA 152 -1.38 -80.83 100.82
C ALA NA 152 -0.95 -80.51 102.24
N SER NA 153 -1.49 -79.44 102.79
CA SER NA 153 -1.13 -78.99 104.13
C SER NA 153 -2.35 -78.41 104.83
N MET NA 154 -2.30 -78.42 106.15
CA MET NA 154 -3.34 -77.75 106.93
C MET NA 154 -2.75 -77.29 108.27
N GLN NA 155 -2.97 -76.03 108.59
CA GLN NA 155 -2.57 -75.46 109.88
C GLN NA 155 -3.79 -75.38 110.78
N ILE NA 156 -3.71 -76.01 111.95
CA ILE NA 156 -4.83 -76.12 112.87
C ILE NA 156 -4.34 -75.82 114.28
N ASN NA 157 -5.17 -75.15 115.07
CA ASN NA 157 -4.86 -74.85 116.46
C ASN NA 157 -5.55 -75.87 117.35
N LEU NA 158 -4.82 -76.42 118.32
CA LEU NA 158 -5.31 -77.48 119.20
C LEU NA 158 -5.41 -76.97 120.63
N ASN NA 159 -6.39 -77.51 121.36
CA ASN NA 159 -6.59 -77.15 122.76
C ASN NA 159 -5.89 -78.18 123.65
N SER NA 160 -5.04 -77.69 124.56
CA SER NA 160 -4.26 -78.60 125.39
C SER NA 160 -5.07 -79.14 126.56
N THR NA 161 -6.22 -78.54 126.86
CA THR NA 161 -7.00 -78.93 128.02
C THR NA 161 -7.95 -80.11 127.74
N ASP NA 162 -8.00 -80.60 126.51
CA ASP NA 162 -8.89 -81.71 126.19
C ASP NA 162 -8.41 -82.98 126.90
N PRO NA 163 -9.30 -83.72 127.55
CA PRO NA 163 -8.89 -84.95 128.22
C PRO NA 163 -8.56 -86.05 127.24
N VAL NA 164 -7.61 -86.91 127.64
CA VAL NA 164 -7.18 -88.04 126.83
C VAL NA 164 -8.19 -89.18 126.99
N PRO NA 165 -8.73 -89.73 125.90
CA PRO NA 165 -9.67 -90.85 126.02
C PRO NA 165 -9.03 -92.04 126.71
N SER NA 166 -9.80 -92.69 127.58
CA SER NA 166 -9.30 -93.83 128.34
C SER NA 166 -9.24 -95.10 127.48
N LYS NA 167 -10.17 -95.23 126.53
CA LYS NA 167 -10.29 -96.47 125.76
C LYS NA 167 -9.21 -96.57 124.70
N THR NA 168 -7.96 -96.74 125.13
CA THR NA 168 -6.87 -96.96 124.19
C THR NA 168 -6.98 -98.37 123.59
N PRO NA 169 -6.51 -98.57 122.35
CA PRO NA 169 -5.87 -97.59 121.45
C PRO NA 169 -6.88 -96.81 120.62
N PHE NA 170 -6.39 -96.03 119.66
CA PHE NA 170 -7.29 -95.26 118.79
C PHE NA 170 -8.08 -96.20 117.89
N SER NA 171 -9.39 -96.02 117.87
CA SER NA 171 -10.29 -96.83 117.05
C SER NA 171 -11.24 -95.90 116.31
N VAL NA 172 -11.39 -96.11 115.01
CA VAL NA 172 -12.28 -95.27 114.21
C VAL NA 172 -13.74 -95.58 114.52
N SER NA 173 -14.01 -96.79 115.03
CA SER NA 173 -15.38 -97.16 115.35
C SER NA 173 -15.90 -96.38 116.55
N ASP NA 174 -15.04 -96.13 117.53
CA ASP NA 174 -15.43 -95.43 118.75
C ASP NA 174 -15.26 -93.93 118.52
N ALA NA 175 -16.36 -93.19 118.63
CA ALA NA 175 -16.31 -91.75 118.42
C ALA NA 175 -15.62 -91.04 119.58
N ASP NA 176 -15.59 -91.68 120.75
CA ASP NA 176 -14.96 -91.08 121.92
C ASP NA 176 -13.47 -91.39 121.97
N SER NA 177 -12.97 -92.12 120.98
CA SER NA 177 -11.59 -92.61 120.98
C SER NA 177 -10.60 -91.64 120.33
N TYR NA 178 -11.05 -90.48 119.86
CA TYR NA 178 -10.15 -89.52 119.24
C TYR NA 178 -10.27 -88.18 119.95
N ASN NA 179 -9.14 -87.47 120.01
CA ASN NA 179 -9.11 -86.15 120.63
C ASN NA 179 -9.52 -85.03 119.68
N LYS NA 180 -9.16 -85.15 118.39
CA LYS NA 180 -9.51 -84.12 117.43
C LYS NA 180 -9.74 -84.76 116.07
N LYS NA 181 -10.69 -84.21 115.32
CA LYS NA 181 -11.03 -84.68 113.98
C LYS NA 181 -10.90 -83.56 112.97
N GLY NA 182 -10.30 -83.86 111.82
CA GLY NA 182 -10.18 -82.90 110.74
C GLY NA 182 -10.56 -83.52 109.41
N THR NA 183 -11.02 -82.68 108.50
CA THR NA 183 -11.51 -83.11 107.20
C THR NA 183 -10.79 -82.37 106.09
N VAL NA 184 -10.20 -83.12 105.17
CA VAL NA 184 -9.53 -82.52 104.01
C VAL NA 184 -9.89 -83.33 102.77
N THR NA 185 -10.29 -82.65 101.70
CA THR NA 185 -10.67 -83.33 100.46
C THR NA 185 -9.49 -83.29 99.49
N VAL NA 186 -9.05 -84.48 99.06
CA VAL NA 186 -7.98 -84.60 98.10
C VAL NA 186 -8.54 -85.20 96.81
N TYR NA 187 -7.71 -85.22 95.77
CA TYR NA 187 -8.12 -85.72 94.46
C TYR NA 187 -7.06 -86.66 93.92
N ASP NA 188 -7.51 -87.72 93.25
CA ASP NA 188 -6.62 -88.72 92.69
C ASP NA 188 -6.25 -88.35 91.26
N SER NA 189 -5.65 -89.29 90.53
CA SER NA 189 -5.27 -89.05 89.14
C SER NA 189 -6.47 -88.75 88.26
N GLN NA 190 -7.59 -89.45 88.47
CA GLN NA 190 -8.79 -89.21 87.69
C GLN NA 190 -9.65 -88.09 88.23
N GLY NA 191 -9.28 -87.51 89.38
CA GLY NA 191 -9.98 -86.35 89.88
C GLY NA 191 -11.14 -86.62 90.82
N ASN NA 192 -11.39 -87.89 91.17
CA ASN NA 192 -12.45 -88.18 92.11
C ASN NA 192 -12.07 -87.71 93.51
N ALA NA 193 -13.08 -87.29 94.28
CA ALA NA 193 -12.87 -86.69 95.59
C ALA NA 193 -12.70 -87.78 96.64
N HIS NA 194 -11.61 -87.70 97.40
CA HIS NA 194 -11.35 -88.59 98.53
C HIS NA 194 -11.33 -87.73 99.78
N ASP NA 195 -12.27 -88.00 100.70
CA ASP NA 195 -12.38 -87.23 101.93
C ASP NA 195 -11.47 -87.88 102.98
N MET NA 196 -10.25 -87.36 103.09
CA MET NA 196 -9.32 -87.82 104.11
C MET NA 196 -9.75 -87.25 105.46
N ASN NA 197 -10.00 -88.15 106.40
CA ASN NA 197 -10.27 -87.77 107.79
C ASN NA 197 -9.00 -87.98 108.61
N VAL NA 198 -8.62 -86.96 109.36
CA VAL NA 198 -7.39 -86.95 110.13
C VAL NA 198 -7.76 -86.98 111.61
N TYR NA 199 -7.18 -87.94 112.33
CA TYR NA 199 -7.46 -88.14 113.75
C TYR NA 199 -6.23 -87.78 114.56
N PHE NA 200 -6.43 -86.90 115.54
CA PHE NA 200 -5.39 -86.51 116.49
C PHE NA 200 -5.72 -87.12 117.84
N VAL NA 201 -4.80 -87.92 118.38
CA VAL NA 201 -4.96 -88.56 119.68
C VAL NA 201 -3.74 -88.22 120.51
N LYS NA 202 -3.95 -87.55 121.64
CA LYS NA 202 -2.83 -87.17 122.49
C LYS NA 202 -2.30 -88.40 123.23
N THR NA 203 -1.02 -88.69 123.04
CA THR NA 203 -0.39 -89.86 123.65
C THR NA 203 0.25 -89.56 124.99
N LYS NA 204 0.96 -88.45 125.10
CA LYS NA 204 1.57 -88.03 126.36
C LYS NA 204 1.69 -86.51 126.33
N ASP NA 205 2.48 -85.96 127.25
CA ASP NA 205 2.61 -84.51 127.36
C ASP NA 205 3.12 -83.91 126.06
N ASN NA 206 2.27 -83.10 125.43
CA ASN NA 206 2.58 -82.34 124.22
C ASN NA 206 2.90 -83.21 123.02
N GLU NA 207 2.47 -84.47 123.00
CA GLU NA 207 2.67 -85.36 121.86
C GLU NA 207 1.31 -85.84 121.36
N TRP NA 208 1.06 -85.64 120.07
CA TRP NA 208 -0.21 -86.01 119.44
C TRP NA 208 0.07 -86.97 118.30
N ALA NA 209 -0.34 -88.23 118.45
CA ALA NA 209 -0.29 -89.16 117.33
C ALA NA 209 -1.35 -88.79 116.31
N VAL NA 210 -0.97 -88.77 115.05
CA VAL NA 210 -1.82 -88.34 113.95
C VAL NA 210 -2.00 -89.51 112.99
N TYR NA 211 -3.26 -89.84 112.71
CA TYR NA 211 -3.63 -90.91 111.79
C TYR NA 211 -4.46 -90.33 110.65
N THR NA 212 -4.37 -90.96 109.49
CA THR NA 212 -5.13 -90.56 108.32
C THR NA 212 -5.96 -91.74 107.80
N HIS NA 213 -7.19 -91.45 107.37
CA HIS NA 213 -8.05 -92.50 106.84
C HIS NA 213 -8.81 -91.95 105.63
N ASP NA 214 -9.13 -92.81 104.69
CA ASP NA 214 -9.90 -92.43 103.51
C ASP NA 214 -11.37 -92.76 103.77
N SER NA 215 -12.15 -91.74 104.16
CA SER NA 215 -13.54 -91.95 104.50
C SER NA 215 -14.43 -92.17 103.27
N SER NA 216 -14.08 -91.59 102.12
CA SER NA 216 -14.88 -91.77 100.91
C SER NA 216 -14.69 -93.14 100.27
N ASP NA 217 -13.55 -93.77 100.45
CA ASP NA 217 -13.29 -95.08 99.86
C ASP NA 217 -13.71 -96.18 100.83
N PRO NA 218 -14.72 -96.98 100.49
CA PRO NA 218 -15.11 -98.09 101.37
C PRO NA 218 -14.09 -99.21 101.44
N ALA NA 219 -13.13 -99.26 100.52
CA ALA NA 219 -12.13 -100.32 100.46
C ALA NA 219 -10.79 -99.90 101.03
N ALA NA 220 -10.75 -98.86 101.86
CA ALA NA 220 -9.50 -98.42 102.43
C ALA NA 220 -8.92 -99.48 103.36
N THR NA 221 -7.59 -99.61 103.35
CA THR NA 221 -6.92 -100.59 104.19
C THR NA 221 -7.04 -100.21 105.66
N ALA NA 222 -6.98 -101.22 106.52
CA ALA NA 222 -7.07 -100.98 107.96
C ALA NA 222 -5.84 -100.23 108.45
N PRO NA 223 -6.00 -99.10 109.12
CA PRO NA 223 -4.82 -98.34 109.59
C PRO NA 223 -4.13 -99.04 110.74
N THR NA 224 -2.86 -99.40 110.52
CA THR NA 224 -2.04 -100.04 111.53
C THR NA 224 -0.82 -99.21 111.93
N THR NA 225 -0.53 -98.14 111.20
CA THR NA 225 0.61 -97.29 111.49
C THR NA 225 0.15 -95.83 111.58
N ALA NA 226 0.58 -95.15 112.64
CA ALA NA 226 0.25 -93.75 112.79
C ALA NA 226 0.93 -92.92 111.71
N SER NA 227 0.20 -91.93 111.18
CA SER NA 227 0.76 -91.10 110.12
C SER NA 227 1.96 -90.31 110.63
N THR NA 228 1.85 -89.69 111.80
CA THR NA 228 2.98 -88.96 112.36
C THR NA 228 2.77 -88.73 113.85
N THR NA 229 3.71 -88.01 114.45
CA THR NA 229 3.65 -87.65 115.87
C THR NA 229 4.04 -86.19 116.02
N LEU NA 230 3.03 -85.33 116.21
CA LEU NA 230 3.27 -83.90 116.39
C LEU NA 230 3.78 -83.63 117.81
N LYS NA 231 4.86 -82.85 117.91
CA LYS NA 231 5.45 -82.46 119.17
C LYS NA 231 5.46 -80.94 119.25
N PHE NA 232 4.95 -80.40 120.36
CA PHE NA 232 4.85 -78.96 120.56
C PHE NA 232 5.60 -78.55 121.81
N ASN NA 233 6.35 -77.46 121.71
CA ASN NA 233 7.06 -76.89 122.86
C ASN NA 233 6.18 -75.83 123.53
N GLU NA 234 6.79 -75.07 124.44
CA GLU NA 234 6.06 -74.03 125.16
C GLU NA 234 5.57 -72.92 124.23
N ASN NA 235 6.24 -72.70 123.11
CA ASN NA 235 5.84 -71.68 122.16
C ASN NA 235 4.93 -72.22 121.05
N GLY NA 236 4.57 -73.51 121.12
CA GLY NA 236 3.75 -74.10 120.08
C GLY NA 236 4.46 -74.38 118.79
N ILE NA 237 5.78 -74.45 118.79
CA ILE NA 237 6.56 -74.69 117.58
C ILE NA 237 6.59 -76.19 117.29
N LEU NA 238 6.27 -76.55 116.05
CA LEU NA 238 6.33 -77.94 115.63
C LEU NA 238 7.77 -78.42 115.65
N GLU NA 239 8.01 -79.59 116.25
CA GLU NA 239 9.35 -80.11 116.43
C GLU NA 239 9.67 -81.28 115.51
N SER NA 240 8.70 -82.13 115.22
CA SER NA 240 8.93 -83.28 114.36
C SER NA 240 7.64 -83.62 113.62
N GLY NA 241 7.78 -84.34 112.51
CA GLY NA 241 6.65 -84.76 111.73
C GLY NA 241 6.03 -83.70 110.85
N GLY NA 242 6.80 -82.75 110.35
CA GLY NA 242 6.26 -81.69 109.53
C GLY NA 242 5.65 -82.13 108.21
N THR NA 243 6.21 -83.16 107.57
CA THR NA 243 5.66 -83.68 106.32
C THR NA 243 5.66 -85.21 106.39
N VAL NA 244 4.62 -85.82 105.83
CA VAL NA 244 4.52 -87.27 105.80
C VAL NA 244 3.77 -87.69 104.55
N ASN NA 245 4.20 -88.78 103.93
CA ASN NA 245 3.56 -89.26 102.71
C ASN NA 245 2.31 -90.07 103.05
N ILE NA 246 1.20 -89.74 102.40
CA ILE NA 246 -0.08 -90.40 102.59
C ILE NA 246 -0.56 -90.88 101.22
N THR NA 247 -1.08 -92.10 101.18
CA THR NA 247 -1.51 -92.74 99.93
C THR NA 247 -3.03 -92.87 99.94
N THR NA 248 -3.64 -92.55 98.81
CA THR NA 248 -5.10 -92.63 98.69
C THR NA 248 -5.51 -94.07 98.38
N GLY NA 249 -6.84 -94.28 98.33
CA GLY NA 249 -7.37 -95.56 97.96
C GLY NA 249 -7.46 -95.74 96.45
N THR NA 250 -7.89 -96.93 96.05
CA THR NA 250 -8.04 -97.28 94.65
C THR NA 250 -9.54 -97.36 94.33
N ILE NA 251 -10.03 -96.39 93.57
CA ILE NA 251 -11.43 -96.34 93.15
C ILE NA 251 -11.49 -96.40 91.63
N ASN NA 252 -12.25 -97.37 91.12
CA ASN NA 252 -12.45 -97.55 89.67
C ASN NA 252 -11.12 -97.74 88.94
N GLY NA 253 -10.14 -98.33 89.62
CA GLY NA 253 -8.85 -98.59 89.03
C GLY NA 253 -7.92 -97.40 88.94
N ALA NA 254 -8.32 -96.24 89.48
CA ALA NA 254 -7.47 -95.06 89.43
C ALA NA 254 -6.21 -95.26 90.28
N THR NA 255 -5.12 -94.65 89.83
CA THR NA 255 -3.85 -94.78 90.54
C THR NA 255 -3.94 -94.07 91.89
N ALA NA 256 -3.50 -94.77 92.94
CA ALA NA 256 -3.48 -94.17 94.27
C ALA NA 256 -2.47 -93.04 94.31
N ALA NA 257 -2.88 -91.93 94.90
CA ALA NA 257 -2.04 -90.74 94.95
C ALA NA 257 -1.23 -90.71 96.25
N THR NA 258 0.09 -90.69 96.11
CA THR NA 258 1.00 -90.56 97.24
C THR NA 258 1.41 -89.10 97.33
N PHE NA 259 0.94 -88.41 98.37
CA PHE NA 259 1.12 -86.97 98.48
C PHE NA 259 1.67 -86.62 99.85
N SER NA 260 2.41 -85.51 99.90
CA SER NA 260 3.01 -85.04 101.14
C SER NA 260 1.97 -84.22 101.89
N LEU NA 261 1.45 -84.78 102.99
CA LEU NA 261 0.55 -84.08 103.89
C LEU NA 261 1.38 -83.42 104.99
N SER NA 262 1.10 -82.15 105.26
CA SER NA 262 1.92 -81.33 106.14
C SER NA 262 1.06 -80.63 107.18
N PHE NA 263 1.59 -80.54 108.40
CA PHE NA 263 1.01 -79.75 109.47
C PHE NA 263 1.87 -78.55 109.81
N LEU NA 264 2.50 -77.93 108.81
CA LEU NA 264 3.44 -76.85 109.05
C LEU NA 264 2.73 -75.65 109.67
N ASN NA 265 3.46 -74.94 110.53
CA ASN NA 265 2.99 -73.76 111.25
C ASN NA 265 1.90 -74.08 112.26
N SER NA 266 1.65 -75.35 112.54
CA SER NA 266 0.67 -75.71 113.56
C SER NA 266 1.19 -75.34 114.95
N MET NA 267 0.27 -74.84 115.78
CA MET NA 267 0.63 -74.37 117.11
C MET NA 267 -0.44 -74.78 118.10
N GLN NA 268 0.00 -75.07 119.33
CA GLN NA 268 -0.86 -75.58 120.41
C GLN NA 268 -0.57 -74.76 121.66
N GLN NA 269 -1.39 -73.75 121.92
CA GLN NA 269 -1.26 -72.92 123.11
C GLN NA 269 -2.61 -72.73 123.78
N ASN NA 270 -2.68 -71.88 124.81
CA ASN NA 270 -3.92 -71.59 125.50
C ASN NA 270 -4.73 -70.52 124.76
N THR NA 271 -5.20 -70.85 123.55
CA THR NA 271 -6.00 -69.92 122.77
C THR NA 271 -7.38 -69.75 123.40
N GLY NA 272 -8.01 -68.61 123.12
CA GLY NA 272 -9.30 -68.30 123.67
C GLY NA 272 -10.42 -69.23 123.24
N ALA NA 273 -10.26 -69.85 122.08
CA ALA NA 273 -11.27 -70.75 121.55
C ALA NA 273 -10.67 -71.74 120.56
N ASN NA 274 -11.49 -72.69 120.08
CA ASN NA 274 -11.03 -73.67 119.10
C ASN NA 274 -11.24 -73.14 117.70
N ASN NA 275 -10.14 -72.89 116.98
CA ASN NA 275 -10.20 -72.34 115.63
C ASN NA 275 -9.25 -73.10 114.72
N ILE NA 276 -9.73 -73.41 113.53
CA ILE NA 276 -8.91 -74.04 112.49
C ILE NA 276 -8.38 -72.93 111.59
N VAL NA 277 -7.06 -72.89 111.43
CA VAL NA 277 -6.43 -71.75 110.76
C VAL NA 277 -6.61 -71.81 109.24
N ALA NA 278 -6.08 -72.84 108.58
CA ALA NA 278 -6.13 -72.88 107.13
C ALA NA 278 -5.93 -74.29 106.60
N THR NA 279 -6.40 -74.52 105.38
CA THR NA 279 -6.16 -75.75 104.63
C THR NA 279 -5.79 -75.38 103.20
N ASN NA 280 -4.94 -76.22 102.59
CA ASN NA 280 -4.51 -75.96 101.22
C ASN NA 280 -4.08 -77.28 100.57
N GLN NA 281 -4.25 -77.35 99.25
CA GLN NA 281 -3.82 -78.49 98.46
C GLN NA 281 -3.71 -78.05 97.01
N ASN NA 282 -2.79 -78.68 96.29
CA ASN NA 282 -2.46 -78.28 94.93
C ASN NA 282 -3.13 -79.15 93.87
N GLY NA 283 -4.04 -80.06 94.26
CA GLY NA 283 -4.75 -80.86 93.29
C GLY NA 283 -6.14 -80.33 93.00
N TYR NA 284 -6.73 -80.84 91.93
CA TYR NA 284 -8.07 -80.43 91.52
C TYR NA 284 -8.64 -81.48 90.58
N LYS NA 285 -9.90 -81.30 90.20
CA LYS NA 285 -10.62 -82.18 89.29
C LYS NA 285 -10.78 -81.52 87.93
N PRO NA 286 -10.98 -82.31 86.87
CA PRO NA 286 -11.18 -81.72 85.53
C PRO NA 286 -12.37 -80.78 85.47
N GLY NA 287 -12.25 -79.71 84.70
CA GLY NA 287 -13.34 -78.75 84.57
C GLY NA 287 -13.52 -78.33 83.12
N ASP NA 288 -14.67 -77.74 82.85
CA ASP NA 288 -15.02 -77.24 81.53
C ASP NA 288 -14.95 -75.71 81.52
N LEU NA 289 -14.53 -75.17 80.38
CA LEU NA 289 -14.38 -73.73 80.22
C LEU NA 289 -15.71 -73.02 80.45
N VAL NA 290 -15.68 -71.97 81.26
CA VAL NA 290 -16.86 -71.19 81.58
C VAL NA 290 -16.75 -69.76 81.06
N SER NA 291 -15.65 -69.09 81.37
CA SER NA 291 -15.51 -67.69 81.00
C SER NA 291 -14.04 -67.36 80.74
N TYR NA 292 -13.81 -66.23 80.08
CA TYR NA 292 -12.47 -65.72 79.86
C TYR NA 292 -12.48 -64.23 80.14
N GLN NA 293 -11.34 -63.72 80.63
CA GLN NA 293 -11.20 -62.32 80.97
C GLN NA 293 -9.80 -61.85 80.65
N ILE NA 294 -9.63 -60.53 80.55
CA ILE NA 294 -8.33 -59.90 80.39
C ILE NA 294 -8.19 -58.88 81.50
N ASN NA 295 -7.19 -59.07 82.36
CA ASN NA 295 -7.00 -58.18 83.49
C ASN NA 295 -6.20 -56.95 83.08
N ASN NA 296 -5.95 -56.07 84.06
CA ASN NA 296 -5.24 -54.83 83.81
C ASN NA 296 -3.78 -55.07 83.39
N ASP NA 297 -3.18 -56.18 83.81
CA ASP NA 297 -1.79 -56.47 83.50
C ASP NA 297 -1.61 -57.19 82.17
N GLY NA 298 -2.69 -57.41 81.42
CA GLY NA 298 -2.61 -58.05 80.12
C GLY NA 298 -2.73 -59.55 80.13
N THR NA 299 -2.82 -60.19 81.30
CA THR NA 299 -2.99 -61.63 81.36
C THR NA 299 -4.41 -62.00 80.93
N VAL NA 300 -4.51 -62.98 80.03
CA VAL NA 300 -5.79 -63.59 79.69
C VAL NA 300 -5.99 -64.78 80.61
N VAL NA 301 -7.12 -64.79 81.32
CA VAL NA 301 -7.40 -65.78 82.35
C VAL NA 301 -8.68 -66.49 81.99
N GLY NA 302 -8.62 -67.82 81.96
CA GLY NA 302 -9.79 -68.65 81.72
C GLY NA 302 -10.27 -69.26 83.02
N ASN NA 303 -11.54 -69.00 83.34
CA ASN NA 303 -12.21 -69.56 84.51
C ASN NA 303 -13.03 -70.76 84.06
N TYR NA 304 -12.75 -71.92 84.65
CA TYR NA 304 -13.36 -73.18 84.26
C TYR NA 304 -14.45 -73.57 85.25
N SER NA 305 -15.01 -74.77 85.07
CA SER NA 305 -16.10 -75.26 85.90
C SER NA 305 -15.63 -75.90 87.20
N ASN NA 306 -14.33 -76.17 87.34
CA ASN NA 306 -13.82 -76.84 88.52
C ASN NA 306 -13.25 -75.84 89.53
N GLU NA 307 -13.66 -74.58 89.41
CA GLU NA 307 -13.19 -73.50 90.28
C GLU NA 307 -11.67 -73.40 90.26
N GLN NA 308 -11.11 -73.52 89.06
CA GLN NA 308 -9.67 -73.41 88.86
C GLN NA 308 -9.42 -72.57 87.63
N GLU NA 309 -8.55 -71.57 87.76
CA GLU NA 309 -8.30 -70.62 86.70
C GLU NA 309 -6.94 -70.86 86.06
N GLN NA 310 -6.86 -70.56 84.77
CA GLN NA 310 -5.63 -70.73 83.99
C GLN NA 310 -5.20 -69.42 83.37
N VAL NA 311 -3.89 -69.20 83.31
CA VAL NA 311 -3.35 -68.10 82.52
C VAL NA 311 -2.97 -68.63 81.14
N LEU NA 312 -3.46 -67.97 80.10
CA LEU NA 312 -3.24 -68.43 78.73
C LEU NA 312 -2.30 -67.56 77.93
N GLY NA 313 -1.89 -66.42 78.48
CA GLY NA 313 -0.97 -65.55 77.77
C GLY NA 313 -0.90 -64.20 78.44
N GLN NA 314 0.18 -63.49 78.10
CA GLN NA 314 0.43 -62.13 78.58
C GLN NA 314 0.54 -61.21 77.38
N ILE NA 315 -0.31 -60.20 77.34
CA ILE NA 315 -0.30 -59.27 76.22
C ILE NA 315 1.01 -58.50 76.21
N VAL NA 316 1.69 -58.51 75.08
CA VAL NA 316 2.97 -57.81 74.93
C VAL NA 316 2.71 -56.48 74.24
N LEU NA 317 3.30 -55.43 74.77
CA LEU NA 317 3.20 -54.10 74.18
C LEU NA 317 4.50 -53.75 73.48
N ALA NA 318 4.42 -52.82 72.52
CA ALA NA 318 5.57 -52.39 71.74
C ALA NA 318 5.76 -50.89 71.88
N ASN NA 319 7.02 -50.48 72.02
CA ASN NA 319 7.38 -49.07 72.13
C ASN NA 319 8.47 -48.76 71.11
N PHE NA 320 8.46 -47.53 70.61
CA PHE NA 320 9.39 -47.07 69.60
C PHE NA 320 10.05 -45.77 70.05
N ALA NA 321 11.31 -45.61 69.63
CA ALA NA 321 12.00 -44.34 69.88
C ALA NA 321 11.42 -43.23 69.00
N ASN NA 322 10.97 -43.57 67.79
CA ASN NA 322 10.39 -42.62 66.85
C ASN NA 322 8.97 -43.07 66.51
N ASN NA 323 7.99 -42.64 67.30
CA ASN NA 323 6.61 -43.08 67.03
C ASN NA 323 6.18 -42.37 65.77
N GLU NA 324 6.77 -41.21 65.50
CA GLU NA 324 6.38 -40.42 64.31
C GLU NA 324 7.23 -40.85 63.12
N GLY NA 325 7.48 -42.15 63.01
CA GLY NA 325 8.19 -42.66 61.84
C GLY NA 325 7.40 -43.85 61.34
N LEU NA 326 6.54 -44.38 62.20
CA LEU NA 326 5.64 -45.45 61.80
C LEU NA 326 4.84 -45.06 60.58
N ALA NA 327 4.71 -46.01 59.63
CA ALA NA 327 3.97 -45.78 58.41
C ALA NA 327 2.58 -46.40 58.53
N SER NA 328 1.55 -45.58 58.32
CA SER NA 328 0.18 -46.07 58.42
C SER NA 328 -0.11 -47.03 57.27
N GLN NA 329 -0.72 -48.18 57.60
CA GLN NA 329 -1.07 -49.19 56.62
C GLN NA 329 -2.57 -49.28 56.38
N GLY NA 330 -3.35 -48.36 56.94
CA GLY NA 330 -4.79 -48.45 56.84
C GLY NA 330 -5.37 -49.32 57.94
N ASP NA 331 -6.68 -49.17 58.16
CA ASP NA 331 -7.39 -49.89 59.21
C ASP NA 331 -6.74 -49.64 60.57
N ASN NA 332 -6.47 -48.36 60.86
CA ASN NA 332 -5.74 -47.90 62.04
C ASN NA 332 -4.63 -48.86 62.45
N VAL NA 333 -3.76 -49.20 61.49
CA VAL NA 333 -2.66 -50.13 61.68
C VAL NA 333 -1.38 -49.48 61.20
N TRP NA 334 -0.32 -49.59 62.01
CA TRP NA 334 0.99 -49.01 61.68
C TRP NA 334 1.99 -50.12 61.45
N ALA NA 335 3.03 -49.81 60.68
CA ALA NA 335 4.14 -50.72 60.43
C ALA NA 335 5.45 -50.05 60.77
N ALA NA 336 6.39 -50.82 61.32
CA ALA NA 336 7.68 -50.28 61.70
C ALA NA 336 8.53 -50.02 60.46
N THR NA 337 9.26 -48.90 60.47
CA THR NA 337 10.12 -48.50 59.37
C THR NA 337 11.53 -48.27 59.91
N GLN NA 338 12.44 -47.91 58.99
CA GLN NA 338 13.83 -47.65 59.39
C GLN NA 338 13.92 -46.46 60.34
N ALA NA 339 13.15 -45.39 60.09
CA ALA NA 339 13.17 -44.24 60.97
C ALA NA 339 12.62 -44.58 62.36
N SER NA 340 11.62 -45.45 62.44
CA SER NA 340 11.08 -45.86 63.73
C SER NA 340 11.99 -46.82 64.48
N GLY NA 341 12.92 -47.47 63.77
CA GLY NA 341 13.81 -48.41 64.41
C GLY NA 341 13.15 -49.74 64.72
N VAL NA 342 13.87 -50.56 65.48
CA VAL NA 342 13.32 -51.85 65.89
C VAL NA 342 12.32 -51.65 67.02
N ALA NA 343 11.31 -52.53 67.06
CA ALA NA 343 10.28 -52.45 68.08
C ALA NA 343 10.80 -52.98 69.40
N LEU NA 344 10.64 -52.19 70.46
CA LEU NA 344 11.01 -52.63 71.81
C LEU NA 344 9.81 -53.30 72.46
N LEU NA 345 9.92 -54.60 72.71
CA LEU NA 345 8.83 -55.36 73.31
C LEU NA 345 8.88 -55.24 74.83
N GLY NA 346 7.71 -55.36 75.45
CA GLY NA 346 7.66 -55.29 76.89
C GLY NA 346 6.30 -55.68 77.42
N THR NA 347 6.17 -55.58 78.74
CA THR NA 347 4.95 -55.93 79.44
C THR NA 347 4.24 -54.67 79.92
N ALA NA 348 2.92 -54.74 80.01
CA ALA NA 348 2.13 -53.60 80.41
C ALA NA 348 2.39 -53.25 81.88
N GLY NA 349 2.48 -51.95 82.17
CA GLY NA 349 2.66 -51.48 83.53
C GLY NA 349 4.08 -51.52 84.04
N SER NA 350 5.05 -51.93 83.23
CA SER NA 350 6.44 -51.97 83.63
C SER NA 350 7.30 -51.37 82.53
N GLY NA 351 8.46 -50.85 82.91
CA GLY NA 351 9.35 -50.24 81.94
C GLY NA 351 8.77 -48.91 81.46
N ASN NA 352 8.55 -48.80 80.15
CA ASN NA 352 8.06 -47.58 79.53
C ASN NA 352 6.61 -47.71 79.07
N PHE NA 353 5.84 -48.59 79.70
CA PHE NA 353 4.52 -48.96 79.22
C PHE NA 353 3.48 -48.62 80.27
N GLY NA 354 2.39 -48.01 79.83
CA GLY NA 354 1.29 -47.70 80.72
C GLY NA 354 0.41 -48.91 80.97
N LYS NA 355 -0.44 -48.79 81.97
CA LYS NA 355 -1.31 -49.88 82.36
C LYS NA 355 -2.52 -49.96 81.43
N LEU NA 356 -2.94 -51.19 81.15
CA LEU NA 356 -4.06 -51.41 80.23
C LEU NA 356 -5.38 -51.40 80.98
N THR NA 357 -6.37 -50.72 80.42
CA THR NA 357 -7.70 -50.65 81.02
C THR NA 357 -8.66 -51.56 80.25
N ASN NA 358 -9.32 -52.45 80.96
CA ASN NA 358 -10.26 -53.38 80.34
C ASN NA 358 -11.68 -52.83 80.34
N GLY NA 359 -12.48 -53.31 79.40
CA GLY NA 359 -13.86 -52.88 79.30
C GLY NA 359 -14.03 -51.47 78.78
N ALA NA 360 -13.00 -50.89 78.18
CA ALA NA 360 -13.06 -49.53 77.69
C ALA NA 360 -12.24 -49.41 76.41
N LEU NA 361 -12.55 -48.39 75.62
CA LEU NA 361 -11.89 -48.16 74.35
C LEU NA 361 -11.33 -46.75 74.30
N GLU NA 362 -10.17 -46.61 73.67
CA GLU NA 362 -9.52 -45.31 73.52
C GLU NA 362 -10.05 -44.64 72.25
N ALA NA 363 -10.75 -43.52 72.41
CA ALA NA 363 -11.31 -42.80 71.27
C ALA NA 363 -10.21 -42.03 70.55
N SER NA 364 -10.60 -41.35 69.48
CA SER NA 364 -9.66 -40.56 68.69
C SER NA 364 -9.27 -39.29 69.43
N ASN NA 365 -8.24 -38.62 68.94
CA ASN NA 365 -7.74 -37.39 69.56
C ASN NA 365 -8.01 -36.17 68.68
N VAL NA 366 -9.05 -36.21 67.85
CA VAL NA 366 -9.34 -35.14 66.91
C VAL NA 366 -10.41 -34.23 67.51
N ASP NA 367 -10.06 -32.97 67.74
CA ASP NA 367 -11.03 -31.98 68.21
C ASP NA 367 -11.59 -31.26 67.00
N LEU NA 368 -12.91 -31.25 66.88
CA LEU NA 368 -13.60 -30.77 65.69
C LEU NA 368 -13.39 -29.29 65.43
N SER NA 369 -13.48 -28.44 66.47
CA SER NA 369 -13.42 -27.00 66.27
C SER NA 369 -12.07 -26.57 65.70
N LYS NA 370 -10.99 -27.15 66.20
CA LYS NA 370 -9.66 -26.83 65.69
C LYS NA 370 -9.56 -27.20 64.21
N GLU NA 371 -10.08 -28.37 63.84
CA GLU NA 371 -10.03 -28.78 62.45
C GLU NA 371 -10.88 -27.88 61.56
N LEU NA 372 -12.02 -27.41 62.06
CA LEU NA 372 -12.87 -26.51 61.28
C LEU NA 372 -12.18 -25.17 61.04
N VAL NA 373 -11.59 -24.59 62.08
CA VAL NA 373 -10.92 -23.30 61.89
C VAL NA 373 -9.69 -23.47 61.01
N ASN NA 374 -9.01 -24.62 61.12
CA ASN NA 374 -7.90 -24.92 60.21
C ASN NA 374 -8.39 -25.02 58.78
N MET NA 375 -9.57 -25.63 58.57
CA MET NA 375 -10.13 -25.69 57.22
C MET NA 375 -10.40 -24.29 56.68
N ILE NA 376 -10.85 -23.40 57.56
CA ILE NA 376 -11.18 -22.00 57.13
C ILE NA 376 -9.89 -21.23 56.84
N VAL NA 377 -8.98 -21.20 57.80
CA VAL NA 377 -7.67 -20.55 57.54
C VAL NA 377 -7.07 -21.15 56.26
N ALA NA 378 -7.15 -22.47 56.08
CA ALA NA 378 -6.53 -23.10 54.89
C ALA NA 378 -7.22 -22.64 53.61
N GLN NA 379 -8.53 -22.77 53.56
CA GLN NA 379 -9.26 -22.29 52.36
C GLN NA 379 -8.79 -20.86 52.05
N ARG NA 380 -8.70 -19.97 53.05
CA ARG NA 380 -8.35 -18.56 52.72
C ARG NA 380 -6.92 -18.50 52.16
N ASN NA 381 -6.11 -19.54 52.37
CA ASN NA 381 -4.77 -19.63 51.78
C ASN NA 381 -4.82 -20.17 50.36
N TYR NA 382 -5.64 -21.19 50.12
CA TYR NA 382 -5.77 -21.77 48.79
C TYR NA 382 -6.34 -20.75 47.80
N GLN NA 383 -7.35 -19.99 48.24
CA GLN NA 383 -7.91 -18.95 47.38
C GLN NA 383 -6.87 -17.88 47.08
N SER NA 384 -5.92 -17.71 48.01
CA SER NA 384 -4.86 -16.67 47.87
C SER NA 384 -3.72 -17.08 46.96
N ASN NA 385 -3.28 -18.33 47.04
CA ASN NA 385 -2.24 -18.81 46.10
C ASN NA 385 -2.88 -18.88 44.72
N ALA NA 386 -4.18 -19.10 44.67
CA ALA NA 386 -4.89 -19.10 43.37
C ALA NA 386 -4.86 -17.70 42.80
N GLN NA 387 -5.01 -16.69 43.64
CA GLN NA 387 -4.90 -15.29 43.20
C GLN NA 387 -3.48 -15.07 42.69
N THR NA 388 -2.46 -15.57 43.40
CA THR NA 388 -1.08 -15.45 42.85
C THR NA 388 -0.99 -16.06 41.46
N ILE NA 389 -1.66 -17.20 41.22
CA ILE NA 389 -1.69 -17.81 39.85
C ILE NA 389 -2.38 -16.83 38.90
N LYS NA 390 -3.64 -16.48 39.15
CA LYS NA 390 -4.38 -15.60 38.20
C LYS NA 390 -3.43 -14.48 37.82
N THR NA 391 -2.92 -13.78 38.81
CA THR NA 391 -2.03 -12.66 38.54
C THR NA 391 -0.99 -13.03 37.49
N GLN NA 392 -0.38 -14.20 37.65
CA GLN NA 392 0.61 -14.65 36.67
C GLN NA 392 -0.01 -14.83 35.29
N ASP NA 393 -1.24 -15.38 35.26
CA ASP NA 393 -1.94 -15.55 33.99
C ASP NA 393 -2.19 -14.22 33.31
N GLN NA 394 -2.49 -13.19 34.09
CA GLN NA 394 -2.79 -11.87 33.47
C GLN NA 394 -1.48 -11.22 33.05
N ILE NA 395 -0.40 -11.45 33.79
CA ILE NA 395 0.93 -10.83 33.49
C ILE NA 395 1.42 -11.36 32.14
N LEU NA 396 1.43 -12.67 31.97
CA LEU NA 396 1.88 -13.27 30.69
C LEU NA 396 0.89 -12.89 29.59
N ASN NA 397 -0.38 -12.67 29.91
CA ASN NA 397 -1.26 -12.18 28.83
C ASN NA 397 -0.69 -10.84 28.40
N THR NA 398 -0.61 -9.87 29.31
CA THR NA 398 -0.15 -8.54 28.90
C THR NA 398 1.06 -8.74 28.02
N LEU NA 399 1.74 -9.87 28.21
CA LEU NA 399 2.97 -10.02 27.44
C LEU NA 399 2.70 -10.55 26.04
N VAL NA 400 1.88 -11.59 25.91
CA VAL NA 400 1.66 -12.18 24.59
C VAL NA 400 0.77 -11.27 23.74
N ASN NA 401 0.00 -10.38 24.36
CA ASN NA 401 -0.84 -9.49 23.57
C ASN NA 401 -0.12 -8.19 23.21
N LEU NA 402 1.19 -8.12 23.46
CA LEU NA 402 1.98 -6.98 22.98
C LEU NA 402 2.02 -6.93 21.46
N SER OA 2 -1.10 7.33 45.62
CA SER OA 2 -2.28 6.72 45.02
C SER OA 2 -2.69 5.47 45.79
N PHE OA 3 -1.96 4.37 45.56
CA PHE OA 3 -2.26 3.12 46.25
C PHE OA 3 -1.88 3.21 47.73
N SER OA 4 -0.90 4.05 48.06
CA SER OA 4 -0.35 4.09 49.40
C SER OA 4 -1.41 4.51 50.42
N GLN OA 5 -2.30 5.42 50.01
CA GLN OA 5 -3.35 5.88 50.93
C GLN OA 5 -4.27 4.74 51.34
N ALA OA 6 -4.77 3.99 50.36
CA ALA OA 6 -5.64 2.86 50.68
C ALA OA 6 -4.88 1.77 51.42
N VAL OA 7 -3.60 1.59 51.10
CA VAL OA 7 -2.79 0.59 51.81
C VAL OA 7 -2.68 0.96 53.29
N SER OA 8 -2.40 2.23 53.58
CA SER OA 8 -2.31 2.67 54.97
C SER OA 8 -3.65 2.53 55.68
N GLY OA 9 -4.74 2.89 55.00
CA GLY OA 9 -6.05 2.72 55.62
C GLY OA 9 -6.36 1.26 55.94
N LEU OA 10 -6.04 0.36 55.01
CA LEU OA 10 -6.28 -1.06 55.23
C LEU OA 10 -5.42 -1.58 56.37
N ASN OA 11 -4.16 -1.13 56.45
CA ASN OA 11 -3.28 -1.58 57.53
C ASN OA 11 -3.78 -1.08 58.88
N ALA OA 12 -4.26 0.16 58.95
CA ALA OA 12 -4.82 0.67 60.19
C ALA OA 12 -6.07 -0.11 60.60
N ALA OA 13 -6.94 -0.40 59.63
CA ALA OA 13 -8.14 -1.18 59.94
C ALA OA 13 -7.77 -2.59 60.41
N ALA OA 14 -6.77 -3.20 59.78
CA ALA OA 14 -6.33 -4.53 60.20
C ALA OA 14 -5.74 -4.50 61.60
N THR OA 15 -4.97 -3.47 61.92
CA THR OA 15 -4.42 -3.33 63.27
C THR OA 15 -5.54 -3.19 64.29
N ASN OA 16 -6.55 -2.38 63.98
CA ASN OA 16 -7.68 -2.23 64.90
C ASN OA 16 -8.41 -3.56 65.08
N LEU OA 17 -8.61 -4.29 63.99
CA LEU OA 17 -9.28 -5.59 64.09
C LEU OA 17 -8.48 -6.57 64.93
N ASP OA 18 -7.15 -6.59 64.75
CA ASP OA 18 -6.31 -7.46 65.55
C ASP OA 18 -6.35 -7.09 67.03
N VAL OA 19 -6.37 -5.78 67.32
CA VAL OA 19 -6.45 -5.35 68.72
C VAL OA 19 -7.77 -5.79 69.34
N ILE OA 20 -8.86 -5.62 68.61
CA ILE OA 20 -10.18 -6.04 69.12
C ILE OA 20 -10.21 -7.55 69.34
N GLY OA 21 -9.66 -8.31 68.39
CA GLY OA 21 -9.63 -9.76 68.55
C GLY OA 21 -8.78 -10.20 69.73
N ASN OA 22 -7.65 -9.54 69.95
CA ASN OA 22 -6.82 -9.86 71.10
C ASN OA 22 -7.53 -9.53 72.40
N ASN OA 23 -8.24 -8.40 72.45
CA ASN OA 23 -8.99 -8.05 73.65
C ASN OA 23 -10.08 -9.06 73.92
N ILE OA 24 -10.77 -9.53 72.87
CA ILE OA 24 -11.80 -10.53 73.06
C ILE OA 24 -11.21 -11.86 73.52
N ALA OA 25 -10.04 -12.22 72.96
CA ALA OA 25 -9.41 -13.48 73.35
C ALA OA 25 -9.02 -13.48 74.82
N ASN OA 26 -8.73 -12.30 75.39
CA ASN OA 26 -8.42 -12.18 76.80
C ASN OA 26 -9.61 -11.72 77.63
N SER OA 27 -10.83 -12.13 77.24
CA SER OA 27 -12.03 -11.77 77.98
C SER OA 27 -11.97 -12.31 79.40
N ALA OA 28 -11.32 -13.47 79.58
CA ALA OA 28 -11.12 -14.08 80.88
C ALA OA 28 -9.60 -14.20 81.09
N THR OA 29 -9.00 -13.12 81.60
CA THR OA 29 -7.56 -13.05 81.85
C THR OA 29 -7.36 -12.07 83.01
N TYR OA 30 -7.11 -12.63 84.19
CA TYR OA 30 -6.99 -11.83 85.41
C TYR OA 30 -5.84 -10.84 85.30
N GLY OA 31 -6.10 -9.58 85.64
CA GLY OA 31 -5.07 -8.56 85.60
C GLY OA 31 -4.79 -7.99 84.24
N PHE OA 32 -5.55 -8.36 83.22
CA PHE OA 32 -5.33 -7.87 81.87
C PHE OA 32 -6.02 -6.52 81.69
N LYS OA 33 -5.35 -5.61 80.99
CA LYS OA 33 -5.91 -4.30 80.67
C LYS OA 33 -6.04 -4.16 79.17
N SER OA 34 -7.20 -3.68 78.73
CA SER OA 34 -7.49 -3.61 77.30
C SER OA 34 -6.59 -2.58 76.62
N GLY OA 35 -6.42 -2.75 75.31
CA GLY OA 35 -5.63 -1.85 74.49
C GLY OA 35 -6.48 -1.24 73.39
N THR OA 36 -6.09 -0.04 72.97
CA THR OA 36 -6.78 0.68 71.90
C THR OA 36 -5.75 1.35 71.00
N ALA OA 37 -5.94 1.23 69.70
CA ALA OA 37 -5.02 1.84 68.74
C ALA OA 37 -5.32 3.34 68.60
N SER OA 38 -4.27 4.14 68.44
CA SER OA 38 -4.40 5.56 68.20
C SER OA 38 -3.95 5.89 66.78
N PHE OA 39 -4.81 6.62 66.06
CA PHE OA 39 -4.59 6.91 64.66
C PHE OA 39 -4.27 8.38 64.46
N ALA OA 40 -3.49 8.67 63.41
CA ALA OA 40 -3.11 10.03 63.05
C ALA OA 40 -2.90 10.11 61.55
N ASP OA 41 -3.28 11.23 60.97
CA ASP OA 41 -3.12 11.44 59.53
C ASP OA 41 -1.64 11.61 59.18
N MET OA 42 -1.36 11.57 57.88
CA MET OA 42 0.03 11.54 57.42
C MET OA 42 0.22 12.60 56.33
N PHE OA 43 -0.19 13.84 56.62
CA PHE OA 43 0.05 14.93 55.67
C PHE OA 43 1.54 15.13 55.47
N ALA OA 44 1.95 15.35 54.21
CA ALA OA 44 3.36 15.56 53.86
C ALA OA 44 3.42 16.50 52.66
N GLY OA 45 3.61 17.79 52.94
CA GLY OA 45 3.80 18.77 51.89
C GLY OA 45 2.52 19.11 51.14
N SER OA 46 2.02 18.17 50.35
CA SER OA 46 0.82 18.41 49.57
C SER OA 46 -0.41 18.45 50.49
N LYS OA 47 -1.46 19.10 50.01
CA LYS OA 47 -2.70 19.22 50.78
C LYS OA 47 -3.59 17.99 50.64
N VAL OA 48 -3.16 16.99 49.87
CA VAL OA 48 -3.96 15.78 49.70
C VAL OA 48 -4.08 14.99 51.01
N GLY OA 49 -3.06 15.03 51.86
CA GLY OA 49 -3.14 14.28 53.10
C GLY OA 49 -3.01 12.78 52.88
N LEU OA 50 -1.78 12.34 52.55
CA LEU OA 50 -1.52 11.01 52.02
C LEU OA 50 -2.27 9.88 52.73
N GLY OA 51 -2.04 9.65 54.01
CA GLY OA 51 -2.61 8.50 54.64
C GLY OA 51 -2.78 8.61 56.14
N VAL OA 52 -2.91 7.44 56.77
CA VAL OA 52 -3.12 7.32 58.21
C VAL OA 52 -2.14 6.31 58.76
N LYS OA 53 -1.56 6.63 59.92
CA LYS OA 53 -0.61 5.76 60.58
C LYS OA 53 -1.03 5.55 62.03
N VAL OA 54 -0.57 4.45 62.60
CA VAL OA 54 -0.87 4.13 63.99
C VAL OA 54 0.08 4.89 64.90
N ALA OA 55 -0.46 5.83 65.68
CA ALA OA 55 0.36 6.60 66.60
C ALA OA 55 0.89 5.76 67.75
N GLY OA 56 0.13 4.76 68.17
CA GLY OA 56 0.57 3.90 69.26
C GLY OA 56 -0.58 3.07 69.77
N ILE OA 57 -0.31 2.35 70.86
CA ILE OA 57 -1.31 1.53 71.53
C ILE OA 57 -1.43 2.03 72.96
N THR OA 58 -2.64 2.41 73.35
CA THR OA 58 -2.91 2.94 74.68
C THR OA 58 -3.60 1.87 75.52
N GLN OA 59 -3.08 1.65 76.72
CA GLN OA 59 -3.69 0.73 77.66
C GLN OA 59 -4.77 1.44 78.47
N ASP OA 60 -5.76 0.67 78.92
CA ASP OA 60 -6.87 1.19 79.72
C ASP OA 60 -6.70 0.58 81.11
N PHE OA 61 -6.12 1.35 82.02
CA PHE OA 61 -5.81 0.89 83.37
C PHE OA 61 -6.93 1.20 84.35
N THR OA 62 -8.14 0.75 84.02
CA THR OA 62 -9.26 0.87 84.94
C THR OA 62 -9.45 -0.43 85.69
N ASP OA 63 -9.85 -0.33 86.95
CA ASP OA 63 -9.99 -1.51 87.80
C ASP OA 63 -11.14 -2.40 87.32
N GLY OA 64 -10.85 -3.68 87.18
CA GLY OA 64 -11.89 -4.66 86.90
C GLY OA 64 -12.59 -5.10 88.17
N THR OA 65 -13.62 -5.94 87.98
CA THR OA 65 -14.35 -6.46 89.12
C THR OA 65 -13.47 -7.40 89.93
N THR OA 66 -13.71 -7.44 91.24
CA THR OA 66 -12.97 -8.32 92.13
C THR OA 66 -13.80 -9.58 92.39
N THR OA 67 -13.22 -10.73 92.07
CA THR OA 67 -13.89 -12.02 92.20
C THR OA 67 -13.24 -12.81 93.31
N ASN OA 68 -14.05 -13.31 94.24
CA ASN OA 68 -13.54 -14.11 95.35
C ASN OA 68 -13.00 -15.43 94.84
N THR OA 69 -11.86 -15.84 95.39
CA THR OA 69 -11.22 -17.10 95.01
C THR OA 69 -11.12 -18.11 96.14
N GLY OA 70 -11.03 -17.65 97.39
CA GLY OA 70 -10.93 -18.54 98.53
C GLY OA 70 -9.54 -19.01 98.88
N ARG OA 71 -8.52 -18.62 98.11
CA ARG OA 71 -7.14 -18.99 98.40
C ARG OA 71 -6.41 -17.79 99.01
N GLY OA 72 -5.67 -18.04 100.08
CA GLY OA 72 -4.99 -16.96 100.78
C GLY OA 72 -3.84 -16.34 100.02
N LEU OA 73 -3.29 -17.02 99.01
CA LEU OA 73 -2.18 -16.51 98.24
C LEU OA 73 -2.62 -15.65 97.05
N ASP OA 74 -3.91 -15.60 96.75
CA ASP OA 74 -4.41 -14.75 95.69
C ASP OA 74 -4.94 -13.45 96.29
N VAL OA 75 -4.30 -12.33 95.96
CA VAL OA 75 -4.66 -11.03 96.49
C VAL OA 75 -4.93 -10.08 95.32
N ALA OA 76 -6.04 -9.38 95.38
CA ALA OA 76 -6.41 -8.41 94.35
C ALA OA 76 -5.95 -7.02 94.77
N ILE OA 77 -5.73 -6.16 93.78
CA ILE OA 77 -5.30 -4.79 94.03
C ILE OA 77 -6.40 -3.84 93.57
N SER OA 78 -6.73 -2.88 94.42
CA SER OA 78 -7.71 -1.87 94.06
C SER OA 78 -7.02 -0.52 93.84
N GLN OA 79 -7.70 0.38 93.14
CA GLN OA 79 -7.15 1.70 92.80
C GLN OA 79 -5.88 1.48 91.98
N ASN OA 80 -4.89 2.36 92.15
CA ASN OA 80 -3.64 2.22 91.41
C ASN OA 80 -2.65 1.36 92.19
N GLY OA 81 -1.67 0.82 91.48
CA GLY OA 81 -0.61 0.02 92.06
C GLY OA 81 -0.27 -1.17 91.18
N PHE OA 82 1.00 -1.57 91.23
CA PHE OA 82 1.51 -2.70 90.46
C PHE OA 82 2.40 -3.56 91.35
N PHE OA 83 2.19 -4.87 91.29
CA PHE OA 83 3.06 -5.79 92.01
C PHE OA 83 4.43 -5.84 91.35
N ARG OA 84 5.48 -5.85 92.19
CA ARG OA 84 6.86 -5.85 91.72
C ARG OA 84 7.40 -7.28 91.78
N LEU OA 85 7.91 -7.78 90.66
CA LEU OA 85 8.41 -9.13 90.54
C LEU OA 85 9.82 -9.11 89.94
N VAL OA 86 10.59 -10.15 90.22
CA VAL OA 86 11.93 -10.32 89.67
C VAL OA 86 12.08 -11.73 89.13
N ASP OA 87 12.67 -11.84 87.94
CA ASP OA 87 12.88 -13.12 87.29
C ASP OA 87 14.11 -13.82 87.87
N SER OA 88 14.51 -14.92 87.23
CA SER OA 88 15.72 -15.62 87.65
C SER OA 88 16.98 -14.88 87.26
N ASN OA 89 16.95 -14.09 86.19
CA ASN OA 89 18.11 -13.33 85.74
C ASN OA 89 18.28 -12.01 86.49
N GLY OA 90 17.37 -11.68 87.39
CA GLY OA 90 17.48 -10.46 88.16
C GLY OA 90 16.77 -9.25 87.59
N SER OA 91 16.22 -9.35 86.38
CA SER OA 91 15.50 -8.22 85.80
C SER OA 91 14.22 -7.94 86.56
N VAL OA 92 13.89 -6.66 86.68
CA VAL OA 92 12.71 -6.21 87.42
C VAL OA 92 11.54 -6.08 86.46
N PHE OA 93 10.36 -6.49 86.91
CA PHE OA 93 9.14 -6.43 86.12
C PHE OA 93 7.98 -6.06 87.03
N TYR OA 94 6.88 -5.64 86.42
CA TYR OA 94 5.70 -5.19 87.15
C TYR OA 94 4.46 -5.86 86.55
N SER OA 95 3.54 -6.29 87.41
CA SER OA 95 2.31 -6.94 86.88
C SER OA 95 1.07 -6.54 87.68
N ARG OA 96 -0.11 -6.78 87.11
CA ARG OA 96 -1.38 -6.47 87.80
C ARG OA 96 -2.05 -7.77 88.21
N ASN OA 97 -1.41 -8.92 87.95
CA ASN OA 97 -1.99 -10.23 88.34
C ASN OA 97 -1.71 -10.45 89.83
N GLY OA 98 -2.53 -11.23 90.51
CA GLY OA 98 -2.40 -11.39 91.95
C GLY OA 98 -2.45 -12.82 92.46
N GLN OA 99 -2.23 -13.80 91.58
CA GLN OA 99 -2.24 -15.21 91.99
C GLN OA 99 -0.80 -15.70 92.04
N PHE OA 100 -0.43 -16.34 93.14
CA PHE OA 100 0.93 -16.82 93.36
C PHE OA 100 0.90 -18.20 94.00
N LYS OA 101 2.02 -18.92 93.85
CA LYS OA 101 2.16 -20.25 94.44
C LYS OA 101 3.52 -20.35 95.12
N LEU OA 102 3.68 -21.43 95.89
CA LEU OA 102 4.96 -21.75 96.52
C LEU OA 102 5.65 -22.83 95.71
N ASP OA 103 6.92 -22.59 95.38
CA ASP OA 103 7.70 -23.54 94.60
C ASP OA 103 8.45 -24.51 95.51
N GLU OA 104 9.30 -25.35 94.92
CA GLU OA 104 10.08 -26.29 95.69
C GLU OA 104 11.07 -25.58 96.62
N ASN OA 105 11.70 -24.52 96.14
CA ASN OA 105 12.67 -23.77 96.92
C ASN OA 105 12.04 -22.83 97.92
N ARG OA 106 10.72 -22.94 98.15
CA ARG OA 106 9.98 -22.18 99.15
C ARG OA 106 10.01 -20.68 98.89
N ASN OA 107 9.79 -20.26 97.64
CA ASN OA 107 9.67 -18.85 97.30
C ASN OA 107 8.29 -18.56 96.74
N LEU OA 108 7.86 -17.31 96.87
CA LEU OA 108 6.57 -16.89 96.31
C LEU OA 108 6.75 -16.61 94.82
N VAL OA 109 6.16 -17.46 93.99
CA VAL OA 109 6.26 -17.34 92.54
C VAL OA 109 4.87 -17.45 91.93
N ASN OA 110 4.73 -16.90 90.73
CA ASN OA 110 3.48 -16.96 90.00
C ASN OA 110 3.47 -18.19 89.09
N MET OA 111 2.54 -18.22 88.13
CA MET OA 111 2.45 -19.35 87.21
C MET OA 111 3.72 -19.51 86.38
N GLN OA 112 4.29 -18.41 85.89
CA GLN OA 112 5.45 -18.48 85.00
C GLN OA 112 6.76 -18.65 85.76
N GLY OA 113 6.76 -18.60 87.09
CA GLY OA 113 7.98 -18.67 87.84
C GLY OA 113 8.55 -17.32 88.26
N MET OA 114 7.84 -16.24 88.02
CA MET OA 114 8.32 -14.92 88.40
C MET OA 114 8.21 -14.77 89.91
N GLN OA 115 9.30 -14.33 90.54
CA GLN OA 115 9.37 -14.26 92.00
C GLN OA 115 8.79 -12.94 92.50
N LEU OA 116 7.78 -13.03 93.36
CA LEU OA 116 7.25 -11.84 94.02
C LEU OA 116 8.27 -11.30 95.01
N THR OA 117 8.41 -9.98 95.05
CA THR OA 117 9.40 -9.32 95.88
C THR OA 117 8.74 -8.29 96.79
N GLY OA 118 9.52 -7.80 97.74
CA GLY OA 118 9.04 -6.80 98.67
C GLY OA 118 10.09 -6.47 99.70
N TYR OA 119 9.68 -5.70 100.70
CA TYR OA 119 10.59 -5.33 101.77
C TYR OA 119 10.82 -6.54 102.68
N PRO OA 120 12.07 -6.98 102.84
CA PRO OA 120 12.33 -8.16 103.67
C PRO OA 120 12.34 -7.82 105.15
N ALA OA 121 12.45 -8.85 105.97
CA ALA OA 121 12.51 -8.70 107.42
C ALA OA 121 13.94 -8.92 107.89
N THR OA 122 14.45 -7.97 108.69
CA THR OA 122 15.81 -8.04 109.18
C THR OA 122 15.80 -7.89 110.70
N GLY OA 123 16.85 -8.43 111.32
CA GLY OA 123 17.00 -8.34 112.76
C GLY OA 123 16.44 -9.54 113.49
N THR OA 124 16.57 -9.49 114.81
CA THR OA 124 16.09 -10.54 115.70
C THR OA 124 15.43 -9.91 116.92
N PRO OA 125 14.09 -9.97 117.03
CA PRO OA 125 13.13 -10.58 116.10
C PRO OA 125 12.97 -9.76 114.82
N PRO OA 126 12.64 -10.42 113.71
CA PRO OA 126 12.56 -9.71 112.43
C PRO OA 126 11.51 -8.62 112.45
N THR OA 127 11.83 -7.50 111.80
CA THR OA 127 10.93 -6.37 111.68
C THR OA 127 10.93 -5.89 110.23
N ILE OA 128 9.82 -5.26 109.83
CA ILE OA 128 9.69 -4.79 108.47
C ILE OA 128 10.43 -3.47 108.30
N GLN OA 129 11.49 -3.53 107.50
CA GLN OA 129 12.31 -2.30 107.23
C GLN OA 129 11.91 -1.75 105.86
N GLN OA 130 11.45 -0.50 105.82
CA GLN OA 130 10.97 0.11 104.55
C GLN OA 130 12.12 0.26 103.56
N GLY OA 131 13.23 0.87 103.98
CA GLY OA 131 14.34 1.14 103.05
C GLY OA 131 14.91 -0.15 102.48
N ALA OA 132 14.69 -1.28 103.15
CA ALA OA 132 15.28 -2.57 102.71
C ALA OA 132 14.99 -2.80 101.23
N ASN OA 133 16.01 -3.15 100.44
CA ASN OA 133 15.84 -3.37 98.99
C ASN OA 133 14.77 -4.44 98.75
N PRO OA 134 13.83 -4.23 97.80
CA PRO OA 134 12.77 -5.22 97.55
C PRO OA 134 13.35 -6.59 97.21
N ALA OA 135 13.49 -7.45 98.21
CA ALA OA 135 14.00 -8.80 98.03
C ALA OA 135 12.83 -9.76 97.81
N PRO OA 136 13.05 -10.87 97.12
CA PRO OA 136 11.96 -11.84 96.92
C PRO OA 136 11.47 -12.38 98.25
N ILE OA 137 10.15 -12.56 98.35
CA ILE OA 137 9.53 -12.96 99.60
C ILE OA 137 9.57 -14.49 99.73
N THR OA 138 10.04 -14.97 100.88
CA THR OA 138 10.12 -16.38 101.17
C THR OA 138 9.31 -16.70 102.41
N ILE OA 139 8.76 -17.92 102.46
CA ILE OA 139 7.96 -18.36 103.60
C ILE OA 139 8.55 -19.67 104.10
N PRO OA 140 9.73 -19.65 104.72
CA PRO OA 140 10.41 -20.91 105.07
C PRO OA 140 9.77 -21.58 106.27
N ASN OA 141 9.90 -22.91 106.31
CA ASN OA 141 9.39 -23.72 107.41
C ASN OA 141 10.46 -24.00 108.47
N THR OA 142 11.62 -23.36 108.37
CA THR OA 142 12.68 -23.57 109.34
C THR OA 142 12.21 -23.23 110.76
N LEU OA 143 12.49 -24.12 111.69
CA LEU OA 143 12.07 -23.94 113.07
C LEU OA 143 12.81 -22.77 113.70
N MET OA 144 12.11 -22.04 114.57
CA MET OA 144 12.64 -20.88 115.25
C MET OA 144 13.02 -21.26 116.67
N ALA OA 145 14.16 -20.76 117.13
CA ALA OA 145 14.65 -21.03 118.48
C ALA OA 145 13.81 -20.22 119.48
N ALA OA 146 14.00 -20.47 120.76
CA ALA OA 146 13.26 -19.79 121.81
C ALA OA 146 14.00 -18.55 122.28
N LYS OA 147 13.24 -17.53 122.66
CA LYS OA 147 13.79 -16.25 123.13
C LYS OA 147 13.70 -16.22 124.65
N SER OA 148 14.84 -16.06 125.30
CA SER OA 148 14.87 -15.98 126.75
C SER OA 148 14.14 -14.73 127.22
N THR OA 149 13.38 -14.86 128.30
CA THR OA 149 12.62 -13.72 128.82
C THR OA 149 13.55 -12.63 129.31
N THR OA 150 13.30 -11.40 128.86
CA THR OA 150 14.06 -10.25 129.31
C THR OA 150 13.23 -9.24 130.10
N THR OA 151 11.96 -9.06 129.75
CA THR OA 151 11.06 -8.19 130.50
C THR OA 151 9.72 -8.89 130.66
N ALA OA 152 9.18 -8.86 131.87
CA ALA OA 152 7.87 -9.43 132.15
C ALA OA 152 7.12 -8.50 133.09
N SER OA 153 5.80 -8.46 132.93
CA SER OA 153 4.95 -7.56 133.70
C SER OA 153 3.74 -8.32 134.22
N MET OA 154 3.29 -7.91 135.41
CA MET OA 154 2.10 -8.49 136.03
C MET OA 154 1.34 -7.38 136.74
N GLN OA 155 0.13 -7.09 136.26
CA GLN OA 155 -0.74 -6.10 136.88
C GLN OA 155 -1.94 -6.81 137.50
N ILE OA 156 -2.14 -6.61 138.80
CA ILE OA 156 -3.21 -7.25 139.55
C ILE OA 156 -3.84 -6.21 140.47
N ASN OA 157 -5.09 -6.44 140.87
CA ASN OA 157 -5.79 -5.58 141.82
C ASN OA 157 -5.68 -6.17 143.21
N LEU OA 158 -5.12 -5.39 144.14
CA LEU OA 158 -4.92 -5.82 145.51
C LEU OA 158 -5.97 -5.18 146.42
N ASN OA 159 -6.44 -5.96 147.39
CA ASN OA 159 -7.46 -5.48 148.32
C ASN OA 159 -6.77 -4.82 149.51
N SER OA 160 -7.19 -3.59 149.82
CA SER OA 160 -6.59 -2.88 150.95
C SER OA 160 -7.04 -3.45 152.29
N THR OA 161 -8.19 -4.13 152.31
CA THR OA 161 -8.72 -4.70 153.54
C THR OA 161 -8.28 -6.13 153.79
N ASP OA 162 -7.35 -6.66 152.99
CA ASP OA 162 -6.87 -8.01 153.21
C ASP OA 162 -6.18 -8.10 154.57
N PRO OA 163 -6.49 -9.12 155.37
CA PRO OA 163 -5.93 -9.19 156.72
C PRO OA 163 -4.45 -9.55 156.73
N VAL OA 164 -3.76 -9.09 157.76
CA VAL OA 164 -2.35 -9.42 157.97
C VAL OA 164 -2.28 -10.87 158.46
N PRO OA 165 -1.48 -11.72 157.82
CA PRO OA 165 -1.42 -13.13 158.23
C PRO OA 165 -0.98 -13.28 159.68
N SER OA 166 -1.62 -14.21 160.38
CA SER OA 166 -1.29 -14.47 161.78
C SER OA 166 -0.21 -15.53 161.91
N LYS OA 167 -0.19 -16.50 160.99
CA LYS OA 167 0.79 -17.58 161.04
C LYS OA 167 2.12 -17.14 160.45
N THR OA 168 2.75 -16.12 161.04
CA THR OA 168 4.03 -15.66 160.57
C THR OA 168 5.13 -16.67 160.94
N PRO OA 169 6.16 -16.81 160.10
CA PRO OA 169 6.39 -16.12 158.82
C PRO OA 169 5.71 -16.82 157.66
N PHE OA 170 6.01 -16.42 156.42
CA PHE OA 170 5.40 -17.03 155.25
C PHE OA 170 5.80 -18.49 155.14
N SER OA 171 4.82 -19.35 154.86
CA SER OA 171 5.05 -20.79 154.71
C SER OA 171 4.47 -21.22 153.37
N VAL OA 172 5.26 -21.97 152.60
CA VAL OA 172 4.81 -22.43 151.29
C VAL OA 172 3.64 -23.40 151.43
N SER OA 173 3.74 -24.32 152.39
CA SER OA 173 2.70 -25.34 152.56
C SER OA 173 1.38 -24.72 153.03
N ASP OA 174 1.46 -23.74 153.92
CA ASP OA 174 0.27 -23.14 154.53
C ASP OA 174 -0.23 -22.01 153.64
N ALA OA 175 -1.47 -22.13 153.17
CA ALA OA 175 -2.04 -21.12 152.28
C ALA OA 175 -2.41 -19.85 153.03
N ASP OA 176 -2.60 -19.95 154.34
CA ASP OA 176 -3.05 -18.81 155.13
C ASP OA 176 -1.91 -17.88 155.50
N SER OA 177 -0.69 -18.22 155.12
CA SER OA 177 0.49 -17.45 155.47
C SER OA 177 0.76 -16.29 154.53
N TYR OA 178 -0.05 -16.11 153.48
CA TYR OA 178 0.16 -15.03 152.53
C TYR OA 178 -1.16 -14.34 152.25
N ASN OA 179 -1.07 -13.08 151.82
CA ASN OA 179 -2.24 -12.31 151.43
C ASN OA 179 -2.73 -12.64 150.04
N LYS OA 180 -1.83 -12.90 149.09
CA LYS OA 180 -2.24 -13.20 147.72
C LYS OA 180 -1.27 -14.19 147.10
N LYS OA 181 -1.79 -15.05 146.22
CA LYS OA 181 -0.99 -16.01 145.49
C LYS OA 181 -1.24 -15.86 143.99
N GLY OA 182 -0.17 -15.91 143.20
CA GLY OA 182 -0.27 -15.91 141.76
C GLY OA 182 0.74 -16.88 141.16
N THR OA 183 0.54 -17.16 139.88
CA THR OA 183 1.46 -18.03 139.15
C THR OA 183 1.80 -17.39 137.81
N VAL OA 184 3.08 -17.31 137.50
CA VAL OA 184 3.55 -16.76 136.24
C VAL OA 184 4.43 -17.80 135.55
N THR OA 185 4.15 -18.05 134.27
CA THR OA 185 4.92 -19.00 133.49
C THR OA 185 5.92 -18.26 132.61
N VAL OA 186 7.20 -18.54 132.81
CA VAL OA 186 8.26 -17.93 132.03
C VAL OA 186 9.05 -19.02 131.31
N TYR OA 187 9.98 -18.60 130.46
CA TYR OA 187 10.78 -19.52 129.65
C TYR OA 187 12.23 -19.05 129.62
N ASP OA 188 13.14 -20.01 129.72
CA ASP OA 188 14.58 -19.74 129.69
C ASP OA 188 15.04 -19.62 128.24
N SER OA 189 16.37 -19.62 128.04
CA SER OA 189 16.92 -19.54 126.70
C SER OA 189 16.53 -20.75 125.84
N GLN OA 190 16.26 -21.89 126.46
CA GLN OA 190 15.81 -23.07 125.75
C GLN OA 190 14.31 -23.19 125.62
N GLY OA 191 13.56 -22.27 126.23
CA GLY OA 191 12.10 -22.30 126.15
C GLY OA 191 11.43 -23.24 127.12
N ASN OA 192 12.14 -23.72 128.14
CA ASN OA 192 11.51 -24.57 129.14
C ASN OA 192 10.55 -23.76 130.00
N ALA OA 193 9.40 -24.35 130.30
CA ALA OA 193 8.35 -23.67 131.04
C ALA OA 193 8.62 -23.74 132.54
N HIS OA 194 8.80 -22.57 133.16
CA HIS OA 194 8.97 -22.46 134.60
C HIS OA 194 7.72 -21.81 135.16
N ASP OA 195 7.03 -22.52 136.06
CA ASP OA 195 5.77 -22.07 136.66
C ASP OA 195 6.09 -21.50 138.03
N MET OA 196 6.49 -20.23 138.07
CA MET OA 196 6.94 -19.60 139.30
C MET OA 196 5.74 -19.09 140.09
N ASN OA 197 5.66 -19.51 141.36
CA ASN OA 197 4.62 -19.02 142.26
C ASN OA 197 5.09 -17.75 142.96
N VAL OA 198 4.22 -16.75 142.98
CA VAL OA 198 4.50 -15.44 143.56
C VAL OA 198 3.56 -15.22 144.73
N TYR OA 199 4.12 -14.92 145.90
CA TYR OA 199 3.36 -14.77 147.13
C TYR OA 199 3.48 -13.34 147.64
N PHE OA 200 2.35 -12.72 147.94
CA PHE OA 200 2.29 -11.36 148.47
C PHE OA 200 1.82 -11.42 149.92
N VAL OA 201 2.64 -10.91 150.83
CA VAL OA 201 2.34 -10.90 152.26
C VAL OA 201 2.49 -9.47 152.76
N LYS OA 202 1.43 -8.91 153.32
CA LYS OA 202 1.50 -7.56 153.86
C LYS OA 202 2.36 -7.54 155.10
N THR OA 203 3.33 -6.61 155.15
CA THR OA 203 4.22 -6.48 156.30
C THR OA 203 3.83 -5.33 157.22
N LYS OA 204 3.46 -4.19 156.64
CA LYS OA 204 3.01 -3.04 157.40
C LYS OA 204 2.14 -2.18 156.48
N ASP OA 205 1.88 -0.94 156.90
CA ASP OA 205 1.03 -0.06 156.11
C ASP OA 205 1.62 0.19 154.73
N ASN OA 206 0.90 -0.24 153.70
CA ASN OA 206 1.24 -0.05 152.30
C ASN OA 206 2.56 -0.70 151.91
N GLU OA 207 3.00 -1.73 152.62
CA GLU OA 207 4.21 -2.47 152.28
C GLU OA 207 3.87 -3.95 152.16
N TRP OA 208 4.21 -4.55 151.03
CA TRP OA 208 3.87 -5.93 150.72
C TRP OA 208 5.14 -6.65 150.29
N ALA OA 209 5.62 -7.56 151.14
CA ALA OA 209 6.75 -8.40 150.76
C ALA OA 209 6.30 -9.41 149.71
N VAL OA 210 7.13 -9.59 148.69
CA VAL OA 210 6.84 -10.47 147.56
C VAL OA 210 7.93 -11.54 147.53
N TYR OA 211 7.50 -12.80 147.59
CA TYR OA 211 8.38 -13.95 147.58
C TYR OA 211 8.16 -14.77 146.32
N THR OA 212 9.22 -15.41 145.84
CA THR OA 212 9.20 -16.17 144.60
C THR OA 212 9.56 -17.62 144.87
N HIS OA 213 8.92 -18.54 144.16
CA HIS OA 213 9.21 -19.96 144.31
C HIS OA 213 9.20 -20.63 142.94
N ASP OA 214 10.30 -21.29 142.59
CA ASP OA 214 10.40 -21.98 141.31
C ASP OA 214 9.92 -23.42 141.50
N SER OA 215 8.72 -23.71 140.98
CA SER OA 215 8.12 -25.03 141.14
C SER OA 215 8.58 -26.04 140.10
N SER OA 216 9.25 -25.60 139.04
CA SER OA 216 9.69 -26.52 137.99
C SER OA 216 10.96 -27.29 138.35
N ASP OA 217 11.82 -26.72 139.19
CA ASP OA 217 13.07 -27.37 139.53
C ASP OA 217 12.92 -28.12 140.86
N PRO OA 218 13.01 -29.45 140.85
CA PRO OA 218 12.96 -30.21 142.12
C PRO OA 218 14.13 -29.91 143.06
N ALA OA 219 15.23 -29.39 142.54
CA ALA OA 219 16.40 -29.04 143.35
C ALA OA 219 16.52 -27.55 143.58
N ALA OA 220 15.42 -26.80 143.41
CA ALA OA 220 15.46 -25.36 143.62
C ALA OA 220 15.80 -25.03 145.07
N THR OA 221 16.73 -24.10 145.26
CA THR OA 221 17.17 -23.72 146.59
C THR OA 221 16.11 -22.86 147.28
N ALA OA 222 16.01 -23.03 148.59
CA ALA OA 222 15.09 -22.23 149.38
C ALA OA 222 15.66 -20.82 149.56
N PRO OA 223 14.93 -19.77 149.16
CA PRO OA 223 15.47 -18.41 149.30
C PRO OA 223 15.53 -17.99 150.76
N THR OA 224 16.70 -17.51 151.18
CA THR OA 224 16.90 -17.01 152.53
C THR OA 224 16.63 -15.51 152.65
N THR OA 225 16.35 -14.83 151.53
CA THR OA 225 16.05 -13.41 151.53
C THR OA 225 14.78 -13.18 150.71
N ALA OA 226 13.95 -12.25 151.17
CA ALA OA 226 12.73 -11.92 150.45
C ALA OA 226 13.05 -11.45 149.04
N SER OA 227 12.23 -11.90 148.08
CA SER OA 227 12.50 -11.57 146.69
C SER OA 227 12.44 -10.07 146.43
N THR OA 228 11.39 -9.41 146.92
CA THR OA 228 11.31 -7.96 146.83
C THR OA 228 10.26 -7.45 147.81
N THR OA 229 10.06 -6.14 147.82
CA THR OA 229 9.09 -5.50 148.69
C THR OA 229 8.44 -4.34 147.94
N LEU OA 230 7.17 -4.50 147.58
CA LEU OA 230 6.42 -3.44 146.92
C LEU OA 230 5.93 -2.45 147.97
N LYS OA 231 6.27 -1.18 147.78
CA LYS OA 231 5.88 -0.11 148.70
C LYS OA 231 5.03 0.90 147.95
N PHE OA 232 3.84 1.19 148.49
CA PHE OA 232 2.85 2.02 147.83
C PHE OA 232 2.66 3.31 148.61
N ASN OA 233 2.40 4.39 147.88
CA ASN OA 233 2.04 5.66 148.51
C ASN OA 233 0.53 5.69 148.78
N GLU OA 234 0.06 6.82 149.33
CA GLU OA 234 -1.36 6.96 149.62
C GLU OA 234 -2.20 7.04 148.35
N ASN OA 235 -1.60 7.38 147.21
CA ASN OA 235 -2.32 7.48 145.95
C ASN OA 235 -2.30 6.19 145.15
N GLY OA 236 -1.63 5.14 145.66
CA GLY OA 236 -1.54 3.88 144.94
C GLY OA 236 -0.52 3.86 143.83
N ILE OA 237 0.34 4.87 143.74
CA ILE OA 237 1.36 4.95 142.71
C ILE OA 237 2.64 4.31 143.21
N LEU OA 238 3.23 3.44 142.39
CA LEU OA 238 4.48 2.79 142.76
C LEU OA 238 5.59 3.82 142.90
N GLU OA 239 6.38 3.70 143.97
CA GLU OA 239 7.42 4.67 144.29
C GLU OA 239 8.81 4.21 143.90
N SER OA 240 9.17 2.96 144.20
CA SER OA 240 10.51 2.46 143.89
C SER OA 240 10.45 0.94 143.79
N GLY OA 241 11.51 0.37 143.21
CA GLY OA 241 11.63 -1.06 143.06
C GLY OA 241 10.74 -1.68 142.00
N GLY OA 242 10.49 -1.00 140.89
CA GLY OA 242 9.58 -1.49 139.88
C GLY OA 242 10.08 -2.70 139.09
N THR OA 243 11.39 -2.91 139.01
CA THR OA 243 11.94 -4.02 138.26
C THR OA 243 12.86 -4.83 139.16
N VAL OA 244 12.78 -6.14 139.07
CA VAL OA 244 13.61 -7.02 139.90
C VAL OA 244 14.18 -8.12 139.01
N ASN OA 245 15.47 -8.42 139.21
CA ASN OA 245 16.12 -9.50 138.48
C ASN OA 245 15.79 -10.84 139.14
N ILE OA 246 15.19 -11.74 138.37
CA ILE OA 246 14.76 -13.04 138.86
C ILE OA 246 15.44 -14.13 138.06
N THR OA 247 16.05 -15.09 138.75
CA THR OA 247 16.84 -16.14 138.14
C THR OA 247 16.26 -17.50 138.51
N THR OA 248 16.08 -18.36 137.51
CA THR OA 248 15.59 -19.71 137.75
C THR OA 248 16.76 -20.68 137.95
N GLY OA 249 16.42 -21.93 138.24
CA GLY OA 249 17.43 -22.94 138.45
C GLY OA 249 17.98 -23.53 137.17
N THR OA 250 18.97 -24.40 137.33
CA THR OA 250 19.64 -25.07 136.22
C THR OA 250 19.00 -26.44 136.04
N ILE OA 251 18.14 -26.57 135.03
CA ILE OA 251 17.41 -27.81 134.77
C ILE OA 251 17.97 -28.45 133.50
N ASN OA 252 18.49 -29.67 133.64
CA ASN OA 252 19.01 -30.44 132.52
C ASN OA 252 20.07 -29.68 131.73
N GLY OA 253 20.94 -28.96 132.45
CA GLY OA 253 22.01 -28.22 131.82
C GLY OA 253 21.62 -26.88 131.22
N ALA OA 254 20.37 -26.45 131.37
CA ALA OA 254 19.93 -25.18 130.83
C ALA OA 254 20.59 -24.03 131.59
N THR OA 255 20.90 -22.97 130.86
CA THR OA 255 21.48 -21.78 131.49
C THR OA 255 20.43 -21.09 132.35
N ALA OA 256 20.83 -20.68 133.55
CA ALA OA 256 19.91 -19.97 134.43
C ALA OA 256 19.43 -18.68 133.77
N ALA OA 257 18.11 -18.50 133.76
CA ALA OA 257 17.51 -17.37 133.06
C ALA OA 257 17.21 -16.24 134.03
N THR OA 258 17.90 -15.12 133.85
CA THR OA 258 17.67 -13.91 134.64
C THR OA 258 16.81 -12.95 133.83
N PHE OA 259 15.65 -12.61 134.35
CA PHE OA 259 14.70 -11.74 133.65
C PHE OA 259 14.23 -10.65 134.58
N SER OA 260 13.83 -9.52 133.99
CA SER OA 260 13.35 -8.38 134.73
C SER OA 260 11.84 -8.50 134.93
N LEU OA 261 11.43 -8.90 136.13
CA LEU OA 261 10.02 -9.01 136.47
C LEU OA 261 9.55 -7.71 137.08
N SER OA 262 8.36 -7.26 136.70
CA SER OA 262 7.81 -6.00 137.16
C SER OA 262 6.34 -6.14 137.55
N PHE OA 263 5.96 -5.45 138.62
CA PHE OA 263 4.56 -5.24 138.97
C PHE OA 263 4.11 -3.82 138.65
N LEU OA 264 4.56 -3.26 137.54
CA LEU OA 264 4.31 -1.87 137.22
C LEU OA 264 2.82 -1.62 137.02
N ASN OA 265 2.41 -0.38 137.32
CA ASN OA 265 1.02 0.09 137.23
C ASN OA 265 0.09 -0.59 138.22
N SER OA 266 0.63 -1.30 139.21
CA SER OA 266 -0.20 -1.90 140.23
C SER OA 266 -0.77 -0.83 141.16
N MET OA 267 -1.98 -1.08 141.66
CA MET OA 267 -2.65 -0.15 142.54
C MET OA 267 -3.20 -0.90 143.75
N GLN OA 268 -3.37 -0.18 144.84
CA GLN OA 268 -3.90 -0.72 146.10
C GLN OA 268 -5.08 0.15 146.52
N GLN OA 269 -6.29 -0.33 146.25
CA GLN OA 269 -7.49 0.42 146.58
C GLN OA 269 -8.51 -0.50 147.26
N ASN OA 270 -9.70 0.02 147.54
CA ASN OA 270 -10.75 -0.73 148.23
C ASN OA 270 -11.55 -1.60 147.27
N THR OA 271 -10.89 -2.55 146.61
CA THR OA 271 -11.61 -3.48 145.75
C THR OA 271 -12.38 -4.49 146.58
N GLY OA 272 -13.43 -5.06 146.00
CA GLY OA 272 -14.23 -6.07 146.66
C GLY OA 272 -13.43 -7.32 146.98
N ALA OA 273 -12.49 -7.66 146.10
CA ALA OA 273 -11.63 -8.81 146.28
C ALA OA 273 -10.39 -8.70 145.41
N ASN OA 274 -9.54 -9.72 145.41
CA ASN OA 274 -8.34 -9.72 144.58
C ASN OA 274 -8.68 -10.31 143.22
N ASN OA 275 -8.52 -9.50 142.17
CA ASN OA 275 -8.80 -9.92 140.81
C ASN OA 275 -7.55 -9.74 139.96
N ILE OA 276 -7.23 -10.75 139.16
CA ILE OA 276 -6.06 -10.74 138.31
C ILE OA 276 -6.40 -9.99 137.03
N VAL OA 277 -5.63 -8.94 136.74
CA VAL OA 277 -5.91 -8.12 135.56
C VAL OA 277 -5.16 -8.64 134.33
N ALA OA 278 -3.83 -8.67 134.37
CA ALA OA 278 -3.06 -9.07 133.19
C ALA OA 278 -1.69 -9.55 133.60
N THR OA 279 -1.17 -10.51 132.83
CA THR OA 279 0.21 -10.97 132.93
C THR OA 279 0.78 -11.11 131.52
N ASN OA 280 2.03 -10.66 131.36
CA ASN OA 280 2.65 -10.70 130.04
C ASN OA 280 4.14 -10.89 130.18
N GLN OA 281 4.74 -11.45 129.13
CA GLN OA 281 6.18 -11.69 129.08
C GLN OA 281 6.58 -11.84 127.61
N ASN OA 282 7.86 -11.62 127.34
CA ASN OA 282 8.37 -11.58 125.98
C ASN OA 282 8.98 -12.90 125.51
N GLY OA 283 8.86 -13.97 126.29
CA GLY OA 283 9.33 -15.27 125.86
C GLY OA 283 8.20 -16.16 125.36
N TYR OA 284 8.59 -17.32 124.84
CA TYR OA 284 7.63 -18.29 124.34
C TYR OA 284 8.29 -19.66 124.30
N LYS OA 285 7.46 -20.72 124.25
CA LYS OA 285 8.00 -22.03 123.97
C LYS OA 285 8.23 -22.17 122.48
N PRO OA 286 9.12 -23.08 122.07
CA PRO OA 286 9.30 -23.32 120.62
C PRO OA 286 8.02 -23.76 119.93
N GLY OA 287 7.82 -23.29 118.71
CA GLY OA 287 6.63 -23.62 117.97
C GLY OA 287 6.96 -24.06 116.56
N ASP OA 288 6.01 -24.76 115.95
CA ASP OA 288 6.14 -25.25 114.58
C ASP OA 288 5.19 -24.50 113.67
N LEU OA 289 5.64 -24.28 112.44
CA LEU OA 289 4.86 -23.52 111.47
C LEU OA 289 3.53 -24.22 111.19
N VAL OA 290 2.43 -23.52 111.46
CA VAL OA 290 1.08 -24.04 111.25
C VAL OA 290 0.46 -23.48 109.98
N SER OA 291 0.53 -22.16 109.80
CA SER OA 291 -0.10 -21.55 108.64
C SER OA 291 0.68 -20.30 108.24
N TYR OA 292 0.34 -19.77 107.06
CA TYR OA 292 0.90 -18.53 106.56
C TYR OA 292 -0.20 -17.75 105.86
N GLN OA 293 -0.06 -16.43 105.88
CA GLN OA 293 -1.10 -15.56 105.33
C GLN OA 293 -0.50 -14.24 104.87
N ILE OA 294 -1.25 -13.54 104.04
CA ILE OA 294 -0.90 -12.20 103.56
C ILE OA 294 -1.95 -11.23 104.07
N ASN OA 295 -1.52 -10.20 104.79
CA ASN OA 295 -2.44 -9.23 105.36
C ASN OA 295 -3.00 -8.32 104.27
N ASN OA 296 -4.04 -7.56 104.64
CA ASN OA 296 -4.56 -6.52 103.75
C ASN OA 296 -3.55 -5.40 103.53
N ASP OA 297 -2.58 -5.25 104.43
CA ASP OA 297 -1.51 -4.28 104.28
C ASP OA 297 -0.37 -4.81 103.43
N GLY OA 298 -0.37 -6.10 103.11
CA GLY OA 298 0.65 -6.72 102.29
C GLY OA 298 1.75 -7.43 103.04
N THR OA 299 1.68 -7.48 104.37
CA THR OA 299 2.70 -8.18 105.14
C THR OA 299 2.43 -9.68 105.14
N VAL OA 300 3.51 -10.46 105.06
CA VAL OA 300 3.43 -11.92 105.11
C VAL OA 300 3.65 -12.35 106.56
N VAL OA 301 2.69 -13.09 107.11
CA VAL OA 301 2.71 -13.48 108.51
C VAL OA 301 2.61 -14.99 108.60
N GLY OA 302 3.54 -15.60 109.33
CA GLY OA 302 3.51 -17.02 109.61
C GLY OA 302 3.05 -17.27 111.04
N ASN OA 303 1.99 -18.06 111.16
CA ASN OA 303 1.42 -18.41 112.45
C ASN OA 303 1.92 -19.79 112.85
N TYR OA 304 2.64 -19.85 113.96
CA TYR OA 304 3.25 -21.07 114.48
C TYR OA 304 2.35 -21.69 115.55
N SER OA 305 2.88 -22.71 116.23
CA SER OA 305 2.14 -23.42 117.27
C SER OA 305 2.29 -22.79 118.65
N ASN OA 306 3.14 -21.76 118.80
CA ASN OA 306 3.40 -21.19 120.11
C ASN OA 306 2.43 -20.05 120.43
N GLU OA 307 1.32 -19.99 119.70
CA GLU OA 307 0.35 -18.90 119.83
C GLU OA 307 1.07 -17.55 119.68
N GLN OA 308 1.76 -17.40 118.56
CA GLN OA 308 2.57 -16.23 118.28
C GLN OA 308 2.86 -16.18 116.80
N GLU OA 309 2.85 -14.98 116.23
CA GLU OA 309 3.06 -14.79 114.80
C GLU OA 309 4.44 -14.20 114.52
N GLN OA 310 4.99 -14.55 113.36
CA GLN OA 310 6.27 -14.02 112.93
C GLN OA 310 6.13 -13.40 111.54
N VAL OA 311 6.63 -12.17 111.40
CA VAL OA 311 6.58 -11.50 110.10
C VAL OA 311 7.73 -12.01 109.24
N LEU OA 312 7.48 -12.10 107.93
CA LEU OA 312 8.50 -12.56 106.99
C LEU OA 312 8.84 -11.51 105.93
N GLY OA 313 7.91 -10.61 105.63
CA GLY OA 313 8.16 -9.59 104.63
C GLY OA 313 6.88 -8.85 104.32
N GLN OA 314 7.05 -7.77 103.55
CA GLN OA 314 5.92 -6.93 103.15
C GLN OA 314 5.92 -6.81 101.64
N ILE OA 315 4.75 -7.04 101.03
CA ILE OA 315 4.63 -6.92 99.58
C ILE OA 315 4.63 -5.45 99.20
N VAL OA 316 5.52 -5.08 98.27
CA VAL OA 316 5.68 -3.70 97.83
C VAL OA 316 4.82 -3.45 96.60
N LEU OA 317 4.40 -2.20 96.41
CA LEU OA 317 3.64 -1.79 95.25
C LEU OA 317 4.41 -0.72 94.49
N ALA OA 318 4.17 -0.62 93.20
CA ALA OA 318 4.89 0.28 92.32
C ALA OA 318 3.94 1.19 91.58
N ASN OA 319 4.38 2.42 91.35
CA ASN OA 319 3.62 3.41 90.60
C ASN OA 319 4.50 4.05 89.54
N PHE OA 320 3.87 4.48 88.45
CA PHE OA 320 4.57 5.09 87.32
C PHE OA 320 3.92 6.42 86.96
N ALA OA 321 4.75 7.36 86.50
CA ALA OA 321 4.25 8.64 86.04
C ALA OA 321 3.49 8.50 84.72
N ASN OA 322 3.95 7.60 83.85
CA ASN OA 322 3.33 7.38 82.55
C ASN OA 322 2.93 5.90 82.45
N ASN OA 323 1.70 5.60 82.88
CA ASN OA 323 1.21 4.23 82.79
C ASN OA 323 1.08 3.77 81.35
N GLU OA 324 0.87 4.69 80.41
CA GLU OA 324 0.76 4.32 79.00
C GLU OA 324 2.12 4.02 78.38
N GLY OA 325 3.22 4.24 79.11
CA GLY OA 325 4.55 4.13 78.54
C GLY OA 325 5.20 2.77 78.64
N LEU OA 326 4.77 1.91 79.58
CA LEU OA 326 5.43 0.62 79.75
C LEU OA 326 5.16 -0.30 78.57
N ALA OA 327 6.17 -1.11 78.24
CA ALA OA 327 6.06 -2.09 77.17
C ALA OA 327 5.72 -3.45 77.76
N SER OA 328 4.58 -4.01 77.33
CA SER OA 328 4.16 -5.32 77.83
C SER OA 328 5.01 -6.42 77.23
N GLN OA 329 5.46 -7.34 78.07
CA GLN OA 329 6.30 -8.47 77.67
C GLN OA 329 5.52 -9.77 77.54
N GLY OA 330 4.19 -9.73 77.57
CA GLY OA 330 3.40 -10.93 77.55
C GLY OA 330 3.35 -11.60 78.91
N ASP OA 331 2.47 -12.59 79.02
CA ASP OA 331 2.22 -13.28 80.28
C ASP OA 331 1.89 -12.27 81.38
N ASN OA 332 0.95 -11.37 81.06
CA ASN OA 332 0.43 -10.31 81.94
C ASN OA 332 1.49 -9.75 82.89
N VAL OA 333 2.63 -9.35 82.34
CA VAL OA 333 3.69 -8.69 83.08
C VAL OA 333 4.17 -7.50 82.25
N TRP OA 334 4.49 -6.40 82.93
CA TRP OA 334 4.88 -5.16 82.28
C TRP OA 334 6.33 -4.83 82.63
N ALA OA 335 7.02 -4.19 81.70
CA ALA OA 335 8.43 -3.85 81.85
C ALA OA 335 8.60 -2.34 81.91
N ALA OA 336 9.50 -1.90 82.78
CA ALA OA 336 9.80 -0.48 82.91
C ALA OA 336 10.45 0.04 81.62
N THR OA 337 10.02 1.22 81.19
CA THR OA 337 10.47 1.82 79.94
C THR OA 337 10.95 3.25 80.21
N GLN OA 338 11.74 3.78 79.28
CA GLN OA 338 12.27 5.13 79.44
C GLN OA 338 11.14 6.16 79.49
N ALA OA 339 10.11 5.99 78.67
CA ALA OA 339 8.98 6.93 78.67
C ALA OA 339 8.24 6.95 80.01
N SER OA 340 8.06 5.78 80.63
CA SER OA 340 7.33 5.71 81.89
C SER OA 340 8.16 6.21 83.07
N GLY OA 341 9.49 6.11 82.99
CA GLY OA 341 10.33 6.55 84.09
C GLY OA 341 10.51 5.47 85.14
N VAL OA 342 11.18 5.86 86.23
CA VAL OA 342 11.44 4.92 87.31
C VAL OA 342 10.15 4.64 88.08
N ALA OA 343 10.10 3.47 88.71
CA ALA OA 343 8.93 3.08 89.47
C ALA OA 343 9.06 3.54 90.91
N LEU OA 344 8.08 4.30 91.39
CA LEU OA 344 8.04 4.73 92.78
C LEU OA 344 7.46 3.61 93.63
N LEU OA 345 8.21 3.16 94.64
CA LEU OA 345 7.80 2.03 95.46
C LEU OA 345 7.11 2.52 96.72
N GLY OA 346 6.21 1.69 97.23
CA GLY OA 346 5.47 2.06 98.42
C GLY OA 346 4.64 0.91 98.95
N THR OA 347 3.76 1.23 99.90
CA THR OA 347 2.86 0.27 100.50
C THR OA 347 1.44 0.83 100.49
N ALA OA 348 0.46 -0.07 100.61
CA ALA OA 348 -0.94 0.33 100.57
C ALA OA 348 -1.29 1.22 101.76
N GLY OA 349 -2.23 2.13 101.54
CA GLY OA 349 -2.66 3.04 102.58
C GLY OA 349 -1.75 4.22 102.81
N SER OA 350 -0.71 4.37 102.00
CA SER OA 350 0.22 5.49 102.10
C SER OA 350 0.37 6.15 100.74
N GLY OA 351 0.37 7.47 100.72
CA GLY OA 351 0.52 8.19 99.48
C GLY OA 351 -0.65 7.91 98.54
N ASN OA 352 -0.33 7.51 97.31
CA ASN OA 352 -1.31 7.26 96.28
C ASN OA 352 -1.32 5.81 95.81
N PHE OA 353 -1.24 4.86 96.74
CA PHE OA 353 -1.26 3.43 96.44
C PHE OA 353 -2.55 2.82 96.96
N GLY OA 354 -3.18 1.99 96.13
CA GLY OA 354 -4.42 1.36 96.50
C GLY OA 354 -4.24 0.22 97.49
N LYS OA 355 -5.35 -0.15 98.12
CA LYS OA 355 -5.37 -1.19 99.13
C LYS OA 355 -5.53 -2.58 98.51
N LEU OA 356 -4.85 -3.55 99.11
CA LEU OA 356 -4.97 -4.93 98.67
C LEU OA 356 -6.15 -5.60 99.35
N THR OA 357 -6.88 -6.42 98.58
CA THR OA 357 -7.99 -7.21 99.09
C THR OA 357 -7.60 -8.67 99.08
N ASN OA 358 -7.69 -9.32 100.23
CA ASN OA 358 -7.27 -10.71 100.36
C ASN OA 358 -8.35 -11.65 99.84
N GLY OA 359 -7.90 -12.81 99.34
CA GLY OA 359 -8.82 -13.83 98.89
C GLY OA 359 -9.60 -13.50 97.64
N ALA OA 360 -9.11 -12.57 96.84
CA ALA OA 360 -9.82 -12.15 95.63
C ALA OA 360 -8.82 -11.85 94.52
N LEU OA 361 -9.30 -11.90 93.28
CA LEU OA 361 -8.50 -11.60 92.11
C LEU OA 361 -9.24 -10.58 91.24
N GLU OA 362 -8.47 -9.71 90.59
CA GLU OA 362 -9.03 -8.68 89.74
C GLU OA 362 -9.22 -9.23 88.33
N ALA OA 363 -10.46 -9.17 87.84
CA ALA OA 363 -10.77 -9.68 86.51
C ALA OA 363 -10.30 -8.70 85.44
N SER OA 364 -10.57 -9.04 84.19
CA SER OA 364 -10.21 -8.19 83.07
C SER OA 364 -11.11 -6.96 83.05
N ASN OA 365 -10.74 -5.97 82.23
CA ASN OA 365 -11.48 -4.72 82.12
C ASN OA 365 -12.07 -4.53 80.73
N VAL OA 366 -12.27 -5.61 79.98
CA VAL OA 366 -12.81 -5.54 78.64
C VAL OA 366 -14.33 -5.78 78.70
N ASP OA 367 -15.07 -5.05 77.87
CA ASP OA 367 -16.50 -5.26 77.77
C ASP OA 367 -16.84 -5.91 76.44
N LEU OA 368 -17.46 -7.09 76.50
CA LEU OA 368 -17.67 -7.92 75.33
C LEU OA 368 -18.56 -7.26 74.28
N SER OA 369 -19.66 -6.63 74.71
CA SER OA 369 -20.55 -5.97 73.75
C SER OA 369 -19.85 -4.82 73.05
N LYS OA 370 -19.09 -4.02 73.80
CA LYS OA 370 -18.35 -2.92 73.21
C LYS OA 370 -17.32 -3.43 72.20
N GLU OA 371 -16.64 -4.53 72.55
CA GLU OA 371 -15.67 -5.11 71.63
C GLU OA 371 -16.35 -5.61 70.36
N LEU OA 372 -17.52 -6.24 70.49
CA LEU OA 372 -18.23 -6.71 69.30
C LEU OA 372 -18.65 -5.55 68.40
N VAL OA 373 -19.17 -4.47 69.00
CA VAL OA 373 -19.57 -3.32 68.20
C VAL OA 373 -18.36 -2.69 67.51
N ASN OA 374 -17.25 -2.57 68.24
CA ASN OA 374 -16.04 -2.03 67.64
C ASN OA 374 -15.52 -2.92 66.52
N MET OA 375 -15.67 -4.25 66.66
CA MET OA 375 -15.28 -5.16 65.60
C MET OA 375 -16.15 -4.93 64.37
N ILE OA 376 -17.45 -4.73 64.56
CA ILE OA 376 -18.34 -4.46 63.42
C ILE OA 376 -17.91 -3.19 62.70
N VAL OA 377 -17.64 -2.13 63.47
CA VAL OA 377 -17.23 -0.86 62.87
C VAL OA 377 -15.91 -1.02 62.13
N ALA OA 378 -15.03 -1.82 62.69
CA ALA OA 378 -13.72 -2.06 62.07
C ALA OA 378 -13.88 -2.97 60.84
N GLN OA 379 -14.73 -3.98 60.89
CA GLN OA 379 -14.92 -4.78 59.66
C GLN OA 379 -15.41 -3.84 58.57
N ARG OA 380 -16.38 -2.99 58.88
CA ARG OA 380 -16.93 -2.14 57.81
C ARG OA 380 -15.79 -1.29 57.25
N ASN OA 381 -14.99 -0.65 58.11
CA ASN OA 381 -13.94 0.23 57.55
C ASN OA 381 -12.99 -0.60 56.69
N TYR OA 382 -12.52 -1.75 57.18
CA TYR OA 382 -11.67 -2.58 56.30
C TYR OA 382 -12.36 -2.71 54.96
N GLN OA 383 -13.66 -2.97 54.94
CA GLN OA 383 -14.32 -3.20 53.65
C GLN OA 383 -14.34 -1.94 52.80
N SER OA 384 -14.53 -0.78 53.43
CA SER OA 384 -14.48 0.47 52.69
C SER OA 384 -13.09 0.71 52.09
N ASN OA 385 -12.04 0.43 52.87
CA ASN OA 385 -10.69 0.57 52.36
C ASN OA 385 -10.42 -0.44 51.23
N ALA OA 386 -10.99 -1.64 51.35
CA ALA OA 386 -10.86 -2.61 50.28
C ALA OA 386 -11.53 -2.13 49.00
N GLN OA 387 -12.70 -1.48 49.14
CA GLN OA 387 -13.36 -0.91 47.97
C GLN OA 387 -12.51 0.20 47.36
N THR OA 388 -11.84 1.01 48.19
CA THR OA 388 -10.93 2.01 47.66
C THR OA 388 -9.79 1.37 46.88
N ILE OA 389 -9.23 0.28 47.41
CA ILE OA 389 -8.17 -0.44 46.72
C ILE OA 389 -8.67 -0.95 45.37
N LYS OA 390 -9.92 -1.36 45.31
CA LYS OA 390 -10.48 -1.78 43.99
C LYS OA 390 -10.49 -0.57 43.07
N THR OA 391 -10.93 0.60 43.53
CA THR OA 391 -11.07 1.76 42.62
C THR OA 391 -9.74 2.12 41.96
N GLN OA 392 -8.63 2.20 42.69
CA GLN OA 392 -7.37 2.66 42.04
C GLN OA 392 -6.88 1.57 41.10
N ASP OA 393 -7.06 0.30 41.45
CA ASP OA 393 -6.71 -0.80 40.52
C ASP OA 393 -7.49 -0.58 39.23
N GLN OA 394 -8.79 -0.35 39.33
CA GLN OA 394 -9.63 -0.22 38.11
C GLN OA 394 -9.17 1.00 37.32
N ILE OA 395 -8.85 2.09 38.00
CA ILE OA 395 -8.44 3.31 37.30
C ILE OA 395 -7.19 2.94 36.49
N LEU OA 396 -6.22 2.30 37.10
CA LEU OA 396 -4.96 2.01 36.40
C LEU OA 396 -5.26 1.09 35.23
N ASN OA 397 -6.07 0.06 35.42
CA ASN OA 397 -6.44 -0.78 34.25
C ASN OA 397 -6.93 0.13 33.14
N THR OA 398 -8.05 0.81 33.36
CA THR OA 398 -8.51 1.78 32.34
C THR OA 398 -7.27 2.49 31.82
N LEU OA 399 -6.38 2.92 32.72
CA LEU OA 399 -5.27 3.66 32.14
C LEU OA 399 -4.38 2.75 31.29
N VAL OA 400 -4.14 1.53 31.75
CA VAL OA 400 -3.28 0.61 31.00
C VAL OA 400 -3.92 0.20 29.68
N ASN OA 401 -5.22 -0.10 29.71
CA ASN OA 401 -5.87 -0.68 28.54
C ASN OA 401 -6.17 0.36 27.47
N LEU OA 402 -5.57 1.54 27.56
CA LEU OA 402 -5.75 2.56 26.54
C LEU OA 402 -5.10 2.14 25.23
N SER PA 2 -29.10 12.31 36.36
CA SER PA 2 -27.74 12.62 36.76
C SER PA 2 -27.46 12.10 38.17
N PHE PA 3 -26.21 12.27 38.61
CA PHE PA 3 -25.81 11.78 39.92
C PHE PA 3 -26.38 12.64 41.04
N SER PA 4 -26.67 13.91 40.74
CA SER PA 4 -26.97 14.88 41.79
C SER PA 4 -28.27 14.54 42.52
N GLN PA 5 -29.31 14.16 41.77
CA GLN PA 5 -30.59 13.88 42.40
C GLN PA 5 -30.49 12.67 43.34
N ALA PA 6 -29.82 11.62 42.89
CA ALA PA 6 -29.63 10.44 43.74
C ALA PA 6 -28.77 10.78 44.96
N VAL PA 7 -27.76 11.62 44.78
CA VAL PA 7 -26.92 12.03 45.91
C VAL PA 7 -27.76 12.77 46.95
N SER PA 8 -28.60 13.70 46.49
CA SER PA 8 -29.44 14.46 47.41
C SER PA 8 -30.44 13.55 48.11
N GLY PA 9 -31.02 12.59 47.38
CA GLY PA 9 -31.94 11.66 48.01
C GLY PA 9 -31.27 10.81 49.08
N LEU PA 10 -30.06 10.33 48.77
CA LEU PA 10 -29.32 9.53 49.75
C LEU PA 10 -28.96 10.38 50.97
N ASN PA 11 -28.59 11.64 50.74
CA ASN PA 11 -28.28 12.54 51.86
C ASN PA 11 -29.50 12.75 52.74
N ALA PA 12 -30.67 12.97 52.13
CA ALA PA 12 -31.89 13.15 52.92
C ALA PA 12 -32.25 11.88 53.68
N ALA PA 13 -32.08 10.72 53.05
CA ALA PA 13 -32.34 9.46 53.75
C ALA PA 13 -31.38 9.27 54.92
N ALA PA 14 -30.11 9.63 54.74
CA ALA PA 14 -29.15 9.53 55.84
C ALA PA 14 -29.52 10.47 56.98
N THR PA 15 -29.97 11.69 56.65
CA THR PA 15 -30.41 12.62 57.69
C THR PA 15 -31.62 12.06 58.44
N ASN PA 16 -32.57 11.48 57.72
CA ASN PA 16 -33.73 10.87 58.37
C ASN PA 16 -33.32 9.72 59.29
N LEU PA 17 -32.38 8.89 58.82
CA LEU PA 17 -31.90 7.79 59.64
C LEU PA 17 -31.20 8.30 60.89
N ASP PA 18 -30.41 9.37 60.75
CA ASP PA 18 -29.74 9.95 61.91
C ASP PA 18 -30.76 10.48 62.91
N VAL PA 19 -31.81 11.15 62.43
CA VAL PA 19 -32.84 11.67 63.32
C VAL PA 19 -33.54 10.54 64.06
N ILE PA 20 -33.88 9.46 63.34
CA ILE PA 20 -34.55 8.32 63.95
C ILE PA 20 -33.65 7.67 64.99
N GLY PA 21 -32.36 7.50 64.67
CA GLY PA 21 -31.44 6.91 65.61
C GLY PA 21 -31.25 7.76 66.85
N ASN PA 22 -31.21 9.08 66.68
CA ASN PA 22 -31.11 9.99 67.82
C ASN PA 22 -32.36 9.89 68.69
N ASN PA 23 -33.54 9.79 68.07
CA ASN PA 23 -34.76 9.63 68.85
C ASN PA 23 -34.75 8.32 69.61
N ILE PA 24 -34.25 7.25 68.99
CA ILE PA 24 -34.17 5.95 69.66
C ILE PA 24 -33.19 6.02 70.84
N ALA PA 25 -32.04 6.68 70.64
CA ALA PA 25 -31.01 6.71 71.67
C ALA PA 25 -31.49 7.42 72.93
N ASN PA 26 -32.26 8.49 72.79
CA ASN PA 26 -32.75 9.25 73.93
C ASN PA 26 -34.17 8.85 74.32
N SER PA 27 -34.51 7.57 74.21
CA SER PA 27 -35.84 7.08 74.57
C SER PA 27 -36.13 7.33 76.04
N ALA PA 28 -35.16 7.06 76.91
CA ALA PA 28 -35.31 7.27 78.35
C ALA PA 28 -34.34 8.37 78.76
N THR PA 29 -34.76 9.63 78.56
CA THR PA 29 -34.03 10.84 78.95
C THR PA 29 -35.09 11.90 79.27
N TYR PA 30 -35.13 12.32 80.53
CA TYR PA 30 -36.13 13.28 80.99
C TYR PA 30 -35.98 14.61 80.26
N GLY PA 31 -37.11 15.17 79.79
CA GLY PA 31 -37.08 16.44 79.10
C GLY PA 31 -36.69 16.38 77.64
N PHE PA 32 -36.63 15.19 77.05
CA PHE PA 32 -36.26 15.04 75.65
C PHE PA 32 -37.50 15.15 74.77
N LYS PA 33 -37.38 15.89 73.68
CA LYS PA 33 -38.46 16.03 72.71
C LYS PA 33 -38.03 15.44 71.37
N SER PA 34 -38.91 14.67 70.76
CA SER PA 34 -38.60 13.98 69.52
C SER PA 34 -38.41 14.98 68.38
N GLY PA 35 -37.71 14.54 67.34
CA GLY PA 35 -37.42 15.37 66.18
C GLY PA 35 -37.88 14.69 64.90
N THR PA 36 -38.26 15.51 63.92
CA THR PA 36 -38.68 15.05 62.61
C THR PA 36 -37.93 15.85 61.56
N ALA PA 37 -37.69 15.25 60.40
CA ALA PA 37 -37.01 15.93 59.32
C ALA PA 37 -38.01 16.32 58.23
N SER PA 38 -37.93 17.57 57.76
CA SER PA 38 -38.79 18.05 56.70
C SER PA 38 -38.01 18.15 55.40
N PHE PA 39 -38.55 17.55 54.35
CA PHE PA 39 -37.88 17.49 53.05
C PHE PA 39 -38.65 18.31 52.03
N ALA PA 40 -37.90 18.95 51.13
CA ALA PA 40 -38.47 19.78 50.08
C ALA PA 40 -37.70 19.56 48.78
N ASP PA 41 -38.42 19.62 47.66
CA ASP PA 41 -37.81 19.45 46.35
C ASP PA 41 -37.20 20.76 45.88
N MET PA 42 -36.32 20.66 44.87
CA MET PA 42 -35.54 21.81 44.42
C MET PA 42 -35.66 22.06 42.92
N PHE PA 43 -36.89 22.12 42.40
CA PHE PA 43 -37.06 22.51 41.01
C PHE PA 43 -36.41 23.87 40.75
N ALA PA 44 -35.65 23.95 39.66
CA ALA PA 44 -34.91 25.17 39.30
C ALA PA 44 -34.92 25.29 37.79
N GLY PA 45 -35.86 26.07 37.26
CA GLY PA 45 -35.95 26.32 35.84
C GLY PA 45 -36.51 25.14 35.07
N SER PA 46 -35.72 24.08 34.97
CA SER PA 46 -36.17 22.87 34.31
C SER PA 46 -37.16 22.11 35.18
N LYS PA 47 -38.14 21.47 34.55
CA LYS PA 47 -39.17 20.72 35.26
C LYS PA 47 -38.70 19.34 35.71
N VAL PA 48 -37.38 19.09 35.73
CA VAL PA 48 -36.89 17.74 35.96
C VAL PA 48 -36.76 17.42 37.45
N GLY PA 49 -36.81 18.42 38.33
CA GLY PA 49 -36.69 18.13 39.74
C GLY PA 49 -35.28 17.84 40.20
N LEU PA 50 -34.42 18.86 40.17
CA LEU PA 50 -32.99 18.75 40.46
C LEU PA 50 -32.67 17.87 41.67
N GLY PA 51 -33.40 18.00 42.75
CA GLY PA 51 -33.15 17.17 43.91
C GLY PA 51 -34.04 17.48 45.09
N VAL PA 52 -33.64 16.96 46.24
CA VAL PA 52 -34.34 17.19 47.50
C VAL PA 52 -33.34 17.78 48.50
N LYS PA 53 -33.87 18.52 49.47
CA LYS PA 53 -33.07 19.09 50.53
C LYS PA 53 -33.83 19.02 51.84
N VAL PA 54 -33.08 19.01 52.93
CA VAL PA 54 -33.68 18.98 54.27
C VAL PA 54 -34.15 20.39 54.61
N ALA PA 55 -35.47 20.60 54.57
CA ALA PA 55 -36.03 21.91 54.86
C ALA PA 55 -35.78 22.34 56.30
N GLY PA 56 -35.73 21.38 57.22
CA GLY PA 56 -35.45 21.70 58.61
C GLY PA 56 -35.66 20.50 59.50
N ILE PA 57 -35.31 20.69 60.76
CA ILE PA 57 -35.52 19.70 61.81
C ILE PA 57 -36.52 20.29 62.79
N THR PA 58 -37.68 19.68 62.89
CA THR PA 58 -38.78 20.18 63.70
C THR PA 58 -38.91 19.35 64.97
N GLN PA 59 -38.86 20.02 66.11
CA GLN PA 59 -39.06 19.36 67.40
C GLN PA 59 -40.56 19.18 67.66
N ASP PA 60 -40.87 18.21 68.51
CA ASP PA 60 -42.25 17.90 68.88
C ASP PA 60 -42.42 18.16 70.37
N PHE PA 61 -43.02 19.29 70.71
CA PHE PA 61 -43.21 19.69 72.11
C PHE PA 61 -44.56 19.20 72.65
N THR PA 62 -44.83 17.91 72.52
CA THR PA 62 -46.01 17.30 73.12
C THR PA 62 -45.68 16.82 74.53
N ASP PA 63 -46.61 17.05 75.45
CA ASP PA 63 -46.38 16.67 76.84
C ASP PA 63 -46.22 15.15 76.97
N GLY PA 64 -45.22 14.73 77.73
CA GLY PA 64 -44.95 13.33 77.93
C GLY PA 64 -45.51 12.80 79.24
N THR PA 65 -45.30 11.50 79.45
CA THR PA 65 -45.75 10.86 80.69
C THR PA 65 -44.83 11.23 81.84
N THR PA 66 -45.43 11.54 82.98
CA THR PA 66 -44.67 11.92 84.16
C THR PA 66 -44.48 10.72 85.07
N THR PA 67 -43.25 10.54 85.56
CA THR PA 67 -42.90 9.44 86.44
C THR PA 67 -42.52 9.99 87.81
N ASN PA 68 -43.10 9.40 88.85
CA ASN PA 68 -42.82 9.86 90.21
C ASN PA 68 -41.50 9.29 90.70
N THR PA 69 -40.70 10.13 91.34
CA THR PA 69 -39.41 9.71 91.90
C THR PA 69 -39.31 9.91 93.41
N GLY PA 70 -40.12 10.79 93.99
CA GLY PA 70 -40.17 10.95 95.43
C GLY PA 70 -39.21 11.96 96.04
N ARG PA 71 -38.31 12.55 95.24
CA ARG PA 71 -37.38 13.55 95.76
C ARG PA 71 -38.05 14.91 95.70
N GLY PA 72 -37.72 15.77 96.66
CA GLY PA 72 -38.35 17.07 96.77
C GLY PA 72 -37.89 18.09 95.74
N LEU PA 73 -36.80 17.81 95.03
CA LEU PA 73 -36.26 18.75 94.04
C LEU PA 73 -36.61 18.38 92.60
N ASP PA 74 -37.47 17.39 92.39
CA ASP PA 74 -37.88 17.03 91.04
C ASP PA 74 -39.18 17.75 90.70
N VAL PA 75 -39.15 18.60 89.67
CA VAL PA 75 -40.29 19.38 89.25
C VAL PA 75 -40.59 19.07 87.78
N ALA PA 76 -41.82 18.68 87.49
CA ALA PA 76 -42.24 18.38 86.14
C ALA PA 76 -43.20 19.46 85.64
N ILE PA 77 -42.98 19.90 84.42
CA ILE PA 77 -43.75 20.99 83.82
C ILE PA 77 -44.92 20.39 83.04
N SER PA 78 -46.14 20.74 83.43
CA SER PA 78 -47.31 20.34 82.66
C SER PA 78 -47.63 21.39 81.62
N GLN PA 79 -48.11 20.94 80.46
CA GLN PA 79 -48.47 21.81 79.34
C GLN PA 79 -47.22 22.59 78.92
N ASN PA 80 -47.40 23.85 78.52
CA ASN PA 80 -46.28 24.66 78.06
C ASN PA 80 -45.55 25.31 79.22
N GLY PA 81 -44.28 25.60 79.01
CA GLY PA 81 -43.43 26.23 80.00
C GLY PA 81 -42.05 25.64 79.99
N PHE PA 82 -41.05 26.50 80.26
CA PHE PA 82 -39.65 26.11 80.26
C PHE PA 82 -38.95 26.70 81.49
N PHE PA 83 -38.10 25.89 82.12
CA PHE PA 83 -37.24 26.39 83.18
C PHE PA 83 -36.18 27.32 82.58
N ARG PA 84 -35.90 28.41 83.29
CA ARG PA 84 -34.91 29.38 82.87
C ARG PA 84 -33.64 29.19 83.70
N LEU PA 85 -32.53 28.86 83.03
CA LEU PA 85 -31.26 28.59 83.68
C LEU PA 85 -30.21 29.57 83.19
N VAL PA 86 -29.15 29.71 83.98
CA VAL PA 86 -28.00 30.53 83.63
C VAL PA 86 -26.72 29.76 83.91
N ASP PA 87 -25.75 29.87 83.01
CA ASP PA 87 -24.46 29.24 83.22
C ASP PA 87 -23.53 30.16 84.01
N SER PA 88 -22.28 29.73 84.16
CA SER PA 88 -21.30 30.55 84.89
C SER PA 88 -20.96 31.83 84.14
N ASN PA 89 -21.04 31.83 82.82
CA ASN PA 89 -20.77 33.01 82.01
C ASN PA 89 -21.90 34.03 82.07
N GLY PA 90 -23.11 33.60 82.41
CA GLY PA 90 -24.25 34.50 82.44
C GLY PA 90 -25.18 34.39 81.25
N SER PA 91 -24.90 33.52 80.30
CA SER PA 91 -25.81 33.31 79.18
C SER PA 91 -27.06 32.55 79.66
N VAL PA 92 -28.21 32.92 79.10
CA VAL PA 92 -29.48 32.36 79.52
C VAL PA 92 -29.81 31.15 78.64
N PHE PA 93 -30.40 30.13 79.25
CA PHE PA 93 -30.81 28.90 78.59
C PHE PA 93 -32.20 28.52 79.09
N TYR PA 94 -32.88 27.69 78.29
CA TYR PA 94 -34.23 27.24 78.62
C TYR PA 94 -34.29 25.72 78.51
N SER PA 95 -34.79 25.08 79.56
CA SER PA 95 -34.70 23.63 79.66
C SER PA 95 -35.93 23.07 80.36
N ARG PA 96 -36.39 21.91 79.88
CA ARG PA 96 -37.49 21.20 80.51
C ARG PA 96 -37.01 20.17 81.54
N ASN PA 97 -35.71 20.05 81.76
CA ASN PA 97 -35.19 19.08 82.73
C ASN PA 97 -35.61 19.49 84.13
N GLY PA 98 -36.20 18.55 84.87
CA GLY PA 98 -36.68 18.83 86.21
C GLY PA 98 -35.79 18.26 87.30
N GLN PA 99 -34.59 17.82 86.95
CA GLN PA 99 -33.67 17.26 87.93
C GLN PA 99 -32.82 18.39 88.49
N PHE PA 100 -33.06 18.74 89.75
CA PHE PA 100 -32.35 19.82 90.41
C PHE PA 100 -31.63 19.30 91.65
N LYS PA 101 -30.47 19.87 91.93
CA LYS PA 101 -29.64 19.43 93.04
C LYS PA 101 -29.04 20.65 93.73
N LEU PA 102 -28.87 20.55 95.04
CA LEU PA 102 -28.28 21.62 95.84
C LEU PA 102 -26.76 21.56 95.71
N ASP PA 103 -26.17 22.69 95.33
CA ASP PA 103 -24.73 22.79 95.14
C ASP PA 103 -24.06 23.27 96.43
N GLU PA 104 -22.73 23.29 96.43
CA GLU PA 104 -21.98 23.77 97.59
C GLU PA 104 -22.32 25.22 97.90
N ASN PA 105 -22.49 26.05 96.87
CA ASN PA 105 -22.90 27.44 97.03
C ASN PA 105 -24.38 27.59 97.36
N ARG PA 106 -25.07 26.50 97.69
CA ARG PA 106 -26.48 26.47 98.02
C ARG PA 106 -27.37 26.94 96.88
N ASN PA 107 -26.93 26.76 95.64
CA ASN PA 107 -27.70 27.13 94.46
C ASN PA 107 -28.42 25.89 93.91
N LEU PA 108 -29.64 26.11 93.43
CA LEU PA 108 -30.41 25.06 92.78
C LEU PA 108 -29.93 24.92 91.34
N VAL PA 109 -29.22 23.83 91.05
CA VAL PA 109 -28.66 23.60 89.72
C VAL PA 109 -29.07 22.22 89.25
N ASN PA 110 -29.01 22.01 87.94
CA ASN PA 110 -29.25 20.70 87.36
C ASN PA 110 -27.97 19.88 87.37
N MET PA 111 -27.97 18.75 86.69
CA MET PA 111 -26.78 17.90 86.66
C MET PA 111 -25.61 18.59 85.96
N GLN PA 112 -25.91 19.52 85.04
CA GLN PA 112 -24.87 20.26 84.35
C GLN PA 112 -24.37 21.45 85.13
N GLY PA 113 -24.94 21.74 86.30
CA GLY PA 113 -24.50 22.84 87.12
C GLY PA 113 -25.08 24.19 86.76
N MET PA 114 -26.00 24.25 85.80
CA MET PA 114 -26.61 25.52 85.44
C MET PA 114 -27.61 25.95 86.51
N GLN PA 115 -27.48 27.19 86.96
CA GLN PA 115 -28.25 27.69 88.10
C GLN PA 115 -29.69 27.95 87.70
N LEU PA 116 -30.63 27.39 88.46
CA LEU PA 116 -32.04 27.68 88.25
C LEU PA 116 -32.34 29.11 88.65
N THR PA 117 -33.14 29.80 87.84
CA THR PA 117 -33.43 31.21 88.03
C THR PA 117 -34.91 31.41 88.35
N GLY PA 118 -35.20 32.58 88.89
CA GLY PA 118 -36.57 32.93 89.21
C GLY PA 118 -36.64 34.27 89.91
N TYR PA 119 -37.84 34.56 90.42
CA TYR PA 119 -38.03 35.76 91.22
C TYR PA 119 -37.43 35.58 92.60
N PRO PA 120 -36.52 36.44 93.02
CA PRO PA 120 -35.97 36.33 94.38
C PRO PA 120 -36.88 36.97 95.41
N ALA PA 121 -36.58 36.70 96.68
CA ALA PA 121 -37.34 37.26 97.79
C ALA PA 121 -36.47 38.22 98.59
N THR PA 122 -36.97 39.44 98.79
CA THR PA 122 -36.24 40.47 99.52
C THR PA 122 -37.18 41.15 100.51
N GLY PA 123 -36.59 41.71 101.56
CA GLY PA 123 -37.33 42.46 102.55
C GLY PA 123 -37.88 41.58 103.66
N THR PA 124 -38.39 42.26 104.69
CA THR PA 124 -38.99 41.58 105.83
C THR PA 124 -40.44 42.00 106.01
N PRO PA 125 -41.40 41.07 105.93
CA PRO PA 125 -41.23 39.63 105.68
C PRO PA 125 -40.88 39.36 104.22
N PRO PA 126 -40.24 38.24 103.91
CA PRO PA 126 -39.83 37.98 102.52
C PRO PA 126 -41.05 37.94 101.59
N THR PA 127 -40.92 38.63 100.46
CA THR PA 127 -41.99 38.74 99.49
C THR PA 127 -41.42 38.58 98.08
N ILE PA 128 -42.22 38.00 97.20
CA ILE PA 128 -41.78 37.79 95.82
C ILE PA 128 -41.81 39.10 95.07
N GLN PA 129 -40.66 39.47 94.48
CA GLN PA 129 -40.55 40.69 93.69
C GLN PA 129 -40.69 40.31 92.22
N GLN PA 130 -41.95 40.23 91.78
CA GLN PA 130 -42.26 39.78 90.42
C GLN PA 130 -41.74 40.74 89.37
N GLY PA 131 -41.47 41.99 89.72
CA GLY PA 131 -41.00 42.95 88.75
C GLY PA 131 -39.50 43.00 88.54
N ALA PA 132 -38.72 42.44 89.48
CA ALA PA 132 -37.28 42.52 89.41
C ALA PA 132 -36.73 41.52 88.40
N ASN PA 133 -35.45 41.68 88.08
CA ASN PA 133 -34.79 40.78 87.15
C ASN PA 133 -34.71 39.37 87.74
N PRO PA 134 -34.81 38.33 86.92
CA PRO PA 134 -34.67 36.97 87.43
C PRO PA 134 -33.29 36.76 88.03
N ALA PA 135 -33.25 36.07 89.17
CA ALA PA 135 -32.04 35.81 89.91
C ALA PA 135 -31.87 34.32 90.17
N PRO PA 136 -30.64 33.85 90.35
CA PRO PA 136 -30.43 32.43 90.67
C PRO PA 136 -31.15 32.04 91.94
N ILE PA 137 -31.72 30.83 91.94
CA ILE PA 137 -32.48 30.35 93.09
C ILE PA 137 -31.51 29.85 94.15
N THR PA 138 -31.61 30.42 95.36
CA THR PA 138 -30.72 30.08 96.46
C THR PA 138 -31.53 29.50 97.61
N ILE PA 139 -30.90 28.57 98.34
CA ILE PA 139 -31.50 28.02 99.56
C ILE PA 139 -30.47 28.22 100.66
N PRO PA 140 -30.42 29.39 101.28
CA PRO PA 140 -29.42 29.63 102.33
C PRO PA 140 -29.69 28.80 103.57
N ASN PA 141 -28.62 28.40 104.23
CA ASN PA 141 -28.69 27.71 105.52
C ASN PA 141 -28.56 28.66 106.70
N THR PA 142 -28.47 29.96 106.43
CA THR PA 142 -28.32 30.94 107.50
C THR PA 142 -29.55 30.95 108.41
N LEU PA 143 -29.31 31.16 109.70
CA LEU PA 143 -30.38 31.21 110.67
C LEU PA 143 -31.26 32.44 110.45
N MET PA 144 -32.48 32.37 110.98
CA MET PA 144 -33.43 33.46 110.91
C MET PA 144 -33.21 34.38 112.10
N ALA PA 145 -33.23 35.69 111.85
CA ALA PA 145 -33.04 36.68 112.91
C ALA PA 145 -34.33 36.80 113.73
N ALA PA 146 -34.39 37.77 114.64
CA ALA PA 146 -35.55 37.97 115.48
C ALA PA 146 -36.35 39.18 115.02
N LYS PA 147 -37.66 39.06 115.11
CA LYS PA 147 -38.59 40.13 114.75
C LYS PA 147 -39.33 40.57 116.01
N SER PA 148 -39.20 41.85 116.36
CA SER PA 148 -39.93 42.40 117.49
C SER PA 148 -41.43 42.33 117.23
N THR PA 149 -42.18 41.88 118.22
CA THR PA 149 -43.63 41.77 118.08
C THR PA 149 -44.24 43.16 117.95
N THR PA 150 -45.08 43.33 116.94
CA THR PA 150 -45.75 44.60 116.69
C THR PA 150 -47.27 44.52 116.72
N THR PA 151 -47.86 43.40 116.29
CA THR PA 151 -49.30 43.25 116.28
C THR PA 151 -49.67 41.89 116.87
N ALA PA 152 -50.69 41.90 117.73
CA ALA PA 152 -51.22 40.68 118.32
C ALA PA 152 -52.74 40.79 118.40
N SER PA 153 -53.40 39.65 118.26
CA SER PA 153 -54.86 39.59 118.26
C SER PA 153 -55.34 38.56 119.26
N MET PA 154 -56.41 38.89 119.96
CA MET PA 154 -57.00 37.99 120.95
C MET PA 154 -58.52 38.12 120.90
N GLN PA 155 -59.17 37.11 120.34
CA GLN PA 155 -60.62 37.03 120.33
C GLN PA 155 -61.05 36.08 121.46
N ILE PA 156 -61.88 36.58 122.37
CA ILE PA 156 -62.28 35.85 123.56
C ILE PA 156 -63.77 36.03 123.78
N ASN PA 157 -64.42 34.99 124.32
CA ASN PA 157 -65.82 35.04 124.71
C ASN PA 157 -65.88 35.22 126.22
N LEU PA 158 -66.68 36.18 126.69
CA LEU PA 158 -66.73 36.56 128.09
C LEU PA 158 -68.06 36.14 128.71
N ASN PA 159 -68.05 35.92 130.01
CA ASN PA 159 -69.25 35.53 130.75
C ASN PA 159 -69.73 36.70 131.59
N SER PA 160 -71.03 37.00 131.52
CA SER PA 160 -71.57 38.15 132.23
C SER PA 160 -71.87 37.84 133.69
N THR PA 161 -71.82 36.56 134.07
CA THR PA 161 -72.19 36.15 135.42
C THR PA 161 -71.03 36.23 136.41
N ASP PA 162 -69.83 36.57 135.96
CA ASP PA 162 -68.71 36.68 136.88
C ASP PA 162 -68.92 37.86 137.82
N PRO PA 163 -68.73 37.69 139.13
CA PRO PA 163 -68.96 38.79 140.07
C PRO PA 163 -67.86 39.83 140.00
N VAL PA 164 -68.23 41.06 140.35
CA VAL PA 164 -67.29 42.17 140.42
C VAL PA 164 -66.48 42.05 141.70
N PRO PA 165 -65.14 42.09 141.64
CA PRO PA 165 -64.34 41.97 142.86
C PRO PA 165 -64.66 43.09 143.85
N SER PA 166 -64.92 42.69 145.10
CA SER PA 166 -65.30 43.65 146.13
C SER PA 166 -64.08 44.43 146.64
N LYS PA 167 -62.94 43.76 146.78
CA LYS PA 167 -61.78 44.39 147.38
C LYS PA 167 -60.95 45.16 146.35
N THR PA 168 -61.48 46.27 145.84
CA THR PA 168 -60.70 47.15 145.00
C THR PA 168 -59.82 48.05 145.86
N PRO PA 169 -58.61 48.39 145.39
CA PRO PA 169 -58.00 48.02 144.10
C PRO PA 169 -57.33 46.66 144.14
N PHE PA 170 -56.48 46.36 143.15
CA PHE PA 170 -55.89 45.03 143.05
C PHE PA 170 -55.02 44.71 144.27
N SER PA 171 -55.15 43.49 144.77
CA SER PA 171 -54.35 42.99 145.88
C SER PA 171 -53.61 41.74 145.42
N VAL PA 172 -52.31 41.68 145.67
CA VAL PA 172 -51.50 40.56 145.20
C VAL PA 172 -51.94 39.26 145.87
N SER PA 173 -52.18 39.29 147.18
CA SER PA 173 -52.53 38.07 147.90
C SER PA 173 -53.89 37.53 147.44
N ASP PA 174 -54.84 38.41 147.18
CA ASP PA 174 -56.20 38.01 146.84
C ASP PA 174 -56.28 37.76 145.33
N ALA PA 175 -56.49 36.48 144.97
CA ALA PA 175 -56.60 36.13 143.55
C ALA PA 175 -57.99 36.43 143.02
N ASP PA 176 -58.96 36.66 143.91
CA ASP PA 176 -60.33 36.93 143.49
C ASP PA 176 -60.52 38.36 143.02
N SER PA 177 -59.42 39.11 142.91
CA SER PA 177 -59.46 40.51 142.51
C SER PA 177 -59.58 40.69 141.00
N TYR PA 178 -59.52 39.60 140.23
CA TYR PA 178 -59.65 39.67 138.78
C TYR PA 178 -60.70 38.66 138.32
N ASN PA 179 -61.41 39.02 137.27
CA ASN PA 179 -62.45 38.15 136.72
C ASN PA 179 -61.88 36.96 135.95
N LYS PA 180 -60.83 37.18 135.15
CA LYS PA 180 -60.23 36.08 134.40
C LYS PA 180 -58.76 36.37 134.18
N LYS PA 181 -57.96 35.30 134.17
CA LYS PA 181 -56.52 35.39 133.95
C LYS PA 181 -56.11 34.43 132.83
N GLY PA 182 -55.21 34.90 131.97
CA GLY PA 182 -54.68 34.08 130.91
C GLY PA 182 -53.18 34.30 130.75
N THR PA 183 -52.53 33.36 130.08
CA THR PA 183 -51.10 33.42 129.84
C THR PA 183 -50.84 33.36 128.35
N VAL PA 184 -50.02 34.29 127.86
CA VAL PA 184 -49.68 34.36 126.44
C VAL PA 184 -48.16 34.36 126.30
N THR PA 185 -47.66 33.45 125.47
CA THR PA 185 -46.22 33.34 125.26
C THR PA 185 -45.81 34.10 124.00
N VAL PA 186 -45.03 35.15 124.17
CA VAL PA 186 -44.57 35.97 123.07
C VAL PA 186 -43.04 36.06 123.11
N TYR PA 187 -42.49 36.80 122.16
CA TYR PA 187 -41.05 36.99 122.05
C TYR PA 187 -40.73 38.47 121.85
N ASP PA 188 -39.67 38.93 122.49
CA ASP PA 188 -39.27 40.32 122.44
C ASP PA 188 -38.47 40.60 121.18
N SER PA 189 -37.81 41.76 121.13
CA SER PA 189 -37.00 42.12 119.96
C SER PA 189 -35.87 41.14 119.70
N GLN PA 190 -35.35 40.50 120.75
CA GLN PA 190 -34.31 39.49 120.58
C GLN PA 190 -34.84 38.06 120.68
N GLY PA 191 -36.16 37.86 120.69
CA GLY PA 191 -36.72 36.54 120.65
C GLY PA 191 -36.75 35.78 121.96
N ASN PA 192 -36.53 36.47 123.08
CA ASN PA 192 -36.64 35.80 124.38
C ASN PA 192 -38.10 35.51 124.69
N ALA PA 193 -38.34 34.40 125.40
CA ALA PA 193 -39.68 33.97 125.73
C ALA PA 193 -40.23 34.77 126.89
N HIS PA 194 -41.40 35.38 126.70
CA HIS PA 194 -42.09 36.14 127.74
C HIS PA 194 -43.48 35.55 127.92
N ASP PA 195 -43.78 35.08 129.12
CA ASP PA 195 -45.10 34.54 129.45
C ASP PA 195 -45.90 35.65 130.13
N MET PA 196 -46.51 36.50 129.31
CA MET PA 196 -47.27 37.63 129.83
C MET PA 196 -48.57 37.12 130.45
N ASN PA 197 -48.91 37.67 131.61
CA ASN PA 197 -50.21 37.40 132.22
C ASN PA 197 -51.17 38.52 131.86
N VAL PA 198 -52.30 38.17 131.27
CA VAL PA 198 -53.33 39.12 130.86
C VAL PA 198 -54.54 38.91 131.75
N TYR PA 199 -54.98 39.97 132.40
CA TYR PA 199 -56.10 39.92 133.35
C TYR PA 199 -57.26 40.73 132.79
N PHE PA 200 -58.42 40.10 132.71
CA PHE PA 200 -59.66 40.75 132.29
C PHE PA 200 -60.53 40.93 133.53
N VAL PA 201 -60.90 42.18 133.82
CA VAL PA 201 -61.70 42.51 134.99
C VAL PA 201 -62.90 43.33 134.52
N LYS PA 202 -64.10 42.80 134.70
CA LYS PA 202 -65.30 43.55 134.37
C LYS PA 202 -65.56 44.60 135.45
N THR PA 203 -65.52 45.88 135.05
CA THR PA 203 -65.66 46.96 136.03
C THR PA 203 -67.11 47.42 136.18
N LYS PA 204 -67.81 47.60 135.07
CA LYS PA 204 -69.22 48.00 135.10
C LYS PA 204 -69.84 47.57 133.77
N ASP PA 205 -71.02 48.10 133.47
CA ASP PA 205 -71.71 47.75 132.23
C ASP PA 205 -70.87 48.16 131.03
N ASN PA 206 -70.55 47.18 130.18
CA ASN PA 206 -69.81 47.35 128.93
C ASN PA 206 -68.41 47.92 129.14
N GLU PA 207 -67.81 47.72 130.31
CA GLU PA 207 -66.45 48.20 130.58
C GLU PA 207 -65.61 47.05 131.13
N TRP PA 208 -64.58 46.68 130.39
CA TRP PA 208 -63.68 45.59 130.77
C TRP PA 208 -62.25 46.12 130.80
N ALA PA 209 -61.68 46.20 132.00
CA ALA PA 209 -60.28 46.59 132.13
C ALA PA 209 -59.37 45.41 131.82
N VAL PA 210 -58.32 45.67 131.06
CA VAL PA 210 -57.34 44.66 130.68
C VAL PA 210 -55.99 45.08 131.25
N TYR PA 211 -55.38 44.19 132.01
CA TYR PA 211 -54.07 44.39 132.63
C TYR PA 211 -53.07 43.44 132.01
N THR PA 212 -51.84 43.94 131.80
CA THR PA 212 -50.74 43.14 131.29
C THR PA 212 -49.60 43.13 132.29
N HIS PA 213 -49.06 41.95 132.56
CA HIS PA 213 -48.00 41.81 133.54
C HIS PA 213 -46.91 40.88 133.01
N ASP PA 214 -45.66 41.23 133.28
CA ASP PA 214 -44.53 40.37 132.92
C ASP PA 214 -44.12 39.57 134.16
N SER PA 215 -44.43 38.28 134.16
CA SER PA 215 -44.17 37.44 135.33
C SER PA 215 -42.70 37.05 135.47
N SER PA 216 -41.88 37.26 134.43
CA SER PA 216 -40.49 36.87 134.48
C SER PA 216 -39.62 37.86 135.25
N ASP PA 217 -40.12 39.05 135.56
CA ASP PA 217 -39.35 40.05 136.28
C ASP PA 217 -39.51 39.83 137.78
N PRO PA 218 -38.44 39.47 138.50
CA PRO PA 218 -38.55 39.26 139.95
C PRO PA 218 -38.87 40.52 140.74
N ALA PA 219 -38.59 41.70 140.20
CA ALA PA 219 -38.84 42.96 140.89
C ALA PA 219 -39.99 43.75 140.28
N ALA PA 220 -40.90 43.09 139.57
CA ALA PA 220 -42.01 43.80 138.95
C ALA PA 220 -42.95 44.36 139.99
N THR PA 221 -43.42 45.58 139.75
CA THR PA 221 -44.34 46.24 140.68
C THR PA 221 -45.75 45.70 140.49
N ALA PA 222 -46.56 45.83 141.54
CA ALA PA 222 -47.94 45.38 141.48
C ALA PA 222 -48.73 46.25 140.51
N PRO PA 223 -49.43 45.67 139.55
CA PRO PA 223 -50.18 46.49 138.56
C PRO PA 223 -51.39 47.15 139.22
N THR PA 224 -51.36 48.47 139.30
CA THR PA 224 -52.46 49.26 139.84
C THR PA 224 -53.22 50.04 138.79
N THR PA 225 -52.71 50.10 137.55
CA THR PA 225 -53.35 50.81 136.47
C THR PA 225 -53.61 49.84 135.32
N ALA PA 226 -54.83 49.86 134.80
CA ALA PA 226 -55.19 48.96 133.72
C ALA PA 226 -54.42 49.31 132.44
N SER PA 227 -53.97 48.27 131.73
CA SER PA 227 -53.30 48.49 130.46
C SER PA 227 -54.24 49.14 129.46
N THR PA 228 -55.50 48.71 129.43
CA THR PA 228 -56.51 49.37 128.62
C THR PA 228 -57.88 49.15 129.24
N THR PA 229 -58.88 49.80 128.67
CA THR PA 229 -60.26 49.66 129.12
C THR PA 229 -61.16 49.56 127.89
N LEU PA 230 -61.61 48.34 127.58
CA LEU PA 230 -62.53 48.14 126.47
C LEU PA 230 -63.92 48.63 126.88
N LYS PA 231 -64.43 49.62 126.13
CA LYS PA 231 -65.72 50.23 126.39
C LYS PA 231 -66.59 50.11 125.15
N PHE PA 232 -67.83 49.68 125.33
CA PHE PA 232 -68.80 49.56 124.26
C PHE PA 232 -69.99 50.46 124.54
N ASN PA 233 -70.62 50.97 123.49
CA ASN PA 233 -71.75 51.88 123.63
C ASN PA 233 -73.01 51.11 124.03
N GLU PA 234 -74.12 51.84 124.10
CA GLU PA 234 -75.38 51.22 124.53
C GLU PA 234 -75.88 50.17 123.54
N ASN PA 235 -75.51 50.28 122.27
CA ASN PA 235 -75.92 49.31 121.27
C ASN PA 235 -74.93 48.15 121.15
N GLY PA 236 -73.84 48.16 121.92
CA GLY PA 236 -72.87 47.10 121.88
C GLY PA 236 -71.90 47.15 120.71
N ILE PA 237 -71.81 48.28 120.03
CA ILE PA 237 -70.93 48.41 118.86
C ILE PA 237 -69.64 49.10 119.29
N LEU PA 238 -68.51 48.47 118.95
CA LEU PA 238 -67.21 49.06 119.26
C LEU PA 238 -66.98 50.29 118.40
N GLU PA 239 -66.49 51.37 119.02
CA GLU PA 239 -66.25 52.62 118.33
C GLU PA 239 -64.77 52.96 118.21
N SER PA 240 -64.02 52.96 119.31
CA SER PA 240 -62.62 53.29 119.29
C SER PA 240 -61.94 52.65 120.50
N GLY PA 241 -60.61 52.61 120.44
CA GLY PA 241 -59.82 52.02 121.51
C GLY PA 241 -59.64 50.52 121.42
N GLY PA 242 -59.84 49.91 120.25
CA GLY PA 242 -59.68 48.48 120.09
C GLY PA 242 -58.25 47.99 120.08
N THR PA 243 -57.27 48.88 120.01
CA THR PA 243 -55.87 48.52 120.01
C THR PA 243 -55.18 49.20 121.17
N VAL PA 244 -54.31 48.46 121.86
CA VAL PA 244 -53.61 48.98 123.03
C VAL PA 244 -52.11 48.78 122.83
N ASN PA 245 -51.34 49.80 123.18
CA ASN PA 245 -49.88 49.71 123.12
C ASN PA 245 -49.35 49.08 124.40
N ILE PA 246 -48.68 47.94 124.26
CA ILE PA 246 -48.14 47.20 125.39
C ILE PA 246 -46.64 47.04 125.21
N THR PA 247 -45.90 47.34 126.28
CA THR PA 247 -44.45 47.21 126.30
C THR PA 247 -44.06 46.14 127.32
N THR PA 248 -43.27 45.16 126.88
CA THR PA 248 -42.86 44.09 127.76
C THR PA 248 -41.63 44.48 128.57
N GLY PA 249 -41.20 43.59 129.45
CA GLY PA 249 -40.04 43.83 130.27
C GLY PA 249 -38.74 43.60 129.52
N THR PA 250 -37.65 43.96 130.18
CA THR PA 250 -36.31 43.84 129.62
C THR PA 250 -35.62 42.64 130.27
N ILE PA 251 -35.40 41.59 129.49
CA ILE PA 251 -34.72 40.39 129.94
C ILE PA 251 -33.38 40.29 129.23
N ASN PA 252 -32.30 40.21 130.01
CA ASN PA 252 -30.94 40.08 129.48
C ASN PA 252 -30.57 41.25 128.57
N GLY PA 253 -31.09 42.44 128.89
CA GLY PA 253 -30.74 43.63 128.16
C GLY PA 253 -31.41 43.81 126.81
N ALA PA 254 -32.37 42.96 126.47
CA ALA PA 254 -33.05 43.06 125.19
C ALA PA 254 -33.89 44.33 125.12
N THR PA 255 -33.99 44.88 123.90
CA THR PA 255 -34.81 46.06 123.70
C THR PA 255 -36.27 45.75 124.00
N ALA PA 256 -36.92 46.65 124.74
CA ALA PA 256 -38.31 46.44 125.12
C ALA PA 256 -39.19 46.32 123.89
N ALA PA 257 -40.06 45.32 123.89
CA ALA PA 257 -40.94 45.07 122.76
C ALA PA 257 -42.26 45.81 122.94
N THR PA 258 -42.51 46.79 122.09
CA THR PA 258 -43.75 47.56 122.08
C THR PA 258 -44.60 47.05 120.93
N PHE PA 259 -45.83 46.63 121.23
CA PHE PA 259 -46.71 46.06 120.24
C PHE PA 259 -48.12 46.56 120.44
N SER PA 260 -48.97 46.32 119.45
CA SER PA 260 -50.38 46.68 119.50
C SER PA 260 -51.21 45.42 119.66
N LEU PA 261 -51.95 45.33 120.76
CA LEU PA 261 -52.82 44.20 121.04
C LEU PA 261 -54.27 44.60 120.76
N SER PA 262 -54.98 43.75 120.01
CA SER PA 262 -56.33 44.03 119.57
C SER PA 262 -57.28 42.93 120.02
N PHE PA 263 -58.39 43.33 120.66
CA PHE PA 263 -59.42 42.41 121.12
C PHE PA 263 -60.64 42.42 120.20
N LEU PA 264 -60.45 42.59 118.89
CA LEU PA 264 -61.56 42.69 117.97
C LEU PA 264 -62.29 41.35 117.88
N ASN PA 265 -63.58 41.43 117.53
CA ASN PA 265 -64.48 40.29 117.38
C ASN PA 265 -64.80 39.60 118.70
N SER PA 266 -64.48 40.23 119.83
CA SER PA 266 -64.87 39.69 121.12
C SER PA 266 -66.35 39.94 121.37
N MET PA 267 -67.07 38.87 121.72
CA MET PA 267 -68.51 38.94 121.92
C MET PA 267 -68.91 37.98 123.02
N GLN PA 268 -70.01 38.30 123.69
CA GLN PA 268 -70.53 37.49 124.79
C GLN PA 268 -71.91 36.96 124.37
N GLN PA 269 -72.17 35.70 124.71
CA GLN PA 269 -73.44 35.07 124.38
C GLN PA 269 -73.86 34.14 125.50
N ASN PA 270 -74.86 33.28 125.26
CA ASN PA 270 -75.30 32.31 126.24
C ASN PA 270 -74.43 31.04 126.20
N THR PA 271 -73.12 31.21 126.34
CA THR PA 271 -72.21 30.08 126.30
C THR PA 271 -72.35 29.22 127.55
N GLY PA 272 -72.11 27.92 127.40
CA GLY PA 272 -72.20 27.00 128.51
C GLY PA 272 -71.09 27.17 129.53
N ALA PA 273 -69.95 27.69 129.10
CA ALA PA 273 -68.80 27.87 129.99
C ALA PA 273 -67.86 28.95 129.45
N ASN PA 274 -66.74 29.15 130.13
CA ASN PA 274 -65.75 30.13 129.71
C ASN PA 274 -64.88 29.55 128.60
N ASN PA 275 -64.90 30.17 127.43
CA ASN PA 275 -64.17 29.69 126.27
C ASN PA 275 -63.41 30.84 125.63
N ILE PA 276 -62.13 30.60 125.33
CA ILE PA 276 -61.31 31.56 124.59
C ILE PA 276 -61.32 31.14 123.13
N VAL PA 277 -61.65 32.08 122.24
CA VAL PA 277 -61.82 31.76 120.83
C VAL PA 277 -60.49 31.55 120.13
N ALA PA 278 -59.64 32.57 120.07
CA ALA PA 278 -58.39 32.46 119.35
C ALA PA 278 -57.39 33.50 119.84
N THR PA 279 -56.11 33.16 119.74
CA THR PA 279 -55.01 34.07 120.02
C THR PA 279 -53.97 33.94 118.91
N ASN PA 280 -53.37 35.06 118.53
CA ASN PA 280 -52.37 35.06 117.48
C ASN PA 280 -51.39 36.19 117.69
N GLN PA 281 -50.15 35.95 117.27
CA GLN PA 281 -49.08 36.93 117.38
C GLN PA 281 -48.10 36.70 116.24
N ASN PA 282 -47.37 37.77 115.88
CA ASN PA 282 -46.51 37.76 114.71
C ASN PA 282 -45.03 37.60 115.05
N GLY PA 283 -44.68 37.39 116.31
CA GLY PA 283 -43.30 37.19 116.68
C GLY PA 283 -42.87 35.73 116.60
N TYR PA 284 -41.56 35.51 116.69
CA TYR PA 284 -41.01 34.17 116.63
C TYR PA 284 -39.65 34.17 117.34
N LYS PA 285 -39.18 32.96 117.64
CA LYS PA 285 -37.89 32.71 118.29
C LYS PA 285 -36.84 32.37 117.25
N PRO PA 286 -35.54 32.48 117.60
CA PRO PA 286 -34.49 32.11 116.64
C PRO PA 286 -34.60 30.67 116.16
N GLY PA 287 -34.34 30.44 114.89
CA GLY PA 287 -34.42 29.10 114.33
C GLY PA 287 -33.45 28.93 113.18
N ASP PA 288 -33.06 27.67 112.96
CA ASP PA 288 -32.19 27.30 111.86
C ASP PA 288 -33.01 26.52 110.82
N LEU PA 289 -32.47 26.48 109.59
CA LEU PA 289 -33.15 25.82 108.49
C LEU PA 289 -33.33 24.34 108.81
N VAL PA 290 -34.55 23.83 108.61
CA VAL PA 290 -34.88 22.45 108.86
C VAL PA 290 -35.20 21.71 107.56
N SER PA 291 -36.07 22.27 106.74
CA SER PA 291 -36.46 21.62 105.50
C SER PA 291 -36.76 22.66 104.44
N TYR PA 292 -36.80 22.21 103.19
CA TYR PA 292 -37.18 23.06 102.07
C TYR PA 292 -38.18 22.31 101.19
N GLN PA 293 -39.03 23.07 100.50
CA GLN PA 293 -40.06 22.48 99.67
C GLN PA 293 -40.38 23.41 98.51
N ILE PA 294 -40.94 22.82 97.45
CA ILE PA 294 -41.43 23.57 96.29
C ILE PA 294 -42.92 23.28 96.17
N ASN PA 295 -43.73 24.33 96.29
CA ASN PA 295 -45.17 24.18 96.30
C ASN PA 295 -45.71 24.05 94.88
N ASN PA 296 -47.04 23.92 94.78
CA ASN PA 296 -47.70 23.77 93.49
C ASN PA 296 -47.54 24.99 92.59
N ASP PA 297 -47.36 26.18 93.16
CA ASP PA 297 -47.20 27.40 92.37
C ASP PA 297 -45.74 27.73 92.09
N GLY PA 298 -44.81 26.87 92.49
CA GLY PA 298 -43.41 27.07 92.19
C GLY PA 298 -42.62 27.83 93.22
N THR PA 299 -43.25 28.34 94.27
CA THR PA 299 -42.53 29.09 95.29
C THR PA 299 -41.71 28.13 96.16
N VAL PA 300 -40.45 28.47 96.38
CA VAL PA 300 -39.56 27.70 97.23
C VAL PA 300 -39.70 28.23 98.64
N VAL PA 301 -40.08 27.35 99.58
CA VAL PA 301 -40.36 27.74 100.96
C VAL PA 301 -39.53 26.86 101.88
N GLY PA 302 -38.82 27.51 102.83
CA GLY PA 302 -38.04 26.81 103.81
C GLY PA 302 -38.74 26.85 105.17
N ASN PA 303 -38.84 25.68 105.78
CA ASN PA 303 -39.47 25.52 107.09
C ASN PA 303 -38.38 25.39 108.15
N TYR PA 304 -38.48 26.23 109.19
CA TYR PA 304 -37.51 26.31 110.26
C TYR PA 304 -38.06 25.63 111.52
N SER PA 305 -37.33 25.75 112.62
CA SER PA 305 -37.73 25.16 113.89
C SER PA 305 -38.69 26.03 114.70
N ASN PA 306 -38.84 27.31 114.34
CA ASN PA 306 -39.64 28.22 115.14
C ASN PA 306 -41.06 28.37 114.61
N GLU PA 307 -41.53 27.35 113.88
CA GLU PA 307 -42.85 27.36 113.27
C GLU PA 307 -43.03 28.62 112.42
N GLN PA 308 -42.03 28.88 111.59
CA GLN PA 308 -42.05 30.04 110.70
C GLN PA 308 -41.40 29.66 109.38
N GLU PA 309 -42.05 30.03 108.29
CA GLU PA 309 -41.57 29.66 106.96
C GLU PA 309 -41.09 30.90 106.21
N GLN PA 310 -39.98 30.74 105.49
CA GLN PA 310 -39.40 31.82 104.72
C GLN PA 310 -39.35 31.45 103.24
N VAL PA 311 -39.88 32.34 102.40
CA VAL PA 311 -39.79 32.10 100.96
C VAL PA 311 -38.40 32.52 100.47
N LEU PA 312 -37.80 31.67 99.64
CA LEU PA 312 -36.46 31.91 99.13
C LEU PA 312 -36.44 32.26 97.66
N GLY PA 313 -37.49 31.92 96.92
CA GLY PA 313 -37.58 32.27 95.52
C GLY PA 313 -38.73 31.54 94.86
N GLN PA 314 -39.10 32.04 93.69
CA GLN PA 314 -40.16 31.46 92.89
C GLN PA 314 -39.59 31.10 91.52
N ILE PA 315 -39.77 29.84 91.12
CA ILE PA 315 -39.24 29.41 89.83
C ILE PA 315 -40.02 30.08 88.71
N VAL PA 316 -39.32 30.82 87.88
CA VAL PA 316 -39.93 31.51 86.74
C VAL PA 316 -39.96 30.56 85.56
N LEU PA 317 -41.01 30.66 84.76
CA LEU PA 317 -41.17 29.85 83.57
C LEU PA 317 -41.22 30.75 82.34
N ALA PA 318 -40.78 30.21 81.20
CA ALA PA 318 -40.66 30.97 79.97
C ALA PA 318 -41.42 30.26 78.85
N ASN PA 319 -42.13 31.05 78.05
CA ASN PA 319 -42.86 30.53 76.90
C ASN PA 319 -42.47 31.36 75.68
N PHE PA 320 -42.41 30.72 74.52
CA PHE PA 320 -41.90 31.34 73.31
C PHE PA 320 -42.99 31.43 72.25
N ALA PA 321 -42.81 32.39 71.33
CA ALA PA 321 -43.71 32.51 70.21
C ALA PA 321 -43.66 31.29 69.30
N ASN PA 322 -42.47 30.75 69.06
CA ASN PA 322 -42.27 29.57 68.21
C ASN PA 322 -41.39 28.58 68.96
N ASN PA 323 -42.00 27.54 69.52
CA ASN PA 323 -41.22 26.53 70.21
C ASN PA 323 -40.27 25.80 69.27
N GLU PA 324 -40.67 25.59 68.02
CA GLU PA 324 -39.83 24.89 67.06
C GLU PA 324 -38.62 25.72 66.64
N GLY PA 325 -38.63 27.03 66.91
CA GLY PA 325 -37.51 27.87 66.55
C GLY PA 325 -36.36 27.86 67.53
N LEU PA 326 -36.51 27.17 68.66
CA LEU PA 326 -35.43 27.08 69.64
C LEU PA 326 -34.28 26.26 69.09
N ALA PA 327 -33.06 26.68 69.44
CA ALA PA 327 -31.85 25.97 69.05
C ALA PA 327 -31.36 25.12 70.22
N SER PA 328 -31.29 23.81 70.02
CA SER PA 328 -30.85 22.92 71.09
C SER PA 328 -29.34 23.05 71.29
N GLN PA 329 -28.93 23.16 72.55
CA GLN PA 329 -27.52 23.32 72.91
C GLN PA 329 -26.93 22.06 73.52
N GLY PA 330 -27.61 20.93 73.43
CA GLY PA 330 -27.13 19.70 74.03
C GLY PA 330 -27.54 19.57 75.48
N ASP PA 331 -27.26 18.38 76.03
CA ASP PA 331 -27.65 18.00 77.40
C ASP PA 331 -29.05 18.51 77.75
N ASN PA 332 -30.02 18.18 76.89
CA ASN PA 332 -31.42 18.63 77.00
C ASN PA 332 -31.52 20.09 77.43
N VAL PA 333 -30.88 20.99 76.67
CA VAL PA 333 -30.91 22.41 76.94
C VAL PA 333 -31.18 23.15 75.64
N TRP PA 334 -32.09 24.12 75.68
CA TRP PA 334 -32.44 24.93 74.52
C TRP PA 334 -31.92 26.34 74.73
N ALA PA 335 -31.78 27.08 73.62
CA ALA PA 335 -31.36 28.47 73.64
C ALA PA 335 -32.33 29.32 72.84
N ALA PA 336 -32.47 30.58 73.25
CA ALA PA 336 -33.32 31.50 72.50
C ALA PA 336 -32.65 31.90 71.20
N THR PA 337 -33.44 31.93 70.12
CA THR PA 337 -32.95 32.31 68.80
C THR PA 337 -33.93 33.32 68.22
N GLN PA 338 -33.61 33.89 67.06
CA GLN PA 338 -34.61 34.81 66.47
C GLN PA 338 -35.88 34.00 66.20
N ALA PA 339 -35.76 32.87 65.52
CA ALA PA 339 -36.98 32.16 65.14
C ALA PA 339 -37.89 31.89 66.33
N SER PA 340 -37.34 31.54 67.49
CA SER PA 340 -38.18 31.22 68.63
C SER PA 340 -38.83 32.45 69.23
N GLY PA 341 -38.26 33.63 68.99
CA GLY PA 341 -38.78 34.83 69.59
C GLY PA 341 -38.37 34.97 71.04
N VAL PA 342 -38.64 36.15 71.58
CA VAL PA 342 -38.13 36.51 72.90
C VAL PA 342 -38.95 35.81 73.97
N ALA PA 343 -38.27 35.41 75.05
CA ALA PA 343 -38.90 34.62 76.10
C ALA PA 343 -39.89 35.45 76.90
N LEU PA 344 -41.12 34.96 76.97
CA LEU PA 344 -42.16 35.58 77.79
C LEU PA 344 -42.16 34.90 79.15
N LEU PA 345 -41.87 35.67 80.19
CA LEU PA 345 -41.67 35.11 81.53
C LEU PA 345 -42.96 35.16 82.33
N GLY PA 346 -43.07 34.27 83.31
CA GLY PA 346 -44.24 34.26 84.16
C GLY PA 346 -44.12 33.20 85.23
N THR PA 347 -45.24 32.98 85.92
CA THR PA 347 -45.32 32.03 87.01
C THR PA 347 -46.27 30.89 86.63
N ALA PA 348 -46.08 29.75 87.28
CA ALA PA 348 -46.90 28.58 87.00
C ALA PA 348 -48.32 28.77 87.52
N GLY PA 349 -49.29 28.24 86.78
CA GLY PA 349 -50.68 28.32 87.18
C GLY PA 349 -51.37 29.62 86.87
N SER PA 350 -50.68 30.58 86.26
CA SER PA 350 -51.27 31.85 85.89
C SER PA 350 -50.89 32.20 84.46
N GLY PA 351 -51.74 32.96 83.80
CA GLY PA 351 -51.50 33.33 82.42
C GLY PA 351 -51.55 32.12 81.52
N ASN PA 352 -50.55 31.98 80.65
CA ASN PA 352 -50.47 30.88 79.70
C ASN PA 352 -49.45 29.82 80.12
N PHE PA 353 -49.28 29.58 81.42
CA PHE PA 353 -48.42 28.52 81.93
C PHE PA 353 -49.27 27.55 82.75
N GLY PA 354 -49.00 26.25 82.56
CA GLY PA 354 -49.64 25.24 83.38
C GLY PA 354 -48.96 25.11 84.74
N LYS PA 355 -49.61 24.34 85.61
CA LYS PA 355 -49.07 24.16 86.95
C LYS PA 355 -47.96 23.12 86.95
N LEU PA 356 -47.04 23.26 87.90
CA LEU PA 356 -45.92 22.34 88.02
C LEU PA 356 -46.23 21.26 89.05
N THR PA 357 -45.72 20.06 88.80
CA THR PA 357 -45.90 18.93 89.71
C THR PA 357 -44.59 18.67 90.44
N ASN PA 358 -44.64 18.66 91.77
CA ASN PA 358 -43.45 18.43 92.57
C ASN PA 358 -43.24 16.94 92.82
N GLY PA 359 -41.97 16.54 92.87
CA GLY PA 359 -41.64 15.15 93.10
C GLY PA 359 -41.83 14.24 91.92
N ALA PA 360 -41.92 14.79 90.71
CA ALA PA 360 -42.10 13.99 89.51
C ALA PA 360 -41.20 14.53 88.41
N LEU PA 361 -40.85 13.66 87.46
CA LEU PA 361 -40.02 14.01 86.33
C LEU PA 361 -40.74 13.69 85.04
N GLU PA 362 -40.64 14.60 84.07
CA GLU PA 362 -41.31 14.43 82.79
C GLU PA 362 -40.42 13.59 81.88
N ALA PA 363 -40.93 12.42 81.47
CA ALA PA 363 -40.20 11.55 80.57
C ALA PA 363 -40.29 12.07 79.14
N SER PA 364 -39.54 11.43 78.24
CA SER PA 364 -39.51 11.85 76.85
C SER PA 364 -40.84 11.51 76.16
N ASN PA 365 -40.97 11.96 74.92
CA ASN PA 365 -42.19 11.74 74.13
C ASN PA 365 -41.91 10.87 72.91
N VAL PA 366 -41.01 9.89 73.03
CA VAL PA 366 -40.61 9.05 71.91
C VAL PA 366 -41.21 7.66 72.10
N ASP PA 367 -41.94 7.19 71.09
CA ASP PA 367 -42.50 5.85 71.11
C ASP PA 367 -41.64 4.93 70.26
N LEU PA 368 -41.23 3.80 70.83
CA LEU PA 368 -40.24 2.92 70.22
C LEU PA 368 -40.76 2.22 68.96
N SER PA 369 -42.01 1.75 68.97
CA SER PA 369 -42.53 1.05 67.81
C SER PA 369 -42.59 1.95 66.58
N LYS PA 370 -43.01 3.20 66.78
CA LYS PA 370 -43.05 4.16 65.68
C LYS PA 370 -41.65 4.40 65.14
N GLU PA 371 -40.66 4.50 66.03
CA GLU PA 371 -39.28 4.68 65.59
C GLU PA 371 -38.78 3.48 64.80
N LEU PA 372 -39.13 2.27 65.23
CA LEU PA 372 -38.71 1.08 64.49
C LEU PA 372 -39.34 1.04 63.10
N VAL PA 373 -40.63 1.37 62.99
CA VAL PA 373 -41.29 1.39 61.69
C VAL PA 373 -40.66 2.45 60.79
N ASN PA 374 -40.39 3.64 61.35
CA ASN PA 374 -39.75 4.70 60.58
C ASN PA 374 -38.36 4.28 60.13
N MET PA 375 -37.63 3.56 60.99
CA MET PA 375 -36.30 3.08 60.62
C MET PA 375 -36.38 2.09 59.46
N ILE PA 376 -37.37 1.19 59.48
CA ILE PA 376 -37.54 0.25 58.39
C ILE PA 376 -37.84 0.99 57.09
N VAL PA 377 -38.86 1.85 57.14
CA VAL PA 377 -39.28 2.62 55.93
C VAL PA 377 -38.07 3.42 55.45
N ALA PA 378 -37.38 4.08 56.38
CA ALA PA 378 -36.18 4.85 56.00
C ALA PA 378 -35.21 3.92 55.29
N GLN PA 379 -34.85 2.80 55.92
CA GLN PA 379 -33.82 1.94 55.28
C GLN PA 379 -34.24 1.76 53.82
N ARG PA 380 -35.48 1.35 53.57
CA ARG PA 380 -35.90 1.06 52.18
C ARG PA 380 -35.64 2.33 51.37
N ASN PA 381 -35.92 3.49 51.93
CA ASN PA 381 -35.73 4.69 51.10
C ASN PA 381 -34.25 4.77 50.72
N TYR PA 382 -33.34 4.57 51.67
CA TYR PA 382 -31.88 4.69 51.43
C TYR PA 382 -31.43 3.65 50.42
N GLN PA 383 -32.02 2.45 50.46
CA GLN PA 383 -31.65 1.38 49.50
C GLN PA 383 -32.17 1.76 48.11
N SER PA 384 -33.42 2.19 48.00
CA SER PA 384 -33.92 2.61 46.69
C SER PA 384 -33.05 3.71 46.09
N ASN PA 385 -32.63 4.67 46.92
CA ASN PA 385 -31.74 5.71 46.45
C ASN PA 385 -30.39 5.13 46.00
N ALA PA 386 -29.89 4.13 46.74
CA ALA PA 386 -28.67 3.46 46.33
C ALA PA 386 -28.86 2.73 45.00
N GLN PA 387 -30.05 2.17 44.78
CA GLN PA 387 -30.33 1.54 43.49
C GLN PA 387 -30.32 2.56 42.37
N THR PA 388 -30.86 3.75 42.62
CA THR PA 388 -30.78 4.82 41.62
C THR PA 388 -29.33 5.19 41.34
N ILE PA 389 -28.52 5.29 42.39
CA ILE PA 389 -27.10 5.58 42.24
C ILE PA 389 -26.43 4.54 41.36
N LYS PA 390 -26.72 3.26 41.62
CA LYS PA 390 -26.11 2.18 40.87
C LYS PA 390 -26.58 2.18 39.41
N THR PA 391 -27.85 2.56 39.18
CA THR PA 391 -28.35 2.66 37.82
C THR PA 391 -27.59 3.72 37.04
N GLN PA 392 -27.39 4.90 37.65
CA GLN PA 392 -26.61 5.94 36.99
C GLN PA 392 -25.18 5.50 36.78
N ASP PA 393 -24.62 4.77 37.76
CA ASP PA 393 -23.26 4.25 37.63
C ASP PA 393 -23.13 3.33 36.43
N GLN PA 394 -24.06 2.38 36.28
CA GLN PA 394 -24.00 1.45 35.15
C GLN PA 394 -24.25 2.16 33.83
N ILE PA 395 -24.94 3.29 33.83
CA ILE PA 395 -25.26 4.02 32.56
C ILE PA 395 -24.03 4.78 32.04
N LEU PA 396 -23.39 5.56 32.90
CA LEU PA 396 -22.15 6.24 32.45
C LEU PA 396 -21.13 5.17 32.08
N ASN PA 397 -21.14 4.00 32.73
CA ASN PA 397 -20.14 3.02 32.26
C ASN PA 397 -20.47 2.71 30.80
N THR PA 398 -21.65 2.18 30.52
CA THR PA 398 -22.05 1.91 29.12
C THR PA 398 -21.49 3.01 28.25
N LEU PA 399 -21.75 4.27 28.59
CA LEU PA 399 -21.30 5.36 27.66
C LEU PA 399 -19.78 5.49 27.70
N VAL PA 400 -19.15 5.09 28.80
CA VAL PA 400 -17.69 5.21 28.75
C VAL PA 400 -17.07 4.06 27.96
N ASN PA 401 -17.60 2.85 28.16
CA ASN PA 401 -16.97 1.68 27.54
C ASN PA 401 -17.16 1.66 26.03
N LEU PA 402 -18.00 2.55 25.49
CA LEU PA 402 -18.20 2.65 24.06
C LEU PA 402 -16.89 2.98 23.33
N SER QA 2 -43.93 -8.07 26.46
CA SER QA 2 -42.60 -7.73 26.94
C SER QA 2 -42.63 -7.33 28.41
N PHE QA 3 -42.23 -6.09 28.69
CA PHE QA 3 -42.18 -5.61 30.07
C PHE QA 3 -43.57 -5.28 30.58
N SER QA 4 -44.51 -4.97 29.66
CA SER QA 4 -45.83 -4.53 30.05
C SER QA 4 -46.58 -5.59 30.85
N GLN QA 5 -46.43 -6.85 30.45
CA GLN QA 5 -47.08 -7.94 31.16
C GLN QA 5 -46.59 -8.02 32.60
N ALA QA 6 -45.28 -7.94 32.80
CA ALA QA 6 -44.72 -8.05 34.14
C ALA QA 6 -45.10 -6.85 35.01
N VAL QA 7 -45.09 -5.64 34.44
CA VAL QA 7 -45.46 -4.48 35.26
C VAL QA 7 -46.94 -4.57 35.64
N SER QA 8 -47.79 -5.02 34.71
CA SER QA 8 -49.21 -5.16 35.03
C SER QA 8 -49.42 -6.20 36.13
N GLY QA 9 -48.71 -7.32 36.04
CA GLY QA 9 -48.84 -8.35 37.08
C GLY QA 9 -48.37 -7.85 38.43
N LEU QA 10 -47.23 -7.16 38.45
CA LEU QA 10 -46.70 -6.62 39.70
C LEU QA 10 -47.65 -5.58 40.30
N ASN QA 11 -48.23 -4.72 39.45
CA ASN QA 11 -49.18 -3.74 39.94
C ASN QA 11 -50.42 -4.41 40.52
N ALA QA 12 -50.93 -5.45 39.86
CA ALA QA 12 -52.08 -6.17 40.39
C ALA QA 12 -51.76 -6.81 41.73
N ALA QA 13 -50.58 -7.43 41.85
CA ALA QA 13 -50.19 -8.04 43.11
C ALA QA 13 -50.06 -6.99 44.22
N ALA QA 14 -49.47 -5.84 43.89
CA ALA QA 14 -49.33 -4.77 44.87
C ALA QA 14 -50.69 -4.24 45.30
N THR QA 15 -51.63 -4.10 44.36
CA THR QA 15 -52.97 -3.65 44.69
C THR QA 15 -53.66 -4.64 45.62
N ASN QA 16 -53.53 -5.93 45.32
CA ASN QA 16 -54.11 -6.95 46.20
C ASN QA 16 -53.50 -6.89 47.59
N LEU QA 17 -52.17 -6.71 47.66
CA LEU QA 17 -51.51 -6.61 48.95
C LEU QA 17 -52.01 -5.39 49.74
N ASP QA 18 -52.18 -4.25 49.05
CA ASP QA 18 -52.70 -3.06 49.71
C ASP QA 18 -54.13 -3.28 50.21
N VAL QA 19 -54.96 -3.97 49.42
CA VAL QA 19 -56.32 -4.26 49.84
C VAL QA 19 -56.32 -5.11 51.10
N ILE QA 20 -55.50 -6.16 51.11
CA ILE QA 20 -55.46 -7.06 52.28
C ILE QA 20 -54.91 -6.33 53.50
N GLY QA 21 -53.90 -5.47 53.29
CA GLY QA 21 -53.38 -4.69 54.39
C GLY QA 21 -54.39 -3.73 54.97
N ASN QA 22 -55.18 -3.08 54.10
CA ASN QA 22 -56.25 -2.21 54.56
C ASN QA 22 -57.30 -2.99 55.33
N ASN QA 23 -57.61 -4.21 54.86
CA ASN QA 23 -58.57 -5.06 55.57
C ASN QA 23 -58.04 -5.41 56.96
N ILE QA 24 -56.76 -5.75 57.06
CA ILE QA 24 -56.17 -6.08 58.35
C ILE QA 24 -56.17 -4.87 59.28
N ALA QA 25 -55.80 -3.70 58.75
CA ALA QA 25 -55.75 -2.50 59.56
C ALA QA 25 -57.13 -2.15 60.14
N ASN QA 26 -58.19 -2.48 59.41
CA ASN QA 26 -59.55 -2.24 59.87
C ASN QA 26 -60.20 -3.50 60.43
N SER QA 27 -59.39 -4.38 61.01
CA SER QA 27 -59.93 -5.67 61.52
C SER QA 27 -61.02 -5.38 62.56
N ALA QA 28 -61.00 -4.19 63.15
CA ALA QA 28 -61.98 -3.89 64.22
C ALA QA 28 -62.78 -2.62 63.88
N THR QA 29 -62.44 -1.95 62.79
CA THR QA 29 -63.25 -0.77 62.37
C THR QA 29 -64.72 -1.18 62.37
N TYR QA 30 -65.49 -0.71 63.35
CA TYR QA 30 -66.90 -1.16 63.46
C TYR QA 30 -67.65 -0.90 62.14
N GLY QA 31 -68.24 -1.94 61.56
CA GLY QA 31 -69.03 -1.77 60.32
C GLY QA 31 -68.17 -1.87 59.08
N PHE QA 32 -66.85 -2.02 59.23
CA PHE QA 32 -65.95 -2.03 58.06
C PHE QA 32 -66.23 -3.24 57.18
N LYS QA 33 -66.86 -3.05 56.03
CA LYS QA 33 -67.03 -4.16 55.12
C LYS QA 33 -65.74 -4.41 54.35
N SER QA 34 -65.29 -5.66 54.32
CA SER QA 34 -64.04 -6.01 53.67
C SER QA 34 -64.13 -5.81 52.16
N GLY QA 35 -62.96 -5.76 51.52
CA GLY QA 35 -62.88 -5.57 50.09
C GLY QA 35 -62.07 -6.67 49.43
N THR QA 36 -62.38 -6.93 48.15
CA THR QA 36 -61.68 -7.94 47.37
C THR QA 36 -61.41 -7.38 45.98
N ALA QA 37 -60.20 -7.60 45.48
CA ALA QA 37 -59.82 -7.09 44.16
C ALA QA 37 -60.26 -8.05 43.07
N SER QA 38 -60.73 -7.51 41.95
CA SER QA 38 -61.11 -8.29 40.78
C SER QA 38 -60.16 -8.00 39.63
N PHE QA 39 -59.74 -9.05 38.94
CA PHE QA 39 -58.74 -8.94 37.88
C PHE QA 39 -59.30 -9.42 36.55
N ALA QA 40 -58.88 -8.75 35.48
CA ALA QA 40 -59.27 -9.10 34.11
C ALA QA 40 -58.06 -8.96 33.19
N ASP QA 41 -58.05 -9.74 32.13
CA ASP QA 41 -56.92 -9.74 31.20
C ASP QA 41 -57.17 -8.79 30.03
N MET QA 42 -56.12 -8.55 29.25
CA MET QA 42 -56.18 -7.60 28.15
C MET QA 42 -55.73 -8.18 26.82
N PHE QA 43 -56.28 -9.33 26.43
CA PHE QA 43 -56.03 -9.84 25.08
C PHE QA 43 -56.39 -8.78 24.06
N ALA QA 44 -55.45 -8.51 23.13
CA ALA QA 44 -55.59 -7.42 22.17
C ALA QA 44 -55.07 -7.89 20.81
N GLY QA 45 -55.97 -8.39 19.97
CA GLY QA 45 -55.62 -8.79 18.63
C GLY QA 45 -54.88 -10.11 18.58
N SER QA 46 -53.62 -10.12 19.03
CA SER QA 46 -52.85 -11.34 19.06
C SER QA 46 -53.32 -12.22 20.22
N LYS QA 47 -53.00 -13.52 20.11
CA LYS QA 47 -53.37 -14.47 21.15
C LYS QA 47 -52.45 -14.43 22.36
N VAL QA 48 -51.49 -13.51 22.39
CA VAL QA 48 -50.52 -13.47 23.47
C VAL QA 48 -51.16 -13.14 24.82
N GLY QA 49 -52.22 -12.34 24.85
CA GLY QA 49 -52.84 -12.00 26.12
C GLY QA 49 -51.97 -11.08 26.95
N LEU QA 50 -51.87 -9.82 26.52
CA LEU QA 50 -50.85 -8.89 27.04
C LEU QA 50 -50.70 -8.91 28.55
N GLY QA 51 -51.71 -8.56 29.31
CA GLY QA 51 -51.54 -8.49 30.75
C GLY QA 51 -52.82 -8.61 31.53
N VAL QA 52 -52.77 -8.10 32.76
CA VAL QA 52 -53.91 -8.14 33.67
C VAL QA 52 -54.22 -6.72 34.15
N LYS QA 53 -55.49 -6.48 34.45
CA LYS QA 53 -55.94 -5.20 34.95
C LYS QA 53 -56.91 -5.42 36.10
N VAL QA 54 -56.96 -4.44 37.01
CA VAL QA 54 -57.87 -4.50 38.14
C VAL QA 54 -59.24 -4.01 37.68
N ALA QA 55 -60.20 -4.92 37.56
CA ALA QA 55 -61.55 -4.55 37.17
C ALA QA 55 -62.22 -3.68 38.22
N GLY QA 56 -61.87 -3.86 39.49
CA GLY QA 56 -62.41 -3.03 40.54
C GLY QA 56 -62.13 -3.64 41.90
N ILE QA 57 -62.62 -2.96 42.92
CA ILE QA 57 -62.61 -3.46 44.29
C ILE QA 57 -64.07 -3.64 44.71
N THR QA 58 -64.42 -4.87 45.07
CA THR QA 58 -65.79 -5.22 45.44
C THR QA 58 -65.90 -5.36 46.95
N GLN QA 59 -66.91 -4.69 47.51
CA GLN QA 59 -67.17 -4.78 48.93
C GLN QA 59 -67.97 -6.04 49.25
N ASP QA 60 -67.62 -6.69 50.34
CA ASP QA 60 -68.31 -7.89 50.83
C ASP QA 60 -69.31 -7.43 51.89
N PHE QA 61 -70.53 -7.17 51.47
CA PHE QA 61 -71.58 -6.64 52.34
C PHE QA 61 -72.24 -7.76 53.16
N THR QA 62 -71.42 -8.56 53.84
CA THR QA 62 -71.93 -9.60 54.72
C THR QA 62 -72.16 -9.02 56.11
N ASP QA 63 -73.20 -9.53 56.78
CA ASP QA 63 -73.49 -9.05 58.13
C ASP QA 63 -72.38 -9.46 59.09
N GLY QA 64 -71.87 -8.48 59.84
CA GLY QA 64 -70.84 -8.76 60.82
C GLY QA 64 -71.43 -9.17 62.15
N THR QA 65 -70.54 -9.60 63.04
CA THR QA 65 -70.96 -9.97 64.39
C THR QA 65 -71.43 -8.75 65.15
N THR QA 66 -72.52 -8.90 65.90
CA THR QA 66 -73.12 -7.82 66.64
C THR QA 66 -72.77 -7.93 68.12
N THR QA 67 -72.12 -6.91 68.65
CA THR QA 67 -71.62 -6.91 70.03
C THR QA 67 -72.30 -5.82 70.82
N ASN QA 68 -72.78 -6.16 72.01
CA ASN QA 68 -73.42 -5.19 72.89
C ASN QA 68 -72.37 -4.25 73.48
N THR QA 69 -72.65 -2.95 73.44
CA THR QA 69 -71.75 -1.94 74.00
C THR QA 69 -72.33 -1.19 75.19
N GLY QA 70 -73.65 -1.25 75.39
CA GLY QA 70 -74.27 -0.65 76.56
C GLY QA 70 -74.62 0.81 76.45
N ARG QA 71 -74.44 1.43 75.29
CA ARG QA 71 -74.79 2.84 75.10
C ARG QA 71 -76.17 2.93 74.46
N GLY QA 72 -76.97 3.89 74.90
CA GLY QA 72 -78.31 4.09 74.40
C GLY QA 72 -78.40 4.52 72.95
N LEU QA 73 -77.30 4.98 72.36
CA LEU QA 73 -77.29 5.40 70.97
C LEU QA 73 -76.58 4.43 70.04
N ASP QA 74 -75.84 3.47 70.59
CA ASP QA 74 -75.18 2.45 69.78
C ASP QA 74 -76.23 1.46 69.29
N VAL QA 75 -76.67 1.63 68.05
CA VAL QA 75 -77.72 0.78 67.48
C VAL QA 75 -77.13 0.08 66.26
N ALA QA 76 -77.27 -1.24 66.21
CA ALA QA 76 -76.77 -2.02 65.10
C ALA QA 76 -77.92 -2.40 64.17
N ILE QA 77 -77.60 -2.62 62.91
CA ILE QA 77 -78.61 -2.96 61.91
C ILE QA 77 -78.33 -4.35 61.36
N SER QA 78 -79.31 -5.24 61.47
CA SER QA 78 -79.18 -6.57 60.90
C SER QA 78 -79.71 -6.59 59.47
N GLN QA 79 -79.24 -7.54 58.68
CA GLN QA 79 -79.68 -7.75 57.29
C GLN QA 79 -79.32 -6.50 56.49
N ASN QA 80 -80.15 -6.15 55.52
CA ASN QA 80 -79.84 -5.04 54.61
C ASN QA 80 -80.33 -3.72 55.16
N GLY QA 81 -79.86 -2.64 54.56
CA GLY QA 81 -80.23 -1.28 54.95
C GLY QA 81 -79.00 -0.48 55.32
N PHE QA 82 -79.13 0.84 55.23
CA PHE QA 82 -78.07 1.77 55.57
C PHE QA 82 -78.61 2.96 56.34
N PHE QA 83 -77.87 3.38 57.35
CA PHE QA 83 -78.20 4.63 58.04
C PHE QA 83 -77.93 5.81 57.11
N ARG QA 84 -78.77 6.84 57.21
CA ARG QA 84 -78.71 7.99 56.33
C ARG QA 84 -78.20 9.19 57.12
N LEU QA 85 -77.27 9.94 56.53
CA LEU QA 85 -76.67 11.11 57.14
C LEU QA 85 -76.66 12.27 56.16
N VAL QA 86 -76.66 13.49 56.70
CA VAL QA 86 -76.59 14.71 55.91
C VAL QA 86 -75.54 15.63 56.52
N ASP QA 87 -74.77 16.30 55.68
CA ASP QA 87 -73.73 17.21 56.13
C ASP QA 87 -74.28 18.65 56.17
N SER QA 88 -73.38 19.59 56.49
CA SER QA 88 -73.76 21.00 56.48
C SER QA 88 -73.88 21.55 55.07
N ASN QA 89 -73.33 20.85 54.08
CA ASN QA 89 -73.41 21.29 52.69
C ASN QA 89 -74.56 20.63 51.92
N GLY QA 90 -75.38 19.82 52.59
CA GLY QA 90 -76.52 19.20 51.95
C GLY QA 90 -76.26 17.87 51.30
N SER QA 91 -75.02 17.40 51.26
CA SER QA 91 -74.72 16.11 50.65
C SER QA 91 -75.21 14.98 51.53
N VAL QA 92 -75.83 13.98 50.90
CA VAL QA 92 -76.40 12.84 51.61
C VAL QA 92 -75.44 11.67 51.52
N PHE QA 93 -75.16 11.05 52.67
CA PHE QA 93 -74.26 9.91 52.75
C PHE QA 93 -74.98 8.76 53.46
N TYR QA 94 -74.44 7.56 53.31
CA TYR QA 94 -75.02 6.36 53.89
C TYR QA 94 -73.95 5.52 54.55
N SER QA 95 -74.21 5.10 55.78
CA SER QA 95 -73.23 4.41 56.60
C SER QA 95 -73.92 3.39 57.50
N ARG QA 96 -73.21 2.28 57.76
CA ARG QA 96 -73.72 1.23 58.63
C ARG QA 96 -73.24 1.38 60.08
N ASN QA 97 -72.45 2.41 60.38
CA ASN QA 97 -71.96 2.62 61.73
C ASN QA 97 -73.06 3.25 62.57
N GLY QA 98 -73.13 2.89 63.85
CA GLY QA 98 -74.22 3.33 64.70
C GLY QA 98 -73.79 4.06 65.95
N GLN QA 99 -72.60 4.65 65.93
CA GLN QA 99 -72.11 5.40 67.09
C GLN QA 99 -72.62 6.84 66.97
N PHE QA 100 -73.67 7.15 67.71
CA PHE QA 100 -74.29 8.46 67.69
C PHE QA 100 -74.05 9.19 69.01
N LYS QA 101 -73.89 10.51 68.92
CA LYS QA 101 -73.89 11.39 70.09
C LYS QA 101 -74.68 12.65 69.75
N LEU QA 102 -74.83 13.51 70.74
CA LEU QA 102 -75.53 14.77 70.59
C LEU QA 102 -74.52 15.91 70.44
N ASP QA 103 -74.76 16.78 69.46
CA ASP QA 103 -73.88 17.89 69.16
C ASP QA 103 -74.26 19.14 69.96
N GLU QA 104 -73.68 20.28 69.59
CA GLU QA 104 -73.95 21.55 70.28
C GLU QA 104 -75.43 21.89 70.27
N ASN QA 105 -76.11 21.67 69.15
CA ASN QA 105 -77.55 21.85 69.08
C ASN QA 105 -78.32 20.60 69.48
N ARG QA 106 -77.64 19.63 70.10
CA ARG QA 106 -78.22 18.39 70.60
C ARG QA 106 -78.83 17.53 69.50
N ASN QA 107 -78.27 17.56 68.29
CA ASN QA 107 -78.69 16.69 67.21
C ASN QA 107 -77.84 15.42 67.20
N LEU QA 108 -78.43 14.34 66.67
CA LEU QA 108 -77.76 13.05 66.63
C LEU QA 108 -76.65 13.09 65.57
N VAL QA 109 -75.41 12.94 66.00
CA VAL QA 109 -74.27 13.07 65.11
C VAL QA 109 -73.29 11.92 65.34
N ASN QA 110 -72.51 11.64 64.30
CA ASN QA 110 -71.45 10.65 64.34
C ASN QA 110 -70.17 11.27 64.93
N MET QA 111 -69.03 10.64 64.68
CA MET QA 111 -67.75 11.21 65.10
C MET QA 111 -67.45 12.53 64.40
N GLN QA 112 -67.70 12.60 63.10
CA GLN QA 112 -67.32 13.76 62.30
C GLN QA 112 -68.31 14.91 62.42
N GLY QA 113 -69.38 14.74 63.17
CA GLY QA 113 -70.49 15.65 63.09
C GLY QA 113 -71.55 15.25 62.08
N MET QA 114 -71.50 14.01 61.60
CA MET QA 114 -72.46 13.54 60.60
C MET QA 114 -73.86 13.48 61.18
N GLN QA 115 -74.73 14.39 60.72
CA GLN QA 115 -76.06 14.53 61.31
C GLN QA 115 -76.96 13.40 60.88
N LEU QA 116 -77.59 12.74 61.84
CA LEU QA 116 -78.58 11.72 61.55
C LEU QA 116 -79.84 12.38 60.98
N THR QA 117 -80.46 11.71 60.02
CA THR QA 117 -81.72 12.17 59.45
C THR QA 117 -82.74 11.05 59.45
N GLY QA 118 -84.01 11.42 59.32
CA GLY QA 118 -85.07 10.43 59.32
C GLY QA 118 -86.42 11.10 59.15
N TYR QA 119 -87.46 10.28 59.30
CA TYR QA 119 -88.81 10.80 59.22
C TYR QA 119 -89.13 11.62 60.47
N PRO QA 120 -89.48 12.89 60.33
CA PRO QA 120 -89.78 13.70 61.50
C PRO QA 120 -91.21 13.52 61.96
N ALA QA 121 -91.53 14.12 63.10
CA ALA QA 121 -92.88 14.12 63.63
C ALA QA 121 -93.55 15.46 63.35
N THR QA 122 -94.71 15.43 62.70
CA THR QA 122 -95.40 16.64 62.29
C THR QA 122 -96.84 16.59 62.79
N GLY QA 123 -97.44 17.77 62.90
CA GLY QA 123 -98.81 17.88 63.36
C GLY QA 123 -98.90 18.29 64.82
N THR QA 124 -100.15 18.42 65.27
CA THR QA 124 -100.44 18.80 66.65
C THR QA 124 -101.47 17.85 67.24
N PRO QA 125 -101.06 16.86 68.05
CA PRO QA 125 -99.69 16.55 68.48
C PRO QA 125 -98.87 15.94 67.35
N PRO QA 126 -97.54 16.07 67.41
CA PRO QA 126 -96.71 15.52 66.33
C PRO QA 126 -96.89 14.01 66.19
N THR QA 127 -96.91 13.56 64.93
CA THR QA 127 -97.11 12.15 64.61
C THR QA 127 -96.09 11.73 63.57
N ILE QA 128 -95.78 10.43 63.56
CA ILE QA 128 -94.81 9.89 62.61
C ILE QA 128 -95.46 9.83 61.22
N GLN QA 129 -94.83 10.50 60.26
CA GLN QA 129 -95.33 10.55 58.89
C GLN QA 129 -94.30 9.90 57.97
N GLN QA 130 -94.61 8.68 57.53
CA GLN QA 130 -93.72 7.96 56.63
C GLN QA 130 -93.61 8.63 55.26
N GLY QA 131 -94.64 9.36 54.83
CA GLY QA 131 -94.58 10.05 53.57
C GLY QA 131 -93.86 11.38 53.59
N ALA QA 132 -93.53 11.89 54.78
CA ALA QA 132 -92.83 13.15 54.89
C ALA QA 132 -91.37 13.02 54.45
N ASN QA 133 -90.81 14.13 54.02
CA ASN QA 133 -89.41 14.13 53.58
C ASN QA 133 -88.49 13.84 54.77
N PRO QA 134 -87.40 13.11 54.55
CA PRO QA 134 -86.46 12.86 55.65
C PRO QA 134 -85.82 14.14 56.15
N ALA QA 135 -85.87 14.33 57.47
CA ALA QA 135 -85.34 15.51 58.13
C ALA QA 135 -84.41 15.11 59.26
N PRO QA 136 -83.46 15.96 59.62
CA PRO QA 136 -82.56 15.64 60.74
C PRO QA 136 -83.35 15.44 62.03
N ILE QA 137 -82.92 14.47 62.83
CA ILE QA 137 -83.58 14.20 64.11
C ILE QA 137 -83.03 15.15 65.16
N THR QA 138 -83.93 15.91 65.79
CA THR QA 138 -83.56 16.91 66.78
C THR QA 138 -84.13 16.53 68.14
N ILE QA 139 -83.33 16.70 69.18
CA ILE QA 139 -83.74 16.35 70.53
C ILE QA 139 -83.52 17.57 71.43
N PRO QA 140 -84.40 18.57 71.40
CA PRO QA 140 -84.23 19.74 72.26
C PRO QA 140 -84.49 19.40 73.72
N ASN QA 141 -83.90 20.19 74.60
CA ASN QA 141 -84.09 20.05 76.04
C ASN QA 141 -85.20 20.97 76.57
N THR QA 142 -85.93 21.63 75.68
CA THR QA 142 -86.99 22.54 76.10
C THR QA 142 -88.11 21.77 76.79
N LEU QA 143 -88.68 22.40 77.82
CA LEU QA 143 -89.73 21.78 78.61
C LEU QA 143 -91.04 21.71 77.82
N MET QA 144 -91.86 20.71 78.17
CA MET QA 144 -93.11 20.44 77.49
C MET QA 144 -94.23 21.25 78.11
N ALA QA 145 -95.04 21.89 77.27
CA ALA QA 145 -96.20 22.66 77.74
C ALA QA 145 -97.31 21.68 78.12
N ALA QA 146 -98.46 22.21 78.55
CA ALA QA 146 -99.58 21.38 78.97
C ALA QA 146 -100.74 21.50 77.99
N LYS QA 147 -101.41 20.38 77.76
CA LYS QA 147 -102.57 20.31 76.88
C LYS QA 147 -103.82 20.12 77.73
N SER QA 148 -104.80 21.00 77.56
CA SER QA 148 -106.04 20.91 78.32
C SER QA 148 -106.77 19.62 78.00
N THR QA 149 -107.31 18.97 79.04
CA THR QA 149 -108.03 17.72 78.84
C THR QA 149 -109.31 17.96 78.06
N THR QA 150 -109.51 17.16 77.00
CA THR QA 150 -110.67 17.28 76.14
C THR QA 150 -111.56 16.04 76.16
N THR QA 151 -110.99 14.85 76.34
CA THR QA 151 -111.77 13.62 76.42
C THR QA 151 -111.24 12.77 77.56
N ALA QA 152 -112.15 12.35 78.43
CA ALA QA 152 -111.83 11.43 79.52
C ALA QA 152 -112.90 10.35 79.57
N SER QA 153 -112.52 9.17 80.05
CA SER QA 153 -113.42 8.04 80.08
C SER QA 153 -113.14 7.15 81.28
N MET QA 154 -114.19 6.59 81.85
CA MET QA 154 -114.05 5.62 82.93
C MET QA 154 -115.03 4.48 82.70
N GLN QA 155 -114.51 3.27 82.54
CA GLN QA 155 -115.32 2.06 82.55
C GLN QA 155 -115.21 1.42 83.92
N ILE QA 156 -116.34 1.33 84.62
CA ILE QA 156 -116.37 0.89 86.01
C ILE QA 156 -117.52 -0.11 86.18
N ASN QA 157 -117.29 -1.13 87.01
CA ASN QA 157 -118.29 -2.14 87.29
C ASN QA 157 -118.76 -1.99 88.74
N LEU QA 158 -120.07 -1.92 88.93
CA LEU QA 158 -120.68 -1.82 90.25
C LEU QA 158 -121.71 -2.93 90.43
N ASN QA 159 -121.92 -3.33 91.67
CA ASN QA 159 -122.88 -4.38 91.97
C ASN QA 159 -124.29 -3.78 92.01
N SER QA 160 -125.18 -4.33 91.18
CA SER QA 160 -126.52 -3.76 91.04
C SER QA 160 -127.42 -4.10 92.23
N THR QA 161 -127.01 -5.08 93.05
CA THR QA 161 -127.85 -5.51 94.16
C THR QA 161 -127.74 -4.60 95.38
N ASP QA 162 -126.99 -3.52 95.31
CA ASP QA 162 -126.87 -2.61 96.43
C ASP QA 162 -128.20 -1.92 96.70
N PRO QA 163 -128.69 -1.92 97.93
CA PRO QA 163 -129.98 -1.29 98.21
C PRO QA 163 -129.88 0.24 98.23
N VAL QA 164 -130.98 0.88 97.87
CA VAL QA 164 -131.10 2.33 97.91
C VAL QA 164 -131.19 2.78 99.36
N PRO QA 165 -130.45 3.80 99.79
CA PRO QA 165 -130.56 4.27 101.18
C PRO QA 165 -131.98 4.70 101.51
N SER QA 166 -132.42 4.35 102.72
CA SER QA 166 -133.80 4.59 103.13
C SER QA 166 -134.05 6.06 103.43
N LYS QA 167 -133.10 6.72 104.09
CA LYS QA 167 -133.31 8.10 104.55
C LYS QA 167 -133.12 9.10 103.41
N THR QA 168 -133.98 9.03 102.40
CA THR QA 168 -133.96 10.02 101.35
C THR QA 168 -134.46 11.36 101.86
N PRO QA 169 -133.96 12.48 101.32
CA PRO QA 169 -132.97 12.61 100.24
C PRO QA 169 -131.53 12.51 100.73
N PHE QA 170 -130.58 12.92 99.91
CA PHE QA 170 -129.17 12.82 100.27
C PHE QA 170 -128.84 13.74 101.44
N SER QA 171 -128.06 13.23 102.40
CA SER QA 171 -127.64 13.99 103.56
C SER QA 171 -126.12 13.96 103.62
N VAL QA 172 -125.51 15.13 103.81
CA VAL QA 172 -124.05 15.21 103.84
C VAL QA 172 -123.50 14.55 105.11
N SER QA 173 -124.31 14.51 106.18
CA SER QA 173 -123.85 13.94 107.44
C SER QA 173 -123.61 12.45 107.32
N ASP QA 174 -124.47 11.75 106.59
CA ASP QA 174 -124.40 10.30 106.47
C ASP QA 174 -123.48 9.95 105.29
N ALA QA 175 -122.37 9.27 105.58
CA ALA QA 175 -121.46 8.85 104.53
C ALA QA 175 -122.03 7.67 103.75
N ASP QA 176 -122.92 6.90 104.37
CA ASP QA 176 -123.52 5.74 103.72
C ASP QA 176 -124.74 6.13 102.88
N SER QA 177 -125.04 7.43 102.85
CA SER QA 177 -126.19 7.94 102.12
C SER QA 177 -125.96 8.01 100.61
N TYR QA 178 -124.74 7.77 100.15
CA TYR QA 178 -124.43 7.79 98.73
C TYR QA 178 -123.75 6.48 98.35
N ASN QA 179 -123.96 6.07 97.09
CA ASN QA 179 -123.48 4.78 96.62
C ASN QA 179 -122.02 4.81 96.18
N LYS QA 180 -121.61 5.84 95.43
CA LYS QA 180 -120.25 5.89 94.91
C LYS QA 180 -119.75 7.32 94.88
N LYS QA 181 -118.52 7.52 95.32
CA LYS QA 181 -117.84 8.80 95.23
C LYS QA 181 -116.44 8.58 94.66
N GLY QA 182 -116.07 9.38 93.66
CA GLY QA 182 -114.78 9.26 93.02
C GLY QA 182 -114.17 10.62 92.72
N THR QA 183 -112.87 10.62 92.50
CA THR QA 183 -112.13 11.82 92.16
C THR QA 183 -111.31 11.56 90.90
N VAL QA 184 -111.42 12.48 89.94
CA VAL QA 184 -110.68 12.39 88.68
C VAL QA 184 -109.82 13.64 88.54
N THR QA 185 -108.54 13.44 88.27
CA THR QA 185 -107.61 14.57 88.14
C THR QA 185 -107.46 14.94 86.68
N VAL QA 186 -107.89 16.14 86.32
CA VAL QA 186 -107.74 16.65 84.97
C VAL QA 186 -106.89 17.91 85.00
N TYR QA 187 -106.45 18.34 83.82
CA TYR QA 187 -105.57 19.49 83.69
C TYR QA 187 -106.08 20.41 82.58
N ASP QA 188 -106.03 21.71 82.85
CA ASP QA 188 -106.47 22.72 81.90
C ASP QA 188 -105.30 23.13 81.01
N SER QA 189 -105.47 24.23 80.26
CA SER QA 189 -104.43 24.70 79.36
C SER QA 189 -103.15 25.07 80.09
N GLN QA 190 -103.24 25.62 81.30
CA GLN QA 190 -102.06 25.97 82.07
C GLN QA 190 -101.59 24.87 83.00
N GLY QA 191 -102.19 23.68 82.91
CA GLY QA 191 -101.73 22.56 83.73
C GLY QA 191 -102.26 22.56 85.15
N ASN QA 192 -103.19 23.45 85.47
CA ASN QA 192 -103.77 23.46 86.81
C ASN QA 192 -104.55 22.19 87.06
N ALA QA 193 -104.35 21.62 88.24
CA ALA QA 193 -104.96 20.33 88.59
C ALA QA 193 -106.37 20.54 89.12
N HIS QA 194 -107.34 19.94 88.44
CA HIS QA 194 -108.73 19.93 88.86
C HIS QA 194 -109.04 18.53 89.38
N ASP QA 195 -109.27 18.41 90.68
CA ASP QA 195 -109.65 17.15 91.30
C ASP QA 195 -111.17 17.09 91.32
N MET QA 196 -111.75 16.81 90.15
CA MET QA 196 -113.21 16.84 89.99
C MET QA 196 -113.82 15.66 90.74
N ASN QA 197 -114.78 15.96 91.61
CA ASN QA 197 -115.47 14.92 92.36
C ASN QA 197 -116.75 14.52 91.62
N VAL QA 198 -116.93 13.21 91.42
CA VAL QA 198 -118.09 12.67 90.73
C VAL QA 198 -118.81 11.75 91.70
N TYR QA 199 -120.12 11.98 91.85
CA TYR QA 199 -120.95 11.24 92.79
C TYR QA 199 -122.03 10.48 92.02
N PHE QA 200 -122.09 9.17 92.25
CA PHE QA 200 -123.12 8.32 91.67
C PHE QA 200 -124.03 7.84 92.80
N VAL QA 201 -125.32 8.18 92.71
CA VAL QA 201 -126.31 7.76 93.70
C VAL QA 201 -127.50 7.17 92.96
N LYS QA 202 -127.78 5.89 93.22
CA LYS QA 202 -128.97 5.28 92.65
C LYS QA 202 -130.20 5.78 93.40
N THR QA 203 -131.09 6.48 92.70
CA THR QA 203 -132.23 7.13 93.35
C THR QA 203 -133.48 6.27 93.34
N LYS QA 204 -133.81 5.64 92.21
CA LYS QA 204 -134.98 4.79 92.10
C LYS QA 204 -134.74 3.83 90.95
N ASP QA 205 -135.82 3.18 90.49
CA ASP QA 205 -135.71 2.24 89.39
C ASP QA 205 -135.22 2.94 88.12
N ASN QA 206 -134.09 2.47 87.61
CA ASN QA 206 -133.47 2.94 86.38
C ASN QA 206 -133.08 4.42 86.42
N GLU QA 207 -132.81 4.97 87.61
CA GLU QA 207 -132.38 6.36 87.74
C GLU QA 207 -131.12 6.42 88.59
N TRP QA 208 -130.02 6.89 87.99
CA TRP QA 208 -128.75 7.05 88.69
C TRP QA 208 -128.36 8.52 88.61
N ALA QA 209 -128.53 9.25 89.71
CA ALA QA 209 -128.14 10.65 89.74
C ALA QA 209 -126.61 10.76 89.78
N VAL QA 210 -126.08 11.58 88.89
CA VAL QA 210 -124.64 11.81 88.77
C VAL QA 210 -124.39 13.28 89.00
N TYR QA 211 -123.53 13.57 89.98
CA TYR QA 211 -123.14 14.93 90.35
C TYR QA 211 -121.67 15.14 90.00
N THR QA 212 -121.35 16.33 89.49
CA THR QA 212 -119.98 16.72 89.19
C THR QA 212 -119.66 18.01 89.92
N HIS QA 213 -118.47 18.06 90.52
CA HIS QA 213 -118.06 19.23 91.29
C HIS QA 213 -116.59 19.52 91.05
N ASP QA 214 -116.30 20.79 90.74
CA ASP QA 214 -114.92 21.25 90.61
C ASP QA 214 -114.54 22.00 91.89
N SER QA 215 -113.79 21.35 92.77
CA SER QA 215 -113.48 21.91 94.08
C SER QA 215 -112.32 22.90 94.05
N SER QA 216 -111.56 22.97 92.96
CA SER QA 216 -110.39 23.83 92.91
C SER QA 216 -110.73 25.30 92.71
N ASP QA 217 -111.97 25.63 92.35
CA ASP QA 217 -112.36 27.01 92.14
C ASP QA 217 -112.89 27.59 93.45
N PRO QA 218 -112.21 28.58 94.04
CA PRO QA 218 -112.67 29.13 95.32
C PRO QA 218 -113.98 29.89 95.24
N ALA QA 219 -114.35 30.42 94.06
CA ALA QA 219 -115.57 31.20 93.92
C ALA QA 219 -116.68 30.43 93.22
N ALA QA 220 -116.50 29.14 92.99
CA ALA QA 220 -117.53 28.34 92.33
C ALA QA 220 -118.74 28.18 93.24
N THR QA 221 -119.92 28.25 92.64
CA THR QA 221 -121.17 28.08 93.39
C THR QA 221 -121.34 26.62 93.76
N ALA QA 222 -121.91 26.39 94.94
CA ALA QA 222 -122.13 25.04 95.43
C ALA QA 222 -123.20 24.34 94.59
N PRO QA 223 -122.92 23.16 94.05
CA PRO QA 223 -123.94 22.46 93.23
C PRO QA 223 -125.08 21.96 94.10
N THR QA 224 -126.28 22.46 93.84
CA THR QA 224 -127.47 22.06 94.57
C THR QA 224 -128.44 21.25 93.71
N THR QA 225 -128.18 21.11 92.42
CA THR QA 225 -129.02 20.36 91.50
C THR QA 225 -128.20 19.28 90.84
N ALA QA 226 -128.81 18.11 90.65
CA ALA QA 226 -128.09 16.98 90.07
C ALA QA 226 -127.59 17.32 88.67
N SER QA 227 -126.33 16.99 88.41
CA SER QA 227 -125.76 17.27 87.09
C SER QA 227 -126.47 16.50 85.99
N THR QA 228 -126.76 15.21 86.23
CA THR QA 228 -127.54 14.44 85.27
C THR QA 228 -128.18 13.26 85.98
N THR QA 229 -129.06 12.58 85.25
CA THR QA 229 -129.74 11.38 85.75
C THR QA 229 -129.68 10.31 84.67
N LEU QA 230 -128.73 9.39 84.81
CA LEU QA 230 -128.54 8.33 83.82
C LEU QA 230 -129.63 7.28 83.96
N LYS QA 231 -130.13 6.81 82.82
CA LYS QA 231 -131.10 5.73 82.75
C LYS QA 231 -130.59 4.67 81.78
N PHE QA 232 -130.40 3.46 82.29
CA PHE QA 232 -129.97 2.32 81.48
C PHE QA 232 -130.96 1.18 81.62
N ASN QA 233 -131.22 0.50 80.51
CA ASN QA 233 -132.14 -0.64 80.51
C ASN QA 233 -131.45 -1.87 81.09
N GLU QA 234 -132.19 -2.98 81.13
CA GLU QA 234 -131.66 -4.21 81.70
C GLU QA 234 -130.56 -4.82 80.85
N ASN QA 235 -130.54 -4.55 79.55
CA ASN QA 235 -129.56 -5.12 78.64
C ASN QA 235 -128.26 -4.33 78.61
N GLY QA 236 -128.23 -3.13 79.16
CA GLY QA 236 -127.03 -2.33 79.16
C GLY QA 236 -126.63 -1.76 77.82
N ILE QA 237 -127.51 -1.79 76.84
CA ILE QA 237 -127.22 -1.28 75.49
C ILE QA 237 -127.40 0.22 75.49
N LEU QA 238 -126.41 0.93 74.95
CA LEU QA 238 -126.42 2.39 74.99
C LEU QA 238 -127.41 2.95 73.98
N GLU QA 239 -128.36 3.73 74.47
CA GLU QA 239 -129.26 4.52 73.64
C GLU QA 239 -128.99 6.01 73.73
N SER QA 240 -128.71 6.51 74.94
CA SER QA 240 -128.35 7.91 75.15
C SER QA 240 -127.59 8.02 76.46
N GLY QA 241 -126.88 9.13 76.62
CA GLY QA 241 -126.16 9.41 77.84
C GLY QA 241 -124.78 8.78 77.94
N GLY QA 242 -124.23 8.26 76.85
CA GLY QA 242 -122.90 7.67 76.90
C GLY QA 242 -121.77 8.66 77.00
N THR QA 243 -122.00 9.92 76.65
CA THR QA 243 -121.01 10.99 76.79
C THR QA 243 -121.68 12.20 77.40
N VAL QA 244 -120.96 12.87 78.30
CA VAL QA 244 -121.49 14.06 78.96
C VAL QA 244 -120.45 15.17 78.88
N ASN QA 245 -120.91 16.37 78.52
CA ASN QA 245 -120.00 17.50 78.40
C ASN QA 245 -119.96 18.28 79.70
N ILE QA 246 -118.77 18.41 80.28
CA ILE QA 246 -118.57 19.11 81.55
C ILE QA 246 -117.58 20.23 81.34
N THR QA 247 -117.92 21.42 81.83
CA THR QA 247 -117.10 22.62 81.66
C THR QA 247 -116.49 23.01 82.99
N THR QA 248 -115.17 23.22 82.99
CA THR QA 248 -114.49 23.65 84.20
C THR QA 248 -114.57 25.17 84.35
N GLY QA 249 -114.20 25.65 85.52
CA GLY QA 249 -114.18 27.08 85.77
C GLY QA 249 -112.89 27.73 85.32
N THR QA 250 -112.85 29.05 85.44
CA THR QA 250 -111.68 29.85 85.10
C THR QA 250 -110.84 30.04 86.36
N ILE QA 251 -109.72 29.33 86.44
CA ILE QA 251 -108.87 29.33 87.62
C ILE QA 251 -107.51 29.92 87.23
N ASN QA 252 -107.09 30.95 87.97
CA ASN QA 252 -105.80 31.61 87.76
C ASN QA 252 -105.67 32.14 86.33
N GLY QA 253 -106.79 32.57 85.75
CA GLY QA 253 -106.79 33.12 84.41
C GLY QA 253 -106.70 32.11 83.29
N ALA QA 254 -106.74 30.81 83.60
CA ALA QA 254 -106.66 29.79 82.58
C ALA QA 254 -107.97 29.68 81.81
N THR QA 255 -107.89 29.15 80.60
CA THR QA 255 -109.09 28.94 79.78
C THR QA 255 -109.97 27.88 80.41
N ALA QA 256 -111.28 28.13 80.41
CA ALA QA 256 -112.22 27.13 80.91
C ALA QA 256 -112.22 25.91 80.00
N ALA QA 257 -112.12 24.73 80.61
CA ALA QA 257 -111.99 23.50 79.84
C ALA QA 257 -113.32 22.78 79.79
N THR QA 258 -113.82 22.56 78.58
CA THR QA 258 -115.02 21.77 78.32
C THR QA 258 -114.59 20.43 77.75
N PHE QA 259 -114.89 19.35 78.45
CA PHE QA 259 -114.41 18.03 78.06
C PHE QA 259 -115.55 17.02 78.11
N SER QA 260 -115.39 15.94 77.33
CA SER QA 260 -116.38 14.89 77.26
C SER QA 260 -115.99 13.75 78.18
N LEU QA 261 -116.83 13.46 79.17
CA LEU QA 261 -116.65 12.32 80.06
C LEU QA 261 -117.47 11.16 79.53
N SER QA 262 -116.85 9.99 79.42
CA SER QA 262 -117.42 8.85 78.73
C SER QA 262 -117.54 7.65 79.65
N PHE QA 263 -118.65 6.92 79.51
CA PHE QA 263 -118.87 5.63 80.14
C PHE QA 263 -118.90 4.50 79.12
N LEU QA 264 -118.02 4.54 78.11
CA LEU QA 264 -118.05 3.57 77.02
C LEU QA 264 -117.89 2.15 77.54
N ASN QA 265 -118.75 1.26 77.05
CA ASN QA 265 -118.76 -0.16 77.38
C ASN QA 265 -119.02 -0.43 78.86
N SER QA 266 -119.57 0.54 79.59
CA SER QA 266 -119.93 0.31 80.98
C SER QA 266 -121.09 -0.68 81.07
N MET QA 267 -121.03 -1.54 82.08
CA MET QA 267 -122.01 -2.60 82.25
C MET QA 267 -122.52 -2.59 83.68
N GLN QA 268 -123.81 -2.90 83.83
CA GLN QA 268 -124.47 -2.99 85.14
C GLN QA 268 -124.92 -4.44 85.31
N GLN QA 269 -124.02 -5.26 85.86
CA GLN QA 269 -124.31 -6.68 86.04
C GLN QA 269 -123.95 -7.10 87.47
N ASN QA 270 -124.09 -8.38 87.78
CA ASN QA 270 -123.79 -8.92 89.10
C ASN QA 270 -122.31 -9.28 89.24
N THR QA 271 -121.43 -8.27 89.24
CA THR QA 271 -120.01 -8.52 89.41
C THR QA 271 -119.72 -9.03 90.82
N GLY QA 272 -118.63 -9.78 90.96
CA GLY QA 272 -118.26 -10.36 92.23
C GLY QA 272 -117.92 -9.35 93.30
N ALA QA 273 -117.28 -8.25 92.91
CA ALA QA 273 -116.89 -7.23 93.88
C ALA QA 273 -116.71 -5.87 93.20
N ASN QA 274 -116.27 -4.87 93.96
CA ASN QA 274 -116.07 -3.53 93.43
C ASN QA 274 -114.77 -3.48 92.64
N ASN QA 275 -114.87 -3.42 91.32
CA ASN QA 275 -113.71 -3.39 90.44
C ASN QA 275 -113.88 -2.31 89.40
N ILE QA 276 -112.83 -1.52 89.20
CA ILE QA 276 -112.82 -0.48 88.17
C ILE QA 276 -112.08 -1.05 86.96
N VAL QA 277 -112.76 -1.10 85.82
CA VAL QA 277 -112.18 -1.71 84.62
C VAL QA 277 -111.06 -0.87 84.04
N ALA QA 278 -111.30 0.43 83.83
CA ALA QA 278 -110.28 1.28 83.21
C ALA QA 278 -110.62 2.74 83.42
N THR QA 279 -109.57 3.56 83.49
CA THR QA 279 -109.69 5.01 83.49
C THR QA 279 -108.68 5.58 82.50
N ASN QA 280 -109.11 6.58 81.73
CA ASN QA 280 -108.27 7.15 80.69
C ASN QA 280 -108.54 8.63 80.56
N GLN QA 281 -107.47 9.38 80.28
CA GLN QA 281 -107.56 10.81 80.03
C GLN QA 281 -106.39 11.21 79.13
N ASN QA 282 -106.60 12.28 78.36
CA ASN QA 282 -105.64 12.70 77.36
C ASN QA 282 -104.89 13.98 77.73
N GLY QA 283 -105.06 14.49 78.95
CA GLY QA 283 -104.33 15.66 79.38
C GLY QA 283 -103.04 15.34 80.10
N TYR QA 284 -102.18 16.34 80.23
CA TYR QA 284 -100.91 16.19 80.93
C TYR QA 284 -100.49 17.56 81.46
N LYS QA 285 -99.45 17.55 82.28
CA LYS QA 285 -98.91 18.70 83.00
C LYS QA 285 -97.47 18.98 82.57
N PRO QA 286 -96.95 20.19 82.84
CA PRO QA 286 -95.55 20.48 82.50
C PRO QA 286 -94.57 19.53 83.17
N GLY QA 287 -93.51 19.17 82.45
CA GLY QA 287 -92.50 18.29 82.99
C GLY QA 287 -91.17 18.52 82.32
N ASP QA 288 -90.10 18.21 83.05
CA ASP QA 288 -88.73 18.36 82.56
C ASP QA 288 -88.30 17.09 81.84
N LEU QA 289 -87.43 17.29 80.83
CA LEU QA 289 -86.89 16.17 80.08
C LEU QA 289 -86.06 15.27 81.00
N VAL QA 290 -86.49 14.03 81.16
CA VAL QA 290 -85.85 13.07 82.05
C VAL QA 290 -84.90 12.16 81.29
N SER QA 291 -85.38 11.52 80.23
CA SER QA 291 -84.56 10.54 79.52
C SER QA 291 -85.03 10.44 78.08
N TYR QA 292 -84.38 9.55 77.34
CA TYR QA 292 -84.62 9.37 75.92
C TYR QA 292 -84.06 8.03 75.46
N GLN QA 293 -84.71 7.43 74.46
CA GLN QA 293 -84.42 6.07 74.07
C GLN QA 293 -84.67 5.88 72.58
N ILE QA 294 -84.03 4.87 72.02
CA ILE QA 294 -84.26 4.43 70.65
C ILE QA 294 -84.79 3.00 70.72
N ASN QA 295 -85.98 2.79 70.16
CA ASN QA 295 -86.64 1.51 70.27
C ASN QA 295 -86.07 0.50 69.28
N ASN QA 296 -86.54 -0.74 69.39
CA ASN QA 296 -86.08 -1.82 68.52
C ASN QA 296 -86.46 -1.61 67.06
N ASP QA 297 -87.49 -0.81 66.77
CA ASP QA 297 -87.90 -0.52 65.41
C ASP QA 297 -87.41 0.82 64.91
N GLY QA 298 -86.50 1.47 65.63
CA GLY QA 298 -85.89 2.71 65.19
C GLY QA 298 -86.60 3.97 65.64
N THR QA 299 -87.69 3.87 66.38
CA THR QA 299 -88.39 5.06 66.84
C THR QA 299 -87.65 5.71 68.01
N VAL QA 300 -87.47 7.01 67.94
CA VAL QA 300 -86.81 7.79 69.00
C VAL QA 300 -87.88 8.38 69.89
N VAL QA 301 -87.87 8.03 71.17
CA VAL QA 301 -88.90 8.43 72.12
C VAL QA 301 -88.24 9.11 73.32
N GLY QA 302 -88.71 10.31 73.65
CA GLY QA 302 -88.24 11.03 74.82
C GLY QA 302 -89.23 10.93 75.95
N ASN QA 303 -88.72 10.60 77.13
CA ASN QA 303 -89.53 10.39 78.33
C ASN QA 303 -89.35 11.61 79.24
N TYR QA 304 -90.46 12.25 79.57
CA TYR QA 304 -90.45 13.48 80.36
C TYR QA 304 -90.84 13.18 81.81
N SER QA 305 -90.99 14.24 82.61
CA SER QA 305 -91.28 14.11 84.02
C SER QA 305 -92.77 13.95 84.32
N ASN QA 306 -93.65 14.20 83.36
CA ASN QA 306 -95.08 14.15 83.60
C ASN QA 306 -95.64 12.75 83.29
N GLU QA 307 -94.77 11.74 83.35
CA GLU QA 307 -95.16 10.36 83.06
C GLU QA 307 -95.80 10.24 81.68
N GLN QA 308 -95.24 10.97 80.73
CA GLN QA 308 -95.72 10.95 79.35
C GLN QA 308 -94.54 11.05 78.42
N GLU QA 309 -94.55 10.25 77.35
CA GLU QA 309 -93.46 10.20 76.40
C GLU QA 309 -93.92 10.70 75.04
N GLN QA 310 -93.01 11.36 74.33
CA GLN QA 310 -93.30 11.84 72.98
C GLN QA 310 -92.27 11.31 71.99
N VAL QA 311 -92.74 10.96 70.79
CA VAL QA 311 -91.85 10.54 69.73
C VAL QA 311 -91.25 11.77 69.06
N LEU QA 312 -89.93 11.73 68.82
CA LEU QA 312 -89.24 12.85 68.20
C LEU QA 312 -88.89 12.60 66.74
N GLY QA 313 -88.80 11.34 66.33
CA GLY QA 313 -88.50 11.03 64.95
C GLY QA 313 -88.24 9.55 64.81
N GLN QA 314 -88.22 9.10 63.55
CA GLN QA 314 -87.97 7.70 63.23
C GLN QA 314 -86.79 7.62 62.28
N ILE QA 315 -85.79 6.80 62.63
CA ILE QA 315 -84.62 6.67 61.79
C ILE QA 315 -85.00 6.00 60.48
N VAL QA 316 -84.75 6.68 59.38
CA VAL QA 316 -85.01 6.14 58.06
C VAL QA 316 -83.82 5.31 57.63
N LEU QA 317 -84.08 4.20 56.94
CA LEU QA 317 -83.04 3.33 56.43
C LEU QA 317 -83.12 3.28 54.92
N ALA QA 318 -81.96 3.37 54.28
CA ALA QA 318 -81.86 3.43 52.83
C ALA QA 318 -81.20 2.16 52.31
N ASN QA 319 -81.74 1.64 51.21
CA ASN QA 319 -81.19 0.48 50.54
C ASN QA 319 -80.99 0.82 49.06
N PHE QA 320 -80.02 0.15 48.45
CA PHE QA 320 -79.65 0.43 47.07
C PHE QA 320 -79.87 -0.81 46.21
N ALA QA 321 -80.18 -0.56 44.94
CA ALA QA 321 -80.30 -1.66 43.99
C ALA QA 321 -78.98 -2.38 43.79
N ASN QA 322 -77.87 -1.65 43.78
CA ASN QA 322 -76.54 -2.21 43.57
C ASN QA 322 -75.69 -1.75 44.75
N ASN QA 323 -75.48 -2.64 45.72
CA ASN QA 323 -74.64 -2.30 46.86
C ASN QA 323 -73.19 -2.10 46.44
N GLU QA 324 -72.71 -2.90 45.48
CA GLU QA 324 -71.32 -2.81 45.03
C GLU QA 324 -71.00 -1.45 44.41
N GLY QA 325 -71.99 -0.77 43.82
CA GLY QA 325 -71.75 0.49 43.17
C GLY QA 325 -71.51 1.67 44.08
N LEU QA 326 -71.70 1.49 45.39
CA LEU QA 326 -71.46 2.57 46.34
C LEU QA 326 -69.98 2.97 46.34
N ALA QA 327 -69.73 4.27 46.34
CA ALA QA 327 -68.37 4.80 46.38
C ALA QA 327 -68.01 5.11 47.83
N SER QA 328 -66.93 4.49 48.31
CA SER QA 328 -66.50 4.71 49.69
C SER QA 328 -65.85 6.08 49.84
N GLN QA 329 -66.34 6.86 50.79
CA GLN QA 329 -65.82 8.19 51.06
C GLN QA 329 -64.89 8.24 52.26
N GLY QA 330 -64.44 7.08 52.75
CA GLY QA 330 -63.64 7.04 53.95
C GLY QA 330 -64.50 7.07 55.20
N ASP QA 331 -63.82 6.98 56.35
CA ASP QA 331 -64.42 7.04 57.68
C ASP QA 331 -65.77 6.31 57.76
N ASN QA 332 -65.77 5.07 57.26
CA ASN QA 332 -66.96 4.20 57.16
C ASN QA 332 -68.19 4.96 56.69
N VAL QA 333 -68.09 5.59 55.52
CA VAL QA 333 -69.19 6.29 54.88
C VAL QA 333 -69.17 5.98 53.40
N TRP QA 334 -70.36 5.72 52.83
CA TRP QA 334 -70.52 5.43 51.42
C TRP QA 334 -71.41 6.47 50.77
N ALA QA 335 -71.20 6.72 49.49
CA ALA QA 335 -71.97 7.68 48.72
C ALA QA 335 -72.64 7.01 47.52
N ALA QA 336 -73.83 7.47 47.19
CA ALA QA 336 -74.57 6.89 46.07
C ALA QA 336 -74.06 7.44 44.74
N THR QA 337 -73.84 6.52 43.79
CA THR QA 337 -73.24 6.94 42.49
C THR QA 337 -74.15 6.58 41.32
N GLN QA 338 -73.64 6.68 40.10
CA GLN QA 338 -74.44 6.39 38.89
C GLN QA 338 -74.86 4.92 38.91
N ALA QA 339 -73.94 4.03 39.29
CA ALA QA 339 -74.24 2.57 39.23
C ALA QA 339 -75.18 2.16 40.36
N SER QA 340 -74.82 2.43 41.61
CA SER QA 340 -75.61 1.96 42.74
C SER QA 340 -77.09 2.29 42.60
N GLY QA 341 -77.45 3.20 41.68
CA GLY QA 341 -78.83 3.57 41.51
C GLY QA 341 -79.29 4.56 42.57
N VAL QA 342 -80.57 4.93 42.46
CA VAL QA 342 -81.14 5.87 43.42
C VAL QA 342 -81.44 5.14 44.73
N ALA QA 343 -81.32 5.87 45.83
CA ALA QA 343 -81.54 5.30 47.15
C ALA QA 343 -83.03 5.11 47.41
N LEU QA 344 -83.43 3.89 47.76
CA LEU QA 344 -84.82 3.60 48.12
C LEU QA 344 -84.94 3.61 49.63
N LEU QA 345 -85.92 4.35 50.14
CA LEU QA 345 -86.02 4.62 51.57
C LEU QA 345 -87.07 3.73 52.22
N GLY QA 346 -86.97 3.60 53.54
CA GLY QA 346 -87.96 2.83 54.28
C GLY QA 346 -87.66 2.83 55.76
N THR QA 347 -88.36 1.96 56.47
CA THR QA 347 -88.19 1.80 57.91
C THR QA 347 -87.83 0.36 58.22
N ALA QA 348 -87.19 0.16 59.38
CA ALA QA 348 -86.72 -1.16 59.77
C ALA QA 348 -87.90 -2.09 60.06
N GLY QA 349 -87.70 -3.38 59.77
CA GLY QA 349 -88.70 -4.38 60.08
C GLY QA 349 -89.86 -4.45 59.12
N SER QA 350 -89.82 -3.71 58.02
CA SER QA 350 -90.91 -3.68 57.05
C SER QA 350 -90.38 -3.98 55.66
N GLY QA 351 -91.00 -4.94 54.99
CA GLY QA 351 -90.66 -5.22 53.60
C GLY QA 351 -89.23 -5.72 53.45
N ASN QA 352 -88.44 -4.97 52.68
CA ASN QA 352 -87.09 -5.36 52.30
C ASN QA 352 -86.03 -4.71 53.17
N PHE QA 353 -86.31 -4.54 54.46
CA PHE QA 353 -85.37 -3.92 55.40
C PHE QA 353 -85.20 -4.81 56.62
N GLY QA 354 -83.98 -4.87 57.14
CA GLY QA 354 -83.68 -5.69 58.29
C GLY QA 354 -84.07 -5.03 59.59
N LYS QA 355 -83.93 -5.79 60.67
CA LYS QA 355 -84.30 -5.33 62.00
C LYS QA 355 -83.14 -4.59 62.66
N LEU QA 356 -83.47 -3.73 63.62
CA LEU QA 356 -82.47 -3.01 64.38
C LEU QA 356 -82.31 -3.61 65.78
N THR QA 357 -81.06 -3.73 66.22
CA THR QA 357 -80.75 -4.21 67.56
C THR QA 357 -80.28 -3.02 68.40
N ASN QA 358 -80.87 -2.88 69.57
CA ASN QA 358 -80.61 -1.74 70.45
C ASN QA 358 -79.44 -2.03 71.38
N GLY QA 359 -78.69 -0.98 71.71
CA GLY QA 359 -77.56 -1.11 72.60
C GLY QA 359 -76.42 -1.94 72.07
N ALA QA 360 -76.37 -2.14 70.75
CA ALA QA 360 -75.38 -3.04 70.14
C ALA QA 360 -74.81 -2.37 68.90
N LEU QA 361 -73.62 -2.84 68.51
CA LEU QA 361 -72.90 -2.32 67.36
C LEU QA 361 -72.48 -3.48 66.45
N GLU QA 362 -72.53 -3.22 65.15
CA GLU QA 362 -72.10 -4.21 64.17
C GLU QA 362 -70.60 -4.12 63.96
N ALA QA 363 -69.87 -5.15 64.38
CA ALA QA 363 -68.43 -5.17 64.20
C ALA QA 363 -68.08 -5.45 62.74
N SER QA 364 -66.80 -5.41 62.43
CA SER QA 364 -66.33 -5.61 61.07
C SER QA 364 -66.52 -7.07 60.65
N ASN QA 365 -66.27 -7.33 59.36
CA ASN QA 365 -66.40 -8.67 58.81
C ASN QA 365 -65.06 -9.21 58.33
N VAL QA 366 -63.97 -8.81 58.97
CA VAL QA 366 -62.63 -9.20 58.56
C VAL QA 366 -62.09 -10.25 59.51
N ASP QA 367 -61.89 -11.46 58.99
CA ASP QA 367 -61.29 -12.54 59.77
C ASP QA 367 -59.79 -12.58 59.49
N LEU QA 368 -59.00 -12.53 60.57
CA LEU QA 368 -57.56 -12.34 60.46
C LEU QA 368 -56.85 -13.48 59.75
N SER QA 369 -57.26 -14.74 60.00
CA SER QA 369 -56.57 -15.88 59.40
C SER QA 369 -56.66 -15.85 57.89
N LYS QA 370 -57.85 -15.57 57.35
CA LYS QA 370 -58.03 -15.51 55.91
C LYS QA 370 -57.17 -14.41 55.30
N GLU QA 371 -57.12 -13.25 55.96
CA GLU QA 371 -56.30 -12.15 55.45
C GLU QA 371 -54.82 -12.51 55.48
N LEU QA 372 -54.36 -13.20 56.52
CA LEU QA 372 -52.96 -13.60 56.58
C LEU QA 372 -52.62 -14.58 55.46
N VAL QA 373 -53.50 -15.57 55.23
CA VAL QA 373 -53.25 -16.54 54.16
C VAL QA 373 -53.25 -15.84 52.81
N ASN QA 374 -54.18 -14.90 52.60
CA ASN QA 374 -54.23 -14.18 51.35
C ASN QA 374 -53.00 -13.29 51.16
N MET QA 375 -52.48 -12.72 52.26
CA MET QA 375 -51.24 -11.97 52.18
C MET QA 375 -50.08 -12.86 51.77
N ILE QA 376 -50.02 -14.08 52.31
CA ILE QA 376 -48.96 -15.01 51.92
C ILE QA 376 -49.06 -15.31 50.43
N VAL QA 377 -50.27 -15.60 49.95
CA VAL QA 377 -50.46 -15.93 48.54
C VAL QA 377 -50.09 -14.74 47.65
N ALA QA 378 -50.52 -13.54 48.03
CA ALA QA 378 -50.24 -12.35 47.24
C ALA QA 378 -48.74 -12.04 47.24
N GLN QA 379 -48.10 -12.33 48.37
CA GLN QA 379 -46.63 -12.16 48.42
C GLN QA 379 -46.04 -13.19 47.45
N ARG QA 380 -46.59 -14.40 47.47
CA ARG QA 380 -45.98 -15.44 46.60
C ARG QA 380 -46.14 -15.01 45.16
N ASN QA 381 -47.28 -14.41 44.81
CA ASN QA 381 -47.54 -14.01 43.41
C ASN QA 381 -46.71 -12.76 43.10
N TYR QA 382 -46.58 -11.84 44.06
CA TYR QA 382 -45.73 -10.69 43.72
C TYR QA 382 -44.34 -11.25 43.42
N GLN QA 383 -43.91 -12.30 44.12
CA GLN QA 383 -42.52 -12.79 43.93
C GLN QA 383 -42.43 -13.53 42.60
N SER QA 384 -43.47 -14.28 42.25
CA SER QA 384 -43.50 -15.00 40.97
C SER QA 384 -43.44 -13.97 39.84
N ASN QA 385 -43.94 -12.77 40.08
CA ASN QA 385 -43.80 -11.72 39.03
C ASN QA 385 -42.37 -11.13 39.07
N ALA QA 386 -41.92 -10.52 40.16
CA ALA QA 386 -40.61 -9.91 40.22
C ALA QA 386 -39.56 -10.80 39.53
N GLN QA 387 -39.68 -12.11 39.69
CA GLN QA 387 -38.78 -13.02 39.00
C GLN QA 387 -38.97 -12.93 37.49
N THR QA 388 -40.21 -12.73 37.04
CA THR QA 388 -40.45 -12.50 35.61
C THR QA 388 -39.78 -11.21 35.14
N ILE QA 389 -39.88 -10.16 35.97
CA ILE QA 389 -39.17 -8.91 35.69
C ILE QA 389 -37.68 -9.17 35.51
N LYS QA 390 -37.10 -9.97 36.42
CA LYS QA 390 -35.67 -10.26 36.37
C LYS QA 390 -35.32 -11.08 35.14
N THR QA 391 -36.23 -11.98 34.75
CA THR QA 391 -36.04 -12.75 33.52
C THR QA 391 -35.95 -11.84 32.30
N GLN QA 392 -36.87 -10.90 32.18
CA GLN QA 392 -36.83 -9.95 31.06
C GLN QA 392 -35.58 -9.07 31.15
N ASP QA 393 -35.18 -8.71 32.37
CA ASP QA 393 -33.95 -7.96 32.56
C ASP QA 393 -32.75 -8.71 32.00
N GLN QA 394 -32.63 -10.00 32.34
CA GLN QA 394 -31.50 -10.78 31.85
C GLN QA 394 -31.57 -10.96 30.33
N ILE QA 395 -32.77 -11.10 29.78
CA ILE QA 395 -32.91 -11.20 28.33
C ILE QA 395 -32.38 -9.95 27.65
N LEU QA 396 -32.84 -8.78 28.10
CA LEU QA 396 -32.41 -7.53 27.47
C LEU QA 396 -30.91 -7.30 27.68
N ASN QA 397 -30.39 -7.67 28.86
CA ASN QA 397 -28.96 -7.56 29.09
C ASN QA 397 -28.17 -8.45 28.14
N THR QA 398 -28.63 -9.68 27.94
CA THR QA 398 -27.95 -10.60 27.02
C THR QA 398 -27.94 -10.02 25.61
N LEU QA 399 -29.07 -9.45 25.17
CA LEU QA 399 -29.12 -8.88 23.84
C LEU QA 399 -28.22 -7.66 23.71
N VAL QA 400 -28.16 -6.82 24.75
CA VAL QA 400 -27.36 -5.60 24.68
C VAL QA 400 -25.86 -5.94 24.65
N ASN QA 401 -25.43 -6.84 25.53
CA ASN QA 401 -24.00 -7.14 25.63
C ASN QA 401 -23.52 -8.05 24.51
N LEU QA 402 -24.31 -8.21 23.45
CA LEU QA 402 -23.84 -8.92 22.27
C LEU QA 402 -22.88 -8.05 21.47
N SER RA 2 -32.66 -34.96 31.21
CA SER RA 2 -32.14 -33.57 31.36
C SER RA 2 -33.16 -32.70 32.11
N PHE RA 3 -33.40 -31.49 31.58
CA PHE RA 3 -34.43 -30.65 32.22
C PHE RA 3 -35.67 -31.52 32.30
N SER RA 4 -35.93 -32.32 31.26
CA SER RA 4 -37.10 -33.22 31.24
C SER RA 4 -37.16 -34.05 32.52
N GLN RA 5 -36.23 -34.98 32.68
CA GLN RA 5 -36.23 -35.86 33.88
C GLN RA 5 -36.37 -35.02 35.14
N ALA RA 6 -35.61 -33.95 35.27
CA ALA RA 6 -35.69 -33.22 36.56
C ALA RA 6 -37.12 -32.74 36.80
N VAL RA 7 -37.68 -31.96 35.89
CA VAL RA 7 -39.05 -31.40 36.06
C VAL RA 7 -39.99 -32.56 36.38
N SER RA 8 -39.91 -33.64 35.60
CA SER RA 8 -40.81 -34.79 35.83
C SER RA 8 -40.75 -35.12 37.31
N GLY RA 9 -39.54 -35.25 37.83
CA GLY RA 9 -39.39 -35.50 39.25
C GLY RA 9 -40.05 -34.43 40.10
N LEU RA 10 -39.86 -33.16 39.71
CA LEU RA 10 -40.50 -32.06 40.44
C LEU RA 10 -42.02 -32.14 40.34
N ASN RA 11 -42.53 -32.46 39.15
CA ASN RA 11 -43.97 -32.58 38.97
C ASN RA 11 -44.54 -33.74 39.79
N ALA RA 12 -43.82 -34.87 39.83
CA ALA RA 12 -44.27 -35.99 40.64
C ALA RA 12 -44.27 -35.64 42.13
N ALA RA 13 -43.24 -34.94 42.59
CA ALA RA 13 -43.21 -34.51 43.98
C ALA RA 13 -44.37 -33.56 44.28
N ALA RA 14 -44.66 -32.64 43.36
CA ALA RA 14 -45.79 -31.73 43.55
C ALA RA 14 -47.11 -32.50 43.60
N THR RA 15 -47.27 -33.50 42.75
CA THR RA 15 -48.49 -34.31 42.75
C THR RA 15 -48.63 -35.06 44.07
N ASN RA 16 -47.52 -35.63 44.56
CA ASN RA 16 -47.55 -36.34 45.84
C ASN RA 16 -47.92 -35.38 46.97
N LEU RA 17 -47.35 -34.18 46.96
CA LEU RA 17 -47.67 -33.19 47.98
C LEU RA 17 -49.14 -32.77 47.90
N ASP RA 18 -49.67 -32.65 46.68
CA ASP RA 18 -51.07 -32.30 46.51
C ASP RA 18 -51.98 -33.40 47.06
N VAL RA 19 -51.64 -34.66 46.79
CA VAL RA 19 -52.42 -35.77 47.33
C VAL RA 19 -52.36 -35.78 48.86
N ILE RA 20 -51.17 -35.50 49.40
CA ILE RA 20 -51.00 -35.45 50.85
C ILE RA 20 -51.85 -34.34 51.46
N GLY RA 21 -51.84 -33.17 50.83
CA GLY RA 21 -52.65 -32.07 51.33
C GLY RA 21 -54.13 -32.33 51.21
N ASN RA 22 -54.54 -33.02 50.14
CA ASN RA 22 -55.94 -33.40 50.00
C ASN RA 22 -56.35 -34.36 51.11
N ASN RA 23 -55.50 -35.35 51.41
CA ASN RA 23 -55.81 -36.29 52.47
C ASN RA 23 -55.88 -35.60 53.83
N ILE RA 24 -54.93 -34.69 54.10
CA ILE RA 24 -54.91 -34.03 55.40
C ILE RA 24 -56.04 -33.01 55.52
N ALA RA 25 -56.53 -32.51 54.39
CA ALA RA 25 -57.61 -31.53 54.41
C ALA RA 25 -58.92 -32.17 54.83
N ASN RA 26 -59.10 -33.45 54.53
CA ASN RA 26 -60.31 -34.19 54.88
C ASN RA 26 -60.14 -35.03 56.13
N SER RA 27 -59.39 -34.54 57.12
CA SER RA 27 -59.16 -35.26 58.36
C SER RA 27 -60.48 -35.52 59.07
N ALA RA 28 -61.38 -34.54 59.06
CA ALA RA 28 -62.73 -34.68 59.60
C ALA RA 28 -63.70 -34.68 58.41
N THR RA 29 -63.89 -35.86 57.82
CA THR RA 29 -64.77 -36.04 56.66
C THR RA 29 -65.27 -37.48 56.68
N TYR RA 30 -66.51 -37.65 57.12
CA TYR RA 30 -67.13 -38.97 57.21
C TYR RA 30 -67.25 -39.60 55.82
N GLY RA 31 -66.85 -40.87 55.72
CA GLY RA 31 -66.89 -41.55 54.44
C GLY RA 31 -65.75 -41.24 53.50
N PHE RA 32 -64.67 -40.66 54.00
CA PHE RA 32 -63.51 -40.33 53.17
C PHE RA 32 -62.46 -41.42 53.28
N LYS RA 33 -61.86 -41.77 52.15
CA LYS RA 33 -60.78 -42.74 52.09
C LYS RA 33 -59.51 -42.07 51.60
N SER RA 34 -58.40 -42.35 52.26
CA SER RA 34 -57.13 -41.72 51.91
C SER RA 34 -56.63 -42.24 50.56
N GLY RA 35 -55.71 -41.50 49.98
CA GLY RA 35 -55.14 -41.83 48.69
C GLY RA 35 -53.61 -41.79 48.72
N THR RA 36 -53.00 -42.53 47.80
CA THR RA 36 -51.55 -42.59 47.68
C THR RA 36 -51.18 -42.55 46.20
N ALA RA 37 -50.20 -41.73 45.85
CA ALA RA 37 -49.75 -41.63 44.47
C ALA RA 37 -48.82 -42.78 44.12
N SER RA 38 -48.98 -43.33 42.93
CA SER RA 38 -48.12 -44.39 42.43
C SER RA 38 -47.30 -43.88 41.25
N PHE RA 39 -46.00 -44.15 41.28
CA PHE RA 39 -45.06 -43.62 40.30
C PHE RA 39 -44.44 -44.75 39.49
N ALA RA 40 -44.06 -44.44 38.25
CA ALA RA 40 -43.41 -45.38 37.36
C ALA RA 40 -42.34 -44.66 36.55
N ASP RA 41 -41.25 -45.36 36.27
CA ASP RA 41 -40.17 -44.79 35.48
C ASP RA 41 -40.55 -44.77 34.00
N MET RA 42 -39.72 -44.08 33.20
CA MET RA 42 -40.04 -43.88 31.79
C MET RA 42 -38.89 -44.28 30.87
N PHE RA 43 -38.30 -45.45 31.09
CA PHE RA 43 -37.28 -45.92 30.18
C PHE RA 43 -37.89 -46.21 28.81
N ALA RA 44 -37.26 -45.66 27.76
CA ALA RA 44 -37.78 -45.79 26.39
C ALA RA 44 -36.60 -45.79 25.42
N GLY RA 45 -36.15 -46.99 25.04
CA GLY RA 45 -35.09 -47.12 24.06
C GLY RA 45 -33.73 -46.78 24.62
N SER RA 46 -33.50 -45.50 24.88
CA SER RA 46 -32.25 -45.07 25.49
C SER RA 46 -32.17 -45.53 26.94
N LYS RA 47 -30.98 -45.97 27.35
CA LYS RA 47 -30.78 -46.50 28.69
C LYS RA 47 -30.50 -45.42 29.72
N VAL RA 48 -30.71 -44.15 29.38
CA VAL RA 48 -30.30 -43.06 30.27
C VAL RA 48 -31.32 -42.80 31.37
N GLY RA 49 -32.46 -43.48 31.37
CA GLY RA 49 -33.44 -43.23 32.41
C GLY RA 49 -34.18 -41.91 32.23
N LEU RA 50 -35.03 -41.85 31.20
CA LEU RA 50 -35.66 -40.61 30.76
C LEU RA 50 -36.33 -39.84 31.90
N GLY RA 51 -37.14 -40.51 32.71
CA GLY RA 51 -37.79 -39.82 33.80
C GLY RA 51 -38.79 -40.68 34.54
N VAL RA 52 -39.67 -40.01 35.28
CA VAL RA 52 -40.66 -40.65 36.13
C VAL RA 52 -42.04 -40.10 35.79
N LYS RA 53 -43.03 -40.99 35.70
CA LYS RA 53 -44.40 -40.61 35.44
C LYS RA 53 -45.29 -41.10 36.57
N VAL RA 54 -46.42 -40.42 36.76
CA VAL RA 54 -47.37 -40.79 37.80
C VAL RA 54 -48.30 -41.86 37.25
N ALA RA 55 -48.26 -43.05 37.87
CA ALA RA 55 -49.11 -44.14 37.42
C ALA RA 55 -50.58 -43.90 37.73
N GLY RA 56 -50.88 -43.34 38.89
CA GLY RA 56 -52.26 -43.06 39.26
C GLY RA 56 -52.37 -42.78 40.74
N ILE RA 57 -53.62 -42.71 41.20
CA ILE RA 57 -53.95 -42.51 42.61
C ILE RA 57 -54.67 -43.74 43.10
N THR RA 58 -54.07 -44.42 44.07
CA THR RA 58 -54.65 -45.63 44.66
C THR RA 58 -55.31 -45.29 45.99
N GLN RA 59 -56.57 -45.67 46.13
CA GLN RA 59 -57.30 -45.42 47.36
C GLN RA 59 -56.95 -46.47 48.41
N ASP RA 60 -57.24 -46.14 49.67
CA ASP RA 60 -57.03 -47.04 50.79
C ASP RA 60 -58.43 -47.38 51.32
N PHE RA 61 -59.00 -48.46 50.81
CA PHE RA 61 -60.38 -48.86 51.14
C PHE RA 61 -60.44 -49.70 52.41
N THR RA 62 -59.87 -49.18 53.49
CA THR RA 62 -60.00 -49.83 54.79
C THR RA 62 -61.06 -49.12 55.63
N ASP RA 63 -61.75 -49.89 56.46
CA ASP RA 63 -62.82 -49.33 57.27
C ASP RA 63 -62.26 -48.31 58.26
N GLY RA 64 -62.93 -47.15 58.32
CA GLY RA 64 -62.55 -46.13 59.28
C GLY RA 64 -63.16 -46.36 60.65
N THR RA 65 -62.89 -45.43 61.55
CA THR RA 65 -63.43 -45.52 62.90
C THR RA 65 -64.93 -45.25 62.88
N THR RA 66 -65.70 -46.19 63.42
CA THR RA 66 -67.16 -46.06 63.48
C THR RA 66 -67.57 -45.60 64.86
N THR RA 67 -68.29 -44.48 64.91
CA THR RA 67 -68.72 -43.87 66.16
C THR RA 67 -70.24 -43.91 66.25
N ASN RA 68 -70.75 -44.44 67.36
CA ASN RA 68 -72.19 -44.53 67.54
C ASN RA 68 -72.79 -43.18 67.87
N THR RA 69 -73.88 -42.82 67.19
CA THR RA 69 -74.56 -41.55 67.43
C THR RA 69 -75.99 -41.71 67.93
N GLY RA 70 -76.64 -42.85 67.67
CA GLY RA 70 -77.96 -43.12 68.19
C GLY RA 70 -79.11 -42.56 67.39
N ARG RA 71 -78.86 -41.98 66.22
CA ARG RA 71 -79.94 -41.44 65.39
C ARG RA 71 -80.49 -42.54 64.50
N GLY RA 72 -81.75 -42.43 64.11
CA GLY RA 72 -82.38 -43.43 63.28
C GLY RA 72 -82.13 -43.28 61.80
N LEU RA 73 -81.36 -42.28 61.36
CA LEU RA 73 -81.18 -42.00 59.95
C LEU RA 73 -79.76 -42.19 59.45
N ASP RA 74 -78.78 -42.28 60.35
CA ASP RA 74 -77.39 -42.44 59.93
C ASP RA 74 -77.00 -43.92 59.96
N VAL RA 75 -76.39 -44.39 58.86
CA VAL RA 75 -76.02 -45.79 58.70
C VAL RA 75 -74.54 -45.86 58.35
N ALA RA 76 -73.81 -46.74 59.03
CA ALA RA 76 -72.38 -46.94 58.79
C ALA RA 76 -72.13 -48.34 58.25
N ILE RA 77 -71.06 -48.47 57.48
CA ILE RA 77 -70.75 -49.72 56.79
C ILE RA 77 -69.72 -50.49 57.61
N SER RA 78 -70.06 -51.73 57.96
CA SER RA 78 -69.06 -52.67 58.45
C SER RA 78 -68.60 -53.56 57.30
N GLN RA 79 -67.30 -53.81 57.24
CA GLN RA 79 -66.69 -54.59 56.16
C GLN RA 79 -66.94 -53.86 54.84
N ASN RA 80 -67.19 -54.60 53.77
CA ASN RA 80 -67.41 -54.00 52.46
C ASN RA 80 -68.87 -53.58 52.27
N GLY RA 81 -69.10 -52.72 51.30
CA GLY RA 81 -70.44 -52.26 50.97
C GLY RA 81 -70.43 -50.80 50.56
N PHE RA 82 -71.42 -50.43 49.74
CA PHE RA 82 -71.59 -49.06 49.26
C PHE RA 82 -73.07 -48.75 49.08
N PHE RA 83 -73.49 -47.58 49.56
CA PHE RA 83 -74.83 -47.10 49.25
C PHE RA 83 -74.90 -46.60 47.81
N ARG RA 84 -76.05 -46.81 47.19
CA ARG RA 84 -76.31 -46.46 45.80
C ARG RA 84 -77.26 -45.26 45.75
N LEU RA 85 -76.85 -44.20 45.07
CA LEU RA 85 -77.60 -42.95 45.00
C LEU RA 85 -77.88 -42.61 43.54
N VAL RA 86 -78.86 -41.72 43.34
CA VAL RA 86 -79.18 -41.18 42.02
C VAL RA 86 -79.38 -39.67 42.16
N ASP RA 87 -78.92 -38.93 41.16
CA ASP RA 87 -79.15 -37.49 41.11
C ASP RA 87 -80.43 -37.19 40.34
N SER RA 88 -80.62 -35.91 40.01
CA SER RA 88 -81.82 -35.50 39.29
C SER RA 88 -81.91 -36.12 37.91
N ASN RA 89 -80.78 -36.44 37.29
CA ASN RA 89 -80.75 -36.99 35.93
C ASN RA 89 -80.91 -38.50 35.91
N GLY RA 90 -81.02 -39.15 37.06
CA GLY RA 90 -81.13 -40.59 37.11
C GLY RA 90 -79.83 -41.34 36.99
N SER RA 91 -78.70 -40.64 36.90
CA SER RA 91 -77.40 -41.29 36.86
C SER RA 91 -77.09 -41.92 38.21
N VAL RA 92 -76.48 -43.10 38.19
CA VAL RA 92 -76.20 -43.87 39.40
C VAL RA 92 -74.83 -43.46 39.93
N PHE RA 93 -74.71 -43.44 41.26
CA PHE RA 93 -73.46 -43.15 41.96
C PHE RA 93 -73.41 -44.00 43.21
N TYR RA 94 -72.23 -44.04 43.84
CA TYR RA 94 -72.02 -44.87 45.02
C TYR RA 94 -71.25 -44.08 46.07
N SER RA 95 -71.58 -44.30 47.34
CA SER RA 95 -71.00 -43.53 48.41
C SER RA 95 -70.96 -44.35 49.69
N ARG RA 96 -70.00 -43.99 50.56
CA ARG RA 96 -69.90 -44.60 51.88
C ARG RA 96 -70.45 -43.72 52.99
N ASN RA 97 -70.70 -42.44 52.71
CA ASN RA 97 -71.16 -41.50 53.73
C ASN RA 97 -72.59 -41.85 54.13
N GLY RA 98 -72.86 -41.80 55.43
CA GLY RA 98 -74.14 -42.23 55.95
C GLY RA 98 -75.07 -41.13 56.42
N GLN RA 99 -74.79 -39.88 56.03
CA GLN RA 99 -75.63 -38.75 56.44
C GLN RA 99 -76.85 -38.68 55.55
N PHE RA 100 -77.98 -39.19 56.05
CA PHE RA 100 -79.26 -39.08 55.38
C PHE RA 100 -80.23 -38.29 56.24
N LYS RA 101 -81.13 -37.56 55.59
CA LYS RA 101 -82.15 -36.79 56.29
C LYS RA 101 -83.47 -36.91 55.54
N LEU RA 102 -84.56 -36.76 56.28
CA LEU RA 102 -85.89 -36.76 55.69
C LEU RA 102 -86.45 -35.33 55.72
N ASP RA 103 -86.54 -34.71 54.54
CA ASP RA 103 -87.03 -33.35 54.43
C ASP RA 103 -88.52 -33.33 54.13
N GLU RA 104 -89.05 -32.14 53.84
CA GLU RA 104 -90.47 -32.01 53.56
C GLU RA 104 -90.86 -32.72 52.27
N ASN RA 105 -89.89 -32.96 51.38
CA ASN RA 105 -90.15 -33.63 50.11
C ASN RA 105 -90.34 -35.14 50.26
N ARG RA 106 -90.23 -35.67 51.48
CA ARG RA 106 -90.48 -37.08 51.79
C ARG RA 106 -89.52 -38.02 51.08
N ASN RA 107 -88.32 -37.57 50.77
CA ASN RA 107 -87.31 -38.43 50.16
C ASN RA 107 -86.03 -38.42 50.99
N LEU RA 108 -85.36 -39.57 51.02
CA LEU RA 108 -84.12 -39.72 51.76
C LEU RA 108 -82.96 -39.21 50.91
N VAL RA 109 -82.41 -38.07 51.27
CA VAL RA 109 -81.32 -37.45 50.52
C VAL RA 109 -80.17 -37.17 51.48
N ASN RA 110 -78.97 -37.01 50.92
CA ASN RA 110 -77.79 -36.70 51.69
C ASN RA 110 -77.69 -35.19 51.89
N MET RA 111 -76.56 -34.73 52.44
CA MET RA 111 -76.37 -33.30 52.65
C MET RA 111 -76.32 -32.54 51.33
N GLN RA 112 -75.79 -33.16 50.28
CA GLN RA 112 -75.69 -32.53 48.97
C GLN RA 112 -76.96 -32.68 48.13
N GLY RA 113 -77.87 -33.56 48.53
CA GLY RA 113 -79.15 -33.66 47.85
C GLY RA 113 -79.36 -34.87 46.97
N MET RA 114 -78.37 -35.77 46.87
CA MET RA 114 -78.57 -36.99 46.10
C MET RA 114 -79.53 -37.93 46.82
N GLN RA 115 -80.40 -38.57 46.05
CA GLN RA 115 -81.49 -39.37 46.60
C GLN RA 115 -81.07 -40.82 46.80
N LEU RA 116 -81.50 -41.41 47.90
CA LEU RA 116 -81.21 -42.81 48.18
C LEU RA 116 -81.96 -43.72 47.22
N THR RA 117 -81.37 -44.88 46.94
CA THR RA 117 -82.00 -45.93 46.14
C THR RA 117 -82.07 -47.22 46.95
N GLY RA 118 -82.96 -48.10 46.53
CA GLY RA 118 -83.10 -49.38 47.21
C GLY RA 118 -84.19 -50.22 46.60
N TYR RA 119 -84.42 -51.38 47.21
CA TYR RA 119 -85.48 -52.28 46.77
C TYR RA 119 -86.81 -51.82 47.36
N PRO RA 120 -87.81 -51.53 46.53
CA PRO RA 120 -89.09 -51.04 47.05
C PRO RA 120 -90.00 -52.19 47.45
N ALA RA 121 -91.10 -51.84 48.10
CA ALA RA 121 -92.12 -52.81 48.50
C ALA RA 121 -93.41 -52.54 47.74
N THR RA 122 -94.05 -53.61 47.29
CA THR RA 122 -95.29 -53.52 46.52
C THR RA 122 -96.36 -54.41 47.14
N GLY RA 123 -97.60 -54.03 46.95
CA GLY RA 123 -98.72 -54.80 47.45
C GLY RA 123 -99.26 -54.27 48.76
N THR RA 124 -100.31 -54.95 49.24
CA THR RA 124 -100.96 -54.59 50.49
C THR RA 124 -101.27 -55.84 51.30
N PRO RA 125 -100.60 -56.06 52.45
CA PRO RA 125 -99.55 -55.21 53.05
C PRO RA 125 -98.24 -55.28 52.28
N PRO RA 126 -97.48 -54.19 52.26
CA PRO RA 126 -96.23 -54.16 51.50
C PRO RA 126 -95.23 -55.19 52.01
N THR RA 127 -94.53 -55.82 51.06
CA THR RA 127 -93.45 -56.75 51.35
C THR RA 127 -92.30 -56.45 50.42
N ILE RA 128 -91.08 -56.77 50.87
CA ILE RA 128 -89.89 -56.47 50.08
C ILE RA 128 -89.83 -57.41 48.89
N GLN RA 129 -89.80 -56.84 47.69
CA GLN RA 129 -89.67 -57.61 46.45
C GLN RA 129 -88.22 -57.49 45.99
N GLN RA 130 -87.39 -58.42 46.50
CA GLN RA 130 -85.96 -58.38 46.23
C GLN RA 130 -85.64 -58.58 44.75
N GLY RA 131 -86.53 -59.19 43.99
CA GLY RA 131 -86.30 -59.40 42.58
C GLY RA 131 -86.52 -58.19 41.70
N ALA RA 132 -87.18 -57.16 42.22
CA ALA RA 132 -87.47 -55.97 41.45
C ALA RA 132 -86.23 -55.08 41.33
N ASN RA 133 -86.19 -54.28 40.27
CA ASN RA 133 -85.07 -53.37 40.06
C ASN RA 133 -85.10 -52.27 41.12
N PRO RA 134 -83.94 -51.74 41.51
CA PRO RA 134 -83.90 -50.72 42.56
C PRO RA 134 -84.66 -49.47 42.16
N ALA RA 135 -85.36 -48.89 43.13
CA ALA RA 135 -86.14 -47.68 42.98
C ALA RA 135 -85.80 -46.70 44.10
N PRO RA 136 -85.96 -45.40 43.87
CA PRO RA 136 -85.70 -44.45 44.96
C PRO RA 136 -86.65 -44.66 46.13
N ILE RA 137 -86.11 -44.54 47.34
CA ILE RA 137 -86.89 -44.86 48.54
C ILE RA 137 -87.91 -43.75 48.79
N THR RA 138 -89.17 -44.14 48.93
CA THR RA 138 -90.26 -43.24 49.23
C THR RA 138 -90.88 -43.60 50.57
N ILE RA 139 -91.11 -42.60 51.41
CA ILE RA 139 -91.68 -42.81 52.74
C ILE RA 139 -92.96 -41.99 52.85
N PRO RA 140 -94.11 -42.55 52.48
CA PRO RA 140 -95.36 -41.80 52.59
C PRO RA 140 -95.71 -41.48 54.03
N ASN RA 141 -96.29 -40.30 54.23
CA ASN RA 141 -96.75 -39.86 55.54
C ASN RA 141 -98.23 -40.12 55.76
N THR RA 142 -98.96 -40.48 54.72
CA THR RA 142 -100.38 -40.76 54.85
C THR RA 142 -100.60 -42.06 55.63
N LEU RA 143 -101.64 -42.07 56.45
CA LEU RA 143 -101.95 -43.24 57.24
C LEU RA 143 -102.42 -44.38 56.34
N MET RA 144 -102.34 -45.60 56.87
CA MET RA 144 -102.76 -46.80 56.17
C MET RA 144 -104.14 -47.21 56.67
N ALA RA 145 -105.02 -47.57 55.75
CA ALA RA 145 -106.37 -47.98 56.09
C ALA RA 145 -106.33 -49.34 56.79
N ALA RA 146 -107.47 -49.83 57.26
CA ALA RA 146 -107.55 -51.07 57.99
C ALA RA 146 -107.92 -52.23 57.06
N LYS RA 147 -107.40 -53.41 57.38
CA LYS RA 147 -107.65 -54.61 56.59
C LYS RA 147 -108.66 -55.47 57.34
N SER RA 148 -109.74 -55.83 56.65
CA SER RA 148 -110.75 -56.71 57.25
C SER RA 148 -110.12 -58.06 57.58
N THR RA 149 -110.38 -58.53 58.80
CA THR RA 149 -109.77 -59.77 59.27
C THR RA 149 -110.28 -60.96 58.45
N THR RA 150 -109.35 -61.78 57.99
CA THR RA 150 -109.67 -63.03 57.31
C THR RA 150 -109.17 -64.27 58.03
N THR RA 151 -108.13 -64.16 58.85
CA THR RA 151 -107.62 -65.26 59.64
C THR RA 151 -107.39 -64.79 61.06
N ALA RA 152 -107.85 -65.59 62.03
CA ALA RA 152 -107.64 -65.30 63.44
C ALA RA 152 -107.46 -66.62 64.18
N SER RA 153 -106.64 -66.59 65.23
CA SER RA 153 -106.30 -67.77 65.99
C SER RA 153 -106.64 -67.55 67.46
N MET RA 154 -107.19 -68.58 68.10
CA MET RA 154 -107.51 -68.54 69.52
C MET RA 154 -106.99 -69.82 70.16
N GLN RA 155 -105.82 -69.73 70.78
CA GLN RA 155 -105.22 -70.87 71.48
C GLN RA 155 -105.67 -70.85 72.92
N ILE RA 156 -106.48 -71.82 73.31
CA ILE RA 156 -107.01 -71.95 74.67
C ILE RA 156 -106.97 -73.41 75.07
N ASN RA 157 -106.65 -73.66 76.35
CA ASN RA 157 -106.62 -75.00 76.90
C ASN RA 157 -107.85 -75.20 77.78
N LEU RA 158 -108.58 -76.27 77.54
CA LEU RA 158 -109.82 -76.57 78.25
C LEU RA 158 -109.61 -77.74 79.21
N ASN RA 159 -110.28 -77.68 80.35
CA ASN RA 159 -110.18 -78.72 81.35
C ASN RA 159 -111.25 -79.78 81.10
N SER RA 160 -110.83 -81.04 81.01
CA SER RA 160 -111.78 -82.11 80.71
C SER RA 160 -112.61 -82.50 81.91
N THR RA 161 -112.16 -82.14 83.11
CA THR RA 161 -112.86 -82.50 84.34
C THR RA 161 -113.98 -81.53 84.70
N ASP RA 162 -114.18 -80.48 83.93
CA ASP RA 162 -115.26 -79.53 84.23
C ASP RA 162 -116.61 -80.21 84.04
N PRO RA 163 -117.51 -80.10 85.01
CA PRO RA 163 -118.80 -80.78 84.90
C PRO RA 163 -119.71 -80.11 83.86
N VAL RA 164 -120.60 -80.92 83.29
CA VAL RA 164 -121.61 -80.43 82.35
C VAL RA 164 -122.61 -79.58 83.12
N PRO RA 165 -122.94 -78.38 82.63
CA PRO RA 165 -123.92 -77.53 83.34
C PRO RA 165 -125.25 -78.26 83.52
N SER RA 166 -125.81 -78.14 84.73
CA SER RA 166 -127.06 -78.81 85.05
C SER RA 166 -128.26 -78.09 84.43
N LYS RA 167 -128.23 -76.77 84.43
CA LYS RA 167 -129.37 -75.98 83.95
C LYS RA 167 -129.33 -75.83 82.43
N THR RA 168 -129.48 -76.94 81.72
CA THR RA 168 -129.52 -76.89 80.26
C THR RA 168 -130.84 -76.27 79.80
N PRO RA 169 -130.83 -75.57 78.67
CA PRO RA 169 -129.70 -75.28 77.77
C PRO RA 169 -128.93 -74.04 78.19
N PHE RA 170 -128.07 -73.52 77.30
CA PHE RA 170 -127.28 -72.34 77.62
C PHE RA 170 -128.19 -71.12 77.75
N SER RA 171 -128.00 -70.37 78.83
CA SER RA 171 -128.77 -69.16 79.10
C SER RA 171 -127.80 -68.02 79.37
N VAL RA 172 -128.03 -66.88 78.71
CA VAL RA 172 -127.15 -65.73 78.89
C VAL RA 172 -127.28 -65.17 80.30
N SER RA 173 -128.48 -65.21 80.87
CA SER RA 173 -128.70 -64.66 82.20
C SER RA 173 -128.00 -65.50 83.27
N ASP RA 174 -127.99 -66.82 83.09
CA ASP RA 174 -127.41 -67.74 84.07
C ASP RA 174 -125.93 -67.93 83.76
N ALA RA 175 -125.08 -67.58 84.73
CA ALA RA 175 -123.64 -67.70 84.53
C ALA RA 175 -123.19 -69.15 84.53
N ASP RA 176 -123.92 -70.02 85.23
CA ASP RA 176 -123.54 -71.42 85.35
C ASP RA 176 -123.89 -72.20 84.09
N SER RA 177 -124.57 -71.56 83.15
CA SER RA 177 -125.03 -72.23 81.93
C SER RA 177 -123.94 -72.33 80.87
N TYR RA 178 -122.77 -71.73 81.08
CA TYR RA 178 -121.68 -71.80 80.13
C TYR RA 178 -120.39 -72.16 80.86
N ASN RA 179 -119.49 -72.82 80.14
CA ASN RA 179 -118.23 -73.25 80.72
C ASN RA 179 -117.13 -72.20 80.62
N LYS RA 180 -117.05 -71.48 79.50
CA LYS RA 180 -116.03 -70.46 79.33
C LYS RA 180 -116.55 -69.35 78.45
N LYS RA 181 -116.18 -68.11 78.76
CA LYS RA 181 -116.56 -66.94 77.99
C LYS RA 181 -115.33 -66.07 77.73
N GLY RA 182 -115.17 -65.65 76.48
CA GLY RA 182 -114.09 -64.77 76.11
C GLY RA 182 -114.57 -63.70 75.13
N THR RA 183 -113.74 -62.67 74.97
CA THR RA 183 -114.05 -61.59 74.05
C THR RA 183 -112.81 -61.24 73.23
N VAL RA 184 -112.99 -61.08 71.93
CA VAL RA 184 -111.90 -60.74 71.02
C VAL RA 184 -112.40 -59.69 70.03
N THR RA 185 -111.54 -58.71 69.72
CA THR RA 185 -111.90 -57.60 68.84
C THR RA 185 -111.48 -57.92 67.40
N VAL RA 186 -112.45 -57.85 66.49
CA VAL RA 186 -112.18 -57.97 65.06
C VAL RA 186 -112.48 -56.63 64.39
N TYR RA 187 -112.18 -56.55 63.09
CA TYR RA 187 -112.32 -55.32 62.33
C TYR RA 187 -112.96 -55.61 60.98
N ASP RA 188 -113.81 -54.67 60.53
CA ASP RA 188 -114.46 -54.76 59.23
C ASP RA 188 -113.64 -54.01 58.20
N SER RA 189 -114.23 -53.77 57.01
CA SER RA 189 -113.55 -53.01 55.97
C SER RA 189 -113.31 -51.57 56.39
N GLN RA 190 -114.21 -50.98 57.18
CA GLN RA 190 -114.04 -49.62 57.67
C GLN RA 190 -113.26 -49.55 58.97
N GLY RA 191 -112.72 -50.67 59.45
CA GLY RA 191 -111.85 -50.64 60.60
C GLY RA 191 -112.53 -50.50 61.94
N ASN RA 192 -113.85 -50.64 61.99
CA ASN RA 192 -114.56 -50.56 63.26
C ASN RA 192 -114.20 -51.74 64.15
N ALA RA 193 -114.02 -51.47 65.43
CA ALA RA 193 -113.65 -52.48 66.41
C ALA RA 193 -114.90 -53.17 66.93
N HIS RA 194 -115.04 -54.45 66.65
CA HIS RA 194 -116.19 -55.24 67.09
C HIS RA 194 -115.70 -56.28 68.10
N ASP RA 195 -116.17 -56.17 69.34
CA ASP RA 195 -115.75 -57.07 70.41
C ASP RA 195 -116.70 -58.26 70.43
N MET RA 196 -116.40 -59.28 69.63
CA MET RA 196 -117.27 -60.44 69.51
C MET RA 196 -116.93 -61.41 70.65
N ASN RA 197 -117.97 -62.03 71.20
CA ASN RA 197 -117.84 -62.93 72.35
C ASN RA 197 -117.89 -64.38 71.90
N VAL RA 198 -117.04 -65.21 72.50
CA VAL RA 198 -116.97 -66.64 72.22
C VAL RA 198 -117.34 -67.40 73.49
N TYR RA 199 -118.33 -68.28 73.38
CA TYR RA 199 -118.81 -69.09 74.50
C TYR RA 199 -118.52 -70.56 74.23
N PHE RA 200 -117.83 -71.20 75.17
CA PHE RA 200 -117.55 -72.63 75.14
C PHE RA 200 -118.43 -73.30 76.17
N VAL RA 201 -119.27 -74.24 75.72
CA VAL RA 201 -120.17 -74.98 76.61
C VAL RA 201 -119.92 -76.47 76.38
N LYS RA 202 -119.52 -77.17 77.43
CA LYS RA 202 -119.32 -78.61 77.33
C LYS RA 202 -120.67 -79.32 77.26
N THR RA 203 -120.90 -80.06 76.18
CA THR RA 203 -122.17 -80.76 75.99
C THR RA 203 -122.13 -82.19 76.49
N LYS RA 204 -121.04 -82.90 76.25
CA LYS RA 204 -120.88 -84.27 76.73
C LYS RA 204 -119.37 -84.56 76.78
N ASP RA 205 -119.03 -85.84 76.89
CA ASP RA 205 -117.63 -86.24 76.94
C ASP RA 205 -116.90 -85.83 75.67
N ASN RA 206 -115.91 -84.95 75.82
CA ASN RA 206 -115.03 -84.48 74.75
C ASN RA 206 -115.77 -83.75 73.63
N GLU RA 207 -116.91 -83.13 73.92
CA GLU RA 207 -117.65 -82.34 72.95
C GLU RA 207 -117.93 -80.96 73.55
N TRP RA 208 -117.48 -79.91 72.86
CA TRP RA 208 -117.61 -78.54 73.33
C TRP RA 208 -118.26 -77.71 72.23
N ALA RA 209 -119.50 -77.27 72.46
CA ALA RA 209 -120.16 -76.37 71.54
C ALA RA 209 -119.61 -74.96 71.70
N VAL RA 210 -119.25 -74.34 70.58
CA VAL RA 210 -118.67 -73.00 70.55
C VAL RA 210 -119.64 -72.09 69.84
N TYR RA 211 -120.07 -71.03 70.54
CA TYR RA 211 -120.99 -70.04 70.02
C TYR RA 211 -120.28 -68.70 69.87
N THR RA 212 -120.65 -67.97 68.81
CA THR RA 212 -120.13 -66.64 68.54
C THR RA 212 -121.25 -65.63 68.59
N HIS RA 213 -121.04 -64.53 69.29
CA HIS RA 213 -122.07 -63.51 69.46
C HIS RA 213 -121.50 -62.13 69.19
N ASP RA 214 -122.22 -61.36 68.38
CA ASP RA 214 -121.84 -59.97 68.08
C ASP RA 214 -122.70 -59.05 68.92
N SER RA 215 -122.21 -58.67 70.11
CA SER RA 215 -122.94 -57.79 71.00
C SER RA 215 -122.82 -56.32 70.64
N SER RA 216 -121.89 -55.97 69.74
CA SER RA 216 -121.67 -54.58 69.37
C SER RA 216 -122.64 -54.07 68.31
N ASP RA 217 -123.42 -54.96 67.69
CA ASP RA 217 -124.37 -54.55 66.67
C ASP RA 217 -125.71 -54.22 67.32
N PRO RA 218 -126.16 -52.96 67.26
CA PRO RA 218 -127.45 -52.61 67.85
C PRO RA 218 -128.65 -53.26 67.18
N ALA RA 219 -128.52 -53.70 65.94
CA ALA RA 219 -129.62 -54.34 65.21
C ALA RA 219 -129.39 -55.82 64.98
N ALA RA 220 -128.49 -56.44 65.74
CA ALA RA 220 -128.21 -57.86 65.57
C ALA RA 220 -129.39 -58.70 66.01
N THR RA 221 -129.75 -59.68 65.18
CA THR RA 221 -130.84 -60.59 65.51
C THR RA 221 -130.36 -61.64 66.50
N ALA RA 222 -131.31 -62.30 67.15
CA ALA RA 222 -131.00 -63.33 68.13
C ALA RA 222 -130.32 -64.52 67.46
N PRO RA 223 -129.17 -64.98 67.95
CA PRO RA 223 -128.51 -66.14 67.33
C PRO RA 223 -129.30 -67.41 67.57
N THR RA 224 -129.62 -68.11 66.49
CA THR RA 224 -130.39 -69.35 66.56
C THR RA 224 -129.60 -70.58 66.13
N THR RA 225 -128.37 -70.40 65.62
CA THR RA 225 -127.56 -71.51 65.14
C THR RA 225 -126.21 -71.50 65.85
N ALA RA 226 -125.80 -72.68 66.33
CA ALA RA 226 -124.50 -72.80 66.97
C ALA RA 226 -123.38 -72.57 65.96
N SER RA 227 -122.34 -71.86 66.39
CA SER RA 227 -121.24 -71.55 65.48
C SER RA 227 -120.49 -72.80 65.07
N THR RA 228 -120.07 -73.62 66.04
CA THR RA 228 -119.38 -74.86 65.72
C THR RA 228 -119.39 -75.77 66.94
N THR RA 229 -118.78 -76.94 66.80
CA THR RA 229 -118.70 -77.93 67.87
C THR RA 229 -117.36 -78.65 67.78
N LEU RA 230 -116.48 -78.39 68.74
CA LEU RA 230 -115.20 -79.08 68.80
C LEU RA 230 -115.40 -80.48 69.38
N LYS RA 231 -114.90 -81.48 68.65
CA LYS RA 231 -115.00 -82.87 69.04
C LYS RA 231 -113.60 -83.48 69.10
N PHE RA 232 -113.29 -84.14 70.21
CA PHE RA 232 -112.00 -84.76 70.41
C PHE RA 232 -112.17 -86.27 70.57
N ASN RA 233 -111.36 -87.03 69.85
CA ASN RA 233 -111.43 -88.49 69.90
C ASN RA 233 -110.60 -89.02 71.07
N GLU RA 234 -110.60 -90.35 71.23
CA GLU RA 234 -109.83 -90.96 72.31
C GLU RA 234 -108.33 -90.83 72.09
N ASN RA 235 -107.90 -90.65 70.85
CA ASN RA 235 -106.48 -90.51 70.52
C ASN RA 235 -105.98 -89.08 70.71
N GLY RA 236 -106.88 -88.12 70.92
CA GLY RA 236 -106.50 -86.74 71.13
C GLY RA 236 -106.15 -85.97 69.88
N ILE RA 237 -106.39 -86.53 68.70
CA ILE RA 237 -106.06 -85.88 67.44
C ILE RA 237 -107.33 -85.31 66.83
N LEU RA 238 -107.33 -84.01 66.55
CA LEU RA 238 -108.47 -83.36 65.91
C LEU RA 238 -108.44 -83.63 64.41
N GLU RA 239 -109.60 -83.95 63.84
CA GLU RA 239 -109.72 -84.27 62.43
C GLU RA 239 -110.26 -83.12 61.59
N SER RA 240 -111.36 -82.50 62.02
CA SER RA 240 -111.97 -81.42 61.27
C SER RA 240 -112.66 -80.46 62.22
N GLY RA 241 -113.14 -79.35 61.66
CA GLY RA 241 -113.79 -78.33 62.46
C GLY RA 241 -112.86 -77.35 63.13
N GLY RA 242 -111.56 -77.37 62.82
CA GLY RA 242 -110.61 -76.48 63.45
C GLY RA 242 -110.68 -75.04 62.98
N THR RA 243 -111.31 -74.78 61.83
CA THR RA 243 -111.48 -73.43 61.31
C THR RA 243 -112.95 -73.21 60.98
N VAL RA 244 -113.49 -72.07 61.42
CA VAL RA 244 -114.89 -71.74 61.19
C VAL RA 244 -114.98 -70.32 60.69
N ASN RA 245 -115.78 -70.11 59.64
CA ASN RA 245 -115.95 -68.78 59.06
C ASN RA 245 -117.11 -68.06 59.73
N ILE RA 246 -116.84 -66.87 60.26
CA ILE RA 246 -117.84 -66.04 60.91
C ILE RA 246 -117.97 -64.74 60.13
N THR RA 247 -119.20 -64.38 59.78
CA THR RA 247 -119.50 -63.19 58.99
C THR RA 247 -120.39 -62.26 59.81
N THR RA 248 -120.00 -60.99 59.88
CA THR RA 248 -120.80 -60.00 60.60
C THR RA 248 -121.94 -59.50 59.72
N GLY RA 249 -122.83 -58.71 60.33
CA GLY RA 249 -123.96 -58.17 59.60
C GLY RA 249 -123.62 -56.91 58.84
N THR RA 250 -124.65 -56.35 58.22
CA THR RA 250 -124.52 -55.11 57.44
C THR RA 250 -124.63 -53.94 58.40
N ILE RA 251 -123.49 -53.37 58.78
CA ILE RA 251 -123.42 -52.31 59.77
C ILE RA 251 -122.91 -51.04 59.11
N ASN RA 252 -123.72 -49.99 59.15
CA ASN RA 252 -123.35 -48.66 58.63
C ASN RA 252 -122.96 -48.72 57.15
N GLY RA 253 -123.49 -49.70 56.43
CA GLY RA 253 -123.18 -49.85 55.03
C GLY RA 253 -121.83 -50.45 54.71
N ALA RA 254 -121.07 -50.85 55.72
CA ALA RA 254 -119.76 -51.43 55.49
C ALA RA 254 -119.87 -52.86 54.99
N THR RA 255 -118.82 -53.33 54.32
CA THR RA 255 -118.76 -54.70 53.85
C THR RA 255 -118.74 -55.65 55.04
N ALA RA 256 -119.50 -56.74 54.93
CA ALA RA 256 -119.55 -57.72 56.00
C ALA RA 256 -118.18 -58.35 56.23
N ALA RA 257 -117.79 -58.43 57.51
CA ALA RA 257 -116.48 -58.94 57.87
C ALA RA 257 -116.53 -60.44 58.05
N THR RA 258 -115.94 -61.16 57.09
CA THR RA 258 -115.85 -62.62 57.13
C THR RA 258 -114.44 -63.00 57.55
N PHE RA 259 -114.33 -63.65 58.69
CA PHE RA 259 -113.03 -64.04 59.23
C PHE RA 259 -113.06 -65.50 59.65
N SER RA 260 -111.92 -66.17 59.48
CA SER RA 260 -111.81 -67.59 59.83
C SER RA 260 -111.16 -67.71 61.21
N LEU RA 261 -111.95 -68.11 62.19
CA LEU RA 261 -111.47 -68.34 63.55
C LEU RA 261 -110.95 -69.77 63.65
N SER RA 262 -109.74 -69.94 64.19
CA SER RA 262 -109.07 -71.23 64.23
C SER RA 262 -108.69 -71.57 65.67
N PHE RA 263 -109.14 -72.75 66.11
CA PHE RA 263 -108.71 -73.34 67.38
C PHE RA 263 -107.73 -74.50 67.16
N LEU RA 264 -106.93 -74.44 66.11
CA LEU RA 264 -106.08 -75.56 65.74
C LEU RA 264 -104.96 -75.76 66.76
N ASN RA 265 -104.47 -76.99 66.83
CA ASN RA 265 -103.37 -77.41 67.70
C ASN RA 265 -103.70 -77.31 69.18
N SER RA 266 -104.99 -77.28 69.53
CA SER RA 266 -105.37 -77.31 70.93
C SER RA 266 -104.99 -78.66 71.55
N MET RA 267 -104.57 -78.61 72.81
CA MET RA 267 -104.06 -79.79 73.49
C MET RA 267 -104.90 -80.06 74.73
N GLN RA 268 -105.03 -81.34 75.07
CA GLN RA 268 -105.80 -81.81 76.23
C GLN RA 268 -104.81 -82.34 77.25
N GLN RA 269 -104.38 -81.47 78.17
CA GLN RA 269 -103.43 -81.86 79.20
C GLN RA 269 -103.98 -81.50 80.58
N ASN RA 270 -103.16 -81.66 81.63
CA ASN RA 270 -103.56 -81.41 83.00
C ASN RA 270 -103.45 -79.94 83.38
N THR RA 271 -104.21 -79.08 82.71
CA THR RA 271 -104.23 -77.67 83.06
C THR RA 271 -104.99 -77.44 84.36
N GLY RA 272 -104.61 -76.40 85.09
CA GLY RA 272 -105.24 -76.08 86.35
C GLY RA 272 -106.68 -75.65 86.22
N ALA RA 273 -107.00 -74.87 85.19
CA ALA RA 273 -108.35 -74.38 84.97
C ALA RA 273 -108.52 -73.89 83.54
N ASN RA 274 -109.71 -73.39 83.21
CA ASN RA 274 -109.97 -72.88 81.88
C ASN RA 274 -109.52 -71.43 81.78
N ASN RA 275 -108.40 -71.20 81.08
CA ASN RA 275 -107.86 -69.88 80.89
C ASN RA 275 -107.47 -69.70 79.43
N ILE RA 276 -107.62 -68.48 78.92
CA ILE RA 276 -107.29 -68.16 77.55
C ILE RA 276 -105.79 -67.95 77.45
N VAL RA 277 -105.12 -68.75 76.62
CA VAL RA 277 -103.68 -68.68 76.48
C VAL RA 277 -103.27 -67.55 75.54
N ALA RA 278 -103.84 -67.50 74.34
CA ALA RA 278 -103.47 -66.47 73.38
C ALA RA 278 -104.59 -66.25 72.40
N THR RA 279 -104.74 -64.99 71.96
CA THR RA 279 -105.66 -64.62 70.90
C THR RA 279 -104.95 -63.67 69.95
N ASN RA 280 -105.13 -63.90 68.65
CA ASN RA 280 -104.48 -63.05 67.65
C ASN RA 280 -105.32 -63.01 66.39
N GLN RA 281 -105.09 -61.98 65.59
CA GLN RA 281 -105.77 -61.81 64.32
C GLN RA 281 -104.92 -60.91 63.43
N ASN RA 282 -105.12 -61.03 62.11
CA ASN RA 282 -104.27 -60.39 61.14
C ASN RA 282 -104.69 -58.97 60.79
N GLY RA 283 -105.78 -58.47 61.37
CA GLY RA 283 -106.19 -57.10 61.16
C GLY RA 283 -105.57 -56.15 62.18
N TYR RA 284 -105.88 -54.86 62.02
CA TYR RA 284 -105.37 -53.84 62.92
C TYR RA 284 -106.35 -52.67 62.92
N LYS RA 285 -106.19 -51.79 63.92
CA LYS RA 285 -107.07 -50.66 64.15
C LYS RA 285 -106.47 -49.39 63.56
N PRO RA 286 -107.30 -48.51 62.97
CA PRO RA 286 -106.77 -47.34 62.27
C PRO RA 286 -105.85 -46.46 63.11
N GLY RA 287 -104.72 -46.07 62.53
CA GLY RA 287 -103.78 -45.22 63.23
C GLY RA 287 -103.00 -44.35 62.25
N ASP RA 288 -102.31 -43.36 62.81
CA ASP RA 288 -101.48 -42.45 62.04
C ASP RA 288 -100.01 -42.86 62.15
N LEU RA 289 -99.22 -42.40 61.18
CA LEU RA 289 -97.79 -42.65 61.19
C LEU RA 289 -97.16 -42.01 62.41
N VAL RA 290 -96.32 -42.76 63.13
CA VAL RA 290 -95.71 -42.30 64.36
C VAL RA 290 -94.20 -42.12 64.19
N SER RA 291 -93.51 -43.13 63.71
CA SER RA 291 -92.04 -43.07 63.66
C SER RA 291 -91.52 -43.91 62.50
N TYR RA 292 -90.24 -43.68 62.18
CA TYR RA 292 -89.53 -44.45 61.18
C TYR RA 292 -88.17 -44.83 61.74
N GLN RA 293 -87.65 -45.98 61.32
CA GLN RA 293 -86.38 -46.48 61.82
C GLN RA 293 -85.73 -47.38 60.79
N ILE RA 294 -84.44 -47.65 61.00
CA ILE RA 294 -83.65 -48.52 60.14
C ILE RA 294 -83.01 -49.58 61.02
N ASN RA 295 -83.25 -50.85 60.69
CA ASN RA 295 -82.63 -51.94 61.43
C ASN RA 295 -81.26 -52.28 60.84
N ASN RA 296 -80.53 -53.16 61.53
CA ASN RA 296 -79.19 -53.53 61.10
C ASN RA 296 -79.18 -54.35 59.82
N ASP RA 297 -80.32 -54.86 59.37
CA ASP RA 297 -80.40 -55.64 58.14
C ASP RA 297 -80.75 -54.80 56.92
N GLY RA 298 -80.88 -53.48 57.08
CA GLY RA 298 -81.16 -52.60 55.97
C GLY RA 298 -82.62 -52.33 55.71
N THR RA 299 -83.52 -53.01 56.39
CA THR RA 299 -84.96 -52.78 56.18
C THR RA 299 -85.39 -51.47 56.82
N VAL RA 300 -86.24 -50.73 56.12
CA VAL RA 300 -86.82 -49.48 56.62
C VAL RA 300 -88.17 -49.82 57.24
N VAL RA 301 -88.32 -49.53 58.54
CA VAL RA 301 -89.49 -49.94 59.31
C VAL RA 301 -90.26 -48.70 59.74
N GLY RA 302 -91.53 -48.64 59.37
CA GLY RA 302 -92.43 -47.60 59.82
C GLY RA 302 -93.32 -48.13 60.92
N ASN RA 303 -93.40 -47.39 62.02
CA ASN RA 303 -94.22 -47.72 63.16
C ASN RA 303 -95.39 -46.74 63.22
N TYR RA 304 -96.61 -47.26 63.15
CA TYR RA 304 -97.83 -46.47 63.13
C TYR RA 304 -98.39 -46.37 64.54
N SER RA 305 -99.60 -45.82 64.66
CA SER RA 305 -100.26 -45.65 65.96
C SER RA 305 -100.80 -46.95 66.52
N ASN RA 306 -100.85 -48.02 65.74
CA ASN RA 306 -101.29 -49.32 66.23
C ASN RA 306 -100.10 -50.12 66.75
N GLU RA 307 -98.91 -49.51 66.71
CA GLU RA 307 -97.67 -50.14 67.14
C GLU RA 307 -97.45 -51.47 66.42
N GLN RA 308 -97.61 -51.43 65.10
CA GLN RA 308 -97.34 -52.59 64.25
C GLN RA 308 -96.39 -52.15 63.15
N GLU RA 309 -95.31 -52.91 62.98
CA GLU RA 309 -94.25 -52.53 62.05
C GLU RA 309 -94.65 -52.86 60.61
N GLN RA 310 -94.35 -51.94 59.71
CA GLN RA 310 -94.53 -52.17 58.28
C GLN RA 310 -93.23 -51.82 57.54
N VAL RA 311 -92.82 -52.70 56.63
CA VAL RA 311 -91.60 -52.44 55.87
C VAL RA 311 -91.93 -51.52 54.70
N LEU RA 312 -91.06 -50.56 54.45
CA LEU RA 312 -91.26 -49.58 53.38
C LEU RA 312 -90.22 -49.69 52.27
N GLY RA 313 -89.07 -50.30 52.55
CA GLY RA 313 -88.04 -50.46 51.56
C GLY RA 313 -86.81 -51.07 52.17
N GLN RA 314 -85.90 -51.51 51.31
CA GLN RA 314 -84.66 -52.15 51.74
C GLN RA 314 -83.49 -51.40 51.13
N ILE RA 315 -82.55 -50.98 51.98
CA ILE RA 315 -81.36 -50.30 51.50
C ILE RA 315 -80.47 -51.29 50.76
N VAL RA 316 -80.14 -50.95 49.52
CA VAL RA 316 -79.34 -51.83 48.67
C VAL RA 316 -77.86 -51.48 48.83
N LEU RA 317 -77.01 -52.49 48.71
CA LEU RA 317 -75.57 -52.30 48.75
C LEU RA 317 -74.97 -52.72 47.40
N ALA RA 318 -73.86 -52.09 47.04
CA ALA RA 318 -73.20 -52.35 45.78
C ALA RA 318 -71.75 -52.78 46.03
N ASN RA 319 -71.31 -53.79 45.29
CA ASN RA 319 -69.94 -54.25 45.34
C ASN RA 319 -69.37 -54.30 43.93
N PHE RA 320 -68.07 -54.02 43.83
CA PHE RA 320 -67.38 -53.96 42.56
C PHE RA 320 -66.24 -54.96 42.54
N ALA RA 321 -65.89 -55.40 41.32
CA ALA RA 321 -64.72 -56.25 41.15
C ALA RA 321 -63.43 -55.47 41.40
N ASN RA 322 -63.44 -54.16 41.15
CA ASN RA 322 -62.27 -53.31 41.30
C ASN RA 322 -62.71 -52.03 42.00
N ASN RA 323 -62.46 -51.95 43.31
CA ASN RA 323 -62.79 -50.73 44.04
C ASN RA 323 -61.91 -49.57 43.62
N GLU RA 324 -60.63 -49.83 43.33
CA GLU RA 324 -59.72 -48.76 42.94
C GLU RA 324 -60.07 -48.16 41.58
N GLY RA 325 -60.87 -48.86 40.77
CA GLY RA 325 -61.29 -48.33 39.49
C GLY RA 325 -62.40 -47.31 39.54
N LEU RA 326 -62.96 -47.07 40.73
CA LEU RA 326 -64.03 -46.09 40.87
C LEU RA 326 -63.52 -44.69 40.59
N ALA RA 327 -64.33 -43.89 39.89
CA ALA RA 327 -64.00 -42.51 39.59
C ALA RA 327 -64.62 -41.61 40.65
N SER RA 328 -63.78 -40.95 41.44
CA SER RA 328 -64.29 -40.07 42.48
C SER RA 328 -64.91 -38.83 41.86
N GLN RA 329 -66.17 -38.57 42.22
CA GLN RA 329 -66.91 -37.44 41.69
C GLN RA 329 -67.00 -36.28 42.68
N GLY RA 330 -66.23 -36.32 43.76
CA GLY RA 330 -66.29 -35.29 44.77
C GLY RA 330 -67.42 -35.51 45.75
N ASP RA 331 -67.42 -34.68 46.80
CA ASP RA 331 -68.39 -34.73 47.90
C ASP RA 331 -68.70 -36.17 48.31
N ASN RA 332 -67.64 -36.94 48.58
CA ASN RA 332 -67.71 -38.36 48.94
C ASN RA 332 -68.74 -39.12 48.10
N VAL RA 333 -68.64 -39.02 46.79
CA VAL RA 333 -69.51 -39.72 45.85
C VAL RA 333 -68.65 -40.36 44.77
N TRP RA 334 -68.88 -41.65 44.54
CA TRP RA 334 -68.11 -42.43 43.58
C TRP RA 334 -69.00 -42.79 42.40
N ALA RA 335 -68.38 -42.84 41.21
CA ALA RA 335 -69.09 -43.18 39.98
C ALA RA 335 -68.47 -44.43 39.35
N ALA RA 336 -69.33 -45.32 38.86
CA ALA RA 336 -68.85 -46.55 38.23
C ALA RA 336 -68.17 -46.24 36.89
N THR RA 337 -67.13 -47.01 36.61
CA THR RA 337 -66.38 -46.84 35.32
C THR RA 337 -66.01 -48.23 34.80
N GLN RA 338 -65.33 -48.29 33.66
CA GLN RA 338 -64.98 -49.60 33.05
C GLN RA 338 -64.05 -50.37 33.99
N ALA RA 339 -63.00 -49.73 34.47
CA ALA RA 339 -62.03 -50.39 35.36
C ALA RA 339 -62.74 -50.96 36.58
N SER RA 340 -63.63 -50.18 37.19
CA SER RA 340 -64.41 -50.66 38.36
C SER RA 340 -65.30 -51.82 37.92
N GLY RA 341 -65.58 -51.90 36.62
CA GLY RA 341 -66.42 -52.99 36.09
C GLY RA 341 -67.88 -52.78 36.46
N VAL RA 342 -68.75 -53.69 36.04
CA VAL RA 342 -70.17 -53.53 36.31
C VAL RA 342 -70.43 -53.70 37.81
N ALA RA 343 -71.49 -53.05 38.29
CA ALA RA 343 -71.80 -53.06 39.71
C ALA RA 343 -72.65 -54.28 40.05
N LEU RA 344 -72.34 -54.92 41.17
CA LEU RA 344 -73.14 -56.04 41.66
C LEU RA 344 -74.00 -55.56 42.82
N LEU RA 345 -75.30 -55.83 42.76
CA LEU RA 345 -76.24 -55.39 43.77
C LEU RA 345 -76.45 -56.48 44.81
N GLY RA 346 -76.86 -56.07 46.01
CA GLY RA 346 -77.12 -57.05 47.04
C GLY RA 346 -77.65 -56.42 48.31
N THR RA 347 -77.75 -57.26 49.34
CA THR RA 347 -78.28 -56.89 50.64
C THR RA 347 -77.21 -57.09 51.70
N ALA RA 348 -77.18 -56.20 52.68
CA ALA RA 348 -76.16 -56.24 53.72
C ALA RA 348 -76.27 -57.53 54.54
N GLY RA 349 -75.11 -58.01 54.99
CA GLY RA 349 -75.06 -59.19 55.83
C GLY RA 349 -75.07 -60.52 55.10
N SER RA 350 -74.97 -60.51 53.78
CA SER RA 350 -75.00 -61.73 52.99
C SER RA 350 -73.92 -61.67 51.91
N GLY RA 351 -73.29 -62.81 51.66
CA GLY RA 351 -72.30 -62.90 50.59
C GLY RA 351 -71.12 -61.99 50.85
N ASN RA 352 -70.78 -61.16 49.85
CA ASN RA 352 -69.64 -60.24 49.93
C ASN RA 352 -70.06 -58.84 50.35
N PHE RA 353 -71.16 -58.72 51.10
CA PHE RA 353 -71.64 -57.44 51.63
C PHE RA 353 -71.62 -57.50 53.14
N GLY RA 354 -71.03 -56.49 53.76
CA GLY RA 354 -70.97 -56.42 55.21
C GLY RA 354 -72.26 -55.89 55.80
N LYS RA 355 -72.35 -55.99 57.12
CA LYS RA 355 -73.53 -55.56 57.85
C LYS RA 355 -73.56 -54.04 58.00
N LEU RA 356 -74.77 -53.49 58.07
CA LEU RA 356 -74.95 -52.07 58.29
C LEU RA 356 -75.27 -51.80 59.75
N THR RA 357 -74.65 -50.76 60.30
CA THR RA 357 -74.88 -50.37 61.68
C THR RA 357 -75.70 -49.09 61.71
N ASN RA 358 -76.86 -49.14 62.36
CA ASN RA 358 -77.71 -47.97 62.50
C ASN RA 358 -77.31 -47.18 63.74
N GLY RA 359 -77.51 -45.86 63.66
CA GLY RA 359 -77.10 -45.00 64.75
C GLY RA 359 -75.61 -44.80 64.87
N ALA RA 360 -74.87 -44.98 63.78
CA ALA RA 360 -73.42 -44.85 63.78
C ALA RA 360 -72.96 -44.18 62.50
N LEU RA 361 -71.79 -43.56 62.57
CA LEU RA 361 -71.18 -42.89 61.43
C LEU RA 361 -69.75 -43.37 61.27
N GLU RA 362 -69.36 -43.59 60.01
CA GLU RA 362 -68.01 -44.02 59.68
C GLU RA 362 -67.13 -42.80 59.44
N ALA RA 363 -66.08 -42.65 60.25
CA ALA RA 363 -65.16 -41.55 60.09
C ALA RA 363 -64.20 -41.81 58.92
N SER RA 364 -63.21 -40.93 58.77
CA SER RA 364 -62.24 -41.07 57.69
C SER RA 364 -61.21 -42.13 58.04
N ASN RA 365 -60.20 -42.27 57.17
CA ASN RA 365 -59.16 -43.27 57.34
C ASN RA 365 -57.77 -42.63 57.35
N VAL RA 366 -57.70 -41.30 57.38
CA VAL RA 366 -56.45 -40.58 57.30
C VAL RA 366 -55.81 -40.51 58.68
N ASP RA 367 -54.57 -40.97 58.79
CA ASP RA 367 -53.81 -40.83 60.02
C ASP RA 367 -52.89 -39.61 59.92
N LEU RA 368 -52.94 -38.77 60.96
CA LEU RA 368 -52.25 -37.49 60.91
C LEU RA 368 -50.74 -37.61 61.03
N SER RA 369 -50.24 -38.49 61.90
CA SER RA 369 -48.80 -38.64 62.06
C SER RA 369 -48.16 -39.17 60.78
N LYS RA 370 -48.74 -40.23 60.21
CA LYS RA 370 -48.25 -40.76 58.95
C LYS RA 370 -48.33 -39.71 57.84
N GLU RA 371 -49.42 -38.94 57.83
CA GLU RA 371 -49.59 -37.92 56.81
C GLU RA 371 -48.50 -36.85 56.92
N LEU RA 372 -48.18 -36.43 58.14
CA LEU RA 372 -47.14 -35.41 58.32
C LEU RA 372 -45.76 -35.95 57.96
N VAL RA 373 -45.47 -37.20 58.32
CA VAL RA 373 -44.18 -37.78 57.96
C VAL RA 373 -44.05 -37.88 56.44
N ASN RA 374 -45.11 -38.31 55.77
CA ASN RA 374 -45.10 -38.37 54.31
C ASN RA 374 -44.95 -36.98 53.71
N MET RA 375 -45.57 -35.96 54.33
CA MET RA 375 -45.41 -34.60 53.86
C MET RA 375 -43.95 -34.15 53.96
N ILE RA 376 -43.29 -34.49 55.07
CA ILE RA 376 -41.90 -34.12 55.24
C ILE RA 376 -41.02 -34.78 54.18
N VAL RA 377 -41.22 -36.09 53.97
CA VAL RA 377 -40.38 -36.80 52.99
C VAL RA 377 -40.65 -36.31 51.58
N ALA RA 378 -41.92 -35.99 51.27
CA ALA RA 378 -42.25 -35.44 49.96
C ALA RA 378 -41.63 -34.07 49.75
N GLN RA 379 -41.63 -33.23 50.79
CA GLN RA 379 -40.99 -31.93 50.70
C GLN RA 379 -39.49 -32.07 50.44
N ARG RA 380 -38.85 -33.02 51.13
CA ARG RA 380 -37.43 -33.25 50.89
C ARG RA 380 -37.18 -33.76 49.47
N ASN RA 381 -38.04 -34.63 48.96
CA ASN RA 381 -37.91 -35.09 47.58
C ASN RA 381 -38.06 -33.93 46.60
N TYR RA 382 -39.02 -33.04 46.85
CA TYR RA 382 -39.21 -31.88 46.00
C TYR RA 382 -37.99 -30.96 46.03
N GLN RA 383 -37.40 -30.78 47.22
CA GLN RA 383 -36.20 -29.94 47.31
C GLN RA 383 -35.01 -30.58 46.61
N SER RA 384 -34.91 -31.91 46.66
CA SER RA 384 -33.84 -32.59 45.92
C SER RA 384 -34.02 -32.40 44.41
N ASN RA 385 -35.26 -32.52 43.93
CA ASN RA 385 -35.52 -32.30 42.52
C ASN RA 385 -35.23 -30.85 42.13
N ALA RA 386 -35.56 -29.91 43.02
CA ALA RA 386 -35.22 -28.51 42.77
C ALA RA 386 -33.71 -28.30 42.73
N GLN RA 387 -32.97 -29.01 43.57
CA GLN RA 387 -31.51 -28.98 43.50
C GLN RA 387 -31.01 -29.47 42.15
N THR RA 388 -31.62 -30.54 41.65
CA THR RA 388 -31.25 -31.05 40.33
C THR RA 388 -31.53 -30.02 39.24
N ILE RA 389 -32.71 -29.38 39.31
CA ILE RA 389 -33.07 -28.39 38.28
C ILE RA 389 -32.14 -27.18 38.35
N LYS RA 390 -31.74 -26.80 39.56
CA LYS RA 390 -30.79 -25.69 39.72
C LYS RA 390 -29.43 -26.07 39.15
N THR RA 391 -29.00 -27.30 39.39
CA THR RA 391 -27.73 -27.77 38.83
C THR RA 391 -27.76 -27.71 37.32
N GLN RA 392 -28.86 -28.17 36.71
CA GLN RA 392 -28.95 -28.15 35.25
C GLN RA 392 -29.01 -26.72 34.73
N ASP RA 393 -29.74 -25.85 35.43
CA ASP RA 393 -29.78 -24.44 35.07
C ASP RA 393 -28.37 -23.86 35.01
N GLN RA 394 -27.58 -24.04 36.07
CA GLN RA 394 -26.30 -23.35 36.11
C GLN RA 394 -25.23 -24.05 35.27
N ILE RA 395 -25.40 -25.34 34.97
CA ILE RA 395 -24.48 -25.97 34.02
C ILE RA 395 -24.74 -25.45 32.61
N LEU RA 396 -26.02 -25.27 32.26
CA LEU RA 396 -26.35 -24.64 30.99
C LEU RA 396 -25.82 -23.21 30.94
N ASN RA 397 -25.91 -22.50 32.06
CA ASN RA 397 -25.33 -21.15 32.12
C ASN RA 397 -23.83 -21.18 31.90
N THR RA 398 -23.14 -22.13 32.52
CA THR RA 398 -21.69 -22.25 32.34
C THR RA 398 -21.34 -22.51 30.87
N LEU RA 399 -22.12 -23.37 30.22
CA LEU RA 399 -21.88 -23.61 28.80
C LEU RA 399 -22.14 -22.35 27.98
N VAL RA 400 -23.19 -21.60 28.32
CA VAL RA 400 -23.55 -20.41 27.55
C VAL RA 400 -22.46 -19.35 27.67
N ASN RA 401 -21.90 -19.17 28.87
CA ASN RA 401 -20.98 -18.07 29.08
C ASN RA 401 -19.65 -18.29 28.38
N LEU RA 402 -19.43 -19.47 27.81
CA LEU RA 402 -18.21 -19.75 27.05
C LEU RA 402 -18.09 -18.82 25.85
N SER SA 3 71.60 66.18 -135.53
CA SER SA 3 71.14 64.89 -136.03
C SER SA 3 70.29 64.18 -134.99
N SER SA 4 69.93 62.93 -135.27
CA SER SA 4 69.16 62.14 -134.31
C SER SA 4 70.00 61.81 -133.07
N LEU SA 5 71.32 61.78 -133.23
CA LEU SA 5 72.16 61.36 -132.09
C LEU SA 5 71.84 62.24 -130.88
N TRP SA 6 71.93 63.57 -131.04
CA TRP SA 6 71.71 64.45 -129.87
C TRP SA 6 70.26 64.36 -129.40
N ILE SA 7 69.30 64.29 -130.33
CA ILE SA 7 67.88 64.10 -129.94
C ILE SA 7 67.80 62.94 -128.95
N ALA SA 8 68.33 61.77 -129.32
CA ALA SA 8 68.32 60.61 -128.45
C ALA SA 8 69.19 60.81 -127.22
N LYS SA 9 70.26 61.61 -127.33
CA LYS SA 9 71.07 61.91 -126.17
C LYS SA 9 70.30 62.77 -125.16
N THR SA 10 69.52 63.73 -125.66
CA THR SA 10 68.65 64.50 -124.78
C THR SA 10 67.61 63.61 -124.12
N GLY SA 11 67.08 62.64 -124.86
CA GLY SA 11 66.18 61.67 -124.27
C GLY SA 11 66.82 60.86 -123.15
N LEU SA 12 68.04 60.38 -123.40
CA LEU SA 12 68.78 59.65 -122.38
C LEU SA 12 69.06 60.50 -121.16
N ASP SA 13 69.42 61.77 -121.37
CA ASP SA 13 69.68 62.68 -120.26
C ASP SA 13 68.41 62.92 -119.44
N ALA SA 14 67.26 63.05 -120.10
CA ALA SA 14 66.00 63.23 -119.35
C ALA SA 14 65.71 62.00 -118.49
N GLN SA 15 65.84 60.79 -119.03
CA GLN SA 15 65.48 59.59 -118.24
C GLN SA 15 66.47 59.45 -117.09
N GLN SA 16 67.76 59.73 -117.30
CA GLN SA 16 68.72 59.71 -116.17
C GLN SA 16 68.26 60.71 -115.11
N THR SA 17 67.92 61.93 -115.51
CA THR SA 17 67.40 62.93 -114.54
C THR SA 17 66.24 62.30 -113.78
N ASN SA 18 65.27 61.75 -114.50
CA ASN SA 18 64.13 61.14 -113.83
C ASN SA 18 64.59 60.02 -112.90
N MET SA 19 65.60 59.25 -113.31
CA MET SA 19 66.14 58.20 -112.46
C MET SA 19 66.75 58.79 -111.19
N ASP SA 20 67.48 59.90 -111.32
CA ASP SA 20 68.04 60.56 -110.15
C ASP SA 20 66.94 61.07 -109.22
N VAL SA 21 65.87 61.62 -109.79
CA VAL SA 21 64.74 62.07 -108.98
C VAL SA 21 64.13 60.91 -108.21
N ILE SA 22 63.92 59.78 -108.88
CA ILE SA 22 63.34 58.61 -108.22
C ILE SA 22 64.27 58.09 -107.13
N ALA SA 23 65.57 58.06 -107.39
CA ALA SA 23 66.52 57.62 -106.39
C ALA SA 23 66.51 58.53 -105.17
N ASN SA 24 66.43 59.84 -105.39
CA ASN SA 24 66.30 60.78 -104.27
C ASN SA 24 65.02 60.54 -103.49
N ASN SA 25 63.90 60.30 -104.18
CA ASN SA 25 62.65 60.04 -103.49
C ASN SA 25 62.73 58.76 -102.66
N LEU SA 26 63.35 57.73 -103.20
CA LEU SA 26 63.44 56.45 -102.49
C LEU SA 26 64.44 56.49 -101.35
N ALA SA 27 65.46 57.35 -101.44
CA ALA SA 27 66.43 57.45 -100.36
C ALA SA 27 65.84 58.18 -99.14
N ASN SA 28 64.86 59.05 -99.36
CA ASN SA 28 64.25 59.84 -98.29
C ASN SA 28 62.92 59.26 -97.82
N VAL SA 29 62.79 57.92 -97.84
CA VAL SA 29 61.56 57.29 -97.38
C VAL SA 29 61.34 57.53 -95.89
N SER SA 30 62.37 57.37 -95.08
CA SER SA 30 62.25 57.46 -93.63
C SER SA 30 62.45 58.86 -93.09
N THR SA 31 62.75 59.84 -93.94
CA THR SA 31 62.90 61.21 -93.48
C THR SA 31 61.56 61.77 -93.02
N ASN SA 32 61.60 62.54 -91.93
CA ASN SA 32 60.39 63.11 -91.35
C ASN SA 32 60.06 64.42 -92.07
N GLY SA 33 58.83 64.52 -92.56
CA GLY SA 33 58.38 65.72 -93.23
C GLY SA 33 59.04 65.95 -94.59
N PHE SA 34 59.00 64.93 -95.45
CA PHE SA 34 59.58 65.01 -96.77
C PHE SA 34 58.46 65.02 -97.82
N LYS SA 35 58.55 65.94 -98.77
CA LYS SA 35 57.59 66.01 -99.86
C LYS SA 35 58.21 65.40 -101.11
N ARG SA 36 57.50 64.43 -101.69
CA ARG SA 36 58.05 63.68 -102.84
C ARG SA 36 58.27 64.62 -104.03
N GLN SA 37 59.32 64.37 -104.79
CA GLN SA 37 59.64 65.17 -105.96
C GLN SA 37 59.17 64.46 -107.22
N ARG SA 38 58.53 65.20 -108.11
CA ARG SA 38 57.99 64.69 -109.36
C ARG SA 38 58.57 65.50 -110.50
N ALA SA 39 59.20 64.82 -111.45
CA ALA SA 39 59.85 65.49 -112.57
C ALA SA 39 58.93 65.47 -113.79
N VAL SA 40 58.75 66.62 -114.40
CA VAL SA 40 57.97 66.76 -115.63
C VAL SA 40 58.92 67.24 -116.73
N PHE SA 41 58.61 66.87 -117.97
CA PHE SA 41 59.48 67.15 -119.10
C PHE SA 41 58.71 67.91 -120.18
N GLU SA 42 59.43 68.71 -120.95
CA GLU SA 42 58.86 69.45 -122.06
C GLU SA 42 59.75 69.31 -123.29
N ASP SA 43 59.13 69.17 -124.45
CA ASP SA 43 59.88 69.15 -125.70
C ASP SA 43 60.28 70.56 -126.09
N LEU SA 44 61.48 70.70 -126.67
CA LEU SA 44 62.00 72.00 -127.04
C LEU SA 44 61.36 72.44 -128.36
N LEU SA 45 61.93 73.50 -128.97
CA LEU SA 45 61.34 74.13 -130.14
C LEU SA 45 61.23 73.16 -131.30
N TYR SA 46 60.05 73.11 -131.91
CA TYR SA 46 59.86 72.35 -133.15
C TYR SA 46 60.45 73.13 -134.31
N GLN SA 47 61.08 72.40 -135.24
CA GLN SA 47 61.64 72.99 -136.44
C GLN SA 47 60.70 72.75 -137.62
N THR SA 48 60.34 73.84 -138.30
CA THR SA 48 59.55 73.76 -139.53
C THR SA 48 60.54 73.85 -140.70
N ILE SA 49 60.47 72.88 -141.59
CA ILE SA 49 61.36 72.84 -142.74
C ILE SA 49 60.67 73.33 -144.00
N ARG SA 50 59.45 72.86 -144.25
CA ARG SA 50 58.64 73.35 -145.35
C ARG SA 50 57.19 73.40 -144.87
N GLN SA 51 56.52 74.50 -145.20
CA GLN SA 51 55.16 74.72 -144.71
C GLN SA 51 54.16 73.90 -145.53
N PRO SA 52 53.05 73.51 -144.92
CA PRO SA 52 52.02 72.78 -145.68
C PRO SA 52 51.47 73.62 -146.81
N GLY SA 53 51.19 72.97 -147.94
CA GLY SA 53 50.70 73.65 -149.10
C GLY SA 53 49.21 73.96 -149.03
N ALA SA 54 48.71 74.57 -150.11
CA ALA SA 54 47.30 74.92 -150.20
C ALA SA 54 46.51 73.67 -150.57
N GLN SA 55 45.60 73.27 -149.69
CA GLN SA 55 44.78 72.09 -149.91
C GLN SA 55 43.78 72.31 -151.04
N THR SA 60 40.56 62.24 -151.07
CA THR SA 60 41.46 63.38 -150.95
C THR SA 60 42.86 62.94 -150.55
N THR SA 61 43.72 63.90 -150.18
CA THR SA 61 45.15 63.59 -149.91
C THR SA 61 45.53 63.78 -148.44
N LEU SA 62 46.83 63.70 -148.12
CA LEU SA 62 47.34 63.88 -146.73
C LEU SA 62 48.06 65.21 -146.63
N PRO SA 63 47.87 66.02 -145.56
CA PRO SA 63 48.51 67.33 -145.47
C PRO SA 63 50.04 67.23 -145.50
N SER SA 64 50.65 67.51 -146.64
CA SER SA 64 52.12 67.42 -146.80
C SER SA 64 52.82 68.44 -145.90
N GLY SA 65 54.07 68.20 -145.53
CA GLY SA 65 54.78 69.22 -144.74
C GLY SA 65 55.74 68.59 -143.76
N LEU SA 66 57.03 68.93 -143.86
CA LEU SA 66 58.05 68.28 -142.98
C LEU SA 66 58.21 69.18 -141.78
N GLN SA 67 57.80 68.67 -140.62
CA GLN SA 67 58.02 69.46 -139.41
C GLN SA 67 58.74 68.55 -138.42
N ILE SA 68 59.98 68.90 -138.09
CA ILE SA 68 60.85 68.01 -137.30
C ILE SA 68 61.04 68.60 -135.91
N GLY SA 69 60.95 67.74 -134.90
CA GLY SA 69 61.16 68.17 -133.54
C GLY SA 69 62.63 68.28 -133.17
N THR SA 70 62.87 68.58 -131.89
CA THR SA 70 64.23 68.77 -131.38
C THR SA 70 64.62 67.79 -130.29
N GLY SA 71 63.74 67.47 -129.34
CA GLY SA 71 64.06 66.55 -128.28
C GLY SA 71 63.17 66.77 -127.08
N VAL SA 72 63.76 66.57 -125.90
CA VAL SA 72 63.05 66.75 -124.64
C VAL SA 72 63.99 67.40 -123.63
N ARG SA 73 63.42 68.30 -122.82
CA ARG SA 73 64.19 69.00 -121.79
C ARG SA 73 63.40 68.93 -120.48
N PRO SA 74 64.08 68.91 -119.34
CA PRO SA 74 63.37 69.02 -118.06
C PRO SA 74 63.22 70.48 -117.67
N VAL SA 75 61.99 70.88 -117.36
CA VAL SA 75 61.69 72.28 -117.05
C VAL SA 75 61.82 72.53 -115.55
N ALA SA 76 61.04 71.81 -114.75
CA ALA SA 76 61.04 72.01 -113.30
C ALA SA 76 60.45 70.79 -112.62
N THR SA 77 61.05 70.40 -111.50
CA THR SA 77 60.54 69.29 -110.69
C THR SA 77 59.75 69.85 -109.53
N GLU SA 78 58.50 69.42 -109.38
CA GLU SA 78 57.59 69.96 -108.39
C GLU SA 78 57.38 68.98 -107.25
N ARG SA 79 57.16 69.50 -106.05
CA ARG SA 79 56.91 68.66 -104.89
C ARG SA 79 55.42 68.66 -104.54
N LEU SA 80 54.93 67.48 -104.19
CA LEU SA 80 53.51 67.29 -103.88
C LEU SA 80 53.27 67.61 -102.41
N HIS SA 81 52.61 68.73 -102.13
CA HIS SA 81 52.33 69.16 -100.77
C HIS SA 81 51.02 68.53 -100.31
N SER SA 82 51.09 67.25 -99.97
CA SER SA 82 49.96 66.53 -99.41
C SER SA 82 50.31 66.06 -98.00
N GLN SA 83 49.32 66.08 -97.12
CA GLN SA 83 49.54 65.78 -95.70
C GLN SA 83 50.00 64.33 -95.55
N GLY SA 84 51.16 64.15 -94.93
CA GLY SA 84 51.65 62.83 -94.63
C GLY SA 84 51.03 62.27 -93.36
N ASN SA 85 51.44 61.05 -93.01
CA ASN SA 85 50.90 60.40 -91.83
C ASN SA 85 51.70 60.77 -90.59
N LEU SA 86 51.12 60.45 -89.43
CA LEU SA 86 51.73 60.76 -88.15
C LEU SA 86 52.21 59.48 -87.48
N SER SA 87 53.42 59.53 -86.93
CA SER SA 87 53.98 58.44 -86.14
C SER SA 87 54.20 58.91 -84.71
N GLN SA 88 53.96 58.01 -83.76
CA GLN SA 88 53.97 58.34 -82.35
C GLN SA 88 55.37 58.11 -81.79
N THR SA 89 56.05 59.19 -81.43
CA THR SA 89 57.30 59.15 -80.68
C THR SA 89 57.04 59.88 -79.37
N ASN SA 90 57.19 59.18 -78.25
CA ASN SA 90 56.74 59.71 -76.97
C ASN SA 90 57.52 60.96 -76.56
N ASN SA 91 58.63 61.26 -77.25
CA ASN SA 91 59.38 62.48 -77.02
C ASN SA 91 58.48 63.69 -77.15
N SER SA 92 58.41 64.49 -76.09
CA SER SA 92 57.50 65.64 -76.03
C SER SA 92 57.96 66.80 -76.88
N LYS SA 93 59.18 66.76 -77.42
CA LYS SA 93 59.71 67.85 -78.24
C LYS SA 93 59.25 67.79 -79.69
N ASP SA 94 58.66 66.68 -80.12
CA ASP SA 94 58.29 66.51 -81.52
C ASP SA 94 56.83 66.90 -81.72
N VAL SA 95 56.57 67.70 -82.75
CA VAL SA 95 55.22 68.12 -83.11
C VAL SA 95 55.02 67.90 -84.61
N ALA SA 96 53.80 67.54 -84.98
CA ALA SA 96 53.40 67.37 -86.36
C ALA SA 96 52.35 68.41 -86.73
N ILE SA 97 52.32 68.80 -88.00
CA ILE SA 97 51.47 69.87 -88.48
C ILE SA 97 50.27 69.26 -89.22
N LYS SA 98 49.07 69.69 -88.84
CA LYS SA 98 47.84 69.31 -89.54
C LYS SA 98 47.43 70.47 -90.43
N GLY SA 99 48.02 70.52 -91.63
CA GLY SA 99 47.73 71.59 -92.54
C GLY SA 99 48.95 72.18 -93.20
N GLN SA 100 48.76 73.25 -93.98
CA GLN SA 100 49.84 73.86 -94.74
C GLN SA 100 50.48 74.94 -93.88
N GLY SA 101 51.59 74.59 -93.22
CA GLY SA 101 52.32 75.53 -92.41
C GLY SA 101 53.74 75.06 -92.20
N PHE SA 102 54.67 76.01 -92.10
CA PHE SA 102 56.08 75.72 -91.95
C PHE SA 102 56.65 76.46 -90.74
N PHE SA 103 57.47 75.75 -89.97
CA PHE SA 103 58.25 76.37 -88.92
C PHE SA 103 59.34 77.24 -89.52
N GLN SA 104 59.49 78.45 -88.99
CA GLN SA 104 60.51 79.38 -89.47
C GLN SA 104 61.77 79.22 -88.62
N VAL SA 105 62.92 79.30 -89.28
CA VAL SA 105 64.21 78.99 -88.67
C VAL SA 105 65.24 80.02 -89.12
N MET SA 106 66.13 80.39 -88.19
CA MET SA 106 67.30 81.20 -88.49
C MET SA 106 68.47 80.30 -88.86
N LEU SA 107 69.05 80.53 -90.03
CA LEU SA 107 70.29 79.92 -90.44
C LEU SA 107 71.47 80.62 -89.76
N PRO SA 108 72.62 79.94 -89.64
CA PRO SA 108 73.76 80.59 -88.97
C PRO SA 108 74.22 81.87 -89.64
N ASP SA 109 74.07 81.98 -90.96
CA ASP SA 109 74.44 83.23 -91.63
C ASP SA 109 73.51 84.39 -91.27
N GLY SA 110 72.27 84.09 -90.88
CA GLY SA 110 71.32 85.11 -90.48
C GLY SA 110 70.08 85.22 -91.33
N THR SA 111 69.92 84.39 -92.34
CA THR SA 111 68.72 84.42 -93.18
C THR SA 111 67.73 83.37 -92.70
N SER SA 112 66.46 83.56 -93.06
CA SER SA 112 65.40 82.72 -92.57
C SER SA 112 65.01 81.64 -93.58
N ALA SA 113 64.97 80.40 -93.12
CA ALA SA 113 64.49 79.27 -93.89
C ALA SA 113 63.21 78.73 -93.24
N TYR SA 114 62.60 77.76 -93.91
CA TYR SA 114 61.33 77.20 -93.48
C TYR SA 114 61.37 75.69 -93.60
N THR SA 115 60.85 75.00 -92.58
CA THR SA 115 60.92 73.55 -92.51
C THR SA 115 59.59 72.98 -92.04
N ARG SA 116 59.43 71.67 -92.20
CA ARG SA 116 58.25 70.96 -91.72
C ARG SA 116 58.61 69.85 -90.75
N ASP SA 117 59.85 69.35 -90.77
CA ASP SA 117 60.29 68.34 -89.82
C ASP SA 117 60.15 68.89 -88.41
N GLY SA 118 59.27 68.28 -87.62
CA GLY SA 118 58.96 68.78 -86.29
C GLY SA 118 59.74 68.15 -85.17
N SER SA 119 60.81 67.42 -85.49
CA SER SA 119 61.66 66.80 -84.48
C SER SA 119 62.63 67.84 -83.95
N PHE SA 120 62.37 68.31 -82.73
CA PHE SA 120 63.15 69.39 -82.13
C PHE SA 120 63.90 68.90 -80.90
N GLN SA 121 64.83 69.72 -80.43
CA GLN SA 121 65.55 69.50 -79.19
C GLN SA 121 65.78 70.85 -78.51
N VAL SA 122 66.50 70.82 -77.40
CA VAL SA 122 66.82 72.04 -76.66
C VAL SA 122 68.33 72.11 -76.47
N ASP SA 123 68.91 73.30 -76.66
CA ASP SA 123 70.36 73.41 -76.64
C ASP SA 123 70.85 73.58 -75.20
N GLN SA 124 72.13 73.89 -75.04
CA GLN SA 124 72.77 74.03 -73.73
C GLN SA 124 72.14 75.12 -72.87
N ASN SA 125 71.58 76.16 -73.48
CA ASN SA 125 71.05 77.32 -72.78
C ASN SA 125 69.54 77.44 -72.93
N GLY SA 126 68.81 76.34 -72.77
CA GLY SA 126 67.42 76.36 -73.15
C GLY SA 126 67.32 76.27 -74.67
N GLN SA 127 66.43 77.10 -75.23
CA GLN SA 127 66.35 77.35 -76.66
C GLN SA 127 65.97 76.12 -77.47
N LEU SA 128 64.85 76.21 -78.19
CA LEU SA 128 64.38 75.13 -79.03
C LEU SA 128 65.11 75.21 -80.37
N VAL SA 129 65.74 74.11 -80.77
CA VAL SA 129 66.52 74.05 -81.99
C VAL SA 129 66.12 72.82 -82.78
N THR SA 130 66.43 72.83 -84.07
CA THR SA 130 66.23 71.68 -84.92
C THR SA 130 67.35 70.66 -84.68
N ALA SA 131 67.26 69.53 -85.38
CA ALA SA 131 68.29 68.51 -85.26
C ALA SA 131 69.65 69.01 -85.72
N GLY SA 132 69.68 70.01 -86.60
CA GLY SA 132 70.94 70.58 -87.06
C GLY SA 132 71.45 71.69 -86.17
N GLY SA 133 70.69 72.01 -85.13
CA GLY SA 133 71.08 73.03 -84.18
C GLY SA 133 70.59 74.43 -84.47
N PHE SA 134 69.91 74.64 -85.61
CA PHE SA 134 69.42 75.97 -85.94
C PHE SA 134 68.25 76.35 -85.05
N GLN SA 135 68.18 77.63 -84.69
CA GLN SA 135 67.15 78.11 -83.77
C GLN SA 135 65.83 78.34 -84.49
N VAL SA 136 64.76 77.99 -83.78
CA VAL SA 136 63.36 78.30 -84.22
C VAL SA 136 63.11 79.77 -83.90
N GLN SA 137 62.13 80.38 -84.57
CA GLN SA 137 61.58 81.69 -84.12
C GLN SA 137 60.06 81.65 -84.19
N PRO SA 138 59.32 82.33 -83.29
CA PRO SA 138 59.92 83.05 -82.18
C PRO SA 138 60.58 82.09 -81.17
N ALA SA 139 61.87 82.28 -80.90
CA ALA SA 139 62.64 81.33 -80.06
C ALA SA 139 61.99 81.23 -78.68
N ILE SA 140 62.32 80.15 -77.97
CA ILE SA 140 61.51 79.70 -76.81
C ILE SA 140 62.48 79.23 -75.72
N THR SA 141 62.67 80.03 -74.66
CA THR SA 141 63.65 79.71 -73.64
C THR SA 141 62.99 78.85 -72.57
N ILE SA 142 63.64 77.75 -72.20
CA ILE SA 142 63.09 76.80 -71.24
C ILE SA 142 63.91 76.83 -69.95
N PRO SA 143 63.28 77.01 -68.79
CA PRO SA 143 64.03 76.97 -67.53
C PRO SA 143 64.47 75.56 -67.18
N ALA SA 144 65.47 75.42 -66.30
CA ALA SA 144 66.02 74.06 -66.07
C ALA SA 144 65.27 73.32 -64.96
N ASN SA 145 64.03 73.69 -64.68
CA ASN SA 145 63.23 72.89 -63.70
C ASN SA 145 61.99 72.41 -64.43
N ALA SA 146 62.08 72.29 -65.75
CA ALA SA 146 60.91 71.86 -66.54
C ALA SA 146 60.59 70.42 -66.21
N LEU SA 147 59.61 70.17 -65.34
CA LEU SA 147 59.28 68.75 -65.15
C LEU SA 147 58.67 68.14 -66.39
N SER SA 148 57.80 68.89 -67.08
CA SER SA 148 57.16 68.42 -68.30
C SER SA 148 56.81 69.61 -69.16
N ILE SA 149 57.04 69.50 -70.46
CA ILE SA 149 56.73 70.56 -71.41
C ILE SA 149 55.58 70.11 -72.29
N THR SA 150 54.62 70.99 -72.52
CA THR SA 150 53.46 70.71 -73.36
C THR SA 150 53.38 71.75 -74.46
N ILE SA 151 53.36 71.31 -75.71
CA ILE SA 151 53.16 72.18 -76.85
C ILE SA 151 51.70 72.05 -77.28
N GLY SA 152 50.93 73.12 -77.10
CA GLY SA 152 49.50 73.10 -77.28
C GLY SA 152 49.08 73.07 -78.75
N ARG SA 153 47.76 72.98 -78.94
CA ARG SA 153 47.21 72.98 -80.28
C ARG SA 153 47.47 74.30 -80.99
N ASP SA 154 47.43 75.41 -80.25
CA ASP SA 154 47.65 76.74 -80.81
C ASP SA 154 49.11 77.17 -80.72
N GLY SA 155 50.03 76.21 -80.65
CA GLY SA 155 51.44 76.53 -80.58
C GLY SA 155 51.92 77.01 -79.23
N VAL SA 156 51.08 76.94 -78.20
CA VAL SA 156 51.47 77.41 -76.88
C VAL SA 156 52.46 76.43 -76.26
N VAL SA 157 53.57 76.96 -75.77
CA VAL SA 157 54.61 76.15 -75.13
C VAL SA 157 54.54 76.41 -73.63
N SER SA 158 53.95 75.48 -72.89
CA SER SA 158 53.77 75.61 -71.46
C SER SA 158 54.70 74.65 -70.73
N VAL SA 159 55.19 75.10 -69.59
CA VAL SA 159 56.17 74.36 -68.78
C VAL SA 159 55.60 74.14 -67.39
N THR SA 160 55.76 72.92 -66.88
CA THR SA 160 55.35 72.58 -65.52
C THR SA 160 56.53 72.77 -64.59
N GLN SA 161 56.32 73.51 -63.51
CA GLN SA 161 57.39 73.79 -62.55
C GLN SA 161 57.21 72.96 -61.30
N GLN SA 162 58.32 72.68 -60.62
CA GLN SA 162 58.29 71.88 -59.42
C GLN SA 162 57.65 72.65 -58.27
N GLY SA 163 56.76 71.98 -57.55
CA GLY SA 163 56.09 72.57 -56.42
C GLY SA 163 55.15 73.70 -56.77
N GLN SA 164 54.42 73.52 -57.86
CA GLN SA 164 53.45 74.54 -58.31
C GLN SA 164 52.25 73.81 -58.86
N ALA SA 165 51.12 74.50 -58.97
CA ALA SA 165 49.88 73.89 -59.44
C ALA SA 165 49.47 74.32 -60.83
N ALA SA 166 50.14 75.32 -61.42
CA ALA SA 166 49.72 75.80 -62.73
C ALA SA 166 50.90 75.79 -63.70
N PRO SA 167 50.65 75.46 -64.97
CA PRO SA 167 51.74 75.53 -65.96
C PRO SA 167 52.09 76.98 -66.26
N VAL SA 168 53.34 77.18 -66.71
CA VAL SA 168 53.81 78.55 -67.08
C VAL SA 168 54.08 78.57 -68.58
N GLN SA 169 53.29 79.33 -69.34
CA GLN SA 169 53.48 79.41 -70.82
C GLN SA 169 54.82 80.09 -71.13
N VAL SA 170 55.49 79.67 -72.20
CA VAL SA 170 56.77 80.29 -72.61
C VAL SA 170 56.53 81.16 -73.86
N GLY SA 171 55.90 80.59 -74.89
CA GLY SA 171 55.68 81.35 -76.14
C GLY SA 171 54.76 80.64 -77.12
N GLN SA 172 54.45 81.29 -78.24
CA GLN SA 172 53.58 80.71 -79.26
C GLN SA 172 54.38 80.37 -80.49
N LEU SA 173 54.26 79.13 -80.96
CA LEU SA 173 54.98 78.67 -82.15
C LEU SA 173 54.28 79.21 -83.38
N ASN SA 174 54.73 80.35 -83.89
CA ASN SA 174 54.14 80.98 -85.06
C ASN SA 174 54.54 80.21 -86.31
N LEU SA 175 53.56 79.90 -87.15
CA LEU SA 175 53.79 79.16 -88.39
C LEU SA 175 53.77 80.12 -89.57
N THR SA 176 54.66 79.89 -90.52
CA THR SA 176 54.69 80.68 -91.74
C THR SA 176 53.89 79.99 -92.84
N THR SA 177 52.95 80.72 -93.43
CA THR SA 177 52.09 80.21 -94.48
C THR SA 177 52.44 80.94 -95.78
N PHE SA 178 52.53 80.20 -96.87
CA PHE SA 178 52.83 80.74 -98.19
C PHE SA 178 51.62 80.59 -99.12
N MET SA 179 51.55 81.46 -100.13
CA MET SA 179 50.41 81.43 -101.09
C MET SA 179 50.66 80.34 -102.12
N ASN SA 180 51.93 80.09 -102.45
CA ASN SA 180 52.29 78.99 -103.35
C ASN SA 180 53.36 78.16 -102.68
N ASP SA 181 52.97 77.03 -102.10
CA ASP SA 181 53.91 76.16 -101.40
C ASP SA 181 54.88 75.46 -102.35
N THR SA 182 54.43 75.10 -103.55
CA THR SA 182 55.28 74.34 -104.47
C THR SA 182 56.45 75.15 -105.00
N GLY SA 183 56.44 76.48 -104.82
CA GLY SA 183 57.50 77.32 -105.34
C GLY SA 183 58.72 77.46 -104.46
N LEU SA 184 58.70 76.88 -103.26
CA LEU SA 184 59.81 77.00 -102.33
C LEU SA 184 61.05 76.27 -102.86
N GLU SA 185 62.21 76.87 -102.60
CA GLU SA 185 63.47 76.30 -103.03
C GLU SA 185 64.04 75.42 -101.92
N SER SA 186 64.53 74.24 -102.29
CA SER SA 186 65.05 73.29 -101.33
C SER SA 186 66.50 73.66 -101.00
N ILE SA 187 66.72 74.12 -99.75
CA ILE SA 187 68.07 74.42 -99.27
C ILE SA 187 68.91 73.15 -99.12
N GLY SA 188 68.30 71.98 -99.12
CA GLY SA 188 69.01 70.78 -98.73
C GLY SA 188 68.51 70.19 -97.43
N GLU SA 189 69.21 70.44 -96.34
CA GLU SA 189 68.99 69.71 -95.10
C GLU SA 189 67.64 70.04 -94.46
N ASN SA 190 66.57 69.49 -95.03
CA ASN SA 190 65.20 69.65 -94.50
C ASN SA 190 64.83 71.12 -94.32
N LEU SA 191 65.21 71.97 -95.26
CA LEU SA 191 64.91 73.39 -95.20
C LEU SA 191 64.41 73.89 -96.54
N TYR SA 192 63.46 74.80 -96.51
CA TYR SA 192 62.97 75.49 -97.69
C TYR SA 192 63.17 77.00 -97.53
N ILE SA 193 63.51 77.65 -98.62
CA ILE SA 193 63.71 79.10 -98.66
C ILE SA 193 62.72 79.69 -99.65
N GLU SA 194 62.17 80.84 -99.29
CA GLU SA 194 61.19 81.52 -100.14
C GLU SA 194 61.85 81.96 -101.45
N THR SA 195 61.06 81.98 -102.51
CA THR SA 195 61.48 82.45 -103.83
C THR SA 195 60.51 83.53 -104.30
N GLN SA 196 60.70 83.98 -105.54
CA GLN SA 196 59.75 84.91 -106.13
C GLN SA 196 58.41 84.24 -106.44
N SER SA 197 58.40 82.92 -106.64
CA SER SA 197 57.18 82.16 -106.88
C SER SA 197 56.50 81.74 -105.57
N SER SA 198 57.12 82.02 -104.43
CA SER SA 198 56.54 81.67 -103.14
C SER SA 198 56.74 82.81 -102.15
N GLY SA 199 56.70 84.05 -102.64
CA GLY SA 199 56.98 85.20 -101.81
C GLY SA 199 55.86 85.49 -100.82
N ALA SA 200 56.05 86.59 -100.09
CA ALA SA 200 55.13 87.06 -99.06
C ALA SA 200 54.90 86.02 -97.99
N PRO SA 201 55.91 85.75 -97.14
CA PRO SA 201 55.72 84.80 -96.03
C PRO SA 201 54.80 85.38 -94.97
N ASN SA 202 53.66 84.73 -94.78
CA ASN SA 202 52.64 85.26 -93.86
C ASN SA 202 52.77 84.53 -92.53
N GLU SA 203 53.28 85.20 -91.51
CA GLU SA 203 53.32 84.63 -90.17
C GLU SA 203 51.91 84.59 -89.58
N SER SA 204 51.62 83.54 -88.81
CA SER SA 204 50.32 83.43 -88.18
C SER SA 204 50.38 82.45 -87.01
N THR SA 205 49.56 82.71 -86.01
CA THR SA 205 49.34 81.74 -84.95
C THR SA 205 48.64 80.52 -85.53
N PRO SA 206 49.08 79.30 -85.18
CA PRO SA 206 48.44 78.09 -85.72
C PRO SA 206 46.95 78.07 -85.41
N GLY SA 207 46.14 77.72 -86.40
CA GLY SA 207 44.71 77.74 -86.26
C GLY SA 207 44.07 78.99 -86.81
N LEU SA 208 44.89 80.00 -87.12
CA LEU SA 208 44.41 81.27 -87.64
C LEU SA 208 45.00 81.51 -89.02
N ASN SA 209 44.20 82.15 -89.88
CA ASN SA 209 44.60 82.50 -91.24
C ASN SA 209 45.04 81.27 -92.04
N GLY SA 210 44.37 80.14 -91.82
CA GLY SA 210 44.65 78.94 -92.56
C GLY SA 210 45.81 78.12 -92.05
N ALA SA 211 46.48 78.56 -90.99
CA ALA SA 211 47.60 77.83 -90.44
C ALA SA 211 47.14 76.51 -89.84
N GLY SA 212 48.01 75.51 -89.91
CA GLY SA 212 47.67 74.19 -89.41
C GLY SA 212 47.84 74.07 -87.91
N LEU SA 213 47.19 73.06 -87.34
CA LEU SA 213 47.28 72.82 -85.90
C LEU SA 213 48.49 71.95 -85.59
N LEU SA 214 48.86 71.90 -84.31
CA LEU SA 214 50.02 71.15 -83.89
C LEU SA 214 49.62 69.96 -83.02
N TYR SA 215 50.07 68.77 -83.40
CA TYR SA 215 49.92 67.56 -82.61
C TYR SA 215 51.25 67.26 -81.94
N GLN SA 216 51.29 67.33 -80.61
CA GLN SA 216 52.53 67.15 -79.88
C GLN SA 216 52.81 65.66 -79.69
N GLY SA 217 54.08 65.29 -79.77
CA GLY SA 217 54.49 63.91 -79.62
C GLY SA 217 54.41 63.07 -80.87
N TYR SA 218 54.14 63.69 -82.03
CA TYR SA 218 54.03 62.97 -83.28
C TYR SA 218 54.93 63.61 -84.34
N VAL SA 219 55.38 62.78 -85.27
CA VAL SA 219 56.26 63.20 -86.36
C VAL SA 219 55.58 62.87 -87.68
N GLU SA 220 55.74 63.76 -88.66
CA GLU SA 220 55.13 63.58 -89.96
C GLU SA 220 55.99 62.69 -90.83
N THR SA 221 55.39 61.66 -91.42
CA THR SA 221 56.11 60.75 -92.30
C THR SA 221 56.29 61.36 -93.68
N SER SA 222 57.16 60.74 -94.46
CA SER SA 222 57.41 61.19 -95.82
C SER SA 222 56.19 60.92 -96.70
N ASN SA 223 56.05 61.75 -97.74
CA ASN SA 223 54.93 61.67 -98.67
C ASN SA 223 55.16 60.64 -99.77
N VAL SA 224 56.34 60.03 -99.81
CA VAL SA 224 56.76 59.18 -100.92
C VAL SA 224 55.90 57.91 -100.98
N ASN SA 225 55.08 57.80 -102.02
CA ASN SA 225 54.41 56.54 -102.33
C ASN SA 225 55.43 55.60 -102.97
N VAL SA 226 55.35 54.32 -102.60
CA VAL SA 226 56.40 53.39 -102.98
C VAL SA 226 56.16 52.73 -104.34
N ALA SA 227 54.97 52.19 -104.58
CA ALA SA 227 54.70 51.49 -105.82
C ALA SA 227 54.79 52.40 -107.04
N GLU SA 228 54.32 53.64 -106.90
CA GLU SA 228 54.41 54.61 -107.99
C GLU SA 228 55.86 54.79 -108.45
N GLU SA 229 56.80 54.89 -107.52
CA GLU SA 229 58.20 55.01 -107.89
C GLU SA 229 58.71 53.78 -108.62
N LEU SA 230 58.31 52.58 -108.19
CA LEU SA 230 58.78 51.38 -108.87
C LEU SA 230 58.25 51.30 -110.31
N VAL SA 231 56.98 51.65 -110.52
CA VAL SA 231 56.46 51.70 -111.88
C VAL SA 231 57.20 52.75 -112.70
N ASN SA 232 57.50 53.89 -112.08
CA ASN SA 232 58.28 54.92 -112.75
C ASN SA 232 59.64 54.40 -113.17
N MET SA 233 60.30 53.62 -112.30
CA MET SA 233 61.62 53.08 -112.64
C MET SA 233 61.53 52.09 -113.79
N ILE SA 234 60.50 51.24 -113.79
CA ILE SA 234 60.32 50.31 -114.89
C ILE SA 234 60.18 51.05 -116.21
N GLN SA 235 59.29 52.04 -116.25
CA GLN SA 235 59.10 52.80 -117.49
C GLN SA 235 60.34 53.60 -117.87
N VAL SA 236 61.07 54.13 -116.89
CA VAL SA 236 62.30 54.87 -117.19
C VAL SA 236 63.33 53.95 -117.82
N GLN SA 237 63.49 52.74 -117.27
CA GLN SA 237 64.45 51.80 -117.85
C GLN SA 237 64.05 51.43 -119.28
N ARG SA 238 62.77 51.18 -119.52
CA ARG SA 238 62.35 50.83 -120.88
C ARG SA 238 62.54 51.98 -121.86
N ALA SA 239 62.21 53.22 -121.45
CA ALA SA 239 62.44 54.36 -122.32
C ALA SA 239 63.92 54.59 -122.58
N TYR SA 240 64.76 54.37 -121.57
CA TYR SA 240 66.20 54.47 -121.76
C TYR SA 240 66.69 53.45 -122.78
N GLU SA 241 66.18 52.22 -122.70
CA GLU SA 241 66.56 51.20 -123.67
C GLU SA 241 66.10 51.58 -125.08
N ILE SA 242 64.89 52.13 -125.20
CA ILE SA 242 64.40 52.54 -126.51
C ILE SA 242 65.29 53.65 -127.09
N ASN SA 243 65.64 54.64 -126.27
CA ASN SA 243 66.52 55.71 -126.76
C ASN SA 243 67.90 55.18 -127.12
N SER SA 244 68.43 54.22 -126.36
CA SER SA 244 69.69 53.60 -126.73
C SER SA 244 69.58 52.88 -128.07
N LYS SA 245 68.45 52.20 -128.32
CA LYS SA 245 68.24 51.59 -129.62
C LYS SA 245 68.20 52.62 -130.75
N ALA SA 246 67.58 53.77 -130.49
CA ALA SA 246 67.60 54.84 -131.49
C ALA SA 246 69.02 55.33 -131.77
N VAL SA 247 69.82 55.49 -130.72
CA VAL SA 247 71.22 55.88 -130.90
C VAL SA 247 71.96 54.84 -131.73
N SER SA 248 71.74 53.56 -131.43
CA SER SA 248 72.42 52.50 -132.18
C SER SA 248 71.99 52.51 -133.64
N THR SA 249 70.71 52.71 -133.91
CA THR SA 249 70.25 52.78 -135.30
C THR SA 249 70.87 53.94 -136.05
N THR SA 250 70.94 55.14 -135.48
CA THR SA 250 71.51 56.25 -136.29
C THR SA 250 72.98 55.96 -136.58
N ASP SA 251 73.74 55.58 -135.55
CA ASP SA 251 75.16 55.21 -135.75
C ASP SA 251 75.25 54.22 -136.91
N GLN SA 252 74.47 53.14 -136.89
CA GLN SA 252 74.65 52.13 -137.98
C GLN SA 252 74.55 52.78 -139.37
N MET SA 253 73.54 53.62 -139.57
CA MET SA 253 73.30 54.24 -140.89
C MET SA 253 74.47 55.14 -141.30
N LEU SA 254 74.93 56.00 -140.39
CA LEU SA 254 76.02 56.94 -140.75
C LEU SA 254 77.27 56.12 -141.04
N GLN SA 255 77.43 54.98 -140.37
CA GLN SA 255 78.60 54.09 -140.60
C GLN SA 255 78.52 53.55 -142.01
N LYS SA 256 77.35 53.05 -142.41
CA LYS SA 256 77.21 52.61 -143.83
C LYS SA 256 77.60 53.78 -144.73
N LEU SA 257 77.07 54.98 -144.47
CA LEU SA 257 77.36 56.13 -145.37
C LEU SA 257 78.87 56.28 -145.50
N THR SA 258 79.59 56.31 -144.38
CA THR SA 258 81.07 56.50 -144.41
C THR SA 258 81.72 55.37 -145.21
N GLN SA 259 81.43 54.10 -144.89
CA GLN SA 259 82.08 52.94 -145.57
C GLN SA 259 81.76 52.90 -147.07
N LEU SA 260 80.68 53.56 -147.50
CA LEU SA 260 80.44 53.63 -148.96
C LEU SA 260 81.78 53.53 -149.68
N ILE TA 2 58.46 46.26 -145.42
CA ILE TA 2 58.23 44.88 -145.96
C ILE TA 2 56.93 44.32 -145.37
N SER TA 3 56.23 43.49 -146.14
CA SER TA 3 54.92 42.96 -145.67
C SER TA 3 55.08 42.32 -144.30
N SER TA 4 56.14 41.55 -144.10
CA SER TA 4 56.30 40.83 -142.81
C SER TA 4 56.35 41.82 -141.65
N LEU TA 5 57.25 42.80 -141.72
CA LEU TA 5 57.37 43.80 -140.62
C LEU TA 5 56.02 44.49 -140.46
N TRP TA 6 55.36 44.87 -141.55
CA TRP TA 6 54.10 45.63 -141.39
C TRP TA 6 53.07 44.78 -140.64
N ILE TA 7 52.95 43.50 -141.02
CA ILE TA 7 51.94 42.62 -140.35
C ILE TA 7 52.38 42.36 -138.91
N ALA TA 8 53.55 41.78 -138.71
CA ALA TA 8 53.98 41.51 -137.34
C ALA TA 8 53.76 42.72 -136.43
N LYS TA 9 53.89 43.93 -136.96
CA LYS TA 9 53.58 45.13 -136.18
C LYS TA 9 52.10 45.16 -135.82
N THR TA 10 51.23 44.81 -136.76
CA THR TA 10 49.80 44.71 -136.44
C THR TA 10 49.53 43.65 -135.38
N GLY TA 11 50.21 42.52 -135.45
CA GLY TA 11 50.08 41.50 -134.43
C GLY TA 11 50.51 41.99 -133.05
N LEU TA 12 51.67 42.64 -132.99
CA LEU TA 12 52.20 43.09 -131.68
C LEU TA 12 51.24 44.10 -131.08
N ASP TA 13 50.77 45.05 -131.89
CA ASP TA 13 49.84 46.10 -131.40
C ASP TA 13 48.55 45.45 -130.87
N ALA TA 14 48.06 44.41 -131.54
CA ALA TA 14 46.80 43.75 -131.13
C ALA TA 14 46.99 43.03 -129.81
N GLN TA 15 48.12 42.37 -129.60
CA GLN TA 15 48.37 41.73 -128.29
C GLN TA 15 48.51 42.84 -127.24
N GLN TA 16 49.09 43.99 -127.58
CA GLN TA 16 49.14 45.05 -126.54
C GLN TA 16 47.73 45.51 -126.22
N THR TA 17 46.85 45.61 -127.21
CA THR TA 17 45.44 45.96 -126.90
C THR TA 17 44.89 44.90 -125.95
N ASN TA 18 45.04 43.61 -126.27
CA ASN TA 18 44.44 42.56 -125.42
C ASN TA 18 45.02 42.65 -124.01
N MET TA 19 46.27 43.07 -123.85
CA MET TA 19 46.83 43.24 -122.49
C MET TA 19 46.23 44.52 -121.88
N ASP TA 20 46.10 45.57 -122.67
CA ASP TA 20 45.44 46.74 -122.08
C ASP TA 20 44.05 46.39 -121.56
N VAL TA 21 43.29 45.60 -122.32
CA VAL TA 21 41.98 45.15 -121.89
C VAL TA 21 42.08 44.32 -120.61
N ILE TA 22 43.06 43.40 -120.56
CA ILE TA 22 43.26 42.57 -119.38
C ILE TA 22 43.61 43.44 -118.16
N ALA TA 23 44.49 44.42 -118.35
CA ALA TA 23 44.87 45.31 -117.26
C ALA TA 23 43.70 46.13 -116.77
N ASN TA 24 42.87 46.63 -117.68
CA ASN TA 24 41.66 47.34 -117.28
C ASN TA 24 40.71 46.46 -116.50
N ASN TA 25 40.54 45.20 -116.93
CA ASN TA 25 39.68 44.29 -116.18
C ASN TA 25 40.23 44.02 -114.79
N LEU TA 26 41.56 43.85 -114.67
CA LEU TA 26 42.16 43.57 -113.36
C LEU TA 26 42.11 44.77 -112.44
N ALA TA 27 42.28 45.99 -112.97
CA ALA TA 27 42.25 47.17 -112.13
C ALA TA 27 40.86 47.42 -111.56
N ASN TA 28 39.82 46.90 -112.22
CA ASN TA 28 38.44 47.10 -111.81
C ASN TA 28 37.88 45.93 -111.02
N VAL TA 29 38.74 45.21 -110.29
CA VAL TA 29 38.25 44.11 -109.47
C VAL TA 29 37.41 44.62 -108.30
N SER TA 30 37.77 45.75 -107.72
CA SER TA 30 37.04 46.32 -106.59
C SER TA 30 35.91 47.25 -107.01
N THR TA 31 35.74 47.50 -108.31
CA THR TA 31 34.63 48.33 -108.76
C THR TA 31 33.31 47.61 -108.55
N ASN TA 32 32.28 48.39 -108.21
CA ASN TA 32 30.94 47.86 -107.97
C ASN TA 32 30.16 47.91 -109.28
N GLY TA 33 29.60 46.78 -109.68
CA GLY TA 33 28.83 46.72 -110.91
C GLY TA 33 29.65 46.94 -112.16
N PHE TA 34 30.81 46.27 -112.25
CA PHE TA 34 31.68 46.34 -113.42
C PHE TA 34 31.54 45.07 -114.23
N LYS TA 35 31.29 45.23 -115.52
CA LYS TA 35 31.20 44.10 -116.44
C LYS TA 35 32.53 43.91 -117.14
N ARG TA 36 33.02 42.67 -117.08
CA ARG TA 36 34.34 42.33 -117.65
C ARG TA 36 34.39 42.64 -119.13
N GLN TA 37 35.57 43.04 -119.63
CA GLN TA 37 35.72 43.29 -121.06
C GLN TA 37 36.44 42.13 -121.72
N ARG TA 38 36.04 41.80 -122.95
CA ARG TA 38 36.63 40.72 -123.72
C ARG TA 38 36.92 41.23 -125.12
N ALA TA 39 38.15 41.03 -125.58
CA ALA TA 39 38.59 41.53 -126.87
C ALA TA 39 38.54 40.44 -127.93
N VAL TA 40 37.94 40.75 -129.07
CA VAL TA 40 37.83 39.84 -130.19
C VAL TA 40 38.55 40.46 -131.39
N PHE TA 41 39.29 39.65 -132.13
CA PHE TA 41 40.08 40.11 -133.26
C PHE TA 41 39.61 39.44 -134.54
N GLU TA 42 39.89 40.09 -135.67
CA GLU TA 42 39.59 39.54 -136.99
C GLU TA 42 40.77 39.75 -137.91
N ASP TA 43 40.97 38.79 -138.82
CA ASP TA 43 41.99 38.94 -139.86
C ASP TA 43 41.50 39.91 -140.93
N LEU TA 44 42.43 40.65 -141.51
CA LEU TA 44 42.11 41.63 -142.53
C LEU TA 44 41.90 40.93 -143.89
N LEU TA 45 41.81 41.74 -144.94
CA LEU TA 45 41.49 41.21 -146.28
C LEU TA 45 42.64 40.36 -146.80
N TYR TA 46 42.34 39.16 -147.30
CA TYR TA 46 43.33 38.26 -147.87
C TYR TA 46 43.60 38.65 -149.32
N GLN TA 47 44.88 38.85 -149.65
CA GLN TA 47 45.27 39.26 -150.99
C GLN TA 47 45.53 38.03 -151.84
N THR TA 48 44.89 37.99 -153.01
CA THR TA 48 45.02 36.89 -153.96
C THR TA 48 45.93 37.34 -155.09
N ILE TA 49 47.15 36.83 -155.11
CA ILE TA 49 48.12 37.18 -156.15
C ILE TA 49 47.97 36.26 -157.36
N ARG TA 50 47.82 34.95 -157.13
CA ARG TA 50 47.61 34.01 -158.21
C ARG TA 50 46.50 33.05 -157.82
N GLN TA 51 45.51 32.94 -158.70
CA GLN TA 51 44.32 32.14 -158.45
C GLN TA 51 44.65 30.65 -158.41
N PRO TA 52 43.84 29.85 -157.73
CA PRO TA 52 44.08 28.40 -157.72
C PRO TA 52 43.99 27.83 -159.13
N GLY TA 53 44.83 26.83 -159.40
CA GLY TA 53 44.97 26.28 -160.73
C GLY TA 53 43.84 25.34 -161.10
N ALA TA 54 43.85 24.94 -162.36
CA ALA TA 54 42.85 24.02 -162.89
C ALA TA 54 43.25 22.60 -162.52
N GLN TA 55 42.45 21.96 -161.68
CA GLN TA 55 42.72 20.59 -161.26
C GLN TA 55 42.33 19.59 -162.35
N THR TA 60 44.93 14.62 -156.71
CA THR TA 60 46.13 13.83 -156.58
C THR TA 60 47.36 14.70 -156.33
N THR TA 61 47.27 15.95 -156.76
CA THR TA 61 48.33 16.93 -156.60
C THR TA 61 47.88 18.04 -155.66
N LEU TA 62 48.79 18.98 -155.39
CA LEU TA 62 48.43 20.10 -154.53
C LEU TA 62 47.86 21.25 -155.36
N PRO TA 63 46.94 22.03 -154.79
CA PRO TA 63 46.42 23.20 -155.52
C PRO TA 63 47.52 24.24 -155.74
N SER TA 64 47.27 25.26 -156.55
CA SER TA 64 48.36 26.21 -156.87
C SER TA 64 47.86 27.63 -156.72
N GLY TA 65 47.91 28.17 -155.51
CA GLY TA 65 47.48 29.55 -155.29
C GLY TA 65 48.44 30.27 -154.39
N LEU TA 66 48.26 31.57 -154.20
CA LEU TA 66 49.08 32.33 -153.23
C LEU TA 66 48.19 33.44 -152.69
N GLN TA 67 47.59 33.22 -151.53
CA GLN TA 67 46.67 34.20 -150.92
C GLN TA 67 47.25 34.65 -149.58
N ILE TA 68 48.21 35.56 -149.60
CA ILE TA 68 48.81 36.06 -148.37
C ILE TA 68 47.86 37.06 -147.73
N GLY TA 69 47.68 36.91 -146.41
CA GLY TA 69 46.86 37.84 -145.67
C GLY TA 69 47.58 39.15 -145.39
N THR TA 70 46.87 40.06 -144.72
CA THR TA 70 47.39 41.39 -144.46
C THR TA 70 47.48 41.77 -142.99
N GLY TA 71 47.12 40.88 -142.06
CA GLY TA 71 47.32 41.13 -140.66
C GLY TA 71 46.06 40.86 -139.86
N VAL TA 72 45.97 41.50 -138.70
CA VAL TA 72 44.86 41.32 -137.77
C VAL TA 72 44.42 42.70 -137.28
N ARG TA 73 43.16 42.79 -136.86
CA ARG TA 73 42.60 44.03 -136.35
C ARG TA 73 41.54 43.73 -135.31
N PRO TA 74 41.53 44.43 -134.17
CA PRO TA 74 40.45 44.24 -133.19
C PRO TA 74 39.14 44.76 -133.75
N VAL TA 75 38.06 44.03 -133.46
CA VAL TA 75 36.75 44.39 -134.01
C VAL TA 75 35.98 45.23 -133.00
N ALA TA 76 35.65 44.64 -131.86
CA ALA TA 76 34.88 45.35 -130.84
C ALA TA 76 35.02 44.64 -129.51
N THR TA 77 35.68 45.29 -128.56
CA THR TA 77 35.74 44.77 -127.20
C THR TA 77 34.35 44.82 -126.60
N GLU TA 78 33.85 43.68 -126.12
CA GLU TA 78 32.49 43.54 -125.65
C GLU TA 78 32.47 43.22 -124.16
N ARG TA 79 31.49 43.75 -123.46
CA ARG TA 79 31.33 43.48 -122.04
C ARG TA 79 30.26 42.40 -121.84
N LEU TA 80 30.54 41.50 -120.89
CA LEU TA 80 29.65 40.38 -120.61
C LEU TA 80 28.71 40.78 -119.48
N HIS TA 81 27.48 41.15 -119.84
CA HIS TA 81 26.59 41.70 -118.78
C HIS TA 81 26.20 40.57 -117.83
N SER TA 82 27.04 39.54 -117.75
CA SER TA 82 26.76 38.43 -116.81
C SER TA 82 26.58 39.00 -115.40
N GLN TA 83 25.52 38.57 -114.70
CA GLN TA 83 25.23 39.13 -113.35
C GLN TA 83 26.39 38.83 -112.39
N GLY TA 84 26.72 39.78 -111.51
CA GLY TA 84 27.81 39.58 -110.53
C GLY TA 84 27.29 39.08 -109.20
N ASN TA 85 28.08 39.22 -108.13
CA ASN TA 85 27.68 38.72 -106.79
C ASN TA 85 27.29 39.92 -105.90
N LEU TA 86 26.69 39.66 -104.74
CA LEU TA 86 26.25 40.75 -103.88
C LEU TA 86 27.12 40.80 -102.62
N SER TA 87 27.51 42.01 -102.23
CA SER TA 87 28.24 42.24 -100.99
C SER TA 87 27.38 43.08 -100.06
N GLN TA 88 27.40 42.72 -98.78
CA GLN TA 88 26.54 43.34 -97.78
C GLN TA 88 27.22 44.59 -97.24
N THR TA 89 26.55 45.73 -97.37
CA THR TA 89 26.97 46.99 -96.77
C THR TA 89 25.75 47.56 -96.07
N ASN TA 90 25.80 47.63 -94.75
CA ASN TA 90 24.62 47.95 -93.93
C ASN TA 90 24.05 49.34 -94.23
N ASN TA 91 24.73 50.11 -95.07
CA ASN TA 91 24.20 51.39 -95.53
C ASN TA 91 22.84 51.20 -96.19
N SER TA 92 21.85 51.97 -95.73
CA SER TA 92 20.48 51.85 -96.23
C SER TA 92 20.30 52.48 -97.60
N LYS TA 93 21.27 53.24 -98.09
CA LYS TA 93 21.16 53.91 -99.37
C LYS TA 93 21.69 53.09 -100.54
N ASP TA 94 22.33 51.95 -100.28
CA ASP TA 94 22.88 51.12 -101.33
C ASP TA 94 21.87 50.06 -101.75
N VAL TA 95 21.58 50.00 -103.04
CA VAL TA 95 20.64 49.04 -103.61
C VAL TA 95 21.31 48.31 -104.75
N ALA TA 96 21.00 47.02 -104.88
CA ALA TA 96 21.57 46.16 -105.91
C ALA TA 96 20.48 45.59 -106.79
N ILE TA 97 20.80 45.40 -108.07
CA ILE TA 97 19.84 44.95 -109.07
C ILE TA 97 19.97 43.44 -109.23
N LYS TA 98 18.83 42.75 -109.23
CA LYS TA 98 18.78 41.30 -109.43
C LYS TA 98 18.17 41.05 -110.81
N GLY TA 99 19.04 40.99 -111.82
CA GLY TA 99 18.58 40.84 -113.18
C GLY TA 99 19.16 41.89 -114.10
N GLN TA 100 18.66 41.95 -115.34
CA GLN TA 100 19.15 42.90 -116.31
C GLN TA 100 18.34 44.20 -116.20
N GLY TA 101 19.04 45.28 -115.84
CA GLY TA 101 18.41 46.57 -115.70
C GLY TA 101 19.46 47.63 -115.40
N PHE TA 102 19.09 48.88 -115.60
CA PHE TA 102 20.00 50.00 -115.37
C PHE TA 102 19.27 51.17 -114.72
N PHE TA 103 19.96 51.81 -113.78
CA PHE TA 103 19.50 53.07 -113.23
C PHE TA 103 19.79 54.21 -114.20
N GLN TA 104 18.84 55.14 -114.29
CA GLN TA 104 19.00 56.31 -115.13
C GLN TA 104 19.45 57.50 -114.30
N VAL TA 105 20.52 58.17 -114.74
CA VAL TA 105 21.04 59.35 -114.08
C VAL TA 105 21.15 60.46 -115.12
N MET TA 106 21.26 61.69 -114.63
CA MET TA 106 21.31 62.87 -115.47
C MET TA 106 22.71 63.46 -115.46
N LEU TA 107 23.34 63.49 -116.63
CA LEU TA 107 24.64 64.12 -116.83
C LEU TA 107 24.52 65.63 -116.73
N PRO TA 108 25.62 66.33 -116.39
CA PRO TA 108 25.56 67.79 -116.32
C PRO TA 108 25.18 68.46 -117.62
N ASP TA 109 25.49 67.85 -118.76
CA ASP TA 109 25.11 68.42 -120.05
C ASP TA 109 23.61 68.39 -120.27
N GLY TA 110 22.88 67.52 -119.56
CA GLY TA 110 21.45 67.40 -119.72
C GLY TA 110 20.99 66.12 -120.38
N THR TA 111 21.90 65.32 -120.91
CA THR TA 111 21.55 64.04 -121.51
C THR TA 111 21.62 62.94 -120.46
N SER TA 112 20.79 61.91 -120.63
CA SER TA 112 20.69 60.86 -119.64
C SER TA 112 21.73 59.77 -119.88
N ALA TA 113 22.36 59.33 -118.79
CA ALA TA 113 23.27 58.20 -118.79
C ALA TA 113 22.67 57.07 -117.96
N TYR TA 114 23.25 55.89 -118.08
CA TYR TA 114 22.74 54.70 -117.41
C TYR TA 114 23.88 53.99 -116.69
N THR TA 115 23.63 53.65 -115.43
CA THR TA 115 24.64 53.05 -114.57
C THR TA 115 24.05 51.86 -113.83
N ARG TA 116 24.93 50.95 -113.41
CA ARG TA 116 24.53 49.80 -112.61
C ARG TA 116 25.12 49.82 -111.20
N ASP TA 117 26.06 50.72 -110.93
CA ASP TA 117 26.60 50.87 -109.57
C ASP TA 117 25.49 51.35 -108.65
N GLY TA 118 25.23 50.60 -107.59
CA GLY TA 118 24.08 50.86 -106.75
C GLY TA 118 24.36 51.67 -105.50
N SER TA 119 25.48 52.37 -105.47
CA SER TA 119 25.83 53.21 -104.33
C SER TA 119 25.25 54.60 -104.54
N PHE TA 120 24.30 54.99 -103.67
CA PHE TA 120 23.64 56.28 -103.75
C PHE TA 120 23.80 57.01 -102.42
N GLN TA 121 23.71 58.34 -102.48
CA GLN TA 121 23.76 59.18 -101.29
C GLN TA 121 22.76 60.30 -101.40
N VAL TA 122 22.19 60.69 -100.27
CA VAL TA 122 21.28 61.84 -100.22
C VAL TA 122 22.11 63.10 -100.11
N ASP TA 123 21.88 64.05 -101.00
CA ASP TA 123 22.67 65.27 -100.97
C ASP TA 123 21.96 66.34 -100.11
N GLN TA 124 22.51 67.55 -100.08
CA GLN TA 124 22.09 68.57 -99.13
C GLN TA 124 20.69 69.11 -99.41
N ASN TA 125 20.16 68.76 -100.57
CA ASN TA 125 18.75 69.09 -100.90
C ASN TA 125 18.09 67.76 -101.22
N GLY TA 126 18.03 66.84 -100.24
CA GLY TA 126 17.45 65.51 -100.50
C GLY TA 126 18.06 64.95 -101.78
N GLN TA 127 17.26 64.39 -102.68
CA GLN TA 127 17.75 63.94 -104.01
C GLN TA 127 18.79 62.82 -103.88
N LEU TA 128 18.42 61.61 -104.24
CA LEU TA 128 19.43 60.53 -104.25
C LEU TA 128 20.35 60.77 -105.45
N VAL TA 129 21.65 60.95 -105.23
CA VAL TA 129 22.64 61.18 -106.27
C VAL TA 129 23.66 60.04 -106.21
N THR TA 130 24.39 59.88 -107.30
CA THR TA 130 25.49 58.93 -107.34
C THR TA 130 26.66 59.47 -106.55
N ALA TA 131 27.68 58.63 -106.39
CA ALA TA 131 28.88 59.05 -105.65
C ALA TA 131 29.57 60.24 -106.32
N GLY TA 132 29.38 60.42 -107.62
CA GLY TA 132 29.96 61.56 -108.32
C GLY TA 132 29.10 62.79 -108.28
N GLY TA 133 27.93 62.69 -107.64
CA GLY TA 133 27.03 63.82 -107.49
C GLY TA 133 25.96 63.95 -108.55
N PHE TA 134 26.00 63.13 -109.59
CA PHE TA 134 24.99 63.20 -110.64
C PHE TA 134 23.64 62.74 -110.12
N GLN TA 135 22.59 63.48 -110.47
CA GLN TA 135 21.25 63.19 -109.99
C GLN TA 135 20.67 61.97 -110.69
N VAL TA 136 19.87 61.22 -109.92
CA VAL TA 136 19.45 59.83 -110.26
C VAL TA 136 17.97 59.85 -110.62
N GLN TA 137 17.64 60.16 -111.87
CA GLN TA 137 16.22 60.23 -112.28
C GLN TA 137 15.56 58.88 -111.94
N PRO TA 138 14.34 58.85 -111.37
CA PRO TA 138 13.34 59.89 -111.58
C PRO TA 138 13.16 60.90 -110.45
N ALA TA 139 14.25 61.25 -109.74
CA ALA TA 139 14.26 62.22 -108.63
C ALA TA 139 13.60 61.63 -107.38
N ILE TA 140 14.34 61.55 -106.28
CA ILE TA 140 13.79 60.96 -105.03
C ILE TA 140 14.07 61.89 -103.85
N THR TA 141 13.05 62.61 -103.34
CA THR TA 141 13.45 63.55 -102.30
C THR TA 141 13.20 62.93 -100.93
N ILE TA 142 14.23 62.93 -100.10
CA ILE TA 142 14.15 62.37 -98.75
C ILE TA 142 13.97 63.50 -97.73
N PRO TA 143 12.95 63.45 -96.88
CA PRO TA 143 12.78 64.50 -95.87
C PRO TA 143 13.80 64.39 -94.74
N ALA TA 144 13.95 65.45 -93.96
CA ALA TA 144 14.94 65.48 -92.88
C ALA TA 144 14.42 64.77 -91.63
N ASN TA 145 13.11 64.52 -91.59
CA ASN TA 145 12.50 63.88 -90.42
C ASN TA 145 12.62 62.36 -90.50
N ALA TA 146 13.28 61.87 -91.54
CA ALA TA 146 13.40 60.43 -91.76
C ALA TA 146 14.16 59.77 -90.61
N LEU TA 147 13.62 58.65 -90.11
CA LEU TA 147 14.35 57.84 -89.15
C LEU TA 147 15.01 56.64 -89.82
N SER TA 148 14.38 56.10 -90.86
CA SER TA 148 14.94 54.99 -91.62
C SER TA 148 14.38 55.06 -93.04
N ILE TA 149 15.23 54.79 -94.03
CA ILE TA 149 14.84 54.77 -95.42
C ILE TA 149 14.83 53.33 -95.90
N THR TA 150 13.73 52.92 -96.53
CA THR TA 150 13.57 51.54 -97.02
C THR TA 150 13.30 51.58 -98.51
N ILE TA 151 14.16 50.94 -99.29
CA ILE TA 151 13.96 50.76 -100.73
C ILE TA 151 13.44 49.35 -100.95
N GLY TA 152 12.23 49.25 -101.49
CA GLY TA 152 11.52 47.99 -101.58
C GLY TA 152 11.91 47.15 -102.78
N ARG TA 153 11.27 45.99 -102.87
CA ARG TA 153 11.50 45.07 -103.97
C ARG TA 153 11.09 45.68 -105.30
N ASP TA 154 9.97 46.39 -105.34
CA ASP TA 154 9.45 47.01 -106.55
C ASP TA 154 9.89 48.46 -106.70
N GLY TA 155 10.91 48.87 -105.96
CA GLY TA 155 11.43 50.22 -106.09
C GLY TA 155 10.68 51.29 -105.33
N VAL TA 156 9.78 50.91 -104.43
CA VAL TA 156 9.04 51.89 -103.63
C VAL TA 156 9.96 52.38 -102.52
N VAL TA 157 10.12 53.70 -102.43
CA VAL TA 157 10.97 54.31 -101.40
C VAL TA 157 10.04 54.83 -100.30
N SER TA 158 10.01 54.14 -99.17
CA SER TA 158 9.22 54.53 -98.02
C SER TA 158 10.12 55.08 -96.93
N VAL TA 159 9.62 56.09 -96.23
CA VAL TA 159 10.36 56.78 -95.18
C VAL TA 159 9.51 56.78 -93.91
N THR TA 160 10.11 56.33 -92.80
CA THR TA 160 9.42 56.33 -91.51
C THR TA 160 9.71 57.65 -90.81
N GLN TA 161 8.75 58.17 -90.06
CA GLN TA 161 9.00 59.42 -89.29
C GLN TA 161 8.54 59.23 -87.85
N GLN TA 162 8.72 60.26 -87.02
CA GLN TA 162 8.30 60.19 -85.60
C GLN TA 162 6.83 60.56 -85.49
N GLY TA 163 6.12 59.94 -84.55
CA GLY TA 163 4.69 60.22 -84.40
C GLY TA 163 3.98 60.02 -85.72
N GLN TA 164 4.13 58.84 -86.32
CA GLN TA 164 3.40 58.51 -87.58
C GLN TA 164 3.55 57.01 -87.80
N ALA TA 165 2.62 56.23 -87.24
CA ALA TA 165 2.69 54.76 -87.33
C ALA TA 165 2.79 54.31 -88.79
N ALA TA 166 2.42 55.16 -89.74
CA ALA TA 166 2.41 54.66 -91.11
C ALA TA 166 3.57 55.24 -91.90
N PRO TA 167 4.45 54.41 -92.51
CA PRO TA 167 5.64 54.94 -93.18
C PRO TA 167 5.30 55.84 -94.37
N VAL TA 168 5.92 57.03 -94.43
CA VAL TA 168 5.62 58.00 -95.52
C VAL TA 168 6.48 57.65 -96.74
N GLN TA 169 5.85 57.39 -97.87
CA GLN TA 169 6.63 56.95 -99.07
C GLN TA 169 7.26 58.17 -99.72
N VAL TA 170 8.07 57.96 -100.77
CA VAL TA 170 8.81 59.08 -101.40
C VAL TA 170 8.72 58.97 -102.92
N GLY TA 171 8.73 57.76 -103.48
CA GLY TA 171 8.73 57.64 -104.92
C GLY TA 171 9.05 56.26 -105.45
N GLN TA 172 9.14 56.14 -106.77
CA GLN TA 172 9.46 54.88 -107.42
C GLN TA 172 10.81 54.96 -108.12
N LEU TA 173 11.65 53.96 -107.90
CA LEU TA 173 12.95 53.88 -108.58
C LEU TA 173 12.78 53.05 -109.85
N ASN TA 174 12.75 53.71 -111.00
CA ASN TA 174 12.51 53.04 -112.27
C ASN TA 174 13.82 52.58 -112.89
N LEU TA 175 13.81 51.38 -113.46
CA LEU TA 175 14.97 50.81 -114.11
C LEU TA 175 14.81 50.91 -115.62
N THR TA 176 15.92 51.14 -116.31
CA THR TA 176 15.91 51.20 -117.77
C THR TA 176 16.37 49.86 -118.35
N THR TA 177 15.59 49.33 -119.29
CA THR TA 177 15.86 48.03 -119.91
C THR TA 177 16.11 48.24 -121.39
N PHE TA 178 17.22 47.68 -121.89
CA PHE TA 178 17.58 47.81 -123.32
C PHE TA 178 17.41 46.44 -123.96
N MET TA 179 17.53 46.36 -125.28
CA MET TA 179 17.28 45.08 -125.97
C MET TA 179 18.63 44.45 -126.35
N ASN TA 180 19.71 45.21 -126.26
CA ASN TA 180 21.06 44.67 -126.52
C ASN TA 180 21.99 45.29 -125.49
N ASP TA 181 22.07 44.69 -124.30
CA ASP TA 181 22.87 45.37 -123.30
C ASP TA 181 24.35 45.41 -123.65
N THR TA 182 24.82 44.54 -124.53
CA THR TA 182 26.22 44.59 -124.96
C THR TA 182 26.55 45.89 -125.69
N GLY TA 183 25.57 46.56 -126.26
CA GLY TA 183 25.80 47.65 -127.19
C GLY TA 183 25.96 49.05 -126.63
N LEU TA 184 25.75 49.26 -125.33
CA LEU TA 184 25.91 50.60 -124.77
C LEU TA 184 27.34 51.08 -124.81
N GLU TA 185 27.50 52.37 -125.05
CA GLU TA 185 28.80 53.03 -125.07
C GLU TA 185 29.19 53.40 -123.65
N SER TA 186 30.35 52.92 -123.21
CA SER TA 186 30.88 53.22 -121.88
C SER TA 186 31.53 54.59 -121.91
N ILE TA 187 30.88 55.57 -121.28
CA ILE TA 187 31.42 56.93 -121.22
C ILE TA 187 32.73 57.02 -120.45
N GLY TA 188 33.01 56.05 -119.59
CA GLY TA 188 33.99 56.31 -118.56
C GLY TA 188 33.37 56.18 -117.18
N GLU TA 189 33.04 57.31 -116.57
CA GLU TA 189 32.81 57.41 -115.14
C GLU TA 189 31.56 56.62 -114.72
N ASN TA 190 31.71 55.28 -114.70
CA ASN TA 190 30.65 54.31 -114.43
C ASN TA 190 29.31 54.72 -115.03
N LEU TA 191 29.31 55.07 -116.31
CA LEU TA 191 28.08 55.44 -117.02
C LEU TA 191 28.08 54.83 -118.41
N TYR TA 192 26.91 54.35 -118.82
CA TYR TA 192 26.69 53.83 -120.17
C TYR TA 192 25.65 54.71 -120.85
N ILE TA 193 25.81 54.90 -122.15
CA ILE TA 193 24.84 55.65 -122.94
C ILE TA 193 24.32 54.77 -124.07
N GLU TA 194 23.10 55.09 -124.51
CA GLU TA 194 22.52 54.34 -125.64
C GLU TA 194 23.30 54.63 -126.93
N THR TA 195 23.91 53.62 -127.54
CA THR TA 195 24.57 53.83 -128.84
C THR TA 195 23.54 53.63 -129.95
N GLN TA 196 23.98 53.55 -131.20
CA GLN TA 196 22.98 53.22 -132.25
C GLN TA 196 22.42 51.86 -131.84
N SER TA 197 23.25 51.00 -131.25
CA SER TA 197 22.75 49.71 -130.71
C SER TA 197 22.24 49.95 -129.29
N SER TA 198 21.47 49.01 -128.73
CA SER TA 198 20.86 49.22 -127.39
C SER TA 198 20.12 50.56 -127.39
N GLY TA 199 19.24 50.79 -128.37
CA GLY TA 199 18.48 52.05 -128.46
C GLY TA 199 17.19 51.97 -127.66
N ALA TA 200 16.21 52.84 -127.96
CA ALA TA 200 14.92 52.73 -127.29
C ALA TA 200 15.06 52.24 -125.86
N PRO TA 201 15.61 53.07 -124.94
CA PRO TA 201 15.65 52.71 -123.52
C PRO TA 201 14.25 52.63 -122.94
N ASN TA 202 13.87 51.45 -122.46
CA ASN TA 202 12.52 51.22 -121.97
C ASN TA 202 12.49 51.40 -120.46
N GLU TA 203 11.84 52.46 -119.99
CA GLU TA 203 11.66 52.64 -118.55
C GLU TA 203 10.62 51.64 -118.03
N SER TA 204 10.86 51.13 -116.82
CA SER TA 204 9.91 50.23 -116.19
C SER TA 204 10.13 50.20 -114.70
N THR TA 205 9.03 50.09 -113.96
CA THR TA 205 9.14 49.84 -112.53
C THR TA 205 9.70 48.45 -112.30
N PRO TA 206 10.59 48.27 -111.31
CA PRO TA 206 11.27 46.97 -111.13
C PRO TA 206 10.25 45.87 -110.83
N GLY TA 207 10.51 44.68 -111.38
CA GLY TA 207 9.65 43.54 -111.14
C GLY TA 207 8.80 43.12 -112.31
N LEU TA 208 8.60 44.02 -113.27
CA LEU TA 208 7.76 43.75 -114.44
C LEU TA 208 8.42 44.26 -115.71
N ASN TA 209 8.04 43.67 -116.84
CA ASN TA 209 8.60 43.96 -118.16
C ASN TA 209 10.10 43.68 -118.18
N GLY TA 210 10.54 42.68 -117.44
CA GLY TA 210 11.92 42.22 -117.47
C GLY TA 210 12.86 42.95 -116.54
N ALA TA 211 12.41 44.02 -115.89
CA ALA TA 211 13.27 44.74 -114.96
C ALA TA 211 13.55 43.90 -113.74
N GLY TA 212 14.78 44.03 -113.22
CA GLY TA 212 15.19 43.24 -112.08
C GLY TA 212 14.69 43.82 -110.76
N LEU TA 213 14.83 43.03 -109.70
CA LEU TA 213 14.40 43.44 -108.38
C LEU TA 213 15.50 44.26 -107.70
N LEU TA 214 15.15 44.91 -106.59
CA LEU TA 214 16.11 45.73 -105.85
C LEU TA 214 16.32 45.14 -104.46
N TYR TA 215 17.58 45.02 -104.06
CA TYR TA 215 17.96 44.61 -102.71
C TYR TA 215 18.58 45.80 -102.00
N GLN TA 216 17.99 46.18 -100.87
CA GLN TA 216 18.47 47.33 -100.10
C GLN TA 216 19.52 46.86 -99.11
N GLY TA 217 20.68 47.54 -99.12
CA GLY TA 217 21.79 47.18 -98.27
C GLY TA 217 22.84 46.31 -98.93
N TYR TA 218 22.68 45.99 -100.21
CA TYR TA 218 23.63 45.18 -100.95
C TYR TA 218 24.13 45.92 -102.18
N VAL TA 219 25.38 45.65 -102.54
CA VAL TA 219 25.99 46.22 -103.73
C VAL TA 219 26.49 45.09 -104.61
N GLU TA 220 26.20 45.17 -105.91
CA GLU TA 220 26.67 44.16 -106.85
C GLU TA 220 28.17 44.34 -107.09
N THR TA 221 28.92 43.27 -106.85
CA THR TA 221 30.37 43.31 -107.01
C THR TA 221 30.76 43.11 -108.47
N SER TA 222 32.05 43.24 -108.74
CA SER TA 222 32.55 43.13 -110.11
C SER TA 222 32.37 41.70 -110.63
N ASN TA 223 32.14 41.62 -111.93
CA ASN TA 223 31.93 40.34 -112.62
C ASN TA 223 33.25 39.64 -112.91
N VAL TA 224 34.35 40.38 -113.01
CA VAL TA 224 35.65 39.90 -113.48
C VAL TA 224 36.08 38.62 -112.78
N ASN TA 225 36.34 37.57 -113.56
CA ASN TA 225 36.99 36.38 -113.05
C ASN TA 225 38.50 36.56 -113.11
N VAL TA 226 39.21 36.02 -112.13
CA VAL TA 226 40.62 36.33 -111.98
C VAL TA 226 41.54 35.36 -112.73
N ALA TA 227 41.27 34.06 -112.67
CA ALA TA 227 42.14 33.09 -113.33
C ALA TA 227 42.16 33.27 -114.84
N GLU TA 228 41.00 33.59 -115.43
CA GLU TA 228 40.93 33.84 -116.87
C GLU TA 228 41.87 34.96 -117.27
N GLU TA 229 41.94 36.04 -116.49
CA GLU TA 229 42.82 37.14 -116.80
C GLU TA 229 44.30 36.72 -116.77
N LEU TA 230 44.70 35.90 -115.80
CA LEU TA 230 46.09 35.48 -115.74
C LEU TA 230 46.45 34.55 -116.89
N VAL TA 231 45.55 33.63 -117.25
CA VAL TA 231 45.82 32.77 -118.39
C VAL TA 231 45.90 33.58 -119.68
N ASN TA 232 44.99 34.55 -119.83
CA ASN TA 232 45.04 35.42 -121.00
C ASN TA 232 46.32 36.23 -121.03
N MET TA 233 46.80 36.69 -119.88
CA MET TA 233 48.06 37.43 -119.82
C MET TA 233 49.23 36.56 -120.25
N ILE TA 234 49.26 35.31 -119.79
CA ILE TA 234 50.34 34.40 -120.19
C ILE TA 234 50.32 34.19 -121.70
N GLN TA 235 49.14 33.92 -122.26
CA GLN TA 235 49.04 33.71 -123.70
C GLN TA 235 49.42 34.97 -124.49
N VAL TA 236 49.00 36.15 -124.01
CA VAL TA 236 49.36 37.39 -124.67
C VAL TA 236 50.86 37.60 -124.67
N GLN TA 237 51.52 37.33 -123.54
CA GLN TA 237 52.96 37.48 -123.47
C GLN TA 237 53.67 36.53 -124.44
N ARG TA 238 53.22 35.27 -124.50
CA ARG TA 238 53.87 34.33 -125.40
C ARG TA 238 53.63 34.68 -126.88
N ALA TA 239 52.43 35.11 -127.23
CA ALA TA 239 52.17 35.55 -128.61
C ALA TA 239 52.99 36.79 -128.95
N TYR TA 240 53.14 37.71 -128.01
CA TYR TA 240 53.98 38.89 -128.21
C TYR TA 240 55.43 38.48 -128.48
N GLU TA 241 55.94 37.52 -127.71
CA GLU TA 241 57.30 37.03 -127.93
C GLU TA 241 57.44 36.37 -129.29
N ILE TA 242 56.42 35.61 -129.71
CA ILE TA 242 56.46 34.96 -131.02
C ILE TA 242 56.49 36.00 -132.14
N ASN TA 243 55.66 37.03 -132.03
CA ASN TA 243 55.66 38.09 -133.04
C ASN TA 243 56.99 38.86 -133.04
N SER TA 244 57.58 39.07 -131.85
CA SER TA 244 58.91 39.68 -131.80
C SER TA 244 59.95 38.83 -132.51
N LYS TA 245 59.83 37.50 -132.42
CA LYS TA 245 60.79 36.57 -133.10
C LYS TA 245 60.54 36.63 -134.60
N ALA TA 246 59.30 36.82 -135.01
CA ALA TA 246 59.03 37.00 -136.44
C ALA TA 246 59.64 38.30 -136.97
N VAL TA 247 59.52 39.39 -136.19
CA VAL TA 247 60.15 40.65 -136.57
C VAL TA 247 61.66 40.47 -136.66
N SER TA 248 62.24 39.75 -135.70
CA SER TA 248 63.68 39.49 -135.70
C SER TA 248 64.10 38.77 -136.98
N THR TA 249 63.29 37.84 -137.46
CA THR TA 249 63.71 37.06 -138.65
C THR TA 249 63.76 37.95 -139.89
N THR TA 250 62.69 38.71 -140.16
CA THR TA 250 62.62 39.54 -141.38
C THR TA 250 63.75 40.57 -141.37
N ASP TA 251 64.04 41.17 -140.21
CA ASP TA 251 65.14 42.15 -140.08
C ASP TA 251 66.46 41.51 -140.50
N GLN TA 252 66.80 40.34 -139.96
CA GLN TA 252 68.08 39.65 -140.30
C GLN TA 252 68.09 39.33 -141.80
N MET TA 253 66.95 38.89 -142.32
CA MET TA 253 66.89 38.54 -143.76
C MET TA 253 67.25 39.79 -144.58
N LEU TA 254 66.67 40.94 -144.22
CA LEU TA 254 66.89 42.17 -145.02
C LEU TA 254 68.32 42.66 -144.78
N GLN TA 255 68.86 42.43 -143.60
CA GLN TA 255 70.26 42.85 -143.29
C GLN TA 255 71.20 42.07 -144.20
N LYS TA 256 70.90 40.79 -144.44
CA LYS TA 256 71.75 40.03 -145.40
C LYS TA 256 71.47 40.49 -146.84
N LEU TA 257 70.21 40.80 -147.18
CA LEU TA 257 69.98 41.31 -148.56
C LEU TA 257 70.65 42.66 -148.72
N THR TA 258 70.42 43.58 -147.76
CA THR TA 258 71.01 44.88 -148.04
C THR TA 258 72.53 44.85 -148.02
N GLN TA 259 73.13 44.01 -147.16
CA GLN TA 259 74.62 43.91 -147.15
C GLN TA 259 75.11 43.11 -148.36
N LEU TA 260 74.30 42.98 -149.40
CA LEU TA 260 74.72 42.27 -150.63
C LEU TA 260 76.12 42.79 -151.00
N MET UA 1 63.35 22.18 -142.81
CA MET UA 1 63.47 20.83 -143.41
C MET UA 1 64.93 20.64 -143.86
N ILE UA 2 65.86 20.58 -142.92
CA ILE UA 2 67.26 20.24 -143.30
C ILE UA 2 67.42 18.81 -142.79
N SER UA 3 66.31 18.16 -142.44
CA SER UA 3 66.33 16.76 -141.95
C SER UA 3 66.79 16.75 -140.51
N SER UA 4 67.07 17.91 -139.92
CA SER UA 4 67.39 17.95 -138.48
C SER UA 4 66.48 18.99 -137.84
N LEU UA 5 65.93 19.88 -138.65
CA LEU UA 5 64.97 20.88 -138.13
C LEU UA 5 63.59 20.24 -138.31
N TRP UA 6 63.47 19.20 -139.14
CA TRP UA 6 62.21 18.49 -139.22
C TRP UA 6 62.10 17.41 -138.15
N ILE UA 7 63.19 16.67 -137.92
CA ILE UA 7 63.17 15.62 -136.91
C ILE UA 7 62.92 16.18 -135.52
N ALA UA 8 63.57 17.29 -135.16
CA ALA UA 8 63.34 17.90 -133.87
C ALA UA 8 61.98 18.57 -133.76
N LYS UA 9 61.46 19.12 -134.86
CA LYS UA 9 60.10 19.64 -134.86
C LYS UA 9 59.09 18.53 -134.58
N THR UA 10 59.32 17.35 -135.14
CA THR UA 10 58.42 16.22 -134.89
C THR UA 10 58.42 15.85 -133.41
N GLY UA 11 59.59 15.85 -132.77
CA GLY UA 11 59.68 15.59 -131.35
C GLY UA 11 59.01 16.64 -130.50
N LEU UA 12 59.19 17.91 -130.87
CA LEU UA 12 58.49 18.99 -130.17
C LEU UA 12 56.97 18.81 -130.25
N ASP UA 13 56.47 18.48 -131.44
CA ASP UA 13 55.04 18.27 -131.60
C ASP UA 13 54.55 17.08 -130.78
N ALA UA 14 55.36 16.01 -130.73
CA ALA UA 14 54.98 14.84 -129.92
C ALA UA 14 54.90 15.20 -128.45
N GLN UA 15 55.88 15.95 -127.94
CA GLN UA 15 55.85 16.35 -126.54
C GLN UA 15 54.67 17.27 -126.26
N GLN UA 16 54.35 18.16 -127.20
CA GLN UA 16 53.19 19.03 -127.01
C GLN UA 16 51.90 18.21 -126.97
N THR UA 17 51.79 17.19 -127.82
CA THR UA 17 50.61 16.32 -127.79
C THR UA 17 50.52 15.58 -126.45
N ASN UA 18 51.66 15.09 -125.95
CA ASN UA 18 51.65 14.43 -124.65
C ASN UA 18 51.22 15.38 -123.54
N MET UA 19 51.69 16.63 -123.61
CA MET UA 19 51.29 17.63 -122.61
C MET UA 19 49.80 17.92 -122.71
N ASP UA 20 49.25 17.96 -123.93
CA ASP UA 20 47.82 18.14 -124.09
C ASP UA 20 47.03 16.99 -123.46
N VAL UA 21 47.51 15.75 -123.67
CA VAL UA 21 46.87 14.60 -123.05
C VAL UA 21 46.91 14.71 -121.53
N ILE UA 22 48.06 15.09 -120.98
CA ILE UA 22 48.20 15.23 -119.53
C ILE UA 22 47.28 16.31 -118.99
N ALA UA 23 47.20 17.44 -119.68
CA ALA UA 23 46.31 18.52 -119.25
C ALA UA 23 44.86 18.11 -119.31
N ASN UA 24 44.46 17.35 -120.34
CA ASN UA 24 43.11 16.82 -120.39
C ASN UA 24 42.83 15.87 -119.24
N ASN UA 25 43.79 15.01 -118.90
CA ASN UA 25 43.59 14.11 -117.77
C ASN UA 25 43.44 14.89 -116.47
N LEU UA 26 44.26 15.92 -116.27
CA LEU UA 26 44.20 16.69 -115.04
C LEU UA 26 42.95 17.54 -114.94
N ALA UA 27 42.46 18.07 -116.06
CA ALA UA 27 41.28 18.92 -116.01
C ALA UA 27 40.02 18.12 -115.70
N ASN UA 28 39.99 16.84 -116.07
CA ASN UA 28 38.81 16.00 -115.91
C ASN UA 28 38.88 15.15 -114.65
N VAL UA 29 39.54 15.65 -113.59
CA VAL UA 29 39.64 14.90 -112.35
C VAL UA 29 38.28 14.75 -111.68
N SER UA 30 37.49 15.82 -111.63
CA SER UA 30 36.25 15.84 -110.88
C SER UA 30 35.08 15.22 -111.64
N THR UA 31 35.27 14.84 -112.89
CA THR UA 31 34.18 14.23 -113.65
C THR UA 31 33.87 12.83 -113.12
N ASN UA 32 32.66 12.37 -113.42
CA ASN UA 32 32.19 11.06 -112.95
C ASN UA 32 32.41 10.03 -114.06
N GLY UA 33 33.02 8.91 -113.71
CA GLY UA 33 33.26 7.84 -114.65
C GLY UA 33 34.17 8.22 -115.80
N PHE UA 34 35.27 8.90 -115.49
CA PHE UA 34 36.24 9.33 -116.48
C PHE UA 34 37.41 8.36 -116.49
N LYS UA 35 37.78 7.88 -117.68
CA LYS UA 35 38.92 6.99 -117.83
C LYS UA 35 40.10 7.79 -118.37
N ARG UA 36 41.24 7.68 -117.67
CA ARG UA 36 42.40 8.50 -118.00
C ARG UA 36 43.00 8.08 -119.34
N GLN UA 37 43.55 9.06 -120.05
CA GLN UA 37 44.20 8.81 -121.34
C GLN UA 37 45.69 8.58 -121.14
N ARG UA 38 46.30 7.85 -122.06
CA ARG UA 38 47.74 7.60 -122.07
C ARG UA 38 48.22 7.69 -123.51
N ALA UA 39 49.27 8.47 -123.73
CA ALA UA 39 49.79 8.72 -125.07
C ALA UA 39 50.84 7.68 -125.42
N VAL UA 40 50.73 7.10 -126.61
CA VAL UA 40 51.67 6.10 -127.11
C VAL UA 40 52.32 6.64 -128.38
N PHE UA 41 53.64 6.55 -128.44
CA PHE UA 41 54.41 7.07 -129.56
C PHE UA 41 55.19 5.94 -130.23
N GLU UA 42 55.36 6.04 -131.54
CA GLU UA 42 56.16 5.10 -132.32
C GLU UA 42 57.02 5.88 -133.31
N ASP UA 43 58.26 5.44 -133.46
CA ASP UA 43 59.15 6.02 -134.46
C ASP UA 43 58.71 5.64 -135.87
N LEU UA 44 58.87 6.55 -136.81
CA LEU UA 44 58.45 6.31 -138.18
C LEU UA 44 59.52 5.52 -138.93
N LEU UA 45 59.37 5.43 -140.25
CA LEU UA 45 60.31 4.61 -141.05
C LEU UA 45 61.73 5.17 -140.96
N TYR UA 46 62.69 4.34 -140.53
CA TYR UA 46 64.10 4.80 -140.54
C TYR UA 46 64.59 4.69 -141.98
N GLN UA 47 65.36 5.67 -142.45
CA GLN UA 47 65.87 5.65 -143.85
C GLN UA 47 67.27 5.05 -143.87
N THR UA 48 67.52 4.12 -144.80
CA THR UA 48 68.87 3.51 -144.93
C THR UA 48 69.64 4.25 -146.03
N ILE UA 49 70.83 4.76 -145.71
CA ILE UA 49 71.59 5.58 -146.70
C ILE UA 49 72.62 4.69 -147.39
N ARG UA 50 73.19 3.73 -146.66
CA ARG UA 50 74.18 2.82 -147.23
C ARG UA 50 74.19 1.53 -146.41
N GLN UA 51 74.18 0.41 -147.12
CA GLN UA 51 74.09 -0.92 -146.51
C GLN UA 51 75.37 -1.26 -145.77
N PRO UA 52 75.27 -2.07 -144.71
CA PRO UA 52 76.48 -2.51 -144.01
C PRO UA 52 77.34 -3.41 -144.89
N GLY UA 53 78.64 -3.39 -144.63
CA GLY UA 53 79.59 -4.17 -145.39
C GLY UA 53 79.50 -5.66 -145.12
N ALA UA 54 80.26 -6.42 -145.89
CA ALA UA 54 80.21 -7.87 -145.82
C ALA UA 54 81.01 -8.33 -144.61
N GLN UA 55 80.32 -8.90 -143.63
CA GLN UA 55 80.94 -9.48 -142.43
C GLN UA 55 79.94 -10.36 -141.69
N THR UA 60 86.08 -7.13 -133.91
CA THR UA 60 87.33 -6.45 -134.32
C THR UA 60 86.98 -5.24 -135.19
N THR UA 61 85.71 -5.08 -135.57
CA THR UA 61 85.33 -3.97 -136.48
C THR UA 61 83.92 -3.49 -136.15
N LEU UA 62 83.72 -2.17 -136.13
CA LEU UA 62 82.36 -1.62 -135.93
C LEU UA 62 81.56 -1.87 -137.21
N PRO UA 63 80.22 -2.07 -137.15
CA PRO UA 63 79.39 -2.13 -138.37
C PRO UA 63 79.50 -0.82 -139.16
N SER UA 64 79.04 -0.76 -140.42
CA SER UA 64 79.29 0.45 -141.26
C SER UA 64 78.01 1.15 -141.72
N GLY UA 65 76.85 0.73 -141.24
CA GLY UA 65 75.61 1.29 -141.79
C GLY UA 65 75.30 2.72 -141.38
N LEU UA 66 74.80 3.54 -142.31
CA LEU UA 66 74.34 4.90 -141.97
C LEU UA 66 72.83 4.80 -142.08
N GLN UA 67 72.20 4.38 -141.02
CA GLN UA 67 70.76 4.16 -140.97
C GLN UA 67 70.18 5.26 -140.08
N ILE UA 68 69.45 6.20 -140.68
CA ILE UA 68 68.97 7.38 -139.98
C ILE UA 68 67.45 7.31 -139.82
N GLY UA 69 66.99 7.69 -138.64
CA GLY UA 69 65.56 7.73 -138.39
C GLY UA 69 64.91 8.99 -138.92
N THR UA 70 63.61 9.10 -138.68
CA THR UA 70 62.82 10.23 -139.17
C THR UA 70 62.03 10.96 -138.09
N GLY UA 71 62.10 10.53 -136.83
CA GLY UA 71 61.41 11.20 -135.75
C GLY UA 71 60.55 10.23 -134.98
N VAL UA 72 59.47 10.75 -134.39
CA VAL UA 72 58.53 9.97 -133.61
C VAL UA 72 57.13 10.53 -133.81
N ARG UA 73 56.15 9.64 -133.94
CA ARG UA 73 54.77 10.05 -134.22
C ARG UA 73 53.85 9.44 -133.16
N PRO UA 74 52.72 10.08 -132.87
CA PRO UA 74 51.74 9.46 -131.97
C PRO UA 74 50.87 8.47 -132.73
N VAL UA 75 50.77 7.26 -132.19
CA VAL UA 75 50.03 6.20 -132.86
C VAL UA 75 48.61 6.10 -132.33
N ALA UA 76 48.45 6.06 -131.01
CA ALA UA 76 47.13 5.89 -130.43
C ALA UA 76 47.14 6.33 -128.97
N THR UA 77 46.14 7.11 -128.58
CA THR UA 77 45.91 7.43 -127.18
C THR UA 77 44.94 6.41 -126.60
N GLU UA 78 45.44 5.67 -125.61
CA GLU UA 78 44.65 4.55 -125.04
C GLU UA 78 44.08 4.93 -123.68
N ARG UA 79 42.87 4.48 -123.37
CA ARG UA 79 42.20 4.84 -122.10
C ARG UA 79 42.24 3.64 -121.15
N LEU UA 80 42.59 3.88 -119.88
CA LEU UA 80 42.63 2.77 -118.87
C LEU UA 80 41.24 2.61 -118.26
N HIS UA 81 40.61 1.44 -118.45
CA HIS UA 81 39.23 1.22 -117.96
C HIS UA 81 39.24 0.55 -116.58
N SER UA 82 40.26 0.83 -115.76
CA SER UA 82 40.33 0.32 -114.40
C SER UA 82 39.21 0.94 -113.58
N GLN UA 83 38.57 0.13 -112.75
CA GLN UA 83 37.38 0.56 -112.02
C GLN UA 83 37.73 1.68 -111.07
N GLY UA 84 36.98 2.77 -111.14
CA GLY UA 84 37.19 3.91 -110.26
C GLY UA 84 36.49 3.73 -108.92
N ASN UA 85 36.85 4.61 -107.99
CA ASN UA 85 36.27 4.58 -106.66
C ASN UA 85 34.86 5.16 -106.68
N LEU UA 86 34.10 4.86 -105.63
CA LEU UA 86 32.73 5.32 -105.52
C LEU UA 86 32.65 6.49 -104.54
N SER UA 87 31.92 7.53 -104.93
CA SER UA 87 31.61 8.65 -104.05
C SER UA 87 30.13 8.61 -103.70
N GLN UA 88 29.83 8.92 -102.44
CA GLN UA 88 28.49 8.81 -101.89
C GLN UA 88 27.72 10.10 -102.19
N THR UA 89 26.68 9.97 -103.02
CA THR UA 89 25.77 11.09 -103.30
C THR UA 89 24.38 10.50 -103.08
N ASN UA 90 23.70 10.88 -102.00
CA ASN UA 90 22.42 10.20 -101.65
C ASN UA 90 21.44 10.17 -102.83
N ASN UA 91 21.52 11.13 -103.75
CA ASN UA 91 20.51 11.17 -104.85
C ASN UA 91 20.13 9.73 -105.21
N SER UA 92 18.90 9.33 -104.88
CA SER UA 92 18.46 7.98 -105.19
C SER UA 92 18.55 7.66 -106.67
N LYS UA 93 18.77 8.65 -107.54
CA LYS UA 93 18.84 8.42 -108.97
C LYS UA 93 20.25 8.11 -109.46
N ASP UA 94 21.26 8.26 -108.61
CA ASP UA 94 22.64 8.03 -109.02
C ASP UA 94 23.00 6.57 -108.85
N VAL UA 95 23.60 5.98 -109.88
CA VAL UA 95 24.03 4.59 -109.88
C VAL UA 95 25.49 4.51 -110.30
N ALA UA 96 26.15 3.43 -109.91
CA ALA UA 96 27.53 3.18 -110.27
C ALA UA 96 27.69 1.72 -110.67
N ILE UA 97 28.68 1.45 -111.53
CA ILE UA 97 28.90 0.11 -112.08
C ILE UA 97 30.10 -0.51 -111.40
N LYS UA 98 29.90 -1.69 -110.80
CA LYS UA 98 30.98 -2.49 -110.23
C LYS UA 98 31.29 -3.59 -111.24
N GLY UA 99 32.20 -3.27 -112.16
CA GLY UA 99 32.52 -4.17 -113.24
C GLY UA 99 32.58 -3.47 -114.58
N GLN UA 100 32.73 -4.23 -115.67
CA GLN UA 100 32.82 -3.65 -117.00
C GLN UA 100 31.43 -3.63 -117.63
N GLY UA 101 30.94 -2.42 -117.87
CA GLY UA 101 29.63 -2.25 -118.49
C GLY UA 101 29.38 -0.81 -118.83
N PHE UA 102 28.45 -0.57 -119.74
CA PHE UA 102 28.11 0.77 -120.20
C PHE UA 102 26.60 0.94 -120.29
N PHE UA 103 26.14 2.14 -119.95
CA PHE UA 103 24.75 2.51 -120.17
C PHE UA 103 24.55 3.03 -121.58
N GLN UA 104 23.48 2.57 -122.23
CA GLN UA 104 23.22 2.94 -123.61
C GLN UA 104 22.24 4.10 -123.66
N VAL UA 105 22.61 5.13 -124.43
CA VAL UA 105 21.91 6.40 -124.46
C VAL UA 105 21.61 6.78 -125.90
N MET UA 106 20.42 7.36 -126.11
CA MET UA 106 19.97 7.70 -127.48
C MET UA 106 20.31 9.14 -127.83
N LEU UA 107 21.21 9.33 -128.80
CA LEU UA 107 21.64 10.63 -129.28
C LEU UA 107 20.51 11.33 -130.02
N PRO UA 108 20.59 12.66 -130.18
CA PRO UA 108 19.54 13.36 -130.94
C PRO UA 108 19.35 12.86 -132.36
N ASP UA 109 20.42 12.44 -133.03
CA ASP UA 109 20.29 11.96 -134.40
C ASP UA 109 19.64 10.58 -134.46
N GLY UA 110 19.65 9.83 -133.37
CA GLY UA 110 19.01 8.52 -133.32
C GLY UA 110 19.93 7.34 -133.12
N THR UA 111 21.25 7.55 -133.16
CA THR UA 111 22.20 6.48 -132.92
C THR UA 111 22.50 6.36 -131.44
N SER UA 112 22.94 5.17 -131.03
CA SER UA 112 23.15 4.91 -129.61
C SER UA 112 24.61 5.07 -129.22
N ALA UA 113 24.85 5.92 -128.22
CA ALA UA 113 26.15 6.09 -127.59
C ALA UA 113 26.14 5.37 -126.25
N TYR UA 114 27.28 5.38 -125.57
CA TYR UA 114 27.46 4.64 -124.33
C TYR UA 114 28.20 5.51 -123.33
N THR UA 115 27.75 5.47 -122.08
CA THR UA 115 28.29 6.31 -121.02
C THR UA 115 28.44 5.51 -119.74
N ARG UA 116 29.36 5.96 -118.88
CA ARG UA 116 29.53 5.40 -117.55
C ARG UA 116 29.22 6.38 -116.44
N ASP UA 117 28.89 7.63 -116.78
CA ASP UA 117 28.48 8.60 -115.78
C ASP UA 117 27.10 8.21 -115.27
N GLY UA 118 27.01 7.88 -113.98
CA GLY UA 118 25.79 7.34 -113.43
C GLY UA 118 24.88 8.37 -112.79
N SER UA 119 25.13 9.65 -113.03
CA SER UA 119 24.29 10.70 -112.49
C SER UA 119 23.11 10.92 -113.43
N PHE UA 120 21.95 10.38 -113.06
CA PHE UA 120 20.75 10.44 -113.87
C PHE UA 120 19.71 11.31 -113.19
N GLN UA 121 18.80 11.87 -114.00
CA GLN UA 121 17.64 12.59 -113.52
C GLN UA 121 16.41 12.09 -114.25
N VAL UA 122 15.26 12.66 -113.93
CA VAL UA 122 14.02 12.33 -114.63
C VAL UA 122 13.42 13.61 -115.18
N ASP UA 123 12.90 13.55 -116.41
CA ASP UA 123 12.36 14.77 -116.98
C ASP UA 123 10.84 14.85 -116.75
N GLN UA 124 10.19 15.87 -117.31
CA GLN UA 124 8.83 16.23 -116.95
C GLN UA 124 7.78 15.25 -117.46
N ASN UA 125 8.11 14.40 -118.42
CA ASN UA 125 7.19 13.38 -118.91
C ASN UA 125 7.58 12.01 -118.35
N GLY UA 126 7.89 11.96 -117.06
CA GLY UA 126 8.53 10.77 -116.53
C GLY UA 126 9.93 10.66 -117.10
N GLN UA 127 10.36 9.41 -117.27
CA GLN UA 127 11.52 9.08 -118.11
C GLN UA 127 12.85 9.48 -117.50
N LEU UA 128 13.80 8.54 -117.53
CA LEU UA 128 15.15 8.74 -117.02
C LEU UA 128 16.02 9.33 -118.13
N VAL UA 129 16.74 10.39 -117.82
CA VAL UA 129 17.64 11.04 -118.75
C VAL UA 129 18.97 11.29 -118.05
N THR UA 130 19.99 11.56 -118.86
CA THR UA 130 21.31 11.89 -118.34
C THR UA 130 21.35 13.35 -117.90
N ALA UA 131 22.50 13.76 -117.37
CA ALA UA 131 22.67 15.15 -116.95
C ALA UA 131 22.58 16.12 -118.12
N GLY UA 132 22.84 15.66 -119.34
CA GLY UA 132 22.76 16.51 -120.50
C GLY UA 132 21.37 16.55 -121.13
N GLY UA 133 20.48 15.68 -120.64
CA GLY UA 133 19.13 15.62 -121.15
C GLY UA 133 18.83 14.47 -122.10
N PHE UA 134 19.85 13.74 -122.54
CA PHE UA 134 19.63 12.61 -123.44
C PHE UA 134 18.92 11.47 -122.71
N GLN UA 135 17.97 10.87 -123.41
CA GLN UA 135 17.17 9.80 -122.77
C GLN UA 135 17.90 8.47 -122.87
N VAL UA 136 17.86 7.68 -121.80
CA VAL UA 136 18.81 6.55 -121.57
C VAL UA 136 18.15 5.24 -121.98
N GLN UA 137 17.94 5.03 -123.28
CA GLN UA 137 17.17 3.86 -123.78
C GLN UA 137 17.73 2.57 -123.15
N PRO UA 138 16.87 1.66 -122.65
CA PRO UA 138 15.47 1.96 -122.35
C PRO UA 138 15.34 2.93 -121.17
N ALA UA 139 14.78 4.11 -121.41
CA ALA UA 139 14.76 5.20 -120.40
C ALA UA 139 13.68 4.92 -119.36
N ILE UA 140 14.02 4.07 -118.38
CA ILE UA 140 13.06 3.64 -117.31
C ILE UA 140 12.24 4.86 -116.87
N THR UA 141 10.91 4.79 -116.99
CA THR UA 141 10.08 5.99 -116.72
C THR UA 141 9.42 5.86 -115.34
N ILE UA 142 9.65 6.81 -114.45
CA ILE UA 142 9.11 6.72 -113.06
C ILE UA 142 7.81 7.54 -112.96
N PRO UA 143 6.73 7.00 -112.36
CA PRO UA 143 5.44 7.71 -112.24
C PRO UA 143 5.46 8.98 -111.37
N ALA UA 144 4.27 9.55 -111.07
CA ALA UA 144 4.22 10.80 -110.30
C ALA UA 144 3.96 10.55 -108.82
N ASN UA 145 3.15 9.55 -108.48
CA ASN UA 145 2.81 9.37 -107.05
C ASN UA 145 3.91 8.59 -106.34
N ALA UA 146 5.09 8.52 -106.92
CA ALA UA 146 6.22 7.80 -106.32
C ALA UA 146 6.54 8.39 -104.96
N LEU UA 147 6.82 7.51 -103.99
CA LEU UA 147 7.30 7.97 -102.69
C LEU UA 147 8.80 7.72 -102.53
N SER UA 148 9.32 6.69 -103.17
CA SER UA 148 10.75 6.39 -103.12
C SER UA 148 11.09 5.49 -104.30
N ILE UA 149 12.21 5.79 -104.96
CA ILE UA 149 12.65 5.03 -106.13
C ILE UA 149 13.87 4.21 -105.74
N THR UA 150 13.78 2.90 -105.92
CA THR UA 150 14.85 1.97 -105.58
C THR UA 150 15.37 1.32 -106.84
N ILE UA 151 16.67 1.43 -107.08
CA ILE UA 151 17.34 0.75 -108.18
C ILE UA 151 18.17 -0.38 -107.60
N GLY UA 152 17.80 -1.61 -107.94
CA GLY UA 152 18.34 -2.78 -107.28
C GLY UA 152 19.74 -3.16 -107.76
N ARG UA 153 20.22 -4.28 -107.20
CA ARG UA 153 21.54 -4.79 -107.55
C ARG UA 153 21.60 -5.21 -109.01
N ASP UA 154 20.54 -5.85 -109.50
CA ASP UA 154 20.51 -6.39 -110.85
C ASP UA 154 19.85 -5.45 -111.84
N GLY UA 155 19.73 -4.17 -111.49
CA GLY UA 155 19.16 -3.19 -112.39
C GLY UA 155 17.65 -3.11 -112.41
N VAL UA 156 16.97 -3.79 -111.49
CA VAL UA 156 15.52 -3.71 -111.41
C VAL UA 156 15.13 -2.41 -110.74
N VAL UA 157 14.34 -1.59 -111.42
CA VAL UA 157 13.90 -0.30 -110.90
C VAL UA 157 12.51 -0.48 -110.31
N SER UA 158 12.43 -0.54 -108.99
CA SER UA 158 11.17 -0.63 -108.27
C SER UA 158 10.84 0.71 -107.65
N VAL UA 159 9.55 0.96 -107.48
CA VAL UA 159 9.04 2.21 -106.92
C VAL UA 159 7.98 1.86 -105.89
N THR UA 160 7.78 2.75 -104.91
CA THR UA 160 6.77 2.54 -103.88
C THR UA 160 5.67 3.58 -104.05
N GLN UA 161 4.43 3.13 -103.87
CA GLN UA 161 3.28 4.04 -104.05
C GLN UA 161 2.56 4.11 -102.71
N GLN UA 162 1.81 5.18 -102.46
CA GLN UA 162 1.17 5.32 -101.13
C GLN UA 162 0.11 4.24 -100.99
N GLY UA 163 -0.29 3.94 -99.75
CA GLY UA 163 -1.40 2.99 -99.56
C GLY UA 163 -1.20 1.66 -100.26
N GLN UA 164 0.05 1.27 -100.51
CA GLN UA 164 0.30 -0.06 -101.04
C GLN UA 164 1.26 -0.79 -100.12
N ALA UA 165 1.22 -2.12 -100.18
CA ALA UA 165 2.06 -2.96 -99.34
C ALA UA 165 3.25 -3.56 -100.08
N ALA UA 166 3.24 -3.56 -101.41
CA ALA UA 166 4.34 -4.11 -102.19
C ALA UA 166 4.78 -3.11 -103.25
N PRO UA 167 6.09 -2.93 -103.43
CA PRO UA 167 6.56 -2.00 -104.47
C PRO UA 167 6.23 -2.50 -105.86
N VAL UA 168 6.06 -1.55 -106.78
CA VAL UA 168 5.72 -1.83 -108.16
C VAL UA 168 6.98 -1.73 -109.01
N GLN UA 169 7.27 -2.77 -109.77
CA GLN UA 169 8.42 -2.78 -110.66
C GLN UA 169 8.14 -1.92 -111.88
N VAL UA 170 9.13 -1.13 -112.31
CA VAL UA 170 8.86 -0.19 -113.43
C VAL UA 170 10.13 0.00 -114.28
N GLY UA 171 11.13 -0.87 -114.16
CA GLY UA 171 12.25 -0.71 -115.13
C GLY UA 171 13.44 -1.61 -114.91
N GLN UA 172 14.21 -1.89 -115.97
CA GLN UA 172 15.48 -2.64 -115.80
C GLN UA 172 16.53 -2.00 -116.71
N LEU UA 173 17.54 -1.36 -116.12
CA LEU UA 173 18.65 -0.80 -116.94
C LEU UA 173 19.47 -1.96 -117.51
N ASN UA 174 20.12 -1.75 -118.65
CA ASN UA 174 20.93 -2.82 -119.28
C ASN UA 174 22.34 -2.30 -119.58
N LEU UA 175 23.37 -3.07 -119.23
CA LEU UA 175 24.77 -2.59 -119.39
C LEU UA 175 25.42 -3.20 -120.62
N THR UA 176 25.50 -2.44 -121.71
CA THR UA 176 26.17 -2.86 -122.93
C THR UA 176 27.61 -3.23 -122.62
N THR UA 177 28.02 -4.43 -123.03
CA THR UA 177 29.37 -4.93 -122.81
C THR UA 177 30.06 -5.08 -124.16
N PHE UA 178 31.30 -4.62 -124.24
CA PHE UA 178 32.11 -4.69 -125.44
C PHE UA 178 33.26 -5.68 -125.24
N MET UA 179 33.74 -6.22 -126.35
CA MET UA 179 34.86 -7.19 -126.30
C MET UA 179 36.15 -6.44 -126.03
N ASN UA 180 36.29 -5.24 -126.57
CA ASN UA 180 37.46 -4.39 -126.36
C ASN UA 180 36.99 -3.00 -125.99
N ASP UA 181 36.99 -2.69 -124.68
CA ASP UA 181 36.53 -1.40 -124.21
C ASP UA 181 37.44 -0.26 -124.65
N THR UA 182 38.73 -0.53 -124.89
CA THR UA 182 39.66 0.53 -125.26
C THR UA 182 39.41 1.07 -126.67
N GLY UA 183 38.65 0.34 -127.50
CA GLY UA 183 38.42 0.76 -128.87
C GLY UA 183 37.30 1.75 -129.08
N LEU UA 184 36.52 2.05 -128.05
CA LEU UA 184 35.39 2.97 -128.17
C LEU UA 184 35.89 4.38 -128.47
N GLU UA 185 35.15 5.08 -129.31
CA GLU UA 185 35.48 6.45 -129.68
C GLU UA 185 34.80 7.43 -128.74
N SER UA 186 35.55 8.43 -128.29
CA SER UA 186 35.02 9.43 -127.36
C SER UA 186 34.29 10.50 -128.15
N ILE UA 187 32.95 10.50 -128.05
CA ILE UA 187 32.12 11.50 -128.74
C ILE UA 187 32.31 12.90 -128.18
N GLY UA 188 32.93 13.03 -127.01
CA GLY UA 188 32.87 14.31 -126.31
C GLY UA 188 32.16 14.20 -124.97
N GLU UA 189 30.93 14.68 -124.89
CA GLU UA 189 30.27 14.93 -123.62
C GLU UA 189 29.94 13.63 -122.90
N ASN UA 190 30.97 12.96 -122.37
CA ASN UA 190 30.84 11.72 -121.60
C ASN UA 190 30.04 10.66 -122.36
N LEU UA 191 30.33 10.49 -123.64
CA LEU UA 191 29.66 9.50 -124.46
C LEU UA 191 30.69 8.73 -125.28
N TYR UA 192 30.43 7.45 -125.49
CA TYR UA 192 31.27 6.59 -126.32
C TYR UA 192 30.46 6.02 -127.47
N ILE UA 193 31.03 6.06 -128.66
CA ILE UA 193 30.41 5.49 -129.85
C ILE UA 193 31.22 4.27 -130.27
N GLU UA 194 30.51 3.29 -130.84
CA GLU UA 194 31.13 2.02 -131.21
C GLU UA 194 31.88 2.15 -132.53
N THR UA 195 33.16 1.88 -132.44
CA THR UA 195 34.00 1.95 -133.64
C THR UA 195 34.39 0.51 -133.93
N GLN UA 196 34.66 0.19 -135.19
CA GLN UA 196 34.94 -1.23 -135.49
C GLN UA 196 35.92 -1.74 -134.43
N SER UA 197 36.78 -0.87 -133.90
CA SER UA 197 37.82 -1.29 -132.92
C SER UA 197 37.17 -1.75 -131.61
N SER UA 198 35.85 -1.93 -131.60
CA SER UA 198 35.14 -2.42 -130.40
C SER UA 198 33.70 -2.68 -130.82
N GLY UA 199 33.52 -3.38 -131.94
CA GLY UA 199 32.22 -3.66 -132.51
C GLY UA 199 31.45 -4.72 -131.71
N ALA UA 200 30.27 -5.02 -132.21
CA ALA UA 200 29.35 -6.00 -131.63
C ALA UA 200 28.98 -5.63 -130.20
N PRO UA 201 28.20 -4.57 -129.98
CA PRO UA 201 27.76 -4.23 -128.63
C PRO UA 201 26.81 -5.30 -128.09
N ASN UA 202 27.19 -5.90 -126.97
CA ASN UA 202 26.43 -7.00 -126.41
C ASN UA 202 25.53 -6.49 -125.29
N GLU UA 203 24.22 -6.45 -125.53
CA GLU UA 203 23.27 -6.08 -124.49
C GLU UA 203 23.17 -7.20 -123.47
N SER UA 204 23.12 -6.85 -122.19
CA SER UA 204 23.01 -7.84 -121.13
C SER UA 204 22.31 -7.22 -119.93
N THR UA 205 21.81 -8.09 -119.06
CA THR UA 205 21.34 -7.64 -117.76
C THR UA 205 22.54 -7.50 -116.82
N PRO UA 206 22.51 -6.51 -115.88
CA PRO UA 206 23.58 -6.35 -114.92
C PRO UA 206 24.02 -7.69 -114.32
N GLY UA 207 25.33 -7.92 -114.23
CA GLY UA 207 25.82 -9.15 -113.58
C GLY UA 207 26.48 -10.12 -114.54
N LEU UA 208 25.68 -10.92 -115.26
CA LEU UA 208 26.25 -11.96 -116.15
C LEU UA 208 26.61 -11.37 -117.53
N ASN UA 209 27.10 -12.21 -118.44
CA ASN UA 209 27.48 -11.76 -119.80
C ASN UA 209 28.51 -10.63 -119.69
N GLY UA 210 29.44 -10.74 -118.75
CA GLY UA 210 30.50 -9.73 -118.59
C GLY UA 210 29.96 -8.35 -118.23
N ALA UA 211 28.78 -8.31 -117.58
CA ALA UA 211 28.23 -7.00 -117.14
C ALA UA 211 28.62 -6.77 -115.67
N GLY UA 212 28.42 -5.53 -115.18
CA GLY UA 212 28.74 -5.23 -113.77
C GLY UA 212 27.48 -5.05 -112.94
N LEU UA 213 27.59 -5.04 -111.61
CA LEU UA 213 26.44 -4.80 -110.77
C LEU UA 213 26.22 -3.30 -110.59
N LEU UA 214 25.02 -2.92 -110.18
CA LEU UA 214 24.68 -1.52 -110.01
C LEU UA 214 24.52 -1.17 -108.54
N TYR UA 215 25.28 -0.17 -108.10
CA TYR UA 215 25.17 0.38 -106.75
C TYR UA 215 24.34 1.66 -106.81
N GLN UA 216 23.27 1.71 -106.04
CA GLN UA 216 22.39 2.87 -106.02
C GLN UA 216 22.85 3.85 -104.94
N GLY UA 217 22.81 5.15 -105.27
CA GLY UA 217 23.26 6.17 -104.36
C GLY UA 217 24.75 6.46 -104.40
N TYR UA 218 25.47 5.87 -105.34
CA TYR UA 218 26.90 6.08 -105.50
C TYR UA 218 27.23 6.44 -106.93
N VAL UA 219 28.30 7.23 -107.10
CA VAL UA 219 28.78 7.65 -108.41
C VAL UA 219 30.23 7.24 -108.57
N GLU UA 220 30.55 6.65 -109.70
CA GLU UA 220 31.92 6.24 -109.98
C GLU UA 220 32.75 7.48 -110.31
N THR UA 221 33.90 7.62 -109.64
CA THR UA 221 34.76 8.78 -109.82
C THR UA 221 35.79 8.51 -110.90
N SER UA 222 36.57 9.55 -111.20
CA SER UA 222 37.56 9.46 -112.26
C SER UA 222 38.70 8.53 -111.87
N ASN UA 223 39.35 7.97 -112.90
CA ASN UA 223 40.44 7.02 -112.72
C ASN UA 223 41.81 7.68 -112.67
N VAL UA 224 41.88 9.00 -112.85
CA VAL UA 224 43.14 9.70 -113.04
C VAL UA 224 44.02 9.60 -111.80
N ASN UA 225 45.17 8.96 -111.93
CA ASN UA 225 46.21 9.02 -110.91
C ASN UA 225 46.95 10.34 -111.00
N VAL UA 226 47.28 10.93 -109.86
CA VAL UA 226 47.75 12.30 -109.85
C VAL UA 226 49.28 12.41 -109.91
N ALA UA 227 50.00 11.61 -109.13
CA ALA UA 227 51.46 11.68 -109.13
C ALA UA 227 52.04 11.30 -110.49
N GLU UA 228 51.46 10.28 -111.14
CA GLU UA 228 51.91 9.91 -112.48
C GLU UA 228 51.83 11.07 -113.45
N GLU UA 229 50.73 11.82 -113.42
CA GLU UA 229 50.60 12.98 -114.29
C GLU UA 229 51.68 14.02 -114.01
N LEU UA 230 51.96 14.32 -112.74
CA LEU UA 230 52.97 15.34 -112.43
C LEU UA 230 54.36 14.92 -112.91
N VAL UA 231 54.73 13.66 -112.67
CA VAL UA 231 56.02 13.17 -113.16
C VAL UA 231 56.06 13.23 -114.69
N ASN UA 232 54.93 12.92 -115.33
CA ASN UA 232 54.87 12.98 -116.78
C ASN UA 232 55.04 14.41 -117.29
N MET UA 233 54.45 15.39 -116.60
CA MET UA 233 54.66 16.78 -116.99
C MET UA 233 56.12 17.17 -116.87
N ILE UA 234 56.78 16.75 -115.79
CA ILE UA 234 58.20 17.08 -115.63
C ILE UA 234 59.01 16.49 -116.78
N GLN UA 235 58.79 15.20 -117.08
CA GLN UA 235 59.56 14.57 -118.15
C GLN UA 235 59.24 15.18 -119.52
N VAL UA 236 57.96 15.50 -119.78
CA VAL UA 236 57.59 16.10 -121.05
C VAL UA 236 58.26 17.46 -121.22
N GLN UA 237 58.27 18.27 -120.16
CA GLN UA 237 58.93 19.57 -120.24
C GLN UA 237 60.41 19.41 -120.53
N ARG UA 238 61.08 18.46 -119.85
CA ARG UA 238 62.50 18.29 -120.09
C ARG UA 238 62.79 17.76 -121.49
N ALA UA 239 62.00 16.81 -122.00
CA ALA UA 239 62.19 16.34 -123.36
C ALA UA 239 61.93 17.44 -124.38
N TYR UA 240 60.90 18.25 -124.16
CA TYR UA 240 60.59 19.38 -125.03
C TYR UA 240 61.77 20.35 -125.08
N GLU UA 241 62.38 20.65 -123.94
CA GLU UA 241 63.47 21.61 -123.94
C GLU UA 241 64.75 21.00 -124.51
N ILE UA 242 64.92 19.68 -124.38
CA ILE UA 242 66.00 19.00 -125.10
C ILE UA 242 65.84 19.14 -126.60
N ASN UA 243 64.62 18.93 -127.10
CA ASN UA 243 64.38 19.08 -128.53
C ASN UA 243 64.57 20.52 -128.98
N SER UA 244 64.20 21.49 -128.12
CA SER UA 244 64.47 22.89 -128.42
C SER UA 244 65.98 23.15 -128.51
N LYS UA 245 66.76 22.48 -127.68
CA LYS UA 245 68.25 22.65 -127.74
C LYS UA 245 68.76 22.03 -129.04
N ALA UA 246 68.15 20.92 -129.47
CA ALA UA 246 68.54 20.34 -130.76
C ALA UA 246 68.25 21.28 -131.92
N VAL UA 247 67.07 21.92 -131.90
CA VAL UA 247 66.75 22.91 -132.93
C VAL UA 247 67.74 24.06 -132.90
N SER UA 248 68.04 24.52 -131.68
CA SER UA 248 68.96 25.68 -131.52
C SER UA 248 70.35 25.34 -132.04
N THR UA 249 70.86 24.15 -131.71
CA THR UA 249 72.18 23.74 -132.23
C THR UA 249 72.12 23.76 -133.75
N THR UA 250 71.01 23.31 -134.34
CA THR UA 250 70.89 23.23 -135.81
C THR UA 250 70.95 24.66 -136.39
N ASP UA 251 70.23 25.60 -135.75
CA ASP UA 251 70.25 27.01 -136.21
C ASP UA 251 71.69 27.54 -136.12
N GLN UA 252 72.39 27.25 -135.02
CA GLN UA 252 73.77 27.74 -134.83
C GLN UA 252 74.64 27.20 -135.98
N MET UA 253 74.44 25.93 -136.32
CA MET UA 253 75.20 25.33 -137.45
C MET UA 253 74.84 26.07 -138.74
N LEU UA 254 73.59 25.95 -139.17
CA LEU UA 254 73.17 26.56 -140.44
C LEU UA 254 73.62 28.00 -140.58
N GLN UA 255 73.68 28.75 -139.47
CA GLN UA 255 74.11 30.14 -139.55
C GLN UA 255 75.54 30.27 -140.05
N LYS UA 256 76.43 29.40 -139.56
CA LYS UA 256 77.82 29.42 -140.03
C LYS UA 256 77.90 29.05 -141.51
N LEU UA 257 77.09 28.08 -141.94
CA LEU UA 257 77.08 27.70 -143.35
C LEU UA 257 76.65 28.87 -144.23
N THR UA 258 75.61 29.60 -143.79
CA THR UA 258 75.14 30.73 -144.59
C THR UA 258 76.14 31.88 -144.55
N GLN UA 259 76.85 32.05 -143.44
CA GLN UA 259 77.82 33.14 -143.32
C GLN UA 259 79.00 32.93 -144.24
N LEU UA 260 79.24 31.70 -144.67
CA LEU UA 260 80.36 31.37 -145.55
C LEU UA 260 80.22 32.07 -146.90
N SER VA 3 88.61 16.63 -125.60
CA SER VA 3 88.95 15.77 -124.43
C SER VA 3 88.18 16.25 -123.20
N SER VA 4 88.15 17.55 -122.97
CA SER VA 4 87.49 18.07 -121.75
C SER VA 4 85.97 17.93 -121.86
N LEU VA 5 85.47 17.49 -123.02
CA LEU VA 5 84.01 17.28 -123.17
C LEU VA 5 83.71 15.80 -122.94
N TRP VA 6 84.63 14.91 -123.27
CA TRP VA 6 84.46 13.50 -123.00
C TRP VA 6 84.62 13.20 -121.51
N ILE VA 7 85.64 13.77 -120.87
CA ILE VA 7 85.88 13.51 -119.45
C ILE VA 7 84.73 14.03 -118.61
N ALA VA 8 84.26 15.25 -118.91
CA ALA VA 8 83.13 15.79 -118.17
C ALA VA 8 81.86 14.98 -118.43
N LYS VA 9 81.71 14.41 -119.64
CA LYS VA 9 80.57 13.56 -119.91
C LYS VA 9 80.62 12.29 -119.07
N THR VA 10 81.81 11.69 -118.92
CA THR VA 10 81.94 10.54 -118.02
C THR VA 10 81.62 10.92 -116.58
N GLY VA 11 82.05 12.11 -116.16
CA GLY VA 11 81.70 12.58 -114.82
C GLY VA 11 80.20 12.71 -114.62
N LEU VA 12 79.52 13.29 -115.61
CA LEU VA 12 78.07 13.41 -115.54
C LEU VA 12 77.40 12.05 -115.52
N ASP VA 13 77.92 11.10 -116.31
CA ASP VA 13 77.37 9.76 -116.31
C ASP VA 13 77.52 9.10 -114.94
N ALA VA 14 78.68 9.28 -114.32
CA ALA VA 14 78.89 8.72 -112.98
C ALA VA 14 77.93 9.33 -111.98
N GLN VA 15 77.73 10.64 -112.03
CA GLN VA 15 76.79 11.28 -111.11
C GLN VA 15 75.36 10.80 -111.36
N GLN VA 16 74.99 10.60 -112.63
CA GLN VA 16 73.67 10.08 -112.95
C GLN VA 16 73.49 8.66 -112.41
N THR VA 17 74.52 7.82 -112.53
CA THR VA 17 74.44 6.48 -111.98
C THR VA 17 74.28 6.52 -110.46
N ASN VA 18 75.03 7.41 -109.80
CA ASN VA 18 74.89 7.55 -108.35
C ASN VA 18 73.48 8.00 -107.97
N MET VA 19 72.92 8.93 -108.73
CA MET VA 19 71.55 9.37 -108.47
C MET VA 19 70.55 8.24 -108.68
N ASP VA 20 70.77 7.41 -109.71
CA ASP VA 20 69.91 6.25 -109.92
C ASP VA 20 69.97 5.29 -108.74
N VAL VA 21 71.18 5.04 -108.22
CA VAL VA 21 71.33 4.18 -107.06
C VAL VA 21 70.59 4.76 -105.85
N ILE VA 22 70.73 6.06 -105.63
CA ILE VA 22 70.08 6.71 -104.49
C ILE VA 22 68.58 6.63 -104.62
N ALA VA 23 68.05 6.90 -105.82
CA ALA VA 23 66.61 6.85 -106.03
C ALA VA 23 66.08 5.43 -105.85
N ASN VA 24 66.82 4.43 -106.34
CA ASN VA 24 66.40 3.04 -106.13
C ASN VA 24 66.41 2.66 -104.65
N ASN VA 25 67.40 3.12 -103.89
CA ASN VA 25 67.42 2.86 -102.47
C ASN VA 25 66.23 3.53 -101.77
N LEU VA 26 65.92 4.77 -102.14
CA LEU VA 26 64.81 5.47 -101.51
C LEU VA 26 63.46 4.86 -101.88
N ALA VA 27 63.31 4.36 -103.10
CA ALA VA 27 62.04 3.78 -103.51
C ALA VA 27 61.74 2.48 -102.76
N ASN VA 28 62.78 1.73 -102.39
CA ASN VA 28 62.63 0.46 -101.69
C ASN VA 28 62.79 0.60 -100.19
N VAL VA 29 62.38 1.73 -99.62
CA VAL VA 29 62.53 1.95 -98.19
C VAL VA 29 61.51 1.15 -97.40
N SER VA 30 60.49 0.62 -98.06
CA SER VA 30 59.44 -0.14 -97.40
C SER VA 30 59.47 -1.62 -97.74
N THR VA 31 60.32 -2.03 -98.69
CA THR VA 31 60.40 -3.44 -99.05
C THR VA 31 61.04 -4.23 -97.93
N ASN VA 32 60.54 -5.46 -97.73
CA ASN VA 32 60.97 -6.30 -96.63
C ASN VA 32 62.22 -7.06 -97.04
N GLY VA 33 63.28 -6.95 -96.23
CA GLY VA 33 64.52 -7.64 -96.51
C GLY VA 33 65.30 -7.04 -97.67
N PHE VA 34 65.31 -5.72 -97.75
CA PHE VA 34 66.05 -5.00 -98.77
C PHE VA 34 67.31 -4.41 -98.16
N LYS VA 35 68.45 -4.60 -98.84
CA LYS VA 35 69.72 -4.08 -98.37
C LYS VA 35 70.10 -2.86 -99.21
N ARG VA 36 70.42 -1.77 -98.52
CA ARG VA 36 70.74 -0.52 -99.20
C ARG VA 36 72.01 -0.69 -100.05
N GLN VA 37 72.03 -0.02 -101.19
CA GLN VA 37 73.15 -0.10 -102.11
C GLN VA 37 74.03 1.14 -102.01
N ARG VA 38 75.33 0.96 -102.20
CA ARG VA 38 76.31 2.03 -102.22
C ARG VA 38 77.13 1.90 -103.49
N ALA VA 39 77.25 3.00 -104.23
CA ALA VA 39 78.02 3.01 -105.48
C ALA VA 39 79.39 3.64 -105.23
N VAL VA 40 80.43 2.89 -105.56
CA VAL VA 40 81.81 3.36 -105.45
C VAL VA 40 82.38 3.49 -106.85
N PHE VA 41 82.99 4.64 -107.15
CA PHE VA 41 83.53 4.92 -108.47
C PHE VA 41 85.04 4.79 -108.47
N GLU VA 42 85.57 4.26 -109.56
CA GLU VA 42 87.00 4.07 -109.75
C GLU VA 42 87.49 4.95 -110.88
N ASP VA 43 88.59 5.66 -110.66
CA ASP VA 43 89.16 6.52 -111.67
C ASP VA 43 89.75 5.68 -112.81
N LEU VA 44 89.84 6.29 -113.99
CA LEU VA 44 90.31 5.58 -115.17
C LEU VA 44 91.82 5.71 -115.30
N LEU VA 45 92.36 5.28 -116.44
CA LEU VA 45 93.81 5.36 -116.68
C LEU VA 45 94.23 6.82 -116.85
N TYR VA 46 95.19 7.30 -116.06
CA TYR VA 46 95.69 8.68 -116.26
C TYR VA 46 96.68 8.68 -117.43
N GLN VA 47 96.22 9.08 -118.61
CA GLN VA 47 97.07 9.16 -119.82
C GLN VA 47 98.34 9.93 -119.50
N THR VA 48 99.48 9.25 -119.46
CA THR VA 48 100.74 9.99 -119.25
C THR VA 48 101.16 10.66 -120.57
N ILE VA 49 101.74 11.86 -120.49
CA ILE VA 49 102.12 12.60 -121.73
C ILE VA 49 103.64 12.77 -121.77
N ARG VA 50 104.23 13.46 -120.80
CA ARG VA 50 105.66 13.69 -120.75
C ARG VA 50 106.17 13.37 -119.36
N GLN VA 51 107.17 12.49 -119.30
CA GLN VA 51 107.68 11.98 -118.03
C GLN VA 51 108.39 13.08 -117.24
N PRO VA 52 108.41 12.96 -115.92
CA PRO VA 52 109.13 13.94 -115.10
C PRO VA 52 110.61 13.97 -115.46
N GLY VA 53 111.20 15.15 -115.37
CA GLY VA 53 112.59 15.34 -115.72
C GLY VA 53 113.53 14.90 -114.61
N ALA VA 54 114.82 15.18 -114.84
CA ALA VA 54 115.86 14.83 -113.89
C ALA VA 54 115.73 15.70 -112.65
N GLN VA 55 115.95 15.11 -111.48
CA GLN VA 55 115.88 15.84 -110.22
C GLN VA 55 116.92 16.95 -110.16
N THR VA 60 114.71 22.32 -105.34
CA THR VA 60 114.24 23.67 -105.10
C THR VA 60 113.23 24.11 -106.16
N THR VA 61 113.08 23.30 -107.20
CA THR VA 61 112.17 23.56 -108.30
C THR VA 61 111.02 22.57 -108.28
N LEU VA 62 109.94 22.91 -108.98
CA LEU VA 62 108.81 22.00 -109.07
C LEU VA 62 109.13 20.83 -109.99
N PRO VA 63 108.50 19.68 -109.78
CA PRO VA 63 108.68 18.56 -110.71
C PRO VA 63 108.17 18.90 -112.10
N SER VA 64 108.24 18.03 -113.09
CA SER VA 64 107.59 18.45 -114.38
C SER VA 64 107.02 17.28 -115.20
N GLY VA 65 105.70 17.24 -115.40
CA GLY VA 65 105.04 16.17 -116.17
C GLY VA 65 103.59 16.54 -116.43
N LEU VA 66 102.89 15.87 -117.35
CA LEU VA 66 101.51 16.33 -117.66
C LEU VA 66 100.55 15.16 -117.51
N GLN VA 67 100.71 14.38 -116.47
CA GLN VA 67 99.84 13.17 -116.35
C GLN VA 67 98.39 13.63 -116.47
N ILE VA 68 97.78 13.37 -117.62
CA ILE VA 68 96.36 13.65 -117.80
C ILE VA 68 95.54 12.39 -117.61
N GLY VA 69 94.47 12.49 -116.81
CA GLY VA 69 93.56 11.39 -116.62
C GLY VA 69 92.52 11.30 -117.72
N THR VA 70 91.69 10.25 -117.64
CA THR VA 70 90.71 9.99 -118.68
C THR VA 70 89.27 9.95 -118.20
N GLY VA 71 89.00 10.17 -116.91
CA GLY VA 71 87.63 10.27 -116.44
C GLY VA 71 87.41 9.39 -115.23
N VAL VA 72 86.13 9.10 -114.97
CA VAL VA 72 85.72 8.31 -113.82
C VAL VA 72 84.67 7.31 -114.27
N ARG VA 73 84.78 6.07 -113.78
CA ARG VA 73 83.86 5.00 -114.14
C ARG VA 73 83.32 4.34 -112.88
N PRO VA 74 82.06 3.90 -112.88
CA PRO VA 74 81.57 3.07 -111.78
C PRO VA 74 82.15 1.66 -111.88
N VAL VA 75 82.68 1.17 -110.76
CA VAL VA 75 83.36 -0.12 -110.76
C VAL VA 75 82.43 -1.21 -110.21
N ALA VA 76 81.68 -0.89 -109.17
CA ALA VA 76 80.82 -1.89 -108.53
C ALA VA 76 79.88 -1.19 -107.55
N THR VA 77 78.65 -1.71 -107.47
CA THR VA 77 77.72 -1.29 -106.43
C THR VA 77 77.60 -2.40 -105.39
N GLU VA 78 77.83 -2.08 -104.13
CA GLU VA 78 77.84 -3.06 -103.05
C GLU VA 78 76.67 -2.81 -102.10
N ARG VA 79 75.98 -3.88 -101.71
CA ARG VA 79 74.88 -3.79 -100.76
C ARG VA 79 75.37 -4.11 -99.36
N LEU VA 80 75.04 -3.23 -98.42
CA LEU VA 80 75.49 -3.36 -97.04
C LEU VA 80 74.58 -4.36 -96.33
N HIS VA 81 75.08 -5.58 -96.15
CA HIS VA 81 74.29 -6.65 -95.53
C HIS VA 81 74.37 -6.50 -94.01
N SER VA 82 73.57 -5.59 -93.49
CA SER VA 82 73.40 -5.41 -92.06
C SER VA 82 71.98 -5.78 -91.67
N GLN VA 83 71.82 -6.28 -90.45
CA GLN VA 83 70.51 -6.76 -90.01
C GLN VA 83 69.58 -5.58 -89.75
N GLY VA 84 68.53 -5.47 -90.56
CA GLY VA 84 67.54 -4.44 -90.37
C GLY VA 84 66.61 -4.76 -89.22
N ASN VA 85 65.81 -3.78 -88.85
CA ASN VA 85 64.89 -3.93 -87.73
C ASN VA 85 63.72 -4.83 -88.09
N LEU VA 86 63.01 -5.29 -87.06
CA LEU VA 86 61.89 -6.18 -87.23
C LEU VA 86 60.59 -5.40 -87.08
N SER VA 87 59.60 -5.74 -87.90
CA SER VA 87 58.24 -5.24 -87.75
C SER VA 87 57.31 -6.42 -87.50
N GLN VA 88 56.39 -6.22 -86.55
CA GLN VA 88 55.51 -7.29 -86.08
C GLN VA 88 54.29 -7.36 -86.99
N THR VA 89 54.15 -8.49 -87.68
CA THR VA 89 52.96 -8.80 -88.47
C THR VA 89 52.39 -10.09 -87.89
N ASN VA 90 51.21 -10.00 -87.28
CA ASN VA 90 50.68 -11.12 -86.50
C ASN VA 90 50.39 -12.35 -87.36
N ASN VA 91 50.64 -12.28 -88.66
CA ASN VA 91 50.53 -13.44 -89.53
C ASN VA 91 51.48 -14.54 -89.07
N SER VA 92 50.96 -15.77 -89.00
CA SER VA 92 51.74 -16.90 -88.50
C SER VA 92 52.68 -17.48 -89.53
N LYS VA 93 52.55 -17.09 -90.80
CA LYS VA 93 53.38 -17.63 -91.87
C LYS VA 93 54.62 -16.79 -92.15
N ASP VA 94 54.77 -15.63 -91.50
CA ASP VA 94 55.91 -14.76 -91.73
C ASP VA 94 57.03 -15.10 -90.76
N VAL VA 95 58.26 -15.13 -91.26
CA VAL VA 95 59.44 -15.40 -90.46
C VAL VA 95 60.52 -14.38 -90.80
N ALA VA 96 61.34 -14.05 -89.82
CA ALA VA 96 62.46 -13.14 -89.98
C ALA VA 96 63.75 -13.82 -89.56
N ILE VA 97 64.85 -13.41 -90.18
CA ILE VA 97 66.15 -14.03 -89.97
C ILE VA 97 66.99 -13.12 -89.08
N LYS VA 98 67.50 -13.66 -87.98
CA LYS VA 98 68.39 -12.93 -87.09
C LYS VA 98 69.80 -13.47 -87.30
N GLY VA 99 70.49 -12.89 -88.27
CA GLY VA 99 71.82 -13.36 -88.63
C GLY VA 99 72.05 -13.37 -90.13
N GLN VA 100 73.04 -14.15 -90.57
CA GLN VA 100 73.40 -14.20 -91.98
C GLN VA 100 72.87 -15.50 -92.58
N GLY VA 101 71.79 -15.39 -93.34
CA GLY VA 101 71.19 -16.55 -93.98
C GLY VA 101 70.16 -16.14 -95.01
N PHE VA 102 69.92 -17.03 -95.97
CA PHE VA 102 68.96 -16.79 -97.03
C PHE VA 102 68.05 -18.00 -97.20
N PHE VA 103 66.77 -17.74 -97.43
CA PHE VA 103 65.83 -18.78 -97.81
C PHE VA 103 66.00 -19.14 -99.28
N GLN VA 104 66.04 -20.44 -99.57
CA GLN VA 104 66.24 -20.93 -100.92
C GLN VA 104 64.89 -21.09 -101.61
N VAL VA 105 64.81 -20.62 -102.86
CA VAL VA 105 63.58 -20.60 -103.62
C VAL VA 105 63.84 -21.19 -105.00
N MET VA 106 62.88 -21.97 -105.48
CA MET VA 106 62.99 -22.65 -106.77
C MET VA 106 62.35 -21.79 -107.85
N LEU VA 107 63.18 -21.33 -108.79
CA LEU VA 107 62.72 -20.57 -109.95
C LEU VA 107 62.03 -21.49 -110.96
N PRO VA 108 61.15 -20.94 -111.80
CA PRO VA 108 60.47 -21.78 -112.80
C PRO VA 108 61.41 -22.48 -113.76
N ASP VA 109 62.57 -21.89 -114.08
CA ASP VA 109 63.50 -22.53 -115.00
C ASP VA 109 64.16 -23.76 -114.39
N GLY VA 110 64.17 -23.87 -113.06
CA GLY VA 110 64.76 -25.01 -112.39
C GLY VA 110 65.98 -24.71 -111.55
N THR VA 111 66.53 -23.49 -111.62
CA THR VA 111 67.66 -23.11 -110.81
C THR VA 111 67.19 -22.43 -109.53
N SER VA 112 68.08 -22.34 -108.56
CA SER VA 112 67.70 -21.85 -107.23
C SER VA 112 68.16 -20.41 -107.02
N ALA VA 113 67.26 -19.59 -106.49
CA ALA VA 113 67.55 -18.24 -106.04
C ALA VA 113 67.47 -18.19 -104.52
N TYR VA 114 67.85 -17.06 -103.95
CA TYR VA 114 67.88 -16.89 -102.50
C TYR VA 114 67.29 -15.53 -102.13
N THR VA 115 66.40 -15.54 -101.13
CA THR VA 115 65.69 -14.33 -100.72
C THR VA 115 65.69 -14.23 -99.20
N ARG VA 116 65.48 -13.02 -98.68
CA ARG VA 116 65.41 -12.80 -97.21
C ARG VA 116 64.01 -12.30 -96.85
N ASP VA 117 63.15 -12.06 -97.85
CA ASP VA 117 61.78 -11.66 -97.55
C ASP VA 117 61.02 -12.86 -96.98
N GLY VA 118 60.63 -12.76 -95.72
CA GLY VA 118 60.03 -13.90 -95.03
C GLY VA 118 58.52 -13.92 -95.01
N SER VA 119 57.88 -13.09 -95.82
CA SER VA 119 56.43 -13.07 -95.93
C SER VA 119 55.99 -14.17 -96.89
N PHE VA 120 55.44 -15.25 -96.35
CA PHE VA 120 55.09 -16.42 -97.13
C PHE VA 120 53.60 -16.68 -97.09
N GLN VA 121 53.13 -17.49 -98.03
CA GLN VA 121 51.75 -17.92 -98.10
C GLN VA 121 51.68 -19.38 -98.50
N VAL VA 122 50.67 -20.09 -98.00
CA VAL VA 122 50.44 -21.49 -98.36
C VAL VA 122 49.60 -21.51 -99.62
N ASP VA 123 50.02 -22.31 -100.61
CA ASP VA 123 49.29 -22.33 -101.86
C ASP VA 123 48.20 -23.40 -101.81
N GLN VA 124 47.40 -23.49 -102.87
CA GLN VA 124 46.24 -24.42 -102.85
C GLN VA 124 46.71 -25.81 -102.40
N ASN VA 125 47.79 -26.32 -102.98
CA ASN VA 125 48.30 -27.64 -102.57
C ASN VA 125 49.22 -27.45 -101.37
N GLY VA 126 48.70 -26.93 -100.26
CA GLY VA 126 49.58 -26.63 -99.11
C GLY VA 126 50.83 -25.95 -99.60
N GLN VA 127 52.02 -26.42 -99.21
CA GLN VA 127 53.27 -25.86 -99.73
C GLN VA 127 53.43 -24.38 -99.44
N LEU VA 128 54.55 -24.03 -98.80
CA LEU VA 128 54.85 -22.64 -98.48
C LEU VA 128 55.58 -22.00 -99.66
N VAL VA 129 55.06 -20.87 -100.13
CA VAL VA 129 55.63 -20.16 -101.26
C VAL VA 129 55.80 -18.69 -100.88
N THR VA 130 56.60 -17.99 -101.66
CA THR VA 130 56.80 -16.55 -101.47
C THR VA 130 55.56 -15.79 -101.94
N ALA VA 131 55.66 -14.46 -101.86
CA ALA VA 131 54.54 -13.62 -102.30
C ALA VA 131 54.27 -13.75 -103.79
N GLY VA 132 55.27 -14.14 -104.57
CA GLY VA 132 55.09 -14.29 -106.01
C GLY VA 132 54.63 -15.67 -106.41
N GLY VA 133 54.56 -16.60 -105.46
CA GLY VA 133 54.12 -17.94 -105.71
C GLY VA 133 55.21 -18.97 -105.86
N PHE VA 134 56.47 -18.56 -105.94
CA PHE VA 134 57.56 -19.52 -106.08
C PHE VA 134 57.73 -20.33 -104.80
N GLN VA 135 57.87 -21.65 -104.97
CA GLN VA 135 57.92 -22.57 -103.85
C GLN VA 135 59.24 -22.44 -103.10
N VAL VA 136 59.15 -22.42 -101.76
CA VAL VA 136 60.27 -22.07 -100.85
C VAL VA 136 60.99 -23.37 -100.47
N GLN VA 137 62.31 -23.40 -100.59
CA GLN VA 137 63.04 -24.69 -100.72
C GLN VA 137 63.83 -25.00 -99.45
N PRO VA 138 63.89 -26.26 -98.99
CA PRO VA 138 63.02 -27.32 -99.52
C PRO VA 138 61.64 -27.28 -98.84
N ALA VA 139 60.64 -27.91 -99.47
CA ALA VA 139 59.21 -27.56 -99.27
C ALA VA 139 58.79 -27.78 -97.82
N ILE VA 140 57.81 -26.99 -97.34
CA ILE VA 140 57.07 -27.32 -96.08
C ILE VA 140 55.57 -27.36 -96.39
N THR VA 141 54.93 -28.50 -96.21
CA THR VA 141 53.53 -28.70 -96.65
C THR VA 141 52.59 -28.70 -95.44
N ILE VA 142 51.74 -27.68 -95.32
CA ILE VA 142 50.83 -27.53 -94.18
C ILE VA 142 49.49 -28.15 -94.54
N PRO VA 143 48.98 -29.08 -93.73
CA PRO VA 143 47.70 -29.72 -94.06
C PRO VA 143 46.51 -28.78 -93.86
N ALA VA 144 45.31 -29.29 -94.13
CA ALA VA 144 44.09 -28.46 -94.09
C ALA VA 144 43.51 -28.39 -92.69
N ASN VA 145 43.65 -29.46 -91.91
CA ASN VA 145 42.99 -29.55 -90.60
C ASN VA 145 43.78 -28.86 -89.50
N ALA VA 146 44.86 -28.16 -89.87
CA ALA VA 146 45.69 -27.48 -88.89
C ALA VA 146 44.89 -26.36 -88.21
N LEU VA 147 45.04 -26.25 -86.89
CA LEU VA 147 44.39 -25.18 -86.14
C LEU VA 147 45.36 -24.03 -85.85
N SER VA 148 46.66 -24.32 -85.81
CA SER VA 148 47.67 -23.30 -85.57
C SER VA 148 48.98 -23.77 -86.19
N ILE VA 149 49.67 -22.86 -86.86
CA ILE VA 149 50.94 -23.14 -87.52
C ILE VA 149 52.04 -22.40 -86.77
N THR VA 150 53.06 -23.14 -86.34
CA THR VA 150 54.17 -22.57 -85.57
C THR VA 150 55.48 -22.90 -86.27
N ILE VA 151 56.25 -21.87 -86.60
CA ILE VA 151 57.61 -22.02 -87.09
C ILE VA 151 58.55 -21.67 -85.95
N GLY VA 152 59.30 -22.67 -85.47
CA GLY VA 152 60.09 -22.53 -84.27
C GLY VA 152 61.35 -21.70 -84.46
N ARG VA 153 62.07 -21.55 -83.35
CA ARG VA 153 63.35 -20.84 -83.37
C ARG VA 153 64.36 -21.54 -84.28
N ASP VA 154 64.35 -22.87 -84.27
CA ASP VA 154 65.30 -23.69 -85.03
C ASP VA 154 64.78 -23.92 -86.45
N GLY VA 155 63.52 -23.59 -86.70
CA GLY VA 155 62.94 -23.78 -88.00
C GLY VA 155 62.08 -25.03 -88.14
N VAL VA 156 61.73 -25.68 -87.04
CA VAL VA 156 60.83 -26.81 -87.08
C VAL VA 156 59.41 -26.31 -87.24
N VAL VA 157 58.72 -26.77 -88.27
CA VAL VA 157 57.35 -26.35 -88.55
C VAL VA 157 56.42 -27.43 -88.01
N SER VA 158 55.72 -27.11 -86.92
CA SER VA 158 54.76 -28.01 -86.31
C SER VA 158 53.37 -27.38 -86.34
N VAL VA 159 52.36 -28.23 -86.52
CA VAL VA 159 50.97 -27.81 -86.60
C VAL VA 159 50.20 -28.52 -85.51
N THR VA 160 49.07 -27.92 -85.10
CA THR VA 160 48.20 -28.51 -84.08
C THR VA 160 47.02 -29.16 -84.79
N GLN VA 161 46.74 -30.42 -84.50
CA GLN VA 161 45.53 -31.05 -85.09
C GLN VA 161 44.50 -31.28 -83.98
N GLN VA 162 43.20 -31.25 -84.30
CA GLN VA 162 42.16 -31.37 -83.25
C GLN VA 162 42.30 -32.68 -82.49
N GLY VA 163 42.10 -32.67 -81.17
CA GLY VA 163 42.11 -33.90 -80.36
C GLY VA 163 43.52 -34.44 -80.13
N GLN VA 164 44.54 -33.84 -80.73
CA GLN VA 164 45.90 -34.40 -80.60
C GLN VA 164 46.75 -33.51 -79.68
N ALA VA 165 46.77 -33.80 -78.39
CA ALA VA 165 47.55 -33.08 -77.41
C ALA VA 165 49.01 -32.91 -77.81
N ALA VA 166 49.42 -33.40 -78.97
CA ALA VA 166 50.80 -33.28 -79.41
C ALA VA 166 50.86 -32.68 -80.81
N PRO VA 167 51.89 -31.90 -81.12
CA PRO VA 167 52.01 -31.32 -82.46
C PRO VA 167 52.64 -32.28 -83.43
N VAL VA 168 52.28 -32.13 -84.70
CA VAL VA 168 52.80 -32.97 -85.78
C VAL VA 168 53.91 -32.21 -86.48
N GLN VA 169 55.10 -32.82 -86.54
CA GLN VA 169 56.24 -32.21 -87.20
C GLN VA 169 56.05 -32.33 -88.71
N VAL VA 170 56.21 -31.20 -89.41
CA VAL VA 170 55.95 -31.11 -90.83
C VAL VA 170 57.23 -30.98 -91.63
N GLY VA 171 58.12 -30.07 -91.22
CA GLY VA 171 59.32 -29.84 -91.99
C GLY VA 171 60.36 -28.98 -91.30
N GLN VA 172 61.56 -28.93 -91.88
CA GLN VA 172 62.61 -28.06 -91.37
C GLN VA 172 62.91 -26.97 -92.39
N LEU VA 173 62.88 -25.70 -91.96
CA LEU VA 173 63.07 -24.63 -92.96
C LEU VA 173 64.54 -24.23 -92.98
N ASN VA 174 65.41 -25.14 -93.40
CA ASN VA 174 66.87 -24.88 -93.40
C ASN VA 174 67.16 -23.65 -94.26
N LEU VA 175 68.25 -22.95 -93.94
CA LEU VA 175 68.65 -21.73 -94.70
C LEU VA 175 69.91 -22.02 -95.51
N THR VA 176 70.35 -21.04 -96.29
CA THR VA 176 71.57 -21.16 -97.08
C THR VA 176 72.49 -19.99 -96.76
N THR VA 177 73.75 -20.30 -96.43
CA THR VA 177 74.74 -19.31 -96.06
C THR VA 177 75.81 -19.25 -97.14
N PHE VA 178 76.22 -18.04 -97.53
CA PHE VA 178 77.33 -17.91 -98.51
C PHE VA 178 78.56 -17.40 -97.75
N MET VA 179 79.69 -17.31 -98.44
CA MET VA 179 80.92 -16.78 -97.80
C MET VA 179 80.98 -15.26 -97.98
N ASN VA 180 80.93 -14.78 -99.22
CA ASN VA 180 80.90 -13.31 -99.46
C ASN VA 180 79.49 -12.96 -99.92
N ASP VA 181 78.58 -12.74 -98.97
CA ASP VA 181 77.20 -12.42 -99.32
C ASP VA 181 77.07 -11.18 -100.19
N THR VA 182 78.02 -10.24 -100.11
CA THR VA 182 77.93 -9.01 -100.89
C THR VA 182 78.11 -9.25 -102.37
N GLY VA 183 78.63 -10.42 -102.78
CA GLY VA 183 78.86 -10.71 -104.18
C GLY VA 183 77.67 -11.31 -104.92
N LEU VA 184 76.54 -11.49 -104.26
CA LEU VA 184 75.38 -12.11 -104.86
C LEU VA 184 74.81 -11.22 -105.97
N GLU VA 185 74.13 -11.86 -106.93
CA GLU VA 185 73.52 -11.15 -108.04
C GLU VA 185 72.03 -10.97 -107.77
N SER VA 186 71.60 -9.71 -107.62
CA SER VA 186 70.20 -9.40 -107.36
C SER VA 186 69.45 -9.39 -108.70
N ILE VA 187 68.58 -10.39 -108.90
CA ILE VA 187 67.93 -10.55 -110.20
C ILE VA 187 66.61 -9.82 -110.33
N GLY VA 188 66.26 -8.92 -109.40
CA GLY VA 188 64.93 -8.35 -109.49
C GLY VA 188 63.98 -8.80 -108.40
N GLU VA 189 63.17 -9.81 -108.70
CA GLU VA 189 61.96 -10.16 -107.96
C GLU VA 189 62.35 -10.66 -106.57
N ASN VA 190 62.91 -9.75 -105.76
CA ASN VA 190 63.48 -10.05 -104.43
C ASN VA 190 64.18 -11.39 -104.38
N LEU VA 191 65.08 -11.65 -105.32
CA LEU VA 191 65.83 -12.89 -105.35
C LEU VA 191 67.30 -12.60 -105.67
N TYR VA 192 68.18 -13.34 -104.99
CA TYR VA 192 69.60 -13.33 -105.25
C TYR VA 192 70.01 -14.67 -105.83
N ILE VA 193 70.86 -14.64 -106.84
CA ILE VA 193 71.44 -15.84 -107.41
C ILE VA 193 72.93 -15.82 -107.16
N GLU VA 194 73.51 -17.02 -107.06
CA GLU VA 194 74.93 -17.15 -106.74
C GLU VA 194 75.79 -16.65 -107.90
N THR VA 195 76.83 -15.89 -107.55
CA THR VA 195 77.73 -15.33 -108.58
C THR VA 195 79.15 -15.85 -108.33
N GLN VA 196 80.08 -15.54 -109.23
CA GLN VA 196 81.48 -16.01 -109.10
C GLN VA 196 82.04 -15.56 -107.75
N SER VA 197 81.64 -14.38 -107.27
CA SER VA 197 82.22 -13.85 -106.02
C SER VA 197 81.32 -14.15 -104.82
N SER VA 198 80.44 -15.14 -104.93
CA SER VA 198 79.63 -15.52 -103.77
C SER VA 198 79.32 -17.01 -103.82
N GLY VA 199 80.28 -17.82 -104.23
CA GLY VA 199 80.03 -19.23 -104.46
C GLY VA 199 79.89 -20.02 -103.17
N ALA VA 200 79.77 -21.33 -103.35
CA ALA VA 200 79.63 -22.32 -102.28
C ALA VA 200 78.40 -22.05 -101.41
N PRO VA 201 77.19 -22.27 -101.93
CA PRO VA 201 75.98 -22.14 -101.10
C PRO VA 201 75.89 -23.31 -100.12
N ASN VA 202 76.06 -23.00 -98.83
CA ASN VA 202 76.05 -24.04 -97.81
C ASN VA 202 74.69 -24.05 -97.12
N GLU VA 203 73.92 -25.12 -97.35
CA GLU VA 203 72.68 -25.31 -96.60
C GLU VA 203 73.00 -25.65 -95.15
N SER VA 204 72.17 -25.16 -94.24
CA SER VA 204 72.38 -25.43 -92.83
C SER VA 204 71.06 -25.32 -92.08
N THR VA 205 70.98 -26.06 -90.99
CA THR VA 205 69.88 -25.86 -90.04
C THR VA 205 70.11 -24.57 -89.28
N PRO VA 206 69.13 -23.67 -89.26
CA PRO VA 206 69.33 -22.36 -88.62
C PRO VA 206 69.75 -22.50 -87.17
N GLY VA 207 70.71 -21.68 -86.75
CA GLY VA 207 71.29 -21.79 -85.43
C GLY VA 207 72.60 -22.56 -85.45
N LEU VA 208 72.89 -23.20 -86.56
CA LEU VA 208 74.09 -24.02 -86.72
C LEU VA 208 74.91 -23.54 -87.90
N ASN VA 209 76.23 -23.72 -87.81
CA ASN VA 209 77.18 -23.39 -88.87
C ASN VA 209 77.10 -21.92 -89.26
N GLY VA 210 76.81 -21.06 -88.30
CA GLY VA 210 76.76 -19.63 -88.53
C GLY VA 210 75.44 -19.11 -89.03
N ALA VA 211 74.47 -19.98 -89.31
CA ALA VA 211 73.17 -19.55 -89.77
C ALA VA 211 72.42 -18.82 -88.66
N GLY VA 212 71.55 -17.89 -89.07
CA GLY VA 212 70.80 -17.11 -88.11
C GLY VA 212 69.59 -17.87 -87.59
N LEU VA 213 68.91 -17.26 -86.62
CA LEU VA 213 67.71 -17.87 -86.04
C LEU VA 213 66.46 -17.32 -86.72
N LEU VA 214 65.34 -17.99 -86.51
CA LEU VA 214 64.08 -17.60 -87.12
C LEU VA 214 63.11 -17.07 -86.07
N TYR VA 215 62.58 -15.88 -86.32
CA TYR VA 215 61.53 -15.28 -85.50
C TYR VA 215 60.21 -15.36 -86.24
N GLN VA 216 59.26 -16.08 -85.69
CA GLN VA 216 57.96 -16.25 -86.32
C GLN VA 216 57.06 -15.05 -86.01
N GLY VA 217 56.31 -14.61 -87.00
CA GLY VA 217 55.41 -13.48 -86.85
C GLY VA 217 56.06 -12.13 -87.01
N TYR VA 218 57.33 -12.07 -87.38
CA TYR VA 218 58.04 -10.82 -87.60
C TYR VA 218 58.68 -10.82 -88.98
N VAL VA 219 58.82 -9.63 -89.55
CA VAL VA 219 59.40 -9.46 -90.87
C VAL VA 219 60.52 -8.42 -90.79
N GLU VA 220 61.62 -8.72 -91.49
CA GLU VA 220 62.82 -7.84 -91.44
C GLU VA 220 62.64 -6.64 -92.35
N THR VA 221 62.64 -5.44 -91.78
CA THR VA 221 62.45 -4.21 -92.53
C THR VA 221 63.67 -3.91 -93.39
N SER VA 222 63.55 -2.87 -94.20
CA SER VA 222 64.63 -2.48 -95.10
C SER VA 222 65.80 -1.89 -94.31
N ASN VA 223 66.98 -1.97 -94.92
CA ASN VA 223 68.22 -1.47 -94.32
C ASN VA 223 68.55 -0.04 -94.72
N VAL VA 224 67.66 0.62 -95.48
CA VAL VA 224 67.95 1.93 -96.02
C VAL VA 224 67.98 3.00 -94.93
N ASN VA 225 69.06 3.76 -94.88
CA ASN VA 225 69.10 4.95 -94.03
C ASN VA 225 68.60 6.15 -94.82
N VAL VA 226 67.93 7.08 -94.14
CA VAL VA 226 67.22 8.13 -94.85
C VAL VA 226 68.04 9.42 -94.97
N ALA VA 227 68.65 9.89 -93.88
CA ALA VA 227 69.42 11.13 -93.94
C ALA VA 227 70.62 11.01 -94.87
N GLU VA 228 71.29 9.86 -94.85
CA GLU VA 228 72.46 9.67 -95.69
C GLU VA 228 72.12 9.79 -97.17
N GLU VA 229 70.99 9.23 -97.59
CA GLU VA 229 70.56 9.37 -98.98
C GLU VA 229 70.24 10.82 -99.34
N LEU VA 230 69.64 11.58 -98.43
CA LEU VA 230 69.35 12.99 -98.72
C LEU VA 230 70.64 13.79 -98.89
N VAL VA 231 71.60 13.60 -97.99
CA VAL VA 231 72.88 14.28 -98.11
C VAL VA 231 73.57 13.84 -99.41
N ASN VA 232 73.44 12.56 -99.76
CA ASN VA 232 74.02 12.07 -101.01
C ASN VA 232 73.39 12.74 -102.22
N MET VA 233 72.06 12.93 -102.20
CA MET VA 233 71.42 13.65 -103.29
C MET VA 233 71.93 15.07 -103.40
N ILE VA 234 72.09 15.74 -102.25
CA ILE VA 234 72.59 17.12 -102.30
C ILE VA 234 73.98 17.17 -102.91
N GLN VA 235 74.88 16.29 -102.46
CA GLN VA 235 76.23 16.26 -103.00
C GLN VA 235 76.25 15.89 -104.48
N VAL VA 236 75.42 14.93 -104.89
CA VAL VA 236 75.35 14.54 -106.29
C VAL VA 236 74.88 15.69 -107.15
N GLN VA 237 73.86 16.43 -106.69
CA GLN VA 237 73.37 17.56 -107.46
C GLN VA 237 74.45 18.64 -107.61
N ARG VA 238 75.17 18.94 -106.53
CA ARG VA 238 76.23 19.94 -106.64
C ARG VA 238 77.37 19.48 -107.55
N ALA VA 239 77.78 18.21 -107.46
CA ALA VA 239 78.81 17.71 -108.35
C ALA VA 239 78.36 17.72 -109.81
N TYR VA 240 77.09 17.39 -110.05
CA TYR VA 240 76.54 17.44 -111.40
C TYR VA 240 76.57 18.87 -111.94
N GLU VA 241 76.21 19.85 -111.11
CA GLU VA 241 76.26 21.25 -111.53
C GLU VA 241 77.70 21.68 -111.83
N ILE VA 242 78.66 21.25 -111.01
CA ILE VA 242 80.06 21.60 -111.26
C ILE VA 242 80.54 21.01 -112.60
N ASN VA 243 80.21 19.75 -112.85
CA ASN VA 243 80.59 19.14 -114.12
C ASN VA 243 79.92 19.80 -115.31
N SER VA 244 78.65 20.20 -115.15
CA SER VA 244 77.97 20.96 -116.20
C SER VA 244 78.65 22.29 -116.46
N LYS VA 245 79.11 22.97 -115.40
CA LYS VA 245 79.89 24.19 -115.58
C LYS VA 245 81.19 23.93 -116.34
N ALA VA 246 81.87 22.83 -116.05
CA ALA VA 246 83.06 22.48 -116.81
C ALA VA 246 82.74 22.26 -118.28
N VAL VA 247 81.64 21.56 -118.56
CA VAL VA 247 81.19 21.37 -119.94
C VAL VA 247 80.97 22.71 -120.62
N SER VA 248 80.28 23.63 -119.93
CA SER VA 248 79.99 24.93 -120.51
C SER VA 248 81.27 25.72 -120.77
N THR VA 249 82.23 25.65 -119.86
CA THR VA 249 83.49 26.36 -120.07
C THR VA 249 84.25 25.81 -121.27
N THR VA 250 84.31 24.48 -121.41
CA THR VA 250 84.97 23.90 -122.58
C THR VA 250 84.25 24.28 -123.87
N ASP VA 251 82.92 24.27 -123.84
CA ASP VA 251 82.16 24.66 -125.03
C ASP VA 251 82.40 26.12 -125.38
N GLN VA 252 82.49 27.01 -124.38
CA GLN VA 252 82.79 28.40 -124.64
C GLN VA 252 84.18 28.57 -125.25
N MET VA 253 85.16 27.82 -124.75
CA MET VA 253 86.50 27.89 -125.33
C MET VA 253 86.49 27.45 -126.79
N LEU VA 254 85.79 26.36 -127.09
CA LEU VA 254 85.70 25.90 -128.48
C LEU VA 254 84.95 26.90 -129.36
N GLN VA 255 83.98 27.62 -128.82
CA GLN VA 255 83.13 28.52 -129.64
C GLN VA 255 83.87 29.80 -130.06
N LYS VA 256 84.96 30.16 -129.40
CA LYS VA 256 85.73 31.34 -129.87
C LYS VA 256 86.86 30.86 -130.77
N LEU VA 257 87.38 29.66 -130.52
CA LEU VA 257 88.40 29.13 -131.44
C LEU VA 257 87.74 28.99 -132.79
N THR VA 258 86.51 28.53 -132.78
CA THR VA 258 85.98 28.31 -134.14
C THR VA 258 85.77 29.63 -134.88
N GLN VA 259 85.46 30.70 -134.17
CA GLN VA 259 85.21 31.99 -134.81
C GLN VA 259 86.48 32.63 -135.38
N LEU VA 260 87.65 32.11 -135.05
CA LEU VA 260 88.92 32.64 -135.54
C LEU VA 260 88.97 32.68 -137.07
N ILE WA 2 94.06 39.81 -113.35
CA ILE WA 2 93.55 38.56 -112.82
C ILE WA 2 93.92 38.40 -111.35
N SER WA 3 94.66 39.38 -110.82
CA SER WA 3 95.04 39.34 -109.42
C SER WA 3 93.82 39.39 -108.51
N SER WA 4 92.82 40.21 -108.88
CA SER WA 4 91.61 40.30 -108.08
C SER WA 4 90.83 39.00 -108.07
N LEU WA 5 91.04 38.12 -109.06
CA LEU WA 5 90.40 36.81 -109.08
C LEU WA 5 91.02 35.90 -108.05
N TRP WA 6 92.34 35.93 -107.94
CA TRP WA 6 93.06 35.11 -106.97
C TRP WA 6 92.73 35.54 -105.55
N ILE WA 7 92.59 36.85 -105.33
CA ILE WA 7 92.25 37.37 -104.01
C ILE WA 7 90.89 36.84 -103.56
N ALA WA 8 89.90 36.88 -104.46
CA ALA WA 8 88.58 36.37 -104.12
C ALA WA 8 88.58 34.87 -103.87
N LYS WA 9 89.50 34.14 -104.53
CA LYS WA 9 89.62 32.71 -104.25
C LYS WA 9 90.01 32.44 -102.81
N THR WA 10 90.95 33.24 -102.28
CA THR WA 10 91.33 33.10 -100.88
C THR WA 10 90.17 33.41 -99.96
N GLY WA 11 89.33 34.38 -100.33
CA GLY WA 11 88.16 34.72 -99.54
C GLY WA 11 87.17 33.58 -99.43
N LEU WA 12 86.93 32.89 -100.55
CA LEU WA 12 86.04 31.73 -100.51
C LEU WA 12 86.66 30.59 -99.70
N ASP WA 13 87.94 30.35 -99.91
CA ASP WA 13 88.61 29.21 -99.23
C ASP WA 13 88.41 29.38 -97.72
N ALA WA 14 88.83 30.52 -97.19
CA ALA WA 14 88.70 30.75 -95.73
C ALA WA 14 87.23 30.66 -95.31
N GLN WA 15 86.32 31.21 -96.11
CA GLN WA 15 84.90 31.20 -95.69
C GLN WA 15 84.47 29.75 -95.48
N GLN WA 16 84.77 28.88 -96.45
CA GLN WA 16 84.35 27.46 -96.34
C GLN WA 16 85.08 26.84 -95.13
N THR WA 17 86.39 27.04 -95.04
CA THR WA 17 87.13 26.53 -93.85
C THR WA 17 86.34 26.94 -92.61
N ASN WA 18 85.97 28.21 -92.53
CA ASN WA 18 85.18 28.63 -91.36
C ASN WA 18 83.97 27.74 -91.16
N MET WA 19 83.31 27.32 -92.25
CA MET WA 19 82.12 26.48 -92.12
C MET WA 19 82.48 25.10 -91.57
N ASP WA 20 83.62 24.56 -91.96
CA ASP WA 20 84.04 23.25 -91.44
C ASP WA 20 84.25 23.30 -89.94
N VAL WA 21 84.86 24.37 -89.44
CA VAL WA 21 85.02 24.53 -88.00
C VAL WA 21 83.67 24.64 -87.32
N ILE WA 22 82.74 25.41 -87.89
CA ILE WA 22 81.40 25.55 -87.32
C ILE WA 22 80.65 24.23 -87.39
N ALA WA 23 80.73 23.54 -88.53
CA ALA WA 23 80.03 22.26 -88.67
C ALA WA 23 80.59 21.22 -87.70
N ASN WA 24 81.89 21.26 -87.42
CA ASN WA 24 82.47 20.35 -86.45
C ASN WA 24 81.90 20.58 -85.04
N ASN WA 25 81.68 21.85 -84.67
CA ASN WA 25 81.10 22.13 -83.36
C ASN WA 25 79.67 21.60 -83.26
N LEU WA 26 78.89 21.76 -84.32
CA LEU WA 26 77.50 21.33 -84.29
C LEU WA 26 77.36 19.81 -84.27
N ALA WA 27 78.32 19.09 -84.87
CA ALA WA 27 78.28 17.63 -84.81
C ALA WA 27 78.67 17.11 -83.44
N ASN WA 28 79.59 17.80 -82.75
CA ASN WA 28 80.12 17.36 -81.47
C ASN WA 28 79.32 17.93 -80.29
N VAL WA 29 78.03 18.20 -80.49
CA VAL WA 29 77.20 18.71 -79.41
C VAL WA 29 77.08 17.69 -78.28
N SER WA 30 76.85 16.42 -78.62
CA SER WA 30 76.68 15.38 -77.63
C SER WA 30 77.99 14.77 -77.16
N THR WA 31 79.12 15.15 -77.76
CA THR WA 31 80.41 14.65 -77.32
C THR WA 31 80.75 15.21 -75.95
N ASN WA 32 81.14 14.32 -75.03
CA ASN WA 32 81.42 14.69 -73.65
C ASN WA 32 82.83 15.26 -73.58
N GLY WA 33 82.97 16.43 -72.95
CA GLY WA 33 84.26 17.05 -72.79
C GLY WA 33 84.86 17.54 -74.09
N PHE WA 34 84.12 18.36 -74.81
CA PHE WA 34 84.56 18.92 -76.09
C PHE WA 34 84.70 20.43 -75.96
N LYS WA 35 85.83 20.95 -76.41
CA LYS WA 35 86.09 22.39 -76.43
C LYS WA 35 85.85 22.93 -77.83
N ARG WA 36 84.98 23.93 -77.95
CA ARG WA 36 84.59 24.42 -79.26
C ARG WA 36 85.76 25.10 -79.97
N GLN WA 37 85.77 25.00 -81.29
CA GLN WA 37 86.85 25.56 -82.08
C GLN WA 37 86.42 26.89 -82.69
N ARG WA 38 87.33 27.85 -82.74
CA ARG WA 38 87.08 29.16 -83.33
C ARG WA 38 88.17 29.44 -84.36
N ALA WA 39 87.78 29.97 -85.51
CA ALA WA 39 88.72 30.25 -86.59
C ALA WA 39 89.15 31.71 -86.54
N VAL WA 40 90.46 31.93 -86.61
CA VAL WA 40 91.04 33.27 -86.57
C VAL WA 40 91.75 33.53 -87.90
N PHE WA 41 91.44 34.65 -88.53
CA PHE WA 41 91.98 35.00 -89.83
C PHE WA 41 92.87 36.22 -89.73
N GLU WA 42 93.91 36.22 -90.57
CA GLU WA 42 94.85 37.37 -90.63
C GLU WA 42 95.11 37.65 -92.10
N ASP WA 43 95.16 38.91 -92.51
CA ASP WA 43 95.46 39.27 -93.88
C ASP WA 43 96.89 38.94 -94.24
N LEU WA 44 97.17 38.82 -95.53
CA LEU WA 44 98.48 38.44 -96.01
C LEU WA 44 99.36 39.68 -96.17
N LEU WA 45 100.56 39.48 -96.72
CA LEU WA 45 101.50 40.58 -96.92
C LEU WA 45 100.98 41.54 -97.97
N TYR WA 46 101.01 42.84 -97.64
CA TYR WA 46 100.52 43.86 -98.55
C TYR WA 46 101.61 44.26 -99.53
N GLN WA 47 101.24 44.39 -100.81
CA GLN WA 47 102.17 44.81 -101.84
C GLN WA 47 102.06 46.31 -102.06
N THR WA 48 103.20 46.99 -101.96
CA THR WA 48 103.27 48.44 -102.12
C THR WA 48 103.71 48.75 -103.55
N ILE WA 49 102.77 49.22 -104.36
CA ILE WA 49 103.06 49.53 -105.75
C ILE WA 49 103.74 50.89 -105.90
N ARG WA 50 103.24 51.91 -105.21
CA ARG WA 50 103.82 53.24 -105.30
C ARG WA 50 103.74 53.90 -103.93
N GLN WA 51 104.87 54.46 -103.49
CA GLN WA 51 105.03 55.01 -102.15
C GLN WA 51 104.21 56.28 -101.98
N PRO WA 52 103.82 56.61 -100.75
CA PRO WA 52 103.18 57.92 -100.51
C PRO WA 52 104.12 59.07 -100.87
N GLY WA 53 103.55 60.10 -101.47
CA GLY WA 53 104.32 61.22 -101.95
C GLY WA 53 104.57 62.27 -100.88
N ALA WA 54 105.18 63.37 -101.30
CA ALA WA 54 105.49 64.48 -100.41
C ALA WA 54 104.25 65.34 -100.24
N GLN WA 55 103.86 65.60 -98.99
CA GLN WA 55 102.68 66.38 -98.70
C GLN WA 55 102.87 67.84 -99.12
N THR WA 60 95.54 69.27 -96.58
CA THR WA 60 94.63 69.89 -97.54
C THR WA 60 94.25 68.93 -98.64
N THR WA 61 95.21 68.12 -99.07
CA THR WA 61 95.02 67.13 -100.12
C THR WA 61 95.03 65.73 -99.52
N LEU WA 62 94.50 64.77 -100.28
CA LEU WA 62 94.52 63.39 -99.85
C LEU WA 62 95.93 62.81 -99.97
N PRO WA 63 96.27 61.81 -99.16
CA PRO WA 63 97.56 61.14 -99.35
C PRO WA 63 97.61 60.43 -100.68
N SER WA 64 98.81 60.10 -101.15
CA SER WA 64 98.93 59.33 -102.42
C SER WA 64 99.25 57.88 -102.10
N GLY WA 65 99.86 57.17 -103.05
CA GLY WA 65 100.29 55.79 -102.79
C GLY WA 65 99.21 54.79 -103.11
N LEU WA 66 99.57 53.54 -103.36
CA LEU WA 66 98.57 52.46 -103.57
C LEU WA 66 99.15 51.21 -102.94
N GLN WA 67 98.63 50.80 -101.79
CA GLN WA 67 99.13 49.53 -101.23
C GLN WA 67 98.05 48.48 -101.39
N ILE WA 68 98.15 47.67 -102.45
CA ILE WA 68 97.18 46.60 -102.67
C ILE WA 68 97.45 45.47 -101.69
N GLY WA 69 96.36 44.92 -101.14
CA GLY WA 69 96.47 43.73 -100.32
C GLY WA 69 96.64 42.48 -101.15
N THR WA 70 96.70 41.34 -100.46
CA THR WA 70 96.94 40.06 -101.11
C THR WA 70 95.82 39.04 -100.88
N GLY WA 71 95.10 39.16 -99.75
CA GLY WA 71 93.95 38.27 -99.49
C GLY WA 71 93.84 37.90 -98.02
N VAL WA 72 93.17 36.79 -97.70
CA VAL WA 72 93.03 36.31 -96.30
C VAL WA 72 93.70 34.95 -96.15
N ARG WA 73 94.07 34.58 -94.93
CA ARG WA 73 94.72 33.28 -94.67
C ARG WA 73 94.38 32.92 -93.23
N PRO WA 74 93.93 31.69 -92.90
CA PRO WA 74 93.71 31.35 -91.49
C PRO WA 74 95.05 31.05 -90.82
N VAL WA 75 95.25 31.64 -89.65
CA VAL WA 75 96.53 31.53 -88.95
C VAL WA 75 96.48 30.43 -87.88
N ALA WA 76 95.44 30.43 -87.06
CA ALA WA 76 95.34 29.47 -85.97
C ALA WA 76 93.89 29.29 -85.56
N THR WA 77 93.48 28.03 -85.41
CA THR WA 77 92.15 27.72 -84.88
C THR WA 77 92.29 27.34 -83.40
N GLU WA 78 91.60 28.07 -82.54
CA GLU WA 78 91.75 27.94 -81.10
C GLU WA 78 90.56 27.22 -80.49
N ARG WA 79 90.80 26.49 -79.41
CA ARG WA 79 89.75 25.87 -78.62
C ARG WA 79 89.59 26.61 -77.30
N LEU WA 80 88.35 26.94 -76.97
CA LEU WA 80 88.02 27.66 -75.75
C LEU WA 80 87.97 26.67 -74.60
N HIS WA 81 88.99 26.69 -73.73
CA HIS WA 81 89.07 25.76 -72.61
C HIS WA 81 88.35 26.38 -71.40
N SER WA 82 87.02 26.43 -71.51
CA SER WA 82 86.16 26.81 -70.40
C SER WA 82 85.39 25.59 -69.93
N GLN WA 83 85.23 25.46 -68.61
CA GLN WA 83 84.62 24.27 -68.03
C GLN WA 83 83.17 24.15 -68.51
N GLY WA 84 82.81 22.98 -68.99
CA GLY WA 84 81.46 22.73 -69.44
C GLY WA 84 80.55 22.30 -68.30
N ASN WA 85 79.29 22.06 -68.65
CA ASN WA 85 78.28 21.64 -67.69
C ASN WA 85 78.45 20.16 -67.36
N LEU WA 86 77.83 19.74 -66.25
CA LEU WA 86 77.89 18.36 -65.81
C LEU WA 86 76.57 17.66 -66.11
N SER WA 87 76.66 16.47 -66.69
CA SER WA 87 75.51 15.61 -66.93
C SER WA 87 75.62 14.37 -66.05
N GLN WA 88 74.51 13.98 -65.45
CA GLN WA 88 74.48 12.92 -64.45
C GLN WA 88 74.27 11.58 -65.14
N THR WA 89 75.24 10.67 -64.95
CA THR WA 89 75.13 9.28 -65.39
C THR WA 89 75.40 8.43 -64.16
N ASN WA 90 74.41 7.63 -63.76
CA ASN WA 90 74.45 6.99 -62.45
C ASN WA 90 75.57 5.95 -62.34
N ASN WA 91 76.16 5.56 -63.47
CA ASN WA 91 77.20 4.54 -63.45
C ASN WA 91 78.40 5.05 -62.65
N SER WA 92 79.01 4.15 -61.89
CA SER WA 92 80.05 4.52 -60.93
C SER WA 92 81.42 4.75 -61.56
N LYS WA 93 81.54 4.60 -62.88
CA LYS WA 93 82.86 4.70 -63.50
C LYS WA 93 83.11 6.03 -64.20
N ASP WA 94 82.10 6.86 -64.44
CA ASP WA 94 82.32 8.17 -65.03
C ASP WA 94 82.59 9.20 -63.94
N VAL WA 95 83.62 10.02 -64.14
CA VAL WA 95 83.93 11.14 -63.27
C VAL WA 95 84.11 12.38 -64.13
N ALA WA 96 83.92 13.56 -63.53
CA ALA WA 96 84.07 14.81 -64.23
C ALA WA 96 85.09 15.69 -63.52
N ILE WA 97 85.94 16.35 -64.31
CA ILE WA 97 87.03 17.16 -63.79
C ILE WA 97 86.50 18.55 -63.46
N LYS WA 98 86.75 19.00 -62.23
CA LYS WA 98 86.30 20.30 -61.75
C LYS WA 98 87.46 21.30 -61.85
N GLY WA 99 87.73 21.75 -63.07
CA GLY WA 99 88.77 22.73 -63.25
C GLY WA 99 89.70 22.44 -64.41
N GLN WA 100 90.94 22.91 -64.29
CA GLN WA 100 91.92 22.85 -65.39
C GLN WA 100 92.76 21.59 -65.21
N GLY WA 101 92.37 20.52 -65.90
CA GLY WA 101 93.11 19.28 -65.84
C GLY WA 101 92.67 18.32 -66.91
N PHE WA 102 93.57 17.39 -67.25
CA PHE WA 102 93.29 16.36 -68.24
C PHE WA 102 93.71 15.01 -67.70
N PHE WA 103 92.97 13.97 -68.09
CA PHE WA 103 93.36 12.60 -67.79
C PHE WA 103 94.45 12.14 -68.73
N GLN WA 104 95.39 11.38 -68.21
CA GLN WA 104 96.49 10.85 -69.00
C GLN WA 104 96.16 9.43 -69.46
N VAL WA 105 96.23 9.21 -70.77
CA VAL WA 105 95.91 7.92 -71.36
C VAL WA 105 97.11 7.48 -72.19
N MET WA 106 97.21 6.17 -72.40
CA MET WA 106 98.36 5.56 -73.04
C MET WA 106 97.99 5.10 -74.45
N LEU WA 107 98.66 5.65 -75.45
CA LEU WA 107 98.48 5.26 -76.84
C LEU WA 107 99.17 3.93 -77.11
N PRO WA 108 98.77 3.23 -78.19
CA PRO WA 108 99.39 1.94 -78.49
C PRO WA 108 100.91 2.01 -78.66
N ASP WA 109 101.44 3.06 -79.28
CA ASP WA 109 102.87 3.12 -79.54
C ASP WA 109 103.69 3.36 -78.27
N GLY WA 110 103.05 3.76 -77.18
CA GLY WA 110 103.75 3.99 -75.93
C GLY WA 110 103.80 5.44 -75.48
N THR WA 111 103.40 6.39 -76.31
CA THR WA 111 103.37 7.78 -75.93
C THR WA 111 102.04 8.10 -75.25
N SER WA 112 102.08 9.04 -74.31
CA SER WA 112 100.90 9.37 -73.53
C SER WA 112 100.06 10.45 -74.21
N ALA WA 113 98.75 10.25 -74.22
CA ALA WA 113 97.79 11.21 -74.74
C ALA WA 113 96.91 11.70 -73.60
N TYR WA 114 96.34 12.89 -73.78
CA TYR WA 114 95.57 13.55 -72.73
C TYR WA 114 94.16 13.81 -73.21
N THR WA 115 93.18 13.49 -72.37
CA THR WA 115 91.78 13.64 -72.70
C THR WA 115 91.01 14.13 -71.48
N ARG WA 116 89.86 14.76 -71.74
CA ARG WA 116 88.98 15.21 -70.68
C ARG WA 116 87.67 14.43 -70.61
N ASP WA 117 87.45 13.48 -71.51
CA ASP WA 117 86.24 12.67 -71.47
C ASP WA 117 86.32 11.72 -70.28
N GLY WA 118 85.33 11.79 -69.39
CA GLY WA 118 85.39 11.04 -68.15
C GLY WA 118 84.67 9.71 -68.19
N SER WA 119 84.24 9.27 -69.37
CA SER WA 119 83.54 8.00 -69.51
C SER WA 119 84.57 6.88 -69.54
N PHE WA 120 84.63 6.11 -68.46
CA PHE WA 120 85.61 5.05 -68.29
C PHE WA 120 84.92 3.70 -68.10
N GLN WA 121 85.64 2.63 -68.44
CA GLN WA 121 85.16 1.27 -68.26
C GLN WA 121 86.29 0.41 -67.74
N VAL WA 122 85.97 -0.84 -67.41
CA VAL WA 122 86.95 -1.81 -66.97
C VAL WA 122 86.99 -2.96 -67.98
N ASP WA 123 88.21 -3.38 -68.33
CA ASP WA 123 88.40 -4.42 -69.34
C ASP WA 123 88.37 -5.80 -68.66
N GLN WA 124 88.80 -6.83 -69.40
CA GLN WA 124 88.69 -8.21 -68.92
C GLN WA 124 89.48 -8.42 -67.65
N ASN WA 125 90.66 -7.80 -67.54
CA ASN WA 125 91.50 -7.93 -66.36
C ASN WA 125 91.32 -6.79 -65.39
N GLY WA 126 90.16 -6.14 -65.37
CA GLY WA 126 90.00 -4.95 -64.56
C GLY WA 126 90.49 -3.72 -65.32
N GLN WA 127 91.19 -2.84 -64.62
CA GLN WA 127 91.88 -1.70 -65.30
C GLN WA 127 90.97 -0.59 -65.81
N LEU WA 128 91.20 0.64 -65.37
CA LEU WA 128 90.40 1.74 -65.91
C LEU WA 128 90.88 2.06 -67.32
N VAL WA 129 89.98 1.93 -68.28
CA VAL WA 129 90.27 2.23 -69.68
C VAL WA 129 89.20 3.15 -70.22
N THR WA 130 89.55 3.91 -71.24
CA THR WA 130 88.59 4.78 -71.91
C THR WA 130 87.66 3.95 -72.78
N ALA WA 131 86.69 4.61 -73.39
CA ALA WA 131 85.74 3.92 -74.26
C ALA WA 131 86.41 3.27 -75.46
N GLY WA 132 87.60 3.74 -75.85
CA GLY WA 132 88.32 3.15 -76.95
C GLY WA 132 89.24 2.02 -76.53
N GLY WA 133 89.29 1.72 -75.24
CA GLY WA 133 90.09 0.64 -74.72
C GLY WA 133 91.50 1.01 -74.30
N PHE WA 134 91.95 2.23 -74.56
CA PHE WA 134 93.28 2.63 -74.14
C PHE WA 134 93.36 2.76 -72.63
N GLN WA 135 94.48 2.29 -72.07
CA GLN WA 135 94.67 2.29 -70.63
C GLN WA 135 94.92 3.70 -70.12
N VAL WA 136 94.25 4.08 -69.02
CA VAL WA 136 94.52 5.35 -68.29
C VAL WA 136 95.84 5.23 -67.52
N GLN WA 137 96.56 6.32 -67.28
CA GLN WA 137 97.82 6.22 -66.51
C GLN WA 137 97.97 7.44 -65.60
N PRO WA 138 97.94 7.28 -64.26
CA PRO WA 138 98.26 6.00 -63.63
C PRO WA 138 97.07 5.06 -63.39
N ALA WA 139 97.18 3.83 -63.87
CA ALA WA 139 96.04 2.89 -64.04
C ALA WA 139 95.51 2.45 -62.67
N ILE WA 140 94.36 1.77 -62.63
CA ILE WA 140 93.79 1.29 -61.34
C ILE WA 140 93.22 -0.12 -61.53
N THR WA 141 93.64 -1.11 -60.71
CA THR WA 141 93.16 -2.45 -61.02
C THR WA 141 92.06 -2.84 -60.04
N ILE WA 142 90.82 -2.66 -60.46
CA ILE WA 142 89.66 -2.96 -59.62
C ILE WA 142 89.53 -4.47 -59.46
N PRO WA 143 89.44 -4.99 -58.24
CA PRO WA 143 89.33 -6.45 -58.06
C PRO WA 143 87.99 -6.99 -58.51
N ALA WA 144 87.89 -8.32 -58.63
CA ALA WA 144 86.69 -8.97 -59.16
C ALA WA 144 85.56 -8.99 -58.12
N ASN WA 145 85.93 -9.11 -56.84
CA ASN WA 145 84.94 -9.21 -55.78
C ASN WA 145 84.48 -7.85 -55.30
N ALA WA 146 84.70 -6.81 -56.12
CA ALA WA 146 84.33 -5.45 -55.76
C ALA WA 146 82.80 -5.34 -55.63
N LEU WA 147 82.35 -4.68 -54.56
CA LEU WA 147 80.93 -4.42 -54.37
C LEU WA 147 80.54 -3.03 -54.87
N SER WA 148 81.42 -2.05 -54.71
CA SER WA 148 81.17 -0.70 -55.20
C SER WA 148 82.50 0.02 -55.33
N ILE WA 149 82.65 0.79 -56.41
CA ILE WA 149 83.86 1.55 -56.67
C ILE WA 149 83.60 3.01 -56.38
N THR WA 150 84.41 3.60 -55.49
CA THR WA 150 84.23 4.98 -55.06
C THR WA 150 85.46 5.78 -55.46
N ILE WA 151 85.29 6.66 -56.44
CA ILE WA 151 86.33 7.60 -56.84
C ILE WA 151 86.07 8.93 -56.13
N GLY WA 152 86.93 9.26 -55.18
CA GLY WA 152 86.69 10.37 -54.28
C GLY WA 152 87.01 11.73 -54.90
N ARG WA 153 86.86 12.75 -54.06
CA ARG WA 153 87.11 14.13 -54.50
C ARG WA 153 88.57 14.32 -54.90
N ASP WA 154 89.50 13.80 -54.09
CA ASP WA 154 90.93 13.96 -54.34
C ASP WA 154 91.51 12.81 -55.17
N GLY WA 155 90.68 12.15 -55.96
CA GLY WA 155 91.14 11.09 -56.83
C GLY WA 155 91.44 9.77 -56.16
N VAL WA 156 91.07 9.62 -54.89
CA VAL WA 156 91.30 8.36 -54.18
C VAL WA 156 90.27 7.34 -54.63
N VAL WA 157 90.74 6.21 -55.14
CA VAL WA 157 89.88 5.15 -55.65
C VAL WA 157 89.80 4.07 -54.58
N SER WA 158 88.65 3.97 -53.93
CA SER WA 158 88.42 3.01 -52.86
C SER WA 158 87.38 1.99 -53.28
N VAL WA 159 87.60 0.75 -52.86
CA VAL WA 159 86.72 -0.37 -53.16
C VAL WA 159 86.40 -1.10 -51.86
N THR WA 160 85.13 -1.41 -51.64
CA THR WA 160 84.72 -2.17 -50.46
C THR WA 160 84.45 -3.61 -50.87
N GLN WA 161 85.01 -4.60 -50.19
CA GLN WA 161 84.77 -5.97 -50.69
C GLN WA 161 83.47 -6.49 -50.08
N GLN WA 162 83.37 -7.79 -49.81
CA GLN WA 162 82.09 -8.34 -49.30
C GLN WA 162 82.04 -8.20 -47.77
N GLY WA 163 83.09 -8.63 -47.07
CA GLY WA 163 83.08 -8.59 -45.60
C GLY WA 163 83.84 -7.41 -45.05
N GLN WA 164 85.07 -7.22 -45.50
CA GLN WA 164 85.89 -6.06 -45.05
C GLN WA 164 85.00 -4.82 -45.05
N ALA WA 165 84.48 -4.44 -43.89
CA ALA WA 165 83.55 -3.29 -43.80
C ALA WA 165 84.23 -2.04 -44.36
N ALA WA 166 85.49 -1.80 -43.98
CA ALA WA 166 86.21 -0.59 -44.44
C ALA WA 166 86.55 -0.72 -45.92
N PRO WA 167 86.65 0.38 -46.69
CA PRO WA 167 87.04 0.30 -48.08
C PRO WA 167 88.52 -0.06 -48.20
N VAL WA 168 89.01 -0.32 -49.41
CA VAL WA 168 90.46 -0.59 -49.61
C VAL WA 168 90.98 0.30 -50.75
N GLN WA 169 92.05 1.08 -50.51
CA GLN WA 169 92.49 1.96 -51.57
C GLN WA 169 93.16 1.16 -52.67
N VAL WA 170 92.79 1.46 -53.92
CA VAL WA 170 93.23 0.66 -55.06
C VAL WA 170 94.16 1.48 -55.94
N GLY WA 171 94.07 2.81 -55.85
CA GLY WA 171 94.93 3.65 -56.66
C GLY WA 171 94.60 5.13 -56.60
N GLN WA 172 95.54 5.95 -57.05
CA GLN WA 172 95.34 7.40 -57.07
C GLN WA 172 95.31 7.90 -58.50
N LEU WA 173 94.28 8.65 -58.85
CA LEU WA 173 94.13 9.21 -60.19
C LEU WA 173 94.78 10.58 -60.24
N ASN WA 174 95.80 10.73 -61.06
CA ASN WA 174 96.52 11.99 -61.19
C ASN WA 174 96.04 12.74 -62.41
N LEU WA 175 95.85 14.05 -62.26
CA LEU WA 175 95.41 14.93 -63.34
C LEU WA 175 96.62 15.70 -63.86
N THR WA 176 96.79 15.72 -65.18
CA THR WA 176 97.88 16.45 -65.79
C THR WA 176 97.46 17.88 -66.10
N THR WA 177 98.32 18.84 -65.79
CA THR WA 177 98.04 20.25 -65.99
C THR WA 177 99.13 20.85 -66.88
N PHE WA 178 98.71 21.61 -67.88
CA PHE WA 178 99.62 22.27 -68.81
C PHE WA 178 99.67 23.77 -68.52
N MET WA 179 100.78 24.39 -68.90
CA MET WA 179 100.91 25.84 -68.80
C MET WA 179 100.04 26.55 -69.83
N ASN WA 180 99.93 25.99 -71.03
CA ASN WA 180 99.07 26.52 -72.08
C ASN WA 180 98.24 25.37 -72.64
N ASP WA 181 96.95 25.35 -72.28
CA ASP WA 181 96.07 24.28 -72.74
C ASP WA 181 95.67 24.43 -74.21
N THR WA 182 95.63 25.65 -74.73
CA THR WA 182 95.18 25.88 -76.09
C THR WA 182 96.09 25.24 -77.13
N GLY WA 183 97.41 25.27 -76.91
CA GLY WA 183 98.36 24.82 -77.90
C GLY WA 183 98.43 23.31 -78.10
N LEU WA 184 97.70 22.54 -77.32
CA LEU WA 184 97.69 21.09 -77.46
C LEU WA 184 97.13 20.68 -78.81
N GLU WA 185 97.79 19.73 -79.46
CA GLU WA 185 97.36 19.20 -80.74
C GLU WA 185 96.38 18.07 -80.51
N SER WA 186 95.30 18.05 -81.29
CA SER WA 186 94.27 17.03 -81.17
C SER WA 186 94.63 15.85 -82.07
N ILE WA 187 94.71 14.65 -81.50
CA ILE WA 187 95.07 13.55 -82.44
C ILE WA 187 93.78 12.92 -82.99
N GLY WA 188 92.65 13.64 -82.97
CA GLY WA 188 91.50 13.01 -83.56
C GLY WA 188 90.59 12.45 -82.50
N GLU WA 189 90.67 11.15 -82.26
CA GLU WA 189 89.67 10.41 -81.49
C GLU WA 189 89.70 10.83 -80.02
N ASN WA 190 89.30 12.08 -79.75
CA ASN WA 190 89.11 12.61 -78.40
C ASN WA 190 90.38 12.54 -77.56
N LEU WA 191 91.54 12.82 -78.16
CA LEU WA 191 92.81 12.81 -77.45
C LEU WA 191 93.64 14.03 -77.83
N TYR WA 192 94.38 14.56 -76.86
CA TYR WA 192 95.32 15.65 -77.08
C TYR WA 192 96.73 15.19 -76.75
N ILE WA 193 97.71 15.77 -77.42
CA ILE WA 193 99.12 15.48 -77.16
C ILE WA 193 99.86 16.79 -76.93
N GLU WA 194 100.96 16.69 -76.18
CA GLU WA 194 101.79 17.86 -75.89
C GLU WA 194 102.56 18.27 -77.14
N THR WA 195 102.69 19.57 -77.35
CA THR WA 195 103.41 20.14 -78.48
C THR WA 195 104.48 21.11 -77.96
N GLN WA 196 105.08 21.85 -78.88
CA GLN WA 196 106.06 22.85 -78.50
C GLN WA 196 105.43 24.02 -77.75
N SER WA 197 104.12 24.24 -77.92
CA SER WA 197 103.42 25.35 -77.28
C SER WA 197 102.76 24.94 -75.97
N SER WA 198 102.67 23.63 -75.74
CA SER WA 198 101.97 23.11 -74.55
C SER WA 198 102.93 23.08 -73.36
N GLY WA 199 104.23 23.09 -73.65
CA GLY WA 199 105.23 23.11 -72.56
C GLY WA 199 105.25 21.79 -71.82
N ALA WA 200 104.84 20.71 -72.47
CA ALA WA 200 104.91 19.37 -71.85
C ALA WA 200 103.93 19.30 -70.66
N PRO WA 201 103.76 18.16 -69.95
CA PRO WA 201 102.74 18.04 -68.90
C PRO WA 201 103.19 18.32 -67.46
N ASN WA 202 102.22 18.38 -66.53
CA ASN WA 202 102.51 18.57 -65.09
C ASN WA 202 101.36 17.89 -64.33
N GLU WA 203 101.62 16.77 -63.66
CA GLU WA 203 100.49 16.00 -63.04
C GLU WA 203 100.05 16.58 -61.69
N SER WA 204 100.33 15.89 -60.58
CA SER WA 204 99.86 16.29 -59.22
C SER WA 204 98.53 15.61 -58.93
N THR WA 205 97.84 15.97 -57.84
CA THR WA 205 96.60 15.25 -57.46
C THR WA 205 95.36 16.15 -57.61
N PRO WA 206 94.21 15.62 -58.09
CA PRO WA 206 93.00 16.40 -58.18
C PRO WA 206 92.78 17.35 -57.00
N GLY WA 207 93.22 18.61 -57.11
CA GLY WA 207 92.96 19.58 -56.06
C GLY WA 207 94.18 20.36 -55.64
N LEU WA 208 95.36 19.79 -55.89
CA LEU WA 208 96.61 20.43 -55.42
C LEU WA 208 97.42 20.91 -56.62
N ASN WA 209 98.33 21.85 -56.40
CA ASN WA 209 99.22 22.38 -57.47
C ASN WA 209 98.43 23.36 -58.35
N GLY WA 210 97.19 23.00 -58.72
CA GLY WA 210 96.34 23.89 -59.53
C GLY WA 210 95.39 23.09 -60.36
N ALA WA 211 95.37 21.78 -60.16
CA ALA WA 211 94.50 20.90 -60.98
C ALA WA 211 93.06 20.95 -60.46
N GLY WA 212 92.19 20.15 -61.05
CA GLY WA 212 90.76 20.18 -60.74
C GLY WA 212 90.37 19.04 -59.80
N LEU WA 213 89.09 19.04 -59.43
CA LEU WA 213 88.55 17.98 -58.59
C LEU WA 213 87.68 17.04 -59.43
N LEU WA 214 87.40 15.87 -58.88
CA LEU WA 214 86.65 14.84 -59.59
C LEU WA 214 85.26 14.65 -58.99
N TYR WA 215 84.25 14.69 -59.85
CA TYR WA 215 82.88 14.37 -59.47
C TYR WA 215 82.50 13.04 -60.08
N GLN WA 216 82.48 11.99 -59.26
CA GLN WA 216 82.12 10.66 -59.71
C GLN WA 216 80.63 10.60 -59.99
N GLY WA 217 80.26 9.94 -61.08
CA GLY WA 217 78.87 9.86 -61.49
C GLY WA 217 78.39 10.98 -62.39
N TYR WA 218 79.26 11.94 -62.72
CA TYR WA 218 78.92 13.03 -63.61
C TYR WA 218 79.93 13.10 -64.76
N VAL WA 219 79.43 13.51 -65.92
CA VAL WA 219 80.23 13.61 -67.14
C VAL WA 219 80.17 15.05 -67.64
N GLU WA 220 81.32 15.61 -67.95
CA GLU WA 220 81.39 16.97 -68.46
C GLU WA 220 80.85 17.02 -69.89
N THR WA 221 79.96 17.96 -70.15
CA THR WA 221 79.35 18.10 -71.47
C THR WA 221 80.14 19.07 -72.33
N SER WA 222 79.75 19.14 -73.61
CA SER WA 222 80.46 19.96 -74.57
C SER WA 222 80.32 21.45 -74.24
N ASN WA 223 81.32 22.21 -74.68
CA ASN WA 223 81.37 23.65 -74.44
C ASN WA 223 80.72 24.46 -75.57
N VAL WA 224 80.22 23.80 -76.61
CA VAL WA 224 79.72 24.48 -77.80
C VAL WA 224 78.46 25.27 -77.47
N ASN WA 225 78.37 26.50 -78.00
CA ASN WA 225 77.17 27.29 -77.84
C ASN WA 225 76.40 27.34 -79.16
N VAL WA 226 75.15 26.91 -79.11
CA VAL WA 226 74.36 26.83 -80.34
C VAL WA 226 73.95 28.21 -80.87
N ALA WA 227 73.65 29.15 -79.97
CA ALA WA 227 73.36 30.51 -80.41
C ALA WA 227 74.59 31.15 -81.05
N GLU WA 228 75.78 30.76 -80.61
CA GLU WA 228 77.01 31.28 -81.20
C GLU WA 228 77.20 30.79 -82.63
N GLU WA 229 76.93 29.51 -82.89
CA GLU WA 229 77.25 28.95 -84.20
C GLU WA 229 76.21 29.29 -85.26
N LEU WA 230 74.93 29.35 -84.90
CA LEU WA 230 73.89 29.62 -85.89
C LEU WA 230 73.99 31.04 -86.42
N VAL WA 231 74.33 31.99 -85.56
CA VAL WA 231 74.55 33.37 -86.02
C VAL WA 231 75.77 33.41 -86.94
N ASN WA 232 76.82 32.66 -86.60
CA ASN WA 232 77.99 32.61 -87.46
C ASN WA 232 77.67 31.95 -88.80
N MET WA 233 76.85 30.91 -88.81
CA MET WA 233 76.46 30.26 -90.06
C MET WA 233 75.78 31.25 -90.99
N ILE WA 234 75.01 32.19 -90.45
CA ILE WA 234 74.33 33.18 -91.27
C ILE WA 234 75.33 34.10 -91.95
N GLN WA 235 76.28 34.65 -91.19
CA GLN WA 235 77.25 35.57 -91.78
C GLN WA 235 78.22 34.87 -92.72
N VAL WA 236 78.64 33.64 -92.40
CA VAL WA 236 79.52 32.91 -93.29
C VAL WA 236 78.87 32.71 -94.65
N GLN WA 237 77.57 32.40 -94.67
CA GLN WA 237 76.86 32.27 -95.93
C GLN WA 237 76.84 33.59 -96.69
N ARG WA 238 76.55 34.69 -96.00
CA ARG WA 238 76.47 35.98 -96.66
C ARG WA 238 77.84 36.51 -97.06
N ALA WA 239 78.86 36.29 -96.23
CA ALA WA 239 80.21 36.63 -96.64
C ALA WA 239 80.68 35.78 -97.80
N TYR WA 240 80.17 34.56 -97.91
CA TYR WA 240 80.49 33.71 -99.05
C TYR WA 240 79.86 34.25 -100.34
N GLU WA 241 78.65 34.78 -100.25
CA GLU WA 241 77.98 35.29 -101.44
C GLU WA 241 78.60 36.60 -101.92
N ILE WA 242 78.97 37.48 -100.99
CA ILE WA 242 79.54 38.76 -101.39
C ILE WA 242 80.91 38.57 -102.03
N ASN WA 243 81.64 37.54 -101.62
CA ASN WA 243 82.90 37.21 -102.28
C ASN WA 243 82.66 36.63 -103.67
N SER WA 244 81.62 35.81 -103.83
CA SER WA 244 81.31 35.24 -105.14
C SER WA 244 80.95 36.31 -106.14
N LYS WA 245 80.40 37.43 -105.68
CA LYS WA 245 80.11 38.55 -106.58
C LYS WA 245 81.39 39.17 -107.12
N ALA WA 246 82.46 39.18 -106.33
CA ALA WA 246 83.74 39.67 -106.81
C ALA WA 246 84.28 38.82 -107.95
N VAL WA 247 84.12 37.50 -107.85
CA VAL WA 247 84.52 36.62 -108.94
C VAL WA 247 83.67 36.89 -110.18
N SER WA 248 82.37 37.04 -110.01
CA SER WA 248 81.50 37.31 -111.15
C SER WA 248 81.81 38.66 -111.77
N THR WA 249 82.04 39.69 -110.95
CA THR WA 249 82.34 41.01 -111.49
C THR WA 249 83.68 41.03 -112.21
N THR WA 250 84.69 40.40 -111.60
CA THR WA 250 86.02 40.32 -112.25
C THR WA 250 85.83 39.65 -113.60
N ASP WA 251 84.89 38.70 -113.66
CA ASP WA 251 84.61 38.02 -114.94
C ASP WA 251 83.95 39.01 -115.90
N GLN WA 252 83.00 39.80 -115.39
CA GLN WA 252 82.28 40.76 -116.28
C GLN WA 252 83.25 41.84 -116.73
N MET WA 253 84.49 41.84 -116.21
CA MET WA 253 85.50 42.80 -116.64
C MET WA 253 86.47 42.17 -117.63
N LEU WA 254 86.88 40.92 -117.37
CA LEU WA 254 87.77 40.21 -118.29
C LEU WA 254 87.04 39.78 -119.56
N GLN WA 255 85.76 39.43 -119.46
CA GLN WA 255 85.01 38.97 -120.62
C GLN WA 255 84.90 40.07 -121.68
N LYS WA 256 84.65 41.30 -121.26
CA LYS WA 256 84.60 42.41 -122.19
C LYS WA 256 85.97 42.69 -122.81
N LEU WA 257 87.04 42.47 -122.05
CA LEU WA 257 88.38 42.76 -122.54
C LEU WA 257 88.79 41.82 -123.67
N THR WA 258 88.51 40.52 -123.54
CA THR WA 258 88.87 39.58 -124.60
C THR WA 258 88.01 39.76 -125.84
N GLN WA 259 86.78 40.25 -125.66
CA GLN WA 259 85.84 40.43 -126.76
C GLN WA 259 86.24 41.57 -127.69
N LEU WA 260 86.92 42.60 -127.18
CA LEU WA 260 87.32 43.73 -128.02
C LEU WA 260 88.31 43.27 -129.10
N SER XA 3 76.90 57.83 -110.67
CA SER XA 3 75.72 58.50 -111.27
C SER XA 3 74.56 58.52 -110.27
N SER XA 4 73.55 57.67 -110.49
CA SER XA 4 72.39 57.59 -109.56
C SER XA 4 72.68 56.54 -108.48
N LEU XA 5 73.68 55.70 -108.72
CA LEU XA 5 74.01 54.61 -107.75
C LEU XA 5 74.34 55.23 -106.40
N TRP XA 6 75.08 56.34 -106.39
CA TRP XA 6 75.48 56.92 -105.09
C TRP XA 6 74.21 57.33 -104.34
N ILE XA 7 73.33 58.05 -105.02
CA ILE XA 7 72.04 58.42 -104.37
C ILE XA 7 71.48 57.14 -103.75
N ALA XA 8 71.58 56.02 -104.47
CA ALA XA 8 70.97 54.76 -103.95
C ALA XA 8 71.74 54.30 -102.71
N LYS XA 9 73.07 54.33 -102.76
CA LYS XA 9 73.90 53.84 -101.62
C LYS XA 9 73.65 54.72 -100.40
N THR XA 10 73.77 56.05 -100.56
CA THR XA 10 73.47 56.94 -99.41
C THR XA 10 72.17 56.43 -98.80
N GLY XA 11 71.33 55.80 -99.63
CA GLY XA 11 70.08 55.24 -99.14
C GLY XA 11 70.28 53.93 -98.40
N LEU XA 12 71.07 53.04 -98.98
CA LEU XA 12 71.37 51.77 -98.32
C LEU XA 12 72.14 51.98 -97.03
N ASP XA 13 73.11 52.88 -97.04
CA ASP XA 13 73.82 53.19 -95.77
C ASP XA 13 72.79 53.60 -94.73
N ALA XA 14 71.86 54.49 -95.08
CA ALA XA 14 70.85 55.01 -94.14
C ALA XA 14 70.08 53.85 -93.51
N GLN XA 15 69.57 52.94 -94.31
CA GLN XA 15 68.73 51.83 -93.77
C GLN XA 15 69.57 50.89 -92.90
N GLN XA 16 70.84 50.66 -93.24
CA GLN XA 16 71.68 49.82 -92.34
C GLN XA 16 71.92 50.57 -91.03
N THR XA 17 72.12 51.89 -91.06
CA THR XA 17 72.25 52.68 -89.81
C THR XA 17 70.96 52.51 -89.01
N ASN XA 18 69.80 52.56 -89.67
CA ASN XA 18 68.51 52.45 -88.97
C ASN XA 18 68.47 51.07 -88.33
N MET XA 19 68.95 50.02 -89.00
CA MET XA 19 68.81 48.68 -88.40
C MET XA 19 69.77 48.63 -87.21
N ASP XA 20 70.99 49.14 -87.37
CA ASP XA 20 72.00 49.09 -86.29
C ASP XA 20 71.45 49.85 -85.09
N VAL XA 21 70.61 50.86 -85.33
CA VAL XA 21 69.97 51.48 -84.17
C VAL XA 21 68.88 50.59 -83.61
N ILE XA 22 68.05 50.00 -84.48
CA ILE XA 22 66.97 49.14 -84.01
C ILE XA 22 67.52 47.89 -83.32
N ALA XA 23 68.56 47.29 -83.88
CA ALA XA 23 69.18 46.12 -83.26
C ALA XA 23 69.80 46.46 -81.92
N ASN XA 24 70.43 47.63 -81.81
CA ASN XA 24 70.93 48.09 -80.52
C ASN XA 24 69.80 48.26 -79.50
N ASN XA 25 68.67 48.83 -79.92
CA ASN XA 25 67.54 48.97 -79.02
C ASN XA 25 67.00 47.61 -78.57
N LEU XA 26 66.92 46.66 -79.50
CA LEU XA 26 66.37 45.35 -79.17
C LEU XA 26 67.34 44.51 -78.34
N ALA XA 27 68.63 44.77 -78.44
CA ALA XA 27 69.59 44.01 -77.65
C ALA XA 27 69.59 44.46 -76.19
N ASN XA 28 69.21 45.72 -75.93
CA ASN XA 28 69.23 46.28 -74.59
C ASN XA 28 67.85 46.26 -73.93
N VAL XA 29 67.04 45.24 -74.22
CA VAL XA 29 65.74 45.13 -73.58
C VAL XA 29 65.87 44.91 -72.09
N SER XA 30 66.76 44.02 -71.67
CA SER XA 30 66.91 43.66 -70.26
C SER XA 30 67.87 44.60 -69.52
N THR XA 31 68.47 45.56 -70.20
CA THR XA 31 69.37 46.49 -69.54
C THR XA 31 68.57 47.47 -68.68
N ASN XA 32 69.02 47.64 -67.44
CA ASN XA 32 68.35 48.53 -66.49
C ASN XA 32 68.78 49.96 -66.78
N GLY XA 33 67.81 50.86 -66.95
CA GLY XA 33 68.09 52.26 -67.20
C GLY XA 33 68.67 52.52 -68.58
N PHE XA 34 68.00 52.04 -69.61
CA PHE XA 34 68.41 52.23 -71.00
C PHE XA 34 67.39 53.10 -71.72
N LYS XA 35 67.86 54.12 -72.40
CA LYS XA 35 67.02 54.99 -73.20
C LYS XA 35 67.20 54.66 -74.68
N ARG XA 36 66.07 54.44 -75.37
CA ARG XA 36 66.11 54.01 -76.79
C ARG XA 36 66.64 55.09 -77.73
N GLN XA 37 67.42 54.69 -78.72
CA GLN XA 37 67.93 55.63 -79.70
C GLN XA 37 67.00 55.68 -80.91
N ARG XA 38 66.90 56.86 -81.52
CA ARG XA 38 66.10 57.06 -82.73
C ARG XA 38 66.95 57.82 -83.74
N ALA XA 39 67.14 57.24 -84.91
CA ALA XA 39 67.96 57.85 -85.95
C ALA XA 39 67.16 58.93 -86.69
N VAL XA 40 67.82 60.03 -87.01
CA VAL XA 40 67.22 61.14 -87.74
C VAL XA 40 67.98 61.32 -89.04
N PHE XA 41 67.25 61.33 -90.15
CA PHE XA 41 67.84 61.38 -91.49
C PHE XA 41 67.58 62.74 -92.12
N GLU XA 42 68.49 63.15 -93.01
CA GLU XA 42 68.41 64.43 -93.68
C GLU XA 42 68.95 64.29 -95.10
N ASP XA 43 68.27 64.92 -96.06
CA ASP XA 43 68.70 64.88 -97.44
C ASP XA 43 69.83 65.87 -97.68
N LEU XA 44 70.69 65.57 -98.65
CA LEU XA 44 71.92 66.30 -98.87
C LEU XA 44 71.67 67.52 -99.78
N LEU XA 45 72.76 68.16 -100.21
CA LEU XA 45 72.69 69.38 -100.99
C LEU XA 45 72.08 69.10 -102.36
N TYR XA 46 71.22 70.02 -102.82
CA TYR XA 46 70.62 69.90 -104.14
C TYR XA 46 71.43 70.67 -105.17
N GLN XA 47 71.55 70.11 -106.36
CA GLN XA 47 72.26 70.74 -107.46
C GLN XA 47 71.26 71.46 -108.37
N THR XA 48 71.49 72.74 -108.61
CA THR XA 48 70.58 73.58 -109.39
C THR XA 48 71.22 73.94 -110.72
N ILE XA 49 70.54 73.61 -111.81
CA ILE XA 49 71.01 73.95 -113.15
C ILE XA 49 69.90 74.63 -113.93
N GLY XA 65 64.49 77.26 -112.22
CA GLY XA 65 65.43 76.16 -112.30
C GLY XA 65 65.01 74.94 -111.49
N LEU XA 66 65.38 73.76 -111.98
CA LEU XA 66 65.05 72.53 -111.28
C LEU XA 66 66.08 72.23 -110.19
N GLN XA 67 65.75 71.27 -109.34
CA GLN XA 67 66.63 70.91 -108.23
C GLN XA 67 66.82 69.39 -108.27
N ILE XA 68 68.06 68.95 -108.44
CA ILE XA 68 68.39 67.53 -108.43
C ILE XA 68 68.98 67.15 -107.09
N GLY XA 69 68.45 66.07 -106.50
CA GLY XA 69 68.89 65.67 -105.19
C GLY XA 69 70.24 64.97 -105.19
N THR XA 70 70.68 64.59 -103.99
CA THR XA 70 71.98 63.95 -103.82
C THR XA 70 71.92 62.71 -102.94
N GLY XA 71 70.89 62.54 -102.12
CA GLY XA 71 70.77 61.37 -101.28
C GLY XA 71 70.28 61.73 -99.90
N VAL XA 72 70.73 60.95 -98.91
CA VAL XA 72 70.29 61.10 -97.53
C VAL XA 72 71.49 60.90 -96.61
N ARG XA 73 71.50 61.62 -95.49
CA ARG XA 73 72.57 61.52 -94.50
C ARG XA 73 71.95 61.56 -93.10
N PRO XA 74 72.23 60.56 -92.25
CA PRO XA 74 71.78 60.64 -90.86
C PRO XA 74 72.46 61.79 -90.13
N VAL XA 75 71.70 62.45 -89.25
CA VAL XA 75 72.21 63.62 -88.55
C VAL XA 75 72.68 63.24 -87.15
N ALA XA 76 71.75 62.80 -86.31
CA ALA XA 76 72.05 62.54 -84.91
C ALA XA 76 70.97 61.66 -84.32
N THR XA 77 71.38 60.55 -83.70
CA THR XA 77 70.44 59.68 -83.01
C THR XA 77 70.05 60.32 -81.68
N GLU XA 78 68.76 60.61 -81.54
CA GLU XA 78 68.24 61.18 -80.26
C GLU XA 78 67.78 60.02 -79.36
N ARG XA 79 67.79 60.22 -78.05
CA ARG XA 79 67.34 59.15 -77.11
C ARG XA 79 66.05 59.60 -76.43
N LEU XA 80 65.35 58.66 -75.78
CA LEU XA 80 64.11 59.00 -75.05
C LEU XA 80 64.35 58.80 -73.55
N HIS XA 81 64.58 59.88 -72.80
CA HIS XA 81 64.88 59.78 -71.33
C HIS XA 81 63.58 59.61 -70.54
N SER XA 82 62.47 59.32 -71.22
CA SER XA 82 61.18 59.11 -70.56
C SER XA 82 61.34 58.05 -69.49
N GLN XA 83 60.60 58.22 -68.39
CA GLN XA 83 60.77 57.35 -67.24
C GLN XA 83 60.19 55.98 -67.55
N GLY XA 84 61.02 54.95 -67.48
CA GLY XA 84 60.56 53.60 -67.71
C GLY XA 84 59.88 53.01 -66.49
N ASN XA 85 59.42 51.78 -66.65
CA ASN XA 85 58.73 51.09 -65.56
C ASN XA 85 59.72 50.60 -64.52
N LEU XA 86 59.21 50.34 -63.32
CA LEU XA 86 60.03 49.85 -62.22
C LEU XA 86 59.81 48.36 -62.05
N SER XA 87 60.88 47.65 -61.69
CA SER XA 87 60.79 46.25 -61.33
C SER XA 87 61.36 46.05 -59.93
N GLN XA 88 60.70 45.18 -59.17
CA GLN XA 88 60.99 44.99 -57.75
C GLN XA 88 62.05 43.91 -57.59
N THR XA 89 63.17 44.28 -56.97
CA THR XA 89 64.21 43.35 -56.56
C THR XA 89 64.45 43.56 -55.06
N ASN XA 90 64.38 42.49 -54.28
CA ASN XA 90 64.43 42.61 -52.83
C ASN XA 90 65.78 43.13 -52.34
N ASN XA 91 66.74 43.28 -53.25
CA ASN XA 91 68.04 43.86 -52.92
C ASN XA 91 67.88 45.25 -52.33
N SER XA 92 68.56 45.50 -51.21
CA SER XA 92 68.49 46.78 -50.54
C SER XA 92 69.50 47.79 -51.06
N LYS XA 93 70.39 47.38 -51.96
CA LYS XA 93 71.38 48.28 -52.54
C LYS XA 93 70.93 48.89 -53.86
N ASP XA 94 69.79 48.48 -54.40
CA ASP XA 94 69.31 48.98 -55.68
C ASP XA 94 68.30 50.09 -55.46
N VAL XA 95 68.41 51.16 -56.23
CA VAL XA 95 67.50 52.30 -56.16
C VAL XA 95 67.07 52.68 -57.57
N ALA XA 96 65.93 53.34 -57.67
CA ALA XA 96 65.39 53.81 -58.94
C ALA XA 96 65.05 55.28 -58.83
N ILE XA 97 65.21 56.00 -59.95
CA ILE XA 97 64.98 57.44 -60.01
C ILE XA 97 63.59 57.68 -60.56
N LYS XA 98 62.77 58.44 -59.86
CA LYS XA 98 61.45 58.81 -60.44
C LYS XA 98 61.56 60.25 -60.95
N GLY XA 99 61.91 60.43 -62.22
CA GLY XA 99 62.07 61.79 -62.75
C GLY XA 99 63.46 62.00 -63.29
N GLN XA 100 63.78 63.22 -63.71
CA GLN XA 100 65.11 63.52 -64.29
C GLN XA 100 66.18 63.33 -63.21
N GLY XA 101 67.34 62.76 -63.58
CA GLY XA 101 68.43 62.63 -62.59
C GLY XA 101 69.52 61.66 -63.02
N PHE XA 102 70.79 61.99 -62.73
CA PHE XA 102 71.84 61.02 -63.00
C PHE XA 102 72.73 60.83 -61.78
N PHE XA 103 73.02 59.57 -61.47
CA PHE XA 103 74.03 59.25 -60.47
C PHE XA 103 75.42 59.52 -61.02
N GLN XA 104 76.25 60.16 -60.21
CA GLN XA 104 77.60 60.52 -60.60
C GLN XA 104 78.57 59.40 -60.21
N VAL XA 105 79.45 59.05 -61.14
CA VAL XA 105 80.39 57.94 -60.97
C VAL XA 105 81.78 58.43 -61.34
N MET XA 106 82.77 58.05 -60.50
CA MET XA 106 84.17 58.49 -60.71
C MET XA 106 84.93 57.46 -61.55
N LEU XA 107 85.31 57.81 -62.77
CA LEU XA 107 86.05 56.97 -63.68
C LEU XA 107 87.48 56.75 -63.19
N PRO XA 108 88.12 55.68 -63.64
CA PRO XA 108 89.53 55.46 -63.23
C PRO XA 108 90.46 56.58 -63.65
N ASP XA 109 90.21 57.22 -64.80
CA ASP XA 109 91.04 58.34 -65.24
C ASP XA 109 90.96 59.51 -64.27
N GLY XA 110 89.76 59.82 -63.76
CA GLY XA 110 89.57 60.92 -62.86
C GLY XA 110 88.42 61.84 -63.22
N THR XA 111 87.88 61.73 -64.43
CA THR XA 111 86.71 62.50 -64.82
C THR XA 111 85.44 61.80 -64.37
N SER XA 112 84.34 62.54 -64.34
CA SER XA 112 83.08 62.01 -63.83
C SER XA 112 82.14 61.63 -64.96
N ALA XA 113 81.55 60.44 -64.86
CA ALA XA 113 80.51 59.98 -65.76
C ALA XA 113 79.18 59.97 -65.01
N TYR XA 114 78.09 59.79 -65.75
CA TYR XA 114 76.76 59.84 -65.19
C TYR XA 114 75.93 58.66 -65.70
N THR XA 115 75.22 58.01 -64.79
CA THR XA 115 74.49 56.80 -65.11
C THR XA 115 73.11 56.82 -64.47
N ARG XA 116 72.21 56.00 -65.02
CA ARG XA 116 70.90 55.79 -64.45
C ARG XA 116 70.66 54.36 -63.97
N ASP XA 117 71.65 53.49 -64.15
CA ASP XA 117 71.53 52.11 -63.66
C ASP XA 117 71.61 52.14 -62.13
N GLY XA 118 70.52 51.76 -61.48
CA GLY XA 118 70.46 51.86 -60.03
C GLY XA 118 70.93 50.62 -59.29
N SER XA 119 71.50 49.67 -60.01
CA SER XA 119 72.02 48.45 -59.40
C SER XA 119 73.39 48.74 -58.79
N PHE XA 120 73.44 48.88 -57.47
CA PHE XA 120 74.66 49.19 -56.76
C PHE XA 120 75.10 48.01 -55.90
N GLN XA 121 76.39 47.99 -55.57
CA GLN XA 121 76.98 47.02 -54.67
C GLN XA 121 77.83 47.76 -53.66
N VAL XA 122 78.38 47.03 -52.70
CA VAL XA 122 79.39 47.56 -51.81
C VAL XA 122 80.69 46.78 -52.05
N ASP XA 123 81.82 47.49 -52.05
CA ASP XA 123 83.06 46.75 -52.26
C ASP XA 123 83.73 46.47 -50.91
N GLN XA 124 84.93 45.86 -50.95
CA GLN XA 124 85.57 45.31 -49.76
C GLN XA 124 85.97 46.36 -48.73
N ASN XA 125 85.97 47.64 -49.10
CA ASN XA 125 86.33 48.72 -48.20
C ASN XA 125 85.13 49.57 -47.81
N GLY XA 126 83.97 48.94 -47.57
CA GLY XA 126 82.75 49.70 -47.48
C GLY XA 126 82.33 50.13 -48.87
N GLN XA 127 81.73 51.32 -48.95
CA GLN XA 127 81.68 52.08 -50.19
C GLN XA 127 80.76 51.49 -51.26
N LEU XA 128 79.86 52.32 -51.76
CA LEU XA 128 78.94 51.93 -52.83
C LEU XA 128 79.65 52.08 -54.17
N VAL XA 129 79.52 51.05 -55.00
CA VAL XA 129 80.08 51.04 -56.34
C VAL XA 129 78.99 50.59 -57.32
N THR XA 130 79.21 50.87 -58.59
CA THR XA 130 78.30 50.42 -59.63
C THR XA 130 78.53 48.94 -59.91
N ALA XA 131 77.76 48.41 -60.86
CA ALA XA 131 77.87 46.99 -61.19
C ALA XA 131 79.26 46.61 -61.71
N GLY XA 132 79.97 47.57 -62.30
CA GLY XA 132 81.32 47.31 -62.79
C GLY XA 132 82.40 47.67 -61.80
N GLY XA 133 82.00 48.02 -60.57
CA GLY XA 133 82.94 48.36 -59.53
C GLY XA 133 83.32 49.83 -59.45
N PHE XA 134 82.85 50.66 -60.37
CA PHE XA 134 83.18 52.08 -60.34
C PHE XA 134 82.49 52.76 -59.17
N GLN XA 135 83.24 53.62 -58.48
CA GLN XA 135 82.71 54.24 -57.24
C GLN XA 135 81.65 55.29 -57.56
N VAL XA 136 80.76 55.57 -56.60
CA VAL XA 136 79.72 56.63 -56.74
C VAL XA 136 80.18 57.87 -55.98
N GLN XA 137 79.89 59.07 -56.48
CA GLN XA 137 80.06 60.35 -55.73
C GLN XA 137 78.67 60.94 -55.46
N PRO XA 138 78.37 61.46 -54.26
CA PRO XA 138 79.34 61.60 -53.18
C PRO XA 138 79.50 60.29 -52.41
N ALA XA 139 80.72 59.78 -52.29
CA ALA XA 139 80.89 58.35 -51.89
C ALA XA 139 80.34 58.15 -50.48
N ILE XA 140 79.83 56.94 -50.22
CA ILE XA 140 79.02 56.64 -49.00
C ILE XA 140 79.55 55.38 -48.30
N THR XA 141 80.32 55.53 -47.22
CA THR XA 141 81.03 54.39 -46.64
C THR XA 141 80.10 53.69 -45.66
N ILE XA 142 79.85 52.40 -45.90
CA ILE XA 142 78.94 51.60 -45.09
C ILE XA 142 79.73 50.85 -44.04
N PRO XA 143 79.33 50.87 -42.77
CA PRO XA 143 80.08 50.15 -41.74
C PRO XA 143 79.86 48.64 -41.80
N ALA XA 144 80.71 47.89 -41.12
CA ALA XA 144 80.67 46.42 -41.16
C ALA XA 144 79.51 45.89 -40.31
N ASN XA 145 79.22 46.59 -39.21
CA ASN XA 145 78.18 46.13 -38.26
C ASN XA 145 76.79 46.51 -38.75
N ALA XA 146 76.66 46.81 -40.03
CA ALA XA 146 75.37 47.18 -40.60
C ALA XA 146 74.40 46.00 -40.52
N LEU XA 147 73.16 46.28 -40.11
CA LEU XA 147 72.11 45.27 -40.13
C LEU XA 147 71.13 45.50 -41.26
N SER XA 148 70.68 46.74 -41.44
CA SER XA 148 69.81 47.09 -42.56
C SER XA 148 70.20 48.47 -43.07
N ILE XA 149 70.28 48.61 -44.38
CA ILE XA 149 70.65 49.87 -45.02
C ILE XA 149 69.38 50.51 -45.58
N THR XA 150 69.19 51.79 -45.27
CA THR XA 150 68.00 52.52 -45.70
C THR XA 150 68.42 53.67 -46.59
N ILE XA 151 68.01 53.63 -47.85
CA ILE XA 151 68.16 54.75 -48.78
C ILE XA 151 66.80 55.43 -48.91
N GLY XA 152 66.68 56.63 -48.36
CA GLY XA 152 65.40 57.26 -48.20
C GLY XA 152 64.90 57.97 -49.46
N ARG XA 153 63.77 58.65 -49.30
CA ARG XA 153 63.16 59.38 -50.41
C ARG XA 153 64.08 60.49 -50.89
N ASP XA 154 64.68 61.24 -49.98
CA ASP XA 154 65.51 62.39 -50.31
C ASP XA 154 66.99 62.05 -50.35
N GLY XA 155 67.33 60.78 -50.59
CA GLY XA 155 68.71 60.39 -50.76
C GLY XA 155 69.51 60.23 -49.50
N VAL XA 156 68.88 60.25 -48.33
CA VAL XA 156 69.59 60.06 -47.07
C VAL XA 156 69.85 58.58 -46.87
N VAL XA 157 71.12 58.21 -46.77
CA VAL XA 157 71.52 56.82 -46.60
C VAL XA 157 71.82 56.60 -45.11
N SER XA 158 70.92 55.90 -44.43
CA SER XA 158 71.08 55.59 -43.02
C SER XA 158 71.35 54.10 -42.84
N VAL XA 159 72.01 53.78 -41.73
CA VAL XA 159 72.40 52.41 -41.41
C VAL XA 159 71.94 52.09 -39.99
N THR XA 160 71.40 50.88 -39.80
CA THR XA 160 71.00 50.41 -38.49
C THR XA 160 72.11 49.56 -37.90
N GLN XA 161 72.40 49.76 -36.62
CA GLN XA 161 73.40 49.00 -35.90
C GLN XA 161 72.80 48.36 -34.66
N GLN XA 162 73.39 47.24 -34.24
CA GLN XA 162 72.90 46.51 -33.10
C GLN XA 162 73.03 47.33 -31.82
N GLY XA 163 72.00 47.27 -30.98
CA GLY XA 163 72.01 47.96 -29.71
C GLY XA 163 71.51 49.39 -29.79
N GLN XA 164 71.89 50.10 -30.85
CA GLN XA 164 71.49 51.49 -31.02
C GLN XA 164 70.01 51.57 -31.38
N ALA XA 165 69.28 52.44 -30.70
CA ALA XA 165 67.85 52.60 -30.94
C ALA XA 165 67.60 53.64 -32.02
N ALA XA 166 68.66 54.20 -32.58
CA ALA XA 166 68.56 55.20 -33.63
C ALA XA 166 69.48 54.83 -34.78
N PRO XA 167 69.10 55.15 -36.01
CA PRO XA 167 69.96 54.84 -37.15
C PRO XA 167 71.06 55.87 -37.31
N VAL XA 168 72.20 55.42 -37.83
CA VAL XA 168 73.36 56.26 -38.03
C VAL XA 168 73.36 56.77 -39.46
N GLN XA 169 73.32 58.09 -39.62
CA GLN XA 169 73.35 58.70 -40.94
C GLN XA 169 74.75 58.58 -41.53
N VAL XA 170 74.81 58.35 -42.84
CA VAL XA 170 76.05 58.18 -43.56
C VAL XA 170 76.26 59.29 -44.59
N GLY XA 171 75.35 59.42 -45.54
CA GLY XA 171 75.54 60.37 -46.61
C GLY XA 171 74.31 60.70 -47.44
N GLN XA 172 74.52 61.55 -48.44
CA GLN XA 172 73.44 61.96 -49.33
C GLN XA 172 73.74 61.52 -50.75
N LEU XA 173 72.77 60.86 -51.39
CA LEU XA 173 72.91 60.47 -52.79
C LEU XA 173 72.42 61.62 -53.66
N ASN XA 174 73.33 62.48 -54.08
CA ASN XA 174 72.99 63.67 -54.85
C ASN XA 174 72.84 63.31 -56.32
N LEU XA 175 71.78 63.82 -56.95
CA LEU XA 175 71.49 63.55 -58.35
C LEU XA 175 71.98 64.72 -59.19
N THR XA 176 72.51 64.43 -60.37
CA THR XA 176 72.98 65.45 -61.29
C THR XA 176 71.95 65.68 -62.39
N THR XA 177 71.54 66.92 -62.56
CA THR XA 177 70.57 67.31 -63.58
C THR XA 177 71.27 68.11 -64.65
N PHE XA 178 71.03 67.76 -65.91
CA PHE XA 178 71.53 68.49 -67.06
C PHE XA 178 70.39 69.30 -67.69
N MET XA 179 70.77 70.40 -68.34
CA MET XA 179 69.79 71.22 -69.04
C MET XA 179 69.28 70.52 -70.30
N ASN XA 180 70.18 69.86 -71.03
CA ASN XA 180 69.82 69.09 -72.21
C ASN XA 180 70.37 67.67 -72.02
N ASP XA 181 69.48 66.73 -71.67
CA ASP XA 181 69.90 65.37 -71.38
C ASP XA 181 70.24 64.58 -72.64
N THR XA 182 69.72 64.99 -73.80
CA THR XA 182 69.96 64.23 -75.02
C THR XA 182 71.36 64.43 -75.58
N GLY XA 183 72.09 65.45 -75.11
CA GLY XA 183 73.41 65.74 -75.63
C GLY XA 183 74.55 65.01 -74.96
N LEU XA 184 74.29 64.21 -73.94
CA LEU XA 184 75.33 63.48 -73.25
C LEU XA 184 75.97 62.46 -74.18
N GLU XA 185 77.28 62.27 -74.03
CA GLU XA 185 78.01 61.31 -74.84
C GLU XA 185 78.03 59.96 -74.13
N SER XA 186 77.52 58.93 -74.81
CA SER XA 186 77.47 57.59 -74.26
C SER XA 186 78.85 56.96 -74.34
N ILE XA 187 79.49 56.76 -73.19
CA ILE XA 187 80.78 56.08 -73.15
C ILE XA 187 80.72 54.66 -73.67
N GLY XA 188 79.58 54.00 -73.57
CA GLY XA 188 79.62 52.55 -73.51
C GLY XA 188 79.00 52.05 -72.22
N GLU XA 189 79.85 51.71 -71.26
CA GLU XA 189 79.48 50.86 -70.13
C GLU XA 189 78.49 51.55 -69.21
N ASN XA 190 77.26 51.72 -69.70
CA ASN XA 190 76.16 52.39 -68.99
C ASN XA 190 76.63 53.68 -68.31
N LEU XA 191 77.38 54.51 -69.04
CA LEU XA 191 77.83 55.79 -68.55
C LEU XA 191 77.62 56.86 -69.60
N TYR XA 192 77.14 58.01 -69.17
CA TYR XA 192 77.08 59.21 -69.99
C TYR XA 192 78.04 60.24 -69.44
N ILE XA 193 78.79 60.89 -70.31
CA ILE XA 193 79.68 61.97 -69.92
C ILE XA 193 79.18 63.27 -70.52
N GLU XA 194 79.45 64.37 -69.81
CA GLU XA 194 79.04 65.68 -70.26
C GLU XA 194 79.76 66.06 -71.54
N THR XA 195 79.10 66.84 -72.38
CA THR XA 195 79.66 67.36 -73.61
C THR XA 195 79.50 68.88 -73.63
N GLN XA 196 79.83 69.49 -74.77
CA GLN XA 196 79.53 70.89 -74.97
C GLN XA 196 78.03 71.16 -74.96
N SER XA 197 77.25 70.31 -75.61
CA SER XA 197 75.81 70.51 -75.73
C SER XA 197 75.05 70.18 -74.44
N SER XA 198 75.73 69.61 -73.44
CA SER XA 198 75.08 69.25 -72.20
C SER XA 198 75.94 69.63 -71.00
N GLY XA 199 76.54 70.81 -71.05
CA GLY XA 199 77.46 71.23 -70.00
C GLY XA 199 76.75 71.65 -68.73
N ALA XA 200 77.56 72.02 -67.74
CA ALA XA 200 77.12 72.52 -66.45
C ALA XA 200 76.22 71.53 -65.72
N PRO XA 201 76.77 70.42 -65.22
CA PRO XA 201 75.98 69.48 -64.42
C PRO XA 201 75.59 70.12 -63.09
N ASN XA 202 74.30 70.05 -62.77
CA ASN XA 202 73.79 70.65 -61.53
C ASN XA 202 73.55 69.56 -60.50
N GLU XA 203 74.35 69.58 -59.42
CA GLU XA 203 74.19 68.57 -58.34
C GLU XA 203 73.14 69.07 -57.35
N SER XA 204 72.15 68.23 -57.05
CA SER XA 204 71.08 68.62 -56.15
C SER XA 204 70.65 67.40 -55.32
N THR XA 205 70.18 67.67 -54.12
CA THR XA 205 69.56 66.62 -53.33
C THR XA 205 68.30 66.14 -54.03
N PRO XA 206 68.03 64.83 -54.03
CA PRO XA 206 66.88 64.30 -54.79
C PRO XA 206 65.57 64.81 -54.21
N GLY XA 207 64.78 65.46 -55.06
CA GLY XA 207 63.51 66.00 -54.63
C GLY XA 207 63.45 67.52 -54.68
N LEU XA 208 64.59 68.16 -54.85
CA LEU XA 208 64.69 69.61 -54.88
C LEU XA 208 65.40 70.07 -56.15
N ASN XA 209 65.10 71.29 -56.59
CA ASN XA 209 65.74 71.92 -57.74
C ASN XA 209 65.57 71.09 -59.01
N GLY XA 210 64.42 70.43 -59.15
CA GLY XA 210 64.09 69.70 -60.36
C GLY XA 210 64.54 68.26 -60.39
N ALA XA 211 65.37 67.84 -59.43
CA ALA XA 211 65.83 66.46 -59.41
C ALA XA 211 64.71 65.52 -58.99
N GLY XA 212 64.83 64.26 -59.39
CA GLY XA 212 63.80 63.28 -59.09
C GLY XA 212 63.99 62.67 -57.71
N LEU XA 213 63.05 61.81 -57.33
CA LEU XA 213 63.11 61.14 -56.03
C LEU XA 213 63.70 59.75 -56.19
N LEU XA 214 63.97 59.10 -55.08
CA LEU XA 214 64.58 57.78 -55.08
C LEU XA 214 63.67 56.74 -54.44
N TYR XA 215 63.51 55.61 -55.11
CA TYR XA 215 62.80 54.46 -54.57
C TYR XA 215 63.81 53.35 -54.28
N GLN XA 216 63.86 52.90 -53.03
CA GLN XA 216 64.81 51.87 -52.62
C GLN XA 216 64.19 50.49 -52.86
N GLY XA 217 64.98 49.58 -53.44
CA GLY XA 217 64.53 48.24 -53.73
C GLY XA 217 63.93 48.06 -55.11
N TYR XA 218 63.85 49.12 -55.90
CA TYR XA 218 63.31 49.04 -57.26
C TYR XA 218 64.37 49.45 -58.26
N VAL XA 219 64.32 48.84 -59.43
CA VAL XA 219 65.24 49.14 -60.53
C VAL XA 219 64.45 49.58 -61.74
N GLU XA 220 64.90 50.67 -62.36
CA GLU XA 220 64.28 51.19 -63.57
C GLU XA 220 64.57 50.27 -64.75
N THR XA 221 63.53 49.95 -65.52
CA THR XA 221 63.67 49.09 -66.68
C THR XA 221 63.91 49.91 -67.93
N SER XA 222 64.20 49.21 -69.03
CA SER XA 222 64.50 49.86 -70.29
C SER XA 222 63.26 50.57 -70.84
N ASN XA 223 63.51 51.63 -71.59
CA ASN XA 223 62.46 52.48 -72.16
C ASN XA 223 61.94 51.89 -73.46
N VAL XA 224 62.62 50.89 -74.02
CA VAL XA 224 62.39 50.44 -75.38
C VAL XA 224 61.00 49.84 -75.53
N ASN XA 225 60.25 50.34 -76.52
CA ASN XA 225 58.99 49.73 -76.90
C ASN XA 225 59.23 48.69 -77.99
N VAL XA 226 58.52 47.57 -77.91
CA VAL XA 226 58.85 46.42 -78.76
C VAL XA 226 58.14 46.44 -80.11
N ALA XA 227 56.81 46.68 -80.13
CA ALA XA 227 56.08 46.67 -81.38
C ALA XA 227 56.59 47.73 -82.35
N GLU XA 228 56.95 48.90 -81.83
CA GLU XA 228 57.51 49.95 -82.65
C GLU XA 228 58.76 49.49 -83.38
N GLU XA 229 59.66 48.76 -82.69
CA GLU XA 229 60.87 48.29 -83.33
C GLU XA 229 60.59 47.21 -84.38
N LEU XA 230 59.59 46.35 -84.14
CA LEU XA 230 59.25 45.35 -85.14
C LEU XA 230 58.72 46.00 -86.41
N VAL XA 231 57.79 46.96 -86.26
CA VAL XA 231 57.29 47.67 -87.43
C VAL XA 231 58.41 48.46 -88.11
N ASN XA 232 59.33 49.00 -87.31
CA ASN XA 232 60.46 49.74 -87.87
C ASN XA 232 61.36 48.83 -88.69
N MET XA 233 61.61 47.61 -88.23
CA MET XA 233 62.41 46.68 -89.02
C MET XA 233 61.68 46.28 -90.29
N ILE XA 234 60.37 46.11 -90.23
CA ILE XA 234 59.62 45.83 -91.45
C ILE XA 234 59.82 46.94 -92.47
N GLN XA 235 59.64 48.18 -92.04
CA GLN XA 235 59.84 49.33 -92.92
C GLN XA 235 61.27 49.42 -93.44
N VAL XA 236 62.26 49.19 -92.57
CA VAL XA 236 63.66 49.27 -92.97
C VAL XA 236 63.96 48.21 -94.03
N GLN XA 237 63.50 46.98 -93.81
CA GLN XA 237 63.75 45.91 -94.78
C GLN XA 237 63.13 46.23 -96.12
N ARG XA 238 61.87 46.70 -96.13
CA ARG XA 238 61.24 47.01 -97.41
C ARG XA 238 61.93 48.16 -98.13
N ALA XA 239 62.31 49.22 -97.40
CA ALA XA 239 63.04 50.31 -98.04
C ALA XA 239 64.38 49.84 -98.58
N TYR XA 240 65.08 48.97 -97.85
CA TYR XA 240 66.36 48.43 -98.30
C TYR XA 240 66.19 47.62 -99.57
N GLU XA 241 65.13 46.81 -99.65
CA GLU XA 241 64.86 46.06 -100.87
C GLU XA 241 64.57 46.99 -102.05
N ILE XA 242 63.81 48.06 -101.81
CA ILE XA 242 63.51 49.01 -102.88
C ILE XA 242 64.79 49.68 -103.36
N ASN XA 243 65.67 50.06 -102.44
CA ASN XA 243 66.92 50.70 -102.85
C ASN XA 243 67.83 49.74 -103.59
N SER XA 244 67.85 48.46 -103.21
CA SER XA 244 68.62 47.48 -103.98
C SER XA 244 68.05 47.33 -105.39
N LYS XA 245 66.72 47.35 -105.52
CA LYS XA 245 66.11 47.37 -106.85
C LYS XA 245 66.53 48.61 -107.64
N ALA XA 246 66.64 49.75 -106.97
CA ALA XA 246 67.13 50.97 -107.64
C ALA XA 246 68.55 50.77 -108.16
N VAL XA 247 69.43 50.19 -107.34
CA VAL XA 247 70.79 49.93 -107.77
C VAL XA 247 70.80 48.98 -108.97
N SER XA 248 69.96 47.95 -108.93
CA SER XA 248 69.90 46.99 -110.03
C SER XA 248 69.45 47.66 -111.32
N THR XA 249 68.42 48.51 -111.25
CA THR XA 249 67.94 49.19 -112.44
C THR XA 249 69.00 50.13 -113.02
N THR XA 250 69.69 50.87 -112.16
CA THR XA 250 70.74 51.75 -112.64
C THR XA 250 71.87 50.96 -113.29
N ASP XA 251 72.24 49.85 -112.66
CA ASP XA 251 73.30 48.98 -113.22
C ASP XA 251 72.85 48.50 -114.61
N GLN XA 252 71.61 48.02 -114.72
CA GLN XA 252 71.13 47.51 -116.00
C GLN XA 252 71.14 48.60 -117.08
N MET XA 253 70.75 49.82 -116.72
CA MET XA 253 70.83 50.92 -117.67
C MET XA 253 72.27 51.16 -118.12
N LEU XA 254 73.22 51.16 -117.18
CA LEU XA 254 74.62 51.32 -117.54
C LEU XA 254 75.13 50.17 -118.41
N GLN XA 255 74.72 48.94 -118.12
CA GLN XA 255 75.11 47.80 -118.93
C GLN XA 255 74.57 47.93 -120.35
N LYS XA 256 73.33 48.38 -120.50
CA LYS XA 256 72.80 48.62 -121.84
C LYS XA 256 73.57 49.73 -122.55
N LEU XA 257 73.96 50.79 -121.82
CA LEU XA 257 74.75 51.85 -122.41
C LEU XA 257 76.11 51.38 -122.89
N THR XA 258 76.78 50.52 -122.12
CA THR XA 258 78.13 50.08 -122.45
C THR XA 258 78.19 49.31 -123.76
N GLN XA 259 77.11 48.59 -124.10
CA GLN XA 259 77.06 47.80 -125.33
C GLN XA 259 77.09 48.65 -126.59
N LEU XA 260 76.85 49.96 -126.47
CA LEU XA 260 76.85 50.85 -127.63
C LEU XA 260 78.25 51.01 -128.21
N MET YA 1 52.83 55.71 -122.96
CA MET YA 1 53.43 54.98 -124.11
C MET YA 1 53.25 53.48 -123.85
N ILE YA 2 53.78 53.00 -122.72
CA ILE YA 2 53.67 51.56 -122.34
C ILE YA 2 52.20 51.23 -122.11
N SER YA 3 51.49 52.13 -121.46
CA SER YA 3 50.04 51.95 -121.19
C SER YA 3 49.81 50.91 -120.12
N SER YA 4 49.72 49.65 -120.48
CA SER YA 4 49.35 48.62 -119.49
C SER YA 4 50.05 48.85 -118.15
N LEU YA 5 51.14 49.62 -118.11
CA LEU YA 5 51.74 49.93 -116.80
C LEU YA 5 50.89 51.00 -116.12
N TRP YA 6 50.51 52.04 -116.85
CA TRP YA 6 49.77 53.13 -116.22
C TRP YA 6 48.36 52.73 -115.83
N ILE YA 7 47.86 51.59 -116.32
CA ILE YA 7 46.59 51.06 -115.84
C ILE YA 7 46.81 50.25 -114.57
N ALA YA 8 47.83 49.39 -114.58
CA ALA YA 8 48.13 48.61 -113.38
C ALA YA 8 48.58 49.51 -112.23
N LYS YA 9 49.18 50.67 -112.52
CA LYS YA 9 49.50 51.62 -111.47
C LYS YA 9 48.23 52.13 -110.79
N THR YA 10 47.21 52.46 -111.58
CA THR YA 10 45.93 52.87 -110.98
C THR YA 10 45.31 51.74 -110.19
N GLY YA 11 45.43 50.51 -110.67
CA GLY YA 11 44.96 49.37 -109.90
C GLY YA 11 45.64 49.26 -108.54
N LEU YA 12 46.97 49.39 -108.55
CA LEU YA 12 47.73 49.34 -107.29
C LEU YA 12 47.35 50.48 -106.38
N ASP YA 13 47.15 51.68 -106.93
CA ASP YA 13 46.78 52.83 -106.12
C ASP YA 13 45.40 52.63 -105.49
N ALA YA 14 44.46 52.09 -106.25
CA ALA YA 14 43.14 51.81 -105.70
C ALA YA 14 43.21 50.79 -104.57
N GLN YA 15 43.99 49.72 -104.76
CA GLN YA 15 44.13 48.74 -103.69
C GLN YA 15 44.83 49.32 -102.47
N GLN YA 16 45.81 50.21 -102.70
CA GLN YA 16 46.48 50.85 -101.58
C GLN YA 16 45.53 51.74 -100.79
N THR YA 17 44.68 52.50 -101.50
CA THR YA 17 43.68 53.31 -100.81
C THR YA 17 42.71 52.44 -100.03
N ASN YA 18 42.28 51.33 -100.62
CA ASN YA 18 41.39 50.41 -99.92
C ASN YA 18 42.05 49.87 -98.66
N MET YA 19 43.33 49.49 -98.74
CA MET YA 19 44.02 48.95 -97.59
C MET YA 19 44.21 50.02 -96.51
N ASP YA 20 44.48 51.26 -96.91
CA ASP YA 20 44.57 52.35 -95.95
C ASP YA 20 43.25 52.57 -95.23
N VAL YA 21 42.14 52.54 -95.97
CA VAL YA 21 40.81 52.69 -95.35
C VAL YA 21 40.53 51.54 -94.39
N ILE YA 22 40.88 50.32 -94.78
CA ILE YA 22 40.67 49.16 -93.91
C ILE YA 22 41.50 49.28 -92.64
N ALA YA 23 42.76 49.72 -92.78
CA ALA YA 23 43.62 49.89 -91.61
C ALA YA 23 43.07 50.96 -90.67
N ASN YA 24 42.56 52.06 -91.23
CA ASN YA 24 41.93 53.08 -90.40
C ASN YA 24 40.72 52.51 -89.67
N ASN YA 25 39.88 51.75 -90.37
CA ASN YA 25 38.70 51.17 -89.73
C ASN YA 25 39.09 50.22 -88.61
N LEU YA 26 40.12 49.40 -88.82
CA LEU YA 26 40.56 48.47 -87.79
C LEU YA 26 41.21 49.16 -86.61
N ALA YA 27 41.96 50.24 -86.85
CA ALA YA 27 42.66 50.90 -85.77
C ALA YA 27 41.72 51.58 -84.79
N ASN YA 28 40.51 51.94 -85.25
CA ASN YA 28 39.59 52.73 -84.45
C ASN YA 28 38.43 51.91 -83.91
N VAL YA 29 38.68 50.65 -83.53
CA VAL YA 29 37.63 49.83 -82.95
C VAL YA 29 37.27 50.31 -81.56
N SER YA 30 38.23 50.86 -80.82
CA SER YA 30 38.02 51.27 -79.44
C SER YA 30 37.53 52.70 -79.29
N THR YA 31 37.48 53.48 -80.37
CA THR YA 31 36.98 54.84 -80.28
C THR YA 31 35.48 54.84 -80.05
N ASN YA 32 35.02 55.79 -79.24
CA ASN YA 32 33.60 55.92 -78.91
C ASN YA 32 32.93 56.77 -79.98
N GLY YA 33 31.95 56.18 -80.67
CA GLY YA 33 31.24 56.90 -81.70
C GLY YA 33 32.06 57.11 -82.95
N PHE YA 34 32.63 56.03 -83.48
CA PHE YA 34 33.42 56.11 -84.73
C PHE YA 34 32.59 55.45 -85.82
N LYS YA 35 32.69 55.93 -87.05
CA LYS YA 35 31.82 55.38 -88.12
C LYS YA 35 32.73 54.78 -89.20
N ARG YA 36 32.48 53.53 -89.57
CA ARG YA 36 33.36 52.84 -90.54
C ARG YA 36 33.38 53.59 -91.86
N GLN YA 37 34.52 53.60 -92.54
CA GLN YA 37 34.62 54.20 -93.86
C GLN YA 37 34.73 53.13 -94.93
N ARG YA 38 34.08 53.35 -96.07
CA ARG YA 38 34.19 52.48 -97.23
C ARG YA 38 34.57 53.33 -98.44
N ALA YA 39 35.65 52.96 -99.11
CA ALA YA 39 36.11 53.67 -100.29
C ALA YA 39 35.45 53.09 -101.53
N VAL YA 40 34.91 53.96 -102.38
CA VAL YA 40 34.23 53.56 -103.61
C VAL YA 40 35.16 53.81 -104.78
N PHE YA 41 35.59 52.74 -105.43
CA PHE YA 41 36.45 52.81 -106.60
C PHE YA 41 35.61 52.61 -107.85
N GLU YA 42 35.89 53.43 -108.86
CA GLU YA 42 35.06 53.51 -110.05
C GLU YA 42 35.84 54.15 -111.18
N ASP YA 43 35.75 53.53 -112.36
CA ASP YA 43 36.77 53.62 -113.39
C ASP YA 43 36.86 54.99 -114.07
N LEU YA 44 37.91 55.15 -114.88
CA LEU YA 44 38.22 56.39 -115.57
C LEU YA 44 37.61 56.39 -116.97
N LEU YA 45 38.02 57.36 -117.79
CA LEU YA 45 37.45 57.55 -119.12
C LEU YA 45 37.95 56.48 -120.08
N TYR YA 46 37.07 56.05 -120.99
CA TYR YA 46 37.44 55.09 -122.01
C TYR YA 46 37.83 55.80 -123.30
N GLN YA 47 38.88 55.30 -123.95
CA GLN YA 47 39.27 55.80 -125.26
C GLN YA 47 38.58 54.96 -126.33
N THR YA 48 38.12 55.62 -127.40
CA THR YA 48 37.31 54.98 -128.42
C THR YA 48 38.04 54.99 -129.75
N ILE YA 49 38.26 53.79 -130.30
CA ILE YA 49 39.05 53.63 -131.55
C ILE YA 49 38.13 53.62 -132.78
N ARG YA 50 38.43 54.45 -133.78
CA ARG YA 50 37.55 54.58 -134.97
C ARG YA 50 37.37 53.24 -135.67
N GLN YA 51 36.17 52.96 -136.19
CA GLN YA 51 35.91 51.64 -136.82
C GLN YA 51 35.38 51.83 -138.24
N PRO YA 52 36.24 52.01 -139.26
CA PRO YA 52 35.75 52.27 -140.60
C PRO YA 52 35.09 51.00 -141.12
N GLY YA 65 32.34 51.49 -132.65
CA GLY YA 65 33.76 51.40 -132.39
C GLY YA 65 34.10 50.68 -131.11
N LEU YA 66 35.35 50.24 -130.98
CA LEU YA 66 35.78 49.54 -129.78
C LEU YA 66 36.31 50.53 -128.76
N GLN YA 67 36.37 50.09 -127.50
CA GLN YA 67 36.63 51.01 -126.39
C GLN YA 67 37.65 50.37 -125.45
N ILE YA 68 38.81 51.02 -125.33
CA ILE YA 68 39.87 50.57 -124.43
C ILE YA 68 39.82 51.40 -123.16
N GLY YA 69 39.90 50.73 -122.01
CA GLY YA 69 39.84 51.41 -120.74
C GLY YA 69 41.13 52.12 -120.37
N THR YA 70 41.11 52.75 -119.20
CA THR YA 70 42.24 53.55 -118.74
C THR YA 70 42.68 53.20 -117.32
N GLY YA 71 41.78 52.70 -116.47
CA GLY YA 71 42.15 52.30 -115.14
C GLY YA 71 41.03 52.54 -114.15
N VAL YA 72 41.40 52.75 -112.88
CA VAL YA 72 40.39 52.92 -111.80
C VAL YA 72 40.92 53.95 -110.82
N ARG YA 73 40.02 54.69 -110.15
CA ARG YA 73 40.47 55.74 -109.21
C ARG YA 73 39.46 55.85 -108.06
N PRO YA 74 39.91 56.15 -106.82
CA PRO YA 74 38.99 56.34 -105.71
C PRO YA 74 38.18 57.63 -105.94
N VAL YA 75 36.86 57.57 -105.77
CA VAL YA 75 36.00 58.72 -106.02
C VAL YA 75 35.57 59.35 -104.70
N ALA YA 76 34.99 58.56 -103.80
CA ALA YA 76 34.42 59.10 -102.57
C ALA YA 76 34.32 57.99 -101.54
N THR YA 77 34.84 58.24 -100.34
CA THR YA 77 34.67 57.33 -99.22
C THR YA 77 33.46 57.76 -98.40
N GLU YA 78 32.55 56.82 -98.15
CA GLU YA 78 31.34 57.08 -97.39
C GLU YA 78 31.43 56.43 -96.02
N ARG YA 79 30.93 57.13 -95.01
CA ARG YA 79 30.85 56.60 -93.66
C ARG YA 79 29.45 56.09 -93.37
N LEU YA 80 29.38 54.90 -92.78
CA LEU YA 80 28.10 54.26 -92.46
C LEU YA 80 27.63 54.80 -91.11
N HIS YA 81 26.57 55.61 -91.13
CA HIS YA 81 26.05 56.22 -89.92
C HIS YA 81 24.92 55.35 -89.36
N SER YA 82 25.30 54.15 -88.93
CA SER YA 82 24.40 53.26 -88.21
C SER YA 82 24.75 53.29 -86.73
N GLN YA 83 23.74 53.08 -85.89
CA GLN YA 83 23.92 53.18 -84.44
C GLN YA 83 24.81 52.04 -83.96
N GLY YA 84 25.84 52.39 -83.18
CA GLY YA 84 26.72 51.38 -82.62
C GLY YA 84 26.19 50.83 -81.31
N ASN YA 85 26.90 49.83 -80.81
CA ASN YA 85 26.53 49.21 -79.54
C ASN YA 85 26.89 50.12 -78.38
N LEU YA 86 26.20 49.93 -77.26
CA LEU YA 86 26.45 50.85 -76.14
C LEU YA 86 27.21 50.08 -75.07
N SER YA 87 28.45 50.46 -74.78
CA SER YA 87 29.16 49.80 -73.66
C SER YA 87 28.72 50.49 -72.38
N GLN YA 88 29.58 50.52 -71.36
CA GLN YA 88 29.11 51.10 -70.08
C GLN YA 88 30.24 51.88 -69.41
N THR YA 89 29.91 52.81 -68.54
CA THR YA 89 30.94 53.55 -67.77
C THR YA 89 30.22 54.23 -66.62
N ASN YA 90 30.16 53.60 -65.46
CA ASN YA 90 29.40 54.08 -64.31
C ASN YA 90 29.51 55.60 -64.16
N ASN YA 91 30.41 56.22 -64.92
CA ASN YA 91 30.55 57.66 -64.94
C ASN YA 91 29.24 58.34 -65.31
N SER YA 92 28.87 59.37 -64.57
CA SER YA 92 27.62 60.08 -64.79
C SER YA 92 27.72 61.15 -65.88
N LYS YA 93 28.91 61.40 -66.41
CA LYS YA 93 29.10 62.40 -67.45
C LYS YA 93 29.03 61.84 -68.86
N ASP YA 94 28.98 60.52 -69.02
CA ASP YA 94 28.97 59.92 -70.33
C ASP YA 94 27.54 59.69 -70.80
N VAL YA 95 27.22 60.16 -72.00
CA VAL YA 95 25.89 60.03 -72.57
C VAL YA 95 26.02 59.49 -73.99
N ALA YA 96 25.12 58.58 -74.35
CA ALA YA 96 25.07 57.99 -75.68
C ALA YA 96 23.77 58.40 -76.37
N ILE YA 97 23.83 58.49 -77.69
CA ILE YA 97 22.70 58.94 -78.49
C ILE YA 97 22.02 57.73 -79.12
N LYS YA 98 20.70 57.64 -78.94
CA LYS YA 98 19.89 56.61 -79.57
C LYS YA 98 19.24 57.23 -80.81
N GLY YA 99 19.84 56.96 -81.97
CA GLY YA 99 19.34 57.54 -83.20
C GLY YA 99 20.34 58.44 -83.91
N GLN YA 100 19.83 59.44 -84.63
CA GLN YA 100 20.68 60.33 -85.43
C GLN YA 100 20.72 61.69 -84.75
N GLY YA 101 21.94 62.11 -84.38
CA GLY YA 101 22.14 63.42 -83.78
C GLY YA 101 23.59 63.60 -83.40
N PHE YA 102 24.00 64.86 -83.29
CA PHE YA 102 25.36 65.21 -82.89
C PHE YA 102 25.34 66.31 -81.84
N PHE YA 103 26.15 66.11 -80.80
CA PHE YA 103 26.42 67.17 -79.85
C PHE YA 103 27.24 68.27 -80.52
N GLN YA 104 26.87 69.51 -80.26
CA GLN YA 104 27.55 70.65 -80.86
C GLN YA 104 28.67 71.09 -79.93
N VAL YA 105 29.84 71.36 -80.52
CA VAL YA 105 31.06 71.60 -79.77
C VAL YA 105 31.66 72.93 -80.21
N MET YA 106 32.09 73.71 -79.22
CA MET YA 106 32.63 75.05 -79.43
C MET YA 106 34.13 74.95 -79.66
N LEU YA 107 34.56 75.18 -80.90
CA LEU YA 107 35.97 75.18 -81.24
C LEU YA 107 36.64 76.46 -80.77
N PRO YA 108 37.94 76.43 -80.49
CA PRO YA 108 38.64 77.67 -80.11
C PRO YA 108 38.67 78.71 -81.21
N ASP YA 109 38.57 78.29 -82.47
CA ASP YA 109 38.64 79.26 -83.58
C ASP YA 109 37.36 80.07 -83.71
N GLY YA 110 36.31 79.72 -82.97
CA GLY YA 110 35.04 80.40 -83.07
C GLY YA 110 33.98 79.70 -83.89
N THR YA 111 34.37 78.70 -84.68
CA THR YA 111 33.42 77.91 -85.46
C THR YA 111 32.90 76.77 -84.61
N SER YA 112 31.79 76.18 -85.02
CA SER YA 112 31.20 75.06 -84.30
C SER YA 112 31.45 73.75 -85.03
N ALA YA 113 31.75 72.70 -84.26
CA ALA YA 113 31.90 71.35 -84.78
C ALA YA 113 30.82 70.46 -84.17
N TYR YA 114 30.79 69.21 -84.61
CA TYR YA 114 29.78 68.25 -84.18
C TYR YA 114 30.42 66.91 -83.88
N THR YA 115 30.01 66.29 -82.78
CA THR YA 115 30.60 65.05 -82.31
C THR YA 115 29.51 64.08 -81.88
N ARG YA 116 29.85 62.78 -81.90
CA ARG YA 116 28.99 61.76 -81.34
C ARG YA 116 29.62 61.04 -80.16
N ASP YA 117 30.87 61.34 -79.83
CA ASP YA 117 31.50 60.79 -78.64
C ASP YA 117 30.96 61.52 -77.41
N GLY YA 118 30.24 60.79 -76.56
CA GLY YA 118 29.53 61.41 -75.47
C GLY YA 118 30.26 61.41 -74.13
N SER YA 119 31.56 61.16 -74.16
CA SER YA 119 32.36 61.20 -72.95
C SER YA 119 32.71 62.66 -72.64
N PHE YA 120 32.17 63.18 -71.54
CA PHE YA 120 32.36 64.57 -71.17
C PHE YA 120 33.03 64.67 -69.80
N GLN YA 121 33.48 65.88 -69.48
CA GLN YA 121 34.07 66.19 -68.18
C GLN YA 121 33.66 67.62 -67.81
N VAL YA 122 34.03 68.01 -66.59
CA VAL YA 122 33.75 69.40 -66.14
C VAL YA 122 35.10 70.07 -65.90
N ASP YA 123 35.41 71.12 -66.65
CA ASP YA 123 36.75 71.75 -66.55
C ASP YA 123 36.88 72.58 -65.27
N GLN YA 124 38.08 73.06 -64.99
CA GLN YA 124 38.30 73.92 -63.80
C GLN YA 124 37.09 74.82 -63.57
N ASN YA 125 36.80 75.69 -64.54
CA ASN YA 125 35.70 76.67 -64.35
C ASN YA 125 34.38 76.00 -64.67
N GLY YA 126 33.91 75.08 -63.81
CA GLY YA 126 32.62 74.42 -64.03
C GLY YA 126 32.45 74.06 -65.49
N GLN YA 127 31.23 74.10 -66.03
CA GLN YA 127 31.14 73.89 -67.48
C GLN YA 127 31.53 72.50 -67.95
N LEU YA 128 30.66 71.90 -68.77
CA LEU YA 128 30.94 70.60 -69.38
C LEU YA 128 31.71 70.81 -70.68
N VAL YA 129 32.81 70.09 -70.82
CA VAL YA 129 33.61 70.09 -72.03
C VAL YA 129 33.77 68.64 -72.49
N THR YA 130 34.15 68.47 -73.74
CA THR YA 130 34.41 67.15 -74.28
C THR YA 130 35.74 66.63 -73.76
N ALA YA 131 36.09 65.41 -74.17
CA ALA YA 131 37.33 64.80 -73.72
C ALA YA 131 38.56 65.62 -74.12
N GLY YA 132 38.47 66.39 -75.20
CA GLY YA 132 39.59 67.19 -75.65
C GLY YA 132 39.63 68.59 -75.05
N GLY YA 133 38.70 68.88 -74.14
CA GLY YA 133 38.62 70.18 -73.50
C GLY YA 133 37.76 71.20 -74.20
N PHE YA 134 37.21 70.86 -75.36
CA PHE YA 134 36.38 71.81 -76.09
C PHE YA 134 34.99 71.90 -75.47
N GLN YA 135 34.48 73.13 -75.37
CA GLN YA 135 33.19 73.38 -74.74
C GLN YA 135 32.06 72.87 -75.61
N VAL YA 136 31.00 72.39 -74.95
CA VAL YA 136 29.88 71.67 -75.61
C VAL YA 136 28.76 72.65 -75.90
N GLN YA 137 29.10 73.84 -76.39
CA GLN YA 137 28.10 74.91 -76.70
C GLN YA 137 26.88 74.25 -77.32
N PRO YA 138 25.70 74.19 -76.65
CA PRO YA 138 25.41 75.06 -75.51
C PRO YA 138 26.00 74.52 -74.19
N ALA YA 139 26.93 75.27 -73.59
CA ALA YA 139 27.63 74.82 -72.37
C ALA YA 139 26.64 74.77 -71.19
N ILE YA 140 26.75 73.73 -70.36
CA ILE YA 140 25.92 73.60 -69.12
C ILE YA 140 26.85 73.78 -67.91
N THR YA 141 26.58 74.78 -67.06
CA THR YA 141 27.55 75.10 -66.03
C THR YA 141 27.13 74.45 -64.72
N ILE YA 142 27.74 73.30 -64.42
CA ILE YA 142 27.44 72.55 -63.20
C ILE YA 142 27.98 73.34 -62.01
N PRO YA 143 27.21 73.49 -60.93
CA PRO YA 143 27.73 74.21 -59.75
C PRO YA 143 28.79 73.41 -59.03
N ALA YA 144 29.48 74.04 -58.09
CA ALA YA 144 30.59 73.39 -57.37
C ALA YA 144 30.07 72.39 -56.34
N ASN YA 145 28.95 72.71 -55.71
CA ASN YA 145 28.49 72.01 -54.52
C ASN YA 145 27.59 70.84 -54.87
N ALA YA 146 27.42 70.56 -56.16
CA ALA YA 146 26.49 69.52 -56.59
C ALA YA 146 26.95 68.15 -56.13
N LEU YA 147 26.01 67.34 -55.63
CA LEU YA 147 26.31 65.99 -55.19
C LEU YA 147 26.09 64.96 -56.29
N SER YA 148 25.10 65.19 -57.16
CA SER YA 148 24.81 64.25 -58.23
C SER YA 148 24.40 65.03 -59.47
N ILE YA 149 24.85 64.57 -60.63
CA ILE YA 149 24.53 65.20 -61.91
C ILE YA 149 23.75 64.20 -62.75
N THR YA 150 22.55 64.60 -63.20
CA THR YA 150 21.68 63.73 -63.97
C THR YA 150 21.42 64.38 -65.33
N ILE YA 151 21.69 63.63 -66.39
CA ILE YA 151 21.36 64.06 -67.75
C ILE YA 151 20.19 63.21 -68.23
N GLY YA 152 19.04 63.86 -68.43
CA GLY YA 152 17.79 63.17 -68.68
C GLY YA 152 17.66 62.67 -70.10
N ARG YA 153 16.49 62.07 -70.37
CA ARG YA 153 16.20 61.54 -71.70
C ARG YA 153 16.19 62.64 -72.75
N ASP YA 154 15.61 63.80 -72.42
CA ASP YA 154 15.48 64.91 -73.34
C ASP YA 154 16.55 65.98 -73.12
N GLY YA 155 17.73 65.56 -72.67
CA GLY YA 155 18.85 66.48 -72.54
C GLY YA 155 18.79 67.41 -71.35
N VAL YA 156 17.85 67.22 -70.44
CA VAL YA 156 17.75 68.06 -69.25
C VAL YA 156 18.87 67.70 -68.29
N VAL YA 157 19.60 68.70 -67.82
CA VAL YA 157 20.67 68.50 -66.85
C VAL YA 157 20.19 69.03 -65.51
N SER YA 158 20.09 68.14 -64.53
CA SER YA 158 19.67 68.49 -63.18
C SER YA 158 20.76 68.09 -62.20
N VAL YA 159 20.94 68.92 -61.17
CA VAL YA 159 21.96 68.71 -60.16
C VAL YA 159 21.29 68.73 -58.79
N THR YA 160 21.68 67.79 -57.94
CA THR YA 160 21.17 67.72 -56.57
C THR YA 160 22.10 68.52 -55.65
N GLN YA 161 21.51 69.36 -54.80
CA GLN YA 161 22.27 70.10 -53.81
C GLN YA 161 21.87 69.65 -52.41
N GLN YA 162 22.86 69.60 -51.52
CA GLN YA 162 22.63 69.12 -50.17
C GLN YA 162 21.65 70.04 -49.45
N GLY YA 163 20.70 69.42 -48.75
CA GLY YA 163 19.65 70.16 -48.06
C GLY YA 163 18.42 70.38 -48.92
N GLN YA 164 18.63 70.78 -50.18
CA GLN YA 164 17.53 70.99 -51.10
C GLN YA 164 16.93 69.64 -51.50
N ALA YA 165 15.61 69.54 -51.49
CA ALA YA 165 14.93 68.27 -51.76
C ALA YA 165 14.51 68.15 -53.22
N ALA YA 166 14.86 69.14 -54.05
CA ALA YA 166 14.48 69.12 -55.45
C ALA YA 166 15.67 69.41 -56.34
N PRO YA 167 15.87 68.62 -57.39
CA PRO YA 167 16.96 68.91 -58.33
C PRO YA 167 16.77 70.26 -59.01
N VAL YA 168 17.93 70.90 -59.23
CA VAL YA 168 17.95 72.24 -59.87
C VAL YA 168 18.50 72.05 -61.28
N GLN YA 169 17.86 72.65 -62.28
CA GLN YA 169 18.28 72.41 -63.67
C GLN YA 169 19.60 73.12 -63.91
N VAL YA 170 20.25 72.81 -65.03
CA VAL YA 170 21.51 73.51 -65.38
C VAL YA 170 21.49 73.84 -66.88
N GLY YA 171 20.89 73.00 -67.74
CA GLY YA 171 20.78 73.34 -69.17
C GLY YA 171 20.35 72.18 -70.05
N GLN YA 172 19.71 72.47 -71.20
CA GLN YA 172 19.25 71.44 -72.11
C GLN YA 172 20.35 71.11 -73.11
N LEU YA 173 20.71 69.83 -73.19
CA LEU YA 173 21.66 69.36 -74.19
C LEU YA 173 20.92 69.16 -75.51
N ASN YA 174 21.17 70.04 -76.47
CA ASN YA 174 20.46 69.99 -77.75
C ASN YA 174 21.29 69.21 -78.77
N LEU YA 175 20.61 68.43 -79.59
CA LEU YA 175 21.25 67.62 -80.61
C LEU YA 175 21.07 68.29 -81.97
N THR YA 176 22.12 68.26 -82.77
CA THR YA 176 22.08 68.82 -84.12
C THR YA 176 21.83 67.71 -85.13
N THR YA 177 20.82 67.90 -85.98
CA THR YA 177 20.43 66.94 -87.00
C THR YA 177 20.76 67.54 -88.37
N PHE YA 178 21.33 66.72 -89.25
CA PHE YA 178 21.61 67.07 -90.62
C PHE YA 178 20.73 66.26 -91.56
N MET YA 179 20.46 66.84 -92.74
CA MET YA 179 19.67 66.16 -93.76
C MET YA 179 20.51 65.25 -94.64
N ASN YA 180 21.81 65.52 -94.73
CA ASN YA 180 22.78 64.58 -95.30
C ASN YA 180 23.90 64.41 -94.28
N ASP YA 181 23.95 63.25 -93.62
CA ASP YA 181 24.91 63.07 -92.54
C ASP YA 181 26.27 62.61 -93.03
N THR YA 182 26.34 61.94 -94.18
CA THR YA 182 27.60 61.42 -94.66
C THR YA 182 28.52 62.53 -95.18
N GLY YA 183 27.96 63.69 -95.54
CA GLY YA 183 28.74 64.75 -96.13
C GLY YA 183 29.49 65.65 -95.16
N LEU YA 184 29.40 65.40 -93.86
CA LEU YA 184 30.15 66.15 -92.87
C LEU YA 184 31.65 65.94 -93.07
N GLU YA 185 32.41 67.00 -92.82
CA GLU YA 185 33.86 66.93 -92.99
C GLU YA 185 34.52 66.61 -91.66
N SER YA 186 35.26 65.49 -91.62
CA SER YA 186 35.87 65.02 -90.38
C SER YA 186 37.15 65.80 -90.13
N ILE YA 187 37.17 66.56 -89.02
CA ILE YA 187 38.35 67.34 -88.67
C ILE YA 187 39.48 66.50 -88.13
N GLY YA 188 39.23 65.24 -87.80
CA GLY YA 188 40.17 64.56 -86.94
C GLY YA 188 39.56 64.12 -85.64
N GLU YA 189 39.86 64.83 -84.56
CA GLU YA 189 39.58 64.35 -83.20
C GLU YA 189 38.10 64.28 -82.90
N ASN YA 190 37.41 63.34 -83.56
CA ASN YA 190 36.01 63.03 -83.29
C ASN YA 190 35.12 64.26 -83.45
N LEU YA 191 35.39 65.08 -84.45
CA LEU YA 191 34.61 66.29 -84.72
C LEU YA 191 34.30 66.40 -86.19
N TYR YA 192 33.12 66.91 -86.51
CA TYR YA 192 32.68 67.12 -87.88
C TYR YA 192 32.27 68.57 -88.10
N ILE YA 193 32.75 69.14 -89.21
CA ILE YA 193 32.38 70.47 -89.65
C ILE YA 193 31.30 70.35 -90.72
N GLU YA 194 30.35 71.28 -90.68
CA GLU YA 194 29.31 71.36 -91.70
C GLU YA 194 29.94 71.62 -93.06
N THR YA 195 29.25 71.19 -94.11
CA THR YA 195 29.75 71.22 -95.48
C THR YA 195 28.59 71.60 -96.41
N GLN YA 196 28.93 72.18 -97.57
CA GLN YA 196 27.90 72.55 -98.54
C GLN YA 196 27.07 71.35 -98.98
N SER YA 197 27.58 70.14 -98.84
CA SER YA 197 26.82 68.93 -99.08
C SER YA 197 26.02 68.49 -97.85
N SER YA 198 26.25 69.11 -96.70
CA SER YA 198 25.55 68.75 -95.47
C SER YA 198 25.13 70.00 -94.70
N GLY YA 199 24.60 70.99 -95.41
CA GLY YA 199 24.32 72.28 -94.81
C GLY YA 199 23.11 72.25 -93.91
N ALA YA 200 22.81 73.43 -93.37
CA ALA YA 200 21.65 73.69 -92.52
C ALA YA 200 21.65 72.79 -91.28
N PRO YA 201 22.55 73.01 -90.32
CA PRO YA 201 22.53 72.24 -89.08
C PRO YA 201 21.29 72.60 -88.26
N ASN YA 202 20.43 71.61 -88.03
CA ASN YA 202 19.15 71.85 -87.37
C ASN YA 202 19.29 71.47 -85.89
N GLU YA 203 19.39 72.48 -85.02
CA GLU YA 203 19.38 72.21 -83.59
C GLU YA 203 17.97 71.83 -83.14
N SER YA 204 17.88 70.85 -82.24
CA SER YA 204 16.60 70.44 -81.70
C SER YA 204 16.80 69.76 -80.36
N THR YA 205 15.77 69.86 -79.52
CA THR YA 205 15.78 69.13 -78.27
C THR YA 205 15.76 67.62 -78.55
N PRO YA 206 16.50 66.83 -77.80
CA PRO YA 206 16.63 65.39 -78.13
C PRO YA 206 15.30 64.67 -77.97
N GLY YA 207 14.90 63.96 -79.02
CA GLY YA 207 13.68 63.16 -78.99
C GLY YA 207 12.60 63.64 -79.93
N LEU YA 208 12.76 64.84 -80.48
CA LEU YA 208 11.76 65.44 -81.35
C LEU YA 208 12.38 65.83 -82.69
N ASN YA 209 11.52 65.92 -83.71
CA ASN YA 209 11.93 66.31 -85.06
C ASN YA 209 13.02 65.39 -85.62
N GLY YA 210 12.95 64.10 -85.28
CA GLY YA 210 13.89 63.13 -85.75
C GLY YA 210 15.15 63.00 -84.92
N ALA YA 211 15.32 63.85 -83.91
CA ALA YA 211 16.49 63.77 -83.04
C ALA YA 211 16.37 62.55 -82.12
N GLY YA 212 17.52 62.07 -81.66
CA GLY YA 212 17.54 60.89 -80.82
C GLY YA 212 17.52 61.23 -79.34
N LEU YA 213 17.36 60.21 -78.51
CA LEU YA 213 17.33 60.38 -77.07
C LEU YA 213 18.71 60.13 -76.48
N LEU YA 214 18.88 60.49 -75.20
CA LEU YA 214 20.17 60.37 -74.54
C LEU YA 214 20.10 59.35 -73.40
N TYR YA 215 21.09 58.46 -73.38
CA TYR YA 215 21.26 57.50 -72.29
C TYR YA 215 22.47 57.92 -71.46
N GLN YA 216 22.24 58.17 -70.17
CA GLN YA 216 23.30 58.62 -69.28
C GLN YA 216 24.00 57.41 -68.67
N GLY YA 217 25.33 57.46 -68.63
CA GLY YA 217 26.14 56.35 -68.17
C GLY YA 217 26.51 55.34 -69.24
N TYR YA 218 26.22 55.65 -70.50
CA TYR YA 218 26.53 54.77 -71.62
C TYR YA 218 27.28 55.55 -72.70
N VAL YA 219 28.19 54.86 -73.38
CA VAL YA 219 28.93 55.43 -74.50
C VAL YA 219 28.71 54.54 -75.72
N GLU YA 220 28.46 55.18 -76.87
CA GLU YA 220 28.28 54.46 -78.11
C GLU YA 220 29.64 54.08 -78.69
N THR YA 221 29.83 52.79 -78.94
CA THR YA 221 31.08 52.29 -79.48
C THR YA 221 31.03 52.31 -81.01
N SER YA 222 32.20 52.06 -81.61
CA SER YA 222 32.31 52.08 -83.06
C SER YA 222 31.52 50.93 -83.67
N ASN YA 223 31.05 51.14 -84.90
CA ASN YA 223 30.32 50.12 -85.65
C ASN YA 223 31.21 49.32 -86.58
N VAL YA 224 32.51 49.27 -86.31
CA VAL YA 224 33.45 48.55 -87.18
C VAL YA 224 33.25 47.05 -87.04
N ASN YA 225 32.84 46.40 -88.13
CA ASN YA 225 32.73 44.95 -88.13
C ASN YA 225 34.07 44.32 -88.49
N VAL YA 226 34.45 43.29 -87.76
CA VAL YA 226 35.81 42.77 -87.87
C VAL YA 226 35.94 41.71 -88.97
N ALA YA 227 34.93 40.87 -89.17
CA ALA YA 227 35.01 39.87 -90.24
C ALA YA 227 35.07 40.53 -91.61
N GLU YA 228 34.28 41.57 -91.83
CA GLU YA 228 34.30 42.28 -93.11
C GLU YA 228 35.67 42.84 -93.42
N GLU YA 229 36.34 43.44 -92.42
CA GLU YA 229 37.67 44.00 -92.66
C GLU YA 229 38.70 42.92 -92.94
N LEU YA 230 38.63 41.77 -92.28
CA LEU YA 230 39.58 40.70 -92.55
C LEU YA 230 39.39 40.13 -93.95
N VAL YA 231 38.14 39.90 -94.35
CA VAL YA 231 37.88 39.41 -95.71
C VAL YA 231 38.33 40.44 -96.73
N ASN YA 232 38.08 41.72 -96.46
CA ASN YA 232 38.51 42.77 -97.37
C ASN YA 232 40.02 42.86 -97.45
N MET YA 233 40.72 42.61 -96.34
CA MET YA 233 42.18 42.59 -96.36
C MET YA 233 42.69 41.45 -97.23
N ILE YA 234 42.09 40.26 -97.10
CA ILE YA 234 42.48 39.14 -97.95
C ILE YA 234 42.29 39.50 -99.42
N GLN YA 235 41.12 40.05 -99.76
CA GLN YA 235 40.84 40.44 -101.14
C GLN YA 235 41.80 41.51 -101.64
N VAL YA 236 42.11 42.51 -100.82
CA VAL YA 236 43.02 43.57 -101.22
C VAL YA 236 44.42 43.03 -101.46
N GLN YA 237 44.90 42.15 -100.58
CA GLN YA 237 46.22 41.57 -100.78
C GLN YA 237 46.27 40.77 -102.07
N ARG YA 238 45.27 39.95 -102.33
CA ARG YA 238 45.29 39.15 -103.56
C ARG YA 238 45.17 40.02 -104.81
N ALA YA 239 44.32 41.06 -104.79
CA ALA YA 239 44.21 41.95 -105.94
C ALA YA 239 45.50 42.72 -106.17
N TYR YA 240 46.16 43.17 -105.09
CA TYR YA 240 47.45 43.84 -105.23
C TYR YA 240 48.49 42.92 -105.85
N GLU YA 241 48.52 41.65 -105.42
CA GLU YA 241 49.45 40.70 -106.03
C GLU YA 241 49.15 40.49 -107.51
N ILE YA 242 47.87 40.39 -107.87
CA ILE YA 242 47.51 40.20 -109.27
C ILE YA 242 47.93 41.40 -110.11
N ASN YA 243 47.69 42.60 -109.61
CA ASN YA 243 48.10 43.79 -110.35
C ASN YA 243 49.62 43.90 -110.46
N SER YA 244 50.34 43.47 -109.42
CA SER YA 244 51.79 43.42 -109.52
C SER YA 244 52.25 42.42 -110.57
N LYS YA 245 51.57 41.28 -110.67
CA LYS YA 245 51.86 40.32 -111.73
C LYS YA 245 51.61 40.94 -113.11
N ALA YA 246 50.54 41.71 -113.25
CA ALA YA 246 50.29 42.41 -114.51
C ALA YA 246 51.40 43.40 -114.83
N VAL YA 247 51.86 44.15 -113.83
CA VAL YA 247 53.00 45.05 -114.01
C VAL YA 247 54.21 44.29 -114.51
N SER YA 248 54.52 43.16 -113.87
CA SER YA 248 55.68 42.37 -114.24
C SER YA 248 55.56 41.85 -115.67
N THR YA 249 54.37 41.37 -116.05
CA THR YA 249 54.18 40.87 -117.41
C THR YA 249 54.38 41.98 -118.44
N THR YA 250 53.81 43.16 -118.19
CA THR YA 250 54.02 44.28 -119.12
C THR YA 250 55.49 44.65 -119.20
N ASP YA 251 56.18 44.66 -118.06
CA ASP YA 251 57.61 44.96 -118.05
C ASP YA 251 58.40 43.94 -118.86
N GLN YA 252 58.06 42.66 -118.75
CA GLN YA 252 58.80 41.64 -119.50
C GLN YA 252 58.53 41.75 -121.00
N MET YA 253 57.29 42.04 -121.39
CA MET YA 253 57.05 42.26 -122.82
C MET YA 253 57.82 43.47 -123.34
N LEU YA 254 57.87 44.55 -122.55
CA LEU YA 254 58.68 45.70 -122.93
C LEU YA 254 60.15 45.34 -123.05
N GLN YA 255 60.68 44.56 -122.11
CA GLN YA 255 62.07 44.17 -122.16
C GLN YA 255 62.37 43.33 -123.40
N LYS YA 256 61.46 42.42 -123.75
CA LYS YA 256 61.62 41.64 -124.97
C LYS YA 256 61.57 42.53 -126.20
N LEU YA 257 60.75 43.58 -126.18
CA LEU YA 257 60.65 44.46 -127.34
C LEU YA 257 61.89 45.34 -127.52
N THR YA 258 62.28 46.04 -126.46
CA THR YA 258 63.49 46.89 -126.53
C THR YA 258 64.71 46.02 -126.87
N GLN YA 259 64.55 44.70 -126.84
CA GLN YA 259 65.73 43.82 -127.04
C GLN YA 259 65.48 42.84 -128.18
N LEU YA 260 65.87 43.20 -129.40
CA LEU YA 260 65.73 42.27 -130.56
C LEU YA 260 66.50 42.85 -131.76
N MET ZA 1 46.59 28.81 -130.02
CA MET ZA 1 47.77 28.13 -130.60
C MET ZA 1 47.99 26.80 -129.87
N ILE ZA 2 48.53 26.85 -128.65
CA ILE ZA 2 48.81 25.63 -127.85
C ILE ZA 2 47.58 25.37 -127.00
N SER ZA 3 46.95 24.22 -127.17
CA SER ZA 3 45.69 24.01 -126.41
C SER ZA 3 46.02 23.78 -124.95
N SER ZA 4 47.30 23.67 -124.57
CA SER ZA 4 47.61 23.32 -123.16
C SER ZA 4 46.99 24.33 -122.20
N LEU ZA 5 47.38 25.58 -122.34
CA LEU ZA 5 46.87 26.63 -121.42
C LEU ZA 5 45.35 26.55 -121.38
N TRP ZA 6 44.72 26.45 -122.54
CA TRP ZA 6 43.24 26.47 -122.55
C TRP ZA 6 42.71 25.29 -121.74
N ILE ZA 7 43.07 24.07 -122.12
CA ILE ZA 7 42.60 22.86 -121.38
C ILE ZA 7 42.74 23.18 -119.89
N ALA ZA 8 43.90 23.67 -119.47
CA ALA ZA 8 44.05 23.89 -118.02
C ALA ZA 8 43.02 24.95 -117.58
N LYS ZA 9 42.99 26.09 -118.26
CA LYS ZA 9 42.07 27.15 -117.85
C LYS ZA 9 40.67 26.61 -117.60
N THR ZA 10 40.20 25.70 -118.47
CA THR ZA 10 38.92 25.06 -118.22
C THR ZA 10 38.95 24.24 -116.95
N GLY ZA 11 40.06 23.58 -116.66
CA GLY ZA 11 40.21 22.88 -115.39
C GLY ZA 11 40.08 23.82 -114.19
N LEU ZA 12 40.78 24.95 -114.26
CA LEU ZA 12 40.70 25.95 -113.20
C LEU ZA 12 39.26 26.46 -113.03
N ASP ZA 13 38.56 26.69 -114.13
CA ASP ZA 13 37.21 27.30 -113.99
C ASP ZA 13 36.21 26.26 -113.47
N ALA ZA 14 36.35 25.03 -113.92
CA ALA ZA 14 35.47 23.98 -113.39
C ALA ZA 14 35.71 23.89 -111.89
N GLN ZA 15 36.98 23.85 -111.48
CA GLN ZA 15 37.23 23.67 -110.04
C GLN ZA 15 36.82 24.96 -109.35
N GLN ZA 16 36.92 26.10 -110.02
CA GLN ZA 16 36.42 27.34 -109.37
C GLN ZA 16 34.93 27.16 -109.05
N THR ZA 17 34.12 26.70 -110.00
CA THR ZA 17 32.70 26.44 -109.69
C THR ZA 17 32.59 25.42 -108.57
N ASN ZA 18 33.27 24.29 -108.69
CA ASN ZA 18 33.13 23.21 -107.69
C ASN ZA 18 33.37 23.82 -106.31
N MET ZA 19 33.94 25.01 -106.28
CA MET ZA 19 34.17 25.66 -104.99
C MET ZA 19 33.07 26.68 -104.69
N ASP ZA 20 32.55 27.37 -105.72
CA ASP ZA 20 31.42 28.27 -105.48
C ASP ZA 20 30.19 27.49 -105.04
N VAL ZA 21 29.93 26.33 -105.65
CA VAL ZA 21 28.82 25.51 -105.20
C VAL ZA 21 29.04 25.07 -103.75
N ILE ZA 22 30.27 24.71 -103.41
CA ILE ZA 22 30.59 24.32 -102.04
C ILE ZA 22 30.31 25.46 -101.07
N ALA ZA 23 30.77 26.66 -101.41
CA ALA ZA 23 30.59 27.82 -100.53
C ALA ZA 23 29.11 28.18 -100.40
N ASN ZA 24 28.35 28.04 -101.48
CA ASN ZA 24 26.91 28.25 -101.40
C ASN ZA 24 26.25 27.24 -100.47
N ASN ZA 25 26.68 25.98 -100.53
CA ASN ZA 25 26.15 24.98 -99.61
C ASN ZA 25 26.51 25.31 -98.16
N LEU ZA 26 27.75 25.73 -97.92
CA LEU ZA 26 28.20 25.99 -96.57
C LEU ZA 26 27.63 27.28 -95.99
N ALA ZA 27 27.27 28.23 -96.85
CA ALA ZA 27 26.65 29.46 -96.36
C ALA ZA 27 25.20 29.23 -95.93
N ASN ZA 28 24.52 28.30 -96.58
CA ASN ZA 28 23.11 28.03 -96.33
C ASN ZA 28 22.90 26.85 -95.39
N VAL ZA 29 23.85 26.59 -94.48
CA VAL ZA 29 23.66 25.53 -93.50
C VAL ZA 29 22.53 25.88 -92.54
N SER ZA 30 22.42 27.15 -92.17
CA SER ZA 30 21.44 27.60 -91.18
C SER ZA 30 20.09 27.95 -91.80
N THR ZA 31 19.96 27.93 -93.13
CA THR ZA 31 18.67 28.16 -93.75
C THR ZA 31 17.74 26.98 -93.52
N ASN ZA 32 16.44 27.23 -93.62
CA ASN ZA 32 15.43 26.20 -93.38
C ASN ZA 32 14.88 25.71 -94.71
N GLY ZA 33 14.85 24.39 -94.88
CA GLY ZA 33 14.36 23.79 -96.10
C GLY ZA 33 15.22 24.08 -97.32
N PHE ZA 34 16.54 23.98 -97.15
CA PHE ZA 34 17.49 24.20 -98.22
C PHE ZA 34 18.01 22.86 -98.71
N LYS ZA 35 18.08 22.69 -100.03
CA LYS ZA 35 18.60 21.46 -100.62
C LYS ZA 35 20.00 21.73 -101.18
N ARG ZA 36 20.93 20.84 -100.83
CA ARG ZA 36 22.35 21.00 -101.23
C ARG ZA 36 22.52 20.86 -102.73
N GLN ZA 37 23.41 21.66 -103.31
CA GLN ZA 37 23.69 21.56 -104.72
C GLN ZA 37 24.96 20.76 -104.96
N ARG ZA 38 24.99 20.02 -106.07
CA ARG ZA 38 26.18 19.28 -106.48
C ARG ZA 38 26.38 19.48 -107.98
N ALA ZA 39 27.60 19.85 -108.36
CA ALA ZA 39 27.91 20.15 -109.74
C ALA ZA 39 28.41 18.91 -110.46
N VAL ZA 40 27.96 18.72 -111.71
CA VAL ZA 40 28.35 17.59 -112.54
C VAL ZA 40 29.14 18.13 -113.73
N PHE ZA 41 30.36 17.66 -113.90
CA PHE ZA 41 31.25 18.12 -114.94
C PHE ZA 41 31.30 17.13 -116.09
N GLU ZA 42 31.54 17.64 -117.29
CA GLU ZA 42 31.57 16.84 -118.51
C GLU ZA 42 32.62 17.40 -119.45
N ASP ZA 43 33.46 16.52 -120.00
CA ASP ZA 43 34.55 16.95 -120.86
C ASP ZA 43 34.03 17.46 -122.20
N LEU ZA 44 34.82 18.30 -122.84
CA LEU ZA 44 34.45 18.93 -124.10
C LEU ZA 44 34.63 17.94 -125.25
N LEU ZA 45 34.35 18.40 -126.47
CA LEU ZA 45 34.40 17.53 -127.64
C LEU ZA 45 35.85 17.16 -127.95
N TYR ZA 46 36.04 15.95 -128.47
CA TYR ZA 46 37.37 15.42 -128.71
C TYR ZA 46 37.76 15.61 -130.18
N GLN ZA 47 38.96 16.13 -130.41
CA GLN ZA 47 39.49 16.25 -131.76
C GLN ZA 47 40.12 14.92 -132.15
N THR ZA 48 40.09 14.60 -133.44
CA THR ZA 48 40.55 13.31 -133.93
C THR ZA 48 41.68 13.51 -134.93
N ILE ZA 49 42.59 12.54 -134.99
CA ILE ZA 49 43.68 12.51 -135.96
C ILE ZA 49 43.65 11.13 -136.60
N ARG ZA 50 43.60 11.12 -137.94
CA ARG ZA 50 43.55 9.85 -138.70
C ARG ZA 50 44.92 9.54 -139.27
N GLN ZA 51 45.24 8.26 -139.43
CA GLN ZA 51 46.59 7.84 -139.89
C GLN ZA 51 46.44 6.86 -141.03
N PRO ZA 52 47.15 7.04 -142.17
CA PRO ZA 52 46.94 6.18 -143.32
C PRO ZA 52 48.04 5.11 -143.44
N GLY ZA 65 41.58 6.83 -135.77
CA GLY ZA 65 42.91 7.18 -135.33
C GLY ZA 65 42.98 7.47 -133.84
N LEU ZA 66 43.74 8.49 -133.46
CA LEU ZA 66 43.85 8.87 -132.06
C LEU ZA 66 42.96 10.08 -131.77
N GLN ZA 67 42.67 10.27 -130.48
CA GLN ZA 67 41.75 11.34 -130.08
C GLN ZA 67 42.42 12.17 -128.99
N ILE ZA 68 42.43 13.48 -129.18
CA ILE ZA 68 42.97 14.42 -128.20
C ILE ZA 68 41.83 15.23 -127.60
N GLY ZA 69 41.86 15.37 -126.28
CA GLY ZA 69 40.80 16.07 -125.57
C GLY ZA 69 40.93 17.58 -125.67
N THR ZA 70 39.97 18.26 -125.03
CA THR ZA 70 39.94 19.72 -125.05
C THR ZA 70 39.71 20.35 -123.69
N GLY ZA 71 39.26 19.61 -122.68
CA GLY ZA 71 39.05 20.18 -121.37
C GLY ZA 71 37.81 19.62 -120.70
N VAL ZA 72 37.18 20.47 -119.89
CA VAL ZA 72 36.03 20.08 -119.09
C VAL ZA 72 35.12 21.29 -118.93
N ARG ZA 73 33.81 21.04 -118.84
CA ARG ZA 73 32.84 22.11 -118.62
C ARG ZA 73 31.84 21.67 -117.56
N PRO ZA 74 31.32 22.60 -116.76
CA PRO ZA 74 30.18 22.26 -115.90
C PRO ZA 74 28.88 22.34 -116.69
N VAL ZA 75 28.05 21.31 -116.54
CA VAL ZA 75 26.82 21.22 -117.32
C VAL ZA 75 25.62 21.65 -116.48
N ALA ZA 76 25.37 20.93 -115.39
CA ALA ZA 76 24.17 21.16 -114.61
C ALA ZA 76 24.42 20.80 -113.15
N THR ZA 77 23.98 21.68 -112.24
CA THR ZA 77 24.01 21.37 -110.82
C THR ZA 77 22.69 20.75 -110.41
N GLU ZA 78 22.75 19.60 -109.74
CA GLU ZA 78 21.57 18.92 -109.24
C GLU ZA 78 21.47 19.12 -107.73
N ARG ZA 79 20.28 19.45 -107.26
CA ARG ZA 79 20.01 19.59 -105.84
C ARG ZA 79 19.30 18.35 -105.31
N LEU ZA 80 19.72 17.92 -104.13
CA LEU ZA 80 19.22 16.68 -103.54
C LEU ZA 80 17.95 16.96 -102.75
N HIS ZA 81 16.82 16.46 -103.24
CA HIS ZA 81 15.54 16.64 -102.57
C HIS ZA 81 15.33 15.49 -101.59
N SER ZA 82 16.16 15.48 -100.56
CA SER ZA 82 16.04 14.53 -99.46
C SER ZA 82 15.52 15.25 -98.23
N GLN ZA 83 14.72 14.54 -97.44
CA GLN ZA 83 14.10 15.15 -96.26
C GLN ZA 83 15.18 15.51 -95.25
N GLY ZA 84 15.21 16.78 -94.86
CA GLY ZA 84 16.14 17.23 -93.85
C GLY ZA 84 15.65 16.92 -92.45
N ASN ZA 85 16.52 17.14 -91.48
CA ASN ZA 85 16.17 16.90 -90.10
C ASN ZA 85 15.21 17.97 -89.59
N LEU ZA 86 14.55 17.66 -88.48
CA LEU ZA 86 13.49 18.51 -87.95
C LEU ZA 86 14.01 19.33 -86.78
N SER ZA 87 13.61 20.59 -86.70
CA SER ZA 87 13.95 21.44 -85.58
C SER ZA 87 12.68 22.04 -84.99
N GLN ZA 88 12.67 22.18 -83.67
CA GLN ZA 88 11.48 22.55 -82.90
C GLN ZA 88 11.50 24.04 -82.61
N THR ZA 89 10.45 24.74 -83.02
CA THR ZA 89 10.20 26.12 -82.66
C THR ZA 89 8.84 26.16 -81.96
N ASN ZA 90 8.78 26.79 -80.79
CA ASN ZA 90 7.54 26.83 -80.03
C ASN ZA 90 6.46 27.60 -80.76
N ASN ZA 91 6.85 28.36 -81.80
CA ASN ZA 91 5.91 29.07 -82.65
C ASN ZA 91 4.89 28.13 -83.25
N SER ZA 92 3.62 28.49 -83.14
CA SER ZA 92 2.53 27.66 -83.64
C SER ZA 92 2.25 27.87 -85.12
N LYS ZA 93 2.93 28.81 -85.77
CA LYS ZA 93 2.72 29.08 -87.19
C LYS ZA 93 3.70 28.34 -88.09
N ASP ZA 94 4.66 27.62 -87.53
CA ASP ZA 94 5.66 26.92 -88.32
C ASP ZA 94 5.19 25.50 -88.61
N VAL ZA 95 5.29 25.09 -89.87
CA VAL ZA 95 4.88 23.75 -90.30
C VAL ZA 95 6.00 23.15 -91.14
N ALA ZA 96 6.21 21.85 -90.98
CA ALA ZA 96 7.22 21.11 -91.73
C ALA ZA 96 6.57 19.92 -92.43
N ILE ZA 97 7.13 19.57 -93.59
CA ILE ZA 97 6.47 18.54 -94.42
C ILE ZA 97 7.23 17.21 -94.29
N LYS ZA 98 6.57 16.16 -93.82
CA LYS ZA 98 7.20 14.83 -93.79
C LYS ZA 98 6.96 14.19 -95.16
N GLY ZA 99 7.76 14.57 -96.15
CA GLY ZA 99 7.61 13.91 -97.46
C GLY ZA 99 7.77 14.88 -98.60
N GLN ZA 100 7.16 14.56 -99.74
CA GLN ZA 100 7.36 15.38 -100.95
C GLN ZA 100 6.29 16.45 -101.01
N GLY ZA 101 6.66 17.66 -101.40
CA GLY ZA 101 5.62 18.67 -101.57
C GLY ZA 101 6.17 20.08 -101.50
N PHE ZA 102 5.38 21.04 -101.96
CA PHE ZA 102 5.78 22.44 -101.95
C PHE ZA 102 4.60 23.33 -101.60
N PHE ZA 103 4.84 24.26 -100.68
CA PHE ZA 103 3.89 25.31 -100.38
C PHE ZA 103 3.81 26.28 -101.55
N GLN ZA 104 2.59 26.65 -101.92
CA GLN ZA 104 2.35 27.58 -103.01
C GLN ZA 104 2.25 29.00 -102.45
N VAL ZA 105 2.91 29.94 -103.11
CA VAL ZA 105 2.99 31.32 -102.66
C VAL ZA 105 2.74 32.24 -103.86
N MET ZA 106 2.01 33.32 -103.61
CA MET ZA 106 1.68 34.28 -104.65
C MET ZA 106 2.64 35.47 -104.58
N LEU ZA 107 3.41 35.64 -105.64
CA LEU ZA 107 4.35 36.75 -105.78
C LEU ZA 107 3.59 38.05 -106.04
N PRO ZA 108 4.22 39.21 -105.77
CA PRO ZA 108 3.53 40.48 -106.03
C PRO ZA 108 3.13 40.67 -107.48
N ASP ZA 109 3.89 40.15 -108.44
CA ASP ZA 109 3.51 40.29 -109.85
C ASP ZA 109 2.35 39.37 -110.23
N GLY ZA 110 1.98 38.45 -109.35
CA GLY ZA 110 0.85 37.58 -109.58
C GLY ZA 110 1.19 36.14 -109.94
N THR ZA 111 2.43 35.85 -110.26
CA THR ZA 111 2.83 34.49 -110.61
C THR ZA 111 3.05 33.68 -109.33
N SER ZA 112 2.95 32.36 -109.45
CA SER ZA 112 3.02 31.48 -108.30
C SER ZA 112 4.42 30.88 -108.17
N ALA ZA 113 4.97 30.94 -106.97
CA ALA ZA 113 6.23 30.30 -106.61
C ALA ZA 113 5.97 29.19 -105.62
N TYR ZA 114 6.99 28.39 -105.36
CA TYR ZA 114 6.88 27.22 -104.51
C TYR ZA 114 8.05 27.19 -103.54
N THR ZA 115 7.74 26.96 -102.26
CA THR ZA 115 8.74 26.99 -101.20
C THR ZA 115 8.54 25.83 -100.25
N ARG ZA 116 9.63 25.39 -99.62
CA ARG ZA 116 9.57 24.41 -98.54
C ARG ZA 116 9.83 25.03 -97.19
N ASP ZA 117 10.05 26.35 -97.12
CA ASP ZA 117 10.18 27.03 -95.85
C ASP ZA 117 8.81 27.18 -95.20
N GLY ZA 118 8.64 26.54 -94.05
CA GLY ZA 118 7.34 26.53 -93.40
C GLY ZA 118 7.18 27.56 -92.30
N SER ZA 119 8.04 28.57 -92.29
CA SER ZA 119 7.95 29.64 -91.30
C SER ZA 119 7.00 30.71 -91.83
N PHE ZA 120 5.80 30.75 -91.27
CA PHE ZA 120 4.75 31.66 -91.72
C PHE ZA 120 4.40 32.64 -90.60
N GLN ZA 121 3.92 33.83 -91.02
CA GLN ZA 121 3.52 34.86 -90.09
C GLN ZA 121 2.17 35.44 -90.52
N VAL ZA 122 1.42 35.94 -89.54
CA VAL ZA 122 0.16 36.60 -89.81
C VAL ZA 122 0.43 38.04 -90.18
N ASP ZA 123 -0.17 38.50 -91.28
CA ASP ZA 123 0.06 39.88 -91.69
C ASP ZA 123 -0.99 40.79 -91.02
N GLN ZA 124 -0.95 42.08 -91.32
CA GLN ZA 124 -1.79 43.05 -90.63
C GLN ZA 124 -3.27 42.92 -90.97
N ASN ZA 125 -3.63 42.15 -91.99
CA ASN ZA 125 -5.02 41.85 -92.30
C ASN ZA 125 -5.34 40.37 -92.07
N GLY ZA 126 -4.82 39.79 -90.99
CA GLY ZA 126 -4.87 38.36 -90.87
C GLY ZA 126 -3.85 37.73 -91.82
N GLN ZA 127 -4.24 36.64 -92.46
CA GLN ZA 127 -3.54 36.06 -93.60
C GLN ZA 127 -2.16 35.49 -93.25
N LEU ZA 128 -1.92 34.26 -93.69
CA LEU ZA 128 -0.61 33.63 -93.54
C LEU ZA 128 0.28 34.02 -94.71
N VAL ZA 129 1.45 34.57 -94.40
CA VAL ZA 129 2.40 35.00 -95.42
C VAL ZA 129 3.77 34.46 -95.04
N THR ZA 130 4.65 34.41 -96.03
CA THR ZA 130 6.04 34.03 -95.80
C THR ZA 130 6.75 35.16 -95.06
N ALA ZA 131 7.93 34.84 -94.53
CA ALA ZA 131 8.68 35.83 -93.77
C ALA ZA 131 9.07 37.04 -94.60
N GLY ZA 132 9.10 36.90 -95.92
CA GLY ZA 132 9.41 38.01 -96.80
C GLY ZA 132 8.19 38.84 -97.14
N GLY ZA 133 7.03 38.44 -96.64
CA GLY ZA 133 5.80 39.16 -96.88
C GLY ZA 133 4.94 38.64 -98.01
N PHE ZA 134 5.36 37.53 -98.65
CA PHE ZA 134 4.61 36.95 -99.81
C PHE ZA 134 3.49 36.05 -99.30
N GLN ZA 135 2.26 36.20 -99.82
CA GLN ZA 135 1.07 35.46 -99.28
C GLN ZA 135 1.07 33.98 -99.64
N VAL ZA 136 0.42 33.13 -98.83
CA VAL ZA 136 0.70 31.68 -98.94
C VAL ZA 136 -0.47 30.97 -99.64
N GLN ZA 137 -0.83 31.41 -100.85
CA GLN ZA 137 -2.01 30.83 -101.54
C GLN ZA 137 -1.89 29.31 -101.51
N PRO ZA 138 -2.81 28.53 -100.91
CA PRO ZA 138 -4.20 28.94 -100.75
C PRO ZA 138 -4.35 29.79 -99.49
N ALA ZA 139 -5.15 30.85 -99.59
CA ALA ZA 139 -5.10 31.96 -98.60
C ALA ZA 139 -5.76 31.53 -97.28
N ILE ZA 140 -5.39 32.16 -96.17
CA ILE ZA 140 -5.89 31.73 -94.83
C ILE ZA 140 -6.15 32.94 -93.92
N THR ZA 141 -7.40 33.40 -93.71
CA THR ZA 141 -7.45 34.64 -92.94
C THR ZA 141 -7.71 34.30 -91.47
N ILE ZA 142 -6.83 34.81 -90.60
CA ILE ZA 142 -6.92 34.52 -89.17
C ILE ZA 142 -7.70 35.63 -88.47
N PRO ZA 143 -8.76 35.29 -87.73
CA PRO ZA 143 -9.55 36.35 -87.07
C PRO ZA 143 -8.82 36.99 -85.90
N ALA ZA 144 -9.34 38.12 -85.43
CA ALA ZA 144 -8.70 38.89 -84.35
C ALA ZA 144 -8.83 38.18 -83.01
N ASN ZA 145 -9.99 37.60 -82.74
CA ASN ZA 145 -10.29 37.05 -81.43
C ASN ZA 145 -9.72 35.64 -81.27
N ALA ZA 146 -8.79 35.27 -82.14
CA ALA ZA 146 -8.21 33.94 -82.12
C ALA ZA 146 -7.45 33.70 -80.82
N LEU ZA 147 -7.68 32.55 -80.19
CA LEU ZA 147 -6.89 32.15 -79.03
C LEU ZA 147 -5.77 31.20 -79.40
N SER ZA 148 -5.94 30.44 -80.48
CA SER ZA 148 -4.92 29.50 -80.91
C SER ZA 148 -5.14 29.14 -82.38
N ILE ZA 149 -4.04 28.94 -83.11
CA ILE ZA 149 -4.08 28.48 -84.48
C ILE ZA 149 -3.60 27.04 -84.50
N THR ZA 150 -4.34 26.16 -85.19
CA THR ZA 150 -4.01 24.76 -85.28
C THR ZA 150 -3.92 24.36 -86.74
N ILE ZA 151 -2.76 23.88 -87.15
CA ILE ZA 151 -2.55 23.33 -88.49
C ILE ZA 151 -2.34 21.83 -88.35
N GLY ZA 152 -3.26 21.06 -88.94
CA GLY ZA 152 -3.31 19.64 -88.72
C GLY ZA 152 -2.52 18.84 -89.75
N ARG ZA 153 -2.62 17.52 -89.62
CA ARG ZA 153 -1.93 16.61 -90.52
C ARG ZA 153 -2.45 16.73 -91.94
N ASP ZA 154 -3.75 16.96 -92.10
CA ASP ZA 154 -4.37 17.06 -93.42
C ASP ZA 154 -4.54 18.55 -93.78
N GLY ZA 155 -3.53 19.36 -93.45
CA GLY ZA 155 -3.48 20.75 -93.84
C GLY ZA 155 -4.60 21.64 -93.31
N VAL ZA 156 -5.55 21.10 -92.56
CA VAL ZA 156 -6.68 21.88 -92.09
C VAL ZA 156 -6.20 22.87 -91.04
N VAL ZA 157 -6.56 24.14 -91.22
CA VAL ZA 157 -6.19 25.20 -90.28
C VAL ZA 157 -7.43 25.57 -89.49
N SER ZA 158 -7.54 25.03 -88.28
CA SER ZA 158 -8.65 25.33 -87.39
C SER ZA 158 -8.19 26.29 -86.30
N VAL ZA 159 -9.05 27.26 -86.01
CA VAL ZA 159 -8.76 28.35 -85.09
C VAL ZA 159 -9.74 28.29 -83.93
N THR ZA 160 -9.22 28.39 -82.72
CA THR ZA 160 -10.03 28.35 -81.51
C THR ZA 160 -10.49 29.75 -81.15
N GLN ZA 161 -11.77 29.88 -80.82
CA GLN ZA 161 -12.36 31.13 -80.38
C GLN ZA 161 -12.79 31.03 -78.91
N GLN ZA 162 -12.62 32.13 -78.19
CA GLN ZA 162 -12.96 32.14 -76.78
C GLN ZA 162 -14.46 31.95 -76.59
N GLY ZA 163 -14.81 31.08 -75.63
CA GLY ZA 163 -16.21 30.80 -75.35
C GLY ZA 163 -16.78 29.70 -76.22
N GLN ZA 164 -16.32 29.64 -77.48
CA GLN ZA 164 -16.78 28.60 -78.40
C GLN ZA 164 -16.16 27.27 -78.03
N ALA ZA 165 -16.98 26.24 -77.91
CA ALA ZA 165 -16.50 24.93 -77.49
C ALA ZA 165 -15.99 24.11 -78.67
N ALA ZA 166 -16.05 24.68 -79.88
CA ALA ZA 166 -15.58 23.99 -81.06
C ALA ZA 166 -14.72 24.92 -81.91
N PRO ZA 167 -13.66 24.41 -82.52
CA PRO ZA 167 -12.84 25.26 -83.39
C PRO ZA 167 -13.54 25.52 -84.72
N VAL ZA 168 -13.17 26.63 -85.35
CA VAL ZA 168 -13.76 27.05 -86.61
C VAL ZA 168 -12.77 26.78 -87.73
N GLN ZA 169 -13.21 26.04 -88.75
CA GLN ZA 169 -12.38 25.75 -89.91
C GLN ZA 169 -12.25 26.99 -90.78
N VAL ZA 170 -11.03 27.30 -91.19
CA VAL ZA 170 -10.74 28.48 -92.00
C VAL ZA 170 -10.23 28.09 -93.38
N GLY ZA 171 -9.14 27.33 -93.45
CA GLY ZA 171 -8.56 27.02 -94.74
C GLY ZA 171 -7.81 25.71 -94.81
N GLN ZA 172 -7.77 25.12 -95.99
CA GLN ZA 172 -7.04 23.88 -96.21
C GLN ZA 172 -5.72 24.17 -96.92
N LEU ZA 173 -4.62 23.81 -96.28
CA LEU ZA 173 -3.29 24.01 -96.87
C LEU ZA 173 -3.03 22.90 -97.88
N ASN ZA 174 -3.00 23.25 -99.16
CA ASN ZA 174 -2.79 22.27 -100.22
C ASN ZA 174 -1.34 22.26 -100.64
N LEU ZA 175 -0.78 21.06 -100.81
CA LEU ZA 175 0.62 20.89 -101.17
C LEU ZA 175 0.72 20.62 -102.67
N THR ZA 176 1.72 21.21 -103.31
CA THR ZA 176 1.94 21.01 -104.73
C THR ZA 176 3.08 20.03 -104.94
N THR ZA 177 2.82 18.97 -105.69
CA THR ZA 177 3.81 17.97 -106.04
C THR ZA 177 4.12 18.11 -107.53
N PHE ZA 178 5.41 18.13 -107.85
CA PHE ZA 178 5.87 18.20 -109.23
C PHE ZA 178 6.27 16.82 -109.73
N MET ZA 179 6.32 16.67 -111.05
CA MET ZA 179 6.66 15.38 -111.63
C MET ZA 179 8.12 15.06 -111.36
N ASN ZA 180 9.00 16.06 -111.48
CA ASN ZA 180 10.36 15.98 -110.98
C ASN ZA 180 10.65 17.28 -110.24
N ASP ZA 181 11.26 17.16 -109.05
CA ASP ZA 181 11.50 18.34 -108.22
C ASP ZA 181 12.78 19.07 -108.60
N THR ZA 182 13.76 18.37 -109.19
CA THR ZA 182 15.03 19.01 -109.51
C THR ZA 182 14.92 20.00 -110.66
N GLY ZA 183 13.89 19.90 -111.49
CA GLY ZA 183 13.77 20.79 -112.63
C GLY ZA 183 13.29 22.19 -112.33
N LEU ZA 184 12.80 22.45 -111.12
CA LEU ZA 184 12.35 23.78 -110.74
C LEU ZA 184 13.50 24.76 -110.75
N GLU ZA 185 13.20 26.02 -111.08
CA GLU ZA 185 14.22 27.05 -111.12
C GLU ZA 185 14.18 27.88 -109.84
N SER ZA 186 15.28 27.90 -109.11
CA SER ZA 186 15.37 28.66 -107.86
C SER ZA 186 15.41 30.14 -108.21
N ILE ZA 187 14.31 30.86 -107.94
CA ILE ZA 187 14.23 32.26 -108.35
C ILE ZA 187 15.07 33.18 -107.47
N GLY ZA 188 15.45 32.72 -106.27
CA GLY ZA 188 16.09 33.61 -105.33
C GLY ZA 188 15.70 33.38 -103.89
N GLU ZA 189 14.76 34.17 -103.39
CA GLU ZA 189 14.47 34.22 -101.96
C GLU ZA 189 13.68 33.01 -101.47
N ASN ZA 190 14.33 31.86 -101.39
CA ASN ZA 190 13.72 30.62 -100.88
C ASN ZA 190 12.46 30.24 -101.65
N LEU ZA 191 12.46 30.48 -102.96
CA LEU ZA 191 11.31 30.18 -103.80
C LEU ZA 191 11.75 29.51 -105.09
N TYR ZA 192 10.88 28.64 -105.60
CA TYR ZA 192 11.10 27.95 -106.87
C TYR ZA 192 10.00 28.35 -107.85
N ILE ZA 193 10.35 28.37 -109.13
CA ILE ZA 193 9.41 28.59 -110.21
C ILE ZA 193 9.30 27.31 -111.02
N GLU ZA 194 8.07 26.98 -111.41
CA GLU ZA 194 7.83 25.90 -112.35
C GLU ZA 194 8.56 26.15 -113.65
N THR ZA 195 9.16 25.11 -114.21
CA THR ZA 195 9.96 25.18 -115.41
C THR ZA 195 9.48 24.10 -116.38
N GLN ZA 196 9.73 24.31 -117.68
CA GLN ZA 196 9.25 23.38 -118.69
C GLN ZA 196 9.73 21.96 -118.46
N SER ZA 197 10.85 21.78 -117.76
CA SER ZA 197 11.32 20.45 -117.39
C SER ZA 197 10.66 19.93 -116.11
N SER ZA 198 9.85 20.73 -115.44
CA SER ZA 198 9.16 20.31 -114.24
C SER ZA 198 7.71 20.78 -114.23
N GLY ZA 199 7.08 20.78 -115.41
CA GLY ZA 199 5.77 21.39 -115.54
C GLY ZA 199 4.67 20.59 -114.87
N ALA ZA 200 3.44 21.10 -115.02
CA ALA ZA 200 2.22 20.49 -114.52
C ALA ZA 200 2.26 20.34 -113.00
N PRO ZA 201 2.15 21.44 -112.24
CA PRO ZA 201 2.13 21.35 -110.78
C PRO ZA 201 0.83 20.70 -110.29
N ASN ZA 202 0.96 19.54 -109.66
CA ASN ZA 202 -0.21 18.80 -109.19
C ASN ZA 202 -0.52 19.25 -107.76
N GLU ZA 203 -1.57 20.04 -107.60
CA GLU ZA 203 -2.00 20.45 -106.27
C GLU ZA 203 -2.90 19.38 -105.67
N SER ZA 204 -2.64 19.05 -104.40
CA SER ZA 204 -3.39 17.99 -103.74
C SER ZA 204 -3.49 18.29 -102.24
N THR ZA 205 -4.38 17.57 -101.58
CA THR ZA 205 -4.45 17.63 -100.13
C THR ZA 205 -3.25 16.92 -99.53
N PRO ZA 206 -2.72 17.39 -98.40
CA PRO ZA 206 -1.55 16.74 -97.80
C PRO ZA 206 -1.91 15.36 -97.27
N GLY ZA 207 -1.06 14.39 -97.60
CA GLY ZA 207 -1.28 13.02 -97.12
C GLY ZA 207 -2.26 12.28 -98.01
N LEU ZA 208 -2.41 12.73 -99.25
CA LEU ZA 208 -3.46 12.08 -100.10
C LEU ZA 208 -2.82 11.38 -101.29
N ASN ZA 209 -2.07 12.10 -102.13
CA ASN ZA 209 -1.54 11.37 -103.31
C ASN ZA 209 -0.05 11.65 -103.43
N GLY ZA 210 0.77 10.92 -102.68
CA GLY ZA 210 2.24 11.06 -102.81
C GLY ZA 210 2.73 12.32 -102.15
N ALA ZA 211 1.82 13.11 -101.61
CA ALA ZA 211 2.19 14.39 -100.98
C ALA ZA 211 2.70 14.11 -99.57
N GLY ZA 212 2.93 15.16 -98.80
CA GLY ZA 212 3.51 14.98 -97.47
C GLY ZA 212 2.54 15.35 -96.36
N LEU ZA 213 2.90 14.97 -95.15
CA LEU ZA 213 2.14 15.33 -93.97
C LEU ZA 213 2.76 16.54 -93.29
N LEU ZA 214 1.93 17.33 -92.62
CA LEU ZA 214 2.40 18.58 -92.02
C LEU ZA 214 2.47 18.47 -90.50
N TYR ZA 215 3.62 18.84 -89.95
CA TYR ZA 215 3.83 18.90 -88.52
C TYR ZA 215 3.88 20.36 -88.09
N GLN ZA 216 3.00 20.73 -87.16
CA GLN ZA 216 2.91 22.10 -86.68
C GLN ZA 216 3.93 22.31 -85.57
N GLY ZA 217 4.57 23.49 -85.56
CA GLY ZA 217 5.59 23.81 -84.60
C GLY ZA 217 6.97 23.30 -84.94
N TYR ZA 218 7.17 22.77 -86.14
CA TYR ZA 218 8.45 22.22 -86.57
C TYR ZA 218 8.85 22.82 -87.91
N VAL ZA 219 10.15 22.87 -88.15
CA VAL ZA 219 10.71 23.37 -89.40
C VAL ZA 219 11.76 22.40 -89.90
N GLU ZA 220 11.79 22.21 -91.21
CA GLU ZA 220 12.76 21.33 -91.85
C GLU ZA 220 14.09 22.07 -92.00
N THR ZA 221 15.16 21.47 -91.50
CA THR ZA 221 16.48 22.06 -91.57
C THR ZA 221 17.11 21.83 -92.94
N SER ZA 222 18.27 22.44 -93.15
CA SER ZA 222 18.96 22.33 -94.42
C SER ZA 222 19.46 20.90 -94.64
N ASN ZA 223 19.58 20.54 -95.92
CA ASN ZA 223 20.03 19.22 -96.33
C ASN ZA 223 21.55 19.11 -96.38
N VAL ZA 224 22.26 20.22 -96.18
CA VAL ZA 224 23.69 20.29 -96.40
C VAL ZA 224 24.45 19.37 -95.46
N ASN ZA 225 25.10 18.34 -96.02
CA ASN ZA 225 26.05 17.55 -95.26
C ASN ZA 225 27.32 18.35 -95.02
N VAL ZA 226 27.99 18.07 -93.91
CA VAL ZA 226 29.12 18.92 -93.51
C VAL ZA 226 30.47 18.31 -93.86
N ALA ZA 227 30.71 17.04 -93.51
CA ALA ZA 227 32.01 16.42 -93.80
C ALA ZA 227 32.25 16.33 -95.29
N GLU ZA 228 31.20 16.07 -96.08
CA GLU ZA 228 31.35 16.03 -97.53
C GLU ZA 228 31.90 17.34 -98.07
N GLU ZA 229 31.42 18.47 -97.58
CA GLU ZA 229 31.92 19.76 -98.04
C GLU ZA 229 33.38 19.97 -97.67
N LEU ZA 230 33.80 19.55 -96.47
CA LEU ZA 230 35.21 19.69 -96.09
C LEU ZA 230 36.11 18.84 -96.99
N VAL ZA 231 35.74 17.58 -97.21
CA VAL ZA 231 36.54 16.72 -98.07
C VAL ZA 231 36.57 17.26 -99.50
N ASN ZA 232 35.43 17.74 -99.98
CA ASN ZA 232 35.36 18.29 -101.33
C ASN ZA 232 36.17 19.57 -101.45
N MET ZA 233 36.23 20.37 -100.39
CA MET ZA 233 37.09 21.55 -100.40
C MET ZA 233 38.56 21.16 -100.49
N ILE ZA 234 38.96 20.13 -99.73
CA ILE ZA 234 40.33 19.64 -99.84
C ILE ZA 234 40.64 19.22 -101.27
N GLN ZA 235 39.74 18.43 -101.87
CA GLN ZA 235 39.94 17.96 -103.24
C GLN ZA 235 39.98 19.10 -104.24
N VAL ZA 236 39.09 20.08 -104.10
CA VAL ZA 236 39.05 21.22 -105.01
C VAL ZA 236 40.33 22.03 -104.91
N GLN ZA 237 40.80 22.30 -103.68
CA GLN ZA 237 42.03 23.05 -103.52
C GLN ZA 237 43.21 22.35 -104.16
N ARG ZA 238 43.35 21.04 -103.92
CA ARG ZA 238 44.48 20.32 -104.50
C ARG ZA 238 44.39 20.23 -106.01
N ALA ZA 239 43.20 19.98 -106.56
CA ALA ZA 239 43.06 19.94 -108.02
C ALA ZA 239 43.33 21.29 -108.65
N TYR ZA 240 42.88 22.38 -108.01
CA TYR ZA 240 43.18 23.72 -108.50
C TYR ZA 240 44.68 23.98 -108.52
N GLU ZA 241 45.39 23.57 -107.46
CA GLU ZA 241 46.84 23.74 -107.45
C GLU ZA 241 47.52 22.91 -108.53
N ILE ZA 242 47.03 21.70 -108.77
CA ILE ZA 242 47.59 20.87 -109.84
C ILE ZA 242 47.39 21.53 -111.20
N ASN ZA 243 46.19 22.07 -111.45
CA ASN ZA 243 45.95 22.75 -112.72
C ASN ZA 243 46.81 24.00 -112.85
N SER ZA 244 47.03 24.73 -111.76
CA SER ZA 244 47.95 25.85 -111.79
C SER ZA 244 49.37 25.41 -112.15
N LYS ZA 245 49.81 24.27 -111.61
CA LYS ZA 245 51.11 23.72 -112.00
C LYS ZA 245 51.16 23.39 -113.48
N ALA ZA 246 50.08 22.82 -114.03
CA ALA ZA 246 50.03 22.55 -115.47
C ALA ZA 246 50.14 23.84 -116.28
N VAL ZA 247 49.44 24.89 -115.85
CA VAL ZA 247 49.55 26.19 -116.51
C VAL ZA 247 50.99 26.67 -116.50
N SER ZA 248 51.64 26.59 -115.33
CA SER ZA 248 53.01 27.07 -115.20
C SER ZA 248 53.97 26.30 -116.10
N THR ZA 249 53.82 24.97 -116.16
CA THR ZA 249 54.70 24.17 -117.01
C THR ZA 249 54.50 24.49 -118.49
N THR ZA 250 53.24 24.65 -118.92
CA THR ZA 250 52.99 25.03 -120.31
C THR ZA 250 53.59 26.39 -120.62
N ASP ZA 251 53.46 27.33 -119.69
CA ASP ZA 251 54.05 28.66 -119.86
C ASP ZA 251 55.56 28.57 -119.99
N GLN ZA 252 56.20 27.73 -119.16
CA GLN ZA 252 57.65 27.59 -119.22
C GLN ZA 252 58.08 26.97 -120.56
N MET ZA 253 57.34 25.97 -121.04
CA MET ZA 253 57.68 25.37 -122.33
C MET ZA 253 57.57 26.40 -123.46
N LEU ZA 254 56.49 27.21 -123.44
CA LEU ZA 254 56.37 28.26 -124.44
C LEU ZA 254 57.49 29.29 -124.32
N GLN ZA 255 57.87 29.66 -123.10
CA GLN ZA 255 58.96 30.60 -122.91
C GLN ZA 255 60.26 30.08 -123.50
N LYS ZA 256 60.54 28.79 -123.29
CA LYS ZA 256 61.71 28.20 -123.92
C LYS ZA 256 61.60 28.22 -125.43
N LEU ZA 257 60.40 27.93 -125.96
CA LEU ZA 257 60.22 27.95 -127.42
C LEU ZA 257 60.50 29.32 -128.03
N THR ZA 258 59.88 30.39 -127.50
CA THR ZA 258 60.01 31.69 -128.14
C THR ZA 258 61.40 32.29 -127.97
N GLN ZA 259 62.07 31.99 -126.87
CA GLN ZA 259 63.43 32.49 -126.70
C GLN ZA 259 64.41 31.87 -127.68
N LEU ZA 260 64.02 30.81 -128.36
CA LEU ZA 260 64.85 30.17 -129.38
C LEU ZA 260 64.82 30.96 -130.69
N MET AB 1 64.01 8.87 -120.84
CA MET AB 1 65.46 9.18 -120.96
C MET AB 1 66.14 8.95 -119.61
N ILE AB 2 65.84 9.79 -118.61
CA ILE AB 2 66.46 9.67 -117.26
C ILE AB 2 65.72 8.56 -116.50
N SER AB 3 66.44 7.76 -115.70
CA SER AB 3 65.72 6.63 -115.07
C SER AB 3 65.54 6.94 -113.59
N SER AB 4 65.95 8.12 -113.14
CA SER AB 4 65.67 8.55 -111.78
C SER AB 4 64.22 8.99 -111.61
N LEU AB 5 63.68 9.71 -112.59
CA LEU AB 5 62.29 10.14 -112.51
C LEU AB 5 61.35 8.95 -112.45
N TRP AB 6 61.57 7.95 -113.31
CA TRP AB 6 60.69 6.79 -113.33
C TRP AB 6 61.00 5.79 -112.22
N ILE AB 7 62.08 6.00 -111.47
CA ILE AB 7 62.29 5.23 -110.25
C ILE AB 7 61.53 5.85 -109.09
N ALA AB 8 61.68 7.17 -108.91
CA ALA AB 8 60.94 7.85 -107.86
C ALA AB 8 59.44 7.83 -108.13
N LYS AB 9 59.04 7.75 -109.40
CA LYS AB 9 57.61 7.61 -109.70
C LYS AB 9 57.07 6.27 -109.20
N THR AB 10 57.83 5.19 -109.40
CA THR AB 10 57.43 3.91 -108.84
C THR AB 10 57.42 3.93 -107.33
N GLY AB 11 58.36 4.64 -106.71
CA GLY AB 11 58.34 4.82 -105.27
C GLY AB 11 57.07 5.50 -104.79
N LEU AB 12 56.69 6.59 -105.47
CA LEU AB 12 55.46 7.29 -105.13
C LEU AB 12 54.25 6.39 -105.32
N ASP AB 13 54.23 5.61 -106.40
CA ASP AB 13 53.11 4.70 -106.64
C ASP AB 13 53.01 3.65 -105.54
N ALA AB 14 54.15 3.11 -105.10
CA ALA AB 14 54.14 2.13 -104.02
C ALA AB 14 53.61 2.74 -102.72
N GLN AB 15 54.06 3.96 -102.40
CA GLN AB 15 53.56 4.61 -101.19
C GLN AB 15 52.07 4.91 -101.30
N GLN AB 16 51.61 5.27 -102.51
CA GLN AB 16 50.18 5.50 -102.72
C GLN AB 16 49.38 4.21 -102.52
N THR AB 17 49.89 3.09 -103.03
CA THR AB 17 49.20 1.82 -102.82
C THR AB 17 49.14 1.47 -101.34
N ASN AB 18 50.24 1.71 -100.62
CA ASN AB 18 50.24 1.47 -99.18
C ASN AB 18 49.21 2.36 -98.48
N MET AB 19 49.09 3.62 -98.90
CA MET AB 19 48.12 4.52 -98.30
C MET AB 19 46.68 4.08 -98.60
N ASP AB 20 46.43 3.58 -99.81
CA ASP AB 20 45.10 3.06 -100.12
C ASP AB 20 44.77 1.85 -99.25
N VAL AB 21 45.73 0.95 -99.06
CA VAL AB 21 45.51 -0.19 -98.17
C VAL AB 21 45.21 0.29 -96.76
N ILE AB 22 45.97 1.28 -96.28
CA ILE AB 22 45.76 1.82 -94.95
C ILE AB 22 44.36 2.41 -94.80
N ALA AB 23 43.94 3.22 -95.78
CA ALA AB 23 42.64 3.86 -95.72
C ALA AB 23 41.51 2.83 -95.77
N ASN AB 24 41.64 1.81 -96.60
CA ASN AB 24 40.65 0.74 -96.63
C ASN AB 24 40.58 0.01 -95.29
N ASN AB 25 41.74 -0.26 -94.66
CA ASN AB 25 41.72 -0.90 -93.35
C ASN AB 25 41.05 -0.02 -92.30
N LEU AB 26 41.34 1.29 -92.33
CA LEU AB 26 40.80 2.20 -91.33
C LEU AB 26 39.30 2.43 -91.51
N ALA AB 27 38.82 2.42 -92.76
CA ALA AB 27 37.40 2.67 -92.99
C ALA AB 27 36.54 1.53 -92.50
N ASN AB 28 37.10 0.33 -92.34
CA ASN AB 28 36.37 -0.85 -91.93
C ASN AB 28 36.63 -1.23 -90.47
N VAL AB 29 36.87 -0.24 -89.61
CA VAL AB 29 37.07 -0.54 -88.19
C VAL AB 29 35.76 -0.98 -87.55
N SER AB 30 34.62 -0.62 -88.14
CA SER AB 30 33.32 -0.97 -87.61
C SER AB 30 32.68 -2.16 -88.34
N THR AB 31 33.26 -2.62 -89.44
CA THR AB 31 32.73 -3.79 -90.13
C THR AB 31 32.98 -5.04 -89.31
N ASN AB 32 31.98 -5.92 -89.28
CA ASN AB 32 32.08 -7.17 -88.53
C ASN AB 32 32.54 -8.28 -89.47
N GLY AB 33 33.52 -9.05 -89.02
CA GLY AB 33 34.08 -10.11 -89.84
C GLY AB 33 34.93 -9.58 -90.98
N PHE AB 34 35.70 -8.53 -90.71
CA PHE AB 34 36.58 -7.92 -91.69
C PHE AB 34 38.02 -8.33 -91.41
N LYS AB 35 38.73 -8.77 -92.44
CA LYS AB 35 40.13 -9.15 -92.32
C LYS AB 35 41.00 -8.02 -92.85
N ARG AB 36 41.93 -7.54 -92.01
CA ARG AB 36 42.77 -6.42 -92.40
C ARG AB 36 43.74 -6.82 -93.50
N GLN AB 37 44.15 -5.83 -94.29
CA GLN AB 37 44.97 -6.09 -95.47
C GLN AB 37 46.38 -5.55 -95.27
N ARG AB 38 47.37 -6.25 -95.82
CA ARG AB 38 48.77 -5.83 -95.76
C ARG AB 38 49.34 -5.88 -97.17
N ALA AB 39 49.98 -4.78 -97.58
CA ALA AB 39 50.53 -4.66 -98.92
C ALA AB 39 52.01 -4.99 -98.91
N VAL AB 40 52.44 -5.82 -99.86
CA VAL AB 40 53.82 -6.28 -99.97
C VAL AB 40 54.45 -5.67 -101.21
N PHE AB 41 55.57 -4.97 -101.01
CA PHE AB 41 56.30 -4.33 -102.09
C PHE AB 41 57.65 -5.01 -102.28
N GLU AB 42 58.18 -4.94 -103.50
CA GLU AB 42 59.45 -5.60 -103.83
C GLU AB 42 60.00 -4.99 -105.13
N ASP AB 43 61.32 -4.96 -105.25
CA ASP AB 43 62.01 -4.19 -106.27
C ASP AB 43 61.75 -4.70 -107.68
N LEU AB 44 62.01 -3.84 -108.67
CA LEU AB 44 61.80 -4.18 -110.07
C LEU AB 44 63.05 -4.90 -110.61
N LEU AB 45 63.08 -5.12 -111.91
CA LEU AB 45 64.22 -5.80 -112.53
C LEU AB 45 65.47 -4.95 -112.41
N TYR AB 46 66.62 -5.62 -112.30
CA TYR AB 46 67.91 -4.94 -112.19
C TYR AB 46 68.67 -5.08 -113.50
N GLN AB 47 69.19 -3.95 -113.98
CA GLN AB 47 70.03 -3.94 -115.18
C GLN AB 47 71.48 -4.17 -114.74
N THR AB 48 72.25 -4.85 -115.58
CA THR AB 48 73.64 -5.17 -115.27
C THR AB 48 74.55 -4.57 -116.33
N ILE AB 49 75.64 -3.95 -115.88
CA ILE AB 49 76.65 -3.43 -116.80
C ILE AB 49 77.89 -4.30 -116.71
N ARG AB 50 78.36 -4.78 -117.86
CA ARG AB 50 79.39 -5.80 -117.93
C ARG AB 50 80.77 -5.14 -118.01
N GLN AB 51 81.63 -5.49 -117.05
CA GLN AB 51 82.99 -4.99 -116.94
C GLN AB 51 83.92 -5.72 -117.89
N PRO AB 52 85.02 -5.09 -118.30
CA PRO AB 52 85.99 -5.75 -119.17
C PRO AB 52 87.04 -6.54 -118.39
N GLY AB 65 79.44 -7.68 -113.16
CA GLY AB 65 79.91 -6.32 -112.95
C GLY AB 65 79.16 -5.60 -111.85
N LEU AB 66 78.44 -4.54 -112.24
CA LEU AB 66 77.65 -3.75 -111.29
C LEU AB 66 76.21 -3.70 -111.79
N GLN AB 67 75.31 -3.40 -110.86
CA GLN AB 67 73.87 -3.57 -111.11
C GLN AB 67 73.14 -2.30 -110.70
N ILE AB 68 72.24 -1.84 -111.57
CA ILE AB 68 71.44 -0.65 -111.31
C ILE AB 68 69.98 -1.06 -111.18
N GLY AB 69 69.30 -0.50 -110.16
CA GLY AB 69 67.91 -0.83 -109.94
C GLY AB 69 66.98 -0.10 -110.87
N THR AB 70 65.68 -0.41 -110.73
CA THR AB 70 64.65 0.17 -111.59
C THR AB 70 63.46 0.71 -110.82
N GLY AB 71 63.19 0.23 -109.60
CA GLY AB 71 62.12 0.76 -108.80
C GLY AB 71 61.49 -0.32 -107.95
N VAL AB 72 60.22 -0.11 -107.61
CA VAL AB 72 59.48 -0.99 -106.71
C VAL AB 72 58.04 -1.12 -107.21
N ARG AB 73 57.48 -2.32 -107.09
CA ARG AB 73 56.11 -2.57 -107.61
C ARG AB 73 55.26 -3.34 -106.60
N PRO AB 74 54.03 -2.89 -106.27
CA PRO AB 74 53.15 -3.68 -105.40
C PRO AB 74 52.85 -5.03 -106.03
N VAL AB 75 53.01 -6.10 -105.25
CA VAL AB 75 52.86 -7.46 -105.76
C VAL AB 75 51.57 -8.11 -105.28
N ALA AB 76 51.40 -8.21 -103.97
CA ALA AB 76 50.28 -8.96 -103.43
C ALA AB 76 49.82 -8.36 -102.12
N THR AB 77 48.51 -8.19 -101.99
CA THR AB 77 47.92 -7.75 -100.73
C THR AB 77 47.33 -8.96 -100.03
N GLU AB 78 47.86 -9.25 -98.84
CA GLU AB 78 47.42 -10.45 -98.10
C GLU AB 78 46.50 -10.06 -96.93
N ARG AB 79 45.42 -10.81 -96.73
CA ARG AB 79 44.48 -10.60 -95.65
C ARG AB 79 44.84 -11.49 -94.47
N LEU AB 80 44.83 -10.89 -93.28
CA LEU AB 80 45.22 -11.58 -92.06
C LEU AB 80 44.01 -12.27 -91.46
N HIS AB 81 44.03 -13.61 -91.43
CA HIS AB 81 42.93 -14.40 -90.85
C HIS AB 81 43.30 -14.74 -89.42
N SER AB 82 43.35 -13.71 -88.58
CA SER AB 82 43.45 -13.88 -87.14
C SER AB 82 42.08 -13.58 -86.52
N GLN AB 83 41.66 -14.43 -85.60
CA GLN AB 83 40.31 -14.35 -85.06
C GLN AB 83 40.11 -13.02 -84.35
N GLY AB 84 39.12 -12.26 -84.76
CA GLY AB 84 38.82 -10.98 -84.15
C GLY AB 84 38.03 -11.13 -82.87
N ASN AB 85 37.86 -10.00 -82.18
CA ASN AB 85 37.14 -9.99 -80.93
C ASN AB 85 35.64 -10.11 -81.16
N LEU AB 86 34.95 -10.65 -80.17
CA LEU AB 86 33.50 -10.80 -80.23
C LEU AB 86 32.84 -9.60 -79.59
N SER AB 87 31.74 -9.13 -80.19
CA SER AB 87 30.92 -8.10 -79.62
C SER AB 87 29.50 -8.63 -79.44
N GLN AB 88 28.89 -8.29 -78.32
CA GLN AB 88 27.61 -8.86 -77.90
C GLN AB 88 26.46 -8.05 -78.49
N THR AB 89 25.63 -8.70 -79.29
CA THR AB 89 24.36 -8.14 -79.76
C THR AB 89 23.29 -9.11 -79.30
N ASN AB 90 22.34 -8.62 -78.49
CA ASN AB 90 21.32 -9.48 -77.89
C ASN AB 90 20.43 -10.15 -78.93
N ASN AB 91 20.58 -9.76 -80.19
CA ASN AB 91 19.88 -10.37 -81.30
C ASN AB 91 20.17 -11.87 -81.33
N SER AB 92 19.14 -12.68 -81.51
CA SER AB 92 19.27 -14.12 -81.49
C SER AB 92 19.66 -14.72 -82.84
N LYS AB 93 19.76 -13.90 -83.88
CA LYS AB 93 20.07 -14.45 -85.22
C LYS AB 93 21.50 -14.09 -85.60
N ASP AB 94 22.27 -13.49 -84.68
CA ASP AB 94 23.66 -13.17 -84.96
C ASP AB 94 24.56 -14.21 -84.32
N VAL AB 95 25.47 -14.78 -85.11
CA VAL AB 95 26.40 -15.80 -84.64
C VAL AB 95 27.81 -15.42 -85.08
N ALA AB 96 28.79 -15.97 -84.38
CA ALA AB 96 30.20 -15.74 -84.68
C ALA AB 96 30.96 -17.07 -84.63
N ILE AB 97 32.10 -17.10 -85.32
CA ILE AB 97 32.91 -18.30 -85.46
C ILE AB 97 34.09 -18.22 -84.50
N LYS AB 98 34.26 -19.28 -83.72
CA LYS AB 98 35.45 -19.46 -82.87
C LYS AB 98 36.36 -20.43 -83.59
N GLY AB 99 37.24 -19.87 -84.42
CA GLY AB 99 38.12 -20.70 -85.23
C GLY AB 99 38.10 -20.33 -86.70
N GLN AB 100 38.52 -21.27 -87.56
CA GLN AB 100 38.60 -21.04 -89.00
C GLN AB 100 37.41 -21.68 -89.68
N GLY AB 101 36.55 -20.84 -90.25
CA GLY AB 101 35.39 -21.33 -90.99
C GLY AB 101 34.67 -20.21 -91.68
N PHE AB 102 33.92 -20.56 -92.72
CA PHE AB 102 33.14 -19.59 -93.49
C PHE AB 102 31.71 -20.08 -93.66
N PHE AB 103 30.76 -19.15 -93.55
CA PHE AB 103 29.37 -19.42 -93.90
C PHE AB 103 29.17 -19.31 -95.40
N GLN AB 104 28.54 -20.34 -95.97
CA GLN AB 104 28.23 -20.37 -97.39
C GLN AB 104 26.96 -19.56 -97.65
N VAL AB 105 26.96 -18.84 -98.77
CA VAL AB 105 25.84 -17.98 -99.14
C VAL AB 105 25.59 -18.16 -100.64
N MET AB 106 24.31 -18.23 -101.01
CA MET AB 106 23.92 -18.41 -102.39
C MET AB 106 23.58 -17.06 -103.01
N LEU AB 107 24.32 -16.69 -104.06
CA LEU AB 107 24.11 -15.45 -104.79
C LEU AB 107 22.96 -15.59 -105.77
N PRO AB 108 22.37 -14.47 -106.20
CA PRO AB 108 21.28 -14.54 -107.19
C PRO AB 108 21.65 -15.31 -108.45
N ASP AB 109 22.88 -15.18 -108.96
CA ASP AB 109 23.24 -15.89 -110.18
C ASP AB 109 23.42 -17.38 -109.95
N GLY AB 110 23.42 -17.84 -108.71
CA GLY AB 110 23.53 -19.25 -108.39
C GLY AB 110 24.88 -19.71 -107.91
N THR AB 111 25.93 -18.90 -108.08
CA THR AB 111 27.25 -19.25 -107.58
C THR AB 111 27.35 -18.93 -106.10
N SER AB 112 28.07 -19.77 -105.36
CA SER AB 112 28.15 -19.63 -103.92
C SER AB 112 29.34 -18.77 -103.51
N ALA AB 113 29.08 -17.80 -102.65
CA ALA AB 113 30.11 -16.98 -102.02
C ALA AB 113 30.24 -17.40 -100.55
N TYR AB 114 31.23 -16.83 -99.87
CA TYR AB 114 31.53 -17.21 -98.50
C TYR AB 114 31.75 -15.96 -97.66
N THR AB 115 31.16 -15.93 -96.47
CA THR AB 115 31.21 -14.77 -95.60
C THR AB 115 31.51 -15.20 -94.17
N ARG AB 116 31.98 -14.22 -93.39
CA ARG AB 116 32.26 -14.48 -91.97
C ARG AB 116 31.36 -13.58 -91.14
N ASP AB 117 30.78 -12.55 -91.76
CA ASP AB 117 29.88 -11.66 -91.03
C ASP AB 117 28.62 -12.42 -90.66
N GLY AB 118 28.40 -12.64 -89.37
CA GLY AB 118 27.36 -13.55 -88.92
C GLY AB 118 26.03 -12.90 -88.56
N SER AB 119 25.81 -11.67 -89.01
CA SER AB 119 24.54 -10.99 -88.77
C SER AB 119 23.53 -11.44 -89.80
N PHE AB 120 22.54 -12.22 -89.35
CA PHE AB 120 21.54 -12.80 -90.25
C PHE AB 120 20.16 -12.25 -89.93
N GLN AB 121 19.27 -12.33 -90.92
CA GLN AB 121 17.88 -11.92 -90.75
C GLN AB 121 16.97 -12.93 -91.43
N VAL AB 122 15.76 -13.05 -90.90
CA VAL AB 122 14.73 -13.91 -91.46
C VAL AB 122 13.96 -13.13 -92.50
N ASP AB 123 13.80 -13.71 -93.70
CA ASP AB 123 13.11 -12.95 -94.74
C ASP AB 123 11.61 -13.27 -94.67
N GLN AB 124 10.84 -12.72 -95.61
CA GLN AB 124 9.38 -12.79 -95.53
C GLN AB 124 8.82 -14.20 -95.67
N ASN AB 125 9.59 -15.16 -96.19
CA ASN AB 125 9.16 -16.55 -96.29
C ASN AB 125 9.91 -17.44 -95.31
N GLY AB 126 10.17 -16.95 -94.10
CA GLY AB 126 11.09 -17.66 -93.23
C GLY AB 126 12.51 -17.35 -93.66
N GLN AB 127 13.31 -18.41 -93.78
CA GLN AB 127 14.61 -18.38 -94.45
C GLN AB 127 15.62 -17.44 -93.82
N LEU AB 128 16.75 -17.99 -93.39
CA LEU AB 128 17.86 -17.19 -92.90
C LEU AB 128 18.64 -16.65 -94.09
N VAL AB 129 18.84 -15.34 -94.13
CA VAL AB 129 19.59 -14.69 -95.19
C VAL AB 129 20.56 -13.71 -94.57
N THR AB 130 21.55 -13.32 -95.34
CA THR AB 130 22.48 -12.28 -94.93
C THR AB 130 21.77 -10.93 -94.92
N ALA AB 131 22.43 -9.93 -94.34
CA ALA AB 131 21.85 -8.60 -94.26
C ALA AB 131 21.61 -7.99 -95.64
N GLY AB 132 22.27 -8.50 -96.67
CA GLY AB 132 22.05 -8.02 -98.02
C GLY AB 132 20.93 -8.75 -98.73
N GLY AB 133 20.33 -9.74 -98.08
CA GLY AB 133 19.22 -10.48 -98.63
C GLY AB 133 19.57 -11.81 -99.27
N PHE AB 134 20.86 -12.14 -99.39
CA PHE AB 134 21.25 -13.40 -99.99
C PHE AB 134 21.04 -14.56 -99.02
N GLN AB 135 20.45 -15.64 -99.52
CA GLN AB 135 20.12 -16.79 -98.71
C GLN AB 135 21.37 -17.57 -98.32
N VAL AB 136 21.41 -18.01 -97.06
CA VAL AB 136 22.64 -18.58 -96.45
C VAL AB 136 22.53 -20.11 -96.48
N GLN AB 137 22.78 -20.70 -97.67
CA GLN AB 137 22.75 -22.18 -97.81
C GLN AB 137 23.72 -22.78 -96.79
N PRO AB 138 23.29 -23.71 -95.91
CA PRO AB 138 22.11 -24.56 -96.16
C PRO AB 138 20.79 -23.87 -95.75
N ALA AB 139 19.72 -24.14 -96.50
CA ALA AB 139 18.41 -23.50 -96.25
C ALA AB 139 17.91 -23.84 -94.85
N ILE AB 140 17.48 -22.84 -94.09
CA ILE AB 140 16.91 -23.04 -92.72
C ILE AB 140 15.62 -22.21 -92.60
N THR AB 141 14.46 -22.86 -92.68
CA THR AB 141 13.19 -22.15 -92.71
C THR AB 141 12.59 -22.13 -91.31
N ILE AB 142 12.35 -20.92 -90.80
CA ILE AB 142 11.82 -20.75 -89.44
C ILE AB 142 10.33 -20.46 -89.52
N PRO AB 143 9.49 -21.26 -88.87
CA PRO AB 143 8.03 -21.05 -88.98
C PRO AB 143 7.54 -19.85 -88.19
N ALA AB 144 6.24 -19.58 -88.28
CA ALA AB 144 5.63 -18.40 -87.63
C ALA AB 144 5.46 -18.63 -86.12
N ASN AB 145 5.21 -19.88 -85.73
CA ASN AB 145 4.90 -20.18 -84.34
C ASN AB 145 6.15 -20.19 -83.47
N ALA AB 146 7.28 -19.76 -84.02
CA ALA AB 146 8.53 -19.73 -83.27
C ALA AB 146 8.45 -18.73 -82.13
N LEU AB 147 8.96 -19.12 -80.96
CA LEU AB 147 9.08 -18.21 -79.84
C LEU AB 147 10.52 -17.76 -79.62
N SER AB 148 11.47 -18.69 -79.76
CA SER AB 148 12.88 -18.37 -79.64
C SER AB 148 13.67 -19.32 -80.52
N ILE AB 149 14.68 -18.80 -81.20
CA ILE AB 149 15.54 -19.60 -82.07
C ILE AB 149 16.89 -19.76 -81.39
N THR AB 150 17.34 -21.01 -81.29
CA THR AB 150 18.62 -21.34 -80.67
C THR AB 150 19.50 -22.05 -81.68
N ILE AB 151 20.72 -21.57 -81.84
CA ILE AB 151 21.72 -22.21 -82.69
C ILE AB 151 22.80 -22.80 -81.80
N GLY AB 152 22.93 -24.12 -81.84
CA GLY AB 152 23.79 -24.84 -80.93
C GLY AB 152 25.27 -24.71 -81.24
N ARG AB 153 26.14 -25.30 -80.45
CA ARG AB 153 27.56 -25.14 -80.88
C ARG AB 153 27.77 -25.88 -82.21
N ASP AB 154 27.16 -27.05 -82.38
CA ASP AB 154 27.46 -27.78 -83.60
C ASP AB 154 26.60 -27.34 -84.78
N GLY AB 155 25.99 -26.15 -84.69
CA GLY AB 155 25.26 -25.60 -85.80
C GLY AB 155 23.83 -26.06 -85.95
N VAL AB 156 23.34 -26.90 -85.05
CA VAL AB 156 21.95 -27.35 -85.11
C VAL AB 156 21.05 -26.20 -84.71
N VAL AB 157 20.02 -25.94 -85.53
CA VAL AB 157 19.09 -24.86 -85.29
C VAL AB 157 17.78 -25.47 -84.78
N SER AB 158 17.42 -25.15 -83.55
CA SER AB 158 16.19 -25.63 -82.94
C SER AB 158 15.23 -24.47 -82.72
N VAL AB 159 13.94 -24.74 -82.97
CA VAL AB 159 12.88 -23.74 -82.85
C VAL AB 159 11.85 -24.26 -81.86
N THR AB 160 11.51 -23.42 -80.89
CA THR AB 160 10.53 -23.78 -79.86
C THR AB 160 9.19 -23.17 -80.20
N GLN AB 161 8.19 -24.03 -80.39
CA GLN AB 161 6.83 -23.58 -80.65
C GLN AB 161 5.99 -23.73 -79.39
N GLN AB 162 4.91 -22.97 -79.33
CA GLN AB 162 4.06 -22.97 -78.15
C GLN AB 162 3.41 -24.33 -77.93
N GLY AB 163 3.37 -24.75 -76.67
CA GLY AB 163 2.76 -26.02 -76.31
C GLY AB 163 3.76 -27.17 -76.25
N GLN AB 164 4.61 -27.28 -77.26
CA GLN AB 164 5.60 -28.36 -77.32
C GLN AB 164 6.65 -28.13 -76.25
N ALA AB 165 6.93 -29.17 -75.46
CA ALA AB 165 7.94 -29.08 -74.41
C ALA AB 165 9.31 -29.50 -74.92
N ALA AB 166 9.37 -29.87 -76.20
CA ALA AB 166 10.61 -30.30 -76.82
C ALA AB 166 10.87 -29.49 -78.07
N PRO AB 167 12.05 -28.88 -78.20
CA PRO AB 167 12.34 -28.07 -79.39
C PRO AB 167 12.41 -28.92 -80.64
N VAL AB 168 12.07 -28.30 -81.77
CA VAL AB 168 12.02 -28.98 -83.07
C VAL AB 168 13.23 -28.55 -83.88
N GLN AB 169 14.03 -29.52 -84.31
CA GLN AB 169 15.19 -29.25 -85.15
C GLN AB 169 14.73 -28.79 -86.53
N VAL AB 170 15.37 -27.73 -87.03
CA VAL AB 170 15.00 -27.12 -88.30
C VAL AB 170 16.09 -27.30 -89.35
N GLY AB 171 17.32 -26.96 -89.02
CA GLY AB 171 18.40 -27.00 -89.99
C GLY AB 171 19.79 -27.13 -89.40
N GLN AB 172 20.79 -27.25 -90.27
CA GLN AB 172 22.17 -27.38 -89.85
C GLN AB 172 23.02 -26.30 -90.47
N LEU AB 173 23.77 -25.58 -89.64
CA LEU AB 173 24.72 -24.58 -90.12
C LEU AB 173 26.03 -25.28 -90.47
N ASN AB 174 26.32 -25.39 -91.76
CA ASN AB 174 27.53 -26.03 -92.24
C ASN AB 174 28.59 -24.97 -92.54
N LEU AB 175 29.79 -25.17 -91.99
CA LEU AB 175 30.89 -24.24 -92.21
C LEU AB 175 31.74 -24.74 -93.37
N THR AB 176 32.08 -23.83 -94.28
CA THR AB 176 32.97 -24.17 -95.39
C THR AB 176 34.41 -23.83 -95.02
N THR AB 177 35.27 -24.84 -95.02
CA THR AB 177 36.66 -24.69 -94.66
C THR AB 177 37.50 -24.76 -95.93
N PHE AB 178 38.39 -23.78 -96.09
CA PHE AB 178 39.40 -23.78 -97.14
C PHE AB 178 40.75 -24.16 -96.55
N MET AB 179 41.66 -24.59 -97.42
CA MET AB 179 42.99 -24.96 -96.94
C MET AB 179 43.97 -23.79 -97.08
N ASN AB 180 43.68 -22.88 -98.01
CA ASN AB 180 44.43 -21.64 -98.16
C ASN AB 180 43.43 -20.50 -98.07
N ASP AB 181 43.25 -19.97 -96.85
CA ASP AB 181 42.22 -18.95 -96.63
C ASP AB 181 42.52 -17.64 -97.32
N THR AB 182 43.78 -17.19 -97.33
CA THR AB 182 44.10 -15.87 -97.88
C THR AB 182 43.99 -15.84 -99.40
N GLY AB 183 43.90 -16.99 -100.06
CA GLY AB 183 43.80 -17.01 -101.51
C GLY AB 183 42.42 -16.72 -102.07
N LEU AB 184 41.43 -16.50 -101.21
CA LEU AB 184 40.07 -16.19 -101.65
C LEU AB 184 40.03 -14.80 -102.28
N GLU AB 185 39.06 -14.63 -103.19
CA GLU AB 185 38.86 -13.35 -103.85
C GLU AB 185 37.75 -12.58 -103.15
N SER AB 186 38.08 -11.39 -102.64
CA SER AB 186 37.10 -10.54 -101.98
C SER AB 186 36.23 -9.89 -103.06
N ILE AB 187 34.97 -10.30 -103.11
CA ILE AB 187 34.06 -9.83 -104.18
C ILE AB 187 33.28 -8.60 -103.77
N GLY AB 188 33.65 -7.93 -102.68
CA GLY AB 188 32.90 -6.77 -102.27
C GLY AB 188 32.19 -6.90 -100.93
N GLU AB 189 30.87 -7.08 -100.98
CA GLU AB 189 30.02 -6.90 -99.82
C GLU AB 189 30.20 -8.00 -98.78
N ASN AB 190 31.36 -8.01 -98.12
CA ASN AB 190 31.66 -8.99 -97.06
C ASN AB 190 31.53 -10.43 -97.56
N LEU AB 191 31.97 -10.68 -98.80
CA LEU AB 191 31.87 -11.99 -99.41
C LEU AB 191 33.18 -12.34 -100.10
N TYR AB 192 33.57 -13.61 -100.00
CA TYR AB 192 34.73 -14.13 -100.70
C TYR AB 192 34.31 -15.29 -101.59
N ILE AB 193 34.85 -15.31 -102.80
CA ILE AB 193 34.63 -16.40 -103.75
C ILE AB 193 35.93 -17.19 -103.88
N GLU AB 194 35.79 -18.48 -104.13
CA GLU AB 194 36.95 -19.35 -104.25
C GLU AB 194 37.69 -19.09 -105.55
N THR AB 195 39.00 -19.27 -105.54
CA THR AB 195 39.84 -19.12 -106.71
C THR AB 195 40.71 -20.37 -106.86
N GLN AB 196 41.65 -20.31 -107.81
CA GLN AB 196 42.55 -21.43 -108.01
C GLN AB 196 43.57 -21.58 -106.89
N SER AB 197 43.73 -20.55 -106.06
CA SER AB 197 44.62 -20.61 -104.91
C SER AB 197 43.92 -21.04 -103.63
N SER AB 198 42.60 -21.22 -103.68
CA SER AB 198 41.85 -21.64 -102.51
C SER AB 198 40.81 -22.70 -102.89
N GLY AB 199 41.23 -23.66 -103.71
CA GLY AB 199 40.29 -24.65 -104.21
C GLY AB 199 39.84 -25.62 -103.15
N ALA AB 200 38.89 -26.47 -103.55
CA ALA AB 200 38.32 -27.52 -102.72
C ALA AB 200 37.66 -26.96 -101.46
N PRO AB 201 36.52 -26.27 -101.58
CA PRO AB 201 35.78 -25.86 -100.38
C PRO AB 201 35.15 -27.06 -99.69
N ASN AB 202 35.56 -27.30 -98.44
CA ASN AB 202 35.09 -28.48 -97.71
C ASN AB 202 33.96 -28.10 -96.77
N GLU AB 203 32.75 -28.58 -97.06
CA GLU AB 203 31.66 -28.46 -96.11
C GLU AB 203 31.94 -29.33 -94.89
N SER AB 204 31.62 -28.81 -93.70
CA SER AB 204 31.83 -29.57 -92.49
C SER AB 204 30.89 -29.07 -91.40
N THR AB 205 30.68 -29.91 -90.40
CA THR AB 205 29.98 -29.47 -89.21
C THR AB 205 30.91 -28.63 -88.35
N PRO AB 206 30.38 -27.60 -87.67
CA PRO AB 206 31.25 -26.76 -86.83
C PRO AB 206 31.82 -27.55 -85.66
N GLY AB 207 33.14 -27.49 -85.50
CA GLY AB 207 33.81 -28.20 -84.44
C GLY AB 207 34.54 -29.45 -84.88
N LEU AB 208 34.27 -29.90 -86.11
CA LEU AB 208 34.86 -31.12 -86.64
C LEU AB 208 35.70 -30.82 -87.86
N ASN AB 209 36.71 -31.67 -88.11
CA ASN AB 209 37.59 -31.55 -89.26
C ASN AB 209 38.33 -30.21 -89.25
N GLY AB 210 38.62 -29.68 -88.06
CA GLY AB 210 39.33 -28.43 -87.92
C GLY AB 210 38.45 -27.19 -88.00
N ALA AB 211 37.16 -27.35 -88.24
CA ALA AB 211 36.27 -26.21 -88.35
C ALA AB 211 36.08 -25.54 -86.98
N GLY AB 212 35.57 -24.31 -87.02
CA GLY AB 212 35.40 -23.55 -85.80
C GLY AB 212 34.05 -23.77 -85.15
N LEU AB 213 33.91 -23.26 -83.94
CA LEU AB 213 32.67 -23.37 -83.18
C LEU AB 213 31.76 -22.19 -83.50
N LEU AB 214 30.51 -22.28 -83.05
CA LEU AB 214 29.56 -21.18 -83.25
C LEU AB 214 29.10 -20.64 -81.91
N TYR AB 215 29.22 -19.32 -81.73
CA TYR AB 215 28.68 -18.61 -80.58
C TYR AB 215 27.51 -17.75 -81.03
N GLN AB 216 26.33 -18.00 -80.48
CA GLN AB 216 25.13 -17.26 -80.85
C GLN AB 216 24.97 -16.05 -79.93
N GLY AB 217 24.54 -14.94 -80.51
CA GLY AB 217 24.41 -13.69 -79.78
C GLY AB 217 25.65 -12.81 -79.83
N TYR AB 218 26.72 -13.29 -80.45
CA TYR AB 218 27.96 -12.54 -80.60
C TYR AB 218 28.34 -12.46 -82.07
N VAL AB 219 28.98 -11.35 -82.45
CA VAL AB 219 29.46 -11.15 -83.81
C VAL AB 219 30.94 -10.85 -83.76
N GLU AB 220 31.69 -11.48 -84.67
CA GLU AB 220 33.12 -11.25 -84.77
C GLU AB 220 33.38 -9.87 -85.36
N THR AB 221 34.18 -9.08 -84.65
CA THR AB 221 34.49 -7.72 -85.09
C THR AB 221 35.76 -7.71 -85.93
N SER AB 222 36.05 -6.55 -86.50
CA SER AB 222 37.24 -6.40 -87.33
C SER AB 222 38.50 -6.53 -86.48
N ASN AB 223 39.53 -7.12 -87.09
CA ASN AB 223 40.80 -7.33 -86.41
C ASN AB 223 41.84 -6.25 -86.74
N VAL AB 224 41.40 -5.07 -87.19
CA VAL AB 224 42.31 -3.99 -87.55
C VAL AB 224 42.96 -3.41 -86.30
N ASN AB 225 44.28 -3.52 -86.20
CA ASN AB 225 45.01 -2.85 -85.14
C ASN AB 225 45.21 -1.39 -85.51
N VAL AB 226 44.88 -0.50 -84.58
CA VAL AB 226 44.81 0.92 -84.91
C VAL AB 226 46.16 1.62 -84.84
N ALA AB 227 46.96 1.35 -83.80
CA ALA AB 227 48.27 2.00 -83.68
C ALA AB 227 49.18 1.64 -84.84
N GLU AB 228 49.16 0.38 -85.27
CA GLU AB 228 49.95 -0.02 -86.43
C GLU AB 228 49.62 0.80 -87.66
N GLU AB 229 48.33 1.02 -87.93
CA GLU AB 229 47.94 1.82 -89.08
C GLU AB 229 48.39 3.27 -88.96
N LEU AB 230 48.34 3.86 -87.76
CA LEU AB 230 48.76 5.25 -87.62
C LEU AB 230 50.26 5.40 -87.83
N VAL AB 231 51.06 4.51 -87.24
CA VAL AB 231 52.49 4.54 -87.47
C VAL AB 231 52.80 4.31 -88.95
N ASN AB 232 52.02 3.43 -89.59
CA ASN AB 232 52.23 3.18 -91.01
C ASN AB 232 51.87 4.40 -91.85
N MET AB 233 50.85 5.15 -91.46
CA MET AB 233 50.54 6.41 -92.14
C MET AB 233 51.69 7.39 -92.01
N ILE AB 234 52.27 7.48 -90.81
CA ILE AB 234 53.43 8.34 -90.62
C ILE AB 234 54.55 7.94 -91.58
N GLN AB 235 54.88 6.65 -91.61
CA GLN AB 235 55.93 6.16 -92.49
C GLN AB 235 55.62 6.44 -93.96
N VAL AB 236 54.39 6.19 -94.39
CA VAL AB 236 54.00 6.39 -95.78
C VAL AB 236 54.13 7.85 -96.17
N GLN AB 237 53.61 8.74 -95.31
CA GLN AB 237 53.61 10.20 -95.63
C GLN AB 237 55.04 10.69 -95.79
N ARG AB 238 55.89 10.41 -94.81
CA ARG AB 238 57.29 10.90 -94.88
C ARG AB 238 57.97 10.23 -96.08
N ALA AB 239 57.58 9.01 -96.43
CA ALA AB 239 58.25 8.31 -97.54
C ALA AB 239 57.85 8.99 -98.83
N TYR AB 240 56.59 9.40 -98.95
CA TYR AB 240 56.09 10.08 -100.17
C TYR AB 240 56.71 11.47 -100.22
N GLU AB 241 57.10 12.01 -99.06
CA GLU AB 241 57.78 13.33 -99.07
C GLU AB 241 59.28 13.19 -99.42
N ILE AB 242 59.91 12.03 -99.16
CA ILE AB 242 61.34 11.82 -99.56
C ILE AB 242 61.43 11.42 -101.04
N ASN AB 243 60.47 10.68 -101.58
CA ASN AB 243 60.44 10.37 -103.01
C ASN AB 243 60.12 11.61 -103.84
N SER AB 244 59.22 12.48 -103.36
CA SER AB 244 58.96 13.73 -104.06
C SER AB 244 60.20 14.61 -104.12
N LYS AB 245 60.99 14.65 -103.04
CA LYS AB 245 62.25 15.39 -103.07
C LYS AB 245 63.24 14.78 -104.05
N ALA AB 246 63.27 13.46 -104.17
CA ALA AB 246 64.12 12.83 -105.18
C ALA AB 246 63.68 13.26 -106.59
N VAL AB 247 62.37 13.31 -106.82
CA VAL AB 247 61.86 13.80 -108.10
C VAL AB 247 62.32 15.23 -108.35
N SER AB 248 62.22 16.09 -107.33
CA SER AB 248 62.63 17.48 -107.49
C SER AB 248 64.13 17.60 -107.78
N THR AB 249 64.95 16.79 -107.10
CA THR AB 249 66.39 16.82 -107.36
C THR AB 249 66.70 16.39 -108.79
N THR AB 250 66.05 15.33 -109.28
CA THR AB 250 66.27 14.91 -110.65
C THR AB 250 65.83 15.99 -111.63
N ASP AB 251 64.70 16.64 -111.35
CA ASP AB 251 64.22 17.72 -112.21
C ASP AB 251 65.23 18.87 -112.26
N GLN AB 252 65.79 19.25 -111.11
CA GLN AB 252 66.77 20.33 -111.09
C GLN AB 252 68.05 19.94 -111.84
N MET AB 253 68.49 18.69 -111.67
CA MET AB 253 69.68 18.23 -112.41
C MET AB 253 69.43 18.28 -113.91
N LEU AB 254 68.27 17.81 -114.36
CA LEU AB 254 67.93 17.89 -115.78
C LEU AB 254 67.86 19.33 -116.28
N GLN AB 255 67.26 20.22 -115.50
CA GLN AB 255 67.17 21.62 -115.92
C GLN AB 255 68.56 22.22 -116.06
N LYS AB 256 69.46 21.95 -115.11
CA LYS AB 256 70.82 22.45 -115.23
C LYS AB 256 71.54 21.86 -116.43
N LEU AB 257 71.36 20.57 -116.69
CA LEU AB 257 72.01 19.95 -117.84
C LEU AB 257 71.55 20.53 -119.17
N THR AB 258 70.24 20.59 -119.38
CA THR AB 258 69.71 21.01 -120.68
C THR AB 258 69.80 22.52 -120.87
N GLN AB 259 70.09 23.27 -119.80
CA GLN AB 259 70.22 24.72 -119.94
C GLN AB 259 71.44 25.14 -120.73
N LEU AB 260 72.58 24.46 -120.57
CA LEU AB 260 73.78 24.79 -121.32
C LEU AB 260 73.62 24.43 -122.80
#